data_8SEP
#
_entry.id   8SEP
#
_cell.length_a   1.00
_cell.length_b   1.00
_cell.length_c   1.00
_cell.angle_alpha   90.00
_cell.angle_beta   90.00
_cell.angle_gamma   90.00
#
_symmetry.space_group_name_H-M   'P 1'
#
loop_
_entity.id
_entity.type
_entity.pdbx_description
1 polymer 'Ryanodine receptor 1'
2 polymer 'Glutathione S-transferase class-mu 26 kDa isozyme,Peptidyl-prolyl cis-trans isomerase FKBP1B'
3 non-polymer "ADENOSINE-5'-DIPHOSPHATE"
4 non-polymer 'ZINC ION'
#
loop_
_entity_poly.entity_id
_entity_poly.type
_entity_poly.pdbx_seq_one_letter_code
_entity_poly.pdbx_strand_id
1 'polypeptide(L)'
;MGDGGEGEDEVQFLRTDDEVVLQCSATVLKEQLKLCLAAEGFGNRLCFLEPTSNAQNVPPDLAICCFTLEQSLSVRALQE
MLANTVEAGVESSQGGGHRTLLYGHAILLRHAHSRMYLSCLTTSRSMTDKLAFDVGLQEDATGEACWWTMHPASKQRSEG
EKVRVGDDLILVSVSSERYLHLSTASGELQVDASFMQTLWNMNPICSCCEEGYVTGGHVLRLFHGHMDECLTISAADSDD
QRRLVYYEGGAVCTHARSLWRLEPLRISWSGSHLRWGQPLRIRHVTTGRYLALTEDQGLVVVDACKAHTKATSFCFRVSK
EKLDTAPKRDVEGMGPPEIKYGESLCFVQHVASGLWLTYAAPDPKALRLGVLKKKAILHQEGHMDDALFLTRCQQEESQA
ARMIHSTAGLYNQFIKGLDSFSGKPRGSGPPAGPALPIEAVILSLQDLIGYFEPPSEELQHEEKQSKLRSLRNRQSLFQE
EGMLSLVLNCIDRLNVYTTAAHFAEYAGEEAAESWKEIVNLLYELLASLIRGNRANCALFSTNLDWVVSKLDRLEASSGI
LEVLYCVLIESPEVLNIIQENHIKSIISLLDKHGRNHKVLDVLCSLCVCNGVAVRSNQDLITENLLPGRELLLQTNLINY
VTSIRPNIFVGRAEGSTQYGKWYFEVMVDEVVPFLTAQATHLRVGWALTEGYSPYPGGGEGWGGNGVGDDLYSYGFDGLH
LWTGHVARPVTSPGQHLLAPEDVVSCCLDLSVPSISFRINGCPVQGVFEAFNLDGLFFPVVSFSAGVKVRFLLGGRHGEF
KFLPPPGYAPCHEAVLPRERLRLEPIKEYRREGPRGPHLVGPSRCLSHTDFVPCPVDTVQIVLPPHLERIREKLAENIHE
LWALTRIEQGWTYGPVRDDNKRLHPCLVNFHSLPEPERNYNLQMSGETLKTLLALGCHVGMADEKAEDNLKKTKLPKTYM
MSNGYKPAPLDLSHVRLTPAQTTLVDRLAENGHNVWARDRVAQGWSYSAVQDIPARRNPRLVPYRLLDEATKRSNRDSLC
QAVRTLLGYGYNIEPPDQEPSQVENQSRWDRVRIFRAEKSYTVQSGRWYFEFEAVTTGEMRVGWARPELRPDVELGADEL
AYVFNGHRGQRWHLGSEPFGRPWQSGDVVGCMIDLTENTIIFTLNGEVLMSDSGSETAFREIEIGDGFLPVCSLGPGQVG
HLNLGQDVSSLRFFAICGLQEGFEPFAINMQRPVTTWFSKSLPQFEPVPPEHPHYEVARMDGTVDTPPCLRLAHRTWGSQ
NSLVEMLFLRLSLPVQFHQHFRCTAGATPLAPPGLQPPAEDEARAAEPDPDYENLRRSAGGWGEAEGGKEGTAKEGTPGG
TPQPGVEAQPVRAENEKDATTEKNKKRGFLFKAKKAAMMTQPPATPALPRLPHDVVPADNRDDPEIILNTTTYYYSVRVF
AGQEPSCVWVGWVTPDYHQHDMNFDLSKVRAVTVTMGDEQGNVHSSLKCSNCYMVWGGDFVSPGQQGRISHTDLVIGCLV
DLATGLMTFTANGKESNTFFQVEPNTKLFPAVFVLPTHQNVIQFELGKQKNIMPLSAAMFLSERKNPAPQCPPRLEVQML
MPVSWSRMPNHFLQVETRRAGERLGWAVQCQDPLTMMALHIPEENRCMDILELSERLDLQRFHSHTLRLYRAVCALGNNR
VAHALCSHVDQAQLLHALEDAHLPGPLRAGYYDLLISIHLESACRSRRSMLSEYIVPLTPETRAITLFPPGRKGGNARRH
GLPGVGVTTSLRPPHHFSPPCFVAALPAAGVAEAPARLSPAIPLEALRDKALRMLGEAVRDGGQHARDPVGGSVEFQFVP
VLKLVSTLLVMGIFGDEDVKQILKMIEPEVFTEEEEEEEEEEEEEEEEEEDEEEKEEDEEEEEKEDAEKEEEEAPEGEKE
DLEEGLLQMKLPESVKLQMCNLLEYFCDQELQHRVESLAAFAERYVDKLQANQRSRYALLMRAFTMSAAETARRTREFRS
PPQEQINMLLHFKDEADEEDCPLPEDIRQDLQDFHQDLLAHCGIQLEGEEEEPEEETSLSSRLRSLLETVRLVKKKEEKP
EEELPAEEKKPQSLQELVSHMVVRWAQEDYVQSPELVRAMFSLLHRQYDGLGELLRALPRAYTISPSSVEDTMSLLECLG
QIRSLLIVQMGPQEENLMIQSIGNIMNNKVFYQHPNLMRALGMHETVMEVMVNVLGGGETKEIRFPKMVTSCCRFLCYFC
RISRQNQRSMFDHLSYLLENSGIGLGMQGSTPLDVAAASVIDNNELALALQEQDLEKVVSYLAGCGLQSCPMLLAKGYPD
IGWNPCGGERYLDFLRFAVFVNGESVEENANVVVRLLIRKPECFGPALRGEGGSGLLAAIEEAIRISEDPARDGPGVRRD
RRREHFGEEPPEENRVHLGHAIMSFYAALIDLLGRCAPEMHLIQAGKGEALRIRAILRSLVPLDDLVGIISLPLQIPTLG
KDGALVQPKMSASFVPDHKASMVLFLDRVYGIENQDFLLHVLDVGFLPDMRAAASLDTATFSTTEMALALNRYLCLAVLP
LITKCAPLFAGTEHRAIMVDSMLHTVYRLSRGRSLTKAQRDVIEDCLMALCRYIRPSMLQHLLRRLVFDVPILNEFAKMP
LKLLTNHYERCWKYYCLPTGWANFGVTSEEELHLTRKLFWGIFDSLAHKKYDQELYRMAMPCLCAIAGALPPDYVDASYS
SKAEKKATVDAEGNFDPRPVETLNVIIPEKLDSFINKFAEYTHEKWAFDKIQNNWSYGENVDEELKTHPMLRPYKTFSEK
DKEIYRWPIKESLKAMIAWEWTIEKAREGEEERTEKKKTRKISQTAQTYDPREGYNPQPPDLSGVTLSRELQAMAEQLAE
NYHNTWGRKKKQELEAKGGGTHPLLVPYDTLTAKEKARDREKAQELLKFLQMNGYAVTRGLKDMELDTSSIEKRFAFGFL
QQLLRWMDISQEFIAHLEAVVSSGRVEKSPHEQEIKFFAKILLPLINQYFTNHCLYFLSTPAKVLGSGGHASNKEKEMIT
SLFCKLAALVRHRVSLFGTDAPAVVNCLHILARSLDARTVMKSGPEIVKAGLRSFFESASEDIEKMVENLRLGKVSQART
QVKGVGQNLTYTTVALLPVLTTLFQHIAQHQFGDDVILDDVQVSCYRTLCSIYSLGTTKNTYVEKLRPALGECLARLAAA
MPVAFLEPQLNEYNACSVYTTKSPRERAILGLPNSVEEMCPDIPVLDRLMADIGGLAESGARYTEMPHVIEITLPMLCSY
LPRWWERGPEAPPPALPAGAPPPCTAVTSDHLNSLLGNILRIIVNNLGIDEATWMKRLAVFAQPIVSRARPELLHSHFIP
TIGRLRKRAGKVVAEEEQLRLEAKAEAEEGELLVRDEFSVLCRDLYALYPLLIRYVDNNRAHWLTEPNANAEELFRMVGE
IFIYWSKSHNFKREEQNFVVQNEINNMSFLTADSKSKMAKAGDAQSGGSDQERTKKKRRGDRYSVQTSLIVATLKKMLPI
GLNMCAPTDQDLIMLAKTRYALKDTDEEVREFLQNNLHLQGKVEGSPSLRWQMALYRGLPGREEDADDPEKIVRRVQEVS
AVLYHLEQTEHPYKSKKAVWHKLLSKQRRRAVVACFRMTPLYNLPTHRACNMFLESYKAAWILTEDHSFEDRMIDDLSKA
GEQEEEEEEVEEKKPDPLHQLVLHFSRTALTEKSKLDEDYLYMAYADIMAKSCHLEEGGENGEAEEEEVEVSFEEKEMEK
QRLLYQQSRLHTRGAAEMVLQMISACKGETGAMVSSTLKLGISILNGGNAEVQQKMLDYLKDKKEVGFFQSIQALMQTCS
VLDLNAFERQNKAEGLGMVNEDGTVINRQNGEKVMADDEFTQDLFRFLQLLCEGHNNDFQNYLRTQTGNTTTINIIICTV
DYLLRLQESISDFYWYYSGKDVIEEQGKRNFSKAMSVAKQVFNSLTEYIQGPCTGNQQSLAHSRLWDAVVGFLHVFAHMM
MKLAQDSSQIELLKELLDLQKDMVVMLLSLLEGNVVNGMIARQMVDMLVESSSNVEMILKFFDMFLKLKDIVGSEAFQDY
VTDPRGLISKKDFQKAMDSQKQFTGPEIQFLLSCSEADENEMINFEEFANRFQEPARDIGFNVAVLLTNLSEHVPHDPRL
RNFLELAESILEYFRPYLGRIEIMGASRRIERIYFEISETNRAQWEMPQVKESKRQFIFDVVNEGGEAEKMELFVSFCED
TIFEMQIAAQISEPEGEPEADEDEGMGEAAAEGAEEGAAGAEGAAGTVAAGATARLAAAAARALRGLSYRSLRRRVRRLR
RLTAREAATALAALLWAVVARAGAAGAGAAAGALRLLWGSLFGGGLVEGAKKVTVTELLAGMPDPTSDEVHGEQPAGPGG
DADGAGEGEGEGDAAEGDGDEEVAGHEAGPGGAEGVVAVADGGPFRPEGAGGLGDMGDTTPAEPPTPEGSPILKRKLGVD
GEEEELVPEPEPEPEPEPEKADEENGEKEEVPEAPPEPPKKAPPSPPAKKEEAGGAGMEFWGELEVQRVKFLNYLSRNFY
TLRFLALFLAFAINFILLFYKVSDSPPGEDDMEGSAAGDLAGAGSGGGSGWGSGAGEEAEGDEDENMVYYFLEESTGYME
PALWCLSLLHTLVAFLCIIGYNCLKVPLVIFKREKELARKLEFDGLYITEQPGDDDVKGQWDRLVLNTPSFPSNYWDKFV
KRKVLDKHGDIFGRERIAELLGMDLASLEITAHNERKPDPPPGLLTWLMSIDVKYQIWKFGVIFTDNSFLYLGWYMVMSL
LGHYNNFFFAAHLLDIAMGVKTLRTILSSVTHNGKQLVMTVGLLAVVVYLYTVVAFNFFRKFYNKSEDEDEPDMKCDDMM
TCYLFHMYVGVRAGGGIGDEIEDPAGDEYELYRVVFDITFFFFVIVILLAIIQGLIIDAFGELRDQQEQVKEDMETKCFI
CGIGSDYFDTTPHGFETHTLEEHNLANYMFFLMYLINKDETEHTGQESYVWKMYQERCWDFFPAGDCFRKQYEDQLS
;
A,B,C,D
2 'polypeptide(L)'
;MKSSHHHHHHGSSMSPILGYWKIKGLVQPTRLLLEYLEEKYEEHLYERDEGDKWRNKKFELGLEFPNLPYYIDGDVKLTQ
SMAIIRYIADKHNMLGGCPKERAEISMLEGAVLDIRYGVSRIAYSKDFETLKVDFLSKLPEMLKMFEDRLCHKTYLNGDH
VTHPDFMLYDALDVVLYMDPMCLDAFPKLVCFKKRIEAIPQIDKYLKSSKYIAWPLQGWQATFGGGDHPPKGIEENLYFQ
SNAGVEIETISPGDGRTFPKKGQTCVVHYTGMLQNGKKFDSSRDRNKPFKFRIGKQEVIKGFEEGAAQMSLGQRAKLTCT
PDVAYGATGHPGVIPPNATLIFDVELLNLE
;
E,F,G,H
#
loop_
_chem_comp.id
_chem_comp.type
_chem_comp.name
_chem_comp.formula
ADP non-polymer ADENOSINE-5'-DIPHOSPHATE 'C10 H15 N5 O10 P2'
ZN non-polymer 'ZINC ION' 'Zn 2'
#
# COMPACT_ATOMS: atom_id res chain seq x y z
N VAL A 11 -28.84 6.77 13.25
CA VAL A 11 -30.23 6.43 13.02
C VAL A 11 -30.74 5.73 14.27
N GLN A 12 -30.71 4.39 14.25
CA GLN A 12 -31.08 3.51 15.36
C GLN A 12 -32.49 3.77 15.88
N PHE A 13 -33.46 3.50 15.00
CA PHE A 13 -34.87 3.62 15.37
C PHE A 13 -35.22 2.65 16.50
N LEU A 14 -35.88 3.17 17.53
CA LEU A 14 -36.25 2.34 18.67
C LEU A 14 -37.41 1.42 18.31
N ARG A 15 -37.45 0.28 19.00
CA ARG A 15 -38.39 -0.78 18.68
C ARG A 15 -38.75 -1.48 19.98
N THR A 16 -39.84 -2.26 19.95
CA THR A 16 -40.26 -3.04 21.11
C THR A 16 -39.22 -4.13 21.44
N ASP A 17 -39.44 -4.76 22.61
CA ASP A 17 -38.60 -5.81 23.20
C ASP A 17 -37.19 -5.32 23.51
N ASP A 18 -36.98 -4.01 23.57
CA ASP A 18 -35.70 -3.40 23.89
C ASP A 18 -35.74 -2.81 25.30
N GLU A 19 -34.62 -2.23 25.70
CA GLU A 19 -34.46 -1.65 27.03
C GLU A 19 -34.07 -0.18 26.90
N VAL A 20 -34.75 0.67 27.67
CA VAL A 20 -34.49 2.10 27.64
C VAL A 20 -34.82 2.68 29.01
N VAL A 21 -34.26 3.86 29.32
CA VAL A 21 -34.52 4.52 30.60
C VAL A 21 -34.98 5.95 30.38
N LEU A 22 -36.03 6.33 31.12
CA LEU A 22 -36.53 7.70 31.16
C LEU A 22 -35.60 8.55 32.02
N GLN A 23 -35.32 9.77 31.55
CA GLN A 23 -34.31 10.60 32.17
C GLN A 23 -34.64 12.09 32.01
N CYS A 24 -34.63 12.81 33.12
CA CYS A 24 -34.80 14.26 33.10
C CYS A 24 -33.49 14.95 33.49
N SER A 25 -33.57 16.28 33.59
CA SER A 25 -32.44 17.10 34.03
C SER A 25 -33.00 18.27 34.82
N ALA A 26 -33.03 18.13 36.14
CA ALA A 26 -33.58 19.17 36.99
C ALA A 26 -32.54 20.23 37.31
N THR A 27 -32.99 21.31 37.94
CA THR A 27 -32.14 22.44 38.31
C THR A 27 -32.25 22.68 39.81
N VAL A 28 -31.44 21.96 40.59
CA VAL A 28 -31.27 22.21 42.01
C VAL A 28 -29.77 22.30 42.26
N LEU A 29 -29.38 23.20 43.17
CA LEU A 29 -27.97 23.52 43.49
C LEU A 29 -27.19 24.01 42.27
N LYS A 30 -27.89 24.51 41.25
CA LYS A 30 -27.33 25.13 40.04
C LYS A 30 -26.46 24.18 39.23
N GLU A 31 -26.87 22.92 39.16
CA GLU A 31 -26.29 22.00 38.19
C GLU A 31 -27.43 21.18 37.58
N GLN A 32 -27.24 20.81 36.31
CA GLN A 32 -28.26 20.10 35.55
C GLN A 32 -28.12 18.60 35.82
N LEU A 33 -28.58 18.20 37.01
CA LEU A 33 -28.54 16.80 37.39
C LEU A 33 -29.52 15.98 36.56
N LYS A 34 -29.12 14.75 36.27
CA LYS A 34 -29.90 13.80 35.49
C LYS A 34 -30.63 12.86 36.43
N LEU A 35 -31.95 12.83 36.33
CA LEU A 35 -32.78 11.99 37.19
C LEU A 35 -33.38 10.84 36.41
N CYS A 36 -33.46 9.66 37.04
CA CYS A 36 -34.02 8.47 36.42
C CYS A 36 -35.13 7.93 37.30
N LEU A 37 -36.21 7.49 36.65
CA LEU A 37 -37.35 6.91 37.37
C LEU A 37 -36.96 5.56 37.96
N ALA A 38 -37.11 5.41 39.28
CA ALA A 38 -36.70 4.19 39.95
C ALA A 38 -37.76 3.79 40.96
N ALA A 39 -37.99 2.48 41.09
CA ALA A 39 -38.95 1.93 42.04
C ALA A 39 -38.66 0.45 42.24
N GLU A 40 -38.50 0.04 43.50
CA GLU A 40 -38.29 -1.36 43.80
C GLU A 40 -39.56 -2.19 43.58
N GLY A 41 -40.72 -1.57 43.69
CA GLY A 41 -41.99 -2.24 43.50
C GLY A 41 -42.42 -3.09 44.67
N PHE A 42 -41.68 -4.16 44.94
CA PHE A 42 -41.99 -5.05 46.05
C PHE A 42 -41.76 -4.30 47.36
N GLY A 43 -42.84 -4.02 48.07
CA GLY A 43 -42.77 -3.30 49.33
C GLY A 43 -42.91 -1.80 49.20
N ASN A 44 -42.70 -1.25 48.00
CA ASN A 44 -42.89 0.18 47.78
C ASN A 44 -43.28 0.37 46.31
N ARG A 45 -44.59 0.46 46.06
CA ARG A 45 -45.06 0.56 44.68
C ARG A 45 -44.81 1.93 44.09
N LEU A 46 -44.78 2.97 44.93
CA LEU A 46 -44.59 4.33 44.45
C LEU A 46 -43.18 4.54 43.89
N CYS A 47 -43.11 5.32 42.81
CA CYS A 47 -41.84 5.58 42.16
C CYS A 47 -41.09 6.71 42.87
N PHE A 48 -39.80 6.82 42.56
CA PHE A 48 -38.96 7.88 43.06
C PHE A 48 -37.85 8.13 42.05
N LEU A 49 -36.97 9.08 42.36
CA LEU A 49 -35.95 9.52 41.43
C LEU A 49 -34.56 9.14 41.95
N GLU A 50 -33.79 8.50 41.08
CA GLU A 50 -32.41 8.17 41.36
C GLU A 50 -31.49 9.00 40.46
N PRO A 51 -30.79 9.99 41.01
CA PRO A 51 -29.89 10.80 40.18
C PRO A 51 -28.74 9.95 39.64
N THR A 52 -28.31 10.28 38.43
CA THR A 52 -27.21 9.60 37.77
C THR A 52 -26.20 10.57 37.17
N SER A 53 -26.33 11.87 37.45
CA SER A 53 -25.37 12.85 36.94
C SER A 53 -23.99 12.65 37.53
N ASN A 54 -23.90 12.39 38.83
CA ASN A 54 -22.63 12.13 39.49
C ASN A 54 -22.29 10.65 39.32
N ALA A 55 -22.02 10.27 38.08
CA ALA A 55 -21.80 8.88 37.72
C ALA A 55 -20.40 8.38 38.03
N GLN A 56 -19.50 9.26 38.47
CA GLN A 56 -18.13 8.85 38.75
C GLN A 56 -17.83 8.71 40.23
N ASN A 57 -18.32 9.63 41.07
CA ASN A 57 -18.07 9.53 42.50
C ASN A 57 -18.89 8.42 43.15
N VAL A 58 -20.17 8.32 42.79
CA VAL A 58 -21.05 7.28 43.32
C VAL A 58 -21.77 6.58 42.17
N PRO A 59 -21.73 5.26 42.11
CA PRO A 59 -22.46 4.54 41.07
C PRO A 59 -23.95 4.56 41.33
N PRO A 60 -24.75 5.08 40.39
CA PRO A 60 -26.20 5.12 40.58
C PRO A 60 -26.80 3.72 40.60
N ASP A 61 -27.90 3.60 41.36
CA ASP A 61 -28.59 2.31 41.47
C ASP A 61 -29.34 2.05 40.18
N LEU A 62 -28.67 1.46 39.20
CA LEU A 62 -29.28 1.25 37.90
C LEU A 62 -30.14 0.01 37.83
N ALA A 63 -30.17 -0.80 38.89
CA ALA A 63 -30.98 -2.02 38.88
C ALA A 63 -32.47 -1.72 38.85
N ILE A 64 -32.90 -0.67 39.56
CA ILE A 64 -34.31 -0.38 39.74
C ILE A 64 -34.84 0.68 38.78
N CYS A 65 -33.99 1.25 37.92
CA CYS A 65 -34.46 2.24 36.96
C CYS A 65 -34.67 1.66 35.57
N CYS A 66 -34.54 0.34 35.41
CA CYS A 66 -34.64 -0.29 34.11
C CYS A 66 -36.10 -0.61 33.78
N PHE A 67 -36.57 -0.08 32.66
CA PHE A 67 -37.93 -0.32 32.17
C PHE A 67 -37.86 -0.88 30.75
N THR A 68 -38.58 -1.98 30.51
CA THR A 68 -38.52 -2.63 29.22
C THR A 68 -39.68 -2.18 28.35
N LEU A 69 -39.74 -2.74 27.15
CA LEU A 69 -40.75 -2.37 26.17
C LEU A 69 -41.48 -3.63 25.71
N GLU A 70 -42.79 -3.68 25.94
CA GLU A 70 -43.56 -4.86 25.55
C GLU A 70 -44.40 -4.63 24.30
N GLN A 71 -45.29 -3.64 24.32
CA GLN A 71 -46.26 -3.45 23.25
C GLN A 71 -46.24 -2.01 22.77
N SER A 72 -46.48 -1.85 21.46
CA SER A 72 -46.63 -0.54 20.84
C SER A 72 -47.93 -0.54 20.06
N LEU A 73 -48.93 0.19 20.57
CA LEU A 73 -50.25 0.21 19.97
C LEU A 73 -50.68 1.63 19.72
N SER A 74 -51.47 1.81 18.66
CA SER A 74 -52.10 3.11 18.41
C SER A 74 -53.19 3.34 19.46
N VAL A 75 -53.49 4.61 19.70
CA VAL A 75 -54.51 4.98 20.69
C VAL A 75 -55.88 4.42 20.31
N ARG A 76 -56.22 4.50 19.02
CA ARG A 76 -57.50 3.99 18.55
C ARG A 76 -57.59 2.49 18.72
N ALA A 77 -56.57 1.75 18.26
CA ALA A 77 -56.54 0.30 18.43
C ALA A 77 -56.44 -0.09 19.89
N LEU A 78 -55.86 0.79 20.71
CA LEU A 78 -55.81 0.59 22.15
C LEU A 78 -57.21 0.56 22.73
N GLN A 79 -58.09 1.42 22.21
CA GLN A 79 -59.48 1.44 22.70
C GLN A 79 -60.17 0.10 22.46
N GLU A 80 -59.98 -0.49 21.27
CA GLU A 80 -60.50 -1.83 21.00
C GLU A 80 -59.84 -2.88 21.90
N MET A 81 -58.51 -2.80 22.08
CA MET A 81 -57.80 -3.76 22.91
C MET A 81 -58.26 -3.70 24.36
N LEU A 82 -58.47 -2.49 24.88
CA LEU A 82 -59.00 -2.32 26.22
C LEU A 82 -60.43 -2.83 26.32
N ALA A 83 -61.22 -2.61 25.26
CA ALA A 83 -62.63 -2.99 25.30
C ALA A 83 -62.81 -4.51 25.28
N ASN A 84 -62.10 -5.20 24.40
CA ASN A 84 -62.29 -6.65 24.28
C ASN A 84 -61.47 -7.44 25.31
N HIS A 98 -41.56 -7.44 17.01
CA HIS A 98 -40.79 -6.21 16.93
C HIS A 98 -41.47 -5.17 16.04
N ARG A 99 -42.30 -4.35 16.66
CA ARG A 99 -42.97 -3.25 15.96
C ARG A 99 -42.22 -1.96 16.24
N THR A 100 -41.99 -1.18 15.19
CA THR A 100 -41.27 0.08 15.33
C THR A 100 -42.09 1.08 16.14
N LEU A 101 -41.41 1.87 16.96
CA LEU A 101 -42.09 2.87 17.76
C LEU A 101 -42.50 4.05 16.89
N LEU A 102 -43.70 4.57 17.13
CA LEU A 102 -44.22 5.73 16.42
C LEU A 102 -44.73 6.77 17.40
N TYR A 103 -44.56 8.04 17.03
CA TYR A 103 -45.05 9.14 17.85
C TYR A 103 -46.57 9.14 17.89
N GLY A 104 -47.11 9.46 19.05
CA GLY A 104 -48.54 9.48 19.22
C GLY A 104 -49.17 8.14 19.52
N HIS A 105 -48.39 7.07 19.56
CA HIS A 105 -48.91 5.76 19.89
C HIS A 105 -49.02 5.62 21.41
N ALA A 106 -49.44 4.44 21.84
CA ALA A 106 -49.62 4.11 23.24
C ALA A 106 -48.66 2.98 23.59
N ILE A 107 -48.03 3.08 24.76
CA ILE A 107 -46.93 2.20 25.11
C ILE A 107 -47.21 1.58 26.47
N LEU A 108 -46.77 0.34 26.65
CA LEU A 108 -46.87 -0.39 27.90
C LEU A 108 -45.48 -0.47 28.52
N LEU A 109 -45.35 0.03 29.75
CA LEU A 109 -44.08 0.05 30.46
C LEU A 109 -44.07 -1.04 31.52
N ARG A 110 -43.04 -1.88 31.50
CA ARG A 110 -42.84 -2.89 32.53
C ARG A 110 -41.46 -2.71 33.14
N HIS A 111 -41.39 -2.83 34.47
CA HIS A 111 -40.11 -2.79 35.15
C HIS A 111 -39.31 -4.04 34.81
N ALA A 112 -38.05 -3.86 34.43
CA ALA A 112 -37.22 -5.00 34.06
C ALA A 112 -36.96 -5.93 35.23
N HIS A 113 -36.73 -5.36 36.43
CA HIS A 113 -36.41 -6.18 37.59
C HIS A 113 -37.65 -6.81 38.20
N SER A 114 -38.58 -5.98 38.66
CA SER A 114 -39.72 -6.47 39.44
C SER A 114 -40.84 -7.02 38.57
N ARG A 115 -40.74 -6.91 37.25
CA ARG A 115 -41.77 -7.33 36.28
C ARG A 115 -43.10 -6.65 36.57
N MET A 116 -43.03 -5.42 37.08
CA MET A 116 -44.16 -4.72 37.66
C MET A 116 -44.45 -3.52 36.75
N TYR A 117 -45.65 -3.45 36.20
CA TYR A 117 -45.97 -2.50 35.14
C TYR A 117 -46.17 -1.09 35.68
N LEU A 118 -45.62 -0.10 34.99
CA LEU A 118 -45.83 1.29 35.38
C LEU A 118 -47.29 1.69 35.21
N SER A 119 -47.86 2.37 36.21
CA SER A 119 -49.28 2.69 36.12
C SER A 119 -49.58 3.92 36.95
N CYS A 120 -50.46 4.77 36.45
CA CYS A 120 -50.90 5.95 37.20
C CYS A 120 -51.95 5.53 38.23
N LEU A 121 -51.56 5.55 39.50
CA LEU A 121 -52.47 5.16 40.58
C LEU A 121 -53.54 6.23 40.79
N THR A 122 -54.73 5.79 41.18
CA THR A 122 -55.83 6.70 41.47
C THR A 122 -55.60 7.52 42.72
N THR A 123 -54.72 7.08 43.62
CA THR A 123 -54.46 7.79 44.86
C THR A 123 -53.67 9.08 44.61
N SER A 124 -53.56 9.88 45.68
CA SER A 124 -52.79 11.12 45.63
C SER A 124 -52.20 11.34 47.02
N ARG A 125 -50.98 10.85 47.22
CA ARG A 125 -50.28 10.99 48.50
C ARG A 125 -49.57 12.33 48.62
N SER A 126 -49.23 12.95 47.49
CA SER A 126 -48.36 14.13 47.48
C SER A 126 -49.05 15.35 48.09
N MET A 127 -48.53 15.79 49.24
CA MET A 127 -48.86 17.11 49.77
C MET A 127 -48.23 18.22 48.92
N THR A 128 -47.21 17.88 48.11
CA THR A 128 -46.43 18.83 47.31
C THR A 128 -47.30 19.63 46.34
N ASP A 129 -48.44 19.06 45.92
CA ASP A 129 -49.45 19.76 45.14
C ASP A 129 -50.75 18.96 45.20
N LYS A 130 -51.85 19.64 44.91
CA LYS A 130 -53.16 19.02 44.89
C LYS A 130 -53.53 18.72 43.43
N LEU A 131 -54.51 17.81 43.25
CA LEU A 131 -54.98 17.30 41.96
C LEU A 131 -53.90 16.56 41.18
N ALA A 132 -52.83 16.13 41.84
CA ALA A 132 -51.77 15.36 41.21
C ALA A 132 -51.79 13.94 41.78
N PHE A 133 -51.95 12.97 40.91
CA PHE A 133 -51.97 11.57 41.29
C PHE A 133 -50.55 11.03 41.31
N ASP A 134 -50.24 10.20 42.29
CA ASP A 134 -48.93 9.60 42.42
C ASP A 134 -48.83 8.33 41.57
N VAL A 135 -47.85 8.30 40.68
CA VAL A 135 -47.72 7.16 39.79
C VAL A 135 -47.07 6.01 40.56
N GLY A 136 -47.46 4.78 40.25
CA GLY A 136 -46.94 3.62 40.93
C GLY A 136 -46.73 2.44 40.01
N LEU A 137 -47.11 1.26 40.52
CA LEU A 137 -46.89 0.02 39.78
C LEU A 137 -48.09 -0.89 39.96
N GLN A 138 -48.47 -1.55 38.86
CA GLN A 138 -49.58 -2.49 38.76
C GLN A 138 -49.03 -3.85 38.34
N GLU A 139 -49.60 -4.91 38.92
CA GLU A 139 -49.09 -6.26 38.69
C GLU A 139 -49.23 -6.68 37.23
N ASP A 140 -50.34 -6.32 36.59
CA ASP A 140 -50.56 -6.77 35.22
C ASP A 140 -50.94 -5.60 34.31
N ALA A 141 -51.34 -5.91 33.08
CA ALA A 141 -51.70 -4.91 32.10
C ALA A 141 -53.17 -4.49 32.16
N THR A 142 -53.91 -4.99 33.15
CA THR A 142 -55.31 -4.64 33.31
C THR A 142 -55.48 -3.16 33.61
N GLY A 143 -56.52 -2.57 33.03
CA GLY A 143 -56.78 -1.16 33.19
C GLY A 143 -56.07 -0.29 32.16
N GLU A 144 -56.39 0.99 32.21
CA GLU A 144 -55.84 1.99 31.31
C GLU A 144 -54.64 2.73 31.87
N ALA A 145 -54.35 2.57 33.17
CA ALA A 145 -53.22 3.25 33.79
C ALA A 145 -51.88 2.74 33.28
N CYS A 146 -51.85 1.52 32.75
CA CYS A 146 -50.63 0.88 32.28
C CYS A 146 -50.13 1.44 30.96
N TRP A 147 -50.91 2.28 30.29
CA TRP A 147 -50.59 2.78 28.96
C TRP A 147 -50.18 4.24 28.99
N TRP A 148 -49.18 4.58 28.17
CA TRP A 148 -48.61 5.92 28.10
C TRP A 148 -48.49 6.36 26.64
N THR A 149 -48.87 7.59 26.35
CA THR A 149 -48.78 8.16 25.01
C THR A 149 -47.70 9.24 24.95
N MET A 150 -46.85 9.17 23.93
CA MET A 150 -45.82 10.20 23.79
C MET A 150 -46.27 11.26 22.81
N HIS A 151 -45.68 12.44 22.94
CA HIS A 151 -45.87 13.53 22.00
C HIS A 151 -44.54 14.23 21.79
N PRO A 152 -44.27 14.72 20.58
CA PRO A 152 -43.00 15.42 20.32
C PRO A 152 -42.86 16.67 21.18
N ALA A 153 -41.61 16.96 21.54
CA ALA A 153 -41.29 18.06 22.46
C ALA A 153 -41.72 19.41 21.89
N SER A 154 -41.44 19.64 20.61
CA SER A 154 -41.73 20.94 20.01
C SER A 154 -42.07 20.70 18.53
N LYS A 155 -42.05 21.78 17.74
CA LYS A 155 -42.42 21.73 16.34
C LYS A 155 -41.35 21.09 15.45
N GLN A 156 -40.18 20.75 16.01
CA GLN A 156 -39.12 20.09 15.26
C GLN A 156 -39.52 18.74 14.68
N ARG A 157 -40.55 18.09 15.23
CA ARG A 157 -41.10 16.88 14.67
C ARG A 157 -42.62 16.97 14.86
N SER A 158 -43.34 15.89 14.55
CA SER A 158 -44.79 15.86 14.71
C SER A 158 -45.21 14.42 15.00
N GLU A 159 -46.51 14.22 15.09
CA GLU A 159 -47.06 12.89 15.32
C GLU A 159 -46.97 12.07 14.04
N GLY A 160 -46.69 10.78 14.20
CA GLY A 160 -46.61 9.87 13.07
C GLY A 160 -45.21 9.49 12.65
N GLU A 161 -44.18 10.08 13.25
CA GLU A 161 -42.80 9.75 12.95
C GLU A 161 -42.22 8.83 14.02
N LYS A 162 -41.19 8.10 13.62
CA LYS A 162 -40.53 7.13 14.49
C LYS A 162 -39.47 7.81 15.34
N VAL A 163 -39.24 7.26 16.53
CA VAL A 163 -38.27 7.81 17.47
C VAL A 163 -36.90 7.20 17.20
N ARG A 164 -35.89 8.05 17.23
CA ARG A 164 -34.49 7.64 17.12
C ARG A 164 -33.83 7.83 18.48
N VAL A 165 -32.54 7.53 18.55
CA VAL A 165 -31.80 7.70 19.79
C VAL A 165 -31.59 9.18 20.09
N GLY A 166 -31.75 9.55 21.36
CA GLY A 166 -31.55 10.91 21.79
C GLY A 166 -32.71 11.85 21.55
N ASP A 167 -33.83 11.37 21.01
CA ASP A 167 -34.98 12.23 20.78
C ASP A 167 -35.60 12.68 22.09
N ASP A 168 -36.20 13.87 22.07
CA ASP A 168 -36.80 14.48 23.24
C ASP A 168 -38.33 14.35 23.14
N LEU A 169 -38.95 13.72 24.12
CA LEU A 169 -40.38 13.40 24.06
C LEU A 169 -41.12 13.91 25.29
N ILE A 170 -42.44 13.80 25.22
CA ILE A 170 -43.36 14.21 26.27
C ILE A 170 -44.24 13.01 26.61
N LEU A 171 -44.40 12.72 27.90
CA LEU A 171 -45.21 11.59 28.36
C LEU A 171 -46.58 12.09 28.84
N VAL A 172 -47.64 11.45 28.33
CA VAL A 172 -49.02 11.81 28.65
C VAL A 172 -49.74 10.54 29.10
N SER A 173 -50.45 10.63 30.23
CA SER A 173 -51.18 9.50 30.76
C SER A 173 -52.39 9.18 29.88
N VAL A 174 -52.71 7.90 29.81
CA VAL A 174 -53.94 7.49 29.14
C VAL A 174 -55.10 7.44 30.13
N SER A 175 -54.82 7.04 31.37
CA SER A 175 -55.87 6.91 32.38
C SER A 175 -56.41 8.27 32.81
N SER A 176 -55.54 9.16 33.26
CA SER A 176 -55.97 10.43 33.82
C SER A 176 -55.59 11.63 32.99
N GLU A 177 -54.95 11.43 31.82
CA GLU A 177 -54.51 12.50 30.91
C GLU A 177 -53.64 13.53 31.63
N ARG A 178 -52.75 13.03 32.48
CA ARG A 178 -51.83 13.89 33.22
C ARG A 178 -50.43 13.69 32.68
N TYR A 179 -49.69 14.78 32.56
CA TYR A 179 -48.31 14.71 32.14
C TYR A 179 -47.47 14.14 33.27
N LEU A 180 -46.60 13.18 32.94
CA LEU A 180 -45.80 12.49 33.95
C LEU A 180 -44.79 13.50 34.49
N HIS A 181 -45.10 14.08 35.66
CA HIS A 181 -44.46 15.29 36.15
C HIS A 181 -43.53 14.98 37.31
N LEU A 182 -42.61 15.91 37.56
CA LEU A 182 -41.76 15.86 38.74
C LEU A 182 -42.11 17.04 39.64
N SER A 183 -42.08 16.81 40.94
CA SER A 183 -42.44 17.74 41.98
C SER A 183 -41.17 18.02 42.78
N THR A 184 -40.53 19.14 42.44
CA THR A 184 -39.30 19.61 43.06
C THR A 184 -39.55 20.67 44.12
N ALA A 185 -40.82 21.01 44.40
CA ALA A 185 -41.15 22.05 45.36
C ALA A 185 -40.70 21.66 46.77
N SER A 186 -40.90 20.41 47.15
CA SER A 186 -40.45 19.92 48.44
C SER A 186 -38.94 19.67 48.38
N GLY A 187 -38.38 19.32 49.54
CA GLY A 187 -36.95 19.07 49.64
C GLY A 187 -36.48 17.87 48.83
N GLU A 188 -37.38 16.98 48.45
CA GLU A 188 -37.09 15.81 47.65
C GLU A 188 -37.54 16.03 46.21
N LEU A 189 -37.18 15.09 45.36
CA LEU A 189 -37.52 15.08 43.94
C LEU A 189 -38.51 13.93 43.75
N GLN A 190 -39.80 14.24 43.82
CA GLN A 190 -40.84 13.22 43.71
C GLN A 190 -41.47 13.26 42.32
N VAL A 191 -41.81 12.09 41.78
CA VAL A 191 -42.46 12.04 40.47
C VAL A 191 -43.91 11.60 40.66
N ASP A 192 -44.83 12.36 40.08
CA ASP A 192 -46.25 12.08 40.15
C ASP A 192 -46.83 12.29 38.76
N ALA A 193 -48.15 12.30 38.67
CA ALA A 193 -48.85 12.62 37.43
C ALA A 193 -49.63 13.91 37.66
N SER A 194 -49.42 14.90 36.81
CA SER A 194 -50.11 16.17 36.96
C SER A 194 -50.20 16.84 35.60
N PHE A 195 -50.57 18.12 35.60
CA PHE A 195 -50.83 18.84 34.37
C PHE A 195 -49.67 19.72 33.91
N MET A 196 -48.72 19.99 34.80
CA MET A 196 -47.52 20.73 34.42
C MET A 196 -46.66 19.91 33.48
N GLN A 197 -46.08 20.59 32.49
CA GLN A 197 -45.29 19.90 31.48
C GLN A 197 -43.93 19.48 32.04
N THR A 198 -43.51 18.27 31.66
CA THR A 198 -42.18 17.76 31.98
C THR A 198 -41.53 17.22 30.72
N LEU A 199 -40.28 17.64 30.48
CA LEU A 199 -39.53 17.29 29.29
C LEU A 199 -38.73 16.02 29.57
N TRP A 200 -38.95 14.98 28.77
CA TRP A 200 -38.41 13.65 29.04
C TRP A 200 -37.51 13.18 27.91
N ASN A 201 -36.37 12.59 28.29
CA ASN A 201 -35.44 12.00 27.35
C ASN A 201 -35.33 10.51 27.64
N MET A 202 -35.11 9.70 26.61
CA MET A 202 -34.94 8.27 26.80
C MET A 202 -33.58 7.84 26.28
N ASN A 203 -32.88 7.05 27.07
CA ASN A 203 -31.56 6.57 26.73
C ASN A 203 -31.57 5.05 26.58
N PRO A 204 -31.29 4.53 25.38
CA PRO A 204 -31.34 3.07 25.16
C PRO A 204 -30.19 2.35 25.84
N ILE A 205 -30.42 1.08 26.14
CA ILE A 205 -29.43 0.19 26.74
C ILE A 205 -29.19 -1.04 25.88
N CYS A 206 -30.26 -1.69 25.44
CA CYS A 206 -30.19 -2.95 24.73
C CYS A 206 -30.87 -2.88 23.38
N SER A 207 -30.21 -3.48 22.38
CA SER A 207 -30.80 -3.69 21.07
C SER A 207 -30.99 -5.17 20.79
N CYS A 208 -29.91 -5.96 20.87
CA CYS A 208 -29.98 -7.40 20.61
C CYS A 208 -28.87 -8.07 21.41
N CYS A 209 -29.22 -8.83 22.44
CA CYS A 209 -28.25 -9.64 23.16
C CYS A 209 -28.21 -11.04 22.56
N GLU A 210 -27.06 -11.42 22.03
CA GLU A 210 -26.89 -12.75 21.45
C GLU A 210 -26.95 -13.81 22.55
N GLU A 211 -27.53 -14.96 22.21
CA GLU A 211 -27.68 -16.04 23.18
C GLU A 211 -26.31 -16.61 23.56
N GLY A 212 -26.07 -16.73 24.86
CA GLY A 212 -24.78 -17.20 25.34
C GLY A 212 -23.62 -16.26 25.07
N TYR A 213 -23.85 -14.96 25.20
CA TYR A 213 -22.82 -13.96 24.97
C TYR A 213 -22.81 -12.96 26.11
N VAL A 214 -21.61 -12.58 26.55
CA VAL A 214 -21.45 -11.70 27.71
C VAL A 214 -21.52 -10.26 27.26
N THR A 215 -22.44 -9.51 27.85
CA THR A 215 -22.59 -8.09 27.59
C THR A 215 -22.46 -7.33 28.91
N GLY A 216 -22.53 -6.01 28.82
CA GLY A 216 -22.49 -5.19 30.01
C GLY A 216 -23.80 -5.22 30.77
N GLY A 217 -23.73 -4.79 32.04
CA GLY A 217 -24.93 -4.79 32.86
C GLY A 217 -25.39 -6.15 33.31
N HIS A 218 -24.56 -7.17 33.18
CA HIS A 218 -24.93 -8.54 33.52
C HIS A 218 -24.44 -8.91 34.92
N VAL A 219 -25.38 -9.33 35.76
CA VAL A 219 -25.03 -9.98 37.02
C VAL A 219 -24.67 -11.42 36.66
N LEU A 220 -23.63 -11.97 37.28
CA LEU A 220 -23.20 -13.33 36.98
C LEU A 220 -22.19 -13.78 38.02
N ARG A 221 -21.70 -15.01 37.87
CA ARG A 221 -20.68 -15.51 38.77
C ARG A 221 -19.30 -15.27 38.16
N LEU A 222 -18.26 -15.70 38.88
CA LEU A 222 -16.88 -15.58 38.41
C LEU A 222 -16.20 -16.92 38.64
N PHE A 223 -16.21 -17.78 37.62
CA PHE A 223 -15.66 -19.12 37.79
C PHE A 223 -14.15 -19.11 37.63
N HIS A 224 -13.54 -20.17 38.14
CA HIS A 224 -12.13 -20.46 37.98
C HIS A 224 -11.97 -21.34 36.73
N GLY A 225 -10.74 -21.41 36.22
CA GLY A 225 -10.42 -22.37 35.17
C GLY A 225 -10.64 -23.81 35.57
N HIS A 226 -10.64 -24.11 36.86
CA HIS A 226 -11.00 -25.40 37.41
C HIS A 226 -12.51 -25.55 37.58
N MET A 227 -13.28 -24.51 37.21
CA MET A 227 -14.76 -24.40 37.22
C MET A 227 -15.45 -24.97 38.45
N ASP A 228 -14.78 -24.95 39.60
CA ASP A 228 -15.34 -25.33 40.89
C ASP A 228 -15.25 -24.23 41.93
N GLU A 229 -14.31 -23.30 41.81
CA GLU A 229 -14.14 -22.23 42.78
C GLU A 229 -14.62 -20.91 42.19
N CYS A 230 -15.35 -20.16 43.01
CA CYS A 230 -15.97 -18.90 42.59
C CYS A 230 -15.64 -17.81 43.59
N LEU A 231 -15.62 -16.57 43.10
CA LEU A 231 -15.25 -15.40 43.90
C LEU A 231 -16.42 -15.08 44.84
N THR A 232 -16.31 -15.50 46.10
CA THR A 232 -17.41 -15.31 47.05
C THR A 232 -16.92 -14.69 48.34
N ILE A 233 -17.78 -13.84 48.92
CA ILE A 233 -17.56 -13.35 50.29
C ILE A 233 -18.11 -14.40 51.25
N SER A 234 -17.80 -14.25 52.54
CA SER A 234 -18.25 -15.19 53.55
C SER A 234 -19.77 -15.18 53.70
N ALA A 235 -20.27 -16.12 54.50
CA ALA A 235 -21.71 -16.30 54.70
C ALA A 235 -22.29 -15.14 55.50
N ALA A 236 -23.61 -15.07 55.52
CA ALA A 236 -24.30 -14.02 56.26
C ALA A 236 -24.10 -14.20 57.77
N ASP A 237 -23.96 -13.06 58.46
CA ASP A 237 -23.71 -12.99 59.91
C ASP A 237 -22.46 -13.77 60.28
N SER A 238 -21.32 -13.33 59.73
CA SER A 238 -20.05 -13.99 59.94
C SER A 238 -19.06 -13.04 60.59
N ASP A 239 -18.05 -13.64 61.24
CA ASP A 239 -16.96 -12.88 61.87
C ASP A 239 -16.10 -12.13 60.85
N ASP A 240 -16.16 -12.53 59.57
CA ASP A 240 -15.42 -11.88 58.50
C ASP A 240 -15.93 -10.46 58.20
N GLN A 241 -17.12 -10.10 58.72
CA GLN A 241 -17.86 -8.85 58.43
C GLN A 241 -18.26 -8.73 56.97
N ARG A 242 -18.19 -9.84 56.22
CA ARG A 242 -18.59 -9.94 54.82
C ARG A 242 -17.86 -8.93 53.94
N ARG A 243 -16.53 -8.91 54.06
CA ARG A 243 -15.72 -8.00 53.26
C ARG A 243 -14.46 -8.64 52.69
N LEU A 244 -14.26 -9.95 52.82
CA LEU A 244 -13.13 -10.61 52.19
C LEU A 244 -13.67 -11.57 51.14
N VAL A 245 -13.08 -11.53 49.96
CA VAL A 245 -13.50 -12.34 48.83
C VAL A 245 -12.53 -13.51 48.69
N TYR A 246 -13.07 -14.68 48.32
CA TYR A 246 -12.27 -15.89 48.26
C TYR A 246 -12.54 -16.59 46.94
N TYR A 247 -11.96 -17.78 46.78
CA TYR A 247 -12.24 -18.70 45.69
C TYR A 247 -12.81 -19.94 46.36
N GLU A 248 -14.12 -19.92 46.60
CA GLU A 248 -14.77 -20.93 47.42
C GLU A 248 -15.46 -21.94 46.50
N GLY A 249 -15.34 -23.22 46.85
CA GLY A 249 -15.91 -24.29 46.06
C GLY A 249 -17.22 -24.81 46.64
N GLY A 250 -17.72 -25.87 46.01
CA GLY A 250 -18.96 -26.47 46.45
C GLY A 250 -20.17 -25.66 46.04
N ALA A 251 -21.30 -25.96 46.72
CA ALA A 251 -22.56 -25.25 46.51
C ALA A 251 -22.58 -23.83 47.07
N VAL A 252 -21.45 -23.34 47.58
CA VAL A 252 -21.39 -21.98 48.12
C VAL A 252 -21.60 -20.96 47.01
N CYS A 253 -20.95 -21.17 45.87
CA CYS A 253 -20.99 -20.18 44.80
C CYS A 253 -22.11 -20.40 43.80
N THR A 254 -22.91 -21.45 43.96
CA THR A 254 -24.12 -21.55 43.15
C THR A 254 -25.27 -20.76 43.76
N HIS A 255 -25.03 -20.11 44.90
CA HIS A 255 -26.02 -19.30 45.58
C HIS A 255 -25.86 -17.84 45.17
N ALA A 256 -26.58 -16.95 45.86
CA ALA A 256 -26.60 -15.52 45.54
C ALA A 256 -25.36 -14.77 46.01
N ARG A 257 -24.55 -15.36 46.89
CA ARG A 257 -23.36 -14.67 47.40
C ARG A 257 -22.28 -14.50 46.33
N SER A 258 -22.37 -15.22 45.22
CA SER A 258 -21.36 -15.16 44.18
C SER A 258 -21.81 -14.34 42.97
N LEU A 259 -22.76 -13.44 43.15
CA LEU A 259 -23.33 -12.67 42.05
C LEU A 259 -22.69 -11.31 42.01
N TRP A 260 -21.93 -11.06 40.94
CA TRP A 260 -21.25 -9.80 40.70
C TRP A 260 -21.75 -9.18 39.41
N ARG A 261 -22.14 -7.91 39.51
CA ARG A 261 -22.71 -7.16 38.41
C ARG A 261 -21.61 -6.39 37.70
N LEU A 262 -21.49 -6.61 36.39
CA LEU A 262 -20.53 -5.91 35.52
C LEU A 262 -21.13 -4.57 35.13
N GLU A 263 -20.99 -3.57 36.01
CA GLU A 263 -21.57 -2.26 35.73
C GLU A 263 -20.58 -1.40 34.96
N PRO A 264 -20.86 -1.00 33.72
CA PRO A 264 -19.91 -0.17 32.98
C PRO A 264 -19.92 1.29 33.46
N LEU A 265 -18.94 2.03 32.96
CA LEU A 265 -18.81 3.46 33.23
C LEU A 265 -19.65 4.31 32.28
N ARG A 266 -20.30 3.71 31.30
CA ARG A 266 -21.03 4.44 30.27
C ARG A 266 -22.49 4.61 30.66
N ILE A 267 -23.00 5.84 30.51
CA ILE A 267 -24.39 6.11 30.85
C ILE A 267 -25.33 5.43 29.86
N SER A 268 -25.05 5.58 28.57
CA SER A 268 -25.88 5.02 27.52
C SER A 268 -25.26 3.72 27.02
N TRP A 269 -26.13 2.79 26.58
CA TRP A 269 -25.73 1.47 26.06
C TRP A 269 -24.88 0.70 27.06
N SER A 270 -25.26 0.75 28.34
CA SER A 270 -24.57 -0.01 29.37
C SER A 270 -24.70 -1.52 29.16
N GLY A 271 -25.70 -1.96 28.42
CA GLY A 271 -25.91 -3.35 28.07
C GLY A 271 -25.23 -3.77 26.79
N SER A 272 -24.37 -2.92 26.21
CA SER A 272 -23.65 -3.27 25.00
C SER A 272 -22.71 -4.43 25.25
N HIS A 273 -22.48 -5.21 24.19
CA HIS A 273 -21.61 -6.37 24.30
C HIS A 273 -20.19 -5.96 24.64
N LEU A 274 -19.59 -6.68 25.59
CA LEU A 274 -18.30 -6.30 26.13
C LEU A 274 -17.17 -6.65 25.16
N ARG A 275 -16.30 -5.68 24.93
CA ARG A 275 -15.05 -5.90 24.22
C ARG A 275 -13.98 -6.28 25.24
N TRP A 276 -12.74 -6.40 24.80
CA TRP A 276 -11.65 -6.78 25.71
C TRP A 276 -11.13 -5.54 26.41
N GLY A 277 -10.97 -5.65 27.73
CA GLY A 277 -10.44 -4.56 28.53
C GLY A 277 -11.30 -3.33 28.60
N GLN A 278 -12.60 -3.49 28.73
CA GLN A 278 -13.46 -2.33 28.89
C GLN A 278 -13.57 -1.99 30.37
N PRO A 279 -13.28 -0.76 30.77
CA PRO A 279 -13.33 -0.40 32.20
C PRO A 279 -14.75 -0.48 32.73
N LEU A 280 -14.91 -1.18 33.85
CA LEU A 280 -16.23 -1.39 34.43
C LEU A 280 -16.09 -1.78 35.90
N ARG A 281 -17.05 -1.33 36.69
CA ARG A 281 -17.08 -1.62 38.11
C ARG A 281 -17.66 -3.02 38.33
N ILE A 282 -17.53 -3.49 39.56
CA ILE A 282 -18.05 -4.78 40.01
C ILE A 282 -18.90 -4.54 41.23
N ARG A 283 -20.11 -5.08 41.24
CA ARG A 283 -21.03 -4.85 42.34
C ARG A 283 -21.49 -6.18 42.92
N HIS A 284 -21.68 -6.22 44.23
CA HIS A 284 -22.29 -7.37 44.89
C HIS A 284 -23.74 -7.01 45.18
N VAL A 285 -24.66 -7.72 44.52
CA VAL A 285 -26.06 -7.36 44.58
C VAL A 285 -26.65 -7.66 45.96
N THR A 286 -26.33 -8.81 46.55
CA THR A 286 -26.94 -9.23 47.80
C THR A 286 -26.50 -8.39 48.99
N THR A 287 -25.40 -7.65 48.88
CA THR A 287 -24.93 -6.80 49.95
C THR A 287 -24.92 -5.32 49.62
N GLY A 288 -25.09 -4.95 48.35
CA GLY A 288 -25.08 -3.55 47.96
C GLY A 288 -23.76 -2.86 48.18
N ARG A 289 -22.66 -3.52 47.83
CA ARG A 289 -21.32 -2.96 48.02
C ARG A 289 -20.48 -3.25 46.79
N TYR A 290 -19.44 -2.43 46.59
CA TYR A 290 -18.67 -2.45 45.36
C TYR A 290 -17.24 -2.95 45.61
N LEU A 291 -16.75 -3.80 44.71
CA LEU A 291 -15.39 -4.31 44.81
C LEU A 291 -14.38 -3.20 44.53
N ALA A 292 -13.30 -3.18 45.30
CA ALA A 292 -12.25 -2.17 45.19
C ALA A 292 -10.98 -2.67 45.86
N LEU A 293 -9.94 -1.85 45.81
CA LEU A 293 -8.72 -2.07 46.58
C LEU A 293 -8.49 -0.85 47.45
N THR A 294 -8.38 -1.07 48.75
CA THR A 294 -8.14 -0.01 49.71
C THR A 294 -6.72 -0.16 50.26
N GLU A 295 -6.37 0.72 51.20
CA GLU A 295 -5.01 0.81 51.68
C GLU A 295 -4.70 -0.16 52.83
N ASP A 296 -5.58 -0.29 53.82
CA ASP A 296 -5.26 -1.10 54.99
C ASP A 296 -5.40 -2.60 54.74
N GLN A 297 -6.35 -3.03 53.91
CA GLN A 297 -6.61 -4.46 53.75
C GLN A 297 -6.75 -4.89 52.30
N GLY A 298 -6.18 -4.13 51.35
CA GLY A 298 -6.05 -4.56 49.97
C GLY A 298 -7.37 -4.68 49.23
N LEU A 299 -7.43 -5.65 48.31
CA LEU A 299 -8.58 -5.85 47.43
C LEU A 299 -9.74 -6.38 48.26
N VAL A 300 -10.68 -5.49 48.62
CA VAL A 300 -11.86 -5.86 49.40
C VAL A 300 -13.07 -5.11 48.89
N VAL A 301 -14.25 -5.68 49.12
CA VAL A 301 -15.48 -5.03 48.70
C VAL A 301 -15.76 -3.84 49.64
N VAL A 302 -16.17 -2.72 49.05
CA VAL A 302 -16.34 -1.48 49.80
C VAL A 302 -17.73 -0.94 49.49
N ASP A 303 -18.20 -0.05 50.38
CA ASP A 303 -19.51 0.57 50.24
C ASP A 303 -19.60 1.37 48.94
N ALA A 304 -20.81 1.42 48.38
CA ALA A 304 -21.06 2.13 47.12
C ALA A 304 -20.86 3.64 47.25
N CYS A 305 -20.89 4.19 48.46
CA CYS A 305 -20.64 5.62 48.64
C CYS A 305 -19.18 6.01 48.43
N LYS A 306 -18.26 5.05 48.39
CA LYS A 306 -16.84 5.30 48.20
C LYS A 306 -16.29 4.54 47.00
N ALA A 307 -17.06 4.49 45.92
CA ALA A 307 -16.61 3.89 44.66
C ALA A 307 -16.18 5.02 43.74
N HIS A 308 -14.94 5.48 43.96
CA HIS A 308 -14.37 6.66 43.31
C HIS A 308 -13.84 6.39 41.89
N THR A 309 -14.20 5.26 41.27
CA THR A 309 -14.00 4.93 39.85
C THR A 309 -12.52 4.63 39.53
N LYS A 310 -11.63 4.83 40.51
CA LYS A 310 -10.21 4.54 40.32
C LYS A 310 -9.89 3.14 40.85
N ALA A 311 -10.19 2.86 42.11
CA ALA A 311 -9.94 1.56 42.68
C ALA A 311 -11.04 0.54 42.37
N THR A 312 -12.18 0.98 41.86
CA THR A 312 -13.26 0.05 41.56
C THR A 312 -13.25 -0.43 40.12
N SER A 313 -12.83 0.41 39.18
CA SER A 313 -12.82 0.04 37.77
C SER A 313 -11.83 -1.09 37.52
N PHE A 314 -12.21 -1.99 36.61
CA PHE A 314 -11.40 -3.16 36.27
C PHE A 314 -11.56 -3.44 34.79
N CYS A 315 -10.62 -4.17 34.22
CA CYS A 315 -10.68 -4.51 32.80
C CYS A 315 -10.45 -6.00 32.60
N PHE A 316 -11.20 -6.58 31.68
CA PHE A 316 -11.08 -7.99 31.33
C PHE A 316 -10.20 -8.10 30.10
N ARG A 317 -8.97 -8.56 30.31
CA ARG A 317 -7.93 -8.63 29.29
C ARG A 317 -7.78 -10.06 28.79
N VAL A 318 -7.42 -10.19 27.52
CA VAL A 318 -7.36 -11.50 26.86
C VAL A 318 -6.28 -12.38 27.48
N SER A 319 -5.12 -11.81 27.82
CA SER A 319 -4.01 -12.58 28.35
C SER A 319 -3.21 -11.72 29.31
N LYS A 320 -2.15 -12.31 29.88
CA LYS A 320 -1.28 -11.59 30.80
C LYS A 320 -0.39 -10.57 30.10
N GLU A 321 -0.35 -10.57 28.77
CA GLU A 321 0.43 -9.59 28.02
C GLU A 321 -0.17 -8.20 28.19
N LYS A 322 0.68 -7.18 28.02
CA LYS A 322 0.23 -5.80 28.18
C LYS A 322 -0.57 -5.38 26.96
N LEU A 323 -1.83 -5.01 27.18
CA LEU A 323 -2.68 -4.49 26.11
C LEU A 323 -2.87 -2.99 26.27
N PRO A 327 -8.88 -0.14 27.02
CA PRO A 327 -10.10 0.66 27.04
C PRO A 327 -10.31 1.48 25.76
N LYS A 328 -11.18 1.01 24.88
CA LYS A 328 -11.46 1.67 23.62
C LYS A 328 -12.69 2.54 23.77
N ARG A 329 -13.10 3.17 22.67
CA ARG A 329 -14.25 4.06 22.68
C ARG A 329 -15.55 3.28 22.89
N ASP A 330 -16.50 3.91 23.57
CA ASP A 330 -17.83 3.33 23.73
C ASP A 330 -18.60 3.41 22.41
N VAL A 331 -19.34 2.34 22.10
CA VAL A 331 -20.06 2.21 20.84
C VAL A 331 -21.56 2.35 21.11
N GLU A 332 -22.24 3.10 20.23
CA GLU A 332 -23.69 3.33 20.35
C GLU A 332 -24.48 2.13 19.82
N GLY A 333 -24.19 0.96 20.39
CA GLY A 333 -24.81 -0.28 19.98
C GLY A 333 -24.06 -1.42 20.64
N MET A 334 -24.49 -2.64 20.30
CA MET A 334 -23.84 -3.84 20.82
C MET A 334 -22.39 -3.92 20.37
N GLY A 335 -22.12 -3.62 19.09
CA GLY A 335 -20.81 -3.75 18.54
C GLY A 335 -20.44 -5.19 18.28
N PRO A 336 -19.16 -5.51 18.29
CA PRO A 336 -18.71 -6.88 18.00
C PRO A 336 -18.95 -7.82 19.17
N PRO A 337 -19.69 -8.91 18.96
CA PRO A 337 -19.85 -9.92 20.01
C PRO A 337 -18.63 -10.83 20.10
N GLU A 338 -17.83 -10.63 21.15
CA GLU A 338 -16.56 -11.33 21.32
C GLU A 338 -16.56 -12.23 22.55
N ILE A 339 -16.87 -11.69 23.72
CA ILE A 339 -16.83 -12.46 24.97
C ILE A 339 -18.04 -13.37 25.03
N LYS A 340 -17.79 -14.67 25.15
CA LYS A 340 -18.85 -15.67 25.20
C LYS A 340 -19.09 -16.14 26.64
N TYR A 341 -20.27 -16.71 26.86
CA TYR A 341 -20.65 -17.22 28.16
C TYR A 341 -20.15 -18.67 28.27
N GLY A 342 -19.34 -18.94 29.29
CA GLY A 342 -18.76 -20.25 29.47
C GLY A 342 -17.48 -20.50 28.71
N GLU A 343 -17.11 -19.62 27.78
CA GLU A 343 -15.86 -19.70 27.02
C GLU A 343 -15.28 -18.29 26.98
N SER A 344 -14.26 -18.10 26.12
CA SER A 344 -13.56 -16.82 25.93
C SER A 344 -12.97 -16.32 27.25
N LEU A 345 -11.98 -17.09 27.73
CA LEU A 345 -11.35 -16.87 29.03
C LEU A 345 -10.76 -15.48 29.15
N CYS A 346 -10.97 -14.87 30.32
CA CYS A 346 -10.51 -13.52 30.60
C CYS A 346 -9.63 -13.49 31.85
N PHE A 347 -8.71 -12.54 31.87
CA PHE A 347 -7.88 -12.24 33.03
C PHE A 347 -8.32 -10.86 33.50
N VAL A 348 -8.72 -10.75 34.76
CA VAL A 348 -9.24 -9.50 35.28
C VAL A 348 -8.07 -8.74 35.89
N GLN A 349 -7.82 -7.53 35.39
CA GLN A 349 -6.73 -6.71 35.89
C GLN A 349 -7.23 -5.32 36.25
N HIS A 350 -6.71 -4.81 37.36
CA HIS A 350 -6.96 -3.44 37.78
C HIS A 350 -6.48 -2.47 36.72
N VAL A 351 -7.40 -1.62 36.23
CA VAL A 351 -7.02 -0.66 35.19
C VAL A 351 -6.06 0.39 35.76
N ALA A 352 -6.18 0.71 37.05
CA ALA A 352 -5.33 1.73 37.67
C ALA A 352 -4.03 1.13 38.22
N SER A 353 -4.15 0.14 39.11
CA SER A 353 -2.95 -0.42 39.73
C SER A 353 -2.20 -1.39 38.82
N GLY A 354 -2.84 -1.92 37.78
CA GLY A 354 -2.17 -2.83 36.88
C GLY A 354 -1.89 -4.19 37.46
N LEU A 355 -2.60 -4.58 38.51
CA LEU A 355 -2.37 -5.86 39.18
C LEU A 355 -3.46 -6.86 38.80
N TRP A 356 -3.11 -8.14 38.82
CA TRP A 356 -3.99 -9.22 38.37
C TRP A 356 -4.56 -10.03 39.53
N LEU A 357 -5.73 -10.63 39.29
CA LEU A 357 -6.37 -11.49 40.28
C LEU A 357 -5.59 -12.79 40.42
N THR A 358 -5.46 -13.27 41.67
CA THR A 358 -4.75 -14.50 41.98
C THR A 358 -5.16 -14.94 43.39
N TYR A 359 -5.29 -16.24 43.59
CA TYR A 359 -5.56 -16.75 44.93
C TYR A 359 -4.33 -16.57 45.82
N ALA A 360 -4.57 -16.47 47.12
CA ALA A 360 -3.47 -16.40 48.08
C ALA A 360 -2.73 -17.73 48.11
N ALA A 361 -1.44 -17.69 47.77
CA ALA A 361 -0.64 -18.91 47.65
C ALA A 361 -0.53 -19.76 48.93
N PRO A 362 -0.23 -19.21 50.13
CA PRO A 362 -0.13 -20.09 51.31
C PRO A 362 -1.43 -20.80 51.64
N ASP A 363 -1.31 -22.05 52.07
CA ASP A 363 -2.46 -22.83 52.54
C ASP A 363 -2.26 -23.20 54.00
N PRO A 364 -2.97 -22.55 54.94
CA PRO A 364 -2.72 -22.79 56.36
C PRO A 364 -3.23 -24.13 56.86
N LYS A 365 -3.11 -24.34 58.18
CA LYS A 365 -3.56 -25.59 58.81
C LYS A 365 -5.06 -25.80 58.66
N ALA A 366 -5.83 -24.70 58.52
CA ALA A 366 -7.26 -24.84 58.25
C ALA A 366 -7.50 -25.51 56.90
N LEU A 367 -6.70 -25.15 55.90
CA LEU A 367 -6.80 -25.78 54.59
C LEU A 367 -6.05 -27.10 54.52
N ARG A 368 -5.27 -27.43 55.56
CA ARG A 368 -4.56 -28.70 55.58
C ARG A 368 -5.54 -29.88 55.64
N LEU A 369 -6.60 -29.76 56.44
CA LEU A 369 -7.57 -30.84 56.58
C LEU A 369 -9.00 -30.39 56.29
N GLY A 370 -9.32 -29.11 56.50
CA GLY A 370 -10.66 -28.63 56.34
C GLY A 370 -11.03 -28.35 54.90
N VAL A 371 -12.18 -27.69 54.73
CA VAL A 371 -12.68 -27.35 53.40
C VAL A 371 -11.72 -26.40 52.69
N LEU A 372 -11.50 -26.65 51.40
CA LEU A 372 -10.51 -25.91 50.62
C LEU A 372 -11.15 -24.64 50.06
N LYS A 373 -10.89 -23.51 50.71
CA LYS A 373 -11.25 -22.21 50.18
C LYS A 373 -10.04 -21.30 50.27
N LYS A 374 -9.74 -20.59 49.20
CA LYS A 374 -8.53 -19.78 49.10
C LYS A 374 -8.90 -18.33 48.87
N LYS A 375 -8.28 -17.44 49.64
CA LYS A 375 -8.52 -16.01 49.51
C LYS A 375 -7.88 -15.46 48.23
N ALA A 376 -8.58 -14.54 47.59
CA ALA A 376 -8.08 -13.90 46.37
C ALA A 376 -7.30 -12.64 46.73
N ILE A 377 -6.13 -12.49 46.13
CA ILE A 377 -5.28 -11.32 46.35
C ILE A 377 -4.96 -10.70 45.00
N LEU A 378 -5.05 -9.38 44.92
CA LEU A 378 -4.76 -8.72 43.64
C LEU A 378 -3.25 -8.72 43.42
N HIS A 379 -2.73 -9.81 42.85
CA HIS A 379 -1.29 -9.99 42.73
C HIS A 379 -0.71 -9.08 41.66
N GLN A 380 0.54 -8.67 41.87
CA GLN A 380 1.23 -7.75 40.97
C GLN A 380 1.42 -8.34 39.58
N GLU A 381 1.81 -9.61 39.50
CA GLU A 381 2.04 -10.28 38.22
C GLU A 381 1.06 -11.41 37.96
N GLY A 382 0.71 -12.19 38.97
CA GLY A 382 -0.24 -13.27 38.83
C GLY A 382 0.43 -14.59 38.45
N HIS A 383 -0.27 -15.67 38.77
CA HIS A 383 0.18 -17.02 38.44
C HIS A 383 -0.28 -17.38 37.03
N MET A 384 -0.10 -18.65 36.65
CA MET A 384 -0.49 -19.11 35.32
C MET A 384 -1.95 -19.55 35.28
N ASP A 385 -2.44 -20.16 36.37
CA ASP A 385 -3.80 -20.68 36.43
C ASP A 385 -4.83 -19.65 36.87
N ASP A 386 -4.53 -18.36 36.75
CA ASP A 386 -5.46 -17.30 37.15
C ASP A 386 -6.50 -16.97 36.09
N ALA A 387 -6.70 -17.86 35.11
CA ALA A 387 -7.74 -17.65 34.10
C ALA A 387 -9.13 -17.78 34.72
N LEU A 388 -10.04 -16.91 34.29
CA LEU A 388 -11.38 -16.82 34.86
C LEU A 388 -12.43 -17.04 33.79
N PHE A 389 -13.49 -17.74 34.17
CA PHE A 389 -14.62 -18.03 33.30
C PHE A 389 -15.82 -17.18 33.70
N LEU A 390 -16.60 -16.80 32.69
CA LEU A 390 -17.84 -16.07 32.89
C LEU A 390 -19.01 -16.93 32.44
N THR A 391 -19.98 -17.15 33.33
CA THR A 391 -21.13 -17.99 33.06
C THR A 391 -22.41 -17.26 33.41
N ARG A 392 -23.48 -17.63 32.72
CA ARG A 392 -24.79 -17.01 32.87
C ARG A 392 -25.41 -17.34 34.23
N CYS A 393 -26.38 -16.52 34.62
CA CYS A 393 -27.17 -16.78 35.82
C CYS A 393 -28.63 -16.54 35.48
N GLN A 394 -29.53 -17.22 36.21
CA GLN A 394 -30.94 -17.16 35.89
C GLN A 394 -31.58 -15.85 36.33
N GLN A 395 -32.63 -15.46 35.59
CA GLN A 395 -33.23 -14.15 35.82
C GLN A 395 -34.01 -14.13 37.13
N GLU A 396 -34.78 -15.18 37.41
CA GLU A 396 -35.67 -15.16 38.58
C GLU A 396 -34.85 -15.09 39.88
N GLU A 397 -33.76 -15.85 39.96
CA GLU A 397 -32.88 -15.77 41.12
C GLU A 397 -32.13 -14.45 41.14
N SER A 398 -31.79 -13.88 39.98
CA SER A 398 -31.19 -12.55 39.96
C SER A 398 -32.16 -11.50 40.50
N GLN A 399 -33.43 -11.62 40.14
CA GLN A 399 -34.49 -10.78 40.69
C GLN A 399 -34.61 -10.96 42.20
N ALA A 400 -34.53 -12.20 42.66
CA ALA A 400 -34.46 -12.46 44.10
C ALA A 400 -33.22 -11.84 44.72
N ALA A 401 -32.10 -11.89 44.02
CA ALA A 401 -30.85 -11.31 44.49
C ALA A 401 -30.96 -9.80 44.70
N ARG A 402 -31.59 -9.12 43.74
CA ARG A 402 -31.87 -7.70 43.92
C ARG A 402 -32.91 -7.47 45.03
N MET A 403 -33.88 -8.38 45.16
CA MET A 403 -34.86 -8.27 46.23
C MET A 403 -34.26 -8.51 47.61
N ILE A 404 -33.30 -9.41 47.72
CA ILE A 404 -32.76 -9.83 49.01
C ILE A 404 -32.02 -8.67 49.69
N HIS A 405 -31.40 -7.78 48.91
CA HIS A 405 -30.70 -6.63 49.49
C HIS A 405 -31.69 -5.62 50.08
N SER A 406 -32.73 -5.28 49.32
CA SER A 406 -33.73 -4.34 49.83
C SER A 406 -34.49 -4.96 50.99
N THR A 407 -34.67 -6.29 50.94
CA THR A 407 -35.29 -7.03 52.03
C THR A 407 -34.46 -6.90 53.29
N ALA A 408 -33.14 -7.06 53.17
CA ALA A 408 -32.28 -6.89 54.34
C ALA A 408 -32.33 -5.46 54.83
N GLY A 409 -32.35 -4.50 53.90
CA GLY A 409 -32.29 -3.10 54.28
C GLY A 409 -33.51 -2.66 55.08
N LEU A 410 -34.69 -3.11 54.64
CA LEU A 410 -35.93 -2.67 55.28
C LEU A 410 -36.10 -3.29 56.64
N TYR A 411 -35.87 -4.60 56.75
CA TYR A 411 -36.10 -5.26 58.03
C TYR A 411 -34.97 -4.97 59.01
N ASN A 412 -33.73 -4.85 58.54
CA ASN A 412 -32.62 -4.45 59.40
C ASN A 412 -32.82 -3.05 59.96
N GLN A 413 -33.25 -2.11 59.12
CA GLN A 413 -33.63 -0.78 59.59
C GLN A 413 -34.81 -0.82 60.53
N PHE A 414 -35.78 -1.71 60.27
CA PHE A 414 -36.90 -1.92 61.18
C PHE A 414 -36.44 -2.45 62.54
N ILE A 415 -35.51 -3.40 62.55
CA ILE A 415 -34.92 -3.94 63.78
C ILE A 415 -34.19 -2.84 64.56
N LYS A 416 -33.42 -2.02 63.85
CA LYS A 416 -32.74 -0.88 64.46
C LYS A 416 -33.74 0.11 65.04
N GLY A 417 -34.88 0.32 64.36
CA GLY A 417 -35.90 1.17 64.92
C GLY A 417 -36.53 0.54 66.16
N LEU A 418 -36.71 -0.79 66.12
CA LEU A 418 -37.42 -1.51 67.18
C LEU A 418 -36.66 -1.48 68.49
N ASP A 419 -35.38 -1.88 68.48
CA ASP A 419 -34.65 -1.94 69.75
C ASP A 419 -34.32 -0.57 70.31
N SER A 420 -34.51 0.51 69.53
CA SER A 420 -34.30 1.87 70.00
C SER A 420 -35.25 2.22 71.16
N PHE A 421 -36.43 1.61 71.19
CA PHE A 421 -37.38 1.82 72.28
C PHE A 421 -37.55 0.55 73.12
N SER A 422 -36.45 -0.19 73.30
CA SER A 422 -36.45 -1.40 74.11
C SER A 422 -36.87 -1.10 75.54
N GLY A 423 -36.33 -0.04 76.12
CA GLY A 423 -36.82 0.48 77.37
C GLY A 423 -37.57 1.75 77.06
N LYS A 424 -37.30 2.82 77.83
CA LYS A 424 -37.75 4.22 77.68
C LYS A 424 -39.22 4.38 77.26
N PRO A 425 -40.17 4.10 78.16
CA PRO A 425 -41.59 4.23 77.81
C PRO A 425 -41.96 5.65 77.38
N ARG A 426 -42.85 5.73 76.39
CA ARG A 426 -43.22 7.01 75.80
C ARG A 426 -43.95 7.90 76.80
N GLY A 427 -44.83 7.31 77.62
CA GLY A 427 -45.62 8.08 78.55
C GLY A 427 -46.74 8.83 77.85
N SER A 428 -46.60 10.15 77.76
CA SER A 428 -47.58 10.98 77.07
C SER A 428 -46.95 11.88 76.01
N GLY A 429 -45.66 11.70 75.71
CA GLY A 429 -44.98 12.54 74.76
C GLY A 429 -44.85 11.88 73.40
N PRO A 430 -43.83 12.26 72.65
CA PRO A 430 -43.63 11.69 71.32
C PRO A 430 -42.88 10.37 71.41
N PRO A 431 -42.82 9.58 70.33
CA PRO A 431 -42.05 8.33 70.35
C PRO A 431 -40.55 8.54 70.60
N ALA A 432 -39.86 7.40 70.78
CA ALA A 432 -38.43 7.41 71.12
C ALA A 432 -37.59 8.06 70.04
N GLY A 433 -37.87 7.77 68.76
CA GLY A 433 -37.11 8.35 67.69
C GLY A 433 -37.91 8.53 66.40
N PRO A 434 -37.29 8.25 65.27
CA PRO A 434 -37.99 8.38 63.98
C PRO A 434 -39.13 7.39 63.85
N ALA A 435 -40.13 7.78 63.06
CA ALA A 435 -41.31 6.94 62.84
C ALA A 435 -40.94 5.65 62.13
N LEU A 436 -41.58 4.56 62.53
CA LEU A 436 -41.29 3.25 61.97
C LEU A 436 -41.92 3.09 60.60
N PRO A 437 -41.30 2.29 59.70
CA PRO A 437 -41.90 2.03 58.37
C PRO A 437 -42.92 0.90 58.40
N ILE A 438 -44.08 1.18 59.03
CA ILE A 438 -45.14 0.19 59.16
C ILE A 438 -45.71 -0.21 57.80
N GLU A 439 -46.07 0.79 56.99
CA GLU A 439 -46.67 0.51 55.70
C GLU A 439 -45.69 -0.17 54.75
N ALA A 440 -44.42 0.27 54.78
CA ALA A 440 -43.39 -0.33 53.94
C ALA A 440 -43.16 -1.79 54.32
N VAL A 441 -43.11 -2.06 55.62
CA VAL A 441 -42.90 -3.42 56.10
C VAL A 441 -44.09 -4.31 55.75
N ILE A 442 -45.31 -3.82 56.00
CA ILE A 442 -46.52 -4.60 55.73
C ILE A 442 -46.65 -4.92 54.23
N LEU A 443 -46.39 -3.92 53.37
CA LEU A 443 -46.42 -4.15 51.92
C LEU A 443 -45.35 -5.16 51.51
N SER A 444 -44.17 -5.08 52.14
CA SER A 444 -43.12 -6.06 51.85
C SER A 444 -43.55 -7.44 52.31
N LEU A 445 -44.22 -7.53 53.45
CA LEU A 445 -44.69 -8.82 53.96
C LEU A 445 -45.67 -9.45 52.99
N GLN A 446 -46.61 -8.66 52.47
CA GLN A 446 -47.60 -9.19 51.53
C GLN A 446 -46.92 -9.67 50.24
N ASP A 447 -45.94 -8.89 49.76
CA ASP A 447 -45.20 -9.26 48.56
C ASP A 447 -44.41 -10.55 48.77
N LEU A 448 -43.79 -10.71 49.93
CA LEU A 448 -42.99 -11.91 50.17
C LEU A 448 -43.87 -13.14 50.40
N ILE A 449 -44.99 -12.98 51.12
CA ILE A 449 -45.88 -14.12 51.36
C ILE A 449 -46.44 -14.62 50.02
N GLY A 450 -46.88 -13.70 49.16
CA GLY A 450 -47.31 -14.11 47.84
C GLY A 450 -46.18 -14.68 47.00
N TYR A 451 -44.96 -14.14 47.17
CA TYR A 451 -43.80 -14.68 46.46
C TYR A 451 -43.48 -16.10 46.89
N PHE A 452 -43.78 -16.45 48.15
CA PHE A 452 -43.52 -17.77 48.69
C PHE A 452 -44.76 -18.63 48.79
N GLU A 453 -45.86 -18.24 48.16
CA GLU A 453 -47.06 -19.07 48.18
C GLU A 453 -46.80 -20.38 47.43
N PRO A 454 -47.12 -21.53 48.03
CA PRO A 454 -46.93 -22.79 47.31
C PRO A 454 -47.85 -22.89 46.12
N PRO A 455 -47.46 -23.62 45.07
CA PRO A 455 -48.33 -23.80 43.90
C PRO A 455 -49.62 -24.53 44.26
N SER A 456 -50.69 -24.15 43.55
CA SER A 456 -52.02 -24.66 43.83
C SER A 456 -52.11 -26.16 43.54
N GLU A 457 -52.99 -26.84 44.26
CA GLU A 457 -53.09 -28.29 44.18
C GLU A 457 -53.61 -28.75 42.81
N GLU A 458 -54.58 -28.04 42.24
CA GLU A 458 -55.24 -28.48 41.02
C GLU A 458 -54.38 -28.36 39.76
N LEU A 459 -53.11 -27.95 39.87
CA LEU A 459 -52.23 -27.89 38.71
C LEU A 459 -51.91 -29.29 38.19
N GLN A 460 -51.51 -29.33 36.92
CA GLN A 460 -51.08 -30.57 36.28
C GLN A 460 -49.82 -31.08 36.96
N HIS A 461 -49.72 -32.41 37.05
CA HIS A 461 -48.64 -33.07 37.78
C HIS A 461 -47.25 -32.76 37.22
N GLU A 462 -47.15 -32.47 35.94
CA GLU A 462 -45.84 -32.23 35.33
C GLU A 462 -45.27 -30.87 35.73
N GLU A 463 -45.98 -29.79 35.41
CA GLU A 463 -45.48 -28.44 35.64
C GLU A 463 -45.42 -28.11 37.14
N LYS A 464 -46.29 -28.73 37.94
CA LYS A 464 -46.31 -28.47 39.37
C LYS A 464 -44.98 -28.84 40.02
N GLN A 465 -44.38 -29.96 39.61
CA GLN A 465 -43.08 -30.37 40.15
C GLN A 465 -42.01 -29.31 39.89
N SER A 466 -42.05 -28.70 38.69
CA SER A 466 -41.13 -27.61 38.39
C SER A 466 -41.40 -26.41 39.28
N LYS A 467 -42.67 -26.19 39.65
CA LYS A 467 -42.94 -25.08 40.57
C LYS A 467 -42.45 -25.42 41.97
N LEU A 468 -42.46 -26.70 42.33
CA LEU A 468 -41.90 -27.13 43.60
C LEU A 468 -40.41 -26.86 43.64
N ARG A 469 -39.72 -27.17 42.54
CA ARG A 469 -38.28 -26.92 42.45
C ARG A 469 -37.96 -25.43 42.57
N SER A 470 -38.76 -24.59 41.90
CA SER A 470 -38.60 -23.14 42.03
C SER A 470 -38.83 -22.66 43.46
N LEU A 471 -39.87 -23.20 44.12
CA LEU A 471 -40.17 -22.84 45.51
C LEU A 471 -39.06 -23.26 46.45
N ARG A 472 -38.52 -24.48 46.28
CA ARG A 472 -37.43 -24.96 47.10
C ARG A 472 -36.17 -24.13 46.90
N ASN A 473 -35.89 -23.77 45.64
CA ASN A 473 -34.69 -23.00 45.35
C ASN A 473 -34.77 -21.63 46.00
N ARG A 474 -35.88 -20.91 45.78
CA ARG A 474 -36.01 -19.55 46.32
C ARG A 474 -35.96 -19.55 47.84
N GLN A 475 -36.66 -20.52 48.47
CA GLN A 475 -36.66 -20.61 49.93
C GLN A 475 -35.27 -20.93 50.46
N SER A 476 -34.54 -21.80 49.75
CA SER A 476 -33.19 -22.17 50.16
C SER A 476 -32.28 -20.96 50.13
N LEU A 477 -32.41 -20.14 49.06
CA LEU A 477 -31.60 -18.93 48.97
C LEU A 477 -31.91 -17.95 50.08
N PHE A 478 -33.19 -17.76 50.41
CA PHE A 478 -33.56 -16.83 51.48
C PHE A 478 -33.02 -17.27 52.84
N GLN A 479 -33.12 -18.58 53.15
CA GLN A 479 -32.52 -19.06 54.39
C GLN A 479 -31.01 -18.94 54.33
N GLU A 480 -30.40 -19.26 53.19
CA GLU A 480 -28.95 -19.17 53.05
C GLU A 480 -28.48 -17.73 53.19
N GLU A 481 -29.34 -16.76 52.87
CA GLU A 481 -29.00 -15.37 53.10
C GLU A 481 -29.34 -14.94 54.52
N GLY A 482 -29.97 -15.83 55.32
CA GLY A 482 -30.07 -15.54 56.74
C GLY A 482 -31.32 -14.87 57.26
N MET A 483 -32.32 -14.61 56.43
CA MET A 483 -33.50 -13.92 56.92
C MET A 483 -34.44 -14.80 57.72
N LEU A 484 -34.24 -16.12 57.68
CA LEU A 484 -34.97 -17.01 58.58
C LEU A 484 -34.64 -16.68 60.04
N SER A 485 -33.39 -16.33 60.31
CA SER A 485 -33.04 -15.84 61.65
C SER A 485 -33.58 -14.43 61.88
N LEU A 486 -33.57 -13.59 60.83
CA LEU A 486 -33.99 -12.19 60.96
C LEU A 486 -35.44 -12.09 61.37
N VAL A 487 -36.31 -12.91 60.78
CA VAL A 487 -37.71 -12.87 61.17
C VAL A 487 -37.85 -13.35 62.61
N LEU A 488 -37.06 -14.37 63.01
CA LEU A 488 -37.10 -14.83 64.39
C LEU A 488 -36.74 -13.71 65.35
N ASN A 489 -35.81 -12.83 64.93
CA ASN A 489 -35.50 -11.66 65.74
C ASN A 489 -36.68 -10.72 65.79
N CYS A 490 -37.44 -10.63 64.68
CA CYS A 490 -38.60 -9.73 64.64
C CYS A 490 -39.66 -10.18 65.65
N ILE A 491 -39.96 -11.48 65.67
CA ILE A 491 -40.91 -12.02 66.66
C ILE A 491 -40.35 -11.83 68.07
N ASP A 492 -39.06 -12.12 68.27
CA ASP A 492 -38.48 -12.03 69.61
C ASP A 492 -38.57 -10.61 70.16
N ARG A 493 -38.29 -9.61 69.32
CA ARG A 493 -38.43 -8.21 69.72
C ARG A 493 -39.88 -7.84 70.02
N LEU A 494 -40.83 -8.28 69.19
CA LEU A 494 -42.22 -7.87 69.43
C LEU A 494 -42.93 -8.64 70.53
N ASN A 495 -42.61 -9.93 70.71
CA ASN A 495 -43.34 -10.80 71.63
C ASN A 495 -43.11 -10.50 73.10
N VAL A 496 -42.12 -9.69 73.45
CA VAL A 496 -41.91 -9.35 74.86
C VAL A 496 -42.90 -8.33 75.39
N TYR A 497 -43.85 -7.89 74.58
CA TYR A 497 -44.89 -6.96 74.98
C TYR A 497 -46.21 -7.72 75.03
N THR A 498 -46.95 -7.55 76.14
CA THR A 498 -48.15 -8.36 76.38
C THR A 498 -49.25 -8.05 75.37
N THR A 499 -49.58 -6.78 75.18
CA THR A 499 -50.73 -6.42 74.37
C THR A 499 -50.38 -5.21 73.50
N ALA A 500 -51.33 -4.84 72.64
CA ALA A 500 -51.16 -3.68 71.77
C ALA A 500 -51.05 -2.39 72.58
N ALA A 501 -51.87 -2.26 73.64
CA ALA A 501 -51.78 -1.09 74.50
C ALA A 501 -50.41 -1.02 75.19
N HIS A 502 -49.83 -2.18 75.53
CA HIS A 502 -48.49 -2.19 76.09
C HIS A 502 -47.45 -1.86 75.03
N PHE A 503 -47.74 -2.17 73.76
CA PHE A 503 -46.84 -1.82 72.68
C PHE A 503 -46.90 -0.33 72.39
N ALA A 504 -48.06 0.28 72.67
CA ALA A 504 -48.23 1.72 72.49
C ALA A 504 -47.36 2.51 73.46
N GLU A 505 -47.05 1.93 74.61
CA GLU A 505 -46.25 2.63 75.61
C GLU A 505 -44.83 2.83 75.16
N TYR A 506 -44.36 2.03 74.20
CA TYR A 506 -42.97 2.03 73.77
C TYR A 506 -42.82 2.56 72.35
N ALA A 507 -43.52 1.95 71.38
CA ALA A 507 -43.40 2.41 70.00
C ALA A 507 -44.31 3.57 69.67
N GLY A 508 -45.27 3.88 70.51
CA GLY A 508 -46.23 4.92 70.24
C GLY A 508 -47.61 4.34 69.96
N GLU A 509 -48.62 5.21 70.09
CA GLU A 509 -50.00 4.76 69.87
C GLU A 509 -50.28 4.42 68.41
N GLU A 510 -49.57 5.07 67.48
CA GLU A 510 -49.78 4.84 66.05
C GLU A 510 -49.47 3.41 65.62
N ALA A 511 -48.55 2.73 66.29
CA ALA A 511 -48.19 1.36 65.92
C ALA A 511 -48.98 0.31 66.67
N ALA A 512 -49.85 0.72 67.60
CA ALA A 512 -50.62 -0.23 68.40
C ALA A 512 -51.61 -0.99 67.54
N GLU A 513 -52.27 -0.29 66.61
CA GLU A 513 -53.27 -0.94 65.76
C GLU A 513 -52.59 -1.96 64.85
N SER A 514 -51.41 -1.61 64.32
CA SER A 514 -50.70 -2.46 63.38
C SER A 514 -49.96 -3.60 64.06
N TRP A 515 -49.91 -3.62 65.41
CA TRP A 515 -49.15 -4.64 66.13
C TRP A 515 -49.65 -6.05 65.86
N LYS A 516 -50.98 -6.24 65.88
CA LYS A 516 -51.58 -7.54 65.65
C LYS A 516 -51.32 -8.01 64.23
N GLU A 517 -51.40 -7.09 63.27
CA GLU A 517 -51.22 -7.46 61.88
C GLU A 517 -49.77 -7.86 61.63
N ILE A 518 -48.81 -7.07 62.15
CA ILE A 518 -47.42 -7.36 61.85
C ILE A 518 -46.99 -8.67 62.52
N VAL A 519 -47.50 -8.94 63.75
CA VAL A 519 -47.10 -10.16 64.43
C VAL A 519 -47.70 -11.37 63.73
N ASN A 520 -48.95 -11.26 63.21
CA ASN A 520 -49.50 -12.39 62.47
C ASN A 520 -48.72 -12.62 61.18
N LEU A 521 -48.55 -11.56 60.36
CA LEU A 521 -47.95 -11.71 59.05
C LEU A 521 -46.52 -12.20 59.11
N LEU A 522 -45.80 -11.88 60.20
CA LEU A 522 -44.47 -12.46 60.36
C LEU A 522 -44.55 -13.96 60.53
N TYR A 523 -45.56 -14.44 61.26
CA TYR A 523 -45.71 -15.88 61.48
C TYR A 523 -46.02 -16.61 60.17
N GLU A 524 -46.94 -16.04 59.38
CA GLU A 524 -47.20 -16.63 58.05
C GLU A 524 -46.00 -16.57 57.12
N LEU A 525 -45.25 -15.47 57.13
CA LEU A 525 -44.01 -15.39 56.34
C LEU A 525 -42.99 -16.44 56.78
N LEU A 526 -42.84 -16.62 58.09
CA LEU A 526 -41.97 -17.66 58.63
C LEU A 526 -42.41 -19.06 58.20
N ALA A 527 -43.73 -19.30 58.23
CA ALA A 527 -44.26 -20.58 57.76
C ALA A 527 -43.98 -20.77 56.28
N SER A 528 -44.13 -19.70 55.49
CA SER A 528 -43.87 -19.80 54.05
C SER A 528 -42.40 -20.13 53.81
N LEU A 529 -41.50 -19.51 54.58
CA LEU A 529 -40.07 -19.78 54.46
C LEU A 529 -39.74 -21.23 54.78
N ILE A 530 -40.35 -21.77 55.83
CA ILE A 530 -39.99 -23.12 56.26
C ILE A 530 -40.82 -24.21 55.59
N ARG A 531 -41.83 -23.85 54.79
CA ARG A 531 -42.73 -24.82 54.19
C ARG A 531 -42.00 -25.75 53.22
N GLY A 532 -42.07 -27.05 53.49
CA GLY A 532 -41.54 -28.02 52.55
C GLY A 532 -40.03 -28.09 52.46
N ASN A 533 -39.31 -27.52 53.40
CA ASN A 533 -37.85 -27.46 53.33
C ASN A 533 -37.24 -28.34 54.40
N ARG A 534 -36.40 -29.29 53.96
CA ARG A 534 -35.68 -30.15 54.89
C ARG A 534 -34.71 -29.35 55.73
N ALA A 535 -33.99 -28.42 55.11
CA ALA A 535 -32.97 -27.65 55.81
C ALA A 535 -33.62 -26.73 56.84
N ASN A 536 -34.64 -25.97 56.41
CA ASN A 536 -35.25 -24.97 57.27
C ASN A 536 -35.98 -25.63 58.43
N CYS A 537 -36.70 -26.73 58.16
CA CYS A 537 -37.36 -27.42 59.25
C CYS A 537 -36.34 -28.02 60.22
N ALA A 538 -35.23 -28.57 59.69
CA ALA A 538 -34.21 -29.16 60.54
C ALA A 538 -33.52 -28.12 61.42
N LEU A 539 -33.48 -26.85 61.00
CA LEU A 539 -32.83 -25.83 61.82
C LEU A 539 -33.57 -25.52 63.11
N PHE A 540 -34.86 -25.80 63.19
CA PHE A 540 -35.60 -25.51 64.41
C PHE A 540 -35.49 -26.58 65.47
N SER A 541 -34.76 -27.67 65.20
CA SER A 541 -34.50 -28.66 66.24
C SER A 541 -33.66 -28.06 67.37
N THR A 542 -32.69 -27.20 67.02
CA THR A 542 -31.83 -26.58 68.03
C THR A 542 -32.62 -25.67 68.97
N ASN A 543 -33.53 -24.87 68.42
CA ASN A 543 -34.33 -23.93 69.19
C ASN A 543 -35.80 -24.32 69.18
N LEU A 544 -36.06 -25.63 69.35
CA LEU A 544 -37.42 -26.15 69.35
C LEU A 544 -38.25 -25.55 70.48
N ASP A 545 -37.64 -25.33 71.64
CA ASP A 545 -38.36 -24.78 72.80
C ASP A 545 -38.82 -23.34 72.59
N TRP A 546 -38.30 -22.66 71.57
CA TRP A 546 -38.69 -21.27 71.28
C TRP A 546 -40.17 -21.20 70.91
N VAL A 547 -40.59 -22.03 69.95
CA VAL A 547 -41.99 -22.02 69.52
C VAL A 547 -42.88 -22.59 70.62
N VAL A 548 -42.41 -23.63 71.31
CA VAL A 548 -43.22 -24.32 72.32
C VAL A 548 -43.48 -23.40 73.49
N SER A 549 -42.51 -22.56 73.85
CA SER A 549 -42.68 -21.63 74.96
C SER A 549 -43.72 -20.54 74.69
N LYS A 550 -44.12 -20.33 73.44
CA LYS A 550 -45.03 -19.24 73.09
C LYS A 550 -46.44 -19.71 72.75
N LEU A 551 -46.78 -20.97 73.02
CA LEU A 551 -48.09 -21.49 72.65
C LEU A 551 -49.24 -20.83 73.40
N ASP A 552 -49.00 -20.35 74.62
CA ASP A 552 -50.09 -19.79 75.40
C ASP A 552 -50.45 -18.37 75.03
N ARG A 553 -49.66 -17.71 74.17
CA ARG A 553 -49.93 -16.33 73.79
C ARG A 553 -51.21 -16.25 72.97
N LEU A 554 -52.04 -15.25 73.27
CA LEU A 554 -53.36 -15.15 72.66
C LEU A 554 -53.38 -14.34 71.38
N GLU A 555 -52.31 -13.62 71.05
CA GLU A 555 -52.33 -12.77 69.85
C GLU A 555 -52.34 -13.57 68.56
N ALA A 556 -51.63 -14.70 68.51
CA ALA A 556 -51.55 -15.50 67.29
C ALA A 556 -51.33 -16.95 67.69
N SER A 557 -52.40 -17.75 67.71
CA SER A 557 -52.32 -19.17 68.03
C SER A 557 -52.35 -20.08 66.80
N SER A 558 -53.20 -19.75 65.82
CA SER A 558 -53.30 -20.55 64.60
C SER A 558 -52.00 -20.52 63.81
N GLY A 559 -51.39 -19.34 63.71
CA GLY A 559 -50.17 -19.21 62.93
C GLY A 559 -49.04 -20.00 63.55
N ILE A 560 -48.86 -19.88 64.87
CA ILE A 560 -47.75 -20.56 65.56
C ILE A 560 -47.96 -22.07 65.53
N LEU A 561 -49.21 -22.53 65.71
CA LEU A 561 -49.50 -23.95 65.65
C LEU A 561 -49.22 -24.53 64.27
N GLU A 562 -49.58 -23.78 63.21
CA GLU A 562 -49.28 -24.24 61.86
C GLU A 562 -47.77 -24.20 61.58
N VAL A 563 -47.07 -23.20 62.15
CA VAL A 563 -45.62 -23.11 62.02
C VAL A 563 -44.97 -24.32 62.66
N LEU A 564 -45.47 -24.71 63.83
CA LEU A 564 -44.97 -25.91 64.50
C LEU A 564 -45.26 -27.14 63.65
N TYR A 565 -46.41 -27.16 62.98
CA TYR A 565 -46.84 -28.31 62.21
C TYR A 565 -45.91 -28.57 61.04
N CYS A 566 -45.41 -27.49 60.41
CA CYS A 566 -44.58 -27.62 59.22
C CYS A 566 -43.27 -28.35 59.54
N VAL A 567 -42.69 -28.07 60.71
CA VAL A 567 -41.40 -28.66 61.06
C VAL A 567 -41.56 -30.15 61.31
N LEU A 568 -42.59 -30.51 62.08
CA LEU A 568 -42.83 -31.89 62.47
C LEU A 568 -43.13 -32.77 61.26
N ILE A 569 -43.94 -32.27 60.32
CA ILE A 569 -44.36 -33.14 59.21
C ILE A 569 -43.24 -33.38 58.19
N GLU A 570 -42.06 -32.81 58.42
CA GLU A 570 -40.97 -33.03 57.47
C GLU A 570 -39.70 -33.55 58.14
N SER A 571 -39.43 -33.15 59.38
CA SER A 571 -38.17 -33.52 60.01
C SER A 571 -38.34 -34.67 60.99
N PRO A 572 -37.84 -35.87 60.68
CA PRO A 572 -37.92 -36.98 61.64
C PRO A 572 -37.10 -36.77 62.90
N GLU A 573 -35.96 -36.09 62.79
CA GLU A 573 -35.07 -35.91 63.94
C GLU A 573 -35.62 -34.93 64.97
N VAL A 574 -36.52 -34.03 64.56
CA VAL A 574 -37.11 -33.07 65.48
C VAL A 574 -37.95 -33.78 66.53
N LEU A 575 -38.63 -34.86 66.15
CA LEU A 575 -39.45 -35.64 67.08
C LEU A 575 -38.62 -36.25 68.20
N ASN A 576 -37.37 -36.60 67.92
CA ASN A 576 -36.48 -37.18 68.92
C ASN A 576 -36.13 -36.20 70.01
N ILE A 577 -36.24 -34.89 69.73
CA ILE A 577 -35.86 -33.85 70.66
C ILE A 577 -37.03 -33.52 71.60
N ILE A 578 -38.25 -33.88 71.22
CA ILE A 578 -39.46 -33.58 71.99
C ILE A 578 -39.39 -34.22 73.37
N GLN A 579 -39.68 -33.43 74.41
CA GLN A 579 -39.65 -33.91 75.78
C GLN A 579 -41.06 -33.96 76.36
N GLU A 580 -41.13 -34.34 77.64
CA GLU A 580 -42.40 -34.46 78.35
C GLU A 580 -43.08 -33.10 78.53
N ASN A 581 -42.28 -32.06 78.80
CA ASN A 581 -42.82 -30.72 79.06
C ASN A 581 -43.54 -30.18 77.84
N HIS A 582 -42.95 -30.39 76.65
CA HIS A 582 -43.55 -29.88 75.42
C HIS A 582 -44.88 -30.56 75.19
N ILE A 583 -44.93 -31.87 75.45
CA ILE A 583 -46.13 -32.67 75.21
C ILE A 583 -47.26 -32.18 76.11
N LYS A 584 -46.95 -31.95 77.39
CA LYS A 584 -47.98 -31.44 78.30
C LYS A 584 -48.43 -30.04 77.91
N SER A 585 -47.50 -29.21 77.40
CA SER A 585 -47.86 -27.87 76.94
C SER A 585 -48.81 -27.93 75.74
N ILE A 586 -48.54 -28.82 74.79
CA ILE A 586 -49.42 -28.98 73.64
C ILE A 586 -50.78 -29.52 74.09
N ILE A 587 -50.80 -30.46 75.04
CA ILE A 587 -52.07 -30.93 75.58
C ILE A 587 -52.82 -29.79 76.26
N SER A 588 -52.09 -28.90 76.96
CA SER A 588 -52.67 -27.73 77.60
C SER A 588 -53.32 -26.79 76.59
N LEU A 589 -52.84 -26.81 75.34
CA LEU A 589 -53.47 -25.99 74.28
C LEU A 589 -54.94 -26.36 74.07
N LEU A 590 -55.26 -27.66 74.14
CA LEU A 590 -56.64 -28.12 74.06
C LEU A 590 -57.47 -27.56 75.20
N ASP A 591 -56.91 -27.52 76.40
CA ASP A 591 -57.62 -27.05 77.57
C ASP A 591 -57.75 -25.53 77.58
N LYS A 592 -56.77 -24.82 77.02
CA LYS A 592 -56.78 -23.36 77.04
C LYS A 592 -57.32 -22.77 75.75
N HIS A 593 -57.70 -23.58 74.76
CA HIS A 593 -58.22 -23.02 73.52
C HIS A 593 -59.40 -23.80 72.96
N GLY A 594 -59.91 -24.80 73.66
CA GLY A 594 -61.02 -25.57 73.16
C GLY A 594 -60.59 -26.73 72.29
N ARG A 595 -61.59 -27.35 71.68
CA ARG A 595 -61.37 -28.53 70.85
C ARG A 595 -60.99 -28.10 69.44
N ASN A 596 -59.72 -27.75 69.27
CA ASN A 596 -59.16 -27.45 67.96
C ASN A 596 -58.64 -28.77 67.38
N HIS A 597 -59.12 -29.12 66.20
CA HIS A 597 -58.74 -30.38 65.58
C HIS A 597 -57.30 -30.39 65.07
N LYS A 598 -56.69 -29.21 64.84
CA LYS A 598 -55.30 -29.19 64.39
C LYS A 598 -54.33 -29.60 65.49
N VAL A 599 -54.74 -29.46 66.75
CA VAL A 599 -53.89 -29.90 67.85
C VAL A 599 -53.71 -31.40 67.77
N LEU A 600 -54.82 -32.11 67.50
CA LEU A 600 -54.74 -33.56 67.33
C LEU A 600 -53.89 -33.93 66.13
N ASP A 601 -53.87 -33.07 65.10
CA ASP A 601 -53.01 -33.29 63.94
C ASP A 601 -51.54 -33.23 64.35
N VAL A 602 -51.21 -32.28 65.21
CA VAL A 602 -49.84 -32.16 65.75
C VAL A 602 -49.50 -33.42 66.55
N LEU A 603 -50.45 -33.87 67.38
CA LEU A 603 -50.23 -35.08 68.18
C LEU A 603 -50.05 -36.30 67.28
N CYS A 604 -50.85 -36.40 66.20
CA CYS A 604 -50.69 -37.50 65.25
C CYS A 604 -49.33 -37.46 64.60
N SER A 605 -48.82 -36.25 64.32
CA SER A 605 -47.51 -36.13 63.72
C SER A 605 -46.42 -36.56 64.69
N LEU A 606 -46.66 -36.35 66.00
CA LEU A 606 -45.67 -36.71 67.01
C LEU A 606 -45.46 -38.21 67.12
N CYS A 607 -46.50 -39.02 66.91
CA CYS A 607 -46.38 -40.46 67.14
C CYS A 607 -45.44 -41.13 66.15
N VAL A 608 -45.52 -40.77 64.88
CA VAL A 608 -44.78 -41.46 63.82
C VAL A 608 -44.11 -40.42 62.93
N CYS A 609 -42.83 -40.63 62.62
CA CYS A 609 -42.10 -39.86 61.63
C CYS A 609 -41.74 -40.80 60.49
N ASN A 610 -42.13 -40.42 59.26
CA ASN A 610 -41.88 -41.05 57.95
C ASN A 610 -41.82 -42.57 57.96
N GLY A 611 -42.80 -43.19 58.62
CA GLY A 611 -42.89 -44.63 58.70
C GLY A 611 -42.11 -45.27 59.84
N VAL A 612 -41.45 -44.47 60.67
CA VAL A 612 -40.67 -44.97 61.81
C VAL A 612 -41.35 -44.50 63.08
N ALA A 613 -41.73 -45.44 63.93
CA ALA A 613 -42.45 -45.11 65.16
C ALA A 613 -41.52 -44.48 66.19
N VAL A 614 -42.05 -43.50 66.93
CA VAL A 614 -41.31 -42.91 68.04
C VAL A 614 -42.03 -43.27 69.35
N ARG A 615 -41.60 -44.38 69.94
CA ARG A 615 -42.28 -44.88 71.13
C ARG A 615 -41.96 -44.02 72.35
N SER A 616 -40.89 -43.24 72.29
CA SER A 616 -40.55 -42.36 73.40
C SER A 616 -41.56 -41.25 73.55
N ASN A 617 -42.24 -40.88 72.46
CA ASN A 617 -43.26 -39.85 72.53
C ASN A 617 -44.67 -40.41 72.57
N GLN A 618 -44.88 -41.60 71.99
CA GLN A 618 -46.22 -42.20 71.99
C GLN A 618 -46.68 -42.52 73.41
N ASP A 619 -45.77 -43.07 74.22
CA ASP A 619 -46.13 -43.41 75.59
C ASP A 619 -46.38 -42.18 76.44
N LEU A 620 -45.63 -41.09 76.20
CA LEU A 620 -45.85 -39.87 76.96
C LEU A 620 -47.20 -39.27 76.63
N ILE A 621 -47.58 -39.31 75.34
CA ILE A 621 -48.87 -38.75 74.93
C ILE A 621 -50.01 -39.53 75.56
N THR A 622 -49.95 -40.87 75.49
CA THR A 622 -51.05 -41.63 76.06
C THR A 622 -50.98 -41.65 77.59
N GLU A 623 -49.83 -41.34 78.18
CA GLU A 623 -49.71 -41.28 79.63
C GLU A 623 -50.35 -40.01 80.15
N ASN A 624 -50.20 -38.91 79.42
CA ASN A 624 -50.67 -37.62 79.91
C ASN A 624 -52.08 -37.29 79.46
N LEU A 625 -52.59 -37.89 78.40
CA LEU A 625 -53.86 -37.46 77.86
C LEU A 625 -54.98 -38.45 78.11
N LEU A 626 -54.76 -39.72 77.78
CA LEU A 626 -55.81 -40.74 77.86
C LEU A 626 -56.40 -40.98 79.26
N PRO A 627 -55.62 -41.21 80.35
CA PRO A 627 -56.27 -41.52 81.63
C PRO A 627 -57.04 -40.36 82.24
N GLY A 628 -56.79 -39.13 81.81
CA GLY A 628 -57.51 -37.98 82.37
C GLY A 628 -59.00 -38.03 82.14
N ARG A 629 -59.41 -38.43 80.92
CA ARG A 629 -60.82 -38.56 80.51
C ARG A 629 -61.59 -37.26 80.70
N GLU A 630 -60.97 -36.15 80.37
CA GLU A 630 -61.62 -34.86 80.50
C GLU A 630 -61.57 -34.04 79.22
N LEU A 631 -60.46 -34.10 78.47
CA LEU A 631 -60.34 -33.28 77.27
C LEU A 631 -60.98 -33.90 76.06
N LEU A 632 -61.04 -35.23 76.01
CA LEU A 632 -61.55 -35.92 74.84
C LEU A 632 -62.86 -36.61 75.17
N LEU A 633 -63.74 -36.64 74.17
CA LEU A 633 -65.06 -37.25 74.32
C LEU A 633 -64.96 -38.75 74.55
N GLN A 634 -65.80 -39.25 75.46
CA GLN A 634 -65.84 -40.66 75.77
C GLN A 634 -67.10 -41.28 75.20
N THR A 635 -67.00 -42.56 74.83
CA THR A 635 -68.09 -43.30 74.23
C THR A 635 -68.38 -44.56 75.04
N ASN A 636 -69.64 -44.97 75.03
CA ASN A 636 -70.07 -46.19 75.70
C ASN A 636 -71.38 -46.65 75.08
N LEU A 637 -71.70 -47.92 75.31
CA LEU A 637 -72.96 -48.50 74.86
C LEU A 637 -73.94 -48.46 76.01
N ILE A 638 -75.08 -47.80 75.81
CA ILE A 638 -76.02 -47.51 76.88
C ILE A 638 -77.40 -47.96 76.48
N ASN A 639 -78.10 -48.62 77.41
CA ASN A 639 -79.45 -49.12 77.18
C ASN A 639 -80.44 -47.97 77.08
N TYR A 640 -81.64 -48.28 76.58
CA TYR A 640 -82.72 -47.32 76.46
C TYR A 640 -83.62 -47.41 77.69
N VAL A 641 -83.89 -46.26 78.31
CA VAL A 641 -84.65 -46.18 79.55
C VAL A 641 -85.90 -45.36 79.31
N THR A 642 -87.06 -45.91 79.67
CA THR A 642 -88.32 -45.21 79.51
C THR A 642 -89.10 -45.22 80.84
N SER A 643 -89.99 -44.24 80.98
CA SER A 643 -90.78 -44.07 82.19
C SER A 643 -92.26 -44.19 81.87
N ILE A 644 -92.96 -44.95 82.72
CA ILE A 644 -94.40 -45.18 82.61
C ILE A 644 -95.08 -44.63 83.86
N ARG A 645 -96.12 -43.83 83.67
CA ARG A 645 -96.83 -43.23 84.78
C ARG A 645 -98.33 -43.48 84.67
N PRO A 646 -99.01 -43.56 85.80
CA PRO A 646 -100.49 -43.53 85.76
C PRO A 646 -100.95 -42.08 85.85
N ASN A 647 -102.04 -41.77 85.16
CA ASN A 647 -102.57 -40.40 85.12
C ASN A 647 -103.28 -40.06 86.44
N ILE A 648 -102.49 -40.01 87.51
CA ILE A 648 -102.95 -39.63 88.83
C ILE A 648 -102.04 -38.49 89.28
N PHE A 649 -102.58 -37.28 89.30
CA PHE A 649 -101.80 -36.09 89.57
C PHE A 649 -102.26 -35.48 90.89
N VAL A 650 -101.32 -35.22 91.78
CA VAL A 650 -101.62 -34.63 93.08
C VAL A 650 -100.72 -33.43 93.32
N GLY A 651 -101.24 -32.46 94.07
CA GLY A 651 -100.49 -31.27 94.40
C GLY A 651 -101.25 -30.48 95.44
N ARG A 652 -100.59 -29.49 96.01
CA ARG A 652 -101.18 -28.65 97.03
C ARG A 652 -101.00 -27.19 96.68
N ALA A 653 -101.96 -26.38 97.14
CA ALA A 653 -101.95 -24.93 97.00
C ALA A 653 -102.96 -24.39 98.01
N GLU A 654 -103.03 -23.06 98.10
CA GLU A 654 -104.03 -22.42 98.95
C GLU A 654 -105.43 -22.76 98.45
N GLY A 655 -106.29 -23.19 99.38
CA GLY A 655 -107.65 -23.62 99.04
C GLY A 655 -107.72 -24.78 98.07
N SER A 656 -106.81 -25.74 98.19
CA SER A 656 -106.76 -26.87 97.27
C SER A 656 -107.91 -27.83 97.51
N THR A 657 -108.45 -28.39 96.43
CA THR A 657 -109.51 -29.38 96.49
C THR A 657 -108.98 -30.80 96.67
N GLN A 658 -107.67 -30.98 96.67
CA GLN A 658 -107.05 -32.29 96.80
C GLN A 658 -106.52 -32.51 98.21
N TYR A 659 -106.34 -33.78 98.57
CA TYR A 659 -105.82 -34.12 99.88
C TYR A 659 -104.30 -34.16 99.87
N GLY A 660 -103.70 -33.98 101.04
CA GLY A 660 -102.27 -33.86 101.20
C GLY A 660 -101.49 -35.11 101.56
N LYS A 661 -102.10 -36.29 101.51
CA LYS A 661 -101.42 -37.53 101.85
C LYS A 661 -101.79 -38.59 100.83
N TRP A 662 -100.79 -39.27 100.25
CA TRP A 662 -101.06 -40.27 99.24
C TRP A 662 -100.07 -41.42 99.36
N TYR A 663 -100.55 -42.63 99.09
CA TYR A 663 -99.78 -43.86 99.25
C TYR A 663 -100.00 -44.77 98.05
N PHE A 664 -98.91 -45.27 97.47
CA PHE A 664 -99.03 -46.21 96.35
C PHE A 664 -97.91 -47.23 96.39
N GLU A 665 -98.10 -48.33 95.68
CA GLU A 665 -97.13 -49.42 95.72
C GLU A 665 -96.78 -49.92 94.32
N VAL A 666 -95.64 -50.62 94.26
CA VAL A 666 -95.17 -51.27 93.06
C VAL A 666 -94.72 -52.70 93.40
N MET A 667 -95.08 -53.63 92.53
CA MET A 667 -94.75 -55.04 92.66
C MET A 667 -93.74 -55.38 91.56
N VAL A 668 -92.80 -56.26 91.86
CA VAL A 668 -91.78 -56.67 90.90
C VAL A 668 -92.00 -58.13 90.57
N ASP A 669 -92.29 -58.44 89.31
CA ASP A 669 -92.53 -59.81 88.89
C ASP A 669 -91.25 -60.46 88.37
N GLU A 670 -90.65 -59.91 87.32
CA GLU A 670 -89.43 -60.47 86.74
C GLU A 670 -88.45 -59.35 86.43
N VAL A 671 -87.22 -59.49 86.90
CA VAL A 671 -86.14 -58.57 86.62
C VAL A 671 -84.93 -59.37 86.16
N VAL A 672 -84.42 -59.07 84.97
CA VAL A 672 -83.19 -59.67 84.47
C VAL A 672 -82.04 -58.76 84.88
N PRO A 673 -81.06 -59.25 85.68
CA PRO A 673 -79.96 -58.41 86.15
C PRO A 673 -79.12 -57.80 85.03
N PHE A 674 -78.59 -58.66 84.17
CA PHE A 674 -77.75 -58.24 83.04
C PHE A 674 -78.29 -58.91 81.78
N LEU A 675 -79.27 -58.28 81.16
CA LEU A 675 -79.68 -58.70 79.83
C LEU A 675 -78.63 -58.30 78.81
N THR A 676 -78.01 -57.14 79.01
CA THR A 676 -76.89 -56.68 78.20
C THR A 676 -75.72 -56.33 79.10
N ALA A 677 -74.71 -55.67 78.55
CA ALA A 677 -73.52 -55.29 79.32
C ALA A 677 -73.87 -54.35 80.45
N GLN A 678 -74.68 -53.33 80.17
CA GLN A 678 -75.07 -52.38 81.20
C GLN A 678 -76.05 -53.01 82.18
N ALA A 679 -75.95 -52.61 83.44
CA ALA A 679 -76.87 -53.07 84.47
C ALA A 679 -78.28 -52.58 84.17
N THR A 680 -79.26 -53.45 84.39
CA THR A 680 -80.66 -53.10 84.14
C THR A 680 -81.11 -51.97 85.06
N HIS A 681 -81.76 -50.97 84.48
CA HIS A 681 -82.24 -49.82 85.23
C HIS A 681 -83.66 -50.07 85.70
N LEU A 682 -83.92 -49.77 86.96
CA LEU A 682 -85.26 -49.89 87.52
C LEU A 682 -85.35 -49.00 88.75
N ARG A 683 -86.14 -47.94 88.66
CA ARG A 683 -86.36 -47.04 89.78
C ARG A 683 -87.83 -46.68 89.85
N VAL A 684 -88.31 -46.48 91.08
CA VAL A 684 -89.70 -46.11 91.34
C VAL A 684 -89.71 -44.89 92.26
N GLY A 685 -90.78 -44.12 92.16
CA GLY A 685 -90.91 -42.93 93.00
C GLY A 685 -91.86 -41.93 92.37
N TRP A 686 -91.61 -40.66 92.67
CA TRP A 686 -92.47 -39.56 92.24
C TRP A 686 -91.70 -38.63 91.32
N ALA A 687 -92.44 -37.80 90.59
CA ALA A 687 -91.84 -36.80 89.71
C ALA A 687 -92.81 -35.63 89.57
N LEU A 688 -92.29 -34.54 89.01
CA LEU A 688 -92.97 -33.26 88.95
C LEU A 688 -93.31 -32.92 87.50
N THR A 689 -94.50 -32.34 87.28
CA THR A 689 -95.05 -32.13 85.95
C THR A 689 -94.47 -30.94 85.21
N GLU A 690 -93.52 -30.21 85.80
CA GLU A 690 -93.10 -28.93 85.22
C GLU A 690 -91.61 -28.89 84.95
N GLY A 691 -91.09 -29.90 84.27
CA GLY A 691 -89.67 -29.95 83.95
C GLY A 691 -89.08 -31.33 83.89
N TYR A 692 -89.85 -32.35 84.27
CA TYR A 692 -89.43 -33.73 84.14
C TYR A 692 -89.90 -34.25 82.79
N SER A 693 -89.03 -34.17 81.79
CA SER A 693 -89.31 -34.67 80.45
C SER A 693 -88.15 -35.57 80.04
N PRO A 694 -88.16 -36.84 80.44
CA PRO A 694 -87.06 -37.75 80.11
C PRO A 694 -87.10 -38.21 78.65
N TYR A 695 -86.53 -37.37 77.79
CA TYR A 695 -86.46 -37.66 76.37
C TYR A 695 -85.58 -38.88 76.14
N PRO A 696 -86.01 -39.84 75.32
CA PRO A 696 -85.20 -41.05 75.09
C PRO A 696 -83.87 -40.75 74.42
N GLY A 697 -82.88 -41.57 74.75
CA GLY A 697 -81.56 -41.43 74.18
C GLY A 697 -80.58 -40.71 75.08
N GLY A 698 -79.70 -39.92 74.48
CA GLY A 698 -78.69 -39.21 75.24
C GLY A 698 -79.28 -38.07 76.06
N GLY A 699 -78.51 -37.63 77.04
CA GLY A 699 -78.97 -36.55 77.89
C GLY A 699 -77.94 -36.22 78.94
N GLU A 700 -78.42 -35.59 80.01
CA GLU A 700 -77.56 -35.17 81.10
C GLU A 700 -77.00 -36.39 81.84
N GLY A 701 -75.75 -36.29 82.26
CA GLY A 701 -75.08 -37.35 83.01
C GLY A 701 -74.47 -38.39 82.09
N TRP A 702 -75.02 -39.60 82.12
CA TRP A 702 -74.52 -40.71 81.32
C TRP A 702 -75.67 -41.46 80.67
N GLY A 703 -76.63 -40.72 80.12
CA GLY A 703 -77.75 -41.30 79.38
C GLY A 703 -78.69 -42.14 80.22
N GLY A 704 -79.71 -42.66 79.55
CA GLY A 704 -80.73 -43.49 80.17
C GLY A 704 -81.44 -42.79 81.30
N ASN A 705 -81.73 -41.50 81.12
CA ASN A 705 -82.28 -40.68 82.19
C ASN A 705 -83.68 -41.13 82.57
N GLY A 706 -83.95 -41.13 83.87
CA GLY A 706 -85.26 -41.50 84.40
C GLY A 706 -85.55 -40.72 85.65
N VAL A 707 -86.06 -41.42 86.66
CA VAL A 707 -86.41 -40.80 87.93
C VAL A 707 -85.15 -40.65 88.78
N GLY A 708 -84.94 -39.44 89.28
CA GLY A 708 -83.80 -39.14 90.12
C GLY A 708 -82.61 -38.53 89.39
N ASP A 709 -82.62 -38.53 88.07
CA ASP A 709 -81.53 -37.95 87.29
C ASP A 709 -81.50 -36.42 87.35
N ASP A 710 -82.54 -35.79 87.89
CA ASP A 710 -82.57 -34.35 88.04
C ASP A 710 -83.35 -34.01 89.31
N LEU A 711 -83.69 -32.74 89.47
CA LEU A 711 -84.40 -32.29 90.66
C LEU A 711 -85.90 -32.30 90.47
N TYR A 712 -86.39 -32.76 89.33
CA TYR A 712 -87.82 -32.81 89.06
C TYR A 712 -88.40 -34.18 89.36
N SER A 713 -87.60 -35.08 89.94
CA SER A 713 -88.05 -36.42 90.24
C SER A 713 -87.36 -36.90 91.52
N TYR A 714 -87.97 -37.89 92.17
CA TYR A 714 -87.46 -38.47 93.40
C TYR A 714 -87.64 -39.98 93.32
N GLY A 715 -86.55 -40.74 93.39
CA GLY A 715 -86.59 -42.16 93.15
C GLY A 715 -85.87 -42.96 94.22
N PHE A 716 -86.03 -44.29 94.10
CA PHE A 716 -85.43 -45.23 95.06
C PHE A 716 -85.21 -46.55 94.32
N ASP A 717 -83.97 -46.81 93.93
CA ASP A 717 -83.63 -47.99 93.14
C ASP A 717 -83.66 -49.29 93.95
N GLY A 718 -83.78 -49.21 95.26
CA GLY A 718 -83.68 -50.36 96.14
C GLY A 718 -82.55 -50.26 97.14
N LEU A 719 -81.56 -49.41 96.87
CA LEU A 719 -80.45 -49.18 97.78
C LEU A 719 -80.08 -47.72 97.96
N HIS A 720 -80.57 -46.81 97.12
CA HIS A 720 -80.20 -45.41 97.21
C HIS A 720 -81.42 -44.54 96.98
N LEU A 721 -81.34 -43.30 97.45
CA LEU A 721 -82.33 -42.28 97.12
C LEU A 721 -81.81 -41.43 95.98
N TRP A 722 -82.58 -41.38 94.90
CA TRP A 722 -82.14 -40.76 93.66
C TRP A 722 -82.82 -39.40 93.49
N THR A 723 -82.00 -38.36 93.45
CA THR A 723 -82.43 -37.00 93.12
C THR A 723 -81.20 -36.22 92.68
N GLY A 724 -81.38 -35.40 91.65
CA GLY A 724 -80.29 -34.60 91.11
C GLY A 724 -79.12 -35.40 90.57
N HIS A 725 -79.39 -36.59 90.01
CA HIS A 725 -78.40 -37.50 89.43
C HIS A 725 -77.35 -37.93 90.46
N VAL A 726 -77.73 -38.01 91.73
CA VAL A 726 -76.83 -38.41 92.81
C VAL A 726 -77.50 -39.53 93.60
N ALA A 727 -76.74 -40.60 93.87
CA ALA A 727 -77.21 -41.73 94.64
C ALA A 727 -76.64 -41.65 96.05
N ARG A 728 -77.50 -41.86 97.06
CA ARG A 728 -77.11 -41.77 98.45
C ARG A 728 -77.57 -43.04 99.15
N PRO A 729 -76.66 -43.87 99.66
CA PRO A 729 -77.06 -45.17 100.23
C PRO A 729 -77.98 -45.04 101.43
N VAL A 730 -78.94 -45.96 101.52
CA VAL A 730 -79.94 -45.98 102.59
C VAL A 730 -79.99 -47.36 103.21
N THR A 731 -80.19 -47.40 104.52
CA THR A 731 -80.22 -48.63 105.28
C THR A 731 -81.62 -49.25 105.22
N SER A 732 -81.67 -50.56 105.00
CA SER A 732 -82.90 -51.31 105.01
C SER A 732 -82.67 -52.63 105.71
N PRO A 733 -83.69 -53.20 106.36
CA PRO A 733 -83.52 -54.51 107.02
C PRO A 733 -83.39 -55.65 106.02
N GLY A 734 -82.20 -55.84 105.48
CA GLY A 734 -82.01 -56.81 104.42
C GLY A 734 -81.94 -56.10 103.08
N GLN A 735 -81.19 -55.00 103.06
CA GLN A 735 -81.12 -54.12 101.89
C GLN A 735 -80.55 -54.84 100.68
N HIS A 736 -81.22 -54.65 99.54
CA HIS A 736 -80.75 -55.17 98.27
C HIS A 736 -81.44 -54.42 97.15
N LEU A 737 -80.88 -54.52 95.95
CA LEU A 737 -81.51 -53.98 94.75
C LEU A 737 -82.80 -54.75 94.53
N LEU A 738 -83.82 -54.05 93.98
CA LEU A 738 -85.16 -54.59 93.78
C LEU A 738 -85.16 -55.90 92.99
N ALA A 739 -85.53 -56.97 93.66
CA ALA A 739 -85.55 -58.33 93.18
C ALA A 739 -86.98 -58.76 92.87
N PRO A 740 -87.18 -59.85 92.11
CA PRO A 740 -88.54 -60.35 91.88
C PRO A 740 -89.26 -60.71 93.15
N GLU A 741 -90.58 -60.46 93.14
CA GLU A 741 -91.49 -60.68 94.27
C GLU A 741 -91.07 -59.84 95.48
N ASP A 742 -91.11 -58.53 95.30
CA ASP A 742 -90.82 -57.59 96.36
C ASP A 742 -91.87 -56.49 96.34
N VAL A 743 -92.07 -55.87 97.51
CA VAL A 743 -93.09 -54.86 97.72
C VAL A 743 -92.43 -53.57 98.15
N VAL A 744 -92.79 -52.46 97.50
CA VAL A 744 -92.30 -51.14 97.86
C VAL A 744 -93.50 -50.28 98.21
N SER A 745 -93.47 -49.69 99.41
CA SER A 745 -94.53 -48.82 99.92
C SER A 745 -94.02 -47.38 99.80
N CYS A 746 -94.60 -46.61 98.88
CA CYS A 746 -94.18 -45.24 98.66
C CYS A 746 -95.23 -44.28 99.21
N CYS A 747 -94.82 -43.38 100.10
CA CYS A 747 -95.72 -42.44 100.74
C CYS A 747 -95.27 -41.01 100.42
N LEU A 748 -96.25 -40.17 100.12
CA LEU A 748 -96.05 -38.75 99.84
C LEU A 748 -96.97 -37.93 100.74
N ASP A 749 -96.41 -36.92 101.39
CA ASP A 749 -97.20 -36.00 102.19
C ASP A 749 -97.08 -34.65 101.51
N LEU A 750 -98.23 -34.04 101.19
CA LEU A 750 -98.24 -32.71 100.61
C LEU A 750 -98.47 -31.62 101.64
N SER A 751 -99.04 -31.97 102.80
CA SER A 751 -99.21 -31.00 103.88
C SER A 751 -97.86 -30.48 104.37
N VAL A 752 -96.88 -31.37 104.52
CA VAL A 752 -95.51 -31.00 104.83
C VAL A 752 -94.65 -31.81 103.87
N PRO A 753 -93.55 -31.25 103.32
CA PRO A 753 -92.70 -32.04 102.42
C PRO A 753 -92.02 -33.23 103.08
N SER A 754 -92.46 -34.44 102.70
CA SER A 754 -91.92 -35.68 103.25
C SER A 754 -92.34 -36.83 102.37
N ILE A 755 -91.34 -37.62 101.93
CA ILE A 755 -91.55 -38.77 101.06
C ILE A 755 -90.91 -39.94 101.79
N SER A 756 -91.74 -40.80 102.37
CA SER A 756 -91.20 -41.96 103.07
C SER A 756 -91.25 -43.19 102.17
N PHE A 757 -90.32 -44.10 102.40
CA PHE A 757 -90.19 -45.29 101.58
C PHE A 757 -90.06 -46.51 102.48
N ARG A 758 -90.72 -47.60 102.08
CA ARG A 758 -90.63 -48.86 102.80
C ARG A 758 -90.43 -50.00 101.83
N ILE A 759 -89.60 -50.97 102.19
CA ILE A 759 -89.36 -52.14 101.34
C ILE A 759 -89.98 -53.32 102.08
N ASN A 760 -90.97 -53.95 101.44
CA ASN A 760 -91.72 -55.11 101.97
C ASN A 760 -92.32 -54.82 103.36
N GLY A 761 -92.72 -53.57 103.58
CA GLY A 761 -93.22 -53.13 104.87
C GLY A 761 -92.17 -52.66 105.86
N CYS A 762 -90.90 -52.96 105.62
CA CYS A 762 -89.83 -52.52 106.50
C CYS A 762 -89.43 -51.09 106.15
N PRO A 763 -89.47 -50.15 107.10
CA PRO A 763 -89.13 -48.75 106.81
C PRO A 763 -87.71 -48.55 106.34
N VAL A 764 -87.53 -47.60 105.43
CA VAL A 764 -86.22 -47.17 104.96
C VAL A 764 -85.97 -45.76 105.48
N GLN A 765 -84.84 -45.57 106.16
CA GLN A 765 -84.54 -44.34 106.89
C GLN A 765 -84.12 -43.23 105.92
N GLY A 766 -85.06 -42.83 105.08
CA GLY A 766 -84.85 -41.73 104.15
C GLY A 766 -86.12 -40.94 103.93
N VAL A 767 -86.06 -39.63 104.16
CA VAL A 767 -87.21 -38.74 103.96
C VAL A 767 -86.74 -37.52 103.20
N PHE A 768 -87.35 -37.27 102.05
CA PHE A 768 -87.09 -36.03 101.32
C PHE A 768 -87.73 -34.87 102.07
N GLU A 769 -87.03 -33.74 102.12
CA GLU A 769 -87.51 -32.58 102.84
C GLU A 769 -87.23 -31.34 102.01
N ALA A 770 -88.04 -30.30 102.22
CA ALA A 770 -87.82 -28.96 101.66
C ALA A 770 -87.76 -28.98 100.13
N PHE A 771 -88.72 -29.67 99.52
CA PHE A 771 -88.88 -29.67 98.08
C PHE A 771 -90.13 -28.88 97.72
N ASN A 772 -90.06 -28.18 96.59
CA ASN A 772 -91.11 -27.28 96.18
C ASN A 772 -92.41 -28.03 95.90
N LEU A 773 -93.52 -27.39 96.22
CA LEU A 773 -94.84 -27.97 96.04
C LEU A 773 -95.49 -27.56 94.73
N ASP A 774 -94.86 -26.65 93.98
CA ASP A 774 -95.41 -26.19 92.71
C ASP A 774 -95.45 -27.33 91.69
N GLY A 775 -96.42 -27.26 90.80
CA GLY A 775 -96.63 -28.35 89.87
C GLY A 775 -97.50 -29.43 90.48
N LEU A 776 -97.47 -30.58 89.84
CA LEU A 776 -98.25 -31.74 90.28
C LEU A 776 -97.32 -32.93 90.44
N PHE A 777 -97.66 -33.79 91.39
CA PHE A 777 -96.90 -35.00 91.67
C PHE A 777 -97.66 -36.20 91.16
N PHE A 778 -96.93 -37.24 90.76
CA PHE A 778 -97.55 -38.41 90.16
C PHE A 778 -96.68 -39.62 90.37
N PRO A 779 -97.26 -40.82 90.43
CA PRO A 779 -96.43 -42.03 90.43
C PRO A 779 -95.74 -42.15 89.07
N VAL A 780 -94.55 -42.72 89.09
CA VAL A 780 -93.76 -42.88 87.87
C VAL A 780 -92.75 -44.01 88.09
N VAL A 781 -92.50 -44.79 87.04
CA VAL A 781 -91.48 -45.82 87.09
C VAL A 781 -90.54 -45.62 85.91
N SER A 782 -89.24 -45.59 86.20
CA SER A 782 -88.20 -45.50 85.18
C SER A 782 -87.52 -46.85 85.09
N PHE A 783 -87.47 -47.39 83.87
CA PHE A 783 -87.01 -48.75 83.70
C PHE A 783 -86.34 -48.93 82.35
N SER A 784 -85.30 -49.74 82.32
CA SER A 784 -84.71 -50.21 81.09
C SER A 784 -85.44 -51.49 80.67
N ALA A 785 -84.91 -52.21 79.69
CA ALA A 785 -85.54 -53.43 79.23
C ALA A 785 -85.36 -54.57 80.22
N GLY A 786 -86.21 -55.59 80.07
CA GLY A 786 -86.11 -56.79 80.87
C GLY A 786 -86.83 -56.78 82.20
N VAL A 787 -87.81 -55.89 82.37
CA VAL A 787 -88.53 -55.79 83.63
C VAL A 787 -90.03 -56.01 83.43
N LYS A 788 -90.65 -56.56 84.47
CA LYS A 788 -92.10 -56.72 84.56
C LYS A 788 -92.51 -56.18 85.93
N VAL A 789 -93.19 -55.04 85.95
CA VAL A 789 -93.58 -54.41 87.22
C VAL A 789 -95.09 -54.24 87.23
N ARG A 790 -95.67 -54.18 88.42
CA ARG A 790 -97.10 -54.00 88.57
C ARG A 790 -97.39 -52.80 89.47
N PHE A 791 -98.31 -51.94 89.04
CA PHE A 791 -98.75 -50.79 89.81
C PHE A 791 -99.91 -51.25 90.68
N LEU A 792 -99.78 -51.06 92.00
CA LEU A 792 -100.82 -51.32 92.97
C LEU A 792 -101.26 -49.99 93.55
N LEU A 793 -102.49 -49.58 93.23
CA LEU A 793 -103.02 -48.30 93.65
C LEU A 793 -104.10 -48.41 94.72
N GLY A 794 -104.47 -49.63 95.11
CA GLY A 794 -105.44 -49.81 96.18
C GLY A 794 -106.87 -49.78 95.68
N GLY A 795 -107.78 -50.14 96.59
CA GLY A 795 -109.20 -50.18 96.27
C GLY A 795 -109.51 -51.16 95.16
N ARG A 796 -110.23 -50.69 94.15
CA ARG A 796 -110.48 -51.53 92.98
C ARG A 796 -109.23 -51.72 92.14
N HIS A 797 -108.24 -50.84 92.28
CA HIS A 797 -107.01 -50.86 91.49
C HIS A 797 -105.81 -51.41 92.26
N GLY A 798 -106.04 -52.43 93.09
CA GLY A 798 -104.99 -53.07 93.85
C GLY A 798 -105.41 -53.38 95.28
N GLU A 799 -104.61 -54.15 96.00
CA GLU A 799 -104.91 -54.48 97.39
C GLU A 799 -103.82 -54.11 98.37
N PHE A 800 -102.63 -53.73 97.87
CA PHE A 800 -101.45 -53.24 98.57
C PHE A 800 -100.70 -54.30 99.35
N LYS A 801 -101.30 -55.48 99.58
CA LYS A 801 -100.73 -56.64 100.31
C LYS A 801 -100.09 -56.28 101.67
N PHE A 802 -100.40 -55.10 102.21
CA PHE A 802 -99.83 -54.50 103.40
C PHE A 802 -100.74 -53.36 103.81
N LEU A 803 -100.95 -53.19 105.10
CA LEU A 803 -101.84 -52.15 105.58
C LEU A 803 -101.23 -50.78 105.34
N PRO A 804 -101.91 -49.88 104.62
CA PRO A 804 -101.36 -48.55 104.38
C PRO A 804 -101.24 -47.76 105.67
N PRO A 805 -100.25 -46.87 105.77
CA PRO A 805 -100.15 -46.03 106.96
C PRO A 805 -101.37 -45.15 107.11
N PRO A 806 -101.79 -44.86 108.34
CA PRO A 806 -103.03 -44.09 108.57
C PRO A 806 -102.93 -42.68 108.01
N GLY A 807 -104.06 -42.21 107.47
CA GLY A 807 -104.15 -40.90 106.88
C GLY A 807 -103.70 -40.80 105.45
N TYR A 808 -103.03 -41.83 104.93
CA TYR A 808 -102.54 -41.82 103.54
C TYR A 808 -103.59 -42.47 102.66
N ALA A 809 -104.33 -41.63 101.93
CA ALA A 809 -105.33 -42.13 101.00
C ALA A 809 -104.65 -42.78 99.80
N PRO A 810 -105.10 -43.96 99.37
CA PRO A 810 -104.52 -44.60 98.19
C PRO A 810 -104.68 -43.74 96.94
N CYS A 811 -103.66 -43.77 96.07
CA CYS A 811 -103.63 -42.92 94.88
C CYS A 811 -104.72 -43.24 93.86
N HIS A 812 -105.39 -44.39 93.96
CA HIS A 812 -106.50 -44.71 93.07
C HIS A 812 -107.72 -43.82 93.29
N GLU A 813 -107.78 -43.07 94.38
CA GLU A 813 -108.92 -42.22 94.69
C GLU A 813 -108.79 -40.81 94.12
N ALA A 814 -107.71 -40.51 93.40
CA ALA A 814 -107.52 -39.19 92.79
C ALA A 814 -107.95 -39.15 91.33
N VAL A 815 -108.52 -40.23 90.80
CA VAL A 815 -108.90 -40.29 89.39
C VAL A 815 -110.11 -39.39 89.14
N LEU A 816 -110.03 -38.61 88.06
CA LEU A 816 -111.08 -37.68 87.69
C LEU A 816 -112.26 -38.44 87.08
N PRO A 817 -113.48 -37.87 87.13
CA PRO A 817 -114.63 -38.59 86.55
C PRO A 817 -114.71 -38.52 85.03
N ARG A 818 -114.24 -37.42 84.44
CA ARG A 818 -114.28 -37.25 82.99
C ARG A 818 -113.37 -38.23 82.25
N GLU A 819 -112.36 -38.78 82.93
CA GLU A 819 -111.41 -39.69 82.32
C GLU A 819 -111.39 -41.00 83.09
N ARG A 820 -110.70 -41.99 82.51
CA ARG A 820 -110.55 -43.30 83.13
C ARG A 820 -109.07 -43.58 83.35
N LEU A 821 -108.79 -44.32 84.42
CA LEU A 821 -107.42 -44.64 84.78
C LEU A 821 -106.74 -45.47 83.70
N ARG A 822 -105.51 -45.10 83.37
CA ARG A 822 -104.73 -45.79 82.36
C ARG A 822 -103.26 -45.55 82.66
N LEU A 823 -102.42 -46.33 82.02
CA LEU A 823 -100.97 -46.22 82.15
C LEU A 823 -100.41 -45.70 80.83
N GLU A 824 -99.68 -44.60 80.90
CA GLU A 824 -99.15 -43.92 79.74
C GLU A 824 -97.72 -43.50 80.03
N PRO A 825 -96.89 -43.32 79.01
CA PRO A 825 -95.55 -42.78 79.22
C PRO A 825 -95.63 -41.28 79.44
N ILE A 826 -94.47 -40.69 79.74
CA ILE A 826 -94.31 -39.24 79.87
C ILE A 826 -94.48 -38.68 78.45
N LYS A 827 -94.61 -37.34 78.32
CA LYS A 827 -94.79 -36.61 77.07
C LYS A 827 -93.85 -37.08 75.97
N GLU A 828 -94.43 -37.55 74.87
CA GLU A 828 -93.69 -38.18 73.80
C GLU A 828 -93.92 -37.43 72.50
N TYR A 829 -93.09 -37.77 71.52
CA TYR A 829 -93.17 -37.20 70.18
C TYR A 829 -93.49 -38.25 69.13
N ARG A 830 -93.85 -39.46 69.54
CA ARG A 830 -94.14 -40.53 68.58
C ARG A 830 -94.93 -41.62 69.30
N ARG A 831 -95.86 -42.22 68.58
CA ARG A 831 -96.60 -43.39 69.05
C ARG A 831 -96.85 -44.30 67.88
N GLU A 832 -97.02 -45.59 68.15
CA GLU A 832 -97.32 -46.53 67.08
C GLU A 832 -98.72 -46.28 66.53
N GLY A 833 -98.89 -46.47 65.21
CA GLY A 833 -100.18 -46.31 64.60
C GLY A 833 -100.46 -47.54 63.76
N PRO A 834 -101.76 -47.89 63.63
CA PRO A 834 -102.14 -49.09 62.83
C PRO A 834 -101.67 -49.03 61.40
N ARG A 835 -101.66 -47.85 60.82
CA ARG A 835 -101.10 -47.70 59.50
C ARG A 835 -99.61 -47.39 59.60
N GLY A 836 -99.23 -46.50 60.53
CA GLY A 836 -97.85 -46.16 60.72
C GLY A 836 -97.60 -45.30 61.94
N PRO A 837 -96.32 -45.11 62.29
CA PRO A 837 -95.99 -44.30 63.47
C PRO A 837 -96.53 -42.88 63.32
N HIS A 838 -97.05 -42.34 64.42
CA HIS A 838 -97.68 -41.03 64.48
C HIS A 838 -96.74 -40.09 65.24
N LEU A 839 -96.38 -38.98 64.60
CA LEU A 839 -95.67 -37.93 65.30
C LEU A 839 -96.64 -37.23 66.23
N VAL A 840 -96.31 -37.22 67.52
CA VAL A 840 -97.20 -36.75 68.56
C VAL A 840 -96.78 -35.35 68.99
N GLY A 841 -97.61 -34.34 68.70
CA GLY A 841 -97.41 -32.98 69.16
C GLY A 841 -97.42 -32.87 70.67
N PRO A 842 -97.01 -31.70 71.20
CA PRO A 842 -97.07 -31.45 72.66
C PRO A 842 -98.41 -31.78 73.29
N SER A 843 -98.38 -32.21 74.54
CA SER A 843 -99.57 -32.63 75.27
C SER A 843 -100.00 -31.54 76.24
N ARG A 844 -101.29 -31.24 76.25
CA ARG A 844 -101.83 -30.29 77.21
C ARG A 844 -101.73 -30.90 78.60
N CYS A 845 -101.16 -30.16 79.54
CA CYS A 845 -100.89 -30.67 80.87
C CYS A 845 -101.75 -29.94 81.89
N LEU A 846 -102.35 -30.70 82.80
CA LEU A 846 -103.14 -30.13 83.87
C LEU A 846 -102.24 -29.44 84.88
N SER A 847 -102.79 -28.46 85.60
CA SER A 847 -102.02 -27.65 86.53
C SER A 847 -102.70 -27.66 87.90
N HIS A 848 -101.88 -27.43 88.94
CA HIS A 848 -102.38 -27.33 90.31
C HIS A 848 -103.35 -26.18 90.44
N THR A 849 -103.06 -25.05 89.79
CA THR A 849 -103.95 -23.89 89.72
C THR A 849 -105.33 -24.23 89.15
N ASP A 850 -105.47 -25.33 88.41
CA ASP A 850 -106.76 -25.76 87.90
C ASP A 850 -107.56 -26.59 88.89
N PHE A 851 -107.07 -26.82 90.11
CA PHE A 851 -107.86 -27.50 91.14
C PHE A 851 -108.35 -26.55 92.21
N VAL A 852 -107.93 -25.29 92.19
CA VAL A 852 -108.46 -24.32 93.14
C VAL A 852 -109.68 -23.69 92.48
N PRO A 853 -110.85 -23.67 93.12
CA PRO A 853 -111.99 -23.00 92.50
C PRO A 853 -111.95 -21.51 92.78
N CYS A 854 -111.80 -20.72 91.72
CA CYS A 854 -111.67 -19.27 91.82
C CYS A 854 -112.86 -18.58 91.16
N PRO A 855 -113.90 -18.30 91.92
CA PRO A 855 -115.10 -17.67 91.35
C PRO A 855 -114.92 -16.15 91.32
N VAL A 856 -115.94 -15.46 90.87
CA VAL A 856 -115.98 -14.00 90.96
C VAL A 856 -116.70 -13.61 92.24
N ASP A 857 -116.07 -12.73 93.03
CA ASP A 857 -116.61 -12.34 94.32
C ASP A 857 -117.97 -11.65 94.16
N THR A 858 -118.94 -12.10 94.95
CA THR A 858 -120.31 -11.59 94.91
C THR A 858 -120.70 -10.92 96.22
N VAL A 859 -119.82 -10.10 96.78
CA VAL A 859 -120.11 -9.40 98.03
C VAL A 859 -120.27 -7.89 97.80
N GLN A 860 -119.30 -7.24 97.16
CA GLN A 860 -119.33 -5.79 96.99
C GLN A 860 -120.22 -5.42 95.80
N ILE A 861 -121.53 -5.71 95.95
CA ILE A 861 -122.54 -5.42 94.94
C ILE A 861 -123.77 -4.87 95.65
N VAL A 862 -124.02 -3.57 95.51
CA VAL A 862 -125.27 -3.00 96.00
C VAL A 862 -126.41 -3.46 95.11
N LEU A 863 -127.48 -3.96 95.73
CA LEU A 863 -128.56 -4.62 95.00
C LEU A 863 -129.46 -3.57 94.36
N PRO A 864 -129.69 -3.64 93.05
CA PRO A 864 -130.40 -2.55 92.33
C PRO A 864 -131.90 -2.57 92.55
N PRO A 865 -132.58 -1.43 92.27
CA PRO A 865 -134.05 -1.41 92.41
C PRO A 865 -134.79 -2.34 91.48
N HIS A 866 -134.34 -2.49 90.22
CA HIS A 866 -135.05 -3.34 89.30
C HIS A 866 -134.90 -4.81 89.67
N LEU A 867 -133.85 -5.13 90.44
CA LEU A 867 -133.66 -6.49 90.93
C LEU A 867 -134.49 -6.76 92.18
N GLU A 868 -134.48 -5.83 93.17
CA GLU A 868 -135.37 -6.04 94.32
C GLU A 868 -136.85 -6.02 93.91
N ARG A 869 -137.17 -5.35 92.81
CA ARG A 869 -138.51 -5.38 92.24
C ARG A 869 -138.86 -6.78 91.73
N ILE A 870 -137.87 -7.57 91.29
CA ILE A 870 -138.17 -8.91 90.82
C ILE A 870 -137.52 -9.95 91.75
N ARG A 871 -137.27 -9.56 93.00
CA ARG A 871 -136.62 -10.41 94.00
C ARG A 871 -137.48 -11.61 94.40
N GLU A 872 -138.77 -11.57 94.11
CA GLU A 872 -139.71 -12.54 94.65
C GLU A 872 -140.03 -13.67 93.69
N LYS A 873 -140.46 -13.35 92.46
CA LYS A 873 -140.88 -14.39 91.51
C LYS A 873 -139.75 -15.34 91.15
N LEU A 874 -138.54 -14.79 90.91
CA LEU A 874 -137.34 -15.59 90.67
C LEU A 874 -136.90 -16.42 91.87
N ALA A 875 -137.41 -16.15 93.06
CA ALA A 875 -137.18 -17.01 94.22
C ALA A 875 -138.29 -18.05 94.34
N GLU A 876 -139.54 -17.61 94.14
CA GLU A 876 -140.69 -18.50 94.19
C GLU A 876 -140.57 -19.60 93.15
N ASN A 877 -139.92 -19.30 92.04
CA ASN A 877 -139.79 -20.29 90.99
C ASN A 877 -138.63 -21.24 91.26
N ILE A 878 -137.80 -20.97 92.27
CA ILE A 878 -136.70 -21.87 92.60
C ILE A 878 -136.80 -22.35 94.05
N HIS A 879 -137.99 -22.28 94.63
CA HIS A 879 -138.18 -22.79 95.98
C HIS A 879 -138.51 -24.28 95.99
N GLU A 880 -139.16 -24.79 94.94
CA GLU A 880 -139.40 -26.23 94.82
C GLU A 880 -139.16 -26.74 93.41
N LEU A 881 -138.31 -26.05 92.63
CA LEU A 881 -138.04 -26.48 91.27
C LEU A 881 -137.35 -27.84 91.28
N TRP A 882 -136.43 -28.06 92.23
CA TRP A 882 -135.85 -29.39 92.39
C TRP A 882 -136.88 -30.41 92.87
N ALA A 883 -138.00 -29.96 93.44
CA ALA A 883 -139.05 -30.83 93.94
C ALA A 883 -140.05 -31.23 92.88
N LEU A 884 -140.11 -30.49 91.77
CA LEU A 884 -141.16 -30.73 90.77
C LEU A 884 -141.00 -32.07 90.04
N THR A 885 -139.75 -32.50 89.83
CA THR A 885 -139.45 -33.67 89.01
C THR A 885 -140.03 -34.96 89.58
N ARG A 886 -139.96 -35.13 90.90
CA ARG A 886 -140.21 -36.41 91.55
C ARG A 886 -141.60 -36.58 92.13
N ILE A 887 -142.52 -35.63 91.94
CA ILE A 887 -143.89 -35.79 92.41
C ILE A 887 -144.57 -36.85 91.55
N GLU A 888 -145.55 -37.55 92.15
CA GLU A 888 -146.27 -38.69 91.55
C GLU A 888 -145.34 -39.87 91.24
N GLN A 889 -144.27 -40.01 92.02
CA GLN A 889 -143.34 -41.13 91.92
C GLN A 889 -143.20 -41.77 93.29
N GLY A 890 -142.20 -42.64 93.46
CA GLY A 890 -141.89 -43.17 94.79
C GLY A 890 -141.54 -42.10 95.82
N TRP A 891 -141.01 -40.97 95.36
CA TRP A 891 -140.73 -39.82 96.23
C TRP A 891 -141.88 -38.82 96.14
N THR A 892 -143.06 -39.26 96.59
CA THR A 892 -144.27 -38.44 96.59
C THR A 892 -144.58 -38.00 98.01
N TYR A 893 -144.83 -36.70 98.17
CA TYR A 893 -144.94 -36.04 99.46
C TYR A 893 -146.10 -36.58 100.30
N GLY A 894 -146.04 -36.28 101.59
CA GLY A 894 -147.07 -36.62 102.56
C GLY A 894 -147.17 -35.51 103.58
N PRO A 895 -148.39 -35.22 104.05
CA PRO A 895 -148.61 -34.14 105.02
C PRO A 895 -147.88 -34.30 106.36
N VAL A 896 -147.61 -35.52 106.81
CA VAL A 896 -146.99 -35.72 108.12
C VAL A 896 -145.53 -35.24 108.13
N ARG A 897 -144.79 -35.41 107.05
CA ARG A 897 -143.38 -35.13 106.99
C ARG A 897 -143.12 -33.92 106.08
N ASP A 898 -141.84 -33.65 105.85
CA ASP A 898 -141.40 -32.51 105.06
C ASP A 898 -140.25 -32.98 104.17
N ASP A 899 -139.46 -32.03 103.66
CA ASP A 899 -138.33 -32.31 102.79
C ASP A 899 -137.30 -33.24 103.46
N ASN A 900 -136.49 -33.88 102.60
CA ASN A 900 -135.34 -34.73 102.96
C ASN A 900 -135.74 -36.01 103.69
N LYS A 901 -137.01 -36.41 103.62
CA LYS A 901 -137.51 -37.60 104.32
C LYS A 901 -138.00 -38.67 103.34
N ARG A 902 -137.31 -38.80 102.18
CA ARG A 902 -137.61 -39.73 101.08
C ARG A 902 -138.99 -39.55 100.46
N LEU A 903 -139.73 -38.51 100.86
CA LEU A 903 -141.03 -38.09 100.35
C LEU A 903 -141.01 -36.57 100.26
N HIS A 904 -139.92 -36.05 99.71
CA HIS A 904 -139.55 -34.63 99.82
C HIS A 904 -140.56 -33.55 99.37
N PRO A 905 -141.27 -33.63 98.15
CA PRO A 905 -141.72 -32.41 97.43
C PRO A 905 -142.26 -31.17 98.14
N CYS A 906 -143.35 -31.30 98.92
CA CYS A 906 -144.03 -30.21 99.62
C CYS A 906 -144.26 -29.01 98.69
N LEU A 907 -145.09 -29.24 97.67
CA LEU A 907 -145.32 -28.27 96.62
C LEU A 907 -146.15 -27.06 97.05
N VAL A 908 -146.69 -27.07 98.28
CA VAL A 908 -147.68 -26.08 98.71
C VAL A 908 -147.13 -24.66 98.60
N ASN A 909 -146.09 -24.37 99.39
CA ASN A 909 -145.43 -23.07 99.44
C ASN A 909 -144.23 -23.21 100.36
N PHE A 910 -143.39 -22.18 100.33
CA PHE A 910 -142.23 -22.07 101.21
C PHE A 910 -142.58 -21.49 102.57
N HIS A 911 -143.80 -20.97 102.74
CA HIS A 911 -144.25 -20.56 104.07
C HIS A 911 -144.39 -21.76 104.98
N SER A 912 -144.93 -22.86 104.46
CA SER A 912 -144.97 -24.12 105.22
C SER A 912 -143.56 -24.63 105.49
N LEU A 913 -142.63 -24.36 104.58
CA LEU A 913 -141.24 -24.77 104.74
C LEU A 913 -140.55 -23.86 105.76
N PRO A 914 -139.46 -24.33 106.39
CA PRO A 914 -138.78 -23.54 107.44
C PRO A 914 -138.28 -22.18 106.96
N GLU A 915 -138.46 -21.17 107.84
CA GLU A 915 -138.11 -19.79 107.52
C GLU A 915 -136.64 -19.53 107.17
N PRO A 916 -135.62 -20.06 107.91
CA PRO A 916 -134.22 -19.73 107.53
C PRO A 916 -133.85 -20.19 106.13
N GLU A 917 -134.09 -21.45 105.78
CA GLU A 917 -133.82 -21.89 104.42
C GLU A 917 -134.72 -21.19 103.41
N ARG A 918 -135.92 -20.74 103.83
CA ARG A 918 -136.82 -20.00 102.96
C ARG A 918 -136.19 -18.67 102.50
N ASN A 919 -135.94 -17.76 103.45
CA ASN A 919 -135.31 -16.50 103.07
C ASN A 919 -133.87 -16.69 102.57
N TYR A 920 -133.23 -17.80 102.93
CA TYR A 920 -131.98 -18.20 102.31
C TYR A 920 -132.17 -18.46 100.82
N ASN A 921 -133.27 -19.11 100.44
CA ASN A 921 -133.55 -19.35 99.03
C ASN A 921 -133.85 -18.03 98.31
N LEU A 922 -134.59 -17.12 98.97
CA LEU A 922 -134.78 -15.77 98.43
C LEU A 922 -133.45 -15.08 98.15
N GLN A 923 -132.55 -15.05 99.14
CA GLN A 923 -131.29 -14.36 98.95
C GLN A 923 -130.29 -15.19 98.13
N MET A 924 -130.56 -16.47 97.87
CA MET A 924 -129.85 -17.22 96.84
C MET A 924 -130.31 -16.83 95.44
N SER A 925 -131.61 -16.57 95.25
CA SER A 925 -132.06 -15.96 94.00
C SER A 925 -131.43 -14.60 93.79
N GLY A 926 -131.39 -13.79 94.86
CA GLY A 926 -130.64 -12.54 94.82
C GLY A 926 -129.16 -12.73 94.55
N GLU A 927 -128.59 -13.82 95.07
CA GLU A 927 -127.18 -14.14 94.87
C GLU A 927 -126.88 -14.47 93.42
N THR A 928 -127.77 -15.23 92.79
CA THR A 928 -127.67 -15.48 91.35
C THR A 928 -127.77 -14.20 90.54
N LEU A 929 -128.71 -13.31 90.90
CA LEU A 929 -128.75 -11.99 90.25
C LEU A 929 -127.49 -11.16 90.51
N LYS A 930 -126.86 -11.33 91.67
CA LYS A 930 -125.62 -10.61 91.95
C LYS A 930 -124.48 -11.17 91.12
N THR A 931 -124.47 -12.49 90.91
CA THR A 931 -123.55 -13.10 89.96
C THR A 931 -123.78 -12.57 88.54
N LEU A 932 -125.05 -12.37 88.16
CA LEU A 932 -125.35 -11.77 86.86
C LEU A 932 -124.78 -10.36 86.74
N LEU A 933 -124.88 -9.59 87.82
CA LEU A 933 -124.30 -8.25 87.87
C LEU A 933 -122.78 -8.30 87.71
N ALA A 934 -122.12 -9.12 88.54
CA ALA A 934 -120.66 -9.20 88.52
C ALA A 934 -120.15 -9.74 87.18
N LEU A 935 -120.95 -10.59 86.53
CA LEU A 935 -120.59 -11.09 85.21
C LEU A 935 -120.75 -10.01 84.16
N GLY A 936 -121.77 -9.15 84.32
CA GLY A 936 -122.05 -8.14 83.32
C GLY A 936 -123.42 -8.26 82.67
N CYS A 937 -124.41 -8.74 83.42
CA CYS A 937 -125.77 -8.85 82.94
C CYS A 937 -126.65 -7.76 83.53
N HIS A 938 -127.38 -7.07 82.67
CA HIS A 938 -128.30 -6.00 83.07
C HIS A 938 -129.63 -6.20 82.36
N VAL A 939 -130.69 -5.67 82.96
CA VAL A 939 -132.06 -6.02 82.54
C VAL A 939 -132.75 -4.77 81.99
N GLY A 940 -133.66 -5.01 81.04
CA GLY A 940 -134.48 -3.98 80.46
C GLY A 940 -135.84 -4.52 80.05
N MET A 941 -136.90 -3.77 80.30
CA MET A 941 -138.27 -4.22 80.10
C MET A 941 -138.84 -3.55 78.86
N ALA A 942 -139.32 -4.36 77.91
CA ALA A 942 -139.95 -3.84 76.71
C ALA A 942 -141.40 -4.28 76.56
N ASP A 943 -141.67 -5.58 76.52
CA ASP A 943 -142.91 -6.07 75.93
C ASP A 943 -143.98 -6.24 77.02
N GLU A 944 -145.08 -6.92 76.68
CA GLU A 944 -146.19 -7.20 77.58
C GLU A 944 -145.75 -7.96 78.84
N LYS A 945 -146.32 -7.56 79.98
CA LYS A 945 -145.96 -8.15 81.26
C LYS A 945 -146.38 -9.62 81.27
N ALA A 946 -145.43 -10.53 81.48
CA ALA A 946 -145.71 -11.96 81.50
C ALA A 946 -146.69 -12.36 82.59
N GLU A 947 -146.78 -11.58 83.67
CA GLU A 947 -147.72 -11.83 84.77
C GLU A 947 -149.16 -11.97 84.27
N ASP A 948 -149.54 -11.18 83.27
CA ASP A 948 -150.90 -11.26 82.73
C ASP A 948 -151.08 -12.56 81.94
N ASN A 949 -150.14 -12.88 81.05
CA ASN A 949 -150.28 -13.93 80.08
C ASN A 949 -149.65 -15.23 80.59
N LEU A 950 -149.37 -15.30 81.89
CA LEU A 950 -148.92 -16.51 82.55
C LEU A 950 -150.05 -17.04 83.44
N LYS A 951 -150.09 -18.37 83.60
CA LYS A 951 -151.09 -19.00 84.44
C LYS A 951 -150.47 -20.22 85.13
N LYS A 952 -151.10 -20.64 86.22
CA LYS A 952 -150.71 -21.84 86.93
C LYS A 952 -151.59 -22.99 86.47
N THR A 953 -150.97 -24.14 86.19
CA THR A 953 -151.64 -25.28 85.59
C THR A 953 -151.70 -26.41 86.61
N LYS A 954 -152.90 -26.67 87.13
CA LYS A 954 -153.14 -27.82 88.01
C LYS A 954 -153.19 -29.06 87.13
N LEU A 955 -152.02 -29.63 86.86
CA LEU A 955 -151.91 -30.80 86.01
C LEU A 955 -152.50 -32.03 86.72
N PRO A 956 -152.95 -33.03 85.97
CA PRO A 956 -153.29 -34.32 86.61
C PRO A 956 -152.12 -34.93 87.37
N LYS A 957 -150.91 -34.85 86.82
CA LYS A 957 -149.70 -35.14 87.58
C LYS A 957 -149.44 -34.03 88.59
N THR A 958 -148.66 -34.37 89.62
CA THR A 958 -148.30 -33.50 90.76
C THR A 958 -149.53 -33.10 91.58
N TYR A 959 -150.61 -33.87 91.50
CA TYR A 959 -151.76 -33.63 92.36
C TYR A 959 -151.49 -34.13 93.77
N MET A 960 -151.80 -33.29 94.76
CA MET A 960 -151.57 -33.60 96.16
C MET A 960 -152.78 -33.24 97.01
N MET A 961 -152.86 -33.91 98.15
CA MET A 961 -153.95 -33.73 99.11
C MET A 961 -153.65 -32.66 100.14
N SER A 962 -152.37 -32.30 100.30
CA SER A 962 -151.95 -31.32 101.30
C SER A 962 -152.14 -29.92 100.73
N ASN A 963 -153.23 -29.27 101.15
CA ASN A 963 -153.55 -27.86 100.87
C ASN A 963 -153.54 -27.57 99.37
N GLY A 964 -154.31 -28.35 98.63
CA GLY A 964 -154.48 -28.14 97.20
C GLY A 964 -153.28 -28.57 96.38
N TYR A 965 -153.46 -28.57 95.07
CA TYR A 965 -152.41 -28.99 94.15
C TYR A 965 -152.04 -27.85 93.23
N LYS A 966 -150.76 -27.75 92.93
CA LYS A 966 -150.20 -26.70 92.09
C LYS A 966 -148.84 -27.18 91.61
N PRO A 967 -148.30 -26.59 90.53
CA PRO A 967 -146.89 -26.84 90.19
C PRO A 967 -146.00 -26.43 91.36
N ALA A 968 -145.00 -27.27 91.64
CA ALA A 968 -144.09 -27.01 92.78
C ALA A 968 -143.32 -25.69 92.63
N PRO A 969 -142.66 -25.36 91.47
CA PRO A 969 -142.22 -23.98 91.31
C PRO A 969 -143.35 -23.12 90.77
N LEU A 970 -143.08 -21.87 90.46
CA LEU A 970 -144.10 -21.03 89.84
C LEU A 970 -144.15 -21.38 88.36
N ASP A 971 -145.37 -21.54 87.82
CA ASP A 971 -145.55 -22.03 86.46
C ASP A 971 -145.09 -20.99 85.44
N LEU A 972 -144.85 -21.47 84.22
CA LEU A 972 -144.40 -20.62 83.13
C LEU A 972 -144.88 -21.22 81.82
N SER A 973 -145.18 -20.36 80.85
CA SER A 973 -145.65 -20.77 79.53
C SER A 973 -144.46 -20.84 78.58
N HIS A 974 -144.75 -20.98 77.28
CA HIS A 974 -143.77 -21.00 76.21
C HIS A 974 -142.81 -19.80 76.21
N VAL A 975 -141.53 -20.07 76.47
CA VAL A 975 -140.46 -19.08 76.56
C VAL A 975 -139.20 -19.77 76.03
N ARG A 976 -138.34 -19.03 75.31
CA ARG A 976 -137.16 -19.61 74.68
C ARG A 976 -135.91 -18.86 75.16
N LEU A 977 -134.74 -19.34 74.74
CA LEU A 977 -133.47 -18.78 75.19
C LEU A 977 -132.45 -18.81 74.05
N THR A 978 -131.75 -17.69 73.86
CA THR A 978 -130.75 -17.55 72.81
C THR A 978 -129.39 -18.09 73.30
N PRO A 979 -128.45 -18.37 72.38
CA PRO A 979 -127.13 -18.91 72.81
C PRO A 979 -126.36 -18.04 73.80
N ALA A 980 -126.48 -16.70 73.72
CA ALA A 980 -125.89 -15.83 74.73
C ALA A 980 -126.34 -16.21 76.13
N GLN A 981 -127.64 -16.47 76.28
CA GLN A 981 -128.18 -16.94 77.55
C GLN A 981 -127.66 -18.32 77.91
N THR A 982 -127.44 -19.18 76.91
CA THR A 982 -126.90 -20.52 77.20
C THR A 982 -125.48 -20.43 77.78
N THR A 983 -124.60 -19.66 77.13
CA THR A 983 -123.24 -19.47 77.67
C THR A 983 -123.28 -18.80 79.03
N LEU A 984 -124.15 -17.79 79.20
CA LEU A 984 -124.23 -17.07 80.46
C LEU A 984 -124.71 -17.98 81.59
N VAL A 985 -125.69 -18.84 81.34
CA VAL A 985 -126.16 -19.74 82.38
C VAL A 985 -125.09 -20.80 82.65
N ASP A 986 -124.29 -21.17 81.64
CA ASP A 986 -123.18 -22.09 81.84
C ASP A 986 -122.17 -21.52 82.84
N ARG A 987 -121.72 -20.29 82.61
CA ARG A 987 -120.76 -19.70 83.55
C ARG A 987 -121.42 -19.31 84.87
N LEU A 988 -122.73 -19.08 84.87
CA LEU A 988 -123.47 -18.84 86.11
C LEU A 988 -123.46 -20.11 86.98
N ALA A 989 -123.65 -21.26 86.36
CA ALA A 989 -123.54 -22.53 87.08
C ALA A 989 -122.10 -22.78 87.52
N GLU A 990 -121.14 -22.38 86.68
CA GLU A 990 -119.73 -22.43 87.06
C GLU A 990 -119.47 -21.65 88.34
N ASN A 991 -119.99 -20.42 88.41
CA ASN A 991 -119.74 -19.60 89.58
C ASN A 991 -120.59 -20.04 90.78
N GLY A 992 -121.57 -20.91 90.56
CA GLY A 992 -122.25 -21.49 91.70
C GLY A 992 -121.46 -22.65 92.26
N HIS A 993 -121.01 -23.51 91.35
CA HIS A 993 -120.21 -24.66 91.70
C HIS A 993 -118.91 -24.26 92.39
N ASN A 994 -118.24 -23.22 91.87
CA ASN A 994 -116.93 -22.87 92.42
C ASN A 994 -117.06 -22.18 93.77
N VAL A 995 -118.20 -21.57 94.07
CA VAL A 995 -118.43 -21.02 95.40
C VAL A 995 -118.75 -22.14 96.37
N TRP A 996 -119.55 -23.12 95.93
CA TRP A 996 -119.86 -24.28 96.76
C TRP A 996 -118.59 -25.06 97.10
N ALA A 997 -117.74 -25.29 96.09
CA ALA A 997 -116.49 -26.02 96.29
C ALA A 997 -115.54 -25.24 97.19
N ARG A 998 -115.48 -23.90 97.00
CA ARG A 998 -114.67 -23.04 97.86
C ARG A 998 -115.11 -23.14 99.32
N ASP A 999 -116.42 -23.12 99.55
CA ASP A 999 -116.96 -23.21 100.89
C ASP A 999 -116.62 -24.56 101.52
N ARG A 1000 -116.82 -25.65 100.77
CA ARG A 1000 -116.51 -26.99 101.27
C ARG A 1000 -115.03 -27.12 101.65
N VAL A 1001 -114.16 -26.58 100.79
CA VAL A 1001 -112.72 -26.56 101.07
C VAL A 1001 -112.46 -25.77 102.34
N ALA A 1002 -113.11 -24.60 102.48
CA ALA A 1002 -112.98 -23.83 103.71
C ALA A 1002 -113.52 -24.56 104.93
N GLN A 1003 -114.40 -25.55 104.75
CA GLN A 1003 -114.74 -26.45 105.84
C GLN A 1003 -113.88 -27.71 105.84
N GLY A 1004 -112.80 -27.73 105.07
CA GLY A 1004 -111.82 -28.79 105.15
C GLY A 1004 -111.92 -29.88 104.12
N TRP A 1005 -113.08 -30.03 103.47
CA TRP A 1005 -113.35 -31.10 102.52
C TRP A 1005 -112.36 -31.14 101.35
N SER A 1006 -112.32 -32.28 100.67
CA SER A 1006 -111.48 -32.46 99.50
C SER A 1006 -112.10 -33.48 98.55
N TYR A 1007 -111.39 -33.76 97.45
CA TYR A 1007 -111.88 -34.63 96.39
C TYR A 1007 -111.47 -36.08 96.64
N SER A 1008 -112.35 -37.01 96.27
CA SER A 1008 -112.06 -38.44 96.25
C SER A 1008 -113.07 -39.08 95.32
N ALA A 1009 -112.59 -39.93 94.39
CA ALA A 1009 -113.47 -40.59 93.43
C ALA A 1009 -114.51 -41.50 94.07
N VAL A 1010 -114.29 -41.93 95.32
CA VAL A 1010 -115.26 -42.66 96.11
C VAL A 1010 -115.69 -41.75 97.26
N GLN A 1011 -116.98 -41.66 97.49
CA GLN A 1011 -117.49 -40.70 98.47
C GLN A 1011 -117.27 -41.22 99.88
N ASP A 1012 -116.73 -40.35 100.73
CA ASP A 1012 -116.49 -40.65 102.14
C ASP A 1012 -116.98 -39.46 102.97
N ILE A 1013 -118.22 -39.54 103.45
CA ILE A 1013 -118.82 -38.48 104.26
C ILE A 1013 -118.11 -38.33 105.61
N PRO A 1014 -117.91 -39.38 106.45
CA PRO A 1014 -117.18 -39.14 107.71
C PRO A 1014 -115.74 -38.66 107.53
N ALA A 1015 -115.09 -39.04 106.43
CA ALA A 1015 -113.79 -38.50 106.10
C ALA A 1015 -113.88 -37.18 105.35
N ARG A 1016 -115.10 -36.72 105.04
CA ARG A 1016 -115.39 -35.39 104.48
C ARG A 1016 -114.75 -35.23 103.11
N ARG A 1017 -115.02 -36.20 102.24
CA ARG A 1017 -114.54 -36.15 100.86
C ARG A 1017 -115.68 -36.52 99.93
N ASN A 1018 -115.67 -35.90 98.75
CA ASN A 1018 -116.77 -35.93 97.79
C ASN A 1018 -116.21 -36.20 96.41
N PRO A 1019 -116.96 -36.88 95.54
CA PRO A 1019 -116.53 -37.02 94.14
C PRO A 1019 -116.80 -35.82 93.27
N ARG A 1020 -117.34 -34.73 93.80
CA ARG A 1020 -117.68 -33.59 92.99
C ARG A 1020 -116.94 -32.34 93.44
N LEU A 1021 -116.03 -32.47 94.42
CA LEU A 1021 -115.15 -31.36 94.80
C LEU A 1021 -113.99 -31.21 93.83
N VAL A 1022 -114.32 -30.83 92.61
CA VAL A 1022 -113.35 -30.37 91.63
C VAL A 1022 -113.95 -29.12 91.02
N PRO A 1023 -113.14 -28.21 90.49
CA PRO A 1023 -113.70 -27.06 89.76
C PRO A 1023 -114.55 -27.49 88.57
N TYR A 1024 -115.52 -26.62 88.24
CA TYR A 1024 -116.54 -26.90 87.22
C TYR A 1024 -115.93 -27.36 85.92
N ARG A 1025 -114.80 -26.76 85.52
CA ARG A 1025 -114.14 -27.11 84.26
C ARG A 1025 -113.67 -28.55 84.26
N LEU A 1026 -113.45 -29.13 85.43
CA LEU A 1026 -113.00 -30.50 85.60
C LEU A 1026 -114.13 -31.43 86.00
N LEU A 1027 -115.30 -30.87 86.31
CA LEU A 1027 -116.47 -31.68 86.67
C LEU A 1027 -116.90 -32.55 85.49
N ASP A 1028 -117.81 -33.48 85.77
CA ASP A 1028 -118.33 -34.35 84.72
C ASP A 1028 -119.56 -33.73 84.07
N GLU A 1029 -119.86 -34.18 82.85
CA GLU A 1029 -120.95 -33.60 82.06
C GLU A 1029 -122.32 -33.85 82.68
N ALA A 1030 -122.49 -34.98 83.36
CA ALA A 1030 -123.75 -35.27 84.06
C ALA A 1030 -124.04 -34.21 85.11
N THR A 1031 -123.06 -33.93 85.98
CA THR A 1031 -123.24 -32.94 87.02
C THR A 1031 -123.31 -31.53 86.44
N LYS A 1032 -122.52 -31.26 85.38
CA LYS A 1032 -122.61 -29.98 84.67
C LYS A 1032 -124.04 -29.71 84.19
N ARG A 1033 -124.64 -30.72 83.54
CA ARG A 1033 -126.00 -30.59 83.04
C ARG A 1033 -126.99 -30.44 84.18
N SER A 1034 -126.80 -31.22 85.26
CA SER A 1034 -127.71 -31.15 86.41
C SER A 1034 -127.69 -29.78 87.07
N ASN A 1035 -126.51 -29.18 87.23
CA ASN A 1035 -126.45 -27.81 87.74
C ASN A 1035 -127.06 -26.82 86.76
N ARG A 1036 -126.73 -26.96 85.46
CA ARG A 1036 -127.19 -25.99 84.46
C ARG A 1036 -128.70 -26.02 84.26
N ASP A 1037 -129.36 -27.16 84.51
CA ASP A 1037 -130.79 -27.28 84.26
C ASP A 1037 -131.61 -26.34 85.15
N SER A 1038 -131.29 -26.30 86.45
CA SER A 1038 -132.04 -25.49 87.41
C SER A 1038 -131.92 -24.01 87.08
N LEU A 1039 -130.69 -23.54 86.92
CA LEU A 1039 -130.46 -22.14 86.63
C LEU A 1039 -130.87 -21.78 85.21
N CYS A 1040 -130.92 -22.76 84.30
CA CYS A 1040 -131.49 -22.54 82.98
C CYS A 1040 -132.98 -22.25 83.07
N GLN A 1041 -133.68 -23.00 83.94
CA GLN A 1041 -135.08 -22.71 84.21
C GLN A 1041 -135.24 -21.33 84.82
N ALA A 1042 -134.33 -20.97 85.74
CA ALA A 1042 -134.37 -19.66 86.39
C ALA A 1042 -134.20 -18.52 85.38
N VAL A 1043 -133.16 -18.61 84.53
CA VAL A 1043 -132.93 -17.55 83.55
C VAL A 1043 -134.05 -17.55 82.50
N ARG A 1044 -134.67 -18.71 82.25
CA ARG A 1044 -135.83 -18.79 81.37
C ARG A 1044 -137.01 -18.01 81.96
N THR A 1045 -137.26 -18.19 83.27
CA THR A 1045 -138.32 -17.45 83.96
C THR A 1045 -138.04 -15.96 83.95
N LEU A 1046 -136.76 -15.59 84.07
CA LEU A 1046 -136.39 -14.17 83.96
C LEU A 1046 -136.69 -13.65 82.56
N LEU A 1047 -136.37 -14.46 81.53
CA LEU A 1047 -136.57 -14.07 80.14
C LEU A 1047 -138.06 -13.92 79.81
N GLY A 1048 -138.90 -14.76 80.44
CA GLY A 1048 -140.34 -14.69 80.21
C GLY A 1048 -140.93 -13.33 80.53
N TYR A 1049 -140.45 -12.70 81.60
CA TYR A 1049 -140.88 -11.34 81.98
C TYR A 1049 -140.30 -10.27 81.06
N GLY A 1050 -139.58 -10.64 80.00
CA GLY A 1050 -139.13 -9.74 78.98
C GLY A 1050 -137.87 -8.97 79.34
N TYR A 1051 -137.31 -9.21 80.52
CA TYR A 1051 -136.12 -8.48 80.94
C TYR A 1051 -134.90 -9.08 80.25
N ASN A 1052 -134.16 -8.21 79.55
CA ASN A 1052 -133.06 -8.63 78.70
C ASN A 1052 -131.93 -9.25 79.51
N ILE A 1053 -131.32 -10.29 78.96
CA ILE A 1053 -130.11 -10.86 79.51
C ILE A 1053 -128.97 -10.31 78.64
N GLU A 1054 -128.26 -9.30 79.15
CA GLU A 1054 -127.29 -8.59 78.33
C GLU A 1054 -125.94 -9.26 78.46
N PRO A 1055 -125.36 -9.76 77.36
CA PRO A 1055 -123.99 -10.27 77.43
C PRO A 1055 -123.01 -9.15 77.78
N PRO A 1056 -121.97 -9.47 78.54
CA PRO A 1056 -120.92 -8.50 78.84
C PRO A 1056 -119.98 -8.37 77.65
N ASP A 1057 -118.99 -7.50 77.80
CA ASP A 1057 -117.95 -7.36 76.80
C ASP A 1057 -117.10 -8.62 76.74
N GLN A 1058 -116.46 -8.84 75.59
CA GLN A 1058 -115.64 -10.02 75.34
C GLN A 1058 -114.17 -9.66 75.47
N GLU A 1059 -113.45 -10.40 76.32
CA GLU A 1059 -112.02 -10.20 76.49
C GLU A 1059 -111.32 -11.51 76.17
N PRO A 1060 -110.49 -11.57 75.12
CA PRO A 1060 -109.76 -12.80 74.81
C PRO A 1060 -108.59 -13.03 75.76
N SER A 1061 -108.53 -14.24 76.33
CA SER A 1061 -107.51 -14.58 77.30
C SER A 1061 -106.91 -15.93 76.97
N GLN A 1062 -105.63 -16.09 77.32
CA GLN A 1062 -104.89 -17.33 77.14
C GLN A 1062 -104.50 -17.88 78.51
N VAL A 1063 -104.74 -19.18 78.71
CA VAL A 1063 -104.49 -19.82 80.01
C VAL A 1063 -102.99 -19.83 80.33
N GLU A 1064 -102.17 -20.25 79.37
CA GLU A 1064 -100.72 -20.29 79.55
C GLU A 1064 -100.09 -19.46 78.45
N ASN A 1065 -99.22 -18.52 78.85
CA ASN A 1065 -98.60 -17.61 77.90
C ASN A 1065 -97.08 -17.68 77.89
N GLN A 1066 -96.45 -17.92 79.05
CA GLN A 1066 -94.99 -17.87 79.17
C GLN A 1066 -94.32 -18.89 78.27
N SER A 1067 -94.76 -20.15 78.33
CA SER A 1067 -94.13 -21.22 77.57
C SER A 1067 -94.74 -21.26 76.16
N ARG A 1068 -94.34 -20.30 75.34
CA ARG A 1068 -94.76 -20.29 73.94
C ARG A 1068 -94.09 -21.41 73.14
N TRP A 1069 -93.02 -22.00 73.66
CA TRP A 1069 -92.29 -23.00 72.90
C TRP A 1069 -92.83 -24.40 73.13
N ASP A 1070 -93.36 -24.69 74.32
CA ASP A 1070 -94.04 -25.95 74.55
C ASP A 1070 -95.46 -25.93 73.98
N ARG A 1071 -95.58 -25.58 72.71
CA ARG A 1071 -96.81 -25.50 71.95
C ARG A 1071 -96.72 -26.24 70.64
N VAL A 1072 -95.60 -26.13 69.92
CA VAL A 1072 -95.47 -26.78 68.63
C VAL A 1072 -94.16 -27.54 68.63
N ARG A 1073 -94.19 -28.76 68.12
CA ARG A 1073 -93.00 -29.62 68.07
C ARG A 1073 -92.57 -29.92 66.63
N ILE A 1074 -91.82 -29.00 66.01
CA ILE A 1074 -91.38 -29.13 64.62
C ILE A 1074 -90.71 -30.49 64.36
N PHE A 1075 -90.98 -31.08 63.19
CA PHE A 1075 -90.41 -32.31 62.66
C PHE A 1075 -89.87 -32.06 61.25
N ARG A 1076 -88.61 -32.42 61.03
CA ARG A 1076 -87.98 -32.24 59.73
C ARG A 1076 -87.02 -33.40 59.52
N ALA A 1077 -86.70 -33.69 58.26
CA ALA A 1077 -85.82 -34.82 58.01
C ALA A 1077 -84.35 -34.44 58.27
N GLU A 1078 -83.46 -35.41 58.07
CA GLU A 1078 -82.03 -35.10 58.16
C GLU A 1078 -81.62 -34.20 56.99
N LYS A 1079 -80.61 -33.36 57.24
CA LYS A 1079 -80.08 -32.50 56.20
C LYS A 1079 -79.38 -33.25 55.09
N SER A 1080 -79.01 -34.51 55.30
CA SER A 1080 -78.36 -35.30 54.25
C SER A 1080 -79.31 -35.56 53.08
N TYR A 1081 -80.60 -35.75 53.37
CA TYR A 1081 -81.61 -36.04 52.35
C TYR A 1081 -82.11 -34.81 51.63
N THR A 1082 -81.43 -33.67 51.77
CA THR A 1082 -81.82 -32.43 51.10
C THR A 1082 -81.79 -32.61 49.58
N VAL A 1083 -82.82 -32.10 48.92
CA VAL A 1083 -83.03 -32.30 47.48
C VAL A 1083 -82.76 -31.00 46.75
N GLN A 1084 -82.13 -31.11 45.59
CA GLN A 1084 -81.79 -29.97 44.75
C GLN A 1084 -82.56 -29.95 43.44
N SER A 1085 -83.28 -31.02 43.11
CA SER A 1085 -83.96 -31.15 41.83
C SER A 1085 -85.02 -32.23 41.93
N GLY A 1086 -85.75 -32.41 40.84
CA GLY A 1086 -86.77 -33.43 40.75
C GLY A 1086 -88.12 -32.98 41.28
N ARG A 1087 -89.10 -33.87 41.09
CA ARG A 1087 -90.47 -33.62 41.48
C ARG A 1087 -90.80 -34.51 42.68
N TRP A 1088 -90.89 -33.89 43.85
CA TRP A 1088 -90.98 -34.62 45.10
C TRP A 1088 -92.36 -34.42 45.72
N TYR A 1089 -92.88 -35.50 46.32
CA TYR A 1089 -94.23 -35.54 46.85
C TYR A 1089 -94.24 -36.35 48.13
N PHE A 1090 -94.99 -35.88 49.12
CA PHE A 1090 -95.10 -36.66 50.36
C PHE A 1090 -96.44 -36.36 51.02
N GLU A 1091 -96.89 -37.27 51.88
CA GLU A 1091 -98.21 -37.12 52.48
C GLU A 1091 -98.10 -36.98 53.99
N PHE A 1092 -98.90 -36.08 54.54
CA PHE A 1092 -99.02 -35.93 55.98
C PHE A 1092 -100.48 -36.09 56.36
N GLU A 1093 -100.78 -37.15 57.09
CA GLU A 1093 -102.15 -37.41 57.48
C GLU A 1093 -102.46 -36.60 58.72
N ALA A 1094 -103.48 -35.75 58.60
CA ALA A 1094 -104.02 -34.90 59.64
C ALA A 1094 -105.14 -35.70 60.30
N VAL A 1095 -104.76 -36.47 61.33
CA VAL A 1095 -105.70 -37.30 62.06
C VAL A 1095 -106.74 -36.44 62.76
N THR A 1096 -106.29 -35.34 63.38
CA THR A 1096 -107.18 -34.39 64.03
C THR A 1096 -107.36 -33.16 63.16
N THR A 1097 -108.15 -32.21 63.65
CA THR A 1097 -108.46 -30.98 62.92
C THR A 1097 -107.79 -29.78 63.61
N GLY A 1098 -106.86 -30.03 64.53
CA GLY A 1098 -106.20 -28.97 65.25
C GLY A 1098 -105.16 -28.20 64.46
N GLU A 1099 -104.12 -27.72 65.14
CA GLU A 1099 -103.10 -26.90 64.50
C GLU A 1099 -101.97 -27.78 64.00
N MET A 1100 -101.80 -27.84 62.68
CA MET A 1100 -100.71 -28.57 62.06
C MET A 1100 -100.23 -27.77 60.86
N ARG A 1101 -98.92 -27.78 60.63
CA ARG A 1101 -98.35 -27.08 59.49
C ARG A 1101 -97.48 -28.05 58.70
N VAL A 1102 -97.65 -28.09 57.39
CA VAL A 1102 -96.89 -29.02 56.58
C VAL A 1102 -96.45 -28.34 55.28
N GLY A 1103 -95.25 -28.67 54.82
CA GLY A 1103 -94.75 -28.12 53.58
C GLY A 1103 -93.28 -28.40 53.34
N TRP A 1104 -92.53 -27.37 52.93
CA TRP A 1104 -91.11 -27.54 52.69
C TRP A 1104 -90.36 -26.38 53.29
N ALA A 1105 -89.10 -26.62 53.64
CA ALA A 1105 -88.29 -25.57 54.25
C ALA A 1105 -86.82 -25.87 54.01
N ARG A 1106 -86.01 -24.81 54.11
CA ARG A 1106 -84.59 -24.94 53.95
C ARG A 1106 -84.01 -25.66 55.17
N PRO A 1107 -82.85 -26.32 55.02
CA PRO A 1107 -82.26 -27.08 56.15
C PRO A 1107 -81.88 -26.23 57.36
N GLU A 1108 -81.76 -24.91 57.22
CA GLU A 1108 -81.38 -24.04 58.32
C GLU A 1108 -82.56 -23.49 59.10
N LEU A 1109 -83.67 -24.24 59.16
CA LEU A 1109 -84.85 -23.83 59.92
C LEU A 1109 -84.50 -23.69 61.39
N ARG A 1110 -84.72 -22.51 61.95
CA ARG A 1110 -84.42 -22.28 63.35
C ARG A 1110 -85.45 -23.00 64.20
N PRO A 1111 -85.02 -23.78 65.20
CA PRO A 1111 -85.98 -24.58 65.98
C PRO A 1111 -86.93 -23.77 66.86
N ASP A 1112 -86.66 -22.49 67.12
CA ASP A 1112 -87.49 -21.69 68.00
C ASP A 1112 -88.14 -20.52 67.29
N VAL A 1113 -88.39 -20.67 65.98
CA VAL A 1113 -89.05 -19.66 65.16
C VAL A 1113 -90.20 -20.34 64.46
N GLU A 1114 -91.37 -19.69 64.45
CA GLU A 1114 -92.55 -20.26 63.80
C GLU A 1114 -92.33 -20.41 62.29
N LEU A 1115 -92.88 -21.50 61.76
CA LEU A 1115 -92.76 -21.81 60.35
C LEU A 1115 -93.51 -20.80 59.49
N GLY A 1116 -92.83 -20.28 58.48
CA GLY A 1116 -93.39 -19.25 57.62
C GLY A 1116 -93.25 -17.84 58.14
N ALA A 1117 -92.89 -17.66 59.42
CA ALA A 1117 -92.65 -16.33 59.95
C ALA A 1117 -91.41 -15.70 59.31
N ASP A 1118 -90.48 -16.52 58.83
CA ASP A 1118 -89.27 -16.08 58.17
C ASP A 1118 -89.21 -16.67 56.77
N GLU A 1119 -88.17 -16.29 56.02
CA GLU A 1119 -87.97 -16.78 54.67
C GLU A 1119 -87.53 -18.24 54.60
N LEU A 1120 -87.19 -18.85 55.74
CA LEU A 1120 -86.64 -20.20 55.75
C LEU A 1120 -87.71 -21.28 55.77
N ALA A 1121 -88.93 -20.97 55.33
CA ALA A 1121 -90.00 -21.96 55.31
C ALA A 1121 -91.05 -21.56 54.28
N TYR A 1122 -91.63 -22.57 53.64
CA TYR A 1122 -92.76 -22.45 52.71
C TYR A 1122 -93.77 -23.46 53.23
N VAL A 1123 -94.66 -23.06 54.14
CA VAL A 1123 -95.44 -24.04 54.85
C VAL A 1123 -96.92 -23.67 54.71
N PHE A 1124 -97.80 -24.66 54.87
CA PHE A 1124 -99.23 -24.46 54.76
C PHE A 1124 -99.88 -24.90 56.06
N ASN A 1125 -100.85 -24.11 56.52
CA ASN A 1125 -101.62 -24.35 57.74
C ASN A 1125 -103.08 -24.51 57.32
N GLY A 1126 -103.60 -25.72 57.44
CA GLY A 1126 -104.97 -25.98 57.05
C GLY A 1126 -105.88 -26.08 58.25
N HIS A 1127 -105.55 -25.33 59.29
CA HIS A 1127 -106.51 -25.13 60.36
C HIS A 1127 -107.40 -23.93 60.09
N ARG A 1128 -106.91 -22.97 59.29
CA ARG A 1128 -107.74 -21.83 58.91
C ARG A 1128 -107.59 -21.49 57.42
N GLY A 1129 -107.09 -22.40 56.60
CA GLY A 1129 -106.84 -22.12 55.19
C GLY A 1129 -105.83 -21.00 54.99
N GLN A 1130 -104.60 -21.21 55.41
CA GLN A 1130 -103.58 -20.17 55.46
C GLN A 1130 -102.26 -20.72 54.95
N ARG A 1131 -101.50 -19.93 54.20
CA ARG A 1131 -100.17 -20.34 53.80
C ARG A 1131 -99.15 -19.36 54.36
N TRP A 1132 -98.12 -19.90 54.99
CA TRP A 1132 -97.17 -19.10 55.75
C TRP A 1132 -95.83 -19.06 55.01
N HIS A 1133 -95.44 -17.86 54.60
CA HIS A 1133 -94.09 -17.54 54.15
C HIS A 1133 -93.90 -16.03 54.29
N LEU A 1134 -93.12 -15.61 55.30
CA LEU A 1134 -92.83 -14.21 55.59
C LEU A 1134 -94.10 -13.36 55.76
N GLY A 1135 -95.09 -13.95 56.41
CA GLY A 1135 -96.34 -13.26 56.65
C GLY A 1135 -97.51 -14.19 56.45
N SER A 1136 -98.68 -13.60 56.20
CA SER A 1136 -99.92 -14.33 56.10
C SER A 1136 -100.68 -13.94 54.84
N GLU A 1137 -101.27 -14.94 54.17
CA GLU A 1137 -102.11 -14.71 52.99
C GLU A 1137 -103.06 -15.88 52.79
N PRO A 1138 -104.34 -15.63 52.52
CA PRO A 1138 -105.32 -16.72 52.44
C PRO A 1138 -105.03 -17.69 51.30
N PHE A 1139 -105.36 -18.96 51.54
CA PHE A 1139 -105.14 -20.02 50.55
C PHE A 1139 -105.92 -21.28 50.91
N GLY A 1140 -106.71 -21.78 49.96
CA GLY A 1140 -107.36 -23.08 50.13
C GLY A 1140 -108.42 -23.09 51.21
N ARG A 1141 -108.68 -24.29 51.72
CA ARG A 1141 -109.68 -24.51 52.74
C ARG A 1141 -109.09 -25.33 53.87
N PRO A 1142 -109.59 -25.16 55.09
CA PRO A 1142 -109.16 -26.02 56.18
C PRO A 1142 -109.63 -27.46 56.00
N TRP A 1143 -108.85 -28.39 56.56
CA TRP A 1143 -109.21 -29.80 56.50
C TRP A 1143 -110.21 -30.16 57.59
N GLN A 1144 -110.48 -31.46 57.71
CA GLN A 1144 -111.16 -32.06 58.85
C GLN A 1144 -110.33 -33.24 59.33
N SER A 1145 -110.85 -33.94 60.35
CA SER A 1145 -110.15 -35.07 60.94
C SER A 1145 -109.99 -36.22 59.95
N GLY A 1146 -108.80 -36.82 59.92
CA GLY A 1146 -108.54 -37.94 59.04
C GLY A 1146 -108.09 -37.58 57.64
N ASP A 1147 -108.01 -36.29 57.33
CA ASP A 1147 -107.61 -35.85 56.00
C ASP A 1147 -106.13 -36.07 55.73
N VAL A 1148 -105.78 -36.30 54.47
CA VAL A 1148 -104.39 -36.53 54.07
C VAL A 1148 -103.98 -35.40 53.14
N VAL A 1149 -102.88 -34.72 53.49
CA VAL A 1149 -102.38 -33.59 52.71
C VAL A 1149 -101.14 -34.05 51.95
N GLY A 1150 -101.22 -34.04 50.63
CA GLY A 1150 -100.08 -34.40 49.81
C GLY A 1150 -99.34 -33.22 49.19
N CYS A 1151 -98.11 -32.99 49.64
CA CYS A 1151 -97.33 -31.85 49.22
C CYS A 1151 -96.56 -32.19 47.95
N MET A 1152 -96.79 -31.40 46.91
CA MET A 1152 -96.15 -31.45 45.60
C MET A 1152 -95.02 -30.44 45.61
N ILE A 1153 -93.95 -30.71 44.84
CA ILE A 1153 -92.88 -29.72 44.70
C ILE A 1153 -92.09 -30.06 43.43
N ASP A 1154 -91.71 -29.01 42.71
CA ASP A 1154 -90.98 -29.14 41.44
C ASP A 1154 -89.92 -28.05 41.46
N LEU A 1155 -88.70 -28.42 41.87
CA LEU A 1155 -87.59 -27.49 41.87
C LEU A 1155 -87.20 -27.06 40.47
N THR A 1156 -87.32 -27.95 39.49
CA THR A 1156 -87.00 -27.60 38.11
C THR A 1156 -87.95 -26.54 37.57
N GLU A 1157 -89.24 -26.67 37.88
CA GLU A 1157 -90.26 -25.72 37.46
C GLU A 1157 -90.48 -24.61 38.48
N ASN A 1158 -89.77 -24.64 39.61
CA ASN A 1158 -89.84 -23.62 40.67
C ASN A 1158 -91.26 -23.44 41.20
N THR A 1159 -91.92 -24.56 41.48
CA THR A 1159 -93.30 -24.55 41.94
C THR A 1159 -93.47 -25.40 43.18
N ILE A 1160 -94.40 -24.97 44.03
CA ILE A 1160 -94.80 -25.69 45.24
C ILE A 1160 -96.32 -25.75 45.23
N ILE A 1161 -96.87 -26.96 45.38
CA ILE A 1161 -98.33 -27.13 45.29
C ILE A 1161 -98.74 -28.00 46.47
N PHE A 1162 -99.97 -27.80 46.96
CA PHE A 1162 -100.52 -28.65 48.02
C PHE A 1162 -101.81 -29.28 47.53
N THR A 1163 -102.00 -30.56 47.85
CA THR A 1163 -103.20 -31.30 47.50
C THR A 1163 -103.84 -31.83 48.78
N LEU A 1164 -105.16 -31.94 48.77
CA LEU A 1164 -105.90 -32.40 49.95
C LEU A 1164 -106.90 -33.44 49.49
N ASN A 1165 -106.72 -34.67 49.98
CA ASN A 1165 -107.61 -35.81 49.71
C ASN A 1165 -107.79 -36.04 48.20
N GLY A 1166 -106.68 -35.93 47.47
CA GLY A 1166 -106.71 -36.08 46.03
C GLY A 1166 -107.26 -34.89 45.27
N GLU A 1167 -107.53 -33.78 45.96
CA GLU A 1167 -108.05 -32.57 45.34
C GLU A 1167 -107.01 -31.47 45.47
N VAL A 1168 -106.72 -30.80 44.36
CA VAL A 1168 -105.71 -29.74 44.35
C VAL A 1168 -106.27 -28.50 45.03
N LEU A 1169 -105.54 -28.01 46.04
CA LEU A 1169 -105.94 -26.79 46.73
C LEU A 1169 -105.82 -25.57 45.82
N MET A 1170 -106.77 -24.65 45.98
CA MET A 1170 -106.89 -23.49 45.10
C MET A 1170 -106.61 -22.21 45.89
N SER A 1171 -105.85 -21.31 45.28
CA SER A 1171 -105.60 -20.00 45.87
C SER A 1171 -106.79 -19.08 45.60
N ASP A 1172 -106.70 -17.84 46.09
CA ASP A 1172 -107.77 -16.87 45.89
C ASP A 1172 -107.65 -16.14 44.55
N SER A 1173 -107.45 -16.91 43.49
CA SER A 1173 -107.31 -16.44 42.11
C SER A 1173 -107.31 -17.69 41.23
N GLY A 1174 -107.06 -17.50 39.94
CA GLY A 1174 -106.89 -18.61 39.03
C GLY A 1174 -105.65 -19.46 39.27
N SER A 1175 -104.70 -18.96 40.06
CA SER A 1175 -103.49 -19.71 40.38
C SER A 1175 -103.82 -20.95 41.20
N GLU A 1176 -103.21 -22.08 40.82
CA GLU A 1176 -103.40 -23.34 41.51
C GLU A 1176 -102.13 -23.80 42.23
N THR A 1177 -101.10 -22.96 42.28
CA THR A 1177 -99.85 -23.31 42.92
C THR A 1177 -99.66 -22.43 44.16
N ALA A 1178 -99.19 -23.06 45.23
CA ALA A 1178 -98.98 -22.33 46.48
C ALA A 1178 -97.90 -21.26 46.33
N PHE A 1179 -96.78 -21.62 45.69
CA PHE A 1179 -95.70 -20.67 45.50
C PHE A 1179 -95.09 -20.88 44.13
N ARG A 1180 -94.48 -19.81 43.61
CA ARG A 1180 -93.86 -19.83 42.30
C ARG A 1180 -92.61 -18.96 42.35
N GLU A 1181 -91.72 -19.21 41.37
CA GLU A 1181 -90.43 -18.51 41.22
C GLU A 1181 -89.59 -18.61 42.48
N ILE A 1182 -89.27 -19.85 42.84
CA ILE A 1182 -88.48 -20.14 44.03
C ILE A 1182 -87.05 -20.49 43.61
N GLU A 1183 -86.09 -19.85 44.25
CA GLU A 1183 -84.69 -20.13 43.96
C GLU A 1183 -84.31 -21.47 44.58
N ILE A 1184 -83.44 -22.20 43.88
CA ILE A 1184 -83.01 -23.52 44.34
C ILE A 1184 -82.29 -23.40 45.68
N GLY A 1185 -81.30 -22.50 45.76
CA GLY A 1185 -80.58 -22.21 46.98
C GLY A 1185 -79.84 -23.42 47.51
N ASP A 1186 -79.74 -23.50 48.82
CA ASP A 1186 -79.09 -24.63 49.47
C ASP A 1186 -79.98 -25.86 49.57
N GLY A 1187 -81.27 -25.72 49.28
CA GLY A 1187 -82.18 -26.84 49.17
C GLY A 1187 -83.42 -26.66 50.00
N PHE A 1188 -84.27 -27.69 49.92
CA PHE A 1188 -85.50 -27.71 50.71
C PHE A 1188 -85.68 -29.09 51.32
N LEU A 1189 -86.49 -29.14 52.37
CA LEU A 1189 -86.64 -30.34 53.15
C LEU A 1189 -88.09 -30.47 53.58
N PRO A 1190 -88.67 -31.67 53.53
CA PRO A 1190 -90.08 -31.85 53.92
C PRO A 1190 -90.26 -31.65 55.42
N VAL A 1191 -91.09 -30.67 55.79
CA VAL A 1191 -91.22 -30.31 57.20
C VAL A 1191 -92.69 -30.32 57.61
N CYS A 1192 -92.97 -30.86 58.80
CA CYS A 1192 -94.31 -30.78 59.36
C CYS A 1192 -94.20 -30.49 60.85
N SER A 1193 -95.22 -29.81 61.37
CA SER A 1193 -95.25 -29.43 62.77
C SER A 1193 -96.63 -29.72 63.31
N LEU A 1194 -96.68 -29.87 64.64
CA LEU A 1194 -97.90 -30.18 65.37
C LEU A 1194 -98.04 -29.31 66.60
N GLY A 1195 -99.25 -28.80 66.82
CA GLY A 1195 -99.59 -27.97 67.96
C GLY A 1195 -99.94 -28.80 69.19
N PRO A 1196 -100.46 -28.14 70.22
CA PRO A 1196 -100.85 -28.87 71.44
C PRO A 1196 -102.00 -29.82 71.19
N GLY A 1197 -101.89 -31.02 71.77
CA GLY A 1197 -102.90 -32.05 71.61
C GLY A 1197 -103.14 -32.50 70.18
N GLN A 1198 -102.07 -32.74 69.43
CA GLN A 1198 -102.16 -33.11 68.03
C GLN A 1198 -101.44 -34.43 67.78
N VAL A 1199 -102.02 -35.23 66.89
CA VAL A 1199 -101.47 -36.52 66.47
C VAL A 1199 -101.49 -36.53 64.95
N GLY A 1200 -100.33 -36.76 64.34
CA GLY A 1200 -100.30 -36.74 62.88
C GLY A 1200 -99.31 -37.70 62.26
N HIS A 1201 -99.74 -38.41 61.22
CA HIS A 1201 -98.85 -39.37 60.56
C HIS A 1201 -98.08 -38.73 59.43
N LEU A 1202 -96.77 -38.94 59.41
CA LEU A 1202 -95.96 -38.47 58.29
C LEU A 1202 -95.58 -39.66 57.43
N ASN A 1203 -95.89 -39.57 56.14
CA ASN A 1203 -95.67 -40.64 55.19
C ASN A 1203 -94.78 -40.07 54.09
N LEU A 1204 -93.47 -40.30 54.22
CA LEU A 1204 -92.51 -39.88 53.20
C LEU A 1204 -92.55 -40.78 51.97
N GLY A 1205 -93.23 -41.92 52.06
CA GLY A 1205 -93.43 -42.79 50.93
C GLY A 1205 -92.28 -43.75 50.72
N GLN A 1206 -91.78 -44.34 51.80
CA GLN A 1206 -90.81 -45.42 51.65
C GLN A 1206 -91.45 -46.61 50.95
N ASP A 1207 -92.67 -46.95 51.32
CA ASP A 1207 -93.50 -47.88 50.57
C ASP A 1207 -94.53 -47.06 49.83
N VAL A 1208 -94.51 -47.14 48.49
CA VAL A 1208 -95.40 -46.31 47.67
C VAL A 1208 -96.86 -46.69 47.90
N SER A 1209 -97.13 -47.96 48.21
CA SER A 1209 -98.48 -48.43 48.47
C SER A 1209 -99.05 -47.81 49.74
N SER A 1210 -98.17 -47.32 50.64
CA SER A 1210 -98.64 -46.67 51.84
C SER A 1210 -99.36 -45.37 51.50
N LEU A 1211 -98.91 -44.68 50.45
CA LEU A 1211 -99.58 -43.46 50.01
C LEU A 1211 -100.98 -43.78 49.47
N ARG A 1212 -101.95 -42.95 49.84
CA ARG A 1212 -103.33 -43.16 49.43
C ARG A 1212 -103.74 -42.39 48.19
N PHE A 1213 -103.26 -41.15 48.04
CA PHE A 1213 -103.70 -40.29 46.97
C PHE A 1213 -102.59 -40.01 45.96
N PHE A 1214 -101.48 -40.75 46.04
CA PHE A 1214 -100.39 -40.58 45.08
C PHE A 1214 -100.81 -40.95 43.67
N ALA A 1215 -101.56 -42.05 43.54
CA ALA A 1215 -102.07 -42.45 42.23
C ALA A 1215 -103.04 -41.41 41.69
N ILE A 1216 -103.86 -40.84 42.57
CA ILE A 1216 -104.82 -39.81 42.17
C ILE A 1216 -104.09 -38.56 41.69
N CYS A 1217 -103.05 -38.13 42.41
CA CYS A 1217 -102.33 -36.93 42.03
C CYS A 1217 -100.84 -37.15 42.26
N GLY A 1218 -100.05 -36.89 41.22
CA GLY A 1218 -98.60 -37.00 41.33
C GLY A 1218 -98.00 -38.14 40.54
N LEU A 1219 -98.66 -39.31 40.54
CA LEU A 1219 -98.11 -40.47 39.84
C LEU A 1219 -98.06 -40.24 38.34
N GLN A 1220 -99.12 -39.69 37.76
CA GLN A 1220 -99.14 -39.45 36.34
C GLN A 1220 -98.39 -38.18 35.94
N GLU A 1221 -97.99 -37.37 36.92
CA GLU A 1221 -97.25 -36.15 36.66
C GLU A 1221 -95.75 -36.35 36.73
N GLY A 1222 -95.28 -37.58 36.91
CA GLY A 1222 -93.86 -37.84 37.04
C GLY A 1222 -93.29 -37.60 38.41
N PHE A 1223 -94.10 -37.23 39.39
CA PHE A 1223 -93.60 -36.98 40.74
C PHE A 1223 -93.22 -38.28 41.42
N GLU A 1224 -92.33 -38.18 42.39
CA GLU A 1224 -91.84 -39.34 43.12
C GLU A 1224 -91.94 -39.09 44.62
N PRO A 1225 -92.13 -40.16 45.40
CA PRO A 1225 -92.09 -40.02 46.86
C PRO A 1225 -90.70 -39.60 47.31
N PHE A 1226 -90.64 -38.87 48.42
CA PHE A 1226 -89.39 -38.32 48.92
C PHE A 1226 -88.38 -39.40 49.27
N ALA A 1227 -88.83 -40.51 49.84
CA ALA A 1227 -87.94 -41.60 50.24
C ALA A 1227 -88.31 -42.89 49.54
N ILE A 1228 -88.58 -42.82 48.23
CA ILE A 1228 -89.14 -43.96 47.50
C ILE A 1228 -88.16 -45.13 47.44
N ASN A 1229 -86.88 -44.87 47.19
CA ASN A 1229 -85.89 -45.94 47.11
C ASN A 1229 -84.89 -45.67 48.22
N MET A 1230 -85.24 -46.07 49.43
CA MET A 1230 -84.39 -45.92 50.61
C MET A 1230 -84.71 -47.10 51.52
N GLN A 1231 -83.70 -47.95 51.76
CA GLN A 1231 -83.90 -49.15 52.57
CA GLN A 1231 -83.90 -49.15 52.57
C GLN A 1231 -84.29 -48.80 54.00
N ARG A 1232 -83.65 -47.84 54.58
CA ARG A 1232 -84.03 -47.51 55.94
C ARG A 1232 -84.91 -46.27 55.96
N PRO A 1233 -85.85 -46.20 56.91
CA PRO A 1233 -86.69 -45.01 57.03
C PRO A 1233 -85.85 -43.77 57.32
N VAL A 1234 -86.25 -42.65 56.73
CA VAL A 1234 -85.50 -41.41 56.86
C VAL A 1234 -85.53 -40.93 58.30
N THR A 1235 -84.35 -40.62 58.84
CA THR A 1235 -84.27 -40.13 60.20
C THR A 1235 -84.83 -38.71 60.29
N THR A 1236 -85.75 -38.52 61.22
CA THR A 1236 -86.37 -37.25 61.48
C THR A 1236 -85.75 -36.61 62.72
N TRP A 1237 -85.82 -35.29 62.75
CA TRP A 1237 -85.32 -34.45 63.82
C TRP A 1237 -86.47 -33.59 64.33
N PHE A 1238 -86.54 -33.44 65.64
CA PHE A 1238 -87.60 -32.63 66.24
C PHE A 1238 -86.96 -31.52 67.05
N SER A 1239 -87.63 -30.39 67.06
CA SER A 1239 -87.14 -29.28 67.88
C SER A 1239 -87.35 -29.61 69.35
N LYS A 1240 -86.28 -29.97 70.03
CA LYS A 1240 -86.35 -30.34 71.44
C LYS A 1240 -86.60 -29.11 72.29
N SER A 1241 -87.62 -29.21 73.15
CA SER A 1241 -88.02 -28.17 74.08
C SER A 1241 -87.29 -28.31 75.41
N LEU A 1242 -85.97 -28.40 75.37
CA LEU A 1242 -85.16 -28.52 76.58
C LEU A 1242 -84.02 -27.53 76.46
N PRO A 1243 -84.00 -26.48 77.30
CA PRO A 1243 -82.95 -25.46 77.21
C PRO A 1243 -81.55 -26.03 77.47
N GLN A 1244 -80.59 -25.58 76.68
CA GLN A 1244 -79.20 -26.01 76.80
C GLN A 1244 -78.29 -24.82 76.58
N PHE A 1245 -77.34 -24.60 77.50
CA PHE A 1245 -76.43 -23.47 77.39
C PHE A 1245 -75.50 -23.68 76.19
N GLU A 1246 -75.50 -22.72 75.27
CA GLU A 1246 -74.63 -22.74 74.10
C GLU A 1246 -74.12 -21.33 73.88
N PRO A 1247 -72.93 -21.17 73.28
CA PRO A 1247 -72.32 -19.83 73.13
C PRO A 1247 -73.15 -18.91 72.26
N VAL A 1248 -73.02 -17.61 72.54
CA VAL A 1248 -73.73 -16.57 71.80
C VAL A 1248 -73.16 -16.48 70.39
N PRO A 1249 -74.02 -16.36 69.37
CA PRO A 1249 -73.53 -16.06 68.02
C PRO A 1249 -72.86 -14.70 67.99
N PRO A 1250 -71.77 -14.55 67.24
CA PRO A 1250 -71.10 -13.24 67.16
C PRO A 1250 -71.93 -12.14 66.54
N GLU A 1251 -72.93 -12.48 65.73
CA GLU A 1251 -73.74 -11.51 65.00
C GLU A 1251 -75.12 -11.41 65.68
N HIS A 1252 -75.14 -11.42 67.00
CA HIS A 1252 -76.42 -11.28 67.68
C HIS A 1252 -76.87 -9.82 67.59
N PRO A 1253 -78.06 -9.56 67.04
CA PRO A 1253 -78.51 -8.16 66.87
C PRO A 1253 -78.69 -7.39 68.16
N HIS A 1254 -79.08 -8.05 69.25
CA HIS A 1254 -79.41 -7.36 70.49
C HIS A 1254 -78.32 -7.45 71.54
N TYR A 1255 -77.72 -8.63 71.73
CA TYR A 1255 -76.79 -8.87 72.81
C TYR A 1255 -75.37 -8.96 72.29
N GLU A 1256 -74.41 -8.58 73.14
CA GLU A 1256 -73.01 -8.60 72.77
C GLU A 1256 -72.17 -8.80 74.02
N VAL A 1257 -71.08 -9.54 73.87
CA VAL A 1257 -70.15 -9.80 74.97
C VAL A 1257 -68.80 -9.19 74.58
N ALA A 1258 -68.25 -8.37 75.48
CA ALA A 1258 -66.99 -7.69 75.22
C ALA A 1258 -65.86 -8.35 76.00
N ARG A 1259 -64.80 -8.72 75.29
CA ARG A 1259 -63.61 -9.29 75.90
C ARG A 1259 -62.45 -8.34 75.66
N MET A 1260 -61.92 -7.75 76.73
CA MET A 1260 -60.80 -6.83 76.65
C MET A 1260 -59.60 -7.43 77.35
N ASP A 1261 -58.41 -7.11 76.84
CA ASP A 1261 -57.18 -7.61 77.41
C ASP A 1261 -56.95 -6.98 78.78
N GLY A 1262 -56.48 -7.81 79.72
CA GLY A 1262 -56.24 -7.38 81.09
C GLY A 1262 -55.18 -6.30 81.21
N THR A 1263 -55.50 -5.23 81.92
CA THR A 1263 -54.56 -4.14 82.14
C THR A 1263 -53.73 -4.39 83.39
N VAL A 1264 -52.75 -3.53 83.61
CA VAL A 1264 -51.89 -3.63 84.79
C VAL A 1264 -52.67 -3.36 86.07
N ASP A 1265 -53.75 -2.59 85.98
CA ASP A 1265 -54.56 -2.24 87.14
C ASP A 1265 -55.90 -2.96 87.22
N THR A 1266 -56.40 -3.48 86.09
CA THR A 1266 -57.68 -4.17 86.08
C THR A 1266 -57.54 -5.54 85.45
N PRO A 1267 -58.21 -6.55 86.00
CA PRO A 1267 -58.12 -7.91 85.45
C PRO A 1267 -58.94 -8.02 84.18
N PRO A 1268 -58.71 -9.06 83.35
CA PRO A 1268 -59.59 -9.28 82.20
C PRO A 1268 -61.04 -9.55 82.60
N CYS A 1269 -61.94 -9.03 81.77
CA CYS A 1269 -63.36 -9.06 82.07
C CYS A 1269 -64.13 -9.42 80.81
N LEU A 1270 -65.34 -9.93 81.04
CA LEU A 1270 -66.31 -10.32 80.03
C LEU A 1270 -67.52 -9.41 80.23
N ARG A 1271 -67.51 -8.24 79.58
CA ARG A 1271 -68.58 -7.28 79.78
C ARG A 1271 -69.70 -7.55 78.77
N LEU A 1272 -70.93 -7.61 79.26
CA LEU A 1272 -72.10 -7.83 78.42
C LEU A 1272 -72.73 -6.49 78.10
N ALA A 1273 -72.97 -6.23 76.82
CA ALA A 1273 -73.54 -4.97 76.38
C ALA A 1273 -74.73 -5.24 75.47
N HIS A 1274 -75.84 -4.56 75.74
CA HIS A 1274 -77.04 -4.67 74.93
C HIS A 1274 -76.90 -3.73 73.74
N ARG A 1275 -76.91 -4.29 72.52
CA ARG A 1275 -76.65 -3.50 71.33
C ARG A 1275 -77.76 -2.49 71.06
N THR A 1276 -79.01 -2.94 71.07
CA THR A 1276 -80.13 -2.11 70.63
C THR A 1276 -80.93 -1.53 71.79
N TRP A 1277 -80.40 -1.59 73.01
CA TRP A 1277 -81.07 -0.98 74.15
C TRP A 1277 -81.19 0.53 73.97
N GLY A 1278 -82.39 1.05 74.20
CA GLY A 1278 -82.68 2.45 73.99
C GLY A 1278 -83.12 2.80 72.58
N SER A 1279 -83.11 1.83 71.67
CA SER A 1279 -83.55 2.04 70.30
C SER A 1279 -84.95 1.48 70.12
N GLN A 1280 -85.46 1.56 68.89
CA GLN A 1280 -86.77 1.02 68.59
C GLN A 1280 -86.71 -0.51 68.60
N ASN A 1281 -87.89 -1.12 68.84
CA ASN A 1281 -88.23 -2.54 68.81
C ASN A 1281 -87.15 -3.49 69.33
N SER A 1282 -86.51 -3.10 70.43
CA SER A 1282 -85.44 -3.88 71.02
C SER A 1282 -85.99 -5.11 71.73
N LEU A 1283 -85.17 -6.15 71.79
CA LEU A 1283 -85.54 -7.39 72.45
C LEU A 1283 -85.18 -7.25 73.93
N VAL A 1284 -86.21 -7.22 74.78
CA VAL A 1284 -86.04 -7.15 76.22
C VAL A 1284 -86.73 -8.37 76.82
N GLU A 1285 -85.97 -9.13 77.61
CA GLU A 1285 -86.40 -10.38 78.23
C GLU A 1285 -85.35 -10.79 79.25
N MET A 1286 -85.75 -11.66 80.17
CA MET A 1286 -84.85 -12.19 81.19
C MET A 1286 -83.71 -12.95 80.52
N LEU A 1287 -82.48 -12.68 80.93
CA LEU A 1287 -81.32 -13.23 80.25
C LEU A 1287 -80.55 -14.11 81.23
N PHE A 1288 -80.24 -15.32 80.79
CA PHE A 1288 -79.47 -16.28 81.58
C PHE A 1288 -78.07 -16.35 81.00
N LEU A 1289 -77.06 -16.20 81.85
CA LEU A 1289 -75.68 -16.23 81.40
C LEU A 1289 -74.90 -17.17 82.28
N ARG A 1290 -73.91 -17.83 81.67
CA ARG A 1290 -72.99 -18.68 82.41
C ARG A 1290 -71.65 -18.71 81.69
N LEU A 1291 -70.62 -19.06 82.43
CA LEU A 1291 -69.31 -19.28 81.81
C LEU A 1291 -69.26 -20.68 81.22
N SER A 1292 -68.43 -20.85 80.19
CA SER A 1292 -68.43 -22.12 79.48
C SER A 1292 -67.74 -23.26 80.23
N LEU A 1293 -67.04 -22.99 81.33
CA LEU A 1293 -66.32 -24.06 82.00
C LEU A 1293 -66.70 -24.17 83.47
N PRO A 1294 -66.74 -25.39 84.01
CA PRO A 1294 -67.04 -25.58 85.44
C PRO A 1294 -65.82 -25.71 86.33
N VAL A 1295 -66.06 -25.80 87.63
CA VAL A 1295 -65.05 -26.11 88.63
C VAL A 1295 -65.53 -27.29 89.46
N GLN A 1296 -64.61 -28.20 89.76
CA GLN A 1296 -64.90 -29.42 90.50
C GLN A 1296 -64.23 -29.35 91.87
N PHE A 1297 -65.01 -29.67 92.91
CA PHE A 1297 -64.46 -29.71 94.26
C PHE A 1297 -63.53 -30.91 94.43
N HIS A 1298 -62.73 -30.86 95.50
CA HIS A 1298 -61.87 -31.98 95.85
C HIS A 1298 -62.71 -33.18 96.25
N GLN A 1299 -62.20 -34.37 95.92
CA GLN A 1299 -62.97 -35.60 96.14
C GLN A 1299 -63.18 -35.89 97.63
N HIS A 1300 -62.18 -35.63 98.46
CA HIS A 1300 -62.32 -35.82 99.90
C HIS A 1300 -62.19 -34.47 100.59
N PHE A 1301 -63.09 -34.19 101.52
CA PHE A 1301 -63.06 -32.94 102.26
C PHE A 1301 -62.08 -33.04 103.42
N ARG A 1302 -61.39 -31.93 103.68
CA ARG A 1302 -60.42 -31.87 104.77
C ARG A 1302 -61.10 -32.09 106.11
N CYS A 1303 -60.42 -32.82 107.00
CA CYS A 1303 -60.98 -33.18 108.29
C CYS A 1303 -61.19 -31.95 109.16
N THR A 1304 -62.16 -32.08 110.08
CA THR A 1304 -62.60 -31.05 111.03
C THR A 1304 -63.02 -29.75 110.35
N ASP A 1419 -47.31 -3.02 100.41
CA ASP A 1419 -48.50 -3.54 101.06
C ASP A 1419 -49.38 -4.30 100.07
N ASN A 1420 -50.25 -5.16 100.61
CA ASN A 1420 -51.18 -6.03 99.87
C ASN A 1420 -50.41 -6.98 98.95
N ARG A 1421 -49.51 -7.74 99.56
CA ARG A 1421 -48.72 -8.75 98.86
C ARG A 1421 -49.13 -10.11 99.40
N ASP A 1422 -49.38 -11.06 98.51
CA ASP A 1422 -49.86 -12.37 98.92
C ASP A 1422 -48.77 -13.15 99.66
N ASP A 1423 -49.22 -14.07 100.51
CA ASP A 1423 -48.32 -15.02 101.14
C ASP A 1423 -48.00 -16.11 100.13
N PRO A 1424 -46.71 -16.32 99.80
CA PRO A 1424 -46.36 -17.33 98.76
C PRO A 1424 -46.83 -18.74 99.05
N GLU A 1425 -46.89 -19.15 100.32
CA GLU A 1425 -47.32 -20.51 100.61
C GLU A 1425 -48.84 -20.61 100.80
N ILE A 1426 -49.48 -19.56 101.33
CA ILE A 1426 -50.93 -19.55 101.41
C ILE A 1426 -51.55 -19.52 100.03
N ILE A 1427 -51.03 -18.68 99.13
CA ILE A 1427 -51.53 -18.62 97.75
C ILE A 1427 -51.35 -19.94 97.00
N LEU A 1428 -50.39 -20.79 97.42
CA LEU A 1428 -50.22 -22.10 96.83
C LEU A 1428 -51.01 -23.20 97.54
N ASN A 1429 -51.38 -23.00 98.80
CA ASN A 1429 -52.12 -24.00 99.55
C ASN A 1429 -53.59 -23.66 99.74
N THR A 1430 -54.04 -22.52 99.21
CA THR A 1430 -55.44 -22.13 99.34
C THR A 1430 -56.32 -23.02 98.46
N THR A 1431 -57.58 -23.12 98.87
CA THR A 1431 -58.58 -23.88 98.12
C THR A 1431 -59.83 -23.07 97.87
N THR A 1432 -59.76 -21.75 97.97
CA THR A 1432 -60.91 -20.89 97.72
C THR A 1432 -60.57 -19.96 96.56
N TYR A 1433 -61.50 -19.85 95.62
CA TYR A 1433 -61.32 -19.08 94.41
C TYR A 1433 -62.44 -18.05 94.26
N TYR A 1434 -62.06 -16.89 93.74
CA TYR A 1434 -62.88 -15.69 93.71
C TYR A 1434 -63.06 -15.16 92.30
N TYR A 1435 -64.29 -14.73 91.99
CA TYR A 1435 -64.54 -13.92 90.82
C TYR A 1435 -65.52 -12.84 91.25
N SER A 1436 -65.87 -11.95 90.32
CA SER A 1436 -66.81 -10.89 90.66
C SER A 1436 -67.52 -10.45 89.41
N VAL A 1437 -68.61 -9.72 89.59
CA VAL A 1437 -69.31 -9.09 88.48
C VAL A 1437 -69.56 -7.63 88.85
N ARG A 1438 -69.29 -6.74 87.90
CA ARG A 1438 -69.42 -5.29 88.12
C ARG A 1438 -70.73 -4.83 87.46
N VAL A 1439 -71.77 -4.74 88.27
CA VAL A 1439 -73.08 -4.22 87.83
C VAL A 1439 -72.91 -2.71 87.62
N PHE A 1440 -72.91 -2.29 86.36
CA PHE A 1440 -72.65 -0.91 85.99
C PHE A 1440 -73.78 0.01 86.44
N ALA A 1441 -73.45 1.30 86.52
CA ALA A 1441 -74.46 2.33 86.79
C ALA A 1441 -75.49 2.35 85.67
N GLY A 1442 -76.76 2.43 86.06
CA GLY A 1442 -77.86 2.34 85.15
C GLY A 1442 -78.48 0.96 85.08
N GLN A 1443 -77.83 -0.04 85.65
CA GLN A 1443 -78.39 -1.38 85.74
C GLN A 1443 -78.88 -1.60 87.17
N GLU A 1444 -80.15 -1.96 87.31
CA GLU A 1444 -80.77 -2.10 88.62
C GLU A 1444 -80.39 -3.43 89.25
N PRO A 1445 -79.72 -3.45 90.41
CA PRO A 1445 -79.41 -4.72 91.08
C PRO A 1445 -80.63 -5.49 91.55
N SER A 1446 -81.79 -4.84 91.64
CA SER A 1446 -83.04 -5.51 91.99
C SER A 1446 -83.50 -6.52 90.94
N CYS A 1447 -82.92 -6.49 89.75
CA CYS A 1447 -83.20 -7.46 88.70
C CYS A 1447 -81.92 -8.16 88.27
N VAL A 1448 -81.00 -8.37 89.21
CA VAL A 1448 -79.74 -9.06 88.96
C VAL A 1448 -79.60 -10.19 89.97
N TRP A 1449 -79.31 -11.38 89.48
CA TRP A 1449 -79.05 -12.56 90.31
C TRP A 1449 -77.67 -13.08 89.95
N VAL A 1450 -76.80 -13.26 90.95
CA VAL A 1450 -75.41 -13.60 90.73
C VAL A 1450 -75.06 -14.82 91.58
N GLY A 1451 -74.47 -15.83 90.94
CA GLY A 1451 -74.11 -17.03 91.67
C GLY A 1451 -73.56 -18.17 90.84
N TRP A 1452 -74.05 -19.38 91.09
CA TRP A 1452 -73.57 -20.57 90.41
C TRP A 1452 -74.73 -21.48 90.02
N VAL A 1453 -74.49 -22.30 88.99
CA VAL A 1453 -75.43 -23.33 88.57
C VAL A 1453 -74.67 -24.62 88.29
N THR A 1454 -75.28 -25.74 88.65
CA THR A 1454 -74.80 -27.05 88.23
C THR A 1454 -75.18 -27.25 86.76
N PRO A 1455 -74.47 -28.11 86.02
CA PRO A 1455 -74.76 -28.28 84.58
C PRO A 1455 -76.16 -28.82 84.26
N ASP A 1456 -76.85 -29.43 85.22
CA ASP A 1456 -78.18 -29.98 84.96
C ASP A 1456 -79.29 -28.94 85.09
N TYR A 1457 -78.96 -27.71 85.45
CA TYR A 1457 -79.96 -26.64 85.56
C TYR A 1457 -80.49 -26.32 84.16
N HIS A 1458 -81.73 -26.73 83.89
CA HIS A 1458 -82.35 -26.61 82.57
C HIS A 1458 -83.72 -25.95 82.70
N GLN A 1459 -83.81 -24.87 83.46
CA GLN A 1459 -85.04 -24.14 83.69
C GLN A 1459 -84.94 -22.73 83.10
N HIS A 1460 -85.92 -22.36 82.27
CA HIS A 1460 -85.97 -21.04 81.65
C HIS A 1460 -87.19 -20.29 82.19
N ASP A 1461 -86.94 -19.22 82.95
CA ASP A 1461 -88.00 -18.42 83.56
C ASP A 1461 -87.90 -16.96 83.11
N MET A 1462 -88.99 -16.44 82.54
CA MET A 1462 -89.01 -15.03 82.16
C MET A 1462 -89.13 -14.10 83.35
N ASN A 1463 -89.68 -14.57 84.45
CA ASN A 1463 -89.84 -13.77 85.66
C ASN A 1463 -89.09 -14.40 86.82
N PHE A 1464 -87.84 -14.79 86.55
CA PHE A 1464 -87.04 -15.58 87.47
C PHE A 1464 -86.81 -14.85 88.79
N ASP A 1465 -86.86 -15.61 89.88
CA ASP A 1465 -86.49 -15.15 91.20
C ASP A 1465 -85.97 -16.36 91.97
N LEU A 1466 -85.37 -16.08 93.14
CA LEU A 1466 -84.76 -17.12 93.96
C LEU A 1466 -85.77 -18.10 94.55
N SER A 1467 -87.07 -17.79 94.47
CA SER A 1467 -88.10 -18.71 94.97
C SER A 1467 -88.28 -19.92 94.06
N LYS A 1468 -88.04 -19.76 92.76
CA LYS A 1468 -88.22 -20.85 91.82
C LYS A 1468 -86.98 -21.72 91.65
N VAL A 1469 -85.91 -21.44 92.39
CA VAL A 1469 -84.71 -22.26 92.34
C VAL A 1469 -85.02 -23.64 92.90
N ARG A 1470 -84.71 -24.67 92.12
CA ARG A 1470 -84.97 -26.05 92.52
C ARG A 1470 -84.10 -26.43 93.71
N ALA A 1471 -84.71 -27.07 94.71
CA ALA A 1471 -83.99 -27.47 95.91
C ALA A 1471 -84.68 -28.67 96.54
N VAL A 1472 -83.88 -29.50 97.23
CA VAL A 1472 -84.39 -30.65 97.96
C VAL A 1472 -83.31 -31.05 98.95
N THR A 1473 -83.73 -31.58 100.10
CA THR A 1473 -82.81 -32.01 101.14
C THR A 1473 -83.11 -33.47 101.47
N VAL A 1474 -82.11 -34.32 101.37
CA VAL A 1474 -82.26 -35.73 101.74
C VAL A 1474 -81.93 -35.85 103.22
N THR A 1475 -82.88 -36.34 103.99
CA THR A 1475 -82.76 -36.43 105.44
C THR A 1475 -82.75 -37.90 105.84
N MET A 1476 -81.77 -38.28 106.66
CA MET A 1476 -81.49 -39.66 106.99
C MET A 1476 -81.19 -39.76 108.48
N GLY A 1477 -81.61 -40.88 109.07
CA GLY A 1477 -81.36 -41.14 110.48
C GLY A 1477 -81.19 -42.63 110.73
N ASP A 1478 -81.21 -43.05 111.98
CA ASP A 1478 -81.16 -44.47 112.28
C ASP A 1478 -82.60 -45.01 112.30
N GLU A 1479 -82.74 -46.29 112.66
CA GLU A 1479 -84.03 -46.98 112.61
C GLU A 1479 -85.09 -46.36 113.53
N GLN A 1480 -84.67 -45.60 114.55
CA GLN A 1480 -85.60 -44.95 115.48
C GLN A 1480 -85.26 -43.45 115.48
N GLY A 1481 -85.80 -42.74 114.49
CA GLY A 1481 -85.60 -41.30 114.35
C GLY A 1481 -84.13 -40.95 114.22
N ASN A 1482 -83.69 -40.00 115.07
CA ASN A 1482 -82.30 -39.55 115.24
C ASN A 1482 -81.63 -39.22 113.91
N VAL A 1483 -82.17 -38.18 113.25
CA VAL A 1483 -81.68 -37.75 111.95
C VAL A 1483 -80.25 -37.23 112.05
N HIS A 1484 -79.33 -37.96 111.41
CA HIS A 1484 -77.91 -37.65 111.46
C HIS A 1484 -77.31 -37.28 110.11
N SER A 1485 -78.10 -37.23 109.04
CA SER A 1485 -77.57 -36.85 107.73
C SER A 1485 -78.61 -36.01 107.00
N SER A 1486 -78.30 -34.74 106.77
CA SER A 1486 -79.22 -33.85 106.07
C SER A 1486 -78.41 -33.10 105.02
N LEU A 1487 -78.51 -33.57 103.78
CA LEU A 1487 -77.74 -33.01 102.68
C LEU A 1487 -78.67 -32.29 101.72
N LYS A 1488 -78.32 -31.06 101.36
CA LYS A 1488 -79.14 -30.27 100.45
C LYS A 1488 -78.57 -30.29 99.05
N CYS A 1489 -79.47 -30.31 98.06
CA CYS A 1489 -79.17 -30.35 96.63
C CYS A 1489 -79.94 -29.23 95.97
N SER A 1490 -79.29 -28.59 95.00
CA SER A 1490 -79.90 -27.52 94.22
C SER A 1490 -79.16 -27.41 92.90
N ASN A 1491 -79.87 -26.97 91.87
CA ASN A 1491 -79.26 -26.76 90.58
C ASN A 1491 -78.78 -25.33 90.38
N CYS A 1492 -79.01 -24.47 91.36
CA CYS A 1492 -78.67 -23.06 91.25
C CYS A 1492 -78.27 -22.56 92.63
N TYR A 1493 -77.07 -22.01 92.75
CA TYR A 1493 -76.55 -21.46 94.01
C TYR A 1493 -76.25 -20.00 93.72
N MET A 1494 -77.23 -19.14 93.98
CA MET A 1494 -77.24 -17.79 93.44
C MET A 1494 -77.94 -16.84 94.41
N VAL A 1495 -77.39 -15.62 94.51
CA VAL A 1495 -77.87 -14.62 95.45
C VAL A 1495 -78.42 -13.42 94.69
N TRP A 1496 -79.55 -12.90 95.16
CA TRP A 1496 -80.19 -11.77 94.52
C TRP A 1496 -79.42 -10.50 94.84
N GLY A 1497 -79.16 -9.69 93.82
CA GLY A 1497 -78.45 -8.44 94.02
C GLY A 1497 -79.28 -7.33 94.64
N GLY A 1498 -80.60 -7.50 94.68
CA GLY A 1498 -81.46 -6.49 95.27
C GLY A 1498 -81.36 -6.39 96.76
N ASP A 1499 -80.81 -7.39 97.43
CA ASP A 1499 -80.59 -7.35 98.86
C ASP A 1499 -79.24 -6.75 99.23
N PHE A 1500 -78.47 -6.29 98.23
CA PHE A 1500 -77.12 -5.79 98.45
C PHE A 1500 -77.01 -4.28 98.21
N VAL A 1501 -78.13 -3.58 98.18
CA VAL A 1501 -78.15 -2.15 97.89
C VAL A 1501 -78.53 -1.38 99.13
N SER A 1502 -78.16 -0.10 99.15
CA SER A 1502 -78.49 0.76 100.27
C SER A 1502 -79.99 1.03 100.28
N PRO A 1503 -80.68 0.81 101.40
CA PRO A 1503 -82.14 1.03 101.46
C PRO A 1503 -82.52 2.50 101.63
N GLY A 1504 -82.14 3.32 100.65
CA GLY A 1504 -82.52 4.72 100.67
C GLY A 1504 -83.92 4.94 100.15
N GLN A 1505 -84.43 6.16 100.40
CA GLN A 1505 -85.76 6.54 99.93
C GLN A 1505 -85.81 6.56 98.41
N GLN A 1506 -84.82 7.18 97.78
CA GLN A 1506 -84.75 7.24 96.32
C GLN A 1506 -83.29 7.34 95.92
N GLY A 1507 -83.02 7.01 94.66
CA GLY A 1507 -81.68 6.94 94.15
C GLY A 1507 -81.27 5.49 93.97
N ARG A 1508 -82.25 4.67 93.59
CA ARG A 1508 -82.02 3.24 93.41
C ARG A 1508 -81.02 2.95 92.29
N ILE A 1509 -80.93 3.85 91.31
CA ILE A 1509 -79.93 3.75 90.24
C ILE A 1509 -78.62 4.25 90.83
N SER A 1510 -77.78 3.32 91.29
CA SER A 1510 -76.54 3.70 91.97
C SER A 1510 -75.56 4.31 90.99
N HIS A 1511 -75.00 5.47 91.35
CA HIS A 1511 -73.95 6.08 90.56
C HIS A 1511 -72.67 5.27 90.61
N THR A 1512 -72.43 4.56 91.69
CA THR A 1512 -71.26 3.69 91.85
C THR A 1512 -71.64 2.27 91.49
N ASP A 1513 -70.80 1.62 90.68
CA ASP A 1513 -71.07 0.28 90.19
C ASP A 1513 -71.00 -0.72 91.34
N LEU A 1514 -71.97 -1.61 91.42
CA LEU A 1514 -71.99 -2.64 92.46
C LEU A 1514 -71.13 -3.82 92.02
N VAL A 1515 -70.14 -4.19 92.82
CA VAL A 1515 -69.23 -5.26 92.46
C VAL A 1515 -69.47 -6.39 93.46
N ILE A 1516 -70.19 -7.40 93.01
CA ILE A 1516 -70.52 -8.56 93.84
C ILE A 1516 -69.63 -9.73 93.44
N GLY A 1517 -68.96 -10.34 94.41
CA GLY A 1517 -68.07 -11.45 94.13
C GLY A 1517 -68.50 -12.74 94.81
N CYS A 1518 -68.18 -13.85 94.17
CA CYS A 1518 -68.50 -15.17 94.71
C CYS A 1518 -67.23 -15.99 94.90
N LEU A 1519 -67.14 -16.66 96.05
CA LEU A 1519 -65.96 -17.44 96.41
C LEU A 1519 -66.36 -18.88 96.68
N VAL A 1520 -65.56 -19.82 96.21
CA VAL A 1520 -65.82 -21.24 96.42
C VAL A 1520 -64.60 -21.91 97.04
N ASP A 1521 -64.84 -22.72 98.06
CA ASP A 1521 -63.82 -23.51 98.73
C ASP A 1521 -64.02 -24.95 98.30
N LEU A 1522 -63.05 -25.48 97.57
CA LEU A 1522 -63.08 -26.82 97.00
C LEU A 1522 -62.83 -27.89 98.06
N ALA A 1523 -61.96 -27.58 99.02
CA ALA A 1523 -61.58 -28.53 100.06
C ALA A 1523 -62.72 -28.81 101.02
N THR A 1524 -63.76 -27.97 101.01
CA THR A 1524 -64.91 -28.16 101.89
C THR A 1524 -66.24 -28.07 101.18
N GLY A 1525 -66.28 -27.70 99.90
CA GLY A 1525 -67.57 -27.54 99.25
C GLY A 1525 -68.34 -26.33 99.72
N LEU A 1526 -67.63 -25.31 100.22
CA LEU A 1526 -68.25 -24.12 100.81
C LEU A 1526 -68.35 -22.96 99.83
N MET A 1527 -69.54 -22.37 99.71
CA MET A 1527 -69.76 -21.22 98.84
C MET A 1527 -70.10 -20.01 99.69
N THR A 1528 -69.36 -18.92 99.48
CA THR A 1528 -69.55 -17.66 100.18
C THR A 1528 -69.62 -16.53 99.18
N PHE A 1529 -70.12 -15.38 99.63
CA PHE A 1529 -70.32 -14.24 98.75
C PHE A 1529 -69.84 -12.97 99.44
N THR A 1530 -69.44 -11.99 98.63
CA THR A 1530 -69.02 -10.68 99.10
C THR A 1530 -69.84 -9.61 98.40
N ALA A 1531 -70.43 -8.71 99.18
CA ALA A 1531 -71.29 -7.65 98.66
C ALA A 1531 -70.47 -6.49 98.10
N ASN A 1532 -69.71 -5.82 98.95
CA ASN A 1532 -68.83 -4.73 98.52
C ASN A 1532 -67.50 -4.81 99.24
N GLY A 1533 -66.94 -6.01 99.36
CA GLY A 1533 -65.77 -6.23 100.17
C GLY A 1533 -66.08 -6.78 101.55
N LYS A 1534 -67.35 -6.83 101.92
CA LYS A 1534 -67.80 -7.39 103.20
C LYS A 1534 -68.65 -8.63 102.92
N GLU A 1535 -68.46 -9.64 103.75
CA GLU A 1535 -69.19 -10.88 103.60
C GLU A 1535 -70.66 -10.69 103.98
N SER A 1536 -71.52 -11.50 103.39
CA SER A 1536 -72.95 -11.48 103.66
C SER A 1536 -73.35 -12.76 104.35
N ASN A 1537 -74.54 -12.73 104.95
CA ASN A 1537 -75.05 -13.89 105.70
C ASN A 1537 -75.31 -15.12 104.82
N THR A 1538 -75.45 -14.93 103.51
CA THR A 1538 -75.70 -16.03 102.60
C THR A 1538 -74.46 -16.91 102.44
N PHE A 1539 -74.68 -18.21 102.45
CA PHE A 1539 -73.63 -19.20 102.27
C PHE A 1539 -74.28 -20.52 101.90
N PHE A 1540 -73.48 -21.41 101.32
CA PHE A 1540 -73.96 -22.70 100.85
C PHE A 1540 -72.90 -23.76 101.10
N GLN A 1541 -73.34 -25.00 101.25
CA GLN A 1541 -72.43 -26.11 101.43
C GLN A 1541 -72.95 -27.33 100.67
N VAL A 1542 -72.05 -28.00 99.94
CA VAL A 1542 -72.44 -29.14 99.11
C VAL A 1542 -71.45 -30.29 99.28
N GLU A 1543 -71.85 -31.44 98.72
CA GLU A 1543 -71.07 -32.66 98.70
C GLU A 1543 -69.90 -32.52 97.72
N PRO A 1544 -68.86 -33.35 97.86
CA PRO A 1544 -67.75 -33.32 96.89
C PRO A 1544 -68.17 -33.83 95.51
N ASN A 1545 -67.23 -33.71 94.57
CA ASN A 1545 -67.33 -34.12 93.17
C ASN A 1545 -68.39 -33.34 92.38
N THR A 1546 -68.94 -32.27 92.97
CA THR A 1546 -69.96 -31.49 92.29
C THR A 1546 -69.32 -30.45 91.38
N LYS A 1547 -69.99 -30.15 90.27
CA LYS A 1547 -69.52 -29.17 89.30
C LYS A 1547 -70.46 -27.99 89.28
N LEU A 1548 -69.92 -26.79 89.46
CA LEU A 1548 -70.70 -25.55 89.45
C LEU A 1548 -70.18 -24.62 88.37
N PHE A 1549 -71.11 -24.10 87.55
CA PHE A 1549 -70.82 -23.15 86.49
C PHE A 1549 -71.07 -21.73 86.99
N PRO A 1550 -70.14 -20.80 86.78
CA PRO A 1550 -70.39 -19.39 87.14
C PRO A 1550 -71.55 -18.82 86.33
N ALA A 1551 -72.61 -18.42 87.02
CA ALA A 1551 -73.81 -17.96 86.34
C ALA A 1551 -74.31 -16.65 86.91
N VAL A 1552 -74.68 -15.73 86.02
CA VAL A 1552 -75.30 -14.47 86.40
C VAL A 1552 -76.56 -14.31 85.56
N PHE A 1553 -77.71 -14.25 86.23
CA PHE A 1553 -79.00 -14.08 85.56
C PHE A 1553 -79.44 -12.64 85.78
N VAL A 1554 -79.87 -11.98 84.70
CA VAL A 1554 -80.21 -10.56 84.80
C VAL A 1554 -81.25 -10.21 83.74
N LEU A 1555 -82.20 -9.35 84.12
CA LEU A 1555 -83.09 -8.72 83.15
C LEU A 1555 -82.50 -7.37 82.83
N PRO A 1556 -82.03 -7.13 81.59
CA PRO A 1556 -81.28 -5.90 81.27
C PRO A 1556 -82.11 -4.63 81.47
N THR A 1557 -81.44 -3.58 81.97
CA THR A 1557 -82.06 -2.27 82.15
C THR A 1557 -81.14 -1.13 81.70
N HIS A 1558 -80.09 -1.42 80.94
CA HIS A 1558 -79.13 -0.41 80.53
C HIS A 1558 -78.36 -0.93 79.33
N GLN A 1559 -77.66 -0.03 78.64
CA GLN A 1559 -76.77 -0.43 77.55
C GLN A 1559 -75.63 -1.28 78.07
N ASN A 1560 -75.04 -0.89 79.19
CA ASN A 1560 -74.05 -1.69 79.91
C ASN A 1560 -74.76 -2.35 81.08
N VAL A 1561 -74.78 -3.68 81.09
CA VAL A 1561 -75.58 -4.44 82.05
C VAL A 1561 -74.71 -5.05 83.14
N ILE A 1562 -73.82 -5.96 82.77
CA ILE A 1562 -72.97 -6.67 83.73
C ILE A 1562 -71.58 -6.82 83.14
N GLN A 1563 -70.67 -7.31 83.98
CA GLN A 1563 -69.29 -7.51 83.55
C GLN A 1563 -68.65 -8.58 84.42
N PHE A 1564 -68.47 -9.77 83.87
CA PHE A 1564 -67.78 -10.86 84.55
C PHE A 1564 -66.31 -10.49 84.74
N GLU A 1565 -65.93 -10.16 85.96
CA GLU A 1565 -64.57 -9.75 86.28
C GLU A 1565 -63.82 -10.98 86.78
N LEU A 1566 -62.74 -11.34 86.08
CA LEU A 1566 -61.93 -12.49 86.47
C LEU A 1566 -60.75 -12.02 87.33
N GLY A 1567 -61.09 -11.38 88.44
CA GLY A 1567 -60.11 -10.82 89.34
C GLY A 1567 -59.67 -11.77 90.43
N LYS A 1568 -59.14 -11.19 91.50
CA LYS A 1568 -58.61 -11.96 92.61
C LYS A 1568 -58.60 -11.07 93.84
N GLN A 1569 -58.37 -11.69 94.99
CA GLN A 1569 -58.26 -10.99 96.26
C GLN A 1569 -56.98 -11.47 96.93
N LYS A 1570 -56.60 -10.78 98.00
CA LYS A 1570 -55.38 -11.11 98.72
C LYS A 1570 -55.42 -12.52 99.27
N ASN A 1571 -54.35 -13.27 99.02
CA ASN A 1571 -54.17 -14.68 99.41
C ASN A 1571 -55.28 -15.59 98.86
N ILE A 1572 -55.94 -15.16 97.78
CA ILE A 1572 -57.02 -15.92 97.15
C ILE A 1572 -56.68 -16.07 95.68
N MET A 1573 -56.64 -17.30 95.20
CA MET A 1573 -56.28 -17.62 93.82
C MET A 1573 -57.45 -17.33 92.88
N PRO A 1574 -57.20 -16.70 91.73
CA PRO A 1574 -58.29 -16.44 90.77
C PRO A 1574 -58.72 -17.70 90.04
N LEU A 1575 -59.84 -17.57 89.31
CA LEU A 1575 -60.45 -18.70 88.62
C LEU A 1575 -59.61 -19.25 87.49
N SER A 1576 -58.59 -18.50 87.02
CA SER A 1576 -57.72 -18.97 85.95
C SER A 1576 -56.98 -20.24 86.33
N ALA A 1577 -56.71 -20.44 87.61
CA ALA A 1577 -56.10 -21.68 88.05
C ALA A 1577 -57.15 -22.74 88.38
N ALA A 1578 -58.34 -22.32 88.81
CA ALA A 1578 -59.40 -23.27 89.13
C ALA A 1578 -59.93 -23.96 87.88
N MET A 1579 -60.01 -23.25 86.76
CA MET A 1579 -60.56 -23.84 85.55
C MET A 1579 -59.60 -24.81 84.90
N PHE A 1580 -58.32 -24.46 84.85
CA PHE A 1580 -57.32 -25.21 84.10
C PHE A 1580 -56.28 -25.82 85.02
N LEU A 1581 -56.02 -27.12 84.84
CA LEU A 1581 -55.02 -27.80 85.64
C LEU A 1581 -53.62 -27.30 85.33
N SER A 1582 -53.33 -27.02 84.06
CA SER A 1582 -52.00 -26.58 83.64
C SER A 1582 -51.62 -25.22 84.24
N GLU A 1583 -52.60 -24.42 84.62
CA GLU A 1583 -52.37 -23.10 85.21
C GLU A 1583 -52.59 -23.08 86.71
N ARG A 1584 -52.65 -24.26 87.36
CA ARG A 1584 -52.90 -24.36 88.80
C ARG A 1584 -51.86 -23.66 89.66
N LYS A 1585 -50.65 -23.47 89.16
CA LYS A 1585 -49.59 -22.80 89.91
C LYS A 1585 -49.34 -21.39 89.39
N ASN A 1586 -50.29 -20.83 88.63
CA ASN A 1586 -50.14 -19.49 88.08
C ASN A 1586 -51.04 -18.52 88.83
N PRO A 1587 -50.48 -17.62 89.65
CA PRO A 1587 -51.34 -16.68 90.38
C PRO A 1587 -51.92 -15.59 89.51
N ALA A 1588 -51.32 -15.30 88.37
CA ALA A 1588 -51.78 -14.22 87.51
C ALA A 1588 -53.09 -14.60 86.83
N PRO A 1589 -54.14 -13.79 86.96
CA PRO A 1589 -55.39 -14.08 86.25
C PRO A 1589 -55.19 -14.06 84.73
N GLN A 1590 -55.93 -14.94 84.05
CA GLN A 1590 -55.82 -15.09 82.61
C GLN A 1590 -57.20 -15.47 82.08
N CYS A 1591 -57.49 -15.06 80.85
CA CYS A 1591 -58.76 -15.37 80.18
C CYS A 1591 -58.45 -16.04 78.85
N PRO A 1592 -58.18 -17.35 78.86
CA PRO A 1592 -57.86 -18.08 77.62
C PRO A 1592 -59.06 -18.11 76.69
N PRO A 1593 -58.84 -18.26 75.37
CA PRO A 1593 -59.95 -18.18 74.41
C PRO A 1593 -61.04 -19.24 74.56
N ARG A 1594 -60.75 -20.38 75.20
CA ARG A 1594 -61.79 -21.40 75.38
C ARG A 1594 -62.93 -20.91 76.26
N LEU A 1595 -62.61 -20.19 77.33
CA LEU A 1595 -63.64 -19.71 78.25
C LEU A 1595 -64.43 -18.58 77.61
N GLU A 1596 -65.73 -18.80 77.43
CA GLU A 1596 -66.58 -17.80 76.82
C GLU A 1596 -67.98 -17.89 77.42
N VAL A 1597 -68.68 -16.76 77.43
CA VAL A 1597 -70.00 -16.69 78.04
C VAL A 1597 -71.03 -17.39 77.17
N GLN A 1598 -71.82 -18.26 77.79
CA GLN A 1598 -72.89 -19.00 77.16
C GLN A 1598 -74.23 -18.42 77.62
N MET A 1599 -75.25 -18.59 76.79
CA MET A 1599 -76.60 -18.17 77.12
C MET A 1599 -77.54 -19.31 76.76
N LEU A 1600 -78.70 -19.30 77.39
CA LEU A 1600 -79.60 -20.44 77.39
C LEU A 1600 -80.73 -20.17 76.39
N MET A 1601 -80.66 -20.80 75.19
CA MET A 1601 -81.82 -20.83 74.30
C MET A 1601 -82.69 -22.04 74.61
N PRO A 1602 -83.99 -21.84 74.82
CA PRO A 1602 -84.86 -22.93 75.27
C PRO A 1602 -84.99 -24.10 74.30
N VAL A 1603 -84.90 -23.85 73.01
CA VAL A 1603 -85.21 -24.87 72.01
C VAL A 1603 -83.96 -25.17 71.20
N SER A 1604 -83.64 -26.45 71.05
CA SER A 1604 -82.52 -26.87 70.23
C SER A 1604 -82.94 -28.09 69.45
N TRP A 1605 -82.26 -28.35 68.34
CA TRP A 1605 -82.63 -29.50 67.52
C TRP A 1605 -82.19 -30.80 68.16
N SER A 1606 -82.90 -31.88 67.83
CA SER A 1606 -82.56 -33.19 68.38
C SER A 1606 -82.98 -34.27 67.40
N ARG A 1607 -82.46 -35.46 67.64
CA ARG A 1607 -82.66 -36.62 66.77
C ARG A 1607 -83.52 -37.68 67.45
N MET A 1608 -84.53 -38.18 66.73
CA MET A 1608 -85.18 -39.30 67.39
C MET A 1608 -84.58 -40.61 66.91
N PRO A 1609 -84.47 -41.60 67.80
CA PRO A 1609 -83.91 -42.89 67.42
C PRO A 1609 -84.75 -43.59 66.36
N ASN A 1610 -84.09 -44.39 65.53
CA ASN A 1610 -84.80 -45.15 64.50
C ASN A 1610 -85.60 -46.32 65.07
N HIS A 1611 -85.42 -46.66 66.33
CA HIS A 1611 -86.16 -47.72 66.98
C HIS A 1611 -86.56 -47.26 68.37
N PHE A 1612 -87.67 -47.83 68.86
CA PHE A 1612 -88.20 -47.48 70.15
C PHE A 1612 -88.53 -48.74 70.93
N LEU A 1613 -88.56 -48.60 72.26
CA LEU A 1613 -88.89 -49.71 73.13
C LEU A 1613 -90.33 -50.14 72.96
N GLN A 1614 -90.58 -51.41 73.22
CA GLN A 1614 -91.93 -52.00 73.12
C GLN A 1614 -92.37 -52.33 74.54
N VAL A 1615 -93.40 -51.62 75.00
CA VAL A 1615 -93.91 -51.73 76.36
C VAL A 1615 -95.36 -52.19 76.31
N GLU A 1616 -95.68 -53.20 77.11
CA GLU A 1616 -97.04 -53.71 77.22
C GLU A 1616 -97.61 -53.25 78.56
N THR A 1617 -98.57 -52.32 78.51
CA THR A 1617 -99.23 -51.79 79.68
C THR A 1617 -100.68 -52.25 79.65
N ARG A 1618 -101.12 -52.93 80.71
CA ARG A 1618 -102.49 -53.45 80.72
C ARG A 1618 -102.90 -53.67 82.16
N ARG A 1619 -104.20 -53.84 82.38
CA ARG A 1619 -104.71 -54.11 83.72
C ARG A 1619 -104.73 -55.63 83.91
N ALA A 1620 -103.73 -56.16 84.61
CA ALA A 1620 -103.67 -57.60 84.84
C ALA A 1620 -104.81 -58.12 85.71
N GLY A 1621 -105.38 -57.27 86.56
CA GLY A 1621 -106.48 -57.68 87.40
C GLY A 1621 -106.76 -56.63 88.44
N GLU A 1622 -107.93 -56.76 89.06
CA GLU A 1622 -108.33 -55.83 90.11
C GLU A 1622 -107.39 -55.91 91.31
N ARG A 1623 -107.12 -57.14 91.77
CA ARG A 1623 -106.11 -57.35 92.79
C ARG A 1623 -104.70 -57.29 92.22
N LEU A 1624 -104.52 -57.76 90.99
CA LEU A 1624 -103.21 -57.76 90.34
C LEU A 1624 -102.76 -56.36 89.95
N GLY A 1625 -103.67 -55.39 89.87
CA GLY A 1625 -103.25 -54.07 89.49
C GLY A 1625 -102.92 -53.99 88.01
N TRP A 1626 -102.15 -52.96 87.66
CA TRP A 1626 -101.76 -52.73 86.28
C TRP A 1626 -100.34 -53.24 86.02
N ALA A 1627 -100.18 -54.08 85.00
CA ALA A 1627 -98.91 -54.71 84.72
C ALA A 1627 -98.23 -54.04 83.54
N VAL A 1628 -96.94 -53.74 83.72
CA VAL A 1628 -96.04 -53.17 82.73
C VAL A 1628 -94.99 -54.22 82.38
N GLN A 1629 -94.81 -54.46 81.09
CA GLN A 1629 -93.91 -55.49 80.60
C GLN A 1629 -92.99 -54.89 79.55
N CYS A 1630 -91.69 -55.16 79.65
CA CYS A 1630 -90.74 -54.69 78.65
C CYS A 1630 -89.52 -55.58 78.71
N GLN A 1631 -89.25 -56.31 77.61
CA GLN A 1631 -88.20 -57.33 77.64
C GLN A 1631 -87.18 -57.17 76.51
N ASP A 1632 -87.59 -56.61 75.38
CA ASP A 1632 -86.70 -56.50 74.22
C ASP A 1632 -85.61 -55.47 74.50
N PRO A 1633 -84.33 -55.85 74.47
CA PRO A 1633 -83.27 -54.89 74.77
C PRO A 1633 -82.92 -54.00 73.58
N LEU A 1634 -82.60 -52.75 73.89
CA LEU A 1634 -82.14 -51.81 72.88
C LEU A 1634 -81.01 -50.99 73.47
N THR A 1635 -79.92 -50.84 72.72
CA THR A 1635 -78.73 -50.16 73.20
C THR A 1635 -78.27 -49.14 72.17
N MET A 1636 -77.74 -48.01 72.65
CA MET A 1636 -77.26 -46.96 71.79
C MET A 1636 -75.87 -46.53 72.24
N MET A 1637 -75.07 -46.06 71.28
CA MET A 1637 -73.74 -45.56 71.56
C MET A 1637 -73.80 -44.07 71.89
N ALA A 1638 -73.40 -43.72 73.11
CA ALA A 1638 -73.51 -42.35 73.61
C ALA A 1638 -72.12 -41.72 73.67
N LEU A 1639 -71.99 -40.54 73.08
CA LEU A 1639 -70.78 -39.74 73.11
C LEU A 1639 -70.93 -38.73 74.24
N HIS A 1640 -70.13 -38.91 75.30
CA HIS A 1640 -70.25 -38.10 76.50
C HIS A 1640 -69.23 -36.96 76.50
N ILE A 1641 -69.73 -35.73 76.52
CA ILE A 1641 -68.90 -34.55 76.72
C ILE A 1641 -68.60 -34.48 78.21
N PRO A 1642 -67.31 -34.54 78.59
CA PRO A 1642 -66.92 -34.61 80.01
C PRO A 1642 -67.18 -33.34 80.80
N GLU A 1643 -66.73 -32.19 80.27
CA GLU A 1643 -66.79 -30.95 81.03
C GLU A 1643 -68.22 -30.49 81.24
N GLU A 1644 -69.11 -30.78 80.29
CA GLU A 1644 -70.50 -30.42 80.45
C GLU A 1644 -71.28 -31.55 81.08
N ASN A 1645 -70.63 -32.70 81.28
CA ASN A 1645 -71.20 -33.89 81.94
C ASN A 1645 -72.49 -34.33 81.26
N ARG A 1646 -72.52 -34.22 79.94
CA ARG A 1646 -73.72 -34.65 79.22
C ARG A 1646 -73.35 -35.45 77.99
N CYS A 1647 -74.22 -36.37 77.61
CA CYS A 1647 -73.95 -37.25 76.48
C CYS A 1647 -75.05 -37.13 75.45
N MET A 1648 -74.66 -37.23 74.19
CA MET A 1648 -75.56 -37.19 73.05
C MET A 1648 -75.34 -38.40 72.17
N ASP A 1649 -76.35 -38.73 71.38
CA ASP A 1649 -76.28 -39.86 70.47
C ASP A 1649 -75.17 -39.63 69.46
N ILE A 1650 -74.46 -40.73 69.13
CA ILE A 1650 -73.36 -40.68 68.17
C ILE A 1650 -73.87 -40.33 66.79
N LEU A 1651 -75.09 -40.76 66.44
CA LEU A 1651 -75.67 -40.49 65.13
C LEU A 1651 -75.96 -39.01 64.92
N GLU A 1652 -76.04 -38.22 66.00
CA GLU A 1652 -76.26 -36.78 65.89
C GLU A 1652 -75.05 -36.09 65.24
N LEU A 1653 -73.87 -36.72 65.29
CA LEU A 1653 -72.70 -36.12 64.69
C LEU A 1653 -72.78 -36.06 63.17
N SER A 1654 -73.74 -36.75 62.55
CA SER A 1654 -74.00 -36.62 61.12
C SER A 1654 -74.52 -35.23 60.78
N GLU A 1655 -74.97 -34.47 61.77
CA GLU A 1655 -75.40 -33.09 61.60
C GLU A 1655 -74.45 -32.13 62.29
N ARG A 1656 -73.89 -32.53 63.44
CA ARG A 1656 -72.94 -31.67 64.13
C ARG A 1656 -71.57 -31.88 63.51
N LEU A 1657 -71.35 -31.22 62.36
CA LEU A 1657 -70.11 -31.36 61.62
C LEU A 1657 -68.90 -30.86 62.39
N ASP A 1658 -69.09 -29.91 63.32
CA ASP A 1658 -68.01 -29.43 64.15
C ASP A 1658 -67.45 -30.52 65.06
N LEU A 1659 -68.35 -31.30 65.66
CA LEU A 1659 -67.92 -32.37 66.55
C LEU A 1659 -67.42 -33.59 65.78
N GLN A 1660 -68.01 -33.85 64.60
CA GLN A 1660 -67.67 -35.02 63.81
C GLN A 1660 -66.22 -34.98 63.35
N ARG A 1661 -65.75 -33.83 62.87
CA ARG A 1661 -64.40 -33.71 62.36
C ARG A 1661 -63.39 -33.92 63.47
N PHE A 1662 -63.67 -33.34 64.64
CA PHE A 1662 -62.79 -33.46 65.79
C PHE A 1662 -62.71 -34.91 66.27
N HIS A 1663 -63.86 -35.58 66.38
CA HIS A 1663 -63.84 -36.95 66.86
C HIS A 1663 -63.22 -37.90 65.83
N SER A 1664 -63.38 -37.61 64.54
CA SER A 1664 -62.69 -38.40 63.52
C SER A 1664 -61.18 -38.26 63.65
N HIS A 1665 -60.71 -37.04 63.90
CA HIS A 1665 -59.28 -36.84 64.15
C HIS A 1665 -58.87 -37.51 65.45
N THR A 1666 -59.77 -37.57 66.43
CA THR A 1666 -59.48 -38.25 67.69
C THR A 1666 -59.22 -39.73 67.44
N LEU A 1667 -60.06 -40.34 66.59
CA LEU A 1667 -59.88 -41.74 66.22
C LEU A 1667 -58.59 -41.94 65.45
N ARG A 1668 -58.20 -40.93 64.66
CA ARG A 1668 -56.91 -40.99 63.96
C ARG A 1668 -55.77 -40.99 64.96
N LEU A 1669 -55.89 -40.18 66.00
CA LEU A 1669 -54.88 -40.15 67.06
C LEU A 1669 -54.82 -41.47 67.82
N TYR A 1670 -55.98 -42.09 68.05
CA TYR A 1670 -56.02 -43.40 68.68
C TYR A 1670 -55.32 -44.45 67.84
N ARG A 1671 -55.43 -44.33 66.51
CA ARG A 1671 -54.65 -45.22 65.65
C ARG A 1671 -53.16 -44.88 65.69
N ALA A 1672 -52.84 -43.59 65.85
CA ALA A 1672 -51.46 -43.14 65.79
C ALA A 1672 -50.67 -43.59 67.01
N VAL A 1673 -51.27 -43.50 68.20
CA VAL A 1673 -50.56 -43.88 69.41
C VAL A 1673 -50.28 -45.39 69.44
N CYS A 1674 -51.20 -46.19 68.91
CA CYS A 1674 -51.03 -47.63 68.85
C CYS A 1674 -50.38 -48.10 67.56
N ALA A 1675 -49.95 -47.18 66.70
CA ALA A 1675 -49.39 -47.54 65.41
C ALA A 1675 -48.02 -48.20 65.56
N LEU A 1676 -47.75 -49.15 64.66
CA LEU A 1676 -46.46 -49.85 64.52
C LEU A 1676 -46.09 -50.63 65.79
N GLY A 1677 -46.99 -51.51 66.19
CA GLY A 1677 -46.72 -52.50 67.24
C GLY A 1677 -46.43 -51.94 68.62
N ASN A 1678 -47.17 -50.93 69.04
CA ASN A 1678 -47.10 -50.42 70.40
C ASN A 1678 -48.19 -51.11 71.24
N ASN A 1679 -48.01 -52.43 71.39
CA ASN A 1679 -49.05 -53.28 72.01
C ASN A 1679 -49.33 -52.89 73.45
N ARG A 1680 -48.34 -52.30 74.13
CA ARG A 1680 -48.54 -51.84 75.50
C ARG A 1680 -49.57 -50.74 75.54
N VAL A 1681 -49.48 -49.78 74.62
CA VAL A 1681 -50.47 -48.71 74.53
C VAL A 1681 -51.79 -49.28 74.01
N ALA A 1682 -51.70 -50.25 73.09
CA ALA A 1682 -52.89 -50.85 72.49
C ALA A 1682 -53.76 -51.50 73.56
N HIS A 1683 -53.13 -52.10 74.58
CA HIS A 1683 -53.91 -52.65 75.68
C HIS A 1683 -54.58 -51.57 76.50
N ALA A 1684 -53.91 -50.41 76.64
CA ALA A 1684 -54.48 -49.29 77.37
C ALA A 1684 -55.73 -48.76 76.67
N LEU A 1685 -55.70 -48.70 75.34
CA LEU A 1685 -56.82 -48.17 74.59
C LEU A 1685 -58.07 -49.05 74.66
N CYS A 1686 -57.91 -50.33 75.06
CA CYS A 1686 -59.05 -51.22 75.22
C CYS A 1686 -60.00 -50.73 76.31
N SER A 1687 -59.49 -49.98 77.28
CA SER A 1687 -60.34 -49.41 78.30
C SER A 1687 -61.23 -48.32 77.71
N HIS A 1688 -60.63 -47.41 76.94
CA HIS A 1688 -61.39 -46.30 76.37
C HIS A 1688 -62.40 -46.79 75.33
N VAL A 1689 -61.95 -47.60 74.37
CA VAL A 1689 -62.87 -48.21 73.42
C VAL A 1689 -62.82 -49.73 73.58
N ASP A 1690 -63.98 -50.34 73.85
CA ASP A 1690 -63.98 -51.74 74.20
C ASP A 1690 -64.36 -52.60 72.99
N GLN A 1691 -64.42 -53.91 73.24
CA GLN A 1691 -64.83 -54.86 72.22
C GLN A 1691 -66.29 -54.67 71.84
N ALA A 1692 -67.15 -54.44 72.84
CA ALA A 1692 -68.59 -54.32 72.57
C ALA A 1692 -68.86 -53.10 71.70
N GLN A 1693 -68.19 -51.98 72.01
CA GLN A 1693 -68.38 -50.76 71.24
C GLN A 1693 -67.91 -50.95 69.82
N LEU A 1694 -66.71 -51.53 69.63
CA LEU A 1694 -66.18 -51.67 68.27
C LEU A 1694 -67.04 -52.61 67.41
N LEU A 1695 -67.46 -53.75 67.98
CA LEU A 1695 -68.34 -54.68 67.25
C LEU A 1695 -69.70 -54.06 66.94
N HIS A 1696 -70.27 -53.29 67.87
CA HIS A 1696 -71.53 -52.63 67.56
C HIS A 1696 -71.34 -51.54 66.51
N ALA A 1697 -70.23 -50.82 66.58
CA ALA A 1697 -69.96 -49.74 65.65
C ALA A 1697 -69.75 -50.27 64.24
N LEU A 1698 -69.31 -51.52 64.10
CA LEU A 1698 -69.22 -52.10 62.76
C LEU A 1698 -70.60 -52.21 62.14
N GLU A 1699 -71.58 -52.67 62.91
CA GLU A 1699 -72.92 -52.94 62.40
C GLU A 1699 -73.80 -51.71 62.37
N ASP A 1700 -73.39 -50.62 63.00
CA ASP A 1700 -74.22 -49.41 63.04
C ASP A 1700 -74.27 -48.80 61.64
N ALA A 1701 -75.40 -49.01 60.96
CA ALA A 1701 -75.54 -48.59 59.58
C ALA A 1701 -75.74 -47.09 59.40
N HIS A 1702 -76.15 -46.37 60.44
CA HIS A 1702 -76.42 -44.94 60.32
C HIS A 1702 -75.25 -44.09 60.75
N LEU A 1703 -74.10 -44.69 61.05
CA LEU A 1703 -72.93 -43.93 61.42
C LEU A 1703 -72.41 -43.13 60.23
N PRO A 1704 -71.84 -41.95 60.46
CA PRO A 1704 -71.27 -41.16 59.36
C PRO A 1704 -70.06 -41.85 58.73
N GLY A 1705 -69.63 -41.29 57.60
CA GLY A 1705 -68.54 -41.80 56.82
C GLY A 1705 -67.21 -41.86 57.53
N PRO A 1706 -66.64 -40.68 57.85
CA PRO A 1706 -65.33 -40.67 58.53
C PRO A 1706 -65.32 -41.40 59.86
N LEU A 1707 -66.41 -41.32 60.62
CA LEU A 1707 -66.46 -42.02 61.90
C LEU A 1707 -66.48 -43.52 61.71
N ARG A 1708 -67.22 -43.99 60.69
CA ARG A 1708 -67.30 -45.42 60.41
C ARG A 1708 -65.95 -45.97 59.98
N ALA A 1709 -65.28 -45.25 59.06
CA ALA A 1709 -63.97 -45.67 58.59
C ALA A 1709 -62.94 -45.61 59.71
N GLY A 1710 -63.02 -44.57 60.54
CA GLY A 1710 -62.11 -44.45 61.68
C GLY A 1710 -62.26 -45.57 62.67
N TYR A 1711 -63.50 -45.97 62.95
CA TYR A 1711 -63.73 -47.07 63.89
C TYR A 1711 -63.27 -48.40 63.33
N TYR A 1712 -63.49 -48.63 62.03
CA TYR A 1712 -63.01 -49.87 61.40
C TYR A 1712 -61.49 -49.94 61.41
N ASP A 1713 -60.82 -48.85 61.02
CA ASP A 1713 -59.38 -48.82 61.01
C ASP A 1713 -58.80 -48.82 62.42
N LEU A 1714 -59.57 -48.35 63.40
CA LEU A 1714 -59.12 -48.43 64.78
C LEU A 1714 -59.17 -49.87 65.26
N LEU A 1715 -60.23 -50.60 64.90
CA LEU A 1715 -60.35 -52.00 65.29
C LEU A 1715 -59.19 -52.81 64.71
N ILE A 1716 -58.87 -52.52 63.45
CA ILE A 1716 -57.76 -53.19 62.78
C ILE A 1716 -56.44 -52.86 63.47
N SER A 1717 -56.24 -51.58 63.83
CA SER A 1717 -54.99 -51.16 64.44
C SER A 1717 -54.81 -51.76 65.83
N ILE A 1718 -55.87 -51.78 66.65
CA ILE A 1718 -55.78 -52.28 68.01
C ILE A 1718 -55.53 -53.78 68.03
N HIS A 1719 -56.29 -54.53 67.22
CA HIS A 1719 -56.31 -55.97 67.39
C HIS A 1719 -55.63 -56.77 66.31
N LEU A 1720 -55.44 -56.23 65.12
CA LEU A 1720 -55.03 -57.03 63.98
C LEU A 1720 -53.75 -56.61 63.28
N GLU A 1721 -53.40 -55.32 63.33
CA GLU A 1721 -52.31 -54.80 62.49
C GLU A 1721 -50.94 -55.41 62.79
N SER A 1722 -50.58 -55.58 64.08
CA SER A 1722 -49.27 -56.14 64.41
C SER A 1722 -49.13 -57.58 63.94
N ALA A 1723 -50.15 -58.40 64.18
CA ALA A 1723 -50.14 -59.79 63.76
C ALA A 1723 -50.15 -59.89 62.25
N CYS A 1724 -50.93 -59.02 61.60
CA CYS A 1724 -51.02 -59.04 60.14
C CYS A 1724 -49.69 -58.67 59.54
N ARG A 1725 -49.02 -57.68 60.12
CA ARG A 1725 -47.75 -57.17 59.60
C ARG A 1725 -46.68 -58.26 59.67
N SER A 1726 -46.54 -58.87 60.86
CA SER A 1726 -45.54 -59.91 61.05
C SER A 1726 -45.82 -61.13 60.18
N ARG A 1727 -47.10 -61.53 60.09
CA ARG A 1727 -47.44 -62.67 59.27
C ARG A 1727 -47.19 -62.36 57.80
N ARG A 1728 -47.45 -61.10 57.40
CA ARG A 1728 -47.28 -60.67 56.03
C ARG A 1728 -45.81 -60.78 55.64
N SER A 1729 -44.92 -60.37 56.55
CA SER A 1729 -43.49 -60.50 56.28
C SER A 1729 -43.11 -61.96 56.17
N MET A 1730 -43.71 -62.80 57.02
CA MET A 1730 -43.44 -64.25 56.97
C MET A 1730 -43.96 -64.93 55.71
N LEU A 1731 -44.89 -64.30 54.98
CA LEU A 1731 -45.40 -64.93 53.78
C LEU A 1731 -44.41 -64.91 52.62
N SER A 1732 -43.40 -64.05 52.66
CA SER A 1732 -42.44 -63.99 51.57
C SER A 1732 -41.47 -65.17 51.55
N GLU A 1733 -41.40 -65.96 52.61
CA GLU A 1733 -40.53 -67.12 52.66
C GLU A 1733 -41.34 -68.40 52.70
N TYR A 1734 -40.80 -69.45 52.08
CA TYR A 1734 -41.49 -70.72 51.93
C TYR A 1734 -40.59 -71.84 52.47
N ILE A 1735 -40.69 -72.09 53.77
CA ILE A 1735 -40.01 -73.22 54.41
C ILE A 1735 -41.01 -74.36 54.47
N VAL A 1736 -40.83 -75.36 53.62
CA VAL A 1736 -41.79 -76.45 53.47
C VAL A 1736 -41.23 -77.68 54.16
N PRO A 1737 -41.80 -78.10 55.29
CA PRO A 1737 -41.36 -79.35 55.93
C PRO A 1737 -41.83 -80.58 55.16
N LEU A 1738 -41.10 -81.67 55.34
CA LEU A 1738 -41.39 -82.94 54.66
C LEU A 1738 -42.26 -83.80 55.56
N THR A 1739 -43.57 -83.70 55.36
CA THR A 1739 -44.60 -84.36 56.15
C THR A 1739 -45.55 -85.08 55.20
N PRO A 1740 -46.28 -86.12 55.68
CA PRO A 1740 -47.27 -86.79 54.80
C PRO A 1740 -48.34 -85.85 54.25
N GLU A 1741 -48.76 -84.86 55.05
CA GLU A 1741 -49.68 -83.86 54.52
C GLU A 1741 -49.01 -83.01 53.45
N THR A 1742 -47.70 -82.78 53.56
CA THR A 1742 -47.00 -82.12 52.46
C THR A 1742 -47.00 -83.02 51.24
N ARG A 1743 -46.86 -84.34 51.46
CA ARG A 1743 -46.82 -85.30 50.37
CA ARG A 1743 -46.81 -85.29 50.36
C ARG A 1743 -48.14 -85.34 49.61
N ALA A 1744 -49.25 -85.03 50.29
CA ALA A 1744 -50.55 -85.06 49.64
C ALA A 1744 -50.78 -83.87 48.71
N ILE A 1745 -49.90 -82.88 48.71
CA ILE A 1745 -50.07 -81.67 47.91
C ILE A 1745 -49.90 -82.00 46.43
N THR A 1746 -50.86 -81.57 45.61
CA THR A 1746 -50.82 -81.78 44.17
C THR A 1746 -51.15 -80.46 43.48
N LEU A 1747 -50.69 -80.35 42.22
CA LEU A 1747 -50.97 -79.17 41.40
C LEU A 1747 -52.47 -79.02 41.14
N PHE A 1748 -53.15 -80.12 40.86
CA PHE A 1748 -54.57 -80.09 40.59
C PHE A 1748 -55.30 -81.03 41.52
N PRO A 1749 -56.56 -80.74 41.85
CA PRO A 1749 -57.34 -81.69 42.62
C PRO A 1749 -57.57 -82.94 41.82
N PRO A 1750 -57.72 -84.11 42.49
CA PRO A 1750 -57.96 -85.36 41.76
C PRO A 1750 -59.26 -85.35 40.97
N GLY A 1751 -59.14 -85.34 39.66
CA GLY A 1751 -60.29 -85.25 38.79
C GLY A 1751 -60.18 -86.11 37.55
N ARG A 1752 -61.09 -85.88 36.59
CA ARG A 1752 -61.15 -86.69 35.39
C ARG A 1752 -61.41 -85.85 34.13
N LYS A 1753 -61.05 -84.56 34.18
CA LYS A 1753 -61.28 -83.68 33.02
C LYS A 1753 -60.39 -84.05 31.85
N GLY A 1754 -59.07 -84.01 32.06
CA GLY A 1754 -58.14 -84.32 30.97
C GLY A 1754 -56.81 -84.82 31.50
N GLY A 1755 -56.10 -85.51 30.61
CA GLY A 1755 -54.78 -86.05 30.96
C GLY A 1755 -53.74 -84.97 31.22
N ASN A 1756 -53.74 -83.92 30.39
CA ASN A 1756 -52.79 -82.84 30.54
C ASN A 1756 -53.02 -82.08 31.84
N ALA A 1757 -54.26 -81.67 32.09
CA ALA A 1757 -54.62 -80.95 33.30
C ALA A 1757 -56.13 -81.02 33.48
N ARG A 1758 -56.57 -80.72 34.69
CA ARG A 1758 -57.97 -80.63 35.04
C ARG A 1758 -58.30 -79.17 35.29
N ARG A 1759 -59.55 -78.90 35.67
CA ARG A 1759 -59.94 -77.54 36.03
C ARG A 1759 -59.19 -77.10 37.28
N HIS A 1760 -58.83 -75.82 37.30
CA HIS A 1760 -58.00 -75.28 38.37
C HIS A 1760 -58.73 -75.36 39.71
N GLY A 1761 -58.01 -75.77 40.75
CA GLY A 1761 -58.58 -75.78 42.08
C GLY A 1761 -58.87 -74.38 42.58
N LEU A 1762 -59.82 -74.32 43.51
CA LEU A 1762 -60.26 -73.05 44.05
C LEU A 1762 -59.15 -72.42 44.89
N PRO A 1763 -58.75 -71.19 44.59
CA PRO A 1763 -57.66 -70.54 45.36
C PRO A 1763 -58.02 -70.36 46.82
N GLY A 1764 -57.01 -70.53 47.68
CA GLY A 1764 -57.20 -70.43 49.10
C GLY A 1764 -57.92 -71.60 49.73
N VAL A 1765 -58.27 -72.63 48.96
CA VAL A 1765 -58.98 -73.79 49.44
C VAL A 1765 -58.02 -74.97 49.40
N GLY A 1766 -57.91 -75.68 50.52
CA GLY A 1766 -57.02 -76.81 50.63
C GLY A 1766 -56.19 -76.69 51.87
N VAL A 1767 -55.06 -77.38 51.87
CA VAL A 1767 -54.13 -77.40 53.00
C VAL A 1767 -52.81 -76.78 52.54
N THR A 1768 -52.23 -75.95 53.40
CA THR A 1768 -50.93 -75.35 53.15
C THR A 1768 -50.02 -75.73 54.32
N THR A 1769 -48.92 -76.42 54.01
CA THR A 1769 -48.00 -76.87 55.03
C THR A 1769 -46.81 -75.94 55.22
N SER A 1770 -46.77 -74.82 54.51
CA SER A 1770 -45.70 -73.84 54.66
C SER A 1770 -45.67 -73.29 56.08
N LEU A 1771 -44.47 -73.15 56.62
CA LEU A 1771 -44.31 -72.75 58.01
C LEU A 1771 -44.62 -71.27 58.16
N ARG A 1772 -45.58 -70.95 59.03
CA ARG A 1772 -45.91 -69.59 59.38
C ARG A 1772 -46.13 -69.60 60.89
N PRO A 1773 -45.52 -68.65 61.61
CA PRO A 1773 -45.66 -68.61 63.07
C PRO A 1773 -47.10 -68.35 63.49
N PRO A 1774 -47.55 -69.00 64.55
CA PRO A 1774 -48.90 -68.73 65.05
C PRO A 1774 -48.95 -67.38 65.74
N HIS A 1775 -50.12 -66.77 65.70
CA HIS A 1775 -50.29 -65.47 66.33
C HIS A 1775 -50.29 -65.63 67.84
N HIS A 1776 -49.96 -64.54 68.52
CA HIS A 1776 -49.95 -64.51 69.98
C HIS A 1776 -50.81 -63.37 70.46
N PHE A 1777 -51.70 -63.66 71.40
CA PHE A 1777 -52.60 -62.66 71.93
C PHE A 1777 -52.69 -62.76 73.45
N SER A 1778 -52.72 -61.60 74.09
CA SER A 1778 -52.90 -61.51 75.53
C SER A 1778 -54.25 -60.86 75.78
N PRO A 1779 -55.16 -61.52 76.51
CA PRO A 1779 -56.46 -60.91 76.81
C PRO A 1779 -56.31 -59.61 77.56
N PRO A 1780 -57.11 -58.60 77.25
CA PRO A 1780 -56.94 -57.29 77.89
C PRO A 1780 -57.53 -57.28 79.29
N CYS A 1781 -56.66 -57.17 80.28
CA CYS A 1781 -57.07 -57.12 81.67
C CYS A 1781 -56.39 -55.96 82.37
N PHE A 1782 -57.14 -55.29 83.25
CA PHE A 1782 -56.63 -54.16 84.01
C PHE A 1782 -56.72 -54.36 85.51
N VAL A 1783 -57.46 -55.37 85.99
CA VAL A 1783 -57.52 -55.64 87.42
C VAL A 1783 -56.29 -56.41 87.91
N ALA A 1784 -55.52 -56.98 86.98
CA ALA A 1784 -54.32 -57.72 87.33
C ALA A 1784 -53.30 -56.80 87.99
N ALA A 1785 -52.53 -57.37 88.92
CA ALA A 1785 -51.55 -56.61 89.69
C ALA A 1785 -50.44 -56.08 88.80
N LEU A 1786 -49.92 -54.92 89.18
CA LEU A 1786 -48.81 -54.32 88.44
C LEU A 1786 -47.58 -55.21 88.55
N PRO A 1787 -46.96 -55.60 87.44
CA PRO A 1787 -45.80 -56.50 87.48
C PRO A 1787 -44.63 -55.90 88.25
N ALA A 1788 -43.95 -56.76 89.03
CA ALA A 1788 -42.78 -56.33 89.76
C ALA A 1788 -41.59 -56.04 88.85
N ALA A 1789 -41.58 -56.62 87.65
CA ALA A 1789 -40.51 -56.35 86.71
C ALA A 1789 -40.58 -54.92 86.18
N GLY A 1790 -39.42 -54.32 85.95
CA GLY A 1790 -39.36 -52.97 85.44
C GLY A 1790 -39.29 -52.93 83.93
N VAL A 1791 -39.14 -51.70 83.40
CA VAL A 1791 -39.03 -51.51 81.96
C VAL A 1791 -37.70 -52.10 81.47
N ALA A 1792 -37.67 -52.45 80.18
CA ALA A 1792 -36.53 -53.02 79.45
C ALA A 1792 -36.09 -54.39 79.98
N GLU A 1793 -36.86 -54.99 80.89
CA GLU A 1793 -36.55 -56.32 81.39
C GLU A 1793 -37.79 -57.21 81.32
N ALA A 1794 -38.97 -56.60 81.45
CA ALA A 1794 -40.21 -57.34 81.33
C ALA A 1794 -40.47 -57.75 79.88
N PRO A 1795 -41.13 -58.90 79.66
CA PRO A 1795 -41.44 -59.32 78.28
C PRO A 1795 -42.37 -58.35 77.57
N ALA A 1796 -42.19 -58.28 76.25
CA ALA A 1796 -42.97 -57.37 75.41
C ALA A 1796 -44.44 -57.76 75.39
N ARG A 1797 -45.31 -56.76 75.42
CA ARG A 1797 -46.75 -56.98 75.39
C ARG A 1797 -47.19 -57.55 74.06
N LEU A 1798 -48.22 -58.39 74.11
CA LEU A 1798 -48.82 -58.96 72.91
C LEU A 1798 -50.05 -58.16 72.53
N SER A 1799 -50.57 -58.45 71.34
CA SER A 1799 -51.77 -57.76 70.88
C SER A 1799 -52.98 -58.18 71.72
N PRO A 1800 -53.88 -57.25 72.03
CA PRO A 1800 -55.12 -57.60 72.75
C PRO A 1800 -55.97 -58.59 71.99
N ALA A 1801 -56.58 -59.52 72.72
CA ALA A 1801 -57.36 -60.57 72.09
C ALA A 1801 -58.76 -60.07 71.73
N ILE A 1802 -59.41 -60.80 70.83
CA ILE A 1802 -60.76 -60.52 70.36
C ILE A 1802 -61.29 -61.79 69.69
N PRO A 1803 -62.57 -62.19 69.89
CA PRO A 1803 -63.10 -63.38 69.21
C PRO A 1803 -63.04 -63.29 67.70
N LEU A 1804 -62.21 -64.14 67.11
CA LEU A 1804 -61.96 -64.09 65.68
C LEU A 1804 -62.97 -64.86 64.86
N GLU A 1805 -63.48 -65.98 65.39
CA GLU A 1805 -64.54 -66.71 64.71
C GLU A 1805 -65.81 -65.87 64.62
N ALA A 1806 -66.14 -65.18 65.71
CA ALA A 1806 -67.26 -64.24 65.70
C ALA A 1806 -66.99 -63.07 64.77
N LEU A 1807 -65.74 -62.57 64.76
CA LEU A 1807 -65.41 -61.44 63.90
C LEU A 1807 -65.52 -61.82 62.43
N ARG A 1808 -65.02 -63.00 62.04
CA ARG A 1808 -65.08 -63.42 60.65
C ARG A 1808 -66.51 -63.72 60.22
N ASP A 1809 -67.34 -64.27 61.12
CA ASP A 1809 -68.73 -64.52 60.74
C ASP A 1809 -69.49 -63.22 60.56
N LYS A 1810 -69.24 -62.25 61.45
CA LYS A 1810 -69.87 -60.94 61.32
C LYS A 1810 -69.43 -60.27 60.03
N ALA A 1811 -68.14 -60.37 59.70
CA ALA A 1811 -67.61 -59.79 58.47
C ALA A 1811 -68.25 -60.39 57.23
N LEU A 1812 -68.41 -61.72 57.19
CA LEU A 1812 -69.08 -62.38 56.07
C LEU A 1812 -70.53 -61.95 55.95
N ARG A 1813 -71.24 -61.89 57.08
CA ARG A 1813 -72.63 -61.45 57.09
C ARG A 1813 -72.77 -60.01 56.62
N MET A 1814 -71.89 -59.13 57.11
CA MET A 1814 -71.97 -57.72 56.80
C MET A 1814 -71.64 -57.48 55.35
N LEU A 1815 -70.61 -58.18 54.84
CA LEU A 1815 -70.23 -58.04 53.46
C LEU A 1815 -71.35 -58.52 52.54
N GLY A 1816 -72.05 -59.60 52.94
CA GLY A 1816 -73.20 -60.04 52.16
C GLY A 1816 -74.31 -59.00 52.12
N GLU A 1817 -74.51 -58.32 53.26
CA GLU A 1817 -75.50 -57.24 53.32
C GLU A 1817 -75.11 -56.10 52.39
N ALA A 1818 -73.83 -55.74 52.39
CA ALA A 1818 -73.35 -54.64 51.56
C ALA A 1818 -73.47 -54.99 50.08
N VAL A 1819 -73.14 -56.23 49.71
CA VAL A 1819 -73.17 -56.64 48.31
C VAL A 1819 -74.60 -56.62 47.79
N ARG A 1820 -75.54 -57.19 48.56
CA ARG A 1820 -76.93 -57.18 48.15
C ARG A 1820 -77.47 -55.75 48.09
N ASP A 1821 -77.08 -54.89 49.06
CA ASP A 1821 -77.49 -53.49 48.99
C ASP A 1821 -76.91 -52.79 47.77
N GLY A 1822 -75.73 -53.22 47.34
CA GLY A 1822 -75.14 -52.69 46.13
C GLY A 1822 -75.97 -53.04 44.93
N GLY A 1823 -76.48 -54.27 44.89
CA GLY A 1823 -77.34 -54.68 43.80
C GLY A 1823 -78.73 -54.05 43.85
N GLN A 1824 -79.15 -53.57 45.02
CA GLN A 1824 -80.46 -52.91 45.11
C GLN A 1824 -80.47 -51.52 44.46
N HIS A 1825 -79.30 -50.93 44.20
CA HIS A 1825 -79.16 -49.56 43.67
C HIS A 1825 -79.88 -48.54 44.58
N ALA A 1826 -79.75 -48.76 45.89
CA ALA A 1826 -80.38 -47.91 46.89
C ALA A 1826 -79.77 -46.51 46.89
N ARG A 1827 -80.60 -45.53 47.20
CA ARG A 1827 -80.19 -44.13 47.24
C ARG A 1827 -79.71 -43.69 48.61
N ASP A 1828 -79.62 -44.62 49.57
CA ASP A 1828 -79.12 -44.32 50.91
C ASP A 1828 -78.03 -45.32 51.30
N PRO A 1829 -76.84 -45.20 50.71
CA PRO A 1829 -75.75 -46.14 51.03
C PRO A 1829 -75.29 -45.98 52.47
N VAL A 1830 -74.80 -47.08 53.04
CA VAL A 1830 -74.31 -47.09 54.41
C VAL A 1830 -73.09 -46.19 54.52
N GLY A 1831 -73.11 -45.28 55.51
CA GLY A 1831 -72.02 -44.36 55.69
C GLY A 1831 -72.10 -43.10 54.87
N GLY A 1832 -73.00 -43.05 53.89
CA GLY A 1832 -73.19 -41.88 53.06
C GLY A 1832 -72.68 -42.01 51.64
N SER A 1833 -71.92 -43.04 51.32
CA SER A 1833 -71.41 -43.21 49.97
C SER A 1833 -71.06 -44.68 49.75
N VAL A 1834 -70.86 -45.03 48.48
CA VAL A 1834 -70.45 -46.37 48.11
C VAL A 1834 -69.07 -46.67 48.67
N GLU A 1835 -68.17 -45.68 48.61
CA GLU A 1835 -66.82 -45.82 49.13
C GLU A 1835 -66.86 -46.08 50.63
N PHE A 1836 -67.63 -45.26 51.37
CA PHE A 1836 -67.73 -45.44 52.81
C PHE A 1836 -68.48 -46.72 53.17
N GLN A 1837 -69.23 -47.29 52.22
CA GLN A 1837 -69.95 -48.53 52.48
C GLN A 1837 -69.05 -49.74 52.29
N PHE A 1838 -68.15 -49.70 51.32
CA PHE A 1838 -67.38 -50.88 50.96
C PHE A 1838 -65.92 -50.87 51.39
N VAL A 1839 -65.26 -49.70 51.46
CA VAL A 1839 -63.83 -49.67 51.82
C VAL A 1839 -63.54 -50.19 53.23
N PRO A 1840 -64.20 -49.70 54.31
CA PRO A 1840 -63.83 -50.20 55.65
C PRO A 1840 -64.06 -51.70 55.85
N VAL A 1841 -65.13 -52.26 55.29
CA VAL A 1841 -65.37 -53.69 55.48
C VAL A 1841 -64.35 -54.49 54.69
N LEU A 1842 -63.98 -54.03 53.49
CA LEU A 1842 -63.03 -54.77 52.68
C LEU A 1842 -61.64 -54.74 53.27
N LYS A 1843 -61.30 -53.67 54.01
CA LYS A 1843 -60.03 -53.64 54.72
C LYS A 1843 -59.98 -54.74 55.78
N LEU A 1844 -61.10 -54.92 56.50
CA LEU A 1844 -61.20 -55.97 57.51
C LEU A 1844 -61.11 -57.35 56.87
N VAL A 1845 -61.77 -57.52 55.73
CA VAL A 1845 -61.75 -58.81 55.03
C VAL A 1845 -60.33 -59.13 54.57
N SER A 1846 -59.64 -58.13 54.04
CA SER A 1846 -58.27 -58.32 53.56
C SER A 1846 -57.34 -58.69 54.70
N THR A 1847 -57.50 -58.00 55.84
CA THR A 1847 -56.64 -58.27 57.00
C THR A 1847 -56.86 -59.67 57.54
N LEU A 1848 -58.13 -60.10 57.65
CA LEU A 1848 -58.40 -61.45 58.13
C LEU A 1848 -57.91 -62.50 57.13
N LEU A 1849 -58.02 -62.22 55.83
CA LEU A 1849 -57.51 -63.14 54.81
C LEU A 1849 -56.01 -63.30 54.93
N VAL A 1850 -55.30 -62.18 55.14
CA VAL A 1850 -53.85 -62.24 55.31
C VAL A 1850 -53.51 -63.04 56.56
N MET A 1851 -54.23 -62.80 57.66
CA MET A 1851 -53.99 -63.53 58.89
C MET A 1851 -54.40 -64.99 58.80
N GLY A 1852 -55.14 -65.39 57.76
CA GLY A 1852 -55.58 -66.76 57.65
C GLY A 1852 -56.68 -67.17 58.60
N ILE A 1853 -57.45 -66.21 59.11
CA ILE A 1853 -58.52 -66.53 60.05
C ILE A 1853 -59.63 -67.32 59.37
N PHE A 1854 -59.94 -66.97 58.12
CA PHE A 1854 -61.03 -67.61 57.39
C PHE A 1854 -60.74 -69.09 57.12
N GLY A 1855 -61.80 -69.89 57.13
CA GLY A 1855 -61.68 -71.30 56.81
C GLY A 1855 -61.90 -71.55 55.33
N ASP A 1856 -61.87 -72.84 54.96
CA ASP A 1856 -62.07 -73.24 53.58
C ASP A 1856 -63.45 -72.89 53.07
N GLU A 1857 -64.48 -73.15 53.88
CA GLU A 1857 -65.84 -72.79 53.48
C GLU A 1857 -66.02 -71.29 53.43
N ASP A 1858 -65.37 -70.57 54.35
CA ASP A 1858 -65.42 -69.11 54.35
C ASP A 1858 -64.83 -68.56 53.07
N VAL A 1859 -63.70 -69.14 52.63
CA VAL A 1859 -63.08 -68.74 51.37
C VAL A 1859 -64.01 -69.05 50.21
N LYS A 1860 -64.74 -70.18 50.28
CA LYS A 1860 -65.69 -70.52 49.23
C LYS A 1860 -66.79 -69.47 49.13
N GLN A 1861 -67.28 -69.02 50.28
CA GLN A 1861 -68.32 -67.98 50.30
C GLN A 1861 -67.79 -66.69 49.71
N ILE A 1862 -66.55 -66.31 50.04
CA ILE A 1862 -65.96 -65.08 49.51
C ILE A 1862 -65.82 -65.18 47.99
N LEU A 1863 -65.36 -66.32 47.49
CA LEU A 1863 -65.21 -66.50 46.04
C LEU A 1863 -66.55 -66.42 45.33
N LYS A 1864 -67.60 -67.01 45.92
CA LYS A 1864 -68.96 -66.86 45.40
C LYS A 1864 -69.39 -65.40 45.37
N MET A 1865 -69.02 -64.63 46.39
CA MET A 1865 -69.43 -63.24 46.43
C MET A 1865 -68.69 -62.41 45.39
N ILE A 1866 -67.37 -62.61 45.28
CA ILE A 1866 -66.56 -61.84 44.33
C ILE A 1866 -66.97 -62.16 42.89
N GLU A 1867 -67.07 -63.45 42.55
CA GLU A 1867 -67.48 -63.84 41.21
C GLU A 1867 -68.14 -65.21 41.28
N PRO A 1868 -69.49 -65.26 41.30
CA PRO A 1868 -70.17 -66.53 41.56
C PRO A 1868 -69.99 -67.60 40.49
N GLU A 1869 -70.35 -67.31 39.23
CA GLU A 1869 -70.47 -68.35 38.21
C GLU A 1869 -69.11 -68.94 37.84
N VAL A 1870 -68.06 -68.12 37.82
CA VAL A 1870 -66.73 -68.63 37.51
C VAL A 1870 -66.26 -69.56 38.63
N PHE A 1871 -66.58 -69.21 39.87
CA PHE A 1871 -66.10 -69.94 41.04
C PHE A 1871 -67.13 -70.95 41.54
N THR A 1872 -67.94 -71.51 40.64
CA THR A 1872 -68.87 -72.57 40.99
C THR A 1872 -68.13 -73.90 40.94
N GLU A 1873 -67.82 -74.47 42.11
CA GLU A 1873 -67.11 -75.74 42.18
C GLU A 1873 -67.98 -76.86 41.62
N GLU A 1874 -67.34 -77.80 40.95
CA GLU A 1874 -68.03 -78.95 40.36
C GLU A 1874 -67.05 -80.08 40.06
N LEU A 1922 -80.06 -59.64 43.90
CA LEU A 1922 -79.44 -60.40 42.83
C LEU A 1922 -78.07 -60.91 43.27
N GLU A 1923 -77.71 -62.12 42.83
CA GLU A 1923 -76.44 -62.74 43.19
C GLU A 1923 -75.34 -62.41 42.16
N GLU A 1924 -75.25 -61.13 41.84
CA GLU A 1924 -74.24 -60.63 40.91
C GLU A 1924 -72.96 -60.32 41.69
N GLY A 1925 -71.82 -60.65 41.08
CA GLY A 1925 -70.54 -60.51 41.74
C GLY A 1925 -70.14 -59.05 41.92
N LEU A 1926 -69.04 -58.87 42.67
CA LEU A 1926 -68.52 -57.54 42.93
C LEU A 1926 -68.06 -56.85 41.66
N LEU A 1927 -67.49 -57.60 40.73
CA LEU A 1927 -66.85 -57.05 39.54
C LEU A 1927 -67.82 -56.34 38.59
N GLN A 1928 -69.12 -56.51 38.75
CA GLN A 1928 -70.11 -55.86 37.91
C GLN A 1928 -70.83 -54.72 38.62
N MET A 1929 -70.25 -54.20 39.70
CA MET A 1929 -70.91 -53.19 40.53
C MET A 1929 -70.49 -51.76 40.22
N LYS A 1930 -69.71 -51.53 39.16
CA LYS A 1930 -69.16 -50.22 38.69
C LYS A 1930 -68.69 -49.34 39.86
N LEU A 1931 -67.77 -49.90 40.61
CA LEU A 1931 -67.29 -49.32 41.85
C LEU A 1931 -66.38 -48.12 41.60
N PRO A 1932 -66.26 -47.21 42.61
CA PRO A 1932 -65.30 -46.10 42.48
C PRO A 1932 -63.85 -46.55 42.60
N GLU A 1933 -62.92 -45.60 42.40
CA GLU A 1933 -61.49 -45.90 42.36
C GLU A 1933 -60.96 -46.42 43.69
N SER A 1934 -61.38 -45.83 44.80
CA SER A 1934 -60.80 -46.12 46.11
C SER A 1934 -60.99 -47.58 46.53
N VAL A 1935 -62.19 -48.11 46.33
CA VAL A 1935 -62.48 -49.50 46.69
C VAL A 1935 -61.88 -50.50 45.69
N LYS A 1936 -61.64 -50.06 44.45
CA LYS A 1936 -60.93 -50.88 43.46
C LYS A 1936 -59.55 -51.28 43.95
N LEU A 1937 -58.89 -50.38 44.69
CA LEU A 1937 -57.60 -50.68 45.30
C LEU A 1937 -57.70 -51.82 46.31
N GLN A 1938 -58.74 -51.81 47.14
CA GLN A 1938 -58.93 -52.92 48.07
C GLN A 1938 -59.27 -54.21 47.33
N MET A 1939 -59.94 -54.09 46.18
CA MET A 1939 -60.26 -55.27 45.38
C MET A 1939 -58.97 -55.92 44.87
N CYS A 1940 -58.04 -55.07 44.43
CA CYS A 1940 -56.75 -55.57 43.96
C CYS A 1940 -55.99 -56.20 45.12
N ASN A 1941 -56.07 -55.59 46.31
CA ASN A 1941 -55.40 -56.14 47.48
C ASN A 1941 -55.94 -57.52 47.85
N LEU A 1942 -57.23 -57.75 47.63
CA LEU A 1942 -57.80 -59.09 47.81
C LEU A 1942 -57.25 -60.08 46.78
N LEU A 1943 -57.13 -59.62 45.54
CA LEU A 1943 -56.73 -60.55 44.49
C LEU A 1943 -55.26 -60.90 44.59
N GLU A 1944 -54.40 -59.95 44.99
CA GLU A 1944 -52.99 -60.28 45.12
C GLU A 1944 -52.73 -61.22 46.30
N TYR A 1945 -53.70 -61.36 47.21
CA TYR A 1945 -53.62 -62.39 48.23
C TYR A 1945 -53.98 -63.75 47.66
N PHE A 1946 -55.06 -63.81 46.87
CA PHE A 1946 -55.43 -65.09 46.27
C PHE A 1946 -54.34 -65.58 45.32
N CYS A 1947 -53.77 -64.66 44.54
CA CYS A 1947 -52.66 -64.99 43.66
C CYS A 1947 -51.42 -65.45 44.44
N ASP A 1948 -51.16 -64.83 45.60
CA ASP A 1948 -50.09 -65.29 46.48
C ASP A 1948 -50.38 -66.72 46.95
N GLN A 1949 -51.65 -67.00 47.28
CA GLN A 1949 -52.04 -68.33 47.72
C GLN A 1949 -51.79 -69.37 46.62
N GLU A 1950 -52.11 -69.00 45.38
CA GLU A 1950 -51.85 -69.88 44.23
C GLU A 1950 -50.35 -70.14 44.04
N LEU A 1951 -49.54 -69.09 44.19
CA LEU A 1951 -48.09 -69.26 44.10
C LEU A 1951 -47.56 -70.18 45.19
N GLN A 1952 -48.06 -70.02 46.42
CA GLN A 1952 -47.65 -70.88 47.52
C GLN A 1952 -48.08 -72.33 47.28
N HIS A 1953 -49.28 -72.51 46.70
CA HIS A 1953 -49.76 -73.85 46.37
C HIS A 1953 -48.85 -74.51 45.34
N ARG A 1954 -48.38 -73.73 44.37
CA ARG A 1954 -47.45 -74.26 43.36
C ARG A 1954 -46.15 -74.68 44.02
N VAL A 1955 -45.60 -73.82 44.89
CA VAL A 1955 -44.30 -74.09 45.51
C VAL A 1955 -44.39 -75.36 46.36
N GLU A 1956 -45.50 -75.50 47.10
CA GLU A 1956 -45.72 -76.69 47.92
C GLU A 1956 -45.82 -77.94 47.04
N SER A 1957 -46.44 -77.81 45.86
CA SER A 1957 -46.52 -78.96 44.95
C SER A 1957 -45.14 -79.36 44.44
N LEU A 1958 -44.30 -78.37 44.14
CA LEU A 1958 -42.91 -78.64 43.76
C LEU A 1958 -42.15 -79.35 44.87
N ALA A 1959 -42.33 -78.92 46.12
CA ALA A 1959 -41.69 -79.60 47.25
C ALA A 1959 -42.16 -81.04 47.41
N ALA A 1960 -43.47 -81.28 47.23
CA ALA A 1960 -43.99 -82.65 47.29
C ALA A 1960 -43.43 -83.53 46.18
N PHE A 1961 -43.37 -82.99 44.96
CA PHE A 1961 -42.80 -83.72 43.84
C PHE A 1961 -41.32 -84.00 44.07
N ALA A 1962 -40.60 -83.02 44.65
CA ALA A 1962 -39.19 -83.21 44.95
C ALA A 1962 -39.01 -84.32 45.99
N GLU A 1963 -39.91 -84.38 46.96
CA GLU A 1963 -39.89 -85.42 47.99
C GLU A 1963 -40.02 -86.81 47.36
N ARG A 1964 -40.96 -86.96 46.44
CA ARG A 1964 -41.12 -88.27 45.80
C ARG A 1964 -39.96 -88.59 44.85
N TYR A 1965 -39.58 -87.60 44.04
CA TYR A 1965 -38.61 -87.80 42.98
C TYR A 1965 -37.22 -88.10 43.51
N VAL A 1966 -36.84 -87.48 44.64
CA VAL A 1966 -35.54 -87.77 45.24
C VAL A 1966 -35.48 -89.23 45.68
N ASP A 1967 -36.56 -89.71 46.31
CA ASP A 1967 -36.60 -91.08 46.82
C ASP A 1967 -36.47 -92.10 45.69
N LYS A 1968 -37.25 -91.91 44.63
CA LYS A 1968 -37.18 -92.87 43.51
C LYS A 1968 -35.87 -92.74 42.74
N LEU A 1969 -35.31 -91.53 42.63
CA LEU A 1969 -34.05 -91.35 41.93
C LEU A 1969 -32.91 -91.95 42.72
N GLN A 1970 -32.94 -91.82 44.06
CA GLN A 1970 -31.93 -92.43 44.91
C GLN A 1970 -31.98 -93.94 44.79
N ALA A 1971 -33.19 -94.52 44.76
CA ALA A 1971 -33.33 -95.96 44.63
C ALA A 1971 -32.75 -96.46 43.30
N ASN A 1972 -33.05 -95.74 42.21
CA ASN A 1972 -32.49 -96.09 40.90
C ASN A 1972 -30.97 -95.95 40.86
N GLN A 1973 -30.44 -94.88 41.46
CA GLN A 1973 -29.00 -94.67 41.54
C GLN A 1973 -28.32 -95.73 42.40
N ARG A 1974 -28.98 -96.17 43.47
CA ARG A 1974 -28.47 -97.26 44.29
C ARG A 1974 -28.40 -98.55 43.50
N SER A 1975 -29.46 -98.86 42.75
CA SER A 1975 -29.48 -100.09 41.96
C SER A 1975 -28.43 -100.05 40.85
N ARG A 1976 -28.28 -98.87 40.22
CA ARG A 1976 -27.26 -98.71 39.18
C ARG A 1976 -25.85 -98.87 39.76
N TYR A 1977 -25.64 -98.36 40.97
CA TYR A 1977 -24.34 -98.50 41.64
C TYR A 1977 -24.06 -99.96 41.94
N ALA A 1978 -25.09 -100.70 42.36
CA ALA A 1978 -24.94 -102.13 42.62
C ALA A 1978 -24.58 -102.87 41.34
N LEU A 1979 -25.23 -102.49 40.22
CA LEU A 1979 -24.88 -103.10 38.93
C LEU A 1979 -23.45 -102.76 38.53
N LEU A 1980 -22.98 -101.57 38.92
CA LEU A 1980 -21.61 -101.20 38.58
C LEU A 1980 -20.63 -102.01 39.41
N MET A 1981 -21.05 -102.48 40.59
CA MET A 1981 -20.16 -103.28 41.42
C MET A 1981 -19.89 -104.64 40.77
N ARG A 1982 -20.82 -105.16 39.98
CA ARG A 1982 -20.60 -106.39 39.25
C ARG A 1982 -20.28 -106.17 37.78
N ALA A 1983 -20.15 -104.91 37.35
CA ALA A 1983 -19.86 -104.64 35.94
C ALA A 1983 -18.41 -104.95 35.57
N PHE A 1984 -17.52 -105.05 36.56
CA PHE A 1984 -16.09 -105.28 36.29
C PHE A 1984 -15.83 -106.65 35.68
N THR A 1985 -16.78 -107.58 35.80
CA THR A 1985 -16.62 -108.89 35.18
C THR A 1985 -16.82 -108.79 33.67
N MET A 1986 -17.77 -107.96 33.24
CA MET A 1986 -18.14 -107.81 31.85
C MET A 1986 -17.80 -106.41 31.33
N SER A 1987 -16.70 -105.83 31.80
CA SER A 1987 -16.29 -104.53 31.34
C SER A 1987 -14.77 -104.43 31.44
N ALA A 1988 -14.24 -103.23 31.25
CA ALA A 1988 -12.81 -102.97 31.26
C ALA A 1988 -12.61 -101.55 31.79
N ALA A 1989 -11.44 -100.95 31.49
CA ALA A 1989 -11.08 -99.61 31.97
C ALA A 1989 -12.05 -98.49 31.57
N GLU A 1990 -13.00 -98.73 30.67
CA GLU A 1990 -13.98 -97.71 30.29
C GLU A 1990 -15.06 -97.48 31.35
N THR A 1991 -15.00 -98.19 32.49
CA THR A 1991 -15.92 -97.98 33.61
C THR A 1991 -15.79 -96.61 34.24
N ALA A 1992 -14.71 -95.86 33.97
CA ALA A 1992 -14.53 -94.53 34.52
C ALA A 1992 -15.69 -93.59 34.14
N ARG A 1993 -16.21 -93.74 32.91
CA ARG A 1993 -17.36 -92.93 32.51
C ARG A 1993 -18.64 -93.34 33.24
N ARG A 1994 -18.79 -94.62 33.59
CA ARG A 1994 -19.95 -95.06 34.35
C ARG A 1994 -19.86 -94.71 35.83
N THR A 1995 -18.66 -94.78 36.40
CA THR A 1995 -18.46 -94.43 37.81
C THR A 1995 -18.12 -92.97 38.01
N ARG A 1996 -18.14 -92.16 36.93
CA ARG A 1996 -17.94 -90.72 37.05
C ARG A 1996 -19.00 -90.09 37.92
N GLU A 1997 -20.22 -90.66 37.92
CA GLU A 1997 -21.29 -90.18 38.79
C GLU A 1997 -20.89 -90.33 40.24
N PHE A 1998 -20.45 -91.53 40.62
CA PHE A 1998 -20.17 -91.81 42.02
C PHE A 1998 -18.83 -91.25 42.47
N ARG A 1999 -17.97 -90.84 41.54
CA ARG A 1999 -16.78 -90.09 41.92
C ARG A 1999 -16.96 -88.59 41.75
N SER A 2000 -18.14 -88.15 41.31
CA SER A 2000 -18.42 -86.73 41.21
C SER A 2000 -19.39 -86.32 42.31
N PRO A 2001 -19.24 -85.12 42.87
CA PRO A 2001 -20.14 -84.69 43.96
C PRO A 2001 -21.57 -84.55 43.47
N PRO A 2002 -22.56 -84.70 44.37
CA PRO A 2002 -23.98 -84.78 43.92
C PRO A 2002 -24.54 -83.54 43.23
N GLN A 2003 -23.88 -82.38 43.36
CA GLN A 2003 -24.37 -81.14 42.77
C GLN A 2003 -24.48 -81.26 41.26
N GLU A 2004 -23.47 -81.84 40.61
CA GLU A 2004 -23.57 -82.04 39.17
C GLU A 2004 -24.06 -83.43 38.81
N GLN A 2005 -24.14 -84.35 39.80
CA GLN A 2005 -24.79 -85.64 39.56
C GLN A 2005 -26.25 -85.45 39.22
N ILE A 2006 -26.97 -84.67 40.05
CA ILE A 2006 -28.36 -84.41 39.76
C ILE A 2006 -28.51 -83.59 38.49
N ASN A 2007 -27.57 -82.67 38.22
CA ASN A 2007 -27.59 -81.88 37.00
C ASN A 2007 -27.51 -82.75 35.76
N MET A 2008 -26.62 -83.74 35.79
CA MET A 2008 -26.52 -84.71 34.70
C MET A 2008 -27.77 -85.60 34.62
N LEU A 2009 -28.27 -86.06 35.78
CA LEU A 2009 -29.45 -86.91 35.80
C LEU A 2009 -30.67 -86.18 35.26
N LEU A 2010 -30.86 -84.93 35.65
CA LEU A 2010 -31.96 -84.10 35.20
C LEU A 2010 -31.77 -83.62 33.76
N HIS A 2011 -30.56 -83.71 33.22
CA HIS A 2011 -30.25 -83.13 31.91
C HIS A 2011 -30.74 -84.08 30.80
N PHE A 2012 -32.06 -84.11 30.63
CA PHE A 2012 -32.67 -84.82 29.51
C PHE A 2012 -33.88 -84.07 28.96
N LYS A 2013 -33.95 -82.75 29.16
CA LYS A 2013 -35.16 -82.02 28.80
C LYS A 2013 -35.33 -81.90 27.29
N ASP A 2014 -34.26 -81.55 26.58
CA ASP A 2014 -34.35 -81.23 25.15
C ASP A 2014 -34.27 -82.46 24.26
N GLU A 2015 -34.12 -83.66 24.83
CA GLU A 2015 -34.08 -84.98 24.19
C GLU A 2015 -32.83 -85.23 23.34
N ALA A 2016 -31.94 -84.26 23.20
CA ALA A 2016 -30.68 -84.43 22.49
C ALA A 2016 -29.56 -84.94 23.39
N ASP A 2017 -29.89 -85.29 24.64
CA ASP A 2017 -28.91 -85.70 25.64
C ASP A 2017 -29.37 -86.95 26.40
N GLU A 2018 -30.19 -87.78 25.77
CA GLU A 2018 -30.73 -88.96 26.44
C GLU A 2018 -29.66 -90.03 26.66
N GLU A 2019 -28.64 -90.06 25.79
CA GLU A 2019 -27.58 -91.07 25.90
C GLU A 2019 -26.79 -90.92 27.19
N ASP A 2020 -26.48 -89.68 27.58
CA ASP A 2020 -25.74 -89.45 28.81
C ASP A 2020 -26.59 -89.78 30.03
N CYS A 2021 -27.88 -89.46 29.99
CA CYS A 2021 -28.77 -89.69 31.12
C CYS A 2021 -29.09 -91.18 31.27
N PRO A 2022 -28.86 -91.79 32.43
CA PRO A 2022 -29.18 -93.21 32.62
C PRO A 2022 -30.55 -93.49 33.24
N LEU A 2023 -31.39 -92.48 33.41
CA LEU A 2023 -32.69 -92.67 34.05
C LEU A 2023 -33.61 -93.52 33.18
N PRO A 2024 -34.37 -94.44 33.77
CA PRO A 2024 -35.35 -95.20 32.99
C PRO A 2024 -36.48 -94.32 32.52
N GLU A 2025 -37.09 -94.74 31.40
CA GLU A 2025 -38.12 -93.95 30.74
C GLU A 2025 -39.37 -93.74 31.59
N ASP A 2026 -39.61 -94.57 32.60
CA ASP A 2026 -40.75 -94.35 33.49
C ASP A 2026 -40.52 -93.12 34.38
N ILE A 2027 -39.32 -92.99 34.94
CA ILE A 2027 -38.98 -91.80 35.72
C ILE A 2027 -38.90 -90.58 34.80
N ARG A 2028 -38.32 -90.74 33.61
CA ARG A 2028 -38.29 -89.64 32.65
C ARG A 2028 -39.69 -89.19 32.24
N GLN A 2029 -40.63 -90.14 32.14
CA GLN A 2029 -42.01 -89.79 31.85
C GLN A 2029 -42.65 -89.07 33.02
N ASP A 2030 -42.28 -89.48 34.25
CA ASP A 2030 -42.83 -88.89 35.45
C ASP A 2030 -42.47 -87.41 35.51
N LEU A 2031 -41.20 -87.12 35.24
CA LEU A 2031 -40.73 -85.74 35.30
C LEU A 2031 -41.34 -84.90 34.19
N GLN A 2032 -41.31 -85.39 32.94
CA GLN A 2032 -41.86 -84.57 31.86
C GLN A 2032 -43.37 -84.39 31.99
N ASP A 2033 -44.08 -85.36 32.60
CA ASP A 2033 -45.50 -85.22 32.89
C ASP A 2033 -45.73 -84.13 33.94
N PHE A 2034 -44.94 -84.16 35.01
CA PHE A 2034 -45.08 -83.11 36.01
C PHE A 2034 -44.68 -81.74 35.46
N HIS A 2035 -43.82 -81.70 34.44
CA HIS A 2035 -43.54 -80.42 33.81
C HIS A 2035 -44.73 -79.98 32.96
N GLN A 2036 -45.43 -80.96 32.37
CA GLN A 2036 -46.55 -80.64 31.48
C GLN A 2036 -47.70 -80.03 32.27
N ASP A 2037 -48.09 -80.69 33.36
CA ASP A 2037 -49.20 -80.09 34.10
C ASP A 2037 -48.74 -78.88 34.91
N LEU A 2038 -47.43 -78.75 35.19
CA LEU A 2038 -46.95 -77.55 35.88
C LEU A 2038 -47.12 -76.31 35.00
N LEU A 2039 -46.68 -76.41 33.74
CA LEU A 2039 -46.92 -75.31 32.81
C LEU A 2039 -48.39 -75.15 32.46
N ALA A 2040 -49.16 -76.24 32.44
CA ALA A 2040 -50.60 -76.10 32.26
C ALA A 2040 -51.25 -75.39 33.44
N HIS A 2041 -50.77 -75.65 34.66
CA HIS A 2041 -51.23 -74.93 35.84
C HIS A 2041 -50.87 -73.46 35.75
N CYS A 2042 -49.70 -73.15 35.22
CA CYS A 2042 -49.34 -71.76 34.95
C CYS A 2042 -50.02 -71.20 33.70
N GLY A 2043 -50.78 -72.02 32.99
CA GLY A 2043 -51.49 -71.58 31.79
C GLY A 2043 -50.62 -71.21 30.61
N ILE A 2044 -49.57 -71.97 30.34
CA ILE A 2044 -48.71 -71.67 29.21
C ILE A 2044 -49.38 -72.08 27.90
N GLN A 2045 -49.68 -73.36 27.75
CA GLN A 2045 -50.34 -73.87 26.55
C GLN A 2045 -51.04 -75.17 26.91
N LEU A 2046 -52.05 -75.49 26.10
CA LEU A 2046 -52.85 -76.70 26.29
C LEU A 2046 -53.66 -76.99 25.04
N GLU A 2088 -66.85 -68.44 24.67
CA GLU A 2088 -65.55 -68.61 25.33
C GLU A 2088 -65.23 -67.41 26.20
N LYS A 2089 -66.24 -66.57 26.45
CA LYS A 2089 -66.06 -65.39 27.28
C LYS A 2089 -65.93 -65.72 28.76
N LYS A 2090 -66.17 -66.96 29.15
CA LYS A 2090 -66.06 -67.36 30.55
C LYS A 2090 -64.59 -67.46 30.90
N PRO A 2091 -64.08 -66.68 31.87
CA PRO A 2091 -62.67 -66.79 32.25
C PRO A 2091 -62.26 -68.16 32.77
N GLN A 2092 -63.13 -68.80 33.55
CA GLN A 2092 -63.00 -70.17 34.07
C GLN A 2092 -61.79 -70.37 34.98
N SER A 2093 -61.08 -69.30 35.34
CA SER A 2093 -59.91 -69.38 36.21
C SER A 2093 -59.63 -67.98 36.74
N LEU A 2094 -58.89 -67.95 37.86
CA LEU A 2094 -58.46 -66.69 38.45
C LEU A 2094 -57.50 -65.95 37.54
N GLN A 2095 -56.60 -66.68 36.87
CA GLN A 2095 -55.61 -66.06 35.99
C GLN A 2095 -56.26 -65.31 34.85
N GLU A 2096 -57.27 -65.90 34.23
CA GLU A 2096 -57.96 -65.23 33.15
C GLU A 2096 -58.89 -64.14 33.67
N LEU A 2097 -59.51 -64.38 34.82
CA LEU A 2097 -60.49 -63.45 35.38
C LEU A 2097 -59.83 -62.13 35.79
N VAL A 2098 -58.67 -62.19 36.44
CA VAL A 2098 -57.99 -60.97 36.90
C VAL A 2098 -57.57 -60.13 35.70
N SER A 2099 -56.97 -60.77 34.69
CA SER A 2099 -56.53 -60.05 33.50
C SER A 2099 -57.69 -59.41 32.76
N HIS A 2100 -58.82 -60.14 32.63
CA HIS A 2100 -59.99 -59.60 31.96
CA HIS A 2100 -59.98 -59.60 31.95
C HIS A 2100 -60.55 -58.42 32.71
N MET A 2101 -60.59 -58.51 34.04
CA MET A 2101 -61.17 -57.45 34.86
C MET A 2101 -60.29 -56.21 34.81
N VAL A 2102 -58.97 -56.40 34.96
CA VAL A 2102 -58.06 -55.26 35.01
C VAL A 2102 -58.08 -54.51 33.69
N VAL A 2103 -58.07 -55.26 32.56
CA VAL A 2103 -58.14 -54.62 31.25
C VAL A 2103 -59.48 -53.90 31.10
N ARG A 2104 -60.57 -54.50 31.61
CA ARG A 2104 -61.88 -53.85 31.52
C ARG A 2104 -61.90 -52.54 32.30
N TRP A 2105 -61.32 -52.54 33.51
CA TRP A 2105 -61.28 -51.34 34.34
C TRP A 2105 -60.49 -50.25 33.64
N ALA A 2106 -59.35 -50.62 33.06
CA ALA A 2106 -58.50 -49.64 32.40
C ALA A 2106 -59.18 -49.03 31.18
N GLN A 2107 -59.86 -49.86 30.39
CA GLN A 2107 -60.47 -49.33 29.18
C GLN A 2107 -61.80 -48.64 29.44
N GLU A 2108 -62.42 -48.85 30.61
CA GLU A 2108 -63.70 -48.18 30.87
C GLU A 2108 -63.51 -46.70 31.15
N ASP A 2109 -62.45 -46.32 31.85
CA ASP A 2109 -62.24 -44.91 32.19
C ASP A 2109 -60.76 -44.66 32.47
N TYR A 2110 -60.41 -43.38 32.43
CA TYR A 2110 -59.04 -42.95 32.73
C TYR A 2110 -58.88 -42.96 34.24
N VAL A 2111 -58.16 -43.96 34.75
CA VAL A 2111 -57.92 -44.10 36.18
C VAL A 2111 -57.02 -42.98 36.66
N GLN A 2112 -57.43 -42.29 37.72
CA GLN A 2112 -56.69 -41.12 38.18
C GLN A 2112 -55.78 -41.40 39.38
N SER A 2113 -55.95 -42.52 40.07
CA SER A 2113 -55.13 -42.82 41.24
C SER A 2113 -53.86 -43.55 40.80
N PRO A 2114 -52.68 -42.94 40.95
CA PRO A 2114 -51.43 -43.62 40.56
C PRO A 2114 -51.18 -44.92 41.33
N GLU A 2115 -51.55 -44.93 42.61
CA GLU A 2115 -51.38 -46.13 43.42
C GLU A 2115 -52.29 -47.24 42.90
N LEU A 2116 -53.52 -46.89 42.52
CA LEU A 2116 -54.44 -47.88 41.96
C LEU A 2116 -53.92 -48.43 40.64
N VAL A 2117 -53.32 -47.56 39.82
CA VAL A 2117 -52.73 -47.97 38.54
C VAL A 2117 -51.61 -48.98 38.77
N ARG A 2118 -50.71 -48.65 39.70
CA ARG A 2118 -49.60 -49.54 40.02
C ARG A 2118 -50.10 -50.85 40.62
N ALA A 2119 -51.20 -50.77 41.37
CA ALA A 2119 -51.75 -51.97 42.00
C ALA A 2119 -52.32 -52.90 40.96
N MET A 2120 -53.10 -52.37 40.01
CA MET A 2120 -53.74 -53.25 39.03
C MET A 2120 -52.69 -53.84 38.09
N PHE A 2121 -51.68 -53.04 37.71
CA PHE A 2121 -50.73 -53.58 36.76
C PHE A 2121 -49.74 -54.53 37.41
N SER A 2122 -49.59 -54.48 38.74
CA SER A 2122 -48.88 -55.53 39.45
C SER A 2122 -49.60 -56.86 39.30
N LEU A 2123 -50.93 -56.83 39.43
CA LEU A 2123 -51.73 -58.04 39.28
C LEU A 2123 -51.66 -58.56 37.86
N LEU A 2124 -51.78 -57.66 36.88
CA LEU A 2124 -51.79 -58.08 35.48
C LEU A 2124 -50.46 -58.71 35.09
N HIS A 2125 -49.35 -58.13 35.57
CA HIS A 2125 -48.04 -58.69 35.28
C HIS A 2125 -47.93 -60.06 35.91
N ARG A 2126 -48.44 -60.22 37.15
CA ARG A 2126 -48.31 -61.52 37.81
C ARG A 2126 -49.14 -62.57 37.10
N GLN A 2127 -50.26 -62.19 36.48
CA GLN A 2127 -51.06 -63.21 35.81
C GLN A 2127 -50.39 -63.69 34.54
N TYR A 2128 -49.86 -62.74 33.76
CA TYR A 2128 -49.17 -63.15 32.52
C TYR A 2128 -47.86 -63.89 32.80
N ASP A 2129 -47.01 -63.34 33.67
CA ASP A 2129 -45.70 -63.93 33.91
C ASP A 2129 -45.80 -65.00 35.01
N GLY A 2130 -46.48 -66.10 34.66
CA GLY A 2130 -46.67 -67.19 35.60
C GLY A 2130 -45.37 -67.85 36.02
N LEU A 2131 -44.47 -68.11 35.06
CA LEU A 2131 -43.20 -68.75 35.39
C LEU A 2131 -42.21 -67.81 36.05
N GLY A 2132 -42.22 -66.52 35.66
CA GLY A 2132 -41.27 -65.57 36.22
C GLY A 2132 -41.42 -65.37 37.72
N GLU A 2133 -42.66 -65.25 38.20
CA GLU A 2133 -42.90 -65.16 39.63
C GLU A 2133 -42.48 -66.43 40.36
N LEU A 2134 -42.65 -67.60 39.72
CA LEU A 2134 -42.14 -68.82 40.30
C LEU A 2134 -40.62 -68.81 40.36
N LEU A 2135 -39.98 -68.31 39.30
CA LEU A 2135 -38.53 -68.21 39.27
C LEU A 2135 -38.00 -67.21 40.30
N ARG A 2136 -38.81 -66.23 40.66
CA ARG A 2136 -38.43 -65.26 41.68
C ARG A 2136 -38.90 -65.67 43.06
N ALA A 2137 -39.54 -66.84 43.17
CA ALA A 2137 -39.92 -67.38 44.47
C ALA A 2137 -39.11 -68.60 44.87
N LEU A 2138 -38.62 -69.36 43.89
CA LEU A 2138 -37.78 -70.53 44.19
C LEU A 2138 -36.50 -70.24 44.99
N PRO A 2139 -35.73 -69.15 44.77
CA PRO A 2139 -34.53 -68.93 45.62
C PRO A 2139 -34.83 -68.83 47.11
N ARG A 2140 -36.02 -68.38 47.50
CA ARG A 2140 -36.37 -68.35 48.91
C ARG A 2140 -37.02 -69.65 49.38
N ALA A 2141 -37.29 -70.59 48.47
CA ALA A 2141 -37.86 -71.86 48.88
C ALA A 2141 -36.81 -72.73 49.54
N TYR A 2142 -37.25 -73.58 50.47
CA TYR A 2142 -36.35 -74.43 51.23
C TYR A 2142 -37.18 -75.56 51.85
N THR A 2143 -36.53 -76.71 52.03
CA THR A 2143 -37.18 -77.87 52.63
C THR A 2143 -36.46 -78.23 53.91
N ILE A 2144 -37.22 -78.66 54.91
CA ILE A 2144 -36.65 -78.92 56.23
C ILE A 2144 -37.09 -80.29 56.72
N SER A 2145 -36.33 -80.83 57.66
CA SER A 2145 -36.61 -82.12 58.25
C SER A 2145 -37.80 -82.01 59.21
N PRO A 2146 -38.70 -83.01 59.20
CA PRO A 2146 -39.85 -82.99 60.12
C PRO A 2146 -39.48 -83.00 61.60
N SER A 2147 -38.34 -83.57 61.96
CA SER A 2147 -37.93 -83.63 63.35
C SER A 2147 -37.42 -82.31 63.90
N SER A 2148 -37.17 -81.30 63.05
CA SER A 2148 -36.65 -80.01 63.49
C SER A 2148 -37.62 -78.87 63.19
N VAL A 2149 -38.91 -79.19 63.01
CA VAL A 2149 -39.89 -78.16 62.68
C VAL A 2149 -40.10 -77.20 63.83
N GLU A 2150 -40.13 -77.70 65.08
CA GLU A 2150 -40.38 -76.80 66.21
C GLU A 2150 -39.20 -75.86 66.44
N ASP A 2151 -37.98 -76.33 66.20
CA ASP A 2151 -36.80 -75.46 66.25
C ASP A 2151 -36.84 -74.39 65.17
N THR A 2152 -37.24 -74.75 63.95
CA THR A 2152 -37.39 -73.72 62.93
C THR A 2152 -38.54 -72.79 63.23
N MET A 2153 -39.62 -73.30 63.84
CA MET A 2153 -40.75 -72.49 64.25
C MET A 2153 -40.31 -71.46 65.27
N SER A 2154 -39.37 -71.86 66.13
CA SER A 2154 -38.88 -70.99 67.17
C SER A 2154 -38.01 -69.89 66.58
N LEU A 2155 -37.11 -70.26 65.65
CA LEU A 2155 -36.23 -69.24 65.09
C LEU A 2155 -37.01 -68.25 64.25
N LEU A 2156 -38.07 -68.71 63.56
CA LEU A 2156 -38.95 -67.80 62.83
C LEU A 2156 -39.66 -66.84 63.78
N GLU A 2157 -40.10 -67.33 64.94
CA GLU A 2157 -40.64 -66.46 65.97
C GLU A 2157 -39.62 -65.43 66.46
N CYS A 2158 -38.38 -65.87 66.70
CA CYS A 2158 -37.32 -64.95 67.12
C CYS A 2158 -37.01 -63.91 66.04
N LEU A 2159 -36.97 -64.33 64.78
CA LEU A 2159 -36.74 -63.40 63.68
C LEU A 2159 -37.91 -62.42 63.51
N GLY A 2160 -39.10 -62.76 63.99
CA GLY A 2160 -40.23 -61.86 63.87
C GLY A 2160 -40.00 -60.55 64.61
N GLN A 2161 -39.47 -60.62 65.83
CA GLN A 2161 -39.17 -59.40 66.57
C GLN A 2161 -38.05 -58.63 65.90
N ILE A 2162 -37.09 -59.35 65.33
CA ILE A 2162 -35.93 -58.73 64.70
C ILE A 2162 -36.38 -57.86 63.53
N ARG A 2163 -37.26 -58.41 62.70
CA ARG A 2163 -37.81 -57.63 61.60
C ARG A 2163 -38.68 -56.49 62.13
N SER A 2164 -39.46 -56.74 63.19
CA SER A 2164 -40.36 -55.70 63.69
C SER A 2164 -39.62 -54.54 64.37
N LEU A 2165 -38.34 -54.69 64.70
CA LEU A 2165 -37.63 -53.63 65.40
C LEU A 2165 -36.89 -52.68 64.47
N LEU A 2166 -36.86 -52.93 63.17
CA LEU A 2166 -36.20 -51.97 62.29
C LEU A 2166 -37.08 -50.79 61.94
N ILE A 2167 -38.37 -50.82 62.26
CA ILE A 2167 -39.29 -49.72 61.97
C ILE A 2167 -39.51 -48.83 63.17
N VAL A 2168 -38.75 -49.03 64.24
CA VAL A 2168 -38.94 -48.29 65.48
C VAL A 2168 -37.59 -47.71 65.90
N GLN A 2169 -37.62 -46.49 66.47
CA GLN A 2169 -36.41 -45.86 66.99
C GLN A 2169 -35.79 -46.71 68.08
N MET A 2170 -34.46 -46.78 68.06
CA MET A 2170 -33.71 -47.59 69.01
C MET A 2170 -33.89 -47.14 70.45
N GLY A 2171 -34.16 -48.11 71.33
CA GLY A 2171 -34.38 -47.86 72.73
C GLY A 2171 -33.84 -49.02 73.53
N PRO A 2172 -33.60 -48.79 74.83
CA PRO A 2172 -33.08 -49.87 75.70
C PRO A 2172 -34.02 -51.06 75.81
N GLN A 2173 -35.33 -50.79 75.79
CA GLN A 2173 -36.32 -51.87 75.85
C GLN A 2173 -36.24 -52.75 74.61
N GLU A 2174 -36.09 -52.13 73.43
CA GLU A 2174 -35.98 -52.92 72.22
C GLU A 2174 -34.62 -53.60 72.16
N GLU A 2175 -33.61 -52.94 72.73
CA GLU A 2175 -32.24 -53.44 72.76
C GLU A 2175 -32.15 -54.77 73.50
N ASN A 2176 -32.83 -54.86 74.65
CA ASN A 2176 -32.85 -56.10 75.40
C ASN A 2176 -33.53 -57.20 74.60
N LEU A 2177 -34.65 -56.87 73.95
CA LEU A 2177 -35.42 -57.84 73.19
C LEU A 2177 -34.62 -58.42 72.03
N MET A 2178 -33.92 -57.55 71.30
CA MET A 2178 -33.13 -58.03 70.18
C MET A 2178 -31.90 -58.80 70.65
N ILE A 2179 -31.31 -58.41 71.79
CA ILE A 2179 -30.17 -59.15 72.33
C ILE A 2179 -30.59 -60.57 72.71
N GLN A 2180 -31.75 -60.70 73.35
CA GLN A 2180 -32.32 -62.01 73.66
C GLN A 2180 -32.63 -62.80 72.39
N SER A 2181 -33.15 -62.12 71.36
CA SER A 2181 -33.45 -62.77 70.09
C SER A 2181 -32.18 -63.32 69.44
N ILE A 2182 -31.10 -62.52 69.46
CA ILE A 2182 -29.82 -62.94 68.89
C ILE A 2182 -29.27 -64.13 69.68
N GLY A 2183 -29.37 -64.08 71.00
CA GLY A 2183 -28.90 -65.21 71.80
C GLY A 2183 -29.70 -66.47 71.52
N ASN A 2184 -31.01 -66.32 71.26
CA ASN A 2184 -31.82 -67.47 70.89
C ASN A 2184 -31.37 -68.04 69.55
N ILE A 2185 -30.93 -67.18 68.63
CA ILE A 2185 -30.42 -67.63 67.35
C ILE A 2185 -29.13 -68.43 67.57
N MET A 2186 -28.29 -67.95 68.49
CA MET A 2186 -27.09 -68.69 68.87
C MET A 2186 -27.44 -70.07 69.40
N ASN A 2187 -28.37 -70.13 70.35
CA ASN A 2187 -28.72 -71.39 70.98
C ASN A 2187 -29.53 -72.32 70.07
N ASN A 2188 -30.01 -71.84 68.93
CA ASN A 2188 -30.74 -72.70 68.01
C ASN A 2188 -29.76 -73.47 67.13
N LYS A 2189 -29.82 -74.80 67.19
CA LYS A 2189 -28.92 -75.68 66.46
C LYS A 2189 -29.14 -75.64 64.95
N VAL A 2190 -30.31 -75.19 64.49
CA VAL A 2190 -30.60 -75.14 63.05
C VAL A 2190 -29.75 -74.06 62.36
N PHE A 2191 -29.29 -73.07 63.12
CA PHE A 2191 -28.45 -72.00 62.61
C PHE A 2191 -27.12 -72.52 62.10
N TYR A 2192 -26.69 -73.70 62.57
CA TYR A 2192 -25.52 -74.36 62.03
C TYR A 2192 -25.88 -75.48 61.08
N GLN A 2193 -27.02 -76.14 61.32
CA GLN A 2193 -27.44 -77.27 60.49
C GLN A 2193 -27.72 -76.85 59.06
N HIS A 2194 -28.39 -75.71 58.88
CA HIS A 2194 -28.82 -75.26 57.56
C HIS A 2194 -28.40 -73.81 57.34
N PRO A 2195 -27.11 -73.54 57.08
CA PRO A 2195 -26.69 -72.17 56.73
C PRO A 2195 -27.34 -71.63 55.46
N ASN A 2196 -27.64 -72.51 54.49
CA ASN A 2196 -28.28 -72.06 53.25
C ASN A 2196 -29.66 -71.46 53.51
N LEU A 2197 -30.45 -72.09 54.38
CA LEU A 2197 -31.71 -71.50 54.79
C LEU A 2197 -31.49 -70.20 55.55
N MET A 2198 -30.47 -70.17 56.42
CA MET A 2198 -30.20 -68.96 57.19
C MET A 2198 -29.75 -67.82 56.29
N ARG A 2199 -29.12 -68.15 55.17
CA ARG A 2199 -28.75 -67.16 54.17
C ARG A 2199 -29.96 -66.73 53.37
N ALA A 2200 -30.84 -67.67 53.06
CA ALA A 2200 -32.04 -67.40 52.27
C ALA A 2200 -32.96 -66.44 52.99
N LEU A 2201 -33.09 -66.59 54.31
CA LEU A 2201 -33.87 -65.64 55.09
C LEU A 2201 -33.23 -64.26 55.13
N GLY A 2202 -31.94 -64.16 54.85
CA GLY A 2202 -31.26 -62.87 54.81
C GLY A 2202 -31.19 -62.16 56.15
N MET A 2203 -30.93 -62.92 57.23
CA MET A 2203 -30.77 -62.30 58.54
C MET A 2203 -29.58 -61.37 58.58
N HIS A 2204 -28.48 -61.75 57.91
CA HIS A 2204 -27.28 -60.93 57.85
C HIS A 2204 -27.56 -59.53 57.32
N GLU A 2205 -28.50 -59.42 56.39
CA GLU A 2205 -28.97 -58.12 55.92
C GLU A 2205 -29.64 -57.35 57.05
N THR A 2206 -30.66 -57.94 57.67
CA THR A 2206 -31.46 -57.25 58.68
C THR A 2206 -30.61 -56.82 59.86
N VAL A 2207 -29.73 -57.72 60.33
CA VAL A 2207 -28.81 -57.39 61.42
C VAL A 2207 -27.82 -56.31 60.96
N MET A 2208 -27.55 -56.24 59.65
CA MET A 2208 -26.67 -55.17 59.19
C MET A 2208 -27.39 -53.83 59.26
N GLU A 2209 -28.65 -53.77 58.80
CA GLU A 2209 -29.31 -52.46 58.81
C GLU A 2209 -29.67 -52.01 60.22
N VAL A 2210 -29.96 -52.95 61.13
CA VAL A 2210 -30.26 -52.57 62.51
C VAL A 2210 -29.02 -51.92 63.15
N MET A 2211 -27.82 -52.29 62.67
CA MET A 2211 -26.63 -51.54 63.02
C MET A 2211 -26.59 -50.20 62.32
N VAL A 2212 -26.93 -50.17 61.03
CA VAL A 2212 -26.85 -48.96 60.20
C VAL A 2212 -27.72 -47.84 60.79
N ASN A 2213 -28.84 -48.21 61.38
CA ASN A 2213 -29.67 -47.26 62.14
C ASN A 2213 -28.91 -46.64 63.30
N VAL A 2214 -28.13 -47.44 64.02
CA VAL A 2214 -27.36 -46.96 65.17
C VAL A 2214 -26.18 -46.11 64.73
N LEU A 2215 -25.42 -46.59 63.74
CA LEU A 2215 -24.26 -45.85 63.24
C LEU A 2215 -24.69 -44.52 62.61
N GLY A 2216 -25.74 -44.54 61.79
CA GLY A 2216 -26.22 -43.28 61.21
C GLY A 2216 -26.82 -42.36 62.25
N GLY A 2217 -27.49 -42.90 63.27
CA GLY A 2217 -28.07 -42.10 64.31
C GLY A 2217 -27.04 -41.49 65.23
N GLY A 2218 -26.89 -40.17 65.17
CA GLY A 2218 -25.93 -39.47 66.01
C GLY A 2218 -24.48 -39.79 65.74
N GLU A 2219 -24.09 -39.92 64.47
CA GLU A 2219 -22.69 -40.17 64.13
C GLU A 2219 -21.79 -38.97 64.40
N THR A 2220 -22.37 -37.79 64.62
CA THR A 2220 -21.58 -36.60 64.91
C THR A 2220 -21.20 -36.55 66.39
N LYS A 2221 -22.10 -36.94 67.28
CA LYS A 2221 -21.87 -36.83 68.71
C LYS A 2221 -21.30 -38.11 69.34
N GLU A 2222 -22.04 -39.21 69.28
CA GLU A 2222 -21.66 -40.45 69.95
C GLU A 2222 -22.60 -41.56 69.48
N ILE A 2223 -22.06 -42.78 69.39
CA ILE A 2223 -22.83 -43.94 68.93
C ILE A 2223 -23.55 -44.50 70.15
N ARG A 2224 -24.80 -44.08 70.33
CA ARG A 2224 -25.61 -44.48 71.47
C ARG A 2224 -25.90 -45.97 71.45
N PHE A 2225 -26.07 -46.54 72.65
CA PHE A 2225 -26.39 -47.95 72.92
C PHE A 2225 -25.38 -48.92 72.29
N PRO A 2226 -24.11 -48.93 72.71
CA PRO A 2226 -23.16 -49.87 72.10
C PRO A 2226 -23.35 -51.32 72.52
N LYS A 2227 -24.20 -51.57 73.53
CA LYS A 2227 -24.39 -52.92 74.06
C LYS A 2227 -24.96 -53.84 72.99
N MET A 2228 -25.92 -53.36 72.21
CA MET A 2228 -26.43 -54.21 71.15
C MET A 2228 -25.57 -54.14 69.90
N VAL A 2229 -24.75 -53.10 69.77
CA VAL A 2229 -23.83 -52.99 68.63
C VAL A 2229 -22.78 -54.09 68.70
N THR A 2230 -22.18 -54.28 69.89
CA THR A 2230 -21.23 -55.38 70.03
C THR A 2230 -21.90 -56.74 69.94
N SER A 2231 -23.16 -56.85 70.37
CA SER A 2231 -23.89 -58.11 70.22
C SER A 2231 -24.11 -58.45 68.73
N CYS A 2232 -24.47 -57.45 67.94
CA CYS A 2232 -24.62 -57.64 66.50
C CYS A 2232 -23.29 -57.96 65.84
N CYS A 2233 -22.22 -57.25 66.21
CA CYS A 2233 -20.90 -57.53 65.65
C CYS A 2233 -20.44 -58.94 65.99
N ARG A 2234 -20.66 -59.37 67.23
CA ARG A 2234 -20.34 -60.73 67.65
C ARG A 2234 -21.15 -61.75 66.87
N PHE A 2235 -22.38 -61.38 66.50
CA PHE A 2235 -23.20 -62.28 65.69
C PHE A 2235 -22.68 -62.36 64.26
N LEU A 2236 -22.34 -61.22 63.66
CA LEU A 2236 -21.83 -61.23 62.29
C LEU A 2236 -20.49 -61.96 62.20
N CYS A 2237 -19.59 -61.71 63.17
CA CYS A 2237 -18.32 -62.42 63.24
C CYS A 2237 -18.53 -63.92 63.39
N TYR A 2238 -19.49 -64.31 64.23
CA TYR A 2238 -19.80 -65.72 64.38
C TYR A 2238 -20.54 -66.28 63.15
N PHE A 2239 -21.15 -65.41 62.36
CA PHE A 2239 -21.86 -65.78 61.14
C PHE A 2239 -20.90 -66.08 59.99
N CYS A 2240 -19.81 -65.29 59.88
CA CYS A 2240 -18.88 -65.48 58.78
C CYS A 2240 -18.20 -66.85 58.83
N ARG A 2241 -17.85 -67.30 60.03
CA ARG A 2241 -17.11 -68.54 60.20
C ARG A 2241 -17.93 -69.79 59.92
N ILE A 2242 -19.25 -69.64 59.73
CA ILE A 2242 -20.13 -70.78 59.50
C ILE A 2242 -19.77 -71.49 58.19
N SER A 2243 -19.60 -70.73 57.12
CA SER A 2243 -19.28 -71.31 55.81
C SER A 2243 -18.69 -70.23 54.92
N ARG A 2244 -18.15 -70.68 53.78
CA ARG A 2244 -17.55 -69.77 52.82
C ARG A 2244 -18.61 -68.89 52.14
N GLN A 2245 -19.78 -69.46 51.83
CA GLN A 2245 -20.85 -68.68 51.22
C GLN A 2245 -21.36 -67.61 52.18
N ASN A 2246 -21.36 -67.92 53.48
CA ASN A 2246 -21.68 -66.89 54.45
C ASN A 2246 -20.60 -65.83 54.46
N GLN A 2247 -19.38 -66.19 54.08
CA GLN A 2247 -18.30 -65.21 54.05
C GLN A 2247 -18.42 -64.34 52.81
N ARG A 2248 -18.89 -64.88 51.68
CA ARG A 2248 -19.00 -64.03 50.48
C ARG A 2248 -20.18 -63.08 50.60
N SER A 2249 -21.22 -63.51 51.35
CA SER A 2249 -22.34 -62.61 51.64
C SER A 2249 -21.85 -61.38 52.39
N MET A 2250 -20.98 -61.58 53.38
CA MET A 2250 -20.36 -60.43 54.02
C MET A 2250 -19.29 -59.79 53.14
N PHE A 2251 -18.73 -60.54 52.18
CA PHE A 2251 -17.65 -60.01 51.36
C PHE A 2251 -18.15 -58.89 50.47
N ASP A 2252 -19.41 -58.96 50.04
CA ASP A 2252 -19.91 -57.87 49.22
C ASP A 2252 -20.09 -56.57 49.99
N HIS A 2253 -20.04 -56.60 51.32
CA HIS A 2253 -20.32 -55.45 52.18
C HIS A 2253 -19.10 -54.94 52.94
N LEU A 2254 -17.89 -55.02 52.39
CA LEU A 2254 -16.74 -54.47 53.10
C LEU A 2254 -16.64 -52.94 53.03
N SER A 2255 -16.52 -52.39 51.82
CA SER A 2255 -16.33 -50.95 51.63
C SER A 2255 -17.41 -50.11 52.30
N TYR A 2256 -18.63 -50.63 52.33
CA TYR A 2256 -19.69 -50.00 53.09
C TYR A 2256 -19.39 -50.08 54.58
N LEU A 2257 -18.95 -51.25 55.06
CA LEU A 2257 -18.70 -51.44 56.49
C LEU A 2257 -17.47 -50.66 56.92
N LEU A 2258 -16.39 -50.74 56.13
CA LEU A 2258 -15.18 -49.99 56.44
C LEU A 2258 -15.46 -48.50 56.47
N GLU A 2259 -16.31 -48.02 55.55
CA GLU A 2259 -16.69 -46.62 55.58
C GLU A 2259 -17.44 -46.30 56.88
N ASN A 2260 -18.34 -47.19 57.29
CA ASN A 2260 -19.08 -46.97 58.53
C ASN A 2260 -18.20 -47.08 59.78
N SER A 2261 -17.02 -47.68 59.65
CA SER A 2261 -16.13 -47.84 60.80
C SER A 2261 -15.32 -46.59 61.11
N GLY A 2262 -15.53 -45.50 60.38
CA GLY A 2262 -14.79 -44.27 60.62
C GLY A 2262 -15.04 -43.65 61.97
N ILE A 2263 -16.27 -43.77 62.49
CA ILE A 2263 -16.66 -43.15 63.75
C ILE A 2263 -16.78 -44.17 64.88
N GLY A 2264 -16.76 -45.46 64.59
CA GLY A 2264 -16.87 -46.50 65.61
C GLY A 2264 -15.64 -46.73 66.45
N LEU A 2265 -14.59 -45.92 66.24
CA LEU A 2265 -13.32 -46.08 66.95
C LEU A 2265 -13.45 -45.77 68.44
N GLY A 2266 -14.34 -44.85 68.79
CA GLY A 2266 -14.55 -44.53 70.20
C GLY A 2266 -15.09 -45.70 71.00
N MET A 2267 -15.96 -46.50 70.38
CA MET A 2267 -16.51 -47.67 71.02
C MET A 2267 -15.43 -48.75 71.17
N GLN A 2268 -15.47 -49.47 72.29
CA GLN A 2268 -14.50 -50.51 72.60
CA GLN A 2268 -14.50 -50.51 72.60
C GLN A 2268 -15.21 -51.85 72.67
N GLY A 2269 -14.54 -52.89 72.17
CA GLY A 2269 -15.12 -54.21 72.19
C GLY A 2269 -15.08 -54.86 70.82
N SER A 2270 -16.18 -55.50 70.43
CA SER A 2270 -16.30 -56.09 69.10
C SER A 2270 -16.70 -54.99 68.13
N THR A 2271 -15.69 -54.27 67.65
CA THR A 2271 -15.90 -53.19 66.71
C THR A 2271 -16.34 -53.74 65.35
N PRO A 2272 -16.97 -52.94 64.49
CA PRO A 2272 -17.30 -53.42 63.13
C PRO A 2272 -16.08 -53.76 62.29
N LEU A 2273 -14.90 -53.27 62.68
CA LEU A 2273 -13.65 -53.64 62.01
C LEU A 2273 -13.42 -55.14 62.17
N ASP A 2274 -13.72 -55.69 63.35
CA ASP A 2274 -13.53 -57.13 63.54
C ASP A 2274 -14.47 -57.92 62.65
N VAL A 2275 -15.66 -57.38 62.36
CA VAL A 2275 -16.58 -58.00 61.40
C VAL A 2275 -15.97 -58.00 60.01
N ALA A 2276 -15.33 -56.88 59.65
CA ALA A 2276 -14.63 -56.78 58.39
C ALA A 2276 -13.50 -57.79 58.29
N ALA A 2277 -12.73 -57.95 59.37
CA ALA A 2277 -11.65 -58.93 59.38
C ALA A 2277 -12.21 -60.34 59.29
N ALA A 2278 -13.29 -60.63 60.03
CA ALA A 2278 -13.92 -61.95 60.05
C ALA A 2278 -14.47 -62.32 58.69
N SER A 2279 -14.77 -61.34 57.85
CA SER A 2279 -15.18 -61.61 56.48
C SER A 2279 -13.99 -61.82 55.56
N VAL A 2280 -12.77 -61.72 56.07
CA VAL A 2280 -11.56 -61.86 55.27
C VAL A 2280 -10.74 -63.09 55.68
N ILE A 2281 -10.83 -63.52 56.95
CA ILE A 2281 -9.95 -64.57 57.47
C ILE A 2281 -10.18 -65.92 56.76
N ASP A 2282 -9.05 -66.60 56.50
CA ASP A 2282 -8.98 -67.98 55.99
C ASP A 2282 -9.76 -68.16 54.70
N ASN A 2283 -9.45 -67.33 53.71
CA ASN A 2283 -10.09 -67.41 52.40
C ASN A 2283 -9.17 -66.70 51.40
N ASN A 2284 -8.81 -67.41 50.33
CA ASN A 2284 -7.79 -66.95 49.41
C ASN A 2284 -8.34 -66.28 48.15
N GLU A 2285 -9.14 -67.02 47.37
CA GLU A 2285 -9.64 -66.50 46.11
C GLU A 2285 -10.65 -65.39 46.34
N LEU A 2286 -11.56 -65.62 47.28
CA LEU A 2286 -12.69 -64.75 47.49
C LEU A 2286 -12.29 -63.49 48.25
N ALA A 2287 -11.78 -63.68 49.47
CA ALA A 2287 -11.60 -62.60 50.43
C ALA A 2287 -10.46 -61.64 50.11
N LEU A 2288 -9.64 -61.93 49.10
CA LEU A 2288 -8.46 -61.11 48.85
C LEU A 2288 -8.61 -60.18 47.67
N ALA A 2289 -9.83 -59.98 47.17
CA ALA A 2289 -10.11 -59.07 46.07
C ALA A 2289 -10.37 -57.64 46.51
N LEU A 2290 -9.88 -57.25 47.70
CA LEU A 2290 -10.07 -55.89 48.21
C LEU A 2290 -9.46 -54.85 47.27
N GLN A 2291 -10.23 -53.80 46.98
CA GLN A 2291 -9.78 -52.76 46.09
C GLN A 2291 -8.72 -51.86 46.73
N GLU A 2292 -7.89 -51.29 45.87
CA GLU A 2292 -6.84 -50.37 46.30
C GLU A 2292 -7.44 -49.13 46.97
N GLN A 2293 -8.64 -48.71 46.54
CA GLN A 2293 -9.31 -47.60 47.20
C GLN A 2293 -9.64 -47.94 48.64
N ASP A 2294 -10.03 -49.20 48.88
CA ASP A 2294 -10.30 -49.66 50.23
C ASP A 2294 -9.02 -49.61 51.07
N LEU A 2295 -7.93 -50.11 50.50
CA LEU A 2295 -6.66 -50.14 51.25
C LEU A 2295 -6.15 -48.74 51.55
N GLU A 2296 -6.22 -47.83 50.58
CA GLU A 2296 -5.70 -46.48 50.81
C GLU A 2296 -6.57 -45.73 51.79
N LYS A 2297 -7.88 -46.03 51.82
CA LYS A 2297 -8.72 -45.33 52.76
C LYS A 2297 -8.52 -45.88 54.18
N VAL A 2298 -8.26 -47.19 54.30
CA VAL A 2298 -7.97 -47.75 55.62
C VAL A 2298 -6.66 -47.19 56.15
N VAL A 2299 -5.63 -47.13 55.31
CA VAL A 2299 -4.36 -46.60 55.80
C VAL A 2299 -4.47 -45.10 56.09
N SER A 2300 -5.37 -44.37 55.40
CA SER A 2300 -5.58 -42.97 55.77
C SER A 2300 -6.20 -42.87 57.17
N TYR A 2301 -7.09 -43.82 57.51
CA TYR A 2301 -7.59 -43.90 58.88
C TYR A 2301 -6.47 -44.19 59.88
N LEU A 2302 -5.56 -45.08 59.49
CA LEU A 2302 -4.38 -45.36 60.32
C LEU A 2302 -3.51 -44.14 60.49
N ALA A 2303 -3.35 -43.34 59.43
CA ALA A 2303 -2.62 -42.08 59.49
C ALA A 2303 -3.27 -41.11 60.48
N GLY A 2304 -4.61 -41.03 60.46
CA GLY A 2304 -5.30 -40.21 61.43
C GLY A 2304 -5.13 -40.71 62.86
N CYS A 2305 -5.22 -42.03 63.06
CA CYS A 2305 -5.02 -42.58 64.40
C CYS A 2305 -3.59 -42.41 64.88
N GLY A 2306 -2.62 -42.46 63.98
CA GLY A 2306 -1.24 -42.17 64.32
C GLY A 2306 -0.91 -40.70 64.35
N LEU A 2307 -1.89 -39.85 64.07
CA LEU A 2307 -1.71 -38.40 64.09
C LEU A 2307 -2.44 -37.74 65.25
N GLN A 2308 -3.46 -38.39 65.82
CA GLN A 2308 -4.23 -37.80 66.90
C GLN A 2308 -4.44 -38.82 68.01
N SER A 2309 -4.63 -38.33 69.22
CA SER A 2309 -4.92 -39.17 70.36
C SER A 2309 -6.36 -39.68 70.31
N CYS A 2310 -6.59 -40.78 71.01
CA CYS A 2310 -7.92 -41.36 71.11
C CYS A 2310 -8.80 -40.44 71.94
N PRO A 2311 -9.94 -39.97 71.41
CA PRO A 2311 -10.82 -39.08 72.19
C PRO A 2311 -11.37 -39.71 73.46
N MET A 2312 -11.67 -41.02 73.44
CA MET A 2312 -12.16 -41.68 74.65
C MET A 2312 -11.04 -41.85 75.67
N LEU A 2313 -9.81 -42.09 75.19
CA LEU A 2313 -8.65 -42.09 76.09
C LEU A 2313 -8.48 -40.73 76.74
N LEU A 2314 -8.59 -39.65 75.95
CA LEU A 2314 -8.41 -38.32 76.51
C LEU A 2314 -9.53 -38.02 77.50
N ALA A 2315 -10.75 -38.47 77.19
CA ALA A 2315 -11.90 -38.27 78.05
C ALA A 2315 -11.76 -38.99 79.39
N LYS A 2316 -10.98 -40.07 79.45
CA LYS A 2316 -10.81 -40.80 80.71
C LYS A 2316 -9.65 -40.27 81.55
N GLY A 2317 -9.13 -39.09 81.23
CA GLY A 2317 -8.03 -38.49 81.99
C GLY A 2317 -6.65 -39.01 81.68
N TYR A 2318 -6.50 -39.77 80.60
CA TYR A 2318 -5.20 -40.33 80.21
C TYR A 2318 -4.25 -39.21 79.80
N PRO A 2319 -2.94 -39.36 80.08
CA PRO A 2319 -1.96 -38.36 79.63
C PRO A 2319 -1.94 -38.24 78.11
N ASP A 2320 -1.69 -37.03 77.63
CA ASP A 2320 -1.80 -36.74 76.21
C ASP A 2320 -0.54 -37.14 75.45
N ILE A 2321 -0.69 -38.08 74.51
CA ILE A 2321 0.34 -38.44 73.56
C ILE A 2321 -0.28 -38.34 72.16
N GLY A 2322 0.49 -37.85 71.21
CA GLY A 2322 -0.06 -37.44 69.93
C GLY A 2322 -0.49 -38.51 68.93
N TRP A 2323 -0.74 -39.74 69.39
CA TRP A 2323 -1.22 -40.79 68.50
C TRP A 2323 -1.94 -41.86 69.32
N ASN A 2324 -2.80 -42.63 68.62
CA ASN A 2324 -3.63 -43.62 69.28
C ASN A 2324 -3.09 -45.02 69.00
N PRO A 2325 -2.50 -45.68 69.99
CA PRO A 2325 -1.97 -47.04 69.75
C PRO A 2325 -3.04 -48.10 69.64
N CYS A 2326 -4.12 -48.02 70.44
CA CYS A 2326 -5.16 -49.04 70.39
C CYS A 2326 -5.85 -49.03 69.03
N GLY A 2327 -6.14 -47.83 68.52
CA GLY A 2327 -6.74 -47.69 67.21
C GLY A 2327 -5.81 -48.17 66.11
N GLY A 2328 -4.51 -47.84 66.24
CA GLY A 2328 -3.55 -48.30 65.25
C GLY A 2328 -3.50 -49.81 65.24
N GLU A 2329 -3.21 -50.44 66.40
CA GLU A 2329 -3.07 -51.89 66.51
C GLU A 2329 -4.32 -52.62 66.04
N ARG A 2330 -5.49 -51.99 66.23
CA ARG A 2330 -6.74 -52.51 65.71
C ARG A 2330 -6.76 -52.47 64.18
N TYR A 2331 -6.20 -51.42 63.57
CA TYR A 2331 -6.16 -51.41 62.10
C TYR A 2331 -5.12 -52.41 61.60
N LEU A 2332 -3.98 -52.49 62.28
CA LEU A 2332 -2.89 -53.36 61.84
C LEU A 2332 -3.25 -54.84 61.89
N ASP A 2333 -4.05 -55.29 62.86
CA ASP A 2333 -4.45 -56.70 62.81
C ASP A 2333 -5.37 -56.99 61.63
N PHE A 2334 -6.16 -55.99 61.22
CA PHE A 2334 -6.98 -56.12 60.03
C PHE A 2334 -6.12 -56.18 58.78
N LEU A 2335 -5.16 -55.26 58.66
CA LEU A 2335 -4.24 -55.31 57.54
C LEU A 2335 -3.37 -56.57 57.56
N ARG A 2336 -3.13 -57.14 58.74
CA ARG A 2336 -2.43 -58.41 58.86
C ARG A 2336 -3.24 -59.53 58.19
N PHE A 2337 -4.55 -59.52 58.42
CA PHE A 2337 -5.39 -60.53 57.82
C PHE A 2337 -5.65 -60.22 56.35
N ALA A 2338 -5.42 -58.98 55.94
CA ALA A 2338 -5.69 -58.60 54.57
C ALA A 2338 -4.63 -59.13 53.63
N VAL A 2339 -3.44 -59.40 54.16
CA VAL A 2339 -2.29 -59.78 53.34
C VAL A 2339 -1.80 -61.19 53.63
N PHE A 2340 -2.08 -61.78 54.79
CA PHE A 2340 -1.47 -63.07 55.12
C PHE A 2340 -2.58 -64.09 55.31
N VAL A 2341 -2.63 -65.08 54.42
CA VAL A 2341 -3.66 -66.11 54.43
C VAL A 2341 -2.99 -67.46 54.24
N ASN A 2342 -3.39 -68.44 55.07
CA ASN A 2342 -2.96 -69.85 54.99
C ASN A 2342 -1.44 -70.00 55.10
N GLY A 2343 -0.81 -69.16 55.92
CA GLY A 2343 0.61 -69.29 56.14
C GLY A 2343 1.49 -68.76 55.04
N GLU A 2344 0.92 -68.12 54.02
CA GLU A 2344 1.70 -67.57 52.93
C GLU A 2344 1.26 -66.12 52.66
N SER A 2345 2.23 -65.29 52.29
CA SER A 2345 1.93 -63.91 51.99
C SER A 2345 1.26 -63.81 50.63
N VAL A 2346 0.54 -62.71 50.43
CA VAL A 2346 -0.18 -62.46 49.18
C VAL A 2346 0.59 -61.38 48.42
N GLU A 2347 1.06 -61.75 47.23
CA GLU A 2347 1.97 -60.91 46.46
C GLU A 2347 1.32 -59.60 46.05
N GLU A 2348 0.09 -59.67 45.55
CA GLU A 2348 -0.63 -58.48 45.10
C GLU A 2348 -0.98 -57.55 46.24
N ASN A 2349 -1.37 -58.09 47.39
CA ASN A 2349 -1.72 -57.22 48.51
C ASN A 2349 -0.50 -56.66 49.22
N ALA A 2350 0.60 -57.42 49.23
CA ALA A 2350 1.80 -57.08 50.00
C ALA A 2350 2.45 -55.79 49.51
N ASN A 2351 2.72 -55.70 48.20
CA ASN A 2351 3.45 -54.54 47.69
C ASN A 2351 2.58 -53.31 47.79
N VAL A 2352 1.27 -53.46 47.53
CA VAL A 2352 0.35 -52.34 47.53
C VAL A 2352 0.28 -51.72 48.92
N VAL A 2353 0.08 -52.57 49.95
CA VAL A 2353 -0.02 -52.05 51.31
C VAL A 2353 1.31 -51.43 51.76
N VAL A 2354 2.45 -52.08 51.45
CA VAL A 2354 3.75 -51.53 51.83
C VAL A 2354 3.98 -50.18 51.14
N ARG A 2355 3.58 -50.05 49.87
CA ARG A 2355 3.65 -48.75 49.19
C ARG A 2355 2.77 -47.71 49.86
N LEU A 2356 1.62 -48.12 50.40
CA LEU A 2356 0.74 -47.13 51.01
C LEU A 2356 1.29 -46.65 52.35
N LEU A 2357 1.84 -47.56 53.15
CA LEU A 2357 2.53 -47.13 54.37
C LEU A 2357 3.76 -46.29 54.06
N ILE A 2358 4.51 -46.62 53.01
CA ILE A 2358 5.76 -45.92 52.81
C ILE A 2358 5.54 -44.53 52.21
N ARG A 2359 4.38 -44.28 51.56
CA ARG A 2359 4.04 -42.90 51.23
C ARG A 2359 3.85 -42.05 52.48
N LYS A 2360 3.21 -42.60 53.51
CA LYS A 2360 2.86 -41.82 54.70
C LYS A 2360 3.69 -42.27 55.88
N PRO A 2361 4.82 -41.61 56.19
CA PRO A 2361 5.67 -42.06 57.31
C PRO A 2361 5.03 -41.93 58.69
N GLU A 2362 3.96 -41.15 58.83
CA GLU A 2362 3.27 -41.04 60.12
C GLU A 2362 2.57 -42.34 60.52
N CYS A 2363 2.35 -43.25 59.57
CA CYS A 2363 1.65 -44.50 59.86
C CYS A 2363 2.45 -45.36 60.82
N PHE A 2364 3.78 -45.39 60.66
CA PHE A 2364 4.66 -46.18 61.52
C PHE A 2364 4.69 -45.67 62.96
N GLY A 2365 4.21 -44.46 63.21
CA GLY A 2365 4.20 -43.87 64.52
C GLY A 2365 5.33 -42.87 64.68
N PRO A 2366 5.55 -42.40 65.93
CA PRO A 2366 6.68 -41.49 66.19
C PRO A 2366 8.04 -42.08 65.86
N ALA A 2367 8.24 -43.38 66.05
CA ALA A 2367 9.50 -44.01 65.70
C ALA A 2367 9.59 -44.23 64.20
N LEU A 2368 10.82 -44.15 63.70
CA LEU A 2368 11.17 -44.40 62.29
C LEU A 2368 10.45 -43.46 61.34
N ARG A 2369 10.12 -42.25 61.82
CA ARG A 2369 9.49 -41.26 60.96
CA ARG A 2369 9.50 -41.23 60.98
C ARG A 2369 10.46 -40.66 59.95
N GLY A 2370 11.77 -40.82 60.17
CA GLY A 2370 12.80 -40.18 59.37
C GLY A 2370 13.68 -39.34 60.26
N GLU A 2371 13.62 -38.02 60.12
CA GLU A 2371 14.19 -37.13 61.12
C GLU A 2371 13.14 -36.79 62.16
N GLY A 2372 13.53 -36.87 63.43
CA GLY A 2372 12.58 -36.81 64.51
C GLY A 2372 12.00 -38.16 64.86
N GLY A 2373 12.30 -39.19 64.07
CA GLY A 2373 11.86 -40.54 64.36
C GLY A 2373 12.97 -41.34 65.01
N SER A 2374 12.82 -41.59 66.31
CA SER A 2374 13.83 -42.32 67.06
C SER A 2374 13.85 -43.79 66.64
N GLY A 2375 14.94 -44.47 67.01
CA GLY A 2375 15.07 -45.87 66.71
C GLY A 2375 14.06 -46.73 67.42
N LEU A 2376 13.80 -47.90 66.83
CA LEU A 2376 12.83 -48.84 67.38
C LEU A 2376 13.26 -49.34 68.77
N LEU A 2377 14.56 -49.40 69.03
CA LEU A 2377 15.05 -49.71 70.37
C LEU A 2377 14.71 -48.60 71.36
N ALA A 2378 14.72 -47.35 70.90
CA ALA A 2378 14.31 -46.25 71.77
C ALA A 2378 12.81 -46.29 72.01
N ALA A 2379 12.05 -46.65 70.98
CA ALA A 2379 10.60 -46.72 71.12
C ALA A 2379 10.19 -47.86 72.06
N ILE A 2380 10.84 -49.03 71.95
CA ILE A 2380 10.49 -50.14 72.82
C ILE A 2380 10.92 -49.82 74.25
N GLU A 2381 12.06 -49.13 74.42
CA GLU A 2381 12.53 -48.79 75.76
C GLU A 2381 11.59 -47.82 76.45
N GLU A 2382 11.20 -46.74 75.75
CA GLU A 2382 10.27 -45.80 76.35
C GLU A 2382 8.90 -46.42 76.57
N ALA A 2383 8.51 -47.41 75.74
CA ALA A 2383 7.24 -48.09 75.98
C ALA A 2383 7.32 -48.93 77.25
N ILE A 2384 8.49 -49.53 77.50
CA ILE A 2384 8.68 -50.31 78.72
C ILE A 2384 8.58 -49.41 79.94
N ARG A 2385 9.23 -48.23 79.87
CA ARG A 2385 9.22 -47.34 81.04
C ARG A 2385 7.82 -46.79 81.30
N ILE A 2386 7.09 -46.43 80.25
CA ILE A 2386 5.73 -45.91 80.41
C ILE A 2386 4.82 -46.96 81.02
N SER A 2387 4.90 -48.21 80.51
CA SER A 2387 4.05 -49.28 81.01
C SER A 2387 4.39 -49.63 82.46
N GLU A 2388 5.69 -49.71 82.78
CA GLU A 2388 6.07 -50.14 84.13
C GLU A 2388 5.85 -49.04 85.16
N ASP A 2389 5.87 -47.77 84.75
CA ASP A 2389 5.70 -46.68 85.70
C ASP A 2389 4.30 -46.09 85.62
N PRO A 2390 3.46 -46.26 86.66
CA PRO A 2390 2.10 -45.67 86.65
C PRO A 2390 2.08 -44.13 86.68
N ALA A 2391 0.85 -43.57 86.69
CA ALA A 2391 0.48 -42.15 86.62
C ALA A 2391 0.69 -41.57 85.22
N ARG A 2392 1.28 -42.35 84.33
CA ARG A 2392 1.37 -42.05 82.91
C ARG A 2392 0.96 -43.25 82.07
N ASP A 2393 0.74 -44.40 82.68
CA ASP A 2393 0.27 -45.59 81.99
C ASP A 2393 -1.25 -45.65 81.90
N GLY A 2394 -1.94 -44.98 82.82
CA GLY A 2394 -3.39 -44.98 82.81
C GLY A 2394 -3.94 -43.63 83.22
N PRO A 2395 -5.20 -43.61 83.66
CA PRO A 2395 -5.79 -42.34 84.15
C PRO A 2395 -5.06 -41.76 85.35
N GLY A 2396 -4.51 -42.59 86.22
CA GLY A 2396 -3.79 -42.14 87.40
C GLY A 2396 -4.64 -41.41 88.41
N VAL A 2397 -5.84 -41.91 88.67
CA VAL A 2397 -6.74 -41.29 89.64
C VAL A 2397 -6.61 -41.96 90.99
N PRO A 2410 -7.29 -55.43 85.29
CA PRO A 2410 -7.99 -54.28 84.72
C PRO A 2410 -9.31 -53.97 85.43
N PRO A 2411 -9.34 -52.91 86.23
CA PRO A 2411 -10.60 -52.54 86.92
C PRO A 2411 -11.74 -52.21 85.98
N GLU A 2412 -11.45 -51.62 84.83
CA GLU A 2412 -12.47 -51.33 83.83
C GLU A 2412 -12.76 -52.52 82.92
N GLU A 2413 -12.01 -53.62 83.09
CA GLU A 2413 -12.03 -54.89 82.35
C GLU A 2413 -11.50 -54.76 80.92
N ASN A 2414 -11.27 -53.53 80.47
CA ASN A 2414 -10.57 -53.21 79.24
C ASN A 2414 -9.65 -52.01 79.48
N ARG A 2415 -8.98 -52.02 80.64
CA ARG A 2415 -8.19 -50.88 81.11
C ARG A 2415 -6.98 -50.68 80.21
N VAL A 2416 -6.96 -49.53 79.51
CA VAL A 2416 -5.88 -49.26 78.57
C VAL A 2416 -4.61 -48.90 79.33
N HIS A 2417 -3.52 -49.57 79.00
CA HIS A 2417 -2.19 -49.28 79.50
C HIS A 2417 -1.40 -48.71 78.33
N LEU A 2418 -1.05 -47.41 78.41
CA LEU A 2418 -0.44 -46.72 77.26
C LEU A 2418 0.91 -47.30 76.85
N GLY A 2419 1.78 -47.60 77.82
CA GLY A 2419 3.09 -48.18 77.48
C GLY A 2419 3.00 -49.52 76.77
N HIS A 2420 2.07 -50.36 77.24
CA HIS A 2420 1.83 -51.64 76.59
C HIS A 2420 1.15 -51.45 75.23
N ALA A 2421 0.21 -50.51 75.12
CA ALA A 2421 -0.47 -50.27 73.87
C ALA A 2421 0.49 -49.78 72.79
N ILE A 2422 1.40 -48.87 73.15
CA ILE A 2422 2.48 -48.42 72.26
C ILE A 2422 3.38 -49.59 71.87
N MET A 2423 3.72 -50.43 72.86
CA MET A 2423 4.59 -51.57 72.60
C MET A 2423 3.91 -52.61 71.72
N SER A 2424 2.62 -52.84 71.93
CA SER A 2424 1.87 -53.75 71.07
C SER A 2424 1.70 -53.17 69.68
N PHE A 2425 1.60 -51.84 69.57
CA PHE A 2425 1.53 -51.21 68.26
C PHE A 2425 2.79 -51.50 67.46
N TYR A 2426 3.95 -51.36 68.10
CA TYR A 2426 5.19 -51.58 67.37
C TYR A 2426 5.38 -53.06 67.06
N ALA A 2427 4.94 -53.93 67.97
CA ALA A 2427 4.98 -55.37 67.72
C ALA A 2427 4.09 -55.75 66.54
N ALA A 2428 2.89 -55.16 66.48
CA ALA A 2428 1.98 -55.41 65.37
C ALA A 2428 2.56 -54.89 64.06
N LEU A 2429 3.23 -53.73 64.11
CA LEU A 2429 3.82 -53.16 62.90
C LEU A 2429 4.92 -54.06 62.34
N ILE A 2430 5.76 -54.60 63.23
CA ILE A 2430 6.78 -55.55 62.82
C ILE A 2430 6.16 -56.86 62.34
N ASP A 2431 5.10 -57.33 63.01
CA ASP A 2431 4.40 -58.54 62.59
C ASP A 2431 3.75 -58.38 61.23
N LEU A 2432 3.14 -57.21 60.99
CA LEU A 2432 2.52 -56.90 59.71
C LEU A 2432 3.55 -56.86 58.59
N LEU A 2433 4.69 -56.21 58.84
CA LEU A 2433 5.74 -56.18 57.81
C LEU A 2433 6.28 -57.58 57.53
N GLY A 2434 6.46 -58.38 58.58
CA GLY A 2434 6.91 -59.75 58.41
C GLY A 2434 5.93 -60.58 57.59
N ARG A 2435 4.64 -60.35 57.79
CA ARG A 2435 3.66 -61.05 56.99
C ARG A 2435 3.52 -60.46 55.59
N CYS A 2436 3.98 -59.23 55.38
CA CYS A 2436 4.03 -58.64 54.05
C CYS A 2436 5.31 -58.96 53.30
N ALA A 2437 6.21 -59.71 53.91
CA ALA A 2437 7.51 -60.00 53.29
C ALA A 2437 7.34 -60.85 52.03
N PRO A 2438 8.15 -60.60 51.00
CA PRO A 2438 8.13 -61.47 49.80
C PRO A 2438 8.53 -62.89 50.13
N GLU A 2439 7.91 -63.84 49.43
CA GLU A 2439 8.15 -65.25 49.72
C GLU A 2439 9.53 -65.71 49.25
N MET A 2440 10.01 -66.76 49.94
CA MET A 2440 11.35 -67.29 49.71
C MET A 2440 11.47 -67.83 48.30
N HIS A 2441 10.44 -68.56 47.84
CA HIS A 2441 10.51 -69.20 46.53
C HIS A 2441 10.54 -68.14 45.43
N LEU A 2442 9.94 -66.97 45.70
CA LEU A 2442 10.02 -65.87 44.75
C LEU A 2442 11.36 -65.18 44.80
N ILE A 2443 12.08 -65.26 45.93
CA ILE A 2443 13.36 -64.56 46.05
C ILE A 2443 14.38 -65.15 45.08
N GLN A 2444 14.47 -66.49 45.02
CA GLN A 2444 15.43 -67.14 44.13
C GLN A 2444 15.09 -66.95 42.66
N ALA A 2445 13.84 -66.60 42.34
CA ALA A 2445 13.49 -66.34 40.95
C ALA A 2445 14.08 -65.03 40.43
N GLY A 2446 14.64 -64.20 41.31
CA GLY A 2446 15.23 -62.95 40.88
C GLY A 2446 14.24 -61.88 40.50
N LYS A 2447 13.01 -61.95 41.01
CA LYS A 2447 11.99 -60.97 40.69
C LYS A 2447 12.40 -59.59 41.18
N GLY A 2448 12.26 -58.59 40.29
CA GLY A 2448 12.77 -57.25 40.55
C GLY A 2448 12.08 -56.57 41.71
N GLU A 2449 10.76 -56.62 41.73
CA GLU A 2449 10.05 -55.95 42.80
C GLU A 2449 10.14 -56.76 44.09
N ALA A 2450 10.18 -58.10 44.02
CA ALA A 2450 10.30 -58.90 45.24
C ALA A 2450 11.63 -58.60 45.95
N LEU A 2451 12.71 -58.50 45.18
CA LEU A 2451 14.01 -58.12 45.74
C LEU A 2451 13.98 -56.70 46.27
N ARG A 2452 13.33 -55.79 45.51
CA ARG A 2452 13.26 -54.39 45.92
C ARG A 2452 12.48 -54.23 47.22
N ILE A 2453 11.34 -54.92 47.34
CA ILE A 2453 10.51 -54.82 48.54
C ILE A 2453 11.25 -55.37 49.74
N ARG A 2454 11.97 -56.50 49.56
CA ARG A 2454 12.73 -57.05 50.68
C ARG A 2454 13.79 -56.06 51.15
N ALA A 2455 14.50 -55.43 50.19
CA ALA A 2455 15.48 -54.40 50.55
C ALA A 2455 14.82 -53.19 51.21
N ILE A 2456 13.58 -52.87 50.81
CA ILE A 2456 12.84 -51.76 51.41
C ILE A 2456 12.57 -52.04 52.88
N LEU A 2457 12.03 -53.22 53.19
CA LEU A 2457 11.75 -53.57 54.59
C LEU A 2457 13.03 -53.65 55.42
N ARG A 2458 14.11 -54.19 54.84
CA ARG A 2458 15.38 -54.21 55.56
C ARG A 2458 15.91 -52.79 55.83
N SER A 2459 15.71 -51.87 54.88
CA SER A 2459 16.15 -50.50 55.09
C SER A 2459 15.30 -49.77 56.13
N LEU A 2460 13.97 -49.96 56.09
CA LEU A 2460 13.10 -49.36 57.12
C LEU A 2460 13.38 -49.93 58.51
N VAL A 2461 13.45 -51.26 58.64
CA VAL A 2461 13.63 -51.86 59.95
C VAL A 2461 15.02 -52.45 60.06
N PRO A 2462 15.94 -51.80 60.77
CA PRO A 2462 17.28 -52.38 60.95
C PRO A 2462 17.22 -53.65 61.78
N LEU A 2463 18.14 -54.57 61.45
CA LEU A 2463 18.20 -55.86 62.11
C LEU A 2463 18.74 -55.77 63.53
N ASP A 2464 19.66 -54.83 63.77
CA ASP A 2464 20.32 -54.71 65.08
C ASP A 2464 19.33 -54.34 66.18
N ASP A 2465 18.39 -53.43 65.90
CA ASP A 2465 17.43 -53.06 66.93
C ASP A 2465 16.53 -54.25 67.27
N LEU A 2466 16.22 -55.08 66.27
CA LEU A 2466 15.43 -56.29 66.53
C LEU A 2466 16.19 -57.24 67.43
N VAL A 2467 17.52 -57.36 67.22
CA VAL A 2467 18.36 -58.18 68.10
C VAL A 2467 18.32 -57.63 69.51
N GLY A 2468 18.38 -56.30 69.64
CA GLY A 2468 18.29 -55.69 70.96
C GLY A 2468 16.96 -55.95 71.65
N ILE A 2469 15.87 -55.93 70.87
CA ILE A 2469 14.54 -56.22 71.41
C ILE A 2469 14.45 -57.67 71.88
N ILE A 2470 15.04 -58.59 71.11
CA ILE A 2470 15.09 -60.00 71.54
C ILE A 2470 15.90 -60.12 72.82
N SER A 2471 17.04 -59.41 72.90
CA SER A 2471 17.86 -59.43 74.10
C SER A 2471 17.22 -58.74 75.29
N LEU A 2472 16.16 -57.96 75.08
CA LEU A 2472 15.45 -57.31 76.18
C LEU A 2472 14.80 -58.33 77.09
N PRO A 2473 14.96 -58.20 78.41
CA PRO A 2473 14.51 -59.25 79.34
C PRO A 2473 12.99 -59.23 79.51
N LEU A 2474 12.52 -60.26 80.20
CA LEU A 2474 11.12 -60.42 80.56
C LEU A 2474 10.91 -60.03 82.02
N GLN A 2475 9.65 -59.89 82.41
CA GLN A 2475 9.27 -59.77 83.81
C GLN A 2475 8.93 -61.17 84.28
N ILE A 2476 9.81 -61.74 85.10
CA ILE A 2476 9.73 -63.15 85.49
C ILE A 2476 8.92 -63.25 86.78
N PRO A 2477 7.83 -64.01 86.78
CA PRO A 2477 7.10 -64.26 88.04
C PRO A 2477 7.98 -64.98 89.05
N THR A 2478 7.83 -64.62 90.31
CA THR A 2478 8.66 -65.17 91.38
C THR A 2478 7.78 -65.87 92.42
N LEU A 2479 8.44 -66.34 93.48
CA LEU A 2479 7.77 -67.00 94.60
C LEU A 2479 8.11 -66.22 95.86
N GLY A 2480 7.10 -65.58 96.44
CA GLY A 2480 7.32 -64.76 97.62
C GLY A 2480 6.00 -64.19 98.07
N LYS A 2481 6.08 -63.35 99.11
CA LYS A 2481 4.92 -62.69 99.74
C LYS A 2481 3.91 -63.71 100.23
N ASP A 2482 4.36 -64.50 101.22
CA ASP A 2482 3.62 -65.62 101.83
C ASP A 2482 3.42 -66.76 100.82
N GLY A 2483 4.34 -66.88 99.87
CA GLY A 2483 4.30 -67.96 98.90
C GLY A 2483 3.23 -67.84 97.84
N ALA A 2484 2.56 -66.70 97.74
CA ALA A 2484 1.53 -66.51 96.74
C ALA A 2484 2.13 -66.39 95.35
N LEU A 2485 1.29 -66.58 94.34
CA LEU A 2485 1.73 -66.50 92.95
C LEU A 2485 1.98 -65.05 92.55
N VAL A 2486 3.22 -64.59 92.69
CA VAL A 2486 3.58 -63.23 92.33
C VAL A 2486 3.69 -63.18 90.80
N GLN A 2487 2.67 -62.63 90.16
CA GLN A 2487 2.60 -62.58 88.71
C GLN A 2487 2.34 -61.15 88.25
N PRO A 2488 2.85 -60.77 87.08
CA PRO A 2488 2.66 -59.40 86.59
C PRO A 2488 1.27 -59.23 85.98
N LYS A 2489 1.02 -58.00 85.51
CA LYS A 2489 -0.20 -57.65 84.82
C LYS A 2489 0.06 -57.76 83.33
N MET A 2490 -0.70 -58.65 82.66
CA MET A 2490 -0.40 -59.06 81.29
C MET A 2490 -0.48 -57.90 80.32
N SER A 2491 -1.58 -57.17 80.34
CA SER A 2491 -1.79 -56.02 79.48
C SER A 2491 -1.02 -54.78 79.93
N ALA A 2492 -0.10 -54.91 80.89
CA ALA A 2492 0.71 -53.78 81.34
C ALA A 2492 2.17 -54.17 81.53
N SER A 2493 2.61 -55.32 81.03
CA SER A 2493 3.98 -55.78 81.17
C SER A 2493 4.44 -56.41 79.87
N PHE A 2494 5.75 -56.63 79.78
CA PHE A 2494 6.35 -57.21 78.57
C PHE A 2494 5.92 -58.66 78.41
N VAL A 2495 5.57 -59.02 77.17
CA VAL A 2495 4.97 -60.33 76.90
C VAL A 2495 5.76 -61.05 75.82
N PRO A 2496 5.75 -62.40 75.79
CA PRO A 2496 6.42 -63.13 74.71
C PRO A 2496 5.80 -62.95 73.33
N ASP A 2497 4.54 -62.50 73.23
CA ASP A 2497 3.88 -62.33 71.94
C ASP A 2497 4.58 -61.29 71.07
N HIS A 2498 5.03 -60.20 71.68
CA HIS A 2498 5.77 -59.17 70.94
C HIS A 2498 7.12 -59.71 70.47
N LYS A 2499 7.71 -60.62 71.24
CA LYS A 2499 8.93 -61.25 70.79
C LYS A 2499 8.66 -62.21 69.64
N ALA A 2500 7.51 -62.89 69.66
CA ALA A 2500 7.13 -63.76 68.53
C ALA A 2500 6.96 -62.93 67.27
N SER A 2501 6.41 -61.72 67.42
CA SER A 2501 6.32 -60.79 66.30
C SER A 2501 7.70 -60.38 65.82
N MET A 2502 8.70 -60.38 66.71
CA MET A 2502 10.05 -60.06 66.28
C MET A 2502 10.63 -61.22 65.47
N VAL A 2503 10.35 -62.46 65.94
CA VAL A 2503 10.91 -63.66 65.31
C VAL A 2503 10.37 -63.82 63.90
N LEU A 2504 9.07 -63.57 63.71
CA LEU A 2504 8.47 -63.77 62.39
C LEU A 2504 9.12 -62.86 61.34
N PHE A 2505 9.38 -61.60 61.73
CA PHE A 2505 10.05 -60.65 60.84
C PHE A 2505 11.44 -61.16 60.55
N LEU A 2506 12.10 -61.74 61.57
CA LEU A 2506 13.45 -62.24 61.39
C LEU A 2506 13.47 -63.38 60.37
N ASP A 2507 12.63 -64.39 60.57
CA ASP A 2507 12.68 -65.57 59.73
C ASP A 2507 12.14 -65.31 58.33
N ARG A 2508 11.49 -64.17 58.09
CA ARG A 2508 10.94 -63.91 56.76
C ARG A 2508 11.63 -62.80 55.99
N VAL A 2509 12.16 -61.77 56.65
CA VAL A 2509 12.72 -60.62 55.95
C VAL A 2509 14.24 -60.71 55.87
N TYR A 2510 14.90 -60.73 57.02
CA TYR A 2510 16.35 -60.79 57.04
C TYR A 2510 16.85 -62.21 56.91
N GLY A 2511 16.31 -63.13 57.70
CA GLY A 2511 16.72 -64.52 57.66
C GLY A 2511 18.07 -64.79 58.27
N ILE A 2512 18.26 -66.04 58.67
CA ILE A 2512 19.54 -66.49 59.23
C ILE A 2512 20.22 -67.39 58.22
N GLU A 2513 21.37 -66.94 57.73
CA GLU A 2513 22.09 -67.59 56.65
C GLU A 2513 23.44 -68.15 57.05
N ASN A 2514 24.04 -67.66 58.14
CA ASN A 2514 25.38 -68.05 58.54
C ASN A 2514 25.43 -68.34 60.04
N GLN A 2515 26.41 -69.17 60.41
CA GLN A 2515 26.57 -69.64 61.77
C GLN A 2515 26.90 -68.50 62.73
N ASP A 2516 27.79 -67.58 62.31
CA ASP A 2516 28.26 -66.52 63.21
C ASP A 2516 27.13 -65.60 63.65
N PHE A 2517 26.26 -65.22 62.72
CA PHE A 2517 25.11 -64.40 63.07
C PHE A 2517 24.01 -65.23 63.69
N LEU A 2518 24.01 -66.55 63.46
CA LEU A 2518 23.03 -67.40 64.10
C LEU A 2518 23.30 -67.44 65.60
N LEU A 2519 24.51 -67.89 65.96
CA LEU A 2519 24.92 -68.01 67.35
C LEU A 2519 25.03 -66.64 68.02
N HIS A 2520 25.21 -65.58 67.21
CA HIS A 2520 25.23 -64.22 67.73
C HIS A 2520 23.88 -63.85 68.34
N VAL A 2521 22.79 -64.24 67.69
CA VAL A 2521 21.48 -63.88 68.22
C VAL A 2521 21.13 -64.88 69.32
N LEU A 2522 21.61 -66.13 69.18
CA LEU A 2522 21.25 -67.21 70.10
C LEU A 2522 21.74 -66.91 71.51
N ASP A 2523 22.98 -66.42 71.63
CA ASP A 2523 23.49 -66.25 72.98
C ASP A 2523 23.10 -64.92 73.60
N VAL A 2524 22.55 -63.99 72.82
CA VAL A 2524 22.17 -62.69 73.38
C VAL A 2524 20.70 -62.67 73.79
N GLY A 2525 19.79 -63.24 73.00
CA GLY A 2525 18.39 -63.14 73.36
C GLY A 2525 17.57 -64.40 73.53
N PHE A 2526 17.95 -65.47 72.83
CA PHE A 2526 17.16 -66.69 72.84
C PHE A 2526 17.47 -67.59 74.03
N LEU A 2527 18.76 -67.74 74.36
CA LEU A 2527 19.17 -68.61 75.45
C LEU A 2527 18.59 -68.24 76.82
N PRO A 2528 18.60 -66.96 77.29
CA PRO A 2528 17.94 -66.66 78.57
C PRO A 2528 16.45 -66.96 78.58
N ASP A 2529 15.76 -66.75 77.46
CA ASP A 2529 14.31 -66.99 77.43
C ASP A 2529 14.01 -68.47 77.46
N MET A 2530 14.74 -69.25 76.66
CA MET A 2530 14.47 -70.69 76.61
C MET A 2530 14.85 -71.32 77.94
N ARG A 2531 15.88 -70.79 78.63
CA ARG A 2531 16.15 -71.26 79.98
C ARG A 2531 15.05 -70.84 80.93
N ALA A 2532 14.47 -69.65 80.72
CA ALA A 2532 13.46 -69.12 81.62
C ALA A 2532 12.21 -69.99 81.61
N ALA A 2533 11.81 -70.45 80.43
CA ALA A 2533 10.62 -71.31 80.30
C ALA A 2533 10.82 -72.65 81.02
N ALA A 2534 12.02 -73.22 80.90
CA ALA A 2534 12.33 -74.47 81.58
C ALA A 2534 12.42 -74.28 83.09
N SER A 2535 13.01 -73.16 83.52
CA SER A 2535 13.12 -72.87 84.95
C SER A 2535 11.74 -72.66 85.57
N LEU A 2536 10.88 -71.89 84.90
CA LEU A 2536 9.51 -71.70 85.38
C LEU A 2536 8.65 -72.95 85.23
N ASP A 2537 9.13 -73.96 84.49
CA ASP A 2537 8.40 -75.22 84.39
C ASP A 2537 8.66 -76.00 85.68
N THR A 2538 7.78 -75.82 86.65
CA THR A 2538 7.92 -76.50 87.95
C THR A 2538 6.54 -76.97 88.40
N ALA A 2539 6.45 -77.44 89.65
CA ALA A 2539 5.18 -77.91 90.18
C ALA A 2539 4.16 -76.79 90.42
N THR A 2540 4.59 -75.53 90.41
CA THR A 2540 3.72 -74.39 90.68
C THR A 2540 3.52 -73.49 89.48
N PHE A 2541 4.61 -73.02 88.87
CA PHE A 2541 4.54 -72.00 87.84
C PHE A 2541 4.31 -72.52 86.43
N SER A 2542 4.35 -73.84 86.21
CA SER A 2542 4.16 -74.39 84.86
C SER A 2542 2.77 -74.13 84.30
N THR A 2543 1.76 -74.01 85.17
CA THR A 2543 0.40 -73.79 84.73
C THR A 2543 0.08 -72.29 84.68
N THR A 2544 1.02 -71.44 85.08
CA THR A 2544 0.81 -70.00 85.03
C THR A 2544 0.76 -69.50 83.60
N GLU A 2545 0.13 -68.34 83.44
CA GLU A 2545 -0.11 -67.75 82.13
C GLU A 2545 1.17 -67.32 81.42
N MET A 2546 2.17 -66.83 82.17
CA MET A 2546 3.46 -66.48 81.57
C MET A 2546 4.18 -67.70 81.02
N ALA A 2547 4.18 -68.80 81.78
CA ALA A 2547 4.84 -70.03 81.34
C ALA A 2547 4.21 -70.57 80.05
N LEU A 2548 2.88 -70.61 80.01
CA LEU A 2548 2.18 -71.04 78.80
C LEU A 2548 2.40 -70.07 77.65
N ALA A 2549 2.58 -68.78 77.95
CA ALA A 2549 2.94 -67.80 76.94
C ALA A 2549 4.30 -68.12 76.34
N LEU A 2550 5.26 -68.51 77.19
CA LEU A 2550 6.57 -68.94 76.70
C LEU A 2550 6.45 -70.21 75.87
N ASN A 2551 5.60 -71.15 76.31
CA ASN A 2551 5.44 -72.42 75.59
C ASN A 2551 4.92 -72.20 74.18
N ARG A 2552 3.85 -71.40 74.06
CA ARG A 2552 3.31 -71.11 72.73
C ARG A 2552 4.30 -70.27 71.92
N TYR A 2553 4.97 -69.32 72.57
CA TYR A 2553 5.88 -68.42 71.90
C TYR A 2553 7.06 -69.17 71.30
N LEU A 2554 7.62 -70.12 72.04
CA LEU A 2554 8.75 -70.86 71.51
C LEU A 2554 8.29 -71.83 70.43
N CYS A 2555 7.21 -72.59 70.71
CA CYS A 2555 6.79 -73.66 69.80
C CYS A 2555 6.19 -73.16 68.50
N LEU A 2556 5.74 -71.91 68.45
CA LEU A 2556 5.12 -71.42 67.23
C LEU A 2556 6.14 -70.74 66.32
N ALA A 2557 6.99 -69.90 66.88
CA ALA A 2557 7.90 -69.10 66.07
C ALA A 2557 9.38 -69.34 66.33
N VAL A 2558 9.80 -69.54 67.58
CA VAL A 2558 11.24 -69.58 67.86
C VAL A 2558 11.82 -70.92 67.43
N LEU A 2559 11.29 -72.01 67.99
CA LEU A 2559 11.82 -73.35 67.76
C LEU A 2559 11.90 -73.77 66.29
N PRO A 2560 10.90 -73.52 65.40
CA PRO A 2560 11.13 -73.83 63.97
C PRO A 2560 12.29 -73.07 63.35
N LEU A 2561 12.57 -71.83 63.79
CA LEU A 2561 13.67 -71.05 63.21
C LEU A 2561 15.02 -71.72 63.45
N ILE A 2562 15.25 -72.18 64.69
CA ILE A 2562 16.46 -72.95 64.99
C ILE A 2562 16.43 -74.30 64.29
N THR A 2563 15.24 -74.92 64.21
CA THR A 2563 15.12 -76.18 63.47
C THR A 2563 15.49 -76.01 61.99
N LYS A 2564 15.12 -74.86 61.41
CA LYS A 2564 15.53 -74.52 60.06
C LYS A 2564 17.04 -74.33 59.97
N CYS A 2565 17.63 -73.66 60.96
CA CYS A 2565 19.05 -73.34 60.93
C CYS A 2565 19.92 -74.35 61.65
N ALA A 2566 19.41 -75.58 61.82
CA ALA A 2566 20.21 -76.66 62.40
C ALA A 2566 21.51 -77.00 61.66
N PRO A 2567 21.60 -77.06 60.31
CA PRO A 2567 22.90 -77.39 59.68
C PRO A 2567 24.04 -76.43 59.97
N LEU A 2568 23.77 -75.22 60.45
CA LEU A 2568 24.82 -74.26 60.71
C LEU A 2568 25.54 -74.50 62.04
N PHE A 2569 25.17 -75.53 62.78
CA PHE A 2569 25.82 -75.87 64.04
C PHE A 2569 27.06 -76.74 63.87
N ALA A 2570 27.47 -77.02 62.63
CA ALA A 2570 28.58 -77.94 62.39
C ALA A 2570 29.91 -77.39 62.89
N GLY A 2571 30.17 -76.11 62.62
CA GLY A 2571 31.47 -75.53 62.94
C GLY A 2571 31.47 -74.64 64.17
N THR A 2572 30.76 -75.05 65.22
CA THR A 2572 30.66 -74.27 66.45
C THR A 2572 31.45 -75.00 67.54
N GLU A 2573 32.63 -75.51 67.16
CA GLU A 2573 33.51 -76.17 68.11
C GLU A 2573 34.05 -75.21 69.16
N HIS A 2574 34.43 -74.01 68.74
CA HIS A 2574 35.06 -73.07 69.66
C HIS A 2574 34.07 -72.48 70.65
N ARG A 2575 32.78 -72.46 70.32
CA ARG A 2575 31.75 -71.86 71.16
C ARG A 2575 30.89 -72.98 71.76
N ALA A 2576 31.53 -74.07 72.16
CA ALA A 2576 30.82 -75.30 72.47
C ALA A 2576 30.08 -75.30 73.80
N ILE A 2577 30.57 -74.56 74.80
CA ILE A 2577 30.01 -74.65 76.15
C ILE A 2577 28.57 -74.11 76.20
N MET A 2578 28.28 -73.05 75.42
CA MET A 2578 26.92 -72.56 75.34
C MET A 2578 26.03 -73.47 74.51
N VAL A 2579 26.58 -74.11 73.48
CA VAL A 2579 25.84 -75.13 72.73
C VAL A 2579 25.45 -76.28 73.65
N ASP A 2580 26.40 -76.73 74.48
CA ASP A 2580 26.15 -77.77 75.48
C ASP A 2580 25.07 -77.36 76.47
N SER A 2581 25.09 -76.08 76.89
CA SER A 2581 24.05 -75.59 77.78
C SER A 2581 22.71 -75.53 77.06
N MET A 2582 22.71 -75.10 75.79
CA MET A 2582 21.49 -74.96 75.03
C MET A 2582 20.82 -76.31 74.83
N LEU A 2583 21.61 -77.33 74.47
CA LEU A 2583 21.05 -78.67 74.27
C LEU A 2583 20.53 -79.26 75.58
N HIS A 2584 21.22 -79.00 76.69
CA HIS A 2584 20.76 -79.50 77.98
CA HIS A 2584 20.76 -79.50 77.99
C HIS A 2584 19.45 -78.83 78.39
N THR A 2585 19.37 -77.52 78.22
CA THR A 2585 18.18 -76.79 78.63
C THR A 2585 17.00 -77.12 77.72
N VAL A 2586 17.22 -77.27 76.41
CA VAL A 2586 16.11 -77.61 75.52
C VAL A 2586 15.63 -79.04 75.80
N TYR A 2587 16.54 -79.95 76.19
CA TYR A 2587 16.08 -81.27 76.62
C TYR A 2587 15.26 -81.18 77.90
N ARG A 2588 15.67 -80.33 78.85
CA ARG A 2588 14.86 -80.12 80.04
C ARG A 2588 13.53 -79.44 79.70
N LEU A 2589 13.50 -78.62 78.65
CA LEU A 2589 12.26 -78.07 78.12
C LEU A 2589 11.35 -79.17 77.59
N SER A 2590 11.93 -80.16 76.90
CA SER A 2590 11.17 -81.33 76.48
C SER A 2590 10.64 -82.10 77.68
N ARG A 2591 11.43 -82.13 78.75
CA ARG A 2591 11.00 -82.71 80.03
C ARG A 2591 10.20 -81.67 80.83
N GLY A 2592 9.12 -81.20 80.25
CA GLY A 2592 8.28 -80.18 80.85
C GLY A 2592 6.86 -80.65 81.07
N ARG A 2593 6.32 -80.33 82.24
CA ARG A 2593 4.96 -80.68 82.61
C ARG A 2593 3.99 -79.57 82.22
N SER A 2594 2.72 -79.96 82.03
CA SER A 2594 1.61 -79.07 81.65
C SER A 2594 1.87 -78.39 80.30
N LEU A 2595 2.43 -79.13 79.35
CA LEU A 2595 2.60 -78.69 77.98
C LEU A 2595 1.89 -79.64 77.03
N THR A 2596 1.22 -79.07 76.04
CA THR A 2596 0.41 -79.84 75.10
C THR A 2596 1.32 -80.72 74.24
N LYS A 2597 0.78 -81.85 73.78
CA LYS A 2597 1.51 -82.75 72.89
C LYS A 2597 1.86 -82.06 71.56
N ALA A 2598 0.98 -81.18 71.08
CA ALA A 2598 1.27 -80.38 69.89
C ALA A 2598 2.48 -79.49 70.11
N GLN A 2599 2.59 -78.87 71.28
CA GLN A 2599 3.81 -78.15 71.62
C GLN A 2599 4.99 -79.11 71.77
N ARG A 2600 4.75 -80.27 72.38
CA ARG A 2600 5.79 -81.22 72.75
C ARG A 2600 6.55 -81.76 71.54
N ASP A 2601 5.84 -82.07 70.45
CA ASP A 2601 6.52 -82.61 69.27
C ASP A 2601 7.46 -81.62 68.60
N VAL A 2602 7.27 -80.32 68.84
CA VAL A 2602 8.11 -79.29 68.23
C VAL A 2602 9.51 -79.34 68.81
N ILE A 2603 9.62 -79.49 70.15
CA ILE A 2603 10.93 -79.52 70.80
C ILE A 2603 11.72 -80.74 70.35
N GLU A 2604 11.08 -81.93 70.35
CA GLU A 2604 11.80 -83.13 69.97
C GLU A 2604 12.23 -83.09 68.50
N ASP A 2605 11.37 -82.56 67.61
CA ASP A 2605 11.78 -82.41 66.21
C ASP A 2605 12.93 -81.41 66.07
N CYS A 2606 13.04 -80.46 67.01
CA CYS A 2606 14.18 -79.56 67.03
C CYS A 2606 15.41 -80.28 67.54
N LEU A 2607 15.23 -81.22 68.48
CA LEU A 2607 16.37 -81.93 69.05
C LEU A 2607 17.00 -82.83 68.00
N MET A 2608 16.17 -83.62 67.30
CA MET A 2608 16.71 -84.50 66.26
C MET A 2608 17.32 -83.72 65.11
N ALA A 2609 16.70 -82.59 64.71
CA ALA A 2609 17.30 -81.75 63.67
C ALA A 2609 18.64 -81.17 64.10
N LEU A 2610 18.74 -80.68 65.35
CA LEU A 2610 20.01 -80.16 65.86
C LEU A 2610 21.07 -81.25 65.96
N CYS A 2611 20.67 -82.42 66.44
CA CYS A 2611 21.64 -83.48 66.71
C CYS A 2611 22.12 -84.15 65.45
N ARG A 2612 21.33 -84.15 64.37
CA ARG A 2612 21.80 -84.76 63.14
CA ARG A 2612 21.81 -84.76 63.15
C ARG A 2612 22.92 -83.94 62.50
N TYR A 2613 22.98 -82.64 62.83
CA TYR A 2613 24.00 -81.73 62.29
C TYR A 2613 24.92 -81.19 63.38
N ILE A 2614 24.95 -81.81 64.55
CA ILE A 2614 25.90 -81.42 65.60
C ILE A 2614 26.91 -82.56 65.73
N ARG A 2615 28.15 -82.21 66.06
CA ARG A 2615 29.19 -83.20 66.25
C ARG A 2615 28.92 -84.00 67.52
N PRO A 2616 29.32 -85.28 67.57
CA PRO A 2616 29.18 -86.07 68.80
C PRO A 2616 30.02 -85.57 69.97
N SER A 2617 31.04 -84.73 69.72
CA SER A 2617 31.90 -84.22 70.79
C SER A 2617 31.10 -83.39 71.80
N MET A 2618 30.19 -82.54 71.32
CA MET A 2618 29.36 -81.73 72.19
C MET A 2618 28.17 -82.50 72.75
N LEU A 2619 27.95 -83.73 72.30
CA LEU A 2619 26.81 -84.52 72.75
C LEU A 2619 27.11 -85.35 74.00
N GLN A 2620 28.33 -85.30 74.51
CA GLN A 2620 28.74 -86.13 75.65
C GLN A 2620 27.90 -85.82 76.89
N HIS A 2621 27.65 -84.55 77.15
CA HIS A 2621 26.85 -84.17 78.31
C HIS A 2621 25.39 -84.53 78.11
N LEU A 2622 24.89 -84.47 76.86
CA LEU A 2622 23.51 -84.86 76.59
C LEU A 2622 23.31 -86.33 76.87
N LEU A 2623 24.22 -87.17 76.35
CA LEU A 2623 24.17 -88.60 76.66
C LEU A 2623 24.37 -88.88 78.13
N ARG A 2624 25.16 -88.04 78.82
CA ARG A 2624 25.30 -88.18 80.27
C ARG A 2624 23.98 -87.94 80.98
N ARG A 2625 23.19 -86.97 80.50
CA ARG A 2625 21.84 -86.77 81.00
C ARG A 2625 20.96 -87.99 80.69
N LEU A 2626 21.15 -88.58 79.51
CA LEU A 2626 20.40 -89.79 79.17
C LEU A 2626 20.78 -90.98 80.03
N VAL A 2627 22.00 -90.97 80.61
CA VAL A 2627 22.42 -92.08 81.46
C VAL A 2627 21.57 -92.13 82.72
N PHE A 2628 21.21 -90.96 83.24
CA PHE A 2628 20.39 -90.94 84.44
C PHE A 2628 18.89 -90.94 84.11
N ASP A 2629 18.48 -90.51 82.92
CA ASP A 2629 17.05 -90.40 82.63
C ASP A 2629 16.47 -91.61 81.90
N VAL A 2630 17.13 -92.03 80.82
CA VAL A 2630 16.57 -93.11 79.97
C VAL A 2630 16.38 -94.46 80.68
N PRO A 2631 17.34 -94.98 81.49
CA PRO A 2631 17.10 -96.29 82.16
C PRO A 2631 15.90 -96.34 83.10
N ILE A 2632 15.42 -95.19 83.59
CA ILE A 2632 14.18 -95.17 84.37
C ILE A 2632 13.00 -95.64 83.51
N LEU A 2633 13.07 -95.43 82.19
CA LEU A 2633 12.05 -95.79 81.21
C LEU A 2633 10.71 -95.14 81.52
N ASN A 2634 10.76 -93.83 81.78
CA ASN A 2634 9.55 -93.05 82.04
C ASN A 2634 8.85 -92.68 80.72
N GLU A 2635 7.76 -91.92 80.84
CA GLU A 2635 7.01 -91.47 79.67
C GLU A 2635 7.80 -90.53 78.77
N PHE A 2636 8.83 -89.87 79.30
CA PHE A 2636 9.67 -88.96 78.53
C PHE A 2636 10.86 -89.67 77.89
N ALA A 2637 10.78 -90.97 77.69
CA ALA A 2637 11.81 -91.75 77.02
C ALA A 2637 11.58 -91.91 75.53
N LYS A 2638 10.53 -91.30 74.98
CA LYS A 2638 10.27 -91.44 73.55
C LYS A 2638 11.30 -90.68 72.71
N MET A 2639 11.55 -89.43 73.04
CA MET A 2639 12.51 -88.68 72.22
C MET A 2639 14.00 -89.05 72.44
N PRO A 2640 14.49 -89.48 73.63
CA PRO A 2640 15.90 -89.90 73.68
C PRO A 2640 16.21 -91.18 72.93
N LEU A 2641 15.32 -92.19 72.96
CA LEU A 2641 15.58 -93.43 72.26
C LEU A 2641 15.70 -93.24 70.74
N LYS A 2642 14.82 -92.40 70.17
CA LYS A 2642 14.96 -91.99 68.78
C LYS A 2642 16.22 -91.16 68.56
N LEU A 2643 16.55 -90.32 69.56
CA LEU A 2643 17.73 -89.47 69.48
C LEU A 2643 19.00 -90.31 69.40
N LEU A 2644 19.14 -91.27 70.31
CA LEU A 2644 20.32 -92.11 70.33
C LEU A 2644 20.35 -93.02 69.12
N THR A 2645 19.16 -93.41 68.62
CA THR A 2645 19.08 -94.26 67.43
C THR A 2645 19.66 -93.55 66.22
N ASN A 2646 19.27 -92.29 66.01
CA ASN A 2646 19.75 -91.58 64.84
C ASN A 2646 21.20 -91.14 65.02
N HIS A 2647 21.59 -90.78 66.24
CA HIS A 2647 22.96 -90.31 66.49
C HIS A 2647 23.95 -91.45 66.30
N TYR A 2648 23.67 -92.61 66.91
CA TYR A 2648 24.58 -93.73 66.80
C TYR A 2648 24.57 -94.30 65.39
N GLU A 2649 23.39 -94.42 64.75
CA GLU A 2649 23.35 -94.91 63.38
C GLU A 2649 24.10 -93.98 62.44
N ARG A 2650 24.13 -92.68 62.76
CA ARG A 2650 24.87 -91.72 61.93
C ARG A 2650 26.37 -91.79 62.18
N CYS A 2651 26.80 -92.01 63.43
CA CYS A 2651 28.22 -91.99 63.77
C CYS A 2651 28.64 -93.26 64.49
N TRP A 2652 28.29 -94.42 63.94
CA TRP A 2652 28.62 -95.67 64.63
C TRP A 2652 30.10 -96.02 64.51
N LYS A 2653 30.73 -95.71 63.37
CA LYS A 2653 32.17 -95.92 63.26
C LYS A 2653 32.98 -94.91 64.05
N TYR A 2654 32.38 -93.79 64.49
CA TYR A 2654 33.09 -92.85 65.36
C TYR A 2654 33.54 -93.50 66.65
N TYR A 2655 32.75 -94.45 67.16
CA TYR A 2655 33.12 -95.22 68.34
C TYR A 2655 33.71 -96.58 68.00
N CYS A 2656 33.48 -97.08 66.77
CA CYS A 2656 33.96 -98.40 66.41
C CYS A 2656 35.34 -98.42 65.80
N LEU A 2657 35.67 -97.43 64.97
CA LEU A 2657 37.00 -97.34 64.40
C LEU A 2657 38.02 -96.99 65.47
N PRO A 2658 39.23 -97.56 65.41
CA PRO A 2658 40.28 -97.19 66.39
C PRO A 2658 40.63 -95.71 66.37
N THR A 2659 40.60 -95.08 65.20
CA THR A 2659 40.80 -93.64 65.10
C THR A 2659 39.49 -92.87 65.00
N GLY A 2660 38.35 -93.56 65.12
CA GLY A 2660 37.06 -92.88 65.05
C GLY A 2660 36.73 -92.41 63.64
N TRP A 2661 35.69 -91.59 63.57
CA TRP A 2661 35.32 -90.94 62.33
C TRP A 2661 36.44 -90.00 61.89
N ALA A 2662 36.63 -89.91 60.57
CA ALA A 2662 37.66 -89.02 60.02
C ALA A 2662 37.36 -87.58 60.41
N ASN A 2663 38.40 -86.88 60.89
CA ASN A 2663 38.42 -85.43 61.22
C ASN A 2663 37.25 -84.97 62.09
N PHE A 2664 36.77 -85.86 62.97
CA PHE A 2664 35.83 -85.51 64.03
C PHE A 2664 36.28 -85.97 65.41
N GLY A 2665 37.39 -86.68 65.53
CA GLY A 2665 37.96 -86.97 66.83
C GLY A 2665 37.80 -88.42 67.23
N VAL A 2666 38.20 -88.70 68.47
CA VAL A 2666 38.18 -90.02 69.07
C VAL A 2666 37.55 -89.81 70.44
N THR A 2667 36.93 -90.87 70.98
CA THR A 2667 36.36 -90.83 72.33
C THR A 2667 37.44 -90.57 73.39
N SER A 2668 36.98 -90.16 74.57
CA SER A 2668 37.86 -89.82 75.69
C SER A 2668 37.82 -90.85 76.82
N GLU A 2669 37.40 -92.09 76.53
CA GLU A 2669 37.28 -93.25 77.42
C GLU A 2669 36.14 -93.06 78.45
N GLU A 2670 35.48 -91.90 78.46
CA GLU A 2670 34.29 -91.63 79.27
C GLU A 2670 33.01 -91.83 78.48
N GLU A 2671 33.01 -91.42 77.20
CA GLU A 2671 31.85 -91.64 76.34
C GLU A 2671 31.57 -93.12 76.16
N LEU A 2672 32.62 -93.93 75.99
CA LEU A 2672 32.45 -95.38 75.88
C LEU A 2672 31.91 -95.97 77.16
N HIS A 2673 32.38 -95.49 78.32
CA HIS A 2673 31.88 -95.94 79.62
C HIS A 2673 30.41 -95.62 79.78
N LEU A 2674 30.00 -94.41 79.38
CA LEU A 2674 28.59 -94.04 79.38
C LEU A 2674 27.78 -94.90 78.43
N THR A 2675 28.30 -95.15 77.22
CA THR A 2675 27.57 -95.95 76.24
C THR A 2675 27.37 -97.37 76.72
N ARG A 2676 28.42 -97.97 77.30
CA ARG A 2676 28.34 -99.31 77.88
C ARG A 2676 27.37 -99.35 79.06
N LYS A 2677 27.38 -98.31 79.90
CA LYS A 2677 26.40 -98.21 80.98
C LYS A 2677 24.97 -98.07 80.44
N LEU A 2678 24.78 -97.30 79.38
CA LEU A 2678 23.48 -97.20 78.73
C LEU A 2678 23.02 -98.54 78.19
N PHE A 2679 23.95 -99.31 77.60
CA PHE A 2679 23.65 -100.65 77.11
C PHE A 2679 23.18 -101.55 78.26
N TRP A 2680 23.93 -101.56 79.36
CA TRP A 2680 23.59 -102.43 80.48
C TRP A 2680 22.30 -101.98 81.15
N GLY A 2681 22.16 -100.67 81.38
CA GLY A 2681 21.00 -100.14 82.08
C GLY A 2681 19.73 -100.38 81.30
N ILE A 2682 19.76 -100.10 79.99
CA ILE A 2682 18.58 -100.30 79.15
C ILE A 2682 18.27 -101.77 79.00
N PHE A 2683 19.29 -102.62 78.78
CA PHE A 2683 19.06 -104.05 78.62
C PHE A 2683 18.46 -104.68 79.88
N ASP A 2684 18.96 -104.27 81.06
CA ASP A 2684 18.40 -104.74 82.32
C ASP A 2684 17.00 -104.17 82.58
N SER A 2685 16.79 -102.88 82.31
CA SER A 2685 15.48 -102.27 82.53
C SER A 2685 14.44 -102.88 81.60
N LEU A 2686 14.80 -103.10 80.34
CA LEU A 2686 13.89 -103.70 79.38
C LEU A 2686 13.57 -105.14 79.77
N ALA A 2687 14.56 -105.87 80.29
CA ALA A 2687 14.32 -107.23 80.75
C ALA A 2687 13.37 -107.26 81.95
N HIS A 2688 13.57 -106.34 82.91
CA HIS A 2688 12.70 -106.32 84.08
C HIS A 2688 11.30 -105.79 83.74
N LYS A 2689 11.22 -104.85 82.81
CA LYS A 2689 9.95 -104.28 82.39
C LYS A 2689 9.10 -105.32 81.65
N LYS A 2690 7.79 -105.11 81.72
CA LYS A 2690 6.86 -105.94 80.97
C LYS A 2690 6.99 -105.65 79.47
N TYR A 2691 6.40 -106.52 78.66
CA TYR A 2691 6.47 -106.38 77.20
C TYR A 2691 5.63 -105.17 76.79
N ASP A 2692 6.32 -104.07 76.50
CA ASP A 2692 5.71 -102.82 76.05
C ASP A 2692 6.09 -102.69 74.59
N GLN A 2693 5.20 -103.16 73.70
CA GLN A 2693 5.49 -103.28 72.27
C GLN A 2693 5.81 -101.92 71.65
N GLU A 2694 5.09 -100.88 72.08
CA GLU A 2694 5.34 -99.53 71.58
C GLU A 2694 6.75 -99.07 71.91
N LEU A 2695 7.22 -99.33 73.13
CA LEU A 2695 8.59 -99.00 73.47
C LEU A 2695 9.58 -100.00 72.87
N TYR A 2696 9.19 -101.27 72.76
CA TYR A 2696 10.09 -102.32 72.29
C TYR A 2696 10.52 -102.09 70.84
N ARG A 2697 9.56 -101.68 69.98
CA ARG A 2697 9.84 -101.50 68.56
C ARG A 2697 10.84 -100.38 68.32
N MET A 2698 10.72 -99.30 69.08
CA MET A 2698 11.53 -98.12 68.85
C MET A 2698 12.71 -98.04 69.82
N ALA A 2699 12.84 -99.04 70.70
CA ALA A 2699 14.00 -99.13 71.57
C ALA A 2699 15.02 -100.16 71.09
N MET A 2700 14.57 -101.20 70.38
CA MET A 2700 15.52 -102.16 69.82
C MET A 2700 16.55 -101.57 68.85
N PRO A 2701 16.21 -100.69 67.88
CA PRO A 2701 17.28 -100.07 67.06
C PRO A 2701 18.29 -99.26 67.84
N CYS A 2702 17.87 -98.58 68.92
CA CYS A 2702 18.82 -97.87 69.77
C CYS A 2702 19.80 -98.83 70.43
N LEU A 2703 19.32 -99.97 70.93
CA LEU A 2703 20.17 -100.97 71.53
C LEU A 2703 21.14 -101.55 70.50
N CYS A 2704 20.64 -101.83 69.30
CA CYS A 2704 21.48 -102.45 68.28
C CYS A 2704 22.52 -101.46 67.75
N ALA A 2705 22.12 -100.18 67.58
CA ALA A 2705 23.05 -99.15 67.13
C ALA A 2705 24.13 -98.91 68.16
N ILE A 2706 23.78 -98.93 69.45
CA ILE A 2706 24.77 -98.80 70.52
C ILE A 2706 25.75 -99.96 70.47
N ALA A 2707 25.22 -101.18 70.30
CA ALA A 2707 26.05 -102.38 70.29
C ALA A 2707 27.01 -102.37 69.11
N GLY A 2708 26.52 -101.99 67.94
CA GLY A 2708 27.36 -101.91 66.75
C GLY A 2708 28.42 -100.82 66.87
N ALA A 2709 28.05 -99.68 67.46
CA ALA A 2709 28.99 -98.58 67.63
C ALA A 2709 30.11 -98.93 68.59
N LEU A 2710 29.79 -99.61 69.69
CA LEU A 2710 30.78 -99.91 70.72
C LEU A 2710 31.87 -100.83 70.18
N PRO A 2711 33.12 -100.61 70.57
CA PRO A 2711 34.20 -101.54 70.19
C PRO A 2711 33.95 -102.93 70.75
N PRO A 2712 34.29 -103.98 70.00
CA PRO A 2712 34.03 -105.34 70.50
C PRO A 2712 34.85 -105.73 71.70
N ASP A 2713 36.14 -105.36 71.72
CA ASP A 2713 37.05 -105.70 72.80
C ASP A 2713 37.22 -104.54 73.79
N TYR A 2714 36.16 -103.76 74.00
CA TYR A 2714 36.20 -102.61 74.90
C TYR A 2714 36.42 -103.09 76.32
N VAL A 2715 37.33 -102.42 77.04
CA VAL A 2715 37.59 -102.67 78.45
C VAL A 2715 37.47 -101.33 79.16
N ASP A 2716 36.59 -101.26 80.16
CA ASP A 2716 36.40 -100.03 80.91
C ASP A 2716 37.52 -99.84 81.92
N ALA A 2717 37.73 -98.58 82.31
CA ALA A 2717 38.77 -98.26 83.27
C ALA A 2717 38.46 -98.82 84.66
N SER A 2718 37.23 -98.60 85.14
CA SER A 2718 36.79 -99.07 86.45
C SER A 2718 35.73 -100.13 86.23
N TYR A 2719 36.06 -101.38 86.54
CA TYR A 2719 35.11 -102.49 86.41
C TYR A 2719 34.29 -102.66 87.69
N SER A 2720 33.67 -101.57 88.14
CA SER A 2720 32.86 -101.57 89.36
C SER A 2720 31.92 -100.39 89.31
N SER A 2721 30.88 -100.46 90.13
CA SER A 2721 29.88 -99.39 90.23
C SER A 2721 29.13 -99.55 91.55
N LYS A 2722 28.35 -98.51 91.88
CA LYS A 2722 27.53 -98.54 93.09
C LYS A 2722 26.41 -99.57 92.97
N ALA A 2723 25.90 -99.77 91.75
CA ALA A 2723 24.85 -100.74 91.41
C ALA A 2723 23.56 -100.49 92.21
N GLU A 2724 22.99 -99.30 91.97
CA GLU A 2724 21.71 -98.92 92.54
C GLU A 2724 20.69 -98.74 91.42
N LYS A 2725 19.42 -98.66 91.83
CA LYS A 2725 18.24 -98.55 90.95
C LYS A 2725 18.17 -99.66 89.90
N ASN A 2734 14.03 -85.47 89.78
CA ASN A 2734 15.31 -85.46 89.09
C ASN A 2734 16.40 -86.22 89.85
N PHE A 2735 17.63 -85.70 89.83
CA PHE A 2735 18.75 -86.36 90.50
C PHE A 2735 18.64 -86.09 92.00
N ASP A 2736 18.42 -87.14 92.78
CA ASP A 2736 18.26 -87.04 94.23
C ASP A 2736 19.20 -88.03 94.91
N PRO A 2737 20.48 -87.67 95.06
CA PRO A 2737 21.45 -88.61 95.66
C PRO A 2737 21.25 -88.81 97.16
N ARG A 2738 20.85 -90.01 97.55
CA ARG A 2738 20.63 -90.31 98.96
C ARG A 2738 21.98 -90.47 99.65
N PRO A 2739 22.31 -89.65 100.63
CA PRO A 2739 23.57 -89.86 101.35
C PRO A 2739 23.47 -91.03 102.32
N VAL A 2740 24.60 -91.68 102.53
CA VAL A 2740 24.69 -92.78 103.47
C VAL A 2740 24.71 -92.20 104.87
N GLU A 2741 24.02 -92.85 105.82
CA GLU A 2741 23.99 -92.39 107.20
C GLU A 2741 25.39 -92.39 107.81
N THR A 2742 25.77 -91.25 108.39
CA THR A 2742 27.10 -91.08 108.95
C THR A 2742 27.07 -90.79 110.45
N LEU A 2743 26.30 -89.80 110.88
CA LEU A 2743 26.25 -89.46 112.30
C LEU A 2743 25.41 -90.44 113.11
N ASN A 2744 24.51 -91.19 112.46
CA ASN A 2744 23.66 -92.15 113.16
C ASN A 2744 24.47 -93.25 113.82
N VAL A 2745 25.48 -93.78 113.13
CA VAL A 2745 26.36 -94.78 113.71
C VAL A 2745 27.32 -94.08 114.67
N ILE A 2746 27.64 -94.75 115.77
CA ILE A 2746 28.55 -94.18 116.75
C ILE A 2746 29.98 -94.28 116.23
N ILE A 2747 30.71 -93.18 116.28
CA ILE A 2747 32.10 -93.15 115.84
C ILE A 2747 32.97 -93.80 116.92
N PRO A 2748 33.74 -94.83 116.57
CA PRO A 2748 34.64 -95.45 117.56
C PRO A 2748 35.71 -94.47 118.04
N GLU A 2749 35.98 -94.52 119.35
CA GLU A 2749 36.99 -93.67 119.95
C GLU A 2749 38.29 -94.43 120.21
N LYS A 2750 38.38 -95.67 119.73
CA LYS A 2750 39.60 -96.46 119.90
C LYS A 2750 40.77 -95.87 119.12
N LEU A 2751 40.49 -95.12 118.05
CA LEU A 2751 41.52 -94.52 117.21
C LEU A 2751 41.45 -93.00 117.21
N ASP A 2752 40.96 -92.43 118.33
CA ASP A 2752 40.85 -90.97 118.46
C ASP A 2752 42.21 -90.29 118.39
N SER A 2753 43.28 -91.00 118.73
CA SER A 2753 44.63 -90.50 118.55
C SER A 2753 44.99 -90.36 117.07
N PHE A 2754 44.27 -91.06 116.19
CA PHE A 2754 44.48 -90.95 114.76
C PHE A 2754 43.55 -89.93 114.13
N ILE A 2755 42.33 -89.76 114.67
CA ILE A 2755 41.35 -88.83 114.08
C ILE A 2755 41.88 -87.40 114.10
N ASN A 2756 42.42 -86.97 115.26
CA ASN A 2756 42.99 -85.64 115.36
C ASN A 2756 44.33 -85.55 114.65
N LYS A 2757 45.10 -86.65 114.61
CA LYS A 2757 46.37 -86.66 113.89
C LYS A 2757 46.15 -86.46 112.39
N PHE A 2758 45.16 -87.15 111.83
CA PHE A 2758 44.80 -86.97 110.43
C PHE A 2758 44.26 -85.56 110.19
N ALA A 2759 43.47 -85.03 111.13
CA ALA A 2759 42.94 -83.67 110.96
C ALA A 2759 44.07 -82.65 110.96
N GLU A 2760 45.03 -82.80 111.87
CA GLU A 2760 46.17 -81.90 111.95
C GLU A 2760 47.02 -82.01 110.69
N TYR A 2761 47.22 -83.23 110.19
CA TYR A 2761 48.05 -83.34 108.99
C TYR A 2761 47.31 -82.93 107.72
N THR A 2762 45.97 -82.96 107.70
CA THR A 2762 45.25 -82.35 106.57
C THR A 2762 45.45 -80.85 106.55
N HIS A 2763 45.43 -80.22 107.72
CA HIS A 2763 45.74 -78.78 107.75
C HIS A 2763 47.22 -78.52 107.53
N GLU A 2764 48.09 -79.43 107.98
CA GLU A 2764 49.52 -79.30 107.71
C GLU A 2764 49.82 -79.42 106.22
N LYS A 2765 49.14 -80.34 105.53
CA LYS A 2765 49.23 -80.42 104.07
C LYS A 2765 48.65 -79.18 103.38
N TRP A 2766 47.62 -78.56 103.98
CA TRP A 2766 47.16 -77.26 103.48
C TRP A 2766 48.24 -76.19 103.64
N ALA A 2767 48.96 -76.23 104.76
CA ALA A 2767 50.13 -75.37 104.94
C ALA A 2767 51.26 -75.73 103.97
N PHE A 2768 51.39 -77.01 103.62
CA PHE A 2768 52.33 -77.42 102.57
C PHE A 2768 51.93 -76.83 101.21
N ASP A 2769 50.63 -76.77 100.93
CA ASP A 2769 50.16 -76.06 99.74
C ASP A 2769 50.51 -74.58 99.81
N LYS A 2770 50.38 -73.98 101.00
CA LYS A 2770 50.77 -72.58 101.18
C LYS A 2770 52.27 -72.37 100.96
N ILE A 2771 53.10 -73.26 101.50
CA ILE A 2771 54.55 -73.15 101.33
C ILE A 2771 54.99 -73.49 99.90
N GLN A 2772 54.18 -74.22 99.13
CA GLN A 2772 54.46 -74.45 97.72
C GLN A 2772 53.70 -73.48 96.82
N ASN A 2773 52.97 -72.55 97.40
CA ASN A 2773 52.21 -71.54 96.66
C ASN A 2773 53.07 -70.35 96.27
N ASN A 2774 54.36 -70.34 96.66
CA ASN A 2774 55.38 -69.29 96.51
C ASN A 2774 55.11 -68.06 97.39
N TRP A 2775 54.05 -68.05 98.19
CA TRP A 2775 53.74 -66.95 99.10
C TRP A 2775 53.65 -67.50 100.51
N SER A 2776 54.16 -66.72 101.47
CA SER A 2776 54.13 -67.10 102.87
C SER A 2776 52.76 -66.85 103.48
N TYR A 2777 52.65 -67.17 104.77
CA TYR A 2777 51.42 -66.99 105.55
C TYR A 2777 51.64 -65.93 106.60
N GLY A 2778 50.69 -65.00 106.69
CA GLY A 2778 50.76 -63.88 107.62
C GLY A 2778 49.72 -64.04 108.72
N GLU A 2779 50.06 -63.55 109.91
CA GLU A 2779 49.15 -63.68 111.05
C GLU A 2779 47.97 -62.75 110.94
N ASN A 2780 48.22 -61.50 110.52
CA ASN A 2780 47.18 -60.48 110.49
C ASN A 2780 46.16 -60.75 109.40
N VAL A 2781 44.99 -60.13 109.55
CA VAL A 2781 43.93 -60.25 108.56
C VAL A 2781 44.24 -59.31 107.40
N ASP A 2782 44.37 -59.87 106.20
CA ASP A 2782 44.71 -59.08 105.02
C ASP A 2782 44.06 -59.68 103.78
N GLU A 2783 43.48 -58.81 102.95
CA GLU A 2783 42.93 -59.22 101.67
C GLU A 2783 43.96 -59.20 100.56
N GLU A 2784 45.17 -58.72 100.83
CA GLU A 2784 46.25 -58.67 99.85
C GLU A 2784 47.06 -59.97 99.80
N LEU A 2785 46.83 -60.89 100.72
CA LEU A 2785 47.60 -62.13 100.77
C LEU A 2785 47.22 -63.11 99.67
N LYS A 2786 46.02 -62.95 99.07
CA LYS A 2786 45.43 -63.78 97.99
C LYS A 2786 45.51 -65.30 98.25
N THR A 2787 45.62 -65.69 99.51
CA THR A 2787 45.72 -67.08 99.96
C THR A 2787 44.88 -67.18 101.23
N HIS A 2788 45.08 -68.27 101.97
CA HIS A 2788 44.44 -68.46 103.28
C HIS A 2788 45.00 -67.42 104.25
N PRO A 2789 44.22 -66.40 104.65
CA PRO A 2789 44.82 -65.27 105.38
C PRO A 2789 45.03 -65.53 106.87
N MET A 2790 44.34 -66.50 107.45
CA MET A 2790 44.34 -66.70 108.89
C MET A 2790 45.24 -67.85 109.33
N LEU A 2791 46.10 -68.35 108.44
CA LEU A 2791 47.07 -69.38 108.82
C LEU A 2791 48.21 -68.75 109.60
N ARG A 2792 48.56 -69.35 110.73
CA ARG A 2792 49.62 -68.88 111.60
C ARG A 2792 50.48 -70.07 112.01
N PRO A 2793 51.75 -69.83 112.40
CA PRO A 2793 52.57 -70.92 112.92
C PRO A 2793 52.00 -71.48 114.23
N TYR A 2794 52.28 -72.76 114.46
CA TYR A 2794 51.71 -73.52 115.58
C TYR A 2794 52.06 -72.95 116.96
N LYS A 2795 53.14 -72.16 117.06
CA LYS A 2795 53.52 -71.55 118.33
C LYS A 2795 52.44 -70.58 118.84
N THR A 2796 51.87 -69.78 117.93
CA THR A 2796 50.85 -68.80 118.28
C THR A 2796 49.57 -69.03 117.49
N PHE A 2797 49.23 -70.30 117.26
CA PHE A 2797 48.01 -70.66 116.55
C PHE A 2797 47.00 -71.23 117.55
N SER A 2798 45.87 -70.55 117.69
CA SER A 2798 44.86 -70.91 118.69
C SER A 2798 44.21 -72.26 118.37
N GLU A 2799 43.52 -72.82 119.37
CA GLU A 2799 42.84 -74.10 119.23
C GLU A 2799 41.36 -73.97 118.91
N LYS A 2800 40.81 -72.75 118.90
CA LYS A 2800 39.39 -72.56 118.60
C LYS A 2800 39.06 -72.97 117.17
N ASP A 2801 39.92 -72.62 116.22
CA ASP A 2801 39.69 -73.05 114.85
C ASP A 2801 40.15 -74.49 114.64
N LYS A 2802 41.06 -74.98 115.49
CA LYS A 2802 41.51 -76.35 115.36
C LYS A 2802 40.40 -77.32 115.75
N GLU A 2803 39.55 -76.91 116.70
CA GLU A 2803 38.46 -77.80 117.11
C GLU A 2803 37.32 -77.83 116.10
N ILE A 2804 37.34 -76.96 115.09
CA ILE A 2804 36.33 -76.99 114.03
C ILE A 2804 36.93 -77.41 112.69
N TYR A 2805 38.25 -77.59 112.61
CA TYR A 2805 38.87 -78.04 111.35
C TYR A 2805 38.50 -79.47 111.00
N ARG A 2806 38.16 -80.30 111.98
CA ARG A 2806 38.02 -81.74 111.76
C ARG A 2806 36.61 -82.19 111.40
N TRP A 2807 35.69 -81.28 111.07
CA TRP A 2807 34.38 -81.68 110.55
C TRP A 2807 34.46 -82.51 109.27
N PRO A 2808 35.21 -82.12 108.20
CA PRO A 2808 35.36 -83.07 107.07
C PRO A 2808 36.08 -84.35 107.45
N ILE A 2809 37.04 -84.29 108.36
CA ILE A 2809 37.81 -85.47 108.74
C ILE A 2809 36.93 -86.44 109.53
N LYS A 2810 36.18 -85.93 110.51
CA LYS A 2810 35.31 -86.82 111.27
C LYS A 2810 34.19 -87.39 110.40
N GLU A 2811 33.69 -86.60 109.43
CA GLU A 2811 32.69 -87.12 108.51
C GLU A 2811 33.27 -88.15 107.57
N SER A 2812 34.55 -88.00 107.20
CA SER A 2812 35.22 -88.98 106.36
C SER A 2812 35.37 -90.31 107.10
N LEU A 2813 35.83 -90.23 108.35
CA LEU A 2813 36.05 -91.45 109.14
C LEU A 2813 34.74 -92.18 109.39
N LYS A 2814 33.69 -91.46 109.80
CA LYS A 2814 32.42 -92.16 110.01
C LYS A 2814 31.77 -92.58 108.69
N ALA A 2815 32.22 -91.99 107.56
CA ALA A 2815 31.75 -92.42 106.25
C ALA A 2815 32.38 -93.75 105.85
N MET A 2816 33.68 -93.91 106.09
CA MET A 2816 34.37 -95.13 105.70
C MET A 2816 34.33 -96.22 106.76
N ILE A 2817 33.86 -95.92 107.97
CA ILE A 2817 33.87 -96.91 109.04
C ILE A 2817 32.53 -97.65 109.18
N ALA A 2818 31.44 -97.12 108.61
CA ALA A 2818 30.15 -97.76 108.68
C ALA A 2818 29.80 -98.62 107.46
N TRP A 2819 30.59 -98.54 106.38
CA TRP A 2819 30.31 -99.32 105.18
C TRP A 2819 30.94 -100.71 105.22
N GLU A 2820 30.71 -101.45 106.32
CA GLU A 2820 31.17 -102.82 106.62
C GLU A 2820 32.63 -103.08 106.22
N TRP A 2821 33.47 -102.07 106.37
CA TRP A 2821 34.88 -102.12 106.00
C TRP A 2821 35.71 -101.77 107.23
N THR A 2822 36.46 -102.73 107.73
CA THR A 2822 37.16 -102.58 109.00
C THR A 2822 38.41 -101.73 108.86
N ILE A 2823 38.82 -101.14 109.97
CA ILE A 2823 40.07 -100.39 110.09
C ILE A 2823 40.79 -100.91 111.33
N GLU A 2824 42.12 -101.09 111.21
CA GLU A 2824 42.90 -101.66 112.29
C GLU A 2824 44.24 -100.94 112.35
N LYS A 2825 44.86 -100.97 113.52
CA LYS A 2825 46.17 -100.35 113.75
C LYS A 2825 47.23 -101.42 113.63
N ALA A 2826 48.00 -101.37 112.54
CA ALA A 2826 49.04 -102.37 112.30
C ALA A 2826 50.28 -102.13 113.16
N ARG A 2827 50.56 -100.89 113.52
CA ARG A 2827 51.76 -100.52 114.25
C ARG A 2827 51.41 -99.98 115.64
N GLU A 2828 52.45 -99.81 116.46
CA GLU A 2828 52.33 -99.21 117.79
C GLU A 2828 53.40 -98.13 117.87
N GLY A 2829 53.02 -96.90 117.52
CA GLY A 2829 53.95 -95.79 117.55
C GLY A 2829 53.23 -94.48 117.29
N GLU A 2830 53.91 -93.39 117.64
CA GLU A 2830 53.42 -92.01 117.49
C GLU A 2830 52.06 -91.76 118.15
N TYR A 2855 56.85 -74.97 113.02
CA TYR A 2855 55.72 -75.15 112.12
C TYR A 2855 56.20 -75.36 110.69
N ASN A 2856 56.27 -76.62 110.27
CA ASN A 2856 56.75 -76.97 108.93
C ASN A 2856 56.25 -78.36 108.59
N PRO A 2857 55.65 -78.56 107.41
CA PRO A 2857 55.19 -79.91 107.02
C PRO A 2857 56.33 -80.87 106.68
N GLN A 2858 57.04 -81.33 107.70
CA GLN A 2858 58.17 -82.24 107.47
C GLN A 2858 57.78 -83.60 106.86
N PRO A 2859 56.78 -84.35 107.35
CA PRO A 2859 56.47 -85.64 106.70
C PRO A 2859 55.81 -85.43 105.34
N PRO A 2860 56.38 -85.99 104.28
CA PRO A 2860 55.81 -85.77 102.94
C PRO A 2860 54.80 -86.83 102.51
N ASP A 2861 53.76 -86.36 101.85
CA ASP A 2861 52.70 -87.21 101.31
C ASP A 2861 52.54 -86.90 99.83
N LEU A 2862 52.79 -87.90 98.99
CA LEU A 2862 52.60 -87.79 97.55
C LEU A 2862 51.56 -88.82 97.13
N SER A 2863 50.64 -88.39 96.27
CA SER A 2863 49.49 -89.20 95.89
C SER A 2863 49.44 -89.47 94.39
N GLY A 2864 50.59 -89.51 93.72
CA GLY A 2864 50.60 -89.76 92.30
C GLY A 2864 50.94 -91.19 91.89
N VAL A 2865 51.35 -92.01 92.86
CA VAL A 2865 51.75 -93.39 92.57
C VAL A 2865 50.53 -94.31 92.68
N THR A 2866 50.66 -95.50 92.11
CA THR A 2866 49.56 -96.45 92.06
C THR A 2866 49.45 -97.22 93.39
N LEU A 2867 48.37 -97.99 93.49
CA LEU A 2867 48.07 -98.79 94.68
C LEU A 2867 47.10 -99.89 94.25
N SER A 2868 46.92 -100.87 95.14
CA SER A 2868 46.10 -102.05 94.87
C SER A 2868 44.65 -101.66 94.54
N ARG A 2869 44.06 -102.44 93.62
CA ARG A 2869 42.76 -102.11 93.03
C ARG A 2869 41.61 -102.15 94.05
N GLU A 2870 41.56 -103.19 94.89
CA GLU A 2870 40.46 -103.33 95.86
CA GLU A 2870 40.46 -103.32 95.85
C GLU A 2870 40.43 -102.17 96.85
N LEU A 2871 41.59 -101.81 97.39
CA LEU A 2871 41.69 -100.72 98.35
C LEU A 2871 41.41 -99.38 97.68
N GLN A 2872 41.81 -99.24 96.42
CA GLN A 2872 41.54 -98.01 95.69
C GLN A 2872 40.05 -97.91 95.37
N ALA A 2873 39.41 -99.05 95.08
CA ALA A 2873 37.99 -99.08 94.78
C ALA A 2873 37.18 -98.64 95.99
N MET A 2874 37.58 -99.10 97.18
CA MET A 2874 36.92 -98.63 98.39
C MET A 2874 37.19 -97.14 98.65
N ALA A 2875 38.37 -96.66 98.27
CA ALA A 2875 38.63 -95.22 98.40
C ALA A 2875 37.80 -94.41 97.41
N GLU A 2876 37.54 -94.98 96.23
CA GLU A 2876 36.69 -94.32 95.23
C GLU A 2876 35.24 -94.31 95.68
N GLN A 2877 34.80 -95.35 96.39
CA GLN A 2877 33.47 -95.31 97.00
C GLN A 2877 33.39 -94.22 98.07
N LEU A 2878 34.46 -94.06 98.85
CA LEU A 2878 34.53 -92.97 99.83
C LEU A 2878 34.47 -91.59 99.15
N ALA A 2879 35.19 -91.42 98.05
CA ALA A 2879 35.11 -90.19 97.26
C ALA A 2879 33.72 -90.00 96.64
N GLU A 2880 33.07 -91.09 96.24
CA GLU A 2880 31.70 -91.03 95.76
C GLU A 2880 30.76 -90.53 96.86
N ASN A 2881 30.96 -91.00 98.10
CA ASN A 2881 30.17 -90.50 99.22
C ASN A 2881 30.46 -89.03 99.49
N TYR A 2882 31.69 -88.58 99.20
CA TYR A 2882 32.00 -87.15 99.31
C TYR A 2882 31.22 -86.36 98.28
N HIS A 2883 31.12 -86.90 97.06
CA HIS A 2883 30.48 -86.19 95.97
C HIS A 2883 28.98 -86.12 96.17
N ASN A 2884 28.36 -87.26 96.54
CA ASN A 2884 26.91 -87.27 96.71
C ASN A 2884 26.49 -86.43 97.92
N THR A 2885 27.26 -86.45 99.02
CA THR A 2885 26.94 -85.58 100.15
C THR A 2885 27.11 -84.10 99.77
N TRP A 2886 28.15 -83.78 98.99
CA TRP A 2886 28.36 -82.41 98.50
C TRP A 2886 27.18 -81.96 97.64
N GLY A 2887 26.73 -82.83 96.75
CA GLY A 2887 25.58 -82.52 95.91
C GLY A 2887 24.31 -82.39 96.72
N ARG A 2888 24.13 -83.24 97.74
CA ARG A 2888 22.93 -83.18 98.55
C ARG A 2888 22.85 -81.87 99.33
N LYS A 2889 23.97 -81.45 99.94
CA LYS A 2889 23.98 -80.20 100.68
C LYS A 2889 24.01 -78.97 99.79
N LYS A 2890 24.24 -79.12 98.48
CA LYS A 2890 24.06 -77.97 97.61
C LYS A 2890 22.69 -77.96 96.93
N LYS A 2891 22.14 -79.14 96.66
CA LYS A 2891 20.78 -79.21 96.15
C LYS A 2891 19.74 -78.88 97.20
N GLN A 2892 20.13 -78.85 98.49
CA GLN A 2892 19.20 -78.41 99.53
C GLN A 2892 18.80 -76.96 99.30
N GLU A 2893 19.77 -76.10 98.98
CA GLU A 2893 19.46 -74.72 98.66
C GLU A 2893 19.08 -74.55 97.19
N LEU A 2894 19.42 -75.53 96.34
CA LEU A 2894 19.04 -75.44 94.92
C LEU A 2894 17.57 -75.77 94.69
N GLU A 2895 16.95 -76.59 95.55
CA GLU A 2895 15.57 -77.00 95.38
C GLU A 2895 14.55 -76.01 95.94
N ALA A 2896 14.98 -74.78 96.28
CA ALA A 2896 14.06 -73.77 96.79
C ALA A 2896 13.04 -73.33 95.73
N LYS A 2897 13.46 -73.19 94.47
CA LYS A 2897 12.54 -72.79 93.42
C LYS A 2897 12.10 -73.94 92.52
N GLY A 2898 12.87 -75.03 92.45
CA GLY A 2898 12.48 -76.18 91.67
C GLY A 2898 12.77 -76.11 90.18
N GLY A 2899 13.74 -75.30 89.76
CA GLY A 2899 14.07 -75.19 88.36
C GLY A 2899 15.56 -75.29 88.13
N GLY A 2900 15.91 -75.78 86.94
CA GLY A 2900 17.30 -75.92 86.56
C GLY A 2900 17.95 -77.15 87.17
N THR A 2901 19.22 -77.34 86.82
CA THR A 2901 19.99 -78.47 87.35
C THR A 2901 21.44 -78.04 87.54
N HIS A 2902 22.06 -78.59 88.58
CA HIS A 2902 23.45 -78.32 88.92
C HIS A 2902 24.38 -79.18 88.06
N PRO A 2903 25.45 -78.59 87.52
CA PRO A 2903 26.40 -79.39 86.72
C PRO A 2903 27.09 -80.50 87.50
N LEU A 2904 27.20 -80.39 88.83
CA LEU A 2904 27.83 -81.41 89.65
C LEU A 2904 26.83 -82.39 90.24
N LEU A 2905 25.54 -82.26 89.92
CA LEU A 2905 24.52 -83.22 90.37
C LEU A 2905 24.41 -84.34 89.33
N VAL A 2906 25.48 -85.14 89.28
CA VAL A 2906 25.59 -86.22 88.31
C VAL A 2906 26.13 -87.45 89.00
N PRO A 2907 25.87 -88.65 88.46
CA PRO A 2907 26.46 -89.88 89.03
C PRO A 2907 27.98 -89.85 89.01
N TYR A 2908 28.59 -90.43 90.06
CA TYR A 2908 30.04 -90.34 90.24
C TYR A 2908 30.82 -91.03 89.13
N ASP A 2909 30.38 -92.21 88.70
CA ASP A 2909 31.11 -92.93 87.67
C ASP A 2909 31.00 -92.23 86.32
N THR A 2910 29.85 -91.62 86.04
CA THR A 2910 29.59 -91.06 84.72
C THR A 2910 30.32 -89.74 84.47
N LEU A 2911 30.54 -88.95 85.52
CA LEU A 2911 31.18 -87.65 85.35
C LEU A 2911 32.63 -87.82 84.91
N THR A 2912 33.11 -86.85 84.12
CA THR A 2912 34.41 -86.93 83.49
C THR A 2912 35.54 -86.86 84.53
N ALA A 2913 36.73 -87.31 84.12
CA ALA A 2913 37.87 -87.34 85.03
C ALA A 2913 38.36 -85.94 85.41
N LYS A 2914 38.13 -84.94 84.55
CA LYS A 2914 38.54 -83.57 84.87
C LYS A 2914 37.78 -83.03 86.08
N GLU A 2915 36.49 -83.35 86.19
CA GLU A 2915 35.66 -82.99 87.34
C GLU A 2915 35.64 -84.09 88.39
N LYS A 2916 36.40 -85.18 88.19
CA LYS A 2916 36.56 -86.22 89.18
C LYS A 2916 37.87 -86.09 89.95
N ALA A 2917 38.82 -85.31 89.41
CA ALA A 2917 40.14 -85.18 90.00
C ALA A 2917 40.10 -84.55 91.40
N ARG A 2918 39.17 -83.63 91.65
CA ARG A 2918 39.05 -83.01 92.98
C ARG A 2918 38.72 -84.02 94.07
N ASP A 2919 37.76 -84.92 93.81
CA ASP A 2919 37.46 -85.99 94.77
C ASP A 2919 38.49 -87.12 94.73
N ARG A 2920 39.06 -87.38 93.55
CA ARG A 2920 40.07 -88.41 93.40
C ARG A 2920 41.34 -88.07 94.19
N GLU A 2921 41.76 -86.80 94.14
CA GLU A 2921 42.97 -86.38 94.84
C GLU A 2921 42.83 -86.56 96.35
N LYS A 2922 41.65 -86.21 96.88
CA LYS A 2922 41.38 -86.41 98.30
C LYS A 2922 41.36 -87.89 98.66
N ALA A 2923 40.77 -88.72 97.79
CA ALA A 2923 40.79 -90.18 98.02
C ALA A 2923 42.20 -90.74 97.99
N GLN A 2924 43.03 -90.27 97.04
CA GLN A 2924 44.42 -90.69 96.94
C GLN A 2924 45.22 -90.27 98.16
N GLU A 2925 45.07 -89.00 98.59
CA GLU A 2925 45.84 -88.49 99.71
C GLU A 2925 45.44 -89.18 101.01
N LEU A 2926 44.13 -89.36 101.24
CA LEU A 2926 43.66 -90.04 102.44
C LEU A 2926 44.13 -91.49 102.46
N LEU A 2927 44.07 -92.17 101.30
CA LEU A 2927 44.52 -93.55 101.22
C LEU A 2927 46.03 -93.66 101.40
N LYS A 2928 46.80 -92.69 100.90
CA LYS A 2928 48.23 -92.68 101.12
C LYS A 2928 48.54 -92.47 102.60
N PHE A 2929 47.78 -91.58 103.26
CA PHE A 2929 47.93 -91.38 104.70
C PHE A 2929 47.62 -92.66 105.47
N LEU A 2930 46.69 -93.47 104.95
CA LEU A 2930 46.46 -94.76 105.59
C LEU A 2930 47.59 -95.73 105.29
N GLN A 2931 48.22 -95.60 104.11
CA GLN A 2931 49.24 -96.57 103.70
C GLN A 2931 50.53 -96.39 104.47
N MET A 2932 51.14 -95.20 104.37
CA MET A 2932 52.45 -94.96 104.99
C MET A 2932 52.39 -95.05 106.51
N ASN A 2933 51.35 -94.49 107.14
CA ASN A 2933 51.21 -94.61 108.58
C ASN A 2933 50.87 -96.02 109.04
N GLY A 2934 50.36 -96.88 108.15
CA GLY A 2934 50.12 -98.26 108.51
C GLY A 2934 48.68 -98.61 108.87
N TYR A 2935 47.74 -98.18 108.03
CA TYR A 2935 46.33 -98.47 108.20
C TYR A 2935 45.85 -99.22 106.97
N ALA A 2936 45.10 -100.29 107.18
CA ALA A 2936 44.60 -101.11 106.09
C ALA A 2936 43.10 -101.33 106.24
N VAL A 2937 42.41 -101.38 105.11
CA VAL A 2937 40.97 -101.57 105.06
C VAL A 2937 40.70 -102.83 104.24
N THR A 2938 39.89 -103.73 104.80
CA THR A 2938 39.54 -104.98 104.16
C THR A 2938 38.06 -105.24 104.41
N ARG A 2939 37.35 -105.70 103.37
CA ARG A 2939 35.92 -105.97 103.48
C ARG A 2939 35.63 -107.15 104.42
N LEU A 2946 35.50 -108.73 91.95
CA LEU A 2946 36.81 -108.86 92.56
C LEU A 2946 37.57 -109.98 91.82
N ASP A 2947 38.90 -109.83 91.77
CA ASP A 2947 39.80 -110.69 90.98
C ASP A 2947 39.40 -110.72 89.52
N THR A 2948 39.00 -109.58 88.99
CA THR A 2948 38.60 -109.47 87.59
C THR A 2948 39.78 -109.62 86.65
N SER A 2949 39.50 -110.18 85.47
CA SER A 2949 40.52 -110.41 84.45
C SER A 2949 40.12 -109.75 83.14
N SER A 2950 41.14 -109.42 82.33
CA SER A 2950 40.91 -108.72 81.06
C SER A 2950 40.13 -109.56 80.06
N ILE A 2951 40.11 -110.89 80.24
CA ILE A 2951 39.35 -111.76 79.35
C ILE A 2951 37.87 -111.48 79.50
N GLU A 2952 37.41 -111.42 80.75
CA GLU A 2952 36.00 -111.14 81.02
C GLU A 2952 35.69 -109.64 80.98
N LYS A 2953 36.70 -108.77 81.03
CA LYS A 2953 36.44 -107.33 80.94
C LYS A 2953 35.91 -106.91 79.58
N ARG A 2954 36.06 -107.76 78.55
CA ARG A 2954 35.56 -107.47 77.21
C ARG A 2954 34.06 -107.29 77.21
N PHE A 2955 33.60 -106.26 76.50
CA PHE A 2955 32.17 -106.00 76.37
C PHE A 2955 31.46 -107.11 75.59
N ALA A 2956 32.12 -107.64 74.56
CA ALA A 2956 31.56 -108.74 73.78
C ALA A 2956 31.36 -109.98 74.64
N PHE A 2957 32.33 -110.29 75.50
CA PHE A 2957 32.18 -111.39 76.45
C PHE A 2957 31.05 -111.13 77.43
N GLY A 2958 30.89 -109.87 77.87
CA GLY A 2958 29.76 -109.52 78.72
C GLY A 2958 28.41 -109.78 78.07
N PHE A 2959 28.29 -109.43 76.78
CA PHE A 2959 27.09 -109.78 76.04
C PHE A 2959 26.92 -111.29 75.91
N LEU A 2960 28.02 -112.01 75.67
CA LEU A 2960 27.93 -113.46 75.51
C LEU A 2960 27.54 -114.15 76.81
N GLN A 2961 28.13 -113.71 77.94
CA GLN A 2961 27.80 -114.36 79.21
C GLN A 2961 26.35 -114.07 79.59
N GLN A 2962 25.80 -112.91 79.16
CA GLN A 2962 24.36 -112.69 79.34
C GLN A 2962 23.57 -113.65 78.47
N LEU A 2963 24.13 -114.00 77.30
CA LEU A 2963 23.44 -114.91 76.38
C LEU A 2963 23.34 -116.29 77.00
N LEU A 2964 24.46 -116.83 77.50
CA LEU A 2964 24.41 -118.17 78.11
C LEU A 2964 23.57 -118.21 79.38
N ARG A 2965 23.72 -117.19 80.27
CA ARG A 2965 22.98 -117.20 81.52
C ARG A 2965 21.47 -117.09 81.29
N TRP A 2966 21.05 -116.49 80.17
CA TRP A 2966 19.65 -116.52 79.84
C TRP A 2966 19.32 -117.63 78.84
N MET A 2967 20.35 -118.30 78.33
CA MET A 2967 20.13 -119.46 77.50
C MET A 2967 19.65 -120.63 78.35
N ASP A 2968 20.22 -120.81 79.54
CA ASP A 2968 19.68 -121.88 80.41
C ASP A 2968 18.19 -121.66 80.72
N ILE A 2969 17.75 -120.39 80.74
CA ILE A 2969 16.32 -120.07 80.76
C ILE A 2969 15.66 -120.49 79.45
N SER A 2970 16.35 -120.26 78.32
CA SER A 2970 15.74 -120.51 77.01
C SER A 2970 15.45 -122.01 76.84
N GLN A 2971 16.45 -122.86 77.09
CA GLN A 2971 16.14 -124.30 77.13
C GLN A 2971 15.33 -124.72 78.35
N GLU A 2972 15.03 -123.82 79.28
CA GLU A 2972 14.15 -124.21 80.38
C GLU A 2972 12.69 -124.14 79.93
N PHE A 2973 12.24 -122.97 79.46
CA PHE A 2973 10.82 -122.82 79.16
C PHE A 2973 10.36 -123.55 77.89
N ILE A 2974 11.26 -123.98 77.00
CA ILE A 2974 10.85 -124.78 75.85
C ILE A 2974 10.22 -126.10 76.27
N ALA A 2975 10.77 -126.75 77.30
CA ALA A 2975 10.16 -127.96 77.84
C ALA A 2975 8.76 -127.68 78.38
N HIS A 2976 8.56 -126.51 78.99
CA HIS A 2976 7.22 -126.08 79.40
C HIS A 2976 6.28 -125.90 78.21
N LEU A 2977 6.78 -125.29 77.12
CA LEU A 2977 5.99 -125.15 75.91
C LEU A 2977 5.65 -126.49 75.25
N GLU A 2978 6.62 -127.43 75.21
CA GLU A 2978 6.33 -128.77 74.72
C GLU A 2978 5.32 -129.48 75.61
N ALA A 2979 5.39 -129.23 76.93
CA ALA A 2979 4.46 -129.84 77.86
C ALA A 2979 3.05 -129.32 77.61
N VAL A 2980 2.90 -128.02 77.35
CA VAL A 2980 1.56 -127.46 77.18
C VAL A 2980 1.02 -127.65 75.76
N VAL A 2981 1.87 -127.97 74.79
CA VAL A 2981 1.35 -128.23 73.44
C VAL A 2981 1.07 -129.72 73.24
N SER A 2982 1.80 -130.60 73.94
CA SER A 2982 1.54 -132.04 73.83
C SER A 2982 0.21 -132.42 74.46
N SER A 2983 -0.10 -131.85 75.62
CA SER A 2983 -1.35 -132.14 76.33
C SER A 2983 -1.58 -131.03 77.35
N GLY A 2984 -2.76 -131.04 77.95
CA GLY A 2984 -3.08 -130.08 79.00
C GLY A 2984 -3.14 -128.65 78.53
N ARG A 2985 -4.16 -128.33 77.74
CA ARG A 2985 -4.35 -127.00 77.13
C ARG A 2985 -4.42 -125.88 78.18
N VAL A 2986 -3.41 -125.03 78.18
CA VAL A 2986 -3.34 -123.88 79.08
C VAL A 2986 -2.47 -122.82 78.42
N GLU A 2987 -2.91 -121.57 78.51
CA GLU A 2987 -2.21 -120.44 77.87
C GLU A 2987 -1.90 -119.33 78.86
N LYS A 2988 -1.75 -119.68 80.14
CA LYS A 2988 -1.32 -118.69 81.13
C LYS A 2988 0.08 -118.19 80.81
N SER A 2989 1.01 -119.11 80.49
CA SER A 2989 2.37 -118.87 80.02
C SER A 2989 3.16 -117.92 80.92
N PRO A 2990 3.60 -118.36 82.10
CA PRO A 2990 4.35 -117.46 83.00
C PRO A 2990 5.70 -117.00 82.47
N HIS A 2991 6.25 -117.66 81.44
CA HIS A 2991 7.49 -117.25 80.82
C HIS A 2991 7.28 -116.51 79.51
N GLU A 2992 6.04 -116.07 79.21
CA GLU A 2992 5.75 -115.39 77.96
C GLU A 2992 6.51 -114.06 77.85
N GLN A 2993 6.61 -113.32 78.97
CA GLN A 2993 7.36 -112.07 78.98
C GLN A 2993 8.83 -112.32 78.61
N GLU A 2994 9.38 -113.45 79.08
CA GLU A 2994 10.72 -113.86 78.67
C GLU A 2994 10.76 -114.14 77.17
N ILE A 2995 9.79 -114.92 76.67
CA ILE A 2995 9.80 -115.34 75.25
C ILE A 2995 9.74 -114.13 74.35
N LYS A 2996 8.88 -113.16 74.70
CA LYS A 2996 8.79 -111.89 73.99
C LYS A 2996 10.10 -111.12 74.08
N PHE A 2997 10.80 -111.22 75.20
CA PHE A 2997 12.03 -110.44 75.33
C PHE A 2997 13.16 -111.05 74.52
N PHE A 2998 13.29 -112.38 74.52
CA PHE A 2998 14.30 -113.04 73.69
C PHE A 2998 14.02 -112.82 72.21
N ALA A 2999 12.75 -112.99 71.80
CA ALA A 2999 12.39 -112.99 70.39
C ALA A 2999 12.41 -111.60 69.80
N LYS A 3000 12.11 -110.58 70.60
CA LYS A 3000 11.97 -109.25 70.07
C LYS A 3000 13.19 -108.39 70.37
N ILE A 3001 14.08 -108.84 71.27
CA ILE A 3001 15.21 -108.03 71.68
C ILE A 3001 16.54 -108.72 71.40
N LEU A 3002 16.72 -109.94 71.93
CA LEU A 3002 18.02 -110.60 71.84
C LEU A 3002 18.38 -110.99 70.41
N LEU A 3003 17.44 -111.64 69.70
CA LEU A 3003 17.70 -112.03 68.32
C LEU A 3003 17.99 -110.86 67.38
N PRO A 3004 17.21 -109.74 67.37
CA PRO A 3004 17.66 -108.57 66.57
C PRO A 3004 19.02 -108.02 67.00
N LEU A 3005 19.29 -108.05 68.31
CA LEU A 3005 20.61 -107.66 68.83
C LEU A 3005 21.70 -108.60 68.36
N ILE A 3006 21.43 -109.90 68.37
CA ILE A 3006 22.38 -110.89 67.86
C ILE A 3006 22.63 -110.66 66.37
N ASN A 3007 21.55 -110.40 65.62
CA ASN A 3007 21.65 -110.17 64.18
C ASN A 3007 22.53 -108.96 63.88
N GLN A 3008 22.28 -107.83 64.55
CA GLN A 3008 23.03 -106.63 64.21
C GLN A 3008 24.45 -106.68 64.75
N TYR A 3009 24.63 -107.13 66.01
CA TYR A 3009 25.95 -107.13 66.62
C TYR A 3009 26.87 -108.12 65.91
N PHE A 3010 26.40 -109.34 65.70
CA PHE A 3010 27.22 -110.36 65.08
C PHE A 3010 27.48 -110.04 63.61
N THR A 3011 26.51 -109.44 62.90
CA THR A 3011 26.76 -109.02 61.52
C THR A 3011 27.82 -107.93 61.46
N ASN A 3012 27.73 -106.93 62.37
CA ASN A 3012 28.70 -105.85 62.37
C ASN A 3012 30.10 -106.33 62.76
N HIS A 3013 30.19 -107.16 63.79
CA HIS A 3013 31.48 -107.63 64.29
C HIS A 3013 31.79 -109.06 63.89
N CYS A 3014 31.30 -109.49 62.72
CA CYS A 3014 31.64 -110.81 62.18
C CYS A 3014 33.14 -110.90 61.89
N LEU A 3015 33.75 -109.79 61.49
CA LEU A 3015 35.19 -109.73 61.30
C LEU A 3015 35.94 -109.94 62.61
N TYR A 3016 35.40 -109.41 63.71
CA TYR A 3016 36.06 -109.53 65.01
C TYR A 3016 36.04 -110.96 65.52
N PHE A 3017 34.87 -111.62 65.45
CA PHE A 3017 34.75 -112.98 65.97
C PHE A 3017 35.58 -113.97 65.17
N LEU A 3018 35.88 -113.67 63.92
CA LEU A 3018 36.77 -114.50 63.13
C LEU A 3018 38.20 -113.99 63.15
N SER A 3019 38.48 -112.91 63.88
CA SER A 3019 39.83 -112.35 63.95
C SER A 3019 40.63 -113.14 64.96
N THR A 3020 41.77 -113.66 64.53
CA THR A 3020 42.67 -114.48 65.34
C THR A 3020 44.06 -113.88 65.27
N PRO A 3021 44.87 -114.07 66.31
CA PRO A 3021 46.25 -113.54 66.28
C PRO A 3021 47.10 -114.07 65.13
N ALA A 3022 46.84 -115.30 64.66
CA ALA A 3022 47.57 -115.85 63.53
C ALA A 3022 47.29 -115.06 62.25
N LYS A 3023 46.03 -114.77 61.98
CA LYS A 3023 45.63 -114.02 60.79
C LYS A 3023 44.59 -112.98 61.21
N VAL A 3024 45.01 -111.73 61.27
CA VAL A 3024 44.10 -110.63 61.59
C VAL A 3024 43.38 -110.21 60.32
N LEU A 3025 42.06 -110.33 60.32
CA LEU A 3025 41.27 -110.07 59.12
C LEU A 3025 40.92 -108.59 58.96
N GLY A 3026 40.43 -107.96 60.03
CA GLY A 3026 39.98 -106.58 59.96
C GLY A 3026 41.08 -105.60 60.30
N SER A 3027 40.66 -104.35 60.53
CA SER A 3027 41.61 -103.29 60.89
C SER A 3027 42.30 -103.58 62.22
N GLY A 3028 41.54 -104.06 63.20
CA GLY A 3028 42.12 -104.36 64.50
C GLY A 3028 41.14 -105.14 65.35
N GLY A 3029 41.62 -105.54 66.52
CA GLY A 3029 40.81 -106.31 67.45
C GLY A 3029 40.73 -107.78 67.09
N HIS A 3030 40.80 -108.64 68.10
CA HIS A 3030 40.72 -110.08 67.88
C HIS A 3030 39.86 -110.69 68.97
N ALA A 3031 38.98 -111.63 68.58
CA ALA A 3031 38.16 -112.32 69.56
C ALA A 3031 39.02 -113.21 70.44
N SER A 3032 38.72 -113.21 71.74
CA SER A 3032 39.48 -114.02 72.67
C SER A 3032 39.20 -115.50 72.46
N ASN A 3033 40.08 -116.33 73.04
CA ASN A 3033 39.94 -117.78 72.95
C ASN A 3033 38.64 -118.26 73.60
N LYS A 3034 38.29 -117.68 74.76
CA LYS A 3034 37.06 -118.05 75.44
C LYS A 3034 35.84 -117.70 74.60
N GLU A 3035 35.84 -116.50 74.00
CA GLU A 3035 34.71 -116.04 73.21
C GLU A 3035 34.51 -116.95 72.01
N LYS A 3036 35.63 -117.31 71.34
CA LYS A 3036 35.55 -118.21 70.18
C LYS A 3036 35.08 -119.60 70.58
N GLU A 3037 35.54 -120.11 71.72
CA GLU A 3037 35.13 -121.45 72.13
C GLU A 3037 33.79 -121.48 72.86
N MET A 3038 33.15 -120.34 73.05
CA MET A 3038 31.86 -120.28 73.71
C MET A 3038 30.74 -119.80 72.80
N ILE A 3039 31.08 -119.12 71.69
CA ILE A 3039 30.11 -118.85 70.64
C ILE A 3039 29.62 -120.17 70.01
N THR A 3040 30.50 -121.17 69.88
CA THR A 3040 30.10 -122.46 69.31
C THR A 3040 29.12 -123.18 70.22
N SER A 3041 29.34 -123.08 71.54
CA SER A 3041 28.43 -123.65 72.51
C SER A 3041 27.06 -122.99 72.41
N LEU A 3042 27.03 -121.66 72.24
CA LEU A 3042 25.75 -120.99 71.98
C LEU A 3042 25.14 -121.44 70.66
N PHE A 3043 25.99 -121.65 69.65
CA PHE A 3043 25.55 -122.00 68.30
C PHE A 3043 24.79 -123.31 68.34
N CYS A 3044 25.35 -124.31 69.03
CA CYS A 3044 24.69 -125.60 69.08
C CYS A 3044 23.50 -125.56 70.03
N LYS A 3045 23.53 -124.65 71.03
CA LYS A 3045 22.41 -124.58 71.96
C LYS A 3045 21.16 -124.04 71.26
N LEU A 3046 21.33 -123.08 70.34
CA LEU A 3046 20.15 -122.48 69.70
C LEU A 3046 19.44 -123.48 68.79
N ALA A 3047 20.21 -124.31 68.09
CA ALA A 3047 19.58 -125.30 67.24
C ALA A 3047 19.01 -126.45 68.06
N ALA A 3048 19.70 -126.91 69.11
CA ALA A 3048 19.06 -127.88 70.01
C ALA A 3048 17.85 -127.28 70.74
N LEU A 3049 17.84 -125.95 70.92
CA LEU A 3049 16.69 -125.23 71.44
C LEU A 3049 15.49 -125.38 70.52
N VAL A 3050 15.72 -125.42 69.21
CA VAL A 3050 14.58 -125.42 68.30
C VAL A 3050 14.47 -126.71 67.49
N ARG A 3051 15.22 -127.76 67.86
CA ARG A 3051 15.19 -129.04 67.16
C ARG A 3051 13.83 -129.73 67.26
N HIS A 3052 13.13 -129.88 66.13
CA HIS A 3052 11.75 -130.35 65.93
C HIS A 3052 10.71 -129.37 66.46
N ARG A 3053 11.11 -128.21 66.98
CA ARG A 3053 10.21 -127.24 67.59
C ARG A 3053 10.09 -125.98 66.73
N VAL A 3054 10.26 -126.12 65.41
CA VAL A 3054 10.19 -124.97 64.52
C VAL A 3054 8.78 -124.38 64.49
N SER A 3055 7.74 -125.20 64.62
CA SER A 3055 6.38 -124.68 64.55
C SER A 3055 5.89 -124.12 65.88
N LEU A 3056 6.70 -124.20 66.93
CA LEU A 3056 6.31 -123.70 68.24
C LEU A 3056 6.68 -122.24 68.47
N PHE A 3057 7.70 -121.75 67.77
CA PHE A 3057 8.18 -120.38 67.95
C PHE A 3057 7.45 -119.38 67.06
N GLY A 3058 6.53 -119.84 66.22
CA GLY A 3058 5.78 -118.92 65.37
C GLY A 3058 6.61 -118.35 64.24
N THR A 3059 6.43 -117.05 64.00
CA THR A 3059 7.08 -116.32 62.92
C THR A 3059 8.49 -115.86 63.25
N ASP A 3060 8.97 -116.11 64.47
CA ASP A 3060 10.34 -115.76 64.83
C ASP A 3060 11.35 -116.82 64.42
N ALA A 3061 10.89 -117.96 63.89
CA ALA A 3061 11.81 -118.99 63.40
C ALA A 3061 12.73 -118.52 62.26
N PRO A 3062 12.29 -117.79 61.21
CA PRO A 3062 13.27 -117.29 60.24
C PRO A 3062 14.32 -116.37 60.87
N ALA A 3063 13.95 -115.62 61.91
CA ALA A 3063 14.92 -114.80 62.64
C ALA A 3063 15.93 -115.70 63.32
N VAL A 3064 15.48 -116.84 63.86
CA VAL A 3064 16.38 -117.77 64.53
C VAL A 3064 17.36 -118.35 63.52
N VAL A 3065 16.85 -118.85 62.37
CA VAL A 3065 17.73 -119.50 61.41
C VAL A 3065 18.71 -118.49 60.80
N ASN A 3066 18.31 -117.21 60.69
CA ASN A 3066 19.24 -116.19 60.21
C ASN A 3066 20.34 -115.95 61.22
N CYS A 3067 19.99 -115.92 62.53
CA CYS A 3067 21.02 -115.75 63.55
C CYS A 3067 21.97 -116.93 63.56
N LEU A 3068 21.45 -118.15 63.38
CA LEU A 3068 22.29 -119.35 63.31
C LEU A 3068 23.23 -119.28 62.12
N HIS A 3069 22.76 -118.75 60.99
CA HIS A 3069 23.61 -118.53 59.82
C HIS A 3069 24.75 -117.56 60.11
N ILE A 3070 24.46 -116.46 60.81
CA ILE A 3070 25.50 -115.50 61.16
C ILE A 3070 26.50 -116.08 62.15
N LEU A 3071 26.02 -116.87 63.12
CA LEU A 3071 26.92 -117.57 64.04
C LEU A 3071 27.83 -118.56 63.32
N ALA A 3072 27.25 -119.37 62.41
CA ALA A 3072 28.01 -120.36 61.66
C ALA A 3072 29.05 -119.67 60.78
N ARG A 3073 28.68 -118.55 60.17
CA ARG A 3073 29.65 -117.77 59.41
C ARG A 3073 30.73 -117.22 60.33
N SER A 3074 30.40 -116.95 61.59
CA SER A 3074 31.33 -116.36 62.55
C SER A 3074 31.87 -117.36 63.57
N LEU A 3075 32.09 -118.62 63.19
CA LEU A 3075 32.69 -119.60 64.08
C LEU A 3075 34.14 -119.83 63.68
N ASP A 3076 35.06 -119.65 64.63
CA ASP A 3076 36.46 -120.02 64.46
C ASP A 3076 36.70 -121.44 64.98
N ALA A 3077 35.96 -122.39 64.37
CA ALA A 3077 35.93 -123.78 64.83
C ALA A 3077 37.28 -124.47 64.75
N ARG A 3078 38.20 -123.98 63.90
CA ARG A 3078 39.55 -124.54 63.82
C ARG A 3078 40.27 -124.34 65.15
N THR A 3079 40.15 -123.13 65.69
CA THR A 3079 40.79 -122.80 66.96
C THR A 3079 40.02 -123.47 68.09
N VAL A 3080 38.69 -123.59 67.94
CA VAL A 3080 37.88 -124.20 68.99
C VAL A 3080 38.27 -125.66 69.19
N MET A 3081 38.38 -126.41 68.08
CA MET A 3081 38.79 -127.80 68.14
C MET A 3081 40.24 -127.96 68.59
N LYS A 3082 41.14 -127.08 68.13
CA LYS A 3082 42.54 -127.18 68.54
C LYS A 3082 42.72 -126.86 70.02
N SER A 3083 41.94 -125.92 70.54
CA SER A 3083 42.01 -125.54 71.95
C SER A 3083 40.62 -125.10 72.39
N GLY A 3084 39.96 -125.94 73.19
CA GLY A 3084 38.63 -125.62 73.68
C GLY A 3084 38.12 -126.61 74.70
N PRO A 3085 37.00 -126.27 75.35
CA PRO A 3085 36.42 -127.17 76.34
C PRO A 3085 35.83 -128.43 75.72
N GLU A 3086 35.88 -129.49 76.53
CA GLU A 3086 35.35 -130.78 76.10
C GLU A 3086 33.83 -130.72 75.95
N ILE A 3087 33.15 -130.00 76.86
CA ILE A 3087 31.70 -129.91 76.80
C ILE A 3087 31.22 -129.23 75.51
N VAL A 3088 31.97 -128.22 75.05
CA VAL A 3088 31.69 -127.56 73.79
C VAL A 3088 31.99 -128.49 72.61
N LYS A 3089 33.13 -129.20 72.67
CA LYS A 3089 33.46 -130.10 71.57
C LYS A 3089 32.47 -131.26 71.51
N ALA A 3090 32.07 -131.77 72.67
CA ALA A 3090 31.09 -132.85 72.74
C ALA A 3090 29.75 -132.38 72.21
N GLY A 3091 29.38 -131.13 72.50
CA GLY A 3091 28.13 -130.60 72.00
C GLY A 3091 28.13 -130.49 70.49
N LEU A 3092 29.25 -130.05 69.90
CA LEU A 3092 29.27 -129.93 68.45
C LEU A 3092 29.36 -131.30 67.77
N ARG A 3093 30.04 -132.27 68.40
CA ARG A 3093 30.02 -133.63 67.86
C ARG A 3093 28.64 -134.25 67.94
N SER A 3094 27.91 -134.04 69.04
CA SER A 3094 26.53 -134.49 69.12
C SER A 3094 25.65 -133.74 68.13
N PHE A 3095 25.99 -132.48 67.82
CA PHE A 3095 25.31 -131.74 66.78
C PHE A 3095 25.41 -132.44 65.43
N PHE A 3096 26.62 -132.82 65.03
CA PHE A 3096 26.78 -133.56 63.77
C PHE A 3096 26.16 -134.96 63.84
N GLU A 3097 26.19 -135.60 65.00
CA GLU A 3097 25.46 -136.87 65.18
C GLU A 3097 23.96 -136.70 64.98
N SER A 3098 23.37 -135.67 65.59
CA SER A 3098 21.96 -135.37 65.42
C SER A 3098 21.61 -135.02 63.98
N ALA A 3099 22.49 -134.24 63.32
CA ALA A 3099 22.29 -133.94 61.90
C ALA A 3099 22.34 -135.18 61.05
N SER A 3100 23.26 -136.11 61.36
CA SER A 3100 23.35 -137.37 60.63
C SER A 3100 22.08 -138.21 60.83
N GLU A 3101 21.56 -138.23 62.05
CA GLU A 3101 20.29 -138.94 62.31
C GLU A 3101 19.15 -138.30 61.54
N ASP A 3102 19.12 -136.97 61.47
CA ASP A 3102 18.04 -136.27 60.77
C ASP A 3102 18.09 -136.53 59.28
N ILE A 3103 19.28 -136.48 58.66
CA ILE A 3103 19.37 -136.73 57.22
C ILE A 3103 19.08 -138.20 56.92
N GLU A 3104 19.49 -139.12 57.80
CA GLU A 3104 19.09 -140.52 57.61
C GLU A 3104 17.57 -140.69 57.76
N LYS A 3105 16.94 -139.89 58.63
CA LYS A 3105 15.48 -139.91 58.68
C LYS A 3105 14.86 -139.32 57.43
N MET A 3106 15.57 -138.37 56.79
CA MET A 3106 15.10 -137.81 55.53
C MET A 3106 15.06 -138.90 54.48
N VAL A 3107 16.16 -139.65 54.36
CA VAL A 3107 16.29 -140.61 53.26
C VAL A 3107 15.33 -141.80 53.47
N GLU A 3108 15.13 -142.25 54.73
CA GLU A 3108 14.17 -143.33 54.93
C GLU A 3108 12.73 -142.86 54.73
N ASN A 3109 12.43 -141.59 55.03
CA ASN A 3109 11.10 -141.09 54.73
C ASN A 3109 10.92 -140.86 53.24
N LEU A 3110 11.95 -140.38 52.55
CA LEU A 3110 11.93 -140.17 51.10
C LEU A 3110 11.97 -141.48 50.33
N ARG A 3111 12.26 -142.61 50.97
CA ARG A 3111 12.26 -143.90 50.31
C ARG A 3111 10.88 -144.57 50.36
N LEU A 3112 9.82 -143.76 50.50
CA LEU A 3112 8.42 -144.20 50.57
C LEU A 3112 8.17 -145.13 51.76
N GLY A 3113 8.93 -144.95 52.84
CA GLY A 3113 8.67 -145.70 54.05
C GLY A 3113 7.35 -145.33 54.69
N LYS A 3114 6.97 -144.06 54.61
CA LYS A 3114 5.69 -143.57 55.09
C LYS A 3114 4.94 -142.94 53.92
N VAL A 3115 3.61 -142.88 54.05
CA VAL A 3115 2.76 -142.35 52.98
C VAL A 3115 3.07 -140.88 52.73
N SER A 3116 3.20 -140.11 53.81
CA SER A 3116 3.51 -138.67 53.82
C SER A 3116 2.56 -137.83 52.96
N LYS A 3123 2.51 -135.43 60.92
CA LYS A 3123 2.86 -135.66 62.31
C LYS A 3123 4.26 -135.11 62.63
N GLY A 3124 4.88 -135.66 63.69
CA GLY A 3124 6.23 -135.26 64.03
C GLY A 3124 7.25 -135.62 62.96
N VAL A 3125 6.95 -136.64 62.14
CA VAL A 3125 7.80 -136.97 61.01
C VAL A 3125 7.78 -135.81 60.02
N GLY A 3126 6.58 -135.27 59.76
CA GLY A 3126 6.45 -134.13 58.88
C GLY A 3126 7.13 -132.88 59.43
N GLN A 3127 6.99 -132.65 60.74
CA GLN A 3127 7.66 -131.52 61.38
C GLN A 3127 9.18 -131.63 61.31
N ASN A 3128 9.73 -132.83 61.53
CA ASN A 3128 11.17 -133.03 61.36
C ASN A 3128 11.58 -132.91 59.90
N LEU A 3129 10.73 -133.36 58.98
CA LEU A 3129 11.01 -133.26 57.54
C LEU A 3129 11.11 -131.81 57.11
N THR A 3130 10.19 -130.96 57.57
CA THR A 3130 10.24 -129.58 57.15
C THR A 3130 11.30 -128.82 57.96
N TYR A 3131 11.54 -129.23 59.21
CA TYR A 3131 12.44 -128.50 60.08
C TYR A 3131 13.88 -128.64 59.63
N THR A 3132 14.31 -129.87 59.32
CA THR A 3132 15.70 -130.05 58.92
C THR A 3132 15.98 -129.34 57.60
N THR A 3133 15.03 -129.45 56.64
CA THR A 3133 15.22 -128.90 55.30
C THR A 3133 15.16 -127.38 55.28
N VAL A 3134 14.62 -126.72 56.29
CA VAL A 3134 14.56 -125.26 56.26
C VAL A 3134 15.52 -124.65 57.27
N ALA A 3135 15.86 -125.37 58.35
CA ALA A 3135 16.69 -124.82 59.40
C ALA A 3135 18.08 -125.46 59.44
N LEU A 3136 18.19 -126.78 59.56
CA LEU A 3136 19.51 -127.40 59.69
C LEU A 3136 20.30 -127.34 58.39
N LEU A 3137 19.67 -127.71 57.26
CA LEU A 3137 20.38 -127.79 55.99
C LEU A 3137 20.96 -126.45 55.51
N PRO A 3138 20.23 -125.32 55.45
CA PRO A 3138 20.91 -124.07 55.07
C PRO A 3138 21.98 -123.62 56.05
N VAL A 3139 21.80 -123.88 57.35
CA VAL A 3139 22.80 -123.49 58.35
C VAL A 3139 24.07 -124.32 58.21
N LEU A 3140 23.93 -125.64 58.08
CA LEU A 3140 25.10 -126.50 57.89
C LEU A 3140 25.77 -126.21 56.55
N THR A 3141 24.97 -125.90 55.53
CA THR A 3141 25.50 -125.45 54.24
C THR A 3141 26.33 -124.18 54.37
N THR A 3142 25.83 -123.21 55.14
CA THR A 3142 26.56 -121.97 55.40
C THR A 3142 27.84 -122.23 56.21
N LEU A 3143 27.76 -123.12 57.19
CA LEU A 3143 28.91 -123.48 58.00
C LEU A 3143 29.97 -124.20 57.18
N PHE A 3144 29.56 -125.17 56.36
CA PHE A 3144 30.50 -125.87 55.50
C PHE A 3144 31.05 -125.00 54.37
N GLN A 3145 30.33 -123.95 53.98
CA GLN A 3145 30.94 -122.88 53.20
C GLN A 3145 32.05 -122.19 54.00
N HIS A 3146 31.71 -121.76 55.22
CA HIS A 3146 32.70 -121.11 56.07
C HIS A 3146 33.91 -122.01 56.34
N ILE A 3147 33.71 -123.33 56.38
CA ILE A 3147 34.82 -124.25 56.46
C ILE A 3147 35.58 -124.24 55.13
N ALA A 3148 34.85 -124.11 54.02
CA ALA A 3148 35.43 -124.26 52.68
C ALA A 3148 36.48 -123.20 52.39
N GLN A 3149 36.07 -121.92 52.36
CA GLN A 3149 37.08 -120.89 52.03
C GLN A 3149 38.13 -120.69 53.14
N HIS A 3150 37.83 -121.04 54.38
CA HIS A 3150 38.81 -120.92 55.46
C HIS A 3150 39.69 -122.15 55.62
N GLN A 3151 39.37 -123.23 54.90
CA GLN A 3151 40.05 -124.53 54.95
C GLN A 3151 40.13 -125.04 56.40
N PHE A 3152 38.94 -125.19 56.98
CA PHE A 3152 38.78 -125.65 58.35
C PHE A 3152 38.57 -127.17 58.45
N GLY A 3153 38.60 -127.87 57.30
CA GLY A 3153 38.31 -129.30 57.30
C GLY A 3153 39.33 -130.12 58.07
N ASP A 3154 40.61 -129.77 57.96
CA ASP A 3154 41.68 -130.54 58.58
C ASP A 3154 41.59 -130.54 60.09
N ASP A 3155 41.25 -129.41 60.71
CA ASP A 3155 41.28 -129.27 62.15
C ASP A 3155 39.94 -129.49 62.82
N VAL A 3156 38.84 -129.46 62.09
CA VAL A 3156 37.50 -129.69 62.64
C VAL A 3156 36.97 -131.07 62.25
N ILE A 3157 37.05 -131.41 60.97
CA ILE A 3157 36.60 -132.73 60.51
C ILE A 3157 37.81 -133.66 60.62
N LEU A 3158 38.04 -134.17 61.83
CA LEU A 3158 39.21 -134.99 62.10
C LEU A 3158 38.89 -136.37 62.64
N ASP A 3159 38.01 -136.49 63.63
CA ASP A 3159 37.85 -137.76 64.36
C ASP A 3159 36.49 -138.42 64.15
N ASP A 3160 35.39 -137.75 64.50
CA ASP A 3160 34.06 -138.30 64.33
C ASP A 3160 33.18 -137.47 63.43
N VAL A 3161 33.56 -136.21 63.18
CA VAL A 3161 32.89 -135.38 62.18
C VAL A 3161 33.06 -136.01 60.81
N GLN A 3162 34.17 -136.72 60.60
CA GLN A 3162 34.42 -137.46 59.36
C GLN A 3162 33.36 -138.52 59.12
N VAL A 3163 33.11 -139.36 60.13
CA VAL A 3163 32.07 -140.38 60.05
C VAL A 3163 30.67 -139.75 59.95
N SER A 3164 30.45 -138.64 60.67
CA SER A 3164 29.16 -137.93 60.56
C SER A 3164 28.90 -137.43 59.15
N CYS A 3165 29.92 -136.84 58.53
CA CYS A 3165 29.84 -136.41 57.13
C CYS A 3165 29.70 -137.60 56.20
N TYR A 3166 30.40 -138.71 56.46
CA TYR A 3166 30.24 -139.90 55.64
C TYR A 3166 28.82 -140.44 55.69
N ARG A 3167 28.23 -140.51 56.88
CA ARG A 3167 26.84 -140.96 57.04
C ARG A 3167 25.87 -140.06 56.29
N THR A 3168 26.12 -138.74 56.36
CA THR A 3168 25.37 -137.79 55.55
C THR A 3168 25.58 -138.02 54.07
N LEU A 3169 26.82 -138.28 53.65
CA LEU A 3169 27.16 -138.49 52.24
C LEU A 3169 26.48 -139.74 51.69
N CYS A 3170 26.54 -140.84 52.45
CA CYS A 3170 25.92 -142.10 52.03
C CYS A 3170 24.42 -141.92 51.91
N SER A 3171 23.82 -141.19 52.86
CA SER A 3171 22.38 -141.01 52.84
C SER A 3171 21.97 -140.14 51.65
N ILE A 3172 22.65 -139.01 51.46
CA ILE A 3172 22.23 -138.06 50.42
C ILE A 3172 22.41 -138.69 49.04
N TYR A 3173 23.49 -139.48 48.86
CA TYR A 3173 23.72 -140.07 47.56
C TYR A 3173 22.82 -141.27 47.32
N SER A 3174 22.22 -141.83 48.38
CA SER A 3174 21.33 -142.98 48.21
C SER A 3174 20.02 -142.63 47.49
N LEU A 3175 19.72 -141.35 47.31
CA LEU A 3175 18.51 -140.86 46.64
C LEU A 3175 18.60 -140.88 45.12
N GLY A 3176 19.62 -141.54 44.55
CA GLY A 3176 19.77 -141.54 43.10
C GLY A 3176 18.66 -142.26 42.36
N THR A 3177 18.25 -143.42 42.85
CA THR A 3177 17.24 -144.23 42.17
C THR A 3177 15.85 -144.07 42.81
N THR A 3178 15.52 -142.89 43.30
CA THR A 3178 14.22 -142.63 43.92
C THR A 3178 13.46 -141.61 43.09
N LYS A 3179 12.22 -141.96 42.71
CA LYS A 3179 11.38 -141.12 41.87
C LYS A 3179 10.14 -140.69 42.66
N ASN A 3180 10.25 -139.56 43.36
CA ASN A 3180 9.14 -139.00 44.11
C ASN A 3180 9.15 -137.48 43.99
N THR A 3181 7.97 -136.88 44.12
CA THR A 3181 7.88 -135.42 44.04
C THR A 3181 8.53 -134.77 45.25
N TYR A 3182 8.58 -135.47 46.40
CA TYR A 3182 9.32 -134.93 47.54
C TYR A 3182 10.81 -134.90 47.23
N VAL A 3183 11.28 -135.87 46.45
CA VAL A 3183 12.67 -135.84 46.01
C VAL A 3183 12.86 -134.69 45.04
N GLU A 3184 11.84 -134.44 44.19
CA GLU A 3184 11.93 -133.37 43.20
C GLU A 3184 12.06 -132.01 43.88
N LYS A 3185 11.24 -131.77 44.91
CA LYS A 3185 11.34 -130.52 45.67
C LYS A 3185 12.55 -130.48 46.59
N LEU A 3186 13.25 -131.60 46.82
CA LEU A 3186 14.46 -131.58 47.61
C LEU A 3186 15.75 -131.69 46.80
N ARG A 3187 15.66 -131.84 45.48
CA ARG A 3187 16.86 -131.94 44.64
C ARG A 3187 17.76 -130.70 44.66
N PRO A 3188 17.26 -129.41 44.51
CA PRO A 3188 18.21 -128.29 44.53
C PRO A 3188 18.88 -128.07 45.88
N ALA A 3189 18.09 -128.04 46.97
CA ALA A 3189 18.62 -127.75 48.30
C ALA A 3189 19.65 -128.81 48.73
N LEU A 3190 19.33 -130.08 48.51
CA LEU A 3190 20.28 -131.13 48.85
C LEU A 3190 21.47 -131.12 47.89
N GLY A 3191 21.23 -130.79 46.61
CA GLY A 3191 22.32 -130.75 45.65
C GLY A 3191 23.36 -129.69 45.98
N GLU A 3192 22.88 -128.48 46.30
CA GLU A 3192 23.79 -127.42 46.74
C GLU A 3192 24.39 -127.73 48.10
N CYS A 3193 23.67 -128.51 48.92
CA CYS A 3193 24.22 -128.94 50.20
C CYS A 3193 25.43 -129.87 50.01
N LEU A 3194 25.30 -130.83 49.07
CA LEU A 3194 26.32 -131.86 48.87
C LEU A 3194 27.65 -131.26 48.44
N ALA A 3195 27.60 -130.26 47.54
CA ALA A 3195 28.80 -129.60 47.08
C ALA A 3195 29.53 -128.94 48.25
N ARG A 3196 28.78 -128.29 49.14
CA ARG A 3196 29.41 -127.66 50.30
C ARG A 3196 29.96 -128.70 51.27
N LEU A 3197 29.34 -129.88 51.34
CA LEU A 3197 29.93 -130.98 52.11
C LEU A 3197 31.26 -131.39 51.51
N ALA A 3198 31.31 -131.52 50.18
CA ALA A 3198 32.53 -131.92 49.50
C ALA A 3198 33.64 -130.89 49.69
N ALA A 3199 33.28 -129.60 49.61
CA ALA A 3199 34.23 -128.52 49.81
C ALA A 3199 34.77 -128.49 51.24
N ALA A 3200 33.90 -128.74 52.22
CA ALA A 3200 34.34 -128.74 53.61
C ALA A 3200 35.12 -130.00 53.98
N MET A 3201 34.76 -131.13 53.40
CA MET A 3201 35.33 -132.43 53.76
C MET A 3201 36.77 -132.56 53.28
N PRO A 3202 37.73 -132.84 54.16
CA PRO A 3202 39.15 -132.80 53.77
C PRO A 3202 39.73 -134.09 53.22
N VAL A 3203 39.03 -135.21 53.27
CA VAL A 3203 39.59 -136.49 52.83
C VAL A 3203 39.10 -136.78 51.41
N ALA A 3204 39.89 -137.58 50.70
CA ALA A 3204 39.55 -137.97 49.33
C ALA A 3204 38.55 -139.12 49.41
N PHE A 3205 37.26 -138.77 49.32
CA PHE A 3205 36.19 -139.76 49.38
C PHE A 3205 35.92 -140.41 48.02
N LEU A 3206 36.26 -139.73 46.93
CA LEU A 3206 36.13 -140.33 45.61
C LEU A 3206 37.42 -141.00 45.16
N GLU A 3207 38.45 -140.98 46.00
CA GLU A 3207 39.75 -141.60 45.70
C GLU A 3207 40.13 -142.52 46.84
N PRO A 3208 39.43 -143.65 47.02
CA PRO A 3208 39.80 -144.59 48.10
C PRO A 3208 41.18 -145.18 47.92
N GLN A 3209 41.63 -145.37 46.68
CA GLN A 3209 42.96 -145.93 46.44
C GLN A 3209 44.07 -144.94 46.79
N LEU A 3210 43.73 -143.67 47.02
CA LEU A 3210 44.71 -142.66 47.41
C LEU A 3210 44.37 -142.04 48.77
N ASN A 3211 43.36 -142.58 49.47
CA ASN A 3211 42.97 -142.02 50.75
C ASN A 3211 44.02 -142.24 51.83
N GLU A 3212 44.84 -143.29 51.70
CA GLU A 3212 45.90 -143.59 52.67
C GLU A 3212 47.05 -142.58 52.64
N TYR A 3213 47.12 -141.73 51.62
CA TYR A 3213 48.14 -140.71 51.49
C TYR A 3213 47.76 -139.38 52.15
N ASN A 3214 46.60 -139.31 52.78
CA ASN A 3214 46.13 -138.10 53.43
C ASN A 3214 46.35 -138.25 54.94
N ALA A 3215 47.08 -137.30 55.53
CA ALA A 3215 47.36 -137.33 56.95
C ALA A 3215 46.23 -136.79 57.80
N CYS A 3216 45.26 -136.10 57.21
CA CYS A 3216 44.10 -135.60 57.94
C CYS A 3216 42.92 -136.57 57.80
N SER A 3217 43.15 -137.84 58.12
CA SER A 3217 42.14 -138.88 57.96
C SER A 3217 42.20 -139.85 59.12
N VAL A 3218 41.04 -140.42 59.45
CA VAL A 3218 40.96 -141.45 60.48
C VAL A 3218 41.69 -142.72 60.04
N TYR A 3219 41.64 -143.04 58.74
CA TYR A 3219 42.26 -144.26 58.21
C TYR A 3219 43.78 -144.25 58.30
N THR A 3220 44.39 -143.09 58.55
CA THR A 3220 45.82 -142.97 58.73
C THR A 3220 46.20 -142.59 60.15
N THR A 3221 45.48 -141.65 60.77
CA THR A 3221 45.80 -141.25 62.13
C THR A 3221 45.42 -142.33 63.14
N LYS A 3222 44.25 -142.95 62.96
CA LYS A 3222 43.77 -143.94 63.91
C LYS A 3222 44.40 -145.30 63.60
N SER A 3223 45.11 -145.84 64.59
CA SER A 3223 45.73 -147.14 64.48
C SER A 3223 44.66 -148.23 64.42
N PRO A 3224 44.97 -149.40 63.82
CA PRO A 3224 43.95 -150.45 63.70
C PRO A 3224 43.36 -151.00 65.01
N ARG A 3225 43.96 -150.73 66.17
CA ARG A 3225 43.38 -151.26 67.41
C ARG A 3225 42.18 -150.45 67.89
N GLU A 3226 41.95 -149.25 67.34
CA GLU A 3226 40.66 -148.60 67.41
C GLU A 3226 39.97 -148.84 66.07
N ARG A 3227 38.86 -148.11 65.82
CA ARG A 3227 38.03 -148.15 64.61
C ARG A 3227 37.20 -149.43 64.49
N ALA A 3228 37.42 -150.41 65.36
CA ALA A 3228 36.60 -151.60 65.47
C ALA A 3228 35.82 -151.66 66.77
N ILE A 3229 36.30 -150.98 67.82
CA ILE A 3229 35.52 -150.85 69.05
C ILE A 3229 34.24 -150.05 68.79
N LEU A 3230 34.32 -148.99 68.00
CA LEU A 3230 33.15 -148.24 67.57
C LEU A 3230 32.78 -148.63 66.15
N GLY A 3231 31.52 -148.43 65.81
CA GLY A 3231 30.94 -148.85 64.55
C GLY A 3231 31.60 -148.27 63.32
N LEU A 3232 32.34 -149.12 62.59
CA LEU A 3232 33.00 -148.77 61.34
C LEU A 3232 33.39 -150.05 60.62
N PRO A 3233 33.10 -150.17 59.31
CA PRO A 3233 33.47 -151.38 58.56
C PRO A 3233 34.97 -151.61 58.38
N ASN A 3234 35.82 -150.69 58.85
CA ASN A 3234 37.29 -150.73 58.84
C ASN A 3234 37.89 -150.69 57.43
N SER A 3235 37.07 -150.47 56.40
CA SER A 3235 37.54 -150.35 55.04
C SER A 3235 36.89 -149.12 54.41
N VAL A 3236 37.65 -148.42 53.57
CA VAL A 3236 37.21 -147.13 53.04
C VAL A 3236 36.07 -147.30 52.04
N GLU A 3237 36.08 -148.37 51.25
CA GLU A 3237 35.08 -148.49 50.19
C GLU A 3237 33.76 -149.07 50.67
N GLU A 3238 33.67 -149.52 51.92
CA GLU A 3238 32.49 -150.20 52.41
C GLU A 3238 31.62 -149.34 53.32
N MET A 3239 31.98 -148.07 53.52
CA MET A 3239 31.14 -147.23 54.35
C MET A 3239 29.99 -146.62 53.55
N CYS A 3240 30.30 -146.00 52.40
CA CYS A 3240 29.29 -145.55 51.44
C CYS A 3240 29.23 -146.53 50.27
N PRO A 3241 28.35 -147.55 50.34
CA PRO A 3241 28.33 -148.57 49.28
C PRO A 3241 27.80 -148.05 47.96
N ASP A 3242 26.98 -147.00 47.96
CA ASP A 3242 26.40 -146.47 46.75
C ASP A 3242 27.34 -145.51 46.01
N ILE A 3243 28.42 -145.05 46.64
CA ILE A 3243 29.32 -144.07 46.04
C ILE A 3243 30.30 -144.77 45.09
N PRO A 3244 30.30 -144.46 43.80
CA PRO A 3244 31.30 -145.02 42.90
C PRO A 3244 32.61 -144.27 43.02
N VAL A 3245 33.65 -144.83 42.40
CA VAL A 3245 34.94 -144.15 42.37
C VAL A 3245 34.88 -142.95 41.43
N LEU A 3246 35.92 -142.11 41.48
CA LEU A 3246 35.98 -140.89 40.69
C LEU A 3246 35.98 -141.22 39.19
N ASP A 3247 36.77 -142.22 38.80
CA ASP A 3247 36.90 -142.59 37.39
C ASP A 3247 35.56 -143.08 36.85
N ARG A 3248 34.83 -143.88 37.66
CA ARG A 3248 33.51 -144.35 37.26
C ARG A 3248 32.56 -143.17 37.14
N LEU A 3249 32.75 -142.15 37.98
CA LEU A 3249 31.85 -140.99 37.98
C LEU A 3249 31.97 -140.22 36.68
N MET A 3250 33.22 -139.93 36.26
CA MET A 3250 33.38 -139.28 34.96
C MET A 3250 33.00 -140.20 33.81
N ALA A 3251 33.19 -141.51 33.97
CA ALA A 3251 32.80 -142.45 32.91
C ALA A 3251 31.29 -142.43 32.69
N ASP A 3252 30.54 -142.37 33.80
CA ASP A 3252 29.08 -142.32 33.76
C ASP A 3252 28.58 -141.03 33.13
N ILE A 3253 29.09 -139.88 33.60
CA ILE A 3253 28.58 -138.62 33.06
C ILE A 3253 29.04 -138.43 31.61
N GLY A 3254 30.27 -138.84 31.28
CA GLY A 3254 30.77 -138.70 29.93
C GLY A 3254 30.00 -139.56 28.95
N GLY A 3255 29.75 -140.82 29.30
CA GLY A 3255 29.01 -141.69 28.41
C GLY A 3255 27.56 -141.27 28.27
N LEU A 3256 26.92 -140.83 29.36
CA LEU A 3256 25.52 -140.48 29.25
C LEU A 3256 25.31 -139.11 28.59
N ALA A 3257 26.33 -138.24 28.63
CA ALA A 3257 26.19 -136.91 28.03
C ALA A 3257 26.21 -136.95 26.51
N GLU A 3258 27.12 -137.75 25.93
CA GLU A 3258 27.26 -137.83 24.47
C GLU A 3258 26.05 -138.43 23.78
N SER A 3259 25.24 -139.21 24.51
CA SER A 3259 24.02 -139.79 23.96
C SER A 3259 22.90 -138.77 23.78
N GLY A 3260 23.08 -137.55 24.27
CA GLY A 3260 22.04 -136.54 24.17
C GLY A 3260 20.96 -136.69 25.20
N ALA A 3261 21.27 -137.29 26.34
CA ALA A 3261 20.28 -137.49 27.39
C ALA A 3261 19.85 -136.17 28.01
N ARG A 3262 18.55 -136.04 28.24
CA ARG A 3262 17.97 -134.84 28.82
C ARG A 3262 18.10 -134.82 30.33
N TYR A 3263 17.71 -133.68 30.92
CA TYR A 3263 17.69 -133.57 32.37
C TYR A 3263 16.63 -134.48 32.96
N THR A 3264 15.57 -134.77 32.19
CA THR A 3264 14.52 -135.66 32.67
C THR A 3264 15.07 -137.06 32.95
N GLU A 3265 15.97 -137.54 32.09
CA GLU A 3265 16.67 -138.80 32.34
C GLU A 3265 17.98 -138.60 33.10
N MET A 3266 18.28 -137.38 33.53
CA MET A 3266 19.41 -137.11 34.44
C MET A 3266 18.95 -136.35 35.68
N PRO A 3267 17.95 -136.88 36.45
CA PRO A 3267 17.41 -136.08 37.57
C PRO A 3267 18.35 -135.89 38.76
N HIS A 3268 18.91 -136.98 39.28
CA HIS A 3268 19.77 -136.94 40.46
C HIS A 3268 21.17 -136.44 40.13
N VAL A 3269 21.70 -136.83 38.98
CA VAL A 3269 23.09 -136.53 38.62
C VAL A 3269 23.29 -135.03 38.44
N ILE A 3270 22.41 -134.38 37.67
CA ILE A 3270 22.54 -132.96 37.39
C ILE A 3270 22.33 -132.12 38.64
N GLU A 3271 21.26 -132.41 39.37
CA GLU A 3271 20.89 -131.60 40.52
C GLU A 3271 21.87 -131.78 41.68
N ILE A 3272 22.39 -133.00 41.87
CA ILE A 3272 23.11 -133.36 43.09
C ILE A 3272 24.57 -133.72 42.81
N THR A 3273 24.80 -134.69 41.91
CA THR A 3273 26.16 -135.21 41.70
C THR A 3273 27.07 -134.19 41.04
N LEU A 3274 26.58 -133.49 40.01
CA LEU A 3274 27.41 -132.54 39.27
C LEU A 3274 27.96 -131.37 40.11
N PRO A 3275 27.18 -130.67 40.96
CA PRO A 3275 27.80 -129.64 41.82
C PRO A 3275 28.87 -130.21 42.75
N MET A 3276 28.69 -131.46 43.20
CA MET A 3276 29.70 -132.10 44.03
C MET A 3276 31.02 -132.28 43.28
N LEU A 3277 30.96 -132.69 42.02
CA LEU A 3277 32.18 -132.78 41.20
C LEU A 3277 32.81 -131.41 40.98
N CYS A 3278 31.96 -130.39 40.75
CA CYS A 3278 32.42 -129.01 40.65
C CYS A 3278 33.09 -128.52 41.92
N SER A 3279 32.63 -129.00 43.07
CA SER A 3279 33.25 -128.70 44.35
C SER A 3279 34.37 -129.67 44.70
N TYR A 3280 34.55 -130.71 43.92
CA TYR A 3280 35.53 -131.75 44.21
C TYR A 3280 36.84 -131.46 43.50
N LEU A 3281 36.80 -131.39 42.17
CA LEU A 3281 38.03 -131.38 41.36
C LEU A 3281 38.96 -130.20 41.65
N PRO A 3282 38.52 -128.92 41.65
CA PRO A 3282 39.49 -127.84 41.97
C PRO A 3282 40.03 -127.89 43.39
N ARG A 3283 39.25 -128.44 44.34
CA ARG A 3283 39.67 -128.48 45.74
C ARG A 3283 40.93 -129.31 45.93
N TRP A 3284 41.01 -130.46 45.26
CA TRP A 3284 42.22 -131.27 45.26
C TRP A 3284 43.06 -131.08 44.00
N TRP A 3285 42.77 -130.06 43.19
CA TRP A 3285 43.61 -129.79 42.02
C TRP A 3285 45.01 -129.36 42.45
N GLU A 3286 45.08 -128.41 43.39
CA GLU A 3286 46.35 -127.82 43.80
C GLU A 3286 47.06 -128.62 44.88
N ARG A 3287 46.50 -129.75 45.31
CA ARG A 3287 47.12 -130.58 46.32
C ARG A 3287 47.74 -131.84 45.75
N GLY A 3288 47.86 -131.92 44.42
CA GLY A 3288 48.37 -133.12 43.78
C GLY A 3288 49.04 -132.87 42.45
N PRO A 3289 48.71 -133.71 41.46
CA PRO A 3289 49.34 -133.62 40.14
C PRO A 3289 48.97 -132.32 39.41
N GLU A 3290 49.87 -131.91 38.51
CA GLU A 3290 49.85 -130.73 37.66
C GLU A 3290 49.96 -129.42 38.46
N ALA A 3291 50.14 -129.50 39.78
CA ALA A 3291 50.25 -128.39 40.70
C ALA A 3291 51.71 -128.19 41.11
N PRO A 3292 52.09 -126.94 41.40
CA PRO A 3292 53.42 -126.66 41.99
C PRO A 3292 53.42 -126.84 43.50
N PRO A 3293 53.70 -128.04 44.01
CA PRO A 3293 53.48 -128.31 45.44
C PRO A 3293 54.51 -127.63 46.32
N PRO A 3294 54.07 -126.72 47.23
CA PRO A 3294 55.00 -126.05 48.14
C PRO A 3294 55.28 -126.85 49.41
N ALA A 3295 55.56 -128.14 49.24
CA ALA A 3295 55.79 -129.09 50.33
C ALA A 3295 57.01 -129.94 50.05
N LEU A 3296 58.11 -129.29 49.66
CA LEU A 3296 59.34 -130.00 49.33
C LEU A 3296 59.97 -130.85 50.47
N PRO A 3297 60.05 -130.42 51.75
CA PRO A 3297 60.74 -131.32 52.72
C PRO A 3297 59.91 -132.54 53.09
N ALA A 3298 58.61 -132.38 53.31
CA ALA A 3298 57.73 -133.46 53.73
C ALA A 3298 56.92 -134.05 52.57
N GLY A 3299 57.41 -133.90 51.34
CA GLY A 3299 56.75 -134.38 50.16
C GLY A 3299 57.01 -135.82 49.80
N ALA A 3300 57.74 -136.55 50.65
CA ALA A 3300 58.01 -137.97 50.39
C ALA A 3300 56.75 -138.83 50.24
N PRO A 3301 55.68 -138.70 51.06
CA PRO A 3301 54.44 -139.42 50.72
C PRO A 3301 53.88 -138.96 49.38
N PRO A 3302 53.34 -139.87 48.58
CA PRO A 3302 52.72 -139.47 47.30
C PRO A 3302 51.47 -138.65 47.54
N PRO A 3303 51.05 -137.83 46.57
CA PRO A 3303 49.83 -137.03 46.75
C PRO A 3303 48.58 -137.89 46.91
N CYS A 3304 47.63 -137.36 47.67
CA CYS A 3304 46.39 -138.05 48.02
C CYS A 3304 45.33 -137.94 46.93
N THR A 3305 45.65 -137.32 45.80
CA THR A 3305 44.68 -137.09 44.75
C THR A 3305 45.33 -137.29 43.38
N ALA A 3306 44.49 -137.42 42.37
CA ALA A 3306 44.94 -137.62 40.98
C ALA A 3306 44.12 -136.75 40.03
N VAL A 3307 43.95 -135.48 40.37
CA VAL A 3307 43.13 -134.56 39.58
C VAL A 3307 44.06 -133.72 38.70
N THR A 3308 43.79 -133.72 37.39
CA THR A 3308 44.55 -132.94 36.43
C THR A 3308 43.62 -132.10 35.57
N SER A 3309 44.17 -131.45 34.55
CA SER A 3309 43.36 -130.63 33.64
C SER A 3309 42.47 -131.47 32.74
N ASP A 3310 42.86 -132.72 32.45
CA ASP A 3310 42.04 -133.61 31.63
C ASP A 3310 40.71 -133.91 32.30
N HIS A 3311 40.73 -134.13 33.62
CA HIS A 3311 39.50 -134.39 34.37
C HIS A 3311 38.54 -133.20 34.30
N LEU A 3312 39.07 -131.98 34.42
CA LEU A 3312 38.24 -130.79 34.32
C LEU A 3312 37.79 -130.56 32.89
N ASN A 3313 38.63 -130.94 31.92
CA ASN A 3313 38.27 -130.83 30.50
C ASN A 3313 37.06 -131.70 30.21
N SER A 3314 37.07 -132.94 30.71
CA SER A 3314 35.94 -133.84 30.56
C SER A 3314 34.71 -133.32 31.32
N LEU A 3315 34.91 -132.79 32.53
CA LEU A 3315 33.79 -132.26 33.32
C LEU A 3315 33.12 -131.08 32.61
N LEU A 3316 33.91 -130.10 32.17
CA LEU A 3316 33.38 -128.94 31.47
C LEU A 3316 32.73 -129.33 30.15
N GLY A 3317 33.37 -130.26 29.41
CA GLY A 3317 32.80 -130.69 28.14
C GLY A 3317 31.46 -131.37 28.32
N ASN A 3318 31.35 -132.25 29.33
CA ASN A 3318 30.10 -132.93 29.60
C ASN A 3318 29.02 -131.95 30.04
N ILE A 3319 29.39 -130.97 30.89
CA ILE A 3319 28.42 -129.97 31.37
C ILE A 3319 27.86 -129.16 30.19
N LEU A 3320 28.75 -128.72 29.29
CA LEU A 3320 28.32 -127.98 28.10
C LEU A 3320 27.45 -128.84 27.19
N ARG A 3321 27.82 -130.12 26.99
CA ARG A 3321 27.01 -131.00 26.15
C ARG A 3321 25.63 -131.23 26.76
N ILE A 3322 25.56 -131.38 28.09
CA ILE A 3322 24.28 -131.60 28.79
C ILE A 3322 23.37 -130.38 28.60
N ILE A 3323 23.94 -129.18 28.78
CA ILE A 3323 23.13 -127.97 28.68
C ILE A 3323 22.63 -127.77 27.26
N VAL A 3324 23.51 -127.95 26.26
CA VAL A 3324 23.05 -127.74 24.88
C VAL A 3324 22.15 -128.89 24.39
N ASN A 3325 22.20 -130.05 25.03
CA ASN A 3325 21.18 -131.08 24.76
C ASN A 3325 19.85 -130.71 25.37
N ASN A 3326 19.86 -129.96 26.48
CA ASN A 3326 18.64 -129.41 27.04
C ASN A 3326 18.39 -127.97 26.61
N LEU A 3327 19.05 -127.53 25.53
CA LEU A 3327 18.95 -126.14 25.09
C LEU A 3327 17.54 -125.80 24.61
N GLY A 3328 16.83 -126.77 24.05
CA GLY A 3328 15.51 -126.59 23.48
C GLY A 3328 14.31 -126.79 24.38
N ILE A 3329 14.51 -127.03 25.67
CA ILE A 3329 13.40 -127.22 26.59
C ILE A 3329 12.95 -125.87 27.13
N ASP A 3330 11.67 -125.78 27.49
CA ASP A 3330 11.08 -124.49 27.86
C ASP A 3330 11.48 -124.07 29.27
N GLU A 3331 11.13 -124.86 30.27
CA GLU A 3331 11.35 -124.48 31.66
C GLU A 3331 12.36 -125.42 32.30
N ALA A 3332 13.42 -124.85 32.89
CA ALA A 3332 14.41 -125.62 33.64
C ALA A 3332 15.20 -124.65 34.51
N THR A 3333 15.17 -124.87 35.81
CA THR A 3333 15.83 -123.98 36.77
C THR A 3333 17.23 -124.44 37.14
N TRP A 3334 17.73 -125.49 36.51
CA TRP A 3334 19.01 -126.07 36.89
C TRP A 3334 20.21 -125.51 36.13
N MET A 3335 20.01 -124.96 34.93
CA MET A 3335 21.13 -124.44 34.15
C MET A 3335 21.84 -123.28 34.84
N LYS A 3336 21.08 -122.33 35.39
CA LYS A 3336 21.69 -121.21 36.10
C LYS A 3336 22.44 -121.67 37.36
N ARG A 3337 21.85 -122.63 38.10
CA ARG A 3337 22.54 -123.20 39.26
C ARG A 3337 23.82 -123.92 38.85
N LEU A 3338 23.76 -124.71 37.78
CA LEU A 3338 24.95 -125.42 37.30
C LEU A 3338 26.01 -124.44 36.83
N ALA A 3339 25.59 -123.34 36.20
CA ALA A 3339 26.53 -122.33 35.72
C ALA A 3339 27.25 -121.66 36.89
N VAL A 3340 26.49 -121.26 37.91
CA VAL A 3340 27.12 -120.57 39.04
C VAL A 3340 27.96 -121.57 39.86
N PHE A 3341 27.59 -122.86 39.87
CA PHE A 3341 28.42 -123.82 40.56
C PHE A 3341 29.67 -124.14 39.76
N ALA A 3342 29.61 -124.03 38.44
CA ALA A 3342 30.72 -124.35 37.56
C ALA A 3342 31.56 -123.14 37.22
N GLN A 3343 31.28 -121.98 37.82
CA GLN A 3343 32.15 -120.83 37.58
C GLN A 3343 33.59 -121.05 38.09
N PRO A 3344 33.86 -121.54 39.33
CA PRO A 3344 35.27 -121.73 39.72
C PRO A 3344 36.02 -122.81 38.95
N ILE A 3345 35.34 -123.77 38.31
CA ILE A 3345 36.05 -124.89 37.68
C ILE A 3345 36.55 -124.58 36.28
N VAL A 3346 36.10 -123.48 35.67
CA VAL A 3346 36.53 -123.11 34.33
C VAL A 3346 37.80 -122.27 34.43
N SER A 3347 38.34 -122.13 35.65
CA SER A 3347 39.57 -121.38 35.90
C SER A 3347 40.80 -122.03 35.29
N ARG A 3348 40.73 -123.28 34.86
CA ARG A 3348 41.81 -124.00 34.22
C ARG A 3348 41.30 -124.59 32.90
N ALA A 3349 40.62 -123.75 32.12
CA ALA A 3349 40.09 -124.16 30.84
C ALA A 3349 41.19 -124.32 29.80
N ARG A 3350 40.88 -125.08 28.75
CA ARG A 3350 41.79 -125.39 27.67
C ARG A 3350 41.28 -124.77 26.37
N PRO A 3351 42.17 -124.28 25.51
CA PRO A 3351 41.71 -123.73 24.21
C PRO A 3351 41.04 -124.74 23.29
N GLU A 3352 41.21 -126.05 23.53
CA GLU A 3352 40.47 -127.05 22.78
C GLU A 3352 38.96 -126.93 23.00
N LEU A 3353 38.56 -126.42 24.18
CA LEU A 3353 37.14 -126.21 24.43
C LEU A 3353 36.58 -125.11 23.56
N LEU A 3354 37.42 -124.13 23.19
CA LEU A 3354 36.97 -122.96 22.46
C LEU A 3354 36.35 -123.36 21.12
N HIS A 3355 37.10 -124.14 20.33
CA HIS A 3355 36.60 -124.57 19.04
C HIS A 3355 35.70 -125.78 19.16
N SER A 3356 35.81 -126.58 20.24
CA SER A 3356 34.97 -127.76 20.32
C SER A 3356 33.54 -127.37 20.62
N HIS A 3357 33.34 -126.45 21.57
CA HIS A 3357 31.99 -126.11 22.02
C HIS A 3357 31.62 -124.64 21.83
N PHE A 3358 32.46 -123.67 22.24
CA PHE A 3358 32.04 -122.26 22.15
C PHE A 3358 31.82 -121.79 20.71
N ILE A 3359 32.42 -122.41 19.71
CA ILE A 3359 32.10 -122.00 18.34
C ILE A 3359 30.77 -122.63 17.89
N PRO A 3360 30.53 -123.96 17.94
CA PRO A 3360 29.23 -124.45 17.44
C PRO A 3360 28.02 -124.07 18.29
N THR A 3361 28.16 -124.06 19.62
CA THR A 3361 27.01 -123.77 20.48
C THR A 3361 26.52 -122.34 20.28
N ILE A 3362 27.44 -121.39 20.21
CA ILE A 3362 27.06 -120.01 19.91
C ILE A 3362 26.56 -119.89 18.47
N GLY A 3363 27.12 -120.67 17.54
CA GLY A 3363 26.56 -120.72 16.19
C GLY A 3363 25.09 -121.13 16.16
N ARG A 3364 24.74 -122.13 16.99
CA ARG A 3364 23.34 -122.51 17.20
C ARG A 3364 22.54 -121.40 17.87
N LEU A 3365 23.14 -120.70 18.83
CA LEU A 3365 22.44 -119.60 19.50
C LEU A 3365 22.17 -118.48 18.51
N ARG A 3366 23.14 -118.21 17.64
CA ARG A 3366 23.04 -117.16 16.64
C ARG A 3366 21.92 -117.45 15.64
N LYS A 3367 21.89 -118.67 15.10
CA LYS A 3367 20.83 -119.01 14.15
C LYS A 3367 19.45 -119.03 14.82
N ARG A 3368 19.37 -119.53 16.06
CA ARG A 3368 18.10 -119.52 16.79
C ARG A 3368 17.63 -118.10 17.07
N ALA A 3369 18.55 -117.21 17.46
CA ALA A 3369 18.23 -115.80 17.67
C ALA A 3369 17.81 -115.12 16.38
N GLY A 3370 18.48 -115.43 15.26
CA GLY A 3370 18.08 -114.86 13.98
C GLY A 3370 16.71 -115.34 13.56
N LYS A 3371 16.38 -116.60 13.89
CA LYS A 3371 15.06 -117.14 13.55
C LYS A 3371 13.98 -116.41 14.33
N VAL A 3372 14.20 -116.21 15.63
CA VAL A 3372 13.18 -115.58 16.46
C VAL A 3372 13.01 -114.10 16.08
N VAL A 3373 14.11 -113.38 15.88
CA VAL A 3373 13.98 -111.98 15.47
C VAL A 3373 13.41 -111.86 14.04
N ALA A 3374 13.63 -112.87 13.19
CA ALA A 3374 12.99 -112.92 11.89
C ALA A 3374 11.48 -113.06 12.03
N GLU A 3375 11.02 -113.89 12.96
CA GLU A 3375 9.58 -113.96 13.20
C GLU A 3375 9.07 -112.68 13.84
N GLU A 3376 9.91 -112.03 14.67
CA GLU A 3376 9.53 -110.79 15.31
C GLU A 3376 9.32 -109.70 14.27
N GLU A 3377 10.22 -109.60 13.29
CA GLU A 3377 10.06 -108.54 12.29
C GLU A 3377 8.91 -108.85 11.33
N GLN A 3378 8.64 -110.15 11.07
CA GLN A 3378 7.48 -110.49 10.25
C GLN A 3378 6.19 -110.09 10.96
N LEU A 3379 6.13 -110.31 12.27
CA LEU A 3379 4.97 -109.90 13.04
C LEU A 3379 4.88 -108.37 13.11
N ARG A 3380 6.02 -107.70 13.20
CA ARG A 3380 6.05 -106.26 13.39
C ARG A 3380 5.66 -105.50 12.12
N LEU A 3381 6.04 -106.02 10.94
CA LEU A 3381 5.80 -105.27 9.70
C LEU A 3381 4.32 -105.17 9.37
N GLU A 3382 3.54 -106.19 9.69
CA GLU A 3382 2.11 -106.19 9.43
C GLU A 3382 1.35 -105.73 10.66
N ALA A 3383 0.45 -104.77 10.48
CA ALA A 3383 -0.32 -104.19 11.58
C ALA A 3383 -1.67 -104.90 11.61
N LYS A 3384 -1.80 -105.87 12.53
CA LYS A 3384 -3.02 -106.65 12.70
C LYS A 3384 -2.94 -107.32 14.05
N ALA A 3385 -4.08 -107.88 14.48
CA ALA A 3385 -4.14 -108.65 15.72
C ALA A 3385 -3.31 -109.93 15.66
N GLU A 3386 -2.96 -110.39 14.45
CA GLU A 3386 -2.12 -111.57 14.33
C GLU A 3386 -0.70 -111.32 14.82
N ALA A 3387 -0.26 -110.06 14.90
CA ALA A 3387 1.05 -109.79 15.48
C ALA A 3387 1.07 -110.17 16.96
N GLU A 3388 0.01 -109.79 17.69
CA GLU A 3388 -0.14 -110.20 19.08
C GLU A 3388 -0.36 -111.69 19.20
N GLU A 3389 -1.15 -112.28 18.29
CA GLU A 3389 -1.34 -113.73 18.33
C GLU A 3389 -0.06 -114.34 17.76
N GLY A 3390 0.91 -114.57 18.64
CA GLY A 3390 2.20 -115.05 18.20
C GLY A 3390 3.32 -114.23 18.81
N GLU A 3391 2.99 -113.00 19.21
CA GLU A 3391 3.99 -112.20 19.90
C GLU A 3391 4.34 -112.80 21.26
N LEU A 3392 3.35 -113.32 21.99
CA LEU A 3392 3.67 -114.02 23.24
C LEU A 3392 4.46 -115.30 22.99
N LEU A 3393 4.30 -115.90 21.80
CA LEU A 3393 5.10 -117.06 21.42
C LEU A 3393 6.56 -116.66 21.23
N VAL A 3394 6.80 -115.50 20.63
CA VAL A 3394 8.20 -115.10 20.51
C VAL A 3394 8.70 -114.48 21.81
N ARG A 3395 7.81 -114.02 22.70
CA ARG A 3395 8.21 -113.66 24.06
C ARG A 3395 8.76 -114.88 24.81
N ASP A 3396 8.09 -116.02 24.67
CA ASP A 3396 8.60 -117.27 25.23
C ASP A 3396 9.92 -117.67 24.58
N GLU A 3397 10.04 -117.49 23.26
CA GLU A 3397 11.29 -117.78 22.56
C GLU A 3397 12.42 -116.86 23.05
N PHE A 3398 12.11 -115.59 23.30
CA PHE A 3398 13.08 -114.66 23.87
C PHE A 3398 13.49 -115.11 25.27
N SER A 3399 12.54 -115.60 26.06
CA SER A 3399 12.85 -115.99 27.44
C SER A 3399 13.76 -117.23 27.46
N VAL A 3400 13.45 -118.24 26.63
CA VAL A 3400 14.31 -119.42 26.59
C VAL A 3400 15.68 -119.06 26.04
N LEU A 3401 15.76 -118.12 25.07
CA LEU A 3401 17.06 -117.66 24.59
C LEU A 3401 17.81 -116.93 25.70
N CYS A 3402 17.09 -116.18 26.54
CA CYS A 3402 17.70 -115.49 27.67
C CYS A 3402 18.30 -116.50 28.65
N ARG A 3403 17.60 -117.60 28.90
CA ARG A 3403 18.13 -118.67 29.73
C ARG A 3403 19.40 -119.28 29.13
N ASP A 3404 19.41 -119.50 27.81
CA ASP A 3404 20.61 -120.00 27.14
C ASP A 3404 21.79 -119.04 27.27
N LEU A 3405 21.49 -117.73 27.18
CA LEU A 3405 22.49 -116.70 27.43
C LEU A 3405 23.00 -116.74 28.87
N TYR A 3406 22.09 -116.94 29.83
CA TYR A 3406 22.47 -116.90 31.24
C TYR A 3406 23.18 -118.17 31.63
N ALA A 3407 23.03 -119.23 30.84
CA ALA A 3407 23.60 -120.51 31.16
C ALA A 3407 24.97 -120.70 30.53
N LEU A 3408 25.25 -119.99 29.44
CA LEU A 3408 26.54 -120.20 28.78
C LEU A 3408 27.47 -119.00 28.91
N TYR A 3409 26.94 -117.77 28.88
CA TYR A 3409 27.78 -116.57 28.89
C TYR A 3409 28.68 -116.36 30.12
N PRO A 3410 28.24 -116.50 31.38
CA PRO A 3410 29.19 -116.27 32.51
C PRO A 3410 30.42 -117.17 32.48
N LEU A 3411 30.24 -118.42 32.05
CA LEU A 3411 31.36 -119.33 31.83
C LEU A 3411 32.27 -118.82 30.73
N LEU A 3412 31.69 -118.25 29.66
CA LEU A 3412 32.49 -117.69 28.59
C LEU A 3412 33.25 -116.46 29.07
N ILE A 3413 32.61 -115.63 29.90
CA ILE A 3413 33.26 -114.44 30.47
C ILE A 3413 34.47 -114.82 31.30
N ARG A 3414 34.30 -115.84 32.16
CA ARG A 3414 35.42 -116.35 32.94
C ARG A 3414 36.49 -116.98 32.07
N TYR A 3415 36.12 -117.56 30.92
CA TYR A 3415 37.13 -118.08 30.00
C TYR A 3415 37.93 -116.92 29.39
N VAL A 3416 37.22 -115.86 29.00
CA VAL A 3416 37.84 -114.73 28.30
C VAL A 3416 38.80 -114.00 29.22
N ASP A 3417 38.37 -113.69 30.45
CA ASP A 3417 39.24 -112.89 31.32
C ASP A 3417 40.52 -113.63 31.70
N ASN A 3418 40.52 -114.97 31.62
CA ASN A 3418 41.71 -115.76 31.88
C ASN A 3418 42.60 -115.92 30.66
N ASN A 3419 42.02 -115.94 29.45
CA ASN A 3419 42.82 -116.24 28.25
C ASN A 3419 42.93 -115.12 27.23
N ARG A 3420 42.30 -113.96 27.45
CA ARG A 3420 42.34 -112.84 26.52
C ARG A 3420 43.75 -112.29 26.34
N ALA A 3421 44.52 -112.24 27.43
CA ALA A 3421 45.92 -111.78 27.38
C ALA A 3421 46.73 -112.60 26.37
N HIS A 3422 46.51 -113.92 26.36
CA HIS A 3422 47.16 -114.77 25.38
CA HIS A 3422 47.16 -114.77 25.38
C HIS A 3422 46.71 -114.45 23.97
N TRP A 3423 45.41 -114.22 23.77
CA TRP A 3423 44.88 -113.88 22.46
C TRP A 3423 45.34 -112.50 22.00
N LEU A 3424 45.54 -111.57 22.93
CA LEU A 3424 46.17 -110.31 22.57
C LEU A 3424 47.65 -110.50 22.23
N THR A 3425 48.32 -111.41 22.94
CA THR A 3425 49.73 -111.70 22.65
C THR A 3425 49.91 -112.33 21.27
N GLU A 3426 49.02 -113.26 20.90
CA GLU A 3426 49.07 -113.94 19.62
C GLU A 3426 47.67 -114.12 19.05
N PRO A 3427 47.47 -113.85 17.76
CA PRO A 3427 46.13 -113.94 17.17
C PRO A 3427 45.57 -115.36 17.15
N ASN A 3428 44.24 -115.45 17.28
CA ASN A 3428 43.55 -116.73 17.22
C ASN A 3428 42.24 -116.53 16.45
N ALA A 3429 42.13 -117.25 15.32
CA ALA A 3429 40.95 -117.16 14.47
C ALA A 3429 39.69 -117.65 15.17
N ASN A 3430 39.82 -118.58 16.12
CA ASN A 3430 38.67 -119.08 16.88
C ASN A 3430 38.04 -117.97 17.70
N ALA A 3431 38.87 -117.23 18.45
CA ALA A 3431 38.41 -116.07 19.21
C ALA A 3431 37.89 -114.98 18.28
N GLU A 3432 38.60 -114.73 17.17
CA GLU A 3432 38.17 -113.72 16.20
C GLU A 3432 36.79 -114.03 15.61
N GLU A 3433 36.54 -115.30 15.30
CA GLU A 3433 35.20 -115.72 14.89
C GLU A 3433 34.19 -115.57 16.03
N LEU A 3434 34.60 -115.93 17.26
CA LEU A 3434 33.69 -115.80 18.42
C LEU A 3434 33.26 -114.35 18.61
N PHE A 3435 34.16 -113.41 18.31
CA PHE A 3435 33.79 -112.00 18.39
C PHE A 3435 32.71 -111.67 17.37
N ARG A 3436 32.72 -112.37 16.21
CA ARG A 3436 31.69 -112.13 15.20
C ARG A 3436 30.34 -112.65 15.68
N MET A 3437 30.31 -113.84 16.28
CA MET A 3437 29.02 -114.34 16.75
C MET A 3437 28.47 -113.53 17.92
N VAL A 3438 29.31 -113.17 18.89
CA VAL A 3438 28.83 -112.37 20.01
C VAL A 3438 28.40 -110.98 19.53
N GLY A 3439 29.06 -110.45 18.49
CA GLY A 3439 28.61 -109.20 17.91
C GLY A 3439 27.26 -109.31 17.24
N GLU A 3440 27.01 -110.41 16.52
CA GLU A 3440 25.71 -110.62 15.90
C GLU A 3440 24.61 -110.74 16.95
N ILE A 3441 24.90 -111.46 18.04
CA ILE A 3441 23.95 -111.58 19.16
C ILE A 3441 23.68 -110.21 19.77
N PHE A 3442 24.74 -109.38 19.88
CA PHE A 3442 24.61 -108.03 20.42
C PHE A 3442 23.68 -107.21 19.51
N ILE A 3443 23.91 -107.29 18.19
CA ILE A 3443 23.12 -106.52 17.22
C ILE A 3443 21.64 -106.90 17.29
N TYR A 3444 21.35 -108.20 17.36
CA TYR A 3444 19.96 -108.65 17.52
C TYR A 3444 19.36 -108.19 18.85
N TRP A 3445 20.14 -108.24 19.94
CA TRP A 3445 19.70 -107.74 21.25
C TRP A 3445 19.41 -106.24 21.21
N SER A 3446 20.27 -105.48 20.54
CA SER A 3446 20.11 -104.03 20.46
C SER A 3446 18.91 -103.66 19.60
N LYS A 3447 18.74 -104.36 18.48
CA LYS A 3447 17.65 -104.05 17.56
C LYS A 3447 16.30 -104.43 18.16
N SER A 3448 16.23 -105.57 18.85
CA SER A 3448 14.96 -106.06 19.37
C SER A 3448 14.75 -105.51 20.78
N HIS A 3449 13.86 -104.53 20.91
CA HIS A 3449 13.45 -104.07 22.23
C HIS A 3449 12.63 -105.13 22.94
N ASN A 3450 11.95 -105.98 22.17
CA ASN A 3450 11.19 -107.09 22.73
C ASN A 3450 12.11 -108.07 23.45
N PHE A 3451 13.28 -108.36 22.87
CA PHE A 3451 14.26 -109.19 23.56
C PHE A 3451 14.76 -108.53 24.84
N LYS A 3452 14.86 -107.19 24.86
CA LYS A 3452 15.30 -106.50 26.08
C LYS A 3452 14.26 -106.60 27.18
N ARG A 3453 12.99 -106.29 26.85
CA ARG A 3453 11.97 -106.13 27.88
C ARG A 3453 11.73 -107.47 28.58
N GLU A 3454 11.74 -108.57 27.83
CA GLU A 3454 11.72 -109.83 28.54
C GLU A 3454 13.09 -110.28 29.00
N GLU A 3455 14.17 -109.58 28.66
CA GLU A 3455 15.45 -109.94 29.27
C GLU A 3455 15.43 -109.53 30.75
N GLN A 3456 14.97 -108.31 31.04
CA GLN A 3456 14.79 -107.99 32.47
C GLN A 3456 13.56 -108.68 33.07
N ASN A 3457 12.54 -108.99 32.28
CA ASN A 3457 11.42 -109.77 32.82
C ASN A 3457 11.92 -111.15 33.24
N PHE A 3458 12.71 -111.81 32.39
CA PHE A 3458 13.29 -113.09 32.73
C PHE A 3458 14.25 -112.96 33.92
N VAL A 3459 14.79 -111.76 34.17
CA VAL A 3459 15.65 -111.56 35.33
C VAL A 3459 14.82 -111.59 36.62
N VAL A 3460 13.64 -110.94 36.61
CA VAL A 3460 12.95 -110.71 37.88
C VAL A 3460 12.38 -111.99 38.49
N GLN A 3461 11.89 -112.94 37.67
CA GLN A 3461 11.42 -114.21 38.23
C GLN A 3461 12.50 -115.29 38.29
N ASN A 3462 13.76 -114.95 37.99
CA ASN A 3462 14.84 -115.91 38.15
C ASN A 3462 15.91 -115.48 39.13
N GLU A 3463 15.84 -114.26 39.66
CA GLU A 3463 16.78 -113.68 40.63
C GLU A 3463 18.21 -113.74 40.07
N ILE A 3464 18.41 -113.00 38.99
CA ILE A 3464 19.74 -112.83 38.42
C ILE A 3464 20.42 -111.73 39.22
N ASN A 3465 21.41 -112.12 40.04
CA ASN A 3465 21.98 -111.22 41.03
C ASN A 3465 22.87 -110.16 40.37
N ASN A 3466 23.59 -110.55 39.31
CA ASN A 3466 24.39 -109.70 38.42
C ASN A 3466 25.60 -109.04 39.09
N MET A 3467 25.92 -109.39 40.33
CA MET A 3467 27.15 -108.92 40.96
C MET A 3467 28.16 -110.02 41.23
N SER A 3468 27.73 -111.19 41.74
CA SER A 3468 28.67 -112.28 41.97
C SER A 3468 29.17 -112.88 40.68
N PHE A 3469 28.47 -112.65 39.57
CA PHE A 3469 28.90 -113.16 38.27
C PHE A 3469 30.18 -112.45 37.84
N LEU A 3470 30.23 -111.13 38.00
CA LEU A 3470 31.39 -110.38 37.58
C LEU A 3470 32.38 -110.16 38.72
N THR A 3471 32.06 -110.60 39.94
CA THR A 3471 33.01 -110.49 41.04
C THR A 3471 33.51 -111.86 41.49
N ALA A 3472 33.17 -112.93 40.78
CA ALA A 3472 33.70 -114.26 41.11
C ALA A 3472 35.21 -114.31 40.94
N ASP A 3473 35.73 -113.67 39.89
CA ASP A 3473 37.17 -113.59 39.70
C ASP A 3473 37.82 -112.78 40.82
N SER A 3474 37.16 -111.69 41.25
CA SER A 3474 37.69 -110.85 42.33
C SER A 3474 37.78 -111.64 43.63
N LYS A 3475 36.72 -112.41 43.94
CA LYS A 3475 36.72 -113.24 45.14
C LYS A 3475 37.80 -114.32 45.05
N SER A 3476 37.96 -114.93 43.87
CA SER A 3476 38.95 -116.00 43.73
C SER A 3476 40.37 -115.45 43.89
N LYS A 3477 40.64 -114.28 43.32
CA LYS A 3477 41.98 -113.71 43.38
C LYS A 3477 42.21 -112.92 44.67
N MET A 3478 41.20 -112.80 45.53
CA MET A 3478 41.24 -112.10 46.82
C MET A 3478 41.64 -110.64 46.62
N ALA A 3479 40.75 -109.91 45.96
CA ALA A 3479 40.96 -108.51 45.67
C ALA A 3479 40.00 -107.63 46.48
N ARG A 3498 21.46 -102.99 45.84
CA ARG A 3498 21.61 -101.57 46.09
C ARG A 3498 20.94 -100.75 44.98
N ARG A 3499 21.76 -100.04 44.20
CA ARG A 3499 21.24 -99.21 43.11
C ARG A 3499 20.60 -100.06 42.01
N GLY A 3500 21.31 -101.07 41.53
CA GLY A 3500 20.80 -101.87 40.44
C GLY A 3500 20.88 -103.36 40.66
N ASP A 3501 20.64 -103.79 41.90
CA ASP A 3501 20.68 -105.21 42.24
C ASP A 3501 19.61 -105.99 41.49
N ARG A 3502 18.39 -105.44 41.42
CA ARG A 3502 17.30 -106.11 40.73
C ARG A 3502 17.57 -106.22 39.23
N TYR A 3503 17.96 -105.11 38.60
CA TYR A 3503 18.32 -105.04 37.20
C TYR A 3503 18.96 -103.69 36.93
N SER A 3504 19.96 -103.68 36.05
CA SER A 3504 20.63 -102.45 35.66
C SER A 3504 21.28 -102.66 34.31
N VAL A 3505 21.26 -101.60 33.48
CA VAL A 3505 21.86 -101.67 32.15
C VAL A 3505 23.36 -101.86 32.24
N GLN A 3506 24.02 -101.17 33.20
CA GLN A 3506 25.46 -101.22 33.34
C GLN A 3506 25.99 -102.60 33.72
N THR A 3507 25.16 -103.46 34.32
CA THR A 3507 25.56 -104.80 34.70
C THR A 3507 25.01 -105.87 33.75
N SER A 3508 24.49 -105.47 32.59
CA SER A 3508 23.97 -106.42 31.62
C SER A 3508 25.10 -107.26 31.05
N LEU A 3509 24.93 -108.58 31.10
CA LEU A 3509 26.03 -109.48 30.73
C LEU A 3509 26.22 -109.54 29.22
N ILE A 3510 25.16 -109.33 28.42
CA ILE A 3510 25.30 -109.42 26.97
C ILE A 3510 26.20 -108.30 26.46
N VAL A 3511 26.00 -107.07 26.93
CA VAL A 3511 26.91 -105.98 26.56
C VAL A 3511 28.25 -106.12 27.27
N ALA A 3512 28.25 -106.66 28.50
CA ALA A 3512 29.49 -106.81 29.25
C ALA A 3512 30.47 -107.77 28.57
N THR A 3513 29.95 -108.88 28.03
CA THR A 3513 30.79 -109.82 27.31
C THR A 3513 31.42 -109.19 26.08
N LEU A 3514 30.66 -108.34 25.38
CA LEU A 3514 31.23 -107.56 24.28
C LEU A 3514 32.30 -106.58 24.78
N LYS A 3515 32.08 -105.98 25.97
CA LYS A 3515 33.08 -105.07 26.53
C LYS A 3515 34.40 -105.80 26.80
N LYS A 3516 34.32 -106.99 27.38
CA LYS A 3516 35.51 -107.82 27.58
C LYS A 3516 36.11 -108.27 26.25
N MET A 3517 35.28 -108.62 25.28
CA MET A 3517 35.75 -109.20 24.03
C MET A 3517 36.23 -108.13 23.03
N LEU A 3518 36.03 -106.85 23.35
CA LEU A 3518 36.40 -105.74 22.46
C LEU A 3518 37.87 -105.70 22.02
N PRO A 3519 38.90 -105.87 22.90
CA PRO A 3519 40.29 -105.78 22.43
C PRO A 3519 40.64 -106.76 21.32
N ILE A 3520 40.09 -107.98 21.38
CA ILE A 3520 40.37 -108.96 20.34
C ILE A 3520 39.70 -108.56 19.04
N GLY A 3521 38.47 -108.03 19.13
CA GLY A 3521 37.75 -107.61 17.95
C GLY A 3521 38.42 -106.46 17.22
N LEU A 3522 38.89 -105.46 17.96
CA LEU A 3522 39.63 -104.36 17.36
C LEU A 3522 41.09 -104.69 17.07
N ASN A 3523 41.60 -105.80 17.59
CA ASN A 3523 42.96 -106.24 17.29
C ASN A 3523 43.14 -106.56 15.82
N MET A 3524 42.13 -107.15 15.18
CA MET A 3524 42.22 -107.49 13.76
C MET A 3524 42.41 -106.26 12.89
N CYS A 3525 41.62 -105.22 13.12
CA CYS A 3525 41.62 -104.05 12.27
C CYS A 3525 42.90 -103.23 12.41
N ALA A 3526 43.40 -102.78 11.28
CA ALA A 3526 44.54 -101.88 11.25
C ALA A 3526 44.09 -100.46 11.57
N PRO A 3527 44.72 -99.80 12.56
CA PRO A 3527 44.33 -98.41 12.91
C PRO A 3527 44.46 -97.39 11.79
N THR A 3528 45.14 -97.69 10.68
CA THR A 3528 45.08 -96.83 9.51
C THR A 3528 43.68 -96.78 8.90
N ASP A 3529 42.83 -97.75 9.21
CA ASP A 3529 41.46 -97.81 8.71
C ASP A 3529 40.46 -97.13 9.64
N GLN A 3530 40.95 -96.47 10.71
CA GLN A 3530 40.07 -95.81 11.66
C GLN A 3530 39.23 -94.71 11.02
N ASP A 3531 39.67 -94.11 9.91
CA ASP A 3531 38.83 -93.16 9.19
C ASP A 3531 37.56 -93.84 8.64
N LEU A 3532 37.72 -95.07 8.14
CA LEU A 3532 36.56 -95.87 7.76
C LEU A 3532 35.74 -96.25 8.98
N ILE A 3533 36.41 -96.51 10.11
CA ILE A 3533 35.67 -96.89 11.32
C ILE A 3533 34.82 -95.71 11.81
N MET A 3534 35.40 -94.51 11.88
CA MET A 3534 34.66 -93.36 12.40
C MET A 3534 33.52 -92.98 11.45
N LEU A 3535 33.76 -93.02 10.13
CA LEU A 3535 32.67 -92.73 9.20
C LEU A 3535 31.59 -93.82 9.20
N ALA A 3536 31.96 -95.03 9.67
CA ALA A 3536 31.02 -96.13 9.71
C ALA A 3536 29.88 -95.88 10.70
N LYS A 3537 30.20 -95.31 11.88
CA LYS A 3537 29.13 -95.03 12.84
C LYS A 3537 28.16 -93.99 12.28
N THR A 3538 28.71 -92.97 11.60
CA THR A 3538 27.88 -91.91 11.04
C THR A 3538 26.91 -92.45 10.00
N ARG A 3539 27.41 -93.33 9.12
CA ARG A 3539 26.49 -93.93 8.14
C ARG A 3539 25.56 -94.94 8.77
N TYR A 3540 25.97 -95.62 9.86
CA TYR A 3540 25.03 -96.45 10.61
C TYR A 3540 23.91 -95.60 11.21
N ALA A 3541 24.26 -94.44 11.77
CA ALA A 3541 23.26 -93.53 12.31
C ALA A 3541 22.36 -92.97 11.23
N LEU A 3542 22.81 -92.97 9.97
CA LEU A 3542 21.97 -92.55 8.86
C LEU A 3542 20.99 -93.65 8.40
N LYS A 3543 20.87 -94.74 9.17
CA LYS A 3543 19.99 -95.89 8.88
C LYS A 3543 20.42 -96.62 7.60
N ASP A 3544 21.68 -96.99 7.52
CA ASP A 3544 22.21 -97.74 6.39
C ASP A 3544 22.47 -99.18 6.81
N THR A 3545 21.97 -100.14 6.02
CA THR A 3545 22.06 -101.54 6.38
C THR A 3545 23.46 -102.09 6.11
N ASP A 3546 23.63 -103.38 6.47
CA ASP A 3546 24.94 -104.03 6.42
C ASP A 3546 25.47 -104.18 5.00
N GLU A 3547 24.58 -104.44 4.03
CA GLU A 3547 25.09 -104.67 2.68
C GLU A 3547 25.49 -103.35 2.04
N GLU A 3548 24.70 -102.30 2.28
CA GLU A 3548 25.05 -101.05 1.63
C GLU A 3548 26.22 -100.38 2.33
N VAL A 3549 26.47 -100.66 3.61
CA VAL A 3549 27.68 -100.10 4.17
C VAL A 3549 28.89 -100.91 3.69
N ARG A 3550 28.69 -102.21 3.39
CA ARG A 3550 29.77 -103.00 2.82
C ARG A 3550 30.17 -102.49 1.44
N GLU A 3551 29.19 -102.16 0.60
CA GLU A 3551 29.55 -101.56 -0.68
C GLU A 3551 30.00 -100.10 -0.54
N PHE A 3552 29.62 -99.42 0.55
CA PHE A 3552 30.25 -98.13 0.86
C PHE A 3552 31.74 -98.31 1.15
N LEU A 3553 32.10 -99.40 1.84
CA LEU A 3553 33.51 -99.70 2.04
C LEU A 3553 34.19 -100.10 0.73
N GLN A 3554 33.45 -100.78 -0.16
CA GLN A 3554 33.99 -101.11 -1.48
C GLN A 3554 34.29 -99.83 -2.26
N ASN A 3555 33.39 -98.85 -2.17
CA ASN A 3555 33.60 -97.60 -2.89
C ASN A 3555 34.68 -96.77 -2.21
N ASN A 3556 34.93 -97.00 -0.92
CA ASN A 3556 35.85 -96.18 -0.17
C ASN A 3556 36.98 -97.03 0.42
N LEU A 3557 37.54 -97.92 -0.40
CA LEU A 3557 38.68 -98.73 0.02
C LEU A 3557 39.95 -97.91 0.20
N HIS A 3558 40.06 -96.76 -0.47
CA HIS A 3558 41.26 -95.94 -0.45
C HIS A 3558 41.28 -94.96 0.73
N LEU A 3559 40.19 -94.83 1.48
CA LEU A 3559 40.03 -93.78 2.47
C LEU A 3559 40.71 -94.10 3.81
N GLN A 3560 41.70 -94.98 3.85
CA GLN A 3560 42.46 -95.23 5.06
C GLN A 3560 43.33 -94.02 5.42
N GLY A 3561 43.89 -94.05 6.62
CA GLY A 3561 44.73 -92.97 7.10
C GLY A 3561 46.14 -93.03 6.56
N LYS A 3562 46.94 -92.04 6.96
CA LYS A 3562 48.34 -91.94 6.57
C LYS A 3562 49.22 -92.01 7.81
N VAL A 3563 50.20 -92.92 7.79
CA VAL A 3563 51.08 -93.10 8.92
C VAL A 3563 52.09 -91.95 9.03
N GLU A 3564 52.54 -91.39 7.89
CA GLU A 3564 53.56 -90.34 7.93
C GLU A 3564 53.06 -89.04 8.55
N GLY A 3565 51.85 -88.61 8.18
CA GLY A 3565 51.30 -87.37 8.69
C GLY A 3565 50.81 -87.41 10.12
N SER A 3566 50.64 -88.60 10.67
CA SER A 3566 50.24 -88.78 12.07
C SER A 3566 51.34 -89.56 12.78
N PRO A 3567 52.25 -88.86 13.49
CA PRO A 3567 53.35 -89.56 14.17
C PRO A 3567 52.90 -90.55 15.24
N SER A 3568 51.67 -90.40 15.76
CA SER A 3568 51.12 -91.37 16.69
C SER A 3568 50.98 -92.75 16.04
N LEU A 3569 50.71 -92.77 14.73
CA LEU A 3569 50.56 -94.03 14.01
C LEU A 3569 51.89 -94.73 13.74
N ARG A 3570 53.00 -94.00 13.71
CA ARG A 3570 54.30 -94.57 13.35
C ARG A 3570 54.73 -95.68 14.30
N TRP A 3571 54.72 -95.41 15.60
CA TRP A 3571 55.07 -96.42 16.59
C TRP A 3571 54.00 -97.50 16.70
N GLN A 3572 52.74 -97.12 16.52
CA GLN A 3572 51.65 -98.10 16.55
C GLN A 3572 51.80 -99.10 15.42
N MET A 3573 52.15 -98.64 14.22
CA MET A 3573 52.30 -99.54 13.08
C MET A 3573 53.59 -100.32 13.16
N ALA A 3574 54.65 -99.73 13.72
CA ALA A 3574 55.87 -100.48 13.95
C ALA A 3574 55.64 -101.62 14.93
N LEU A 3575 54.85 -101.39 15.99
CA LEU A 3575 54.48 -102.49 16.87
C LEU A 3575 53.48 -103.44 16.22
N TYR A 3576 52.66 -102.93 15.30
CA TYR A 3576 51.66 -103.75 14.62
C TYR A 3576 52.33 -104.80 13.75
N ARG A 3577 53.27 -104.37 12.89
CA ARG A 3577 54.07 -105.39 12.22
C ARG A 3577 55.11 -106.02 13.15
N GLY A 3578 55.32 -105.46 14.35
CA GLY A 3578 56.12 -106.15 15.35
C GLY A 3578 55.45 -107.38 15.89
N LEU A 3579 54.13 -107.46 15.76
CA LEU A 3579 53.41 -108.64 16.17
C LEU A 3579 53.71 -109.78 15.18
N PRO A 3580 54.17 -110.94 15.67
CA PRO A 3580 54.47 -112.06 14.75
C PRO A 3580 53.28 -112.58 13.97
N GLY A 3581 52.06 -112.42 14.48
CA GLY A 3581 50.88 -112.88 13.80
C GLY A 3581 50.35 -111.99 12.71
N ARG A 3582 51.03 -110.88 12.42
CA ARG A 3582 50.57 -109.93 11.41
C ARG A 3582 51.35 -110.16 10.11
N GLU A 3583 50.65 -110.65 9.10
CA GLU A 3583 51.19 -110.79 7.75
C GLU A 3583 50.75 -109.60 6.93
N GLU A 3584 51.63 -109.14 6.03
CA GLU A 3584 51.32 -107.99 5.18
C GLU A 3584 50.21 -108.28 4.18
N ASP A 3585 49.89 -109.54 3.92
CA ASP A 3585 48.79 -109.92 3.04
C ASP A 3585 47.49 -110.21 3.78
N ALA A 3586 47.48 -110.04 5.11
CA ALA A 3586 46.29 -110.36 5.88
C ALA A 3586 45.18 -109.33 5.70
N ASP A 3587 45.54 -108.08 5.42
CA ASP A 3587 44.55 -107.01 5.26
C ASP A 3587 44.08 -106.87 3.81
N ASP A 3588 43.58 -107.97 3.25
CA ASP A 3588 43.03 -107.96 1.90
C ASP A 3588 41.70 -107.19 1.91
N PRO A 3589 41.31 -106.58 0.75
CA PRO A 3589 40.07 -105.78 0.73
C PRO A 3589 38.82 -106.53 1.14
N GLU A 3590 38.71 -107.81 0.77
CA GLU A 3590 37.55 -108.60 1.12
C GLU A 3590 37.50 -108.88 2.61
N LYS A 3591 38.66 -109.05 3.26
CA LYS A 3591 38.64 -109.37 4.68
C LYS A 3591 38.45 -108.11 5.50
N ILE A 3592 39.03 -106.99 5.06
CA ILE A 3592 38.92 -105.76 5.83
C ILE A 3592 37.49 -105.25 5.83
N VAL A 3593 36.78 -105.32 4.68
CA VAL A 3593 35.42 -104.77 4.67
C VAL A 3593 34.48 -105.54 5.61
N ARG A 3594 34.68 -106.86 5.72
CA ARG A 3594 33.90 -107.68 6.64
C ARG A 3594 34.24 -107.37 8.09
N ARG A 3595 35.54 -107.28 8.41
CA ARG A 3595 35.91 -107.06 9.81
C ARG A 3595 35.60 -105.63 10.24
N VAL A 3596 35.78 -104.66 9.33
CA VAL A 3596 35.47 -103.25 9.62
C VAL A 3596 33.98 -103.09 9.88
N GLN A 3597 33.14 -103.71 9.03
CA GLN A 3597 31.70 -103.62 9.22
C GLN A 3597 31.28 -104.27 10.53
N GLU A 3598 31.87 -105.42 10.88
CA GLU A 3598 31.46 -106.12 12.10
C GLU A 3598 31.86 -105.35 13.35
N VAL A 3599 33.10 -104.88 13.41
CA VAL A 3599 33.57 -104.15 14.60
C VAL A 3599 32.85 -102.81 14.71
N SER A 3600 32.57 -102.16 13.57
CA SER A 3600 31.91 -100.88 13.61
C SER A 3600 30.46 -101.03 14.04
N ALA A 3601 29.77 -102.08 13.56
CA ALA A 3601 28.40 -102.32 13.99
C ALA A 3601 28.31 -102.57 15.49
N VAL A 3602 29.31 -103.31 16.03
CA VAL A 3602 29.38 -103.51 17.47
C VAL A 3602 29.63 -102.19 18.19
N LEU A 3603 30.63 -101.43 17.76
CA LEU A 3603 31.03 -100.23 18.50
C LEU A 3603 29.94 -99.17 18.39
N TYR A 3604 29.27 -99.10 17.23
CA TYR A 3604 28.15 -98.19 17.04
C TYR A 3604 27.02 -98.49 18.00
N HIS A 3605 26.67 -99.78 18.17
CA HIS A 3605 25.58 -100.06 19.09
C HIS A 3605 26.01 -100.06 20.55
N LEU A 3606 27.33 -100.09 20.81
CA LEU A 3606 27.83 -99.94 22.18
C LEU A 3606 27.42 -98.61 22.78
N GLU A 3607 27.69 -97.50 22.08
CA GLU A 3607 27.27 -96.20 22.60
C GLU A 3607 25.76 -96.03 22.59
N GLN A 3608 25.05 -96.81 21.76
CA GLN A 3608 23.60 -96.76 21.72
C GLN A 3608 23.03 -97.32 23.01
N THR A 3609 23.69 -98.33 23.58
CA THR A 3609 23.15 -98.94 24.78
C THR A 3609 23.76 -98.37 26.06
N GLU A 3610 25.04 -97.96 26.05
CA GLU A 3610 25.62 -97.36 27.25
C GLU A 3610 25.18 -95.92 27.45
N HIS A 3611 24.70 -95.24 26.39
CA HIS A 3611 24.17 -93.87 26.50
C HIS A 3611 22.75 -93.83 25.95
N PRO A 3612 21.76 -94.29 26.74
CA PRO A 3612 20.36 -94.19 26.29
C PRO A 3612 19.84 -92.76 26.13
N TYR A 3613 20.16 -91.84 27.07
CA TYR A 3613 19.82 -90.40 27.04
C TYR A 3613 18.29 -90.19 26.91
N LYS A 3614 17.53 -91.03 27.64
CA LYS A 3614 16.07 -91.01 27.57
C LYS A 3614 15.47 -89.69 28.04
N SER A 3615 16.03 -89.11 29.13
CA SER A 3615 15.58 -87.93 29.87
C SER A 3615 15.08 -86.72 29.06
N LYS A 3616 14.40 -85.77 29.74
CA LYS A 3616 13.86 -84.49 29.25
C LYS A 3616 12.51 -84.70 28.58
N LYS A 3617 11.76 -85.70 29.04
CA LYS A 3617 10.43 -85.99 28.52
C LYS A 3617 9.32 -85.81 29.56
N ALA A 3618 9.46 -86.40 30.74
CA ALA A 3618 8.43 -86.26 31.78
C ALA A 3618 9.10 -85.77 33.07
N VAL A 3619 9.18 -84.45 33.21
CA VAL A 3619 9.84 -83.79 34.33
C VAL A 3619 8.76 -83.22 35.24
N TRP A 3620 8.99 -83.28 36.56
CA TRP A 3620 8.13 -82.74 37.59
C TRP A 3620 7.82 -81.26 37.36
N HIS A 3621 6.52 -80.94 37.22
CA HIS A 3621 6.13 -79.58 36.87
C HIS A 3621 4.94 -79.09 37.70
N LYS A 3622 4.52 -79.83 38.73
CA LYS A 3622 3.41 -79.53 39.64
C LYS A 3622 2.13 -79.07 38.91
N LEU A 3623 1.60 -80.01 38.11
CA LEU A 3623 0.38 -79.80 37.34
C LEU A 3623 -0.79 -79.40 38.21
N LEU A 3624 -1.21 -80.28 39.13
CA LEU A 3624 -2.23 -79.94 40.10
C LEU A 3624 -1.92 -80.49 41.49
N SER A 3625 -0.71 -81.00 41.72
CA SER A 3625 -0.37 -81.60 43.01
C SER A 3625 -0.37 -80.56 44.13
N LYS A 3626 0.21 -79.39 43.88
CA LYS A 3626 0.32 -78.35 44.89
C LYS A 3626 -0.93 -77.51 45.02
N GLN A 3627 -1.93 -77.71 44.17
CA GLN A 3627 -3.12 -76.88 44.20
C GLN A 3627 -4.41 -77.64 44.46
N ARG A 3628 -4.60 -78.82 43.85
CA ARG A 3628 -5.88 -79.50 43.97
C ARG A 3628 -5.73 -81.01 44.16
N ARG A 3629 -4.68 -81.47 44.86
CA ARG A 3629 -4.62 -82.88 45.23
C ARG A 3629 -5.66 -83.23 46.31
N ARG A 3630 -6.18 -82.23 47.03
CA ARG A 3630 -7.26 -82.48 48.00
C ARG A 3630 -8.51 -82.98 47.30
N ALA A 3631 -8.71 -82.56 46.04
CA ALA A 3631 -9.89 -82.97 45.29
C ALA A 3631 -9.83 -84.45 44.99
N VAL A 3632 -8.70 -84.92 44.41
CA VAL A 3632 -8.60 -86.33 44.03
C VAL A 3632 -8.59 -87.22 45.26
N VAL A 3633 -8.04 -86.72 46.38
CA VAL A 3633 -8.10 -87.46 47.64
C VAL A 3633 -9.54 -87.64 48.10
N ALA A 3634 -10.34 -86.57 48.02
CA ALA A 3634 -11.72 -86.67 48.47
C ALA A 3634 -12.65 -87.40 47.51
N CYS A 3635 -12.34 -87.41 46.21
CA CYS A 3635 -13.25 -87.92 45.19
C CYS A 3635 -13.62 -89.39 45.38
N PHE A 3636 -12.62 -90.25 45.62
CA PHE A 3636 -12.89 -91.67 45.79
C PHE A 3636 -13.59 -91.97 47.12
N ARG A 3637 -13.38 -91.15 48.13
CA ARG A 3637 -13.98 -91.34 49.45
C ARG A 3637 -15.27 -90.55 49.60
N MET A 3638 -15.68 -89.84 48.55
CA MET A 3638 -16.83 -88.95 48.58
C MET A 3638 -18.11 -89.77 48.48
N THR A 3639 -19.08 -89.46 49.36
CA THR A 3639 -20.23 -90.32 49.59
C THR A 3639 -21.20 -90.29 48.41
N PRO A 3640 -21.81 -91.43 48.05
CA PRO A 3640 -22.75 -91.44 46.91
C PRO A 3640 -24.03 -90.67 47.17
N LEU A 3641 -24.89 -90.61 46.15
CA LEU A 3641 -26.07 -89.75 46.23
C LEU A 3641 -27.14 -90.32 47.17
N TYR A 3642 -27.31 -91.64 47.18
CA TYR A 3642 -28.36 -92.26 47.97
C TYR A 3642 -28.15 -92.11 49.48
N ASN A 3643 -26.93 -91.78 49.91
CA ASN A 3643 -26.65 -91.58 51.33
C ASN A 3643 -27.01 -90.19 51.84
N LEU A 3644 -27.36 -89.26 50.95
CA LEU A 3644 -27.72 -87.92 51.38
C LEU A 3644 -29.11 -87.90 52.03
N PRO A 3645 -29.31 -87.04 53.04
CA PRO A 3645 -30.65 -86.89 53.62
C PRO A 3645 -31.63 -86.36 52.59
N THR A 3646 -32.89 -86.73 52.76
CA THR A 3646 -33.93 -86.37 51.79
C THR A 3646 -34.12 -84.86 51.68
N HIS A 3647 -34.15 -84.16 52.82
CA HIS A 3647 -34.33 -82.71 52.81
C HIS A 3647 -33.14 -81.99 52.16
N ARG A 3648 -31.91 -82.45 52.46
CA ARG A 3648 -30.73 -81.86 51.85
C ARG A 3648 -30.74 -82.11 50.35
N ALA A 3649 -31.06 -83.33 49.93
CA ALA A 3649 -31.04 -83.68 48.52
C ALA A 3649 -32.09 -82.88 47.76
N CYS A 3650 -33.26 -82.67 48.36
CA CYS A 3650 -34.30 -81.86 47.73
C CYS A 3650 -33.87 -80.41 47.60
N ASN A 3651 -33.03 -79.93 48.53
CA ASN A 3651 -32.67 -78.50 48.51
C ASN A 3651 -31.89 -78.16 47.24
N MET A 3652 -30.81 -78.90 46.95
CA MET A 3652 -30.10 -78.62 45.72
C MET A 3652 -30.80 -79.23 44.51
N PHE A 3653 -31.75 -80.16 44.71
CA PHE A 3653 -32.56 -80.65 43.60
C PHE A 3653 -33.41 -79.54 43.00
N LEU A 3654 -34.00 -78.71 43.87
CA LEU A 3654 -34.86 -77.63 43.37
C LEU A 3654 -34.06 -76.63 42.53
N GLU A 3655 -32.89 -76.21 43.03
CA GLU A 3655 -32.10 -75.24 42.29
C GLU A 3655 -31.56 -75.84 40.99
N SER A 3656 -31.34 -77.16 40.96
CA SER A 3656 -30.93 -77.76 39.70
C SER A 3656 -32.11 -77.85 38.74
N TYR A 3657 -33.31 -78.12 39.27
CA TYR A 3657 -34.49 -78.22 38.42
C TYR A 3657 -34.81 -76.88 37.77
N LYS A 3658 -34.75 -75.79 38.54
CA LYS A 3658 -35.02 -74.47 37.96
C LYS A 3658 -33.93 -74.09 36.97
N ALA A 3659 -32.67 -74.45 37.27
CA ALA A 3659 -31.57 -74.06 36.40
C ALA A 3659 -31.58 -74.85 35.09
N ALA A 3660 -32.12 -76.07 35.09
CA ALA A 3660 -32.06 -76.92 33.91
C ALA A 3660 -33.37 -77.07 33.16
N TRP A 3661 -34.51 -76.80 33.80
CA TRP A 3661 -35.81 -76.98 33.17
C TRP A 3661 -36.67 -75.73 33.09
N ILE A 3662 -36.57 -74.84 34.07
CA ILE A 3662 -37.44 -73.66 34.11
C ILE A 3662 -36.77 -72.46 33.45
N LEU A 3663 -35.51 -72.23 33.76
CA LEU A 3663 -34.75 -71.16 33.09
C LEU A 3663 -34.63 -71.44 31.59
N THR A 3664 -34.39 -72.70 31.23
CA THR A 3664 -34.34 -73.07 29.82
C THR A 3664 -35.68 -72.91 29.11
N GLU A 3665 -36.79 -73.06 29.84
CA GLU A 3665 -38.12 -72.88 29.25
C GLU A 3665 -38.32 -71.44 28.79
N ASP A 3666 -38.97 -71.28 27.64
CA ASP A 3666 -39.24 -69.97 27.05
C ASP A 3666 -40.75 -69.78 26.90
N HIS A 3667 -41.24 -68.61 27.30
CA HIS A 3667 -42.66 -68.28 27.18
C HIS A 3667 -42.80 -66.97 26.42
N SER A 3668 -43.55 -67.01 25.32
CA SER A 3668 -43.76 -65.84 24.44
C SER A 3668 -45.13 -65.25 24.72
N PHE A 3669 -45.18 -64.28 25.63
CA PHE A 3669 -46.41 -63.61 26.01
C PHE A 3669 -46.36 -62.09 25.86
N GLU A 3670 -45.19 -61.54 25.52
CA GLU A 3670 -45.01 -60.09 25.50
C GLU A 3670 -45.87 -59.42 24.43
N ASP A 3671 -45.91 -60.01 23.23
CA ASP A 3671 -46.67 -59.42 22.15
C ASP A 3671 -48.15 -59.50 22.45
N ARG A 3672 -48.60 -60.62 23.03
CA ARG A 3672 -50.01 -60.77 23.35
C ARG A 3672 -50.41 -59.79 24.43
N MET A 3673 -49.48 -59.47 25.35
CA MET A 3673 -49.76 -58.44 26.35
C MET A 3673 -49.96 -57.09 25.71
N ILE A 3674 -49.07 -56.72 24.78
CA ILE A 3674 -49.18 -55.39 24.16
C ILE A 3674 -50.44 -55.33 23.32
N ASP A 3675 -50.81 -56.46 22.68
CA ASP A 3675 -52.03 -56.52 21.89
C ASP A 3675 -53.25 -56.28 22.77
N ASP A 3676 -53.27 -56.90 23.96
CA ASP A 3676 -54.39 -56.70 24.87
C ASP A 3676 -54.45 -55.26 25.36
N LEU A 3677 -53.31 -54.69 25.74
CA LEU A 3677 -53.28 -53.34 26.29
C LEU A 3677 -53.51 -52.26 25.23
N SER A 3678 -53.39 -52.61 23.95
CA SER A 3678 -53.53 -51.64 22.89
C SER A 3678 -54.95 -51.54 22.33
N LYS A 3679 -55.91 -52.26 22.89
CA LYS A 3679 -57.28 -52.25 22.39
C LYS A 3679 -58.15 -51.42 23.33
N ALA A 3680 -58.54 -50.24 22.86
CA ALA A 3680 -59.53 -49.42 23.56
C ALA A 3680 -60.92 -49.67 22.99
N GLY A 3681 -61.35 -50.93 23.09
CA GLY A 3681 -62.58 -51.38 22.49
C GLY A 3681 -63.68 -51.59 23.52
N GLU A 3682 -64.89 -51.79 23.00
CA GLU A 3682 -66.15 -52.09 23.70
C GLU A 3682 -66.50 -51.09 24.82
N GLN A 3683 -65.90 -49.90 24.84
CA GLN A 3683 -66.40 -48.83 25.68
C GLN A 3683 -66.99 -47.68 24.87
N GLU A 3684 -67.05 -47.84 23.54
CA GLU A 3684 -67.53 -46.79 22.65
C GLU A 3684 -69.04 -46.87 22.37
N GLU A 3685 -69.82 -47.43 23.30
CA GLU A 3685 -71.26 -47.52 23.13
C GLU A 3685 -71.97 -46.17 23.11
N GLU A 3686 -71.36 -45.12 23.67
CA GLU A 3686 -71.98 -43.80 23.69
C GLU A 3686 -71.50 -42.88 22.57
N GLU A 3687 -70.30 -43.11 22.03
CA GLU A 3687 -69.62 -42.34 20.96
C GLU A 3687 -69.81 -40.82 21.05
N GLU A 3688 -69.40 -40.27 22.21
CA GLU A 3688 -69.48 -38.83 22.47
C GLU A 3688 -68.74 -38.00 21.42
N GLU A 3689 -69.35 -36.86 21.07
CA GLU A 3689 -68.81 -35.93 20.09
C GLU A 3689 -67.48 -35.32 20.52
N VAL A 3690 -67.33 -35.04 21.82
CA VAL A 3690 -66.17 -34.31 22.36
C VAL A 3690 -64.86 -35.06 22.09
N GLU A 3691 -64.89 -36.40 22.25
CA GLU A 3691 -63.79 -37.31 21.83
C GLU A 3691 -62.44 -36.96 22.45
N GLU A 3692 -62.44 -36.60 23.74
CA GLU A 3692 -61.24 -36.34 24.55
C GLU A 3692 -60.12 -37.40 24.51
N LYS A 3693 -60.38 -38.54 23.86
CA LYS A 3693 -59.49 -39.68 23.64
C LYS A 3693 -58.78 -40.15 24.92
N LYS A 3694 -59.61 -40.63 25.85
CA LYS A 3694 -59.11 -41.14 27.13
C LYS A 3694 -58.10 -42.26 26.88
N PRO A 3695 -56.99 -42.29 27.60
CA PRO A 3695 -55.91 -43.23 27.27
C PRO A 3695 -56.32 -44.69 27.35
N ASP A 3696 -55.87 -45.45 26.35
CA ASP A 3696 -55.98 -46.88 26.36
C ASP A 3696 -54.99 -47.47 27.39
N PRO A 3697 -55.20 -48.74 27.83
CA PRO A 3697 -54.39 -49.30 28.94
C PRO A 3697 -52.89 -49.20 28.74
N LEU A 3698 -52.40 -49.40 27.51
CA LEU A 3698 -50.97 -49.27 27.26
C LEU A 3698 -50.49 -47.85 27.49
N HIS A 3699 -51.31 -46.86 27.08
CA HIS A 3699 -50.95 -45.46 27.30
C HIS A 3699 -50.91 -45.12 28.79
N GLN A 3700 -51.71 -45.84 29.58
CA GLN A 3700 -51.73 -45.54 31.01
C GLN A 3700 -50.43 -45.97 31.69
N LEU A 3701 -49.77 -47.00 31.14
CA LEU A 3701 -48.47 -47.42 31.66
C LEU A 3701 -47.45 -46.31 31.48
N VAL A 3702 -47.38 -45.78 30.26
CA VAL A 3702 -46.39 -44.76 29.92
C VAL A 3702 -46.63 -43.50 30.74
N LEU A 3703 -47.90 -43.09 30.89
CA LEU A 3703 -48.21 -41.91 31.70
C LEU A 3703 -47.84 -42.12 33.17
N HIS A 3704 -48.06 -43.32 33.69
CA HIS A 3704 -47.69 -43.59 35.08
C HIS A 3704 -46.18 -43.67 35.25
N PHE A 3705 -45.48 -44.22 34.26
CA PHE A 3705 -44.03 -44.26 34.37
C PHE A 3705 -43.41 -42.90 34.10
N SER A 3706 -44.15 -42.02 33.42
CA SER A 3706 -43.64 -40.69 33.18
C SER A 3706 -43.74 -39.84 34.42
N ARG A 3707 -44.84 -39.98 35.18
CA ARG A 3707 -44.97 -39.14 36.36
C ARG A 3707 -44.00 -39.56 37.47
N THR A 3708 -43.75 -40.86 37.63
CA THR A 3708 -42.79 -41.34 38.61
C THR A 3708 -41.35 -40.98 38.26
N ALA A 3709 -41.08 -40.60 37.02
CA ALA A 3709 -39.77 -40.10 36.63
C ALA A 3709 -39.70 -38.59 36.63
N LEU A 3710 -40.83 -37.91 36.45
CA LEU A 3710 -40.85 -36.47 36.54
C LEU A 3710 -40.98 -35.96 37.96
N THR A 3711 -41.34 -36.83 38.91
CA THR A 3711 -41.42 -36.40 40.29
C THR A 3711 -40.02 -36.12 40.84
N GLU A 3712 -39.96 -35.27 41.86
CA GLU A 3712 -38.69 -34.76 42.36
C GLU A 3712 -38.18 -35.66 43.49
N LYS A 3713 -37.10 -36.38 43.21
CA LYS A 3713 -36.43 -37.23 44.18
C LYS A 3713 -34.94 -37.02 44.05
N SER A 3714 -34.23 -37.07 45.18
CA SER A 3714 -32.78 -36.95 45.16
C SER A 3714 -32.14 -38.15 44.47
N LYS A 3715 -32.64 -39.35 44.74
CA LYS A 3715 -32.13 -40.56 44.12
C LYS A 3715 -33.30 -41.30 43.49
N LEU A 3716 -33.09 -41.82 42.29
CA LEU A 3716 -34.12 -42.58 41.60
C LEU A 3716 -33.98 -44.05 41.96
N ASP A 3717 -35.05 -44.63 42.49
CA ASP A 3717 -35.03 -45.97 43.04
C ASP A 3717 -35.40 -47.03 42.00
N GLU A 3718 -35.15 -48.29 42.35
CA GLU A 3718 -35.45 -49.39 41.46
C GLU A 3718 -36.89 -49.86 41.64
N ASP A 3719 -37.61 -49.96 40.53
CA ASP A 3719 -38.96 -50.48 40.51
C ASP A 3719 -38.98 -51.79 39.73
N TYR A 3720 -39.28 -52.89 40.43
CA TYR A 3720 -39.36 -54.20 39.77
C TYR A 3720 -40.45 -54.21 38.70
N LEU A 3721 -41.54 -53.49 38.95
CA LEU A 3721 -42.61 -53.40 37.97
C LEU A 3721 -42.13 -52.67 36.73
N TYR A 3722 -41.37 -51.58 36.91
CA TYR A 3722 -40.83 -50.89 35.75
C TYR A 3722 -39.80 -51.74 35.03
N MET A 3723 -39.07 -52.59 35.76
CA MET A 3723 -38.15 -53.55 35.15
C MET A 3723 -38.90 -54.47 34.22
N ALA A 3724 -40.00 -55.04 34.72
CA ALA A 3724 -40.73 -56.06 33.99
C ALA A 3724 -41.42 -55.45 32.78
N TYR A 3725 -42.12 -54.34 32.98
CA TYR A 3725 -42.92 -53.77 31.90
C TYR A 3725 -42.03 -53.15 30.83
N ALA A 3726 -40.90 -52.53 31.23
CA ALA A 3726 -39.93 -52.04 30.26
C ALA A 3726 -39.30 -53.16 29.46
N ASP A 3727 -38.94 -54.28 30.11
CA ASP A 3727 -38.40 -55.42 29.37
C ASP A 3727 -39.44 -56.06 28.45
N ILE A 3728 -40.69 -56.15 28.89
CA ILE A 3728 -41.76 -56.68 28.07
C ILE A 3728 -41.99 -55.81 26.84
N MET A 3729 -42.00 -54.49 27.04
CA MET A 3729 -42.16 -53.56 25.94
C MET A 3729 -40.98 -53.65 24.99
N ALA A 3730 -39.76 -53.82 25.54
CA ALA A 3730 -38.57 -53.86 24.70
C ALA A 3730 -38.59 -55.10 23.83
N LYS A 3731 -38.82 -56.27 24.42
CA LYS A 3731 -38.75 -57.50 23.65
C LYS A 3731 -40.08 -57.84 22.99
N SER A 3732 -41.03 -56.90 22.96
CA SER A 3732 -42.25 -57.08 22.19
C SER A 3732 -42.20 -56.31 20.88
N CYS A 3733 -41.01 -55.93 20.41
CA CYS A 3733 -40.87 -55.11 19.22
C CYS A 3733 -40.16 -55.81 18.07
N HIS A 3734 -38.98 -56.40 18.32
CA HIS A 3734 -38.19 -56.96 17.23
C HIS A 3734 -38.84 -58.20 16.63
N LEU A 3735 -39.08 -59.23 17.46
CA LEU A 3735 -39.62 -60.54 17.06
C LEU A 3735 -38.80 -61.17 15.93
N GLU A 3736 -37.49 -61.02 16.02
CA GLU A 3736 -36.57 -61.52 15.00
C GLU A 3736 -35.16 -61.70 15.56
N VAL A 3749 -31.12 -68.35 1.62
CA VAL A 3749 -30.80 -67.12 2.34
C VAL A 3749 -31.02 -65.90 1.42
N GLU A 3750 -31.36 -66.15 0.17
CA GLU A 3750 -31.59 -65.07 -0.79
C GLU A 3750 -33.05 -64.60 -0.77
N VAL A 3751 -33.41 -64.06 0.39
CA VAL A 3751 -34.74 -63.49 0.60
C VAL A 3751 -34.89 -62.20 -0.21
N SER A 3752 -36.00 -62.10 -0.92
CA SER A 3752 -36.16 -60.99 -1.84
C SER A 3752 -36.76 -59.78 -1.11
N PHE A 3753 -36.50 -58.61 -1.68
CA PHE A 3753 -36.90 -57.37 -1.01
C PHE A 3753 -38.40 -57.13 -1.01
N GLU A 3754 -39.16 -57.87 -1.83
CA GLU A 3754 -40.61 -57.67 -1.88
C GLU A 3754 -41.29 -58.22 -0.63
N GLU A 3755 -40.76 -59.28 -0.05
CA GLU A 3755 -41.26 -59.73 1.24
C GLU A 3755 -40.37 -59.25 2.36
N LYS A 3756 -39.17 -58.78 2.04
CA LYS A 3756 -38.30 -58.16 3.05
C LYS A 3756 -38.92 -56.88 3.62
N GLU A 3757 -39.57 -56.06 2.77
CA GLU A 3757 -40.18 -54.86 3.34
C GLU A 3757 -41.36 -55.14 4.27
N MET A 3758 -41.87 -56.38 4.29
CA MET A 3758 -43.00 -56.72 5.15
C MET A 3758 -42.57 -56.67 6.60
N GLU A 3759 -41.43 -57.30 6.94
CA GLU A 3759 -41.01 -57.32 8.34
C GLU A 3759 -40.68 -55.91 8.81
N LYS A 3760 -40.05 -55.10 7.95
CA LYS A 3760 -39.75 -53.72 8.33
C LYS A 3760 -41.01 -52.92 8.61
N GLN A 3761 -41.98 -52.91 7.69
CA GLN A 3761 -43.21 -52.15 7.94
C GLN A 3761 -44.05 -52.72 9.08
N ARG A 3762 -43.88 -54.00 9.41
CA ARG A 3762 -44.47 -54.54 10.62
C ARG A 3762 -43.72 -54.10 11.86
N LEU A 3763 -42.39 -54.04 11.79
CA LEU A 3763 -41.62 -53.54 12.91
C LEU A 3763 -41.93 -52.08 13.17
N LEU A 3764 -42.04 -51.29 12.09
CA LEU A 3764 -42.44 -49.88 12.22
C LEU A 3764 -43.82 -49.76 12.83
N TYR A 3765 -44.73 -50.69 12.53
CA TYR A 3765 -46.04 -50.69 13.17
C TYR A 3765 -45.91 -50.96 14.66
N GLN A 3766 -45.09 -51.94 15.02
CA GLN A 3766 -44.89 -52.30 16.43
C GLN A 3766 -44.25 -51.17 17.22
N GLN A 3767 -43.26 -50.49 16.65
CA GLN A 3767 -42.71 -49.30 17.31
C GLN A 3767 -43.71 -48.16 17.35
N SER A 3768 -44.54 -48.02 16.30
CA SER A 3768 -45.57 -46.99 16.30
C SER A 3768 -46.57 -47.22 17.41
N ARG A 3769 -46.84 -48.50 17.72
CA ARG A 3769 -47.76 -48.87 18.80
C ARG A 3769 -47.28 -48.34 20.15
N LEU A 3770 -45.97 -48.14 20.30
CA LEU A 3770 -45.41 -47.66 21.55
C LEU A 3770 -45.20 -46.16 21.52
N HIS A 3771 -44.46 -45.65 20.51
CA HIS A 3771 -44.09 -44.24 20.51
C HIS A 3771 -45.28 -43.34 20.27
N THR A 3772 -46.40 -43.85 19.73
CA THR A 3772 -47.57 -42.99 19.59
C THR A 3772 -48.20 -42.66 20.94
N ARG A 3773 -47.79 -43.33 22.01
CA ARG A 3773 -48.34 -43.12 23.33
C ARG A 3773 -47.36 -42.44 24.28
N GLY A 3774 -46.38 -41.70 23.75
CA GLY A 3774 -45.46 -41.00 24.61
C GLY A 3774 -44.29 -41.78 25.16
N ALA A 3775 -44.09 -43.03 24.74
CA ALA A 3775 -43.00 -43.85 25.27
C ALA A 3775 -41.62 -43.29 24.96
N ALA A 3776 -41.49 -42.54 23.86
CA ALA A 3776 -40.21 -41.92 23.53
C ALA A 3776 -39.84 -40.87 24.57
N GLU A 3777 -40.81 -40.06 24.97
CA GLU A 3777 -40.53 -39.04 25.96
C GLU A 3777 -40.39 -39.67 27.34
N MET A 3778 -41.09 -40.79 27.58
CA MET A 3778 -40.94 -41.47 28.86
C MET A 3778 -39.51 -41.99 29.02
N VAL A 3779 -38.95 -42.53 27.93
CA VAL A 3779 -37.55 -42.97 27.94
C VAL A 3779 -36.62 -41.78 28.16
N LEU A 3780 -36.91 -40.65 27.49
CA LEU A 3780 -36.09 -39.45 27.65
C LEU A 3780 -36.10 -38.95 29.08
N GLN A 3781 -37.28 -38.96 29.70
CA GLN A 3781 -37.42 -38.52 31.08
C GLN A 3781 -36.66 -39.44 32.01
N MET A 3782 -36.78 -40.76 31.81
CA MET A 3782 -36.12 -41.70 32.70
C MET A 3782 -34.60 -41.60 32.60
N ILE A 3783 -34.08 -41.40 31.38
CA ILE A 3783 -32.65 -41.18 31.20
C ILE A 3783 -32.21 -39.87 31.87
N SER A 3784 -33.02 -38.81 31.74
CA SER A 3784 -32.63 -37.57 32.40
C SER A 3784 -32.85 -37.63 33.91
N ALA A 3785 -33.62 -38.60 34.38
CA ALA A 3785 -33.95 -38.73 35.79
C ALA A 3785 -33.04 -39.69 36.54
N CYS A 3786 -32.31 -40.56 35.84
CA CYS A 3786 -31.41 -41.48 36.54
C CYS A 3786 -30.21 -40.79 37.18
N LYS A 3787 -29.97 -39.50 36.85
CA LYS A 3787 -28.96 -38.64 37.47
C LYS A 3787 -27.54 -39.14 37.29
N GLY A 3788 -27.29 -40.00 36.31
CA GLY A 3788 -25.97 -40.51 36.10
C GLY A 3788 -25.61 -41.72 36.93
N GLU A 3789 -26.59 -42.35 37.57
CA GLU A 3789 -26.35 -43.51 38.42
C GLU A 3789 -26.65 -44.76 37.60
N THR A 3790 -25.63 -45.55 37.31
CA THR A 3790 -25.81 -46.75 36.51
C THR A 3790 -26.53 -47.83 37.30
N GLY A 3791 -27.27 -48.66 36.58
CA GLY A 3791 -28.00 -49.74 37.23
C GLY A 3791 -28.86 -50.49 36.24
N ALA A 3792 -29.60 -51.46 36.79
CA ALA A 3792 -30.51 -52.25 35.96
C ALA A 3792 -31.66 -51.42 35.44
N MET A 3793 -32.00 -50.32 36.12
CA MET A 3793 -33.09 -49.47 35.68
C MET A 3793 -32.70 -48.77 34.39
N VAL A 3794 -31.53 -48.13 34.39
CA VAL A 3794 -31.14 -47.36 33.22
C VAL A 3794 -30.77 -48.31 32.09
N SER A 3795 -30.25 -49.50 32.43
CA SER A 3795 -29.97 -50.50 31.39
C SER A 3795 -31.24 -50.96 30.70
N SER A 3796 -32.32 -51.18 31.48
CA SER A 3796 -33.60 -51.56 30.89
C SER A 3796 -34.20 -50.41 30.09
N THR A 3797 -33.94 -49.17 30.52
CA THR A 3797 -34.43 -48.02 29.78
C THR A 3797 -33.73 -47.91 28.43
N LEU A 3798 -32.40 -48.06 28.42
CA LEU A 3798 -31.66 -48.03 27.17
C LEU A 3798 -32.05 -49.18 26.26
N LYS A 3799 -32.35 -50.35 26.85
CA LYS A 3799 -32.82 -51.49 26.09
C LYS A 3799 -34.13 -51.19 25.38
N LEU A 3800 -35.04 -50.51 26.09
CA LEU A 3800 -36.31 -50.12 25.48
C LEU A 3800 -36.11 -49.06 24.42
N GLY A 3801 -35.24 -48.09 24.69
CA GLY A 3801 -34.96 -47.04 23.71
C GLY A 3801 -34.38 -47.58 22.42
N ILE A 3802 -33.54 -48.62 22.53
CA ILE A 3802 -33.03 -49.25 21.33
C ILE A 3802 -34.13 -50.02 20.63
N SER A 3803 -34.93 -50.77 21.38
CA SER A 3803 -35.98 -51.58 20.77
C SER A 3803 -37.04 -50.72 20.11
N ILE A 3804 -37.22 -49.48 20.57
CA ILE A 3804 -38.15 -48.56 19.92
C ILE A 3804 -37.45 -47.76 18.83
N LEU A 3805 -36.11 -47.80 18.78
CA LEU A 3805 -35.34 -47.05 17.80
C LEU A 3805 -34.65 -47.91 16.78
N ASN A 3806 -35.01 -49.19 16.67
CA ASN A 3806 -34.39 -50.08 15.71
C ASN A 3806 -34.63 -49.60 14.28
N GLY A 3807 -33.58 -49.66 13.47
CA GLY A 3807 -33.61 -49.21 12.10
C GLY A 3807 -33.61 -47.71 11.91
N GLY A 3808 -33.41 -46.94 12.98
CA GLY A 3808 -33.42 -45.50 12.92
C GLY A 3808 -34.76 -44.91 12.54
N ASN A 3809 -35.76 -45.08 13.39
CA ASN A 3809 -37.09 -44.53 13.14
C ASN A 3809 -37.05 -43.01 13.02
N ALA A 3810 -37.59 -42.50 11.90
CA ALA A 3810 -37.50 -41.09 11.59
C ALA A 3810 -38.39 -40.27 12.50
N GLU A 3811 -39.62 -40.71 12.70
CA GLU A 3811 -40.54 -39.94 13.50
C GLU A 3811 -40.22 -40.06 14.98
N VAL A 3812 -39.61 -41.19 15.39
CA VAL A 3812 -39.20 -41.32 16.78
C VAL A 3812 -38.09 -40.32 17.07
N GLN A 3813 -37.08 -40.24 16.18
CA GLN A 3813 -36.03 -39.24 16.37
C GLN A 3813 -36.58 -37.82 16.32
N GLN A 3814 -37.64 -37.61 15.54
CA GLN A 3814 -38.29 -36.30 15.49
C GLN A 3814 -38.91 -35.96 16.84
N LYS A 3815 -39.63 -36.91 17.44
CA LYS A 3815 -40.26 -36.67 18.74
C LYS A 3815 -39.23 -36.45 19.83
N MET A 3816 -38.17 -37.26 19.85
CA MET A 3816 -37.13 -37.13 20.88
C MET A 3816 -36.42 -35.79 20.77
N LEU A 3817 -36.11 -35.37 19.53
CA LEU A 3817 -35.44 -34.08 19.34
C LEU A 3817 -36.35 -32.92 19.71
N ASP A 3818 -37.63 -33.00 19.35
CA ASP A 3818 -38.56 -31.93 19.70
C ASP A 3818 -38.74 -31.83 21.20
N TYR A 3819 -38.84 -32.97 21.89
CA TYR A 3819 -39.01 -32.97 23.33
C TYR A 3819 -37.78 -32.39 24.03
N LEU A 3820 -36.59 -32.64 23.49
CA LEU A 3820 -35.41 -32.03 24.09
C LEU A 3820 -35.37 -30.54 23.80
N LYS A 3821 -35.83 -30.15 22.61
CA LYS A 3821 -35.68 -28.76 22.19
C LYS A 3821 -36.65 -27.88 22.97
N ASP A 3822 -37.86 -28.37 23.25
CA ASP A 3822 -38.77 -27.50 23.96
C ASP A 3822 -38.57 -27.61 25.48
N LYS A 3823 -38.22 -28.78 26.02
CA LYS A 3823 -37.94 -28.88 27.46
C LYS A 3823 -36.72 -28.07 27.86
N LYS A 3824 -35.66 -28.08 27.04
CA LYS A 3824 -34.40 -27.37 27.30
C LYS A 3824 -33.77 -27.77 28.63
N GLU A 3825 -33.83 -29.05 28.97
CA GLU A 3825 -33.24 -29.54 30.21
C GLU A 3825 -31.79 -29.99 30.00
N VAL A 3826 -30.95 -29.70 31.00
CA VAL A 3826 -29.54 -30.03 30.92
C VAL A 3826 -29.25 -31.45 31.44
N GLY A 3827 -30.12 -31.96 32.32
CA GLY A 3827 -29.85 -33.19 33.03
C GLY A 3827 -29.72 -34.40 32.14
N PHE A 3828 -30.30 -34.35 30.94
CA PHE A 3828 -30.26 -35.47 30.02
C PHE A 3828 -28.82 -35.72 29.59
N PHE A 3829 -28.16 -34.68 29.09
CA PHE A 3829 -26.78 -34.85 28.65
C PHE A 3829 -25.84 -34.94 29.84
N GLN A 3830 -26.22 -34.37 30.99
CA GLN A 3830 -25.42 -34.58 32.20
C GLN A 3830 -25.37 -36.06 32.56
N SER A 3831 -26.52 -36.73 32.45
CA SER A 3831 -26.58 -38.16 32.71
C SER A 3831 -25.81 -38.93 31.66
N ILE A 3832 -25.99 -38.59 30.38
CA ILE A 3832 -25.31 -39.32 29.29
C ILE A 3832 -23.80 -39.27 29.47
N GLN A 3833 -23.27 -38.08 29.79
CA GLN A 3833 -21.86 -37.93 30.07
C GLN A 3833 -21.44 -38.73 31.30
N ALA A 3834 -22.26 -38.72 32.36
CA ALA A 3834 -21.89 -39.42 33.59
C ALA A 3834 -21.84 -40.92 33.38
N LEU A 3835 -22.87 -41.49 32.73
CA LEU A 3835 -22.90 -42.93 32.46
C LEU A 3835 -21.74 -43.33 31.57
N MET A 3836 -21.45 -42.53 30.54
CA MET A 3836 -20.41 -42.93 29.61
C MET A 3836 -19.05 -42.87 30.29
N GLN A 3837 -18.83 -41.86 31.14
CA GLN A 3837 -17.56 -41.77 31.88
C GLN A 3837 -17.40 -42.91 32.87
N THR A 3838 -18.50 -43.51 33.34
CA THR A 3838 -18.38 -44.62 34.26
C THR A 3838 -18.16 -45.97 33.58
N CYS A 3839 -18.20 -46.01 32.24
CA CYS A 3839 -17.99 -47.27 31.53
C CYS A 3839 -16.59 -47.82 31.78
N SER A 3840 -16.52 -49.11 32.09
CA SER A 3840 -15.28 -49.76 32.48
C SER A 3840 -14.41 -50.07 31.26
N VAL A 3841 -13.10 -50.11 31.52
CA VAL A 3841 -12.11 -50.47 30.51
C VAL A 3841 -11.37 -51.72 30.97
N LEU A 3842 -10.48 -52.23 30.12
CA LEU A 3842 -9.70 -53.42 30.42
C LEU A 3842 -8.76 -53.17 31.59
N ASP A 3843 -8.60 -54.17 32.46
CA ASP A 3843 -7.78 -54.02 33.66
C ASP A 3843 -6.86 -55.23 33.77
N LEU A 3844 -5.55 -54.96 33.67
CA LEU A 3844 -4.54 -56.01 33.78
C LEU A 3844 -4.51 -56.60 35.18
N ASN A 3845 -4.56 -55.76 36.21
CA ASN A 3845 -4.42 -56.21 37.59
C ASN A 3845 -5.55 -57.16 37.96
N ALA A 3846 -6.77 -56.77 37.59
CA ALA A 3846 -7.94 -57.60 37.81
C ALA A 3846 -7.88 -58.88 37.00
N PHE A 3847 -7.37 -58.80 35.76
CA PHE A 3847 -7.21 -60.00 34.95
C PHE A 3847 -6.22 -60.98 35.58
N GLU A 3848 -5.10 -60.47 36.09
CA GLU A 3848 -4.13 -61.31 36.79
C GLU A 3848 -4.72 -61.93 38.05
N ARG A 3849 -5.51 -61.14 38.81
CA ARG A 3849 -6.18 -61.68 39.98
C ARG A 3849 -7.16 -62.79 39.59
N GLN A 3850 -7.89 -62.60 38.49
CA GLN A 3850 -8.81 -63.63 38.03
C GLN A 3850 -8.06 -64.89 37.61
N ASN A 3851 -6.89 -64.71 36.98
CA ASN A 3851 -6.05 -65.84 36.57
C ASN A 3851 -5.56 -66.63 37.77
N LYS A 3852 -5.18 -65.94 38.85
CA LYS A 3852 -4.83 -66.65 40.08
C LYS A 3852 -6.05 -67.34 40.69
N ALA A 3853 -7.22 -66.69 40.61
CA ALA A 3853 -8.43 -67.29 41.16
C ALA A 3853 -8.79 -68.59 40.44
N GLU A 3854 -8.73 -68.58 39.11
CA GLU A 3854 -9.03 -69.81 38.39
C GLU A 3854 -7.89 -70.82 38.53
N GLY A 3855 -6.67 -70.36 38.83
CA GLY A 3855 -5.60 -71.30 39.12
C GLY A 3855 -5.86 -72.07 40.39
N LEU A 3856 -6.37 -71.37 41.42
CA LEU A 3856 -6.76 -72.05 42.66
C LEU A 3856 -7.98 -72.92 42.44
N GLY A 3857 -8.96 -72.44 41.70
CA GLY A 3857 -10.17 -73.19 41.40
C GLY A 3857 -11.04 -73.53 42.59
N MET A 3858 -11.66 -72.52 43.20
CA MET A 3858 -12.44 -72.70 44.42
C MET A 3858 -13.68 -73.55 44.19
N VAL A 3859 -14.13 -74.22 45.25
CA VAL A 3859 -15.32 -75.05 45.24
C VAL A 3859 -16.17 -74.73 46.47
N ASN A 3860 -17.46 -75.00 46.37
CA ASN A 3860 -18.39 -74.80 47.48
C ASN A 3860 -18.43 -76.05 48.35
N GLU A 3861 -19.37 -76.10 49.29
CA GLU A 3861 -19.45 -77.20 50.25
C GLU A 3861 -20.46 -78.28 49.83
N ASP A 3862 -21.71 -77.89 49.59
CA ASP A 3862 -22.78 -78.82 49.21
C ASP A 3862 -22.59 -79.26 47.75
N GLY A 3863 -21.64 -80.16 47.55
CA GLY A 3863 -21.30 -80.59 46.21
C GLY A 3863 -20.07 -79.85 45.70
N THR A 3864 -20.00 -79.62 44.39
CA THR A 3864 -18.85 -78.93 43.80
C THR A 3864 -19.25 -78.39 42.43
N VAL A 3865 -18.90 -77.13 42.17
CA VAL A 3865 -18.97 -76.55 40.85
C VAL A 3865 -17.56 -76.50 40.28
N ILE A 3866 -17.40 -76.98 39.05
CA ILE A 3866 -16.09 -77.11 38.43
C ILE A 3866 -15.83 -75.86 37.59
N ASN A 3867 -14.76 -75.12 37.96
CA ASN A 3867 -14.36 -73.87 37.30
C ASN A 3867 -15.51 -72.86 37.25
N ARG A 3868 -15.88 -72.41 38.46
CA ARG A 3868 -17.05 -71.57 38.67
C ARG A 3868 -17.01 -70.30 37.83
N GLN A 3869 -18.16 -69.96 37.27
CA GLN A 3869 -18.27 -68.86 36.31
C GLN A 3869 -18.87 -67.60 36.94
N ASN A 3870 -18.48 -67.29 38.17
CA ASN A 3870 -18.89 -66.05 38.85
C ASN A 3870 -18.48 -64.83 38.01
N GLY A 3871 -19.16 -63.70 38.29
CA GLY A 3871 -19.02 -62.49 37.49
C GLY A 3871 -17.59 -61.97 37.31
N GLU A 3872 -17.23 -61.74 36.05
CA GLU A 3872 -15.90 -61.26 35.75
C GLU A 3872 -15.78 -59.79 36.11
N LYS A 3873 -14.68 -59.43 36.76
CA LYS A 3873 -14.48 -58.06 37.19
C LYS A 3873 -13.93 -57.17 36.10
N VAL A 3874 -13.70 -57.70 34.90
CA VAL A 3874 -13.31 -56.92 33.74
C VAL A 3874 -14.41 -57.06 32.70
N MET A 3875 -14.84 -55.92 32.13
CA MET A 3875 -15.96 -55.85 31.19
C MET A 3875 -17.25 -56.42 31.79
N ALA A 3876 -17.50 -56.11 33.06
CA ALA A 3876 -18.75 -56.52 33.69
C ALA A 3876 -19.94 -55.83 33.01
N ASP A 3877 -19.77 -54.55 32.68
CA ASP A 3877 -20.78 -53.76 31.98
C ASP A 3877 -20.53 -53.69 30.49
N ASP A 3878 -19.98 -54.76 29.91
CA ASP A 3878 -19.65 -54.78 28.47
C ASP A 3878 -20.90 -54.61 27.61
N GLU A 3879 -22.00 -55.26 27.96
CA GLU A 3879 -23.24 -55.11 27.22
C GLU A 3879 -23.85 -53.75 27.45
N PHE A 3880 -23.64 -53.17 28.64
CA PHE A 3880 -24.18 -51.85 28.92
C PHE A 3880 -23.40 -50.77 28.16
N THR A 3881 -22.10 -50.98 28.00
CA THR A 3881 -21.31 -50.06 27.20
C THR A 3881 -21.66 -50.22 25.73
N GLN A 3882 -21.97 -51.45 25.31
CA GLN A 3882 -22.38 -51.70 23.93
C GLN A 3882 -23.67 -50.96 23.61
N ASP A 3883 -24.74 -51.28 24.36
CA ASP A 3883 -26.03 -50.71 23.98
C ASP A 3883 -26.15 -49.23 24.30
N LEU A 3884 -25.28 -48.66 25.15
CA LEU A 3884 -25.31 -47.20 25.32
C LEU A 3884 -24.86 -46.50 24.04
N PHE A 3885 -23.78 -46.98 23.44
CA PHE A 3885 -23.33 -46.39 22.19
C PHE A 3885 -24.22 -46.79 21.04
N ARG A 3886 -24.82 -47.98 21.09
CA ARG A 3886 -25.77 -48.36 20.06
C ARG A 3886 -26.98 -47.43 20.08
N PHE A 3887 -27.47 -47.08 21.28
CA PHE A 3887 -28.56 -46.12 21.41
C PHE A 3887 -28.16 -44.76 20.86
N LEU A 3888 -26.94 -44.32 21.16
CA LEU A 3888 -26.46 -43.06 20.61
C LEU A 3888 -26.34 -43.11 19.09
N GLN A 3889 -25.90 -44.25 18.56
CA GLN A 3889 -25.79 -44.41 17.12
C GLN A 3889 -27.16 -44.36 16.46
N LEU A 3890 -28.14 -45.07 17.03
CA LEU A 3890 -29.49 -45.08 16.49
C LEU A 3890 -30.14 -43.71 16.53
N LEU A 3891 -29.74 -42.86 17.50
CA LEU A 3891 -30.29 -41.52 17.54
C LEU A 3891 -29.83 -40.67 16.36
N CYS A 3892 -28.63 -40.91 15.85
CA CYS A 3892 -28.11 -40.15 14.72
C CYS A 3892 -28.23 -40.90 13.41
N GLU A 3893 -28.76 -42.11 13.42
CA GLU A 3893 -28.86 -42.91 12.21
C GLU A 3893 -29.90 -42.32 11.27
N GLY A 3894 -29.74 -42.59 9.98
CA GLY A 3894 -30.59 -42.01 8.96
C GLY A 3894 -30.20 -40.61 8.56
N HIS A 3895 -28.97 -40.19 8.88
CA HIS A 3895 -28.41 -38.88 8.56
C HIS A 3895 -29.25 -37.73 9.12
N ASN A 3896 -29.64 -37.85 10.38
CA ASN A 3896 -30.42 -36.81 11.04
C ASN A 3896 -29.45 -35.70 11.40
N ASN A 3897 -29.21 -34.80 10.44
CA ASN A 3897 -28.23 -33.73 10.61
C ASN A 3897 -28.65 -32.77 11.71
N ASP A 3898 -29.97 -32.57 11.87
CA ASP A 3898 -30.50 -31.69 12.91
C ASP A 3898 -30.12 -32.20 14.28
N PHE A 3899 -30.25 -33.52 14.49
CA PHE A 3899 -29.93 -34.04 15.81
C PHE A 3899 -28.42 -34.14 15.97
N GLN A 3900 -27.71 -34.34 14.84
CA GLN A 3900 -26.25 -34.44 14.89
C GLN A 3900 -25.65 -33.14 15.39
N ASN A 3901 -26.17 -32.01 14.90
CA ASN A 3901 -25.69 -30.74 15.44
C ASN A 3901 -26.13 -30.53 16.87
N TYR A 3902 -27.23 -31.18 17.28
CA TYR A 3902 -27.72 -31.04 18.64
C TYR A 3902 -26.77 -31.70 19.62
N LEU A 3903 -26.21 -32.85 19.23
CA LEU A 3903 -25.25 -33.53 20.10
C LEU A 3903 -24.00 -32.69 20.30
N ARG A 3904 -23.50 -32.09 19.21
CA ARG A 3904 -22.30 -31.27 19.30
C ARG A 3904 -22.54 -30.03 20.16
N THR A 3905 -23.70 -29.39 20.00
CA THR A 3905 -24.01 -28.22 20.80
C THR A 3905 -25.52 -28.07 20.91
N GLN A 3906 -25.95 -27.53 22.04
CA GLN A 3906 -27.36 -27.29 22.29
C GLN A 3906 -27.56 -25.79 22.46
N THR A 3907 -28.06 -25.14 21.40
CA THR A 3907 -28.26 -23.70 21.42
C THR A 3907 -29.30 -23.30 22.46
N GLY A 3908 -30.40 -24.06 22.54
CA GLY A 3908 -31.45 -23.74 23.50
C GLY A 3908 -31.02 -23.92 24.94
N ASN A 3909 -30.20 -24.93 25.20
CA ASN A 3909 -29.78 -25.25 26.56
C ASN A 3909 -28.89 -24.15 27.12
N THR A 3910 -28.95 -23.99 28.45
CA THR A 3910 -28.12 -22.99 29.11
C THR A 3910 -26.65 -23.32 28.97
N THR A 3911 -26.28 -24.59 29.13
CA THR A 3911 -24.91 -25.05 29.00
C THR A 3911 -24.81 -26.13 27.94
N THR A 3912 -23.62 -26.26 27.35
CA THR A 3912 -23.35 -27.19 26.26
C THR A 3912 -22.38 -28.26 26.72
N ILE A 3913 -22.75 -29.53 26.54
CA ILE A 3913 -21.88 -30.67 26.82
C ILE A 3913 -21.59 -31.38 25.51
N ASN A 3914 -20.34 -31.35 25.08
CA ASN A 3914 -19.97 -31.94 23.79
C ASN A 3914 -19.83 -33.45 24.00
N ILE A 3915 -20.88 -34.15 23.58
CA ILE A 3915 -20.93 -35.60 23.67
C ILE A 3915 -19.88 -36.23 22.77
N ILE A 3916 -19.65 -35.62 21.61
CA ILE A 3916 -18.71 -36.15 20.62
C ILE A 3916 -17.29 -36.17 21.19
N ILE A 3917 -16.88 -35.05 21.81
CA ILE A 3917 -15.57 -34.95 22.44
C ILE A 3917 -15.44 -35.94 23.58
N CYS A 3918 -16.49 -36.05 24.41
CA CYS A 3918 -16.45 -37.01 25.51
C CYS A 3918 -16.36 -38.45 24.98
N THR A 3919 -17.02 -38.72 23.85
CA THR A 3919 -16.97 -40.04 23.21
C THR A 3919 -15.55 -40.36 22.76
N VAL A 3920 -14.85 -39.35 22.22
CA VAL A 3920 -13.46 -39.54 21.80
C VAL A 3920 -12.62 -39.86 23.03
N ASP A 3921 -12.91 -39.16 24.14
CA ASP A 3921 -12.11 -39.35 25.36
C ASP A 3921 -12.24 -40.78 25.88
N TYR A 3922 -13.47 -41.31 25.84
CA TYR A 3922 -13.67 -42.69 26.25
C TYR A 3922 -12.95 -43.66 25.31
N LEU A 3923 -13.01 -43.38 24.00
CA LEU A 3923 -12.32 -44.22 23.03
C LEU A 3923 -10.81 -44.23 23.29
N LEU A 3924 -10.27 -43.07 23.65
CA LEU A 3924 -8.87 -42.97 24.07
C LEU A 3924 -8.56 -43.88 25.25
N ARG A 3925 -9.42 -43.87 26.26
CA ARG A 3925 -9.22 -44.73 27.43
C ARG A 3925 -9.26 -46.20 27.05
N LEU A 3926 -10.16 -46.57 26.13
CA LEU A 3926 -10.23 -47.94 25.65
C LEU A 3926 -8.99 -48.29 24.84
N GLN A 3927 -8.46 -47.30 24.12
CA GLN A 3927 -7.24 -47.49 23.34
C GLN A 3927 -6.06 -47.80 24.25
N GLU A 3928 -5.91 -47.07 25.35
CA GLU A 3928 -4.82 -47.35 26.28
C GLU A 3928 -4.97 -48.74 26.88
N SER A 3929 -6.20 -49.11 27.27
CA SER A 3929 -6.40 -50.39 27.91
C SER A 3929 -6.17 -51.56 26.96
N ILE A 3930 -6.58 -51.40 25.69
CA ILE A 3930 -6.30 -52.45 24.71
C ILE A 3930 -4.83 -52.47 24.36
N SER A 3931 -4.13 -51.33 24.44
CA SER A 3931 -2.70 -51.34 24.15
C SER A 3931 -1.95 -52.11 25.22
N ASP A 3932 -2.20 -51.79 26.50
CA ASP A 3932 -1.45 -52.49 27.53
C ASP A 3932 -1.88 -53.95 27.66
N PHE A 3933 -3.04 -54.32 27.11
CA PHE A 3933 -3.42 -55.71 27.24
C PHE A 3933 -2.74 -56.54 26.16
N TYR A 3934 -2.38 -55.89 25.04
CA TYR A 3934 -1.42 -56.51 24.14
C TYR A 3934 -0.06 -56.62 24.79
N TRP A 3935 0.44 -55.51 25.36
CA TRP A 3935 1.79 -55.47 25.93
C TRP A 3935 2.00 -56.51 27.03
N TYR A 3936 0.92 -56.92 27.70
CA TYR A 3936 1.00 -58.07 28.59
C TYR A 3936 1.33 -59.36 27.84
N TYR A 3937 0.72 -59.58 26.68
CA TYR A 3937 0.93 -60.77 25.86
C TYR A 3937 2.02 -60.64 24.81
N SER A 3938 2.65 -59.48 24.68
CA SER A 3938 3.73 -59.29 23.72
C SER A 3938 4.92 -60.19 24.03
N GLY A 3939 5.29 -60.27 25.31
CA GLY A 3939 6.36 -61.18 25.70
C GLY A 3939 5.97 -62.64 25.53
N LYS A 3940 4.70 -62.96 25.80
CA LYS A 3940 4.22 -64.31 25.67
C LYS A 3940 4.02 -64.68 24.21
N ASP A 3941 3.74 -65.96 23.97
CA ASP A 3941 3.62 -66.52 22.62
C ASP A 3941 2.19 -66.81 22.20
N VAL A 3942 1.37 -67.40 23.07
CA VAL A 3942 0.03 -67.82 22.70
C VAL A 3942 -0.96 -67.17 23.67
N ILE A 3943 -2.20 -66.99 23.21
CA ILE A 3943 -3.26 -66.36 23.97
C ILE A 3943 -4.17 -67.43 24.54
N GLU A 3944 -4.42 -67.39 25.85
CA GLU A 3944 -5.23 -68.42 26.48
C GLU A 3944 -6.71 -68.17 26.26
N GLU A 3945 -7.53 -69.01 26.90
CA GLU A 3945 -8.97 -69.02 26.67
C GLU A 3945 -9.64 -67.76 27.21
N GLN A 3946 -9.36 -67.40 28.47
CA GLN A 3946 -10.00 -66.22 29.03
C GLN A 3946 -9.44 -64.96 28.39
N GLY A 3947 -8.19 -65.02 27.95
CA GLY A 3947 -7.56 -63.87 27.32
C GLY A 3947 -8.25 -63.52 26.02
N LYS A 3948 -8.49 -64.54 25.17
CA LYS A 3948 -9.10 -64.23 23.89
C LYS A 3948 -10.55 -63.83 24.06
N ARG A 3949 -11.23 -64.32 25.10
CA ARG A 3949 -12.58 -63.86 25.40
C ARG A 3949 -12.58 -62.40 25.81
N ASN A 3950 -11.52 -61.96 26.52
CA ASN A 3950 -11.43 -60.55 26.90
C ASN A 3950 -11.13 -59.68 25.69
N PHE A 3951 -10.37 -60.21 24.72
CA PHE A 3951 -10.22 -59.51 23.45
C PHE A 3951 -11.56 -59.40 22.76
N SER A 3952 -12.29 -60.50 22.66
CA SER A 3952 -13.49 -60.56 21.82
C SER A 3952 -14.52 -59.55 22.30
N LYS A 3953 -14.74 -59.48 23.62
CA LYS A 3953 -15.73 -58.55 24.14
C LYS A 3953 -15.23 -57.10 24.13
N ALA A 3954 -13.93 -56.87 24.35
CA ALA A 3954 -13.41 -55.51 24.25
C ALA A 3954 -13.47 -54.99 22.82
N MET A 3955 -13.12 -55.84 21.86
CA MET A 3955 -13.19 -55.47 20.45
C MET A 3955 -14.61 -55.24 20.00
N SER A 3956 -15.57 -56.05 20.46
CA SER A 3956 -16.97 -55.81 20.09
C SER A 3956 -17.45 -54.45 20.60
N VAL A 3957 -16.96 -54.04 21.78
CA VAL A 3957 -17.29 -52.70 22.27
C VAL A 3957 -16.62 -51.63 21.40
N ALA A 3958 -15.37 -51.88 21.00
CA ALA A 3958 -14.65 -50.93 20.15
C ALA A 3958 -15.33 -50.76 18.79
N LYS A 3959 -15.85 -51.86 18.25
CA LYS A 3959 -16.62 -51.82 17.01
C LYS A 3959 -17.85 -50.94 17.15
N GLN A 3960 -18.57 -51.10 18.27
CA GLN A 3960 -19.77 -50.29 18.49
C GLN A 3960 -19.42 -48.82 18.60
N VAL A 3961 -18.27 -48.51 19.23
CA VAL A 3961 -17.81 -47.13 19.36
C VAL A 3961 -17.50 -46.53 18.00
N PHE A 3962 -16.80 -47.29 17.15
CA PHE A 3962 -16.46 -46.77 15.82
C PHE A 3962 -17.69 -46.57 14.95
N ASN A 3963 -18.67 -47.48 15.03
CA ASN A 3963 -19.92 -47.30 14.29
C ASN A 3963 -20.66 -46.05 14.75
N SER A 3964 -20.68 -45.80 16.07
CA SER A 3964 -21.31 -44.59 16.59
C SER A 3964 -20.59 -43.34 16.11
N LEU A 3965 -19.25 -43.38 16.08
CA LEU A 3965 -18.48 -42.24 15.57
C LEU A 3965 -18.77 -42.02 14.09
N THR A 3966 -18.91 -43.10 13.32
CA THR A 3966 -19.21 -42.98 11.89
C THR A 3966 -20.55 -42.27 11.70
N GLU A 3967 -21.56 -42.69 12.48
CA GLU A 3967 -22.87 -42.05 12.38
C GLU A 3967 -22.85 -40.61 12.85
N TYR A 3968 -21.86 -40.24 13.68
CA TYR A 3968 -21.79 -38.86 14.16
C TYR A 3968 -21.41 -37.91 13.04
N ILE A 3969 -20.59 -38.37 12.10
CA ILE A 3969 -19.98 -37.51 11.10
C ILE A 3969 -20.55 -37.72 9.71
N GLN A 3970 -21.32 -38.78 9.48
CA GLN A 3970 -21.83 -38.98 8.13
C GLN A 3970 -22.91 -37.96 7.81
N GLY A 3971 -23.10 -37.73 6.52
CA GLY A 3971 -24.08 -36.77 6.04
C GLY A 3971 -23.61 -35.78 4.97
N PRO A 3972 -22.40 -35.15 5.09
CA PRO A 3972 -21.46 -35.02 6.23
C PRO A 3972 -21.86 -33.93 7.20
N CYS A 3973 -21.41 -34.04 8.45
CA CYS A 3973 -21.68 -33.02 9.46
C CYS A 3973 -20.39 -32.23 9.64
N THR A 3974 -20.38 -30.98 9.15
CA THR A 3974 -19.17 -30.17 9.21
C THR A 3974 -18.79 -29.82 10.64
N GLY A 3975 -19.78 -29.62 11.51
CA GLY A 3975 -19.50 -29.30 12.91
C GLY A 3975 -18.76 -30.42 13.59
N ASN A 3976 -19.23 -31.65 13.38
CA ASN A 3976 -18.58 -32.79 13.99
C ASN A 3976 -17.21 -32.99 13.36
N GLN A 3977 -17.08 -32.75 12.04
CA GLN A 3977 -15.79 -32.97 11.40
C GLN A 3977 -14.73 -32.05 11.99
N GLN A 3978 -15.10 -30.79 12.25
CA GLN A 3978 -14.17 -29.88 12.91
C GLN A 3978 -13.89 -30.31 14.35
N SER A 3979 -14.91 -30.85 15.04
CA SER A 3979 -14.70 -31.28 16.42
C SER A 3979 -13.72 -32.45 16.49
N LEU A 3980 -13.86 -33.41 15.56
CA LEU A 3980 -12.94 -34.54 15.51
C LEU A 3980 -11.55 -34.05 15.18
N ALA A 3981 -11.44 -33.05 14.28
CA ALA A 3981 -10.13 -32.51 13.93
C ALA A 3981 -9.49 -31.88 15.16
N HIS A 3982 -10.27 -31.11 15.93
CA HIS A 3982 -9.76 -30.45 17.12
C HIS A 3982 -9.81 -31.34 18.35
N SER A 3983 -9.90 -32.66 18.17
CA SER A 3983 -9.91 -33.59 19.29
C SER A 3983 -8.62 -34.39 19.34
N ARG A 3984 -8.56 -35.31 20.30
CA ARG A 3984 -7.46 -36.24 20.47
C ARG A 3984 -7.70 -37.57 19.78
N LEU A 3985 -8.48 -37.58 18.70
CA LEU A 3985 -8.78 -38.80 17.97
C LEU A 3985 -7.53 -39.42 17.35
N TRP A 3986 -6.64 -38.58 16.80
CA TRP A 3986 -5.43 -39.04 16.11
C TRP A 3986 -4.55 -39.91 16.98
N ASP A 3987 -4.41 -39.57 18.26
CA ASP A 3987 -3.60 -40.37 19.17
C ASP A 3987 -4.17 -41.78 19.33
N ALA A 3988 -5.49 -41.88 19.38
CA ALA A 3988 -6.13 -43.20 19.40
C ALA A 3988 -5.95 -43.91 18.07
N VAL A 3989 -5.94 -43.17 16.96
CA VAL A 3989 -5.79 -43.79 15.65
C VAL A 3989 -4.40 -44.40 15.51
N VAL A 3990 -3.36 -43.65 15.85
CA VAL A 3990 -1.99 -44.15 15.71
C VAL A 3990 -1.75 -45.31 16.67
N GLY A 3991 -2.30 -45.19 17.90
CA GLY A 3991 -2.12 -46.26 18.86
C GLY A 3991 -2.81 -47.55 18.43
N PHE A 3992 -4.02 -47.43 17.87
CA PHE A 3992 -4.70 -48.60 17.34
C PHE A 3992 -3.93 -49.21 16.19
N LEU A 3993 -3.38 -48.38 15.30
CA LEU A 3993 -2.60 -48.90 14.17
C LEU A 3993 -1.40 -49.71 14.63
N HIS A 3994 -0.72 -49.20 15.67
CA HIS A 3994 0.38 -49.92 16.30
C HIS A 3994 -0.09 -51.24 16.88
N VAL A 3995 -1.26 -51.24 17.52
CA VAL A 3995 -1.80 -52.49 18.07
C VAL A 3995 -2.12 -53.47 16.93
N PHE A 3996 -2.79 -52.98 15.88
CA PHE A 3996 -3.26 -53.81 14.77
C PHE A 3996 -2.14 -54.54 14.08
N ALA A 3997 -1.00 -53.84 13.93
CA ALA A 3997 0.17 -54.44 13.27
C ALA A 3997 0.64 -55.67 14.02
N HIS A 3998 0.77 -55.54 15.33
CA HIS A 3998 1.39 -56.60 16.09
C HIS A 3998 0.40 -57.70 16.41
N MET A 3999 -0.90 -57.38 16.52
CA MET A 3999 -1.92 -58.43 16.56
C MET A 3999 -1.91 -59.27 15.30
N MET A 4000 -1.89 -58.63 14.11
CA MET A 4000 -1.96 -59.40 12.88
C MET A 4000 -0.74 -60.29 12.71
N MET A 4001 0.46 -59.75 13.01
CA MET A 4001 1.67 -60.53 12.87
C MET A 4001 1.72 -61.67 13.88
N LYS A 4002 1.35 -61.42 15.14
CA LYS A 4002 1.44 -62.48 16.15
C LYS A 4002 0.37 -63.55 15.90
N LEU A 4003 -0.87 -63.13 15.68
CA LEU A 4003 -1.97 -64.07 15.54
C LEU A 4003 -1.94 -64.82 14.21
N ALA A 4004 -1.18 -64.36 13.22
CA ALA A 4004 -1.13 -65.10 11.97
C ALA A 4004 -0.16 -66.27 12.01
N GLN A 4005 0.66 -66.39 13.06
CA GLN A 4005 1.62 -67.50 13.16
C GLN A 4005 0.96 -68.85 13.35
N ASP A 4006 -0.32 -68.90 13.72
CA ASP A 4006 -0.98 -70.16 13.98
C ASP A 4006 -2.43 -70.10 13.53
N SER A 4007 -3.03 -71.28 13.43
CA SER A 4007 -4.43 -71.43 13.02
C SER A 4007 -5.37 -71.51 14.19
N SER A 4008 -4.88 -71.32 15.42
CA SER A 4008 -5.73 -71.35 16.59
C SER A 4008 -6.46 -70.03 16.85
N GLN A 4009 -6.05 -68.94 16.22
CA GLN A 4009 -6.70 -67.65 16.41
C GLN A 4009 -7.23 -67.08 15.10
N ILE A 4010 -7.79 -67.97 14.27
CA ILE A 4010 -8.40 -67.56 13.00
C ILE A 4010 -9.63 -66.70 13.25
N GLU A 4011 -10.38 -67.01 14.32
CA GLU A 4011 -11.51 -66.18 14.69
C GLU A 4011 -11.02 -64.82 15.11
N LEU A 4012 -10.21 -64.75 16.19
CA LEU A 4012 -9.74 -63.49 16.76
C LEU A 4012 -9.04 -62.61 15.73
N LEU A 4013 -8.50 -63.23 14.67
CA LEU A 4013 -8.03 -62.47 13.53
C LEU A 4013 -9.19 -61.91 12.70
N LYS A 4014 -10.25 -62.70 12.45
CA LYS A 4014 -11.25 -62.16 11.52
C LYS A 4014 -12.15 -61.12 12.20
N GLU A 4015 -12.47 -61.32 13.48
CA GLU A 4015 -13.03 -60.23 14.28
C GLU A 4015 -12.05 -59.09 14.49
N LEU A 4016 -10.74 -59.34 14.45
CA LEU A 4016 -9.82 -58.21 14.41
C LEU A 4016 -10.00 -57.43 13.14
N LEU A 4017 -9.97 -58.12 11.99
CA LEU A 4017 -9.93 -57.50 10.66
C LEU A 4017 -11.15 -56.62 10.41
N ASP A 4018 -12.33 -57.08 10.81
CA ASP A 4018 -13.50 -56.22 10.60
C ASP A 4018 -13.48 -54.97 11.50
N LEU A 4019 -12.68 -54.95 12.56
CA LEU A 4019 -12.71 -53.79 13.44
C LEU A 4019 -11.99 -52.63 12.78
N GLN A 4020 -10.81 -52.87 12.20
CA GLN A 4020 -10.21 -51.76 11.47
C GLN A 4020 -10.89 -51.56 10.14
N LYS A 4021 -11.65 -52.54 9.62
CA LYS A 4021 -12.51 -52.22 8.49
C LYS A 4021 -13.55 -51.16 8.84
N ASP A 4022 -14.17 -51.27 10.02
CA ASP A 4022 -15.06 -50.22 10.49
C ASP A 4022 -14.30 -48.95 10.87
N MET A 4023 -13.02 -49.08 11.20
CA MET A 4023 -12.23 -47.90 11.52
C MET A 4023 -11.92 -47.12 10.25
N VAL A 4024 -11.42 -47.80 9.22
CA VAL A 4024 -11.06 -47.10 7.99
C VAL A 4024 -12.31 -46.53 7.35
N VAL A 4025 -13.47 -47.19 7.52
CA VAL A 4025 -14.74 -46.60 7.08
C VAL A 4025 -14.98 -45.26 7.80
N MET A 4026 -14.69 -45.21 9.11
CA MET A 4026 -14.81 -43.96 9.85
C MET A 4026 -13.85 -42.89 9.32
N LEU A 4027 -12.60 -43.28 9.04
CA LEU A 4027 -11.64 -42.34 8.46
C LEU A 4027 -12.09 -41.85 7.08
N LEU A 4028 -12.64 -42.73 6.25
CA LEU A 4028 -13.17 -42.29 4.96
C LEU A 4028 -14.31 -41.30 5.16
N SER A 4029 -15.14 -41.53 6.17
CA SER A 4029 -16.23 -40.61 6.49
C SER A 4029 -15.69 -39.26 6.95
N LEU A 4030 -14.46 -39.23 7.47
CA LEU A 4030 -13.83 -37.94 7.81
C LEU A 4030 -13.45 -37.14 6.58
N LEU A 4031 -13.30 -37.76 5.42
CA LEU A 4031 -12.90 -37.08 4.19
C LEU A 4031 -14.06 -36.54 3.39
N GLU A 4032 -15.29 -36.73 3.85
CA GLU A 4032 -16.46 -36.26 3.11
C GLU A 4032 -16.52 -34.74 3.09
N GLY A 4033 -16.61 -34.18 1.89
CA GLY A 4033 -16.71 -32.73 1.72
C GLY A 4033 -15.50 -31.95 2.20
N ASN A 4034 -14.31 -32.44 1.89
CA ASN A 4034 -13.07 -31.79 2.28
C ASN A 4034 -12.51 -30.98 1.12
N VAL A 4035 -11.86 -29.89 1.44
CA VAL A 4035 -11.20 -29.05 0.45
C VAL A 4035 -9.75 -29.51 0.34
N VAL A 4036 -9.12 -29.24 -0.81
CA VAL A 4036 -7.71 -29.56 -0.95
C VAL A 4036 -6.91 -28.70 0.03
N ASN A 4037 -5.82 -29.28 0.54
CA ASN A 4037 -5.02 -28.71 1.63
C ASN A 4037 -5.88 -28.44 2.87
N GLY A 4038 -6.92 -29.26 3.05
CA GLY A 4038 -7.83 -29.09 4.15
C GLY A 4038 -7.17 -29.41 5.48
N MET A 4039 -7.70 -28.80 6.53
CA MET A 4039 -7.16 -28.97 7.88
C MET A 4039 -7.25 -30.42 8.34
N ILE A 4040 -8.40 -31.07 8.09
CA ILE A 4040 -8.59 -32.47 8.45
C ILE A 4040 -7.64 -33.37 7.68
N ALA A 4041 -7.49 -33.10 6.38
CA ALA A 4041 -6.58 -33.90 5.55
C ALA A 4041 -5.14 -33.74 6.00
N ARG A 4042 -4.74 -32.50 6.29
CA ARG A 4042 -3.36 -32.24 6.74
C ARG A 4042 -3.06 -32.94 8.05
N GLN A 4043 -4.02 -32.89 8.99
CA GLN A 4043 -3.84 -33.61 10.26
C GLN A 4043 -3.77 -35.10 10.05
N MET A 4044 -4.54 -35.63 9.09
CA MET A 4044 -4.43 -37.05 8.77
C MET A 4044 -3.05 -37.40 8.22
N VAL A 4045 -2.53 -36.56 7.32
CA VAL A 4045 -1.19 -36.74 6.75
C VAL A 4045 -0.15 -36.74 7.86
N ASP A 4046 -0.28 -35.81 8.81
CA ASP A 4046 0.61 -35.78 9.96
C ASP A 4046 0.50 -37.07 10.75
N MET A 4047 -0.73 -37.58 10.93
CA MET A 4047 -0.92 -38.78 11.74
C MET A 4047 -0.22 -39.97 11.07
N LEU A 4048 -0.27 -40.01 9.73
CA LEU A 4048 0.47 -41.05 9.01
C LEU A 4048 1.97 -40.89 9.17
N VAL A 4049 2.46 -39.66 9.41
CA VAL A 4049 3.92 -39.48 9.48
C VAL A 4049 4.48 -40.24 10.69
N GLU A 4050 3.88 -40.03 11.87
CA GLU A 4050 4.35 -40.80 13.03
C GLU A 4050 3.92 -42.26 12.96
N SER A 4051 2.78 -42.58 12.33
CA SER A 4051 2.40 -43.98 12.20
C SER A 4051 2.92 -44.63 10.94
N SER A 4052 3.98 -44.08 10.34
CA SER A 4052 4.51 -44.59 9.08
C SER A 4052 5.00 -46.03 9.19
N SER A 4053 5.75 -46.34 10.25
CA SER A 4053 6.25 -47.70 10.46
C SER A 4053 5.12 -48.70 10.68
N ASN A 4054 4.11 -48.31 11.44
CA ASN A 4054 2.99 -49.19 11.73
C ASN A 4054 2.18 -49.47 10.47
N VAL A 4055 1.82 -48.42 9.73
CA VAL A 4055 1.01 -48.60 8.53
C VAL A 4055 1.82 -49.33 7.46
N GLU A 4056 3.15 -49.12 7.44
CA GLU A 4056 3.99 -49.94 6.58
C GLU A 4056 3.89 -51.41 6.93
N MET A 4057 3.95 -51.74 8.23
CA MET A 4057 3.80 -53.15 8.63
C MET A 4057 2.42 -53.72 8.28
N ILE A 4058 1.39 -52.86 8.32
CA ILE A 4058 0.03 -53.22 7.88
C ILE A 4058 0.05 -53.61 6.41
N LEU A 4059 0.56 -52.70 5.59
CA LEU A 4059 0.57 -52.93 4.15
C LEU A 4059 1.49 -54.07 3.79
N LYS A 4060 2.62 -54.21 4.50
CA LYS A 4060 3.52 -55.34 4.26
C LYS A 4060 2.86 -56.67 4.53
N PHE A 4061 1.82 -56.70 5.38
CA PHE A 4061 1.09 -57.95 5.52
C PHE A 4061 0.04 -58.12 4.41
N PHE A 4062 -0.62 -57.03 4.04
CA PHE A 4062 -1.68 -57.11 3.03
C PHE A 4062 -1.13 -57.40 1.64
N ASP A 4063 -0.10 -56.65 1.22
CA ASP A 4063 0.40 -56.77 -0.14
C ASP A 4063 1.00 -58.15 -0.33
N MET A 4064 1.72 -58.63 0.69
CA MET A 4064 2.28 -59.97 0.66
C MET A 4064 1.19 -61.00 0.49
N PHE A 4065 0.10 -60.86 1.26
CA PHE A 4065 -0.92 -61.89 1.23
C PHE A 4065 -1.69 -61.89 -0.09
N LEU A 4066 -1.61 -60.79 -0.85
CA LEU A 4066 -2.17 -60.79 -2.20
C LEU A 4066 -1.16 -61.17 -3.28
N LYS A 4067 0.07 -60.66 -3.18
CA LYS A 4067 1.12 -60.96 -4.15
C LYS A 4067 1.50 -62.43 -4.15
N LEU A 4068 1.61 -63.05 -2.98
CA LEU A 4068 1.97 -64.46 -3.01
C LEU A 4068 0.80 -65.35 -3.40
N LYS A 4069 -0.42 -64.81 -3.43
CA LYS A 4069 -1.59 -65.55 -3.92
C LYS A 4069 -1.42 -65.91 -5.39
N ASP A 4070 -0.74 -65.04 -6.15
CA ASP A 4070 -0.44 -65.33 -7.54
C ASP A 4070 0.94 -65.93 -7.70
N ILE A 4071 1.88 -65.62 -6.79
CA ILE A 4071 3.25 -66.14 -6.90
C ILE A 4071 3.24 -67.66 -6.74
N VAL A 4072 2.35 -68.20 -5.90
CA VAL A 4072 2.24 -69.65 -5.75
C VAL A 4072 1.80 -70.29 -7.08
N GLY A 4073 0.92 -69.61 -7.82
CA GLY A 4073 0.52 -70.03 -9.16
C GLY A 4073 1.53 -69.73 -10.25
N SER A 4074 2.53 -68.90 -9.98
CA SER A 4074 3.57 -68.60 -10.97
C SER A 4074 4.41 -69.84 -11.24
N GLU A 4075 4.94 -69.91 -12.46
CA GLU A 4075 5.71 -71.08 -12.88
C GLU A 4075 7.01 -71.27 -12.12
N ALA A 4076 7.58 -70.20 -11.54
CA ALA A 4076 8.79 -70.33 -10.74
C ALA A 4076 8.55 -71.22 -9.52
N PHE A 4077 7.47 -70.93 -8.79
CA PHE A 4077 7.12 -71.75 -7.66
C PHE A 4077 6.50 -73.07 -8.09
N GLN A 4078 5.73 -73.09 -9.19
CA GLN A 4078 5.14 -74.34 -9.65
C GLN A 4078 6.21 -75.36 -10.04
N ASP A 4079 7.25 -74.90 -10.74
CA ASP A 4079 8.40 -75.75 -11.06
C ASP A 4079 9.16 -76.16 -9.81
N TYR A 4080 9.33 -75.24 -8.85
CA TYR A 4080 9.99 -75.61 -7.60
C TYR A 4080 9.17 -76.64 -6.81
N VAL A 4081 7.84 -76.51 -6.85
CA VAL A 4081 6.92 -77.46 -6.22
C VAL A 4081 7.03 -78.81 -6.93
N THR A 4082 7.32 -79.85 -6.16
CA THR A 4082 7.47 -81.19 -6.71
C THR A 4082 6.47 -82.18 -6.14
N ASP A 4083 5.74 -81.81 -5.09
CA ASP A 4083 4.78 -82.72 -4.50
C ASP A 4083 3.51 -82.73 -5.36
N PRO A 4084 3.08 -83.89 -5.88
CA PRO A 4084 1.84 -83.91 -6.67
C PRO A 4084 0.58 -83.63 -5.88
N ARG A 4085 0.63 -83.73 -4.55
CA ARG A 4085 -0.51 -83.48 -3.67
C ARG A 4085 -0.85 -82.00 -3.53
N GLY A 4086 -0.06 -81.09 -4.07
CA GLY A 4086 -0.28 -79.68 -3.83
C GLY A 4086 0.43 -79.13 -2.63
N LEU A 4087 1.46 -79.80 -2.14
CA LEU A 4087 2.16 -79.44 -0.92
C LEU A 4087 3.58 -79.00 -1.27
N ILE A 4088 4.29 -78.51 -0.26
CA ILE A 4088 5.69 -78.11 -0.43
C ILE A 4088 6.40 -78.26 0.90
N SER A 4089 7.66 -78.65 0.83
CA SER A 4089 8.45 -78.72 2.04
C SER A 4089 8.88 -77.31 2.45
N LYS A 4090 9.24 -77.17 3.73
CA LYS A 4090 9.63 -75.88 4.30
C LYS A 4090 10.88 -75.35 3.60
N LYS A 4091 11.89 -76.21 3.44
CA LYS A 4091 13.14 -75.80 2.81
C LYS A 4091 12.93 -75.41 1.34
N ASP A 4092 12.08 -76.16 0.63
CA ASP A 4092 11.78 -75.83 -0.76
C ASP A 4092 11.07 -74.48 -0.90
N PHE A 4093 10.13 -74.19 0.00
CA PHE A 4093 9.48 -72.88 -0.04
C PHE A 4093 10.45 -71.80 0.41
N GLN A 4094 11.36 -72.13 1.33
CA GLN A 4094 12.44 -71.24 1.74
C GLN A 4094 13.34 -70.87 0.57
N LYS A 4095 13.75 -71.86 -0.22
CA LYS A 4095 14.61 -71.64 -1.37
C LYS A 4095 13.84 -71.20 -2.61
N ALA A 4096 12.53 -71.00 -2.49
CA ALA A 4096 11.73 -70.59 -3.65
C ALA A 4096 11.56 -69.08 -3.76
N MET A 4097 11.42 -68.37 -2.62
CA MET A 4097 11.08 -66.96 -2.66
C MET A 4097 12.23 -66.07 -3.14
N ASP A 4098 13.48 -66.54 -3.05
CA ASP A 4098 14.58 -65.73 -3.55
C ASP A 4098 14.65 -65.67 -5.08
N SER A 4099 13.92 -66.55 -5.77
CA SER A 4099 13.87 -66.50 -7.23
C SER A 4099 13.16 -65.23 -7.70
N GLN A 4100 12.09 -64.83 -7.00
CA GLN A 4100 11.31 -63.66 -7.37
C GLN A 4100 12.07 -62.35 -7.15
N LYS A 4101 13.13 -62.36 -6.34
CA LYS A 4101 13.94 -61.18 -6.00
C LYS A 4101 13.09 -60.04 -5.43
N GLN A 4102 12.26 -60.39 -4.44
CA GLN A 4102 11.29 -59.44 -3.91
C GLN A 4102 11.28 -59.31 -2.39
N PHE A 4103 11.80 -60.27 -1.65
CA PHE A 4103 11.67 -60.29 -0.19
C PHE A 4103 13.03 -60.21 0.47
N THR A 4104 13.10 -59.53 1.61
CA THR A 4104 14.32 -59.38 2.38
C THR A 4104 14.35 -60.47 3.46
N GLY A 4105 15.54 -60.72 4.01
CA GLY A 4105 15.81 -61.81 4.94
C GLY A 4105 14.87 -62.03 6.13
N PRO A 4106 14.78 -61.04 7.03
CA PRO A 4106 13.83 -61.15 8.17
C PRO A 4106 12.40 -61.35 7.71
N GLU A 4107 12.02 -60.72 6.60
CA GLU A 4107 10.71 -60.97 6.02
C GLU A 4107 10.57 -62.41 5.54
N ILE A 4108 11.62 -62.96 4.89
CA ILE A 4108 11.56 -64.32 4.36
C ILE A 4108 11.35 -65.33 5.49
N GLN A 4109 12.12 -65.16 6.57
CA GLN A 4109 11.95 -66.02 7.74
C GLN A 4109 10.57 -65.83 8.36
N PHE A 4110 10.07 -64.59 8.36
CA PHE A 4110 8.72 -64.32 8.85
C PHE A 4110 7.68 -65.03 7.99
N LEU A 4111 7.88 -65.05 6.67
CA LEU A 4111 6.90 -65.63 5.76
C LEU A 4111 6.85 -67.13 5.98
N LEU A 4112 8.02 -67.73 6.19
CA LEU A 4112 8.09 -69.16 6.44
C LEU A 4112 7.36 -69.49 7.74
N SER A 4113 7.57 -68.65 8.78
CA SER A 4113 6.93 -68.90 10.07
C SER A 4113 5.41 -68.73 9.99
N CYS A 4114 4.94 -67.83 9.12
CA CYS A 4114 3.50 -67.63 8.94
C CYS A 4114 2.80 -68.87 8.42
N SER A 4115 3.45 -69.60 7.52
CA SER A 4115 2.89 -70.83 6.98
C SER A 4115 2.70 -71.88 8.08
N GLU A 4116 1.60 -72.62 7.98
CA GLU A 4116 1.23 -73.63 8.96
C GLU A 4116 2.10 -74.87 8.76
N ALA A 4117 3.32 -74.79 9.29
CA ALA A 4117 4.23 -75.92 9.22
C ALA A 4117 3.71 -77.07 10.08
N ASP A 4118 3.57 -78.24 9.49
CA ASP A 4118 3.00 -79.39 10.18
C ASP A 4118 4.13 -80.13 10.90
N GLU A 4119 3.80 -81.32 11.43
CA GLU A 4119 4.81 -82.16 12.09
C GLU A 4119 5.83 -82.73 11.11
N ASN A 4120 5.52 -82.75 9.81
CA ASN A 4120 6.42 -83.27 8.79
C ASN A 4120 7.29 -82.20 8.15
N GLU A 4121 7.24 -80.95 8.65
CA GLU A 4121 7.89 -79.78 8.06
C GLU A 4121 7.47 -79.57 6.60
N MET A 4122 6.21 -79.88 6.33
CA MET A 4122 5.61 -79.74 5.00
C MET A 4122 4.58 -78.63 5.05
N ILE A 4123 4.64 -77.73 4.08
CA ILE A 4123 3.76 -76.57 4.07
C ILE A 4123 2.64 -76.86 3.08
N ASN A 4124 1.40 -76.87 3.59
CA ASN A 4124 0.21 -76.98 2.76
C ASN A 4124 -0.16 -75.57 2.32
N PHE A 4125 0.59 -75.07 1.33
CA PHE A 4125 0.45 -73.70 0.85
C PHE A 4125 -0.82 -73.45 0.05
N GLU A 4126 -1.58 -74.51 -0.27
CA GLU A 4126 -2.83 -74.35 -1.01
C GLU A 4126 -3.86 -73.52 -0.23
N GLU A 4127 -4.01 -73.78 1.07
CA GLU A 4127 -4.93 -72.98 1.86
C GLU A 4127 -4.26 -71.83 2.59
N PHE A 4128 -2.92 -71.79 2.59
CA PHE A 4128 -2.18 -70.66 3.17
C PHE A 4128 -2.53 -69.38 2.43
N ALA A 4129 -2.71 -69.46 1.11
CA ALA A 4129 -3.02 -68.28 0.34
C ALA A 4129 -4.51 -67.99 0.31
N ASN A 4130 -5.36 -68.99 0.54
CA ASN A 4130 -6.80 -68.83 0.48
C ASN A 4130 -7.45 -68.60 1.85
N ARG A 4131 -6.65 -68.52 2.91
CA ARG A 4131 -7.21 -68.44 4.27
C ARG A 4131 -7.97 -67.15 4.52
N PHE A 4132 -7.38 -66.01 4.13
CA PHE A 4132 -7.90 -64.68 4.47
C PHE A 4132 -8.23 -63.81 3.26
N GLN A 4133 -8.31 -64.38 2.06
CA GLN A 4133 -8.43 -63.57 0.84
C GLN A 4133 -9.71 -62.74 0.82
N GLU A 4134 -10.83 -63.32 1.24
CA GLU A 4134 -12.09 -62.57 1.26
C GLU A 4134 -12.07 -61.42 2.26
N PRO A 4135 -11.77 -61.60 3.57
CA PRO A 4135 -11.83 -60.43 4.47
C PRO A 4135 -10.78 -59.37 4.20
N ALA A 4136 -9.53 -59.76 3.92
CA ALA A 4136 -8.43 -58.81 3.80
C ALA A 4136 -8.52 -57.91 2.58
N ARG A 4137 -9.25 -58.33 1.55
CA ARG A 4137 -9.40 -57.53 0.34
C ARG A 4137 -10.13 -56.23 0.64
N ASP A 4138 -11.16 -56.29 1.48
CA ASP A 4138 -11.97 -55.12 1.78
C ASP A 4138 -11.16 -54.04 2.49
N ILE A 4139 -10.35 -54.44 3.48
CA ILE A 4139 -9.51 -53.46 4.16
C ILE A 4139 -8.42 -52.94 3.24
N GLY A 4140 -7.83 -53.82 2.41
CA GLY A 4140 -6.81 -53.38 1.48
C GLY A 4140 -7.34 -52.35 0.48
N PHE A 4141 -8.56 -52.58 -0.01
CA PHE A 4141 -9.18 -51.64 -0.90
C PHE A 4141 -9.49 -50.33 -0.20
N ASN A 4142 -9.99 -50.40 1.04
CA ASN A 4142 -10.38 -49.20 1.75
C ASN A 4142 -9.18 -48.31 2.05
N VAL A 4143 -8.06 -48.92 2.48
CA VAL A 4143 -6.86 -48.11 2.73
C VAL A 4143 -6.32 -47.56 1.41
N ALA A 4144 -6.47 -48.32 0.31
CA ALA A 4144 -6.09 -47.80 -1.00
C ALA A 4144 -6.91 -46.58 -1.39
N VAL A 4145 -8.22 -46.62 -1.11
CA VAL A 4145 -9.09 -45.48 -1.33
C VAL A 4145 -8.67 -44.29 -0.48
N LEU A 4146 -8.34 -44.57 0.79
CA LEU A 4146 -7.95 -43.52 1.72
C LEU A 4146 -6.68 -42.83 1.26
N LEU A 4147 -5.67 -43.61 0.88
CA LEU A 4147 -4.41 -43.06 0.40
C LEU A 4147 -4.61 -42.29 -0.88
N THR A 4148 -5.46 -42.79 -1.79
CA THR A 4148 -5.72 -42.06 -3.03
C THR A 4148 -6.40 -40.73 -2.75
N ASN A 4149 -7.37 -40.71 -1.83
CA ASN A 4149 -8.08 -39.48 -1.48
C ASN A 4149 -7.13 -38.45 -0.86
N LEU A 4150 -6.26 -38.90 0.05
CA LEU A 4150 -5.29 -37.98 0.66
C LEU A 4150 -4.29 -37.47 -0.37
N SER A 4151 -3.82 -38.35 -1.26
CA SER A 4151 -2.84 -37.95 -2.26
C SER A 4151 -3.41 -36.90 -3.19
N GLU A 4152 -4.66 -37.10 -3.63
CA GLU A 4152 -5.27 -36.13 -4.54
C GLU A 4152 -5.62 -34.83 -3.83
N HIS A 4153 -6.02 -34.89 -2.57
CA HIS A 4153 -6.39 -33.65 -1.88
C HIS A 4153 -5.23 -32.94 -1.21
N VAL A 4154 -4.05 -33.55 -1.15
CA VAL A 4154 -2.88 -32.86 -0.61
C VAL A 4154 -1.78 -33.01 -1.65
N PRO A 4155 -1.76 -32.15 -2.68
CA PRO A 4155 -0.83 -32.34 -3.80
C PRO A 4155 0.54 -31.69 -3.63
N HIS A 4156 0.78 -30.93 -2.58
CA HIS A 4156 2.04 -30.20 -2.40
C HIS A 4156 2.64 -30.49 -1.02
N ASP A 4157 2.65 -31.75 -0.64
CA ASP A 4157 3.31 -32.18 0.59
C ASP A 4157 4.31 -33.27 0.23
N PRO A 4158 5.61 -32.98 0.31
CA PRO A 4158 6.63 -33.99 -0.01
C PRO A 4158 6.60 -35.22 0.88
N ARG A 4159 6.23 -35.07 2.16
CA ARG A 4159 6.19 -36.20 3.08
C ARG A 4159 5.20 -37.26 2.64
N LEU A 4160 4.04 -36.81 2.15
CA LEU A 4160 2.99 -37.72 1.68
C LEU A 4160 3.46 -38.58 0.51
N ARG A 4161 4.41 -38.08 -0.30
CA ARG A 4161 4.91 -38.82 -1.44
C ARG A 4161 5.54 -40.15 -1.06
N ASN A 4162 6.35 -40.17 0.02
CA ASN A 4162 7.10 -41.37 0.44
C ASN A 4162 6.20 -42.58 0.67
N PHE A 4163 4.98 -42.34 1.13
CA PHE A 4163 4.01 -43.41 1.30
C PHE A 4163 3.66 -44.06 -0.02
N LEU A 4164 3.63 -43.28 -1.11
CA LEU A 4164 3.25 -43.84 -2.40
C LEU A 4164 4.23 -44.90 -2.85
N GLU A 4165 5.54 -44.58 -2.86
CA GLU A 4165 6.49 -45.61 -3.24
C GLU A 4165 6.70 -46.65 -2.14
N LEU A 4166 6.19 -46.43 -0.94
CA LEU A 4166 6.24 -47.50 0.04
C LEU A 4166 4.98 -48.34 0.02
N ALA A 4167 4.01 -47.95 -0.80
CA ALA A 4167 2.73 -48.64 -0.87
C ALA A 4167 2.26 -48.80 -2.30
N GLU A 4168 3.19 -48.90 -3.26
CA GLU A 4168 2.82 -49.07 -4.66
C GLU A 4168 2.08 -50.38 -4.88
N SER A 4169 2.55 -51.45 -4.22
CA SER A 4169 2.06 -52.82 -4.41
C SER A 4169 0.55 -52.92 -4.23
N ILE A 4170 0.01 -52.20 -3.25
CA ILE A 4170 -1.42 -52.28 -2.99
C ILE A 4170 -2.19 -51.33 -3.91
N LEU A 4171 -1.52 -50.35 -4.52
CA LEU A 4171 -2.24 -49.38 -5.32
C LEU A 4171 -2.51 -49.91 -6.72
N GLU A 4172 -1.47 -50.35 -7.42
CA GLU A 4172 -1.66 -50.89 -8.77
C GLU A 4172 -2.46 -52.19 -8.77
N TYR A 4173 -2.54 -52.89 -7.64
CA TYR A 4173 -3.45 -54.03 -7.55
C TYR A 4173 -4.90 -53.58 -7.60
N PHE A 4174 -5.23 -52.48 -6.93
CA PHE A 4174 -6.60 -52.01 -6.87
C PHE A 4174 -6.87 -50.87 -7.83
N ARG A 4175 -5.90 -50.55 -8.69
CA ARG A 4175 -6.07 -49.52 -9.71
C ARG A 4175 -7.20 -49.82 -10.70
N PRO A 4176 -7.35 -51.04 -11.28
CA PRO A 4176 -8.51 -51.26 -12.15
C PRO A 4176 -9.84 -51.16 -11.43
N TYR A 4177 -9.88 -51.34 -10.12
CA TYR A 4177 -11.14 -51.51 -9.41
C TYR A 4177 -11.57 -50.23 -8.74
N LEU A 4178 -10.85 -49.15 -8.99
CA LEU A 4178 -11.08 -47.87 -8.33
C LEU A 4178 -11.89 -46.97 -9.25
N GLY A 4179 -13.06 -46.53 -8.79
CA GLY A 4179 -13.89 -45.67 -9.59
C GLY A 4179 -13.85 -44.30 -8.92
N ARG A 4180 -13.62 -43.28 -9.72
CA ARG A 4180 -13.60 -41.92 -9.19
C ARG A 4180 -14.53 -41.09 -10.07
N ILE A 4181 -15.44 -40.38 -9.43
CA ILE A 4181 -16.34 -39.47 -10.14
C ILE A 4181 -16.33 -38.14 -9.42
N GLU A 4182 -16.79 -37.11 -10.13
CA GLU A 4182 -16.96 -35.79 -9.54
C GLU A 4182 -18.42 -35.42 -9.63
N ILE A 4183 -19.01 -35.08 -8.50
CA ILE A 4183 -20.40 -34.67 -8.41
C ILE A 4183 -20.52 -33.28 -7.80
N MET A 4184 -21.36 -32.44 -8.41
CA MET A 4184 -21.71 -31.20 -7.73
C MET A 4184 -22.46 -31.58 -6.46
N GLY A 4185 -22.21 -30.87 -5.36
CA GLY A 4185 -22.73 -31.39 -4.11
C GLY A 4185 -23.56 -30.46 -3.26
N ALA A 4186 -23.94 -30.95 -2.07
CA ALA A 4186 -24.78 -30.19 -1.15
C ALA A 4186 -24.06 -28.91 -0.71
N SER A 4187 -22.74 -28.99 -0.57
CA SER A 4187 -21.88 -27.88 -0.19
C SER A 4187 -21.89 -26.75 -1.23
N ARG A 4188 -22.38 -27.06 -2.45
CA ARG A 4188 -22.50 -26.24 -3.65
C ARG A 4188 -21.20 -26.19 -4.40
N ARG A 4189 -20.29 -27.10 -4.08
CA ARG A 4189 -18.99 -27.20 -4.73
C ARG A 4189 -18.75 -28.67 -5.08
N ILE A 4190 -17.98 -28.87 -6.16
CA ILE A 4190 -17.72 -30.20 -6.70
C ILE A 4190 -16.93 -31.05 -5.71
N GLU A 4191 -17.24 -32.35 -5.66
CA GLU A 4191 -16.65 -33.28 -4.72
C GLU A 4191 -16.31 -34.56 -5.47
N ARG A 4192 -15.36 -35.32 -4.94
CA ARG A 4192 -14.90 -36.56 -5.57
C ARG A 4192 -15.35 -37.78 -4.79
N ILE A 4193 -16.02 -38.71 -5.47
CA ILE A 4193 -16.51 -39.94 -4.86
C ILE A 4193 -15.68 -41.11 -5.35
N TYR A 4194 -15.34 -42.03 -4.44
CA TYR A 4194 -14.48 -43.19 -4.71
C TYR A 4194 -15.28 -44.47 -4.41
N PHE A 4195 -15.70 -45.16 -5.46
CA PHE A 4195 -16.54 -46.34 -5.42
C PHE A 4195 -15.86 -47.58 -6.02
N GLU A 4196 -15.93 -48.72 -5.34
CA GLU A 4196 -15.37 -49.95 -5.90
C GLU A 4196 -16.11 -50.37 -7.17
N ILE A 4197 -15.37 -50.87 -8.15
CA ILE A 4197 -15.96 -51.41 -9.38
C ILE A 4197 -15.72 -52.90 -9.45
N SER A 4198 -16.78 -53.68 -9.62
CA SER A 4198 -16.67 -55.13 -9.66
C SER A 4198 -16.00 -55.54 -10.97
N GLU A 4199 -15.00 -56.44 -10.86
CA GLU A 4199 -14.30 -56.99 -12.04
C GLU A 4199 -15.26 -57.54 -13.09
N THR A 4200 -16.36 -58.18 -12.66
CA THR A 4200 -17.30 -58.75 -13.63
C THR A 4200 -18.00 -57.66 -14.42
N ASN A 4201 -18.42 -56.58 -13.73
CA ASN A 4201 -19.06 -55.46 -14.41
C ASN A 4201 -18.10 -54.81 -15.38
N ARG A 4202 -16.82 -54.72 -15.00
CA ARG A 4202 -15.83 -54.17 -15.93
C ARG A 4202 -15.71 -55.05 -17.17
N ALA A 4203 -15.75 -56.38 -16.98
CA ALA A 4203 -15.67 -57.29 -18.13
C ALA A 4203 -16.86 -57.08 -19.06
N GLN A 4204 -18.05 -56.94 -18.46
CA GLN A 4204 -19.28 -56.74 -19.23
C GLN A 4204 -19.23 -55.40 -19.96
N TRP A 4205 -18.54 -54.43 -19.38
CA TRP A 4205 -18.39 -53.14 -20.03
C TRP A 4205 -17.46 -53.29 -21.22
N GLU A 4206 -16.40 -54.08 -21.05
CA GLU A 4206 -15.42 -54.22 -22.11
C GLU A 4206 -15.93 -55.06 -23.27
N MET A 4207 -17.06 -55.76 -23.11
CA MET A 4207 -17.54 -56.66 -24.16
C MET A 4207 -17.90 -55.88 -25.44
N PRO A 4208 -17.68 -56.49 -26.62
CA PRO A 4208 -17.91 -55.79 -27.90
C PRO A 4208 -19.31 -55.30 -28.20
N GLN A 4209 -20.34 -56.04 -27.81
CA GLN A 4209 -21.72 -55.59 -28.00
C GLN A 4209 -22.01 -54.36 -27.16
N VAL A 4210 -21.59 -54.36 -25.90
CA VAL A 4210 -21.88 -53.23 -25.02
C VAL A 4210 -21.17 -51.99 -25.55
N LYS A 4211 -19.96 -52.18 -26.08
CA LYS A 4211 -19.19 -51.08 -26.64
C LYS A 4211 -19.90 -50.49 -27.86
N GLU A 4212 -20.45 -51.36 -28.71
CA GLU A 4212 -21.19 -50.87 -29.89
C GLU A 4212 -22.45 -50.13 -29.47
N SER A 4213 -23.12 -50.63 -28.44
CA SER A 4213 -24.28 -49.94 -27.88
C SER A 4213 -23.90 -48.54 -27.39
N LYS A 4214 -22.72 -48.44 -26.77
CA LYS A 4214 -22.21 -47.15 -26.33
C LYS A 4214 -21.98 -46.21 -27.50
N ARG A 4215 -21.36 -46.71 -28.58
CA ARG A 4215 -21.07 -45.84 -29.73
C ARG A 4215 -22.36 -45.38 -30.40
N GLN A 4216 -23.36 -46.26 -30.44
CA GLN A 4216 -24.67 -45.89 -30.98
C GLN A 4216 -25.29 -44.79 -30.16
N PHE A 4217 -25.24 -44.93 -28.82
CA PHE A 4217 -25.82 -43.92 -27.94
C PHE A 4217 -25.13 -42.57 -28.11
N ILE A 4218 -23.79 -42.59 -28.13
CA ILE A 4218 -23.00 -41.37 -28.25
C ILE A 4218 -23.29 -40.66 -29.56
N PHE A 4219 -23.43 -41.43 -30.65
CA PHE A 4219 -23.77 -40.83 -31.93
C PHE A 4219 -25.16 -40.23 -31.91
N ASP A 4220 -26.14 -40.96 -31.35
CA ASP A 4220 -27.52 -40.49 -31.35
C ASP A 4220 -27.69 -39.22 -30.53
N VAL A 4221 -27.09 -39.19 -29.33
CA VAL A 4221 -27.14 -37.99 -28.48
C VAL A 4221 -26.43 -36.81 -29.13
N VAL A 4222 -25.24 -37.03 -29.71
CA VAL A 4222 -24.48 -35.90 -30.23
C VAL A 4222 -25.11 -35.35 -31.50
N ASN A 4223 -25.49 -36.24 -32.42
CA ASN A 4223 -26.06 -35.81 -33.69
C ASN A 4223 -27.46 -35.21 -33.57
N GLU A 4224 -28.39 -35.86 -32.85
CA GLU A 4224 -29.75 -35.34 -32.91
C GLU A 4224 -30.31 -34.90 -31.57
N GLY A 4225 -29.46 -34.69 -30.56
CA GLY A 4225 -29.91 -34.33 -29.23
C GLY A 4225 -29.33 -32.99 -28.80
N GLY A 4226 -29.80 -32.51 -27.66
CA GLY A 4226 -29.35 -31.26 -27.10
C GLY A 4226 -28.83 -31.49 -25.69
N GLU A 4227 -28.30 -30.41 -25.11
CA GLU A 4227 -27.73 -30.53 -23.77
C GLU A 4227 -28.79 -30.46 -22.67
N ALA A 4228 -29.97 -29.91 -22.99
CA ALA A 4228 -31.05 -29.75 -22.02
C ALA A 4228 -31.50 -31.09 -21.45
N GLU A 4229 -31.58 -32.11 -22.30
CA GLU A 4229 -32.09 -33.41 -21.91
C GLU A 4229 -31.01 -34.48 -21.89
N LYS A 4230 -29.77 -34.07 -22.21
CA LYS A 4230 -28.65 -34.98 -22.41
C LYS A 4230 -28.40 -35.85 -21.19
N MET A 4231 -28.50 -35.27 -20.00
CA MET A 4231 -28.30 -36.04 -18.78
C MET A 4231 -29.41 -37.05 -18.55
N GLU A 4232 -30.65 -36.72 -18.89
CA GLU A 4232 -31.75 -37.67 -18.78
C GLU A 4232 -31.58 -38.83 -19.74
N LEU A 4233 -31.16 -38.53 -20.98
CA LEU A 4233 -30.90 -39.56 -21.96
C LEU A 4233 -29.73 -40.43 -21.52
N PHE A 4234 -28.70 -39.79 -20.94
CA PHE A 4234 -27.52 -40.50 -20.50
C PHE A 4234 -27.86 -41.47 -19.38
N VAL A 4235 -28.66 -41.01 -18.41
CA VAL A 4235 -29.06 -41.86 -17.28
C VAL A 4235 -29.88 -43.03 -17.81
N SER A 4236 -30.78 -42.76 -18.77
CA SER A 4236 -31.62 -43.80 -19.33
C SER A 4236 -30.76 -44.88 -19.99
N PHE A 4237 -29.72 -44.44 -20.72
CA PHE A 4237 -28.79 -45.36 -21.35
C PHE A 4237 -28.07 -46.19 -20.30
N CYS A 4238 -27.62 -45.55 -19.21
CA CYS A 4238 -26.91 -46.28 -18.16
C CYS A 4238 -27.81 -47.35 -17.55
N GLU A 4239 -29.09 -47.01 -17.34
CA GLU A 4239 -30.04 -47.93 -16.72
C GLU A 4239 -30.25 -49.16 -17.61
N ASP A 4240 -30.36 -48.91 -18.92
CA ASP A 4240 -30.54 -49.99 -19.88
C ASP A 4240 -29.30 -50.88 -19.91
N THR A 4241 -28.12 -50.26 -19.79
CA THR A 4241 -26.87 -51.02 -19.71
C THR A 4241 -26.83 -51.87 -18.45
N ILE A 4242 -27.24 -51.31 -17.30
CA ILE A 4242 -27.18 -52.05 -16.03
C ILE A 4242 -28.11 -53.25 -16.08
N PHE A 4243 -29.28 -53.07 -16.71
CA PHE A 4243 -30.22 -54.19 -16.82
C PHE A 4243 -29.65 -55.25 -17.75
N GLU A 4244 -29.05 -54.83 -18.87
CA GLU A 4244 -28.48 -55.78 -19.81
C GLU A 4244 -27.35 -56.57 -19.16
N MET A 4245 -26.54 -55.90 -18.35
CA MET A 4245 -25.46 -56.54 -17.63
C MET A 4245 -25.99 -57.58 -16.64
N GLN A 4246 -27.14 -57.28 -16.03
CA GLN A 4246 -27.77 -58.24 -15.13
C GLN A 4246 -28.27 -59.47 -15.88
N ILE A 4247 -28.85 -59.25 -17.07
CA ILE A 4247 -29.31 -60.36 -17.89
C ILE A 4247 -28.14 -61.23 -18.32
N ALA A 4248 -27.03 -60.60 -18.70
CA ALA A 4248 -25.83 -61.33 -19.09
C ALA A 4248 -25.29 -62.14 -17.94
N ALA A 4249 -25.33 -61.57 -16.73
CA ALA A 4249 -24.85 -62.27 -15.55
C ALA A 4249 -25.71 -63.50 -15.27
N GLN A 4250 -27.04 -63.36 -15.39
CA GLN A 4250 -27.90 -64.52 -15.15
C GLN A 4250 -27.67 -65.61 -16.19
N ILE A 4251 -27.54 -65.23 -17.47
CA ILE A 4251 -27.41 -66.23 -18.52
C ILE A 4251 -26.03 -66.88 -18.51
N SER A 4252 -25.04 -66.26 -17.88
CA SER A 4252 -23.68 -66.78 -17.83
C SER A 4252 -23.63 -68.16 -17.19
N GLU A 4253 -22.90 -69.08 -17.82
CA GLU A 4253 -22.86 -70.46 -17.39
C GLU A 4253 -21.72 -70.67 -16.41
N PRO A 4254 -21.98 -71.15 -15.19
CA PRO A 4254 -20.94 -71.51 -14.23
C PRO A 4254 -20.27 -72.83 -14.58
N PHE A 4540 -39.35 -85.75 -11.10
CA PHE A 4540 -38.78 -85.46 -12.42
C PHE A 4540 -38.90 -83.98 -12.73
N TRP A 4541 -39.86 -83.32 -12.07
CA TRP A 4541 -40.18 -81.92 -12.34
C TRP A 4541 -38.97 -81.02 -12.09
N GLY A 4542 -38.18 -81.34 -11.05
CA GLY A 4542 -36.97 -80.58 -10.77
C GLY A 4542 -35.96 -80.69 -11.89
N GLU A 4543 -35.69 -81.92 -12.36
CA GLU A 4543 -34.68 -82.11 -13.39
C GLU A 4543 -35.13 -81.42 -14.67
N LEU A 4544 -36.44 -81.54 -14.96
CA LEU A 4544 -37.04 -80.95 -16.15
C LEU A 4544 -36.84 -79.44 -16.14
N GLU A 4545 -37.02 -78.82 -14.96
CA GLU A 4545 -36.81 -77.39 -14.81
C GLU A 4545 -35.36 -77.00 -14.99
N VAL A 4546 -34.43 -77.77 -14.40
CA VAL A 4546 -33.01 -77.39 -14.50
C VAL A 4546 -32.53 -77.53 -15.95
N GLN A 4547 -32.98 -78.59 -16.62
CA GLN A 4547 -32.67 -78.78 -18.03
C GLN A 4547 -33.24 -77.65 -18.87
N ARG A 4548 -34.48 -77.23 -18.57
CA ARG A 4548 -35.12 -76.14 -19.30
C ARG A 4548 -34.39 -74.81 -19.12
N VAL A 4549 -33.98 -74.48 -17.88
CA VAL A 4549 -33.27 -73.22 -17.68
C VAL A 4549 -31.89 -73.29 -18.33
N LYS A 4550 -31.20 -74.44 -18.23
CA LYS A 4550 -29.84 -74.57 -18.76
C LYS A 4550 -29.87 -74.43 -20.27
N PHE A 4551 -30.91 -75.01 -20.88
CA PHE A 4551 -31.09 -74.96 -22.33
C PHE A 4551 -31.33 -73.52 -22.76
N LEU A 4552 -32.35 -72.89 -22.16
CA LEU A 4552 -32.71 -71.52 -22.49
C LEU A 4552 -31.54 -70.56 -22.30
N ASN A 4553 -30.70 -70.81 -21.29
CA ASN A 4553 -29.48 -70.02 -21.08
C ASN A 4553 -28.48 -70.24 -22.20
N TYR A 4554 -28.35 -71.49 -22.66
CA TYR A 4554 -27.47 -71.77 -23.80
C TYR A 4554 -27.96 -71.02 -25.03
N LEU A 4555 -29.27 -71.06 -25.28
CA LEU A 4555 -29.86 -70.42 -26.45
C LEU A 4555 -29.60 -68.92 -26.41
N SER A 4556 -29.76 -68.33 -25.22
CA SER A 4556 -29.59 -66.89 -25.06
C SER A 4556 -28.12 -66.51 -25.28
N ARG A 4557 -27.20 -67.33 -24.78
CA ARG A 4557 -25.79 -67.06 -24.97
C ARG A 4557 -25.39 -67.17 -26.44
N ASN A 4558 -26.01 -68.09 -27.17
CA ASN A 4558 -25.58 -68.40 -28.53
C ASN A 4558 -26.51 -67.83 -29.60
N PHE A 4559 -27.38 -66.87 -29.24
CA PHE A 4559 -28.36 -66.32 -30.18
C PHE A 4559 -27.72 -65.70 -31.42
N TYR A 4560 -26.63 -64.94 -31.25
CA TYR A 4560 -26.00 -64.25 -32.37
C TYR A 4560 -25.38 -65.25 -33.35
N THR A 4561 -24.83 -66.33 -32.80
CA THR A 4561 -24.27 -67.40 -33.61
C THR A 4561 -25.36 -68.15 -34.34
N LEU A 4562 -26.51 -68.36 -33.70
CA LEU A 4562 -27.63 -68.98 -34.39
C LEU A 4562 -28.12 -68.13 -35.55
N ARG A 4563 -28.10 -66.80 -35.39
CA ARG A 4563 -28.51 -65.92 -36.48
C ARG A 4563 -27.52 -65.98 -37.64
N PHE A 4564 -26.23 -66.10 -37.31
CA PHE A 4564 -25.23 -66.28 -38.36
C PHE A 4564 -25.37 -67.64 -39.02
N LEU A 4565 -25.73 -68.66 -38.23
CA LEU A 4565 -25.93 -70.01 -38.75
C LEU A 4565 -27.10 -70.02 -39.72
N ALA A 4566 -28.14 -69.25 -39.40
CA ALA A 4566 -29.33 -69.20 -40.24
C ALA A 4566 -29.02 -68.49 -41.55
N LEU A 4567 -28.18 -67.45 -41.51
CA LEU A 4567 -27.74 -66.83 -42.75
C LEU A 4567 -26.89 -67.78 -43.58
N PHE A 4568 -26.04 -68.58 -42.93
CA PHE A 4568 -25.27 -69.60 -43.64
C PHE A 4568 -26.20 -70.63 -44.27
N LEU A 4569 -27.27 -70.98 -43.55
CA LEU A 4569 -28.19 -72.02 -44.03
C LEU A 4569 -28.96 -71.50 -45.23
N ALA A 4570 -29.30 -70.21 -45.22
CA ALA A 4570 -29.99 -69.62 -46.36
C ALA A 4570 -29.08 -69.60 -47.58
N PHE A 4571 -27.81 -69.25 -47.37
CA PHE A 4571 -26.85 -69.26 -48.48
C PHE A 4571 -26.65 -70.66 -49.03
N ALA A 4572 -26.69 -71.67 -48.14
CA ALA A 4572 -26.58 -73.05 -48.57
C ALA A 4572 -27.80 -73.50 -49.38
N ILE A 4573 -29.01 -73.18 -48.92
CA ILE A 4573 -30.20 -73.62 -49.63
C ILE A 4573 -30.28 -72.92 -50.97
N ASN A 4574 -29.97 -71.62 -51.00
CA ASN A 4574 -29.99 -70.86 -52.24
C ASN A 4574 -28.91 -71.37 -53.19
N PHE A 4575 -27.80 -71.92 -52.66
CA PHE A 4575 -26.81 -72.56 -53.51
C PHE A 4575 -27.32 -73.88 -54.04
N ILE A 4576 -28.25 -74.52 -53.32
CA ILE A 4576 -28.76 -75.83 -53.72
C ILE A 4576 -30.02 -75.63 -54.56
N LEU A 4577 -30.37 -74.38 -54.85
CA LEU A 4577 -31.59 -74.02 -55.54
C LEU A 4577 -31.28 -73.54 -56.94
N LEU A 4578 -29.99 -73.52 -57.29
CA LEU A 4578 -29.48 -73.07 -58.56
C LEU A 4578 -29.28 -74.24 -59.52
N PHE A 4579 -29.66 -75.44 -59.11
CA PHE A 4579 -29.64 -76.64 -59.94
C PHE A 4579 -31.04 -77.10 -60.30
N TYR A 4580 -32.03 -76.23 -60.17
CA TYR A 4580 -33.40 -76.56 -60.49
C TYR A 4580 -33.63 -76.53 -62.00
N LYS A 4581 -34.80 -77.04 -62.38
CA LYS A 4581 -35.22 -77.29 -63.75
C LYS A 4581 -36.74 -77.32 -63.79
N VAL A 4582 -37.26 -77.46 -65.00
CA VAL A 4582 -38.69 -77.60 -65.24
C VAL A 4582 -38.81 -78.66 -66.32
N SER A 4583 -39.83 -79.50 -66.21
CA SER A 4583 -40.06 -80.50 -67.24
C SER A 4583 -41.55 -80.66 -67.44
N ASP A 4584 -41.99 -80.64 -68.69
CA ASP A 4584 -43.39 -80.96 -68.98
C ASP A 4584 -43.70 -82.41 -68.67
N SER A 4585 -42.79 -83.32 -69.03
CA SER A 4585 -42.86 -84.71 -68.66
C SER A 4585 -42.38 -84.90 -67.22
N PRO A 4586 -42.75 -85.97 -66.54
CA PRO A 4586 -42.32 -86.13 -65.15
C PRO A 4586 -40.90 -86.66 -65.09
N PRO A 4587 -40.21 -86.53 -63.93
CA PRO A 4587 -38.90 -87.15 -63.81
C PRO A 4587 -38.97 -88.57 -63.28
N ASN A 4626 -50.81 -79.99 -69.60
CA ASN A 4626 -49.51 -79.36 -69.82
C ASN A 4626 -48.82 -79.07 -68.50
N MET A 4627 -49.09 -79.93 -67.51
CA MET A 4627 -48.55 -79.78 -66.16
C MET A 4627 -47.03 -79.85 -66.16
N VAL A 4628 -46.41 -78.90 -65.48
CA VAL A 4628 -44.95 -78.78 -65.46
C VAL A 4628 -44.45 -79.39 -64.16
N TYR A 4629 -43.43 -80.22 -64.26
CA TYR A 4629 -42.80 -80.83 -63.10
C TYR A 4629 -41.52 -80.08 -62.77
N TYR A 4630 -41.37 -79.66 -61.53
CA TYR A 4630 -40.14 -79.03 -61.08
C TYR A 4630 -39.33 -80.09 -60.36
N PHE A 4631 -38.11 -80.33 -60.84
CA PHE A 4631 -37.25 -81.33 -60.23
C PHE A 4631 -35.84 -80.77 -60.11
N LEU A 4632 -35.24 -80.90 -58.94
CA LEU A 4632 -33.83 -80.56 -58.84
C LEU A 4632 -33.05 -81.50 -59.74
N GLU A 4633 -32.05 -80.99 -60.44
CA GLU A 4633 -31.19 -81.85 -61.24
C GLU A 4633 -29.73 -81.71 -60.82
N GLU A 4634 -29.20 -82.74 -60.16
CA GLU A 4634 -27.78 -82.76 -59.83
C GLU A 4634 -27.24 -84.13 -60.17
N SER A 4635 -26.01 -84.16 -60.71
CA SER A 4635 -25.29 -85.36 -61.11
C SER A 4635 -25.26 -86.39 -59.98
N THR A 4636 -24.54 -86.04 -58.91
CA THR A 4636 -24.28 -86.95 -57.80
C THR A 4636 -25.56 -87.41 -57.10
N GLY A 4637 -26.51 -86.50 -56.88
CA GLY A 4637 -27.68 -86.83 -56.09
C GLY A 4637 -27.48 -86.66 -54.62
N TYR A 4638 -26.35 -86.10 -54.22
CA TYR A 4638 -26.08 -85.72 -52.83
C TYR A 4638 -26.98 -84.58 -52.35
N MET A 4639 -27.25 -83.64 -53.25
CA MET A 4639 -27.94 -82.39 -52.88
C MET A 4639 -29.37 -82.56 -52.42
N GLU A 4640 -30.17 -83.45 -53.02
CA GLU A 4640 -31.55 -83.58 -52.53
C GLU A 4640 -31.68 -84.11 -51.09
N PRO A 4641 -30.95 -85.17 -50.64
CA PRO A 4641 -30.99 -85.50 -49.20
C PRO A 4641 -30.50 -84.35 -48.33
N ALA A 4642 -29.44 -83.70 -48.81
CA ALA A 4642 -28.91 -82.52 -48.16
C ALA A 4642 -29.93 -81.39 -48.16
N LEU A 4643 -30.66 -81.20 -49.27
CA LEU A 4643 -31.63 -80.11 -49.31
C LEU A 4643 -32.73 -80.33 -48.28
N TRP A 4644 -33.18 -81.58 -48.16
CA TRP A 4644 -34.24 -81.93 -47.22
C TRP A 4644 -33.77 -81.69 -45.78
N CYS A 4645 -32.56 -82.16 -45.46
CA CYS A 4645 -32.06 -82.01 -44.09
C CYS A 4645 -31.77 -80.56 -43.77
N LEU A 4646 -31.19 -79.83 -44.73
CA LEU A 4646 -30.85 -78.42 -44.54
C LEU A 4646 -32.09 -77.57 -44.33
N SER A 4647 -33.19 -77.90 -45.01
CA SER A 4647 -34.45 -77.20 -44.77
C SER A 4647 -35.01 -77.51 -43.39
N LEU A 4648 -34.90 -78.78 -42.95
CA LEU A 4648 -35.33 -79.12 -41.60
C LEU A 4648 -34.49 -78.39 -40.56
N LEU A 4649 -33.17 -78.37 -40.78
CA LEU A 4649 -32.24 -77.72 -39.88
C LEU A 4649 -32.49 -76.23 -39.82
N HIS A 4650 -32.81 -75.63 -40.98
CA HIS A 4650 -33.06 -74.20 -41.06
C HIS A 4650 -34.29 -73.84 -40.25
N THR A 4651 -35.37 -74.63 -40.41
CA THR A 4651 -36.60 -74.36 -39.68
C THR A 4651 -36.36 -74.47 -38.18
N LEU A 4652 -35.61 -75.50 -37.76
CA LEU A 4652 -35.27 -75.68 -36.35
C LEU A 4652 -34.49 -74.50 -35.78
N VAL A 4653 -33.43 -74.06 -36.48
CA VAL A 4653 -32.66 -72.87 -36.10
C VAL A 4653 -33.53 -71.62 -36.10
N ALA A 4654 -34.53 -71.57 -36.99
CA ALA A 4654 -35.46 -70.44 -37.02
C ALA A 4654 -36.36 -70.44 -35.79
N PHE A 4655 -36.64 -71.61 -35.24
CA PHE A 4655 -37.44 -71.63 -34.02
C PHE A 4655 -36.56 -71.25 -32.83
N LEU A 4656 -35.39 -71.92 -32.73
CA LEU A 4656 -34.38 -71.60 -31.72
C LEU A 4656 -34.00 -70.12 -31.67
N CYS A 4657 -34.18 -69.37 -32.77
CA CYS A 4657 -33.76 -67.99 -32.78
C CYS A 4657 -34.83 -67.13 -32.13
N ILE A 4658 -36.09 -67.47 -32.37
CA ILE A 4658 -37.22 -66.77 -31.76
C ILE A 4658 -37.20 -67.00 -30.25
N ILE A 4659 -36.86 -68.22 -29.83
CA ILE A 4659 -36.79 -68.51 -28.40
C ILE A 4659 -35.61 -67.78 -27.77
N GLY A 4660 -34.43 -67.82 -28.41
CA GLY A 4660 -33.27 -67.08 -27.93
C GLY A 4660 -33.52 -65.59 -27.85
N TYR A 4661 -34.33 -65.06 -28.78
CA TYR A 4661 -34.73 -63.66 -28.73
C TYR A 4661 -35.60 -63.39 -27.51
N ASN A 4662 -36.60 -64.25 -27.28
CA ASN A 4662 -37.53 -64.00 -26.19
C ASN A 4662 -36.80 -64.02 -24.85
N CYS A 4663 -35.89 -64.97 -24.69
CA CYS A 4663 -35.09 -65.07 -23.47
C CYS A 4663 -34.08 -63.93 -23.32
N LEU A 4664 -33.48 -63.44 -24.42
CA LEU A 4664 -32.42 -62.45 -24.28
C LEU A 4664 -32.80 -60.99 -24.51
N LYS A 4665 -33.68 -60.66 -25.45
CA LYS A 4665 -33.89 -59.26 -25.80
C LYS A 4665 -35.25 -58.72 -25.44
N VAL A 4666 -36.23 -59.57 -25.16
CA VAL A 4666 -37.55 -59.12 -24.71
C VAL A 4666 -37.53 -58.52 -23.30
N PRO A 4667 -36.73 -59.01 -22.31
CA PRO A 4667 -36.72 -58.33 -20.99
C PRO A 4667 -36.34 -56.87 -21.06
N LEU A 4668 -35.40 -56.48 -21.93
CA LEU A 4668 -35.02 -55.08 -22.02
C LEU A 4668 -36.14 -54.24 -22.61
N VAL A 4669 -36.98 -54.82 -23.46
CA VAL A 4669 -38.15 -54.09 -23.96
C VAL A 4669 -39.15 -53.89 -22.83
N ILE A 4670 -39.35 -54.93 -22.02
CA ILE A 4670 -40.31 -54.85 -20.93
C ILE A 4670 -39.83 -53.85 -19.89
N PHE A 4671 -38.52 -53.88 -19.61
CA PHE A 4671 -37.91 -52.96 -18.66
C PHE A 4671 -38.05 -51.52 -19.13
N LYS A 4672 -37.78 -51.27 -20.42
CA LYS A 4672 -37.86 -49.92 -20.96
C LYS A 4672 -39.29 -49.40 -20.90
N ARG A 4673 -40.26 -50.29 -21.18
CA ARG A 4673 -41.67 -49.90 -21.16
C ARG A 4673 -42.13 -49.63 -19.74
N GLU A 4674 -41.73 -50.47 -18.78
CA GLU A 4674 -42.08 -50.25 -17.39
C GLU A 4674 -41.42 -48.99 -16.87
N LYS A 4675 -40.19 -48.72 -17.29
CA LYS A 4675 -39.48 -47.52 -16.86
C LYS A 4675 -40.22 -46.29 -17.32
N GLU A 4676 -40.63 -46.29 -18.59
CA GLU A 4676 -41.28 -45.13 -19.17
C GLU A 4676 -42.63 -44.90 -18.51
N LEU A 4677 -43.37 -46.00 -18.30
CA LEU A 4677 -44.70 -45.91 -17.70
C LEU A 4677 -44.60 -45.41 -16.27
N ALA A 4678 -43.64 -45.94 -15.51
CA ALA A 4678 -43.49 -45.56 -14.11
C ALA A 4678 -43.11 -44.09 -13.98
N ARG A 4679 -42.26 -43.59 -14.89
CA ARG A 4679 -41.88 -42.18 -14.85
C ARG A 4679 -43.03 -41.27 -15.22
N LYS A 4680 -43.79 -41.60 -16.28
CA LYS A 4680 -44.94 -40.75 -16.63
C LYS A 4680 -46.03 -40.81 -15.57
N LEU A 4681 -46.27 -42.00 -14.99
CA LEU A 4681 -47.24 -42.14 -13.91
C LEU A 4681 -46.85 -41.35 -12.66
N GLU A 4682 -45.59 -41.43 -12.25
CA GLU A 4682 -45.21 -40.84 -10.97
C GLU A 4682 -44.64 -39.45 -11.12
N PHE A 4683 -44.47 -38.96 -12.34
CA PHE A 4683 -43.93 -37.63 -12.52
C PHE A 4683 -44.77 -36.75 -13.44
N ASP A 4684 -45.74 -37.31 -14.15
CA ASP A 4684 -46.63 -36.53 -14.99
C ASP A 4684 -48.10 -36.82 -14.76
N GLY A 4685 -48.44 -37.79 -13.89
CA GLY A 4685 -49.82 -38.24 -13.71
C GLY A 4685 -50.54 -38.60 -14.99
N LEU A 4686 -50.00 -39.55 -15.76
CA LEU A 4686 -50.55 -39.87 -17.08
C LEU A 4686 -51.97 -40.39 -17.01
N TYR A 4687 -52.30 -41.19 -16.00
CA TYR A 4687 -53.67 -41.69 -15.88
C TYR A 4687 -54.38 -41.15 -14.65
N ILE A 4688 -53.77 -40.20 -13.96
CA ILE A 4688 -54.35 -39.66 -12.73
C ILE A 4688 -54.78 -38.21 -12.88
N THR A 4689 -54.21 -37.48 -13.85
CA THR A 4689 -54.60 -36.11 -14.12
C THR A 4689 -54.88 -35.85 -15.59
N GLU A 4690 -53.83 -35.96 -16.41
CA GLU A 4690 -53.94 -35.61 -17.84
C GLU A 4690 -54.90 -36.52 -18.59
N GLN A 4691 -54.84 -37.85 -18.35
CA GLN A 4691 -55.58 -38.97 -18.96
C GLN A 4691 -54.94 -39.29 -20.32
N PRO A 4692 -55.04 -40.52 -20.83
CA PRO A 4692 -54.34 -40.85 -22.08
C PRO A 4692 -55.00 -40.15 -23.27
N GLY A 4693 -54.21 -40.02 -24.33
CA GLY A 4693 -54.62 -39.25 -25.51
C GLY A 4693 -55.89 -39.72 -26.19
N ASP A 4694 -56.10 -41.06 -26.24
CA ASP A 4694 -57.17 -41.85 -26.88
C ASP A 4694 -56.73 -42.21 -28.29
N ASP A 4695 -55.68 -41.55 -28.76
CA ASP A 4695 -55.03 -41.91 -30.01
C ASP A 4695 -53.64 -42.47 -29.78
N ASP A 4696 -53.25 -42.65 -28.52
CA ASP A 4696 -51.95 -43.20 -28.17
C ASP A 4696 -52.17 -44.67 -27.88
N VAL A 4697 -51.76 -45.51 -28.84
CA VAL A 4697 -51.98 -46.95 -28.74
C VAL A 4697 -51.19 -47.50 -27.57
N LYS A 4698 -49.97 -46.99 -27.39
CA LYS A 4698 -49.09 -47.49 -26.34
C LYS A 4698 -49.70 -47.19 -24.97
N GLY A 4699 -50.21 -45.96 -24.79
CA GLY A 4699 -50.85 -45.60 -23.54
C GLY A 4699 -52.10 -46.42 -23.27
N GLN A 4700 -52.89 -46.68 -24.31
CA GLN A 4700 -54.15 -47.40 -24.11
C GLN A 4700 -53.86 -48.84 -23.77
N TRP A 4701 -52.84 -49.42 -24.42
CA TRP A 4701 -52.52 -50.80 -24.11
C TRP A 4701 -51.95 -50.87 -22.70
N ASP A 4702 -51.17 -49.84 -22.34
CA ASP A 4702 -50.52 -49.79 -21.03
C ASP A 4702 -51.54 -49.63 -19.91
N ARG A 4703 -52.78 -49.23 -20.25
CA ARG A 4703 -53.83 -49.06 -19.24
C ARG A 4703 -54.24 -50.38 -18.59
N LEU A 4704 -53.86 -51.51 -19.17
CA LEU A 4704 -54.25 -52.82 -18.69
C LEU A 4704 -53.30 -53.38 -17.64
N VAL A 4705 -52.15 -52.76 -17.43
CA VAL A 4705 -51.15 -53.34 -16.55
C VAL A 4705 -51.14 -52.66 -15.19
N LEU A 4706 -51.76 -51.48 -15.05
CA LEU A 4706 -51.72 -50.72 -13.81
C LEU A 4706 -52.37 -51.48 -12.66
N ASN A 4707 -53.55 -52.05 -12.93
CA ASN A 4707 -54.32 -52.75 -11.91
C ASN A 4707 -53.63 -54.01 -11.42
N THR A 4708 -52.87 -54.69 -12.31
CA THR A 4708 -52.28 -55.99 -12.02
C THR A 4708 -51.38 -55.98 -10.79
N PRO A 4709 -51.35 -57.07 -10.02
CA PRO A 4709 -50.46 -57.15 -8.85
C PRO A 4709 -48.97 -57.11 -9.15
N SER A 4710 -48.54 -57.23 -10.41
CA SER A 4710 -47.13 -57.27 -10.74
C SER A 4710 -46.82 -56.24 -11.83
N PHE A 4711 -47.00 -54.98 -11.51
CA PHE A 4711 -46.79 -53.93 -12.50
C PHE A 4711 -45.30 -53.82 -12.86
N PRO A 4712 -44.34 -53.91 -11.90
CA PRO A 4712 -42.95 -53.98 -12.35
C PRO A 4712 -42.29 -55.32 -12.01
N SER A 4713 -42.16 -56.18 -13.02
CA SER A 4713 -41.46 -57.43 -12.77
C SER A 4713 -40.01 -57.39 -13.21
N ASN A 4714 -39.64 -56.44 -14.07
CA ASN A 4714 -38.25 -56.32 -14.47
C ASN A 4714 -37.64 -55.04 -13.94
N TYR A 4715 -38.39 -53.94 -13.99
CA TYR A 4715 -37.91 -52.65 -13.51
C TYR A 4715 -37.65 -52.74 -12.01
N TRP A 4716 -36.61 -52.05 -11.55
CA TRP A 4716 -36.20 -52.20 -10.16
C TRP A 4716 -36.82 -51.16 -9.23
N ASP A 4717 -37.66 -50.25 -9.73
CA ASP A 4717 -38.31 -49.32 -8.81
C ASP A 4717 -39.52 -50.06 -8.28
N LYS A 4718 -39.30 -50.75 -7.17
CA LYS A 4718 -40.29 -51.56 -6.50
C LYS A 4718 -41.40 -50.74 -5.86
N PHE A 4719 -41.12 -49.49 -5.47
CA PHE A 4719 -42.05 -48.67 -4.71
C PHE A 4719 -42.77 -47.65 -5.56
N VAL A 4720 -42.96 -47.94 -6.86
CA VAL A 4720 -43.55 -46.97 -7.77
C VAL A 4720 -44.99 -46.66 -7.37
N LYS A 4721 -45.75 -47.70 -7.00
CA LYS A 4721 -47.15 -47.55 -6.66
C LYS A 4721 -47.28 -46.70 -5.39
N ARG A 4722 -46.45 -47.01 -4.39
CA ARG A 4722 -46.53 -46.28 -3.12
C ARG A 4722 -46.14 -44.83 -3.33
N LYS A 4723 -45.11 -44.59 -4.13
CA LYS A 4723 -44.61 -43.23 -4.33
C LYS A 4723 -45.63 -42.38 -5.10
N VAL A 4724 -46.28 -42.98 -6.11
CA VAL A 4724 -47.29 -42.23 -6.84
C VAL A 4724 -48.52 -42.02 -5.97
N LEU A 4725 -48.79 -42.94 -5.03
CA LEU A 4725 -49.86 -42.75 -4.07
C LEU A 4725 -49.58 -41.57 -3.16
N ASP A 4726 -48.34 -41.44 -2.68
CA ASP A 4726 -47.99 -40.27 -1.87
C ASP A 4726 -48.06 -38.98 -2.67
N LYS A 4727 -47.56 -39.01 -3.92
CA LYS A 4727 -47.48 -37.81 -4.74
C LYS A 4727 -48.84 -37.29 -5.17
N HIS A 4728 -49.77 -38.18 -5.55
CA HIS A 4728 -51.05 -37.77 -6.12
C HIS A 4728 -52.25 -38.20 -5.29
N GLY A 4729 -52.03 -38.83 -4.14
CA GLY A 4729 -53.14 -39.29 -3.32
C GLY A 4729 -54.00 -38.19 -2.73
N ASP A 4730 -53.36 -37.12 -2.24
CA ASP A 4730 -54.12 -36.06 -1.57
C ASP A 4730 -55.08 -35.33 -2.51
N ILE A 4731 -54.58 -34.90 -3.67
CA ILE A 4731 -55.42 -34.11 -4.58
C ILE A 4731 -56.49 -34.98 -5.24
N PHE A 4732 -56.14 -36.18 -5.68
CA PHE A 4732 -57.02 -37.04 -6.45
C PHE A 4732 -57.70 -38.12 -5.63
N GLY A 4733 -57.53 -38.14 -4.32
CA GLY A 4733 -58.21 -39.12 -3.50
C GLY A 4733 -57.35 -40.36 -3.38
N ARG A 4734 -57.64 -41.16 -2.35
CA ARG A 4734 -56.79 -42.32 -2.10
C ARG A 4734 -57.39 -43.61 -2.62
N GLU A 4735 -58.68 -43.82 -2.37
CA GLU A 4735 -59.33 -45.07 -2.76
C GLU A 4735 -59.39 -45.22 -4.28
N ARG A 4736 -59.59 -44.11 -5.00
CA ARG A 4736 -59.54 -44.15 -6.46
C ARG A 4736 -58.18 -44.59 -6.96
N ILE A 4737 -57.13 -44.06 -6.35
CA ILE A 4737 -55.76 -44.40 -6.74
C ILE A 4737 -55.49 -45.86 -6.44
N ALA A 4738 -55.97 -46.35 -5.29
CA ALA A 4738 -55.77 -47.75 -4.94
C ALA A 4738 -56.54 -48.70 -5.83
N GLU A 4739 -57.77 -48.35 -6.24
CA GLU A 4739 -58.48 -49.24 -7.16
C GLU A 4739 -57.78 -49.25 -8.51
N LEU A 4740 -57.39 -48.06 -9.00
CA LEU A 4740 -56.72 -47.96 -10.30
C LEU A 4740 -55.45 -48.79 -10.34
N LEU A 4741 -54.68 -48.79 -9.25
CA LEU A 4741 -53.41 -49.48 -9.22
C LEU A 4741 -53.47 -50.79 -8.45
N GLY A 4742 -54.69 -51.29 -8.20
CA GLY A 4742 -54.94 -52.57 -7.55
C GLY A 4742 -54.18 -52.80 -6.26
N MET A 4743 -54.26 -51.82 -5.36
CA MET A 4743 -53.59 -51.85 -4.07
C MET A 4743 -54.64 -51.95 -2.98
N ASP A 4744 -54.37 -52.79 -1.97
CA ASP A 4744 -55.24 -52.89 -0.81
C ASP A 4744 -54.82 -51.86 0.25
N LEU A 4745 -55.61 -50.79 0.33
CA LEU A 4745 -55.31 -49.70 1.27
C LEU A 4745 -55.40 -50.19 2.71
N ALA A 4746 -56.36 -51.08 2.98
CA ALA A 4746 -56.59 -51.61 4.32
C ALA A 4746 -55.37 -52.37 4.80
N SER A 4747 -54.80 -53.21 3.94
CA SER A 4747 -53.66 -54.02 4.31
C SER A 4747 -52.34 -53.28 4.12
N LEU A 4748 -52.38 -52.06 3.58
CA LEU A 4748 -51.17 -51.30 3.30
C LEU A 4748 -50.42 -50.95 4.58
N GLU A 4749 -51.15 -50.49 5.61
CA GLU A 4749 -50.52 -50.05 6.85
C GLU A 4749 -49.98 -51.22 7.67
N ILE A 4750 -50.80 -52.24 7.92
CA ILE A 4750 -50.39 -53.30 8.83
C ILE A 4750 -49.61 -54.38 8.08
N ASP A 4772 -50.77 -64.42 -13.63
CA ASP A 4772 -51.56 -63.21 -13.76
C ASP A 4772 -51.86 -62.98 -15.24
N VAL A 4773 -53.07 -63.37 -15.65
CA VAL A 4773 -53.49 -63.37 -17.05
C VAL A 4773 -53.56 -61.97 -17.65
N LYS A 4774 -53.66 -60.94 -16.82
CA LYS A 4774 -53.73 -59.57 -17.31
C LYS A 4774 -52.34 -59.05 -17.62
N TYR A 4775 -51.41 -59.32 -16.71
CA TYR A 4775 -50.00 -58.99 -16.94
C TYR A 4775 -49.47 -59.75 -18.14
N GLN A 4776 -49.79 -61.04 -18.24
CA GLN A 4776 -49.31 -61.85 -19.36
C GLN A 4776 -49.88 -61.37 -20.70
N ILE A 4777 -51.16 -60.98 -20.72
CA ILE A 4777 -51.76 -60.40 -21.93
C ILE A 4777 -51.05 -59.11 -22.31
N TRP A 4778 -50.75 -58.26 -21.32
CA TRP A 4778 -50.13 -56.97 -21.63
C TRP A 4778 -48.73 -57.20 -22.17
N LYS A 4779 -47.98 -58.11 -21.52
CA LYS A 4779 -46.60 -58.38 -21.90
C LYS A 4779 -46.58 -58.91 -23.32
N PHE A 4780 -47.51 -59.81 -23.64
CA PHE A 4780 -47.60 -60.41 -24.97
C PHE A 4780 -47.88 -59.35 -26.01
N GLY A 4781 -48.75 -58.38 -25.69
CA GLY A 4781 -48.98 -57.27 -26.62
C GLY A 4781 -47.74 -56.44 -26.86
N VAL A 4782 -46.94 -56.23 -25.81
CA VAL A 4782 -45.68 -55.51 -25.98
C VAL A 4782 -44.70 -56.33 -26.81
N ILE A 4783 -44.62 -57.64 -26.58
CA ILE A 4783 -43.78 -58.52 -27.40
C ILE A 4783 -44.27 -58.52 -28.84
N PHE A 4784 -45.57 -58.53 -29.04
CA PHE A 4784 -46.16 -58.65 -30.37
C PHE A 4784 -46.32 -57.29 -31.03
N THR A 4785 -45.67 -56.27 -30.49
CA THR A 4785 -45.59 -54.97 -31.15
C THR A 4785 -44.12 -54.59 -31.36
N ASP A 4786 -43.20 -55.47 -30.98
CA ASP A 4786 -41.77 -55.24 -31.16
C ASP A 4786 -41.39 -55.56 -32.60
N ASN A 4787 -40.73 -54.61 -33.28
CA ASN A 4787 -40.42 -54.79 -34.69
C ASN A 4787 -39.46 -55.96 -34.93
N SER A 4788 -38.45 -56.12 -34.06
CA SER A 4788 -37.47 -57.17 -34.26
C SER A 4788 -38.09 -58.55 -34.10
N PHE A 4789 -39.02 -58.66 -33.14
CA PHE A 4789 -39.71 -59.93 -32.92
C PHE A 4789 -40.60 -60.24 -34.10
N LEU A 4790 -41.23 -59.22 -34.67
CA LEU A 4790 -42.13 -59.42 -35.80
C LEU A 4790 -41.33 -59.85 -37.02
N TYR A 4791 -40.12 -59.28 -37.19
CA TYR A 4791 -39.25 -59.74 -38.25
C TYR A 4791 -38.84 -61.19 -38.04
N LEU A 4792 -38.50 -61.57 -36.82
CA LEU A 4792 -38.04 -62.92 -36.56
C LEU A 4792 -39.16 -63.93 -36.77
N GLY A 4793 -40.38 -63.52 -36.44
CA GLY A 4793 -41.54 -64.35 -36.72
C GLY A 4793 -41.88 -64.41 -38.19
N TRP A 4794 -41.54 -63.36 -38.94
CA TRP A 4794 -41.71 -63.45 -40.39
C TRP A 4794 -40.65 -64.37 -40.98
N TYR A 4795 -39.47 -64.40 -40.39
CA TYR A 4795 -38.43 -65.33 -40.82
C TYR A 4795 -38.87 -66.76 -40.60
N MET A 4796 -39.47 -67.02 -39.44
CA MET A 4796 -39.99 -68.33 -39.10
C MET A 4796 -41.18 -68.70 -39.97
N VAL A 4797 -42.00 -67.73 -40.36
CA VAL A 4797 -43.12 -68.00 -41.26
C VAL A 4797 -42.61 -68.38 -42.63
N MET A 4798 -41.64 -67.63 -43.18
CA MET A 4798 -41.17 -67.98 -44.51
C MET A 4798 -40.38 -69.28 -44.48
N SER A 4799 -39.81 -69.62 -43.33
CA SER A 4799 -39.10 -70.88 -43.19
C SER A 4799 -40.09 -72.03 -43.19
N LEU A 4800 -41.24 -71.80 -42.57
CA LEU A 4800 -42.28 -72.83 -42.51
C LEU A 4800 -42.86 -73.03 -43.90
N LEU A 4801 -43.16 -71.91 -44.59
CA LEU A 4801 -43.75 -71.98 -45.91
C LEU A 4801 -42.80 -72.64 -46.91
N GLY A 4802 -41.49 -72.41 -46.74
CA GLY A 4802 -40.51 -72.96 -47.68
C GLY A 4802 -40.46 -74.48 -47.77
N HIS A 4803 -41.21 -75.17 -46.91
CA HIS A 4803 -41.37 -76.61 -46.95
C HIS A 4803 -42.51 -76.96 -47.88
N TYR A 4804 -43.56 -76.13 -47.86
CA TYR A 4804 -44.66 -76.26 -48.81
C TYR A 4804 -44.20 -76.02 -50.23
N ASN A 4805 -43.53 -74.88 -50.47
CA ASN A 4805 -42.94 -74.65 -51.77
C ASN A 4805 -41.49 -74.26 -51.52
N ASN A 4806 -40.55 -74.95 -52.17
CA ASN A 4806 -39.14 -74.74 -51.87
C ASN A 4806 -38.65 -73.35 -52.23
N PHE A 4807 -39.32 -72.67 -53.16
CA PHE A 4807 -38.77 -71.41 -53.65
C PHE A 4807 -39.05 -70.25 -52.71
N PHE A 4808 -39.71 -70.51 -51.58
CA PHE A 4808 -39.96 -69.48 -50.60
C PHE A 4808 -38.77 -69.29 -49.68
N PHE A 4809 -37.73 -70.07 -49.89
CA PHE A 4809 -36.58 -70.08 -49.02
C PHE A 4809 -35.55 -69.07 -49.49
N ALA A 4810 -35.91 -68.27 -50.48
CA ALA A 4810 -35.03 -67.28 -51.07
C ALA A 4810 -35.43 -65.89 -50.65
N ALA A 4811 -36.37 -65.78 -49.72
CA ALA A 4811 -36.77 -64.51 -49.15
C ALA A 4811 -36.00 -64.27 -47.88
N HIS A 4812 -35.14 -65.21 -47.55
CA HIS A 4812 -34.34 -65.18 -46.34
C HIS A 4812 -33.04 -64.48 -46.61
N LEU A 4813 -32.70 -64.31 -47.89
CA LEU A 4813 -31.44 -63.72 -48.29
C LEU A 4813 -31.40 -62.25 -47.95
N LEU A 4814 -32.55 -61.61 -47.76
CA LEU A 4814 -32.65 -60.19 -47.41
C LEU A 4814 -32.18 -59.92 -46.00
N ASP A 4815 -31.98 -60.95 -45.19
CA ASP A 4815 -31.45 -60.81 -43.85
C ASP A 4815 -29.99 -60.32 -43.85
N ILE A 4816 -29.32 -60.30 -45.00
CA ILE A 4816 -27.94 -59.79 -45.09
C ILE A 4816 -27.87 -58.32 -44.70
N ALA A 4817 -28.86 -57.53 -45.11
CA ALA A 4817 -28.91 -56.10 -44.82
C ALA A 4817 -29.02 -55.83 -43.32
N MET A 4818 -29.92 -56.53 -42.65
CA MET A 4818 -30.02 -56.42 -41.19
C MET A 4818 -28.80 -57.02 -40.49
N GLY A 4819 -28.33 -58.16 -40.95
CA GLY A 4819 -27.23 -58.84 -40.27
C GLY A 4819 -25.89 -58.14 -40.38
N VAL A 4820 -25.53 -57.68 -41.58
CA VAL A 4820 -24.20 -57.15 -41.81
C VAL A 4820 -24.22 -55.63 -41.69
N LYS A 4821 -23.25 -55.11 -40.94
CA LYS A 4821 -23.17 -53.68 -40.66
C LYS A 4821 -22.80 -52.88 -41.89
N THR A 4822 -21.93 -53.44 -42.73
CA THR A 4822 -21.54 -52.77 -43.97
C THR A 4822 -22.71 -52.56 -44.91
N LEU A 4823 -23.58 -53.57 -45.05
CA LEU A 4823 -24.68 -53.41 -46.00
C LEU A 4823 -25.67 -52.41 -45.46
N ARG A 4824 -25.95 -52.52 -44.16
CA ARG A 4824 -26.89 -51.62 -43.49
C ARG A 4824 -26.42 -50.18 -43.65
N THR A 4825 -25.11 -49.98 -43.53
CA THR A 4825 -24.51 -48.66 -43.71
C THR A 4825 -24.64 -48.17 -45.15
N ILE A 4826 -24.38 -49.06 -46.13
CA ILE A 4826 -24.53 -48.66 -47.53
C ILE A 4826 -25.98 -48.31 -47.84
N LEU A 4827 -26.91 -49.09 -47.29
CA LEU A 4827 -28.33 -48.88 -47.56
C LEU A 4827 -28.90 -47.74 -46.75
N SER A 4828 -28.11 -47.19 -45.83
CA SER A 4828 -28.57 -46.01 -45.12
C SER A 4828 -28.55 -44.79 -46.02
N SER A 4829 -27.66 -44.78 -47.01
CA SER A 4829 -27.68 -43.70 -48.00
C SER A 4829 -28.96 -43.73 -48.82
N VAL A 4830 -29.41 -44.93 -49.20
CA VAL A 4830 -30.67 -45.10 -49.91
C VAL A 4830 -31.86 -44.72 -49.04
N THR A 4831 -31.84 -45.06 -47.76
CA THR A 4831 -33.02 -44.85 -46.93
C THR A 4831 -33.03 -43.51 -46.20
N HIS A 4832 -31.90 -42.81 -46.16
CA HIS A 4832 -31.85 -41.49 -45.55
C HIS A 4832 -32.72 -40.50 -46.32
N ASN A 4833 -32.63 -40.52 -47.65
CA ASN A 4833 -33.36 -39.58 -48.49
C ASN A 4833 -34.52 -40.28 -49.20
N GLY A 4834 -35.10 -41.29 -48.53
CA GLY A 4834 -36.11 -42.12 -49.16
C GLY A 4834 -37.39 -41.41 -49.53
N LYS A 4835 -37.89 -40.54 -48.64
CA LYS A 4835 -39.09 -39.76 -48.97
C LYS A 4835 -38.84 -38.80 -50.12
N GLN A 4836 -37.63 -38.24 -50.19
CA GLN A 4836 -37.31 -37.33 -51.29
C GLN A 4836 -37.24 -38.09 -52.60
N LEU A 4837 -36.70 -39.32 -52.57
CA LEU A 4837 -36.67 -40.15 -53.76
C LEU A 4837 -38.08 -40.53 -54.21
N VAL A 4838 -38.95 -40.85 -53.26
CA VAL A 4838 -40.31 -41.27 -53.61
C VAL A 4838 -41.08 -40.11 -54.22
N MET A 4839 -40.89 -38.92 -53.67
CA MET A 4839 -41.61 -37.77 -54.20
C MET A 4839 -41.04 -37.37 -55.56
N THR A 4840 -39.75 -37.64 -55.78
CA THR A 4840 -39.16 -37.40 -57.09
C THR A 4840 -39.71 -38.36 -58.13
N VAL A 4841 -39.99 -39.60 -57.71
CA VAL A 4841 -40.62 -40.57 -58.60
C VAL A 4841 -42.03 -40.14 -58.96
N GLY A 4842 -42.77 -39.62 -57.98
CA GLY A 4842 -44.10 -39.09 -58.28
C GLY A 4842 -44.07 -37.84 -59.15
N LEU A 4843 -42.97 -37.10 -59.07
CA LEU A 4843 -42.76 -35.97 -59.97
C LEU A 4843 -42.51 -36.45 -61.38
N LEU A 4844 -41.72 -37.51 -61.53
CA LEU A 4844 -41.49 -38.11 -62.84
C LEU A 4844 -42.78 -38.65 -63.44
N ALA A 4845 -43.62 -39.28 -62.62
CA ALA A 4845 -44.93 -39.77 -63.05
C ALA A 4845 -45.85 -38.65 -63.53
N VAL A 4846 -45.83 -37.50 -62.85
CA VAL A 4846 -46.58 -36.32 -63.29
C VAL A 4846 -46.07 -35.78 -64.64
N VAL A 4847 -44.76 -35.62 -64.79
CA VAL A 4847 -44.27 -35.06 -66.05
C VAL A 4847 -44.45 -36.03 -67.22
N VAL A 4848 -44.27 -37.35 -67.00
CA VAL A 4848 -44.55 -38.31 -68.04
C VAL A 4848 -46.03 -38.29 -68.41
N TYR A 4849 -46.90 -38.01 -67.42
CA TYR A 4849 -48.32 -37.86 -67.75
C TYR A 4849 -48.54 -36.64 -68.65
N LEU A 4850 -47.82 -35.55 -68.38
CA LEU A 4850 -48.00 -34.34 -69.19
C LEU A 4850 -47.57 -34.56 -70.64
N TYR A 4851 -46.45 -35.26 -70.84
CA TYR A 4851 -46.08 -35.63 -72.20
C TYR A 4851 -47.06 -36.61 -72.83
N THR A 4852 -47.61 -37.54 -72.03
CA THR A 4852 -48.64 -38.45 -72.53
C THR A 4852 -49.82 -37.66 -73.08
N VAL A 4853 -50.26 -36.64 -72.35
CA VAL A 4853 -51.41 -35.83 -72.75
C VAL A 4853 -51.12 -35.12 -74.07
N VAL A 4854 -49.89 -34.63 -74.21
CA VAL A 4854 -49.51 -33.88 -75.41
C VAL A 4854 -49.40 -34.79 -76.62
N ALA A 4855 -48.91 -36.02 -76.42
CA ALA A 4855 -48.88 -36.98 -77.51
C ALA A 4855 -50.27 -37.47 -77.88
N PHE A 4856 -51.15 -37.64 -76.90
CA PHE A 4856 -52.49 -38.16 -77.20
C PHE A 4856 -53.29 -37.13 -77.97
N ASN A 4857 -53.13 -35.87 -77.61
CA ASN A 4857 -53.80 -34.78 -78.29
C ASN A 4857 -53.21 -34.48 -79.67
N PHE A 4858 -51.93 -34.74 -79.91
CA PHE A 4858 -51.35 -34.23 -81.16
C PHE A 4858 -50.43 -35.17 -81.92
N PHE A 4859 -50.10 -36.35 -81.39
CA PHE A 4859 -49.02 -37.17 -81.94
C PHE A 4859 -49.44 -38.63 -82.03
N ARG A 4860 -50.74 -38.86 -82.20
CA ARG A 4860 -51.29 -40.22 -82.19
C ARG A 4860 -50.80 -41.07 -83.35
N LYS A 4861 -50.53 -40.45 -84.51
CA LYS A 4861 -50.12 -41.18 -85.70
C LYS A 4861 -48.79 -41.90 -85.50
N PHE A 4862 -47.87 -41.27 -84.79
CA PHE A 4862 -46.49 -41.72 -84.73
C PHE A 4862 -46.27 -42.96 -83.86
N TYR A 4863 -47.26 -43.41 -83.10
CA TYR A 4863 -47.02 -44.43 -82.10
C TYR A 4863 -47.48 -45.82 -82.54
N ASN A 4864 -47.41 -46.11 -83.84
CA ASN A 4864 -47.72 -47.45 -84.30
C ASN A 4864 -46.52 -48.35 -84.12
N LYS A 4865 -46.66 -49.37 -83.29
CA LYS A 4865 -45.54 -50.23 -82.93
C LYS A 4865 -45.62 -51.56 -83.66
N SER A 4866 -46.37 -51.62 -84.75
CA SER A 4866 -46.55 -52.83 -85.54
C SER A 4866 -45.96 -52.62 -86.93
N GLU A 4867 -45.00 -53.47 -87.29
CA GLU A 4867 -44.43 -53.42 -88.63
C GLU A 4867 -45.45 -53.82 -89.67
N ASP A 4868 -46.28 -54.81 -89.34
CA ASP A 4868 -47.26 -55.35 -90.28
C ASP A 4868 -48.38 -54.35 -90.52
N GLU A 4869 -48.57 -53.97 -91.78
CA GLU A 4869 -49.65 -53.06 -92.16
C GLU A 4869 -51.03 -53.71 -92.08
N ASP A 4870 -51.08 -55.04 -91.92
CA ASP A 4870 -52.36 -55.74 -91.82
C ASP A 4870 -53.11 -55.33 -90.55
N GLU A 4871 -52.43 -55.40 -89.40
CA GLU A 4871 -53.02 -54.90 -88.17
C GLU A 4871 -52.19 -53.75 -87.61
N PRO A 4872 -52.77 -52.56 -87.48
CA PRO A 4872 -52.06 -51.47 -86.79
C PRO A 4872 -52.10 -51.71 -85.29
N ASP A 4873 -51.01 -51.36 -84.61
CA ASP A 4873 -50.96 -51.42 -83.16
C ASP A 4873 -50.50 -50.11 -82.55
N MET A 4874 -51.21 -49.03 -82.91
CA MET A 4874 -50.95 -47.72 -82.31
C MET A 4874 -51.09 -47.81 -80.79
N LYS A 4875 -50.11 -47.28 -80.07
CA LYS A 4875 -50.09 -47.41 -78.63
C LYS A 4875 -50.46 -46.12 -77.92
N CYS A 4876 -51.11 -45.20 -78.62
CA CYS A 4876 -51.54 -43.94 -78.05
C CYS A 4876 -53.01 -43.63 -78.33
N ASP A 4877 -53.84 -44.64 -78.57
CA ASP A 4877 -55.23 -44.33 -78.87
C ASP A 4877 -56.08 -44.32 -77.62
N ASP A 4878 -55.45 -44.46 -76.47
CA ASP A 4878 -56.10 -44.54 -75.18
C ASP A 4878 -55.10 -43.92 -74.23
N MET A 4879 -55.57 -43.44 -73.10
CA MET A 4879 -54.62 -42.77 -72.25
C MET A 4879 -54.05 -43.74 -71.25
N MET A 4880 -54.74 -44.85 -70.99
CA MET A 4880 -54.16 -45.87 -70.15
C MET A 4880 -53.04 -46.56 -70.89
N THR A 4881 -53.24 -46.88 -72.18
CA THR A 4881 -52.20 -47.56 -72.93
C THR A 4881 -51.06 -46.60 -73.27
N CYS A 4882 -51.37 -45.33 -73.55
CA CYS A 4882 -50.30 -44.37 -73.85
C CYS A 4882 -49.47 -44.04 -72.63
N TYR A 4883 -50.11 -43.95 -71.44
CA TYR A 4883 -49.35 -43.81 -70.20
C TYR A 4883 -48.55 -45.06 -69.86
N LEU A 4884 -49.10 -46.24 -70.12
CA LEU A 4884 -48.33 -47.47 -69.93
C LEU A 4884 -47.14 -47.49 -70.90
N PHE A 4885 -47.35 -47.02 -72.12
CA PHE A 4885 -46.28 -47.00 -73.11
C PHE A 4885 -45.19 -46.02 -72.73
N HIS A 4886 -45.58 -44.82 -72.30
CA HIS A 4886 -44.61 -43.80 -71.98
C HIS A 4886 -43.82 -44.15 -70.73
N MET A 4887 -44.50 -44.67 -69.71
CA MET A 4887 -43.80 -45.12 -68.50
C MET A 4887 -42.94 -46.36 -68.71
N TYR A 4888 -43.45 -47.37 -69.42
CA TYR A 4888 -42.63 -48.55 -69.62
C TYR A 4888 -41.47 -48.32 -70.60
N VAL A 4889 -41.71 -47.66 -71.74
CA VAL A 4889 -40.66 -47.62 -72.76
C VAL A 4889 -39.92 -46.29 -72.88
N GLY A 4890 -40.41 -45.18 -72.29
CA GLY A 4890 -39.77 -43.92 -72.53
C GLY A 4890 -38.73 -43.53 -71.52
N VAL A 4891 -38.97 -43.87 -70.26
CA VAL A 4891 -37.99 -43.59 -69.24
C VAL A 4891 -36.87 -44.62 -69.29
N ARG A 4892 -37.15 -45.82 -69.79
CA ARG A 4892 -36.14 -46.86 -69.88
C ARG A 4892 -35.31 -46.79 -71.15
N ALA A 4893 -35.66 -45.94 -72.09
CA ALA A 4893 -34.88 -45.79 -73.30
C ALA A 4893 -33.77 -44.79 -73.05
N GLY A 4894 -32.65 -44.97 -73.76
CA GLY A 4894 -31.50 -44.10 -73.55
C GLY A 4894 -31.75 -42.68 -74.01
N GLY A 4895 -32.39 -42.51 -75.17
CA GLY A 4895 -32.66 -41.20 -75.72
C GLY A 4895 -34.09 -40.73 -75.57
N GLY A 4896 -34.89 -41.39 -74.75
CA GLY A 4896 -36.26 -40.98 -74.55
C GLY A 4896 -37.19 -41.70 -75.50
N ILE A 4897 -38.36 -41.09 -75.70
CA ILE A 4897 -39.38 -41.71 -76.54
C ILE A 4897 -39.01 -41.70 -78.03
N GLY A 4898 -38.07 -40.84 -78.44
CA GLY A 4898 -37.69 -40.72 -79.84
C GLY A 4898 -37.05 -41.96 -80.42
N ASP A 4899 -36.40 -42.78 -79.59
CA ASP A 4899 -35.89 -44.06 -80.08
C ASP A 4899 -37.03 -44.96 -80.51
N GLU A 4900 -38.12 -44.97 -79.74
CA GLU A 4900 -39.17 -45.95 -79.98
C GLU A 4900 -40.12 -45.51 -81.09
N ILE A 4901 -40.55 -44.24 -81.08
CA ILE A 4901 -41.62 -43.87 -81.99
C ILE A 4901 -41.10 -43.50 -83.37
N GLU A 4902 -42.01 -43.39 -84.33
CA GLU A 4902 -41.73 -43.28 -85.75
C GLU A 4902 -40.98 -41.99 -86.07
N ASP A 4903 -40.10 -42.07 -87.08
CA ASP A 4903 -39.30 -40.95 -87.55
C ASP A 4903 -40.16 -39.80 -88.04
N PRO A 4904 -40.01 -38.61 -87.49
CA PRO A 4904 -40.84 -37.45 -87.86
C PRO A 4904 -40.43 -36.72 -89.12
N ALA A 4905 -39.45 -37.21 -89.88
CA ALA A 4905 -39.02 -36.50 -91.09
C ALA A 4905 -40.14 -36.42 -92.10
N GLY A 4906 -40.09 -35.37 -92.92
CA GLY A 4906 -41.09 -35.05 -93.92
C GLY A 4906 -42.51 -34.92 -93.40
N ASP A 4907 -42.72 -34.03 -92.42
CA ASP A 4907 -44.05 -33.86 -91.86
C ASP A 4907 -44.22 -32.41 -91.42
N GLU A 4908 -45.49 -31.98 -91.37
CA GLU A 4908 -45.81 -30.63 -90.92
C GLU A 4908 -45.53 -30.44 -89.43
N TYR A 4909 -45.58 -31.51 -88.64
CA TYR A 4909 -45.41 -31.43 -87.20
C TYR A 4909 -44.03 -31.84 -86.77
N GLU A 4910 -43.09 -31.87 -87.71
CA GLU A 4910 -41.73 -32.34 -87.44
C GLU A 4910 -41.06 -31.52 -86.35
N LEU A 4911 -41.11 -30.20 -86.47
CA LEU A 4911 -40.43 -29.33 -85.49
C LEU A 4911 -41.05 -29.45 -84.12
N TYR A 4912 -42.38 -29.63 -84.07
CA TYR A 4912 -43.04 -29.82 -82.79
C TYR A 4912 -42.61 -31.13 -82.15
N ARG A 4913 -42.53 -32.20 -82.94
CA ARG A 4913 -42.13 -33.49 -82.39
C ARG A 4913 -40.64 -33.56 -82.02
N VAL A 4914 -39.76 -32.84 -82.71
CA VAL A 4914 -38.37 -32.74 -82.26
C VAL A 4914 -38.26 -31.96 -80.95
N VAL A 4915 -39.01 -30.86 -80.80
CA VAL A 4915 -39.00 -30.15 -79.51
C VAL A 4915 -39.65 -31.00 -78.43
N PHE A 4916 -40.56 -31.88 -78.81
CA PHE A 4916 -41.17 -32.85 -77.91
C PHE A 4916 -40.11 -33.82 -77.38
N ASP A 4917 -39.46 -34.56 -78.29
CA ASP A 4917 -38.48 -35.56 -77.86
C ASP A 4917 -37.32 -34.91 -77.13
N ILE A 4918 -36.82 -33.77 -77.63
CA ILE A 4918 -35.64 -33.15 -77.02
C ILE A 4918 -35.95 -32.72 -75.59
N THR A 4919 -37.14 -32.13 -75.36
CA THR A 4919 -37.51 -31.79 -74.00
C THR A 4919 -37.65 -33.05 -73.16
N PHE A 4920 -38.26 -34.10 -73.71
CA PHE A 4920 -38.43 -35.36 -72.99
C PHE A 4920 -37.10 -35.94 -72.55
N PHE A 4921 -36.09 -35.77 -73.40
CA PHE A 4921 -34.74 -36.26 -73.14
C PHE A 4921 -34.09 -35.42 -72.05
N PHE A 4922 -34.12 -34.10 -72.18
CA PHE A 4922 -33.43 -33.25 -71.20
C PHE A 4922 -34.12 -33.35 -69.86
N PHE A 4923 -35.45 -33.21 -69.85
CA PHE A 4923 -36.19 -33.12 -68.61
C PHE A 4923 -36.31 -34.45 -67.90
N VAL A 4924 -36.63 -35.52 -68.61
CA VAL A 4924 -36.91 -36.80 -67.98
C VAL A 4924 -35.69 -37.70 -67.90
N ILE A 4925 -34.97 -37.84 -69.01
CA ILE A 4925 -33.86 -38.80 -69.06
C ILE A 4925 -32.67 -38.28 -68.29
N VAL A 4926 -32.40 -36.98 -68.37
CA VAL A 4926 -31.18 -36.42 -67.83
C VAL A 4926 -31.48 -35.78 -66.48
N ILE A 4927 -32.23 -34.68 -66.49
CA ILE A 4927 -32.51 -33.90 -65.28
C ILE A 4927 -33.20 -34.73 -64.21
N LEU A 4928 -34.08 -35.64 -64.59
CA LEU A 4928 -34.87 -36.33 -63.57
C LEU A 4928 -34.24 -37.63 -63.07
N LEU A 4929 -33.08 -38.02 -63.57
CA LEU A 4929 -32.36 -39.15 -63.01
C LEU A 4929 -31.09 -38.66 -62.37
N ALA A 4930 -30.75 -37.41 -62.65
CA ALA A 4930 -29.68 -36.73 -61.98
C ALA A 4930 -30.09 -36.38 -60.57
N ILE A 4931 -31.38 -36.09 -60.36
CA ILE A 4931 -31.86 -35.80 -59.02
C ILE A 4931 -31.75 -37.04 -58.15
N ILE A 4932 -32.04 -38.22 -58.71
CA ILE A 4932 -31.95 -39.47 -57.97
C ILE A 4932 -30.49 -39.78 -57.60
N GLN A 4933 -29.59 -39.60 -58.59
CA GLN A 4933 -28.17 -39.80 -58.32
C GLN A 4933 -27.64 -38.76 -57.35
N GLY A 4934 -28.06 -37.51 -57.48
CA GLY A 4934 -27.62 -36.47 -56.57
C GLY A 4934 -28.12 -36.67 -55.15
N LEU A 4935 -29.32 -37.20 -55.00
CA LEU A 4935 -29.82 -37.56 -53.67
C LEU A 4935 -28.97 -38.61 -53.00
N ILE A 4936 -28.59 -39.66 -53.74
CA ILE A 4936 -27.67 -40.67 -53.19
C ILE A 4936 -26.27 -40.10 -52.90
N ILE A 4937 -25.70 -39.33 -53.83
CA ILE A 4937 -24.38 -38.72 -53.61
C ILE A 4937 -24.41 -37.74 -52.44
N ASP A 4938 -25.46 -36.93 -52.35
CA ASP A 4938 -25.63 -36.04 -51.21
C ASP A 4938 -25.75 -36.83 -49.92
N ALA A 4939 -26.44 -37.98 -49.96
CA ALA A 4939 -26.65 -38.75 -48.74
C ALA A 4939 -25.33 -39.26 -48.18
N PHE A 4940 -24.44 -39.71 -49.07
CA PHE A 4940 -23.14 -40.23 -48.62
C PHE A 4940 -22.32 -39.16 -47.91
N GLY A 4941 -22.38 -37.94 -48.45
CA GLY A 4941 -21.68 -36.81 -47.84
C GLY A 4941 -22.31 -36.38 -46.53
N GLU A 4942 -23.64 -36.37 -46.48
CA GLU A 4942 -24.33 -36.02 -45.24
C GLU A 4942 -23.99 -37.03 -44.15
N LEU A 4943 -23.96 -38.32 -44.48
CA LEU A 4943 -23.68 -39.32 -43.44
C LEU A 4943 -22.23 -39.21 -42.97
N ARG A 4944 -21.31 -38.90 -43.89
CA ARG A 4944 -19.92 -38.71 -43.49
C ARG A 4944 -19.72 -37.47 -42.62
N ASP A 4945 -20.33 -36.34 -43.01
CA ASP A 4945 -20.24 -35.13 -42.20
C ASP A 4945 -20.87 -35.33 -40.83
N GLN A 4946 -21.97 -36.10 -40.77
CA GLN A 4946 -22.60 -36.41 -39.49
C GLN A 4946 -21.66 -37.21 -38.59
N GLN A 4947 -20.88 -38.11 -39.17
CA GLN A 4947 -20.05 -38.93 -38.30
C GLN A 4947 -18.78 -38.18 -37.90
N GLU A 4948 -18.28 -37.34 -38.82
CA GLU A 4948 -17.13 -36.50 -38.51
C GLU A 4948 -17.45 -35.46 -37.45
N GLN A 4949 -18.63 -34.83 -37.52
CA GLN A 4949 -19.00 -33.85 -36.51
C GLN A 4949 -19.15 -34.48 -35.13
N VAL A 4950 -19.57 -35.75 -35.09
CA VAL A 4950 -19.68 -36.47 -33.82
C VAL A 4950 -18.30 -36.73 -33.24
N LYS A 4951 -17.37 -37.17 -34.09
CA LYS A 4951 -16.01 -37.43 -33.63
C LYS A 4951 -15.33 -36.14 -33.18
N GLU A 4952 -15.52 -35.06 -33.95
CA GLU A 4952 -14.91 -33.77 -33.65
C GLU A 4952 -15.46 -33.18 -32.35
N ASP A 4953 -16.76 -33.32 -32.12
CA ASP A 4953 -17.35 -32.87 -30.86
C ASP A 4953 -16.81 -33.66 -29.68
N MET A 4954 -16.75 -34.99 -29.82
CA MET A 4954 -16.28 -35.82 -28.70
C MET A 4954 -14.83 -35.54 -28.40
N GLU A 4955 -14.02 -35.37 -29.44
CA GLU A 4955 -12.59 -35.16 -29.25
C GLU A 4955 -12.31 -33.74 -28.74
N THR A 4956 -13.21 -32.78 -29.00
CA THR A 4956 -12.92 -31.40 -28.63
C THR A 4956 -13.67 -30.91 -27.38
N LYS A 4957 -14.54 -31.72 -26.76
CA LYS A 4957 -15.10 -31.27 -25.49
C LYS A 4957 -15.45 -32.46 -24.62
N CYS A 4958 -15.47 -32.22 -23.31
CA CYS A 4958 -15.86 -33.25 -22.35
C CYS A 4958 -17.36 -33.47 -22.38
N PHE A 4959 -17.76 -34.73 -22.44
CA PHE A 4959 -19.18 -35.09 -22.48
C PHE A 4959 -19.91 -34.67 -21.21
N ILE A 4960 -19.32 -34.95 -20.05
CA ILE A 4960 -19.98 -34.69 -18.77
C ILE A 4960 -20.11 -33.19 -18.48
N CYS A 4961 -19.09 -32.40 -18.77
CA CYS A 4961 -19.09 -31.02 -18.33
C CYS A 4961 -19.14 -29.99 -19.44
N GLY A 4962 -18.75 -30.34 -20.66
CA GLY A 4962 -18.85 -29.43 -21.77
C GLY A 4962 -17.70 -28.47 -21.93
N ILE A 4963 -16.72 -28.51 -21.02
CA ILE A 4963 -15.57 -27.63 -21.11
C ILE A 4963 -14.69 -28.10 -22.27
N GLY A 4964 -14.10 -27.15 -22.99
CA GLY A 4964 -13.34 -27.48 -24.18
C GLY A 4964 -12.00 -28.09 -23.85
N SER A 4965 -11.41 -28.71 -24.87
CA SER A 4965 -10.09 -29.30 -24.73
C SER A 4965 -9.00 -28.27 -24.53
N ASP A 4966 -9.26 -27.01 -24.93
CA ASP A 4966 -8.30 -25.93 -24.84
C ASP A 4966 -7.81 -25.74 -23.41
N TYR A 4967 -8.74 -25.66 -22.46
CA TYR A 4967 -8.37 -25.44 -21.07
C TYR A 4967 -7.56 -26.61 -20.53
N PHE A 4968 -8.00 -27.84 -20.82
CA PHE A 4968 -7.34 -28.99 -20.19
C PHE A 4968 -5.99 -29.25 -20.81
N ASP A 4969 -5.79 -28.85 -22.06
CA ASP A 4969 -4.56 -29.21 -22.75
C ASP A 4969 -3.39 -28.32 -22.39
N THR A 4970 -3.60 -27.29 -21.55
CA THR A 4970 -2.49 -26.48 -21.06
C THR A 4970 -1.48 -27.35 -20.32
N THR A 4971 -1.96 -28.20 -19.45
CA THR A 4971 -1.12 -29.21 -18.83
C THR A 4971 -0.92 -30.31 -19.86
N PRO A 4972 0.24 -30.99 -19.88
CA PRO A 4972 0.43 -32.05 -20.88
C PRO A 4972 -0.46 -33.25 -20.62
N HIS A 4973 -1.10 -33.75 -21.69
CA HIS A 4973 -2.04 -34.86 -21.69
C HIS A 4973 -3.27 -34.57 -20.82
N GLY A 4974 -3.66 -33.30 -20.78
CA GLY A 4974 -4.72 -32.90 -19.88
C GLY A 4974 -6.08 -33.40 -20.29
N PHE A 4975 -6.40 -33.34 -21.59
CA PHE A 4975 -7.72 -33.79 -22.03
C PHE A 4975 -7.87 -35.29 -21.81
N GLU A 4976 -6.82 -36.06 -22.10
CA GLU A 4976 -6.89 -37.51 -21.96
C GLU A 4976 -7.05 -37.86 -20.50
N THR A 4977 -6.33 -37.13 -19.63
CA THR A 4977 -6.43 -37.39 -18.20
C THR A 4977 -7.83 -37.05 -17.70
N HIS A 4978 -8.40 -35.94 -18.19
CA HIS A 4978 -9.73 -35.51 -17.73
C HIS A 4978 -10.79 -36.51 -18.15
N THR A 4979 -10.79 -36.89 -19.43
CA THR A 4979 -11.81 -37.79 -19.95
C THR A 4979 -11.66 -39.19 -19.40
N LEU A 4980 -10.44 -39.70 -19.31
CA LEU A 4980 -10.24 -41.05 -18.80
C LEU A 4980 -10.47 -41.16 -17.30
N GLU A 4981 -10.10 -40.15 -16.51
CA GLU A 4981 -10.13 -40.31 -15.06
C GLU A 4981 -11.18 -39.45 -14.34
N GLU A 4982 -11.09 -38.13 -14.44
CA GLU A 4982 -12.00 -37.26 -13.70
C GLU A 4982 -13.45 -37.33 -14.19
N HIS A 4983 -13.68 -37.31 -15.50
CA HIS A 4983 -15.06 -37.27 -15.96
C HIS A 4983 -15.39 -38.41 -16.91
N ASN A 4984 -14.90 -39.61 -16.62
CA ASN A 4984 -15.23 -40.77 -17.44
C ASN A 4984 -16.72 -41.10 -17.35
N LEU A 4985 -17.37 -41.24 -18.51
CA LEU A 4985 -18.78 -41.60 -18.55
C LEU A 4985 -18.99 -42.99 -17.97
N ALA A 4986 -18.06 -43.91 -18.26
CA ALA A 4986 -18.16 -45.29 -17.79
C ALA A 4986 -18.18 -45.31 -16.28
N ASN A 4987 -17.47 -44.36 -15.66
CA ASN A 4987 -17.39 -44.34 -14.20
C ASN A 4987 -18.74 -43.96 -13.62
N TYR A 4988 -19.44 -43.01 -14.27
CA TYR A 4988 -20.78 -42.64 -13.80
C TYR A 4988 -21.73 -43.83 -13.92
N MET A 4989 -21.58 -44.60 -15.00
CA MET A 4989 -22.40 -45.81 -15.13
C MET A 4989 -22.09 -46.81 -14.01
N PHE A 4990 -20.80 -47.03 -13.74
CA PHE A 4990 -20.42 -47.97 -12.68
C PHE A 4990 -20.90 -47.48 -11.33
N PHE A 4991 -20.94 -46.16 -11.15
CA PHE A 4991 -21.35 -45.55 -9.89
C PHE A 4991 -22.83 -45.79 -9.68
N LEU A 4992 -23.60 -45.64 -10.75
CA LEU A 4992 -25.03 -45.95 -10.70
C LEU A 4992 -25.25 -47.42 -10.42
N MET A 4993 -24.39 -48.30 -10.97
CA MET A 4993 -24.47 -49.73 -10.68
C MET A 4993 -24.26 -49.96 -9.19
N TYR A 4994 -23.25 -49.30 -8.64
CA TYR A 4994 -22.90 -49.40 -7.22
C TYR A 4994 -24.05 -48.93 -6.35
N LEU A 4995 -24.62 -47.78 -6.69
CA LEU A 4995 -25.70 -47.20 -5.89
C LEU A 4995 -26.94 -48.07 -5.95
N ILE A 4996 -27.31 -48.56 -7.13
CA ILE A 4996 -28.52 -49.35 -7.28
C ILE A 4996 -28.35 -50.68 -6.55
N ASN A 4997 -27.15 -51.24 -6.59
CA ASN A 4997 -26.95 -52.57 -6.04
C ASN A 4997 -26.54 -52.51 -4.56
N LYS A 4998 -26.42 -51.31 -4.00
CA LYS A 4998 -26.06 -51.15 -2.61
C LYS A 4998 -27.29 -50.86 -1.78
N ASP A 4999 -27.40 -51.53 -0.63
CA ASP A 4999 -28.48 -51.29 0.31
C ASP A 4999 -28.43 -49.85 0.81
N GLU A 5000 -29.60 -49.22 0.90
CA GLU A 5000 -29.66 -47.80 1.23
C GLU A 5000 -29.17 -47.51 2.64
N THR A 5001 -29.31 -48.47 3.57
CA THR A 5001 -28.88 -48.28 4.95
C THR A 5001 -27.37 -48.00 5.06
N GLU A 5002 -26.58 -48.52 4.13
CA GLU A 5002 -25.13 -48.40 4.19
C GLU A 5002 -24.61 -47.24 3.37
N HIS A 5003 -25.51 -46.45 2.80
CA HIS A 5003 -25.13 -45.36 1.93
C HIS A 5003 -24.48 -44.24 2.73
N THR A 5004 -23.35 -43.72 2.24
CA THR A 5004 -22.71 -42.60 2.89
C THR A 5004 -23.49 -41.33 2.54
N GLY A 5005 -23.14 -40.23 3.22
CA GLY A 5005 -23.92 -39.00 3.07
C GLY A 5005 -23.96 -38.50 1.63
N GLN A 5006 -22.83 -38.57 0.93
CA GLN A 5006 -22.80 -38.06 -0.42
C GLN A 5006 -23.53 -39.04 -1.33
N GLU A 5007 -23.40 -40.33 -1.04
CA GLU A 5007 -24.09 -41.39 -1.75
C GLU A 5007 -25.59 -41.26 -1.61
N SER A 5008 -26.05 -41.00 -0.38
CA SER A 5008 -27.46 -40.76 -0.14
C SER A 5008 -27.94 -39.49 -0.84
N TYR A 5009 -27.10 -38.45 -0.87
CA TYR A 5009 -27.47 -37.21 -1.55
C TYR A 5009 -27.71 -37.46 -3.04
N VAL A 5010 -26.82 -38.26 -3.66
CA VAL A 5010 -27.00 -38.62 -5.06
C VAL A 5010 -28.23 -39.51 -5.20
N TRP A 5011 -28.44 -40.41 -4.24
CA TRP A 5011 -29.57 -41.35 -4.30
C TRP A 5011 -30.89 -40.60 -4.30
N LYS A 5012 -31.03 -39.61 -3.41
CA LYS A 5012 -32.25 -38.82 -3.34
C LYS A 5012 -32.44 -38.02 -4.61
N MET A 5013 -31.35 -37.42 -5.12
CA MET A 5013 -31.46 -36.60 -6.32
C MET A 5013 -31.89 -37.46 -7.51
N TYR A 5014 -31.36 -38.68 -7.56
CA TYR A 5014 -31.73 -39.62 -8.61
C TYR A 5014 -33.18 -40.03 -8.48
N GLN A 5015 -33.65 -40.30 -7.25
CA GLN A 5015 -35.04 -40.72 -7.07
C GLN A 5015 -36.00 -39.59 -7.44
N GLU A 5016 -35.56 -38.33 -7.33
CA GLU A 5016 -36.46 -37.26 -7.71
C GLU A 5016 -36.18 -36.77 -9.12
N ARG A 5017 -35.31 -37.48 -9.85
CA ARG A 5017 -34.95 -37.19 -11.25
C ARG A 5017 -34.42 -35.78 -11.44
N CYS A 5018 -33.61 -35.31 -10.50
CA CYS A 5018 -32.98 -34.00 -10.62
C CYS A 5018 -31.53 -34.19 -11.00
N TRP A 5019 -31.18 -33.74 -12.20
CA TRP A 5019 -29.83 -33.88 -12.75
C TRP A 5019 -28.99 -32.65 -12.44
N ASP A 5020 -28.79 -32.39 -11.16
CA ASP A 5020 -28.05 -31.23 -10.74
C ASP A 5020 -26.80 -31.63 -10.00
N PHE A 5021 -26.53 -32.92 -9.88
CA PHE A 5021 -25.31 -33.40 -9.29
C PHE A 5021 -24.25 -33.62 -10.34
N PHE A 5022 -24.53 -33.25 -11.59
CA PHE A 5022 -23.63 -33.50 -12.69
C PHE A 5022 -22.88 -32.22 -12.97
N PRO A 5023 -21.54 -32.21 -12.94
CA PRO A 5023 -20.78 -30.97 -13.12
C PRO A 5023 -21.05 -30.36 -14.49
N ALA A 5024 -21.58 -29.14 -14.49
CA ALA A 5024 -21.83 -28.43 -15.73
C ALA A 5024 -21.03 -27.14 -15.71
N GLY A 5025 -20.08 -27.02 -16.62
CA GLY A 5025 -19.21 -25.86 -16.62
C GLY A 5025 -18.13 -25.88 -15.55
N ASP A 5026 -17.99 -26.96 -14.79
CA ASP A 5026 -17.07 -26.97 -13.68
C ASP A 5026 -16.31 -28.29 -13.61
N CYS A 5027 -15.11 -28.22 -13.06
CA CYS A 5027 -14.24 -29.36 -12.83
C CYS A 5027 -13.43 -29.07 -11.58
N PHE A 5028 -12.81 -30.13 -11.05
CA PHE A 5028 -11.96 -29.98 -9.87
C PHE A 5028 -10.80 -29.03 -10.18
N ARG A 5029 -10.26 -29.12 -11.39
CA ARG A 5029 -9.14 -28.29 -11.82
C ARG A 5029 -9.52 -26.81 -11.84
N LYS A 5030 -10.69 -26.49 -12.37
CA LYS A 5030 -11.15 -25.11 -12.42
C LYS A 5030 -11.53 -24.61 -11.03
N GLN A 5031 -12.19 -25.45 -10.24
CA GLN A 5031 -12.64 -25.01 -8.93
C GLN A 5031 -11.45 -24.74 -8.02
N TYR A 5032 -10.46 -25.61 -8.07
CA TYR A 5032 -9.33 -25.53 -7.16
C TYR A 5032 -8.08 -25.08 -7.90
N GLU A 5033 -8.26 -24.23 -8.92
CA GLU A 5033 -7.16 -23.82 -9.80
C GLU A 5033 -6.03 -23.15 -9.03
N ASP A 5034 -6.38 -22.24 -8.11
CA ASP A 5034 -5.37 -21.48 -7.38
C ASP A 5034 -4.53 -22.40 -6.49
N GLN A 5035 -5.20 -23.23 -5.69
CA GLN A 5035 -4.51 -24.06 -4.69
C GLN A 5035 -3.56 -25.06 -5.32
N LEU A 5036 -3.99 -25.73 -6.40
CA LEU A 5036 -3.13 -26.71 -7.06
C LEU A 5036 -1.91 -26.04 -7.71
N SER A 5037 -2.12 -24.89 -8.34
CA SER A 5037 -1.05 -24.19 -9.04
C SER A 5037 -0.05 -23.57 -8.07
N VAL B 11 2.95 -24.51 21.11
CA VAL B 11 2.88 -25.96 21.10
C VAL B 11 4.24 -26.50 21.55
N GLN B 12 5.09 -26.82 20.56
CA GLN B 12 6.47 -27.28 20.76
C GLN B 12 6.55 -28.51 21.65
N PHE B 13 5.99 -29.61 21.16
CA PHE B 13 6.06 -30.89 21.85
C PHE B 13 7.50 -31.36 21.98
N LEU B 14 7.88 -31.74 23.20
CA LEU B 14 9.24 -32.18 23.44
C LEU B 14 9.48 -33.58 22.85
N ARG B 15 10.72 -33.85 22.51
CA ARG B 15 11.09 -35.06 21.78
C ARG B 15 12.50 -35.45 22.22
N THR B 16 12.88 -36.70 21.94
CA THR B 16 14.22 -37.19 22.23
C THR B 16 15.27 -36.43 21.41
N ASP B 17 16.53 -36.67 21.77
CA ASP B 17 17.74 -36.08 21.17
C ASP B 17 17.79 -34.56 21.34
N ASP B 18 17.00 -34.01 22.27
CA ASP B 18 16.96 -32.60 22.57
C ASP B 18 17.65 -32.33 23.90
N GLU B 19 17.68 -31.06 24.29
CA GLU B 19 18.31 -30.62 25.52
C GLU B 19 17.31 -29.87 26.38
N VAL B 20 17.27 -30.22 27.67
CA VAL B 20 16.33 -29.60 28.61
C VAL B 20 16.96 -29.61 29.99
N VAL B 21 16.49 -28.74 30.88
CA VAL B 21 17.00 -28.67 32.25
C VAL B 21 15.86 -28.78 33.26
N LEU B 22 16.07 -29.60 34.29
CA LEU B 22 15.17 -29.72 35.42
C LEU B 22 15.35 -28.52 36.35
N GLN B 23 14.24 -27.97 36.82
CA GLN B 23 14.26 -26.73 37.56
C GLN B 23 13.15 -26.67 38.61
N CYS B 24 13.51 -26.35 39.84
CA CYS B 24 12.53 -26.14 40.91
C CYS B 24 12.50 -24.67 41.31
N SER B 25 11.71 -24.38 42.34
CA SER B 25 11.61 -23.03 42.90
C SER B 25 11.39 -23.19 44.41
N ALA B 26 12.48 -23.11 45.16
CA ALA B 26 12.39 -23.27 46.60
C ALA B 26 12.05 -21.96 47.29
N THR B 27 11.79 -22.05 48.59
CA THR B 27 11.40 -20.90 49.41
C THR B 27 12.38 -20.78 50.58
N VAL B 28 13.50 -20.10 50.35
CA VAL B 28 14.42 -19.72 51.41
C VAL B 28 14.70 -18.23 51.23
N LEU B 29 14.83 -17.51 52.36
CA LEU B 29 14.98 -16.06 52.42
C LEU B 29 13.82 -15.30 51.76
N LYS B 30 12.67 -15.96 51.66
CA LYS B 30 11.40 -15.39 51.18
C LYS B 30 11.49 -14.89 49.73
N GLU B 31 12.21 -15.62 48.89
CA GLU B 31 12.12 -15.42 47.45
C GLU B 31 12.10 -16.78 46.78
N GLN B 32 11.39 -16.84 45.64
CA GLN B 32 11.19 -18.08 44.90
C GLN B 32 12.38 -18.31 43.99
N LEU B 33 13.50 -18.72 44.59
CA LEU B 33 14.70 -19.01 43.82
C LEU B 33 14.52 -20.26 42.97
N LYS B 34 15.14 -20.22 41.79
CA LYS B 34 15.08 -21.30 40.82
C LYS B 34 16.34 -22.15 40.96
N LEU B 35 16.16 -23.44 41.22
CA LEU B 35 17.28 -24.35 41.39
C LEU B 35 17.38 -25.31 40.22
N CYS B 36 18.62 -25.62 39.81
CA CYS B 36 18.87 -26.54 38.71
C CYS B 36 19.79 -27.66 39.19
N LEU B 37 19.49 -28.88 38.74
CA LEU B 37 20.30 -30.04 39.09
C LEU B 37 21.65 -29.95 38.41
N ALA B 38 22.73 -29.99 39.19
CA ALA B 38 24.07 -29.86 38.65
C ALA B 38 25.00 -30.87 39.30
N ALA B 39 25.92 -31.41 38.50
CA ALA B 39 26.91 -32.37 38.98
C ALA B 39 28.05 -32.46 37.98
N GLU B 40 29.28 -32.28 38.46
CA GLU B 40 30.44 -32.41 37.59
C GLU B 40 30.69 -33.86 37.20
N GLY B 41 30.26 -34.80 38.03
CA GLY B 41 30.44 -36.22 37.76
C GLY B 41 31.84 -36.73 38.03
N PHE B 42 32.80 -36.26 37.25
CA PHE B 42 34.19 -36.68 37.41
C PHE B 42 34.73 -36.12 38.72
N GLY B 43 34.97 -37.00 39.68
CA GLY B 43 35.46 -36.62 40.98
C GLY B 43 34.38 -36.37 42.01
N ASN B 44 33.14 -36.16 41.58
CA ASN B 44 32.01 -35.99 42.50
C ASN B 44 30.76 -36.47 41.78
N ARG B 45 30.38 -37.73 42.04
CA ARG B 45 29.23 -38.31 41.35
C ARG B 45 27.91 -37.77 41.88
N LEU B 46 27.87 -37.38 43.15
CA LEU B 46 26.65 -36.89 43.77
C LEU B 46 26.22 -35.56 43.18
N CYS B 47 24.91 -35.39 43.02
CA CYS B 47 24.36 -34.18 42.44
C CYS B 47 24.25 -33.09 43.51
N PHE B 48 24.06 -31.86 43.04
CA PHE B 48 23.81 -30.72 43.90
C PHE B 48 22.99 -29.70 43.12
N LEU B 49 22.70 -28.57 43.77
CA LEU B 49 21.80 -27.57 43.22
C LEU B 49 22.56 -26.29 42.90
N GLU B 50 22.39 -25.81 41.68
CA GLU B 50 22.95 -24.54 41.26
C GLU B 50 21.81 -23.54 41.03
N PRO B 51 21.64 -22.55 41.91
CA PRO B 51 20.58 -21.57 41.71
C PRO B 51 20.83 -20.74 40.45
N THR B 52 19.74 -20.37 39.77
CA THR B 52 19.79 -19.57 38.57
C THR B 52 18.80 -18.41 38.60
N SER B 53 18.15 -18.17 39.75
CA SER B 53 17.21 -17.05 39.86
C SER B 53 17.91 -15.71 39.73
N ASN B 54 19.07 -15.56 40.38
CA ASN B 54 19.87 -14.33 40.28
C ASN B 54 20.73 -14.41 39.01
N ALA B 55 20.05 -14.39 37.87
CA ALA B 55 20.70 -14.58 36.58
C ALA B 55 21.39 -13.32 36.05
N GLN B 56 21.23 -12.19 36.71
CA GLN B 56 21.84 -10.94 36.24
C GLN B 56 23.08 -10.54 37.02
N ASN B 57 23.07 -10.67 38.36
CA ASN B 57 24.24 -10.30 39.14
C ASN B 57 25.36 -11.32 38.99
N VAL B 58 25.05 -12.61 39.02
CA VAL B 58 26.04 -13.66 38.86
C VAL B 58 25.56 -14.67 37.81
N PRO B 59 26.38 -14.98 36.82
CA PRO B 59 26.00 -15.97 35.82
C PRO B 59 26.04 -17.38 36.40
N PRO B 60 24.92 -18.09 36.38
CA PRO B 60 24.91 -19.47 36.91
C PRO B 60 25.78 -20.41 36.10
N ASP B 61 26.33 -21.41 36.78
CA ASP B 61 27.19 -22.39 36.13
C ASP B 61 26.31 -23.33 35.30
N LEU B 62 26.02 -22.94 34.07
CA LEU B 62 25.11 -23.72 33.23
C LEU B 62 25.78 -24.89 32.54
N ALA B 63 27.11 -25.00 32.65
CA ALA B 63 27.82 -26.10 31.99
C ALA B 63 27.46 -27.45 32.59
N ILE B 64 27.28 -27.51 33.91
CA ILE B 64 27.10 -28.77 34.61
C ILE B 64 25.64 -29.11 34.89
N CYS B 65 24.70 -28.23 34.51
CA CYS B 65 23.29 -28.54 34.73
C CYS B 65 22.60 -29.04 33.46
N CYS B 66 23.34 -29.28 32.39
CA CYS B 66 22.75 -29.67 31.12
C CYS B 66 22.58 -31.18 31.07
N PHE B 67 21.35 -31.62 30.84
CA PHE B 67 21.01 -33.03 30.71
C PHE B 67 20.31 -33.27 29.39
N THR B 68 20.77 -34.27 28.64
CA THR B 68 20.24 -34.53 27.31
C THR B 68 19.18 -35.62 27.39
N LEU B 69 18.62 -35.95 26.23
CA LEU B 69 17.56 -36.93 26.12
C LEU B 69 17.95 -38.01 25.13
N GLU B 70 18.04 -39.25 25.58
CA GLU B 70 18.45 -40.34 24.70
C GLU B 70 17.28 -41.22 24.27
N GLN B 71 16.58 -41.82 25.23
CA GLN B 71 15.56 -42.81 24.94
C GLN B 71 14.25 -42.48 25.64
N SER B 72 13.14 -42.79 24.97
CA SER B 72 11.80 -42.67 25.56
C SER B 72 11.09 -43.99 25.40
N LEU B 73 10.92 -44.71 26.51
CA LEU B 73 10.33 -46.04 26.49
C LEU B 73 9.17 -46.12 27.46
N SER B 74 8.18 -46.93 27.12
CA SER B 74 7.10 -47.22 28.05
C SER B 74 7.64 -48.09 29.18
N VAL B 75 6.97 -48.03 30.34
CA VAL B 75 7.39 -48.80 31.50
C VAL B 75 7.34 -50.30 31.22
N ARG B 76 6.28 -50.74 30.53
CA ARG B 76 6.13 -52.16 30.21
C ARG B 76 7.24 -52.62 29.27
N ALA B 77 7.46 -51.88 28.17
CA ALA B 77 8.53 -52.23 27.24
C ALA B 77 9.90 -52.07 27.88
N LEU B 78 10.00 -51.19 28.89
CA LEU B 78 11.23 -51.04 29.66
C LEU B 78 11.55 -52.33 30.38
N GLN B 79 10.52 -53.01 30.90
CA GLN B 79 10.75 -54.27 31.59
C GLN B 79 11.37 -55.33 30.67
N GLU B 80 10.87 -55.43 29.43
CA GLU B 80 11.50 -56.28 28.43
C GLU B 80 12.91 -55.84 28.09
N MET B 81 13.12 -54.52 27.91
CA MET B 81 14.44 -53.99 27.57
C MET B 81 15.45 -54.27 28.67
N LEU B 82 15.03 -54.10 29.93
CA LEU B 82 15.89 -54.41 31.07
C LEU B 82 16.16 -55.91 31.15
N ALA B 83 15.15 -56.73 30.82
CA ALA B 83 15.29 -58.18 30.95
C ALA B 83 16.25 -58.75 29.90
N ASN B 84 16.11 -58.34 28.65
CA ASN B 84 16.95 -58.92 27.60
C ASN B 84 18.30 -58.22 27.48
N HIS B 98 13.87 -40.01 16.79
CA HIS B 98 13.08 -38.96 17.42
C HIS B 98 11.67 -39.44 17.76
N ARG B 99 11.52 -39.96 18.98
CA ARG B 99 10.22 -40.38 19.49
C ARG B 99 9.66 -39.30 20.39
N THR B 100 8.38 -38.99 20.21
CA THR B 100 7.74 -37.95 21.00
C THR B 100 7.62 -38.39 22.46
N LEU B 101 7.80 -37.45 23.37
CA LEU B 101 7.68 -37.75 24.79
C LEU B 101 6.22 -37.93 25.18
N LEU B 102 5.96 -38.93 26.02
CA LEU B 102 4.61 -39.20 26.53
C LEU B 102 4.64 -39.31 28.04
N TYR B 103 3.55 -38.85 28.67
CA TYR B 103 3.40 -38.95 30.11
C TYR B 103 3.29 -40.40 30.54
N GLY B 104 3.92 -40.72 31.66
CA GLY B 104 3.90 -42.07 32.17
C GLY B 104 4.94 -42.99 31.57
N HIS B 105 5.74 -42.51 30.63
CA HIS B 105 6.80 -43.31 30.06
C HIS B 105 8.02 -43.29 30.96
N ALA B 106 9.07 -43.96 30.51
CA ALA B 106 10.32 -44.06 31.22
C ALA B 106 11.41 -43.40 30.39
N ILE B 107 12.29 -42.64 31.05
CA ILE B 107 13.22 -41.78 30.36
C ILE B 107 14.63 -42.07 30.87
N LEU B 108 15.61 -41.95 29.97
CA LEU B 108 17.02 -42.09 30.29
C LEU B 108 17.67 -40.72 30.26
N LEU B 109 18.28 -40.34 31.38
CA LEU B 109 18.92 -39.03 31.51
C LEU B 109 20.43 -39.20 31.42
N ARG B 110 21.06 -38.42 30.53
CA ARG B 110 22.51 -38.39 30.42
C ARG B 110 22.98 -36.95 30.58
N HIS B 111 24.07 -36.77 31.33
CA HIS B 111 24.66 -35.45 31.47
C HIS B 111 25.30 -35.06 30.14
N ALA B 112 25.01 -33.84 29.69
CA ALA B 112 25.54 -33.37 28.41
C ALA B 112 27.06 -33.25 28.44
N HIS B 113 27.61 -32.74 29.55
CA HIS B 113 29.05 -32.52 29.63
C HIS B 113 29.81 -33.82 29.91
N SER B 114 29.53 -34.45 31.05
CA SER B 114 30.33 -35.57 31.50
C SER B 114 29.94 -36.90 30.85
N ARG B 115 28.87 -36.90 30.04
CA ARG B 115 28.32 -38.11 29.40
C ARG B 115 27.98 -39.18 30.43
N MET B 116 27.56 -38.74 31.61
CA MET B 116 27.44 -39.58 32.79
C MET B 116 25.96 -39.64 33.14
N TYR B 117 25.38 -40.83 33.15
CA TYR B 117 23.93 -41.00 33.24
C TYR B 117 23.41 -40.77 34.64
N LEU B 118 22.29 -40.06 34.76
CA LEU B 118 21.67 -39.85 36.06
C LEU B 118 21.15 -41.18 36.61
N SER B 119 21.40 -41.44 37.90
CA SER B 119 20.99 -42.71 38.45
C SER B 119 20.80 -42.61 39.95
N CYS B 120 19.79 -43.28 40.47
CA CYS B 120 19.56 -43.31 41.91
C CYS B 120 20.51 -44.31 42.57
N LEU B 121 21.50 -43.80 43.29
CA LEU B 121 22.47 -44.66 43.95
C LEU B 121 21.84 -45.38 45.13
N THR B 122 22.31 -46.59 45.39
CA THR B 122 21.83 -47.38 46.51
C THR B 122 22.27 -46.81 47.86
N THR B 123 23.32 -45.99 47.89
CA THR B 123 23.81 -45.42 49.14
C THR B 123 22.86 -44.36 49.68
N SER B 124 23.14 -43.92 50.91
CA SER B 124 22.38 -42.86 51.56
C SER B 124 23.35 -42.09 52.47
N ARG B 125 23.93 -41.03 51.91
CA ARG B 125 24.87 -40.20 52.66
C ARG B 125 24.16 -39.14 53.50
N SER B 126 22.93 -38.77 53.13
CA SER B 126 22.24 -37.63 53.72
C SER B 126 21.84 -37.92 55.18
N MET B 127 22.46 -37.18 56.10
CA MET B 127 21.97 -37.08 57.47
C MET B 127 20.68 -36.28 57.55
N THR B 128 20.38 -35.49 56.51
CA THR B 128 19.24 -34.57 56.46
C THR B 128 17.90 -35.31 56.63
N ASP B 129 17.85 -36.59 56.27
CA ASP B 129 16.70 -37.46 56.53
C ASP B 129 17.16 -38.90 56.35
N LYS B 130 16.40 -39.81 56.94
CA LYS B 130 16.66 -41.24 56.82
C LYS B 130 15.72 -41.84 55.77
N LEU B 131 16.09 -43.02 55.26
CA LEU B 131 15.40 -43.75 54.19
C LEU B 131 15.39 -42.99 52.86
N ALA B 132 16.26 -42.01 52.71
CA ALA B 132 16.40 -41.27 51.46
C ALA B 132 17.73 -41.58 50.83
N PHE B 133 17.70 -42.09 49.61
CA PHE B 133 18.90 -42.43 48.85
C PHE B 133 19.39 -41.21 48.11
N ASP B 134 20.70 -41.03 48.07
CA ASP B 134 21.30 -39.90 47.37
C ASP B 134 21.50 -40.23 45.88
N VAL B 135 20.94 -39.40 45.03
CA VAL B 135 21.03 -39.66 43.60
C VAL B 135 22.40 -39.26 43.11
N GLY B 136 22.92 -39.99 42.14
CA GLY B 136 24.24 -39.72 41.60
C GLY B 136 24.34 -39.93 40.11
N LEU B 137 25.44 -40.54 39.70
CA LEU B 137 25.71 -40.73 38.28
C LEU B 137 26.33 -42.11 38.06
N GLN B 138 25.90 -42.76 36.99
CA GLN B 138 26.33 -44.07 36.54
C GLN B 138 26.95 -43.95 35.16
N GLU B 139 28.02 -44.71 34.91
CA GLU B 139 28.77 -44.58 33.67
C GLU B 139 27.94 -44.99 32.47
N ASP B 140 27.12 -46.03 32.60
CA ASP B 140 26.34 -46.51 31.46
C ASP B 140 24.87 -46.67 31.81
N ALA B 141 24.11 -47.28 30.90
CA ALA B 141 22.67 -47.46 31.07
C ALA B 141 22.32 -48.75 31.80
N THR B 142 23.32 -49.48 32.28
CA THR B 142 23.08 -50.72 33.01
C THR B 142 22.33 -50.47 34.30
N GLY B 143 21.42 -51.37 34.64
CA GLY B 143 20.59 -51.24 35.81
C GLY B 143 19.32 -50.44 35.57
N GLU B 144 18.49 -50.40 36.61
CA GLU B 144 17.22 -49.71 36.59
C GLU B 144 17.28 -48.31 37.16
N ALA B 145 18.40 -47.93 37.81
CA ALA B 145 18.52 -46.60 38.40
C ALA B 145 18.59 -45.51 37.34
N CYS B 146 18.98 -45.86 36.11
CA CYS B 146 19.15 -44.91 35.03
C CYS B 146 17.83 -44.42 34.45
N TRP B 147 16.71 -45.02 34.83
CA TRP B 147 15.42 -44.72 34.23
C TRP B 147 14.53 -43.94 35.19
N TRP B 148 13.78 -42.99 34.64
CA TRP B 148 12.91 -42.10 35.39
C TRP B 148 11.54 -42.03 34.74
N THR B 149 10.48 -42.10 35.53
CA THR B 149 9.11 -42.01 35.05
C THR B 149 8.45 -40.70 35.48
N MET B 150 7.80 -40.01 34.56
CA MET B 150 7.14 -38.78 34.92
C MET B 150 5.66 -39.04 35.16
N HIS B 151 5.05 -38.15 35.93
CA HIS B 151 3.62 -38.15 36.15
C HIS B 151 3.13 -36.71 36.15
N PRO B 152 1.91 -36.46 35.66
CA PRO B 152 1.38 -35.09 35.66
C PRO B 152 1.22 -34.53 37.07
N ALA B 153 1.42 -33.21 37.17
CA ALA B 153 1.44 -32.53 38.47
C ALA B 153 0.10 -32.63 39.17
N SER B 154 -0.99 -32.46 38.44
CA SER B 154 -2.31 -32.46 39.05
C SER B 154 -3.30 -33.00 38.02
N LYS B 155 -4.60 -32.79 38.27
CA LYS B 155 -5.66 -33.31 37.42
C LYS B 155 -5.83 -32.54 36.12
N GLN B 156 -5.08 -31.45 35.92
CA GLN B 156 -5.11 -30.68 34.68
C GLN B 156 -4.71 -31.50 33.45
N ARG B 157 -3.98 -32.58 33.62
CA ARG B 157 -3.65 -33.49 32.53
C ARG B 157 -3.70 -34.90 33.12
N SER B 158 -3.32 -35.91 32.35
CA SER B 158 -3.31 -37.29 32.81
C SER B 158 -2.19 -38.03 32.10
N GLU B 159 -2.11 -39.33 32.35
CA GLU B 159 -1.11 -40.18 31.70
C GLU B 159 -1.54 -40.43 30.26
N GLY B 160 -0.56 -40.50 29.36
CA GLY B 160 -0.82 -40.77 27.96
C GLY B 160 -0.77 -39.57 27.04
N GLU B 161 -0.60 -38.37 27.59
CA GLU B 161 -0.48 -37.16 26.79
C GLU B 161 0.97 -36.73 26.66
N LYS B 162 1.25 -35.97 25.60
CA LYS B 162 2.59 -35.50 25.31
C LYS B 162 2.89 -34.21 26.05
N VAL B 163 4.16 -34.01 26.38
CA VAL B 163 4.61 -32.83 27.10
C VAL B 163 4.93 -31.70 26.13
N ARG B 164 4.49 -30.50 26.48
CA ARG B 164 4.80 -29.29 25.76
C ARG B 164 5.76 -28.47 26.59
N VAL B 165 6.12 -27.29 26.08
CA VAL B 165 7.02 -26.41 26.80
C VAL B 165 6.31 -25.79 28.00
N GLY B 166 7.02 -25.72 29.12
CA GLY B 166 6.47 -25.11 30.32
C GLY B 166 5.58 -26.00 31.16
N ASP B 167 5.37 -27.26 30.76
CA ASP B 167 4.53 -28.17 31.52
C ASP B 167 5.17 -28.50 32.87
N ASP B 168 4.34 -28.78 33.86
CA ASP B 168 4.78 -29.08 35.21
C ASP B 168 4.63 -30.57 35.47
N LEU B 169 5.73 -31.24 35.81
CA LEU B 169 5.76 -32.69 35.93
C LEU B 169 6.29 -33.13 37.29
N ILE B 170 6.18 -34.44 37.52
CA ILE B 170 6.63 -35.11 38.73
C ILE B 170 7.58 -36.23 38.33
N LEU B 171 8.73 -36.31 39.00
CA LEU B 171 9.73 -37.34 38.71
C LEU B 171 9.65 -38.46 39.74
N VAL B 172 9.58 -39.70 39.24
CA VAL B 172 9.47 -40.90 40.07
C VAL B 172 10.57 -41.88 39.64
N SER B 173 11.29 -42.41 40.63
CA SER B 173 12.36 -43.35 40.35
C SER B 173 11.80 -44.69 39.88
N VAL B 174 12.54 -45.35 39.00
CA VAL B 174 12.19 -46.70 38.61
C VAL B 174 12.86 -47.72 39.53
N SER B 175 14.08 -47.41 39.97
CA SER B 175 14.83 -48.34 40.81
C SER B 175 14.23 -48.48 42.20
N SER B 176 14.07 -47.35 42.89
CA SER B 176 13.63 -47.37 44.27
C SER B 176 12.25 -46.78 44.51
N GLU B 177 11.56 -46.36 43.43
CA GLU B 177 10.22 -45.75 43.50
C GLU B 177 10.17 -44.56 44.46
N ARG B 178 11.21 -43.74 44.41
CA ARG B 178 11.30 -42.57 45.26
C ARG B 178 11.16 -41.33 44.39
N TYR B 179 10.43 -40.35 44.91
CA TYR B 179 10.27 -39.09 44.20
C TYR B 179 11.58 -38.31 44.29
N LEU B 180 12.03 -37.76 43.18
CA LEU B 180 13.32 -37.06 43.13
C LEU B 180 13.16 -35.77 43.93
N HIS B 181 13.63 -35.79 45.17
CA HIS B 181 13.29 -34.81 46.18
C HIS B 181 14.45 -33.86 46.47
N LEU B 182 14.12 -32.71 47.06
CA LEU B 182 15.12 -31.79 47.56
C LEU B 182 14.99 -31.73 49.07
N SER B 183 16.13 -31.62 49.73
CA SER B 183 16.28 -31.60 51.18
C SER B 183 16.81 -30.22 51.56
N THR B 184 15.89 -29.36 51.97
CA THR B 184 16.18 -27.98 52.37
C THR B 184 16.25 -27.83 53.88
N ALA B 185 16.13 -28.94 54.63
CA ALA B 185 16.16 -28.88 56.10
C ALA B 185 17.51 -28.40 56.61
N SER B 186 18.59 -28.87 56.00
CA SER B 186 19.92 -28.43 56.37
C SER B 186 20.19 -27.06 55.76
N GLY B 187 21.34 -26.48 56.10
CA GLY B 187 21.71 -25.17 55.60
C GLY B 187 21.91 -25.11 54.11
N GLU B 188 22.13 -26.26 53.47
CA GLU B 188 22.30 -26.36 52.03
C GLU B 188 21.03 -26.90 51.38
N LEU B 189 21.04 -26.89 50.06
CA LEU B 189 19.94 -27.37 49.22
C LEU B 189 20.46 -28.64 48.54
N GLN B 190 20.18 -29.79 49.16
CA GLN B 190 20.66 -31.07 48.64
C GLN B 190 19.54 -31.80 47.92
N VAL B 191 19.85 -32.50 46.83
CA VAL B 191 18.84 -33.28 46.11
C VAL B 191 19.14 -34.75 46.32
N ASP B 192 18.12 -35.50 46.74
CA ASP B 192 18.22 -36.93 46.96
C ASP B 192 16.98 -37.58 46.37
N ALA B 193 16.79 -38.85 46.66
CA ALA B 193 15.59 -39.59 46.28
C ALA B 193 14.85 -39.97 47.56
N SER B 194 13.58 -39.59 47.66
CA SER B 194 12.81 -39.92 48.85
C SER B 194 11.33 -39.97 48.47
N PHE B 195 10.47 -39.99 49.48
CA PHE B 195 9.05 -40.19 49.28
C PHE B 195 8.25 -38.90 49.30
N MET B 196 8.83 -37.82 49.81
CA MET B 196 8.16 -36.52 49.78
C MET B 196 8.07 -36.01 48.35
N GLN B 197 6.93 -35.39 48.04
CA GLN B 197 6.69 -34.92 46.69
C GLN B 197 7.51 -33.66 46.37
N THR B 198 8.04 -33.60 45.16
CA THR B 198 8.74 -32.42 44.64
C THR B 198 8.20 -32.08 43.27
N LEU B 199 7.85 -30.81 43.09
CA LEU B 199 7.26 -30.30 41.86
C LEU B 199 8.36 -29.84 40.93
N TRP B 200 8.42 -30.40 39.72
CA TRP B 200 9.53 -30.20 38.80
C TRP B 200 9.07 -29.58 37.50
N ASN B 201 9.84 -28.60 37.01
CA ASN B 201 9.61 -27.96 35.73
C ASN B 201 10.80 -28.22 34.83
N MET B 202 10.56 -28.32 33.53
CA MET B 202 11.65 -28.52 32.58
C MET B 202 11.66 -27.38 31.58
N ASN B 203 12.85 -26.83 31.33
CA ASN B 203 13.02 -25.71 30.41
C ASN B 203 13.89 -26.14 29.24
N PRO B 204 13.34 -26.15 28.02
CA PRO B 204 14.12 -26.59 26.85
C PRO B 204 15.21 -25.60 26.47
N ILE B 205 16.24 -26.12 25.81
CA ILE B 205 17.36 -25.34 25.30
C ILE B 205 17.53 -25.52 23.80
N CYS B 206 17.52 -26.77 23.34
CA CYS B 206 17.82 -27.10 21.96
C CYS B 206 16.68 -27.88 21.32
N SER B 207 16.38 -27.52 20.07
CA SER B 207 15.47 -28.28 19.23
C SER B 207 16.20 -28.87 18.04
N CYS B 208 16.87 -28.03 17.24
CA CYS B 208 17.61 -28.50 16.06
C CYS B 208 18.76 -27.52 15.81
N CYS B 209 20.00 -27.95 16.02
CA CYS B 209 21.15 -27.15 15.65
C CYS B 209 21.61 -27.55 14.25
N GLU B 210 21.56 -26.60 13.33
CA GLU B 210 22.00 -26.84 11.96
C GLU B 210 23.51 -27.06 11.93
N GLU B 211 23.96 -27.95 11.04
CA GLU B 211 25.37 -28.27 10.94
C GLU B 211 26.15 -27.07 10.42
N GLY B 212 27.24 -26.72 11.10
CA GLY B 212 28.03 -25.56 10.74
C GLY B 212 27.32 -24.24 10.93
N TYR B 213 26.55 -24.10 12.00
CA TYR B 213 25.82 -22.87 12.29
C TYR B 213 26.03 -22.48 13.74
N VAL B 214 26.23 -21.19 13.98
CA VAL B 214 26.55 -20.68 15.31
C VAL B 214 25.27 -20.42 16.07
N THR B 215 25.13 -21.04 17.23
CA THR B 215 24.00 -20.84 18.11
C THR B 215 24.52 -20.38 19.48
N GLY B 216 23.59 -20.12 20.38
CA GLY B 216 23.97 -19.73 21.72
C GLY B 216 24.44 -20.91 22.54
N GLY B 217 25.12 -20.60 23.66
CA GLY B 217 25.62 -21.65 24.51
C GLY B 217 26.80 -22.41 23.95
N HIS B 218 27.45 -21.90 22.91
CA HIS B 218 28.56 -22.57 22.25
C HIS B 218 29.90 -22.04 22.77
N VAL B 219 30.73 -22.96 23.25
CA VAL B 219 32.12 -22.67 23.52
C VAL B 219 32.82 -22.73 22.16
N LEU B 220 33.74 -21.82 21.89
CA LEU B 220 34.45 -21.79 20.60
C LEU B 220 35.61 -20.81 20.68
N ARG B 221 36.34 -20.68 19.58
CA ARG B 221 37.45 -19.74 19.54
C ARG B 221 36.96 -18.42 18.95
N LEU B 222 37.87 -17.45 18.82
CA LEU B 222 37.56 -16.15 18.24
C LEU B 222 38.68 -15.83 17.25
N PHE B 223 38.46 -16.17 15.98
CA PHE B 223 39.50 -15.97 14.98
C PHE B 223 39.52 -14.53 14.49
N HIS B 224 40.65 -14.17 13.90
CA HIS B 224 40.84 -12.91 13.20
C HIS B 224 40.49 -13.13 11.73
N GLY B 225 40.26 -12.01 11.02
CA GLY B 225 40.12 -12.07 9.57
C GLY B 225 41.33 -12.62 8.85
N HIS B 226 42.50 -12.55 9.47
CA HIS B 226 43.73 -13.18 9.01
C HIS B 226 43.82 -14.65 9.42
N MET B 227 42.80 -15.16 10.12
CA MET B 227 42.59 -16.54 10.60
C MET B 227 43.83 -17.22 11.18
N ASP B 228 44.74 -16.44 11.76
CA ASP B 228 45.90 -16.94 12.47
C ASP B 228 45.98 -16.47 13.90
N GLU B 229 45.38 -15.33 14.24
CA GLU B 229 45.42 -14.79 15.58
C GLU B 229 44.08 -14.97 16.28
N CYS B 230 44.14 -15.38 17.54
CA CYS B 230 42.96 -15.69 18.32
C CYS B 230 43.03 -14.99 19.67
N LEU B 231 41.87 -14.69 20.23
CA LEU B 231 41.74 -13.95 21.49
C LEU B 231 42.14 -14.88 22.63
N THR B 232 43.36 -14.76 23.12
CA THR B 232 43.86 -15.66 24.16
C THR B 232 44.47 -14.89 25.32
N ILE B 233 44.29 -15.43 26.53
CA ILE B 233 45.02 -14.95 27.70
C ILE B 233 46.37 -15.64 27.71
N SER B 234 47.28 -15.17 28.57
CA SER B 234 48.62 -15.74 28.68
C SER B 234 48.58 -17.18 29.20
N ALA B 235 49.75 -17.81 29.16
CA ALA B 235 49.88 -19.21 29.55
C ALA B 235 49.69 -19.37 31.06
N ALA B 236 49.54 -20.64 31.47
CA ALA B 236 49.35 -20.95 32.88
C ALA B 236 50.61 -20.63 33.67
N ASP B 237 50.41 -20.12 34.90
CA ASP B 237 51.48 -19.71 35.83
C ASP B 237 52.40 -18.67 35.17
N SER B 238 51.79 -17.54 34.83
CA SER B 238 52.49 -16.46 34.15
C SER B 238 52.46 -15.19 34.99
N ASP B 239 53.43 -14.31 34.71
CA ASP B 239 53.51 -13.00 35.37
C ASP B 239 52.33 -12.09 35.01
N ASP B 240 51.62 -12.38 33.92
CA ASP B 240 50.46 -11.62 33.49
C ASP B 240 49.27 -11.78 34.45
N GLN B 241 49.31 -12.77 35.36
CA GLN B 241 48.22 -13.19 36.26
C GLN B 241 47.00 -13.69 35.51
N ARG B 242 47.17 -14.00 34.21
CA ARG B 242 46.13 -14.55 33.34
C ARG B 242 44.88 -13.68 33.30
N ARG B 243 45.08 -12.39 33.04
CA ARG B 243 43.96 -11.46 32.95
C ARG B 243 44.06 -10.48 31.79
N LEU B 244 45.03 -10.62 30.89
CA LEU B 244 45.09 -9.77 29.71
C LEU B 244 44.87 -10.65 28.48
N VAL B 245 44.00 -10.21 27.59
CA VAL B 245 43.63 -10.94 26.39
C VAL B 245 44.37 -10.34 25.21
N TYR B 246 44.82 -11.19 24.28
CA TYR B 246 45.63 -10.75 23.16
C TYR B 246 45.05 -11.34 21.88
N TYR B 247 45.76 -11.10 20.77
CA TYR B 247 45.51 -11.73 19.48
C TYR B 247 46.77 -12.53 19.19
N GLU B 248 46.83 -13.75 19.69
CA GLU B 248 48.04 -14.55 19.67
C GLU B 248 47.94 -15.57 18.55
N GLY B 249 49.04 -15.76 17.83
CA GLY B 249 49.09 -16.67 16.71
C GLY B 249 49.74 -18.00 17.06
N GLY B 250 49.90 -18.83 16.03
CA GLY B 250 50.52 -20.12 16.21
C GLY B 250 49.57 -21.12 16.85
N ALA B 251 50.17 -22.20 17.38
CA ALA B 251 49.44 -23.25 18.08
C ALA B 251 48.94 -22.83 19.46
N VAL B 252 49.11 -21.57 19.85
CA VAL B 252 48.63 -21.10 21.15
C VAL B 252 47.11 -21.16 21.22
N CYS B 253 46.44 -20.71 20.16
CA CYS B 253 44.99 -20.60 20.18
C CYS B 253 44.28 -21.84 19.68
N THR B 254 45.00 -22.87 19.25
CA THR B 254 44.35 -24.14 18.98
C THR B 254 44.19 -24.97 20.23
N HIS B 255 44.66 -24.46 21.38
CA HIS B 255 44.56 -25.12 22.66
C HIS B 255 43.31 -24.63 23.40
N ALA B 256 43.19 -25.01 24.67
CA ALA B 256 42.02 -24.69 25.48
C ALA B 256 42.00 -23.27 26.00
N ARG B 257 43.12 -22.53 25.93
CA ARG B 257 43.16 -21.16 26.42
C ARG B 257 42.35 -20.21 25.58
N SER B 258 41.97 -20.59 24.36
CA SER B 258 41.23 -19.72 23.47
C SER B 258 39.76 -20.08 23.39
N LEU B 259 39.21 -20.73 24.41
CA LEU B 259 37.84 -21.20 24.39
C LEU B 259 36.97 -20.22 25.17
N TRP B 260 36.07 -19.55 24.46
CA TRP B 260 35.15 -18.59 25.02
C TRP B 260 33.71 -19.06 24.76
N ARG B 261 32.93 -19.08 25.83
CA ARG B 261 31.55 -19.56 25.81
C ARG B 261 30.63 -18.37 25.61
N LEU B 262 29.78 -18.46 24.57
CA LEU B 262 28.77 -17.45 24.25
C LEU B 262 27.54 -17.71 25.12
N GLU B 263 27.58 -17.23 26.36
CA GLU B 263 26.46 -17.47 27.28
C GLU B 263 25.41 -16.37 27.13
N PRO B 264 24.19 -16.68 26.69
CA PRO B 264 23.18 -15.63 26.55
C PRO B 264 22.60 -15.20 27.89
N LEU B 265 21.82 -14.13 27.84
CA LEU B 265 21.10 -13.61 29.00
C LEU B 265 19.76 -14.28 29.23
N ARG B 266 19.35 -15.17 28.33
CA ARG B 266 18.03 -15.79 28.39
C ARG B 266 18.08 -17.10 29.15
N ILE B 267 17.13 -17.30 30.07
CA ILE B 267 17.09 -18.52 30.85
C ILE B 267 16.69 -19.71 29.98
N SER B 268 15.65 -19.54 29.18
CA SER B 268 15.15 -20.59 28.31
C SER B 268 15.66 -20.39 26.90
N TRP B 269 15.85 -21.51 26.18
CA TRP B 269 16.36 -21.53 24.81
C TRP B 269 17.69 -20.81 24.67
N SER B 270 18.58 -21.02 25.63
CA SER B 270 19.93 -20.45 25.57
C SER B 270 20.73 -20.99 24.39
N GLY B 271 20.37 -22.15 23.86
CA GLY B 271 20.99 -22.73 22.69
C GLY B 271 20.36 -22.33 21.38
N SER B 272 19.45 -21.36 21.39
CA SER B 272 18.82 -20.88 20.17
C SER B 272 19.85 -20.25 19.25
N HIS B 273 19.59 -20.36 17.95
CA HIS B 273 20.50 -19.81 16.96
C HIS B 273 20.62 -18.30 17.08
N LEU B 274 21.85 -17.81 17.02
CA LEU B 274 22.13 -16.42 17.30
C LEU B 274 21.73 -15.53 16.13
N ARG B 275 21.00 -14.47 16.43
CA ARG B 275 20.73 -13.40 15.49
C ARG B 275 21.85 -12.37 15.59
N TRP B 276 21.71 -11.25 14.88
CA TRP B 276 22.73 -10.21 14.92
C TRP B 276 22.51 -9.31 16.12
N GLY B 277 23.58 -9.05 16.85
CA GLY B 277 23.54 -8.16 18.00
C GLY B 277 22.70 -8.67 19.16
N GLN B 278 22.80 -9.94 19.47
CA GLN B 278 22.09 -10.44 20.63
C GLN B 278 22.98 -10.29 21.86
N PRO B 279 22.50 -9.66 22.93
CA PRO B 279 23.34 -9.46 24.12
C PRO B 279 23.67 -10.78 24.80
N LEU B 280 24.95 -11.00 25.06
CA LEU B 280 25.41 -12.25 25.62
C LEU B 280 26.78 -12.07 26.27
N ARG B 281 27.00 -12.79 27.36
CA ARG B 281 28.26 -12.73 28.07
C ARG B 281 29.27 -13.63 27.38
N ILE B 282 30.53 -13.49 27.80
CA ILE B 282 31.64 -14.29 27.29
C ILE B 282 32.34 -14.90 28.49
N ARG B 283 32.59 -16.21 28.43
CA ARG B 283 33.18 -16.91 29.56
C ARG B 283 34.43 -17.63 29.10
N HIS B 284 35.44 -17.70 29.98
CA HIS B 284 36.63 -18.50 29.74
C HIS B 284 36.48 -19.76 30.57
N VAL B 285 36.36 -20.90 29.88
CA VAL B 285 36.04 -22.15 30.55
C VAL B 285 37.22 -22.65 31.39
N THR B 286 38.45 -22.57 30.85
CA THR B 286 39.60 -23.13 31.54
C THR B 286 40.00 -22.37 32.80
N THR B 287 39.53 -21.13 32.94
CA THR B 287 39.84 -20.34 34.13
C THR B 287 38.63 -19.99 34.97
N GLY B 288 37.42 -20.18 34.46
CA GLY B 288 36.22 -19.86 35.21
C GLY B 288 36.05 -18.38 35.48
N ARG B 289 36.32 -17.54 34.49
CA ARG B 289 36.21 -16.09 34.65
C ARG B 289 35.54 -15.49 33.43
N TYR B 290 34.96 -14.30 33.61
CA TYR B 290 34.13 -13.69 32.59
C TYR B 290 34.77 -12.43 32.02
N LEU B 291 34.68 -12.28 30.70
CA LEU B 291 35.21 -11.10 30.04
C LEU B 291 34.37 -9.87 30.38
N ALA B 292 35.05 -8.74 30.60
CA ALA B 292 34.39 -7.49 30.97
C ALA B 292 35.34 -6.33 30.70
N LEU B 293 34.87 -5.12 30.99
CA LEU B 293 35.71 -3.93 30.99
C LEU B 293 35.59 -3.29 32.37
N THR B 294 36.72 -3.09 33.03
CA THR B 294 36.78 -2.49 34.34
C THR B 294 37.42 -1.11 34.22
N GLU B 295 37.59 -0.45 35.36
CA GLU B 295 38.03 0.94 35.37
C GLU B 295 39.56 1.11 35.34
N ASP B 296 40.30 0.33 36.12
CA ASP B 296 41.75 0.56 36.21
C ASP B 296 42.52 0.00 35.01
N GLN B 297 42.08 -1.11 34.42
CA GLN B 297 42.86 -1.75 33.37
C GLN B 297 42.03 -2.15 32.15
N GLY B 298 40.88 -1.50 31.94
CA GLY B 298 40.12 -1.65 30.70
C GLY B 298 39.52 -3.02 30.48
N LEU B 299 39.45 -3.42 29.21
CA LEU B 299 38.82 -4.68 28.82
C LEU B 299 39.68 -5.84 29.29
N VAL B 300 39.28 -6.48 30.39
CA VAL B 300 40.01 -7.61 30.96
C VAL B 300 39.02 -8.64 31.49
N VAL B 301 39.46 -9.89 31.55
CA VAL B 301 38.61 -10.95 32.07
C VAL B 301 38.52 -10.81 33.58
N VAL B 302 37.31 -10.97 34.12
CA VAL B 302 37.06 -10.73 35.53
C VAL B 302 36.35 -11.96 36.10
N ASP B 303 36.39 -12.08 37.43
CA ASP B 303 35.76 -13.19 38.13
C ASP B 303 34.25 -13.21 37.89
N ALA B 304 33.69 -14.42 37.88
CA ALA B 304 32.26 -14.60 37.65
C ALA B 304 31.38 -14.01 38.75
N CYS B 305 31.94 -13.76 39.94
CA CYS B 305 31.18 -13.13 41.01
C CYS B 305 30.90 -11.65 40.75
N LYS B 306 31.58 -11.03 39.80
CA LYS B 306 31.39 -9.61 39.49
C LYS B 306 31.03 -9.42 38.02
N ALA B 307 30.18 -10.29 37.49
CA ALA B 307 29.67 -10.14 36.12
C ALA B 307 28.27 -9.53 36.23
N HIS B 308 28.25 -8.21 36.35
CA HIS B 308 27.06 -7.42 36.62
C HIS B 308 26.20 -7.13 35.38
N THR B 309 26.42 -7.84 34.26
CA THR B 309 25.60 -7.89 33.05
C THR B 309 25.69 -6.58 32.24
N LYS B 310 26.37 -5.58 32.78
CA LYS B 310 26.56 -4.31 32.08
C LYS B 310 27.88 -4.30 31.32
N ALA B 311 28.99 -4.53 32.03
CA ALA B 311 30.31 -4.57 31.40
C ALA B 311 30.62 -5.91 30.77
N THR B 312 29.84 -6.96 31.06
CA THR B 312 30.12 -8.28 30.48
C THR B 312 29.35 -8.54 29.20
N SER B 313 28.13 -8.01 29.08
CA SER B 313 27.31 -8.25 27.90
C SER B 313 27.94 -7.62 26.66
N PHE B 314 27.81 -8.32 25.53
CA PHE B 314 28.39 -7.89 24.28
C PHE B 314 27.43 -8.28 23.15
N CYS B 315 27.56 -7.62 22.00
CA CYS B 315 26.71 -7.92 20.87
C CYS B 315 27.54 -8.11 19.61
N PHE B 316 27.15 -9.09 18.80
CA PHE B 316 27.82 -9.38 17.54
C PHE B 316 27.05 -8.68 16.42
N ARG B 317 27.62 -7.60 15.91
CA ARG B 317 26.99 -6.74 14.92
C ARG B 317 27.55 -7.02 13.53
N VAL B 318 26.71 -6.84 12.52
CA VAL B 318 27.07 -7.20 11.15
C VAL B 318 28.21 -6.32 10.63
N SER B 319 28.20 -5.03 10.94
CA SER B 319 29.21 -4.11 10.44
C SER B 319 29.44 -3.01 11.47
N LYS B 320 30.36 -2.09 11.14
CA LYS B 320 30.65 -0.97 12.01
C LYS B 320 29.55 0.08 12.05
N GLU B 321 28.55 -0.02 11.18
CA GLU B 321 27.42 0.90 11.18
C GLU B 321 26.59 0.71 12.45
N LYS B 322 25.88 1.76 12.84
CA LYS B 322 25.06 1.71 14.04
C LYS B 322 23.78 0.92 13.77
N LEU B 323 23.60 -0.17 14.51
CA LEU B 323 22.38 -0.96 14.41
C LEU B 323 21.50 -0.74 15.65
N PRO B 327 19.66 -5.68 19.77
CA PRO B 327 19.05 -6.64 20.68
C PRO B 327 17.54 -6.76 20.49
N LYS B 328 17.10 -7.82 19.81
CA LYS B 328 15.69 -8.04 19.54
C LYS B 328 15.12 -9.00 20.60
N ARG B 329 13.85 -9.34 20.44
CA ARG B 329 13.18 -10.21 21.40
C ARG B 329 13.71 -11.63 21.31
N ASP B 330 13.74 -12.31 22.46
CA ASP B 330 14.11 -13.71 22.49
C ASP B 330 13.00 -14.58 21.91
N VAL B 331 13.39 -15.59 21.15
CA VAL B 331 12.45 -16.46 20.44
C VAL B 331 12.43 -17.82 21.10
N GLU B 332 11.22 -18.39 21.26
CA GLU B 332 11.02 -19.71 21.87
C GLU B 332 11.33 -20.83 20.88
N GLY B 333 12.55 -20.80 20.35
CA GLY B 333 12.98 -21.76 19.36
C GLY B 333 14.29 -21.27 18.77
N MET B 334 14.78 -22.03 17.80
CA MET B 334 16.02 -21.66 17.11
C MET B 334 15.87 -20.35 16.36
N GLY B 335 14.74 -20.15 15.69
CA GLY B 335 14.53 -18.97 14.89
C GLY B 335 15.29 -19.04 13.58
N PRO B 336 15.63 -17.87 13.03
CA PRO B 336 16.33 -17.84 11.74
C PRO B 336 17.80 -18.19 11.90
N PRO B 337 18.29 -19.21 11.17
CA PRO B 337 19.72 -19.50 11.17
C PRO B 337 20.48 -18.55 10.26
N GLU B 338 21.23 -17.63 10.86
CA GLU B 338 21.92 -16.59 10.13
C GLU B 338 23.45 -16.68 10.29
N ILE B 339 23.95 -16.70 11.52
CA ILE B 339 25.38 -16.73 11.76
C ILE B 339 25.92 -18.13 11.47
N LYS B 340 26.89 -18.22 10.56
CA LYS B 340 27.47 -19.48 10.16
C LYS B 340 28.84 -19.68 10.82
N TYR B 341 29.26 -20.94 10.87
CA TYR B 341 30.56 -21.31 11.43
C TYR B 341 31.61 -21.19 10.35
N GLY B 342 32.64 -20.37 10.60
CA GLY B 342 33.68 -20.13 9.62
C GLY B 342 33.38 -19.05 8.61
N GLU B 343 32.14 -18.57 8.53
CA GLU B 343 31.73 -17.48 7.65
C GLU B 343 30.84 -16.56 8.48
N SER B 344 30.17 -15.63 7.79
CA SER B 344 29.26 -14.64 8.39
C SER B 344 29.99 -13.80 9.45
N LEU B 345 30.94 -13.00 8.94
CA LEU B 345 31.83 -12.20 9.77
C LEU B 345 31.07 -11.26 10.69
N CYS B 346 31.53 -11.16 11.94
CA CYS B 346 30.92 -10.34 12.97
C CYS B 346 31.92 -9.36 13.56
N PHE B 347 31.40 -8.22 14.00
CA PHE B 347 32.15 -7.23 14.76
C PHE B 347 31.58 -7.24 16.16
N VAL B 348 32.42 -7.47 17.15
CA VAL B 348 31.95 -7.57 18.53
C VAL B 348 32.02 -6.18 19.15
N GLN B 349 30.89 -5.70 19.63
CA GLN B 349 30.83 -4.37 20.24
C GLN B 349 30.16 -4.45 21.60
N HIS B 350 30.71 -3.70 22.54
CA HIS B 350 30.12 -3.55 23.86
C HIS B 350 28.73 -2.94 23.74
N VAL B 351 27.72 -3.65 24.27
CA VAL B 351 26.36 -3.16 24.19
C VAL B 351 26.18 -1.90 25.05
N ALA B 352 26.94 -1.78 26.14
CA ALA B 352 26.82 -0.64 27.04
C ALA B 352 27.75 0.51 26.62
N SER B 353 29.05 0.24 26.53
CA SER B 353 30.00 1.30 26.21
C SER B 353 30.00 1.68 24.73
N GLY B 354 29.50 0.81 23.86
CA GLY B 354 29.48 1.12 22.43
C GLY B 354 30.83 1.10 21.76
N LEU B 355 31.81 0.43 22.35
CA LEU B 355 33.16 0.38 21.83
C LEU B 355 33.41 -0.97 21.14
N TRP B 356 34.31 -0.95 20.15
CA TRP B 356 34.58 -2.13 19.32
C TRP B 356 35.93 -2.76 19.64
N LEU B 357 36.04 -4.07 19.37
CA LEU B 357 37.28 -4.80 19.56
C LEU B 357 38.31 -4.37 18.52
N THR B 358 39.57 -4.25 18.95
CA THR B 358 40.67 -3.85 18.08
C THR B 358 41.98 -4.20 18.80
N TYR B 359 42.96 -4.65 18.02
CA TYR B 359 44.28 -4.90 18.60
C TYR B 359 44.95 -3.58 18.98
N ALA B 360 45.84 -3.63 19.95
CA ALA B 360 46.62 -2.45 20.33
C ALA B 360 47.57 -2.09 19.21
N ALA B 361 47.41 -0.88 18.67
CA ALA B 361 48.19 -0.44 17.50
C ALA B 361 49.71 -0.42 17.70
N PRO B 362 50.30 0.14 18.79
CA PRO B 362 51.76 0.14 18.90
C PRO B 362 52.36 -1.26 18.95
N ASP B 363 53.51 -1.43 18.30
CA ASP B 363 54.25 -2.68 18.35
C ASP B 363 55.62 -2.43 18.98
N PRO B 364 55.84 -2.84 20.24
CA PRO B 364 57.10 -2.51 20.92
C PRO B 364 58.31 -3.30 20.42
N LYS B 365 59.45 -3.10 21.10
CA LYS B 365 60.68 -3.78 20.72
C LYS B 365 60.57 -5.30 20.88
N ALA B 366 59.68 -5.77 21.78
CA ALA B 366 59.43 -7.20 21.89
C ALA B 366 58.83 -7.75 20.61
N LEU B 367 57.91 -7.00 20.00
CA LEU B 367 57.32 -7.40 18.73
C LEU B 367 58.19 -7.03 17.55
N ARG B 368 59.26 -6.26 17.78
CA ARG B 368 60.18 -5.91 16.68
C ARG B 368 60.89 -7.14 16.14
N LEU B 369 61.31 -8.04 17.03
CA LEU B 369 62.04 -9.24 16.61
C LEU B 369 61.40 -10.53 17.12
N GLY B 370 60.71 -10.47 18.26
CA GLY B 370 60.14 -11.65 18.87
C GLY B 370 58.84 -12.09 18.22
N VAL B 371 58.18 -13.03 18.89
CA VAL B 371 56.91 -13.58 18.40
C VAL B 371 55.84 -12.49 18.37
N LEU B 372 55.06 -12.47 17.30
CA LEU B 372 54.07 -11.42 17.05
C LEU B 372 52.77 -11.76 17.77
N LYS B 373 52.55 -11.14 18.93
CA LYS B 373 51.27 -11.21 19.61
C LYS B 373 50.87 -9.80 20.01
N LYS B 374 49.61 -9.44 19.74
CA LYS B 374 49.14 -8.08 19.93
C LYS B 374 47.97 -8.08 20.91
N LYS B 375 48.04 -7.17 21.88
CA LYS B 375 46.99 -7.05 22.89
C LYS B 375 45.73 -6.44 22.27
N ALA B 376 44.57 -6.93 22.70
CA ALA B 376 43.30 -6.42 22.24
C ALA B 376 42.82 -5.30 23.16
N ILE B 377 42.37 -4.20 22.57
CA ILE B 377 41.85 -3.06 23.33
C ILE B 377 40.46 -2.73 22.81
N LEU B 378 39.53 -2.48 23.72
CA LEU B 378 38.17 -2.17 23.29
C LEU B 378 38.14 -0.74 22.75
N HIS B 379 38.46 -0.59 21.46
CA HIS B 379 38.63 0.73 20.87
C HIS B 379 37.27 1.41 20.67
N GLN B 380 37.29 2.75 20.77
CA GLN B 380 36.07 3.54 20.66
C GLN B 380 35.42 3.42 19.28
N GLU B 381 36.23 3.45 18.22
CA GLU B 381 35.70 3.36 16.86
C GLU B 381 36.16 2.11 16.13
N GLY B 382 37.39 1.67 16.34
CA GLY B 382 37.90 0.47 15.71
C GLY B 382 38.54 0.72 14.36
N HIS B 383 39.41 -0.21 13.97
CA HIS B 383 40.08 -0.16 12.68
C HIS B 383 39.21 -0.85 11.64
N MET B 384 39.75 -1.04 10.44
CA MET B 384 39.03 -1.68 9.35
C MET B 384 39.16 -3.20 9.40
N ASP B 385 40.32 -3.72 9.80
CA ASP B 385 40.58 -5.15 9.82
C ASP B 385 40.15 -5.82 11.12
N ASP B 386 39.24 -5.21 11.89
CA ASP B 386 38.78 -5.77 13.14
C ASP B 386 37.66 -6.81 12.98
N ALA B 387 37.47 -7.34 11.77
CA ALA B 387 36.50 -8.39 11.53
C ALA B 387 36.92 -9.69 12.21
N LEU B 388 35.94 -10.38 12.80
CA LEU B 388 36.20 -11.57 13.59
C LEU B 388 35.43 -12.76 13.02
N PHE B 389 36.08 -13.92 13.04
CA PHE B 389 35.51 -15.17 12.59
C PHE B 389 35.14 -16.05 13.77
N LEU B 390 34.07 -16.82 13.59
CA LEU B 390 33.63 -17.80 14.58
C LEU B 390 33.73 -19.19 13.98
N THR B 391 34.46 -20.08 14.66
CA THR B 391 34.70 -21.43 14.19
C THR B 391 34.37 -22.43 15.28
N ARG B 392 33.99 -23.63 14.86
CA ARG B 392 33.58 -24.71 15.74
C ARG B 392 34.77 -25.25 16.55
N CYS B 393 34.44 -25.92 17.65
CA CYS B 393 35.45 -26.62 18.44
C CYS B 393 34.90 -28.00 18.79
N GLN B 394 35.81 -28.94 19.02
CA GLN B 394 35.40 -30.32 19.23
C GLN B 394 34.82 -30.56 20.63
N GLN B 395 33.91 -31.54 20.71
CA GLN B 395 33.18 -31.74 21.95
C GLN B 395 34.08 -32.34 23.03
N GLU B 396 34.91 -33.33 22.65
CA GLU B 396 35.70 -34.05 23.66
C GLU B 396 36.71 -33.11 24.33
N GLU B 397 37.36 -32.25 23.56
CA GLU B 397 38.26 -31.26 24.13
C GLU B 397 37.50 -30.19 24.88
N SER B 398 36.28 -29.85 24.44
CA SER B 398 35.46 -28.93 25.22
C SER B 398 35.09 -29.52 26.58
N GLN B 399 34.77 -30.81 26.60
CA GLN B 399 34.55 -31.55 27.84
C GLN B 399 35.80 -31.55 28.72
N ALA B 400 36.96 -31.75 28.11
CA ALA B 400 38.23 -31.60 28.84
C ALA B 400 38.40 -30.18 29.35
N ALA B 401 38.00 -29.18 28.56
CA ALA B 401 38.10 -27.78 28.96
C ALA B 401 37.27 -27.48 30.19
N ARG B 402 36.05 -28.00 30.23
CA ARG B 402 35.24 -27.89 31.44
C ARG B 402 35.82 -28.71 32.59
N MET B 403 36.43 -29.86 32.29
CA MET B 403 37.08 -30.66 33.32
C MET B 403 38.32 -30.00 33.88
N ILE B 404 39.08 -29.29 33.05
CA ILE B 404 40.37 -28.74 33.44
C ILE B 404 40.20 -27.66 34.51
N HIS B 405 39.09 -26.91 34.48
CA HIS B 405 38.85 -25.89 35.49
C HIS B 405 38.56 -26.50 36.85
N SER B 406 37.66 -27.49 36.88
CA SER B 406 37.34 -28.16 38.15
C SER B 406 38.55 -28.92 38.66
N THR B 407 39.36 -29.44 37.74
CA THR B 407 40.60 -30.12 38.07
C THR B 407 41.55 -29.15 38.76
N ALA B 408 41.68 -27.94 38.20
CA ALA B 408 42.54 -26.94 38.85
C ALA B 408 41.98 -26.57 40.21
N GLY B 409 40.65 -26.43 40.30
CA GLY B 409 40.03 -25.97 41.53
C GLY B 409 40.23 -26.95 42.69
N LEU B 410 40.08 -28.24 42.40
CA LEU B 410 40.16 -29.25 43.46
C LEU B 410 41.59 -29.43 43.93
N TYR B 411 42.55 -29.54 43.01
CA TYR B 411 43.91 -29.79 43.42
C TYR B 411 44.56 -28.52 43.98
N ASN B 412 44.24 -27.35 43.42
CA ASN B 412 44.75 -26.09 43.96
C ASN B 412 44.24 -25.85 45.39
N GLN B 413 42.95 -26.11 45.62
CA GLN B 413 42.41 -26.07 46.98
C GLN B 413 43.04 -27.13 47.88
N PHE B 414 43.32 -28.31 47.33
CA PHE B 414 44.05 -29.34 48.07
C PHE B 414 45.46 -28.89 48.45
N ILE B 415 46.17 -28.25 47.52
CA ILE B 415 47.51 -27.70 47.79
C ILE B 415 47.45 -26.63 48.87
N LYS B 416 46.45 -25.74 48.79
CA LYS B 416 46.23 -24.74 49.82
C LYS B 416 45.93 -25.38 51.18
N GLY B 417 45.18 -26.47 51.18
CA GLY B 417 44.96 -27.18 52.43
C GLY B 417 46.24 -27.81 52.94
N LEU B 418 47.07 -28.34 52.03
CA LEU B 418 48.26 -29.09 52.38
C LEU B 418 49.30 -28.21 53.05
N ASP B 419 49.67 -27.09 52.41
CA ASP B 419 50.74 -26.27 53.00
C ASP B 419 50.30 -25.53 54.26
N SER B 420 48.99 -25.52 54.56
CA SER B 420 48.49 -24.91 55.80
C SER B 420 49.04 -25.61 57.04
N PHE B 421 49.36 -26.89 56.95
CA PHE B 421 49.96 -27.63 58.05
C PHE B 421 51.40 -28.04 57.74
N SER B 422 52.11 -27.16 57.02
CA SER B 422 53.52 -27.39 56.68
C SER B 422 54.36 -27.56 57.94
N GLY B 423 54.15 -26.70 58.93
CA GLY B 423 54.73 -26.90 60.23
C GLY B 423 53.59 -27.32 61.14
N LYS B 424 53.50 -26.70 62.33
CA LYS B 424 52.44 -26.78 63.36
C LYS B 424 51.89 -28.20 63.58
N PRO B 425 52.66 -29.09 64.23
CA PRO B 425 52.18 -30.45 64.48
C PRO B 425 50.90 -30.48 65.31
N ARG B 426 50.01 -31.42 64.95
CA ARG B 426 48.70 -31.51 65.60
C ARG B 426 48.83 -31.86 67.07
N GLY B 427 49.74 -32.77 67.41
CA GLY B 427 49.87 -33.23 68.78
C GLY B 427 48.76 -34.18 69.16
N SER B 428 47.84 -33.71 70.00
CA SER B 428 46.69 -34.51 70.41
C SER B 428 45.37 -33.79 70.20
N GLY B 429 45.38 -32.63 69.54
CA GLY B 429 44.18 -31.87 69.33
C GLY B 429 43.58 -32.06 67.96
N PRO B 430 42.85 -31.06 67.47
CA PRO B 430 42.25 -31.16 66.14
C PRO B 430 43.24 -30.77 65.06
N PRO B 431 42.95 -31.05 63.78
CA PRO B 431 43.85 -30.62 62.69
C PRO B 431 44.04 -29.11 62.61
N ALA B 432 44.97 -28.72 61.73
CA ALA B 432 45.35 -27.32 61.58
C ALA B 432 44.18 -26.45 61.11
N GLY B 433 43.39 -26.93 60.16
CA GLY B 433 42.27 -26.17 59.66
C GLY B 433 41.11 -27.03 59.19
N PRO B 434 40.49 -26.63 58.08
CA PRO B 434 39.38 -27.40 57.52
C PRO B 434 39.82 -28.78 57.03
N ALA B 435 38.88 -29.72 57.08
CA ALA B 435 39.15 -31.09 56.66
C ALA B 435 39.48 -31.15 55.16
N LEU B 436 40.43 -32.00 54.82
CA LEU B 436 40.89 -32.12 53.44
C LEU B 436 39.89 -32.93 52.60
N PRO B 437 39.79 -32.63 51.30
CA PRO B 437 38.90 -33.42 50.40
C PRO B 437 39.57 -34.69 49.89
N ILE B 438 39.75 -35.65 50.80
CA ILE B 438 40.40 -36.92 50.47
C ILE B 438 39.58 -37.72 49.46
N GLU B 439 38.29 -37.89 49.74
CA GLU B 439 37.44 -38.68 48.87
C GLU B 439 37.25 -38.01 47.50
N ALA B 440 37.11 -36.69 47.50
CA ALA B 440 36.95 -35.94 46.25
C ALA B 440 38.20 -36.05 45.39
N VAL B 441 39.37 -35.94 46.02
CA VAL B 441 40.64 -36.04 45.31
C VAL B 441 40.84 -37.45 44.77
N ILE B 442 40.59 -38.47 45.60
CA ILE B 442 40.78 -39.86 45.19
C ILE B 442 39.86 -40.23 44.03
N LEU B 443 38.59 -39.82 44.12
CA LEU B 443 37.64 -40.06 43.02
C LEU B 443 38.08 -39.34 41.75
N SER B 444 38.61 -38.12 41.90
CA SER B 444 39.12 -37.39 40.74
C SER B 444 40.32 -38.12 40.14
N LEU B 445 41.19 -38.66 41.01
CA LEU B 445 42.37 -39.40 40.55
C LEU B 445 41.96 -40.60 39.73
N GLN B 446 40.97 -41.36 40.21
CA GLN B 446 40.51 -42.55 39.48
C GLN B 446 39.90 -42.16 38.14
N ASP B 447 39.13 -41.07 38.12
CA ASP B 447 38.53 -40.58 36.88
C ASP B 447 39.59 -40.14 35.88
N LEU B 448 40.64 -39.46 36.35
CA LEU B 448 41.66 -38.98 35.44
C LEU B 448 42.56 -40.11 34.94
N ILE B 449 42.90 -41.07 35.81
CA ILE B 449 43.72 -42.21 35.39
C ILE B 449 43.00 -43.01 34.32
N GLY B 450 41.71 -43.29 34.54
CA GLY B 450 40.93 -43.95 33.51
C GLY B 450 40.78 -43.10 32.26
N TYR B 451 40.68 -41.77 32.42
CA TYR B 451 40.59 -40.88 31.28
C TYR B 451 41.87 -40.89 30.45
N PHE B 452 43.01 -41.14 31.09
CA PHE B 452 44.31 -41.17 30.44
C PHE B 452 44.83 -42.59 30.20
N GLU B 453 43.99 -43.60 30.37
CA GLU B 453 44.44 -44.97 30.11
C GLU B 453 44.74 -45.13 28.63
N PRO B 454 45.91 -45.68 28.28
CA PRO B 454 46.21 -45.90 26.86
C PRO B 454 45.29 -46.94 26.27
N PRO B 455 45.01 -46.87 24.96
CA PRO B 455 44.17 -47.87 24.31
C PRO B 455 44.78 -49.27 24.36
N SER B 456 43.91 -50.27 24.46
CA SER B 456 44.33 -51.65 24.63
C SER B 456 45.07 -52.15 23.39
N GLU B 457 45.99 -53.09 23.62
CA GLU B 457 46.85 -53.58 22.55
C GLU B 457 46.08 -54.35 21.47
N GLU B 458 45.09 -55.16 21.87
CA GLU B 458 44.39 -56.04 20.94
C GLU B 458 43.45 -55.31 19.98
N LEU B 459 43.38 -53.98 20.01
CA LEU B 459 42.56 -53.24 19.07
C LEU B 459 43.09 -53.35 17.64
N GLN B 460 42.19 -53.12 16.69
CA GLN B 460 42.55 -53.10 15.28
C GLN B 460 43.51 -51.95 15.01
N HIS B 461 44.46 -52.19 14.10
CA HIS B 461 45.53 -51.24 13.82
C HIS B 461 45.05 -49.89 13.30
N GLU B 462 43.89 -49.85 12.65
CA GLU B 462 43.40 -48.61 12.08
C GLU B 462 42.87 -47.66 13.16
N GLU B 463 41.86 -48.10 13.90
CA GLU B 463 41.21 -47.24 14.90
C GLU B 463 42.12 -46.93 16.08
N LYS B 464 43.05 -47.84 16.38
CA LYS B 464 43.97 -47.65 17.50
C LYS B 464 44.82 -46.39 17.31
N GLN B 465 45.28 -46.15 16.07
CA GLN B 465 46.08 -44.95 15.79
C GLN B 465 45.29 -43.69 16.09
N SER B 466 43.99 -43.69 15.77
CA SER B 466 43.14 -42.56 16.11
C SER B 466 43.00 -42.40 17.61
N LYS B 467 43.03 -43.53 18.34
CA LYS B 467 42.98 -43.40 19.79
C LYS B 467 44.29 -42.87 20.33
N LEU B 468 45.40 -43.17 19.65
CA LEU B 468 46.69 -42.61 20.03
C LEU B 468 46.68 -41.11 19.84
N ARG B 469 46.12 -40.64 18.72
CA ARG B 469 46.01 -39.21 18.46
C ARG B 469 45.17 -38.50 19.51
N SER B 470 44.04 -39.11 19.89
CA SER B 470 43.22 -38.57 20.96
C SER B 470 43.97 -38.52 22.30
N LEU B 471 44.72 -39.58 22.62
CA LEU B 471 45.50 -39.62 23.86
C LEU B 471 46.59 -38.55 23.87
N ARG B 472 47.30 -38.39 22.75
CA ARG B 472 48.35 -37.38 22.64
C ARG B 472 47.75 -35.98 22.77
N ASN B 473 46.59 -35.75 22.14
CA ASN B 473 45.99 -34.42 22.17
C ASN B 473 45.58 -34.07 23.60
N ARG B 474 44.85 -34.98 24.26
CA ARG B 474 44.36 -34.69 25.62
C ARG B 474 45.51 -34.48 26.59
N GLN B 475 46.55 -35.33 26.50
CA GLN B 475 47.71 -35.20 27.38
C GLN B 475 48.45 -33.89 27.12
N SER B 476 48.55 -33.49 25.84
CA SER B 476 49.22 -32.25 25.48
C SER B 476 48.48 -31.07 26.08
N LEU B 477 47.14 -31.09 26.01
CA LEU B 477 46.36 -30.01 26.60
C LEU B 477 46.54 -29.94 28.11
N PHE B 478 46.55 -31.08 28.80
CA PHE B 478 46.71 -31.07 30.25
C PHE B 478 48.08 -30.53 30.67
N GLN B 479 49.14 -30.93 29.97
CA GLN B 479 50.46 -30.35 30.26
C GLN B 479 50.46 -28.86 29.91
N GLU B 480 49.87 -28.49 28.78
CA GLU B 480 49.84 -27.10 28.36
C GLU B 480 49.06 -26.24 29.36
N GLU B 481 48.10 -26.86 30.06
CA GLU B 481 47.41 -26.14 31.13
C GLU B 481 48.17 -26.21 32.44
N GLY B 482 49.29 -26.95 32.49
CA GLY B 482 50.17 -26.83 33.64
C GLY B 482 50.01 -27.79 34.79
N MET B 483 49.12 -28.76 34.70
CA MET B 483 48.94 -29.67 35.83
C MET B 483 50.02 -30.72 35.97
N LEU B 484 50.87 -30.88 34.95
CA LEU B 484 52.06 -31.71 35.10
C LEU B 484 52.98 -31.15 36.18
N SER B 485 53.07 -29.82 36.28
CA SER B 485 53.79 -29.23 37.40
C SER B 485 53.00 -29.34 38.70
N LEU B 486 51.67 -29.22 38.61
CA LEU B 486 50.82 -29.25 39.80
C LEU B 486 50.93 -30.58 40.55
N VAL B 487 50.94 -31.69 39.79
CA VAL B 487 51.08 -32.98 40.45
C VAL B 487 52.46 -33.09 41.07
N LEU B 488 53.50 -32.55 40.40
CA LEU B 488 54.84 -32.55 40.97
C LEU B 488 54.86 -31.81 42.30
N ASN B 489 54.06 -30.73 42.41
CA ASN B 489 53.94 -30.05 43.68
C ASN B 489 53.26 -30.94 44.70
N CYS B 490 52.29 -31.76 44.26
CA CYS B 490 51.58 -32.64 45.19
C CYS B 490 52.53 -33.68 45.80
N ILE B 491 53.37 -34.30 44.95
CA ILE B 491 54.38 -35.23 45.47
C ILE B 491 55.36 -34.50 46.36
N ASP B 492 55.83 -33.31 45.95
CA ASP B 492 56.84 -32.59 46.72
C ASP B 492 56.32 -32.24 48.12
N ARG B 493 55.06 -31.80 48.21
CA ARG B 493 54.44 -31.54 49.51
C ARG B 493 54.29 -32.80 50.35
N LEU B 494 53.86 -33.91 49.75
CA LEU B 494 53.65 -35.11 50.57
C LEU B 494 54.93 -35.87 50.92
N ASN B 495 55.92 -35.88 50.04
CA ASN B 495 57.12 -36.71 50.19
C ASN B 495 58.05 -36.26 51.30
N VAL B 496 57.88 -35.05 51.85
CA VAL B 496 58.75 -34.61 52.94
C VAL B 496 58.39 -35.24 54.28
N TYR B 497 57.39 -36.12 54.33
CA TYR B 497 57.01 -36.84 55.52
C TYR B 497 57.42 -38.30 55.37
N THR B 498 58.07 -38.85 56.40
CA THR B 498 58.67 -40.18 56.30
C THR B 498 57.61 -41.26 56.16
N THR B 499 56.61 -41.27 57.03
CA THR B 499 55.65 -42.36 57.08
C THR B 499 54.26 -41.80 57.29
N ALA B 500 53.27 -42.71 57.24
CA ALA B 500 51.88 -42.34 57.47
C ALA B 500 51.66 -41.81 58.88
N ALA B 501 52.30 -42.45 59.87
CA ALA B 501 52.21 -41.96 61.24
C ALA B 501 52.80 -40.56 61.37
N HIS B 502 53.87 -40.28 60.62
CA HIS B 502 54.42 -38.93 60.61
C HIS B 502 53.50 -37.96 59.88
N PHE B 503 52.71 -38.46 58.92
CA PHE B 503 51.75 -37.61 58.24
C PHE B 503 50.56 -37.32 59.13
N ALA B 504 50.27 -38.24 60.06
CA ALA B 504 49.18 -38.04 61.01
C ALA B 504 49.47 -36.91 61.97
N GLU B 505 50.76 -36.63 62.21
CA GLU B 505 51.13 -35.58 63.16
C GLU B 505 50.78 -34.20 62.62
N TYR B 506 50.64 -34.07 61.30
CA TYR B 506 50.43 -32.79 60.66
C TYR B 506 49.03 -32.67 60.08
N ALA B 507 48.63 -33.59 59.19
CA ALA B 507 47.30 -33.49 58.61
C ALA B 507 46.21 -34.11 59.46
N GLY B 508 46.56 -34.86 60.49
CA GLY B 508 45.59 -35.54 61.31
C GLY B 508 45.62 -37.04 61.08
N GLU B 509 45.08 -37.78 62.04
CA GLU B 509 45.07 -39.24 61.96
C GLU B 509 44.16 -39.75 60.85
N GLU B 510 43.10 -39.00 60.51
CA GLU B 510 42.15 -39.42 59.48
C GLU B 510 42.79 -39.54 58.09
N ALA B 511 43.82 -38.76 57.80
CA ALA B 511 44.46 -38.80 56.49
C ALA B 511 45.64 -39.77 56.43
N ALA B 512 45.99 -40.39 57.56
CA ALA B 512 47.14 -41.29 57.61
C ALA B 512 46.89 -42.53 56.76
N GLU B 513 45.68 -43.09 56.84
CA GLU B 513 45.37 -44.29 56.09
C GLU B 513 45.41 -44.01 54.59
N SER B 514 44.89 -42.85 54.19
CA SER B 514 44.80 -42.49 52.79
C SER B 514 46.13 -42.00 52.21
N TRP B 515 47.16 -41.81 53.06
CA TRP B 515 48.43 -41.27 52.60
C TRP B 515 49.10 -42.15 51.54
N LYS B 516 49.11 -43.47 51.78
CA LYS B 516 49.72 -44.42 50.85
C LYS B 516 48.98 -44.44 49.53
N GLU B 517 47.65 -44.38 49.59
CA GLU B 517 46.86 -44.45 48.38
C GLU B 517 47.06 -43.19 47.55
N ILE B 518 47.03 -42.01 48.19
CA ILE B 518 47.12 -40.78 47.42
C ILE B 518 48.52 -40.64 46.81
N VAL B 519 49.57 -41.07 47.55
CA VAL B 519 50.92 -40.93 47.01
C VAL B 519 51.12 -41.90 45.84
N ASN B 520 50.55 -43.12 45.92
CA ASN B 520 50.66 -44.03 44.78
C ASN B 520 49.91 -43.48 43.57
N LEU B 521 48.63 -43.13 43.76
CA LEU B 521 47.78 -42.73 42.64
C LEU B 521 48.28 -41.48 41.95
N LEU B 522 48.96 -40.59 42.69
CA LEU B 522 49.58 -39.44 42.03
C LEU B 522 50.68 -39.90 41.08
N TYR B 523 51.45 -40.91 41.49
CA TYR B 523 52.53 -41.40 40.64
C TYR B 523 51.99 -42.03 39.36
N GLU B 524 50.93 -42.85 39.49
CA GLU B 524 50.30 -43.40 38.28
C GLU B 524 49.67 -42.33 37.40
N LEU B 525 49.03 -41.32 38.00
CA LEU B 525 48.49 -40.20 37.21
C LEU B 525 49.60 -39.44 36.48
N LEU B 526 50.72 -39.21 37.15
CA LEU B 526 51.89 -38.58 36.52
C LEU B 526 52.43 -39.42 35.37
N ALA B 527 52.49 -40.74 35.57
CA ALA B 527 52.91 -41.64 34.49
C ALA B 527 51.94 -41.59 33.32
N SER B 528 50.64 -41.53 33.61
CA SER B 528 49.65 -41.46 32.55
C SER B 528 49.81 -40.17 31.75
N LEU B 529 50.06 -39.07 32.46
CA LEU B 529 50.27 -37.77 31.81
C LEU B 529 51.49 -37.80 30.89
N ILE B 530 52.58 -38.41 31.35
CA ILE B 530 53.82 -38.38 30.57
C ILE B 530 53.94 -39.51 29.57
N ARG B 531 53.02 -40.48 29.59
CA ARG B 531 53.11 -41.66 28.74
C ARG B 531 53.04 -41.30 27.26
N GLY B 532 54.09 -41.68 26.52
CA GLY B 532 54.05 -41.52 25.08
C GLY B 532 54.18 -40.12 24.56
N ASN B 533 54.58 -39.16 25.39
CA ASN B 533 54.62 -37.76 25.00
C ASN B 533 56.06 -37.29 24.89
N ARG B 534 56.42 -36.78 23.71
CA ARG B 534 57.74 -36.21 23.51
C ARG B 534 57.96 -34.97 24.37
N ALA B 535 56.94 -34.12 24.43
CA ALA B 535 57.06 -32.86 25.17
C ALA B 535 57.19 -33.13 26.66
N ASN B 536 56.27 -33.95 27.19
CA ASN B 536 56.22 -34.19 28.63
C ASN B 536 57.45 -34.94 29.10
N CYS B 537 57.89 -35.95 28.33
CA CYS B 537 59.11 -36.64 28.73
C CYS B 537 60.32 -35.72 28.65
N ALA B 538 60.39 -34.86 27.62
CA ALA B 538 61.51 -33.93 27.48
C ALA B 538 61.56 -32.89 28.60
N LEU B 539 60.41 -32.59 29.23
CA LEU B 539 60.43 -31.60 30.31
C LEU B 539 61.13 -32.09 31.57
N PHE B 540 61.26 -33.40 31.76
CA PHE B 540 61.92 -33.90 32.97
C PHE B 540 63.43 -33.95 32.86
N SER B 541 64.01 -33.57 31.71
CA SER B 541 65.45 -33.46 31.60
C SER B 541 65.99 -32.38 32.53
N THR B 542 65.26 -31.27 32.66
CA THR B 542 65.70 -30.17 33.52
C THR B 542 65.75 -30.59 34.99
N ASN B 543 64.73 -31.32 35.46
CA ASN B 543 64.62 -31.75 36.84
C ASN B 543 64.73 -33.27 36.94
N LEU B 544 65.69 -33.83 36.19
CA LEU B 544 65.91 -35.29 36.18
C LEU B 544 66.29 -35.80 37.56
N ASP B 545 67.08 -35.03 38.32
CA ASP B 545 67.53 -35.45 39.64
C ASP B 545 66.40 -35.54 40.66
N TRP B 546 65.23 -34.97 40.35
CA TRP B 546 64.08 -35.02 41.26
C TRP B 546 63.61 -36.46 41.46
N VAL B 547 63.39 -37.19 40.36
CA VAL B 547 62.93 -38.57 40.46
C VAL B 547 64.05 -39.46 41.00
N VAL B 548 65.30 -39.20 40.58
CA VAL B 548 66.43 -40.04 40.96
C VAL B 548 66.69 -39.93 42.45
N SER B 549 66.49 -38.74 43.02
CA SER B 549 66.72 -38.54 44.45
C SER B 549 65.72 -39.28 45.32
N LYS B 550 64.59 -39.75 44.77
CA LYS B 550 63.55 -40.37 45.56
C LYS B 550 63.46 -41.88 45.40
N LEU B 551 64.45 -42.51 44.76
CA LEU B 551 64.39 -43.95 44.50
C LEU B 551 64.43 -44.79 45.76
N ASP B 552 65.06 -44.30 46.83
CA ASP B 552 65.19 -45.12 48.02
C ASP B 552 63.94 -45.14 48.89
N ARG B 553 62.94 -44.30 48.59
CA ARG B 553 61.73 -44.24 49.40
C ARG B 553 60.95 -45.55 49.27
N LEU B 554 60.45 -46.05 50.40
CA LEU B 554 59.80 -47.35 50.44
C LEU B 554 58.29 -47.30 50.18
N GLU B 555 57.67 -46.11 50.19
CA GLU B 555 56.22 -46.05 50.05
C GLU B 555 55.77 -46.39 48.63
N ALA B 556 56.53 -46.01 47.61
CA ALA B 556 56.14 -46.28 46.23
C ALA B 556 57.41 -46.41 45.38
N SER B 557 57.83 -47.64 45.11
CA SER B 557 59.01 -47.90 44.30
C SER B 557 58.67 -48.30 42.86
N SER B 558 57.64 -49.13 42.68
CA SER B 558 57.23 -49.56 41.35
C SER B 558 56.73 -48.40 40.51
N GLY B 559 55.93 -47.52 41.12
CA GLY B 559 55.39 -46.39 40.39
C GLY B 559 56.47 -45.44 39.93
N ILE B 560 57.41 -45.10 40.82
CA ILE B 560 58.46 -44.15 40.48
C ILE B 560 59.41 -44.74 39.44
N LEU B 561 59.73 -46.04 39.56
CA LEU B 561 60.57 -46.70 38.58
C LEU B 561 59.93 -46.73 37.20
N GLU B 562 58.62 -46.98 37.15
CA GLU B 562 57.92 -46.96 35.86
C GLU B 562 57.82 -45.54 35.31
N VAL B 563 57.66 -44.55 36.20
CA VAL B 563 57.64 -43.14 35.80
C VAL B 563 58.97 -42.76 35.17
N LEU B 564 60.07 -43.23 35.79
CA LEU B 564 61.40 -42.98 35.23
C LEU B 564 61.52 -43.67 33.87
N TYR B 565 60.92 -44.86 33.74
CA TYR B 565 61.05 -45.66 32.53
C TYR B 565 60.42 -44.95 31.34
N CYS B 566 59.29 -44.26 31.57
CA CYS B 566 58.56 -43.62 30.49
C CYS B 566 59.39 -42.52 29.82
N VAL B 567 60.14 -41.77 30.63
CA VAL B 567 60.91 -40.64 30.10
C VAL B 567 62.05 -41.16 29.22
N LEU B 568 62.78 -42.16 29.75
CA LEU B 568 63.94 -42.71 29.07
C LEU B 568 63.57 -43.36 27.75
N ILE B 569 62.46 -44.10 27.70
CA ILE B 569 62.15 -44.85 26.48
C ILE B 569 61.64 -43.95 25.35
N GLU B 570 61.56 -42.64 25.59
CA GLU B 570 61.07 -41.75 24.54
C GLU B 570 62.04 -40.61 24.25
N SER B 571 62.74 -40.10 25.27
CA SER B 571 63.58 -38.92 25.08
C SER B 571 65.04 -39.28 24.93
N PRO B 572 65.63 -39.14 23.73
CA PRO B 572 67.07 -39.42 23.59
C PRO B 572 67.96 -38.43 24.33
N GLU B 573 67.54 -37.17 24.45
CA GLU B 573 68.37 -36.16 25.08
C GLU B 573 68.46 -36.31 26.59
N VAL B 574 67.48 -36.98 27.21
CA VAL B 574 67.50 -37.20 28.66
C VAL B 574 68.68 -38.08 29.05
N LEU B 575 69.03 -39.06 28.20
CA LEU B 575 70.16 -39.95 28.46
C LEU B 575 71.49 -39.19 28.55
N ASN B 576 71.61 -38.11 27.77
CA ASN B 576 72.83 -37.30 27.77
C ASN B 576 73.05 -36.58 29.09
N ILE B 577 71.97 -36.39 29.86
CA ILE B 577 72.04 -35.65 31.12
C ILE B 577 72.42 -36.57 32.27
N ILE B 578 72.26 -37.89 32.09
CA ILE B 578 72.54 -38.88 33.13
C ILE B 578 74.00 -38.84 33.55
N GLN B 579 74.24 -38.80 34.85
CA GLN B 579 75.59 -38.75 35.40
C GLN B 579 75.93 -40.05 36.11
N GLU B 580 77.13 -40.08 36.68
CA GLU B 580 77.64 -41.25 37.39
C GLU B 580 76.83 -41.53 38.66
N ASN B 581 76.42 -40.46 39.37
CA ASN B 581 75.71 -40.60 40.63
C ASN B 581 74.36 -41.28 40.43
N HIS B 582 73.66 -40.91 39.35
CA HIS B 582 72.35 -41.47 39.07
C HIS B 582 72.49 -42.96 38.80
N ILE B 583 73.53 -43.32 38.04
CA ILE B 583 73.76 -44.71 37.64
C ILE B 583 74.01 -45.56 38.86
N LYS B 584 74.87 -45.07 39.78
CA LYS B 584 75.13 -45.82 41.01
C LYS B 584 73.88 -45.92 41.88
N SER B 585 73.05 -44.88 41.89
CA SER B 585 71.79 -44.93 42.65
C SER B 585 70.83 -45.99 42.09
N ILE B 586 70.73 -46.06 40.75
CA ILE B 586 69.88 -47.07 40.13
C ILE B 586 70.44 -48.46 40.41
N ILE B 587 71.77 -48.62 40.36
CA ILE B 587 72.36 -49.92 40.71
C ILE B 587 72.06 -50.26 42.16
N SER B 588 72.09 -49.25 43.05
CA SER B 588 71.76 -49.44 44.45
C SER B 588 70.32 -49.92 44.65
N LEU B 589 69.43 -49.60 43.69
CA LEU B 589 68.05 -50.11 43.77
C LEU B 589 68.00 -51.64 43.76
N LEU B 590 68.86 -52.26 42.96
CA LEU B 590 68.97 -53.72 42.95
C LEU B 590 69.40 -54.26 44.31
N ASP B 591 70.33 -53.57 44.96
CA ASP B 591 70.84 -54.01 46.24
C ASP B 591 69.85 -53.74 47.36
N LYS B 592 69.06 -52.67 47.26
CA LYS B 592 68.13 -52.31 48.31
C LYS B 592 66.70 -52.80 48.04
N HIS B 593 66.46 -53.48 46.93
CA HIS B 593 65.11 -53.97 46.66
C HIS B 593 65.09 -55.37 46.06
N GLY B 594 66.22 -56.04 45.95
CA GLY B 594 66.24 -57.36 45.36
C GLY B 594 66.38 -57.34 43.85
N ARG B 595 66.22 -58.53 43.27
CA ARG B 595 66.39 -58.71 41.84
C ARG B 595 65.08 -58.39 41.13
N ASN B 596 64.84 -57.10 40.94
CA ASN B 596 63.71 -56.62 40.15
C ASN B 596 64.18 -56.53 38.70
N HIS B 597 63.46 -57.22 37.81
CA HIS B 597 63.85 -57.24 36.41
C HIS B 597 63.60 -55.91 35.69
N LYS B 598 62.72 -55.06 36.21
CA LYS B 598 62.49 -53.76 35.57
C LYS B 598 63.67 -52.82 35.74
N VAL B 599 64.49 -53.04 36.76
CA VAL B 599 65.70 -52.22 36.93
C VAL B 599 66.63 -52.45 35.76
N LEU B 600 66.78 -53.72 35.36
CA LEU B 600 67.61 -54.04 34.21
C LEU B 600 67.01 -53.46 32.94
N ASP B 601 65.68 -53.33 32.88
CA ASP B 601 65.04 -52.68 31.74
C ASP B 601 65.43 -51.22 31.65
N VAL B 602 65.49 -50.55 32.81
CA VAL B 602 65.96 -49.16 32.86
C VAL B 602 67.40 -49.07 32.41
N LEU B 603 68.24 -50.00 32.87
CA LEU B 603 69.64 -50.03 32.46
C LEU B 603 69.77 -50.28 30.96
N CYS B 604 68.94 -51.17 30.40
CA CYS B 604 68.96 -51.42 28.96
C CYS B 604 68.56 -50.16 28.20
N SER B 605 67.62 -49.39 28.75
CA SER B 605 67.20 -48.16 28.09
C SER B 605 68.32 -47.13 28.13
N LEU B 606 69.15 -47.16 29.19
CA LEU B 606 70.23 -46.20 29.32
C LEU B 606 71.31 -46.37 28.26
N CYS B 607 71.58 -47.60 27.83
CA CYS B 607 72.71 -47.84 26.92
C CYS B 607 72.49 -47.22 25.55
N VAL B 608 71.28 -47.34 25.00
CA VAL B 608 70.99 -46.92 23.62
C VAL B 608 69.71 -46.11 23.62
N CYS B 609 69.73 -44.97 22.93
CA CYS B 609 68.55 -44.17 22.64
C CYS B 609 68.33 -44.20 21.14
N ASN B 610 67.12 -44.61 20.72
CA ASN B 610 66.56 -44.67 19.36
C ASN B 610 67.57 -45.01 18.26
N GLY B 611 68.38 -46.03 18.50
CA GLY B 611 69.37 -46.49 17.55
C GLY B 611 70.70 -45.79 17.63
N VAL B 612 70.88 -44.85 18.56
CA VAL B 612 72.13 -44.12 18.72
C VAL B 612 72.73 -44.51 20.07
N ALA B 613 73.95 -45.03 20.05
CA ALA B 613 74.59 -45.50 21.28
C ALA B 613 75.05 -44.34 22.14
N VAL B 614 74.92 -44.51 23.46
CA VAL B 614 75.45 -43.53 24.40
C VAL B 614 76.59 -44.16 25.18
N ARG B 615 77.81 -43.98 24.66
CA ARG B 615 78.97 -44.63 25.25
C ARG B 615 79.35 -43.97 26.57
N SER B 616 78.90 -42.74 26.80
CA SER B 616 79.20 -42.06 28.05
C SER B 616 78.49 -42.74 29.21
N ASN B 617 77.37 -43.41 28.96
CA ASN B 617 76.66 -44.11 30.01
C ASN B 617 76.93 -45.60 30.00
N GLN B 618 77.24 -46.18 28.84
CA GLN B 618 77.51 -47.62 28.77
C GLN B 618 78.75 -47.99 29.58
N ASP B 619 79.80 -47.18 29.48
CA ASP B 619 81.03 -47.47 30.20
C ASP B 619 80.83 -47.30 31.71
N LEU B 620 80.03 -46.31 32.12
CA LEU B 620 79.78 -46.12 33.55
C LEU B 620 79.02 -47.30 34.13
N ILE B 621 78.04 -47.81 33.38
CA ILE B 621 77.25 -48.95 33.85
C ILE B 621 78.12 -50.18 34.00
N THR B 622 78.95 -50.47 32.98
CA THR B 622 79.78 -51.67 33.10
C THR B 622 80.94 -51.45 34.05
N GLU B 623 81.29 -50.20 34.34
CA GLU B 623 82.35 -49.91 35.29
C GLU B 623 81.88 -50.13 36.72
N ASN B 624 80.62 -49.79 36.99
CA ASN B 624 80.12 -49.85 38.35
C ASN B 624 79.43 -51.16 38.68
N LEU B 625 78.97 -51.91 37.69
CA LEU B 625 78.15 -53.08 37.99
C LEU B 625 78.89 -54.39 37.75
N LEU B 626 79.49 -54.54 36.57
CA LEU B 626 80.12 -55.81 36.17
C LEU B 626 81.28 -56.29 37.06
N PRO B 627 82.32 -55.48 37.39
CA PRO B 627 83.43 -56.05 38.17
C PRO B 627 83.07 -56.42 39.60
N GLY B 628 81.96 -55.91 40.14
CA GLY B 628 81.57 -56.22 41.51
C GLY B 628 81.29 -57.70 41.72
N ARG B 629 80.60 -58.33 40.76
CA ARG B 629 80.25 -59.76 40.78
C ARG B 629 79.47 -60.14 42.03
N GLU B 630 78.56 -59.29 42.44
CA GLU B 630 77.76 -59.56 43.63
C GLU B 630 76.26 -59.44 43.37
N LEU B 631 75.84 -58.49 42.55
CA LEU B 631 74.42 -58.27 42.34
C LEU B 631 73.84 -59.18 41.27
N LEU B 632 74.65 -59.59 40.30
CA LEU B 632 74.18 -60.38 39.18
C LEU B 632 74.75 -61.79 39.26
N LEU B 633 73.95 -62.75 38.83
CA LEU B 633 74.33 -64.15 38.85
C LEU B 633 75.49 -64.42 37.90
N GLN B 634 76.41 -65.26 38.34
CA GLN B 634 77.57 -65.63 37.55
C GLN B 634 77.43 -67.07 37.08
N THR B 635 77.99 -67.34 35.89
CA THR B 635 77.92 -68.65 35.27
C THR B 635 79.31 -69.16 34.96
N ASN B 636 79.46 -70.49 35.01
CA ASN B 636 80.72 -71.15 34.68
C ASN B 636 80.43 -72.58 34.30
N LEU B 637 81.39 -73.20 33.63
CA LEU B 637 81.32 -74.61 33.26
C LEU B 637 82.07 -75.42 34.29
N ILE B 638 81.38 -76.36 34.94
CA ILE B 638 81.93 -77.06 36.10
C ILE B 638 81.78 -78.56 35.88
N ASN B 639 82.85 -79.30 36.19
CA ASN B 639 82.88 -80.75 36.05
C ASN B 639 81.96 -81.41 37.07
N TYR B 640 81.68 -82.69 36.83
CA TYR B 640 80.87 -83.49 37.74
C TYR B 640 81.77 -84.25 38.71
N VAL B 641 81.47 -84.14 40.00
CA VAL B 641 82.29 -84.71 41.07
C VAL B 641 81.45 -85.73 41.83
N THR B 642 81.98 -86.94 41.98
CA THR B 642 81.29 -88.00 42.72
C THR B 642 82.22 -88.59 43.77
N SER B 643 81.61 -89.17 44.80
CA SER B 643 82.34 -89.76 45.92
C SER B 643 82.04 -91.25 46.02
N ILE B 644 83.11 -92.02 46.22
CA ILE B 644 83.05 -93.48 46.37
C ILE B 644 83.58 -93.85 47.73
N ARG B 645 82.82 -94.66 48.46
CA ARG B 645 83.19 -95.07 49.81
C ARG B 645 83.14 -96.58 49.96
N PRO B 646 83.98 -97.14 50.81
CA PRO B 646 83.80 -98.54 51.21
C PRO B 646 82.89 -98.60 52.41
N ASN B 647 82.05 -99.65 52.49
CA ASN B 647 81.10 -99.79 53.58
C ASN B 647 81.81 -100.25 54.86
N ILE B 648 82.64 -99.36 55.39
CA ILE B 648 83.36 -99.56 56.64
C ILE B 648 83.04 -98.35 57.50
N PHE B 649 82.23 -98.55 58.51
CA PHE B 649 81.73 -97.46 59.34
C PHE B 649 82.28 -97.60 60.74
N VAL B 650 82.88 -96.53 61.26
CA VAL B 650 83.44 -96.53 62.60
C VAL B 650 82.92 -95.32 63.36
N GLY B 651 82.81 -95.49 64.68
CA GLY B 651 82.36 -94.43 65.56
C GLY B 651 82.56 -94.85 66.99
N ARG B 652 82.40 -93.88 67.89
CA ARG B 652 82.58 -94.12 69.31
C ARG B 652 81.39 -93.60 70.08
N ALA B 653 81.12 -94.26 71.20
CA ALA B 653 80.08 -93.89 72.16
C ALA B 653 80.39 -94.61 73.46
N GLU B 654 79.59 -94.32 74.49
CA GLU B 654 79.74 -95.03 75.75
C GLU B 654 79.44 -96.51 75.57
N GLY B 655 80.34 -97.35 76.09
CA GLY B 655 80.24 -98.80 75.93
C GLY B 655 80.25 -99.28 74.49
N SER B 656 81.05 -98.63 73.64
CA SER B 656 81.09 -98.98 72.23
C SER B 656 81.80 -100.32 72.00
N THR B 657 81.29 -101.09 71.04
CA THR B 657 81.88 -102.36 70.66
C THR B 657 82.99 -102.20 69.62
N GLN B 658 83.23 -100.99 69.14
CA GLN B 658 84.24 -100.72 68.12
C GLN B 658 85.50 -100.13 68.74
N TYR B 659 86.60 -100.24 68.01
CA TYR B 659 87.87 -99.69 68.47
C TYR B 659 88.01 -98.24 68.03
N GLY B 660 88.84 -97.50 68.76
CA GLY B 660 89.02 -96.08 68.56
C GLY B 660 90.17 -95.62 67.70
N LYS B 661 90.84 -96.52 66.99
CA LYS B 661 91.97 -96.14 66.15
C LYS B 661 91.85 -96.89 64.83
N TRP B 662 91.94 -96.17 63.71
CA TRP B 662 91.80 -96.80 62.40
C TRP B 662 92.74 -96.14 61.40
N TYR B 663 93.27 -96.95 60.49
CA TYR B 663 94.26 -96.51 59.50
C TYR B 663 93.93 -97.08 58.13
N PHE B 664 93.91 -96.22 57.11
CA PHE B 664 93.67 -96.70 55.76
C PHE B 664 94.45 -95.89 54.75
N GLU B 665 94.63 -96.44 53.55
CA GLU B 665 95.45 -95.79 52.54
C GLU B 665 94.75 -95.73 51.19
N VAL B 666 95.26 -94.83 50.35
CA VAL B 666 94.83 -94.68 48.97
C VAL B 666 96.05 -94.58 48.07
N MET B 667 95.97 -95.27 46.93
CA MET B 667 97.01 -95.29 45.90
C MET B 667 96.49 -94.53 44.69
N VAL B 668 97.38 -93.83 43.99
CA VAL B 668 97.00 -93.06 42.81
C VAL B 668 97.70 -93.70 41.61
N ASP B 669 96.90 -94.19 40.66
CA ASP B 669 97.46 -94.82 39.47
C ASP B 669 97.62 -93.82 38.33
N GLU B 670 96.51 -93.21 37.88
CA GLU B 670 96.55 -92.25 36.79
C GLU B 670 95.68 -91.05 37.13
N VAL B 671 96.23 -89.85 36.99
CA VAL B 671 95.52 -88.60 37.18
C VAL B 671 95.81 -87.70 36.00
N VAL B 672 94.76 -87.27 35.31
CA VAL B 672 94.89 -86.30 34.22
C VAL B 672 94.72 -84.91 34.84
N PRO B 673 95.73 -84.02 34.74
CA PRO B 673 95.63 -82.68 35.35
C PRO B 673 94.47 -81.84 34.83
N PHE B 674 94.43 -81.65 33.52
CA PHE B 674 93.38 -80.87 32.88
C PHE B 674 92.82 -81.68 31.72
N LEU B 675 91.84 -82.54 32.03
CA LEU B 675 91.08 -83.17 30.97
C LEU B 675 90.15 -82.17 30.32
N THR B 676 89.61 -81.26 31.11
CA THR B 676 88.78 -80.16 30.63
C THR B 676 89.36 -78.84 31.14
N ALA B 677 88.60 -77.75 30.99
CA ALA B 677 89.04 -76.43 31.44
C ALA B 677 89.25 -76.39 32.95
N GLN B 678 88.31 -76.95 33.70
CA GLN B 678 88.43 -76.95 35.15
C GLN B 678 89.49 -77.96 35.59
N ALA B 679 90.19 -77.62 36.68
CA ALA B 679 91.19 -78.52 37.25
C ALA B 679 90.50 -79.77 37.79
N THR B 680 91.15 -80.92 37.57
CA THR B 680 90.60 -82.19 38.02
C THR B 680 90.52 -82.24 39.54
N HIS B 681 89.38 -82.65 40.06
CA HIS B 681 89.15 -82.73 41.50
C HIS B 681 89.54 -84.11 42.00
N LEU B 682 90.28 -84.16 43.11
CA LEU B 682 90.66 -85.42 43.74
C LEU B 682 90.99 -85.12 45.19
N ARG B 683 90.16 -85.62 46.10
CA ARG B 683 90.41 -85.47 47.52
C ARG B 683 90.09 -86.79 48.23
N VAL B 684 90.84 -87.06 49.29
CA VAL B 684 90.68 -88.26 50.09
C VAL B 684 90.58 -87.87 51.55
N GLY B 685 89.90 -88.70 52.34
CA GLY B 685 89.75 -88.43 53.75
C GLY B 685 88.54 -89.15 54.32
N TRP B 686 87.96 -88.54 55.36
CA TRP B 686 86.85 -89.12 56.08
C TRP B 686 85.62 -88.23 55.96
N ALA B 687 84.46 -88.82 56.28
CA ALA B 687 83.21 -88.08 56.26
C ALA B 687 82.25 -88.70 57.26
N LEU B 688 81.16 -88.00 57.54
CA LEU B 688 80.23 -88.31 58.60
C LEU B 688 78.88 -88.71 58.00
N THR B 689 78.23 -89.73 58.59
CA THR B 689 77.04 -90.34 58.01
C THR B 689 75.75 -89.55 58.24
N GLU B 690 75.81 -88.40 58.88
CA GLU B 690 74.58 -87.72 59.31
C GLU B 690 74.49 -86.30 58.78
N GLY B 691 74.69 -86.14 57.47
CA GLY B 691 74.60 -84.83 56.85
C GLY B 691 75.51 -84.63 55.66
N TYR B 692 76.39 -85.59 55.40
CA TYR B 692 77.23 -85.56 54.20
C TYR B 692 76.50 -86.30 53.08
N SER B 693 75.77 -85.55 52.26
CA SER B 693 75.06 -86.09 51.11
C SER B 693 75.44 -85.26 49.90
N PRO B 694 76.57 -85.55 49.26
CA PRO B 694 77.00 -84.77 48.09
C PRO B 694 76.20 -85.08 46.83
N TYR B 695 75.06 -84.41 46.72
CA TYR B 695 74.18 -84.57 45.58
C TYR B 695 74.89 -84.06 44.32
N PRO B 696 74.85 -84.82 43.22
CA PRO B 696 75.53 -84.40 41.99
C PRO B 696 74.96 -83.11 41.43
N GLY B 697 75.82 -82.33 40.79
CA GLY B 697 75.42 -81.09 40.17
C GLY B 697 75.73 -79.86 41.00
N GLY B 698 74.85 -78.87 40.94
CA GLY B 698 75.05 -77.64 41.67
C GLY B 698 74.87 -77.83 43.17
N GLY B 699 75.39 -76.87 43.91
CA GLY B 699 75.30 -76.93 45.36
C GLY B 699 75.97 -75.74 46.00
N GLU B 700 76.33 -75.93 47.27
CA GLU B 700 76.96 -74.87 48.05
C GLU B 700 78.36 -74.57 47.50
N GLY B 701 78.72 -73.31 47.51
CA GLY B 701 80.04 -72.86 47.07
C GLY B 701 80.08 -72.63 45.56
N TRP B 702 80.84 -73.49 44.86
CA TRP B 702 80.99 -73.38 43.42
C TRP B 702 80.88 -74.75 42.77
N GLY B 703 79.90 -75.54 43.20
CA GLY B 703 79.62 -76.84 42.61
C GLY B 703 80.71 -77.87 42.80
N GLY B 704 80.44 -79.05 42.26
CA GLY B 704 81.36 -80.19 42.34
C GLY B 704 81.69 -80.57 43.77
N ASN B 705 80.69 -80.53 44.66
CA ASN B 705 80.93 -80.72 46.07
C ASN B 705 81.38 -82.15 46.37
N GLY B 706 82.33 -82.26 47.28
CA GLY B 706 82.85 -83.55 47.71
C GLY B 706 83.26 -83.50 49.15
N VAL B 707 84.43 -84.06 49.44
CA VAL B 707 84.95 -84.10 50.80
C VAL B 707 85.61 -82.76 51.12
N GLY B 708 85.22 -82.19 52.26
CA GLY B 708 85.77 -80.92 52.71
C GLY B 708 84.94 -79.71 52.36
N ASP B 709 83.93 -79.86 51.50
CA ASP B 709 83.07 -78.74 51.13
C ASP B 709 82.12 -78.32 52.24
N ASP B 710 82.03 -79.08 53.32
CA ASP B 710 81.20 -78.72 54.46
C ASP B 710 81.86 -79.25 55.72
N LEU B 711 81.13 -79.22 56.83
CA LEU B 711 81.67 -79.65 58.10
C LEU B 711 81.40 -81.13 58.38
N TYR B 712 80.79 -81.83 57.45
CA TYR B 712 80.48 -83.24 57.61
C TYR B 712 81.56 -84.13 57.00
N SER B 713 82.65 -83.54 56.51
CA SER B 713 83.72 -84.28 55.87
C SER B 713 85.04 -83.60 56.16
N TYR B 714 86.12 -84.38 56.03
CA TYR B 714 87.48 -83.91 56.27
C TYR B 714 88.37 -84.48 55.20
N GLY B 715 89.03 -83.62 54.41
CA GLY B 715 89.76 -84.06 53.25
C GLY B 715 91.15 -83.47 53.18
N PHE B 716 91.91 -83.97 52.21
CA PHE B 716 93.30 -83.55 51.99
C PHE B 716 93.62 -83.76 50.51
N ASP B 717 93.60 -82.68 49.74
CA ASP B 717 93.81 -82.74 48.30
C ASP B 717 95.25 -83.02 47.89
N GLY B 718 96.19 -82.98 48.83
CA GLY B 718 97.61 -83.09 48.55
C GLY B 718 98.40 -81.86 48.96
N LEU B 719 97.74 -80.73 49.14
CA LEU B 719 98.38 -79.50 49.60
C LEU B 719 97.60 -78.75 50.66
N HIS B 720 96.33 -79.07 50.90
CA HIS B 720 95.52 -78.34 51.86
C HIS B 720 94.67 -79.32 52.66
N LEU B 721 94.22 -78.86 53.82
CA LEU B 721 93.23 -79.58 54.60
C LEU B 721 91.86 -78.98 54.33
N TRP B 722 90.94 -79.82 53.86
CA TRP B 722 89.64 -79.37 53.40
C TRP B 722 88.58 -79.68 54.44
N THR B 723 87.94 -78.63 54.94
CA THR B 723 86.77 -78.73 55.81
C THR B 723 86.04 -77.40 55.76
N GLY B 724 84.71 -77.46 55.72
CA GLY B 724 83.89 -76.26 55.65
C GLY B 724 84.11 -75.41 54.43
N HIS B 725 84.44 -76.04 53.29
CA HIS B 725 84.67 -75.39 51.99
C HIS B 725 85.83 -74.37 52.06
N VAL B 726 86.81 -74.64 52.93
CA VAL B 726 87.97 -73.76 53.12
C VAL B 726 89.23 -74.61 52.99
N ALA B 727 90.19 -74.12 52.21
CA ALA B 727 91.47 -74.79 52.03
C ALA B 727 92.54 -74.07 52.84
N ARG B 728 93.34 -74.84 53.57
CA ARG B 728 94.38 -74.29 54.44
C ARG B 728 95.69 -75.00 54.11
N PRO B 729 96.70 -74.28 53.60
CA PRO B 729 97.93 -74.94 53.14
C PRO B 729 98.67 -75.66 54.25
N VAL B 730 99.24 -76.82 53.91
CA VAL B 730 99.97 -77.66 54.85
C VAL B 730 101.34 -78.01 54.28
N THR B 731 102.34 -78.06 55.16
CA THR B 731 103.71 -78.33 54.77
C THR B 731 103.93 -79.84 54.66
N SER B 732 104.61 -80.25 53.60
CA SER B 732 104.99 -81.64 53.41
C SER B 732 106.40 -81.68 52.85
N PRO B 733 107.16 -82.74 53.14
CA PRO B 733 108.53 -82.84 52.58
C PRO B 733 108.53 -83.12 51.09
N GLY B 734 108.36 -82.09 50.28
CA GLY B 734 108.20 -82.27 48.86
C GLY B 734 106.74 -82.16 48.48
N GLN B 735 106.07 -81.16 49.06
CA GLN B 735 104.63 -80.99 48.91
C GLN B 735 104.23 -80.76 47.45
N HIS B 736 103.19 -81.47 47.03
CA HIS B 736 102.60 -81.29 45.71
C HIS B 736 101.21 -81.89 45.71
N LEU B 737 100.42 -81.50 44.71
CA LEU B 737 99.12 -82.10 44.49
C LEU B 737 99.32 -83.57 44.14
N LEU B 738 98.37 -84.41 44.55
CA LEU B 738 98.44 -85.86 44.41
C LEU B 738 98.69 -86.29 42.96
N ALA B 739 99.86 -86.84 42.73
CA ALA B 739 100.38 -87.28 41.45
C ALA B 739 100.30 -88.79 41.32
N PRO B 740 100.41 -89.34 40.10
CA PRO B 740 100.43 -90.81 39.95
C PRO B 740 101.58 -91.47 40.72
N GLU B 741 101.28 -92.66 41.23
CA GLU B 741 102.19 -93.47 42.05
C GLU B 741 102.60 -92.72 43.32
N ASP B 742 101.59 -92.44 44.15
CA ASP B 742 101.81 -91.80 45.44
C ASP B 742 101.00 -92.52 46.49
N VAL B 743 101.46 -92.42 47.74
CA VAL B 743 100.86 -93.12 48.86
C VAL B 743 100.41 -92.10 49.90
N VAL B 744 99.17 -92.22 50.36
CA VAL B 744 98.62 -91.37 51.41
C VAL B 744 98.22 -92.26 52.57
N SER B 745 98.75 -91.95 53.76
CA SER B 745 98.47 -92.67 54.99
C SER B 745 97.50 -91.84 55.81
N CYS B 746 96.24 -92.29 55.92
CA CYS B 746 95.22 -91.54 56.64
C CYS B 746 94.92 -92.25 57.96
N CYS B 747 95.05 -91.52 59.07
CA CYS B 747 94.82 -92.08 60.40
C CYS B 747 93.71 -91.31 61.09
N LEU B 748 92.84 -92.06 61.76
CA LEU B 748 91.73 -91.53 62.54
C LEU B 748 91.79 -92.10 63.95
N ASP B 749 91.68 -91.23 64.95
CA ASP B 749 91.61 -91.66 66.33
C ASP B 749 90.23 -91.27 66.83
N LEU B 750 89.49 -92.25 67.36
CA LEU B 750 88.19 -91.97 67.93
C LEU B 750 88.24 -91.80 69.45
N SER B 751 89.29 -92.31 70.10
CA SER B 751 89.46 -92.10 71.54
C SER B 751 89.61 -90.61 71.86
N VAL B 752 90.40 -89.90 71.06
CA VAL B 752 90.52 -88.46 71.17
C VAL B 752 90.39 -87.94 69.73
N PRO B 753 89.71 -86.81 69.49
CA PRO B 753 89.62 -86.29 68.12
C PRO B 753 90.96 -85.88 67.50
N SER B 754 91.42 -86.65 66.52
CA SER B 754 92.68 -86.40 65.85
C SER B 754 92.73 -87.19 64.54
N ILE B 755 93.00 -86.49 63.45
CA ILE B 755 93.07 -87.08 62.11
C ILE B 755 94.45 -86.70 61.58
N SER B 756 95.37 -87.65 61.56
CA SER B 756 96.70 -87.37 61.04
C SER B 756 96.81 -87.84 59.60
N PHE B 757 97.66 -87.15 58.84
CA PHE B 757 97.83 -87.42 57.43
C PHE B 757 99.31 -87.52 57.11
N ARG B 758 99.66 -88.48 56.25
CA ARG B 758 101.03 -88.63 55.79
C ARG B 758 101.04 -88.85 54.29
N ILE B 759 102.03 -88.27 53.61
CA ILE B 759 102.18 -88.44 52.17
C ILE B 759 103.45 -89.26 51.96
N ASN B 760 103.28 -90.45 51.36
CA ASN B 760 104.36 -91.40 51.08
C ASN B 760 105.16 -91.76 52.33
N GLY B 761 104.49 -91.79 53.49
CA GLY B 761 105.12 -92.02 54.78
C GLY B 761 105.66 -90.78 55.46
N CYS B 762 105.79 -89.68 54.76
CA CYS B 762 106.26 -88.43 55.35
C CYS B 762 105.11 -87.71 56.04
N PRO B 763 105.22 -87.40 57.34
CA PRO B 763 104.12 -86.75 58.05
C PRO B 763 103.76 -85.37 57.52
N VAL B 764 102.47 -85.05 57.57
CA VAL B 764 101.96 -83.74 57.22
C VAL B 764 101.47 -83.07 58.49
N GLN B 765 101.97 -81.88 58.77
CA GLN B 765 101.73 -81.18 60.04
C GLN B 765 100.33 -80.59 60.08
N GLY B 766 99.33 -81.48 60.09
CA GLY B 766 97.95 -81.09 60.21
C GLY B 766 97.15 -82.13 60.97
N VAL B 767 96.48 -81.70 62.04
CA VAL B 767 95.65 -82.59 62.86
C VAL B 767 94.32 -81.90 63.11
N PHE B 768 93.23 -82.57 62.71
CA PHE B 768 91.91 -82.07 63.04
C PHE B 768 91.66 -82.29 64.54
N GLU B 769 91.03 -81.33 65.18
CA GLU B 769 90.76 -81.41 66.61
C GLU B 769 89.36 -80.90 66.88
N ALA B 770 88.78 -81.37 67.99
CA ALA B 770 87.49 -80.89 68.52
C ALA B 770 86.36 -81.00 67.49
N PHE B 771 86.27 -82.16 66.87
CA PHE B 771 85.16 -82.47 65.98
C PHE B 771 84.27 -83.51 66.63
N ASN B 772 82.96 -83.38 66.38
CA ASN B 772 81.96 -84.19 67.05
C ASN B 772 82.12 -85.66 66.68
N LEU B 773 81.85 -86.53 67.65
CA LEU B 773 81.97 -87.97 67.46
C LEU B 773 80.66 -88.62 67.07
N ASP B 774 79.56 -87.87 67.09
CA ASP B 774 78.26 -88.42 66.73
C ASP B 774 78.22 -88.85 65.27
N GLY B 775 77.41 -89.86 64.99
CA GLY B 775 77.39 -90.45 63.68
C GLY B 775 78.47 -91.50 63.54
N LEU B 776 78.75 -91.85 62.28
CA LEU B 776 79.75 -92.83 61.95
C LEU B 776 80.74 -92.25 60.95
N PHE B 777 81.99 -92.69 61.05
CA PHE B 777 83.04 -92.24 60.17
C PHE B 777 83.38 -93.35 59.18
N PHE B 778 83.81 -92.96 57.98
CA PHE B 778 84.06 -93.93 56.93
C PHE B 778 85.10 -93.38 55.96
N PRO B 779 85.87 -94.24 55.30
CA PRO B 779 86.71 -93.77 54.21
C PRO B 779 85.84 -93.28 53.06
N VAL B 780 86.34 -92.27 52.34
CA VAL B 780 85.59 -91.69 51.24
C VAL B 780 86.58 -90.99 50.31
N VAL B 781 86.31 -91.08 49.01
CA VAL B 781 87.11 -90.37 48.02
C VAL B 781 86.18 -89.53 47.14
N SER B 782 86.50 -88.25 47.02
CA SER B 782 85.77 -87.34 46.14
C SER B 782 86.63 -87.04 44.93
N PHE B 783 86.07 -87.27 43.75
CA PHE B 783 86.87 -87.20 42.54
C PHE B 783 86.02 -86.75 41.36
N SER B 784 86.63 -85.97 40.49
CA SER B 784 86.06 -85.65 39.20
C SER B 784 86.50 -86.74 38.22
N ALA B 785 86.28 -86.51 36.92
CA ALA B 785 86.66 -87.48 35.92
C ALA B 785 88.17 -87.51 35.70
N GLY B 786 88.65 -88.60 35.10
CA GLY B 786 90.04 -88.74 34.73
C GLY B 786 90.97 -89.27 35.79
N VAL B 787 90.43 -89.97 36.79
CA VAL B 787 91.26 -90.50 37.88
C VAL B 787 91.10 -92.02 37.99
N LYS B 788 92.19 -92.65 38.43
CA LYS B 788 92.22 -94.07 38.77
C LYS B 788 92.88 -94.17 40.15
N VAL B 789 92.10 -94.53 41.16
CA VAL B 789 92.60 -94.61 42.52
C VAL B 789 92.35 -96.00 43.07
N ARG B 790 93.17 -96.41 44.02
CA ARG B 790 93.03 -97.73 44.64
C ARG B 790 92.90 -97.60 46.16
N PHE B 791 91.94 -98.30 46.73
CA PHE B 791 91.73 -98.34 48.17
C PHE B 791 92.58 -99.48 48.72
N LEU B 792 93.46 -99.15 49.67
CA LEU B 792 94.27 -100.13 50.39
C LEU B 792 93.79 -100.13 51.84
N LEU B 793 93.19 -101.25 52.24
CA LEU B 793 92.62 -101.37 53.57
C LEU B 793 93.39 -102.33 54.47
N GLY B 794 94.46 -102.95 53.96
CA GLY B 794 95.29 -103.81 54.77
C GLY B 794 94.76 -105.23 54.85
N GLY B 795 95.59 -106.10 55.43
CA GLY B 795 95.24 -107.50 55.58
C GLY B 795 95.03 -108.18 54.23
N ARG B 796 93.89 -108.86 54.10
CA ARG B 796 93.52 -109.44 52.82
C ARG B 796 93.13 -108.38 51.81
N HIS B 797 92.76 -107.19 52.27
CA HIS B 797 92.29 -106.09 51.42
C HIS B 797 93.34 -105.01 51.20
N GLY B 798 94.60 -105.41 51.06
CA GLY B 798 95.69 -104.48 50.83
C GLY B 798 96.93 -104.81 51.63
N GLU B 799 98.05 -104.17 51.34
CA GLU B 799 99.29 -104.40 52.09
C GLU B 799 99.88 -103.14 52.69
N PHE B 800 99.37 -101.96 52.33
CA PHE B 800 99.68 -100.61 52.81
C PHE B 800 101.03 -100.09 52.35
N LYS B 801 101.92 -100.96 51.82
CA LYS B 801 103.27 -100.63 51.32
C LYS B 801 104.12 -99.78 52.28
N PHE B 802 103.74 -99.71 53.55
CA PHE B 802 104.31 -98.87 54.61
C PHE B 802 103.78 -99.41 55.92
N LEU B 803 104.63 -99.44 56.93
CA LEU B 803 104.24 -99.96 58.23
C LEU B 803 103.21 -99.04 58.88
N PRO B 804 102.03 -99.54 59.25
CA PRO B 804 101.03 -98.69 59.89
C PRO B 804 101.52 -98.23 61.26
N PRO B 805 101.09 -97.04 61.70
CA PRO B 805 101.45 -96.59 63.04
C PRO B 805 100.88 -97.52 64.09
N PRO B 806 101.60 -97.71 65.21
CA PRO B 806 101.15 -98.67 66.23
C PRO B 806 99.83 -98.28 66.86
N GLY B 807 99.01 -99.29 67.13
CA GLY B 807 97.71 -99.10 67.72
C GLY B 807 96.60 -98.80 66.73
N TYR B 808 96.93 -98.47 65.48
CA TYR B 808 95.92 -98.16 64.48
C TYR B 808 95.58 -99.43 63.71
N ALA B 809 94.43 -100.01 64.04
CA ALA B 809 93.95 -101.18 63.35
C ALA B 809 93.52 -100.84 61.93
N PRO B 810 93.93 -101.62 60.93
CA PRO B 810 93.50 -101.36 59.54
C PRO B 810 91.99 -101.41 59.40
N CYS B 811 91.45 -100.54 58.54
CA CYS B 811 90.00 -100.42 58.37
C CYS B 811 89.34 -101.66 57.78
N HIS B 812 90.10 -102.59 57.21
CA HIS B 812 89.54 -103.84 56.70
C HIS B 812 89.01 -104.76 57.79
N GLU B 813 89.34 -104.50 59.05
CA GLU B 813 88.91 -105.33 60.16
C GLU B 813 87.59 -104.90 60.77
N ALA B 814 86.95 -103.87 60.23
CA ALA B 814 85.64 -103.41 60.72
C ALA B 814 84.48 -103.96 59.93
N VAL B 815 84.73 -104.85 58.97
CA VAL B 815 83.67 -105.38 58.11
C VAL B 815 82.78 -106.33 58.92
N LEU B 816 81.46 -106.17 58.75
CA LEU B 816 80.48 -106.97 59.45
C LEU B 816 80.41 -108.38 58.83
N PRO B 817 79.97 -109.40 59.60
CA PRO B 817 79.89 -110.75 59.02
C PRO B 817 78.69 -110.96 58.10
N ARG B 818 77.57 -110.29 58.38
CA ARG B 818 76.37 -110.44 57.58
C ARG B 818 76.53 -109.90 56.15
N GLU B 819 77.49 -109.01 55.94
CA GLU B 819 77.71 -108.41 54.63
C GLU B 819 79.15 -108.63 54.19
N ARG B 820 79.41 -108.30 52.93
CA ARG B 820 80.73 -108.43 52.34
C ARG B 820 81.22 -107.06 51.90
N LEU B 821 82.53 -106.86 51.99
CA LEU B 821 83.14 -105.59 51.62
C LEU B 821 82.92 -105.28 50.15
N ARG B 822 82.57 -104.03 49.88
CA ARG B 822 82.31 -103.57 48.52
C ARG B 822 82.51 -102.06 48.50
N LEU B 823 82.62 -101.54 47.29
CA LEU B 823 82.77 -100.10 47.07
C LEU B 823 81.49 -99.57 46.45
N GLU B 824 80.90 -98.58 47.08
CA GLU B 824 79.62 -98.01 46.66
C GLU B 824 79.71 -96.50 46.78
N PRO B 825 78.89 -95.78 46.02
CA PRO B 825 78.83 -94.33 46.19
C PRO B 825 78.02 -93.98 47.43
N ILE B 826 77.96 -92.68 47.72
CA ILE B 826 77.13 -92.14 48.81
C ILE B 826 75.68 -92.30 48.34
N LYS B 827 74.70 -92.10 49.24
CA LYS B 827 73.26 -92.22 49.00
C LYS B 827 72.82 -91.55 47.70
N GLU B 828 72.25 -92.35 46.82
CA GLU B 828 71.92 -91.92 45.48
C GLU B 828 70.43 -92.09 45.23
N TYR B 829 69.98 -91.49 44.13
CA TYR B 829 68.60 -91.55 43.69
C TYR B 829 68.45 -92.26 42.35
N ARG B 830 69.52 -92.87 41.84
CA ARG B 830 69.47 -93.52 40.55
C ARG B 830 70.64 -94.49 40.44
N ARG B 831 70.40 -95.62 39.79
CA ARG B 831 71.46 -96.57 39.46
C ARG B 831 71.13 -97.18 38.10
N GLU B 832 72.15 -97.66 37.41
CA GLU B 832 71.93 -98.31 36.13
C GLU B 832 71.23 -99.65 36.32
N GLY B 833 70.35 -100.00 35.39
CA GLY B 833 69.66 -101.27 35.45
C GLY B 833 69.79 -101.93 34.10
N PRO B 834 69.80 -103.28 34.10
CA PRO B 834 69.94 -104.06 32.85
C PRO B 834 68.87 -103.75 31.82
N ARG B 835 67.67 -103.48 32.30
CA ARG B 835 66.63 -103.06 31.40
C ARG B 835 66.64 -101.53 31.29
N GLY B 836 66.80 -100.84 32.41
CA GLY B 836 66.85 -99.40 32.42
C GLY B 836 67.24 -98.81 33.75
N PRO B 837 67.49 -97.49 33.78
CA PRO B 837 67.87 -96.83 35.03
C PRO B 837 66.79 -97.00 36.10
N HIS B 838 67.23 -97.24 37.32
CA HIS B 838 66.38 -97.49 38.48
C HIS B 838 66.41 -96.27 39.38
N LEU B 839 65.24 -95.70 39.66
CA LEU B 839 65.15 -94.67 40.68
C LEU B 839 65.31 -95.31 42.05
N VAL B 840 66.30 -94.86 42.79
CA VAL B 840 66.71 -95.48 44.05
C VAL B 840 66.17 -94.67 45.21
N GLY B 841 65.21 -95.23 45.96
CA GLY B 841 64.70 -94.64 47.17
C GLY B 841 65.77 -94.45 48.24
N PRO B 842 65.45 -93.70 49.30
CA PRO B 842 66.37 -93.54 50.44
C PRO B 842 66.94 -94.85 50.97
N SER B 843 68.17 -94.78 51.46
CA SER B 843 68.88 -95.95 51.96
C SER B 843 68.87 -95.98 53.48
N ARG B 844 68.56 -97.14 54.05
CA ARG B 844 68.62 -97.31 55.49
C ARG B 844 70.07 -97.22 55.93
N CYS B 845 70.36 -96.37 56.91
CA CYS B 845 71.72 -96.11 57.33
C CYS B 845 71.94 -96.64 58.74
N LEU B 846 73.06 -97.31 58.95
CA LEU B 846 73.43 -97.81 60.26
C LEU B 846 73.82 -96.65 61.16
N SER B 847 73.68 -96.84 62.47
CA SER B 847 73.94 -95.81 63.46
C SER B 847 74.91 -96.30 64.51
N HIS B 848 75.62 -95.34 65.12
CA HIS B 848 76.54 -95.65 66.22
C HIS B 848 75.80 -96.27 67.39
N THR B 849 74.60 -95.76 67.69
CA THR B 849 73.72 -96.33 68.72
C THR B 849 73.38 -97.79 68.48
N ASP B 850 73.52 -98.30 67.25
CA ASP B 850 73.29 -99.70 66.95
C ASP B 850 74.52 -100.58 67.22
N PHE B 851 75.63 -100.03 67.71
CA PHE B 851 76.77 -100.86 68.10
C PHE B 851 76.93 -100.97 69.60
N VAL B 852 76.12 -100.25 70.37
CA VAL B 852 76.17 -100.40 71.82
C VAL B 852 75.14 -101.47 72.18
N PRO B 853 75.52 -102.52 72.91
CA PRO B 853 74.50 -103.51 73.29
C PRO B 853 73.75 -103.04 74.53
N CYS B 854 72.45 -102.82 74.37
CA CYS B 854 71.59 -102.30 75.43
C CYS B 854 70.55 -103.34 75.82
N PRO B 855 70.83 -104.18 76.79
CA PRO B 855 69.89 -105.23 77.19
C PRO B 855 68.90 -104.66 78.20
N VAL B 856 68.01 -105.52 78.68
CA VAL B 856 67.13 -105.16 79.79
C VAL B 856 67.79 -105.62 81.09
N ASP B 857 67.85 -104.69 82.06
CA ASP B 857 68.53 -104.97 83.32
C ASP B 857 67.85 -106.10 84.07
N THR B 858 68.64 -107.07 84.52
CA THR B 858 68.15 -108.25 85.22
C THR B 858 68.66 -108.31 86.66
N VAL B 859 68.63 -107.19 87.38
CA VAL B 859 69.09 -107.15 88.76
C VAL B 859 67.94 -106.95 89.73
N GLN B 860 67.12 -105.91 89.52
CA GLN B 860 66.04 -105.58 90.46
C GLN B 860 64.82 -106.47 90.19
N ILE B 861 65.00 -107.77 90.42
CA ILE B 861 63.96 -108.78 90.25
C ILE B 861 64.03 -109.74 91.43
N VAL B 862 63.05 -109.66 92.33
CA VAL B 862 62.94 -110.66 93.39
C VAL B 862 62.45 -111.98 92.80
N LEU B 863 63.15 -113.05 93.12
CA LEU B 863 62.93 -114.34 92.46
C LEU B 863 61.68 -115.00 93.04
N PRO B 864 60.73 -115.39 92.21
CA PRO B 864 59.41 -115.86 92.70
C PRO B 864 59.45 -117.28 93.24
N PRO B 865 58.44 -117.67 94.04
CA PRO B 865 58.39 -119.05 94.55
C PRO B 865 58.22 -120.11 93.48
N HIS B 866 57.42 -119.84 92.44
CA HIS B 866 57.20 -120.86 91.42
C HIS B 866 58.46 -121.05 90.57
N LEU B 867 59.35 -120.05 90.57
CA LEU B 867 60.61 -120.16 89.86
C LEU B 867 61.65 -120.89 90.70
N GLU B 868 61.79 -120.54 91.99
CA GLU B 868 62.72 -121.32 92.83
C GLU B 868 62.26 -122.78 92.96
N ARG B 869 60.96 -123.03 92.83
CA ARG B 869 60.43 -124.39 92.78
C ARG B 869 60.93 -125.14 91.56
N ILE B 870 61.20 -124.45 90.45
CA ILE B 870 61.69 -125.13 89.25
C ILE B 870 63.13 -124.68 88.94
N ARG B 871 63.83 -124.20 89.97
CA ARG B 871 65.20 -123.69 89.83
C ARG B 871 66.20 -124.79 89.47
N GLU B 872 65.84 -126.05 89.65
CA GLU B 872 66.79 -127.15 89.56
C GLU B 872 66.77 -127.85 88.21
N LYS B 873 65.60 -128.31 87.75
CA LYS B 873 65.51 -129.09 86.52
C LYS B 873 65.96 -128.28 85.30
N LEU B 874 65.54 -127.02 85.23
CA LEU B 874 65.99 -126.09 84.17
C LEU B 874 67.47 -125.76 84.22
N ALA B 875 68.15 -126.05 85.34
CA ALA B 875 69.60 -125.93 85.40
C ALA B 875 70.28 -127.25 85.04
N GLU B 876 69.72 -128.36 85.56
CA GLU B 876 70.22 -129.69 85.26
C GLU B 876 70.17 -129.98 83.78
N ASN B 877 69.19 -129.39 83.08
CA ASN B 877 69.06 -129.65 81.67
C ASN B 877 69.98 -128.74 80.85
N ILE B 878 70.65 -127.77 81.49
CA ILE B 878 71.58 -126.92 80.76
C ILE B 878 72.97 -126.97 81.38
N HIS B 879 73.25 -128.03 82.13
CA HIS B 879 74.60 -128.20 82.69
C HIS B 879 75.54 -128.91 81.72
N GLU B 880 75.02 -129.78 80.84
CA GLU B 880 75.84 -130.40 79.81
C GLU B 880 75.12 -130.46 78.46
N LEU B 881 74.17 -129.54 78.23
CA LEU B 881 73.45 -129.54 76.96
C LEU B 881 74.40 -129.23 75.81
N TRP B 882 75.35 -128.30 76.02
CA TRP B 882 76.38 -128.08 75.02
C TRP B 882 77.31 -129.28 74.88
N ALA B 883 77.34 -130.17 75.87
CA ALA B 883 78.20 -131.35 75.85
C ALA B 883 77.57 -132.53 75.15
N LEU B 884 76.23 -132.52 74.97
CA LEU B 884 75.54 -133.70 74.44
C LEU B 884 75.88 -133.96 72.96
N THR B 885 76.11 -132.90 72.19
CA THR B 885 76.28 -133.01 70.74
C THR B 885 77.50 -133.84 70.34
N ARG B 886 78.61 -133.67 71.05
CA ARG B 886 79.91 -134.18 70.63
C ARG B 886 80.33 -135.50 71.25
N ILE B 887 79.48 -136.14 72.06
CA ILE B 887 79.82 -137.45 72.61
C ILE B 887 79.80 -138.48 71.48
N GLU B 888 80.61 -139.55 71.63
CA GLU B 888 80.83 -140.59 70.61
C GLU B 888 81.44 -140.04 69.32
N GLN B 889 82.22 -138.96 69.44
CA GLN B 889 82.97 -138.38 68.33
C GLN B 889 84.42 -138.26 68.72
N GLY B 890 85.21 -137.50 67.95
CA GLY B 890 86.58 -137.20 68.35
C GLY B 890 86.70 -136.48 69.68
N TRP B 891 85.67 -135.72 70.05
CA TRP B 891 85.60 -135.07 71.35
C TRP B 891 84.78 -135.92 72.32
N THR B 892 85.29 -137.11 72.61
CA THR B 892 84.66 -138.06 73.52
C THR B 892 85.42 -138.10 74.83
N TYR B 893 84.68 -137.98 75.93
CA TYR B 893 85.20 -137.76 77.28
C TYR B 893 86.08 -138.94 77.74
N GLY B 894 86.87 -138.66 78.78
CA GLY B 894 87.72 -139.63 79.42
C GLY B 894 87.76 -139.32 80.92
N PRO B 895 87.82 -140.38 81.74
CA PRO B 895 87.83 -140.18 83.20
C PRO B 895 89.00 -139.39 83.77
N VAL B 896 90.18 -139.40 83.11
CA VAL B 896 91.34 -138.72 83.64
C VAL B 896 91.18 -137.20 83.62
N ARG B 897 90.54 -136.66 82.59
CA ARG B 897 90.43 -135.22 82.39
C ARG B 897 88.99 -134.75 82.58
N ASP B 898 88.76 -133.48 82.28
CA ASP B 898 87.46 -132.84 82.48
C ASP B 898 87.21 -131.96 81.25
N ASP B 899 86.27 -131.02 81.39
CA ASP B 899 85.90 -130.09 80.32
C ASP B 899 87.10 -129.28 79.83
N ASN B 900 86.94 -128.76 78.60
CA ASN B 900 87.87 -127.85 77.92
C ASN B 900 89.22 -128.48 77.58
N LYS B 901 89.32 -129.81 77.59
CA LYS B 901 90.56 -130.53 77.31
C LYS B 901 90.48 -131.37 76.05
N ARG B 902 89.75 -130.88 75.04
CA ARG B 902 89.50 -131.51 73.73
C ARG B 902 88.77 -132.86 73.83
N LEU B 903 88.34 -133.25 75.02
CA LEU B 903 87.57 -134.44 75.34
C LEU B 903 86.51 -134.06 76.37
N HIS B 904 85.85 -132.93 76.09
CA HIS B 904 85.05 -132.19 77.08
C HIS B 904 83.92 -132.92 77.82
N PRO B 905 82.98 -133.77 77.17
CA PRO B 905 81.60 -133.95 77.69
C PRO B 905 81.30 -134.06 79.19
N CYS B 906 81.87 -135.06 79.87
CA CYS B 906 81.63 -135.36 81.30
C CYS B 906 80.12 -135.36 81.62
N LEU B 907 79.43 -136.32 81.00
CA LEU B 907 77.97 -136.41 81.09
C LEU B 907 77.44 -136.85 82.45
N VAL B 908 78.32 -137.24 83.38
CA VAL B 908 77.91 -137.88 84.64
C VAL B 908 76.97 -137.00 85.42
N ASN B 909 77.46 -135.84 85.87
CA ASN B 909 76.72 -134.87 86.66
C ASN B 909 77.61 -133.64 86.82
N PHE B 910 77.00 -132.57 87.32
CA PHE B 910 77.70 -131.34 87.67
C PHE B 910 78.32 -131.37 89.05
N HIS B 911 78.00 -132.40 89.85
CA HIS B 911 78.69 -132.57 91.13
C HIS B 911 80.16 -132.93 90.90
N SER B 912 80.43 -133.78 89.92
CA SER B 912 81.81 -134.07 89.51
C SER B 912 82.47 -132.81 88.96
N LEU B 913 81.70 -131.95 88.30
CA LEU B 913 82.21 -130.72 87.76
C LEU B 913 82.46 -129.69 88.88
N PRO B 914 83.34 -128.71 88.65
CA PRO B 914 83.68 -127.74 89.71
C PRO B 914 82.47 -126.96 90.25
N GLU B 915 82.47 -126.77 91.58
CA GLU B 915 81.36 -126.11 92.28
C GLU B 915 81.07 -124.66 91.83
N PRO B 916 82.06 -123.75 91.67
CA PRO B 916 81.69 -122.37 91.28
C PRO B 916 80.96 -122.26 89.95
N GLU B 917 81.51 -122.87 88.89
CA GLU B 917 80.78 -122.88 87.61
C GLU B 917 79.48 -123.67 87.71
N ARG B 918 79.40 -124.65 88.63
CA ARG B 918 78.17 -125.42 88.83
C ARG B 918 77.03 -124.53 89.31
N ASN B 919 77.17 -123.94 90.52
CA ASN B 919 76.12 -123.04 91.00
C ASN B 919 75.99 -121.77 90.16
N TYR B 920 77.06 -121.41 89.42
CA TYR B 920 76.96 -120.38 88.40
C TYR B 920 75.98 -120.78 87.31
N ASN B 921 76.02 -122.06 86.89
CA ASN B 921 75.08 -122.55 85.88
C ASN B 921 73.66 -122.57 86.44
N LEU B 922 73.49 -122.95 87.71
CA LEU B 922 72.19 -122.84 88.38
C LEU B 922 71.65 -121.42 88.33
N GLN B 923 72.47 -120.46 88.75
CA GLN B 923 71.99 -119.08 88.78
C GLN B 923 72.00 -118.42 87.40
N MET B 924 72.62 -119.05 86.40
CA MET B 924 72.38 -118.67 85.00
C MET B 924 71.03 -119.15 84.50
N SER B 925 70.61 -120.36 84.91
CA SER B 925 69.23 -120.77 84.65
C SER B 925 68.24 -119.84 85.32
N GLY B 926 68.52 -119.47 86.57
CA GLY B 926 67.76 -118.43 87.24
C GLY B 926 67.81 -117.09 86.53
N GLU B 927 68.96 -116.76 85.95
CA GLU B 927 69.14 -115.50 85.22
C GLU B 927 68.30 -115.47 83.96
N THR B 928 68.22 -116.60 83.24
CA THR B 928 67.32 -116.71 82.10
C THR B 928 65.85 -116.57 82.53
N LEU B 929 65.47 -117.20 83.66
CA LEU B 929 64.12 -116.96 84.18
C LEU B 929 63.89 -115.51 84.60
N LYS B 930 64.93 -114.82 85.07
CA LYS B 930 64.80 -113.41 85.43
C LYS B 930 64.63 -112.55 84.18
N THR B 931 65.33 -112.92 83.11
CA THR B 931 65.09 -112.30 81.81
C THR B 931 63.67 -112.53 81.33
N LEU B 932 63.12 -113.73 81.58
CA LEU B 932 61.73 -114.01 81.23
C LEU B 932 60.78 -113.11 82.00
N LEU B 933 61.09 -112.89 83.29
CA LEU B 933 60.30 -111.98 84.11
C LEU B 933 60.36 -110.55 83.58
N ALA B 934 61.58 -110.04 83.35
CA ALA B 934 61.74 -108.65 82.90
C ALA B 934 61.13 -108.46 81.52
N LEU B 935 61.12 -109.51 80.70
CA LEU B 935 60.49 -109.44 79.38
C LEU B 935 58.96 -109.42 79.53
N GLY B 936 58.44 -110.16 80.51
CA GLY B 936 57.00 -110.28 80.66
C GLY B 936 56.47 -111.69 80.51
N CYS B 937 57.25 -112.68 80.92
CA CYS B 937 56.84 -114.08 80.89
C CYS B 937 56.49 -114.56 82.29
N HIS B 938 55.32 -115.19 82.43
CA HIS B 938 54.84 -115.73 83.70
C HIS B 938 54.32 -117.14 83.46
N VAL B 939 54.33 -117.97 84.50
CA VAL B 939 54.11 -119.40 84.35
C VAL B 939 52.83 -119.81 85.05
N GLY B 940 52.19 -120.84 84.51
CA GLY B 940 51.00 -121.43 85.11
C GLY B 940 50.92 -122.91 84.80
N MET B 941 50.52 -123.71 85.79
CA MET B 941 50.54 -125.17 85.70
C MET B 941 49.11 -125.67 85.54
N ALA B 942 48.88 -126.44 84.48
CA ALA B 942 47.57 -127.04 84.23
C ALA B 942 47.61 -128.56 84.21
N ASP B 943 48.41 -129.16 83.32
CA ASP B 943 48.17 -130.54 82.92
C ASP B 943 49.00 -131.50 83.79
N GLU B 944 49.08 -132.77 83.37
CA GLU B 944 49.85 -133.81 84.06
C GLU B 944 51.32 -133.45 84.21
N LYS B 945 51.88 -133.77 85.38
CA LYS B 945 53.26 -133.43 85.69
C LYS B 945 54.19 -134.23 84.77
N ALA B 946 55.02 -133.52 83.99
CA ALA B 946 55.94 -134.16 83.06
C ALA B 946 56.94 -135.09 83.74
N GLU B 947 57.23 -134.86 85.02
CA GLU B 947 58.14 -135.71 85.81
C GLU B 947 57.72 -137.18 85.77
N ASP B 948 56.42 -137.45 85.78
CA ASP B 948 55.93 -138.83 85.73
C ASP B 948 56.17 -139.43 84.35
N ASN B 949 55.79 -138.70 83.30
CA ASN B 949 55.72 -139.22 81.95
C ASN B 949 57.02 -138.89 81.19
N LEU B 950 58.06 -138.50 81.90
CA LEU B 950 59.39 -138.32 81.34
C LEU B 950 60.31 -139.44 81.85
N LYS B 951 61.28 -139.81 81.02
CA LYS B 951 62.25 -140.84 81.37
C LYS B 951 63.60 -140.49 80.79
N LYS B 952 64.64 -141.09 81.35
CA LYS B 952 66.00 -140.96 80.84
C LYS B 952 66.32 -142.15 79.95
N THR B 953 66.91 -141.87 78.80
CA THR B 953 67.14 -142.89 77.77
C THR B 953 68.63 -143.13 77.65
N LYS B 954 69.09 -144.30 78.11
CA LYS B 954 70.46 -144.72 77.92
C LYS B 954 70.61 -145.20 76.48
N LEU B 955 70.88 -144.25 75.59
CA LEU B 955 71.02 -144.53 74.17
C LEU B 955 72.29 -145.33 73.92
N PRO B 956 72.34 -146.12 72.83
CA PRO B 956 73.63 -146.71 72.41
C PRO B 956 74.71 -145.67 72.15
N LYS B 957 74.34 -144.55 71.54
CA LYS B 957 75.22 -143.39 71.50
C LYS B 957 75.28 -142.73 72.87
N THR B 958 76.35 -141.95 73.10
CA THR B 958 76.68 -141.27 74.36
C THR B 958 76.93 -142.25 75.50
N TYR B 959 77.28 -143.50 75.19
CA TYR B 959 77.65 -144.46 76.22
C TYR B 959 79.06 -144.16 76.71
N MET B 960 79.23 -144.14 78.02
CA MET B 960 80.52 -143.85 78.65
C MET B 960 80.82 -144.82 79.78
N MET B 961 82.12 -144.96 80.06
CA MET B 961 82.61 -145.85 81.10
C MET B 961 82.73 -145.17 82.45
N SER B 962 82.73 -143.83 82.47
CA SER B 962 82.89 -143.07 83.70
C SER B 962 81.54 -142.94 84.38
N ASN B 963 81.32 -143.78 85.40
CA ASN B 963 80.18 -143.74 86.33
C ASN B 963 78.85 -143.82 85.56
N GLY B 964 78.72 -144.85 84.72
CA GLY B 964 77.49 -145.11 84.00
C GLY B 964 77.27 -144.15 82.85
N TYR B 965 76.26 -144.46 82.04
CA TYR B 965 75.95 -143.68 80.87
C TYR B 965 74.53 -143.13 80.98
N LYS B 966 74.37 -141.89 80.53
CA LYS B 966 73.10 -141.18 80.57
C LYS B 966 73.16 -140.05 79.56
N PRO B 967 72.01 -139.50 79.14
CA PRO B 967 72.05 -138.25 78.37
C PRO B 967 72.75 -137.15 79.18
N ALA B 968 73.61 -136.38 78.50
CA ALA B 968 74.37 -135.32 79.17
C ALA B 968 73.48 -134.25 79.81
N PRO B 969 72.45 -133.66 79.12
CA PRO B 969 71.46 -132.89 79.89
C PRO B 969 70.40 -133.81 80.46
N LEU B 970 69.37 -133.26 81.08
CA LEU B 970 68.28 -134.09 81.55
C LEU B 970 67.38 -134.39 80.35
N ASP B 971 66.97 -135.65 80.22
CA ASP B 971 66.24 -136.10 79.04
C ASP B 971 64.83 -135.50 78.99
N LEU B 972 64.25 -135.52 77.80
CA LEU B 972 62.90 -134.99 77.58
C LEU B 972 62.27 -135.75 76.43
N SER B 973 60.95 -135.92 76.50
CA SER B 973 60.18 -136.61 75.48
C SER B 973 59.61 -135.59 74.49
N HIS B 974 58.70 -136.05 73.63
CA HIS B 974 57.99 -135.22 72.66
C HIS B 974 57.30 -134.00 73.27
N VAL B 975 57.79 -132.81 72.90
CA VAL B 975 57.32 -131.51 73.37
C VAL B 975 57.47 -130.55 72.20
N ARG B 976 56.53 -129.60 72.05
CA ARG B 976 56.53 -128.69 70.90
C ARG B 976 56.54 -127.25 71.42
N LEU B 977 56.64 -126.29 70.49
CA LEU B 977 56.72 -124.88 70.84
C LEU B 977 55.98 -124.04 69.82
N THR B 978 55.17 -123.09 70.30
CA THR B 978 54.38 -122.21 69.46
C THR B 978 55.23 -120.99 69.03
N PRO B 979 54.80 -120.26 67.98
CA PRO B 979 55.59 -119.09 67.52
C PRO B 979 55.84 -118.02 68.57
N ALA B 980 54.91 -117.79 69.51
CA ALA B 980 55.15 -116.87 70.63
C ALA B 980 56.42 -117.27 71.38
N GLN B 981 56.58 -118.58 71.64
CA GLN B 981 57.80 -119.07 72.28
C GLN B 981 59.01 -118.90 71.38
N THR B 982 58.84 -119.02 70.06
CA THR B 982 59.97 -118.80 69.15
C THR B 982 60.49 -117.37 69.21
N THR B 983 59.58 -116.39 69.11
CA THR B 983 59.98 -114.99 69.22
C THR B 983 60.57 -114.70 70.60
N LEU B 984 59.96 -115.25 71.65
CA LEU B 984 60.44 -115.00 73.01
C LEU B 984 61.84 -115.58 73.22
N VAL B 985 62.11 -116.77 72.70
CA VAL B 985 63.45 -117.33 72.86
C VAL B 985 64.44 -116.57 72.00
N ASP B 986 63.98 -116.01 70.86
CA ASP B 986 64.84 -115.15 70.03
C ASP B 986 65.31 -113.93 70.83
N ARG B 987 64.38 -113.20 71.44
CA ARG B 987 64.80 -112.02 72.21
C ARG B 987 65.48 -112.42 73.51
N LEU B 988 65.20 -113.62 74.03
CA LEU B 988 65.93 -114.13 75.19
C LEU B 988 67.40 -114.35 74.86
N ALA B 989 67.67 -114.90 73.66
CA ALA B 989 69.04 -115.05 73.20
C ALA B 989 69.66 -113.69 72.93
N GLU B 990 68.86 -112.75 72.42
CA GLU B 990 69.33 -111.37 72.25
C GLU B 990 69.80 -110.78 73.57
N ASN B 991 69.00 -110.95 74.63
CA ASN B 991 69.38 -110.38 75.92
C ASN B 991 70.50 -111.17 76.58
N GLY B 992 70.80 -112.37 76.09
CA GLY B 992 71.97 -113.05 76.61
C GLY B 992 73.22 -112.53 75.93
N HIS B 993 73.13 -112.42 74.59
CA HIS B 993 74.23 -111.91 73.78
C HIS B 993 74.60 -110.48 74.17
N ASN B 994 73.60 -109.62 74.40
CA ASN B 994 73.90 -108.23 74.66
C ASN B 994 74.47 -108.01 76.06
N VAL B 995 74.19 -108.92 76.99
CA VAL B 995 74.82 -108.85 78.31
C VAL B 995 76.25 -109.35 78.21
N TRP B 996 76.47 -110.42 77.44
CA TRP B 996 77.82 -110.94 77.24
C TRP B 996 78.70 -109.88 76.56
N ALA B 997 78.17 -109.24 75.52
CA ALA B 997 78.90 -108.21 74.79
C ALA B 997 79.17 -107.00 75.68
N ARG B 998 78.17 -106.60 76.49
CA ARG B 998 78.33 -105.51 77.44
C ARG B 998 79.45 -105.80 78.43
N ASP B 999 79.48 -107.04 78.95
CA ASP B 999 80.52 -107.43 79.91
C ASP B 999 81.90 -107.39 79.26
N ARG B 1000 82.01 -107.94 78.04
CA ARG B 1000 83.31 -107.94 77.33
C ARG B 1000 83.80 -106.52 77.08
N VAL B 1001 82.88 -105.63 76.68
CA VAL B 1001 83.22 -104.22 76.49
C VAL B 1001 83.69 -103.62 77.81
N ALA B 1002 82.98 -103.93 78.91
CA ALA B 1002 83.41 -103.47 80.23
C ALA B 1002 84.76 -104.04 80.63
N GLN B 1003 85.18 -105.17 80.04
CA GLN B 1003 86.56 -105.61 80.19
C GLN B 1003 87.46 -105.11 79.07
N GLY B 1004 86.99 -104.16 78.26
CA GLY B 1004 87.83 -103.48 77.30
C GLY B 1004 87.75 -103.98 75.87
N TRP B 1005 87.24 -105.20 75.67
CA TRP B 1005 87.21 -105.84 74.35
C TRP B 1005 86.43 -105.03 73.31
N SER B 1006 86.67 -105.37 72.04
CA SER B 1006 85.97 -104.72 70.92
C SER B 1006 85.86 -105.70 69.76
N TYR B 1007 85.28 -105.21 68.66
CA TYR B 1007 85.00 -106.01 67.48
C TYR B 1007 86.17 -105.97 66.50
N SER B 1008 86.41 -107.10 65.83
CA SER B 1008 87.35 -107.19 64.71
C SER B 1008 86.99 -108.43 63.92
N ALA B 1009 86.87 -108.30 62.59
CA ALA B 1009 86.49 -109.42 61.72
C ALA B 1009 87.47 -110.58 61.77
N VAL B 1010 88.71 -110.34 62.21
CA VAL B 1010 89.69 -111.38 62.46
C VAL B 1010 89.93 -111.42 63.96
N GLN B 1011 89.94 -112.62 64.53
CA GLN B 1011 90.00 -112.76 65.98
C GLN B 1011 91.41 -112.53 66.46
N ASP B 1012 91.55 -111.68 67.49
CA ASP B 1012 92.83 -111.39 68.13
C ASP B 1012 92.63 -111.46 69.64
N ILE B 1013 92.94 -112.61 70.23
CA ILE B 1013 92.80 -112.83 71.66
C ILE B 1013 93.79 -111.97 72.46
N PRO B 1014 95.13 -111.94 72.20
CA PRO B 1014 96.00 -111.05 72.99
C PRO B 1014 95.68 -109.57 72.84
N ALA B 1015 95.16 -109.17 71.68
CA ALA B 1015 94.67 -107.80 71.50
C ALA B 1015 93.23 -107.63 71.98
N ARG B 1016 92.60 -108.72 72.45
CA ARG B 1016 91.29 -108.70 73.10
C ARG B 1016 90.20 -108.20 72.15
N ARG B 1017 90.14 -108.80 70.97
CA ARG B 1017 89.12 -108.47 69.99
C ARG B 1017 88.54 -109.77 69.43
N ASN B 1018 87.25 -109.73 69.10
CA ASN B 1018 86.46 -110.89 68.76
C ASN B 1018 85.64 -110.57 67.52
N PRO B 1019 85.35 -111.56 66.67
CA PRO B 1019 84.43 -111.34 65.55
C PRO B 1019 82.96 -111.38 65.92
N ARG B 1020 82.62 -111.57 67.18
CA ARG B 1020 81.22 -111.68 67.57
C ARG B 1020 80.83 -110.58 68.55
N LEU B 1021 81.72 -109.65 68.85
CA LEU B 1021 81.38 -108.47 69.65
C LEU B 1021 80.66 -107.42 68.82
N VAL B 1022 79.45 -107.77 68.39
CA VAL B 1022 78.51 -106.82 67.82
C VAL B 1022 77.17 -107.15 68.49
N PRO B 1023 76.25 -106.18 68.58
CA PRO B 1023 74.91 -106.50 69.08
C PRO B 1023 74.21 -107.55 68.23
N TYR B 1024 73.31 -108.29 68.90
CA TYR B 1024 72.64 -109.45 68.32
C TYR B 1024 72.00 -109.13 66.97
N ARG B 1025 71.41 -107.93 66.85
CA ARG B 1025 70.75 -107.53 65.61
C ARG B 1025 71.73 -107.46 64.45
N LEU B 1026 73.02 -107.27 64.74
CA LEU B 1026 74.07 -107.17 63.74
C LEU B 1026 74.87 -108.46 63.64
N LEU B 1027 74.64 -109.40 64.55
CA LEU B 1027 75.32 -110.69 64.52
C LEU B 1027 74.95 -111.47 63.25
N ASP B 1028 75.69 -112.55 63.01
CA ASP B 1028 75.42 -113.38 61.84
C ASP B 1028 74.42 -114.47 62.20
N GLU B 1029 73.75 -115.01 61.17
CA GLU B 1029 72.68 -115.99 61.35
C GLU B 1029 73.19 -117.30 61.95
N ALA B 1030 74.42 -117.69 61.63
CA ALA B 1030 75.02 -118.89 62.21
C ALA B 1030 75.10 -118.79 63.73
N THR B 1031 75.66 -117.67 64.21
CA THR B 1031 75.79 -117.48 65.66
C THR B 1031 74.43 -117.24 66.31
N LYS B 1032 73.52 -116.53 65.60
CA LYS B 1032 72.15 -116.36 66.09
C LYS B 1032 71.49 -117.71 66.33
N ARG B 1033 71.59 -118.62 65.37
CA ARG B 1033 71.01 -119.95 65.49
C ARG B 1033 71.68 -120.73 66.60
N SER B 1034 73.01 -120.64 66.70
CA SER B 1034 73.75 -121.37 67.73
C SER B 1034 73.37 -120.92 69.13
N ASN B 1035 73.20 -119.62 69.35
CA ASN B 1035 72.70 -119.15 70.64
C ASN B 1035 71.26 -119.58 70.88
N ARG B 1036 70.41 -119.44 69.86
CA ARG B 1036 68.99 -119.73 70.02
C ARG B 1036 68.71 -121.21 70.27
N ASP B 1037 69.58 -122.11 69.79
CA ASP B 1037 69.34 -123.55 69.93
C ASP B 1037 69.32 -123.99 71.39
N SER B 1038 70.30 -123.54 72.17
CA SER B 1038 70.43 -123.94 73.57
C SER B 1038 69.23 -123.48 74.39
N LEU B 1039 68.92 -122.19 74.29
CA LEU B 1039 67.82 -121.63 75.04
C LEU B 1039 66.47 -122.09 74.49
N CYS B 1040 66.42 -122.49 73.21
CA CYS B 1040 65.22 -123.12 72.67
C CYS B 1040 64.98 -124.47 73.33
N GLN B 1041 66.05 -125.24 73.54
CA GLN B 1041 65.94 -126.49 74.30
C GLN B 1041 65.49 -126.20 75.73
N ALA B 1042 66.03 -125.15 76.33
CA ALA B 1042 65.67 -124.76 77.70
C ALA B 1042 64.19 -124.42 77.82
N VAL B 1043 63.69 -123.54 76.93
CA VAL B 1043 62.28 -123.14 76.98
C VAL B 1043 61.40 -124.33 76.61
N ARG B 1044 61.90 -125.25 75.77
CA ARG B 1044 61.18 -126.48 75.47
C ARG B 1044 61.01 -127.34 76.71
N THR B 1045 62.09 -127.49 77.49
CA THR B 1045 62.04 -128.24 78.75
C THR B 1045 61.09 -127.58 79.75
N LEU B 1046 61.05 -126.25 79.75
CA LEU B 1046 60.09 -125.54 80.59
C LEU B 1046 58.66 -125.84 80.13
N LEU B 1047 58.45 -125.85 78.81
CA LEU B 1047 57.11 -126.10 78.24
C LEU B 1047 56.65 -127.51 78.53
N GLY B 1048 57.58 -128.48 78.56
CA GLY B 1048 57.23 -129.86 78.84
C GLY B 1048 56.53 -130.04 80.18
N TYR B 1049 56.97 -129.30 81.20
CA TYR B 1049 56.34 -129.32 82.52
C TYR B 1049 55.00 -128.59 82.55
N GLY B 1050 54.51 -128.10 81.40
CA GLY B 1050 53.20 -127.54 81.26
C GLY B 1050 53.09 -126.10 81.71
N TYR B 1051 54.19 -125.49 82.15
CA TYR B 1051 54.13 -124.12 82.62
C TYR B 1051 54.11 -123.17 81.44
N ASN B 1052 53.09 -122.32 81.40
CA ASN B 1052 52.82 -121.47 80.25
C ASN B 1052 53.93 -120.45 80.03
N ILE B 1053 54.25 -120.20 78.78
CA ILE B 1053 55.14 -119.12 78.40
C ILE B 1053 54.25 -117.98 77.93
N GLU B 1054 54.03 -116.99 78.78
CA GLU B 1054 53.05 -115.96 78.51
C GLU B 1054 53.71 -114.82 77.74
N PRO B 1055 53.25 -114.50 76.53
CA PRO B 1055 53.75 -113.32 75.84
C PRO B 1055 53.39 -112.06 76.61
N PRO B 1056 54.26 -111.06 76.60
CA PRO B 1056 53.95 -109.77 77.20
C PRO B 1056 53.06 -108.95 76.27
N ASP B 1057 52.70 -107.76 76.74
CA ASP B 1057 51.94 -106.84 75.90
C ASP B 1057 52.80 -106.35 74.73
N GLN B 1058 52.14 -105.93 73.67
CA GLN B 1058 52.79 -105.48 72.45
C GLN B 1058 52.78 -103.96 72.39
N GLU B 1059 53.96 -103.37 72.23
CA GLU B 1059 54.10 -101.92 72.09
C GLU B 1059 54.78 -101.62 70.76
N PRO B 1060 54.09 -100.96 69.83
CA PRO B 1060 54.72 -100.62 68.54
C PRO B 1060 55.70 -99.46 68.68
N SER B 1061 56.92 -99.66 68.18
CA SER B 1061 57.96 -98.65 68.28
C SER B 1061 58.66 -98.47 66.94
N GLN B 1062 59.13 -97.25 66.72
CA GLN B 1062 59.87 -96.87 65.53
C GLN B 1062 61.30 -96.50 65.91
N VAL B 1063 62.28 -97.04 65.17
CA VAL B 1063 63.69 -96.83 65.49
C VAL B 1063 64.07 -95.36 65.29
N GLU B 1064 63.71 -94.78 64.16
CA GLU B 1064 63.99 -93.39 63.85
C GLU B 1064 62.69 -92.68 63.57
N ASN B 1065 62.45 -91.57 64.26
CA ASN B 1065 61.20 -90.83 64.12
C ASN B 1065 61.38 -89.39 63.68
N GLN B 1066 62.47 -88.72 64.09
CA GLN B 1066 62.67 -87.30 63.81
C GLN B 1066 62.70 -87.01 62.31
N SER B 1067 63.53 -87.75 61.58
CA SER B 1067 63.70 -87.52 60.15
C SER B 1067 62.62 -88.27 59.36
N ARG B 1068 61.41 -87.72 59.42
CA ARG B 1068 60.31 -88.27 58.63
C ARG B 1068 60.50 -88.01 57.14
N TRP B 1069 61.37 -87.08 56.76
CA TRP B 1069 61.51 -86.72 55.36
C TRP B 1069 62.54 -87.57 54.65
N ASP B 1070 63.59 -88.03 55.37
CA ASP B 1070 64.51 -88.99 54.78
C ASP B 1070 63.93 -90.41 54.81
N ARG B 1071 62.74 -90.56 54.27
CA ARG B 1071 62.00 -91.82 54.17
C ARG B 1071 61.50 -92.05 52.77
N VAL B 1072 60.99 -91.03 52.09
CA VAL B 1072 60.45 -91.22 50.75
C VAL B 1072 61.06 -90.15 49.86
N ARG B 1073 61.47 -90.56 48.66
CA ARG B 1073 62.09 -89.64 47.70
C ARG B 1073 61.23 -89.47 46.44
N ILE B 1074 60.24 -88.57 46.50
CA ILE B 1074 59.32 -88.33 45.38
C ILE B 1074 60.08 -88.07 44.06
N PHE B 1075 59.54 -88.62 42.96
CA PHE B 1075 60.00 -88.44 41.58
C PHE B 1075 58.82 -88.02 40.71
N ARG B 1076 59.00 -86.92 39.97
CA ARG B 1076 57.97 -86.41 39.08
C ARG B 1076 58.64 -85.82 37.87
N ALA B 1077 57.92 -85.71 36.77
CA ALA B 1077 58.55 -85.19 35.57
C ALA B 1077 58.62 -83.67 35.61
N GLU B 1078 59.18 -83.08 34.55
CA GLU B 1078 59.17 -81.62 34.44
C GLU B 1078 57.76 -81.12 34.22
N LYS B 1079 57.48 -79.90 34.71
CA LYS B 1079 56.18 -79.28 34.52
C LYS B 1079 55.90 -78.92 33.07
N SER B 1080 56.91 -78.88 32.21
CA SER B 1080 56.69 -78.58 30.80
C SER B 1080 55.90 -79.68 30.11
N TYR B 1081 56.12 -80.93 30.50
CA TYR B 1081 55.45 -82.09 29.91
C TYR B 1081 54.05 -82.32 30.44
N THR B 1082 53.48 -81.36 31.18
CA THR B 1082 52.14 -81.48 31.73
C THR B 1082 51.11 -81.66 30.61
N VAL B 1083 50.18 -82.60 30.83
CA VAL B 1083 49.21 -83.00 29.81
C VAL B 1083 47.83 -82.48 30.20
N GLN B 1084 47.09 -82.02 29.20
CA GLN B 1084 45.75 -81.50 29.38
C GLN B 1084 44.67 -82.37 28.75
N SER B 1085 45.05 -83.37 27.95
CA SER B 1085 44.10 -84.19 27.22
C SER B 1085 44.80 -85.48 26.80
N GLY B 1086 44.01 -86.35 26.16
CA GLY B 1086 44.51 -87.61 25.64
C GLY B 1086 44.50 -88.73 26.66
N ARG B 1087 44.85 -89.92 26.17
CA ARG B 1087 44.85 -91.13 26.97
C ARG B 1087 46.30 -91.55 27.19
N TRP B 1088 46.78 -91.34 28.41
CA TRP B 1088 48.19 -91.50 28.72
C TRP B 1088 48.40 -92.70 29.64
N TYR B 1089 49.50 -93.40 29.39
CA TYR B 1089 49.81 -94.65 30.06
C TYR B 1089 51.30 -94.74 30.33
N PHE B 1090 51.68 -95.22 31.50
CA PHE B 1090 53.10 -95.41 31.77
C PHE B 1090 53.29 -96.54 32.77
N GLU B 1091 54.48 -97.12 32.80
CA GLU B 1091 54.72 -98.28 33.64
C GLU B 1091 55.78 -97.97 34.69
N PHE B 1092 55.53 -98.45 35.91
CA PHE B 1092 56.52 -98.36 36.98
C PHE B 1092 56.77 -99.77 37.49
N GLU B 1093 57.99 -100.25 37.29
CA GLU B 1093 58.32 -101.60 37.71
C GLU B 1093 58.71 -101.55 39.19
N ALA B 1094 57.97 -102.32 39.99
CA ALA B 1094 58.16 -102.50 41.42
C ALA B 1094 59.07 -103.71 41.56
N VAL B 1095 60.37 -103.44 41.59
CA VAL B 1095 61.38 -104.48 41.71
C VAL B 1095 61.26 -105.17 43.06
N THR B 1096 61.06 -104.39 44.12
CA THR B 1096 60.85 -104.93 45.46
C THR B 1096 59.37 -104.87 45.82
N THR B 1097 59.05 -105.34 47.03
CA THR B 1097 57.68 -105.38 47.53
C THR B 1097 57.48 -104.35 48.64
N GLY B 1098 58.43 -103.43 48.81
CA GLY B 1098 58.34 -102.43 49.86
C GLY B 1098 57.33 -101.33 49.62
N GLU B 1099 57.63 -100.13 50.13
CA GLU B 1099 56.71 -99.01 50.03
C GLU B 1099 57.01 -98.21 48.78
N MET B 1100 56.06 -98.21 47.84
CA MET B 1100 56.16 -97.42 46.62
C MET B 1100 54.79 -96.88 46.28
N ARG B 1101 54.75 -95.65 45.78
CA ARG B 1101 53.48 -95.04 45.38
C ARG B 1101 53.59 -94.54 43.96
N VAL B 1102 52.61 -94.85 43.12
CA VAL B 1102 52.68 -94.46 41.72
C VAL B 1102 51.30 -94.00 41.26
N GLY B 1103 51.27 -92.99 40.40
CA GLY B 1103 50.02 -92.49 39.86
C GLY B 1103 50.16 -91.18 39.12
N TRP B 1104 49.25 -90.24 39.38
CA TRP B 1104 49.30 -88.96 38.72
C TRP B 1104 49.08 -87.86 39.75
N ALA B 1105 49.62 -86.67 39.47
CA ALA B 1105 49.46 -85.56 40.40
C ALA B 1105 49.61 -84.25 39.64
N ARG B 1106 49.08 -83.20 40.24
CA ARG B 1106 49.18 -81.87 39.67
C ARG B 1106 50.61 -81.37 39.78
N PRO B 1107 51.03 -80.45 38.90
CA PRO B 1107 52.43 -79.96 38.94
C PRO B 1107 52.83 -79.24 40.23
N GLU B 1108 51.88 -78.80 41.05
CA GLU B 1108 52.18 -78.08 42.29
C GLU B 1108 52.31 -79.01 43.50
N LEU B 1109 52.72 -80.25 43.28
CA LEU B 1109 52.92 -81.19 44.39
C LEU B 1109 53.98 -80.66 45.34
N ARG B 1110 53.61 -80.51 46.60
CA ARG B 1110 54.55 -80.01 47.60
C ARG B 1110 55.56 -81.09 47.91
N PRO B 1111 56.86 -80.78 47.89
CA PRO B 1111 57.89 -81.83 48.07
C PRO B 1111 57.94 -82.43 49.48
N ASP B 1112 57.32 -81.81 50.48
CA ASP B 1112 57.41 -82.30 51.85
C ASP B 1112 56.04 -82.70 52.40
N VAL B 1113 55.13 -83.12 51.52
CA VAL B 1113 53.80 -83.57 51.88
C VAL B 1113 53.60 -84.93 51.24
N GLU B 1114 53.07 -85.89 52.01
CA GLU B 1114 52.83 -87.24 51.50
C GLU B 1114 51.82 -87.23 50.36
N LEU B 1115 52.06 -88.09 49.39
CA LEU B 1115 51.22 -88.20 48.21
C LEU B 1115 49.85 -88.76 48.59
N GLY B 1116 48.80 -88.08 48.13
CA GLY B 1116 47.44 -88.44 48.45
C GLY B 1116 46.93 -87.89 49.76
N ALA B 1117 47.81 -87.36 50.62
CA ALA B 1117 47.36 -86.71 51.84
C ALA B 1117 46.59 -85.43 51.56
N ASP B 1118 46.85 -84.81 50.41
CA ASP B 1118 46.17 -83.60 49.97
C ASP B 1118 45.51 -83.85 48.61
N GLU B 1119 44.79 -82.83 48.14
CA GLU B 1119 44.10 -82.92 46.86
C GLU B 1119 45.04 -82.88 45.66
N LEU B 1120 46.32 -82.60 45.86
CA LEU B 1120 47.26 -82.42 44.77
C LEU B 1120 47.88 -83.72 44.30
N ALA B 1121 47.23 -84.86 44.55
CA ALA B 1121 47.77 -86.15 44.12
C ALA B 1121 46.63 -87.16 44.01
N TYR B 1122 46.75 -88.06 43.03
CA TYR B 1122 45.87 -89.20 42.82
C TYR B 1122 46.82 -90.38 42.70
N VAL B 1123 47.16 -91.02 43.82
CA VAL B 1123 48.28 -91.97 43.78
C VAL B 1123 47.79 -93.29 44.36
N PHE B 1124 48.47 -94.38 43.98
CA PHE B 1124 48.13 -95.72 44.44
C PHE B 1124 49.34 -96.31 45.14
N ASN B 1125 49.08 -96.99 46.25
CA ASN B 1125 50.09 -97.66 47.07
C ASN B 1125 49.74 -99.14 47.08
N GLY B 1126 50.56 -99.94 46.43
CA GLY B 1126 50.31 -101.37 46.37
C GLY B 1126 51.20 -102.14 47.32
N HIS B 1127 51.53 -101.51 48.44
CA HIS B 1127 52.13 -102.26 49.52
C HIS B 1127 51.06 -102.84 50.44
N ARG B 1128 49.88 -102.20 50.48
CA ARG B 1128 48.77 -102.74 51.26
C ARG B 1128 47.45 -102.67 50.52
N GLY B 1129 47.46 -102.52 49.19
CA GLY B 1129 46.24 -102.35 48.42
C GLY B 1129 45.44 -101.12 48.82
N GLN B 1130 46.02 -99.94 48.61
CA GLN B 1130 45.48 -98.69 49.12
C GLN B 1130 45.57 -97.63 48.03
N ARG B 1131 44.55 -96.77 47.92
CA ARG B 1131 44.64 -95.64 47.00
C ARG B 1131 44.51 -94.35 47.79
N TRP B 1132 45.44 -93.43 47.54
CA TRP B 1132 45.58 -92.23 48.35
C TRP B 1132 45.12 -91.02 47.54
N HIS B 1133 44.07 -90.38 48.04
CA HIS B 1133 43.65 -89.04 47.61
C HIS B 1133 42.79 -88.45 48.73
N LEU B 1134 43.35 -87.49 49.47
CA LEU B 1134 42.68 -86.81 50.59
C LEU B 1134 42.15 -87.79 51.63
N GLY B 1135 42.92 -88.83 51.91
CA GLY B 1135 42.54 -89.82 52.89
C GLY B 1135 42.89 -91.21 52.41
N SER B 1136 42.20 -92.19 52.98
CA SER B 1136 42.49 -93.59 52.72
C SER B 1136 41.22 -94.35 52.38
N GLU B 1137 41.31 -95.25 51.39
CA GLU B 1137 40.19 -96.12 51.03
C GLU B 1137 40.71 -97.35 50.32
N PRO B 1138 40.23 -98.56 50.66
CA PRO B 1138 40.79 -99.79 50.08
C PRO B 1138 40.59 -99.89 48.58
N PHE B 1139 41.57 -100.51 47.91
CA PHE B 1139 41.53 -100.68 46.46
C PHE B 1139 42.54 -101.72 45.99
N GLY B 1140 42.09 -102.71 45.24
CA GLY B 1140 42.99 -103.65 44.60
C GLY B 1140 43.72 -104.56 45.57
N ARG B 1141 44.86 -105.05 45.11
CA ARG B 1141 45.67 -105.97 45.88
C ARG B 1141 47.12 -105.50 45.87
N PRO B 1142 47.88 -105.80 46.92
CA PRO B 1142 49.31 -105.48 46.89
C PRO B 1142 50.06 -106.33 45.87
N TRP B 1143 51.16 -105.77 45.36
CA TRP B 1143 51.99 -106.49 44.41
C TRP B 1143 52.96 -107.43 45.12
N GLN B 1144 53.86 -108.01 44.35
CA GLN B 1144 55.06 -108.70 44.84
C GLN B 1144 56.27 -108.17 44.08
N SER B 1145 57.44 -108.72 44.38
CA SER B 1145 58.68 -108.29 43.76
C SER B 1145 58.70 -108.55 42.26
N GLY B 1146 59.17 -107.56 41.50
CA GLY B 1146 59.26 -107.70 40.06
C GLY B 1146 58.01 -107.32 39.29
N ASP B 1147 56.95 -106.93 39.99
CA ASP B 1147 55.70 -106.59 39.33
C ASP B 1147 55.77 -105.24 38.61
N VAL B 1148 54.99 -105.11 37.54
CA VAL B 1148 54.97 -103.89 36.75
C VAL B 1148 53.58 -103.28 36.84
N VAL B 1149 53.50 -102.02 37.26
CA VAL B 1149 52.22 -101.34 37.43
C VAL B 1149 52.06 -100.35 36.28
N GLY B 1150 51.04 -100.56 35.45
CA GLY B 1150 50.76 -99.64 34.36
C GLY B 1150 49.60 -98.70 34.60
N CYS B 1151 49.90 -97.41 34.73
CA CYS B 1151 48.92 -96.41 35.07
C CYS B 1151 48.25 -95.90 33.80
N MET B 1152 46.93 -96.02 33.75
CA MET B 1152 46.03 -95.57 32.70
C MET B 1152 45.48 -94.21 33.12
N ILE B 1153 45.18 -93.35 32.15
CA ILE B 1153 44.53 -92.07 32.47
C ILE B 1153 43.87 -91.54 31.20
N ASP B 1154 42.67 -90.98 31.38
CA ASP B 1154 41.87 -90.45 30.28
C ASP B 1154 41.26 -89.15 30.78
N LEU B 1155 41.93 -88.03 30.45
CA LEU B 1155 41.44 -86.72 30.84
C LEU B 1155 40.13 -86.38 30.14
N THR B 1156 39.96 -86.84 28.89
CA THR B 1156 38.71 -86.59 28.16
C THR B 1156 37.54 -87.28 28.82
N GLU B 1157 37.73 -88.52 29.27
CA GLU B 1157 36.71 -89.29 29.95
C GLU B 1157 36.73 -89.11 31.46
N ASN B 1158 37.68 -88.31 31.99
CA ASN B 1158 37.81 -88.00 33.42
C ASN B 1158 37.96 -89.26 34.26
N THR B 1159 38.84 -90.15 33.82
CA THR B 1159 39.05 -91.43 34.50
C THR B 1159 40.53 -91.68 34.74
N ILE B 1160 40.81 -92.37 35.84
CA ILE B 1160 42.14 -92.81 36.22
C ILE B 1160 42.04 -94.28 36.57
N ILE B 1161 42.88 -95.11 35.96
CA ILE B 1161 42.80 -96.56 36.16
C ILE B 1161 44.22 -97.06 36.41
N PHE B 1162 44.35 -98.13 37.19
CA PHE B 1162 45.64 -98.77 37.42
C PHE B 1162 45.56 -100.22 37.00
N THR B 1163 46.61 -100.71 36.35
CA THR B 1163 46.73 -102.09 35.91
C THR B 1163 47.98 -102.70 36.52
N LEU B 1164 47.92 -104.00 36.81
CA LEU B 1164 49.04 -104.70 37.43
C LEU B 1164 49.27 -105.98 36.66
N ASN B 1165 50.46 -106.08 36.04
CA ASN B 1165 50.92 -107.26 35.29
C ASN B 1165 49.91 -107.65 34.21
N GLY B 1166 49.38 -106.63 33.52
CA GLY B 1166 48.40 -106.86 32.49
C GLY B 1166 47.01 -107.16 32.99
N GLU B 1167 46.78 -107.06 34.29
CA GLU B 1167 45.47 -107.30 34.90
C GLU B 1167 44.96 -106.00 35.49
N VAL B 1168 43.70 -105.67 35.19
CA VAL B 1168 43.10 -104.44 35.66
C VAL B 1168 42.76 -104.57 37.14
N LEU B 1169 43.26 -103.63 37.94
CA LEU B 1169 42.97 -103.62 39.37
C LEU B 1169 41.49 -103.30 39.61
N MET B 1170 40.92 -103.95 40.62
CA MET B 1170 39.51 -103.84 40.93
C MET B 1170 39.29 -103.17 42.27
N SER B 1171 38.32 -102.26 42.32
CA SER B 1171 37.94 -101.62 43.57
C SER B 1171 37.03 -102.54 44.37
N ASP B 1172 36.60 -102.09 45.55
CA ASP B 1172 35.72 -102.88 46.40
C ASP B 1172 34.24 -102.73 46.03
N SER B 1173 33.96 -102.85 44.73
CA SER B 1173 32.63 -102.73 44.14
C SER B 1173 32.77 -103.15 42.68
N GLY B 1174 31.70 -103.00 41.92
CA GLY B 1174 31.76 -103.24 40.48
C GLY B 1174 32.60 -102.24 39.70
N SER B 1175 32.96 -101.11 40.32
CA SER B 1175 33.79 -100.11 39.66
C SER B 1175 35.19 -100.65 39.40
N GLU B 1176 35.69 -100.41 38.18
CA GLU B 1176 37.01 -100.85 37.77
C GLU B 1176 37.97 -99.67 37.57
N THR B 1177 37.56 -98.46 37.93
CA THR B 1177 38.38 -97.27 37.77
C THR B 1177 38.76 -96.74 39.14
N ALA B 1178 40.03 -96.33 39.27
CA ALA B 1178 40.52 -95.81 40.55
C ALA B 1178 39.80 -94.51 40.91
N PHE B 1179 39.66 -93.60 39.95
CA PHE B 1179 39.00 -92.34 40.21
C PHE B 1179 38.16 -91.95 39.01
N ARG B 1180 37.13 -91.15 39.28
CA ARG B 1180 36.21 -90.69 38.25
C ARG B 1180 35.80 -89.26 38.57
N GLU B 1181 35.30 -88.58 37.53
CA GLU B 1181 34.84 -87.19 37.58
C GLU B 1181 35.95 -86.26 38.10
N ILE B 1182 37.05 -86.24 37.36
CA ILE B 1182 38.20 -85.43 37.70
C ILE B 1182 38.24 -84.20 36.81
N GLU B 1183 38.40 -83.03 37.43
CA GLU B 1183 38.50 -81.79 36.68
C GLU B 1183 39.87 -81.72 36.01
N ILE B 1184 39.89 -81.15 34.80
CA ILE B 1184 41.13 -81.02 34.04
C ILE B 1184 42.13 -80.16 34.80
N GLY B 1185 41.70 -78.98 35.24
CA GLY B 1185 42.50 -78.07 36.04
C GLY B 1185 43.76 -77.62 35.31
N ASP B 1186 44.81 -77.40 36.09
CA ASP B 1186 46.08 -77.01 35.51
C ASP B 1186 46.88 -78.17 34.94
N GLY B 1187 46.45 -79.40 35.20
CA GLY B 1187 47.01 -80.57 34.57
C GLY B 1187 47.41 -81.63 35.56
N PHE B 1188 47.94 -82.72 35.02
CA PHE B 1188 48.43 -83.82 35.83
C PHE B 1188 49.78 -84.29 35.28
N LEU B 1189 50.52 -84.97 36.15
CA LEU B 1189 51.89 -85.34 35.84
C LEU B 1189 52.16 -86.72 36.41
N PRO B 1190 52.85 -87.59 35.67
CA PRO B 1190 53.13 -88.95 36.18
C PRO B 1190 54.12 -88.91 37.34
N VAL B 1191 53.70 -89.41 38.49
CA VAL B 1191 54.50 -89.30 39.70
C VAL B 1191 54.68 -90.66 40.35
N CYS B 1192 55.90 -90.93 40.81
CA CYS B 1192 56.16 -92.14 41.57
C CYS B 1192 57.10 -91.81 42.72
N SER B 1193 56.96 -92.54 43.81
CA SER B 1193 57.77 -92.32 45.00
C SER B 1193 58.25 -93.67 45.52
N LEU B 1194 59.33 -93.61 46.28
CA LEU B 1194 59.98 -94.78 46.86
C LEU B 1194 60.33 -94.55 48.32
N GLY B 1195 60.05 -95.55 49.15
CA GLY B 1195 60.34 -95.54 50.56
C GLY B 1195 61.77 -95.97 50.86
N PRO B 1196 62.07 -96.18 52.14
CA PRO B 1196 63.43 -96.62 52.51
C PRO B 1196 63.76 -98.00 51.97
N GLY B 1197 64.98 -98.14 51.46
CA GLY B 1197 65.44 -99.40 50.89
C GLY B 1197 64.63 -99.90 49.71
N GLN B 1198 64.31 -99.01 48.77
CA GLN B 1198 63.49 -99.35 47.62
C GLN B 1198 64.23 -99.03 46.33
N VAL B 1199 64.03 -99.89 45.34
CA VAL B 1199 64.60 -99.74 43.99
C VAL B 1199 63.45 -99.92 43.01
N GLY B 1200 63.24 -98.94 42.13
CA GLY B 1200 62.14 -99.06 41.21
C GLY B 1200 62.38 -98.44 39.85
N HIS B 1201 62.01 -99.14 38.79
CA HIS B 1201 62.22 -98.61 37.44
C HIS B 1201 61.03 -97.82 36.95
N LEU B 1202 61.27 -96.62 36.45
CA LEU B 1202 60.20 -95.84 35.84
C LEU B 1202 60.35 -95.89 34.33
N ASN B 1203 59.30 -96.30 33.65
CA ASN B 1203 59.28 -96.47 32.20
C ASN B 1203 58.16 -95.58 31.66
N LEU B 1204 58.54 -94.37 31.23
CA LEU B 1204 57.58 -93.46 30.62
C LEU B 1204 57.23 -93.85 29.19
N GLY B 1205 57.98 -94.80 28.62
CA GLY B 1205 57.67 -95.33 27.32
C GLY B 1205 58.24 -94.51 26.18
N GLN B 1206 59.49 -94.06 26.34
CA GLN B 1206 60.17 -93.43 25.20
C GLN B 1206 60.35 -94.43 24.07
N ASP B 1207 60.74 -95.65 24.39
CA ASP B 1207 60.70 -96.77 23.47
C ASP B 1207 59.51 -97.63 23.85
N VAL B 1208 58.55 -97.78 22.92
CA VAL B 1208 57.31 -98.49 23.22
C VAL B 1208 57.60 -99.97 23.49
N SER B 1209 58.63 -100.53 22.85
CA SER B 1209 59.01 -101.91 23.04
C SER B 1209 59.51 -102.16 24.46
N SER B 1210 59.96 -101.10 25.15
CA SER B 1210 60.40 -101.25 26.53
C SER B 1210 59.23 -101.63 27.43
N LEU B 1211 58.03 -101.14 27.11
CA LEU B 1211 56.85 -101.52 27.88
C LEU B 1211 56.52 -102.99 27.67
N ARG B 1212 56.17 -103.67 28.77
CA ARG B 1212 55.88 -105.09 28.72
C ARG B 1212 54.40 -105.41 28.59
N PHE B 1213 53.53 -104.65 29.25
CA PHE B 1213 52.11 -104.96 29.29
C PHE B 1213 51.27 -103.94 28.53
N PHE B 1214 51.91 -103.05 27.76
CA PHE B 1214 51.18 -102.07 26.98
C PHE B 1214 50.32 -102.73 25.91
N ALA B 1215 50.86 -103.74 25.23
CA ALA B 1215 50.09 -104.47 24.24
C ALA B 1215 48.92 -105.19 24.88
N ILE B 1216 49.13 -105.74 26.08
CA ILE B 1216 48.08 -106.44 26.82
C ILE B 1216 46.97 -105.46 27.20
N CYS B 1217 47.34 -104.28 27.70
CA CYS B 1217 46.34 -103.31 28.12
C CYS B 1217 46.78 -101.91 27.71
N GLY B 1218 45.90 -101.19 27.01
CA GLY B 1218 46.19 -99.82 26.62
C GLY B 1218 46.39 -99.62 25.14
N LEU B 1219 47.09 -100.57 24.48
CA LEU B 1219 47.37 -100.42 23.05
C LEU B 1219 46.09 -100.47 22.23
N GLN B 1220 45.20 -101.41 22.53
CA GLN B 1220 43.96 -101.51 21.79
C GLN B 1220 42.91 -100.51 22.24
N GLU B 1221 43.16 -99.80 23.34
CA GLU B 1221 42.23 -98.81 23.85
C GLU B 1221 42.55 -97.40 23.35
N GLY B 1222 43.54 -97.27 22.47
CA GLY B 1222 43.92 -95.96 21.98
C GLY B 1222 44.86 -95.20 22.88
N PHE B 1223 45.29 -95.77 24.00
CA PHE B 1223 46.18 -95.09 24.92
C PHE B 1223 47.58 -94.99 24.33
N GLU B 1224 48.33 -94.00 24.80
CA GLU B 1224 49.67 -93.76 24.31
C GLU B 1224 50.64 -93.63 25.47
N PRO B 1225 51.91 -94.00 25.27
CA PRO B 1225 52.92 -93.76 26.31
C PRO B 1225 53.11 -92.28 26.53
N PHE B 1226 53.49 -91.92 27.76
CA PHE B 1226 53.62 -90.51 28.13
C PHE B 1226 54.68 -89.78 27.32
N ALA B 1227 55.79 -90.45 27.02
CA ALA B 1227 56.87 -89.84 26.26
C ALA B 1227 57.15 -90.60 24.98
N ILE B 1228 56.09 -90.98 24.25
CA ILE B 1228 56.23 -91.89 23.13
C ILE B 1228 57.04 -91.27 21.98
N ASN B 1229 56.79 -90.00 21.66
CA ASN B 1229 57.53 -89.35 20.59
C ASN B 1229 58.28 -88.19 21.22
N MET B 1230 59.42 -88.50 21.82
CA MET B 1230 60.29 -87.52 22.46
C MET B 1230 61.72 -88.03 22.30
N GLN B 1231 62.54 -87.26 21.57
CA GLN B 1231 63.91 -87.68 21.30
CA GLN B 1231 63.91 -87.68 21.30
C GLN B 1231 64.73 -87.81 22.58
N ARG B 1232 64.60 -86.87 23.46
CA ARG B 1232 65.38 -87.02 24.67
C ARG B 1232 64.50 -87.52 25.81
N PRO B 1233 65.09 -88.31 26.72
CA PRO B 1233 64.33 -88.80 27.89
C PRO B 1233 63.83 -87.63 28.73
N VAL B 1234 62.61 -87.79 29.26
CA VAL B 1234 61.98 -86.72 30.02
C VAL B 1234 62.75 -86.48 31.31
N THR B 1235 63.07 -85.22 31.56
CA THR B 1235 63.78 -84.86 32.77
C THR B 1235 62.87 -85.02 33.99
N THR B 1236 63.37 -85.75 34.97
CA THR B 1236 62.69 -85.99 36.23
C THR B 1236 63.26 -85.09 37.30
N TRP B 1237 62.42 -84.80 38.29
CA TRP B 1237 62.74 -84.00 39.46
C TRP B 1237 62.45 -84.82 40.69
N PHE B 1238 63.33 -84.70 41.68
CA PHE B 1238 63.17 -85.44 42.92
C PHE B 1238 63.12 -84.45 44.06
N SER B 1239 62.32 -84.81 45.07
CA SER B 1239 62.27 -83.95 46.25
C SER B 1239 63.57 -84.09 47.03
N LYS B 1240 64.42 -83.08 46.92
CA LYS B 1240 65.72 -83.09 47.59
C LYS B 1240 65.53 -82.92 49.09
N SER B 1241 66.16 -83.82 49.84
CA SER B 1241 66.15 -83.84 51.30
C SER B 1241 67.31 -83.03 51.86
N LEU B 1242 67.46 -81.80 51.42
CA LEU B 1242 68.53 -80.91 51.90
C LEU B 1242 67.90 -79.57 52.23
N PRO B 1243 67.84 -79.20 53.50
CA PRO B 1243 67.22 -77.93 53.90
C PRO B 1243 67.91 -76.72 53.29
N GLN B 1244 67.10 -75.76 52.85
CA GLN B 1244 67.61 -74.52 52.25
C GLN B 1244 66.75 -73.36 52.71
N PHE B 1245 67.39 -72.30 53.21
CA PHE B 1245 66.66 -71.14 53.70
C PHE B 1245 65.97 -70.43 52.54
N GLU B 1246 64.66 -70.28 52.62
CA GLU B 1246 63.86 -69.59 51.62
C GLU B 1246 62.82 -68.74 52.34
N PRO B 1247 62.38 -67.62 51.75
CA PRO B 1247 61.46 -66.71 52.45
C PRO B 1247 60.12 -67.36 52.77
N VAL B 1248 59.52 -66.87 53.84
CA VAL B 1248 58.20 -67.35 54.30
C VAL B 1248 57.13 -66.94 53.30
N PRO B 1249 56.21 -67.84 52.95
CA PRO B 1249 55.04 -67.43 52.16
C PRO B 1249 54.19 -66.44 52.94
N PRO B 1250 53.62 -65.44 52.25
CA PRO B 1250 52.78 -64.46 52.97
C PRO B 1250 51.52 -65.05 53.57
N GLU B 1251 51.04 -66.18 53.07
CA GLU B 1251 49.78 -66.78 53.52
C GLU B 1251 50.10 -68.01 54.39
N HIS B 1252 51.11 -67.89 55.24
CA HIS B 1252 51.41 -69.00 56.13
C HIS B 1252 50.36 -69.07 57.23
N PRO B 1253 49.66 -70.19 57.39
CA PRO B 1253 48.58 -70.28 58.39
C PRO B 1253 49.05 -70.11 59.83
N HIS B 1254 50.27 -70.54 60.16
CA HIS B 1254 50.72 -70.54 61.54
C HIS B 1254 51.68 -69.41 61.87
N TYR B 1255 52.62 -69.13 61.00
CA TYR B 1255 53.69 -68.17 61.27
C TYR B 1255 53.48 -66.89 60.48
N GLU B 1256 53.96 -65.79 61.06
CA GLU B 1256 53.82 -64.48 60.42
C GLU B 1256 54.97 -63.59 60.86
N VAL B 1257 55.45 -62.75 59.95
CA VAL B 1257 56.53 -61.81 60.22
C VAL B 1257 55.97 -60.40 60.05
N ALA B 1258 56.16 -59.56 61.06
CA ALA B 1258 55.63 -58.21 61.06
C ALA B 1258 56.75 -57.21 60.79
N ARG B 1259 56.56 -56.37 59.78
CA ARG B 1259 57.50 -55.31 59.45
C ARG B 1259 56.80 -53.97 59.66
N MET B 1260 57.28 -53.21 60.63
CA MET B 1260 56.73 -51.89 60.94
C MET B 1260 57.76 -50.82 60.64
N ASP B 1261 57.27 -49.64 60.23
CA ASP B 1261 58.14 -48.53 59.92
C ASP B 1261 58.78 -48.01 61.18
N GLY B 1262 60.08 -47.67 61.08
CA GLY B 1262 60.85 -47.18 62.20
C GLY B 1262 60.34 -45.87 62.77
N THR B 1263 60.15 -45.83 64.08
CA THR B 1263 59.70 -44.61 64.75
C THR B 1263 60.88 -43.75 65.16
N VAL B 1264 60.57 -42.55 65.66
CA VAL B 1264 61.61 -41.63 66.11
C VAL B 1264 62.33 -42.17 67.35
N ASP B 1265 61.67 -43.02 68.13
CA ASP B 1265 62.24 -43.58 69.35
C ASP B 1265 62.63 -45.04 69.23
N THR B 1266 62.08 -45.78 68.27
CA THR B 1266 62.40 -47.19 68.12
C THR B 1266 62.83 -47.47 66.68
N PRO B 1267 63.84 -48.31 66.50
CA PRO B 1267 64.32 -48.65 65.16
C PRO B 1267 63.35 -49.60 64.47
N PRO B 1268 63.42 -49.74 63.14
CA PRO B 1268 62.62 -50.76 62.46
C PRO B 1268 62.97 -52.19 62.90
N CYS B 1269 61.91 -53.00 62.99
CA CYS B 1269 62.04 -54.33 63.53
C CYS B 1269 61.24 -55.32 62.68
N LEU B 1270 61.64 -56.57 62.78
CA LEU B 1270 61.04 -57.71 62.10
C LEU B 1270 60.49 -58.61 63.20
N ARG B 1271 59.25 -58.38 63.62
CA ARG B 1271 58.66 -59.13 64.72
C ARG B 1271 57.98 -60.38 64.16
N LEU B 1272 58.28 -61.53 64.77
CA LEU B 1272 57.67 -62.79 64.38
C LEU B 1272 56.50 -63.09 65.31
N ALA B 1273 55.34 -63.38 64.73
CA ALA B 1273 54.15 -63.65 65.49
C ALA B 1273 53.53 -64.96 65.03
N HIS B 1274 53.18 -65.83 65.99
CA HIS B 1274 52.54 -67.09 65.69
C HIS B 1274 51.05 -66.84 65.56
N ARG B 1275 50.49 -67.12 64.38
CA ARG B 1275 49.09 -66.79 64.11
C ARG B 1275 48.13 -67.62 64.96
N THR B 1276 48.31 -68.94 64.97
CA THR B 1276 47.35 -69.85 65.57
C THR B 1276 47.77 -70.34 66.95
N TRP B 1277 48.78 -69.72 67.56
CA TRP B 1277 49.18 -70.07 68.92
C TRP B 1277 48.05 -69.82 69.90
N GLY B 1278 47.78 -70.81 70.74
CA GLY B 1278 46.69 -70.75 71.69
C GLY B 1278 45.36 -71.23 71.14
N SER B 1279 45.29 -71.58 69.86
CA SER B 1279 44.09 -72.08 69.24
C SER B 1279 44.19 -73.60 69.08
N GLN B 1280 43.16 -74.20 68.50
CA GLN B 1280 43.16 -75.63 68.26
C GLN B 1280 44.17 -75.97 67.17
N ASN B 1281 44.63 -77.24 67.20
CA ASN B 1281 45.51 -77.94 66.25
C ASN B 1281 46.62 -77.08 65.62
N SER B 1282 47.24 -76.25 66.44
CA SER B 1282 48.29 -75.37 65.97
C SER B 1282 49.58 -76.13 65.71
N LEU B 1283 50.38 -75.61 64.78
CA LEU B 1283 51.65 -76.22 64.42
C LEU B 1283 52.71 -75.68 65.39
N VAL B 1284 53.23 -76.56 66.23
CA VAL B 1284 54.30 -76.23 67.16
C VAL B 1284 55.48 -77.14 66.87
N GLU B 1285 56.64 -76.54 66.63
CA GLU B 1285 57.88 -77.20 66.25
C GLU B 1285 59.01 -76.19 66.34
N MET B 1286 60.23 -76.71 66.43
CA MET B 1286 61.43 -75.87 66.46
C MET B 1286 61.53 -75.05 65.18
N LEU B 1287 61.76 -73.75 65.32
CA LEU B 1287 61.72 -72.85 64.18
C LEU B 1287 63.11 -72.24 63.98
N PHE B 1288 63.58 -72.30 62.74
CA PHE B 1288 64.86 -71.73 62.36
C PHE B 1288 64.61 -70.47 61.55
N LEU B 1289 65.24 -69.37 61.96
CA LEU B 1289 65.05 -68.10 61.27
C LEU B 1289 66.40 -67.50 60.95
N ARG B 1290 66.46 -66.79 59.83
CA ARG B 1290 67.65 -66.05 59.45
C ARG B 1290 67.26 -64.86 58.61
N LEU B 1291 68.13 -63.87 58.56
CA LEU B 1291 67.94 -62.75 57.66
C LEU B 1291 68.39 -63.12 56.26
N SER B 1292 67.80 -62.48 55.25
CA SER B 1292 68.08 -62.88 53.89
C SER B 1292 69.45 -62.44 53.37
N LEU B 1293 70.18 -61.59 54.09
CA LEU B 1293 71.44 -61.09 53.57
C LEU B 1293 72.59 -61.34 54.54
N PRO B 1294 73.80 -61.63 54.03
CA PRO B 1294 74.96 -61.82 54.90
C PRO B 1294 75.84 -60.59 55.06
N VAL B 1295 76.85 -60.70 55.90
CA VAL B 1295 77.89 -59.70 56.05
C VAL B 1295 79.25 -60.38 55.87
N GLN B 1296 80.15 -59.70 55.18
CA GLN B 1296 81.47 -60.22 54.86
C GLN B 1296 82.53 -59.42 55.61
N PHE B 1297 83.45 -60.12 56.26
CA PHE B 1297 84.55 -59.47 56.96
C PHE B 1297 85.53 -58.86 55.97
N HIS B 1298 86.38 -57.97 56.49
CA HIS B 1298 87.45 -57.39 55.68
C HIS B 1298 88.46 -58.47 55.30
N GLN B 1299 89.04 -58.34 54.11
CA GLN B 1299 89.93 -59.36 53.57
C GLN B 1299 91.22 -59.47 54.39
N HIS B 1300 91.77 -58.37 54.84
CA HIS B 1300 92.95 -58.40 55.69
C HIS B 1300 92.62 -57.84 57.06
N PHE B 1301 93.06 -58.54 58.10
CA PHE B 1301 92.81 -58.11 59.46
C PHE B 1301 93.84 -57.07 59.88
N ARG B 1302 93.37 -56.08 60.65
CA ARG B 1302 94.24 -55.01 61.14
C ARG B 1302 95.34 -55.59 62.03
N CYS B 1303 96.54 -55.02 61.91
CA CYS B 1303 97.71 -55.51 62.64
C CYS B 1303 97.55 -55.32 64.14
N THR B 1304 98.23 -56.17 64.90
CA THR B 1304 98.24 -56.21 66.37
C THR B 1304 96.84 -56.36 66.96
N ASP B 1419 73.42 -35.39 75.44
CA ASP B 1419 74.14 -36.60 75.80
C ASP B 1419 73.81 -37.75 74.86
N ASN B 1420 74.71 -38.74 74.82
CA ASN B 1420 74.61 -39.94 73.98
C ASN B 1420 74.60 -39.55 72.49
N ARG B 1421 75.64 -38.82 72.10
CA ARG B 1421 75.85 -38.41 70.71
C ARG B 1421 77.11 -39.10 70.20
N ASP B 1422 77.03 -39.68 69.01
CA ASP B 1422 78.14 -40.43 68.47
C ASP B 1422 79.31 -39.53 68.10
N ASP B 1423 80.50 -40.10 68.11
CA ASP B 1423 81.68 -39.42 67.61
C ASP B 1423 81.65 -39.49 66.09
N PRO B 1424 81.66 -38.35 65.37
CA PRO B 1424 81.55 -38.39 63.89
C PRO B 1424 82.65 -39.17 63.20
N GLU B 1425 83.87 -39.21 63.75
CA GLU B 1425 84.94 -39.95 63.07
C GLU B 1425 84.99 -41.40 63.53
N ILE B 1426 84.67 -41.69 64.79
CA ILE B 1426 84.59 -43.08 65.24
C ILE B 1426 83.46 -43.81 64.53
N ILE B 1427 82.28 -43.18 64.41
CA ILE B 1427 81.16 -43.78 63.70
C ILE B 1427 81.47 -44.04 62.22
N LEU B 1428 82.42 -43.31 61.63
CA LEU B 1428 82.84 -43.54 60.26
C LEU B 1428 84.02 -44.51 60.15
N ASN B 1429 84.81 -44.68 61.20
CA ASN B 1429 85.97 -45.57 61.17
C ASN B 1429 85.74 -46.87 61.93
N THR B 1430 84.57 -47.07 62.52
CA THR B 1430 84.29 -48.29 63.25
C THR B 1430 84.12 -49.46 62.29
N THR B 1431 84.36 -50.66 62.82
CA THR B 1431 84.21 -51.88 62.05
C THR B 1431 83.37 -52.91 62.80
N THR B 1432 82.60 -52.48 63.80
CA THR B 1432 81.75 -53.38 64.55
C THR B 1432 80.30 -52.95 64.38
N TYR B 1433 79.44 -53.91 64.10
CA TYR B 1433 78.03 -53.67 63.81
C TYR B 1433 77.15 -54.48 64.76
N TYR B 1434 76.04 -53.87 65.15
CA TYR B 1434 75.17 -54.36 66.21
C TYR B 1434 73.75 -54.55 65.72
N TYR B 1435 73.12 -55.63 66.15
CA TYR B 1435 71.67 -55.80 66.04
C TYR B 1435 71.21 -56.41 67.35
N SER B 1436 69.91 -56.61 67.48
CA SER B 1436 69.39 -57.20 68.70
C SER B 1436 68.09 -57.91 68.40
N VAL B 1437 67.65 -58.74 69.33
CA VAL B 1437 66.34 -59.37 69.25
C VAL B 1437 65.66 -59.19 70.60
N ARG B 1438 64.38 -58.80 70.55
CA ARG B 1438 63.60 -58.53 71.76
C ARG B 1438 62.69 -59.72 72.02
N VAL B 1439 63.12 -60.62 72.88
CA VAL B 1439 62.35 -61.78 73.32
C VAL B 1439 61.22 -61.25 74.21
N PHE B 1440 59.99 -61.28 73.70
CA PHE B 1440 58.85 -60.70 74.38
C PHE B 1440 58.48 -61.50 75.63
N ALA B 1441 57.74 -60.84 76.52
CA ALA B 1441 57.18 -61.51 77.69
C ALA B 1441 56.23 -62.62 77.26
N GLY B 1442 56.36 -63.77 77.90
CA GLY B 1442 55.61 -64.96 77.53
C GLY B 1442 56.40 -65.92 76.68
N GLN B 1443 57.56 -65.50 76.16
CA GLN B 1443 58.44 -66.36 75.41
C GLN B 1443 59.61 -66.74 76.31
N GLU B 1444 59.83 -68.03 76.48
CA GLU B 1444 60.86 -68.52 77.39
C GLU B 1444 62.23 -68.43 76.74
N PRO B 1445 63.18 -67.67 77.31
CA PRO B 1445 64.54 -67.63 76.75
C PRO B 1445 65.29 -68.95 76.83
N SER B 1446 64.84 -69.89 77.66
CA SER B 1446 65.42 -71.23 77.74
C SER B 1446 65.24 -72.04 76.46
N CYS B 1447 64.37 -71.61 75.56
CA CYS B 1447 64.19 -72.25 74.26
C CYS B 1447 64.43 -71.24 73.14
N VAL B 1448 65.35 -70.32 73.36
CA VAL B 1448 65.73 -69.31 72.36
C VAL B 1448 67.24 -69.37 72.18
N TRP B 1449 67.67 -69.45 70.93
CA TRP B 1449 69.09 -69.42 70.56
C TRP B 1449 69.28 -68.27 69.57
N VAL B 1450 70.23 -67.38 69.87
CA VAL B 1450 70.42 -66.15 69.11
C VAL B 1450 71.88 -66.04 68.70
N GLY B 1451 72.11 -65.81 67.40
CA GLY B 1451 73.47 -65.70 66.92
C GLY B 1451 73.63 -65.56 65.42
N TRP B 1452 74.56 -66.32 64.85
CA TRP B 1452 74.86 -66.24 63.43
C TRP B 1452 75.05 -67.62 62.84
N VAL B 1453 74.83 -67.72 61.53
CA VAL B 1453 75.09 -68.94 60.76
C VAL B 1453 75.79 -68.59 59.45
N THR B 1454 76.74 -69.42 59.05
CA THR B 1454 77.31 -69.33 57.73
C THR B 1454 76.30 -69.92 56.73
N PRO B 1455 76.37 -69.54 55.44
CA PRO B 1455 75.36 -70.03 54.47
C PRO B 1455 75.35 -71.53 54.24
N ASP B 1456 76.40 -72.26 54.63
CA ASP B 1456 76.44 -73.69 54.42
C ASP B 1456 75.76 -74.48 55.53
N TYR B 1457 75.26 -73.81 56.57
CA TYR B 1457 74.56 -74.47 57.66
C TYR B 1457 73.25 -75.05 57.13
N HIS B 1458 73.19 -76.37 56.99
CA HIS B 1458 72.07 -77.08 56.40
C HIS B 1458 71.61 -78.21 57.31
N GLN B 1459 71.47 -77.93 58.60
CA GLN B 1459 71.06 -78.90 59.60
C GLN B 1459 69.71 -78.50 60.20
N HIS B 1460 68.75 -79.43 60.18
CA HIS B 1460 67.42 -79.20 60.74
C HIS B 1460 67.23 -80.12 61.95
N ASP B 1461 67.13 -79.52 63.14
CA ASP B 1461 66.98 -80.26 64.39
C ASP B 1461 65.71 -79.83 65.10
N MET B 1462 64.83 -80.80 65.41
CA MET B 1462 63.63 -80.50 66.17
C MET B 1462 63.91 -80.24 67.64
N ASN B 1463 65.01 -80.77 68.16
CA ASN B 1463 65.37 -80.59 69.56
C ASN B 1463 66.73 -79.91 69.66
N PHE B 1464 66.89 -78.84 68.87
CA PHE B 1464 68.18 -78.18 68.69
C PHE B 1464 68.72 -77.63 70.00
N ASP B 1465 70.03 -77.76 70.17
CA ASP B 1465 70.77 -77.13 71.26
C ASP B 1465 72.18 -76.86 70.76
N LEU B 1466 72.93 -76.10 71.55
CA LEU B 1466 74.28 -75.70 71.17
C LEU B 1466 75.27 -76.85 71.13
N SER B 1467 74.90 -78.03 71.64
CA SER B 1467 75.77 -79.20 71.59
C SER B 1467 75.85 -79.79 70.18
N LYS B 1468 74.79 -79.65 69.39
CA LYS B 1468 74.76 -80.22 68.04
C LYS B 1468 75.33 -79.28 66.99
N VAL B 1469 75.80 -78.09 67.38
CA VAL B 1469 76.40 -77.16 66.45
C VAL B 1469 77.69 -77.76 65.90
N ARG B 1470 77.80 -77.81 64.57
CA ARG B 1470 78.97 -78.38 63.92
C ARG B 1470 80.19 -77.52 64.19
N ALA B 1471 81.31 -78.16 64.54
CA ALA B 1471 82.54 -77.44 64.84
C ALA B 1471 83.73 -78.35 64.58
N VAL B 1472 84.86 -77.72 64.21
CA VAL B 1472 86.12 -78.43 64.00
C VAL B 1472 87.23 -77.40 64.07
N THR B 1473 88.40 -77.80 64.54
CA THR B 1473 89.56 -76.93 64.66
C THR B 1473 90.72 -77.57 63.92
N VAL B 1474 91.29 -76.83 62.97
CA VAL B 1474 92.46 -77.30 62.24
C VAL B 1474 93.69 -76.86 63.03
N THR B 1475 94.52 -77.83 63.43
CA THR B 1475 95.67 -77.57 64.27
C THR B 1475 96.93 -77.90 63.47
N MET B 1476 97.88 -76.97 63.48
CA MET B 1476 99.05 -77.03 62.64
C MET B 1476 100.27 -76.60 63.44
N GLY B 1477 101.41 -77.23 63.15
CA GLY B 1477 102.66 -76.91 63.79
C GLY B 1477 103.82 -77.12 62.85
N ASP B 1478 105.04 -77.11 63.38
CA ASP B 1478 106.20 -77.40 62.54
C ASP B 1478 106.43 -78.91 62.54
N GLU B 1479 107.53 -79.34 61.91
CA GLU B 1479 107.81 -80.77 61.72
C GLU B 1479 108.02 -81.53 63.03
N GLN B 1480 108.33 -80.82 64.13
CA GLN B 1480 108.52 -81.43 65.44
C GLN B 1480 107.58 -80.72 66.43
N GLY B 1481 106.32 -81.16 66.44
CA GLY B 1481 105.30 -80.60 67.33
C GLY B 1481 105.11 -79.10 67.09
N ASN B 1482 105.17 -78.36 68.20
CA ASN B 1482 105.14 -76.89 68.26
C ASN B 1482 103.98 -76.30 67.47
N VAL B 1483 102.76 -76.62 67.93
CA VAL B 1483 101.54 -76.18 67.26
C VAL B 1483 101.41 -74.66 67.31
N HIS B 1484 101.49 -74.03 66.14
CA HIS B 1484 101.45 -72.58 66.00
C HIS B 1484 100.25 -72.06 65.23
N SER B 1485 99.33 -72.91 64.80
CA SER B 1485 98.15 -72.45 64.08
C SER B 1485 96.96 -73.31 64.48
N SER B 1486 95.98 -72.71 65.15
CA SER B 1486 94.80 -73.44 65.59
C SER B 1486 93.60 -72.58 65.22
N LEU B 1487 92.95 -72.92 64.10
CA LEU B 1487 91.83 -72.16 63.60
C LEU B 1487 90.54 -72.96 63.73
N LYS B 1488 89.51 -72.36 64.29
CA LYS B 1488 88.24 -73.03 64.49
C LYS B 1488 87.24 -72.64 63.41
N CYS B 1489 86.43 -73.61 62.99
CA CYS B 1489 85.41 -73.49 61.97
C CYS B 1489 84.10 -74.01 62.54
N SER B 1490 83.01 -73.32 62.21
CA SER B 1490 81.68 -73.71 62.62
C SER B 1490 80.67 -73.11 61.65
N ASN B 1491 79.55 -73.79 61.49
CA ASN B 1491 78.49 -73.29 60.64
C ASN B 1491 77.46 -72.48 61.40
N CYS B 1492 77.61 -72.38 62.71
CA CYS B 1492 76.65 -71.69 63.56
C CYS B 1492 77.40 -71.02 64.71
N TYR B 1493 77.25 -69.72 64.85
CA TYR B 1493 77.88 -68.95 65.92
C TYR B 1493 76.75 -68.30 66.70
N MET B 1494 76.30 -68.99 67.74
CA MET B 1494 75.02 -68.71 68.36
C MET B 1494 75.06 -69.02 69.85
N VAL B 1495 74.40 -68.18 70.65
CA VAL B 1495 74.41 -68.28 72.10
C VAL B 1495 73.01 -68.58 72.59
N TRP B 1496 72.93 -69.46 73.57
CA TRP B 1496 71.65 -69.86 74.15
C TRP B 1496 71.13 -68.76 75.06
N GLY B 1497 69.86 -68.40 74.90
CA GLY B 1497 69.27 -67.38 75.74
C GLY B 1497 68.94 -67.80 77.15
N GLY B 1498 68.97 -69.11 77.41
CA GLY B 1498 68.66 -69.62 78.74
C GLY B 1498 69.74 -69.33 79.77
N ASP B 1499 70.94 -68.99 79.32
CA ASP B 1499 72.02 -68.61 80.21
C ASP B 1499 72.02 -67.12 80.52
N PHE B 1500 71.05 -66.37 80.00
CA PHE B 1500 71.01 -64.92 80.14
C PHE B 1500 69.87 -64.45 81.03
N VAL B 1501 69.28 -65.35 81.82
CA VAL B 1501 68.13 -65.03 82.65
C VAL B 1501 68.54 -65.07 84.11
N SER B 1502 67.75 -64.36 84.93
CA SER B 1502 68.00 -64.34 86.36
C SER B 1502 67.69 -65.70 86.97
N PRO B 1503 68.63 -66.31 87.71
CA PRO B 1503 68.40 -67.64 88.31
C PRO B 1503 67.53 -67.60 89.56
N GLY B 1504 66.29 -67.14 89.41
CA GLY B 1504 65.37 -67.12 90.52
C GLY B 1504 64.69 -68.47 90.72
N GLN B 1505 64.05 -68.61 91.88
CA GLN B 1505 63.33 -69.84 92.21
C GLN B 1505 62.16 -70.05 91.26
N GLN B 1506 61.37 -69.01 91.02
CA GLN B 1506 60.25 -69.08 90.11
C GLN B 1506 60.01 -67.69 89.53
N GLY B 1507 59.30 -67.67 88.40
CA GLY B 1507 59.08 -66.44 87.67
C GLY B 1507 59.92 -66.45 86.41
N ARG B 1508 60.09 -67.65 85.83
CA ARG B 1508 60.91 -67.81 84.63
C ARG B 1508 60.33 -67.05 83.45
N ILE B 1509 59.01 -66.84 83.42
CA ILE B 1509 58.37 -66.03 82.40
C ILE B 1509 58.61 -64.57 82.78
N SER B 1510 59.63 -63.95 82.19
CA SER B 1510 60.01 -62.60 82.57
C SER B 1510 58.97 -61.60 82.12
N HIS B 1511 58.54 -60.73 83.03
CA HIS B 1511 57.63 -59.64 82.67
C HIS B 1511 58.31 -58.61 81.78
N THR B 1512 59.62 -58.46 81.91
CA THR B 1512 60.41 -57.55 81.09
C THR B 1512 61.03 -58.32 79.93
N ASP B 1513 60.91 -57.77 78.73
CA ASP B 1513 61.40 -58.43 77.52
C ASP B 1513 62.91 -58.48 77.53
N LEU B 1514 63.46 -59.66 77.20
CA LEU B 1514 64.91 -59.83 77.15
C LEU B 1514 65.42 -59.37 75.79
N VAL B 1515 66.36 -58.42 75.79
CA VAL B 1515 66.88 -57.85 74.54
C VAL B 1515 68.33 -58.27 74.44
N ILE B 1516 68.59 -59.29 73.62
CA ILE B 1516 69.94 -59.81 73.42
C ILE B 1516 70.47 -59.31 72.09
N GLY B 1517 71.66 -58.72 72.09
CA GLY B 1517 72.25 -58.18 70.88
C GLY B 1517 73.56 -58.86 70.53
N CYS B 1518 73.84 -58.90 69.23
CA CYS B 1518 75.07 -59.50 68.72
C CYS B 1518 75.87 -58.48 67.93
N LEU B 1519 77.18 -58.44 68.16
CA LEU B 1519 78.06 -57.47 67.52
C LEU B 1519 79.17 -58.22 66.78
N VAL B 1520 79.49 -57.73 65.59
CA VAL B 1520 80.55 -58.33 64.78
C VAL B 1520 81.56 -57.27 64.37
N ASP B 1521 82.83 -57.60 64.52
CA ASP B 1521 83.95 -56.76 64.12
C ASP B 1521 84.54 -57.37 62.86
N LEU B 1522 84.43 -56.65 61.75
CA LEU B 1522 84.87 -57.10 60.43
C LEU B 1522 86.37 -57.02 60.29
N ALA B 1523 86.99 -56.00 60.90
CA ALA B 1523 88.42 -55.77 60.79
C ALA B 1523 89.22 -56.84 61.51
N THR B 1524 88.58 -57.62 62.39
CA THR B 1524 89.25 -58.66 63.13
C THR B 1524 88.54 -60.00 63.09
N GLY B 1525 87.33 -60.08 62.53
CA GLY B 1525 86.61 -61.35 62.57
C GLY B 1525 86.12 -61.72 63.95
N LEU B 1526 85.90 -60.72 64.81
CA LEU B 1526 85.52 -60.94 66.20
C LEU B 1526 84.01 -60.84 66.43
N MET B 1527 83.43 -61.83 67.09
CA MET B 1527 82.00 -61.85 67.40
C MET B 1527 81.83 -61.77 68.91
N THR B 1528 81.03 -60.79 69.35
CA THR B 1528 80.73 -60.58 70.76
C THR B 1528 79.22 -60.45 70.94
N PHE B 1529 78.77 -60.58 72.18
CA PHE B 1529 77.35 -60.57 72.49
C PHE B 1529 77.09 -59.70 73.71
N THR B 1530 75.88 -59.17 73.78
CA THR B 1530 75.42 -58.36 74.91
C THR B 1530 74.11 -58.94 75.43
N ALA B 1531 74.08 -59.18 76.75
CA ALA B 1531 72.92 -59.79 77.39
C ALA B 1531 71.81 -58.77 77.64
N ASN B 1532 72.09 -57.77 78.48
CA ASN B 1532 71.14 -56.69 78.73
C ASN B 1532 71.85 -55.35 78.78
N GLY B 1533 72.77 -55.12 77.86
CA GLY B 1533 73.64 -53.97 77.92
C GLY B 1533 75.00 -54.26 78.49
N LYS B 1534 75.20 -55.45 79.04
CA LYS B 1534 76.48 -55.89 79.58
C LYS B 1534 77.01 -57.05 78.75
N GLU B 1535 78.32 -57.04 78.51
CA GLU B 1535 78.93 -58.10 77.72
C GLU B 1535 78.96 -59.41 78.50
N SER B 1536 78.96 -60.51 77.76
CA SER B 1536 79.02 -61.85 78.34
C SER B 1536 80.34 -62.49 77.97
N ASN B 1537 80.67 -63.56 78.70
CA ASN B 1537 81.93 -64.27 78.49
C ASN B 1537 82.04 -64.93 77.11
N THR B 1538 80.91 -65.16 76.44
CA THR B 1538 80.92 -65.78 75.13
C THR B 1538 81.48 -64.84 74.07
N PHE B 1539 82.32 -65.39 73.20
CA PHE B 1539 82.93 -64.66 72.10
C PHE B 1539 83.44 -65.66 71.09
N PHE B 1540 83.66 -65.19 69.87
CA PHE B 1540 84.10 -66.04 68.76
C PHE B 1540 85.07 -65.27 67.89
N GLN B 1541 85.95 -66.01 67.22
CA GLN B 1541 86.90 -65.40 66.29
C GLN B 1541 87.06 -66.29 65.08
N VAL B 1542 87.02 -65.69 63.88
CA VAL B 1542 87.10 -66.45 62.63
C VAL B 1542 88.07 -65.79 61.66
N GLU B 1543 88.35 -66.52 60.59
CA GLU B 1543 89.20 -66.09 59.50
C GLU B 1543 88.48 -65.05 58.65
N PRO B 1544 89.22 -64.25 57.86
CA PRO B 1544 88.58 -63.28 56.97
C PRO B 1544 87.82 -63.96 55.83
N ASN B 1545 87.13 -63.13 55.04
CA ASN B 1545 86.31 -63.48 53.87
C ASN B 1545 85.11 -64.37 54.22
N THR B 1546 84.81 -64.57 55.49
CA THR B 1546 83.70 -65.43 55.89
C THR B 1546 82.40 -64.63 55.87
N LYS B 1547 81.31 -65.31 55.54
CA LYS B 1547 79.98 -64.71 55.48
C LYS B 1547 79.11 -65.32 56.57
N LEU B 1548 78.52 -64.46 57.40
CA LEU B 1548 77.64 -64.89 58.48
C LEU B 1548 76.26 -64.26 58.32
N PHE B 1549 75.23 -65.10 58.41
CA PHE B 1549 73.84 -64.69 58.33
C PHE B 1549 73.27 -64.51 59.72
N PRO B 1550 72.59 -63.40 60.01
CA PRO B 1550 71.92 -63.23 61.32
C PRO B 1550 70.84 -64.28 61.51
N ALA B 1551 71.00 -65.12 62.53
CA ALA B 1551 70.09 -66.23 62.74
C ALA B 1551 69.61 -66.30 64.18
N VAL B 1552 68.31 -66.51 64.34
CA VAL B 1552 67.72 -66.74 65.65
C VAL B 1552 66.87 -67.99 65.57
N PHE B 1553 67.23 -69.00 66.35
CA PHE B 1553 66.50 -70.27 66.38
C PHE B 1553 65.69 -70.31 67.67
N VAL B 1554 64.40 -70.66 67.56
CA VAL B 1554 63.52 -70.60 68.72
C VAL B 1554 62.40 -71.63 68.57
N LEU B 1555 62.04 -72.27 69.68
CA LEU B 1555 60.82 -73.07 69.74
C LEU B 1555 59.75 -72.17 70.34
N PRO B 1556 58.70 -71.81 69.59
CA PRO B 1556 57.74 -70.80 70.06
C PRO B 1556 56.98 -71.23 71.32
N THR B 1557 56.75 -70.27 72.21
CA THR B 1557 55.97 -70.51 73.43
C THR B 1557 54.98 -69.37 73.70
N HIS B 1558 54.68 -68.53 72.72
CA HIS B 1558 53.81 -67.38 72.93
C HIS B 1558 53.31 -66.91 71.57
N GLN B 1559 52.26 -66.08 71.59
CA GLN B 1559 51.79 -65.44 70.36
C GLN B 1559 52.84 -64.52 69.78
N ASN B 1560 53.49 -63.73 70.63
CA ASN B 1560 54.63 -62.92 70.26
C ASN B 1560 55.89 -63.63 70.73
N VAL B 1561 56.75 -64.00 69.79
CA VAL B 1561 57.90 -64.87 70.08
C VAL B 1561 59.19 -64.08 70.12
N ILE B 1562 59.59 -63.50 68.99
CA ILE B 1562 60.85 -62.77 68.88
C ILE B 1562 60.63 -61.53 68.02
N GLN B 1563 61.66 -60.69 67.97
CA GLN B 1563 61.59 -59.46 67.18
C GLN B 1563 63.00 -59.04 66.81
N PHE B 1564 63.38 -59.24 65.55
CA PHE B 1564 64.67 -58.78 65.04
C PHE B 1564 64.71 -57.26 65.03
N GLU B 1565 65.45 -56.68 65.94
CA GLU B 1565 65.55 -55.23 66.09
C GLU B 1565 66.78 -54.78 65.34
N LEU B 1566 66.59 -53.92 64.34
CA LEU B 1566 67.71 -53.38 63.56
C LEU B 1566 68.17 -52.04 64.13
N GLY B 1567 68.55 -52.09 65.40
CA GLY B 1567 68.96 -50.89 66.12
C GLY B 1567 70.43 -50.61 66.03
N LYS B 1568 70.92 -49.83 66.98
CA LYS B 1568 72.30 -49.41 67.02
C LYS B 1568 72.65 -49.03 68.45
N GLN B 1569 73.95 -48.85 68.68
CA GLN B 1569 74.47 -48.43 69.97
C GLN B 1569 75.41 -47.25 69.73
N LYS B 1570 75.80 -46.59 70.81
CA LYS B 1570 76.66 -45.41 70.73
C LYS B 1570 78.00 -45.77 70.08
N ASN B 1571 78.39 -44.97 69.09
CA ASN B 1571 79.61 -45.13 68.29
C ASN B 1571 79.68 -46.48 67.59
N ILE B 1572 78.54 -47.13 67.36
CA ILE B 1572 78.44 -48.43 66.71
C ILE B 1572 77.46 -48.30 65.55
N MET B 1573 77.91 -48.63 64.35
CA MET B 1573 77.11 -48.51 63.13
C MET B 1573 76.10 -49.66 63.05
N PRO B 1574 74.85 -49.39 62.68
CA PRO B 1574 73.86 -50.46 62.54
C PRO B 1574 74.09 -51.29 61.29
N LEU B 1575 73.36 -52.41 61.21
CA LEU B 1575 73.50 -53.37 60.11
C LEU B 1575 73.09 -52.81 58.75
N SER B 1576 72.34 -51.70 58.73
CA SER B 1576 71.91 -51.10 57.47
C SER B 1576 73.09 -50.68 56.60
N ALA B 1577 74.21 -50.32 57.22
CA ALA B 1577 75.40 -50.03 56.45
C ALA B 1577 76.24 -51.27 56.19
N ALA B 1578 76.18 -52.26 57.08
CA ALA B 1578 76.96 -53.49 56.90
C ALA B 1578 76.42 -54.31 55.74
N MET B 1579 75.10 -54.32 55.55
CA MET B 1579 74.51 -55.14 54.49
C MET B 1579 74.74 -54.53 53.11
N PHE B 1580 74.60 -53.22 52.98
CA PHE B 1580 74.60 -52.54 51.70
C PHE B 1580 75.79 -51.61 51.59
N LEU B 1581 76.52 -51.71 50.47
CA LEU B 1581 77.66 -50.84 50.23
C LEU B 1581 77.23 -49.40 50.02
N SER B 1582 76.12 -49.19 49.32
CA SER B 1582 75.63 -47.85 49.01
C SER B 1582 75.24 -47.06 50.26
N GLU B 1583 74.92 -47.75 51.35
CA GLU B 1583 74.52 -47.12 52.60
C GLU B 1583 75.63 -47.16 53.65
N ARG B 1584 76.88 -47.45 53.25
CA ARG B 1584 78.00 -47.57 54.17
C ARG B 1584 78.31 -46.29 54.95
N LYS B 1585 77.91 -45.13 54.44
CA LYS B 1585 78.13 -43.87 55.12
C LYS B 1585 76.85 -43.32 55.72
N ASN B 1586 75.82 -44.16 55.89
CA ASN B 1586 74.55 -43.73 56.44
C ASN B 1586 74.42 -44.25 57.86
N PRO B 1587 74.49 -43.40 58.89
CA PRO B 1587 74.35 -43.90 60.27
C PRO B 1587 72.94 -44.28 60.64
N ALA B 1588 71.94 -43.73 59.94
CA ALA B 1588 70.54 -43.99 60.28
C ALA B 1588 70.17 -45.42 59.91
N PRO B 1589 69.63 -46.20 60.86
CA PRO B 1589 69.17 -47.55 60.53
C PRO B 1589 68.03 -47.53 59.51
N GLN B 1590 68.03 -48.53 58.63
CA GLN B 1590 67.04 -48.62 57.57
C GLN B 1590 66.76 -50.10 57.32
N CYS B 1591 65.54 -50.41 56.90
CA CYS B 1591 65.12 -51.77 56.58
C CYS B 1591 64.59 -51.80 55.16
N PRO B 1592 65.47 -51.87 54.16
CA PRO B 1592 65.03 -51.90 52.75
C PRO B 1592 64.24 -53.16 52.45
N PRO B 1593 63.36 -53.12 51.42
CA PRO B 1593 62.48 -54.27 51.16
C PRO B 1593 63.19 -55.57 50.79
N ARG B 1594 64.44 -55.53 50.31
CA ARG B 1594 65.14 -56.78 49.98
C ARG B 1594 65.38 -57.64 51.20
N LEU B 1595 65.74 -57.03 52.32
CA LEU B 1595 66.04 -57.79 53.54
C LEU B 1595 64.75 -58.33 54.13
N GLU B 1596 64.64 -59.65 54.22
CA GLU B 1596 63.44 -60.27 54.76
C GLU B 1596 63.83 -61.57 55.45
N VAL B 1597 63.04 -61.96 56.46
CA VAL B 1597 63.34 -63.13 57.25
C VAL B 1597 63.04 -64.40 56.46
N GLN B 1598 64.00 -65.32 56.45
CA GLN B 1598 63.90 -66.61 55.80
C GLN B 1598 63.76 -67.68 56.87
N MET B 1599 63.14 -68.80 56.48
CA MET B 1599 63.00 -69.95 57.36
C MET B 1599 63.37 -71.20 56.56
N LEU B 1600 63.75 -72.23 57.29
CA LEU B 1600 64.39 -73.40 56.71
C LEU B 1600 63.37 -74.52 56.56
N MET B 1601 62.88 -74.74 55.32
CA MET B 1601 62.12 -75.95 55.02
C MET B 1601 63.05 -77.07 54.60
N PRO B 1602 62.95 -78.24 55.23
CA PRO B 1602 63.94 -79.32 54.97
C PRO B 1602 63.96 -79.85 53.55
N VAL B 1603 62.82 -79.84 52.84
CA VAL B 1603 62.69 -80.51 51.57
C VAL B 1603 62.39 -79.47 50.50
N SER B 1604 63.15 -79.52 49.40
CA SER B 1604 62.90 -78.64 48.27
C SER B 1604 63.08 -79.44 47.00
N TRP B 1605 62.46 -78.99 45.91
CA TRP B 1605 62.55 -79.72 44.67
C TRP B 1605 63.92 -79.57 44.02
N SER B 1606 64.31 -80.58 43.23
CA SER B 1606 65.60 -80.53 42.56
C SER B 1606 65.53 -81.32 41.28
N ARG B 1607 66.54 -81.11 40.43
CA ARG B 1607 66.61 -81.69 39.10
C ARG B 1607 67.73 -82.72 39.02
N MET B 1608 67.43 -83.89 38.46
CA MET B 1608 68.59 -84.74 38.26
C MET B 1608 69.13 -84.56 36.85
N PRO B 1609 70.46 -84.62 36.69
CA PRO B 1609 71.06 -84.45 35.36
C PRO B 1609 70.63 -85.56 34.41
N ASN B 1610 70.59 -85.23 33.12
CA ASN B 1610 70.24 -86.21 32.11
C ASN B 1610 71.35 -87.22 31.85
N HIS B 1611 72.55 -86.99 32.38
CA HIS B 1611 73.65 -87.92 32.24
C HIS B 1611 74.36 -88.04 33.57
N PHE B 1612 75.01 -89.18 33.78
CA PHE B 1612 75.70 -89.47 35.02
C PHE B 1612 77.08 -90.03 34.70
N LEU B 1613 77.98 -89.88 35.67
CA LEU B 1613 79.34 -90.38 35.52
C LEU B 1613 79.35 -91.91 35.50
N GLN B 1614 80.36 -92.46 34.82
CA GLN B 1614 80.54 -93.89 34.70
C GLN B 1614 81.79 -94.27 35.50
N VAL B 1615 81.58 -95.02 36.57
CA VAL B 1615 82.63 -95.38 37.51
C VAL B 1615 82.75 -96.89 37.53
N GLU B 1616 83.99 -97.40 37.41
CA GLU B 1616 84.28 -98.82 37.50
C GLU B 1616 84.94 -99.10 38.83
N THR B 1617 84.20 -99.78 39.71
CA THR B 1617 84.68 -100.16 41.04
C THR B 1617 84.82 -101.67 41.08
N ARG B 1618 86.02 -102.15 41.38
CA ARG B 1618 86.25 -103.60 41.39
C ARG B 1618 87.45 -103.89 42.27
N ARG B 1619 87.60 -105.16 42.64
CA ARG B 1619 88.75 -105.58 43.45
C ARG B 1619 89.86 -105.98 42.50
N ALA B 1620 90.84 -105.09 42.30
CA ALA B 1620 91.95 -105.36 41.40
C ALA B 1620 92.84 -106.50 41.90
N GLY B 1621 92.88 -106.74 43.20
CA GLY B 1621 93.67 -107.81 43.75
C GLY B 1621 93.75 -107.69 45.25
N GLU B 1622 94.21 -108.78 45.87
CA GLU B 1622 94.35 -108.80 47.33
C GLU B 1622 95.40 -107.80 47.79
N ARG B 1623 96.56 -107.80 47.14
CA ARG B 1623 97.57 -106.78 47.38
C ARG B 1623 97.22 -105.47 46.68
N LEU B 1624 96.61 -105.56 45.50
CA LEU B 1624 96.25 -104.38 44.73
C LEU B 1624 95.09 -103.62 45.36
N GLY B 1625 94.31 -104.25 46.23
CA GLY B 1625 93.20 -103.54 46.83
C GLY B 1625 92.07 -103.37 45.83
N TRP B 1626 91.20 -102.40 46.14
CA TRP B 1626 90.05 -102.11 45.30
C TRP B 1626 90.31 -100.91 44.39
N ALA B 1627 90.10 -101.08 43.09
CA ALA B 1627 90.42 -100.06 42.12
C ALA B 1627 89.15 -99.36 41.66
N VAL B 1628 89.21 -98.03 41.64
CA VAL B 1628 88.18 -97.12 41.17
C VAL B 1628 88.69 -96.43 39.92
N GLN B 1629 87.89 -96.45 38.86
CA GLN B 1629 88.27 -95.90 37.57
C GLN B 1629 87.18 -94.98 37.07
N CYS B 1630 87.55 -93.79 36.59
CA CYS B 1630 86.57 -92.87 36.02
C CYS B 1630 87.30 -91.93 35.10
N GLN B 1631 86.98 -91.98 33.80
CA GLN B 1631 87.75 -91.23 32.81
C GLN B 1631 86.90 -90.33 31.93
N ASP B 1632 85.64 -90.70 31.70
CA ASP B 1632 84.77 -89.94 30.79
C ASP B 1632 84.41 -88.60 31.42
N PRO B 1633 84.75 -87.47 30.79
CA PRO B 1633 84.45 -86.17 31.38
C PRO B 1633 83.02 -85.74 31.16
N LEU B 1634 82.45 -85.07 32.16
CA LEU B 1634 81.12 -84.49 32.06
C LEU B 1634 81.15 -83.13 32.72
N THR B 1635 80.59 -82.12 32.06
CA THR B 1635 80.62 -80.75 32.53
C THR B 1635 79.22 -80.17 32.48
N MET B 1636 78.89 -79.31 33.45
CA MET B 1636 77.60 -78.66 33.51
C MET B 1636 77.79 -77.17 33.75
N MET B 1637 76.84 -76.38 33.25
CA MET B 1637 76.84 -74.94 33.43
C MET B 1637 76.13 -74.58 34.73
N ALA B 1638 76.85 -73.98 35.66
CA ALA B 1638 76.33 -73.66 36.99
C ALA B 1638 76.09 -72.17 37.11
N LEU B 1639 74.89 -71.79 37.54
CA LEU B 1639 74.51 -70.42 37.81
C LEU B 1639 74.69 -70.18 39.30
N HIS B 1640 75.68 -69.35 39.64
CA HIS B 1640 76.04 -69.12 41.02
C HIS B 1640 75.40 -67.85 41.57
N ILE B 1641 74.58 -68.00 42.60
CA ILE B 1641 74.03 -66.88 43.35
C ILE B 1641 75.14 -66.41 44.28
N PRO B 1642 75.58 -65.14 44.13
CA PRO B 1642 76.73 -64.64 44.89
C PRO B 1642 76.49 -64.49 46.38
N GLU B 1643 75.38 -63.80 46.75
CA GLU B 1643 75.14 -63.44 48.14
C GLU B 1643 74.87 -64.68 48.99
N GLU B 1644 74.27 -65.71 48.41
CA GLU B 1644 74.03 -66.93 49.14
C GLU B 1644 75.16 -67.92 48.95
N ASN B 1645 76.13 -67.57 48.08
CA ASN B 1645 77.34 -68.34 47.80
C ASN B 1645 76.99 -69.77 47.39
N ARG B 1646 75.92 -69.92 46.63
CA ARG B 1646 75.55 -71.26 46.17
C ARG B 1646 75.17 -71.25 44.71
N CYS B 1647 75.40 -72.36 44.04
CA CYS B 1647 75.14 -72.45 42.61
C CYS B 1647 74.19 -73.59 42.31
N MET B 1648 73.34 -73.37 41.33
CA MET B 1648 72.36 -74.35 40.86
C MET B 1648 72.52 -74.55 39.36
N ASP B 1649 72.03 -75.69 38.89
CA ASP B 1649 72.09 -76.01 37.47
C ASP B 1649 71.29 -74.99 36.68
N ILE B 1650 71.80 -74.64 35.50
CA ILE B 1650 71.16 -73.68 34.63
C ILE B 1650 69.83 -74.22 34.10
N LEU B 1651 69.74 -75.54 33.91
CA LEU B 1651 68.53 -76.17 33.41
C LEU B 1651 67.37 -76.07 34.41
N GLU B 1652 67.67 -75.84 35.70
CA GLU B 1652 66.63 -75.68 36.71
C GLU B 1652 65.80 -74.42 36.46
N LEU B 1653 66.36 -73.44 35.72
CA LEU B 1653 65.62 -72.22 35.45
C LEU B 1653 64.43 -72.45 34.53
N SER B 1654 64.33 -73.62 33.90
CA SER B 1654 63.14 -73.99 33.14
C SER B 1654 61.93 -74.17 34.03
N GLU B 1655 62.14 -74.29 35.35
CA GLU B 1655 61.08 -74.36 36.34
C GLU B 1655 61.06 -73.13 37.22
N ARG B 1656 62.23 -72.58 37.52
CA ARG B 1656 62.29 -71.36 38.34
C ARG B 1656 62.09 -70.16 37.41
N LEU B 1657 60.82 -69.91 37.09
CA LEU B 1657 60.44 -68.83 36.18
C LEU B 1657 60.81 -67.45 36.72
N ASP B 1658 60.89 -67.30 38.04
CA ASP B 1658 61.30 -66.04 38.65
C ASP B 1658 62.75 -65.70 38.29
N LEU B 1659 63.63 -66.69 38.36
CA LEU B 1659 65.04 -66.46 38.05
C LEU B 1659 65.29 -66.39 36.56
N GLN B 1660 64.51 -67.15 35.77
CA GLN B 1660 64.71 -67.20 34.33
C GLN B 1660 64.47 -65.86 33.67
N ARG B 1661 63.39 -65.17 34.06
CA ARG B 1661 63.06 -63.89 33.46
C ARG B 1661 64.13 -62.85 33.75
N PHE B 1662 64.62 -62.85 35.00
CA PHE B 1662 65.64 -61.91 35.42
C PHE B 1662 66.94 -62.16 34.67
N HIS B 1663 67.36 -63.43 34.58
CA HIS B 1663 68.62 -63.71 33.90
C HIS B 1663 68.52 -63.46 32.40
N SER B 1664 67.34 -63.69 31.80
CA SER B 1664 67.13 -63.35 30.40
C SER B 1664 67.29 -61.85 30.18
N HIS B 1665 66.72 -61.05 31.09
CA HIS B 1665 66.91 -59.61 31.02
C HIS B 1665 68.37 -59.24 31.26
N THR B 1666 69.07 -60.01 32.10
CA THR B 1666 70.49 -59.77 32.34
C THR B 1666 71.28 -59.95 31.06
N LEU B 1667 70.95 -61.00 30.30
CA LEU B 1667 71.61 -61.22 29.01
C LEU B 1667 71.27 -60.12 28.03
N ARG B 1668 70.06 -59.57 28.13
CA ARG B 1668 69.68 -58.43 27.30
C ARG B 1668 70.55 -57.22 27.63
N LEU B 1669 70.80 -57.01 28.92
CA LEU B 1669 71.67 -55.92 29.35
C LEU B 1669 73.10 -56.13 28.87
N TYR B 1670 73.57 -57.38 28.90
CA TYR B 1670 74.90 -57.69 28.39
C TYR B 1670 75.00 -57.39 26.90
N ARG B 1671 73.92 -57.60 26.15
CA ARG B 1671 73.92 -57.18 24.76
C ARG B 1671 73.86 -55.66 24.63
N ALA B 1672 73.17 -55.00 25.57
CA ALA B 1672 72.96 -53.56 25.48
C ALA B 1672 74.25 -52.79 25.73
N VAL B 1673 75.02 -53.21 26.73
CA VAL B 1673 76.25 -52.49 27.06
C VAL B 1673 77.28 -52.63 25.93
N CYS B 1674 77.32 -53.77 25.26
CA CYS B 1674 78.23 -54.00 24.14
C CYS B 1674 77.61 -53.63 22.80
N ALA B 1675 76.41 -53.06 22.79
CA ALA B 1675 75.72 -52.76 21.54
C ALA B 1675 76.39 -51.61 20.81
N LEU B 1676 76.35 -51.69 19.47
CA LEU B 1676 76.82 -50.66 18.54
C LEU B 1676 78.31 -50.35 18.70
N GLY B 1677 79.12 -51.41 18.58
CA GLY B 1677 80.56 -51.29 18.47
C GLY B 1677 81.27 -50.72 19.68
N ASN B 1678 80.86 -51.13 20.88
CA ASN B 1678 81.57 -50.78 22.11
C ASN B 1678 82.55 -51.91 22.44
N ASN B 1679 83.54 -52.07 21.56
CA ASN B 1679 84.45 -53.22 21.62
C ASN B 1679 85.27 -53.24 22.90
N ARG B 1680 85.50 -52.06 23.50
CA ARG B 1680 86.21 -51.97 24.76
C ARG B 1680 85.43 -52.68 25.87
N VAL B 1681 84.12 -52.44 25.93
CA VAL B 1681 83.28 -53.12 26.90
C VAL B 1681 83.13 -54.59 26.51
N ALA B 1682 83.06 -54.86 25.19
CA ALA B 1682 82.90 -56.22 24.70
C ALA B 1682 84.05 -57.11 25.15
N HIS B 1683 85.26 -56.55 25.22
CA HIS B 1683 86.39 -57.32 25.74
C HIS B 1683 86.24 -57.59 27.23
N ALA B 1684 85.65 -56.64 27.96
CA ALA B 1684 85.42 -56.82 29.39
C ALA B 1684 84.43 -57.95 29.65
N LEU B 1685 83.40 -58.04 28.82
CA LEU B 1685 82.38 -59.07 29.00
C LEU B 1685 82.89 -60.48 28.76
N CYS B 1686 84.03 -60.62 28.07
CA CYS B 1686 84.63 -61.93 27.84
C CYS B 1686 85.05 -62.61 29.14
N SER B 1687 85.34 -61.81 30.17
CA SER B 1687 85.67 -62.37 31.47
C SER B 1687 84.43 -63.00 32.11
N HIS B 1688 83.32 -62.28 32.10
CA HIS B 1688 82.08 -62.77 32.71
C HIS B 1688 81.53 -63.97 31.97
N VAL B 1689 81.38 -63.87 30.65
CA VAL B 1689 80.97 -65.01 29.84
C VAL B 1689 82.08 -65.33 28.85
N ASP B 1690 82.57 -66.57 28.89
CA ASP B 1690 83.75 -66.90 28.12
C ASP B 1690 83.36 -67.63 26.83
N GLN B 1691 84.39 -68.00 26.07
CA GLN B 1691 84.20 -68.74 24.84
C GLN B 1691 83.66 -70.14 25.12
N ALA B 1692 84.18 -70.81 26.16
CA ALA B 1692 83.77 -72.18 26.45
C ALA B 1692 82.30 -72.22 26.84
N GLN B 1693 81.87 -71.25 27.66
CA GLN B 1693 80.47 -71.19 28.08
C GLN B 1693 79.56 -70.94 26.90
N LEU B 1694 79.91 -69.97 26.04
CA LEU B 1694 79.03 -69.64 24.92
C LEU B 1694 78.92 -70.81 23.93
N LEU B 1695 80.04 -71.44 23.59
CA LEU B 1695 80.00 -72.60 22.70
C LEU B 1695 79.25 -73.78 23.29
N HIS B 1696 79.40 -74.02 24.60
CA HIS B 1696 78.63 -75.11 25.20
C HIS B 1696 77.14 -74.75 25.25
N ALA B 1697 76.83 -73.48 25.52
CA ALA B 1697 75.44 -73.04 25.62
C ALA B 1697 74.74 -73.13 24.27
N LEU B 1698 75.50 -73.06 23.16
CA LEU B 1698 74.86 -73.26 21.86
C LEU B 1698 74.34 -74.69 21.74
N GLU B 1699 75.14 -75.66 22.19
CA GLU B 1699 74.80 -77.07 22.01
C GLU B 1699 73.90 -77.60 23.11
N ASP B 1700 73.71 -76.85 24.19
CA ASP B 1700 72.87 -77.32 25.30
C ASP B 1700 71.42 -77.37 24.84
N ALA B 1701 70.94 -78.58 24.56
CA ALA B 1701 69.60 -78.75 24.00
C ALA B 1701 68.48 -78.58 25.01
N HIS B 1702 68.76 -78.67 26.30
CA HIS B 1702 67.72 -78.57 27.31
C HIS B 1702 67.59 -77.18 27.90
N LEU B 1703 68.31 -76.20 27.34
CA LEU B 1703 68.21 -74.84 27.82
C LEU B 1703 66.84 -74.26 27.48
N PRO B 1704 66.30 -73.38 28.33
CA PRO B 1704 65.01 -72.75 28.02
C PRO B 1704 65.10 -71.84 26.80
N GLY B 1705 63.91 -71.39 26.36
CA GLY B 1705 63.75 -70.56 25.19
C GLY B 1705 64.45 -69.23 25.26
N PRO B 1706 63.99 -68.33 26.16
CA PRO B 1706 64.60 -66.99 26.26
C PRO B 1706 66.08 -67.03 26.58
N LEU B 1707 66.51 -67.98 27.43
CA LEU B 1707 67.92 -68.08 27.78
C LEU B 1707 68.74 -68.51 26.58
N ARG B 1708 68.22 -69.45 25.78
CA ARG B 1708 68.93 -69.93 24.60
C ARG B 1708 69.08 -68.83 23.57
N ALA B 1709 67.99 -68.10 23.31
CA ALA B 1709 68.03 -67.00 22.35
C ALA B 1709 68.92 -65.88 22.85
N GLY B 1710 68.87 -65.58 24.15
CA GLY B 1710 69.72 -64.56 24.73
C GLY B 1710 71.20 -64.89 24.61
N TYR B 1711 71.55 -66.16 24.85
CA TYR B 1711 72.95 -66.57 24.73
C TYR B 1711 73.43 -66.53 23.29
N TYR B 1712 72.59 -66.93 22.33
CA TYR B 1712 72.96 -66.86 20.92
C TYR B 1712 73.16 -65.42 20.46
N ASP B 1713 72.21 -64.55 20.82
CA ASP B 1713 72.32 -63.15 20.45
C ASP B 1713 73.43 -62.45 21.20
N LEU B 1714 73.79 -62.96 22.39
CA LEU B 1714 74.94 -62.40 23.09
C LEU B 1714 76.23 -62.77 22.40
N LEU B 1715 76.33 -64.01 21.92
CA LEU B 1715 77.52 -64.46 21.20
C LEU B 1715 77.71 -63.62 19.95
N ILE B 1716 76.61 -63.36 19.24
CA ILE B 1716 76.63 -62.55 18.04
C ILE B 1716 77.06 -61.12 18.37
N SER B 1717 76.53 -60.57 19.47
CA SER B 1717 76.83 -59.19 19.83
C SER B 1717 78.28 -59.01 20.25
N ILE B 1718 78.81 -59.96 21.04
CA ILE B 1718 80.18 -59.85 21.55
C ILE B 1718 81.18 -60.01 20.41
N HIS B 1719 80.99 -61.00 19.56
CA HIS B 1719 82.06 -61.39 18.65
C HIS B 1719 81.82 -61.05 17.18
N LEU B 1720 80.59 -60.86 16.76
CA LEU B 1720 80.28 -60.81 15.34
C LEU B 1720 79.60 -59.54 14.86
N GLU B 1721 78.84 -58.86 15.71
CA GLU B 1721 77.96 -57.77 15.25
C GLU B 1721 78.71 -56.59 14.64
N SER B 1722 79.82 -56.14 15.25
CA SER B 1722 80.56 -55.00 14.72
C SER B 1722 81.15 -55.28 13.35
N ALA B 1723 81.77 -56.45 13.20
CA ALA B 1723 82.37 -56.85 11.92
C ALA B 1723 81.29 -57.05 10.88
N CYS B 1724 80.16 -57.65 11.28
CA CYS B 1724 79.07 -57.91 10.35
C CYS B 1724 78.49 -56.58 9.87
N ARG B 1725 78.34 -55.62 10.78
CA ARG B 1725 77.74 -54.33 10.46
C ARG B 1725 78.60 -53.58 9.45
N SER B 1726 79.90 -53.47 9.75
CA SER B 1726 80.82 -52.76 8.87
C SER B 1726 80.93 -53.44 7.51
N ARG B 1727 81.00 -54.78 7.50
CA ARG B 1727 81.09 -55.50 6.24
C ARG B 1727 79.80 -55.33 5.45
N ARG B 1728 78.66 -55.30 6.16
CA ARG B 1728 77.36 -55.17 5.52
C ARG B 1728 77.27 -53.83 4.81
N SER B 1729 77.78 -52.77 5.46
CA SER B 1729 77.78 -51.47 4.82
C SER B 1729 78.69 -51.49 3.59
N MET B 1730 79.82 -52.20 3.69
CA MET B 1730 80.74 -52.31 2.57
C MET B 1730 80.19 -53.12 1.40
N LEU B 1731 79.15 -53.93 1.62
CA LEU B 1731 78.59 -54.73 0.52
C LEU B 1731 77.79 -53.89 -0.47
N SER B 1732 77.37 -52.69 -0.09
CA SER B 1732 76.59 -51.87 -1.02
C SER B 1732 77.43 -51.26 -2.13
N GLU B 1733 78.75 -51.29 -2.03
CA GLU B 1733 79.62 -50.74 -3.06
C GLU B 1733 80.40 -51.85 -3.73
N TYR B 1734 80.67 -51.67 -5.02
CA TYR B 1734 81.33 -52.68 -5.85
C TYR B 1734 82.53 -52.05 -6.53
N ILE B 1735 83.68 -52.07 -5.85
CA ILE B 1735 84.95 -51.64 -6.41
C ILE B 1735 85.66 -52.89 -6.93
N VAL B 1736 85.67 -53.07 -8.24
CA VAL B 1736 86.17 -54.29 -8.86
C VAL B 1736 87.56 -54.01 -9.45
N PRO B 1737 88.63 -54.53 -8.86
CA PRO B 1737 89.96 -54.37 -9.46
C PRO B 1737 90.13 -55.23 -10.71
N LEU B 1738 91.04 -54.79 -11.57
CA LEU B 1738 91.33 -55.47 -12.84
C LEU B 1738 92.49 -56.43 -12.62
N THR B 1739 92.15 -57.68 -12.34
CA THR B 1739 93.07 -58.77 -12.04
C THR B 1739 92.74 -59.97 -12.92
N PRO B 1740 93.70 -60.89 -13.14
CA PRO B 1740 93.38 -62.11 -13.93
C PRO B 1740 92.26 -62.94 -13.32
N GLU B 1741 92.18 -63.00 -12.00
CA GLU B 1741 91.06 -63.67 -11.37
C GLU B 1741 89.76 -62.93 -11.64
N THR B 1742 89.81 -61.60 -11.74
CA THR B 1742 88.61 -60.88 -12.17
C THR B 1742 88.29 -61.25 -13.62
N ARG B 1743 89.33 -61.42 -14.45
CA ARG B 1743 89.12 -61.77 -15.85
CA ARG B 1743 89.11 -61.76 -15.85
C ARG B 1743 88.46 -63.12 -16.01
N ALA B 1744 88.68 -64.03 -15.06
CA ALA B 1744 88.08 -65.35 -15.15
C ALA B 1744 86.58 -65.37 -14.85
N ILE B 1745 86.02 -64.25 -14.37
CA ILE B 1745 84.61 -64.20 -13.98
C ILE B 1745 83.73 -64.28 -15.22
N THR B 1746 82.74 -65.17 -15.19
CA THR B 1746 81.78 -65.35 -16.28
C THR B 1746 80.38 -65.40 -15.69
N LEU B 1747 79.40 -65.06 -16.54
CA LEU B 1747 78.00 -65.12 -16.16
C LEU B 1747 77.56 -66.53 -15.82
N PHE B 1748 78.01 -67.51 -16.60
CA PHE B 1748 77.64 -68.89 -16.38
C PHE B 1748 78.90 -69.74 -16.26
N PRO B 1749 78.83 -70.83 -15.50
CA PRO B 1749 79.96 -71.75 -15.48
C PRO B 1749 80.15 -72.37 -16.82
N PRO B 1750 81.39 -72.75 -17.19
CA PRO B 1750 81.63 -73.39 -18.49
C PRO B 1750 80.92 -74.72 -18.64
N GLY B 1751 79.94 -74.74 -19.53
CA GLY B 1751 79.10 -75.92 -19.71
C GLY B 1751 78.74 -76.17 -21.15
N ARG B 1752 77.80 -77.08 -21.36
CA ARG B 1752 77.40 -77.48 -22.71
C ARG B 1752 75.88 -77.64 -22.85
N LYS B 1753 75.11 -76.97 -22.00
CA LYS B 1753 73.66 -77.08 -22.05
C LYS B 1753 73.09 -76.44 -23.32
N GLY B 1754 73.34 -75.15 -23.51
CA GLY B 1754 72.80 -74.45 -24.67
C GLY B 1754 73.65 -73.25 -25.05
N GLY B 1755 73.49 -72.84 -26.31
CA GLY B 1755 74.23 -71.69 -26.81
C GLY B 1755 73.82 -70.38 -26.15
N ASN B 1756 72.51 -70.20 -25.95
CA ASN B 1756 72.01 -68.97 -25.32
C ASN B 1756 72.48 -68.86 -23.87
N ALA B 1757 72.28 -69.92 -23.09
CA ALA B 1757 72.70 -69.96 -21.70
C ALA B 1757 72.73 -71.40 -21.23
N ARG B 1758 73.42 -71.61 -20.13
CA ARG B 1758 73.50 -72.89 -19.45
C ARG B 1758 72.70 -72.80 -18.15
N ARG B 1759 72.70 -73.89 -17.39
CA ARG B 1759 72.06 -73.87 -16.09
C ARG B 1759 72.78 -72.90 -15.16
N HIS B 1760 71.99 -72.22 -14.33
CA HIS B 1760 72.53 -71.17 -13.47
C HIS B 1760 73.52 -71.75 -12.46
N GLY B 1761 74.65 -71.04 -12.28
CA GLY B 1761 75.60 -71.45 -11.28
C GLY B 1761 75.05 -71.32 -9.87
N LEU B 1762 75.62 -72.11 -8.98
CA LEU B 1762 75.17 -72.14 -7.59
C LEU B 1762 75.49 -70.82 -6.91
N PRO B 1763 74.50 -70.14 -6.32
CA PRO B 1763 74.76 -68.85 -5.66
C PRO B 1763 75.71 -68.98 -4.48
N GLY B 1764 76.56 -67.98 -4.32
CA GLY B 1764 77.56 -67.98 -3.27
C GLY B 1764 78.73 -68.90 -3.51
N VAL B 1765 78.78 -69.58 -4.65
CA VAL B 1765 79.84 -70.53 -4.99
C VAL B 1765 80.66 -69.92 -6.11
N GLY B 1766 81.97 -69.87 -5.92
CA GLY B 1766 82.87 -69.30 -6.89
C GLY B 1766 83.81 -68.34 -6.22
N VAL B 1767 84.36 -67.44 -7.03
CA VAL B 1767 85.30 -66.43 -6.55
C VAL B 1767 84.68 -65.06 -6.75
N THR B 1768 84.84 -64.18 -5.77
CA THR B 1768 84.39 -62.80 -5.85
C THR B 1768 85.59 -61.91 -5.60
N THR B 1769 85.91 -61.07 -6.58
CA THR B 1769 87.07 -60.19 -6.49
C THR B 1769 86.72 -58.79 -6.02
N SER B 1770 85.44 -58.54 -5.70
CA SER B 1770 85.03 -57.24 -5.18
C SER B 1770 85.74 -56.91 -3.88
N LEU B 1771 86.16 -55.67 -3.75
CA LEU B 1771 86.97 -55.26 -2.61
C LEU B 1771 86.09 -55.15 -1.37
N ARG B 1772 86.46 -55.89 -0.33
CA ARG B 1772 85.81 -55.82 0.96
C ARG B 1772 86.93 -55.86 1.99
N PRO B 1773 86.91 -54.97 2.97
CA PRO B 1773 87.97 -54.93 3.98
C PRO B 1773 87.99 -56.19 4.82
N PRO B 1774 89.18 -56.69 5.17
CA PRO B 1774 89.26 -57.86 6.04
C PRO B 1774 88.89 -57.47 7.46
N HIS B 1775 88.36 -58.45 8.18
CA HIS B 1775 87.97 -58.20 9.57
C HIS B 1775 89.22 -58.07 10.43
N HIS B 1776 89.06 -57.40 11.57
CA HIS B 1776 90.14 -57.22 12.52
C HIS B 1776 89.68 -57.71 13.88
N PHE B 1777 90.50 -58.54 14.52
CA PHE B 1777 90.16 -59.08 15.82
C PHE B 1777 91.37 -59.03 16.74
N SER B 1778 91.11 -58.70 18.00
CA SER B 1778 92.11 -58.68 19.05
C SER B 1778 91.76 -59.78 20.03
N PRO B 1779 92.65 -60.74 20.28
CA PRO B 1779 92.35 -61.81 21.25
C PRO B 1779 92.10 -61.24 22.63
N PRO B 1780 91.13 -61.77 23.36
CA PRO B 1780 90.78 -61.20 24.67
C PRO B 1780 91.78 -61.62 25.74
N CYS B 1781 92.53 -60.65 26.23
CA CYS B 1781 93.51 -60.88 27.27
C CYS B 1781 93.35 -59.85 28.37
N PHE B 1782 93.51 -60.29 29.61
CA PHE B 1782 93.40 -59.44 30.78
C PHE B 1782 94.66 -59.41 31.64
N VAL B 1783 95.60 -60.32 31.42
CA VAL B 1783 96.85 -60.30 32.16
C VAL B 1783 97.83 -59.28 31.60
N ALA B 1784 97.57 -58.78 30.39
CA ALA B 1784 98.43 -57.79 29.77
C ALA B 1784 98.42 -56.49 30.58
N ALA B 1785 99.58 -55.80 30.57
CA ALA B 1785 99.76 -54.59 31.34
C ALA B 1785 98.83 -53.48 30.84
N LEU B 1786 98.41 -52.63 31.79
CA LEU B 1786 97.57 -51.49 31.45
C LEU B 1786 98.34 -50.53 30.55
N PRO B 1787 97.81 -50.16 29.39
CA PRO B 1787 98.53 -49.28 28.46
C PRO B 1787 98.83 -47.92 29.07
N ALA B 1788 100.03 -47.41 28.78
CA ALA B 1788 100.42 -46.09 29.25
C ALA B 1788 99.64 -44.98 28.56
N ALA B 1789 99.11 -45.23 27.36
CA ALA B 1789 98.34 -44.24 26.65
C ALA B 1789 97.00 -44.00 27.35
N GLY B 1790 96.55 -42.75 27.33
CA GLY B 1790 95.29 -42.39 27.95
C GLY B 1790 94.13 -42.48 26.98
N VAL B 1791 92.95 -42.07 27.47
CA VAL B 1791 91.75 -42.07 26.65
C VAL B 1791 91.88 -41.00 25.56
N ALA B 1792 91.13 -41.21 24.46
CA ALA B 1792 91.06 -40.34 23.28
C ALA B 1792 92.39 -40.22 22.53
N GLU B 1793 93.39 -41.02 22.88
CA GLU B 1793 94.67 -41.02 22.18
C GLU B 1793 95.07 -42.44 21.84
N ALA B 1794 94.67 -43.40 22.67
CA ALA B 1794 94.95 -44.80 22.40
C ALA B 1794 94.10 -45.30 21.22
N PRO B 1795 94.61 -46.27 20.45
CA PRO B 1795 93.81 -46.82 19.33
C PRO B 1795 92.56 -47.54 19.81
N ALA B 1796 91.53 -47.48 18.96
CA ALA B 1796 90.24 -48.09 19.28
C ALA B 1796 90.34 -49.61 19.38
N ARG B 1797 89.64 -50.18 20.34
CA ARG B 1797 89.64 -51.61 20.56
C ARG B 1797 88.95 -52.33 19.40
N LEU B 1798 89.44 -53.53 19.10
CA LEU B 1798 88.86 -54.38 18.08
C LEU B 1798 87.92 -55.40 18.74
N SER B 1799 87.16 -56.10 17.90
CA SER B 1799 86.26 -57.12 18.42
C SER B 1799 87.06 -58.31 18.98
N PRO B 1800 86.61 -58.89 20.09
CA PRO B 1800 87.28 -60.08 20.63
C PRO B 1800 87.27 -61.25 19.65
N ALA B 1801 88.37 -62.00 19.64
CA ALA B 1801 88.49 -63.09 18.69
C ALA B 1801 87.78 -64.34 19.18
N ILE B 1802 87.50 -65.24 18.25
CA ILE B 1802 86.85 -66.52 18.50
C ILE B 1802 87.12 -67.43 17.30
N PRO B 1803 87.41 -68.74 17.50
CA PRO B 1803 87.62 -69.63 16.35
C PRO B 1803 86.42 -69.72 15.41
N LEU B 1804 86.62 -69.20 14.20
CA LEU B 1804 85.51 -69.11 13.25
C LEU B 1804 85.32 -70.37 12.44
N GLU B 1805 86.39 -71.09 12.11
CA GLU B 1805 86.25 -72.37 11.44
C GLU B 1805 85.52 -73.37 12.31
N ALA B 1806 85.86 -73.40 13.61
CA ALA B 1806 85.15 -74.22 14.57
C ALA B 1806 83.71 -73.76 14.72
N LEU B 1807 83.49 -72.44 14.75
CA LEU B 1807 82.13 -71.92 14.91
C LEU B 1807 81.26 -72.28 13.71
N ARG B 1808 81.79 -72.16 12.49
CA ARG B 1808 81.00 -72.47 11.31
C ARG B 1808 80.74 -73.97 11.19
N ASP B 1809 81.70 -74.81 11.60
CA ASP B 1809 81.46 -76.25 11.55
C ASP B 1809 80.41 -76.66 12.57
N LYS B 1810 80.46 -76.07 13.77
CA LYS B 1810 79.46 -76.33 14.79
C LYS B 1810 78.09 -75.88 14.33
N ALA B 1811 78.02 -74.70 13.68
CA ALA B 1811 76.76 -74.18 13.16
C ALA B 1811 76.16 -75.08 12.10
N LEU B 1812 76.99 -75.58 11.17
CA LEU B 1812 76.49 -76.53 10.15
C LEU B 1812 76.01 -77.82 10.76
N ARG B 1813 76.75 -78.36 11.74
CA ARG B 1813 76.34 -79.58 12.43
C ARG B 1813 75.04 -79.39 13.18
N MET B 1814 74.92 -78.27 13.89
CA MET B 1814 73.75 -78.01 14.73
C MET B 1814 72.53 -77.79 13.86
N LEU B 1815 72.72 -77.04 12.77
CA LEU B 1815 71.60 -76.78 11.86
C LEU B 1815 71.13 -78.08 11.24
N GLY B 1816 72.05 -78.99 10.91
CA GLY B 1816 71.65 -80.30 10.40
C GLY B 1816 70.85 -81.08 11.41
N GLU B 1817 71.24 -80.98 12.69
CA GLU B 1817 70.49 -81.65 13.75
C GLU B 1817 69.09 -81.08 13.87
N ALA B 1818 68.97 -79.74 13.79
CA ALA B 1818 67.68 -79.10 13.91
C ALA B 1818 66.78 -79.47 12.73
N VAL B 1819 67.34 -79.50 11.52
CA VAL B 1819 66.55 -79.79 10.32
C VAL B 1819 66.01 -81.22 10.38
N ARG B 1820 66.88 -82.18 10.73
CA ARG B 1820 66.42 -83.56 10.85
C ARG B 1820 65.40 -83.70 11.97
N ASP B 1821 65.60 -83.01 13.09
CA ASP B 1821 64.62 -83.04 14.17
C ASP B 1821 63.30 -82.44 13.73
N GLY B 1822 63.36 -81.46 12.82
CA GLY B 1822 62.15 -80.89 12.26
C GLY B 1822 61.39 -81.92 11.46
N GLY B 1823 62.12 -82.72 10.68
CA GLY B 1823 61.48 -83.77 9.93
C GLY B 1823 60.98 -84.92 10.77
N GLN B 1824 61.52 -85.08 11.99
CA GLN B 1824 61.03 -86.15 12.86
C GLN B 1824 59.65 -85.88 13.44
N HIS B 1825 59.16 -84.63 13.38
CA HIS B 1825 57.89 -84.20 13.99
C HIS B 1825 57.86 -84.51 15.48
N ALA B 1826 58.99 -84.31 16.14
CA ALA B 1826 59.13 -84.58 17.57
C ALA B 1826 58.29 -83.63 18.40
N ARG B 1827 57.80 -84.15 19.53
CA ARG B 1827 56.96 -83.38 20.45
C ARG B 1827 57.77 -82.66 21.51
N ASP B 1828 59.09 -82.71 21.46
CA ASP B 1828 59.96 -82.01 22.40
C ASP B 1828 61.00 -81.18 21.63
N PRO B 1829 60.58 -80.07 21.02
CA PRO B 1829 61.54 -79.24 20.28
C PRO B 1829 62.56 -78.59 21.20
N VAL B 1830 63.76 -78.35 20.64
CA VAL B 1830 64.83 -77.74 21.40
C VAL B 1830 64.45 -76.32 21.79
N GLY B 1831 64.61 -76.00 23.07
CA GLY B 1831 64.25 -74.69 23.57
C GLY B 1831 62.79 -74.53 23.96
N GLY B 1832 61.94 -75.48 23.59
CA GLY B 1832 60.54 -75.46 23.95
C GLY B 1832 59.60 -75.16 22.81
N SER B 1833 60.11 -74.73 21.65
CA SER B 1833 59.24 -74.42 20.52
C SER B 1833 60.06 -74.50 19.25
N VAL B 1834 59.34 -74.54 18.11
CA VAL B 1834 59.98 -74.53 16.80
C VAL B 1834 60.72 -73.22 16.59
N GLU B 1835 60.10 -72.10 17.01
CA GLU B 1835 60.72 -70.79 16.89
C GLU B 1835 62.01 -70.73 17.70
N PHE B 1836 61.97 -71.18 18.96
CA PHE B 1836 63.17 -71.17 19.78
C PHE B 1836 64.20 -72.18 19.30
N GLN B 1837 63.79 -73.15 18.48
CA GLN B 1837 64.72 -74.14 17.95
C GLN B 1837 65.45 -73.62 16.73
N PHE B 1838 64.76 -72.84 15.89
CA PHE B 1838 65.33 -72.44 14.61
C PHE B 1838 65.78 -71.00 14.51
N VAL B 1839 65.14 -70.06 15.21
CA VAL B 1839 65.52 -68.63 15.08
C VAL B 1839 66.95 -68.34 15.55
N PRO B 1840 67.39 -68.73 16.77
CA PRO B 1840 68.77 -68.37 17.18
C PRO B 1840 69.86 -68.95 16.30
N VAL B 1841 69.70 -70.18 15.83
CA VAL B 1841 70.75 -70.76 14.99
C VAL B 1841 70.78 -70.08 13.63
N LEU B 1842 69.60 -69.74 13.08
CA LEU B 1842 69.55 -69.11 11.77
C LEU B 1842 70.11 -67.70 11.82
N LYS B 1843 70.00 -67.02 12.96
CA LYS B 1843 70.65 -65.72 13.11
C LYS B 1843 72.15 -65.85 12.99
N LEU B 1844 72.72 -66.88 13.63
CA LEU B 1844 74.15 -67.14 13.56
C LEU B 1844 74.57 -67.49 12.14
N VAL B 1845 73.76 -68.29 11.44
CA VAL B 1845 74.07 -68.67 10.06
C VAL B 1845 74.07 -67.45 9.18
N SER B 1846 73.07 -66.57 9.35
CA SER B 1846 72.96 -65.37 8.54
C SER B 1846 74.15 -64.44 8.78
N THR B 1847 74.54 -64.29 10.05
CA THR B 1847 75.67 -63.42 10.37
C THR B 1847 76.98 -63.94 9.78
N LEU B 1848 77.21 -65.25 9.88
CA LEU B 1848 78.43 -65.82 9.29
C LEU B 1848 78.41 -65.73 7.77
N LEU B 1849 77.23 -65.90 7.16
CA LEU B 1849 77.11 -65.76 5.71
C LEU B 1849 77.44 -64.35 5.28
N VAL B 1850 76.94 -63.36 6.02
CA VAL B 1850 77.24 -61.96 5.70
C VAL B 1850 78.73 -61.70 5.85
N MET B 1851 79.33 -62.22 6.92
CA MET B 1851 80.76 -62.04 7.13
C MET B 1851 81.61 -62.83 6.14
N GLY B 1852 81.01 -63.76 5.38
CA GLY B 1852 81.78 -64.55 4.45
C GLY B 1852 82.66 -65.60 5.05
N ILE B 1853 82.35 -66.04 6.28
CA ILE B 1853 83.16 -67.05 6.95
C ILE B 1853 83.06 -68.39 6.24
N PHE B 1854 81.87 -68.73 5.75
CA PHE B 1854 81.63 -70.02 5.12
C PHE B 1854 82.41 -70.16 3.82
N GLY B 1855 82.85 -71.39 3.54
CA GLY B 1855 83.53 -71.67 2.29
C GLY B 1855 82.56 -72.11 1.21
N ASP B 1856 83.12 -72.45 0.05
CA ASP B 1856 82.32 -72.90 -1.10
C ASP B 1856 81.58 -74.19 -0.79
N GLU B 1857 82.26 -75.16 -0.19
CA GLU B 1857 81.61 -76.41 0.17
C GLU B 1857 80.58 -76.19 1.27
N ASP B 1858 80.86 -75.29 2.20
CA ASP B 1858 79.91 -74.96 3.25
C ASP B 1858 78.64 -74.38 2.66
N VAL B 1859 78.79 -73.50 1.66
CA VAL B 1859 77.64 -72.93 0.96
C VAL B 1859 76.87 -74.04 0.24
N LYS B 1860 77.60 -75.01 -0.32
CA LYS B 1860 76.94 -76.13 -0.99
C LYS B 1860 76.08 -76.93 -0.01
N GLN B 1861 76.61 -77.16 1.19
CA GLN B 1861 75.85 -77.88 2.22
C GLN B 1861 74.61 -77.10 2.61
N ILE B 1862 74.74 -75.78 2.77
CA ILE B 1862 73.59 -74.94 3.15
C ILE B 1862 72.52 -75.01 2.06
N LEU B 1863 72.93 -74.91 0.79
CA LEU B 1863 71.96 -74.97 -0.31
C LEU B 1863 71.25 -76.32 -0.36
N LYS B 1864 71.98 -77.41 -0.11
CA LYS B 1864 71.37 -78.73 0.01
C LYS B 1864 70.36 -78.77 1.15
N MET B 1865 70.66 -78.10 2.27
CA MET B 1865 69.75 -78.13 3.40
C MET B 1865 68.50 -77.31 3.12
N ILE B 1866 68.66 -76.10 2.55
CA ILE B 1866 67.52 -75.24 2.26
C ILE B 1866 66.61 -75.87 1.22
N GLU B 1867 67.18 -76.33 0.11
CA GLU B 1867 66.38 -76.98 -0.93
C GLU B 1867 67.26 -77.96 -1.69
N PRO B 1868 67.19 -79.26 -1.36
CA PRO B 1868 68.14 -80.22 -1.92
C PRO B 1868 68.04 -80.44 -3.41
N GLU B 1869 66.87 -80.85 -3.92
CA GLU B 1869 66.76 -81.34 -5.30
C GLU B 1869 67.00 -80.24 -6.33
N VAL B 1870 66.55 -79.01 -6.03
CA VAL B 1870 66.77 -77.89 -6.95
C VAL B 1870 68.25 -77.57 -7.01
N PHE B 1871 68.94 -77.65 -5.87
CA PHE B 1871 70.34 -77.26 -5.77
C PHE B 1871 71.28 -78.46 -5.88
N THR B 1872 70.88 -79.48 -6.65
CA THR B 1872 71.76 -80.61 -6.94
C THR B 1872 72.65 -80.25 -8.12
N GLU B 1873 73.93 -79.97 -7.85
CA GLU B 1873 74.86 -79.62 -8.90
C GLU B 1873 75.10 -80.80 -9.83
N GLU B 1874 75.26 -80.51 -11.12
CA GLU B 1874 75.50 -81.53 -12.13
C GLU B 1874 76.10 -80.92 -13.39
N LEU B 1922 64.53 -87.67 7.17
CA LEU B 1922 64.28 -87.37 5.76
C LEU B 1922 65.06 -86.14 5.32
N GLU B 1923 65.55 -86.16 4.08
CA GLU B 1923 66.34 -85.07 3.52
C GLU B 1923 65.45 -84.05 2.80
N GLU B 1924 64.38 -83.65 3.49
CA GLU B 1924 63.47 -82.65 2.97
C GLU B 1924 63.95 -81.26 3.35
N GLY B 1925 63.81 -80.32 2.42
CA GLY B 1925 64.33 -78.98 2.62
C GLY B 1925 63.56 -78.20 3.66
N LEU B 1926 64.11 -77.02 3.98
CA LEU B 1926 63.49 -76.15 4.96
C LEU B 1926 62.13 -75.66 4.51
N LEU B 1927 61.96 -75.41 3.22
CA LEU B 1927 60.77 -74.78 2.67
C LEU B 1927 59.50 -75.62 2.82
N GLN B 1928 59.62 -76.90 3.15
CA GLN B 1928 58.47 -77.78 3.34
C GLN B 1928 58.20 -78.09 4.80
N MET B 1929 58.72 -77.28 5.72
CA MET B 1929 58.63 -77.56 7.15
C MET B 1929 57.51 -76.81 7.87
N LYS B 1930 56.63 -76.12 7.13
CA LYS B 1930 55.48 -75.32 7.61
C LYS B 1930 55.84 -74.51 8.88
N LEU B 1931 56.85 -73.69 8.72
CA LEU B 1931 57.46 -72.94 9.80
C LEU B 1931 56.57 -71.78 10.26
N PRO B 1932 56.75 -71.32 11.53
CA PRO B 1932 56.02 -70.12 11.98
C PRO B 1932 56.53 -68.84 11.36
N GLU B 1933 55.85 -67.72 11.65
CA GLU B 1933 56.15 -66.44 11.02
C GLU B 1933 57.54 -65.91 11.37
N SER B 1934 57.95 -66.04 12.64
CA SER B 1934 59.19 -65.42 13.12
C SER B 1934 60.43 -65.94 12.41
N VAL B 1935 60.51 -67.25 12.20
CA VAL B 1935 61.66 -67.86 11.52
C VAL B 1935 61.60 -67.63 10.01
N LYS B 1936 60.41 -67.43 9.45
CA LYS B 1936 60.26 -67.08 8.03
C LYS B 1936 61.02 -65.79 7.69
N LEU B 1937 61.06 -64.85 8.65
CA LEU B 1937 61.82 -63.62 8.48
C LEU B 1937 63.31 -63.91 8.34
N GLN B 1938 63.84 -64.82 9.17
CA GLN B 1938 65.25 -65.19 9.03
C GLN B 1938 65.50 -65.93 7.73
N MET B 1939 64.49 -66.65 7.24
CA MET B 1939 64.63 -67.36 5.97
C MET B 1939 64.78 -66.36 4.84
N CYS B 1940 63.98 -65.28 4.89
CA CYS B 1940 64.08 -64.23 3.90
C CYS B 1940 65.43 -63.54 3.99
N ASN B 1941 65.92 -63.34 5.22
CA ASN B 1941 67.22 -62.70 5.41
C ASN B 1941 68.34 -63.54 4.80
N LEU B 1942 68.21 -64.86 4.83
CA LEU B 1942 69.16 -65.73 4.15
C LEU B 1942 69.09 -65.58 2.64
N LEU B 1943 67.86 -65.49 2.12
CA LEU B 1943 67.71 -65.45 0.67
C LEU B 1943 68.14 -64.11 0.10
N GLU B 1944 67.90 -63.01 0.80
CA GLU B 1944 68.35 -61.72 0.28
C GLU B 1944 69.88 -61.59 0.30
N TYR B 1945 70.56 -62.46 1.04
CA TYR B 1945 72.01 -62.55 0.95
C TYR B 1945 72.42 -63.31 -0.29
N PHE B 1946 71.77 -64.44 -0.56
CA PHE B 1946 72.12 -65.19 -1.77
C PHE B 1946 71.81 -64.38 -3.02
N CYS B 1947 70.69 -63.67 -3.02
CA CYS B 1947 70.34 -62.78 -4.13
C CYS B 1947 71.34 -61.64 -4.27
N ASP B 1948 71.84 -61.11 -3.15
CA ASP B 1948 72.90 -60.10 -3.20
C ASP B 1948 74.15 -60.70 -3.84
N GLN B 1949 74.46 -61.96 -3.48
CA GLN B 1949 75.63 -62.63 -4.06
C GLN B 1949 75.49 -62.78 -5.56
N GLU B 1950 74.28 -63.12 -6.02
CA GLU B 1950 74.01 -63.22 -7.46
C GLU B 1950 74.17 -61.88 -8.16
N LEU B 1951 73.69 -60.80 -7.54
CA LEU B 1951 73.85 -59.47 -8.10
C LEU B 1951 75.33 -59.08 -8.20
N GLN B 1952 76.11 -59.39 -7.15
CA GLN B 1952 77.54 -59.09 -7.17
C GLN B 1952 78.25 -59.92 -8.23
N HIS B 1953 77.82 -61.18 -8.43
CA HIS B 1953 78.40 -62.03 -9.46
C HIS B 1953 78.14 -61.43 -10.85
N ARG B 1954 76.93 -60.89 -11.05
CA ARG B 1954 76.61 -60.25 -12.31
C ARG B 1954 77.49 -59.03 -12.55
N VAL B 1955 77.64 -58.19 -11.52
CA VAL B 1955 78.41 -56.94 -11.66
C VAL B 1955 79.86 -57.27 -11.99
N GLU B 1956 80.41 -58.29 -11.31
CA GLU B 1956 81.77 -58.72 -11.58
C GLU B 1956 81.93 -59.24 -13.01
N SER B 1957 80.90 -59.93 -13.52
CA SER B 1957 80.93 -60.40 -14.91
C SER B 1957 80.94 -59.24 -15.88
N LEU B 1958 80.14 -58.19 -15.60
CA LEU B 1958 80.17 -56.98 -16.42
C LEU B 1958 81.53 -56.31 -16.41
N ALA B 1959 82.18 -56.24 -15.24
CA ALA B 1959 83.53 -55.69 -15.16
C ALA B 1959 84.54 -56.50 -15.96
N ALA B 1960 84.46 -57.83 -15.90
CA ALA B 1960 85.34 -58.69 -16.70
C ALA B 1960 85.12 -58.50 -18.20
N PHE B 1961 83.85 -58.42 -18.61
CA PHE B 1961 83.55 -58.19 -20.02
C PHE B 1961 84.03 -56.82 -20.46
N ALA B 1962 83.89 -55.81 -19.58
CA ALA B 1962 84.37 -54.48 -19.89
C ALA B 1962 85.89 -54.48 -20.07
N GLU B 1963 86.59 -55.26 -19.23
CA GLU B 1963 88.04 -55.40 -19.32
C GLU B 1963 88.45 -55.96 -20.68
N ARG B 1964 87.77 -56.99 -21.15
CA ARG B 1964 88.12 -57.56 -22.45
C ARG B 1964 87.72 -56.64 -23.60
N TYR B 1965 86.50 -56.09 -23.52
CA TYR B 1965 85.92 -55.32 -24.61
C TYR B 1965 86.64 -54.02 -24.84
N VAL B 1966 87.13 -53.37 -23.77
CA VAL B 1966 87.89 -52.13 -23.94
C VAL B 1966 89.17 -52.41 -24.72
N ASP B 1967 89.86 -53.50 -24.36
CA ASP B 1967 91.13 -53.83 -25.00
C ASP B 1967 90.96 -54.10 -26.49
N LYS B 1968 89.96 -54.93 -26.85
CA LYS B 1968 89.74 -55.21 -28.26
C LYS B 1968 89.19 -54.02 -29.03
N LEU B 1969 88.38 -53.18 -28.37
CA LEU B 1969 87.85 -52.00 -29.04
C LEU B 1969 88.94 -50.97 -29.25
N GLN B 1970 89.86 -50.83 -28.29
CA GLN B 1970 90.99 -49.92 -28.45
C GLN B 1970 91.89 -50.38 -29.59
N ALA B 1971 92.12 -51.69 -29.69
CA ALA B 1971 92.95 -52.21 -30.78
C ALA B 1971 92.32 -51.93 -32.14
N ASN B 1972 91.00 -52.15 -32.25
CA ASN B 1972 90.29 -51.85 -33.50
C ASN B 1972 90.32 -50.36 -33.83
N GLN B 1973 90.11 -49.50 -32.82
CA GLN B 1973 90.17 -48.05 -33.01
C GLN B 1973 91.57 -47.58 -33.38
N ARG B 1974 92.60 -48.21 -32.83
CA ARG B 1974 93.98 -47.93 -33.22
C ARG B 1974 94.23 -48.29 -34.68
N SER B 1975 93.77 -49.46 -35.10
CA SER B 1975 93.97 -49.88 -36.49
C SER B 1975 93.19 -48.99 -37.44
N ARG B 1976 91.97 -48.59 -37.06
CA ARG B 1976 91.18 -47.69 -37.89
C ARG B 1976 91.85 -46.32 -38.01
N TYR B 1977 92.46 -45.86 -36.90
CA TYR B 1977 93.16 -44.58 -36.91
C TYR B 1977 94.36 -44.65 -37.86
N ALA B 1978 95.06 -45.79 -37.82
CA ALA B 1978 96.20 -45.98 -38.72
C ALA B 1978 95.75 -45.98 -40.17
N LEU B 1979 94.60 -46.62 -40.46
CA LEU B 1979 94.06 -46.59 -41.82
C LEU B 1979 93.66 -45.17 -42.21
N LEU B 1980 93.22 -44.35 -41.23
CA LEU B 1980 92.86 -42.99 -41.55
C LEU B 1980 94.10 -42.16 -41.87
N MET B 1981 95.25 -42.56 -41.32
CA MET B 1981 96.49 -41.83 -41.60
C MET B 1981 96.91 -41.99 -43.06
N ARG B 1982 96.56 -43.11 -43.69
CA ARG B 1982 96.83 -43.31 -45.11
C ARG B 1982 95.60 -43.09 -45.98
N ALA B 1983 94.47 -42.68 -45.39
CA ALA B 1983 93.26 -42.49 -46.18
C ALA B 1983 93.31 -41.23 -47.04
N PHE B 1984 94.21 -40.28 -46.71
CA PHE B 1984 94.29 -39.01 -47.42
C PHE B 1984 94.74 -39.17 -48.87
N THR B 1985 95.34 -40.31 -49.21
CA THR B 1985 95.73 -40.57 -50.58
C THR B 1985 94.52 -40.90 -51.43
N MET B 1986 93.57 -41.63 -50.86
CA MET B 1986 92.38 -42.10 -51.57
C MET B 1986 91.11 -41.48 -50.99
N SER B 1987 91.20 -40.22 -50.56
CA SER B 1987 90.03 -39.52 -50.04
C SER B 1987 90.19 -38.03 -50.31
N ALA B 1988 89.32 -37.24 -49.72
CA ALA B 1988 89.28 -35.79 -49.90
C ALA B 1988 88.78 -35.17 -48.60
N ALA B 1989 88.27 -33.94 -48.67
CA ALA B 1989 87.81 -33.19 -47.50
C ALA B 1989 86.69 -33.86 -46.70
N GLU B 1990 86.07 -34.94 -47.20
CA GLU B 1990 85.03 -35.65 -46.46
C GLU B 1990 85.59 -36.51 -45.32
N THR B 1991 86.91 -36.52 -45.11
CA THR B 1991 87.53 -37.22 -43.99
C THR B 1991 87.14 -36.67 -42.63
N ALA B 1992 86.55 -35.48 -42.56
CA ALA B 1992 86.10 -34.90 -41.30
C ALA B 1992 85.11 -35.80 -40.57
N ARG B 1993 84.23 -36.47 -41.33
CA ARG B 1993 83.29 -37.41 -40.72
C ARG B 1993 84.00 -38.66 -40.18
N ARG B 1994 85.08 -39.10 -40.84
CA ARG B 1994 85.83 -40.26 -40.35
C ARG B 1994 86.72 -39.91 -39.17
N THR B 1995 87.31 -38.72 -39.17
CA THR B 1995 88.17 -38.28 -38.07
C THR B 1995 87.40 -37.55 -36.97
N ARG B 1996 86.06 -37.49 -37.09
CA ARG B 1996 85.24 -36.89 -36.05
C ARG B 1996 85.40 -37.66 -34.74
N GLU B 1997 85.64 -38.98 -34.83
CA GLU B 1997 85.88 -39.78 -33.64
C GLU B 1997 87.13 -39.29 -32.91
N PHE B 1998 88.22 -39.13 -33.64
CA PHE B 1998 89.49 -38.79 -33.02
C PHE B 1998 89.59 -37.31 -32.68
N ARG B 1999 88.70 -36.47 -33.21
CA ARG B 1999 88.62 -35.09 -32.75
C ARG B 1999 87.49 -34.89 -31.73
N SER B 2000 86.76 -35.96 -31.39
CA SER B 2000 85.73 -35.88 -30.37
C SER B 2000 86.21 -36.58 -29.11
N PRO B 2001 85.88 -36.06 -27.92
CA PRO B 2001 86.34 -36.69 -26.68
C PRO B 2001 85.74 -38.08 -26.51
N PRO B 2002 86.42 -38.97 -25.77
CA PRO B 2002 86.00 -40.40 -25.74
C PRO B 2002 84.64 -40.69 -25.16
N GLN B 2003 84.04 -39.74 -24.42
CA GLN B 2003 82.74 -39.95 -23.78
C GLN B 2003 81.67 -40.25 -24.81
N GLU B 2004 81.65 -39.51 -25.91
CA GLU B 2004 80.69 -39.81 -26.96
C GLU B 2004 81.27 -40.69 -28.05
N GLN B 2005 82.60 -40.90 -28.05
CA GLN B 2005 83.20 -41.87 -28.96
C GLN B 2005 82.68 -43.27 -28.65
N ILE B 2006 82.75 -43.65 -27.38
CA ILE B 2006 82.22 -44.96 -26.99
C ILE B 2006 80.71 -45.03 -27.19
N ASN B 2007 80.01 -43.91 -26.96
CA ASN B 2007 78.56 -43.87 -27.18
C ASN B 2007 78.20 -44.14 -28.63
N MET B 2008 78.95 -43.54 -29.56
CA MET B 2008 78.77 -43.82 -30.98
C MET B 2008 79.17 -45.26 -31.32
N LEU B 2009 80.30 -45.73 -30.78
CA LEU B 2009 80.76 -47.09 -31.06
C LEU B 2009 79.76 -48.12 -30.56
N LEU B 2010 79.24 -47.93 -29.36
CA LEU B 2010 78.25 -48.83 -28.77
C LEU B 2010 76.87 -48.67 -29.41
N HIS B 2011 76.63 -47.59 -30.14
CA HIS B 2011 75.30 -47.30 -30.66
C HIS B 2011 75.03 -48.12 -31.92
N PHE B 2012 74.80 -49.41 -31.71
CA PHE B 2012 74.36 -50.30 -32.77
C PHE B 2012 73.35 -51.33 -32.27
N LYS B 2013 72.64 -51.04 -31.18
CA LYS B 2013 71.78 -52.04 -30.55
C LYS B 2013 70.55 -52.34 -31.42
N ASP B 2014 69.87 -51.29 -31.90
CA ASP B 2014 68.59 -51.45 -32.58
C ASP B 2014 68.71 -51.79 -34.06
N GLU B 2015 69.94 -51.91 -34.58
CA GLU B 2015 70.31 -52.28 -35.95
C GLU B 2015 69.95 -51.23 -37.02
N ALA B 2016 69.30 -50.13 -36.65
CA ALA B 2016 68.99 -49.05 -37.58
C ALA B 2016 70.10 -48.01 -37.64
N ASP B 2017 71.25 -48.28 -37.01
CA ASP B 2017 72.36 -47.35 -36.91
C ASP B 2017 73.70 -48.03 -37.18
N GLU B 2018 73.68 -49.11 -37.97
CA GLU B 2018 74.91 -49.86 -38.23
C GLU B 2018 75.87 -49.08 -39.14
N GLU B 2019 75.33 -48.21 -40.00
CA GLU B 2019 76.15 -47.44 -40.93
C GLU B 2019 77.11 -46.51 -40.20
N ASP B 2020 76.62 -45.85 -39.15
CA ASP B 2020 77.47 -44.94 -38.38
C ASP B 2020 78.54 -45.71 -37.60
N CYS B 2021 78.17 -46.86 -37.05
CA CYS B 2021 79.09 -47.66 -36.25
C CYS B 2021 80.14 -48.34 -37.13
N PRO B 2022 81.43 -48.15 -36.88
CA PRO B 2022 82.47 -48.81 -37.68
C PRO B 2022 82.99 -50.13 -37.12
N LEU B 2023 82.39 -50.65 -36.07
CA LEU B 2023 82.89 -51.88 -35.44
C LEU B 2023 82.70 -53.08 -36.37
N PRO B 2024 83.67 -53.98 -36.44
CA PRO B 2024 83.48 -55.20 -37.23
C PRO B 2024 82.45 -56.12 -36.59
N GLU B 2025 81.83 -56.93 -37.45
CA GLU B 2025 80.72 -57.79 -37.05
C GLU B 2025 81.10 -58.83 -36.01
N ASP B 2026 82.39 -59.18 -35.90
CA ASP B 2026 82.81 -60.11 -34.86
C ASP B 2026 82.71 -59.48 -33.47
N ILE B 2027 83.15 -58.22 -33.33
CA ILE B 2027 82.99 -57.52 -32.06
C ILE B 2027 81.53 -57.22 -31.80
N ARG B 2028 80.78 -56.83 -32.85
CA ARG B 2028 79.35 -56.61 -32.70
C ARG B 2028 78.62 -57.88 -32.25
N GLN B 2029 79.07 -59.05 -32.74
CA GLN B 2029 78.50 -60.31 -32.32
C GLN B 2029 78.86 -60.61 -30.88
N ASP B 2030 80.08 -60.22 -30.48
CA ASP B 2030 80.56 -60.48 -29.12
C ASP B 2030 79.68 -59.74 -28.13
N LEU B 2031 79.39 -58.47 -28.43
CA LEU B 2031 78.60 -57.66 -27.53
C LEU B 2031 77.15 -58.14 -27.48
N GLN B 2032 76.53 -58.38 -28.65
CA GLN B 2032 75.13 -58.81 -28.62
C GLN B 2032 74.97 -60.20 -28.00
N ASP B 2033 76.00 -61.05 -28.12
CA ASP B 2033 75.99 -62.35 -27.45
C ASP B 2033 76.05 -62.17 -25.94
N PHE B 2034 76.96 -61.31 -25.47
CA PHE B 2034 77.02 -61.07 -24.03
C PHE B 2034 75.75 -60.39 -23.52
N HIS B 2035 75.03 -59.66 -24.38
CA HIS B 2035 73.76 -59.12 -23.95
C HIS B 2035 72.72 -60.24 -23.87
N GLN B 2036 72.84 -61.24 -24.76
CA GLN B 2036 71.87 -62.32 -24.81
C GLN B 2036 71.95 -63.17 -23.56
N ASP B 2037 73.17 -63.61 -23.20
CA ASP B 2037 73.25 -64.44 -22.01
C ASP B 2037 73.11 -63.60 -20.75
N LEU B 2038 73.36 -62.28 -20.81
CA LEU B 2038 73.14 -61.43 -19.65
C LEU B 2038 71.65 -61.36 -19.30
N LEU B 2039 70.81 -61.11 -20.30
CA LEU B 2039 69.38 -61.14 -20.03
C LEU B 2039 68.87 -62.55 -19.76
N ALA B 2040 69.49 -63.57 -20.35
CA ALA B 2040 69.13 -64.94 -19.98
C ALA B 2040 69.50 -65.25 -18.53
N HIS B 2041 70.63 -64.72 -18.06
CA HIS B 2041 71.02 -64.85 -16.66
C HIS B 2041 70.02 -64.14 -15.76
N CYS B 2042 69.52 -62.99 -16.21
CA CYS B 2042 68.46 -62.31 -15.47
C CYS B 2042 67.09 -62.94 -15.70
N GLY B 2043 67.01 -63.97 -16.55
CA GLY B 2043 65.76 -64.66 -16.82
C GLY B 2043 64.71 -63.86 -17.54
N ILE B 2044 65.10 -63.08 -18.55
CA ILE B 2044 64.12 -62.30 -19.30
C ILE B 2044 63.34 -63.19 -20.26
N GLN B 2045 64.03 -63.83 -21.19
CA GLN B 2045 63.40 -64.71 -22.14
C GLN B 2045 64.43 -65.69 -22.66
N LEU B 2046 63.96 -66.84 -23.15
CA LEU B 2046 64.82 -67.90 -23.67
C LEU B 2046 63.98 -68.88 -24.48
N GLU B 2088 56.95 -79.34 -15.09
CA GLU B 2088 57.66 -78.08 -15.13
C GLU B 2088 57.57 -77.36 -13.78
N LYS B 2089 57.12 -78.09 -12.76
CA LYS B 2089 56.99 -77.52 -11.43
C LYS B 2089 58.35 -77.32 -10.74
N LYS B 2090 59.43 -77.84 -11.31
CA LYS B 2090 60.75 -77.68 -10.72
C LYS B 2090 61.22 -76.25 -10.97
N PRO B 2091 61.48 -75.46 -9.91
CA PRO B 2091 61.98 -74.09 -10.12
C PRO B 2091 63.29 -74.00 -10.85
N GLN B 2092 64.22 -74.92 -10.58
CA GLN B 2092 65.52 -75.09 -11.26
C GLN B 2092 66.44 -73.89 -11.14
N SER B 2093 66.08 -72.89 -10.34
CA SER B 2093 66.89 -71.69 -10.14
C SER B 2093 66.42 -71.00 -8.87
N LEU B 2094 67.31 -70.16 -8.33
CA LEU B 2094 66.98 -69.37 -7.16
C LEU B 2094 65.89 -68.35 -7.47
N GLN B 2095 65.94 -67.75 -8.66
CA GLN B 2095 64.98 -66.73 -9.06
C GLN B 2095 63.56 -67.28 -9.09
N GLU B 2096 63.39 -68.48 -9.63
CA GLU B 2096 62.06 -69.07 -9.68
C GLU B 2096 61.67 -69.63 -8.32
N LEU B 2097 62.65 -70.16 -7.57
CA LEU B 2097 62.37 -70.79 -6.28
C LEU B 2097 61.87 -69.78 -5.25
N VAL B 2098 62.51 -68.61 -5.18
CA VAL B 2098 62.13 -67.59 -4.20
C VAL B 2098 60.71 -67.09 -4.48
N SER B 2099 60.42 -66.80 -5.75
CA SER B 2099 59.10 -66.31 -6.14
C SER B 2099 58.02 -67.34 -5.84
N HIS B 2100 58.30 -68.62 -6.16
CA HIS B 2100 57.33 -69.68 -5.89
CA HIS B 2100 57.33 -69.68 -5.89
C HIS B 2100 57.07 -69.84 -4.40
N MET B 2101 58.14 -69.76 -3.60
CA MET B 2101 58.01 -69.94 -2.16
C MET B 2101 57.26 -68.78 -1.55
N VAL B 2102 57.60 -67.55 -1.93
CA VAL B 2102 56.98 -66.37 -1.32
C VAL B 2102 55.50 -66.34 -1.64
N VAL B 2103 55.14 -66.63 -2.91
CA VAL B 2103 53.73 -66.69 -3.28
C VAL B 2103 53.02 -67.79 -2.50
N ARG B 2104 53.69 -68.94 -2.31
CA ARG B 2104 53.10 -70.05 -1.56
C ARG B 2104 52.83 -69.64 -0.11
N TRP B 2105 53.79 -68.95 0.52
CA TRP B 2105 53.64 -68.50 1.89
C TRP B 2105 52.48 -67.54 2.02
N ALA B 2106 52.38 -66.60 1.07
CA ALA B 2106 51.33 -65.60 1.13
C ALA B 2106 49.95 -66.24 0.95
N GLN B 2107 49.83 -67.19 0.02
CA GLN B 2107 48.51 -67.77 -0.22
C GLN B 2107 48.14 -68.84 0.80
N GLU B 2108 49.10 -69.36 1.58
CA GLU B 2108 48.76 -70.37 2.56
C GLU B 2108 48.01 -69.78 3.75
N ASP B 2109 48.39 -68.59 4.19
CA ASP B 2109 47.76 -67.98 5.35
C ASP B 2109 47.94 -66.47 5.33
N TYR B 2110 47.11 -65.80 6.12
CA TYR B 2110 47.19 -64.35 6.25
C TYR B 2110 48.35 -64.03 7.19
N VAL B 2111 49.45 -63.54 6.61
CA VAL B 2111 50.64 -63.20 7.37
C VAL B 2111 50.36 -61.99 8.24
N GLN B 2112 50.67 -62.09 9.53
CA GLN B 2112 50.33 -61.02 10.45
C GLN B 2112 51.49 -60.10 10.80
N SER B 2113 52.73 -60.49 10.49
CA SER B 2113 53.87 -59.64 10.81
C SER B 2113 54.14 -58.67 9.67
N PRO B 2114 53.97 -57.35 9.88
CA PRO B 2114 54.23 -56.38 8.82
C PRO B 2114 55.67 -56.40 8.32
N GLU B 2115 56.61 -56.62 9.24
CA GLU B 2115 58.02 -56.68 8.86
C GLU B 2115 58.26 -57.89 7.97
N LEU B 2116 57.65 -59.02 8.30
CA LEU B 2116 57.78 -60.23 7.48
C LEU B 2116 57.18 -60.01 6.09
N VAL B 2117 56.05 -59.30 6.03
CA VAL B 2117 55.41 -58.99 4.74
C VAL B 2117 56.34 -58.14 3.88
N ARG B 2118 56.92 -57.09 4.48
CA ARG B 2118 57.83 -56.22 3.75
C ARG B 2118 59.08 -56.98 3.34
N ALA B 2119 59.51 -57.93 4.17
CA ALA B 2119 60.71 -58.71 3.87
C ALA B 2119 60.48 -59.61 2.67
N MET B 2120 59.33 -60.31 2.65
CA MET B 2120 59.11 -61.27 1.56
C MET B 2120 58.89 -60.52 0.25
N PHE B 2121 58.17 -59.38 0.31
CA PHE B 2121 57.89 -58.70 -0.96
C PHE B 2121 59.09 -57.94 -1.47
N SER B 2122 60.07 -57.64 -0.60
CA SER B 2122 61.35 -57.16 -1.10
C SER B 2122 62.03 -58.21 -1.95
N LEU B 2123 62.01 -59.46 -1.49
CA LEU B 2123 62.61 -60.56 -2.23
C LEU B 2123 61.87 -60.78 -3.54
N LEU B 2124 60.53 -60.76 -3.51
CA LEU B 2124 59.75 -61.04 -4.70
C LEU B 2124 59.99 -59.96 -5.76
N HIS B 2125 60.07 -58.70 -5.33
CA HIS B 2125 60.34 -57.62 -6.26
C HIS B 2125 61.72 -57.80 -6.87
N ARG B 2126 62.70 -58.20 -6.05
CA ARG B 2126 64.06 -58.34 -6.59
C ARG B 2126 64.14 -59.49 -7.58
N GLN B 2127 63.31 -60.54 -7.41
CA GLN B 2127 63.40 -61.65 -8.35
C GLN B 2127 62.81 -61.26 -9.69
N TYR B 2128 61.66 -60.59 -9.66
CA TYR B 2128 61.05 -60.16 -10.93
C TYR B 2128 61.86 -59.07 -11.63
N ASP B 2129 62.24 -58.02 -10.91
CA ASP B 2129 62.93 -56.89 -11.53
C ASP B 2129 64.43 -57.14 -11.55
N GLY B 2130 64.82 -58.12 -12.39
CA GLY B 2130 66.23 -58.48 -12.50
C GLY B 2130 67.09 -57.36 -13.05
N LEU B 2131 66.62 -56.67 -14.09
CA LEU B 2131 67.40 -55.59 -14.68
C LEU B 2131 67.37 -54.32 -13.84
N GLY B 2132 66.24 -54.04 -13.17
CA GLY B 2132 66.14 -52.82 -12.38
C GLY B 2132 67.12 -52.75 -11.23
N GLU B 2133 67.29 -53.85 -10.51
CA GLU B 2133 68.29 -53.90 -9.45
C GLU B 2133 69.70 -53.76 -10.00
N LEU B 2134 69.97 -54.29 -11.20
CA LEU B 2134 71.25 -54.06 -11.83
C LEU B 2134 71.42 -52.59 -12.19
N LEU B 2135 70.36 -51.96 -12.69
CA LEU B 2135 70.41 -50.54 -13.03
C LEU B 2135 70.58 -49.68 -11.80
N ARG B 2136 70.15 -50.15 -10.64
CA ARG B 2136 70.32 -49.43 -9.40
C ARG B 2136 71.59 -49.83 -8.67
N ALA B 2137 72.37 -50.74 -9.25
CA ALA B 2137 73.66 -51.10 -8.70
C ALA B 2137 74.83 -50.61 -9.53
N LEU B 2138 74.64 -50.44 -10.83
CA LEU B 2138 75.70 -49.90 -11.70
C LEU B 2138 76.23 -48.52 -11.33
N PRO B 2139 75.43 -47.50 -10.89
CA PRO B 2139 76.04 -46.22 -10.50
C PRO B 2139 77.07 -46.31 -9.38
N ARG B 2140 76.96 -47.30 -8.50
CA ARG B 2140 77.97 -47.48 -7.47
C ARG B 2140 79.11 -48.38 -7.92
N ALA B 2141 79.01 -48.99 -9.10
CA ALA B 2141 80.09 -49.82 -9.60
C ALA B 2141 81.25 -48.96 -10.07
N TYR B 2142 82.46 -49.50 -9.96
CA TYR B 2142 83.67 -48.80 -10.33
C TYR B 2142 84.80 -49.81 -10.51
N THR B 2143 85.74 -49.47 -11.39
CA THR B 2143 86.89 -50.33 -11.65
C THR B 2143 88.16 -49.59 -11.27
N ILE B 2144 89.12 -50.32 -10.73
CA ILE B 2144 90.33 -49.70 -10.22
C ILE B 2144 91.55 -50.44 -10.75
N SER B 2145 92.68 -49.74 -10.73
CA SER B 2145 93.94 -50.29 -11.19
C SER B 2145 94.48 -51.30 -10.18
N PRO B 2146 95.04 -52.42 -10.66
CA PRO B 2146 95.62 -53.43 -9.75
C PRO B 2146 96.77 -52.90 -8.90
N SER B 2147 97.53 -51.92 -9.39
CA SER B 2147 98.66 -51.39 -8.63
C SER B 2147 98.25 -50.50 -7.46
N SER B 2148 96.97 -50.10 -7.36
CA SER B 2148 96.52 -49.21 -6.30
C SER B 2148 95.46 -49.87 -5.42
N VAL B 2149 95.42 -51.21 -5.41
CA VAL B 2149 94.42 -51.93 -4.64
C VAL B 2149 94.65 -51.74 -3.14
N GLU B 2150 95.90 -51.77 -2.69
CA GLU B 2150 96.15 -51.66 -1.25
C GLU B 2150 95.82 -50.25 -0.74
N ASP B 2151 96.05 -49.23 -1.56
CA ASP B 2151 95.64 -47.87 -1.21
C ASP B 2151 94.13 -47.74 -1.14
N THR B 2152 93.41 -48.36 -2.09
CA THR B 2152 91.95 -48.34 -1.97
C THR B 2152 91.46 -49.18 -0.79
N MET B 2153 92.16 -50.27 -0.49
CA MET B 2153 91.83 -51.10 0.66
C MET B 2153 91.99 -50.31 1.95
N SER B 2154 92.98 -49.40 1.96
CA SER B 2154 93.25 -48.59 3.13
C SER B 2154 92.16 -47.55 3.29
N LEU B 2155 91.79 -46.88 2.20
CA LEU B 2155 90.77 -45.83 2.32
C LEU B 2155 89.42 -46.41 2.70
N LEU B 2156 89.10 -47.62 2.20
CA LEU B 2156 87.89 -48.31 2.62
C LEU B 2156 87.91 -48.62 4.11
N GLU B 2157 89.07 -49.05 4.62
CA GLU B 2157 89.23 -49.24 6.07
C GLU B 2157 89.03 -47.94 6.83
N CYS B 2158 89.61 -46.83 6.35
CA CYS B 2158 89.42 -45.54 6.99
C CYS B 2158 87.97 -45.07 6.96
N LEU B 2159 87.28 -45.28 5.83
CA LEU B 2159 85.86 -44.96 5.73
C LEU B 2159 84.99 -45.82 6.63
N GLY B 2160 85.48 -47.01 7.01
CA GLY B 2160 84.70 -47.87 7.88
C GLY B 2160 84.42 -47.24 9.23
N GLN B 2161 85.45 -46.61 9.83
CA GLN B 2161 85.24 -45.93 11.10
C GLN B 2161 84.32 -44.73 10.92
N ILE B 2162 84.46 -44.05 9.77
CA ILE B 2162 83.69 -42.84 9.49
C ILE B 2162 82.20 -43.18 9.48
N ARG B 2163 81.84 -44.25 8.79
CA ARG B 2163 80.45 -44.69 8.79
C ARG B 2163 80.03 -45.17 10.16
N SER B 2164 80.93 -45.87 10.88
CA SER B 2164 80.54 -46.40 12.19
C SER B 2164 80.38 -45.32 13.26
N LEU B 2165 80.84 -44.11 13.02
CA LEU B 2165 80.74 -43.08 14.05
C LEU B 2165 79.50 -42.21 13.93
N LEU B 2166 78.68 -42.38 12.90
CA LEU B 2166 77.45 -41.60 12.83
C LEU B 2166 76.33 -42.17 13.70
N ILE B 2167 76.49 -43.39 14.22
CA ILE B 2167 75.46 -44.01 15.05
C ILE B 2167 75.78 -43.86 16.54
N VAL B 2168 76.78 -43.07 16.89
CA VAL B 2168 77.23 -42.92 18.28
C VAL B 2168 77.28 -41.43 18.60
N GLN B 2169 76.91 -41.08 19.83
CA GLN B 2169 77.01 -39.70 20.30
C GLN B 2169 78.45 -39.21 20.23
N MET B 2170 78.60 -37.95 19.82
CA MET B 2170 79.91 -37.34 19.65
C MET B 2170 80.69 -37.25 20.96
N GLY B 2171 81.95 -37.66 20.90
CA GLY B 2171 82.83 -37.66 22.04
C GLY B 2171 84.24 -37.36 21.60
N PRO B 2172 85.09 -36.92 22.53
CA PRO B 2172 86.50 -36.61 22.19
C PRO B 2172 87.26 -37.81 21.66
N GLN B 2173 86.96 -39.01 22.18
CA GLN B 2173 87.61 -40.22 21.72
C GLN B 2173 87.25 -40.50 20.26
N GLU B 2174 85.98 -40.34 19.91
CA GLU B 2174 85.58 -40.57 18.52
C GLU B 2174 86.09 -39.44 17.64
N GLU B 2175 86.20 -38.24 18.22
CA GLU B 2175 86.68 -37.06 17.51
C GLU B 2175 88.10 -37.24 17.02
N ASN B 2176 88.97 -37.78 17.88
CA ASN B 2176 90.34 -38.04 17.47
C ASN B 2176 90.39 -39.08 16.36
N LEU B 2177 89.57 -40.13 16.47
CA LEU B 2177 89.57 -41.22 15.49
C LEU B 2177 89.14 -40.72 14.12
N MET B 2178 88.08 -39.90 14.09
CA MET B 2178 87.62 -39.38 12.80
C MET B 2178 88.59 -38.35 12.22
N ILE B 2179 89.25 -37.56 13.08
CA ILE B 2179 90.24 -36.60 12.59
C ILE B 2179 91.42 -37.33 11.94
N GLN B 2180 91.88 -38.42 12.58
CA GLN B 2180 92.91 -39.28 11.99
C GLN B 2180 92.43 -39.92 10.69
N SER B 2181 91.17 -40.34 10.65
CA SER B 2181 90.61 -40.94 9.44
C SER B 2181 90.58 -39.93 8.29
N ILE B 2182 90.18 -38.68 8.58
CA ILE B 2182 90.15 -37.63 7.57
C ILE B 2182 91.55 -37.33 7.08
N GLY B 2183 92.52 -37.27 8.00
CA GLY B 2183 93.90 -37.03 7.59
C GLY B 2183 94.42 -38.14 6.72
N ASN B 2184 94.01 -39.39 7.01
CA ASN B 2184 94.41 -40.51 6.17
C ASN B 2184 93.82 -40.37 4.77
N ILE B 2185 92.59 -39.83 4.68
CA ILE B 2185 91.97 -39.59 3.38
C ILE B 2185 92.77 -38.54 2.62
N MET B 2186 93.23 -37.50 3.32
CA MET B 2186 94.11 -36.51 2.73
C MET B 2186 95.37 -37.14 2.17
N ASN B 2187 96.04 -37.95 2.99
CA ASN B 2187 97.30 -38.54 2.60
C ASN B 2187 97.15 -39.66 1.56
N ASN B 2188 95.92 -40.12 1.29
CA ASN B 2188 95.74 -41.14 0.27
C ASN B 2188 95.66 -40.50 -1.10
N LYS B 2189 96.57 -40.90 -2.00
CA LYS B 2189 96.66 -40.35 -3.34
C LYS B 2189 95.47 -40.71 -4.23
N VAL B 2190 94.73 -41.77 -3.90
CA VAL B 2190 93.58 -42.18 -4.71
C VAL B 2190 92.45 -41.16 -4.61
N PHE B 2191 92.41 -40.39 -3.53
CA PHE B 2191 91.41 -39.34 -3.32
C PHE B 2191 91.48 -38.27 -4.39
N TYR B 2192 92.64 -38.11 -5.03
CA TYR B 2192 92.78 -37.21 -6.18
C TYR B 2192 92.74 -37.95 -7.49
N GLN B 2193 93.25 -39.20 -7.50
CA GLN B 2193 93.33 -39.98 -8.73
C GLN B 2193 91.94 -40.30 -9.28
N HIS B 2194 91.00 -40.65 -8.40
CA HIS B 2194 89.67 -41.09 -8.83
C HIS B 2194 88.61 -40.34 -8.04
N PRO B 2195 88.36 -39.06 -8.36
CA PRO B 2195 87.24 -38.35 -7.72
C PRO B 2195 85.87 -38.95 -7.98
N ASN B 2196 85.68 -39.58 -9.15
CA ASN B 2196 84.40 -40.21 -9.47
C ASN B 2196 84.08 -41.34 -8.51
N LEU B 2197 85.07 -42.18 -8.18
CA LEU B 2197 84.88 -43.19 -7.16
C LEU B 2197 84.63 -42.56 -5.80
N MET B 2198 85.36 -41.49 -5.48
CA MET B 2198 85.20 -40.82 -4.19
C MET B 2198 83.81 -40.19 -4.08
N ARG B 2199 83.23 -39.80 -5.22
CA ARG B 2199 81.87 -39.28 -5.24
C ARG B 2199 80.87 -40.42 -5.14
N ALA B 2200 81.18 -41.55 -5.78
CA ALA B 2200 80.29 -42.71 -5.78
C ALA B 2200 80.12 -43.25 -4.37
N LEU B 2201 81.20 -43.30 -3.60
CA LEU B 2201 81.10 -43.70 -2.20
C LEU B 2201 80.30 -42.73 -1.36
N GLY B 2202 80.14 -41.49 -1.81
CA GLY B 2202 79.33 -40.51 -1.10
C GLY B 2202 79.90 -40.12 0.24
N MET B 2203 81.22 -39.93 0.34
CA MET B 2203 81.82 -39.49 1.58
C MET B 2203 81.37 -38.10 1.96
N HIS B 2204 81.20 -37.22 0.96
CA HIS B 2204 80.73 -35.85 1.19
C HIS B 2204 79.40 -35.81 1.93
N GLU B 2205 78.54 -36.79 1.66
CA GLU B 2205 77.30 -36.95 2.40
C GLU B 2205 77.59 -37.27 3.86
N THR B 2206 78.36 -38.34 4.11
CA THR B 2206 78.58 -38.81 5.47
C THR B 2206 79.28 -37.76 6.31
N VAL B 2207 80.30 -37.10 5.75
CA VAL B 2207 80.98 -36.01 6.44
C VAL B 2207 80.03 -34.84 6.65
N MET B 2208 79.02 -34.71 5.78
CA MET B 2208 78.06 -33.63 6.01
C MET B 2208 77.17 -33.95 7.20
N GLU B 2209 76.67 -35.20 7.29
CA GLU B 2209 75.77 -35.50 8.41
C GLU B 2209 76.51 -35.56 9.73
N VAL B 2210 77.79 -36.00 9.73
CA VAL B 2210 78.55 -36.03 10.98
C VAL B 2210 78.73 -34.61 11.51
N MET B 2211 78.71 -33.61 10.62
CA MET B 2211 78.61 -32.23 11.07
C MET B 2211 77.20 -31.91 11.57
N VAL B 2212 76.17 -32.38 10.83
CA VAL B 2212 74.77 -32.08 11.15
C VAL B 2212 74.42 -32.54 12.56
N ASN B 2213 74.99 -33.66 12.99
CA ASN B 2213 74.87 -34.12 14.37
C ASN B 2213 75.42 -33.10 15.36
N VAL B 2214 76.56 -32.49 15.05
CA VAL B 2214 77.18 -31.51 15.93
C VAL B 2214 76.41 -30.19 15.93
N LEU B 2215 76.04 -29.69 14.75
CA LEU B 2215 75.29 -28.44 14.65
C LEU B 2215 73.91 -28.58 15.30
N GLY B 2216 73.20 -29.67 15.04
CA GLY B 2216 71.92 -29.88 15.68
C GLY B 2216 72.04 -30.09 17.19
N GLY B 2217 73.10 -30.77 17.63
CA GLY B 2217 73.31 -31.01 19.04
C GLY B 2217 73.71 -29.76 19.79
N GLY B 2218 72.82 -29.28 20.65
CA GLY B 2218 73.08 -28.09 21.44
C GLY B 2218 73.23 -26.80 20.65
N GLU B 2219 72.39 -26.61 19.63
CA GLU B 2219 72.42 -25.36 18.86
C GLU B 2219 71.92 -24.16 19.66
N THR B 2220 71.27 -24.39 20.79
CA THR B 2220 70.80 -23.29 21.62
C THR B 2220 71.90 -22.74 22.51
N LYS B 2221 72.76 -23.62 23.04
CA LYS B 2221 73.78 -23.20 23.99
C LYS B 2221 75.13 -22.93 23.33
N GLU B 2222 75.74 -23.94 22.70
CA GLU B 2222 77.09 -23.83 22.14
C GLU B 2222 77.36 -25.06 21.30
N ILE B 2223 78.14 -24.88 20.24
CA ILE B 2223 78.48 -25.96 19.31
C ILE B 2223 79.71 -26.67 19.89
N ARG B 2224 79.44 -27.75 20.63
CA ARG B 2224 80.48 -28.51 21.31
C ARG B 2224 81.42 -29.17 20.31
N PHE B 2225 82.68 -29.35 20.72
CA PHE B 2225 83.76 -29.99 19.98
C PHE B 2225 84.01 -29.34 18.61
N PRO B 2226 84.45 -28.08 18.53
CA PRO B 2226 84.69 -27.48 17.20
C PRO B 2226 85.93 -27.99 16.50
N LYS B 2227 86.77 -28.77 17.20
CA LYS B 2227 88.03 -29.25 16.62
C LYS B 2227 87.78 -30.16 15.42
N MET B 2228 86.78 -31.03 15.52
CA MET B 2228 86.50 -31.86 14.37
C MET B 2228 85.58 -31.14 13.38
N VAL B 2229 84.87 -30.09 13.82
CA VAL B 2229 84.04 -29.31 12.92
C VAL B 2229 84.90 -28.58 11.89
N THR B 2230 85.97 -27.93 12.36
CA THR B 2230 86.88 -27.28 11.43
C THR B 2230 87.63 -28.29 10.57
N SER B 2231 87.92 -29.49 11.10
CA SER B 2231 88.54 -30.54 10.29
C SER B 2231 87.64 -30.99 9.16
N CYS B 2232 86.35 -31.18 9.45
CA CYS B 2232 85.37 -31.52 8.42
C CYS B 2232 85.20 -30.40 7.41
N CYS B 2233 85.12 -29.15 7.88
CA CYS B 2233 85.00 -28.01 6.96
C CYS B 2233 86.22 -27.90 6.05
N ARG B 2234 87.42 -28.09 6.62
CA ARG B 2234 88.63 -28.08 5.82
C ARG B 2234 88.64 -29.22 4.81
N PHE B 2235 88.01 -30.35 5.15
CA PHE B 2235 87.90 -31.45 4.20
C PHE B 2235 86.93 -31.12 3.08
N LEU B 2236 85.76 -30.57 3.42
CA LEU B 2236 84.78 -30.23 2.39
C LEU B 2236 85.31 -29.14 1.46
N CYS B 2237 85.96 -28.11 2.02
CA CYS B 2237 86.59 -27.07 1.22
C CYS B 2237 87.66 -27.64 0.30
N TYR B 2238 88.46 -28.58 0.83
CA TYR B 2238 89.46 -29.23 -0.01
C TYR B 2238 88.83 -30.21 -1.00
N PHE B 2239 87.61 -30.65 -0.73
CA PHE B 2239 86.87 -31.56 -1.59
C PHE B 2239 86.28 -30.84 -2.80
N CYS B 2240 85.79 -29.61 -2.60
CA CYS B 2240 85.16 -28.88 -3.70
C CYS B 2240 86.15 -28.58 -4.83
N ARG B 2241 87.38 -28.23 -4.47
CA ARG B 2241 88.39 -27.83 -5.44
C ARG B 2241 88.91 -28.97 -6.29
N ILE B 2242 88.55 -30.22 -5.96
CA ILE B 2242 89.03 -31.39 -6.69
C ILE B 2242 88.54 -31.37 -8.14
N SER B 2243 87.25 -31.12 -8.33
CA SER B 2243 86.67 -31.10 -9.67
C SER B 2243 85.35 -30.35 -9.64
N ARG B 2244 84.83 -30.08 -10.84
CA ARG B 2244 83.56 -29.37 -10.98
C ARG B 2244 82.39 -30.22 -10.51
N GLN B 2245 82.42 -31.53 -10.79
CA GLN B 2245 81.36 -32.42 -10.35
C GLN B 2245 81.34 -32.52 -8.83
N ASN B 2246 82.52 -32.47 -8.21
CA ASN B 2246 82.56 -32.40 -6.75
C ASN B 2246 81.97 -31.08 -6.28
N GLN B 2247 82.03 -30.04 -7.12
CA GLN B 2247 81.47 -28.78 -6.72
C GLN B 2247 79.96 -28.78 -6.87
N ARG B 2248 79.40 -29.50 -7.87
CA ARG B 2248 77.95 -29.52 -8.01
C ARG B 2248 77.31 -30.39 -6.94
N SER B 2249 78.06 -31.41 -6.48
CA SER B 2249 77.59 -32.21 -5.35
C SER B 2249 77.41 -31.36 -4.11
N MET B 2250 78.36 -30.46 -3.85
CA MET B 2250 78.15 -29.49 -2.78
C MET B 2250 77.17 -28.41 -3.17
N PHE B 2251 76.99 -28.16 -4.48
CA PHE B 2251 76.11 -27.07 -4.92
C PHE B 2251 74.67 -27.35 -4.57
N ASP B 2252 74.28 -28.62 -4.56
CA ASP B 2252 72.91 -28.92 -4.18
C ASP B 2252 72.62 -28.66 -2.70
N HIS B 2253 73.66 -28.48 -1.87
CA HIS B 2253 73.52 -28.36 -0.42
C HIS B 2253 73.89 -26.97 0.11
N LEU B 2254 73.64 -25.89 -0.63
CA LEU B 2254 73.92 -24.56 -0.07
C LEU B 2254 72.89 -24.08 0.94
N SER B 2255 71.62 -23.96 0.52
CA SER B 2255 70.55 -23.42 1.37
C SER B 2255 70.42 -24.16 2.69
N TYR B 2256 70.67 -25.46 2.67
CA TYR B 2256 70.75 -26.24 3.90
C TYR B 2256 71.94 -25.81 4.72
N LEU B 2257 73.11 -25.64 4.07
CA LEU B 2257 74.33 -25.30 4.81
C LEU B 2257 74.26 -23.86 5.31
N LEU B 2258 73.82 -22.94 4.45
CA LEU B 2258 73.68 -21.54 4.86
C LEU B 2258 72.70 -21.42 6.02
N GLU B 2259 71.62 -22.22 5.99
CA GLU B 2259 70.70 -22.21 7.12
C GLU B 2259 71.40 -22.70 8.39
N ASN B 2260 72.21 -23.76 8.26
CA ASN B 2260 72.94 -24.28 9.42
C ASN B 2260 74.03 -23.33 9.91
N SER B 2261 74.43 -22.36 9.09
CA SER B 2261 75.49 -21.42 9.47
C SER B 2261 74.98 -20.29 10.35
N GLY B 2262 73.70 -20.29 10.72
CA GLY B 2262 73.15 -19.22 11.55
C GLY B 2262 73.74 -19.17 12.94
N ILE B 2263 74.10 -20.31 13.51
CA ILE B 2263 74.62 -20.40 14.87
C ILE B 2263 76.13 -20.65 14.92
N GLY B 2264 76.74 -21.00 13.80
CA GLY B 2264 78.17 -21.27 13.75
C GLY B 2264 79.07 -20.06 13.79
N LEU B 2265 78.48 -18.86 13.94
CA LEU B 2265 79.24 -17.62 13.96
C LEU B 2265 80.15 -17.49 15.18
N GLY B 2266 79.74 -18.07 16.31
CA GLY B 2266 80.57 -18.04 17.50
C GLY B 2266 81.88 -18.77 17.32
N MET B 2267 81.85 -19.88 16.58
CA MET B 2267 83.05 -20.65 16.31
C MET B 2267 83.96 -19.88 15.35
N GLN B 2268 85.27 -19.98 15.57
CA GLN B 2268 86.27 -19.29 14.77
CA GLN B 2268 86.27 -19.29 14.77
C GLN B 2268 87.13 -20.31 14.04
N GLY B 2269 87.49 -20.00 12.80
CA GLY B 2269 88.30 -20.90 12.02
C GLY B 2269 87.70 -21.17 10.66
N SER B 2270 87.72 -22.44 10.25
CA SER B 2270 87.09 -22.84 8.99
C SER B 2270 85.60 -23.05 9.26
N THR B 2271 84.86 -21.94 9.20
CA THR B 2271 83.43 -21.96 9.42
C THR B 2271 82.74 -22.67 8.25
N PRO B 2272 81.50 -23.17 8.45
CA PRO B 2272 80.76 -23.75 7.31
C PRO B 2272 80.45 -22.75 6.20
N LEU B 2273 80.54 -21.45 6.48
CA LEU B 2273 80.39 -20.44 5.45
C LEU B 2273 81.50 -20.58 4.42
N ASP B 2274 82.73 -20.89 4.87
CA ASP B 2274 83.82 -21.06 3.93
C ASP B 2274 83.58 -22.27 3.03
N VAL B 2275 82.90 -23.30 3.54
CA VAL B 2275 82.50 -24.45 2.72
C VAL B 2275 81.50 -24.01 1.66
N ALA B 2276 80.56 -23.14 2.06
CA ALA B 2276 79.60 -22.57 1.13
C ALA B 2276 80.29 -21.77 0.04
N ALA B 2277 81.28 -20.95 0.43
CA ALA B 2277 82.03 -20.18 -0.56
C ALA B 2277 82.82 -21.08 -1.49
N ALA B 2278 83.47 -22.11 -0.92
CA ALA B 2278 84.28 -23.06 -1.68
C ALA B 2278 83.44 -23.84 -2.68
N SER B 2279 82.14 -23.96 -2.43
CA SER B 2279 81.26 -24.57 -3.41
C SER B 2279 80.80 -23.58 -4.47
N VAL B 2280 81.24 -22.33 -4.39
CA VAL B 2280 80.84 -21.30 -5.34
C VAL B 2280 82.01 -20.78 -6.16
N ILE B 2281 83.24 -20.84 -5.63
CA ILE B 2281 84.40 -20.23 -6.28
C ILE B 2281 84.72 -20.86 -7.64
N ASP B 2282 85.06 -19.99 -8.60
CA ASP B 2282 85.60 -20.33 -9.93
C ASP B 2282 84.65 -21.28 -10.69
N ASN B 2283 83.40 -20.87 -10.82
CA ASN B 2283 82.41 -21.64 -11.56
C ASN B 2283 81.28 -20.69 -11.92
N ASN B 2284 80.96 -20.64 -13.22
CA ASN B 2284 80.05 -19.63 -13.77
C ASN B 2284 78.62 -20.13 -13.96
N GLU B 2285 78.44 -21.16 -14.79
CA GLU B 2285 77.10 -21.64 -15.10
C GLU B 2285 76.47 -22.30 -13.88
N LEU B 2286 77.23 -23.13 -13.20
CA LEU B 2286 76.73 -23.97 -12.13
C LEU B 2286 76.53 -23.17 -10.85
N ALA B 2287 77.62 -22.61 -10.32
CA ALA B 2287 77.66 -22.05 -8.98
C ALA B 2287 76.89 -20.74 -8.82
N LEU B 2288 76.39 -20.13 -9.89
CA LEU B 2288 75.79 -18.81 -9.78
C LEU B 2288 74.26 -18.84 -9.84
N ALA B 2289 73.66 -20.01 -9.69
CA ALA B 2289 72.20 -20.16 -9.69
C ALA B 2289 71.59 -20.00 -8.30
N LEU B 2290 72.27 -19.30 -7.39
CA LEU B 2290 71.76 -19.07 -6.04
C LEU B 2290 70.43 -18.31 -6.06
N GLN B 2291 69.47 -18.81 -5.30
CA GLN B 2291 68.16 -18.19 -5.25
C GLN B 2291 68.16 -16.89 -4.47
N GLU B 2292 67.21 -16.02 -4.85
CA GLU B 2292 67.03 -14.74 -4.19
C GLU B 2292 66.67 -14.91 -2.71
N GLN B 2293 65.97 -16.01 -2.37
CA GLN B 2293 65.69 -16.29 -0.97
C GLN B 2293 66.96 -16.54 -0.19
N ASP B 2294 67.94 -17.22 -0.83
CA ASP B 2294 69.23 -17.45 -0.21
C ASP B 2294 69.94 -16.13 0.02
N LEU B 2295 69.93 -15.26 -1.01
CA LEU B 2295 70.64 -13.98 -0.88
C LEU B 2295 70.00 -13.09 0.19
N GLU B 2296 68.67 -13.01 0.22
CA GLU B 2296 68.01 -12.14 1.20
C GLU B 2296 68.18 -12.69 2.61
N LYS B 2297 68.30 -14.01 2.76
CA LYS B 2297 68.46 -14.54 4.09
C LYS B 2297 69.91 -14.33 4.56
N VAL B 2298 70.88 -14.40 3.63
CA VAL B 2298 72.26 -14.14 4.02
C VAL B 2298 72.41 -12.67 4.41
N VAL B 2299 71.83 -11.75 3.63
CA VAL B 2299 71.99 -10.34 3.98
C VAL B 2299 71.22 -10.04 5.28
N SER B 2300 70.14 -10.78 5.60
CA SER B 2300 69.49 -10.59 6.89
C SER B 2300 70.42 -11.00 8.03
N TYR B 2301 71.21 -12.06 7.82
CA TYR B 2301 72.26 -12.41 8.78
C TYR B 2301 73.30 -11.31 8.90
N LEU B 2302 73.67 -10.70 7.77
CA LEU B 2302 74.59 -9.57 7.80
C LEU B 2302 74.00 -8.39 8.55
N ALA B 2303 72.69 -8.14 8.39
CA ALA B 2303 72.00 -7.11 9.14
C ALA B 2303 72.05 -7.37 10.64
N GLY B 2304 71.86 -8.63 11.04
CA GLY B 2304 72.00 -8.98 12.45
C GLY B 2304 73.41 -8.79 12.97
N CYS B 2305 74.41 -9.20 12.18
CA CYS B 2305 75.80 -9.01 12.60
C CYS B 2305 76.20 -7.54 12.66
N GLY B 2306 75.62 -6.72 11.78
CA GLY B 2306 75.82 -5.29 11.83
C GLY B 2306 74.92 -4.58 12.81
N LEU B 2307 74.07 -5.33 13.50
CA LEU B 2307 73.16 -4.78 14.49
C LEU B 2307 73.54 -5.18 15.91
N GLN B 2308 74.29 -6.26 16.09
CA GLN B 2308 74.66 -6.74 17.42
C GLN B 2308 76.14 -7.08 17.46
N SER B 2309 76.72 -7.00 18.66
CA SER B 2309 78.10 -7.39 18.86
C SER B 2309 78.26 -8.90 18.85
N CYS B 2310 79.48 -9.33 18.58
CA CYS B 2310 79.81 -10.76 18.58
C CYS B 2310 79.76 -11.27 20.02
N PRO B 2311 78.94 -12.29 20.31
CA PRO B 2311 78.88 -12.82 21.69
C PRO B 2311 80.20 -13.38 22.20
N MET B 2312 81.00 -14.01 21.34
CA MET B 2312 82.30 -14.52 21.78
C MET B 2312 83.28 -13.39 22.02
N LEU B 2313 83.19 -12.32 21.21
CA LEU B 2313 83.97 -11.10 21.48
C LEU B 2313 83.60 -10.53 22.83
N LEU B 2314 82.30 -10.43 23.11
CA LEU B 2314 81.87 -9.84 24.38
C LEU B 2314 82.32 -10.74 25.54
N ALA B 2315 82.28 -12.06 25.34
CA ALA B 2315 82.69 -13.02 26.35
C ALA B 2315 84.18 -12.92 26.66
N LYS B 2316 84.99 -12.45 25.71
CA LYS B 2316 86.42 -12.35 25.97
C LYS B 2316 86.82 -11.00 26.58
N GLY B 2317 85.86 -10.23 27.08
CA GLY B 2317 86.15 -8.94 27.70
C GLY B 2317 86.37 -7.79 26.76
N TYR B 2318 86.07 -7.95 25.48
CA TYR B 2318 86.26 -6.89 24.49
C TYR B 2318 85.31 -5.73 24.77
N PRO B 2319 85.74 -4.48 24.49
CA PRO B 2319 84.84 -3.33 24.65
C PRO B 2319 83.62 -3.44 23.75
N ASP B 2320 82.49 -2.94 24.24
CA ASP B 2320 81.21 -3.13 23.56
C ASP B 2320 81.03 -2.10 22.45
N ILE B 2321 80.91 -2.60 21.21
CA ILE B 2321 80.52 -1.81 20.05
C ILE B 2321 79.34 -2.52 19.40
N GLY B 2322 78.37 -1.75 18.91
CA GLY B 2322 77.09 -2.32 18.52
C GLY B 2322 77.00 -3.12 17.23
N TRP B 2323 78.12 -3.63 16.72
CA TRP B 2323 78.09 -4.45 15.51
C TRP B 2323 79.33 -5.34 15.47
N ASN B 2324 79.22 -6.44 14.71
CA ASN B 2324 80.30 -7.42 14.65
C ASN B 2324 81.02 -7.30 13.32
N PRO B 2325 82.27 -6.81 13.33
CA PRO B 2325 83.01 -6.68 12.07
C PRO B 2325 83.52 -7.99 11.52
N CYS B 2326 83.98 -8.90 12.37
CA CYS B 2326 84.51 -10.18 11.89
C CYS B 2326 83.41 -10.98 11.20
N GLY B 2327 82.22 -11.01 11.81
CA GLY B 2327 81.09 -11.69 11.22
C GLY B 2327 80.65 -11.04 9.92
N GLY B 2328 80.65 -9.70 9.89
CA GLY B 2328 80.29 -9.00 8.67
C GLY B 2328 81.28 -9.35 7.57
N GLU B 2329 82.58 -9.11 7.80
CA GLU B 2329 83.62 -9.34 6.79
C GLU B 2329 83.63 -10.78 6.30
N ARG B 2330 83.25 -11.72 7.18
CA ARG B 2330 83.07 -13.11 6.81
C ARG B 2330 81.90 -13.28 5.85
N TYR B 2331 80.81 -12.53 6.06
CA TYR B 2331 79.70 -12.64 5.11
C TYR B 2331 80.06 -11.96 3.79
N LEU B 2332 80.74 -10.82 3.86
CA LEU B 2332 81.07 -10.05 2.67
C LEU B 2332 82.02 -10.78 1.74
N ASP B 2333 82.99 -11.56 2.27
CA ASP B 2333 83.83 -12.31 1.33
C ASP B 2333 83.03 -13.40 0.60
N PHE B 2334 82.01 -13.94 1.27
CA PHE B 2334 81.12 -14.90 0.62
C PHE B 2334 80.29 -14.21 -0.46
N LEU B 2335 79.69 -13.07 -0.13
CA LEU B 2335 78.96 -12.32 -1.14
C LEU B 2335 79.87 -11.81 -2.25
N ARG B 2336 81.16 -11.61 -1.96
CA ARG B 2336 82.14 -11.25 -2.98
C ARG B 2336 82.28 -12.38 -4.00
N PHE B 2337 82.33 -13.62 -3.49
CA PHE B 2337 82.45 -14.76 -4.38
C PHE B 2337 81.13 -15.08 -5.05
N ALA B 2338 80.03 -14.59 -4.48
CA ALA B 2338 78.71 -14.89 -5.02
C ALA B 2338 78.45 -14.11 -6.29
N VAL B 2339 79.14 -12.98 -6.46
CA VAL B 2339 78.87 -12.07 -7.57
C VAL B 2339 80.06 -11.92 -8.52
N PHE B 2340 81.29 -12.23 -8.11
CA PHE B 2340 82.43 -11.94 -8.98
C PHE B 2340 83.13 -13.25 -9.30
N VAL B 2341 83.10 -13.66 -10.57
CA VAL B 2341 83.68 -14.91 -11.02
C VAL B 2341 84.47 -14.64 -12.29
N ASN B 2342 85.70 -15.19 -12.35
CA ASN B 2342 86.60 -15.14 -13.52
C ASN B 2342 86.92 -13.72 -13.96
N GLY B 2343 87.05 -12.81 -13.01
CA GLY B 2343 87.43 -11.46 -13.34
C GLY B 2343 86.33 -10.60 -13.89
N GLU B 2344 85.09 -11.09 -13.95
CA GLU B 2344 83.98 -10.30 -14.46
C GLU B 2344 82.81 -10.38 -13.50
N SER B 2345 82.08 -9.28 -13.38
CA SER B 2345 80.92 -9.24 -12.52
C SER B 2345 79.77 -10.00 -13.15
N VAL B 2346 78.83 -10.44 -12.31
CA VAL B 2346 77.67 -11.18 -12.74
C VAL B 2346 76.47 -10.25 -12.66
N GLU B 2347 75.84 -10.02 -13.83
CA GLU B 2347 74.80 -9.01 -13.96
C GLU B 2347 73.58 -9.34 -13.12
N GLU B 2348 73.13 -10.60 -13.17
CA GLU B 2348 71.95 -11.02 -12.42
C GLU B 2348 72.18 -10.99 -10.91
N ASN B 2349 73.37 -11.39 -10.46
CA ASN B 2349 73.61 -11.38 -9.02
C ASN B 2349 73.90 -9.98 -8.49
N ALA B 2350 74.50 -9.12 -9.32
CA ALA B 2350 74.97 -7.80 -8.90
C ALA B 2350 73.82 -6.89 -8.47
N ASN B 2351 72.81 -6.75 -9.32
CA ASN B 2351 71.73 -5.80 -9.01
C ASN B 2351 70.93 -6.30 -7.83
N VAL B 2352 70.72 -7.62 -7.76
CA VAL B 2352 69.89 -8.22 -6.72
C VAL B 2352 70.54 -7.98 -5.36
N VAL B 2353 71.85 -8.27 -5.24
CA VAL B 2353 72.54 -8.09 -3.96
C VAL B 2353 72.59 -6.61 -3.59
N VAL B 2354 72.87 -5.72 -4.56
CA VAL B 2354 72.93 -4.28 -4.27
C VAL B 2354 71.56 -3.78 -3.80
N ARG B 2355 70.48 -4.27 -4.43
CA ARG B 2355 69.13 -3.94 -3.97
C ARG B 2355 68.86 -4.45 -2.55
N LEU B 2356 69.44 -5.59 -2.19
CA LEU B 2356 69.17 -6.11 -0.84
C LEU B 2356 69.93 -5.32 0.21
N LEU B 2357 71.18 -4.94 -0.06
CA LEU B 2357 71.88 -4.04 0.85
C LEU B 2357 71.22 -2.66 0.92
N ILE B 2358 70.70 -2.16 -0.20
CA ILE B 2358 70.21 -0.78 -0.16
C ILE B 2358 68.83 -0.71 0.51
N ARG B 2359 68.08 -1.82 0.58
CA ARG B 2359 66.90 -1.82 1.44
C ARG B 2359 67.27 -1.65 2.90
N LYS B 2360 68.35 -2.30 3.34
CA LYS B 2360 68.70 -2.29 4.76
C LYS B 2360 69.98 -1.48 4.98
N PRO B 2361 69.88 -0.21 5.36
CA PRO B 2361 71.08 0.61 5.53
C PRO B 2361 71.98 0.18 6.68
N GLU B 2362 71.50 -0.62 7.63
CA GLU B 2362 72.34 -1.11 8.71
C GLU B 2362 73.41 -2.08 8.24
N CYS B 2363 73.26 -2.63 7.03
CA CYS B 2363 74.23 -3.60 6.51
C CYS B 2363 75.60 -2.95 6.30
N PHE B 2364 75.62 -1.70 5.83
CA PHE B 2364 76.85 -0.97 5.58
C PHE B 2364 77.61 -0.66 6.87
N GLY B 2365 76.96 -0.77 8.02
CA GLY B 2365 77.57 -0.49 9.30
C GLY B 2365 77.15 0.87 9.81
N PRO B 2366 77.80 1.33 10.89
CA PRO B 2366 77.52 2.69 11.41
C PRO B 2366 77.77 3.81 10.42
N ALA B 2367 78.79 3.68 9.57
CA ALA B 2367 79.06 4.69 8.55
C ALA B 2367 78.06 4.55 7.40
N LEU B 2368 77.75 5.70 6.80
CA LEU B 2368 76.88 5.83 5.62
C LEU B 2368 75.48 5.28 5.86
N ARG B 2369 75.02 5.33 7.12
CA ARG B 2369 73.68 4.89 7.46
CA ARG B 2369 73.68 4.90 7.48
C ARG B 2369 72.61 5.86 6.96
N GLY B 2370 73.00 7.10 6.64
CA GLY B 2370 72.08 8.17 6.30
C GLY B 2370 72.29 9.33 7.25
N GLU B 2371 71.32 9.60 8.12
CA GLU B 2371 71.54 10.49 9.25
C GLU B 2371 72.02 9.68 10.44
N GLY B 2372 73.06 10.17 11.11
CA GLY B 2372 73.76 9.39 12.09
C GLY B 2372 74.84 8.52 11.52
N GLY B 2373 74.94 8.45 10.19
CA GLY B 2373 75.99 7.71 9.53
C GLY B 2373 77.11 8.63 9.09
N SER B 2374 78.23 8.58 9.79
CA SER B 2374 79.37 9.44 9.47
C SER B 2374 80.00 9.02 8.15
N GLY B 2375 80.82 9.93 7.61
CA GLY B 2375 81.52 9.66 6.38
C GLY B 2375 82.53 8.53 6.51
N LEU B 2376 82.82 7.92 5.35
CA LEU B 2376 83.77 6.80 5.29
C LEU B 2376 85.17 7.24 5.72
N LEU B 2377 85.53 8.50 5.49
CA LEU B 2377 86.78 9.02 6.02
C LEU B 2377 86.77 9.10 7.54
N ALA B 2378 85.61 9.38 8.13
CA ALA B 2378 85.53 9.38 9.58
C ALA B 2378 85.59 7.95 10.12
N ALA B 2379 84.98 7.01 9.39
CA ALA B 2379 85.00 5.62 9.82
C ALA B 2379 86.41 5.04 9.73
N ILE B 2380 87.13 5.34 8.64
CA ILE B 2380 88.49 4.81 8.51
C ILE B 2380 89.41 5.46 9.54
N GLU B 2381 89.18 6.76 9.86
CA GLU B 2381 90.03 7.43 10.84
C GLU B 2381 89.83 6.85 12.22
N GLU B 2382 88.56 6.69 12.64
CA GLU B 2382 88.31 6.10 13.96
C GLU B 2382 88.77 4.65 14.01
N ALA B 2383 88.75 3.93 12.88
CA ALA B 2383 89.25 2.56 12.89
C ALA B 2383 90.76 2.56 13.08
N ILE B 2384 91.45 3.55 12.50
CA ILE B 2384 92.89 3.66 12.68
C ILE B 2384 93.20 3.94 14.14
N ARG B 2385 92.46 4.85 14.77
CA ARG B 2385 92.76 5.21 16.16
C ARG B 2385 92.48 4.04 17.10
N ILE B 2386 91.38 3.30 16.86
CA ILE B 2386 91.03 2.16 17.72
C ILE B 2386 92.10 1.07 17.59
N SER B 2387 92.52 0.78 16.35
CA SER B 2387 93.52 -0.26 16.14
C SER B 2387 94.87 0.13 16.74
N GLU B 2388 95.29 1.38 16.54
CA GLU B 2388 96.62 1.78 17.00
C GLU B 2388 96.67 1.98 18.51
N ASP B 2389 95.53 2.28 19.15
CA ASP B 2389 95.53 2.49 20.59
C ASP B 2389 94.97 1.29 21.33
N PRO B 2390 95.77 0.56 22.12
CA PRO B 2390 95.26 -0.58 22.89
C PRO B 2390 94.28 -0.20 24.00
N ALA B 2391 93.81 -1.23 24.75
CA ALA B 2391 92.80 -1.23 25.81
C ALA B 2391 91.38 -1.02 25.27
N ARG B 2392 91.27 -0.75 23.97
CA ARG B 2392 90.02 -0.75 23.25
C ARG B 2392 90.12 -1.54 21.96
N ASP B 2393 91.32 -1.99 21.59
CA ASP B 2393 91.52 -2.82 20.42
C ASP B 2393 91.36 -4.30 20.73
N GLY B 2394 91.55 -4.70 21.98
CA GLY B 2394 91.41 -6.08 22.36
C GLY B 2394 90.79 -6.22 23.74
N PRO B 2395 90.99 -7.38 24.38
CA PRO B 2395 90.49 -7.56 25.75
C PRO B 2395 91.08 -6.58 26.75
N GLY B 2396 92.33 -6.18 26.57
CA GLY B 2396 92.98 -5.23 27.46
C GLY B 2396 93.20 -5.75 28.87
N VAL B 2397 93.62 -7.01 29.00
CA VAL B 2397 93.85 -7.61 30.31
C VAL B 2397 95.33 -7.50 30.67
N PRO B 2410 99.72 -12.29 17.54
CA PRO B 2410 98.47 -12.72 18.18
C PRO B 2410 98.69 -13.83 19.21
N PRO B 2411 98.60 -13.50 20.50
CA PRO B 2411 98.76 -14.53 21.54
C PRO B 2411 97.73 -15.64 21.48
N GLU B 2412 96.51 -15.34 21.07
CA GLU B 2412 95.47 -16.35 20.90
C GLU B 2412 95.54 -17.03 19.54
N GLU B 2413 96.45 -16.58 18.66
CA GLU B 2413 96.71 -17.01 17.29
C GLU B 2413 95.60 -16.61 16.31
N ASN B 2414 94.48 -16.12 16.83
CA ASN B 2414 93.39 -15.50 16.09
C ASN B 2414 92.89 -14.28 16.85
N ARG B 2415 93.82 -13.52 17.42
CA ARG B 2415 93.51 -12.41 18.32
C ARG B 2415 92.81 -11.29 17.56
N VAL B 2416 91.55 -11.05 17.91
CA VAL B 2416 90.76 -10.05 17.22
C VAL B 2416 91.21 -8.66 17.64
N HIS B 2417 91.50 -7.82 16.64
CA HIS B 2417 91.81 -6.41 16.83
C HIS B 2417 90.63 -5.64 16.27
N LEU B 2418 89.88 -4.96 17.15
CA LEU B 2418 88.62 -4.31 16.74
C LEU B 2418 88.82 -3.21 15.70
N GLY B 2419 89.81 -2.35 15.88
CA GLY B 2419 90.06 -1.28 14.90
C GLY B 2419 90.38 -1.79 13.51
N HIS B 2420 91.19 -2.85 13.45
CA HIS B 2420 91.51 -3.49 12.18
C HIS B 2420 90.31 -4.24 11.62
N ALA B 2421 89.53 -4.91 12.48
CA ALA B 2421 88.35 -5.63 12.01
C ALA B 2421 87.31 -4.69 11.41
N ILE B 2422 87.08 -3.55 12.05
CA ILE B 2422 86.22 -2.49 11.51
C ILE B 2422 86.77 -1.98 10.18
N MET B 2423 88.08 -1.76 10.13
CA MET B 2423 88.72 -1.25 8.92
C MET B 2423 88.66 -2.26 7.78
N SER B 2424 88.84 -3.54 8.10
CA SER B 2424 88.73 -4.60 7.10
C SER B 2424 87.29 -4.76 6.65
N PHE B 2425 86.33 -4.52 7.56
CA PHE B 2425 84.92 -4.56 7.18
C PHE B 2425 84.62 -3.52 6.13
N TYR B 2426 85.12 -2.30 6.33
CA TYR B 2426 84.82 -1.24 5.37
C TYR B 2426 85.56 -1.48 4.06
N ALA B 2427 86.78 -2.04 4.15
CA ALA B 2427 87.53 -2.39 2.95
C ALA B 2427 86.80 -3.46 2.15
N ALA B 2428 86.27 -4.47 2.85
CA ALA B 2428 85.51 -5.53 2.20
C ALA B 2428 84.25 -4.98 1.56
N LEU B 2429 83.58 -4.03 2.25
CA LEU B 2429 82.36 -3.44 1.71
C LEU B 2429 82.62 -2.69 0.41
N ILE B 2430 83.71 -1.93 0.38
CA ILE B 2430 84.11 -1.23 -0.84
C ILE B 2430 84.55 -2.23 -1.92
N ASP B 2431 85.26 -3.29 -1.54
CA ASP B 2431 85.67 -4.33 -2.48
C ASP B 2431 84.47 -5.05 -3.07
N LEU B 2432 83.48 -5.36 -2.24
CA LEU B 2432 82.25 -6.01 -2.67
C LEU B 2432 81.48 -5.14 -3.64
N LEU B 2433 81.34 -3.84 -3.33
CA LEU B 2433 80.64 -2.94 -4.25
C LEU B 2433 81.38 -2.82 -5.58
N GLY B 2434 82.72 -2.74 -5.51
CA GLY B 2434 83.52 -2.68 -6.73
C GLY B 2434 83.35 -3.92 -7.58
N ARG B 2435 83.24 -5.08 -6.94
CA ARG B 2435 83.00 -6.30 -7.70
C ARG B 2435 81.55 -6.43 -8.16
N CYS B 2436 80.63 -5.69 -7.54
CA CYS B 2436 79.25 -5.63 -7.98
C CYS B 2436 79.01 -4.57 -9.04
N ALA B 2437 80.04 -3.83 -9.43
CA ALA B 2437 79.87 -2.73 -10.37
C ALA B 2437 79.46 -3.24 -11.75
N PRO B 2438 78.59 -2.51 -12.46
CA PRO B 2438 78.25 -2.88 -13.85
C PRO B 2438 79.47 -2.84 -14.76
N GLU B 2439 79.49 -3.76 -15.73
CA GLU B 2439 80.64 -3.86 -16.61
C GLU B 2439 80.73 -2.71 -17.60
N MET B 2440 81.96 -2.44 -18.04
CA MET B 2440 82.25 -1.33 -18.92
C MET B 2440 81.56 -1.50 -20.26
N HIS B 2441 81.58 -2.73 -20.80
CA HIS B 2441 81.01 -2.98 -22.12
C HIS B 2441 79.50 -2.80 -22.08
N LEU B 2442 78.90 -3.02 -20.92
CA LEU B 2442 77.48 -2.77 -20.76
C LEU B 2442 77.18 -1.30 -20.59
N ILE B 2443 78.15 -0.51 -20.10
CA ILE B 2443 77.90 0.92 -19.87
C ILE B 2443 77.65 1.63 -21.20
N GLN B 2444 78.48 1.37 -22.21
CA GLN B 2444 78.32 2.02 -23.51
C GLN B 2444 77.06 1.59 -24.24
N ALA B 2445 76.48 0.45 -23.87
CA ALA B 2445 75.22 0.03 -24.49
C ALA B 2445 74.04 0.88 -24.04
N GLY B 2446 74.21 1.72 -23.03
CA GLY B 2446 73.13 2.57 -22.57
C GLY B 2446 72.06 1.87 -21.79
N LYS B 2447 72.38 0.72 -21.18
CA LYS B 2447 71.40 -0.04 -20.41
C LYS B 2447 70.91 0.77 -19.21
N GLY B 2448 69.58 0.80 -19.05
CA GLY B 2448 68.97 1.67 -18.06
C GLY B 2448 69.33 1.31 -16.64
N GLU B 2449 69.25 0.02 -16.31
CA GLU B 2449 69.57 -0.36 -14.95
C GLU B 2449 71.06 -0.36 -14.72
N ALA B 2450 71.89 -0.67 -15.73
CA ALA B 2450 73.34 -0.62 -15.54
C ALA B 2450 73.80 0.80 -15.22
N LEU B 2451 73.25 1.79 -15.93
CA LEU B 2451 73.54 3.18 -15.65
C LEU B 2451 73.02 3.58 -14.28
N ARG B 2452 71.80 3.12 -13.94
CA ARG B 2452 71.20 3.46 -12.67
C ARG B 2452 72.01 2.90 -11.50
N ILE B 2453 72.44 1.63 -11.62
CA ILE B 2453 73.20 0.99 -10.55
C ILE B 2453 74.54 1.69 -10.36
N ARG B 2454 75.19 2.07 -11.48
CA ARG B 2454 76.47 2.78 -11.35
C ARG B 2454 76.27 4.10 -10.61
N ALA B 2455 75.20 4.83 -10.97
CA ALA B 2455 74.90 6.09 -10.27
C ALA B 2455 74.54 5.84 -8.81
N ILE B 2456 73.92 4.69 -8.51
CA ILE B 2456 73.60 4.33 -7.13
C ILE B 2456 74.86 4.16 -6.30
N LEU B 2457 75.82 3.36 -6.80
CA LEU B 2457 77.07 3.16 -6.07
C LEU B 2457 77.87 4.46 -5.93
N ARG B 2458 77.88 5.29 -6.98
CA ARG B 2458 78.55 6.58 -6.88
C ARG B 2458 77.88 7.48 -5.83
N SER B 2459 76.55 7.44 -5.72
CA SER B 2459 75.85 8.24 -4.72
C SER B 2459 76.09 7.72 -3.31
N LEU B 2460 76.06 6.39 -3.11
CA LEU B 2460 76.38 5.83 -1.79
C LEU B 2460 77.82 6.10 -1.37
N VAL B 2461 78.78 5.83 -2.25
CA VAL B 2461 80.18 5.98 -1.88
C VAL B 2461 80.78 7.17 -2.60
N PRO B 2462 80.97 8.31 -1.94
CA PRO B 2462 81.60 9.46 -2.59
C PRO B 2462 83.06 9.17 -2.94
N LEU B 2463 83.48 9.76 -4.05
CA LEU B 2463 84.83 9.56 -4.56
C LEU B 2463 85.89 10.26 -3.72
N ASP B 2464 85.54 11.41 -3.14
CA ASP B 2464 86.51 12.22 -2.38
C ASP B 2464 87.01 11.49 -1.14
N ASP B 2465 86.13 10.78 -0.43
CA ASP B 2465 86.57 10.07 0.76
C ASP B 2465 87.52 8.94 0.37
N LEU B 2466 87.28 8.30 -0.78
CA LEU B 2466 88.19 7.27 -1.27
C LEU B 2466 89.57 7.85 -1.58
N VAL B 2467 89.59 9.07 -2.15
CA VAL B 2467 90.86 9.75 -2.40
C VAL B 2467 91.58 10.02 -1.07
N GLY B 2468 90.82 10.43 -0.06
CA GLY B 2468 91.41 10.64 1.26
C GLY B 2468 91.97 9.37 1.87
N ILE B 2469 91.27 8.25 1.68
CA ILE B 2469 91.74 6.95 2.17
C ILE B 2469 93.04 6.54 1.46
N ILE B 2470 93.11 6.79 0.15
CA ILE B 2470 94.34 6.51 -0.59
C ILE B 2470 95.47 7.40 -0.06
N SER B 2471 95.16 8.68 0.19
CA SER B 2471 96.16 9.60 0.73
C SER B 2471 96.55 9.29 2.17
N LEU B 2472 95.79 8.45 2.87
CA LEU B 2472 96.13 8.06 4.24
C LEU B 2472 97.43 7.26 4.28
N PRO B 2473 98.36 7.60 5.17
CA PRO B 2473 99.68 6.99 5.14
C PRO B 2473 99.68 5.56 5.67
N LEU B 2474 100.82 4.91 5.51
CA LEU B 2474 101.07 3.56 6.01
C LEU B 2474 101.90 3.63 7.29
N GLN B 2475 101.98 2.49 7.97
CA GLN B 2475 102.93 2.31 9.06
C GLN B 2475 104.16 1.67 8.46
N ILE B 2476 105.23 2.45 8.34
CA ILE B 2476 106.43 2.06 7.62
C ILE B 2476 107.39 1.39 8.59
N PRO B 2477 107.80 0.14 8.34
CA PRO B 2477 108.84 -0.49 9.17
C PRO B 2477 110.14 0.29 9.07
N THR B 2478 110.87 0.37 10.18
CA THR B 2478 112.09 1.13 10.26
C THR B 2478 113.25 0.23 10.67
N LEU B 2479 114.42 0.84 10.85
CA LEU B 2479 115.63 0.14 11.28
C LEU B 2479 116.10 0.82 12.56
N GLY B 2480 116.04 0.08 13.66
CA GLY B 2480 116.41 0.63 14.95
C GLY B 2480 116.26 -0.45 16.00
N LYS B 2481 116.52 -0.04 17.26
CA LYS B 2481 116.46 -0.90 18.45
C LYS B 2481 117.40 -2.10 18.30
N ASP B 2482 118.70 -1.76 18.25
CA ASP B 2482 119.82 -2.69 18.04
C ASP B 2482 119.76 -3.30 16.64
N GLY B 2483 119.22 -2.55 15.68
CA GLY B 2483 119.19 -2.97 14.30
C GLY B 2483 118.21 -4.08 13.98
N ALA B 2484 117.33 -4.43 14.91
CA ALA B 2484 116.36 -5.49 14.68
C ALA B 2484 115.29 -5.02 13.70
N LEU B 2485 114.56 -5.99 13.14
CA LEU B 2485 113.51 -5.70 12.18
C LEU B 2485 112.29 -5.12 12.89
N VAL B 2486 112.21 -3.79 12.98
CA VAL B 2486 111.08 -3.13 13.63
C VAL B 2486 109.92 -3.17 12.64
N GLN B 2487 108.97 -4.08 12.88
CA GLN B 2487 107.84 -4.29 12.00
C GLN B 2487 106.54 -4.22 12.79
N PRO B 2488 105.45 -3.76 12.18
CA PRO B 2488 104.18 -3.64 12.89
C PRO B 2488 103.48 -4.98 12.99
N LYS B 2489 102.31 -4.96 13.62
CA LYS B 2489 101.44 -6.12 13.76
C LYS B 2489 100.42 -6.05 12.63
N MET B 2490 100.42 -7.09 11.79
CA MET B 2490 99.69 -7.05 10.51
C MET B 2490 98.18 -6.93 10.74
N SER B 2491 97.62 -7.80 11.57
CA SER B 2491 96.21 -7.79 11.90
C SER B 2491 95.81 -6.68 12.87
N ALA B 2492 96.71 -5.73 13.15
CA ALA B 2492 96.40 -4.60 14.03
C ALA B 2492 96.92 -3.28 13.48
N SER B 2493 97.33 -3.23 12.22
CA SER B 2493 97.86 -2.00 11.62
C SER B 2493 97.33 -1.87 10.20
N PHE B 2494 97.52 -0.68 9.63
CA PHE B 2494 97.05 -0.39 8.29
C PHE B 2494 97.82 -1.19 7.25
N VAL B 2495 97.10 -1.76 6.29
CA VAL B 2495 97.69 -2.71 5.34
C VAL B 2495 97.40 -2.25 3.90
N PRO B 2496 98.25 -2.62 2.94
CA PRO B 2496 97.98 -2.28 1.53
C PRO B 2496 96.76 -2.98 0.93
N ASP B 2497 96.28 -4.07 1.53
CA ASP B 2497 95.13 -4.81 0.99
C ASP B 2497 93.87 -3.95 0.98
N HIS B 2498 93.66 -3.18 2.05
CA HIS B 2498 92.51 -2.28 2.10
C HIS B 2498 92.61 -1.18 1.05
N LYS B 2499 93.85 -0.77 0.74
CA LYS B 2499 94.04 0.20 -0.33
C LYS B 2499 93.76 -0.44 -1.68
N ALA B 2500 94.10 -1.72 -1.85
CA ALA B 2500 93.79 -2.43 -3.09
C ALA B 2500 92.28 -2.50 -3.28
N SER B 2501 91.56 -2.71 -2.16
CA SER B 2501 90.10 -2.67 -2.20
C SER B 2501 89.60 -1.29 -2.59
N MET B 2502 90.37 -0.24 -2.27
CA MET B 2502 89.95 1.10 -2.70
C MET B 2502 90.16 1.27 -4.21
N VAL B 2503 91.27 0.73 -4.71
CA VAL B 2503 91.63 0.88 -6.12
C VAL B 2503 90.62 0.17 -7.01
N LEU B 2504 90.19 -1.03 -6.61
CA LEU B 2504 89.27 -1.80 -7.45
C LEU B 2504 87.95 -1.06 -7.64
N PHE B 2505 87.46 -0.44 -6.56
CA PHE B 2505 86.23 0.36 -6.64
C PHE B 2505 86.47 1.53 -7.56
N LEU B 2506 87.68 2.11 -7.49
CA LEU B 2506 87.99 3.26 -8.32
C LEU B 2506 87.96 2.88 -9.80
N ASP B 2507 88.69 1.83 -10.16
CA ASP B 2507 88.82 1.48 -11.57
C ASP B 2507 87.55 0.87 -12.15
N ARG B 2508 86.57 0.52 -11.32
CA ARG B 2508 85.35 -0.08 -11.84
C ARG B 2508 84.10 0.79 -11.73
N VAL B 2509 83.99 1.63 -10.70
CA VAL B 2509 82.77 2.40 -10.49
C VAL B 2509 82.89 3.82 -11.00
N TYR B 2510 83.85 4.58 -10.45
CA TYR B 2510 84.03 5.96 -10.87
C TYR B 2510 84.90 6.06 -12.11
N GLY B 2511 86.04 5.38 -12.10
CA GLY B 2511 86.94 5.39 -13.24
C GLY B 2511 87.72 6.69 -13.39
N ILE B 2512 88.85 6.61 -14.08
CA ILE B 2512 89.68 7.76 -14.38
C ILE B 2512 89.56 8.07 -15.86
N GLU B 2513 89.01 9.24 -16.16
CA GLU B 2513 88.68 9.64 -17.52
C GLU B 2513 89.48 10.83 -18.02
N ASN B 2514 90.02 11.66 -17.12
CA ASN B 2514 90.71 12.88 -17.50
C ASN B 2514 92.03 13.02 -16.75
N GLN B 2515 92.93 13.79 -17.37
CA GLN B 2515 94.28 13.96 -16.86
C GLN B 2515 94.30 14.69 -15.51
N ASP B 2516 93.47 15.73 -15.37
CA ASP B 2516 93.50 16.55 -14.16
C ASP B 2516 93.14 15.75 -12.91
N PHE B 2517 92.10 14.92 -13.01
CA PHE B 2517 91.73 14.07 -11.88
C PHE B 2517 92.64 12.86 -11.79
N LEU B 2518 93.32 12.50 -12.88
CA LEU B 2518 94.27 11.40 -12.80
C LEU B 2518 95.45 11.81 -11.94
N LEU B 2519 96.12 12.89 -12.36
CA LEU B 2519 97.29 13.40 -11.64
C LEU B 2519 96.91 13.93 -10.26
N HIS B 2520 95.63 14.30 -10.07
CA HIS B 2520 95.13 14.73 -8.77
C HIS B 2520 95.24 13.61 -7.77
N VAL B 2521 94.90 12.38 -8.16
CA VAL B 2521 94.95 11.27 -7.22
C VAL B 2521 96.39 10.79 -7.12
N LEU B 2522 97.14 10.91 -8.24
CA LEU B 2522 98.50 10.39 -8.31
C LEU B 2522 99.42 11.09 -7.33
N ASP B 2523 99.31 12.42 -7.22
CA ASP B 2523 100.26 13.09 -6.37
C ASP B 2523 99.83 13.15 -4.91
N VAL B 2524 98.59 12.76 -4.59
CA VAL B 2524 98.14 12.79 -3.21
C VAL B 2524 98.30 11.44 -2.53
N GLY B 2525 97.98 10.32 -3.22
CA GLY B 2525 98.06 9.05 -2.54
C GLY B 2525 98.94 7.96 -3.11
N PHE B 2526 99.14 7.97 -4.42
CA PHE B 2526 99.86 6.89 -5.08
C PHE B 2526 101.37 7.08 -5.04
N LEU B 2527 101.83 8.32 -5.27
CA LEU B 2527 103.27 8.61 -5.31
C LEU B 2527 104.00 8.30 -3.99
N PRO B 2528 103.52 8.69 -2.78
CA PRO B 2528 104.24 8.26 -1.56
C PRO B 2528 104.30 6.76 -1.37
N ASP B 2529 103.25 6.03 -1.76
CA ASP B 2529 103.26 4.58 -1.55
C ASP B 2529 104.23 3.90 -2.53
N MET B 2530 104.20 4.32 -3.80
CA MET B 2530 105.06 3.69 -4.78
C MET B 2530 106.52 4.02 -4.48
N ARG B 2531 106.78 5.22 -3.93
CA ARG B 2531 108.13 5.51 -3.47
C ARG B 2531 108.48 4.66 -2.25
N ALA B 2532 107.49 4.40 -1.39
CA ALA B 2532 107.73 3.66 -0.15
C ALA B 2532 108.17 2.24 -0.45
N ALA B 2533 107.54 1.60 -1.44
CA ALA B 2533 107.89 0.23 -1.81
C ALA B 2533 109.32 0.15 -2.35
N ALA B 2534 109.71 1.13 -3.16
CA ALA B 2534 111.07 1.16 -3.70
C ALA B 2534 112.09 1.48 -2.60
N SER B 2535 111.75 2.38 -1.68
CA SER B 2535 112.64 2.71 -0.59
C SER B 2535 112.85 1.51 0.34
N LEU B 2536 111.77 0.82 0.69
CA LEU B 2536 111.89 -0.39 1.49
C LEU B 2536 112.51 -1.56 0.73
N ASP B 2537 112.65 -1.45 -0.59
CA ASP B 2537 113.32 -2.49 -1.37
C ASP B 2537 114.82 -2.30 -1.16
N THR B 2538 115.36 -3.00 -0.17
CA THR B 2538 116.79 -2.90 0.14
C THR B 2538 117.31 -4.29 0.47
N ALA B 2539 118.55 -4.37 0.97
CA ALA B 2539 119.14 -5.66 1.31
C ALA B 2539 118.52 -6.31 2.55
N THR B 2540 117.71 -5.57 3.32
CA THR B 2540 117.11 -6.09 4.54
C THR B 2540 115.59 -6.17 4.46
N PHE B 2541 114.93 -5.07 4.11
CA PHE B 2541 113.48 -4.97 4.20
C PHE B 2541 112.74 -5.50 2.97
N SER B 2542 113.42 -5.83 1.88
CA SER B 2542 112.75 -6.29 0.66
C SER B 2542 112.03 -7.61 0.86
N THR B 2543 112.52 -8.45 1.77
CA THR B 2543 111.92 -9.76 2.01
C THR B 2543 110.88 -9.68 3.13
N THR B 2544 110.71 -8.51 3.74
CA THR B 2544 109.72 -8.34 4.81
C THR B 2544 108.30 -8.41 4.25
N GLU B 2545 107.38 -8.73 5.14
CA GLU B 2545 105.98 -8.96 4.77
C GLU B 2545 105.28 -7.69 4.28
N MET B 2546 105.62 -6.52 4.85
CA MET B 2546 105.07 -5.26 4.37
C MET B 2546 105.50 -4.95 2.95
N ALA B 2547 106.79 -5.14 2.65
CA ALA B 2547 107.31 -4.87 1.32
C ALA B 2547 106.65 -5.76 0.27
N LEU B 2548 106.51 -7.05 0.57
CA LEU B 2548 105.81 -7.97 -0.34
C LEU B 2548 104.33 -7.62 -0.45
N ALA B 2549 103.74 -7.08 0.62
CA ALA B 2549 102.37 -6.60 0.56
C ALA B 2549 102.26 -5.44 -0.41
N LEU B 2550 103.24 -4.52 -0.39
CA LEU B 2550 103.27 -3.44 -1.36
C LEU B 2550 103.45 -3.97 -2.78
N ASN B 2551 104.32 -4.99 -2.94
CA ASN B 2551 104.59 -5.55 -4.27
C ASN B 2551 103.34 -6.14 -4.89
N ARG B 2552 102.61 -6.97 -4.12
CA ARG B 2552 101.37 -7.56 -4.62
C ARG B 2552 100.32 -6.48 -4.81
N TYR B 2553 100.26 -5.51 -3.89
CA TYR B 2553 99.25 -4.47 -3.92
C TYR B 2553 99.39 -3.60 -5.16
N LEU B 2554 100.62 -3.23 -5.50
CA LEU B 2554 100.80 -2.40 -6.68
C LEU B 2554 100.57 -3.21 -7.94
N CYS B 2555 101.18 -4.41 -8.02
CA CYS B 2555 101.15 -5.19 -9.26
C CYS B 2555 99.79 -5.78 -9.59
N LEU B 2556 98.90 -5.88 -8.60
CA LEU B 2556 97.59 -6.49 -8.87
C LEU B 2556 96.56 -5.44 -9.24
N ALA B 2557 96.52 -4.33 -8.52
CA ALA B 2557 95.47 -3.35 -8.71
C ALA B 2557 95.96 -1.97 -9.11
N VAL B 2558 97.06 -1.47 -8.55
CA VAL B 2558 97.43 -0.08 -8.79
C VAL B 2558 98.03 0.08 -10.17
N LEU B 2559 99.11 -0.65 -10.45
CA LEU B 2559 99.87 -0.52 -11.70
C LEU B 2559 99.03 -0.70 -12.98
N PRO B 2560 98.11 -1.69 -13.10
CA PRO B 2560 97.25 -1.71 -14.30
C PRO B 2560 96.39 -0.47 -14.48
N LEU B 2561 95.95 0.17 -13.38
CA LEU B 2561 95.11 1.36 -13.50
C LEU B 2561 95.85 2.52 -14.17
N ILE B 2562 97.10 2.76 -13.77
CA ILE B 2562 97.94 3.75 -14.44
C ILE B 2562 98.29 3.28 -15.85
N THR B 2563 98.52 1.98 -16.03
CA THR B 2563 98.77 1.46 -17.38
C THR B 2563 97.57 1.69 -18.30
N LYS B 2564 96.35 1.59 -17.76
CA LYS B 2564 95.15 1.92 -18.51
C LYS B 2564 95.09 3.41 -18.83
N CYS B 2565 95.47 4.25 -17.87
CA CYS B 2565 95.35 5.69 -18.04
C CYS B 2565 96.64 6.33 -18.54
N ALA B 2566 97.52 5.55 -19.17
CA ALA B 2566 98.73 6.10 -19.77
C ALA B 2566 98.52 7.18 -20.84
N PRO B 2567 97.54 7.11 -21.78
CA PRO B 2567 97.40 8.19 -22.78
C PRO B 2567 97.11 9.58 -22.20
N LEU B 2568 96.65 9.68 -20.96
CA LEU B 2568 96.32 10.97 -20.36
C LEU B 2568 97.54 11.73 -19.88
N PHE B 2569 98.75 11.20 -20.04
CA PHE B 2569 99.98 11.86 -19.65
C PHE B 2569 100.53 12.81 -20.71
N ALA B 2570 99.81 12.99 -21.82
CA ALA B 2570 100.33 13.79 -22.93
C ALA B 2570 100.46 15.26 -22.56
N GLY B 2571 99.46 15.82 -21.89
CA GLY B 2571 99.44 17.25 -21.61
C GLY B 2571 99.79 17.61 -20.19
N THR B 2572 100.79 16.94 -19.61
CA THR B 2572 101.20 17.19 -18.23
C THR B 2572 102.57 17.87 -18.26
N GLU B 2573 102.71 18.83 -19.19
CA GLU B 2573 103.95 19.59 -19.28
C GLU B 2573 104.16 20.48 -18.06
N HIS B 2574 103.11 21.12 -17.57
CA HIS B 2574 103.24 22.06 -16.46
C HIS B 2574 103.53 21.37 -15.14
N ARG B 2575 103.15 20.10 -15.00
CA ARG B 2575 103.28 19.37 -13.75
C ARG B 2575 104.38 18.31 -13.93
N ALA B 2576 105.45 18.69 -14.63
CA ALA B 2576 106.42 17.72 -15.12
C ALA B 2576 107.36 17.15 -14.06
N ILE B 2577 107.68 17.92 -13.01
CA ILE B 2577 108.71 17.50 -12.06
C ILE B 2577 108.26 16.27 -11.25
N MET B 2578 106.97 16.19 -10.92
CA MET B 2578 106.46 15.00 -10.25
C MET B 2578 106.34 13.81 -11.21
N VAL B 2579 106.04 14.06 -12.48
CA VAL B 2579 106.06 13.01 -13.49
C VAL B 2579 107.46 12.44 -13.62
N ASP B 2580 108.46 13.32 -13.65
CA ASP B 2580 109.87 12.91 -13.69
C ASP B 2580 110.26 12.10 -12.47
N SER B 2581 109.74 12.49 -11.29
CA SER B 2581 110.00 11.72 -10.08
C SER B 2581 109.30 10.38 -10.14
N MET B 2582 108.06 10.35 -10.66
CA MET B 2582 107.28 9.12 -10.73
C MET B 2582 107.95 8.11 -11.64
N LEU B 2583 108.42 8.56 -12.82
CA LEU B 2583 109.09 7.65 -13.76
C LEU B 2583 110.40 7.14 -13.18
N HIS B 2584 111.14 8.00 -12.46
CA HIS B 2584 112.40 7.56 -11.88
CA HIS B 2584 112.40 7.57 -11.86
C HIS B 2584 112.15 6.53 -10.78
N THR B 2585 111.15 6.78 -9.93
CA THR B 2585 110.88 5.87 -8.82
C THR B 2585 110.31 4.54 -9.34
N VAL B 2586 109.43 4.59 -10.35
CA VAL B 2586 108.88 3.33 -10.87
C VAL B 2586 109.98 2.53 -11.58
N TYR B 2587 110.95 3.20 -12.22
CA TYR B 2587 112.09 2.47 -12.77
C TYR B 2587 112.92 1.84 -11.65
N ARG B 2588 113.12 2.56 -10.54
CA ARG B 2588 113.80 1.96 -9.40
C ARG B 2588 112.99 0.82 -8.78
N LEU B 2589 111.65 0.91 -8.87
CA LEU B 2589 110.79 -0.21 -8.49
C LEU B 2589 111.03 -1.42 -9.37
N SER B 2590 111.20 -1.20 -10.68
CA SER B 2590 111.56 -2.29 -11.59
C SER B 2590 112.92 -2.85 -11.22
N ARG B 2591 113.84 -1.99 -10.76
CA ARG B 2591 115.12 -2.41 -10.23
C ARG B 2591 114.99 -2.82 -8.76
N GLY B 2592 114.14 -3.80 -8.52
CA GLY B 2592 113.86 -4.28 -7.16
C GLY B 2592 114.20 -5.74 -6.99
N ARG B 2593 114.82 -6.06 -5.85
CA ARG B 2593 115.20 -7.41 -5.51
C ARG B 2593 114.10 -8.09 -4.70
N SER B 2594 114.10 -9.43 -4.77
CA SER B 2594 113.12 -10.30 -4.09
C SER B 2594 111.69 -10.02 -4.53
N LEU B 2595 111.51 -9.78 -5.83
CA LEU B 2595 110.20 -9.64 -6.44
C LEU B 2595 110.04 -10.68 -7.55
N THR B 2596 108.85 -11.28 -7.61
CA THR B 2596 108.57 -12.35 -8.55
C THR B 2596 108.58 -11.81 -9.98
N LYS B 2597 108.92 -12.68 -10.93
CA LYS B 2597 108.89 -12.30 -12.34
C LYS B 2597 107.48 -11.92 -12.81
N ALA B 2598 106.46 -12.60 -12.26
CA ALA B 2598 105.07 -12.24 -12.53
C ALA B 2598 104.76 -10.82 -12.08
N GLN B 2599 105.25 -10.43 -10.90
CA GLN B 2599 105.17 -9.04 -10.50
C GLN B 2599 105.99 -8.14 -11.40
N ARG B 2600 107.19 -8.60 -11.76
CA ARG B 2600 108.19 -7.81 -12.49
C ARG B 2600 107.70 -7.35 -13.86
N ASP B 2601 107.02 -8.23 -14.59
CA ASP B 2601 106.54 -7.86 -15.93
C ASP B 2601 105.47 -6.76 -15.90
N VAL B 2602 104.79 -6.58 -14.76
CA VAL B 2602 103.73 -5.58 -14.65
C VAL B 2602 104.33 -4.18 -14.68
N ILE B 2603 105.44 -3.96 -13.96
CA ILE B 2603 106.08 -2.65 -13.90
C ILE B 2603 106.61 -2.27 -15.28
N GLU B 2604 107.31 -3.18 -15.96
CA GLU B 2604 107.88 -2.84 -17.26
C GLU B 2604 106.79 -2.58 -18.29
N ASP B 2605 105.69 -3.37 -18.26
CA ASP B 2605 104.57 -3.07 -19.16
C ASP B 2605 103.93 -1.72 -18.85
N CYS B 2606 104.03 -1.28 -17.59
CA CYS B 2606 103.57 0.05 -17.24
C CYS B 2606 104.53 1.11 -17.75
N LEU B 2607 105.83 0.79 -17.76
CA LEU B 2607 106.83 1.76 -18.21
C LEU B 2607 106.68 2.01 -19.70
N MET B 2608 106.58 0.94 -20.50
CA MET B 2608 106.42 1.11 -21.94
C MET B 2608 105.10 1.78 -22.29
N ALA B 2609 104.01 1.43 -21.58
CA ALA B 2609 102.74 2.12 -21.82
C ALA B 2609 102.80 3.61 -21.47
N LEU B 2610 103.44 3.96 -20.34
CA LEU B 2610 103.60 5.37 -19.98
C LEU B 2610 104.48 6.11 -20.98
N CYS B 2611 105.57 5.47 -21.40
CA CYS B 2611 106.55 6.15 -22.24
C CYS B 2611 106.08 6.31 -23.66
N ARG B 2612 105.20 5.44 -24.14
CA ARG B 2612 104.69 5.59 -25.50
CA ARG B 2612 104.71 5.60 -25.51
C ARG B 2612 103.79 6.81 -25.62
N TYR B 2613 103.19 7.25 -24.51
CA TYR B 2613 102.30 8.40 -24.48
C TYR B 2613 102.85 9.53 -23.62
N ILE B 2614 104.14 9.54 -23.32
CA ILE B 2614 104.76 10.66 -22.62
C ILE B 2614 105.70 11.34 -23.62
N ARG B 2615 105.82 12.66 -23.48
CA ARG B 2615 106.71 13.42 -24.35
C ARG B 2615 108.17 13.10 -24.02
N PRO B 2616 109.06 13.15 -25.02
CA PRO B 2616 110.51 12.94 -24.74
C PRO B 2616 111.14 14.00 -23.85
N SER B 2617 110.49 15.16 -23.69
CA SER B 2617 111.05 16.23 -22.86
C SER B 2617 111.20 15.81 -21.41
N MET B 2618 110.20 15.11 -20.87
CA MET B 2618 110.26 14.61 -19.50
C MET B 2618 111.07 13.33 -19.37
N LEU B 2619 111.52 12.74 -20.48
CA LEU B 2619 112.26 11.50 -20.45
C LEU B 2619 113.76 11.70 -20.31
N GLN B 2620 114.23 12.95 -20.28
CA GLN B 2620 115.67 13.24 -20.24
C GLN B 2620 116.33 12.65 -19.00
N HIS B 2621 115.68 12.78 -17.84
CA HIS B 2621 116.23 12.22 -16.62
C HIS B 2621 116.18 10.70 -16.61
N LEU B 2622 115.15 10.12 -17.24
CA LEU B 2622 115.07 8.66 -17.33
C LEU B 2622 116.22 8.11 -18.16
N LEU B 2623 116.46 8.72 -19.33
CA LEU B 2623 117.61 8.32 -20.14
C LEU B 2623 118.93 8.61 -19.43
N ARG B 2624 118.98 9.65 -18.60
CA ARG B 2624 120.17 9.91 -17.79
C ARG B 2624 120.43 8.77 -16.82
N ARG B 2625 119.37 8.23 -16.22
CA ARG B 2625 119.48 7.02 -15.40
C ARG B 2625 119.97 5.84 -16.23
N LEU B 2626 119.47 5.74 -17.47
CA LEU B 2626 119.93 4.66 -18.36
C LEU B 2626 121.39 4.82 -18.74
N VAL B 2627 121.94 6.04 -18.70
CA VAL B 2627 123.34 6.26 -19.05
C VAL B 2627 124.24 5.56 -18.03
N PHE B 2628 123.85 5.57 -16.76
CA PHE B 2628 124.65 4.91 -15.77
C PHE B 2628 124.28 3.45 -15.58
N ASP B 2629 123.06 3.04 -15.93
CA ASP B 2629 122.64 1.67 -15.66
C ASP B 2629 122.82 0.72 -16.83
N VAL B 2630 122.35 1.12 -18.02
CA VAL B 2630 122.35 0.22 -19.19
C VAL B 2630 123.74 -0.24 -19.64
N PRO B 2631 124.78 0.63 -19.75
CA PRO B 2631 126.11 0.13 -20.18
C PRO B 2631 126.75 -0.93 -19.29
N ILE B 2632 126.33 -1.05 -18.03
CA ILE B 2632 126.79 -2.15 -17.18
C ILE B 2632 126.34 -3.49 -17.75
N LEU B 2633 125.21 -3.51 -18.48
CA LEU B 2633 124.61 -4.69 -19.10
C LEU B 2633 124.31 -5.78 -18.06
N ASN B 2634 123.65 -5.37 -16.98
CA ASN B 2634 123.23 -6.28 -15.94
C ASN B 2634 121.93 -6.99 -16.33
N GLU B 2635 121.42 -7.84 -15.42
CA GLU B 2635 120.19 -8.58 -15.66
C GLU B 2635 118.97 -7.67 -15.78
N PHE B 2636 119.03 -6.45 -15.24
CA PHE B 2636 117.93 -5.49 -15.31
C PHE B 2636 118.02 -4.59 -16.54
N ALA B 2637 118.72 -5.04 -17.59
CA ALA B 2637 118.81 -4.32 -18.85
C ALA B 2637 117.75 -4.73 -19.87
N LYS B 2638 116.84 -5.66 -19.51
CA LYS B 2638 115.83 -6.10 -20.47
C LYS B 2638 114.81 -5.00 -20.74
N MET B 2639 114.26 -4.39 -19.70
CA MET B 2639 113.26 -3.36 -19.95
C MET B 2639 113.79 -2.01 -20.47
N PRO B 2640 115.01 -1.52 -20.14
CA PRO B 2640 115.46 -0.28 -20.79
C PRO B 2640 115.75 -0.39 -22.26
N LEU B 2641 116.34 -1.50 -22.73
CA LEU B 2641 116.65 -1.64 -24.15
C LEU B 2641 115.39 -1.65 -25.01
N LYS B 2642 114.33 -2.33 -24.55
CA LYS B 2642 113.02 -2.25 -25.20
C LYS B 2642 112.44 -0.84 -25.08
N LEU B 2643 112.67 -0.20 -23.92
CA LEU B 2643 112.17 1.14 -23.68
C LEU B 2643 112.76 2.13 -24.68
N LEU B 2644 114.09 2.12 -24.80
CA LEU B 2644 114.76 3.03 -25.70
C LEU B 2644 114.44 2.68 -27.15
N THR B 2645 114.21 1.39 -27.44
CA THR B 2645 113.86 0.97 -28.79
C THR B 2645 112.53 1.58 -29.23
N ASN B 2646 111.53 1.50 -28.34
CA ASN B 2646 110.22 2.03 -28.73
C ASN B 2646 110.20 3.55 -28.69
N HIS B 2647 110.93 4.16 -27.74
CA HIS B 2647 110.94 5.61 -27.62
C HIS B 2647 111.63 6.25 -28.81
N TYR B 2648 112.82 5.75 -29.17
CA TYR B 2648 113.55 6.31 -30.29
C TYR B 2648 112.85 6.01 -31.61
N GLU B 2649 112.34 4.77 -31.79
CA GLU B 2649 111.62 4.46 -33.01
C GLU B 2649 110.36 5.32 -33.15
N ARG B 2650 109.77 5.73 -32.03
CA ARG B 2650 108.59 6.59 -32.08
C ARG B 2650 108.96 8.04 -32.37
N CYS B 2651 110.08 8.53 -31.83
CA CYS B 2651 110.45 9.93 -31.97
C CYS B 2651 111.87 10.09 -32.52
N TRP B 2652 112.17 9.39 -33.62
CA TRP B 2652 113.53 9.45 -34.15
C TRP B 2652 113.80 10.76 -34.87
N LYS B 2653 112.81 11.34 -35.56
CA LYS B 2653 112.99 12.64 -36.16
C LYS B 2653 113.01 13.77 -35.14
N TYR B 2654 112.56 13.54 -33.90
CA TYR B 2654 112.66 14.56 -32.86
C TYR B 2654 114.11 14.96 -32.60
N TYR B 2655 115.02 14.01 -32.74
CA TYR B 2655 116.45 14.29 -32.63
C TYR B 2655 117.13 14.45 -33.98
N CYS B 2656 116.51 13.99 -35.07
CA CYS B 2656 117.15 14.05 -36.38
C CYS B 2656 116.81 15.32 -37.15
N LEU B 2657 115.58 15.79 -37.06
CA LEU B 2657 115.20 17.04 -37.73
C LEU B 2657 115.89 18.23 -37.05
N PRO B 2658 116.32 19.23 -37.83
CA PRO B 2658 116.91 20.43 -37.21
C PRO B 2658 115.97 21.15 -36.26
N THR B 2659 114.68 21.16 -36.56
CA THR B 2659 113.69 21.72 -35.64
C THR B 2659 112.99 20.65 -34.81
N GLY B 2660 113.43 19.38 -34.92
CA GLY B 2660 112.82 18.33 -34.14
C GLY B 2660 111.42 17.98 -34.62
N TRP B 2661 110.74 17.18 -33.80
CA TRP B 2661 109.33 16.87 -34.05
C TRP B 2661 108.50 18.14 -33.96
N ALA B 2662 107.46 18.20 -34.79
CA ALA B 2662 106.56 19.35 -34.80
C ALA B 2662 105.90 19.49 -33.43
N ASN B 2663 105.89 20.72 -32.90
CA ASN B 2663 105.21 21.16 -31.66
C ASN B 2663 105.46 20.25 -30.45
N PHE B 2664 106.66 19.64 -30.39
CA PHE B 2664 107.15 18.96 -29.20
C PHE B 2664 108.53 19.41 -28.75
N GLY B 2665 109.17 20.32 -29.48
CA GLY B 2665 110.39 20.92 -29.01
C GLY B 2665 111.62 20.43 -29.74
N VAL B 2666 112.77 20.88 -29.25
CA VAL B 2666 114.10 20.57 -29.80
C VAL B 2666 114.93 20.17 -28.59
N THR B 2667 115.98 19.37 -28.83
CA THR B 2667 116.91 18.97 -27.78
C THR B 2667 117.64 20.19 -27.19
N SER B 2668 118.23 19.98 -26.01
CA SER B 2668 118.93 21.03 -25.29
C SER B 2668 120.44 20.84 -25.27
N GLU B 2669 120.99 20.09 -26.23
CA GLU B 2669 122.42 19.77 -26.45
C GLU B 2669 122.96 18.83 -25.35
N GLU B 2670 122.16 18.50 -24.34
CA GLU B 2670 122.48 17.53 -23.32
C GLU B 2670 121.90 16.16 -23.62
N GLU B 2671 120.67 16.13 -24.15
CA GLU B 2671 120.06 14.86 -24.56
C GLU B 2671 120.85 14.19 -25.67
N LEU B 2672 121.35 14.97 -26.63
CA LEU B 2672 122.19 14.41 -27.69
C LEU B 2672 123.50 13.88 -27.14
N HIS B 2673 124.09 14.59 -26.17
CA HIS B 2673 125.32 14.12 -25.53
C HIS B 2673 125.10 12.81 -24.79
N LEU B 2674 123.97 12.69 -24.08
CA LEU B 2674 123.61 11.45 -23.43
C LEU B 2674 123.37 10.33 -24.45
N THR B 2675 122.67 10.64 -25.55
CA THR B 2675 122.38 9.62 -26.56
C THR B 2675 123.66 9.11 -27.22
N ARG B 2676 124.58 10.03 -27.54
CA ARG B 2676 125.88 9.66 -28.10
C ARG B 2676 126.70 8.84 -27.11
N LYS B 2677 126.66 9.21 -25.83
CA LYS B 2677 127.33 8.42 -24.80
C LYS B 2677 126.71 7.04 -24.66
N LEU B 2678 125.38 6.94 -24.75
CA LEU B 2678 124.70 5.64 -24.75
C LEU B 2678 125.11 4.79 -25.94
N PHE B 2679 125.26 5.42 -27.11
CA PHE B 2679 125.74 4.73 -28.30
C PHE B 2679 127.14 4.17 -28.09
N TRP B 2680 128.05 5.01 -27.58
CA TRP B 2680 129.42 4.57 -27.39
C TRP B 2680 129.52 3.52 -26.29
N GLY B 2681 128.84 3.76 -25.17
CA GLY B 2681 128.91 2.86 -24.03
C GLY B 2681 128.36 1.48 -24.36
N ILE B 2682 127.19 1.45 -25.01
CA ILE B 2682 126.57 0.18 -25.39
C ILE B 2682 127.39 -0.53 -26.46
N PHE B 2683 127.87 0.21 -27.47
CA PHE B 2683 128.66 -0.39 -28.54
C PHE B 2683 129.97 -1.00 -28.02
N ASP B 2684 130.64 -0.29 -27.11
CA ASP B 2684 131.85 -0.81 -26.46
C ASP B 2684 131.54 -1.98 -25.52
N SER B 2685 130.47 -1.87 -24.71
CA SER B 2685 130.13 -2.95 -23.79
C SER B 2685 129.72 -4.20 -24.54
N LEU B 2686 128.95 -4.05 -25.61
CA LEU B 2686 128.54 -5.18 -26.42
C LEU B 2686 129.73 -5.83 -27.11
N ALA B 2687 130.69 -5.01 -27.56
CA ALA B 2687 131.91 -5.55 -28.16
C ALA B 2687 132.74 -6.33 -27.16
N HIS B 2688 132.89 -5.80 -25.94
CA HIS B 2688 133.68 -6.50 -24.93
C HIS B 2688 132.95 -7.74 -24.40
N LYS B 2689 131.63 -7.68 -24.32
CA LYS B 2689 130.82 -8.79 -23.84
C LYS B 2689 130.86 -9.96 -24.82
N LYS B 2690 130.66 -11.16 -24.28
CA LYS B 2690 130.55 -12.34 -25.12
C LYS B 2690 129.23 -12.31 -25.90
N TYR B 2691 129.14 -13.17 -26.90
CA TYR B 2691 127.96 -13.24 -27.76
C TYR B 2691 126.78 -13.77 -26.94
N ASP B 2692 125.90 -12.85 -26.53
CA ASP B 2692 124.70 -13.16 -25.77
C ASP B 2692 123.54 -12.92 -26.72
N GLN B 2693 123.11 -13.99 -27.39
CA GLN B 2693 122.13 -13.90 -28.47
C GLN B 2693 120.80 -13.31 -28.00
N GLU B 2694 120.38 -13.68 -26.78
CA GLU B 2694 119.15 -13.14 -26.20
C GLU B 2694 119.23 -11.63 -26.05
N LEU B 2695 120.36 -11.12 -25.56
CA LEU B 2695 120.53 -9.68 -25.47
C LEU B 2695 120.82 -9.06 -26.83
N TYR B 2696 121.53 -9.78 -27.72
CA TYR B 2696 121.94 -9.23 -29.01
C TYR B 2696 120.74 -8.91 -29.89
N ARG B 2697 119.73 -9.82 -29.90
CA ARG B 2697 118.56 -9.66 -30.77
C ARG B 2697 117.75 -8.44 -30.38
N MET B 2698 117.60 -8.20 -29.09
CA MET B 2698 116.74 -7.13 -28.61
C MET B 2698 117.54 -5.87 -28.25
N ALA B 2699 118.86 -5.91 -28.43
CA ALA B 2699 119.69 -4.73 -28.24
C ALA B 2699 120.08 -4.07 -29.55
N MET B 2700 120.18 -4.84 -30.63
CA MET B 2700 120.48 -4.25 -31.95
C MET B 2700 119.45 -3.21 -32.42
N PRO B 2701 118.11 -3.41 -32.33
CA PRO B 2701 117.19 -2.31 -32.70
C PRO B 2701 117.34 -1.04 -31.89
N CYS B 2702 117.68 -1.16 -30.60
CA CYS B 2702 117.95 0.03 -29.79
C CYS B 2702 119.16 0.81 -30.30
N LEU B 2703 120.23 0.08 -30.67
CA LEU B 2703 121.41 0.71 -31.22
C LEU B 2703 121.10 1.38 -32.56
N CYS B 2704 120.33 0.70 -33.40
CA CYS B 2704 120.04 1.23 -34.72
C CYS B 2704 119.08 2.42 -34.64
N ALA B 2705 118.10 2.36 -33.74
CA ALA B 2705 117.17 3.47 -33.54
C ALA B 2705 117.89 4.69 -33.00
N ILE B 2706 118.84 4.48 -32.07
CA ILE B 2706 119.66 5.58 -31.56
C ILE B 2706 120.47 6.21 -32.67
N ALA B 2707 121.09 5.36 -33.52
CA ALA B 2707 121.94 5.86 -34.60
C ALA B 2707 121.12 6.65 -35.61
N GLY B 2708 119.93 6.15 -35.96
CA GLY B 2708 119.08 6.85 -36.91
C GLY B 2708 118.54 8.15 -36.34
N ALA B 2709 118.23 8.16 -35.03
CA ALA B 2709 117.71 9.37 -34.39
C ALA B 2709 118.78 10.46 -34.31
N LEU B 2710 120.02 10.09 -34.01
CA LEU B 2710 121.08 11.06 -33.82
C LEU B 2710 121.38 11.82 -35.12
N PRO B 2711 121.64 13.13 -35.05
CA PRO B 2711 122.05 13.87 -36.24
C PRO B 2711 123.36 13.34 -36.80
N PRO B 2712 123.50 13.31 -38.12
CA PRO B 2712 124.73 12.75 -38.71
C PRO B 2712 125.97 13.57 -38.42
N ASP B 2713 125.87 14.90 -38.50
CA ASP B 2713 126.98 15.81 -38.28
C ASP B 2713 127.00 16.38 -36.86
N TYR B 2714 126.55 15.59 -35.89
CA TYR B 2714 126.49 16.02 -34.50
C TYR B 2714 127.90 16.26 -33.96
N VAL B 2715 128.08 17.38 -33.28
CA VAL B 2715 129.33 17.71 -32.60
C VAL B 2715 129.00 18.03 -31.15
N ASP B 2716 129.62 17.32 -30.23
CA ASP B 2716 129.36 17.53 -28.82
C ASP B 2716 130.11 18.77 -28.32
N ALA B 2717 129.61 19.33 -27.22
CA ALA B 2717 130.22 20.53 -26.65
C ALA B 2717 131.60 20.22 -26.08
N SER B 2718 131.71 19.16 -25.27
CA SER B 2718 132.96 18.76 -24.65
C SER B 2718 133.39 17.44 -25.26
N TYR B 2719 134.46 17.46 -26.04
CA TYR B 2719 135.00 16.25 -26.67
C TYR B 2719 136.00 15.55 -25.74
N SER B 2720 135.58 15.29 -24.50
CA SER B 2720 136.43 14.65 -23.51
C SER B 2720 135.53 14.04 -22.44
N SER B 2721 136.10 13.12 -21.67
CA SER B 2721 135.39 12.45 -20.59
C SER B 2721 136.42 11.83 -19.65
N LYS B 2722 135.93 11.39 -18.48
CA LYS B 2722 136.79 10.74 -17.51
C LYS B 2722 137.26 9.38 -18.01
N ALA B 2723 136.43 8.70 -18.81
CA ALA B 2723 136.70 7.40 -19.44
C ALA B 2723 137.01 6.32 -18.40
N GLU B 2724 136.02 6.05 -17.56
CA GLU B 2724 136.08 4.99 -16.57
C GLU B 2724 135.03 3.93 -16.90
N LYS B 2725 135.17 2.78 -16.24
CA LYS B 2725 134.32 1.58 -16.42
C LYS B 2725 134.25 1.11 -17.87
N ASN B 2734 124.55 0.82 -6.70
CA ASN B 2734 124.15 1.99 -7.49
C ASN B 2734 125.31 2.91 -7.83
N PHE B 2735 125.08 4.22 -7.79
CA PHE B 2735 126.11 5.20 -8.13
C PHE B 2735 127.05 5.33 -6.94
N ASP B 2736 128.31 4.92 -7.13
CA ASP B 2736 129.33 4.95 -6.07
C ASP B 2736 130.58 5.67 -6.59
N PRO B 2737 130.57 7.01 -6.59
CA PRO B 2737 131.72 7.76 -7.13
C PRO B 2737 132.96 7.68 -6.25
N ARG B 2738 134.00 7.01 -6.74
CA ARG B 2738 135.23 6.89 -5.99
C ARG B 2738 135.99 8.22 -6.02
N PRO B 2739 136.23 8.86 -4.88
CA PRO B 2739 137.02 10.08 -4.89
C PRO B 2739 138.50 9.78 -5.09
N VAL B 2740 139.19 10.73 -5.71
CA VAL B 2740 140.62 10.62 -5.91
C VAL B 2740 141.30 10.94 -4.60
N GLU B 2741 142.38 10.21 -4.27
CA GLU B 2741 143.11 10.45 -3.03
C GLU B 2741 143.70 11.86 -3.02
N THR B 2742 143.44 12.58 -1.93
CA THR B 2742 143.87 13.97 -1.79
C THR B 2742 144.82 14.17 -0.62
N LEU B 2743 144.43 13.74 0.57
CA LEU B 2743 145.27 13.93 1.76
C LEU B 2743 146.44 12.96 1.81
N ASN B 2744 146.36 11.83 1.08
CA ASN B 2744 147.44 10.84 1.08
C ASN B 2744 148.73 11.41 0.50
N VAL B 2745 148.63 12.15 -0.59
CA VAL B 2745 149.80 12.81 -1.17
C VAL B 2745 150.16 14.00 -0.30
N ILE B 2746 151.46 14.26 -0.16
CA ILE B 2746 151.90 15.39 0.65
C ILE B 2746 151.72 16.68 -0.15
N ILE B 2747 151.10 17.67 0.49
CA ILE B 2747 150.88 18.96 -0.15
C ILE B 2747 152.19 19.74 -0.15
N PRO B 2748 152.68 20.18 -1.32
CA PRO B 2748 153.90 20.99 -1.36
C PRO B 2748 153.73 22.31 -0.64
N GLU B 2749 154.76 22.70 0.10
CA GLU B 2749 154.76 23.97 0.83
C GLU B 2749 155.57 25.04 0.12
N LYS B 2750 156.03 24.76 -1.11
CA LYS B 2750 156.77 25.73 -1.90
C LYS B 2750 155.91 26.93 -2.29
N LEU B 2751 154.59 26.75 -2.36
CA LEU B 2751 153.66 27.79 -2.76
C LEU B 2751 152.67 28.12 -1.65
N ASP B 2752 153.10 27.92 -0.38
CA ASP B 2752 152.25 28.21 0.76
C ASP B 2752 151.87 29.68 0.84
N SER B 2753 152.69 30.57 0.27
CA SER B 2753 152.35 31.98 0.15
C SER B 2753 151.18 32.19 -0.80
N PHE B 2754 150.90 31.23 -1.68
CA PHE B 2754 149.77 31.30 -2.58
C PHE B 2754 148.54 30.60 -2.02
N ILE B 2755 148.73 29.54 -1.22
CA ILE B 2755 147.58 28.79 -0.68
C ILE B 2755 146.72 29.66 0.22
N ASN B 2756 147.37 30.41 1.13
CA ASN B 2756 146.63 31.32 1.99
C ASN B 2756 146.17 32.56 1.24
N LYS B 2757 146.92 32.99 0.22
CA LYS B 2757 146.50 34.13 -0.59
C LYS B 2757 145.21 33.82 -1.34
N PHE B 2758 145.15 32.63 -1.95
CA PHE B 2758 143.94 32.18 -2.63
C PHE B 2758 142.80 32.00 -1.63
N ALA B 2759 143.09 31.48 -0.43
CA ALA B 2759 142.04 31.31 0.57
C ALA B 2759 141.47 32.66 1.00
N GLU B 2760 142.35 33.65 1.22
CA GLU B 2760 141.91 34.98 1.61
C GLU B 2760 141.13 35.63 0.50
N TYR B 2761 141.55 35.45 -0.75
CA TYR B 2761 140.80 36.09 -1.83
C TYR B 2761 139.51 35.35 -2.17
N THR B 2762 139.38 34.05 -1.84
CA THR B 2762 138.08 33.39 -1.94
C THR B 2762 137.09 33.97 -0.94
N HIS B 2763 137.57 34.26 0.28
CA HIS B 2763 136.70 34.92 1.24
C HIS B 2763 136.48 36.40 0.90
N GLU B 2764 137.49 37.04 0.31
CA GLU B 2764 137.34 38.42 -0.16
C GLU B 2764 136.33 38.51 -1.29
N LYS B 2765 136.33 37.53 -2.22
CA LYS B 2765 135.29 37.45 -3.24
C LYS B 2765 133.92 37.14 -2.64
N TRP B 2766 133.86 36.38 -1.55
CA TRP B 2766 132.61 36.23 -0.83
C TRP B 2766 132.14 37.56 -0.24
N ALA B 2767 133.07 38.36 0.28
CA ALA B 2767 132.75 39.72 0.69
C ALA B 2767 132.36 40.60 -0.50
N PHE B 2768 132.94 40.36 -1.67
CA PHE B 2768 132.50 41.04 -2.89
C PHE B 2768 131.06 40.67 -3.25
N ASP B 2769 130.68 39.41 -3.04
CA ASP B 2769 129.27 39.01 -3.18
C ASP B 2769 128.40 39.74 -2.17
N LYS B 2770 128.89 39.91 -0.94
CA LYS B 2770 128.16 40.66 0.08
C LYS B 2770 128.00 42.13 -0.31
N ILE B 2771 129.06 42.76 -0.82
CA ILE B 2771 128.99 44.16 -1.24
C ILE B 2771 128.18 44.34 -2.53
N GLN B 2772 128.00 43.28 -3.33
CA GLN B 2772 127.11 43.33 -4.48
C GLN B 2772 125.73 42.77 -4.17
N ASN B 2773 125.49 42.36 -2.93
CA ASN B 2773 124.21 41.82 -2.49
C ASN B 2773 123.22 42.92 -2.12
N ASN B 2774 123.62 44.20 -2.20
CA ASN B 2774 122.93 45.43 -1.82
C ASN B 2774 122.76 45.59 -0.31
N TRP B 2775 123.27 44.66 0.50
CA TRP B 2775 123.21 44.76 1.96
C TRP B 2775 124.62 44.68 2.51
N SER B 2776 124.88 45.47 3.55
CA SER B 2776 126.18 45.50 4.19
C SER B 2776 126.36 44.31 5.14
N TYR B 2777 127.52 44.26 5.77
CA TYR B 2777 127.89 43.21 6.71
C TYR B 2777 128.01 43.81 8.10
N GLY B 2778 127.39 43.15 9.08
CA GLY B 2778 127.38 43.61 10.46
C GLY B 2778 128.21 42.69 11.34
N GLU B 2779 128.82 43.28 12.38
CA GLU B 2779 129.69 42.50 13.25
C GLU B 2779 128.88 41.59 14.17
N ASN B 2780 127.78 42.10 14.71
CA ASN B 2780 127.01 41.37 15.71
C ASN B 2780 126.26 40.20 15.08
N VAL B 2781 125.86 39.26 15.93
CA VAL B 2781 125.10 38.10 15.49
C VAL B 2781 123.64 38.52 15.32
N ASP B 2782 123.11 38.38 14.11
CA ASP B 2782 121.74 38.78 13.82
C ASP B 2782 121.13 37.86 12.78
N GLU B 2783 119.89 37.45 13.01
CA GLU B 2783 119.14 36.67 12.03
C GLU B 2783 118.38 37.54 11.05
N GLU B 2784 118.38 38.86 11.25
CA GLU B 2784 117.72 39.80 10.36
C GLU B 2784 118.59 40.24 9.19
N LEU B 2785 119.86 39.88 9.18
CA LEU B 2785 120.77 40.31 8.13
C LEU B 2785 120.55 39.56 6.81
N LYS B 2786 119.88 38.38 6.86
CA LYS B 2786 119.55 37.48 5.73
C LYS B 2786 120.73 37.19 4.78
N THR B 2787 121.96 37.34 5.29
CA THR B 2787 123.21 37.12 4.57
C THR B 2787 124.16 36.43 5.54
N HIS B 2788 125.44 36.41 5.20
CA HIS B 2788 126.48 35.90 6.07
C HIS B 2788 126.59 36.80 7.29
N PRO B 2789 126.16 36.36 8.48
CA PRO B 2789 126.05 37.31 9.60
C PRO B 2789 127.35 37.61 10.33
N MET B 2790 128.35 36.75 10.19
CA MET B 2790 129.58 36.85 10.97
C MET B 2790 130.74 37.47 10.20
N LEU B 2791 130.48 38.06 9.05
CA LEU B 2791 131.52 38.76 8.30
C LEU B 2791 131.79 40.11 8.94
N ARG B 2792 133.06 40.41 9.15
CA ARG B 2792 133.52 41.65 9.77
C ARG B 2792 134.68 42.21 8.97
N PRO B 2793 134.93 43.52 9.04
CA PRO B 2793 136.12 44.09 8.38
C PRO B 2793 137.40 43.53 8.97
N TYR B 2794 138.45 43.48 8.14
CA TYR B 2794 139.74 42.87 8.48
C TYR B 2794 140.43 43.51 9.67
N LYS B 2795 140.08 44.75 10.02
CA LYS B 2795 140.69 45.42 11.17
C LYS B 2795 140.35 44.69 12.47
N THR B 2796 139.10 44.25 12.63
CA THR B 2796 138.62 43.57 13.82
C THR B 2796 138.06 42.20 13.49
N PHE B 2797 138.67 41.50 12.53
CA PHE B 2797 138.27 40.16 12.13
C PHE B 2797 139.30 39.17 12.63
N SER B 2798 138.87 38.26 13.52
CA SER B 2798 139.76 37.31 14.17
C SER B 2798 140.33 36.30 13.18
N GLU B 2799 141.38 35.61 13.61
CA GLU B 2799 142.05 34.61 12.78
C GLU B 2799 141.59 33.18 13.07
N LYS B 2800 140.74 32.98 14.08
CA LYS B 2800 140.25 31.63 14.40
C LYS B 2800 139.42 31.05 13.28
N ASP B 2801 138.55 31.85 12.67
CA ASP B 2801 137.78 31.38 11.54
C ASP B 2801 138.59 31.42 10.26
N LYS B 2802 139.63 32.27 10.21
CA LYS B 2802 140.47 32.33 9.02
C LYS B 2802 141.28 31.04 8.88
N GLU B 2803 141.66 30.43 10.02
CA GLU B 2803 142.46 29.22 9.93
C GLU B 2803 141.61 28.00 9.56
N ILE B 2804 140.27 28.13 9.53
CA ILE B 2804 139.40 27.04 9.09
C ILE B 2804 138.72 27.36 7.76
N TYR B 2805 138.90 28.58 7.23
CA TYR B 2805 138.29 28.91 5.95
C TYR B 2805 138.93 28.15 4.78
N ARG B 2806 140.18 27.71 4.91
CA ARG B 2806 140.93 27.19 3.78
C ARG B 2806 140.83 25.67 3.60
N TRP B 2807 139.90 25.00 4.29
CA TRP B 2807 139.65 23.58 4.02
C TRP B 2807 139.22 23.29 2.57
N PRO B 2808 138.23 23.99 1.95
CA PRO B 2808 138.01 23.79 0.50
C PRO B 2808 139.20 24.16 -0.36
N ILE B 2809 139.93 25.21 0.03
CA ILE B 2809 141.05 25.68 -0.78
C ILE B 2809 142.19 24.67 -0.73
N LYS B 2810 142.53 24.19 0.47
CA LYS B 2810 143.61 23.20 0.56
C LYS B 2810 143.22 21.89 -0.11
N GLU B 2811 141.92 21.51 -0.05
CA GLU B 2811 141.48 20.30 -0.75
C GLU B 2811 141.49 20.50 -2.26
N SER B 2812 141.24 21.73 -2.72
CA SER B 2812 141.30 22.02 -4.14
C SER B 2812 142.73 21.90 -4.64
N LEU B 2813 143.67 22.49 -3.91
CA LEU B 2813 145.07 22.48 -4.33
C LEU B 2813 145.62 21.06 -4.33
N LYS B 2814 145.37 20.27 -3.28
CA LYS B 2814 145.86 18.90 -3.30
C LYS B 2814 145.07 18.03 -4.28
N ALA B 2815 143.89 18.49 -4.72
CA ALA B 2815 143.14 17.78 -5.74
C ALA B 2815 143.75 18.00 -7.12
N MET B 2816 144.16 19.24 -7.42
CA MET B 2816 144.72 19.53 -8.74
C MET B 2816 146.22 19.32 -8.82
N ILE B 2817 146.90 19.08 -7.69
CA ILE B 2817 148.34 18.94 -7.71
C ILE B 2817 148.81 17.49 -7.79
N ALA B 2818 147.94 16.53 -7.49
CA ALA B 2818 148.28 15.11 -7.57
C ALA B 2818 147.89 14.44 -8.87
N TRP B 2819 147.10 15.09 -9.72
CA TRP B 2819 146.67 14.49 -10.98
C TRP B 2819 147.66 14.74 -12.12
N GLU B 2820 148.95 14.44 -11.87
CA GLU B 2820 150.11 14.56 -12.78
C GLU B 2820 150.11 15.85 -13.61
N TRP B 2821 149.65 16.95 -13.01
CA TRP B 2821 149.53 18.24 -13.67
C TRP B 2821 150.30 19.25 -12.84
N THR B 2822 151.38 19.78 -13.41
CA THR B 2822 152.30 20.62 -12.67
C THR B 2822 151.75 22.03 -12.48
N ILE B 2823 152.25 22.71 -11.45
CA ILE B 2823 151.97 24.10 -11.17
C ILE B 2823 153.30 24.80 -10.94
N GLU B 2824 153.45 26.00 -11.49
CA GLU B 2824 154.71 26.73 -11.41
C GLU B 2824 154.41 28.20 -11.23
N LYS B 2825 155.37 28.92 -10.64
CA LYS B 2825 155.25 30.35 -10.40
C LYS B 2825 155.97 31.08 -11.54
N ALA B 2826 155.18 31.72 -12.41
CA ALA B 2826 155.74 32.43 -13.54
C ALA B 2826 156.35 33.77 -13.15
N ARG B 2827 155.84 34.41 -12.11
CA ARG B 2827 156.27 35.73 -11.69
C ARG B 2827 156.93 35.69 -10.32
N GLU B 2828 157.54 36.82 -9.93
CA GLU B 2828 158.13 37.01 -8.61
C GLU B 2828 157.59 38.33 -8.07
N GLY B 2829 156.50 38.24 -7.33
CA GLY B 2829 155.88 39.43 -6.76
C GLY B 2829 154.78 39.05 -5.80
N GLU B 2830 154.40 40.02 -4.97
CA GLU B 2830 153.34 39.90 -3.95
C GLU B 2830 153.55 38.74 -2.99
N TYR B 2855 139.21 47.15 4.40
CA TYR B 2855 138.55 45.91 4.00
C TYR B 2855 137.64 46.18 2.80
N ASN B 2856 138.14 45.87 1.60
CA ASN B 2856 137.42 46.09 0.37
C ASN B 2856 138.02 45.21 -0.73
N PRO B 2857 137.19 44.46 -1.47
CA PRO B 2857 137.73 43.62 -2.56
C PRO B 2857 138.20 44.42 -3.77
N GLN B 2858 139.34 45.10 -3.63
CA GLN B 2858 139.86 45.91 -4.73
C GLN B 2858 140.25 45.12 -5.99
N PRO B 2859 141.02 44.02 -5.94
CA PRO B 2859 141.33 43.32 -7.20
C PRO B 2859 140.11 42.60 -7.75
N PRO B 2860 139.72 42.88 -8.99
CA PRO B 2860 138.51 42.25 -9.55
C PRO B 2860 138.79 40.96 -10.31
N ASP B 2861 137.89 40.01 -10.13
CA ASP B 2861 137.93 38.71 -10.81
C ASP B 2861 136.61 38.48 -11.50
N LEU B 2862 136.63 38.37 -12.82
CA LEU B 2862 135.46 38.06 -13.62
C LEU B 2862 135.72 36.76 -14.35
N SER B 2863 134.71 35.88 -14.35
CA SER B 2863 134.84 34.53 -14.88
C SER B 2863 133.88 34.25 -16.03
N GLY B 2864 133.51 35.27 -16.79
CA GLY B 2864 132.60 35.07 -17.90
C GLY B 2864 133.25 34.97 -19.27
N VAL B 2865 134.55 35.26 -19.34
CA VAL B 2865 135.26 35.25 -20.61
C VAL B 2865 135.84 33.85 -20.88
N THR B 2866 136.19 33.60 -22.13
CA THR B 2866 136.67 32.29 -22.55
C THR B 2866 138.16 32.13 -22.22
N LEU B 2867 138.64 30.90 -22.41
CA LEU B 2867 140.02 30.54 -22.13
C LEU B 2867 140.33 29.28 -22.93
N SER B 2868 141.62 28.94 -23.01
CA SER B 2868 142.11 27.81 -23.81
C SER B 2868 141.47 26.49 -23.37
N ARG B 2869 141.23 25.63 -24.35
CA ARG B 2869 140.45 24.40 -24.14
C ARG B 2869 141.14 23.40 -23.22
N GLU B 2870 142.45 23.17 -23.39
CA GLU B 2870 143.16 22.19 -22.58
CA GLU B 2870 143.16 22.18 -22.59
C GLU B 2870 143.17 22.56 -21.10
N LEU B 2871 143.44 23.83 -20.81
CA LEU B 2871 143.47 24.31 -19.43
C LEU B 2871 142.06 24.32 -18.83
N GLN B 2872 141.06 24.61 -19.66
CA GLN B 2872 139.69 24.59 -19.17
C GLN B 2872 139.25 23.15 -18.92
N ALA B 2873 139.71 22.21 -19.75
CA ALA B 2873 139.36 20.81 -19.58
C ALA B 2873 139.92 20.27 -18.27
N MET B 2874 141.16 20.67 -17.94
CA MET B 2874 141.70 20.28 -16.64
C MET B 2874 140.96 20.95 -15.48
N ALA B 2875 140.46 22.17 -15.70
CA ALA B 2875 139.65 22.82 -14.65
C ALA B 2875 138.31 22.12 -14.50
N GLU B 2876 137.75 21.60 -15.60
CA GLU B 2876 136.51 20.85 -15.55
C GLU B 2876 136.70 19.51 -14.86
N GLN B 2877 137.86 18.89 -15.03
CA GLN B 2877 138.20 17.69 -14.24
C GLN B 2877 138.27 18.01 -12.76
N LEU B 2878 138.86 19.17 -12.41
CA LEU B 2878 138.89 19.62 -11.02
C LEU B 2878 137.47 19.84 -10.47
N ALA B 2879 136.60 20.47 -11.25
CA ALA B 2879 135.20 20.61 -10.85
C ALA B 2879 134.48 19.28 -10.75
N GLU B 2880 134.84 18.31 -11.62
CA GLU B 2880 134.30 16.97 -11.51
C GLU B 2880 134.72 16.32 -10.20
N ASN B 2881 135.99 16.52 -9.80
CA ASN B 2881 136.44 16.01 -8.50
C ASN B 2881 135.71 16.70 -7.35
N TYR B 2882 135.31 17.97 -7.54
CA TYR B 2882 134.50 18.66 -6.54
C TYR B 2882 133.14 17.99 -6.42
N HIS B 2883 132.56 17.63 -7.58
CA HIS B 2883 131.21 17.10 -7.60
C HIS B 2883 131.18 15.68 -7.03
N ASN B 2884 132.14 14.83 -7.42
CA ASN B 2884 132.14 13.46 -6.94
C ASN B 2884 132.46 13.40 -5.45
N THR B 2885 133.39 14.26 -4.96
CA THR B 2885 133.64 14.30 -3.52
C THR B 2885 132.42 14.80 -2.75
N TRP B 2886 131.71 15.80 -3.30
CA TRP B 2886 130.47 16.30 -2.69
C TRP B 2886 129.42 15.21 -2.62
N GLY B 2887 129.28 14.44 -3.70
CA GLY B 2887 128.34 13.34 -3.71
C GLY B 2887 128.73 12.24 -2.75
N ARG B 2888 130.04 11.95 -2.66
CA ARG B 2888 130.51 10.90 -1.76
C ARG B 2888 130.24 11.25 -0.30
N LYS B 2889 130.53 12.51 0.08
CA LYS B 2889 130.28 12.91 1.46
C LYS B 2889 128.80 13.18 1.75
N LYS B 2890 127.94 13.20 0.74
CA LYS B 2890 126.52 13.24 1.04
C LYS B 2890 125.87 11.87 0.97
N LYS B 2891 126.39 10.99 0.11
CA LYS B 2891 125.93 9.61 0.09
C LYS B 2891 126.41 8.82 1.29
N GLN B 2892 127.40 9.34 2.03
CA GLN B 2892 127.81 8.67 3.26
C GLN B 2892 126.66 8.64 4.27
N GLU B 2893 125.95 9.76 4.41
CA GLU B 2893 124.78 9.79 5.27
C GLU B 2893 123.53 9.32 4.55
N LEU B 2894 123.55 9.29 3.20
CA LEU B 2894 122.40 8.80 2.46
C LEU B 2894 122.29 7.27 2.46
N GLU B 2895 123.42 6.56 2.60
CA GLU B 2895 123.43 5.10 2.56
C GLU B 2895 123.11 4.45 3.90
N ALA B 2896 122.61 5.22 4.87
CA ALA B 2896 122.25 4.65 6.18
C ALA B 2896 121.08 3.68 6.08
N LYS B 2897 120.08 3.99 5.26
CA LYS B 2897 118.94 3.09 5.10
C LYS B 2897 118.97 2.27 3.82
N GLY B 2898 119.69 2.71 2.79
CA GLY B 2898 119.81 1.96 1.56
C GLY B 2898 118.68 2.10 0.58
N GLY B 2899 117.92 3.19 0.62
CA GLY B 2899 116.82 3.38 -0.29
C GLY B 2899 116.85 4.76 -0.92
N GLY B 2900 116.30 4.85 -2.13
CA GLY B 2900 116.23 6.11 -2.83
C GLY B 2900 117.55 6.47 -3.49
N THR B 2901 117.53 7.60 -4.20
CA THR B 2901 118.72 8.11 -4.86
C THR B 2901 118.72 9.63 -4.82
N HIS B 2902 119.93 10.19 -4.70
CA HIS B 2902 120.13 11.63 -4.67
C HIS B 2902 120.12 12.21 -6.08
N PRO B 2903 119.44 13.34 -6.30
CA PRO B 2903 119.44 13.96 -7.64
C PRO B 2903 120.81 14.41 -8.11
N LEU B 2904 121.74 14.68 -7.21
CA LEU B 2904 123.09 15.10 -7.57
C LEU B 2904 124.08 13.95 -7.62
N LEU B 2905 123.64 12.72 -7.39
CA LEU B 2905 124.51 11.54 -7.51
C LEU B 2905 124.44 11.03 -8.95
N VAL B 2906 125.01 11.83 -9.85
CA VAL B 2906 124.99 11.56 -11.28
C VAL B 2906 126.38 11.84 -11.85
N PRO B 2907 126.72 11.21 -13.00
CA PRO B 2907 128.00 11.52 -13.65
C PRO B 2907 128.10 12.99 -14.06
N TYR B 2908 129.32 13.52 -13.96
CA TYR B 2908 129.55 14.97 -14.15
C TYR B 2908 129.22 15.42 -15.57
N ASP B 2909 129.62 14.64 -16.58
CA ASP B 2909 129.38 15.03 -17.95
C ASP B 2909 127.89 14.97 -18.30
N THR B 2910 127.17 13.99 -17.74
CA THR B 2910 125.79 13.75 -18.13
C THR B 2910 124.82 14.76 -17.53
N LEU B 2911 125.11 15.30 -16.35
CA LEU B 2911 124.20 16.22 -15.70
C LEU B 2911 124.11 17.53 -16.50
N THR B 2912 122.93 18.15 -16.43
CA THR B 2912 122.63 19.32 -17.25
C THR B 2912 123.47 20.53 -16.83
N ALA B 2913 123.55 21.51 -17.73
CA ALA B 2913 124.37 22.69 -17.47
C ALA B 2913 123.79 23.56 -16.36
N LYS B 2914 122.47 23.52 -16.15
CA LYS B 2914 121.86 24.30 -15.07
C LYS B 2914 122.35 23.85 -13.69
N GLU B 2915 122.53 22.53 -13.50
CA GLU B 2915 123.09 21.96 -12.28
C GLU B 2915 124.59 21.77 -12.38
N LYS B 2916 125.21 22.19 -13.49
CA LYS B 2916 126.66 22.18 -13.64
C LYS B 2916 127.27 23.55 -13.39
N ALA B 2917 126.46 24.61 -13.44
CA ALA B 2917 126.93 25.98 -13.31
C ALA B 2917 127.57 26.26 -11.95
N ARG B 2918 127.08 25.63 -10.88
CA ARG B 2918 127.67 25.81 -9.56
C ARG B 2918 129.12 25.34 -9.47
N ASP B 2919 129.43 24.17 -10.04
CA ASP B 2919 130.81 23.71 -10.10
C ASP B 2919 131.60 24.40 -11.20
N ARG B 2920 130.94 24.74 -12.31
CA ARG B 2920 131.60 25.44 -13.41
C ARG B 2920 132.08 26.81 -13.00
N GLU B 2921 131.26 27.55 -12.23
CA GLU B 2921 131.62 28.90 -11.80
C GLU B 2921 132.86 28.87 -10.92
N LYS B 2922 132.93 27.89 -10.01
CA LYS B 2922 134.10 27.74 -9.16
C LYS B 2922 135.34 27.37 -9.97
N ALA B 2923 135.17 26.50 -10.98
CA ALA B 2923 136.28 26.16 -11.87
C ALA B 2923 136.76 27.36 -12.67
N GLN B 2924 135.81 28.17 -13.17
CA GLN B 2924 136.14 29.39 -13.91
C GLN B 2924 136.86 30.40 -13.03
N GLU B 2925 136.35 30.63 -11.81
CA GLU B 2925 136.93 31.63 -10.91
C GLU B 2925 138.32 31.20 -10.47
N LEU B 2926 138.49 29.92 -10.10
CA LEU B 2926 139.80 29.43 -9.69
C LEU B 2926 140.80 29.51 -10.84
N LEU B 2927 140.35 29.14 -12.05
CA LEU B 2927 141.24 29.20 -13.20
C LEU B 2927 141.59 30.64 -13.58
N LYS B 2928 140.64 31.57 -13.41
CA LYS B 2928 140.95 32.99 -13.64
C LYS B 2928 141.95 33.49 -12.62
N PHE B 2929 141.79 33.07 -11.35
CA PHE B 2929 142.76 33.42 -10.32
C PHE B 2929 144.14 32.87 -10.66
N LEU B 2930 144.20 31.71 -11.31
CA LEU B 2930 145.50 31.22 -11.76
C LEU B 2930 146.01 32.02 -12.96
N GLN B 2931 145.09 32.52 -13.79
CA GLN B 2931 145.50 33.20 -15.01
C GLN B 2931 146.08 34.59 -14.73
N MET B 2932 145.29 35.47 -14.11
CA MET B 2932 145.72 36.85 -13.89
C MET B 2932 146.93 36.93 -12.96
N ASN B 2933 146.94 36.15 -11.88
CA ASN B 2933 148.09 36.14 -10.98
C ASN B 2933 149.33 35.49 -11.61
N GLY B 2934 149.17 34.69 -12.67
CA GLY B 2934 150.31 34.13 -13.35
C GLY B 2934 150.67 32.70 -12.98
N TYR B 2935 149.68 31.82 -12.97
CA TYR B 2935 149.87 30.41 -12.69
C TYR B 2935 149.38 29.62 -13.89
N ALA B 2936 150.17 28.64 -14.33
CA ALA B 2936 149.82 27.83 -15.48
C ALA B 2936 149.95 26.36 -15.15
N VAL B 2937 149.06 25.56 -15.72
CA VAL B 2937 149.02 24.11 -15.51
C VAL B 2937 149.20 23.44 -16.87
N THR B 2938 150.13 22.49 -16.94
CA THR B 2938 150.43 21.76 -18.15
C THR B 2938 150.65 20.30 -17.78
N ARG B 2939 150.10 19.39 -18.59
CA ARG B 2939 150.22 17.96 -18.33
C ARG B 2939 151.67 17.48 -18.48
N LEU B 2946 143.26 15.59 -27.64
CA LEU B 2946 143.93 16.88 -27.69
C LEU B 2946 144.18 17.24 -29.17
N ASP B 2947 144.16 18.54 -29.46
CA ASP B 2947 144.21 19.11 -30.81
C ASP B 2947 143.08 18.55 -31.69
N THR B 2948 141.90 18.41 -31.10
CA THR B 2948 140.75 17.90 -31.81
C THR B 2948 140.24 18.89 -32.86
N SER B 2949 139.68 18.35 -33.94
CA SER B 2949 139.16 19.16 -35.04
C SER B 2949 137.70 18.81 -35.31
N SER B 2950 136.97 19.79 -35.86
CA SER B 2950 135.54 19.62 -36.12
C SER B 2950 135.26 18.54 -37.16
N ILE B 2951 136.25 18.20 -38.00
CA ILE B 2951 136.07 17.14 -38.99
C ILE B 2951 135.88 15.81 -38.29
N GLU B 2952 136.73 15.51 -37.31
CA GLU B 2952 136.62 14.26 -36.57
C GLU B 2952 135.60 14.34 -35.44
N LYS B 2953 135.16 15.56 -35.06
CA LYS B 2953 134.13 15.67 -34.01
C LYS B 2953 132.77 15.12 -34.46
N ARG B 2954 132.57 14.93 -35.77
CA ARG B 2954 131.33 14.40 -36.30
C ARG B 2954 131.07 12.99 -35.77
N PHE B 2955 129.82 12.75 -35.37
CA PHE B 2955 129.42 11.43 -34.88
C PHE B 2955 129.49 10.37 -35.99
N ALA B 2956 129.13 10.76 -37.21
CA ALA B 2956 129.20 9.85 -38.36
C ALA B 2956 130.64 9.43 -38.63
N PHE B 2957 131.58 10.37 -38.56
CA PHE B 2957 132.99 10.03 -38.70
C PHE B 2957 133.46 9.13 -37.56
N GLY B 2958 132.95 9.35 -36.34
CA GLY B 2958 133.27 8.46 -35.24
C GLY B 2958 132.82 7.02 -35.48
N PHE B 2959 131.61 6.86 -36.04
CA PHE B 2959 131.16 5.53 -36.45
C PHE B 2959 132.04 4.96 -37.55
N LEU B 2960 132.42 5.80 -38.52
CA LEU B 2960 133.23 5.32 -39.64
C LEU B 2960 134.63 4.91 -39.19
N GLN B 2961 135.26 5.71 -38.30
CA GLN B 2961 136.60 5.36 -37.85
C GLN B 2961 136.57 4.08 -37.02
N GLN B 2962 135.43 3.82 -36.32
CA GLN B 2962 135.30 2.52 -35.66
C GLN B 2962 135.19 1.41 -36.70
N LEU B 2963 134.59 1.73 -37.85
CA LEU B 2963 134.43 0.74 -38.91
C LEU B 2963 135.78 0.35 -39.48
N LEU B 2964 136.61 1.33 -39.83
CA LEU B 2964 137.93 1.00 -40.39
C LEU B 2964 138.85 0.33 -39.36
N ARG B 2965 138.87 0.83 -38.11
CA ARG B 2965 139.75 0.25 -37.09
C ARG B 2965 139.37 -1.19 -36.77
N TRP B 2966 138.10 -1.56 -36.95
CA TRP B 2966 137.74 -2.96 -36.82
C TRP B 2966 137.67 -3.66 -38.16
N MET B 2967 137.82 -2.90 -39.25
CA MET B 2967 137.93 -3.51 -40.55
C MET B 2967 139.28 -4.18 -40.73
N ASP B 2968 140.35 -3.55 -40.23
CA ASP B 2968 141.64 -4.25 -40.28
C ASP B 2968 141.60 -5.59 -39.53
N ILE B 2969 140.75 -5.68 -38.49
CA ILE B 2969 140.44 -6.97 -37.87
C ILE B 2969 139.65 -7.85 -38.84
N SER B 2970 138.72 -7.25 -39.60
CA SER B 2970 137.84 -8.04 -40.47
C SER B 2970 138.64 -8.73 -41.55
N GLN B 2971 139.49 -7.97 -42.27
CA GLN B 2971 140.41 -8.63 -43.19
C GLN B 2971 141.54 -9.39 -42.49
N GLU B 2972 141.64 -9.35 -41.16
CA GLU B 2972 142.63 -10.17 -40.49
C GLU B 2972 142.12 -11.60 -40.35
N PHE B 2973 140.96 -11.78 -39.70
CA PHE B 2973 140.50 -13.15 -39.40
C PHE B 2973 139.97 -13.91 -40.62
N ILE B 2974 139.66 -13.25 -41.74
CA ILE B 2974 139.27 -13.98 -42.95
C ILE B 2974 140.40 -14.87 -43.46
N ALA B 2975 141.64 -14.40 -43.40
CA ALA B 2975 142.79 -15.25 -43.74
C ALA B 2975 142.88 -16.47 -42.83
N HIS B 2976 142.56 -16.29 -41.54
CA HIS B 2976 142.47 -17.41 -40.61
C HIS B 2976 141.37 -18.39 -41.01
N LEU B 2977 140.20 -17.88 -41.41
CA LEU B 2977 139.12 -18.73 -41.89
C LEU B 2977 139.47 -19.47 -43.18
N GLU B 2978 140.13 -18.79 -44.12
CA GLU B 2978 140.60 -19.47 -45.33
C GLU B 2978 141.64 -20.53 -44.99
N ALA B 2979 142.48 -20.25 -43.98
CA ALA B 2979 143.49 -21.21 -43.57
C ALA B 2979 142.85 -22.45 -42.97
N VAL B 2980 141.78 -22.28 -42.17
CA VAL B 2980 141.17 -23.44 -41.53
C VAL B 2980 140.18 -24.16 -42.44
N VAL B 2981 139.73 -23.54 -43.53
CA VAL B 2981 138.83 -24.24 -44.45
C VAL B 2981 139.63 -24.93 -45.56
N SER B 2982 140.79 -24.38 -45.93
CA SER B 2982 141.61 -25.01 -46.96
C SER B 2982 142.21 -26.32 -46.47
N SER B 2983 142.70 -26.35 -45.23
CA SER B 2983 143.30 -27.55 -44.65
C SER B 2983 143.34 -27.37 -43.13
N GLY B 2984 143.69 -28.44 -42.44
CA GLY B 2984 143.83 -28.38 -40.99
C GLY B 2984 142.53 -28.12 -40.25
N ARG B 2985 141.63 -29.10 -40.26
CA ARG B 2985 140.30 -28.99 -39.65
C ARG B 2985 140.35 -28.66 -38.16
N VAL B 2986 139.89 -27.46 -37.82
CA VAL B 2986 139.83 -27.01 -36.43
C VAL B 2986 138.72 -25.97 -36.34
N GLU B 2987 137.93 -26.04 -35.27
CA GLU B 2987 136.79 -25.16 -35.06
C GLU B 2987 136.85 -24.47 -33.71
N LYS B 2988 138.05 -24.28 -33.17
CA LYS B 2988 138.19 -23.50 -31.94
C LYS B 2988 137.76 -22.05 -32.16
N SER B 2989 138.20 -21.44 -33.27
CA SER B 2989 137.82 -20.12 -33.77
C SER B 2989 137.94 -19.03 -32.71
N PRO B 2990 139.16 -18.58 -32.39
CA PRO B 2990 139.33 -17.53 -31.37
C PRO B 2990 138.75 -16.17 -31.75
N HIS B 2991 138.45 -15.94 -33.02
CA HIS B 2991 137.84 -14.69 -33.46
C HIS B 2991 136.33 -14.85 -33.73
N GLU B 2992 135.73 -15.96 -33.27
CA GLU B 2992 134.30 -16.19 -33.52
C GLU B 2992 133.43 -15.13 -32.84
N GLN B 2993 133.80 -14.73 -31.62
CA GLN B 2993 133.07 -13.67 -30.92
C GLN B 2993 133.09 -12.37 -31.72
N GLU B 2994 134.23 -12.08 -32.38
CA GLU B 2994 134.30 -10.95 -33.28
C GLU B 2994 133.36 -11.14 -34.47
N ILE B 2995 133.40 -12.32 -35.10
CA ILE B 2995 132.61 -12.59 -36.32
C ILE B 2995 131.12 -12.42 -36.02
N LYS B 2996 130.70 -12.96 -34.86
CA LYS B 2996 129.33 -12.79 -34.40
C LYS B 2996 129.00 -11.33 -34.14
N PHE B 2997 129.98 -10.54 -33.67
CA PHE B 2997 129.68 -9.16 -33.36
C PHE B 2997 129.58 -8.32 -34.62
N PHE B 2998 130.46 -8.55 -35.61
CA PHE B 2998 130.34 -7.84 -36.88
C PHE B 2998 129.05 -8.21 -37.60
N ALA B 2999 128.75 -9.51 -37.66
CA ALA B 2999 127.65 -10.01 -38.48
C ALA B 2999 126.30 -9.69 -37.86
N LYS B 3000 126.22 -9.63 -36.54
CA LYS B 3000 124.93 -9.48 -35.89
C LYS B 3000 124.72 -8.05 -35.41
N ILE B 3001 125.76 -7.21 -35.39
CA ILE B 3001 125.64 -5.87 -34.84
C ILE B 3001 126.02 -4.81 -35.87
N LEU B 3002 127.23 -4.89 -36.45
CA LEU B 3002 127.71 -3.82 -37.33
C LEU B 3002 126.91 -3.75 -38.63
N LEU B 3003 126.70 -4.89 -39.30
CA LEU B 3003 125.94 -4.90 -40.54
C LEU B 3003 124.50 -4.41 -40.38
N PRO B 3004 123.69 -4.86 -39.38
CA PRO B 3004 122.37 -4.21 -39.19
C PRO B 3004 122.47 -2.71 -38.88
N LEU B 3005 123.50 -2.32 -38.12
CA LEU B 3005 123.76 -0.91 -37.86
C LEU B 3005 124.11 -0.16 -39.13
N ILE B 3006 124.94 -0.76 -39.99
CA ILE B 3006 125.28 -0.14 -41.27
C ILE B 3006 124.03 -0.01 -42.13
N ASN B 3007 123.19 -1.06 -42.14
CA ASN B 3007 121.97 -1.07 -42.94
C ASN B 3007 121.04 0.06 -42.51
N GLN B 3008 120.79 0.19 -41.20
CA GLN B 3008 119.82 1.18 -40.76
C GLN B 3008 120.40 2.60 -40.82
N TYR B 3009 121.66 2.78 -40.38
CA TYR B 3009 122.23 4.11 -40.34
C TYR B 3009 122.42 4.67 -41.74
N PHE B 3010 123.01 3.87 -42.63
CA PHE B 3010 123.28 4.33 -43.99
C PHE B 3010 121.99 4.51 -44.77
N THR B 3011 120.98 3.65 -44.55
CA THR B 3011 119.70 3.86 -45.21
C THR B 3011 119.02 5.15 -44.74
N ASN B 3012 119.06 5.42 -43.43
CA ASN B 3012 118.44 6.63 -42.91
C ASN B 3012 119.18 7.89 -43.38
N HIS B 3013 120.51 7.88 -43.32
CA HIS B 3013 121.30 9.05 -43.68
C HIS B 3013 121.96 8.92 -45.05
N CYS B 3014 121.31 8.21 -45.98
CA CYS B 3014 121.80 8.14 -47.36
C CYS B 3014 121.77 9.52 -48.02
N LEU B 3015 120.80 10.36 -47.64
CA LEU B 3015 120.75 11.74 -48.11
C LEU B 3015 121.95 12.54 -47.60
N TYR B 3016 122.39 12.28 -46.38
CA TYR B 3016 123.50 13.03 -45.79
C TYR B 3016 124.82 12.68 -46.48
N PHE B 3017 125.09 11.38 -46.67
CA PHE B 3017 126.34 10.96 -47.29
C PHE B 3017 126.48 11.42 -48.73
N LEU B 3018 125.35 11.64 -49.41
CA LEU B 3018 125.37 12.21 -50.75
C LEU B 3018 125.18 13.72 -50.75
N SER B 3019 125.06 14.33 -49.58
CA SER B 3019 124.88 15.78 -49.50
C SER B 3019 126.23 16.47 -49.63
N THR B 3020 126.35 17.37 -50.58
CA THR B 3020 127.57 18.10 -50.88
C THR B 3020 127.26 19.59 -50.86
N PRO B 3021 128.24 20.44 -50.54
CA PRO B 3021 127.99 21.89 -50.56
C PRO B 3021 127.55 22.44 -51.91
N ALA B 3022 127.97 21.82 -53.01
CA ALA B 3022 127.54 22.26 -54.34
C ALA B 3022 126.05 22.06 -54.52
N LYS B 3023 125.53 20.88 -54.16
CA LYS B 3023 124.11 20.57 -54.29
C LYS B 3023 123.66 19.89 -52.99
N VAL B 3024 122.93 20.63 -52.17
CA VAL B 3024 122.38 20.07 -50.93
C VAL B 3024 121.07 19.36 -51.27
N LEU B 3025 121.03 18.06 -51.00
CA LEU B 3025 119.89 17.24 -51.37
C LEU B 3025 118.77 17.27 -50.33
N GLY B 3026 119.12 17.08 -49.06
CA GLY B 3026 118.14 17.00 -48.00
C GLY B 3026 117.85 18.35 -47.37
N SER B 3027 117.18 18.30 -46.22
CA SER B 3027 116.85 19.52 -45.49
C SER B 3027 118.11 20.25 -45.01
N GLY B 3028 119.09 19.51 -44.52
CA GLY B 3028 120.32 20.12 -44.04
C GLY B 3028 121.37 19.08 -43.79
N GLY B 3029 122.56 19.56 -43.45
CA GLY B 3029 123.68 18.68 -43.18
C GLY B 3029 124.37 18.18 -44.44
N HIS B 3030 125.69 18.13 -44.43
CA HIS B 3030 126.45 17.65 -45.58
C HIS B 3030 127.60 16.79 -45.07
N ALA B 3031 127.83 15.67 -45.76
CA ALA B 3031 128.94 14.80 -45.41
C ALA B 3031 130.26 15.49 -45.70
N SER B 3032 131.22 15.34 -44.79
CA SER B 3032 132.52 15.96 -44.96
C SER B 3032 133.30 15.28 -46.08
N ASN B 3033 134.35 15.97 -46.53
CA ASN B 3033 135.21 15.45 -47.58
C ASN B 3033 135.89 14.16 -47.17
N LYS B 3034 136.35 14.08 -45.90
CA LYS B 3034 137.00 12.88 -45.41
C LYS B 3034 136.02 11.71 -45.36
N GLU B 3035 134.79 11.97 -44.90
CA GLU B 3035 133.80 10.91 -44.78
C GLU B 3035 133.46 10.35 -46.16
N LYS B 3036 133.29 11.26 -47.14
CA LYS B 3036 132.99 10.83 -48.50
C LYS B 3036 134.16 10.06 -49.12
N GLU B 3037 135.40 10.48 -48.87
CA GLU B 3037 136.54 9.79 -49.46
C GLU B 3037 136.97 8.56 -48.65
N MET B 3038 136.32 8.28 -47.53
CA MET B 3038 136.67 7.13 -46.72
C MET B 3038 135.56 6.07 -46.66
N ILE B 3039 134.32 6.46 -47.00
CA ILE B 3039 133.26 5.47 -47.23
C ILE B 3039 133.59 4.61 -48.45
N THR B 3040 134.24 5.18 -49.48
CA THR B 3040 134.60 4.39 -50.65
C THR B 3040 135.67 3.37 -50.32
N SER B 3041 136.62 3.75 -49.46
CA SER B 3041 137.64 2.83 -48.99
C SER B 3041 137.01 1.67 -48.22
N LEU B 3042 136.01 1.98 -47.38
CA LEU B 3042 135.26 0.90 -46.72
C LEU B 3042 134.50 0.05 -47.74
N PHE B 3043 133.96 0.71 -48.77
CA PHE B 3043 133.12 0.04 -49.77
C PHE B 3043 133.93 -1.03 -50.48
N CYS B 3044 135.14 -0.67 -50.89
CA CYS B 3044 135.97 -1.63 -51.61
C CYS B 3044 136.54 -2.66 -50.65
N LYS B 3045 136.72 -2.29 -49.36
CA LYS B 3045 137.27 -3.26 -48.41
C LYS B 3045 136.28 -4.38 -48.13
N LEU B 3046 134.98 -4.08 -48.09
CA LEU B 3046 134.00 -5.11 -47.76
C LEU B 3046 133.90 -6.16 -48.88
N ALA B 3047 133.97 -5.71 -50.12
CA ALA B 3047 133.92 -6.66 -51.22
C ALA B 3047 135.23 -7.42 -51.36
N ALA B 3048 136.39 -6.77 -51.20
CA ALA B 3048 137.63 -7.52 -51.14
C ALA B 3048 137.69 -8.45 -49.91
N LEU B 3049 136.97 -8.10 -48.85
CA LEU B 3049 136.78 -8.97 -47.68
C LEU B 3049 136.07 -10.25 -48.07
N VAL B 3050 135.12 -10.18 -49.01
CA VAL B 3050 134.33 -11.37 -49.29
C VAL B 3050 134.56 -11.90 -50.70
N ARG B 3051 135.58 -11.42 -51.41
CA ARG B 3051 135.88 -11.85 -52.77
C ARG B 3051 136.28 -13.32 -52.84
N HIS B 3052 135.46 -14.16 -53.49
CA HIS B 3052 135.49 -15.63 -53.59
C HIS B 3052 135.16 -16.32 -52.27
N ARG B 3053 134.83 -15.57 -51.21
CA ARG B 3053 134.58 -16.12 -49.89
C ARG B 3053 133.11 -16.00 -49.51
N VAL B 3054 132.22 -16.01 -50.51
CA VAL B 3054 130.79 -15.87 -50.24
C VAL B 3054 130.25 -17.07 -49.46
N SER B 3055 130.79 -18.27 -49.69
CA SER B 3055 130.28 -19.45 -49.01
C SER B 3055 130.87 -19.63 -47.61
N LEU B 3056 131.79 -18.76 -47.20
CA LEU B 3056 132.42 -18.88 -45.89
C LEU B 3056 131.68 -18.11 -44.80
N PHE B 3057 130.93 -17.07 -45.17
CA PHE B 3057 130.21 -16.24 -44.21
C PHE B 3057 128.83 -16.77 -43.87
N GLY B 3058 128.40 -17.88 -44.50
CA GLY B 3058 127.10 -18.44 -44.19
C GLY B 3058 125.95 -17.62 -44.74
N THR B 3059 124.91 -17.48 -43.92
CA THR B 3059 123.68 -16.79 -44.27
C THR B 3059 123.76 -15.26 -44.10
N ASP B 3060 124.89 -14.74 -43.62
CA ASP B 3060 125.06 -13.30 -43.50
C ASP B 3060 125.52 -12.65 -44.79
N ALA B 3061 125.82 -13.44 -45.83
CA ALA B 3061 126.20 -12.88 -47.12
C ALA B 3061 125.13 -12.00 -47.77
N PRO B 3062 123.83 -12.35 -47.81
CA PRO B 3062 122.85 -11.37 -48.35
C PRO B 3062 122.83 -10.06 -47.56
N ALA B 3063 123.08 -10.12 -46.25
CA ALA B 3063 123.20 -8.90 -45.45
C ALA B 3063 124.39 -8.07 -45.93
N VAL B 3064 125.50 -8.76 -46.27
CA VAL B 3064 126.68 -8.06 -46.75
C VAL B 3064 126.39 -7.39 -48.07
N VAL B 3065 125.81 -8.12 -49.03
CA VAL B 3065 125.58 -7.55 -50.36
C VAL B 3065 124.55 -6.42 -50.29
N ASN B 3066 123.61 -6.48 -49.34
CA ASN B 3066 122.66 -5.38 -49.17
C ASN B 3066 123.38 -4.14 -48.64
N CYS B 3067 124.31 -4.33 -47.69
CA CYS B 3067 125.06 -3.19 -47.16
C CYS B 3067 125.93 -2.58 -48.26
N LEU B 3068 126.53 -3.43 -49.11
CA LEU B 3068 127.33 -2.94 -50.23
C LEU B 3068 126.48 -2.14 -51.21
N HIS B 3069 125.23 -2.58 -51.43
CA HIS B 3069 124.29 -1.83 -52.26
C HIS B 3069 123.98 -0.45 -51.69
N ILE B 3070 123.77 -0.37 -50.37
CA ILE B 3070 123.50 0.92 -49.73
C ILE B 3070 124.73 1.83 -49.78
N LEU B 3071 125.93 1.27 -49.59
CA LEU B 3071 127.16 2.05 -49.73
C LEU B 3071 127.32 2.58 -51.14
N ALA B 3072 127.12 1.72 -52.15
CA ALA B 3072 127.26 2.11 -53.55
C ALA B 3072 126.26 3.19 -53.91
N ARG B 3073 125.02 3.06 -53.41
CA ARG B 3073 124.04 4.11 -53.59
C ARG B 3073 124.47 5.40 -52.89
N SER B 3074 125.22 5.28 -51.79
CA SER B 3074 125.65 6.43 -51.01
C SER B 3074 127.11 6.80 -51.21
N LEU B 3075 127.67 6.64 -52.41
CA LEU B 3075 129.04 7.06 -52.69
C LEU B 3075 129.02 8.35 -53.51
N ASP B 3076 129.69 9.38 -53.00
CA ASP B 3076 129.94 10.62 -53.75
C ASP B 3076 131.27 10.52 -54.49
N ALA B 3077 131.36 9.50 -55.36
CA ALA B 3077 132.60 9.16 -56.06
C ALA B 3077 133.11 10.27 -56.96
N ARG B 3078 132.24 11.19 -57.41
CA ARG B 3078 132.67 12.33 -58.22
C ARG B 3078 133.61 13.20 -57.40
N THR B 3079 133.22 13.48 -56.16
CA THR B 3079 134.03 14.31 -55.28
C THR B 3079 135.24 13.52 -54.81
N VAL B 3080 135.09 12.20 -54.65
CA VAL B 3080 136.20 11.37 -54.18
C VAL B 3080 137.33 11.39 -55.20
N MET B 3081 136.99 11.17 -56.48
CA MET B 3081 137.98 11.21 -57.55
C MET B 3081 138.55 12.61 -57.76
N LYS B 3082 137.72 13.66 -57.67
CA LYS B 3082 138.22 15.02 -57.85
C LYS B 3082 139.15 15.43 -56.70
N SER B 3083 138.87 14.98 -55.49
CA SER B 3083 139.68 15.30 -54.33
C SER B 3083 139.61 14.13 -53.37
N GLY B 3084 140.69 13.37 -53.26
CA GLY B 3084 140.73 12.23 -52.37
C GLY B 3084 142.10 11.58 -52.28
N PRO B 3085 142.27 10.68 -51.32
CA PRO B 3085 143.55 9.98 -51.17
C PRO B 3085 143.85 9.03 -52.30
N GLU B 3086 145.15 8.88 -52.56
CA GLU B 3086 145.60 7.99 -53.61
C GLU B 3086 145.32 6.54 -53.25
N ILE B 3087 145.48 6.17 -51.98
CA ILE B 3087 145.24 4.79 -51.56
C ILE B 3087 143.78 4.38 -51.79
N VAL B 3088 142.85 5.31 -51.55
CA VAL B 3088 141.44 5.07 -51.83
C VAL B 3088 141.18 4.99 -53.33
N LYS B 3089 141.78 5.91 -54.10
CA LYS B 3089 141.58 5.87 -55.56
C LYS B 3089 142.20 4.61 -56.16
N ALA B 3090 143.37 4.22 -55.67
CA ALA B 3090 144.03 3.01 -56.13
C ALA B 3090 143.20 1.78 -55.79
N GLY B 3091 142.57 1.79 -54.60
CA GLY B 3091 141.73 0.68 -54.21
C GLY B 3091 140.52 0.54 -55.11
N LEU B 3092 139.89 1.67 -55.47
CA LEU B 3092 138.72 1.57 -56.33
C LEU B 3092 139.11 1.21 -57.77
N ARG B 3093 140.28 1.68 -58.24
CA ARG B 3093 140.75 1.26 -59.55
C ARG B 3093 141.08 -0.23 -59.58
N SER B 3094 141.72 -0.74 -58.52
CA SER B 3094 141.93 -2.18 -58.42
C SER B 3094 140.63 -2.95 -58.29
N PHE B 3095 139.61 -2.32 -57.68
CA PHE B 3095 138.27 -2.89 -57.65
C PHE B 3095 137.72 -3.12 -59.05
N PHE B 3096 137.78 -2.10 -59.90
CA PHE B 3096 137.32 -2.28 -61.28
C PHE B 3096 138.22 -3.23 -62.07
N GLU B 3097 139.52 -3.25 -61.79
CA GLU B 3097 140.41 -4.25 -62.39
C GLU B 3097 140.01 -5.68 -62.00
N SER B 3098 139.75 -5.90 -60.71
CA SER B 3098 139.30 -7.20 -60.22
C SER B 3098 137.95 -7.60 -60.82
N ALA B 3099 137.03 -6.63 -60.93
CA ALA B 3099 135.74 -6.89 -61.56
C ALA B 3099 135.92 -7.26 -63.03
N SER B 3100 136.83 -6.58 -63.73
CA SER B 3100 137.10 -6.90 -65.13
C SER B 3100 137.68 -8.32 -65.26
N GLU B 3101 138.58 -8.70 -64.35
CA GLU B 3101 139.12 -10.06 -64.35
C GLU B 3101 138.02 -11.08 -64.09
N ASP B 3102 137.10 -10.76 -63.16
CA ASP B 3102 136.02 -11.69 -62.84
C ASP B 3102 135.06 -11.87 -64.00
N ILE B 3103 134.67 -10.78 -64.68
CA ILE B 3103 133.76 -10.93 -65.81
C ILE B 3103 134.46 -11.62 -66.98
N GLU B 3104 135.76 -11.37 -67.18
CA GLU B 3104 136.49 -12.14 -68.20
C GLU B 3104 136.57 -13.61 -67.81
N LYS B 3105 136.64 -13.93 -66.51
CA LYS B 3105 136.57 -15.33 -66.10
C LYS B 3105 135.17 -15.90 -66.32
N MET B 3106 134.15 -15.04 -66.26
CA MET B 3106 132.78 -15.48 -66.54
C MET B 3106 132.70 -15.92 -67.99
N VAL B 3107 133.21 -15.07 -68.89
CA VAL B 3107 133.01 -15.32 -70.33
C VAL B 3107 133.84 -16.52 -70.78
N GLU B 3108 135.06 -16.70 -70.24
CA GLU B 3108 135.85 -17.87 -70.62
C GLU B 3108 135.25 -19.15 -70.03
N ASN B 3109 134.63 -19.08 -68.85
CA ASN B 3109 133.95 -20.26 -68.33
C ASN B 3109 132.65 -20.54 -69.09
N LEU B 3110 131.92 -19.49 -69.46
CA LEU B 3110 130.70 -19.62 -70.24
C LEU B 3110 130.95 -20.01 -71.69
N ARG B 3111 132.21 -19.94 -72.16
CA ARG B 3111 132.55 -20.36 -73.52
C ARG B 3111 132.89 -21.84 -73.59
N LEU B 3112 132.36 -22.64 -72.64
CA LEU B 3112 132.58 -24.09 -72.53
C LEU B 3112 134.06 -24.44 -72.36
N GLY B 3113 134.83 -23.55 -71.73
CA GLY B 3113 136.21 -23.86 -71.42
C GLY B 3113 136.33 -24.97 -70.39
N LYS B 3114 135.40 -25.01 -69.44
CA LYS B 3114 135.34 -26.05 -68.43
C LYS B 3114 133.97 -26.74 -68.54
N VAL B 3115 133.91 -27.99 -68.06
CA VAL B 3115 132.68 -28.78 -68.15
C VAL B 3115 131.56 -28.12 -67.33
N SER B 3116 131.88 -27.69 -66.12
CA SER B 3116 130.99 -27.00 -65.17
C SER B 3116 129.72 -27.80 -64.86
N LYS B 3123 134.16 -26.36 -58.00
CA LYS B 3123 135.39 -25.93 -57.35
C LYS B 3123 135.41 -24.42 -57.13
N GLY B 3124 136.62 -23.85 -57.00
CA GLY B 3124 136.73 -22.41 -56.85
C GLY B 3124 136.26 -21.65 -58.07
N VAL B 3125 136.28 -22.29 -59.25
CA VAL B 3125 135.71 -21.67 -60.45
C VAL B 3125 134.21 -21.50 -60.26
N GLY B 3126 133.55 -22.54 -59.72
CA GLY B 3126 132.13 -22.46 -59.44
C GLY B 3126 131.80 -21.43 -58.37
N GLN B 3127 132.63 -21.36 -57.32
CA GLN B 3127 132.44 -20.35 -56.28
C GLN B 3127 132.59 -18.93 -56.81
N ASN B 3128 133.59 -18.69 -57.66
CA ASN B 3128 133.73 -17.39 -58.31
C ASN B 3128 132.58 -17.11 -59.27
N LEU B 3129 132.09 -18.14 -59.96
CA LEU B 3129 130.98 -18.00 -60.89
C LEU B 3129 129.72 -17.57 -60.16
N THR B 3130 129.43 -18.19 -59.02
CA THR B 3130 128.22 -17.83 -58.31
C THR B 3130 128.43 -16.53 -57.54
N TYR B 3131 129.66 -16.27 -57.07
CA TYR B 3131 129.94 -15.12 -56.23
C TYR B 3131 129.81 -13.83 -57.01
N THR B 3132 130.42 -13.76 -58.20
CA THR B 3132 130.36 -12.52 -58.96
C THR B 3132 128.93 -12.21 -59.38
N THR B 3133 128.20 -13.25 -59.83
CA THR B 3133 126.85 -13.08 -60.36
C THR B 3133 125.83 -12.73 -59.27
N VAL B 3134 126.12 -12.97 -57.99
CA VAL B 3134 125.14 -12.65 -56.97
C VAL B 3134 125.60 -11.46 -56.12
N ALA B 3135 126.90 -11.20 -56.04
CA ALA B 3135 127.43 -10.15 -55.19
C ALA B 3135 127.99 -8.98 -55.99
N LEU B 3136 128.95 -9.21 -56.88
CA LEU B 3136 129.57 -8.10 -57.59
C LEU B 3136 128.62 -7.45 -58.59
N LEU B 3137 127.96 -8.28 -59.42
CA LEU B 3137 127.11 -7.76 -60.49
C LEU B 3137 125.94 -6.90 -60.00
N PRO B 3138 125.09 -7.31 -59.04
CA PRO B 3138 124.05 -6.38 -58.57
C PRO B 3138 124.60 -5.13 -57.90
N VAL B 3139 125.73 -5.23 -57.20
CA VAL B 3139 126.33 -4.07 -56.53
C VAL B 3139 126.87 -3.07 -57.56
N LEU B 3140 127.63 -3.56 -58.55
CA LEU B 3140 128.14 -2.68 -59.60
C LEU B 3140 127.00 -2.11 -60.44
N THR B 3141 125.95 -2.91 -60.67
CA THR B 3141 124.75 -2.43 -61.33
C THR B 3141 124.09 -1.28 -60.54
N THR B 3142 123.99 -1.42 -59.22
CA THR B 3142 123.45 -0.36 -58.36
C THR B 3142 124.34 0.88 -58.37
N LEU B 3143 125.66 0.67 -58.35
CA LEU B 3143 126.62 1.77 -58.38
C LEU B 3143 126.56 2.51 -59.71
N PHE B 3144 126.53 1.78 -60.83
CA PHE B 3144 126.42 2.40 -62.14
C PHE B 3144 125.07 3.03 -62.39
N GLN B 3145 124.02 2.58 -61.69
CA GLN B 3145 122.79 3.36 -61.60
C GLN B 3145 123.04 4.68 -60.89
N HIS B 3146 123.66 4.61 -59.70
CA HIS B 3146 123.98 5.82 -58.95
C HIS B 3146 124.86 6.77 -59.75
N ILE B 3147 125.73 6.24 -60.61
CA ILE B 3147 126.49 7.07 -61.51
C ILE B 3147 125.56 7.66 -62.57
N ALA B 3148 124.56 6.87 -62.99
CA ALA B 3148 123.70 7.24 -64.12
C ALA B 3148 122.89 8.50 -63.83
N GLN B 3149 121.99 8.44 -62.83
CA GLN B 3149 121.18 9.64 -62.58
C GLN B 3149 121.97 10.82 -62.00
N HIS B 3150 123.11 10.58 -61.37
CA HIS B 3150 123.94 11.66 -60.84
C HIS B 3150 124.95 12.20 -61.85
N GLN B 3151 125.08 11.54 -63.01
CA GLN B 3151 126.01 11.85 -64.09
C GLN B 3151 127.44 11.95 -63.53
N PHE B 3152 127.88 10.84 -62.95
CA PHE B 3152 129.20 10.71 -62.34
C PHE B 3152 130.22 10.13 -63.30
N GLY B 3153 129.83 9.84 -64.56
CA GLY B 3153 130.73 9.20 -65.51
C GLY B 3153 131.94 10.03 -65.87
N ASP B 3154 131.73 11.35 -66.02
CA ASP B 3154 132.80 12.25 -66.47
C ASP B 3154 133.95 12.32 -65.46
N ASP B 3155 133.63 12.36 -64.16
CA ASP B 3155 134.64 12.57 -63.13
C ASP B 3155 135.17 11.30 -62.50
N VAL B 3156 134.50 10.18 -62.66
CA VAL B 3156 134.93 8.90 -62.12
C VAL B 3156 135.49 7.98 -63.20
N ILE B 3157 134.76 7.83 -64.31
CA ILE B 3157 135.22 7.00 -65.42
C ILE B 3157 136.02 7.93 -66.34
N LEU B 3158 137.28 8.16 -65.98
CA LEU B 3158 138.12 9.10 -66.71
C LEU B 3158 139.40 8.49 -67.26
N ASP B 3159 140.16 7.71 -66.47
CA ASP B 3159 141.50 7.31 -66.86
C ASP B 3159 141.65 5.81 -67.11
N ASP B 3160 141.38 4.97 -66.11
CA ASP B 3160 141.49 3.53 -66.26
C ASP B 3160 140.19 2.81 -66.01
N VAL B 3161 139.22 3.47 -65.37
CA VAL B 3161 137.87 2.93 -65.25
C VAL B 3161 137.24 2.79 -66.64
N GLN B 3162 137.66 3.64 -67.57
CA GLN B 3162 137.23 3.56 -68.96
C GLN B 3162 137.64 2.24 -69.59
N VAL B 3163 138.92 1.89 -69.48
CA VAL B 3163 139.42 0.61 -69.98
C VAL B 3163 138.81 -0.57 -69.22
N SER B 3164 138.61 -0.43 -67.91
CA SER B 3164 137.96 -1.48 -67.13
C SER B 3164 136.53 -1.76 -67.61
N CYS B 3165 135.78 -0.69 -67.86
CA CYS B 3165 134.44 -0.80 -68.43
C CYS B 3165 134.49 -1.35 -69.86
N TYR B 3166 135.49 -0.94 -70.65
CA TYR B 3166 135.61 -1.49 -72.00
C TYR B 3166 135.87 -2.99 -71.98
N ARG B 3167 136.76 -3.45 -71.09
CA ARG B 3167 137.05 -4.88 -70.94
C ARG B 3167 135.81 -5.66 -70.52
N THR B 3168 135.03 -5.07 -69.60
CA THR B 3168 133.73 -5.63 -69.24
C THR B 3168 132.78 -5.64 -70.44
N LEU B 3169 132.74 -4.55 -71.22
CA LEU B 3169 131.85 -4.44 -72.38
C LEU B 3169 132.19 -5.48 -73.44
N CYS B 3170 133.48 -5.63 -73.75
CA CYS B 3170 133.92 -6.60 -74.75
C CYS B 3170 133.58 -8.01 -74.31
N SER B 3171 133.78 -8.28 -73.01
CA SER B 3171 133.51 -9.62 -72.50
C SER B 3171 132.02 -9.92 -72.55
N ILE B 3172 131.18 -8.99 -72.05
CA ILE B 3172 129.75 -9.26 -71.92
C ILE B 3172 129.13 -9.39 -73.32
N TYR B 3173 129.61 -8.59 -74.28
CA TYR B 3173 129.03 -8.66 -75.61
C TYR B 3173 129.54 -9.86 -76.38
N SER B 3174 130.66 -10.47 -75.93
CA SER B 3174 131.19 -11.64 -76.62
C SER B 3174 130.31 -12.88 -76.50
N LEU B 3175 129.31 -12.87 -75.62
CA LEU B 3175 128.37 -13.96 -75.38
C LEU B 3175 127.24 -14.04 -76.40
N GLY B 3176 127.33 -13.30 -77.51
CA GLY B 3176 126.26 -13.30 -78.49
C GLY B 3176 126.06 -14.64 -79.18
N THR B 3177 127.15 -15.29 -79.59
CA THR B 3177 127.07 -16.54 -80.33
C THR B 3177 127.32 -17.76 -79.44
N THR B 3178 126.89 -17.72 -78.18
CA THR B 3178 127.07 -18.83 -77.25
C THR B 3178 125.71 -19.39 -76.86
N LYS B 3179 125.54 -20.70 -77.03
CA LYS B 3179 124.28 -21.39 -76.75
C LYS B 3179 124.48 -22.38 -75.60
N ASN B 3180 124.30 -21.90 -74.37
CA ASN B 3180 124.40 -22.75 -73.19
C ASN B 3180 123.32 -22.34 -72.18
N THR B 3181 122.91 -23.31 -71.36
CA THR B 3181 121.91 -23.03 -70.34
C THR B 3181 122.45 -22.10 -69.26
N TYR B 3182 123.78 -22.11 -69.03
CA TYR B 3182 124.36 -21.14 -68.11
C TYR B 3182 124.24 -19.74 -68.67
N VAL B 3183 124.33 -19.62 -70.00
CA VAL B 3183 124.10 -18.33 -70.64
C VAL B 3183 122.64 -17.96 -70.50
N GLU B 3184 121.74 -18.95 -70.60
CA GLU B 3184 120.31 -18.69 -70.50
C GLU B 3184 119.95 -18.14 -69.12
N LYS B 3185 120.50 -18.75 -68.06
CA LYS B 3185 120.27 -18.25 -66.71
C LYS B 3185 121.04 -16.97 -66.40
N LEU B 3186 122.00 -16.58 -67.25
CA LEU B 3186 122.72 -15.33 -67.04
C LEU B 3186 122.29 -14.21 -67.99
N ARG B 3187 121.39 -14.48 -68.93
CA ARG B 3187 120.91 -13.44 -69.86
C ARG B 3187 120.21 -12.26 -69.20
N PRO B 3188 119.22 -12.41 -68.25
CA PRO B 3188 118.59 -11.20 -67.68
C PRO B 3188 119.52 -10.36 -66.83
N ALA B 3189 120.26 -10.98 -65.90
CA ALA B 3189 121.12 -10.25 -64.97
C ALA B 3189 122.23 -9.51 -65.71
N LEU B 3190 122.86 -10.16 -66.68
CA LEU B 3190 123.88 -9.49 -67.48
C LEU B 3190 123.26 -8.46 -68.41
N GLY B 3191 122.06 -8.73 -68.93
CA GLY B 3191 121.41 -7.77 -69.81
C GLY B 3191 121.06 -6.48 -69.13
N GLU B 3192 120.47 -6.58 -67.93
CA GLU B 3192 120.20 -5.38 -67.13
C GLU B 3192 121.49 -4.75 -66.63
N CYS B 3193 122.55 -5.55 -66.46
CA CYS B 3193 123.84 -4.99 -66.08
C CYS B 3193 124.41 -4.10 -67.20
N LEU B 3194 124.31 -4.58 -68.45
CA LEU B 3194 124.93 -3.89 -69.59
C LEU B 3194 124.33 -2.50 -69.80
N ALA B 3195 123.00 -2.38 -69.65
CA ALA B 3195 122.34 -1.10 -69.79
C ALA B 3195 122.85 -0.11 -68.76
N ARG B 3196 123.04 -0.56 -67.52
CA ARG B 3196 123.56 0.33 -66.48
C ARG B 3196 125.01 0.70 -66.76
N LEU B 3197 125.78 -0.21 -67.39
CA LEU B 3197 127.13 0.15 -67.83
C LEU B 3197 127.07 1.26 -68.87
N ALA B 3198 126.14 1.13 -69.82
CA ALA B 3198 126.01 2.13 -70.89
C ALA B 3198 125.59 3.48 -70.32
N ALA B 3199 124.66 3.46 -69.35
CA ALA B 3199 124.20 4.68 -68.70
C ALA B 3199 125.31 5.35 -67.90
N ALA B 3200 126.13 4.56 -67.22
CA ALA B 3200 127.22 5.13 -66.44
C ALA B 3200 128.38 5.60 -67.31
N MET B 3201 128.65 4.88 -68.38
CA MET B 3201 129.81 5.14 -69.23
C MET B 3201 129.66 6.43 -70.02
N PRO B 3202 130.60 7.38 -69.91
CA PRO B 3202 130.41 8.71 -70.51
C PRO B 3202 130.89 8.87 -71.95
N VAL B 3203 131.59 7.90 -72.52
CA VAL B 3203 132.13 8.06 -73.86
C VAL B 3203 131.21 7.37 -74.87
N ALA B 3204 131.26 7.85 -76.11
CA ALA B 3204 130.45 7.26 -77.19
C ALA B 3204 131.15 6.01 -77.69
N PHE B 3205 130.76 4.87 -77.15
CA PHE B 3205 131.33 3.58 -77.54
C PHE B 3205 130.72 3.02 -78.81
N LEU B 3206 129.48 3.39 -79.11
CA LEU B 3206 128.87 2.97 -80.37
C LEU B 3206 129.07 3.98 -81.47
N GLU B 3207 129.79 5.08 -81.19
CA GLU B 3207 130.08 6.11 -82.18
C GLU B 3207 131.59 6.38 -82.20
N PRO B 3208 132.39 5.42 -82.72
CA PRO B 3208 133.84 5.65 -82.78
C PRO B 3208 134.23 6.80 -83.68
N GLN B 3209 133.46 7.05 -84.75
CA GLN B 3209 133.75 8.15 -85.65
C GLN B 3209 133.48 9.51 -85.01
N LEU B 3210 132.79 9.55 -83.87
CA LEU B 3210 132.52 10.79 -83.15
C LEU B 3210 133.11 10.77 -81.75
N ASN B 3211 133.90 9.74 -81.41
CA ASN B 3211 134.48 9.63 -80.08
C ASN B 3211 135.52 10.71 -79.81
N GLU B 3212 136.19 11.21 -80.87
CA GLU B 3212 137.20 12.26 -80.73
C GLU B 3212 136.64 13.61 -80.35
N TYR B 3213 135.32 13.79 -80.41
CA TYR B 3213 134.65 15.03 -80.04
C TYR B 3213 134.26 15.08 -78.56
N ASN B 3214 134.58 14.05 -77.80
CA ASN B 3214 134.24 13.99 -76.37
C ASN B 3214 135.48 14.31 -75.57
N ALA B 3215 135.38 15.34 -74.71
CA ALA B 3215 136.51 15.75 -73.89
C ALA B 3215 136.70 14.89 -72.65
N CYS B 3216 135.70 14.09 -72.28
CA CYS B 3216 135.82 13.17 -71.14
C CYS B 3216 136.24 11.77 -71.61
N SER B 3217 137.33 11.69 -72.37
CA SER B 3217 137.79 10.45 -72.95
C SER B 3217 139.31 10.37 -72.91
N VAL B 3218 139.82 9.14 -72.79
CA VAL B 3218 141.27 8.91 -72.83
C VAL B 3218 141.82 9.23 -74.23
N TYR B 3219 141.05 8.96 -75.28
CA TYR B 3219 141.48 9.19 -76.65
C TYR B 3219 141.69 10.65 -77.00
N THR B 3220 141.18 11.56 -76.18
CA THR B 3220 141.37 13.00 -76.35
C THR B 3220 142.23 13.62 -75.26
N THR B 3221 142.01 13.23 -74.00
CA THR B 3221 142.82 13.79 -72.91
C THR B 3221 144.24 13.25 -72.94
N LYS B 3222 144.40 11.95 -73.17
CA LYS B 3222 145.72 11.33 -73.15
C LYS B 3222 146.43 11.55 -74.48
N SER B 3223 147.59 12.19 -74.42
CA SER B 3223 148.41 12.44 -75.58
C SER B 3223 148.98 11.12 -76.12
N PRO B 3224 149.30 11.04 -77.42
CA PRO B 3224 149.81 9.77 -77.98
C PRO B 3224 151.10 9.22 -77.36
N ARG B 3225 151.86 9.99 -76.58
CA ARG B 3225 153.08 9.42 -76.01
C ARG B 3225 152.80 8.54 -74.80
N GLU B 3226 151.60 8.57 -74.23
CA GLU B 3226 151.10 7.51 -73.38
C GLU B 3226 150.18 6.64 -74.24
N ARG B 3227 149.42 5.74 -73.58
CA ARG B 3227 148.46 4.79 -74.17
C ARG B 3227 149.12 3.65 -74.93
N ALA B 3228 150.44 3.72 -75.14
CA ALA B 3228 151.21 2.62 -75.69
C ALA B 3228 152.17 2.00 -74.69
N ILE B 3229 152.56 2.74 -73.65
CA ILE B 3229 153.34 2.17 -72.55
C ILE B 3229 152.51 1.12 -71.82
N LEU B 3230 151.23 1.39 -71.58
CA LEU B 3230 150.30 0.42 -71.01
C LEU B 3230 149.45 -0.19 -72.12
N GLY B 3231 148.95 -1.40 -71.85
CA GLY B 3231 148.22 -2.20 -72.82
C GLY B 3231 146.97 -1.53 -73.38
N LEU B 3232 147.04 -1.14 -74.65
CA LEU B 3232 145.94 -0.54 -75.39
C LEU B 3232 146.25 -0.58 -76.87
N PRO B 3233 145.32 -1.03 -77.73
CA PRO B 3233 145.58 -1.07 -79.18
C PRO B 3233 145.71 0.29 -79.85
N ASN B 3234 145.56 1.40 -79.12
CA ASN B 3234 145.71 2.80 -79.54
C ASN B 3234 144.68 3.23 -80.59
N SER B 3235 143.68 2.39 -80.88
CA SER B 3235 142.61 2.73 -81.80
C SER B 3235 141.29 2.35 -81.16
N VAL B 3236 140.26 3.18 -81.40
CA VAL B 3236 138.99 3.03 -80.70
C VAL B 3236 138.23 1.79 -81.16
N GLU B 3237 138.34 1.43 -82.45
CA GLU B 3237 137.53 0.34 -82.96
C GLU B 3237 138.15 -1.03 -82.71
N GLU B 3238 139.37 -1.10 -82.20
CA GLU B 3238 140.08 -2.37 -82.05
C GLU B 3238 140.12 -2.87 -80.61
N MET B 3239 139.48 -2.19 -79.67
CA MET B 3239 139.47 -2.67 -78.30
C MET B 3239 138.38 -3.70 -78.09
N CYS B 3240 137.14 -3.37 -78.47
CA CYS B 3240 136.03 -4.33 -78.50
C CYS B 3240 135.78 -4.76 -79.93
N PRO B 3241 136.41 -5.85 -80.39
CA PRO B 3241 136.26 -6.27 -81.79
C PRO B 3241 134.88 -6.79 -82.14
N ASP B 3242 134.13 -7.29 -81.16
CA ASP B 3242 132.81 -7.85 -81.42
C ASP B 3242 131.73 -6.77 -81.46
N ILE B 3243 132.00 -5.55 -81.01
CA ILE B 3243 130.98 -4.49 -80.94
C ILE B 3243 130.82 -3.84 -82.32
N PRO B 3244 129.65 -3.90 -82.93
CA PRO B 3244 129.42 -3.19 -84.18
C PRO B 3244 129.14 -1.71 -83.92
N VAL B 3245 129.13 -0.93 -84.99
CA VAL B 3245 128.78 0.49 -84.88
C VAL B 3245 127.29 0.63 -84.62
N LEU B 3246 126.89 1.85 -84.25
CA LEU B 3246 125.49 2.15 -83.90
C LEU B 3246 124.58 1.90 -85.10
N ASP B 3247 125.01 2.36 -86.30
CA ASP B 3247 124.20 2.23 -87.49
C ASP B 3247 123.99 0.76 -87.84
N ARG B 3248 125.05 -0.05 -87.70
CA ARG B 3248 124.93 -1.49 -87.93
C ARG B 3248 123.98 -2.12 -86.92
N LEU B 3249 123.97 -1.57 -85.69
CA LEU B 3249 123.15 -2.13 -84.63
C LEU B 3249 121.66 -1.95 -84.96
N MET B 3250 121.28 -0.72 -85.35
CA MET B 3250 119.89 -0.54 -85.76
C MET B 3250 119.58 -1.26 -87.07
N ALA B 3251 120.57 -1.42 -87.96
CA ALA B 3251 120.35 -2.14 -89.21
C ALA B 3251 120.03 -3.61 -88.92
N ASP B 3252 120.75 -4.19 -87.97
CA ASP B 3252 120.56 -5.59 -87.58
C ASP B 3252 119.20 -5.80 -86.93
N ILE B 3253 118.86 -4.96 -85.94
CA ILE B 3253 117.59 -5.17 -85.25
C ILE B 3253 116.41 -4.85 -86.17
N GLY B 3254 116.54 -3.80 -87.00
CA GLY B 3254 115.47 -3.44 -87.91
C GLY B 3254 115.22 -4.50 -88.96
N GLY B 3255 116.28 -5.03 -89.56
CA GLY B 3255 116.12 -6.07 -90.56
C GLY B 3255 115.60 -7.37 -89.98
N LEU B 3256 116.07 -7.74 -88.78
CA LEU B 3256 115.63 -9.02 -88.22
C LEU B 3256 114.24 -8.92 -87.61
N ALA B 3257 113.78 -7.72 -87.24
CA ALA B 3257 112.46 -7.57 -86.64
C ALA B 3257 111.35 -7.72 -87.67
N GLU B 3258 111.50 -7.12 -88.85
CA GLU B 3258 110.46 -7.16 -89.89
C GLU B 3258 110.23 -8.56 -90.44
N SER B 3259 111.20 -9.46 -90.31
CA SER B 3259 111.06 -10.85 -90.76
C SER B 3259 110.16 -11.67 -89.84
N GLY B 3260 109.75 -11.13 -88.70
CA GLY B 3260 108.92 -11.86 -87.77
C GLY B 3260 109.69 -12.84 -86.92
N ALA B 3261 110.98 -12.57 -86.69
CA ALA B 3261 111.82 -13.47 -85.90
C ALA B 3261 111.37 -13.46 -84.44
N ARG B 3262 111.35 -14.66 -83.85
CA ARG B 3262 110.95 -14.84 -82.47
C ARG B 3262 112.10 -14.55 -81.51
N TYR B 3263 111.77 -14.56 -80.21
CA TYR B 3263 112.79 -14.38 -79.19
C TYR B 3263 113.73 -15.59 -79.16
N THR B 3264 113.25 -16.76 -79.59
CA THR B 3264 114.09 -17.95 -79.65
C THR B 3264 115.26 -17.75 -80.60
N GLU B 3265 115.00 -17.09 -81.74
CA GLU B 3265 116.07 -16.73 -82.66
C GLU B 3265 116.64 -15.35 -82.39
N MET B 3266 116.20 -14.69 -81.31
CA MET B 3266 116.80 -13.44 -80.83
C MET B 3266 117.20 -13.55 -79.35
N PRO B 3267 118.05 -14.55 -78.97
CA PRO B 3267 118.32 -14.75 -77.54
C PRO B 3267 119.18 -13.67 -76.88
N HIS B 3268 120.34 -13.36 -77.47
CA HIS B 3268 121.27 -12.40 -76.91
C HIS B 3268 120.83 -10.96 -77.13
N VAL B 3269 120.25 -10.68 -78.31
CA VAL B 3269 119.93 -9.31 -78.70
C VAL B 3269 118.83 -8.73 -77.79
N ILE B 3270 117.75 -9.50 -77.60
CA ILE B 3270 116.62 -9.04 -76.80
C ILE B 3270 117.01 -8.88 -75.33
N GLU B 3271 117.64 -9.91 -74.78
CA GLU B 3271 117.96 -9.92 -73.35
C GLU B 3271 119.04 -8.91 -72.99
N ILE B 3272 120.02 -8.71 -73.88
CA ILE B 3272 121.23 -7.98 -73.54
C ILE B 3272 121.39 -6.71 -74.37
N THR B 3273 121.36 -6.83 -75.70
CA THR B 3273 121.67 -5.70 -76.58
C THR B 3273 120.59 -4.61 -76.51
N LEU B 3274 119.32 -5.01 -76.56
CA LEU B 3274 118.22 -4.05 -76.58
C LEU B 3274 118.15 -3.12 -75.35
N PRO B 3275 118.26 -3.61 -74.08
CA PRO B 3275 118.30 -2.64 -72.96
C PRO B 3275 119.46 -1.67 -73.05
N MET B 3276 120.60 -2.11 -73.61
CA MET B 3276 121.74 -1.22 -73.80
C MET B 3276 121.41 -0.08 -74.76
N LEU B 3277 120.72 -0.38 -75.86
CA LEU B 3277 120.28 0.67 -76.77
C LEU B 3277 119.27 1.60 -76.10
N CYS B 3278 118.36 1.03 -75.30
CA CYS B 3278 117.42 1.83 -74.50
C CYS B 3278 118.14 2.74 -73.51
N SER B 3279 119.27 2.29 -72.98
CA SER B 3279 120.09 3.10 -72.10
C SER B 3279 121.08 3.97 -72.87
N TYR B 3280 121.20 3.78 -74.17
CA TYR B 3280 122.19 4.48 -74.98
C TYR B 3280 121.58 5.74 -75.58
N LEU B 3281 120.53 5.57 -76.39
CA LEU B 3281 120.03 6.67 -77.23
C LEU B 3281 119.55 7.90 -76.45
N PRO B 3282 118.68 7.81 -75.41
CA PRO B 3282 118.32 9.06 -74.69
C PRO B 3282 119.48 9.71 -73.95
N ARG B 3283 120.47 8.93 -73.52
CA ARG B 3283 121.60 9.47 -72.76
C ARG B 3283 122.39 10.48 -73.58
N TRP B 3284 122.63 10.19 -74.85
CA TRP B 3284 123.27 11.14 -75.75
C TRP B 3284 122.28 11.86 -76.66
N TRP B 3285 120.97 11.75 -76.37
CA TRP B 3285 119.99 12.51 -77.16
C TRP B 3285 120.17 14.00 -76.94
N GLU B 3286 120.27 14.42 -75.67
CA GLU B 3286 120.31 15.83 -75.32
C GLU B 3286 121.71 16.43 -75.39
N ARG B 3287 122.71 15.64 -75.77
CA ARG B 3287 124.08 16.12 -75.87
C ARG B 3287 124.52 16.33 -77.31
N GLY B 3288 123.58 16.29 -78.26
CA GLY B 3288 123.92 16.39 -79.66
C GLY B 3288 122.81 16.96 -80.53
N PRO B 3289 122.58 16.32 -81.68
CA PRO B 3289 121.58 16.80 -82.62
C PRO B 3289 120.16 16.71 -82.08
N GLU B 3290 119.30 17.58 -82.61
CA GLU B 3290 117.88 17.78 -82.30
C GLU B 3290 117.66 18.31 -80.88
N ALA B 3291 118.70 18.60 -80.13
CA ALA B 3291 118.70 19.11 -78.78
C ALA B 3291 119.01 20.60 -78.76
N PRO B 3292 118.46 21.32 -77.78
CA PRO B 3292 118.84 22.73 -77.55
C PRO B 3292 120.09 22.85 -76.70
N PRO B 3293 121.29 22.86 -77.31
CA PRO B 3293 122.52 22.73 -76.52
C PRO B 3293 122.84 24.00 -75.73
N PRO B 3294 122.89 23.91 -74.38
CA PRO B 3294 123.23 25.07 -73.56
C PRO B 3294 124.73 25.26 -73.39
N ALA B 3295 125.47 25.17 -74.49
CA ALA B 3295 126.93 25.27 -74.52
C ALA B 3295 127.38 26.19 -75.64
N LEU B 3296 126.76 27.37 -75.73
CA LEU B 3296 127.10 28.33 -76.76
C LEU B 3296 128.56 28.83 -76.81
N PRO B 3297 129.25 29.17 -75.71
CA PRO B 3297 130.63 29.68 -75.90
C PRO B 3297 131.64 28.62 -76.30
N ALA B 3298 131.57 27.43 -75.70
CA ALA B 3298 132.51 26.35 -75.97
C ALA B 3298 131.94 25.31 -76.92
N GLY B 3299 130.97 25.68 -77.74
CA GLY B 3299 130.32 24.78 -78.67
C GLY B 3299 131.02 24.63 -80.01
N ALA B 3300 132.19 25.24 -80.17
CA ALA B 3300 132.95 25.09 -81.41
C ALA B 3300 133.28 23.64 -81.80
N PRO B 3301 133.71 22.74 -80.89
CA PRO B 3301 133.81 21.32 -81.29
C PRO B 3301 132.45 20.77 -81.68
N PRO B 3302 132.38 19.92 -82.71
CA PRO B 3302 131.10 19.29 -83.08
C PRO B 3302 130.63 18.33 -82.01
N PRO B 3303 129.33 18.04 -81.94
CA PRO B 3303 128.83 17.10 -80.93
C PRO B 3303 129.40 15.70 -81.10
N CYS B 3304 129.54 15.00 -79.98
CA CYS B 3304 130.14 13.67 -79.92
C CYS B 3304 129.15 12.56 -80.26
N THR B 3305 127.93 12.91 -80.62
CA THR B 3305 126.89 11.92 -80.89
C THR B 3305 126.05 12.35 -82.09
N ALA B 3306 125.29 11.40 -82.61
CA ALA B 3306 124.42 11.63 -83.77
C ALA B 3306 123.06 10.98 -83.55
N VAL B 3307 122.48 11.17 -82.37
CA VAL B 3307 121.20 10.54 -82.01
C VAL B 3307 120.08 11.55 -82.22
N THR B 3308 119.07 11.16 -83.01
CA THR B 3308 117.91 11.99 -83.27
C THR B 3308 116.63 11.22 -82.97
N SER B 3309 115.48 11.80 -83.32
CA SER B 3309 114.19 11.15 -83.11
C SER B 3309 113.98 9.97 -84.05
N ASP B 3310 114.60 10.00 -85.23
CA ASP B 3310 114.47 8.89 -86.18
C ASP B 3310 115.07 7.60 -85.61
N HIS B 3311 116.21 7.70 -84.92
CA HIS B 3311 116.83 6.55 -84.28
C HIS B 3311 115.91 5.93 -83.23
N LEU B 3312 115.26 6.77 -82.43
CA LEU B 3312 114.34 6.25 -81.42
C LEU B 3312 113.06 5.73 -82.06
N ASN B 3313 112.66 6.34 -83.18
CA ASN B 3313 111.49 5.87 -83.92
C ASN B 3313 111.72 4.45 -84.41
N SER B 3314 112.90 4.20 -84.98
CA SER B 3314 113.27 2.85 -85.41
C SER B 3314 113.39 1.89 -84.23
N LEU B 3315 113.98 2.35 -83.12
CA LEU B 3315 114.13 1.51 -81.93
C LEU B 3315 112.77 1.09 -81.36
N LEU B 3316 111.88 2.06 -81.17
CA LEU B 3316 110.54 1.77 -80.64
C LEU B 3316 109.74 0.91 -81.60
N GLY B 3317 109.84 1.19 -82.91
CA GLY B 3317 109.12 0.40 -83.89
C GLY B 3317 109.57 -1.04 -83.90
N ASN B 3318 110.89 -1.26 -83.85
CA ASN B 3318 111.42 -2.63 -83.83
C ASN B 3318 111.01 -3.34 -82.55
N ILE B 3319 111.05 -2.65 -81.40
CA ILE B 3319 110.67 -3.26 -80.12
C ILE B 3319 109.21 -3.71 -80.16
N LEU B 3320 108.33 -2.84 -80.66
CA LEU B 3320 106.91 -3.20 -80.79
C LEU B 3320 106.70 -4.36 -81.76
N ARG B 3321 107.41 -4.35 -82.90
CA ARG B 3321 107.28 -5.45 -83.86
C ARG B 3321 107.76 -6.77 -83.25
N ILE B 3322 108.86 -6.73 -82.48
CA ILE B 3322 109.40 -7.93 -81.85
C ILE B 3322 108.39 -8.51 -80.86
N ILE B 3323 107.80 -7.63 -80.04
CA ILE B 3323 106.86 -8.10 -79.02
C ILE B 3323 105.61 -8.69 -79.67
N VAL B 3324 105.06 -8.00 -80.67
CA VAL B 3324 103.84 -8.54 -81.29
C VAL B 3324 104.13 -9.75 -82.19
N ASN B 3325 105.38 -9.94 -82.63
CA ASN B 3325 105.74 -11.20 -83.26
C ASN B 3325 105.84 -12.33 -82.24
N ASN B 3326 106.20 -12.01 -81.00
CA ASN B 3326 106.15 -12.96 -79.90
C ASN B 3326 104.87 -12.88 -79.10
N LEU B 3327 103.82 -12.24 -79.65
CA LEU B 3327 102.58 -12.03 -78.92
C LEU B 3327 101.86 -13.35 -78.61
N GLY B 3328 102.01 -14.34 -79.48
CA GLY B 3328 101.34 -15.62 -79.37
C GLY B 3328 102.05 -16.72 -78.61
N ILE B 3329 103.20 -16.45 -77.99
CA ILE B 3329 103.90 -17.47 -77.24
C ILE B 3329 103.39 -17.49 -75.80
N ASP B 3330 103.49 -18.66 -75.16
CA ASP B 3330 102.89 -18.85 -73.85
C ASP B 3330 103.71 -18.21 -72.75
N GLU B 3331 104.95 -18.64 -72.57
CA GLU B 3331 105.77 -18.17 -71.45
C GLU B 3331 106.96 -17.38 -71.99
N ALA B 3332 107.13 -16.16 -71.48
CA ALA B 3332 108.29 -15.32 -71.80
C ALA B 3332 108.38 -14.23 -70.75
N THR B 3333 109.51 -14.16 -70.07
CA THR B 3333 109.72 -13.21 -68.99
C THR B 3333 110.41 -11.94 -69.45
N TRP B 3334 110.67 -11.79 -70.74
CA TRP B 3334 111.45 -10.68 -71.25
C TRP B 3334 110.63 -9.46 -71.66
N MET B 3335 109.35 -9.64 -71.99
CA MET B 3335 108.52 -8.51 -72.43
C MET B 3335 108.34 -7.46 -71.34
N LYS B 3336 108.08 -7.87 -70.10
CA LYS B 3336 107.95 -6.92 -69.00
C LYS B 3336 109.26 -6.20 -68.71
N ARG B 3337 110.39 -6.92 -68.77
CA ARG B 3337 111.70 -6.29 -68.62
C ARG B 3337 111.97 -5.29 -69.73
N LEU B 3338 111.68 -5.67 -70.98
CA LEU B 3338 111.88 -4.77 -72.11
C LEU B 3338 110.99 -3.54 -72.00
N ALA B 3339 109.76 -3.72 -71.52
CA ALA B 3339 108.83 -2.61 -71.35
C ALA B 3339 109.34 -1.63 -70.30
N VAL B 3340 109.78 -2.14 -69.15
CA VAL B 3340 110.26 -1.24 -68.10
C VAL B 3340 111.59 -0.61 -68.50
N PHE B 3341 112.39 -1.29 -69.32
CA PHE B 3341 113.63 -0.67 -69.78
C PHE B 3341 113.35 0.37 -70.87
N ALA B 3342 112.27 0.18 -71.62
CA ALA B 3342 111.92 1.07 -72.71
C ALA B 3342 110.95 2.16 -72.29
N GLN B 3343 110.62 2.26 -71.00
CA GLN B 3343 109.77 3.37 -70.57
C GLN B 3343 110.43 4.74 -70.77
N PRO B 3344 111.70 5.00 -70.40
CA PRO B 3344 112.26 6.35 -70.67
C PRO B 3344 112.45 6.71 -72.13
N ILE B 3345 112.52 5.73 -73.04
CA ILE B 3345 112.85 6.05 -74.44
C ILE B 3345 111.63 6.47 -75.25
N VAL B 3346 110.43 6.26 -74.75
CA VAL B 3346 109.21 6.62 -75.47
C VAL B 3346 108.85 8.08 -75.14
N SER B 3347 109.72 8.75 -74.40
CA SER B 3347 109.54 10.15 -74.02
C SER B 3347 109.61 11.11 -75.22
N ARG B 3348 110.10 10.66 -76.37
CA ARG B 3348 110.17 11.45 -77.59
C ARG B 3348 109.52 10.66 -78.73
N ALA B 3349 108.33 10.16 -78.44
CA ALA B 3349 107.58 9.39 -79.42
C ALA B 3349 107.00 10.29 -80.50
N ARG B 3350 106.67 9.68 -81.64
CA ARG B 3350 106.14 10.36 -82.80
C ARG B 3350 104.71 9.89 -83.07
N PRO B 3351 103.81 10.78 -83.51
CA PRO B 3351 102.44 10.34 -83.84
C PRO B 3351 102.35 9.33 -84.97
N GLU B 3352 103.39 9.19 -85.81
CA GLU B 3352 103.41 8.13 -86.81
C GLU B 3352 103.35 6.75 -86.17
N LEU B 3353 103.88 6.61 -84.94
CA LEU B 3353 103.81 5.33 -84.25
C LEU B 3353 102.38 4.99 -83.87
N LEU B 3354 101.54 6.01 -83.64
CA LEU B 3354 100.17 5.80 -83.16
C LEU B 3354 99.38 4.96 -84.14
N HIS B 3355 99.36 5.39 -85.40
CA HIS B 3355 98.62 4.67 -86.42
C HIS B 3355 99.41 3.49 -86.97
N SER B 3356 100.75 3.51 -86.86
CA SER B 3356 101.51 2.41 -87.44
C SER B 3356 101.34 1.16 -86.58
N HIS B 3357 101.45 1.32 -85.25
CA HIS B 3357 101.43 0.17 -84.36
C HIS B 3357 100.30 0.17 -83.35
N PHE B 3358 100.06 1.27 -82.60
CA PHE B 3358 99.04 1.22 -81.55
C PHE B 3358 97.63 0.98 -82.08
N ILE B 3359 97.33 1.29 -83.32
CA ILE B 3359 96.01 0.95 -83.83
C ILE B 3359 95.94 -0.55 -84.23
N PRO B 3360 96.83 -1.12 -85.08
CA PRO B 3360 96.66 -2.55 -85.40
C PRO B 3360 96.94 -3.51 -84.26
N THR B 3361 97.94 -3.24 -83.43
CA THR B 3361 98.30 -4.17 -82.36
C THR B 3361 97.18 -4.29 -81.33
N ILE B 3362 96.59 -3.17 -80.94
CA ILE B 3362 95.44 -3.21 -80.05
C ILE B 3362 94.22 -3.80 -80.77
N GLY B 3363 94.09 -3.59 -82.08
CA GLY B 3363 93.04 -4.28 -82.83
C GLY B 3363 93.15 -5.79 -82.76
N ARG B 3364 94.40 -6.30 -82.84
CA ARG B 3364 94.67 -7.71 -82.61
C ARG B 3364 94.38 -8.13 -81.16
N LEU B 3365 94.71 -7.26 -80.20
CA LEU B 3365 94.43 -7.58 -78.80
C LEU B 3365 92.94 -7.65 -78.56
N ARG B 3366 92.20 -6.74 -79.19
CA ARG B 3366 90.75 -6.67 -79.06
C ARG B 3366 90.09 -7.93 -79.61
N LYS B 3367 90.46 -8.34 -80.83
CA LYS B 3367 89.87 -9.55 -81.41
C LYS B 3367 90.26 -10.80 -80.62
N ARG B 3368 91.51 -10.87 -80.15
CA ARG B 3368 91.95 -12.01 -79.33
C ARG B 3368 91.18 -12.07 -78.01
N ALA B 3369 90.99 -10.91 -77.37
CA ALA B 3369 90.20 -10.82 -76.15
C ALA B 3369 88.75 -11.20 -76.38
N GLY B 3370 88.17 -10.74 -77.50
CA GLY B 3370 86.80 -11.12 -77.81
C GLY B 3370 86.67 -12.60 -78.06
N LYS B 3371 87.69 -13.22 -78.66
CA LYS B 3371 87.67 -14.65 -78.92
C LYS B 3371 87.68 -15.43 -77.61
N VAL B 3372 88.56 -15.02 -76.68
CA VAL B 3372 88.68 -15.74 -75.41
C VAL B 3372 87.42 -15.57 -74.57
N VAL B 3373 86.90 -14.34 -74.46
CA VAL B 3373 85.66 -14.14 -73.70
C VAL B 3373 84.47 -14.80 -74.39
N ALA B 3374 84.50 -14.95 -75.72
CA ALA B 3374 83.49 -15.72 -76.42
C ALA B 3374 83.54 -17.20 -76.04
N GLU B 3375 84.74 -17.74 -75.90
CA GLU B 3375 84.85 -19.12 -75.41
C GLU B 3375 84.44 -19.21 -73.95
N GLU B 3376 84.73 -18.15 -73.18
CA GLU B 3376 84.37 -18.12 -71.76
C GLU B 3376 82.85 -18.15 -71.60
N GLU B 3377 82.13 -17.36 -72.41
CA GLU B 3377 80.67 -17.34 -72.25
C GLU B 3377 80.06 -18.64 -72.79
N GLN B 3378 80.67 -19.26 -73.82
CA GLN B 3378 80.17 -20.55 -74.28
C GLN B 3378 80.32 -21.60 -73.20
N LEU B 3379 81.46 -21.58 -72.49
CA LEU B 3379 81.65 -22.51 -71.38
C LEU B 3379 80.71 -22.19 -70.22
N ARG B 3380 80.45 -20.90 -69.99
CA ARG B 3380 79.65 -20.48 -68.84
C ARG B 3380 78.17 -20.79 -69.02
N LEU B 3381 77.65 -20.68 -70.25
CA LEU B 3381 76.21 -20.86 -70.47
C LEU B 3381 75.76 -22.30 -70.20
N GLU B 3382 76.60 -23.27 -70.52
CA GLU B 3382 76.27 -24.67 -70.32
C GLU B 3382 76.84 -25.15 -68.97
N ALA B 3383 75.98 -25.78 -68.16
CA ALA B 3383 76.37 -26.25 -66.84
C ALA B 3383 76.73 -27.73 -66.96
N LYS B 3384 78.03 -28.00 -67.03
CA LYS B 3384 78.55 -29.36 -67.15
C LYS B 3384 80.03 -29.32 -66.78
N ALA B 3385 80.61 -30.51 -66.60
CA ALA B 3385 82.04 -30.64 -66.33
C ALA B 3385 82.90 -30.18 -67.51
N GLU B 3386 82.32 -30.09 -68.71
CA GLU B 3386 83.06 -29.60 -69.86
C GLU B 3386 83.40 -28.12 -69.74
N ALA B 3387 82.69 -27.36 -68.89
CA ALA B 3387 83.07 -25.98 -68.68
C ALA B 3387 84.43 -25.90 -68.01
N GLU B 3388 84.64 -26.74 -66.98
CA GLU B 3388 85.94 -26.84 -66.33
C GLU B 3388 86.99 -27.42 -67.26
N GLU B 3389 86.61 -28.44 -68.05
CA GLU B 3389 87.57 -28.99 -69.01
C GLU B 3389 87.65 -27.99 -70.15
N GLY B 3390 88.55 -27.01 -70.01
CA GLY B 3390 88.65 -25.94 -70.99
C GLY B 3390 88.67 -24.59 -70.31
N GLU B 3391 88.15 -24.54 -69.08
CA GLU B 3391 88.25 -23.30 -68.32
C GLU B 3391 89.68 -22.98 -67.96
N LEU B 3392 90.49 -23.99 -67.60
CA LEU B 3392 91.92 -23.74 -67.38
C LEU B 3392 92.63 -23.33 -68.67
N LEU B 3393 92.11 -23.77 -69.82
CA LEU B 3393 92.65 -23.34 -71.12
C LEU B 3393 92.38 -21.86 -71.35
N VAL B 3394 91.20 -21.39 -70.96
CA VAL B 3394 90.97 -19.95 -71.13
C VAL B 3394 91.60 -19.18 -69.98
N ARG B 3395 91.89 -19.82 -68.84
CA ARG B 3395 92.72 -19.19 -67.81
C ARG B 3395 94.12 -18.89 -68.33
N ASP B 3396 94.70 -19.85 -69.07
CA ASP B 3396 95.98 -19.63 -69.73
C ASP B 3396 95.87 -18.54 -70.80
N GLU B 3397 94.76 -18.52 -71.54
CA GLU B 3397 94.55 -17.47 -72.54
C GLU B 3397 94.42 -16.09 -71.88
N PHE B 3398 93.76 -16.04 -70.71
CA PHE B 3398 93.68 -14.81 -69.93
C PHE B 3398 95.05 -14.37 -69.46
N SER B 3399 95.89 -15.33 -69.05
CA SER B 3399 97.21 -14.98 -68.52
C SER B 3399 98.11 -14.43 -69.64
N VAL B 3400 98.11 -15.08 -70.81
CA VAL B 3400 98.92 -14.57 -71.91
C VAL B 3400 98.40 -13.21 -72.38
N LEU B 3401 97.07 -13.00 -72.35
CA LEU B 3401 96.52 -11.68 -72.68
C LEU B 3401 96.95 -10.65 -71.64
N CYS B 3402 97.04 -11.06 -70.37
CA CYS B 3402 97.51 -10.17 -69.31
C CYS B 3402 98.94 -9.75 -69.55
N ARG B 3403 99.78 -10.70 -70.00
CA ARG B 3403 101.16 -10.36 -70.36
C ARG B 3403 101.22 -9.37 -71.52
N ASP B 3404 100.37 -9.56 -72.53
CA ASP B 3404 100.30 -8.60 -73.65
C ASP B 3404 99.87 -7.21 -73.19
N LEU B 3405 98.93 -7.17 -72.24
CA LEU B 3405 98.54 -5.91 -71.61
C LEU B 3405 99.70 -5.29 -70.84
N TYR B 3406 100.47 -6.11 -70.11
CA TYR B 3406 101.55 -5.58 -69.29
C TYR B 3406 102.74 -5.18 -70.13
N ALA B 3407 102.82 -5.69 -71.35
CA ALA B 3407 103.94 -5.44 -72.22
C ALA B 3407 103.70 -4.25 -73.12
N LEU B 3408 102.44 -3.91 -73.40
CA LEU B 3408 102.21 -2.80 -74.31
C LEU B 3408 101.61 -1.58 -73.62
N TYR B 3409 100.74 -1.77 -72.62
CA TYR B 3409 100.05 -0.65 -71.97
C TYR B 3409 100.92 0.40 -71.28
N PRO B 3410 101.92 0.08 -70.44
CA PRO B 3410 102.72 1.17 -69.80
C PRO B 3410 103.39 2.12 -70.79
N LEU B 3411 103.86 1.57 -71.91
CA LEU B 3411 104.38 2.38 -73.00
C LEU B 3411 103.30 3.27 -73.59
N LEU B 3412 102.08 2.74 -73.73
CA LEU B 3412 100.98 3.54 -74.23
C LEU B 3412 100.62 4.65 -73.24
N ILE B 3413 100.64 4.34 -71.94
CA ILE B 3413 100.35 5.33 -70.90
C ILE B 3413 101.34 6.48 -70.96
N ARG B 3414 102.63 6.15 -71.09
CA ARG B 3414 103.66 7.17 -71.23
C ARG B 3414 103.50 7.95 -72.54
N TYR B 3415 102.98 7.31 -73.60
CA TYR B 3415 102.72 8.06 -74.83
C TYR B 3415 101.59 9.05 -74.61
N VAL B 3416 100.53 8.60 -73.93
CA VAL B 3416 99.33 9.41 -73.74
C VAL B 3416 99.64 10.63 -72.88
N ASP B 3417 100.32 10.43 -71.74
CA ASP B 3417 100.54 11.57 -70.84
C ASP B 3417 101.43 12.64 -71.45
N ASN B 3418 102.24 12.28 -72.46
CA ASN B 3418 103.06 13.25 -73.17
C ASN B 3418 102.32 13.93 -74.33
N ASN B 3419 101.37 13.23 -74.97
CA ASN B 3419 100.73 13.79 -76.17
C ASN B 3419 99.24 14.08 -76.06
N ARG B 3420 98.60 13.80 -74.92
CA ARG B 3420 97.17 14.03 -74.74
C ARG B 3420 96.80 15.51 -74.83
N ALA B 3421 97.67 16.38 -74.29
CA ALA B 3421 97.45 17.83 -74.38
C ALA B 3421 97.31 18.29 -75.83
N HIS B 3422 98.13 17.73 -76.72
CA HIS B 3422 98.01 18.04 -78.13
CA HIS B 3422 98.01 18.03 -78.14
C HIS B 3422 96.68 17.53 -78.70
N TRP B 3423 96.28 16.32 -78.31
CA TRP B 3423 95.01 15.76 -78.77
C TRP B 3423 93.82 16.51 -78.22
N LEU B 3424 93.94 17.05 -77.00
CA LEU B 3424 92.89 17.95 -76.50
C LEU B 3424 92.90 19.28 -77.25
N THR B 3425 94.09 19.76 -77.62
CA THR B 3425 94.19 21.01 -78.39
C THR B 3425 93.57 20.86 -79.79
N GLU B 3426 93.81 19.73 -80.44
CA GLU B 3426 93.29 19.46 -81.78
C GLU B 3426 92.85 18.01 -81.90
N PRO B 3427 91.68 17.75 -82.50
CA PRO B 3427 91.17 16.38 -82.58
C PRO B 3427 92.03 15.47 -83.45
N ASN B 3428 92.07 14.19 -83.08
CA ASN B 3428 92.78 13.17 -83.85
C ASN B 3428 91.96 11.90 -83.86
N ALA B 3429 91.56 11.48 -85.07
CA ALA B 3429 90.75 10.27 -85.24
C ALA B 3429 91.49 9.01 -84.81
N ASN B 3430 92.82 9.00 -84.89
CA ASN B 3430 93.61 7.85 -84.45
C ASN B 3430 93.45 7.63 -82.94
N ALA B 3431 93.62 8.69 -82.16
CA ALA B 3431 93.38 8.63 -80.72
C ALA B 3431 91.93 8.31 -80.40
N GLU B 3432 91.00 8.94 -81.14
CA GLU B 3432 89.57 8.69 -80.92
C GLU B 3432 89.20 7.23 -81.16
N GLU B 3433 89.76 6.61 -82.20
CA GLU B 3433 89.61 5.18 -82.41
C GLU B 3433 90.27 4.37 -81.29
N LEU B 3434 91.47 4.80 -80.86
CA LEU B 3434 92.19 4.10 -79.78
C LEU B 3434 91.35 4.08 -78.51
N PHE B 3435 90.59 5.16 -78.26
CA PHE B 3435 89.70 5.17 -77.11
C PHE B 3435 88.62 4.11 -77.26
N ARG B 3436 88.21 3.82 -78.50
CA ARG B 3436 87.19 2.79 -78.71
C ARG B 3436 87.76 1.41 -78.40
N MET B 3437 88.99 1.13 -78.86
CA MET B 3437 89.55 -0.20 -78.58
C MET B 3437 89.85 -0.38 -77.08
N VAL B 3438 90.43 0.63 -76.43
CA VAL B 3438 90.72 0.50 -75.00
C VAL B 3438 89.41 0.39 -74.21
N GLY B 3439 88.34 1.05 -74.68
CA GLY B 3439 87.05 0.89 -74.04
C GLY B 3439 86.49 -0.51 -74.19
N GLU B 3440 86.64 -1.11 -75.38
CA GLU B 3440 86.18 -2.49 -75.58
C GLU B 3440 86.96 -3.47 -74.69
N ILE B 3441 88.27 -3.26 -74.57
CA ILE B 3441 89.10 -4.07 -73.69
C ILE B 3441 88.65 -3.90 -72.24
N PHE B 3442 88.30 -2.67 -71.86
CA PHE B 3442 87.81 -2.38 -70.51
C PHE B 3442 86.51 -3.16 -70.27
N ILE B 3443 85.59 -3.11 -71.24
CA ILE B 3443 84.28 -3.76 -71.11
C ILE B 3443 84.45 -5.27 -70.94
N TYR B 3444 85.31 -5.88 -71.74
CA TYR B 3444 85.60 -7.31 -71.58
C TYR B 3444 86.27 -7.62 -70.24
N TRP B 3445 87.18 -6.77 -69.78
CA TRP B 3445 87.80 -6.93 -68.46
C TRP B 3445 86.77 -6.81 -67.34
N SER B 3446 85.86 -5.87 -67.45
CA SER B 3446 84.84 -5.65 -66.43
C SER B 3446 83.84 -6.80 -66.41
N LYS B 3447 83.43 -7.27 -67.58
CA LYS B 3447 82.44 -8.33 -67.65
C LYS B 3447 83.02 -9.66 -67.18
N SER B 3448 84.27 -9.94 -67.53
CA SER B 3448 84.86 -11.24 -67.21
C SER B 3448 85.55 -11.13 -65.85
N HIS B 3449 84.92 -11.73 -64.83
CA HIS B 3449 85.59 -11.85 -63.55
C HIS B 3449 86.74 -12.85 -63.61
N ASN B 3450 86.64 -13.80 -64.53
CA ASN B 3450 87.73 -14.76 -64.77
C ASN B 3450 89.00 -14.06 -65.25
N PHE B 3451 88.84 -13.07 -66.14
CA PHE B 3451 89.99 -12.27 -66.55
C PHE B 3451 90.58 -11.48 -65.38
N LYS B 3452 89.73 -11.04 -64.44
CA LYS B 3452 90.23 -10.31 -63.28
C LYS B 3452 91.04 -11.21 -62.36
N ARG B 3453 90.47 -12.38 -62.01
CA ARG B 3453 91.06 -13.21 -60.96
C ARG B 3453 92.44 -13.71 -61.39
N GLU B 3454 92.58 -14.07 -62.67
CA GLU B 3454 93.94 -14.35 -63.11
C GLU B 3454 94.69 -13.09 -63.50
N GLU B 3455 94.08 -11.91 -63.50
CA GLU B 3455 94.90 -10.72 -63.70
C GLU B 3455 95.75 -10.46 -62.46
N GLN B 3456 95.13 -10.56 -61.27
CA GLN B 3456 95.99 -10.49 -60.07
C GLN B 3456 96.78 -11.78 -59.84
N ASN B 3457 96.29 -12.94 -60.31
CA ASN B 3457 97.10 -14.14 -60.21
C ASN B 3457 98.36 -13.98 -61.07
N PHE B 3458 98.21 -13.49 -62.30
CA PHE B 3458 99.36 -13.23 -63.15
C PHE B 3458 100.26 -12.15 -62.55
N VAL B 3459 99.71 -11.30 -61.66
CA VAL B 3459 100.54 -10.29 -61.00
C VAL B 3459 101.46 -10.95 -59.97
N VAL B 3460 100.93 -11.91 -59.19
CA VAL B 3460 101.67 -12.39 -58.02
C VAL B 3460 102.91 -13.20 -58.39
N GLN B 3461 102.86 -14.01 -59.46
CA GLN B 3461 104.07 -14.72 -59.89
C GLN B 3461 104.91 -13.96 -60.90
N ASN B 3462 104.58 -12.71 -61.20
CA ASN B 3462 105.42 -11.89 -62.07
C ASN B 3462 105.98 -10.65 -61.41
N GLU B 3463 105.58 -10.35 -60.18
CA GLU B 3463 106.02 -9.19 -59.39
C GLU B 3463 105.77 -7.88 -60.18
N ILE B 3464 104.50 -7.62 -60.39
CA ILE B 3464 104.07 -6.37 -61.00
C ILE B 3464 104.02 -5.33 -59.88
N ASN B 3465 104.99 -4.41 -59.89
CA ASN B 3465 105.20 -3.51 -58.76
C ASN B 3465 104.10 -2.46 -58.67
N ASN B 3466 103.62 -1.97 -59.82
CA ASN B 3466 102.47 -1.09 -60.01
C ASN B 3466 102.66 0.31 -59.43
N MET B 3467 103.85 0.66 -58.96
CA MET B 3467 104.14 2.03 -58.54
C MET B 3467 105.15 2.75 -59.43
N SER B 3468 106.25 2.08 -59.81
CA SER B 3468 107.22 2.73 -60.68
C SER B 3468 106.68 2.92 -62.09
N PHE B 3469 105.62 2.18 -62.45
CA PHE B 3469 105.01 2.33 -63.77
C PHE B 3469 104.34 3.69 -63.89
N LEU B 3470 103.61 4.09 -62.86
CA LEU B 3470 102.92 5.37 -62.91
C LEU B 3470 103.72 6.49 -62.27
N THR B 3471 104.90 6.19 -61.70
CA THR B 3471 105.75 7.26 -61.17
C THR B 3471 107.03 7.43 -61.99
N ALA B 3472 107.15 6.75 -63.13
CA ALA B 3472 108.31 6.94 -64.00
C ALA B 3472 108.36 8.36 -64.55
N ASP B 3473 107.20 8.91 -64.91
CA ASP B 3473 107.14 10.30 -65.36
C ASP B 3473 107.51 11.26 -64.22
N SER B 3474 107.07 10.95 -63.00
CA SER B 3474 107.39 11.80 -61.85
C SER B 3474 108.89 11.82 -61.58
N LYS B 3475 109.52 10.64 -61.66
CA LYS B 3475 110.97 10.55 -61.48
C LYS B 3475 111.71 11.28 -62.59
N SER B 3476 111.23 11.16 -63.84
CA SER B 3476 111.90 11.81 -64.95
C SER B 3476 111.80 13.33 -64.84
N LYS B 3477 110.63 13.83 -64.44
CA LYS B 3477 110.43 15.28 -64.34
C LYS B 3477 110.91 15.85 -63.01
N MET B 3478 111.39 14.99 -62.10
CA MET B 3478 111.92 15.36 -60.77
C MET B 3478 110.85 16.11 -59.96
N ALA B 3479 109.79 15.36 -59.65
CA ALA B 3479 108.68 15.90 -58.87
C ALA B 3479 108.63 15.29 -57.48
N ARG B 3498 103.44 -1.34 -49.63
CA ARG B 3498 102.73 -0.81 -48.50
C ARG B 3498 101.30 -1.36 -48.44
N ARG B 3499 100.32 -0.47 -48.66
CA ARG B 3499 98.92 -0.88 -48.63
C ARG B 3499 98.57 -1.83 -49.78
N GLY B 3500 98.93 -1.46 -51.00
CA GLY B 3500 98.58 -2.27 -52.15
C GLY B 3500 99.72 -2.56 -53.09
N ASP B 3501 100.92 -2.77 -52.52
CA ASP B 3501 102.10 -3.06 -53.33
C ASP B 3501 101.94 -4.38 -54.09
N ARG B 3502 101.42 -5.41 -53.41
CA ARG B 3502 101.24 -6.70 -54.05
C ARG B 3502 100.20 -6.64 -55.17
N TYR B 3503 99.04 -6.04 -54.89
CA TYR B 3503 97.96 -5.83 -55.84
C TYR B 3503 96.95 -4.89 -55.22
N SER B 3504 96.37 -4.02 -56.05
CA SER B 3504 95.34 -3.10 -55.60
C SER B 3504 94.51 -2.69 -56.81
N VAL B 3505 93.20 -2.51 -56.58
CA VAL B 3505 92.28 -2.09 -57.64
C VAL B 3505 92.62 -0.69 -58.12
N GLN B 3506 92.95 0.21 -57.19
CA GLN B 3506 93.23 1.61 -57.52
C GLN B 3506 94.46 1.80 -58.40
N THR B 3507 95.39 0.84 -58.39
CA THR B 3507 96.58 0.90 -59.22
C THR B 3507 96.51 -0.01 -60.45
N SER B 3508 95.33 -0.52 -60.76
CA SER B 3508 95.17 -1.37 -61.94
C SER B 3508 95.39 -0.56 -63.23
N LEU B 3509 96.27 -1.06 -64.09
CA LEU B 3509 96.67 -0.30 -65.26
C LEU B 3509 95.59 -0.28 -66.32
N ILE B 3510 94.75 -1.33 -66.41
CA ILE B 3510 93.73 -1.38 -67.45
C ILE B 3510 92.69 -0.27 -67.23
N VAL B 3511 92.24 -0.09 -65.99
CA VAL B 3511 91.33 1.01 -65.69
C VAL B 3511 92.08 2.34 -65.68
N ALA B 3512 93.36 2.34 -65.29
CA ALA B 3512 94.14 3.58 -65.23
C ALA B 3512 94.34 4.18 -66.61
N THR B 3513 94.60 3.35 -67.62
CA THR B 3513 94.76 3.82 -68.99
C THR B 3513 93.46 4.47 -69.49
N LEU B 3514 92.32 3.88 -69.13
CA LEU B 3514 91.03 4.51 -69.43
C LEU B 3514 90.87 5.84 -68.70
N LYS B 3515 91.35 5.92 -67.46
CA LYS B 3515 91.28 7.18 -66.70
C LYS B 3515 92.08 8.28 -67.40
N LYS B 3516 93.29 7.95 -67.86
CA LYS B 3516 94.08 8.90 -68.64
C LYS B 3516 93.43 9.22 -69.97
N MET B 3517 92.84 8.22 -70.63
CA MET B 3517 92.31 8.40 -71.97
C MET B 3517 90.92 9.02 -72.00
N LEU B 3518 90.30 9.20 -70.82
CA LEU B 3518 88.95 9.75 -70.70
C LEU B 3518 88.73 11.13 -71.35
N PRO B 3519 89.61 12.16 -71.17
CA PRO B 3519 89.30 13.47 -71.78
C PRO B 3519 89.13 13.43 -73.29
N ILE B 3520 89.93 12.60 -73.99
CA ILE B 3520 89.81 12.48 -75.44
C ILE B 3520 88.49 11.80 -75.80
N GLY B 3521 88.12 10.79 -75.04
CA GLY B 3521 86.88 10.07 -75.31
C GLY B 3521 85.65 10.94 -75.15
N LEU B 3522 85.60 11.73 -74.08
CA LEU B 3522 84.49 12.65 -73.87
C LEU B 3522 84.62 13.93 -74.69
N ASN B 3523 85.80 14.19 -75.28
CA ASN B 3523 85.97 15.35 -76.14
C ASN B 3523 85.08 15.30 -77.38
N MET B 3524 84.89 14.09 -77.95
CA MET B 3524 84.06 13.94 -79.14
C MET B 3524 82.62 14.34 -78.88
N CYS B 3525 82.04 13.89 -77.76
CA CYS B 3525 80.63 14.10 -77.47
C CYS B 3525 80.32 15.55 -77.15
N ALA B 3526 79.22 16.03 -77.68
CA ALA B 3526 78.73 17.36 -77.37
C ALA B 3526 78.00 17.33 -76.02
N PRO B 3527 78.38 18.21 -75.08
CA PRO B 3527 77.72 18.25 -73.76
C PRO B 3527 76.21 18.51 -73.78
N THR B 3528 75.64 18.97 -74.90
CA THR B 3528 74.18 19.01 -75.02
C THR B 3528 73.56 17.62 -75.01
N ASP B 3529 74.34 16.57 -75.28
CA ASP B 3529 73.88 15.19 -75.28
C ASP B 3529 74.05 14.51 -73.92
N GLN B 3530 74.48 15.27 -72.89
CA GLN B 3530 74.68 14.69 -71.57
C GLN B 3530 73.41 14.10 -70.97
N ASP B 3531 72.23 14.56 -71.39
CA ASP B 3531 70.98 13.93 -70.95
C ASP B 3531 70.90 12.48 -71.45
N LEU B 3532 71.33 12.25 -72.69
CA LEU B 3532 71.46 10.89 -73.20
C LEU B 3532 72.55 10.13 -72.46
N ILE B 3533 73.64 10.83 -72.10
CA ILE B 3533 74.72 10.16 -71.39
C ILE B 3533 74.26 9.70 -70.01
N MET B 3534 73.58 10.58 -69.26
CA MET B 3534 73.16 10.23 -67.91
C MET B 3534 72.10 9.13 -67.94
N LEU B 3535 71.15 9.19 -68.89
CA LEU B 3535 70.15 8.13 -69.00
C LEU B 3535 70.76 6.82 -69.48
N ALA B 3536 71.93 6.89 -70.14
CA ALA B 3536 72.59 5.71 -70.65
C ALA B 3536 73.07 4.80 -69.53
N LYS B 3537 73.62 5.37 -68.44
CA LYS B 3537 74.06 4.53 -67.33
C LYS B 3537 72.89 3.82 -66.70
N THR B 3538 71.76 4.52 -66.54
CA THR B 3538 70.57 3.95 -65.93
C THR B 3538 70.04 2.77 -66.75
N ARG B 3539 69.99 2.91 -68.07
CA ARG B 3539 69.55 1.78 -68.88
C ARG B 3539 70.61 0.69 -68.95
N TYR B 3540 71.91 1.03 -68.84
CA TYR B 3540 72.93 -0.01 -68.70
C TYR B 3540 72.73 -0.80 -67.41
N ALA B 3541 72.43 -0.11 -66.31
CA ALA B 3541 72.15 -0.76 -65.04
C ALA B 3541 70.89 -1.61 -65.10
N LEU B 3542 69.98 -1.30 -66.03
CA LEU B 3542 68.80 -2.13 -66.23
C LEU B 3542 69.07 -3.40 -67.05
N LYS B 3543 70.36 -3.72 -67.30
CA LYS B 3543 70.80 -4.89 -68.08
C LYS B 3543 70.34 -4.81 -69.53
N ASP B 3544 70.64 -3.70 -70.19
CA ASP B 3544 70.33 -3.51 -71.59
C ASP B 3544 71.61 -3.59 -72.43
N THR B 3545 71.57 -4.41 -73.48
CA THR B 3545 72.76 -4.65 -74.28
C THR B 3545 73.05 -3.48 -75.22
N ASP B 3546 74.17 -3.61 -75.95
CA ASP B 3546 74.68 -2.53 -76.80
C ASP B 3546 73.75 -2.22 -77.97
N GLU B 3547 73.10 -3.23 -78.54
CA GLU B 3547 72.30 -2.96 -79.71
C GLU B 3547 70.99 -2.30 -79.29
N GLU B 3548 70.41 -2.75 -78.18
CA GLU B 3548 69.14 -2.17 -77.80
C GLU B 3548 69.33 -0.79 -77.18
N VAL B 3549 70.51 -0.50 -76.61
CA VAL B 3549 70.69 0.89 -76.18
C VAL B 3549 70.95 1.78 -77.40
N ARG B 3550 71.55 1.21 -78.46
CA ARG B 3550 71.73 1.99 -79.68
C ARG B 3550 70.39 2.35 -80.31
N GLU B 3551 69.46 1.40 -80.35
CA GLU B 3551 68.14 1.76 -80.85
C GLU B 3551 67.34 2.59 -79.84
N PHE B 3552 67.67 2.53 -78.55
CA PHE B 3552 67.14 3.51 -77.59
C PHE B 3552 67.61 4.92 -77.94
N LEU B 3553 68.87 5.05 -78.36
CA LEU B 3553 69.36 6.35 -78.83
C LEU B 3553 68.68 6.76 -80.14
N GLN B 3554 68.38 5.78 -80.99
CA GLN B 3554 67.65 6.06 -82.23
C GLN B 3554 66.26 6.60 -81.91
N ASN B 3555 65.60 6.01 -80.91
CA ASN B 3555 64.27 6.45 -80.54
C ASN B 3555 64.34 7.77 -79.79
N ASN B 3556 65.49 8.08 -79.19
CA ASN B 3556 65.61 9.27 -78.36
C ASN B 3556 66.71 10.20 -78.89
N LEU B 3557 66.71 10.41 -80.21
CA LEU B 3557 67.67 11.34 -80.81
C LEU B 3557 67.39 12.80 -80.45
N HIS B 3558 66.14 13.13 -80.10
CA HIS B 3558 65.74 14.50 -79.81
C HIS B 3558 65.99 14.90 -78.36
N LEU B 3559 66.37 13.96 -77.50
CA LEU B 3559 66.43 14.20 -76.05
C LEU B 3559 67.71 14.91 -75.59
N GLN B 3560 68.39 15.63 -76.48
CA GLN B 3560 69.55 16.43 -76.06
C GLN B 3560 69.10 17.61 -75.20
N GLY B 3561 70.08 18.28 -74.60
CA GLY B 3561 69.82 19.41 -73.74
C GLY B 3561 69.59 20.69 -74.51
N LYS B 3562 69.32 21.75 -73.75
CA LYS B 3562 69.08 23.09 -74.30
C LYS B 3562 70.15 24.05 -73.78
N VAL B 3563 70.80 24.74 -74.71
CA VAL B 3563 71.86 25.68 -74.35
C VAL B 3563 71.29 26.95 -73.72
N GLU B 3564 70.12 27.40 -74.18
CA GLU B 3564 69.56 28.66 -73.68
C GLU B 3564 69.13 28.58 -72.22
N GLY B 3565 68.46 27.50 -71.82
CA GLY B 3565 67.99 27.35 -70.46
C GLY B 3565 69.05 27.02 -69.43
N SER B 3566 70.23 26.60 -69.88
CA SER B 3566 71.36 26.32 -69.00
C SER B 3566 72.50 27.26 -69.38
N PRO B 3567 72.67 28.38 -68.68
CA PRO B 3567 73.75 29.34 -69.02
C PRO B 3567 75.14 28.76 -68.92
N SER B 3568 75.33 27.68 -68.15
CA SER B 3568 76.61 26.99 -68.09
C SER B 3568 77.00 26.43 -69.46
N LEU B 3569 76.01 26.03 -70.26
CA LEU B 3569 76.26 25.47 -71.58
C LEU B 3569 76.63 26.53 -72.60
N ARG B 3570 76.24 27.80 -72.40
CA ARG B 3570 76.46 28.86 -73.39
C ARG B 3570 77.94 29.08 -73.68
N TRP B 3571 78.75 29.29 -72.64
CA TRP B 3571 80.18 29.46 -72.82
C TRP B 3571 80.87 28.17 -73.24
N GLN B 3572 80.37 27.02 -72.75
CA GLN B 3572 80.92 25.73 -73.13
C GLN B 3572 80.73 25.49 -74.62
N MET B 3573 79.56 25.82 -75.16
CA MET B 3573 79.30 25.61 -76.57
C MET B 3573 79.98 26.65 -77.44
N ALA B 3574 80.12 27.89 -76.93
CA ALA B 3574 80.90 28.88 -77.64
C ALA B 3574 82.36 28.47 -77.76
N LEU B 3575 82.93 27.88 -76.70
CA LEU B 3575 84.28 27.34 -76.82
C LEU B 3575 84.31 26.05 -77.65
N TYR B 3576 83.20 25.31 -77.66
CA TYR B 3576 83.14 24.06 -78.42
C TYR B 3576 83.22 24.33 -79.91
N ARG B 3577 82.38 25.25 -80.41
CA ARG B 3577 82.61 25.69 -81.79
C ARG B 3577 83.82 26.62 -81.91
N GLY B 3578 84.38 27.10 -80.79
CA GLY B 3578 85.65 27.80 -80.85
C GLY B 3578 86.80 26.89 -81.21
N LEU B 3579 86.63 25.59 -80.99
CA LEU B 3579 87.65 24.62 -81.38
C LEU B 3579 87.67 24.51 -82.91
N PRO B 3580 88.83 24.72 -83.55
CA PRO B 3580 88.89 24.61 -85.03
C PRO B 3580 88.53 23.24 -85.59
N GLY B 3581 88.70 22.18 -84.82
CA GLY B 3581 88.37 20.85 -85.27
C GLY B 3581 86.92 20.45 -85.20
N ARG B 3582 86.04 21.36 -84.77
CA ARG B 3582 84.62 21.06 -84.63
C ARG B 3582 83.87 21.60 -85.83
N GLU B 3583 83.36 20.70 -86.65
CA GLU B 3583 82.48 21.04 -87.77
C GLU B 3583 81.04 20.83 -87.33
N GLU B 3584 80.15 21.70 -87.82
CA GLU B 3584 78.74 21.61 -87.47
C GLU B 3584 78.05 20.37 -88.02
N ASP B 3585 78.66 19.69 -89.01
CA ASP B 3585 78.13 18.46 -89.55
C ASP B 3585 78.77 17.22 -88.94
N ALA B 3586 79.66 17.38 -87.95
CA ALA B 3586 80.35 16.24 -87.36
C ALA B 3586 79.43 15.43 -86.45
N ASP B 3587 78.45 16.07 -85.83
CA ASP B 3587 77.53 15.38 -84.91
C ASP B 3587 76.31 14.81 -85.62
N ASP B 3588 76.55 13.99 -86.64
CA ASP B 3588 75.48 13.31 -87.35
C ASP B 3588 74.86 12.25 -86.45
N PRO B 3589 73.56 11.91 -86.65
CA PRO B 3589 72.91 10.92 -85.77
C PRO B 3589 73.59 9.56 -85.70
N GLU B 3590 74.13 9.09 -86.82
CA GLU B 3590 74.80 7.80 -86.85
C GLU B 3590 76.11 7.85 -86.08
N LYS B 3591 76.81 8.99 -86.09
CA LYS B 3591 78.09 9.03 -85.41
C LYS B 3591 77.88 9.27 -83.91
N ILE B 3592 76.87 10.07 -83.55
CA ILE B 3592 76.64 10.37 -82.14
C ILE B 3592 76.18 9.12 -81.40
N VAL B 3593 75.29 8.31 -82.00
CA VAL B 3593 74.79 7.15 -81.25
C VAL B 3593 75.92 6.14 -80.95
N ARG B 3594 76.88 6.01 -81.88
CA ARG B 3594 78.04 5.14 -81.65
C ARG B 3594 78.97 5.70 -80.58
N ARG B 3595 79.27 7.01 -80.67
CA ARG B 3595 80.21 7.57 -79.70
C ARG B 3595 79.57 7.70 -78.32
N VAL B 3596 78.28 8.01 -78.25
CA VAL B 3596 77.56 8.12 -76.98
C VAL B 3596 77.51 6.76 -76.30
N GLN B 3597 77.20 5.70 -77.08
CA GLN B 3597 77.15 4.36 -76.49
C GLN B 3597 78.52 3.93 -75.99
N GLU B 3598 79.59 4.23 -76.76
CA GLU B 3598 80.92 3.80 -76.37
C GLU B 3598 81.41 4.51 -75.10
N VAL B 3599 81.25 5.84 -75.05
CA VAL B 3599 81.72 6.60 -73.90
C VAL B 3599 80.87 6.27 -72.69
N SER B 3600 79.57 6.05 -72.88
CA SER B 3600 78.70 5.75 -71.76
C SER B 3600 78.98 4.37 -71.20
N ALA B 3601 79.25 3.39 -72.07
CA ALA B 3601 79.61 2.05 -71.60
C ALA B 3601 80.89 2.06 -70.79
N VAL B 3602 81.86 2.88 -71.24
CA VAL B 3602 83.09 3.06 -70.46
C VAL B 3602 82.80 3.71 -69.13
N LEU B 3603 82.07 4.83 -69.13
CA LEU B 3603 81.89 5.60 -67.90
C LEU B 3603 81.02 4.83 -66.91
N TYR B 3604 80.04 4.07 -67.43
CA TYR B 3604 79.20 3.22 -66.61
C TYR B 3604 80.02 2.15 -65.91
N HIS B 3605 80.95 1.51 -66.62
CA HIS B 3605 81.73 0.48 -65.94
C HIS B 3605 82.87 1.05 -65.10
N LEU B 3606 83.21 2.34 -65.31
CA LEU B 3606 84.19 3.02 -64.46
C LEU B 3606 83.74 3.03 -63.00
N GLU B 3607 82.51 3.49 -62.74
CA GLU B 3607 82.03 3.49 -61.36
C GLU B 3607 81.76 2.08 -60.84
N GLN B 3608 81.58 1.11 -61.75
CA GLN B 3608 81.39 -0.27 -61.35
C GLN B 3608 82.67 -0.82 -60.76
N THR B 3609 83.82 -0.39 -61.30
CA THR B 3609 85.07 -0.94 -60.80
C THR B 3609 85.73 -0.06 -59.75
N GLU B 3610 85.58 1.27 -59.79
CA GLU B 3610 86.14 2.11 -58.74
C GLU B 3610 85.31 2.09 -57.46
N HIS B 3611 84.03 1.69 -57.53
CA HIS B 3611 83.17 1.55 -56.36
C HIS B 3611 82.60 0.13 -56.29
N PRO B 3612 83.41 -0.86 -55.85
CA PRO B 3612 82.87 -2.22 -55.68
C PRO B 3612 81.78 -2.36 -54.63
N TYR B 3613 81.92 -1.70 -53.46
CA TYR B 3613 80.93 -1.68 -52.36
C TYR B 3613 80.56 -3.09 -51.88
N LYS B 3614 81.57 -3.96 -51.80
CA LYS B 3614 81.37 -5.36 -51.46
C LYS B 3614 80.82 -5.53 -50.04
N SER B 3615 81.32 -4.73 -49.08
CA SER B 3615 81.07 -4.79 -47.63
C SER B 3615 79.63 -5.04 -47.16
N LYS B 3616 79.47 -5.37 -45.86
CA LYS B 3616 78.21 -5.59 -45.12
C LYS B 3616 77.72 -7.03 -45.33
N LYS B 3617 78.65 -7.96 -45.56
CA LYS B 3617 78.32 -9.37 -45.74
C LYS B 3617 78.89 -10.27 -44.65
N ALA B 3618 80.18 -10.17 -44.34
CA ALA B 3618 80.78 -11.00 -43.29
C ALA B 3618 81.50 -10.10 -42.29
N VAL B 3619 80.74 -9.66 -41.28
CA VAL B 3619 81.22 -8.73 -40.26
C VAL B 3619 81.44 -9.53 -38.97
N TRP B 3620 82.50 -9.17 -38.24
CA TRP B 3620 82.86 -9.75 -36.94
C TRP B 3620 81.68 -9.69 -35.96
N HIS B 3621 81.25 -10.86 -35.47
CA HIS B 3621 80.07 -10.92 -34.62
C HIS B 3621 80.26 -11.84 -33.41
N LYS B 3622 81.48 -12.33 -33.17
CA LYS B 3622 81.88 -13.22 -32.05
C LYS B 3622 80.91 -14.41 -31.87
N LEU B 3623 80.88 -15.25 -32.91
CA LEU B 3623 80.03 -16.44 -32.94
C LEU B 3623 80.33 -17.38 -31.78
N LEU B 3624 81.56 -17.91 -31.70
CA LEU B 3624 81.97 -18.70 -30.55
C LEU B 3624 83.41 -18.39 -30.12
N SER B 3625 84.03 -17.34 -30.67
CA SER B 3625 85.42 -17.02 -30.36
C SER B 3625 85.59 -16.63 -28.89
N LYS B 3626 84.69 -15.79 -28.38
CA LYS B 3626 84.80 -15.32 -27.00
C LYS B 3626 84.24 -16.28 -25.98
N GLN B 3627 83.62 -17.38 -26.42
CA GLN B 3627 83.00 -18.30 -25.47
C GLN B 3627 83.57 -19.71 -25.52
N ARG B 3628 83.86 -20.26 -26.70
CA ARG B 3628 84.28 -21.66 -26.76
C ARG B 3628 85.42 -21.89 -27.75
N ARG B 3629 86.33 -20.92 -27.92
CA ARG B 3629 87.55 -21.20 -28.69
C ARG B 3629 88.48 -22.17 -27.97
N ARG B 3630 88.33 -22.33 -26.64
CA ARG B 3630 89.13 -23.32 -25.92
C ARG B 3630 88.81 -24.73 -26.40
N ALA B 3631 87.56 -24.95 -26.85
CA ALA B 3631 87.16 -26.27 -27.32
C ALA B 3631 87.90 -26.63 -28.59
N VAL B 3632 87.87 -25.74 -29.59
CA VAL B 3632 88.50 -26.05 -30.89
C VAL B 3632 90.01 -26.13 -30.72
N VAL B 3633 90.58 -25.35 -29.79
CA VAL B 3633 92.02 -25.46 -29.49
C VAL B 3633 92.34 -26.84 -28.93
N ALA B 3634 91.51 -27.34 -28.01
CA ALA B 3634 91.80 -28.65 -27.41
C ALA B 3634 91.46 -29.83 -28.32
N CYS B 3635 90.50 -29.67 -29.25
CA CYS B 3635 89.98 -30.80 -30.02
C CYS B 3635 91.06 -31.51 -30.85
N PHE B 3636 91.89 -30.75 -31.58
CA PHE B 3636 92.91 -31.37 -32.41
C PHE B 3636 94.04 -31.97 -31.58
N ARG B 3637 94.29 -31.44 -30.38
CA ARG B 3637 95.36 -31.93 -29.52
C ARG B 3637 94.84 -32.94 -28.51
N MET B 3638 93.55 -33.26 -28.58
CA MET B 3638 92.90 -34.13 -27.61
C MET B 3638 93.23 -35.59 -27.92
N THR B 3639 93.59 -36.33 -26.87
CA THR B 3639 94.23 -37.63 -27.03
C THR B 3639 93.22 -38.69 -27.51
N PRO B 3640 93.64 -39.61 -28.40
CA PRO B 3640 92.70 -40.64 -28.89
C PRO B 3640 92.29 -41.64 -27.83
N LEU B 3641 91.39 -42.56 -28.21
CA LEU B 3641 90.79 -43.46 -27.24
C LEU B 3641 91.76 -44.53 -26.76
N TYR B 3642 92.62 -45.04 -27.65
CA TYR B 3642 93.52 -46.12 -27.29
C TYR B 3642 94.58 -45.71 -26.26
N ASN B 3643 94.80 -44.41 -26.08
CA ASN B 3643 95.78 -43.94 -25.09
C ASN B 3643 95.22 -43.88 -23.68
N LEU B 3644 93.91 -44.06 -23.49
CA LEU B 3644 93.33 -44.01 -22.16
C LEU B 3644 93.69 -45.26 -21.35
N PRO B 3645 93.87 -45.13 -20.04
CA PRO B 3645 94.09 -46.30 -19.19
C PRO B 3645 92.87 -47.21 -19.22
N THR B 3646 93.13 -48.52 -19.05
CA THR B 3646 92.07 -49.52 -19.13
C THR B 3646 90.98 -49.32 -18.07
N HIS B 3647 91.39 -49.05 -16.82
CA HIS B 3647 90.42 -48.83 -15.75
C HIS B 3647 89.58 -47.59 -15.97
N ARG B 3648 90.21 -46.49 -16.44
CA ARG B 3648 89.48 -45.28 -16.73
C ARG B 3648 88.51 -45.50 -17.86
N ALA B 3649 88.96 -46.17 -18.93
CA ALA B 3649 88.12 -46.41 -20.10
C ALA B 3649 86.92 -47.27 -19.74
N CYS B 3650 87.14 -48.28 -18.88
CA CYS B 3650 86.05 -49.13 -18.43
C CYS B 3650 85.04 -48.36 -17.60
N ASN B 3651 85.50 -47.33 -16.87
CA ASN B 3651 84.60 -46.61 -15.97
C ASN B 3651 83.49 -45.91 -16.76
N MET B 3652 83.86 -45.11 -17.75
CA MET B 3652 82.80 -44.48 -18.54
C MET B 3652 82.22 -45.44 -19.58
N PHE B 3653 82.90 -46.57 -19.86
CA PHE B 3653 82.29 -47.59 -20.72
C PHE B 3653 81.06 -48.18 -20.07
N LEU B 3654 81.11 -48.44 -18.76
CA LEU B 3654 79.95 -49.03 -18.09
C LEU B 3654 78.74 -48.11 -18.13
N GLU B 3655 78.96 -46.82 -17.82
CA GLU B 3655 77.84 -45.88 -17.82
C GLU B 3655 77.30 -45.67 -19.23
N SER B 3656 78.15 -45.80 -20.25
CA SER B 3656 77.63 -45.70 -21.61
C SER B 3656 76.85 -46.95 -21.98
N TYR B 3657 77.32 -48.12 -21.51
CA TYR B 3657 76.64 -49.37 -21.81
C TYR B 3657 75.25 -49.41 -21.19
N LYS B 3658 75.13 -48.97 -19.93
CA LYS B 3658 73.81 -48.96 -19.29
C LYS B 3658 72.91 -47.91 -19.94
N ALA B 3659 73.48 -46.76 -20.34
CA ALA B 3659 72.67 -45.71 -20.93
C ALA B 3659 72.20 -46.06 -22.33
N ALA B 3660 72.94 -46.89 -23.06
CA ALA B 3660 72.60 -47.18 -24.44
C ALA B 3660 72.02 -48.57 -24.68
N TRP B 3661 72.21 -49.52 -23.78
CA TRP B 3661 71.75 -50.88 -23.97
C TRP B 3661 70.80 -51.39 -22.89
N ILE B 3662 70.96 -50.96 -21.64
CA ILE B 3662 70.15 -51.47 -20.55
C ILE B 3662 68.93 -50.60 -20.30
N LEU B 3663 69.12 -49.28 -20.27
CA LEU B 3663 67.99 -48.36 -20.15
C LEU B 3663 67.06 -48.47 -21.34
N THR B 3664 67.62 -48.62 -22.54
CA THR B 3664 66.81 -48.81 -23.74
C THR B 3664 66.05 -50.14 -23.72
N GLU B 3665 66.59 -51.15 -23.05
CA GLU B 3665 65.91 -52.44 -22.95
C GLU B 3665 64.61 -52.32 -22.16
N ASP B 3666 63.57 -53.02 -22.62
CA ASP B 3666 62.26 -53.00 -22.00
C ASP B 3666 61.89 -54.42 -21.56
N HIS B 3667 61.38 -54.54 -20.33
CA HIS B 3667 60.94 -55.83 -19.80
C HIS B 3667 59.50 -55.71 -19.32
N SER B 3668 58.62 -56.55 -19.86
CA SER B 3668 57.20 -56.54 -19.55
C SER B 3668 56.90 -57.68 -18.56
N PHE B 3669 56.95 -57.37 -17.28
CA PHE B 3669 56.69 -58.34 -16.23
C PHE B 3669 55.59 -57.92 -15.25
N GLU B 3670 55.08 -56.69 -15.37
CA GLU B 3670 54.14 -56.13 -14.41
C GLU B 3670 52.82 -56.89 -14.39
N ASP B 3671 52.30 -57.22 -15.58
CA ASP B 3671 51.03 -57.91 -15.65
C ASP B 3671 51.17 -59.32 -15.12
N ARG B 3672 52.29 -59.98 -15.42
CA ARG B 3672 52.49 -61.34 -14.95
C ARG B 3672 52.65 -61.35 -13.43
N MET B 3673 53.21 -60.28 -12.86
CA MET B 3673 53.29 -60.17 -11.41
C MET B 3673 51.90 -60.07 -10.81
N ILE B 3674 51.03 -59.22 -11.39
CA ILE B 3674 49.70 -59.06 -10.81
C ILE B 3674 48.90 -60.34 -10.97
N ASP B 3675 49.12 -61.05 -12.08
CA ASP B 3675 48.46 -62.32 -12.32
C ASP B 3675 48.85 -63.34 -11.25
N ASP B 3676 50.14 -63.39 -10.93
CA ASP B 3676 50.61 -64.32 -9.90
C ASP B 3676 50.04 -63.95 -8.53
N LEU B 3677 50.06 -62.66 -8.18
CA LEU B 3677 49.60 -62.23 -6.87
C LEU B 3677 48.08 -62.28 -6.73
N SER B 3678 47.35 -62.39 -7.83
CA SER B 3678 45.89 -62.39 -7.78
C SER B 3678 45.28 -63.78 -7.69
N LYS B 3679 46.09 -64.83 -7.59
CA LYS B 3679 45.58 -66.20 -7.54
C LYS B 3679 45.67 -66.71 -6.11
N ALA B 3680 44.52 -66.83 -5.47
CA ALA B 3680 44.42 -67.49 -4.17
C ALA B 3680 44.02 -68.95 -4.35
N GLY B 3681 44.89 -69.68 -5.07
CA GLY B 3681 44.60 -71.04 -5.45
C GLY B 3681 45.41 -72.04 -4.63
N GLU B 3682 45.04 -73.31 -4.80
CA GLU B 3682 45.64 -74.52 -4.22
C GLU B 3682 45.82 -74.48 -2.69
N GLN B 3683 45.10 -73.59 -1.99
CA GLN B 3683 45.00 -73.70 -0.54
C GLN B 3683 43.59 -74.05 -0.09
N GLU B 3684 42.69 -74.30 -1.03
CA GLU B 3684 41.28 -74.58 -0.75
C GLU B 3684 41.00 -76.07 -0.58
N GLU B 3685 41.98 -76.86 -0.16
CA GLU B 3685 41.78 -78.29 0.04
C GLU B 3685 40.82 -78.62 1.18
N GLU B 3686 40.63 -77.71 2.13
CA GLU B 3686 39.72 -77.96 3.25
C GLU B 3686 38.32 -77.37 3.06
N GLU B 3687 38.18 -76.34 2.23
CA GLU B 3687 36.93 -75.62 1.90
C GLU B 3687 35.99 -75.38 3.10
N GLU B 3688 36.55 -74.73 4.13
CA GLU B 3688 35.80 -74.40 5.35
C GLU B 3688 34.54 -73.59 5.07
N GLU B 3689 33.48 -73.91 5.82
CA GLU B 3689 32.18 -73.25 5.70
C GLU B 3689 32.25 -71.76 6.06
N VAL B 3690 33.05 -71.41 7.07
CA VAL B 3690 33.09 -70.06 7.62
C VAL B 3690 33.50 -69.03 6.56
N GLU B 3691 34.49 -69.37 5.72
CA GLU B 3691 34.86 -68.62 4.51
C GLU B 3691 35.22 -67.15 4.80
N GLU B 3692 35.97 -66.92 5.88
CA GLU B 3692 36.52 -65.62 6.28
C GLU B 3692 37.28 -64.82 5.20
N LYS B 3693 37.50 -65.43 4.02
CA LYS B 3693 38.16 -64.91 2.83
C LYS B 3693 39.49 -64.20 3.14
N LYS B 3694 40.44 -65.03 3.61
CA LYS B 3694 41.78 -64.54 3.95
C LYS B 3694 42.40 -63.90 2.71
N PRO B 3695 43.07 -62.75 2.87
CA PRO B 3695 43.53 -62.00 1.69
C PRO B 3695 44.50 -62.77 0.81
N ASP B 3696 44.29 -62.64 -0.50
CA ASP B 3696 45.21 -63.12 -1.49
C ASP B 3696 46.46 -62.22 -1.50
N PRO B 3697 47.60 -62.70 -2.08
CA PRO B 3697 48.87 -61.94 -1.98
C PRO B 3697 48.79 -60.50 -2.44
N LEU B 3698 48.04 -60.22 -3.50
CA LEU B 3698 47.89 -58.84 -3.96
C LEU B 3698 47.19 -57.99 -2.92
N HIS B 3699 46.17 -58.55 -2.25
CA HIS B 3699 45.46 -57.82 -1.20
C HIS B 3699 46.36 -57.54 -0.02
N GLN B 3700 47.36 -58.41 0.21
CA GLN B 3700 48.24 -58.19 1.35
C GLN B 3700 49.15 -56.99 1.13
N LEU B 3701 49.47 -56.68 -0.13
CA LEU B 3701 50.25 -55.48 -0.45
C LEU B 3701 49.49 -54.24 -0.05
N VAL B 3702 48.23 -54.16 -0.47
CA VAL B 3702 47.40 -52.98 -0.23
C VAL B 3702 47.18 -52.81 1.27
N LEU B 3703 46.91 -53.89 1.99
CA LEU B 3703 46.72 -53.80 3.44
C LEU B 3703 48.00 -53.34 4.15
N HIS B 3704 49.16 -53.81 3.68
CA HIS B 3704 50.41 -53.37 4.29
C HIS B 3704 50.73 -51.92 3.93
N PHE B 3705 50.41 -51.51 2.72
CA PHE B 3705 50.65 -50.11 2.38
C PHE B 3705 49.62 -49.20 3.01
N SER B 3706 48.47 -49.75 3.39
CA SER B 3706 47.46 -48.94 4.05
C SER B 3706 47.85 -48.68 5.50
N ARG B 3707 48.41 -49.68 6.18
CA ARG B 3707 48.74 -49.47 7.59
C ARG B 3707 49.94 -48.52 7.74
N THR B 3708 50.92 -48.61 6.84
CA THR B 3708 52.07 -47.70 6.89
C THR B 3708 51.70 -46.26 6.52
N ALA B 3709 50.54 -46.05 5.92
CA ALA B 3709 50.05 -44.70 5.67
C ALA B 3709 49.07 -44.24 6.74
N LEU B 3710 48.40 -45.16 7.41
CA LEU B 3710 47.51 -44.79 8.50
C LEU B 3710 48.25 -44.64 9.82
N THR B 3711 49.50 -45.11 9.92
CA THR B 3711 50.26 -44.91 11.14
C THR B 3711 50.62 -43.44 11.31
N GLU B 3712 50.84 -43.05 12.56
CA GLU B 3712 51.01 -41.65 12.91
C GLU B 3712 52.49 -41.27 12.86
N LYS B 3713 52.84 -40.46 11.88
CA LYS B 3713 54.19 -39.93 11.72
C LYS B 3713 54.09 -38.46 11.38
N SER B 3714 55.04 -37.67 11.89
CA SER B 3714 55.07 -36.24 11.58
C SER B 3714 55.39 -36.01 10.11
N LYS B 3715 56.33 -36.77 9.56
CA LYS B 3715 56.70 -36.69 8.16
C LYS B 3715 56.60 -38.07 7.54
N LEU B 3716 56.05 -38.12 6.33
CA LEU B 3716 55.92 -39.38 5.61
C LEU B 3716 57.16 -39.60 4.75
N ASP B 3717 57.84 -40.72 4.98
CA ASP B 3717 59.13 -40.97 4.36
C ASP B 3717 59.00 -41.72 3.04
N GLU B 3718 60.10 -41.78 2.30
CA GLU B 3718 60.12 -42.45 1.01
C GLU B 3718 60.43 -43.93 1.18
N ASP B 3719 59.59 -44.77 0.58
CA ASP B 3719 59.79 -46.22 0.56
C ASP B 3719 60.05 -46.65 -0.88
N TYR B 3720 61.25 -47.15 -1.13
CA TYR B 3720 61.61 -47.64 -2.47
C TYR B 3720 60.71 -48.80 -2.89
N LEU B 3721 60.33 -49.63 -1.92
CA LEU B 3721 59.43 -50.74 -2.20
C LEU B 3721 58.06 -50.22 -2.61
N TYR B 3722 57.57 -49.18 -1.92
CA TYR B 3722 56.29 -48.61 -2.32
C TYR B 3722 56.39 -47.93 -3.67
N MET B 3723 57.56 -47.37 -4.00
CA MET B 3723 57.80 -46.80 -5.32
C MET B 3723 57.63 -47.87 -6.40
N ALA B 3724 58.28 -49.01 -6.18
CA ALA B 3724 58.33 -50.06 -7.18
C ALA B 3724 56.95 -50.69 -7.34
N TYR B 3725 56.32 -51.06 -6.23
CA TYR B 3725 55.06 -51.78 -6.31
C TYR B 3725 53.94 -50.89 -6.80
N ALA B 3726 53.94 -49.61 -6.40
CA ALA B 3726 52.98 -48.65 -6.93
C ALA B 3726 53.16 -48.42 -8.42
N ASP B 3727 54.40 -48.30 -8.89
CA ASP B 3727 54.64 -48.16 -10.32
C ASP B 3727 54.26 -49.41 -11.10
N ILE B 3728 54.54 -50.59 -10.55
CA ILE B 3728 54.17 -51.86 -11.17
C ILE B 3728 52.65 -51.97 -11.28
N MET B 3729 51.94 -51.62 -10.21
CA MET B 3729 50.49 -51.64 -10.21
C MET B 3729 49.95 -50.64 -11.22
N ALA B 3730 50.58 -49.47 -11.30
CA ALA B 3730 50.08 -48.42 -12.18
C ALA B 3730 50.23 -48.85 -13.64
N LYS B 3731 51.42 -49.31 -14.03
CA LYS B 3731 51.63 -49.65 -15.43
C LYS B 3731 51.24 -51.09 -15.73
N SER B 3732 50.52 -51.76 -14.83
CA SER B 3732 49.93 -53.05 -15.13
C SER B 3732 48.45 -52.95 -15.44
N CYS B 3733 47.97 -51.76 -15.80
CA CYS B 3733 46.55 -51.54 -16.03
C CYS B 3733 46.21 -51.16 -17.45
N HIS B 3734 46.88 -50.16 -18.02
CA HIS B 3734 46.49 -49.67 -19.34
C HIS B 3734 46.78 -50.68 -20.44
N LEU B 3735 48.06 -51.08 -20.58
CA LEU B 3735 48.56 -51.99 -21.62
C LEU B 3735 48.19 -51.49 -23.03
N GLU B 3736 48.27 -50.17 -23.21
CA GLU B 3736 47.92 -49.54 -24.48
C GLU B 3736 48.59 -48.17 -24.61
N VAL B 3749 42.75 -47.52 -39.46
CA VAL B 3749 42.52 -46.83 -38.19
C VAL B 3749 41.02 -46.81 -37.86
N GLU B 3750 40.21 -47.35 -38.76
CA GLU B 3750 38.75 -47.39 -38.55
C GLU B 3750 38.32 -48.67 -37.81
N VAL B 3751 38.83 -48.75 -36.58
CA VAL B 3751 38.50 -49.84 -35.68
C VAL B 3751 37.04 -49.74 -35.25
N SER B 3752 36.33 -50.86 -35.35
CA SER B 3752 34.89 -50.83 -35.10
C SER B 3752 34.61 -50.99 -33.61
N PHE B 3753 33.43 -50.51 -33.20
CA PHE B 3753 33.11 -50.49 -31.78
C PHE B 3753 32.81 -51.87 -31.21
N GLU B 3754 32.60 -52.89 -32.06
CA GLU B 3754 32.31 -54.22 -31.56
C GLU B 3754 33.54 -54.89 -30.96
N GLU B 3755 34.72 -54.59 -31.49
CA GLU B 3755 35.94 -55.06 -30.85
C GLU B 3755 36.56 -53.95 -30.02
N LYS B 3756 36.11 -52.71 -30.20
CA LYS B 3756 36.56 -51.62 -29.34
C LYS B 3756 36.10 -51.82 -27.89
N GLU B 3757 34.86 -52.31 -27.69
CA GLU B 3757 34.47 -52.52 -26.29
C GLU B 3757 35.24 -53.62 -25.58
N MET B 3758 36.01 -54.44 -26.32
CA MET B 3758 36.77 -55.51 -25.71
C MET B 3758 37.88 -54.94 -24.84
N GLU B 3759 38.64 -53.96 -25.38
CA GLU B 3759 39.76 -53.42 -24.60
C GLU B 3759 39.23 -52.69 -23.38
N LYS B 3760 38.11 -51.96 -23.52
CA LYS B 3760 37.53 -51.28 -22.37
C LYS B 3760 37.10 -52.24 -21.28
N GLN B 3761 36.31 -53.28 -21.61
CA GLN B 3761 35.90 -54.22 -20.57
C GLN B 3761 37.05 -55.06 -20.02
N ARG B 3762 38.15 -55.19 -20.77
CA ARG B 3762 39.35 -55.78 -20.22
C ARG B 3762 40.07 -54.80 -19.29
N LEU B 3763 40.11 -53.53 -19.66
CA LEU B 3763 40.70 -52.52 -18.78
C LEU B 3763 39.91 -52.42 -17.49
N LEU B 3764 38.57 -52.43 -17.58
CA LEU B 3764 37.73 -52.44 -16.40
C LEU B 3764 37.98 -53.66 -15.54
N TYR B 3765 38.27 -54.81 -16.16
CA TYR B 3765 38.63 -55.99 -15.40
C TYR B 3765 39.94 -55.78 -14.66
N GLN B 3766 40.94 -55.21 -15.35
CA GLN B 3766 42.24 -54.97 -14.75
C GLN B 3766 42.17 -53.97 -13.59
N GLN B 3767 41.39 -52.90 -13.74
CA GLN B 3767 41.16 -52.00 -12.62
C GLN B 3767 40.36 -52.66 -11.50
N SER B 3768 39.40 -53.52 -11.86
CA SER B 3768 38.64 -54.25 -10.85
C SER B 3768 39.53 -55.15 -10.03
N ARG B 3769 40.57 -55.71 -10.67
CA ARG B 3769 41.55 -56.56 -9.99
C ARG B 3769 42.26 -55.82 -8.87
N LEU B 3770 42.37 -54.50 -8.97
CA LEU B 3770 43.05 -53.70 -7.98
C LEU B 3770 42.07 -53.10 -6.98
N HIS B 3771 41.05 -52.39 -7.46
CA HIS B 3771 40.18 -51.66 -6.56
C HIS B 3771 39.29 -52.59 -5.74
N THR B 3772 39.12 -53.85 -6.17
CA THR B 3772 38.35 -54.76 -5.33
C THR B 3772 39.09 -55.15 -4.06
N ARG B 3773 40.38 -54.81 -3.95
CA ARG B 3773 41.18 -55.14 -2.79
C ARG B 3773 41.54 -53.92 -1.96
N GLY B 3774 40.76 -52.85 -2.04
CA GLY B 3774 41.03 -51.68 -1.23
C GLY B 3774 42.07 -50.70 -1.74
N ALA B 3775 42.58 -50.89 -2.96
CA ALA B 3775 43.61 -50.00 -3.49
C ALA B 3775 43.14 -48.56 -3.66
N ALA B 3776 41.83 -48.35 -3.88
CA ALA B 3776 41.29 -47.00 -3.98
C ALA B 3776 41.42 -46.26 -2.66
N GLU B 3777 41.12 -46.95 -1.55
CA GLU B 3777 41.24 -46.29 -0.27
C GLU B 3777 42.70 -46.18 0.14
N MET B 3778 43.54 -47.11 -0.32
CA MET B 3778 44.96 -47.01 -0.02
C MET B 3778 45.55 -45.76 -0.66
N VAL B 3779 45.13 -45.48 -1.90
CA VAL B 3779 45.54 -44.25 -2.58
C VAL B 3779 45.02 -43.03 -1.84
N LEU B 3780 43.76 -43.08 -1.40
CA LEU B 3780 43.18 -41.96 -0.66
C LEU B 3780 43.93 -41.69 0.64
N GLN B 3781 44.30 -42.75 1.35
CA GLN B 3781 45.04 -42.62 2.59
C GLN B 3781 46.42 -42.04 2.33
N MET B 3782 47.11 -42.52 1.29
CA MET B 3782 48.46 -42.03 1.02
C MET B 3782 48.45 -40.56 0.63
N ILE B 3783 47.44 -40.15 -0.16
CA ILE B 3783 47.29 -38.73 -0.50
C ILE B 3783 47.00 -37.90 0.74
N SER B 3784 46.14 -38.40 1.63
CA SER B 3784 45.86 -37.64 2.84
C SER B 3784 47.02 -37.69 3.83
N ALA B 3785 47.94 -38.64 3.65
CA ALA B 3785 49.05 -38.84 4.56
C ALA B 3785 50.32 -38.14 4.11
N CYS B 3786 50.43 -37.75 2.84
CA CYS B 3786 51.64 -37.04 2.40
C CYS B 3786 51.77 -35.65 2.99
N LYS B 3787 50.72 -35.11 3.62
CA LYS B 3787 50.72 -33.86 4.38
C LYS B 3787 51.05 -32.64 3.52
N GLY B 3788 50.87 -32.73 2.22
CA GLY B 3788 51.18 -31.62 1.35
C GLY B 3788 52.62 -31.50 0.94
N GLU B 3789 53.42 -32.54 1.17
CA GLU B 3789 54.84 -32.52 0.82
C GLU B 3789 54.99 -33.22 -0.52
N THR B 3790 55.39 -32.47 -1.54
CA THR B 3790 55.56 -33.04 -2.87
C THR B 3790 56.78 -33.94 -2.94
N GLY B 3791 56.71 -34.95 -3.81
CA GLY B 3791 57.84 -35.85 -3.97
C GLY B 3791 57.49 -36.98 -4.91
N ALA B 3792 58.46 -37.89 -5.05
CA ALA B 3792 58.29 -39.04 -5.90
C ALA B 3792 57.23 -39.99 -5.35
N MET B 3793 57.02 -39.97 -4.03
CA MET B 3793 56.02 -40.83 -3.42
C MET B 3793 54.63 -40.41 -3.85
N VAL B 3794 54.32 -39.12 -3.71
CA VAL B 3794 52.97 -38.67 -4.01
C VAL B 3794 52.78 -38.68 -5.53
N SER B 3795 53.86 -38.46 -6.30
CA SER B 3795 53.74 -38.57 -7.76
C SER B 3795 53.40 -39.99 -8.18
N SER B 3796 54.04 -40.98 -7.57
CA SER B 3796 53.71 -42.37 -7.87
C SER B 3796 52.31 -42.74 -7.40
N THR B 3797 51.85 -42.12 -6.32
CA THR B 3797 50.50 -42.38 -5.83
C THR B 3797 49.47 -41.83 -6.81
N LEU B 3798 49.69 -40.59 -7.29
CA LEU B 3798 48.79 -40.00 -8.27
C LEU B 3798 48.81 -40.77 -9.59
N LYS B 3799 49.99 -41.30 -9.95
CA LYS B 3799 50.13 -42.13 -11.14
C LYS B 3799 49.27 -43.39 -11.02
N LEU B 3800 49.28 -44.01 -9.84
CA LEU B 3800 48.46 -45.19 -9.62
C LEU B 3800 46.98 -44.83 -9.59
N GLY B 3801 46.63 -43.72 -8.96
CA GLY B 3801 45.23 -43.29 -8.92
C GLY B 3801 44.67 -43.00 -10.30
N ILE B 3802 45.50 -42.46 -11.19
CA ILE B 3802 45.05 -42.27 -12.56
C ILE B 3802 44.92 -43.60 -13.27
N SER B 3803 45.91 -44.49 -13.10
CA SER B 3803 45.87 -45.76 -13.80
C SER B 3803 44.71 -46.63 -13.33
N ILE B 3804 44.23 -46.42 -12.10
CA ILE B 3804 43.07 -47.15 -11.61
C ILE B 3804 41.79 -46.37 -11.93
N LEU B 3805 41.91 -45.12 -12.35
CA LEU B 3805 40.75 -44.29 -12.65
C LEU B 3805 40.60 -43.96 -14.12
N ASN B 3806 41.32 -44.65 -14.99
CA ASN B 3806 41.23 -44.39 -16.43
C ASN B 3806 39.81 -44.65 -16.94
N GLY B 3807 39.33 -43.73 -17.79
CA GLY B 3807 38.00 -43.81 -18.34
C GLY B 3807 36.89 -43.43 -17.39
N GLY B 3808 37.22 -42.92 -16.21
CA GLY B 3808 36.24 -42.56 -15.21
C GLY B 3808 35.44 -43.74 -14.68
N ASN B 3809 36.10 -44.65 -13.98
CA ASN B 3809 35.44 -45.81 -13.40
C ASN B 3809 34.35 -45.39 -12.40
N ALA B 3810 33.14 -45.89 -12.62
CA ALA B 3810 31.98 -45.47 -11.83
C ALA B 3810 32.07 -46.01 -10.42
N GLU B 3811 32.39 -47.29 -10.28
CA GLU B 3811 32.41 -47.88 -8.96
C GLU B 3811 33.63 -47.45 -8.18
N VAL B 3812 34.73 -47.12 -8.89
CA VAL B 3812 35.90 -46.60 -8.18
C VAL B 3812 35.58 -45.24 -7.58
N GLN B 3813 34.95 -44.35 -8.36
CA GLN B 3813 34.53 -43.05 -7.81
C GLN B 3813 33.51 -43.22 -6.69
N GLN B 3814 32.70 -44.28 -6.76
CA GLN B 3814 31.76 -44.56 -5.67
C GLN B 3814 32.49 -44.92 -4.39
N LYS B 3815 33.50 -45.80 -4.50
CA LYS B 3815 34.26 -46.20 -3.32
C LYS B 3815 35.04 -45.03 -2.72
N MET B 3816 35.69 -44.22 -3.58
CA MET B 3816 36.46 -43.08 -3.09
C MET B 3816 35.58 -42.06 -2.40
N LEU B 3817 34.40 -41.78 -2.98
CA LEU B 3817 33.47 -40.83 -2.37
C LEU B 3817 32.92 -41.36 -1.06
N ASP B 3818 32.59 -42.66 -1.00
CA ASP B 3818 32.06 -43.22 0.24
C ASP B 3818 33.12 -43.22 1.34
N TYR B 3819 34.38 -43.53 0.97
CA TYR B 3819 35.44 -43.54 1.97
C TYR B 3819 35.71 -42.14 2.51
N LEU B 3820 35.57 -41.12 1.65
CA LEU B 3820 35.74 -39.76 2.17
C LEU B 3820 34.55 -39.36 3.03
N LYS B 3821 33.36 -39.83 2.67
CA LYS B 3821 32.16 -39.38 3.35
C LYS B 3821 32.08 -39.99 4.73
N ASP B 3822 32.50 -41.25 4.88
CA ASP B 3822 32.40 -41.82 6.22
C ASP B 3822 33.62 -41.49 7.07
N LYS B 3823 34.83 -41.40 6.48
CA LYS B 3823 35.99 -41.01 7.27
C LYS B 3823 35.89 -39.57 7.79
N LYS B 3824 35.38 -38.65 6.96
CA LYS B 3824 35.23 -37.23 7.29
C LYS B 3824 36.55 -36.57 7.71
N GLU B 3825 37.64 -36.94 7.03
CA GLU B 3825 38.94 -36.37 7.34
C GLU B 3825 39.20 -35.13 6.49
N VAL B 3826 39.84 -34.13 7.11
CA VAL B 3826 40.13 -32.86 6.44
C VAL B 3826 41.46 -32.91 5.70
N GLY B 3827 42.39 -33.78 6.12
CA GLY B 3827 43.76 -33.78 5.64
C GLY B 3827 43.88 -34.06 4.17
N PHE B 3828 42.88 -34.73 3.58
CA PHE B 3828 42.93 -35.07 2.16
C PHE B 3828 42.88 -33.81 1.33
N PHE B 3829 41.89 -32.95 1.57
CA PHE B 3829 41.81 -31.73 0.80
C PHE B 3829 42.84 -30.71 1.25
N GLN B 3830 43.31 -30.81 2.51
CA GLN B 3830 44.43 -29.96 2.93
C GLN B 3830 45.67 -30.26 2.09
N SER B 3831 45.92 -31.55 1.85
CA SER B 3831 47.03 -31.96 1.01
C SER B 3831 46.82 -31.53 -0.44
N ILE B 3832 45.60 -31.75 -0.97
CA ILE B 3832 45.31 -31.41 -2.37
C ILE B 3832 45.56 -29.92 -2.62
N GLN B 3833 45.08 -29.08 -1.71
CA GLN B 3833 45.33 -27.65 -1.79
C GLN B 3833 46.81 -27.32 -1.67
N ALA B 3834 47.53 -28.00 -0.77
CA ALA B 3834 48.94 -27.69 -0.58
C ALA B 3834 49.77 -28.06 -1.81
N LEU B 3835 49.55 -29.26 -2.35
CA LEU B 3835 50.28 -29.69 -3.54
C LEU B 3835 49.96 -28.79 -4.72
N MET B 3836 48.70 -28.42 -4.89
CA MET B 3836 48.36 -27.62 -6.06
C MET B 3836 48.95 -26.22 -5.94
N GLN B 3837 48.96 -25.66 -4.72
CA GLN B 3837 49.58 -24.34 -4.52
C GLN B 3837 51.08 -24.37 -4.73
N THR B 3838 51.72 -25.53 -4.56
CA THR B 3838 53.16 -25.60 -4.79
C THR B 3838 53.53 -25.82 -6.25
N CYS B 3839 52.55 -26.01 -7.14
CA CYS B 3839 52.84 -26.21 -8.56
C CYS B 3839 53.52 -24.99 -9.16
N SER B 3840 54.60 -25.23 -9.90
CA SER B 3840 55.43 -24.17 -10.44
C SER B 3840 54.79 -23.54 -11.67
N VAL B 3841 55.13 -22.27 -11.90
CA VAL B 3841 54.69 -21.52 -13.07
C VAL B 3841 55.91 -21.09 -13.86
N LEU B 3842 55.68 -20.46 -15.01
CA LEU B 3842 56.77 -19.99 -15.88
C LEU B 3842 57.57 -18.88 -15.19
N ASP B 3843 58.89 -18.91 -15.39
CA ASP B 3843 59.78 -17.94 -14.72
C ASP B 3843 60.73 -17.36 -15.76
N LEU B 3844 60.59 -16.05 -15.98
CA LEU B 3844 61.45 -15.35 -16.92
C LEU B 3844 62.90 -15.32 -16.46
N ASN B 3845 63.12 -15.04 -15.17
CA ASN B 3845 64.48 -14.87 -14.64
C ASN B 3845 65.26 -16.17 -14.77
N ALA B 3846 64.61 -17.28 -14.41
CA ALA B 3846 65.22 -18.60 -14.55
C ALA B 3846 65.44 -18.95 -16.01
N PHE B 3847 64.50 -18.58 -16.89
CA PHE B 3847 64.68 -18.82 -18.31
C PHE B 3847 65.88 -18.06 -18.88
N GLU B 3848 66.05 -16.80 -18.47
CA GLU B 3848 67.21 -16.01 -18.88
C GLU B 3848 68.50 -16.60 -18.34
N ARG B 3849 68.49 -17.08 -17.09
CA ARG B 3849 69.67 -17.74 -16.53
C ARG B 3849 70.00 -19.00 -17.32
N GLN B 3850 68.99 -19.77 -17.70
CA GLN B 3850 69.22 -20.98 -18.49
C GLN B 3850 69.79 -20.62 -19.86
N ASN B 3851 69.29 -19.52 -20.44
CA ASN B 3851 69.80 -19.06 -21.74
C ASN B 3851 71.27 -18.66 -21.66
N LYS B 3852 71.67 -17.99 -20.58
CA LYS B 3852 73.10 -17.72 -20.37
C LYS B 3852 73.88 -19.00 -20.16
N ALA B 3853 73.30 -19.97 -19.43
CA ALA B 3853 74.00 -21.22 -19.18
C ALA B 3853 74.26 -21.99 -20.47
N GLU B 3854 73.25 -22.07 -21.34
CA GLU B 3854 73.48 -22.75 -22.61
C GLU B 3854 74.34 -21.92 -23.54
N GLY B 3855 74.39 -20.59 -23.34
CA GLY B 3855 75.31 -19.77 -24.11
C GLY B 3855 76.75 -20.09 -23.77
N LEU B 3856 77.02 -20.29 -22.48
CA LEU B 3856 78.36 -20.69 -22.05
C LEU B 3856 78.66 -22.12 -22.49
N GLY B 3857 77.69 -23.03 -22.37
CA GLY B 3857 77.84 -24.41 -22.77
C GLY B 3857 78.89 -25.21 -22.01
N MET B 3858 78.63 -25.47 -20.73
CA MET B 3858 79.59 -26.14 -19.86
C MET B 3858 79.86 -27.58 -20.29
N VAL B 3859 81.06 -28.06 -19.96
CA VAL B 3859 81.47 -29.43 -20.25
C VAL B 3859 82.12 -30.01 -18.99
N ASN B 3860 82.11 -31.34 -18.92
CA ASN B 3860 82.72 -32.06 -17.80
C ASN B 3860 84.19 -32.32 -18.12
N GLU B 3861 84.86 -33.14 -17.29
CA GLU B 3861 86.28 -33.40 -17.44
C GLU B 3861 86.56 -34.69 -18.21
N ASP B 3862 86.02 -35.82 -17.76
CA ASP B 3862 86.25 -37.13 -18.38
C ASP B 3862 85.44 -37.22 -19.68
N GLY B 3863 85.96 -36.57 -20.72
CA GLY B 3863 85.26 -36.50 -21.99
C GLY B 3863 84.51 -35.18 -22.11
N THR B 3864 83.38 -35.19 -22.81
CA THR B 3864 82.59 -33.97 -23.01
C THR B 3864 81.17 -34.36 -23.40
N VAL B 3865 80.20 -33.73 -22.76
CA VAL B 3865 78.80 -33.78 -23.18
C VAL B 3865 78.47 -32.48 -23.89
N ILE B 3866 77.86 -32.58 -25.07
CA ILE B 3866 77.60 -31.43 -25.91
C ILE B 3866 76.19 -30.94 -25.63
N ASN B 3867 76.08 -29.70 -25.15
CA ASN B 3867 74.80 -29.04 -24.80
C ASN B 3867 74.01 -29.90 -23.80
N ARG B 3868 74.60 -30.00 -22.60
CA ARG B 3868 74.11 -30.88 -21.54
C ARG B 3868 72.65 -30.60 -21.19
N GLN B 3869 71.89 -31.67 -21.00
CA GLN B 3869 70.45 -31.59 -20.81
C GLN B 3869 70.05 -31.78 -19.35
N ASN B 3870 70.82 -31.18 -18.43
CA ASN B 3870 70.48 -31.19 -17.01
C ASN B 3870 69.10 -30.57 -16.78
N GLY B 3871 68.51 -30.89 -15.62
CA GLY B 3871 67.13 -30.52 -15.30
C GLY B 3871 66.79 -29.05 -15.43
N GLU B 3872 65.72 -28.78 -16.17
CA GLU B 3872 65.30 -27.40 -16.39
C GLU B 3872 64.64 -26.87 -15.12
N LYS B 3873 65.00 -25.65 -14.74
CA LYS B 3873 64.45 -25.05 -13.53
C LYS B 3873 63.09 -24.41 -13.76
N VAL B 3874 62.56 -24.46 -14.97
CA VAL B 3874 61.21 -23.99 -15.27
C VAL B 3874 60.42 -25.21 -15.73
N MET B 3875 59.21 -25.38 -15.18
CA MET B 3875 58.34 -26.54 -15.45
C MET B 3875 59.05 -27.87 -15.12
N ALA B 3876 59.78 -27.89 -14.01
CA ALA B 3876 60.41 -29.13 -13.57
C ALA B 3876 59.35 -30.15 -13.19
N ASP B 3877 58.27 -29.71 -12.54
CA ASP B 3877 57.15 -30.54 -12.15
C ASP B 3877 55.99 -30.44 -13.14
N ASP B 3878 56.30 -30.26 -14.43
CA ASP B 3878 55.26 -30.11 -15.44
C ASP B 3878 54.38 -31.34 -15.56
N GLU B 3879 54.98 -32.54 -15.50
CA GLU B 3879 54.21 -33.77 -15.54
C GLU B 3879 53.44 -33.97 -14.25
N PHE B 3880 53.98 -33.49 -13.13
CA PHE B 3880 53.28 -33.62 -11.86
C PHE B 3880 52.08 -32.69 -11.80
N THR B 3881 52.21 -31.50 -12.40
CA THR B 3881 51.07 -30.60 -12.47
C THR B 3881 50.04 -31.13 -13.45
N GLN B 3882 50.50 -31.79 -14.50
CA GLN B 3882 49.58 -32.39 -15.46
C GLN B 3882 48.75 -33.48 -14.80
N ASP B 3883 49.41 -34.50 -14.26
CA ASP B 3883 48.64 -35.64 -13.77
C ASP B 3883 47.91 -35.34 -12.45
N LEU B 3884 48.26 -34.25 -11.73
CA LEU B 3884 47.44 -33.89 -10.57
C LEU B 3884 46.06 -33.41 -11.02
N PHE B 3885 46.02 -32.56 -12.04
CA PHE B 3885 44.73 -32.12 -12.54
C PHE B 3885 44.05 -33.20 -13.34
N ARG B 3886 44.80 -34.08 -14.00
CA ARG B 3886 44.19 -35.21 -14.67
C ARG B 3886 43.49 -36.12 -13.68
N PHE B 3887 44.12 -36.37 -12.53
CA PHE B 3887 43.49 -37.15 -11.46
C PHE B 3887 42.23 -36.48 -10.95
N LEU B 3888 42.28 -35.15 -10.77
CA LEU B 3888 41.09 -34.42 -10.35
C LEU B 3888 39.99 -34.48 -11.40
N GLN B 3889 40.37 -34.42 -12.68
CA GLN B 3889 39.40 -34.51 -13.76
C GLN B 3889 38.73 -35.88 -13.78
N LEU B 3890 39.55 -36.94 -13.65
CA LEU B 3890 39.02 -38.31 -13.65
C LEU B 3890 38.10 -38.56 -12.47
N LEU B 3891 38.31 -37.85 -11.36
CA LEU B 3891 37.42 -38.03 -10.22
C LEU B 3891 36.02 -37.50 -10.50
N CYS B 3892 35.89 -36.45 -11.31
CA CYS B 3892 34.60 -35.88 -11.64
C CYS B 3892 34.08 -36.33 -12.99
N GLU B 3893 34.83 -37.16 -13.71
CA GLU B 3893 34.43 -37.59 -15.03
C GLU B 3893 33.25 -38.53 -14.94
N GLY B 3894 32.46 -38.59 -16.02
CA GLY B 3894 31.24 -39.37 -16.04
C GLY B 3894 30.06 -38.68 -15.40
N HIS B 3895 30.15 -37.35 -15.21
CA HIS B 3895 29.11 -36.50 -14.64
C HIS B 3895 28.70 -36.94 -13.23
N ASN B 3896 29.70 -37.23 -12.41
CA ASN B 3896 29.44 -37.62 -11.02
C ASN B 3896 29.09 -36.36 -10.25
N ASN B 3897 27.79 -36.00 -10.30
CA ASN B 3897 27.32 -34.77 -9.68
C ASN B 3897 27.49 -34.80 -8.17
N ASP B 3898 27.36 -36.00 -7.57
CA ASP B 3898 27.52 -36.16 -6.14
C ASP B 3898 28.93 -35.79 -5.71
N PHE B 3899 29.93 -36.23 -6.48
CA PHE B 3899 31.29 -35.92 -6.08
C PHE B 3899 31.61 -34.48 -6.46
N GLN B 3900 30.96 -33.96 -7.52
CA GLN B 3900 31.20 -32.59 -7.95
C GLN B 3900 30.79 -31.63 -6.87
N ASN B 3901 29.64 -31.88 -6.22
CA ASN B 3901 29.26 -31.02 -5.10
C ASN B 3901 30.16 -31.24 -3.90
N TYR B 3902 30.79 -32.42 -3.82
CA TYR B 3902 31.69 -32.71 -2.70
C TYR B 3902 32.94 -31.86 -2.79
N LEU B 3903 33.45 -31.67 -4.01
CA LEU B 3903 34.63 -30.83 -4.20
C LEU B 3903 34.34 -29.39 -3.81
N ARG B 3904 33.18 -28.87 -4.21
CA ARG B 3904 32.82 -27.49 -3.88
C ARG B 3904 32.65 -27.32 -2.38
N THR B 3905 32.00 -28.28 -1.72
CA THR B 3905 31.82 -28.18 -0.28
C THR B 3905 31.68 -29.58 0.30
N GLN B 3906 32.13 -29.73 1.53
CA GLN B 3906 32.03 -30.99 2.24
C GLN B 3906 31.17 -30.78 3.48
N THR B 3907 29.91 -31.20 3.39
CA THR B 3907 28.97 -31.01 4.48
C THR B 3907 29.40 -31.79 5.72
N GLY B 3908 29.86 -33.04 5.52
CA GLY B 3908 30.26 -33.86 6.65
C GLY B 3908 31.51 -33.34 7.34
N ASN B 3909 32.44 -32.79 6.56
CA ASN B 3909 33.71 -32.33 7.11
C ASN B 3909 33.51 -31.12 8.01
N THR B 3910 34.39 -31.00 9.00
CA THR B 3910 34.33 -29.88 9.93
C THR B 3910 34.57 -28.55 9.21
N THR B 3911 35.54 -28.51 8.31
CA THR B 3911 35.87 -27.33 7.53
C THR B 3911 35.79 -27.63 6.04
N THR B 3912 35.54 -26.60 5.25
CA THR B 3912 35.34 -26.71 3.81
C THR B 3912 36.47 -25.99 3.08
N ILE B 3913 37.13 -26.71 2.16
CA ILE B 3913 38.16 -26.13 1.30
C ILE B 3913 37.65 -26.18 -0.13
N ASN B 3914 37.42 -25.02 -0.73
CA ASN B 3914 36.87 -24.94 -2.08
C ASN B 3914 38.01 -25.19 -3.06
N ILE B 3915 38.07 -26.43 -3.55
CA ILE B 3915 39.07 -26.84 -4.51
C ILE B 3915 38.89 -26.10 -5.83
N ILE B 3916 37.63 -25.84 -6.21
CA ILE B 3916 37.33 -25.18 -7.48
C ILE B 3916 37.89 -23.76 -7.50
N ILE B 3917 37.67 -23.01 -6.41
CA ILE B 3917 38.20 -21.66 -6.28
C ILE B 3917 39.72 -21.68 -6.28
N CYS B 3918 40.32 -22.62 -5.55
CA CYS B 3918 41.78 -22.71 -5.53
C CYS B 3918 42.32 -23.06 -6.92
N THR B 3919 41.59 -23.89 -7.67
CA THR B 3919 41.97 -24.25 -9.04
C THR B 3919 41.96 -23.02 -9.93
N VAL B 3920 40.95 -22.15 -9.75
CA VAL B 3920 40.89 -20.91 -10.53
C VAL B 3920 42.10 -20.05 -10.19
N ASP B 3921 42.47 -20.02 -8.91
CA ASP B 3921 43.57 -19.18 -8.45
C ASP B 3921 44.88 -19.61 -9.11
N TYR B 3922 45.09 -20.94 -9.19
CA TYR B 3922 46.29 -21.45 -9.85
C TYR B 3922 46.26 -21.11 -11.34
N LEU B 3923 45.09 -21.23 -11.97
CA LEU B 3923 44.97 -20.89 -13.39
C LEU B 3923 45.30 -19.44 -13.63
N LEU B 3924 44.89 -18.57 -12.71
CA LEU B 3924 45.25 -17.15 -12.74
C LEU B 3924 46.76 -16.96 -12.71
N ARG B 3925 47.44 -17.68 -11.81
CA ARG B 3925 48.91 -17.58 -11.73
C ARG B 3925 49.57 -18.05 -13.03
N LEU B 3926 49.03 -19.11 -13.63
CA LEU B 3926 49.55 -19.59 -14.90
C LEU B 3926 49.28 -18.57 -16.00
N GLN B 3927 48.14 -17.89 -15.92
CA GLN B 3927 47.79 -16.84 -16.88
C GLN B 3927 48.79 -15.70 -16.83
N GLU B 3928 49.15 -15.25 -15.63
CA GLU B 3928 50.14 -14.17 -15.52
C GLU B 3928 51.48 -14.61 -16.08
N SER B 3929 51.90 -15.84 -15.77
CA SER B 3929 53.21 -16.30 -16.22
C SER B 3929 53.26 -16.48 -17.74
N ILE B 3930 52.16 -16.98 -18.33
CA ILE B 3930 52.13 -17.09 -19.78
C ILE B 3930 52.02 -15.71 -20.42
N SER B 3931 51.41 -14.74 -19.74
CA SER B 3931 51.31 -13.41 -20.32
C SER B 3931 52.69 -12.77 -20.38
N ASP B 3932 53.43 -12.79 -19.25
CA ASP B 3932 54.73 -12.14 -19.28
C ASP B 3932 55.73 -12.91 -20.13
N PHE B 3933 55.45 -14.18 -20.45
CA PHE B 3933 56.43 -14.90 -21.24
C PHE B 3933 56.21 -14.58 -22.71
N TYR B 3934 54.98 -14.19 -23.07
CA TYR B 3934 54.78 -13.52 -24.36
C TYR B 3934 55.47 -12.18 -24.37
N TRP B 3935 55.23 -11.35 -23.35
CA TRP B 3935 55.76 -9.99 -23.31
C TRP B 3935 57.28 -9.93 -23.40
N TYR B 3936 57.96 -11.00 -22.98
CA TYR B 3936 59.39 -11.13 -23.24
C TYR B 3936 59.68 -11.23 -24.74
N TYR B 3937 58.88 -12.00 -25.48
CA TYR B 3937 59.07 -12.20 -26.91
C TYR B 3937 58.29 -11.23 -27.79
N SER B 3938 57.49 -10.34 -27.21
CA SER B 3938 56.74 -9.36 -27.99
C SER B 3938 57.67 -8.41 -28.74
N GLY B 3939 58.72 -7.94 -28.08
CA GLY B 3939 59.70 -7.11 -28.77
C GLY B 3939 60.48 -7.88 -29.81
N LYS B 3940 60.79 -9.15 -29.52
CA LYS B 3940 61.53 -9.99 -30.45
C LYS B 3940 60.64 -10.44 -31.61
N ASP B 3941 61.27 -11.05 -32.60
CA ASP B 3941 60.60 -11.46 -33.83
C ASP B 3941 60.34 -12.95 -33.93
N VAL B 3942 61.31 -13.80 -33.57
CA VAL B 3942 61.18 -15.24 -33.75
C VAL B 3942 61.39 -15.91 -32.40
N ILE B 3943 60.81 -17.10 -32.23
CA ILE B 3943 60.89 -17.87 -31.00
C ILE B 3943 61.93 -18.97 -31.16
N GLU B 3944 62.86 -19.06 -30.22
CA GLU B 3944 63.95 -20.03 -30.34
C GLU B 3944 63.46 -21.42 -29.91
N GLU B 3945 64.42 -22.35 -29.88
CA GLU B 3945 64.12 -23.76 -29.64
C GLU B 3945 63.65 -24.01 -28.21
N GLN B 3946 64.40 -23.52 -27.23
CA GLN B 3946 64.00 -23.75 -25.84
C GLN B 3946 62.75 -22.97 -25.50
N GLY B 3947 62.57 -21.83 -26.17
CA GLY B 3947 61.40 -20.99 -25.93
C GLY B 3947 60.13 -21.70 -26.33
N LYS B 3948 60.13 -22.29 -27.53
CA LYS B 3948 58.90 -22.94 -27.99
C LYS B 3948 58.63 -24.20 -27.20
N ARG B 3949 59.69 -24.86 -26.70
CA ARG B 3949 59.48 -26.01 -25.81
C ARG B 3949 58.84 -25.58 -24.50
N ASN B 3950 59.19 -24.38 -24.03
CA ASN B 3950 58.58 -23.88 -22.79
C ASN B 3950 57.12 -23.50 -23.02
N PHE B 3951 56.81 -23.01 -24.23
CA PHE B 3951 55.41 -22.82 -24.60
C PHE B 3951 54.68 -24.15 -24.61
N SER B 3952 55.27 -25.16 -25.26
CA SER B 3952 54.56 -26.41 -25.53
C SER B 3952 54.16 -27.08 -24.22
N LYS B 3953 55.11 -27.13 -23.26
CA LYS B 3953 54.80 -27.79 -22.00
C LYS B 3953 53.89 -26.94 -21.10
N ALA B 3954 54.03 -25.60 -21.14
CA ALA B 3954 53.11 -24.75 -20.37
C ALA B 3954 51.69 -24.82 -20.91
N MET B 3955 51.56 -24.82 -22.23
CA MET B 3955 50.25 -24.93 -22.86
C MET B 3955 49.62 -26.29 -22.61
N SER B 3956 50.41 -27.38 -22.64
CA SER B 3956 49.84 -28.69 -22.33
C SER B 3956 49.30 -28.75 -20.90
N VAL B 3957 49.97 -28.05 -19.97
CA VAL B 3957 49.44 -27.95 -18.61
C VAL B 3957 48.16 -27.13 -18.59
N ALA B 3958 48.12 -26.04 -19.35
CA ALA B 3958 46.93 -25.19 -19.42
C ALA B 3958 45.73 -25.95 -19.99
N LYS B 3959 45.99 -26.79 -20.99
CA LYS B 3959 44.96 -27.66 -21.56
C LYS B 3959 44.39 -28.59 -20.51
N GLN B 3960 45.27 -29.21 -19.71
CA GLN B 3960 44.79 -30.12 -18.68
C GLN B 3960 43.95 -29.39 -17.64
N VAL B 3961 44.34 -28.14 -17.33
CA VAL B 3961 43.59 -27.32 -16.37
C VAL B 3961 42.20 -27.01 -16.91
N PHE B 3962 42.11 -26.63 -18.18
CA PHE B 3962 40.80 -26.31 -18.77
C PHE B 3962 39.91 -27.53 -18.86
N ASN B 3963 40.47 -28.71 -19.20
CA ASN B 3963 39.68 -29.93 -19.22
C ASN B 3963 39.14 -30.27 -17.83
N SER B 3964 39.97 -30.08 -16.80
CA SER B 3964 39.53 -30.31 -15.43
C SER B 3964 38.42 -29.34 -15.03
N LEU B 3965 38.54 -28.08 -15.44
CA LEU B 3965 37.48 -27.10 -15.16
C LEU B 3965 36.19 -27.47 -15.88
N THR B 3966 36.31 -27.97 -17.11
CA THR B 3966 35.13 -28.38 -17.86
C THR B 3966 34.40 -29.51 -17.13
N GLU B 3967 35.16 -30.50 -16.65
CA GLU B 3967 34.56 -31.60 -15.91
C GLU B 3967 33.98 -31.15 -14.58
N TYR B 3968 34.45 -30.02 -14.04
CA TYR B 3968 33.92 -29.54 -12.77
C TYR B 3968 32.49 -29.05 -12.91
N ILE B 3969 32.17 -28.47 -14.07
CA ILE B 3969 30.90 -27.79 -14.26
C ILE B 3969 29.94 -28.54 -15.17
N GLN B 3970 30.39 -29.57 -15.87
CA GLN B 3970 29.45 -30.27 -16.75
C GLN B 3970 28.44 -31.06 -15.93
N GLY B 3971 27.30 -31.34 -16.56
CA GLY B 3971 26.22 -32.07 -15.92
C GLY B 3971 24.82 -31.47 -16.02
N PRO B 3972 24.61 -30.14 -15.82
CA PRO B 3972 25.47 -29.09 -15.25
C PRO B 3972 25.47 -29.08 -13.73
N CYS B 3973 26.52 -28.54 -13.12
CA CYS B 3973 26.60 -28.41 -11.67
C CYS B 3973 26.33 -26.96 -11.33
N THR B 3974 25.16 -26.68 -10.75
CA THR B 3974 24.78 -25.30 -10.46
C THR B 3974 25.67 -24.68 -9.39
N GLY B 3975 26.11 -25.50 -8.42
CA GLY B 3975 26.97 -24.99 -7.36
C GLY B 3975 28.29 -24.51 -7.92
N ASN B 3976 28.88 -25.29 -8.81
CA ASN B 3976 30.14 -24.90 -9.40
C ASN B 3976 29.93 -23.71 -10.31
N GLN B 3977 28.80 -23.66 -11.03
CA GLN B 3977 28.56 -22.55 -11.95
C GLN B 3977 28.52 -21.22 -11.19
N GLN B 3978 27.84 -21.22 -10.03
CA GLN B 3978 27.84 -20.02 -9.19
C GLN B 3978 29.24 -19.72 -8.65
N SER B 3979 30.01 -20.76 -8.31
CA SER B 3979 31.36 -20.52 -7.78
C SER B 3979 32.26 -19.88 -8.84
N LEU B 3980 32.16 -20.36 -10.08
CA LEU B 3980 32.94 -19.77 -11.17
C LEU B 3980 32.51 -18.34 -11.41
N ALA B 3981 31.19 -18.08 -11.30
CA ALA B 3981 30.69 -16.72 -11.49
C ALA B 3981 31.27 -15.81 -10.42
N HIS B 3982 31.27 -16.27 -9.17
CA HIS B 3982 31.80 -15.50 -8.06
C HIS B 3982 33.31 -15.65 -7.89
N SER B 3983 34.02 -16.09 -8.92
CA SER B 3983 35.46 -16.22 -8.85
C SER B 3983 36.13 -15.18 -9.74
N ARG B 3984 37.46 -15.26 -9.79
CA ARG B 3984 38.30 -14.43 -10.64
C ARG B 3984 38.61 -15.08 -11.98
N LEU B 3985 37.73 -15.95 -12.46
CA LEU B 3985 37.94 -16.63 -13.74
C LEU B 3985 38.00 -15.67 -14.91
N TRP B 3986 37.12 -14.65 -14.90
CA TRP B 3986 37.01 -13.69 -16.00
C TRP B 3986 38.31 -12.96 -16.29
N ASP B 3987 39.07 -12.60 -15.25
CA ASP B 3987 40.35 -11.94 -15.45
C ASP B 3987 41.33 -12.85 -16.21
N ALA B 3988 41.32 -14.14 -15.90
CA ALA B 3988 42.13 -15.08 -16.66
C ALA B 3988 41.62 -15.25 -18.08
N VAL B 3989 40.29 -15.15 -18.26
CA VAL B 3989 39.72 -15.32 -19.59
C VAL B 3989 40.13 -14.16 -20.50
N VAL B 3990 40.00 -12.92 -20.01
CA VAL B 3990 40.34 -11.76 -20.83
C VAL B 3990 41.84 -11.73 -21.09
N GLY B 3991 42.64 -12.08 -20.08
CA GLY B 3991 44.08 -12.09 -20.26
C GLY B 3991 44.52 -13.13 -21.28
N PHE B 3992 43.92 -14.32 -21.22
CA PHE B 3992 44.21 -15.34 -22.23
C PHE B 3992 43.81 -14.90 -23.62
N LEU B 3993 42.65 -14.23 -23.75
CA LEU B 3993 42.21 -13.75 -25.05
C LEU B 3993 43.19 -12.76 -25.65
N HIS B 3994 43.71 -11.86 -24.80
CA HIS B 3994 44.75 -10.92 -25.20
C HIS B 3994 46.00 -11.65 -25.65
N VAL B 3995 46.38 -12.71 -24.92
CA VAL B 3995 47.55 -13.49 -25.31
C VAL B 3995 47.31 -14.17 -26.66
N PHE B 3996 46.13 -14.81 -26.81
CA PHE B 3996 45.79 -15.60 -27.99
C PHE B 3996 45.84 -14.78 -29.27
N ALA B 3997 45.38 -13.52 -29.17
CA ALA B 3997 45.37 -12.64 -30.33
C ALA B 3997 46.79 -12.43 -30.84
N HIS B 3998 47.71 -12.12 -29.94
CA HIS B 3998 49.02 -11.72 -30.38
C HIS B 3998 49.89 -12.94 -30.70
N MET B 3999 49.64 -14.08 -30.05
CA MET B 3999 50.27 -15.32 -30.50
C MET B 3999 49.86 -15.67 -31.91
N MET B 4000 48.55 -15.61 -32.23
CA MET B 4000 48.12 -16.01 -33.56
C MET B 4000 48.68 -15.09 -34.63
N MET B 4001 48.65 -13.77 -34.36
CA MET B 4001 49.17 -12.82 -35.34
C MET B 4001 50.68 -12.97 -35.52
N LYS B 4002 51.43 -13.11 -34.43
CA LYS B 4002 52.89 -13.20 -34.55
C LYS B 4002 53.30 -14.52 -35.19
N LEU B 4003 52.74 -15.63 -34.71
CA LEU B 4003 53.15 -16.95 -35.17
C LEU B 4003 52.64 -17.26 -36.57
N ALA B 4004 51.65 -16.52 -37.08
CA ALA B 4004 51.21 -16.80 -38.44
C ALA B 4004 52.09 -16.16 -39.51
N GLN B 4005 53.02 -15.30 -39.13
CA GLN B 4005 53.90 -14.66 -40.11
C GLN B 4005 54.87 -15.63 -40.79
N ASP B 4006 55.06 -16.82 -40.24
CA ASP B 4006 56.03 -17.76 -40.80
C ASP B 4006 55.51 -19.18 -40.65
N SER B 4007 56.14 -20.07 -41.41
CA SER B 4007 55.80 -21.50 -41.41
C SER B 4007 56.65 -22.30 -40.44
N SER B 4008 57.50 -21.64 -39.66
CA SER B 4008 58.33 -22.34 -38.68
C SER B 4008 57.60 -22.67 -37.39
N GLN B 4009 56.45 -22.06 -37.13
CA GLN B 4009 55.70 -22.33 -35.91
C GLN B 4009 54.29 -22.83 -36.21
N ILE B 4010 54.19 -23.69 -37.23
CA ILE B 4010 52.91 -24.30 -37.59
C ILE B 4010 52.43 -25.23 -36.48
N GLU B 4011 53.37 -25.92 -35.82
CA GLU B 4011 53.00 -26.75 -34.69
C GLU B 4011 52.48 -25.87 -33.58
N LEU B 4012 53.34 -24.97 -33.05
CA LEU B 4012 52.99 -24.13 -31.90
C LEU B 4012 51.70 -23.33 -32.12
N LEU B 4013 51.35 -23.09 -33.40
CA LEU B 4013 50.03 -22.56 -33.72
C LEU B 4013 48.94 -23.62 -33.54
N LYS B 4014 49.17 -24.87 -33.98
CA LYS B 4014 48.03 -25.79 -33.95
C LYS B 4014 47.78 -26.30 -32.51
N GLU B 4015 48.86 -26.52 -31.74
CA GLU B 4015 48.69 -26.70 -30.30
C GLU B 4015 48.21 -25.44 -29.60
N LEU B 4016 48.46 -24.25 -30.16
CA LEU B 4016 47.78 -23.08 -29.62
C LEU B 4016 46.29 -23.18 -29.84
N LEU B 4017 45.87 -23.46 -31.08
CA LEU B 4017 44.47 -23.40 -31.51
C LEU B 4017 43.60 -24.36 -30.72
N ASP B 4018 44.10 -25.58 -30.47
CA ASP B 4018 43.27 -26.49 -29.68
C ASP B 4018 43.13 -26.06 -28.22
N LEU B 4019 44.01 -25.17 -27.73
CA LEU B 4019 43.92 -24.80 -26.32
C LEU B 4019 42.72 -23.88 -26.11
N GLN B 4020 42.55 -22.87 -26.97
CA GLN B 4020 41.34 -22.09 -26.82
C GLN B 4020 40.13 -22.83 -27.35
N LYS B 4021 40.31 -23.87 -28.17
CA LYS B 4021 39.17 -24.73 -28.46
C LYS B 4021 38.65 -25.42 -27.19
N ASP B 4022 39.56 -25.91 -26.35
CA ASP B 4022 39.14 -26.44 -25.05
C ASP B 4022 38.67 -25.34 -24.10
N MET B 4023 39.13 -24.11 -24.32
CA MET B 4023 38.67 -23.01 -23.48
C MET B 4023 37.25 -22.65 -23.82
N VAL B 4024 36.95 -22.45 -25.11
CA VAL B 4024 35.60 -22.06 -25.51
C VAL B 4024 34.63 -23.18 -25.18
N VAL B 4025 35.08 -24.45 -25.25
CA VAL B 4025 34.25 -25.56 -24.75
C VAL B 4025 33.90 -25.36 -23.28
N MET B 4026 34.88 -24.93 -22.47
CA MET B 4026 34.62 -24.65 -21.06
C MET B 4026 33.61 -23.49 -20.90
N LEU B 4027 33.77 -22.43 -21.69
CA LEU B 4027 32.81 -21.33 -21.64
C LEU B 4027 31.41 -21.77 -22.07
N LEU B 4028 31.30 -22.62 -23.09
CA LEU B 4028 30.00 -23.16 -23.47
C LEU B 4028 29.39 -23.97 -22.33
N SER B 4029 30.24 -24.73 -21.62
CA SER B 4029 29.78 -25.48 -20.46
C SER B 4029 29.29 -24.57 -19.35
N LEU B 4030 29.78 -23.32 -19.31
CA LEU B 4030 29.26 -22.36 -18.35
C LEU B 4030 27.85 -21.91 -18.66
N LEU B 4031 27.39 -22.06 -19.91
CA LEU B 4031 26.06 -21.63 -20.32
C LEU B 4031 25.00 -22.68 -20.14
N GLU B 4032 25.35 -23.87 -19.66
CA GLU B 4032 24.38 -24.95 -19.49
C GLU B 4032 23.38 -24.61 -18.39
N GLY B 4033 22.10 -24.68 -18.74
CA GLY B 4033 21.02 -24.41 -17.79
C GLY B 4033 20.99 -22.99 -17.25
N ASN B 4034 21.17 -22.01 -18.11
CA ASN B 4034 21.16 -20.61 -17.73
C ASN B 4034 19.81 -19.99 -18.06
N VAL B 4035 19.40 -19.04 -17.23
CA VAL B 4035 18.17 -18.30 -17.46
C VAL B 4035 18.51 -17.04 -18.24
N VAL B 4036 17.53 -16.49 -18.96
CA VAL B 4036 17.76 -15.24 -19.66
C VAL B 4036 18.03 -14.15 -18.62
N ASN B 4037 18.89 -13.19 -19.00
CA ASN B 4037 19.42 -12.16 -18.10
C ASN B 4037 20.09 -12.78 -16.88
N GLY B 4038 20.67 -13.97 -17.07
CA GLY B 4038 21.30 -14.68 -15.99
C GLY B 4038 22.57 -13.99 -15.54
N MET B 4039 22.92 -14.22 -14.27
CA MET B 4039 24.10 -13.61 -13.67
C MET B 4039 25.38 -14.02 -14.39
N ILE B 4040 25.50 -15.32 -14.71
CA ILE B 4040 26.67 -15.84 -15.42
C ILE B 4040 26.76 -15.23 -16.82
N ALA B 4041 25.62 -15.15 -17.51
CA ALA B 4041 25.60 -14.59 -18.85
C ALA B 4041 25.97 -13.11 -18.83
N ARG B 4042 25.42 -12.37 -17.87
CA ARG B 4042 25.71 -10.94 -17.75
C ARG B 4042 27.18 -10.69 -17.48
N GLN B 4043 27.78 -11.49 -16.58
CA GLN B 4043 29.21 -11.37 -16.33
C GLN B 4043 30.03 -11.72 -17.55
N MET B 4044 29.58 -12.69 -18.35
CA MET B 4044 30.27 -13.00 -19.60
C MET B 4044 30.20 -11.82 -20.57
N VAL B 4045 29.02 -11.21 -20.69
CA VAL B 4045 28.84 -10.02 -21.54
C VAL B 4045 29.78 -8.91 -21.11
N ASP B 4046 29.87 -8.69 -19.78
CA ASP B 4046 30.80 -7.70 -19.26
C ASP B 4046 32.22 -8.07 -19.65
N MET B 4047 32.59 -9.35 -19.56
CA MET B 4047 33.96 -9.76 -19.85
C MET B 4047 34.29 -9.47 -21.31
N LEU B 4048 33.29 -9.68 -22.20
CA LEU B 4048 33.49 -9.32 -23.60
C LEU B 4048 33.65 -7.81 -23.78
N VAL B 4049 33.08 -7.00 -22.89
CA VAL B 4049 33.15 -5.55 -23.10
C VAL B 4049 34.60 -5.08 -23.01
N GLU B 4050 35.31 -5.46 -21.94
CA GLU B 4050 36.72 -5.10 -21.86
C GLU B 4050 37.58 -5.89 -22.84
N SER B 4051 37.20 -7.14 -23.16
CA SER B 4051 37.99 -7.88 -24.14
C SER B 4051 37.51 -7.68 -25.57
N SER B 4052 36.80 -6.59 -25.84
CA SER B 4052 36.21 -6.35 -27.17
C SER B 4052 37.29 -6.24 -28.25
N SER B 4053 38.35 -5.49 -27.99
CA SER B 4053 39.44 -5.34 -28.96
C SER B 4053 40.14 -6.66 -29.23
N ASN B 4054 40.38 -7.45 -28.18
CA ASN B 4054 41.07 -8.73 -28.32
C ASN B 4054 40.23 -9.71 -29.13
N VAL B 4055 38.95 -9.86 -28.77
CA VAL B 4055 38.08 -10.81 -29.45
C VAL B 4055 37.83 -10.34 -30.88
N GLU B 4056 37.80 -9.02 -31.11
CA GLU B 4056 37.76 -8.51 -32.46
C GLU B 4056 38.97 -8.95 -33.25
N MET B 4057 40.17 -8.85 -32.68
CA MET B 4057 41.37 -9.31 -33.38
C MET B 4057 41.35 -10.83 -33.65
N ILE B 4058 40.73 -11.58 -32.73
CA ILE B 4058 40.50 -13.03 -32.90
C ILE B 4058 39.64 -13.27 -34.14
N LEU B 4059 38.48 -12.62 -34.16
CA LEU B 4059 37.55 -12.84 -35.25
C LEU B 4059 38.10 -12.28 -36.55
N LYS B 4060 38.84 -11.16 -36.50
CA LYS B 4060 39.47 -10.62 -37.70
C LYS B 4060 40.49 -11.57 -38.30
N PHE B 4061 41.04 -12.48 -37.49
CA PHE B 4061 41.89 -13.50 -38.10
C PHE B 4061 41.08 -14.66 -38.66
N PHE B 4062 40.02 -15.05 -37.94
CA PHE B 4062 39.22 -16.21 -38.36
C PHE B 4062 38.42 -15.90 -39.62
N ASP B 4063 37.70 -14.77 -39.64
CA ASP B 4063 36.80 -14.46 -40.74
C ASP B 4063 37.60 -14.27 -42.01
N MET B 4064 38.74 -13.59 -41.89
CA MET B 4064 39.64 -13.41 -43.00
C MET B 4064 40.10 -14.74 -43.56
N PHE B 4065 40.47 -15.67 -42.67
CA PHE B 4065 41.03 -16.93 -43.16
C PHE B 4065 39.96 -17.80 -43.80
N LEU B 4066 38.69 -17.51 -43.53
CA LEU B 4066 37.62 -18.20 -44.26
C LEU B 4066 37.14 -17.43 -45.50
N LYS B 4067 36.99 -16.12 -45.40
CA LYS B 4067 36.55 -15.29 -46.52
C LYS B 4067 37.54 -15.31 -47.68
N LEU B 4068 38.83 -15.25 -47.38
CA LEU B 4068 39.76 -15.27 -48.50
C LEU B 4068 39.93 -16.67 -49.09
N LYS B 4069 39.45 -17.71 -48.39
CA LYS B 4069 39.46 -19.07 -48.92
C LYS B 4069 38.59 -19.16 -50.17
N ASP B 4070 37.52 -18.36 -50.22
CA ASP B 4070 36.68 -18.29 -51.41
C ASP B 4070 37.08 -17.14 -52.32
N ILE B 4071 37.66 -16.07 -51.75
CA ILE B 4071 38.04 -14.90 -52.56
C ILE B 4071 39.14 -15.28 -53.55
N VAL B 4072 40.05 -16.19 -53.14
CA VAL B 4072 41.09 -16.67 -54.06
C VAL B 4072 40.46 -17.39 -55.25
N GLY B 4073 39.37 -18.14 -55.01
CA GLY B 4073 38.61 -18.77 -56.07
C GLY B 4073 37.67 -17.85 -56.83
N SER B 4074 37.44 -16.63 -56.33
CA SER B 4074 36.59 -15.67 -57.03
C SER B 4074 37.26 -15.22 -58.32
N GLU B 4075 36.43 -14.85 -59.30
CA GLU B 4075 36.94 -14.47 -60.61
C GLU B 4075 37.76 -13.19 -60.60
N ALA B 4076 37.57 -12.31 -59.62
CA ALA B 4076 38.36 -11.09 -59.52
C ALA B 4076 39.83 -11.41 -59.31
N PHE B 4077 40.10 -12.30 -58.35
CA PHE B 4077 41.46 -12.73 -58.09
C PHE B 4077 41.94 -13.71 -59.15
N GLN B 4078 41.04 -14.56 -59.68
CA GLN B 4078 41.45 -15.52 -60.70
C GLN B 4078 41.92 -14.80 -61.97
N ASP B 4079 41.19 -13.75 -62.37
CA ASP B 4079 41.61 -12.91 -63.49
C ASP B 4079 42.88 -12.16 -63.18
N TYR B 4080 43.03 -11.64 -61.95
CA TYR B 4080 44.27 -10.98 -61.57
C TYR B 4080 45.46 -11.95 -61.59
N VAL B 4081 45.23 -13.19 -61.16
CA VAL B 4081 46.24 -14.25 -61.19
C VAL B 4081 46.58 -14.57 -62.63
N THR B 4082 47.87 -14.49 -62.97
CA THR B 4082 48.32 -14.76 -64.32
C THR B 4082 49.32 -15.91 -64.38
N ASP B 4083 49.80 -16.40 -63.25
CA ASP B 4083 50.75 -17.50 -63.26
C ASP B 4083 49.99 -18.80 -63.49
N PRO B 4084 50.32 -19.58 -64.53
CA PRO B 4084 49.62 -20.86 -64.74
C PRO B 4084 49.92 -21.91 -63.68
N ARG B 4085 50.99 -21.75 -62.91
CA ARG B 4085 51.38 -22.69 -61.86
C ARG B 4085 50.50 -22.61 -60.62
N GLY B 4086 49.57 -21.66 -60.53
CA GLY B 4086 48.81 -21.48 -59.32
C GLY B 4086 49.43 -20.52 -58.32
N LEU B 4087 50.35 -19.67 -58.76
CA LEU B 4087 51.09 -18.76 -57.90
C LEU B 4087 50.66 -17.32 -58.19
N ILE B 4088 51.17 -16.40 -57.38
CA ILE B 4088 50.91 -14.98 -57.58
C ILE B 4088 52.08 -14.19 -57.02
N SER B 4089 52.39 -13.09 -57.68
CA SER B 4089 53.43 -12.22 -57.15
C SER B 4089 52.86 -11.40 -55.99
N LYS B 4090 53.77 -10.88 -55.16
CA LYS B 4090 53.39 -10.11 -53.99
C LYS B 4090 52.64 -8.85 -54.38
N LYS B 4091 53.17 -8.12 -55.38
CA LYS B 4091 52.54 -6.88 -55.83
C LYS B 4091 51.16 -7.14 -56.43
N ASP B 4092 51.03 -8.22 -57.20
CA ASP B 4092 49.73 -8.58 -57.78
C ASP B 4092 48.70 -8.91 -56.72
N PHE B 4093 49.10 -9.65 -55.68
CA PHE B 4093 48.17 -9.95 -54.60
C PHE B 4093 47.89 -8.68 -53.79
N GLN B 4094 48.88 -7.79 -53.68
CA GLN B 4094 48.71 -6.48 -53.06
C GLN B 4094 47.67 -5.65 -53.80
N LYS B 4095 47.75 -5.60 -55.12
CA LYS B 4095 46.82 -4.83 -55.94
C LYS B 4095 45.54 -5.60 -56.22
N ALA B 4096 45.37 -6.79 -55.65
CA ALA B 4096 44.16 -7.56 -55.90
C ALA B 4096 43.08 -7.36 -54.84
N MET B 4097 43.46 -7.18 -53.57
CA MET B 4097 42.48 -7.14 -52.49
C MET B 4097 41.65 -5.85 -52.47
N ASP B 4098 42.14 -4.78 -53.09
CA ASP B 4098 41.34 -3.55 -53.13
C ASP B 4098 40.16 -3.64 -54.08
N SER B 4099 40.14 -4.64 -54.97
CA SER B 4099 38.99 -4.85 -55.86
C SER B 4099 37.75 -5.23 -55.07
N GLN B 4100 37.92 -6.09 -54.06
CA GLN B 4100 36.81 -6.56 -53.25
C GLN B 4100 36.19 -5.48 -52.37
N LYS B 4101 36.90 -4.37 -52.13
CA LYS B 4101 36.47 -3.25 -51.28
C LYS B 4101 36.08 -3.72 -49.88
N GLN B 4102 36.98 -4.49 -49.26
CA GLN B 4102 36.68 -5.12 -47.97
C GLN B 4102 37.74 -4.94 -46.90
N PHE B 4103 38.97 -4.59 -47.25
CA PHE B 4103 40.07 -4.57 -46.29
C PHE B 4103 40.65 -3.18 -46.17
N THR B 4104 41.07 -2.81 -44.96
CA THR B 4104 41.67 -1.51 -44.68
C THR B 4104 43.19 -1.66 -44.77
N GLY B 4105 43.88 -0.52 -44.91
CA GLY B 4105 45.31 -0.45 -45.16
C GLY B 4105 46.26 -1.27 -44.30
N PRO B 4106 46.30 -1.01 -42.98
CA PRO B 4106 47.14 -1.82 -42.08
C PRO B 4106 46.79 -3.30 -42.12
N GLU B 4107 45.50 -3.62 -42.30
CA GLU B 4107 45.11 -5.01 -42.50
C GLU B 4107 45.68 -5.55 -43.80
N ILE B 4108 45.63 -4.77 -44.89
CA ILE B 4108 46.11 -5.23 -46.20
C ILE B 4108 47.60 -5.58 -46.12
N GLN B 4109 48.38 -4.69 -45.51
CA GLN B 4109 49.80 -4.95 -45.32
C GLN B 4109 50.02 -6.15 -44.41
N PHE B 4110 49.17 -6.30 -43.40
CA PHE B 4110 49.24 -7.48 -42.53
C PHE B 4110 48.95 -8.76 -43.31
N LEU B 4111 47.99 -8.71 -44.24
CA LEU B 4111 47.60 -9.90 -44.99
C LEU B 4111 48.73 -10.32 -45.89
N LEU B 4112 49.38 -9.32 -46.50
CA LEU B 4112 50.51 -9.61 -47.38
C LEU B 4112 51.64 -10.25 -46.58
N SER B 4113 51.89 -9.72 -45.36
CA SER B 4113 52.96 -10.26 -44.54
C SER B 4113 52.67 -11.67 -44.06
N CYS B 4114 51.38 -12.00 -43.85
CA CYS B 4114 50.98 -13.33 -43.44
C CYS B 4114 51.33 -14.39 -44.48
N SER B 4115 51.18 -14.06 -45.75
CA SER B 4115 51.53 -14.97 -46.84
C SER B 4115 53.01 -15.30 -46.83
N GLU B 4116 53.32 -16.57 -47.13
CA GLU B 4116 54.69 -17.08 -47.11
C GLU B 4116 55.42 -16.59 -48.36
N ALA B 4117 55.88 -15.35 -48.29
CA ALA B 4117 56.65 -14.77 -49.38
C ALA B 4117 58.00 -15.47 -49.50
N ASP B 4118 58.29 -15.99 -50.69
CA ASP B 4118 59.51 -16.74 -50.91
C ASP B 4118 60.64 -15.79 -51.28
N GLU B 4119 61.78 -16.36 -51.70
CA GLU B 4119 62.91 -15.54 -52.13
C GLU B 4119 62.63 -14.82 -53.45
N ASN B 4120 61.63 -15.24 -54.22
CA ASN B 4120 61.29 -14.64 -55.49
C ASN B 4120 60.19 -13.58 -55.37
N GLU B 4121 59.76 -13.26 -54.14
CA GLU B 4121 58.61 -12.38 -53.86
C GLU B 4121 57.34 -12.89 -54.53
N MET B 4122 57.21 -14.21 -54.62
CA MET B 4122 56.07 -14.90 -55.21
C MET B 4122 55.28 -15.59 -54.11
N ILE B 4123 53.98 -15.40 -54.10
CA ILE B 4123 53.13 -15.95 -53.06
C ILE B 4123 52.47 -17.21 -53.60
N ASN B 4124 52.75 -18.34 -52.94
CA ASN B 4124 52.08 -19.60 -53.25
C ASN B 4124 50.80 -19.63 -52.42
N PHE B 4125 49.80 -18.88 -52.91
CA PHE B 4125 48.54 -18.71 -52.20
C PHE B 4125 47.66 -19.96 -52.20
N GLU B 4126 48.03 -21.00 -52.96
CA GLU B 4126 47.26 -22.24 -52.99
C GLU B 4126 47.21 -22.91 -51.62
N GLU B 4127 48.34 -23.00 -50.93
CA GLU B 4127 48.35 -23.60 -49.60
C GLU B 4127 48.21 -22.56 -48.48
N PHE B 4128 48.30 -21.26 -48.82
CA PHE B 4128 48.07 -20.20 -47.84
C PHE B 4128 46.65 -20.29 -47.30
N ALA B 4129 45.70 -20.61 -48.16
CA ALA B 4129 44.31 -20.68 -47.73
C ALA B 4129 43.96 -22.05 -47.14
N ASN B 4130 44.72 -23.10 -47.48
CA ASN B 4130 44.43 -24.45 -47.02
C ASN B 4130 45.26 -24.87 -45.81
N ARG B 4131 46.08 -23.96 -45.27
CA ARG B 4131 47.00 -24.32 -44.20
C ARG B 4131 46.27 -24.69 -42.90
N PHE B 4132 45.30 -23.87 -42.50
CA PHE B 4132 44.65 -23.99 -41.19
C PHE B 4132 43.15 -24.21 -41.26
N GLN B 4133 42.60 -24.57 -42.43
CA GLN B 4133 41.14 -24.60 -42.60
C GLN B 4133 40.46 -25.62 -41.68
N GLU B 4134 41.06 -26.80 -41.53
CA GLU B 4134 40.47 -27.80 -40.65
C GLU B 4134 40.48 -27.38 -39.16
N PRO B 4135 41.61 -27.00 -38.54
CA PRO B 4135 41.53 -26.66 -37.11
C PRO B 4135 40.73 -25.39 -36.79
N ALA B 4136 40.89 -24.34 -37.59
CA ALA B 4136 40.28 -23.03 -37.29
C ALA B 4136 38.77 -23.02 -37.41
N ARG B 4137 38.20 -23.95 -38.18
CA ARG B 4137 36.76 -24.01 -38.35
C ARG B 4137 36.06 -24.34 -37.04
N ASP B 4138 36.64 -25.26 -36.26
CA ASP B 4138 36.03 -25.70 -35.01
C ASP B 4138 35.94 -24.56 -34.00
N ILE B 4139 37.01 -23.77 -33.85
CA ILE B 4139 36.97 -22.64 -32.94
C ILE B 4139 36.04 -21.56 -33.46
N GLY B 4140 36.04 -21.32 -34.78
CA GLY B 4140 35.14 -20.31 -35.34
C GLY B 4140 33.69 -20.67 -35.11
N PHE B 4141 33.35 -21.94 -35.27
CA PHE B 4141 32.00 -22.40 -35.00
C PHE B 4141 31.66 -22.27 -33.53
N ASN B 4142 32.60 -22.64 -32.65
CA ASN B 4142 32.31 -22.62 -31.23
C ASN B 4142 32.08 -21.21 -30.72
N VAL B 4143 32.89 -20.25 -31.16
CA VAL B 4143 32.67 -18.87 -30.75
C VAL B 4143 31.37 -18.34 -31.36
N ALA B 4144 31.01 -18.79 -32.57
CA ALA B 4144 29.72 -18.44 -33.16
C ALA B 4144 28.55 -18.95 -32.31
N VAL B 4145 28.68 -20.18 -31.80
CA VAL B 4145 27.68 -20.76 -30.90
C VAL B 4145 27.61 -19.95 -29.62
N LEU B 4146 28.76 -19.57 -29.08
CA LEU B 4146 28.83 -18.82 -27.82
C LEU B 4146 28.14 -17.47 -27.98
N LEU B 4147 28.47 -16.75 -29.05
CA LEU B 4147 27.86 -15.45 -29.30
C LEU B 4147 26.36 -15.57 -29.53
N THR B 4148 25.93 -16.62 -30.24
CA THR B 4148 24.50 -16.81 -30.46
C THR B 4148 23.78 -17.08 -29.15
N ASN B 4149 24.38 -17.91 -28.28
CA ASN B 4149 23.78 -18.23 -26.99
C ASN B 4149 23.66 -16.99 -26.10
N LEU B 4150 24.71 -16.17 -26.07
CA LEU B 4150 24.67 -14.94 -25.28
C LEU B 4150 23.66 -13.96 -25.84
N SER B 4151 23.59 -13.84 -27.17
CA SER B 4151 22.68 -12.89 -27.80
C SER B 4151 21.23 -13.28 -27.50
N GLU B 4152 20.91 -14.57 -27.59
CA GLU B 4152 19.55 -15.00 -27.32
C GLU B 4152 19.20 -14.91 -25.84
N HIS B 4153 20.16 -15.18 -24.96
CA HIS B 4153 19.84 -15.14 -23.54
C HIS B 4153 19.99 -13.77 -22.90
N VAL B 4154 20.55 -12.79 -23.61
CA VAL B 4154 20.61 -11.43 -23.07
C VAL B 4154 20.02 -10.53 -24.14
N PRO B 4155 18.69 -10.39 -24.21
CA PRO B 4155 18.06 -9.67 -25.32
C PRO B 4155 17.88 -8.18 -25.12
N HIS B 4156 18.20 -7.62 -23.95
CA HIS B 4156 17.98 -6.21 -23.65
C HIS B 4156 19.26 -5.56 -23.13
N ASP B 4157 20.37 -5.84 -23.78
CA ASP B 4157 21.65 -5.19 -23.47
C ASP B 4157 22.17 -4.54 -24.75
N PRO B 4158 22.15 -3.21 -24.83
CA PRO B 4158 22.66 -2.53 -26.04
C PRO B 4158 24.13 -2.78 -26.34
N ARG B 4159 24.97 -2.97 -25.30
CA ARG B 4159 26.39 -3.19 -25.50
C ARG B 4159 26.66 -4.47 -26.27
N LEU B 4160 25.89 -5.53 -25.97
CA LEU B 4160 26.03 -6.81 -26.63
C LEU B 4160 25.76 -6.71 -28.14
N ARG B 4161 24.90 -5.76 -28.55
CA ARG B 4161 24.56 -5.59 -29.96
C ARG B 4161 25.78 -5.29 -30.82
N ASN B 4162 26.67 -4.41 -30.36
CA ASN B 4162 27.84 -3.96 -31.14
C ASN B 4162 28.71 -5.11 -31.63
N PHE B 4163 28.80 -6.18 -30.82
CA PHE B 4163 29.54 -7.37 -31.22
C PHE B 4163 28.93 -8.01 -32.45
N LEU B 4164 27.59 -7.95 -32.59
CA LEU B 4164 26.95 -8.61 -33.72
C LEU B 4164 27.39 -7.99 -35.03
N GLU B 4165 27.28 -6.64 -35.16
CA GLU B 4165 27.77 -6.04 -36.39
C GLU B 4165 29.29 -6.01 -36.48
N LEU B 4166 30.00 -6.30 -35.41
CA LEU B 4166 31.44 -6.42 -35.55
C LEU B 4166 31.86 -7.85 -35.83
N ALA B 4167 30.90 -8.77 -35.82
CA ALA B 4167 31.18 -10.18 -36.01
C ALA B 4167 30.16 -10.84 -36.94
N GLU B 4168 29.57 -10.07 -37.87
CA GLU B 4168 28.60 -10.63 -38.81
C GLU B 4168 29.21 -11.70 -39.69
N SER B 4169 30.45 -11.46 -40.15
CA SER B 4169 31.15 -12.29 -41.11
C SER B 4169 31.21 -13.75 -40.67
N ILE B 4170 31.45 -13.99 -39.38
CA ILE B 4170 31.56 -15.35 -38.89
C ILE B 4170 30.18 -15.93 -38.60
N LEU B 4171 29.14 -15.10 -38.46
CA LEU B 4171 27.84 -15.62 -38.10
C LEU B 4171 27.10 -16.17 -39.31
N GLU B 4172 26.95 -15.36 -40.36
CA GLU B 4172 26.28 -15.83 -41.58
C GLU B 4172 27.04 -16.94 -42.28
N TYR B 4173 28.35 -17.08 -42.04
CA TYR B 4173 29.06 -18.24 -42.55
C TYR B 4173 28.60 -19.52 -41.87
N PHE B 4174 28.36 -19.47 -40.56
CA PHE B 4174 27.98 -20.67 -39.81
C PHE B 4174 26.48 -20.73 -39.55
N ARG B 4175 25.72 -19.81 -40.15
CA ARG B 4175 24.27 -19.81 -40.02
C ARG B 4175 23.62 -21.08 -40.57
N PRO B 4176 23.95 -21.61 -41.77
CA PRO B 4176 23.33 -22.87 -42.19
C PRO B 4176 23.68 -24.04 -41.29
N TYR B 4177 24.79 -23.99 -40.56
CA TYR B 4177 25.33 -25.16 -39.90
C TYR B 4177 24.96 -25.17 -38.43
N LEU B 4178 24.13 -24.22 -38.01
CA LEU B 4178 23.77 -24.04 -36.61
C LEU B 4178 22.43 -24.69 -36.35
N GLY B 4179 22.38 -25.65 -35.43
CA GLY B 4179 21.14 -26.30 -35.10
C GLY B 4179 20.76 -25.83 -33.71
N ARG B 4180 19.52 -25.41 -33.55
CA ARG B 4180 19.03 -25.00 -32.25
C ARG B 4180 17.76 -25.77 -31.98
N ILE B 4181 17.69 -26.38 -30.81
CA ILE B 4181 16.48 -27.09 -30.38
C ILE B 4181 16.14 -26.66 -28.97
N GLU B 4182 14.91 -26.91 -28.56
CA GLU B 4182 14.49 -26.67 -27.20
C GLU B 4182 14.03 -27.98 -26.60
N ILE B 4183 14.62 -28.33 -25.46
CA ILE B 4183 14.29 -29.56 -24.75
C ILE B 4183 13.84 -29.24 -23.32
N MET B 4184 12.76 -29.88 -22.89
CA MET B 4184 12.43 -29.83 -21.48
C MET B 4184 13.57 -30.51 -20.73
N GLY B 4185 13.96 -29.96 -19.58
CA GLY B 4185 15.19 -30.47 -19.00
C GLY B 4185 15.15 -30.93 -17.56
N ALA B 4186 16.33 -31.30 -17.04
CA ALA B 4186 16.46 -31.79 -15.67
C ALA B 4186 16.03 -30.74 -14.67
N SER B 4187 16.31 -29.46 -15.00
CA SER B 4187 15.95 -28.31 -14.18
C SER B 4187 14.43 -28.15 -14.05
N ARG B 4188 13.67 -28.81 -14.93
CA ARG B 4188 12.22 -28.86 -15.09
C ARG B 4188 11.73 -27.67 -15.89
N ARG B 4189 12.65 -27.00 -16.57
CA ARG B 4189 12.34 -25.86 -17.41
C ARG B 4189 13.06 -26.04 -18.75
N ILE B 4190 12.45 -25.48 -19.79
CA ILE B 4190 12.93 -25.63 -21.16
C ILE B 4190 14.29 -24.99 -21.33
N GLU B 4191 15.14 -25.61 -22.15
CA GLU B 4191 16.52 -25.19 -22.36
C GLU B 4191 16.81 -25.28 -23.85
N ARG B 4192 17.79 -24.50 -24.32
CA ARG B 4192 18.16 -24.46 -25.72
C ARG B 4192 19.51 -25.12 -25.98
N ILE B 4193 19.54 -26.08 -26.90
CA ILE B 4193 20.75 -26.81 -27.25
C ILE B 4193 21.22 -26.37 -28.64
N TYR B 4194 22.54 -26.18 -28.79
CA TYR B 4194 23.16 -25.70 -30.02
C TYR B 4194 24.13 -26.75 -30.52
N PHE B 4195 23.76 -27.45 -31.59
CA PHE B 4195 24.49 -28.57 -32.18
C PHE B 4195 24.89 -28.29 -33.63
N GLU B 4196 26.14 -28.59 -33.99
CA GLU B 4196 26.56 -28.44 -35.37
C GLU B 4196 25.82 -29.39 -36.30
N ILE B 4197 25.46 -28.92 -37.50
CA ILE B 4197 24.83 -29.76 -38.51
C ILE B 4197 25.78 -29.92 -39.70
N SER B 4198 26.06 -31.16 -40.07
CA SER B 4198 26.98 -31.44 -41.16
C SER B 4198 26.32 -31.04 -42.49
N GLU B 4199 27.06 -30.31 -43.33
CA GLU B 4199 26.60 -29.90 -44.66
C GLU B 4199 26.08 -31.08 -45.49
N THR B 4200 26.72 -32.26 -45.38
CA THR B 4200 26.28 -33.41 -46.15
C THR B 4200 24.90 -33.88 -45.70
N ASN B 4201 24.69 -33.93 -44.38
CA ASN B 4201 23.39 -34.33 -43.85
C ASN B 4201 22.31 -33.34 -44.26
N ARG B 4202 22.66 -32.05 -44.29
CA ARG B 4202 21.70 -31.05 -44.76
C ARG B 4202 21.34 -31.31 -46.22
N ALA B 4203 22.34 -31.67 -47.04
CA ALA B 4203 22.07 -31.95 -48.46
C ALA B 4203 21.13 -33.14 -48.59
N GLN B 4204 21.38 -34.18 -47.78
CA GLN B 4204 20.55 -35.39 -47.80
C GLN B 4204 19.14 -35.08 -47.34
N TRP B 4205 19.01 -34.09 -46.45
CA TRP B 4205 17.69 -33.68 -46.00
C TRP B 4205 16.98 -32.96 -47.12
N GLU B 4206 17.71 -32.13 -47.86
CA GLU B 4206 17.09 -31.34 -48.91
C GLU B 4206 16.72 -32.16 -50.12
N MET B 4207 17.19 -33.42 -50.22
CA MET B 4207 16.94 -34.23 -51.41
C MET B 4207 15.43 -34.50 -51.59
N PRO B 4208 14.96 -34.59 -52.85
CA PRO B 4208 13.52 -34.76 -53.11
C PRO B 4208 12.84 -36.02 -52.57
N GLN B 4209 13.53 -37.16 -52.58
CA GLN B 4209 12.97 -38.37 -52.01
C GLN B 4209 12.77 -38.25 -50.51
N VAL B 4210 13.77 -37.70 -49.80
CA VAL B 4210 13.67 -37.59 -48.35
C VAL B 4210 12.52 -36.65 -48.01
N LYS B 4211 12.36 -35.59 -48.80
CA LYS B 4211 11.29 -34.63 -48.59
C LYS B 4211 9.93 -35.29 -48.76
N GLU B 4212 9.80 -36.14 -49.79
CA GLU B 4212 8.53 -36.84 -50.01
C GLU B 4212 8.24 -37.81 -48.87
N SER B 4213 9.28 -38.49 -48.38
CA SER B 4213 9.15 -39.36 -47.22
C SER B 4213 8.64 -38.57 -46.01
N LYS B 4214 9.17 -37.35 -45.84
CA LYS B 4214 8.70 -36.47 -44.77
C LYS B 4214 7.22 -36.13 -44.92
N ARG B 4215 6.80 -35.78 -46.14
CA ARG B 4215 5.39 -35.40 -46.34
C ARG B 4215 4.46 -36.59 -46.10
N GLN B 4216 4.92 -37.79 -46.48
CA GLN B 4216 4.14 -39.00 -46.23
C GLN B 4216 4.00 -39.23 -44.74
N PHE B 4217 5.10 -39.06 -43.99
CA PHE B 4217 5.06 -39.26 -42.54
C PHE B 4217 4.12 -38.27 -41.89
N ILE B 4218 4.23 -36.99 -42.26
CA ILE B 4218 3.43 -35.92 -41.67
C ILE B 4218 1.95 -36.15 -41.93
N PHE B 4219 1.62 -36.62 -43.14
CA PHE B 4219 0.22 -36.92 -43.47
C PHE B 4219 -0.27 -38.11 -42.65
N ASP B 4220 0.53 -39.16 -42.55
CA ASP B 4220 0.10 -40.36 -41.85
C ASP B 4220 -0.12 -40.11 -40.36
N VAL B 4221 0.82 -39.40 -39.72
CA VAL B 4221 0.68 -39.05 -38.30
C VAL B 4221 -0.51 -38.11 -38.07
N VAL B 4222 -0.70 -37.11 -38.92
CA VAL B 4222 -1.75 -36.14 -38.64
C VAL B 4222 -3.13 -36.74 -38.92
N ASN B 4223 -3.28 -37.43 -40.05
CA ASN B 4223 -4.58 -38.00 -40.40
C ASN B 4223 -5.00 -39.17 -39.52
N GLU B 4224 -4.12 -40.16 -39.28
CA GLU B 4224 -4.63 -41.34 -38.57
C GLU B 4224 -3.94 -41.61 -37.25
N GLY B 4225 -3.25 -40.63 -36.67
CA GLY B 4225 -2.52 -40.82 -35.44
C GLY B 4225 -3.02 -39.87 -34.37
N GLY B 4226 -2.52 -40.08 -33.15
CA GLY B 4226 -2.86 -39.25 -32.01
C GLY B 4226 -1.60 -38.67 -31.40
N GLU B 4227 -1.80 -37.82 -30.40
CA GLU B 4227 -0.66 -37.15 -29.77
C GLU B 4227 0.01 -38.03 -28.72
N ALA B 4228 -0.69 -39.06 -28.23
CA ALA B 4228 -0.15 -39.94 -27.20
C ALA B 4228 1.10 -40.68 -27.66
N GLU B 4229 1.13 -41.11 -28.92
CA GLU B 4229 2.22 -41.90 -29.46
C GLU B 4229 3.01 -41.13 -30.50
N LYS B 4230 2.63 -39.87 -30.75
CA LYS B 4230 3.17 -39.05 -31.83
C LYS B 4230 4.68 -38.90 -31.73
N MET B 4231 5.19 -38.72 -30.51
CA MET B 4231 6.64 -38.60 -30.33
C MET B 4231 7.36 -39.91 -30.61
N GLU B 4232 6.77 -41.05 -30.24
CA GLU B 4232 7.37 -42.33 -30.56
C GLU B 4232 7.41 -42.58 -32.07
N LEU B 4233 6.31 -42.23 -32.76
CA LEU B 4233 6.27 -42.35 -34.21
C LEU B 4233 7.28 -41.41 -34.85
N PHE B 4234 7.40 -40.20 -34.30
CA PHE B 4234 8.30 -39.20 -34.84
C PHE B 4234 9.75 -39.66 -34.71
N VAL B 4235 10.11 -40.20 -33.54
CA VAL B 4235 11.47 -40.68 -33.32
C VAL B 4235 11.76 -41.83 -34.26
N SER B 4236 10.77 -42.73 -34.45
CA SER B 4236 10.95 -43.87 -35.35
C SER B 4236 11.23 -43.40 -36.77
N PHE B 4237 10.49 -42.36 -37.20
CA PHE B 4237 10.69 -41.77 -38.51
C PHE B 4237 12.10 -41.19 -38.63
N CYS B 4238 12.54 -40.48 -37.58
CA CYS B 4238 13.87 -39.87 -37.61
C CYS B 4238 14.93 -40.95 -37.74
N GLU B 4239 14.76 -42.07 -37.02
CA GLU B 4239 15.75 -43.14 -37.03
C GLU B 4239 15.85 -43.77 -38.41
N ASP B 4240 14.69 -43.95 -39.06
CA ASP B 4240 14.65 -44.50 -40.41
C ASP B 4240 15.32 -43.55 -41.39
N THR B 4241 15.12 -42.25 -41.18
CA THR B 4241 15.78 -41.24 -42.01
C THR B 4241 17.30 -41.28 -41.82
N ILE B 4242 17.76 -41.41 -40.57
CA ILE B 4242 19.20 -41.40 -40.28
C ILE B 4242 19.86 -42.62 -40.93
N PHE B 4243 19.16 -43.75 -40.90
CA PHE B 4243 19.71 -44.96 -41.51
C PHE B 4243 19.76 -44.80 -43.02
N GLU B 4244 18.69 -44.23 -43.61
CA GLU B 4244 18.65 -44.03 -45.05
C GLU B 4244 19.76 -43.09 -45.50
N MET B 4245 20.00 -42.04 -44.70
CA MET B 4245 21.08 -41.10 -44.99
C MET B 4245 22.43 -41.78 -44.94
N GLN B 4246 22.60 -42.73 -44.02
CA GLN B 4246 23.85 -43.49 -43.97
C GLN B 4246 24.03 -44.37 -45.19
N ILE B 4247 22.93 -45.00 -45.65
CA ILE B 4247 22.99 -45.82 -46.85
C ILE B 4247 23.35 -44.96 -48.06
N ALA B 4248 22.75 -43.78 -48.16
CA ALA B 4248 23.03 -42.85 -49.26
C ALA B 4248 24.49 -42.42 -49.24
N ALA B 4249 25.03 -42.19 -48.03
CA ALA B 4249 26.42 -41.78 -47.90
C ALA B 4249 27.35 -42.89 -48.37
N GLN B 4250 27.05 -44.15 -47.99
CA GLN B 4250 27.90 -45.25 -48.44
C GLN B 4250 27.84 -45.43 -49.94
N ILE B 4251 26.64 -45.35 -50.53
CA ILE B 4251 26.50 -45.58 -51.97
C ILE B 4251 27.07 -44.44 -52.80
N SER B 4252 27.23 -43.25 -52.19
CA SER B 4252 27.72 -42.07 -52.91
C SER B 4252 29.12 -42.32 -53.50
N GLU B 4253 29.29 -41.93 -54.75
CA GLU B 4253 30.53 -42.21 -55.47
C GLU B 4253 31.51 -41.06 -55.29
N PRO B 4254 32.71 -41.31 -54.78
CA PRO B 4254 33.76 -40.29 -54.69
C PRO B 4254 34.42 -40.03 -56.03
N PHE B 4540 43.69 -61.34 -57.93
CA PHE B 4540 42.57 -60.86 -58.72
C PHE B 4540 41.35 -60.62 -57.84
N TRP B 4541 41.34 -61.29 -56.68
CA TRP B 4541 40.19 -61.26 -55.77
C TRP B 4541 39.91 -59.84 -55.29
N GLY B 4542 40.97 -59.05 -55.05
CA GLY B 4542 40.80 -57.67 -54.66
C GLY B 4542 40.12 -56.84 -55.73
N GLU B 4543 40.59 -56.96 -56.98
CA GLU B 4543 40.03 -56.14 -58.06
C GLU B 4543 38.58 -56.55 -58.27
N LEU B 4544 38.32 -57.86 -58.19
CA LEU B 4544 36.97 -58.40 -58.38
C LEU B 4544 36.01 -57.82 -57.35
N GLU B 4545 36.50 -57.71 -56.10
CA GLU B 4545 35.70 -57.12 -55.02
C GLU B 4545 35.44 -55.64 -55.27
N VAL B 4546 36.47 -54.88 -55.66
CA VAL B 4546 36.28 -53.44 -55.85
C VAL B 4546 35.33 -53.17 -57.00
N GLN B 4547 35.46 -53.95 -58.08
CA GLN B 4547 34.54 -53.85 -59.21
C GLN B 4547 33.12 -54.20 -58.80
N ARG B 4548 32.97 -55.24 -57.97
CA ARG B 4548 31.65 -55.66 -57.49
C ARG B 4548 30.99 -54.59 -56.62
N VAL B 4549 31.74 -53.98 -55.69
CA VAL B 4549 31.15 -52.94 -54.85
C VAL B 4549 30.83 -51.70 -55.69
N LYS B 4550 31.72 -51.33 -56.63
CA LYS B 4550 31.53 -50.12 -57.43
C LYS B 4550 30.28 -50.28 -58.30
N PHE B 4551 30.11 -51.48 -58.83
CA PHE B 4551 28.97 -51.80 -59.68
C PHE B 4551 27.69 -51.71 -58.87
N LEU B 4552 27.64 -52.45 -57.75
CA LEU B 4552 26.45 -52.48 -56.90
C LEU B 4552 26.08 -51.09 -56.40
N ASN B 4553 27.09 -50.23 -56.15
CA ASN B 4553 26.84 -48.84 -55.77
C ASN B 4553 26.23 -48.06 -56.92
N TYR B 4554 26.71 -48.31 -58.15
CA TYR B 4554 26.11 -47.66 -59.32
C TYR B 4554 24.65 -48.07 -59.46
N LEU B 4555 24.37 -49.37 -59.29
CA LEU B 4555 23.02 -49.89 -59.43
C LEU B 4555 22.10 -49.24 -58.40
N SER B 4556 22.60 -49.11 -57.17
CA SER B 4556 21.80 -48.55 -56.09
C SER B 4556 21.52 -47.08 -56.34
N ARG B 4557 22.52 -46.35 -56.85
CA ARG B 4557 22.32 -44.94 -57.16
C ARG B 4557 21.33 -44.74 -58.29
N ASN B 4558 21.32 -45.66 -59.26
CA ASN B 4558 20.53 -45.48 -60.48
C ASN B 4558 19.26 -46.34 -60.52
N PHE B 4559 18.83 -46.88 -59.37
CA PHE B 4559 17.68 -47.78 -59.32
C PHE B 4559 16.40 -47.13 -59.85
N TYR B 4560 16.14 -45.87 -59.48
CA TYR B 4560 14.89 -45.20 -59.90
C TYR B 4560 14.86 -44.97 -61.40
N THR B 4561 16.03 -44.68 -61.96
CA THR B 4561 16.17 -44.50 -63.40
C THR B 4561 16.00 -45.83 -64.12
N LEU B 4562 16.52 -46.91 -63.54
CA LEU B 4562 16.30 -48.23 -64.14
C LEU B 4562 14.82 -48.60 -64.15
N ARG B 4563 14.07 -48.22 -63.10
CA ARG B 4563 12.64 -48.50 -63.07
C ARG B 4563 11.90 -47.69 -64.13
N PHE B 4564 12.34 -46.45 -64.34
CA PHE B 4564 11.76 -45.65 -65.42
C PHE B 4564 12.13 -46.21 -66.78
N LEU B 4565 13.36 -46.74 -66.90
CA LEU B 4565 13.82 -47.33 -68.14
C LEU B 4565 13.00 -48.57 -68.46
N ALA B 4566 12.63 -49.33 -67.43
CA ALA B 4566 11.86 -50.54 -67.63
C ALA B 4566 10.44 -50.20 -68.06
N LEU B 4567 9.87 -49.13 -67.49
CA LEU B 4567 8.57 -48.67 -67.98
C LEU B 4567 8.64 -48.20 -69.42
N PHE B 4568 9.73 -47.52 -69.79
CA PHE B 4568 9.93 -47.13 -71.18
C PHE B 4568 10.04 -48.36 -72.09
N LEU B 4569 10.71 -49.40 -71.59
CA LEU B 4569 10.94 -50.59 -72.39
C LEU B 4569 9.62 -51.33 -72.59
N ALA B 4570 8.76 -51.31 -71.58
CA ALA B 4570 7.46 -51.95 -71.71
C ALA B 4570 6.61 -51.20 -72.71
N PHE B 4571 6.65 -49.87 -72.67
CA PHE B 4571 5.91 -49.07 -73.65
C PHE B 4571 6.42 -49.31 -75.07
N ALA B 4572 7.74 -49.50 -75.20
CA ALA B 4572 8.34 -49.81 -76.50
C ALA B 4572 7.90 -51.18 -77.01
N ILE B 4573 7.93 -52.20 -76.16
CA ILE B 4573 7.58 -53.55 -76.62
C ILE B 4573 6.08 -53.58 -76.97
N ASN B 4574 5.26 -52.96 -76.14
CA ASN B 4574 3.83 -52.90 -76.40
C ASN B 4574 3.54 -52.10 -77.66
N PHE B 4575 4.40 -51.13 -78.00
CA PHE B 4575 4.26 -50.44 -79.28
C PHE B 4575 4.67 -51.32 -80.44
N ILE B 4576 5.54 -52.30 -80.17
CA ILE B 4576 6.05 -53.17 -81.23
C ILE B 4576 5.17 -54.42 -81.30
N LEU B 4577 4.12 -54.46 -80.50
CA LEU B 4577 3.24 -55.63 -80.36
C LEU B 4577 1.90 -55.34 -81.02
N LEU B 4578 1.74 -54.15 -81.56
CA LEU B 4578 0.53 -53.67 -82.20
C LEU B 4578 0.59 -53.88 -83.71
N PHE B 4579 1.64 -54.52 -84.20
CA PHE B 4579 1.79 -54.90 -85.60
C PHE B 4579 1.71 -56.41 -85.79
N TYR B 4580 1.14 -57.11 -84.81
CA TYR B 4580 0.98 -58.55 -84.90
C TYR B 4580 -0.19 -58.94 -85.79
N LYS B 4581 -0.26 -60.23 -86.09
CA LYS B 4581 -1.17 -60.84 -87.03
C LYS B 4581 -1.32 -62.31 -86.68
N VAL B 4582 -2.19 -62.98 -87.43
CA VAL B 4582 -2.41 -64.41 -87.31
C VAL B 4582 -2.55 -64.92 -88.72
N SER B 4583 -2.02 -66.10 -88.98
CA SER B 4583 -2.16 -66.70 -90.30
C SER B 4583 -2.34 -68.19 -90.14
N ASP B 4584 -3.35 -68.75 -90.83
CA ASP B 4584 -3.49 -70.20 -90.87
C ASP B 4584 -2.34 -70.84 -91.63
N SER B 4585 -1.93 -70.24 -92.74
CA SER B 4585 -0.75 -70.63 -93.48
C SER B 4585 0.50 -70.05 -92.82
N PRO B 4586 1.68 -70.63 -93.05
CA PRO B 4586 2.86 -70.10 -92.36
C PRO B 4586 3.38 -68.86 -93.08
N PRO B 4587 4.23 -68.06 -92.43
CA PRO B 4587 4.85 -66.94 -93.15
C PRO B 4587 6.17 -67.32 -93.81
N ASN B 4626 -5.26 -77.12 -88.60
CA ASN B 4626 -5.73 -75.74 -88.64
C ASN B 4626 -4.85 -74.86 -87.76
N MET B 4627 -3.57 -75.24 -87.66
CA MET B 4627 -2.60 -74.54 -86.82
C MET B 4627 -2.41 -73.10 -87.28
N VAL B 4628 -2.45 -72.18 -86.33
CA VAL B 4628 -2.39 -70.75 -86.62
C VAL B 4628 -0.96 -70.29 -86.35
N TYR B 4629 -0.40 -69.53 -87.29
CA TYR B 4629 0.93 -68.96 -87.14
C TYR B 4629 0.80 -67.50 -86.73
N TYR B 4630 1.49 -67.12 -85.65
CA TYR B 4630 1.53 -65.73 -85.24
C TYR B 4630 2.83 -65.15 -85.76
N PHE B 4631 2.74 -64.09 -86.57
CA PHE B 4631 3.93 -63.46 -87.12
C PHE B 4631 3.78 -61.95 -87.01
N LEU B 4632 4.81 -61.28 -86.51
CA LEU B 4632 4.78 -59.83 -86.56
C LEU B 4632 4.80 -59.42 -88.04
N GLU B 4633 4.03 -58.40 -88.38
CA GLU B 4633 4.06 -57.89 -89.75
C GLU B 4633 4.43 -56.40 -89.77
N GLU B 4634 5.63 -56.10 -90.22
CA GLU B 4634 6.03 -54.71 -90.39
C GLU B 4634 6.70 -54.57 -91.75
N SER B 4635 6.43 -53.46 -92.43
CA SER B 4635 6.97 -53.14 -93.75
C SER B 4635 8.49 -53.24 -93.76
N THR B 4636 9.15 -52.35 -93.01
CA THR B 4636 10.60 -52.22 -93.01
C THR B 4636 11.31 -53.49 -92.54
N GLY B 4637 10.79 -54.14 -91.50
CA GLY B 4637 11.49 -55.27 -90.92
C GLY B 4637 12.53 -54.87 -89.90
N TYR B 4638 12.56 -53.60 -89.53
CA TYR B 4638 13.39 -53.09 -88.43
C TYR B 4638 12.93 -53.61 -87.07
N MET B 4639 11.61 -53.72 -86.90
CA MET B 4639 11.01 -54.01 -85.60
C MET B 4639 11.34 -55.38 -85.04
N GLU B 4640 11.39 -56.44 -85.85
CA GLU B 4640 11.73 -57.75 -85.26
C GLU B 4640 13.14 -57.85 -84.66
N PRO B 4641 14.23 -57.39 -85.33
CA PRO B 4641 15.53 -57.35 -84.62
C PRO B 4641 15.48 -56.49 -83.37
N ALA B 4642 14.80 -55.34 -83.51
CA ALA B 4642 14.58 -54.47 -82.37
C ALA B 4642 13.74 -55.15 -81.29
N LEU B 4643 12.72 -55.92 -81.69
CA LEU B 4643 11.89 -56.58 -80.67
C LEU B 4643 12.72 -57.57 -79.88
N TRP B 4644 13.58 -58.32 -80.57
CA TRP B 4644 14.42 -59.32 -79.92
C TRP B 4644 15.38 -58.65 -78.94
N CYS B 4645 16.04 -57.58 -79.40
CA CYS B 4645 17.03 -56.93 -78.55
C CYS B 4645 16.35 -56.22 -77.37
N LEU B 4646 15.21 -55.57 -77.63
CA LEU B 4646 14.46 -54.87 -76.58
C LEU B 4646 13.96 -55.81 -75.51
N SER B 4647 13.56 -57.03 -75.90
CA SER B 4647 13.17 -58.02 -74.90
C SER B 4647 14.36 -58.50 -74.08
N LEU B 4648 15.52 -58.69 -74.74
CA LEU B 4648 16.73 -59.04 -73.99
C LEU B 4648 17.12 -57.92 -73.02
N LEU B 4649 17.06 -56.67 -73.50
CA LEU B 4649 17.41 -55.51 -72.70
C LEU B 4649 16.46 -55.36 -71.53
N HIS B 4650 15.16 -55.65 -71.77
CA HIS B 4650 14.15 -55.52 -70.72
C HIS B 4650 14.42 -56.51 -69.62
N THR B 4651 14.71 -57.76 -70.01
CA THR B 4651 14.97 -58.80 -69.01
C THR B 4651 16.20 -58.45 -68.18
N LEU B 4652 17.25 -57.95 -68.85
CA LEU B 4652 18.46 -57.52 -68.15
C LEU B 4652 18.20 -56.39 -67.15
N VAL B 4653 17.48 -55.34 -67.58
CA VAL B 4653 17.07 -54.26 -66.68
C VAL B 4653 16.17 -54.76 -65.55
N ALA B 4654 15.38 -55.80 -65.83
CA ALA B 4654 14.54 -56.40 -64.79
C ALA B 4654 15.38 -57.13 -63.76
N PHE B 4655 16.54 -57.65 -64.15
CA PHE B 4655 17.39 -58.29 -63.17
C PHE B 4655 18.14 -57.22 -62.37
N LEU B 4656 18.74 -56.26 -63.09
CA LEU B 4656 19.39 -55.10 -62.47
C LEU B 4656 18.50 -54.34 -61.49
N CYS B 4657 17.18 -54.44 -61.63
CA CYS B 4657 16.31 -53.67 -60.75
C CYS B 4657 16.13 -54.41 -59.43
N ILE B 4658 16.06 -55.74 -59.49
CA ILE B 4658 15.98 -56.57 -58.30
C ILE B 4658 17.25 -56.44 -57.48
N ILE B 4659 18.40 -56.40 -58.18
CA ILE B 4659 19.68 -56.25 -57.48
C ILE B 4659 19.78 -54.85 -56.86
N GLY B 4660 19.43 -53.81 -57.63
CA GLY B 4660 19.42 -52.46 -57.09
C GLY B 4660 18.49 -52.29 -55.91
N TYR B 4661 17.37 -53.04 -55.92
CA TYR B 4661 16.46 -53.04 -54.78
C TYR B 4661 17.12 -53.67 -53.58
N ASN B 4662 17.76 -54.83 -53.76
CA ASN B 4662 18.34 -55.55 -52.63
C ASN B 4662 19.43 -54.71 -51.97
N CYS B 4663 20.26 -54.07 -52.79
CA CYS B 4663 21.30 -53.18 -52.29
C CYS B 4663 20.78 -51.90 -51.65
N LEU B 4664 19.69 -51.32 -52.17
CA LEU B 4664 19.25 -50.03 -51.65
C LEU B 4664 18.09 -50.03 -50.66
N LYS B 4665 17.08 -50.90 -50.79
CA LYS B 4665 15.89 -50.77 -49.97
C LYS B 4665 15.69 -51.91 -48.98
N VAL B 4666 16.36 -53.03 -49.14
CA VAL B 4666 16.28 -54.13 -48.18
C VAL B 4666 16.97 -53.80 -46.84
N PRO B 4667 18.11 -53.07 -46.78
CA PRO B 4667 18.66 -52.72 -45.45
C PRO B 4667 17.70 -51.98 -44.53
N LEU B 4668 16.87 -51.08 -45.08
CA LEU B 4668 15.93 -50.36 -44.24
C LEU B 4668 14.83 -51.27 -43.70
N VAL B 4669 14.48 -52.32 -44.46
CA VAL B 4669 13.53 -53.31 -43.96
C VAL B 4669 14.16 -54.09 -42.82
N ILE B 4670 15.44 -54.47 -42.97
CA ILE B 4670 16.12 -55.27 -41.95
C ILE B 4670 16.30 -54.42 -40.70
N PHE B 4671 16.65 -53.15 -40.89
CA PHE B 4671 16.83 -52.22 -39.78
C PHE B 4671 15.52 -52.03 -39.02
N LYS B 4672 14.41 -51.85 -39.75
CA LYS B 4672 13.12 -51.62 -39.10
C LYS B 4672 12.70 -52.87 -38.32
N ARG B 4673 12.98 -54.05 -38.87
CA ARG B 4673 12.61 -55.29 -38.20
C ARG B 4673 13.46 -55.52 -36.96
N GLU B 4674 14.77 -55.24 -37.06
CA GLU B 4674 15.64 -55.39 -35.90
C GLU B 4674 15.28 -54.37 -34.84
N LYS B 4675 14.90 -53.15 -35.25
CA LYS B 4675 14.51 -52.11 -34.30
C LYS B 4675 13.28 -52.55 -33.52
N GLU B 4676 12.30 -53.08 -34.24
CA GLU B 4676 11.04 -53.47 -33.61
C GLU B 4676 11.28 -54.63 -32.66
N LEU B 4677 12.08 -55.61 -33.11
CA LEU B 4677 12.35 -56.79 -32.31
C LEU B 4677 13.11 -56.42 -31.05
N ALA B 4678 14.12 -55.54 -31.19
CA ALA B 4678 14.94 -55.15 -30.06
C ALA B 4678 14.12 -54.40 -29.02
N ARG B 4679 13.19 -53.56 -29.48
CA ARG B 4679 12.34 -52.81 -28.55
C ARG B 4679 11.37 -53.72 -27.82
N LYS B 4680 10.71 -54.65 -28.54
CA LYS B 4680 9.78 -55.55 -27.86
C LYS B 4680 10.53 -56.51 -26.93
N LEU B 4681 11.71 -56.98 -27.34
CA LEU B 4681 12.53 -57.84 -26.49
C LEU B 4681 13.00 -57.12 -25.23
N GLU B 4682 13.48 -55.89 -25.34
CA GLU B 4682 14.09 -55.24 -24.20
C GLU B 4682 13.12 -54.35 -23.44
N PHE B 4683 11.90 -54.18 -23.93
CA PHE B 4683 10.95 -53.34 -23.25
C PHE B 4683 9.61 -54.00 -22.98
N ASP B 4684 9.35 -55.17 -23.58
CA ASP B 4684 8.12 -55.92 -23.33
C ASP B 4684 8.36 -57.38 -23.00
N GLY B 4685 9.60 -57.85 -23.05
CA GLY B 4685 9.91 -59.27 -22.88
C GLY B 4685 9.11 -60.20 -23.77
N LEU B 4686 9.21 -60.01 -25.10
CA LEU B 4686 8.35 -60.76 -26.03
C LEU B 4686 8.62 -62.26 -25.98
N TYR B 4687 9.87 -62.68 -25.80
CA TYR B 4687 10.16 -64.09 -25.72
C TYR B 4687 10.67 -64.51 -24.35
N ILE B 4688 10.63 -63.61 -23.38
CA ILE B 4688 11.16 -63.88 -22.06
C ILE B 4688 10.06 -63.93 -21.00
N THR B 4689 8.91 -63.31 -21.25
CA THR B 4689 7.78 -63.35 -20.34
C THR B 4689 6.47 -63.70 -21.04
N GLU B 4690 6.02 -62.82 -21.92
CA GLU B 4690 4.72 -62.98 -22.57
C GLU B 4690 4.64 -64.23 -23.45
N GLN B 4691 5.70 -64.49 -24.26
CA GLN B 4691 5.89 -65.56 -25.26
C GLN B 4691 5.14 -65.17 -26.54
N PRO B 4692 5.54 -65.64 -27.72
CA PRO B 4692 4.87 -65.20 -28.95
C PRO B 4692 3.46 -65.77 -29.04
N GLY B 4693 2.64 -65.10 -29.84
CA GLY B 4693 1.22 -65.41 -29.95
C GLY B 4693 0.91 -66.83 -30.39
N ASP B 4694 1.71 -67.39 -31.32
CA ASP B 4694 1.65 -68.69 -32.02
C ASP B 4694 0.85 -68.51 -33.30
N ASP B 4695 0.15 -67.38 -33.42
CA ASP B 4695 -0.49 -66.98 -34.66
C ASP B 4695 0.18 -65.76 -35.28
N ASP B 4696 1.28 -65.31 -34.70
CA ASP B 4696 2.02 -64.16 -35.20
C ASP B 4696 3.17 -64.74 -36.02
N VAL B 4697 3.03 -64.67 -37.35
CA VAL B 4697 4.02 -65.25 -38.25
C VAL B 4697 5.34 -64.49 -38.10
N LYS B 4698 5.26 -63.17 -37.93
CA LYS B 4698 6.45 -62.34 -37.85
C LYS B 4698 7.23 -62.70 -36.59
N GLY B 4699 6.52 -62.86 -35.47
CA GLY B 4699 7.17 -63.24 -34.21
C GLY B 4699 7.80 -64.62 -34.29
N GLN B 4700 7.10 -65.57 -34.95
CA GLN B 4700 7.61 -66.93 -34.99
C GLN B 4700 8.83 -67.00 -35.88
N TRP B 4701 8.81 -66.23 -36.98
CA TRP B 4701 9.97 -66.27 -37.86
C TRP B 4701 11.13 -65.58 -37.15
N ASP B 4702 10.82 -64.52 -36.39
CA ASP B 4702 11.82 -63.75 -35.68
C ASP B 4702 12.47 -64.57 -34.57
N ARG B 4703 11.84 -65.69 -34.17
CA ARG B 4703 12.40 -66.54 -33.12
C ARG B 4703 13.71 -67.21 -33.53
N LEU B 4704 14.04 -67.20 -34.82
CA LEU B 4704 15.22 -67.86 -35.35
C LEU B 4704 16.46 -66.99 -35.31
N VAL B 4705 16.31 -65.69 -35.04
CA VAL B 4705 17.44 -64.78 -35.15
C VAL B 4705 18.04 -64.45 -33.78
N LEU B 4706 17.32 -64.73 -32.69
CA LEU B 4706 17.76 -64.36 -31.35
C LEU B 4706 19.06 -65.07 -30.98
N ASN B 4707 19.13 -66.36 -31.25
CA ASN B 4707 20.28 -67.18 -30.88
C ASN B 4707 21.54 -66.80 -31.66
N THR B 4708 21.38 -66.34 -32.91
CA THR B 4708 22.49 -66.08 -33.82
C THR B 4708 23.50 -65.07 -33.24
N PRO B 4709 24.79 -65.25 -33.55
CA PRO B 4709 25.80 -64.29 -33.07
C PRO B 4709 25.69 -62.89 -33.64
N SER B 4710 24.85 -62.64 -34.65
CA SER B 4710 24.77 -61.33 -35.28
C SER B 4710 23.31 -60.89 -35.33
N PHE B 4711 22.70 -60.69 -34.16
CA PHE B 4711 21.29 -60.33 -34.12
C PHE B 4711 21.09 -58.91 -34.65
N PRO B 4712 21.95 -57.91 -34.36
CA PRO B 4712 21.79 -56.64 -35.08
C PRO B 4712 22.97 -56.32 -35.99
N SER B 4713 22.79 -56.53 -37.29
CA SER B 4713 23.84 -56.15 -38.21
C SER B 4713 23.62 -54.80 -38.85
N ASN B 4714 22.39 -54.30 -38.83
CA ASN B 4714 22.14 -52.97 -39.37
C ASN B 4714 21.76 -51.99 -38.28
N TYR B 4715 20.94 -52.43 -37.32
CA TYR B 4715 20.51 -51.58 -36.22
C TYR B 4715 21.72 -51.19 -35.38
N TRP B 4716 21.73 -49.97 -34.86
CA TRP B 4716 22.90 -49.47 -34.18
C TRP B 4716 22.87 -49.68 -32.68
N ASP B 4717 21.84 -50.31 -32.13
CA ASP B 4717 21.86 -50.59 -30.69
C ASP B 4717 22.64 -51.89 -30.56
N LYS B 4718 23.93 -51.73 -30.39
CA LYS B 4718 24.87 -52.83 -30.27
C LYS B 4718 24.72 -53.61 -28.97
N PHE B 4719 24.24 -52.97 -27.92
CA PHE B 4719 24.20 -53.56 -26.58
C PHE B 4719 22.82 -54.09 -26.21
N VAL B 4720 22.01 -54.49 -27.21
CA VAL B 4720 20.63 -54.90 -26.94
C VAL B 4720 20.62 -56.16 -26.08
N LYS B 4721 21.50 -57.11 -26.39
CA LYS B 4721 21.53 -58.38 -25.67
C LYS B 4721 21.92 -58.15 -24.23
N ARG B 4722 22.96 -57.33 -24.01
CA ARG B 4722 23.43 -57.08 -22.65
C ARG B 4722 22.37 -56.35 -21.86
N LYS B 4723 21.70 -55.37 -22.48
CA LYS B 4723 20.71 -54.58 -21.76
C LYS B 4723 19.49 -55.41 -21.38
N VAL B 4724 19.05 -56.30 -22.29
CA VAL B 4724 17.91 -57.16 -21.96
C VAL B 4724 18.33 -58.17 -20.92
N LEU B 4725 19.61 -58.57 -20.90
CA LEU B 4725 20.11 -59.46 -19.85
C LEU B 4725 20.06 -58.78 -18.49
N ASP B 4726 20.44 -57.50 -18.42
CA ASP B 4726 20.34 -56.77 -17.16
C ASP B 4726 18.88 -56.59 -16.74
N LYS B 4727 18.01 -56.25 -17.71
CA LYS B 4727 16.61 -55.95 -17.41
C LYS B 4727 15.83 -57.18 -16.94
N HIS B 4728 16.04 -58.33 -17.57
CA HIS B 4728 15.23 -59.51 -17.31
C HIS B 4728 16.01 -60.69 -16.75
N GLY B 4729 17.31 -60.52 -16.52
CA GLY B 4729 18.14 -61.62 -16.02
C GLY B 4729 17.79 -62.09 -14.62
N ASP B 4730 17.52 -61.15 -13.71
CA ASP B 4730 17.27 -61.53 -12.32
C ASP B 4730 15.99 -62.35 -12.16
N ILE B 4731 14.88 -61.89 -12.73
CA ILE B 4731 13.61 -62.59 -12.53
C ILE B 4731 13.58 -63.92 -13.29
N PHE B 4732 14.06 -63.93 -14.53
CA PHE B 4732 13.95 -65.10 -15.40
C PHE B 4732 15.21 -65.94 -15.47
N GLY B 4733 16.23 -65.64 -14.67
CA GLY B 4733 17.42 -66.45 -14.66
C GLY B 4733 18.40 -65.94 -15.70
N ARG B 4734 19.66 -66.31 -15.54
CA ARG B 4734 20.69 -65.77 -16.42
C ARG B 4734 21.08 -66.75 -17.52
N GLU B 4735 21.29 -68.01 -17.17
CA GLU B 4735 21.74 -69.01 -18.14
C GLU B 4735 20.69 -69.26 -19.21
N ARG B 4736 19.40 -69.24 -18.84
CA ARG B 4736 18.33 -69.37 -19.81
C ARG B 4736 18.37 -68.22 -20.82
N ILE B 4737 18.58 -67.01 -20.33
CA ILE B 4737 18.63 -65.83 -21.19
C ILE B 4737 19.83 -65.92 -22.11
N ALA B 4738 20.97 -66.39 -21.59
CA ALA B 4738 22.17 -66.52 -22.42
C ALA B 4738 22.04 -67.61 -23.47
N GLU B 4739 21.39 -68.74 -23.15
CA GLU B 4739 21.20 -69.75 -24.17
C GLU B 4739 20.26 -69.23 -25.26
N LEU B 4740 19.15 -68.59 -24.84
CA LEU B 4740 18.16 -68.07 -25.77
C LEU B 4740 18.80 -67.07 -26.74
N LEU B 4741 19.69 -66.21 -26.23
CA LEU B 4741 20.27 -65.16 -27.05
C LEU B 4741 21.69 -65.48 -27.47
N GLY B 4742 22.11 -66.75 -27.34
CA GLY B 4742 23.40 -67.25 -27.77
C GLY B 4742 24.59 -66.45 -27.30
N MET B 4743 24.62 -66.17 -26.00
CA MET B 4743 25.67 -65.40 -25.36
C MET B 4743 26.47 -66.32 -24.45
N ASP B 4744 27.80 -66.16 -24.47
CA ASP B 4744 28.67 -66.90 -23.55
C ASP B 4744 28.84 -66.13 -22.25
N LEU B 4745 28.13 -66.59 -21.22
CA LEU B 4745 28.15 -65.92 -19.91
C LEU B 4745 29.56 -65.97 -19.31
N ALA B 4746 30.24 -67.10 -19.51
CA ALA B 4746 31.58 -67.30 -18.96
C ALA B 4746 32.56 -66.28 -19.51
N SER B 4747 32.50 -66.05 -20.82
CA SER B 4747 33.42 -65.12 -21.47
C SER B 4747 32.91 -63.69 -21.42
N LEU B 4748 31.70 -63.48 -20.88
CA LEU B 4748 31.11 -62.15 -20.85
C LEU B 4748 31.92 -61.20 -19.96
N GLU B 4749 32.33 -61.66 -18.78
CA GLU B 4749 33.04 -60.81 -17.83
C GLU B 4749 34.47 -60.51 -18.28
N ILE B 4750 35.24 -61.53 -18.63
CA ILE B 4750 36.66 -61.32 -18.90
C ILE B 4750 36.87 -60.94 -20.37
N ASP B 4772 26.89 -66.99 -41.28
CA ASP B 4772 25.93 -67.45 -40.29
C ASP B 4772 24.63 -67.84 -40.99
N VAL B 4773 24.48 -69.15 -41.22
CA VAL B 4773 23.37 -69.71 -42.00
C VAL B 4773 22.00 -69.46 -41.38
N LYS B 4774 21.96 -69.22 -40.08
CA LYS B 4774 20.68 -68.99 -39.41
C LYS B 4774 20.25 -67.55 -39.61
N TYR B 4775 21.20 -66.62 -39.45
CA TYR B 4775 20.93 -65.20 -39.74
C TYR B 4775 20.57 -65.02 -41.21
N GLN B 4776 21.30 -65.68 -42.11
CA GLN B 4776 21.02 -65.56 -43.54
C GLN B 4776 19.65 -66.11 -43.90
N ILE B 4777 19.26 -67.25 -43.30
CA ILE B 4777 17.92 -67.80 -43.52
C ILE B 4777 16.85 -66.82 -43.03
N TRP B 4778 17.08 -66.21 -41.85
CA TRP B 4778 16.07 -65.31 -41.30
C TRP B 4778 15.94 -64.09 -42.19
N LYS B 4779 17.09 -63.53 -42.62
CA LYS B 4779 17.10 -62.32 -43.42
C LYS B 4779 16.38 -62.58 -44.73
N PHE B 4780 16.63 -63.76 -45.32
CA PHE B 4780 16.01 -64.13 -46.59
C PHE B 4780 14.51 -64.25 -46.44
N GLY B 4781 14.04 -64.79 -45.31
CA GLY B 4781 12.60 -64.82 -45.05
C GLY B 4781 11.99 -63.44 -44.94
N VAL B 4782 12.72 -62.51 -44.33
CA VAL B 4782 12.25 -61.13 -44.26
C VAL B 4782 12.23 -60.49 -45.65
N ILE B 4783 13.27 -60.73 -46.45
CA ILE B 4783 13.30 -60.24 -47.83
C ILE B 4783 12.17 -60.86 -48.63
N PHE B 4784 11.89 -62.14 -48.43
CA PHE B 4784 10.92 -62.89 -49.20
C PHE B 4784 9.53 -62.75 -48.62
N THR B 4785 9.33 -61.79 -47.72
CA THR B 4785 8.00 -61.47 -47.25
C THR B 4785 7.73 -59.98 -47.49
N ASP B 4786 8.67 -59.27 -48.14
CA ASP B 4786 8.52 -57.86 -48.46
C ASP B 4786 7.67 -57.75 -49.72
N ASN B 4787 6.60 -56.94 -49.66
CA ASN B 4787 5.68 -56.82 -50.78
C ASN B 4787 6.34 -56.24 -52.03
N SER B 4788 7.20 -55.23 -51.85
CA SER B 4788 7.82 -54.57 -53.00
C SER B 4788 8.79 -55.52 -53.70
N PHE B 4789 9.50 -56.34 -52.92
CA PHE B 4789 10.43 -57.30 -53.49
C PHE B 4789 9.65 -58.36 -54.26
N LEU B 4790 8.49 -58.76 -53.71
CA LEU B 4790 7.69 -59.79 -54.36
C LEU B 4790 7.12 -59.28 -55.66
N TYR B 4791 6.74 -57.99 -55.69
CA TYR B 4791 6.31 -57.38 -56.94
C TYR B 4791 7.45 -57.35 -57.94
N LEU B 4792 8.65 -56.98 -57.50
CA LEU B 4792 9.77 -56.86 -58.45
C LEU B 4792 10.16 -58.23 -58.99
N GLY B 4793 10.03 -59.27 -58.16
CA GLY B 4793 10.26 -60.62 -58.62
C GLY B 4793 9.15 -61.12 -59.52
N TRP B 4794 7.94 -60.60 -59.36
CA TRP B 4794 6.89 -60.94 -60.30
C TRP B 4794 7.13 -60.23 -61.64
N TYR B 4795 7.71 -59.04 -61.58
CA TYR B 4795 8.08 -58.32 -62.81
C TYR B 4795 9.13 -59.10 -63.57
N MET B 4796 10.12 -59.63 -62.84
CA MET B 4796 11.19 -60.43 -63.42
C MET B 4796 10.66 -61.76 -63.94
N VAL B 4797 9.66 -62.33 -63.26
CA VAL B 4797 9.05 -63.57 -63.74
C VAL B 4797 8.31 -63.33 -65.05
N MET B 4798 7.50 -62.26 -65.12
CA MET B 4798 6.76 -62.05 -66.36
C MET B 4798 7.70 -61.63 -67.48
N SER B 4799 8.84 -61.04 -67.13
CA SER B 4799 9.84 -60.67 -68.12
C SER B 4799 10.49 -61.92 -68.68
N LEU B 4800 10.70 -62.90 -67.82
CA LEU B 4800 11.32 -64.16 -68.24
C LEU B 4800 10.35 -64.92 -69.12
N LEU B 4801 9.08 -64.99 -68.69
CA LEU B 4801 8.06 -65.71 -69.44
C LEU B 4801 7.83 -65.09 -70.80
N GLY B 4802 7.92 -63.74 -70.88
CA GLY B 4802 7.66 -63.06 -72.14
C GLY B 4802 8.59 -63.41 -73.30
N HIS B 4803 9.61 -64.21 -73.04
CA HIS B 4803 10.51 -64.75 -74.04
C HIS B 4803 9.93 -66.03 -74.60
N TYR B 4804 9.31 -66.82 -73.72
CA TYR B 4804 8.58 -68.02 -74.12
C TYR B 4804 7.39 -67.66 -74.99
N ASN B 4805 6.53 -66.76 -74.51
CA ASN B 4805 5.45 -66.26 -75.35
C ASN B 4805 5.52 -64.75 -75.29
N ASN B 4806 5.56 -64.10 -76.45
CA ASN B 4806 5.79 -62.66 -76.49
C ASN B 4806 4.65 -61.86 -75.85
N PHE B 4807 3.45 -62.42 -75.80
CA PHE B 4807 2.32 -61.62 -75.36
C PHE B 4807 2.25 -61.49 -73.85
N PHE B 4808 3.20 -62.06 -73.13
CA PHE B 4808 3.25 -61.94 -71.68
C PHE B 4808 3.92 -60.65 -71.28
N PHE B 4809 4.38 -59.87 -72.25
CA PHE B 4809 5.15 -58.67 -72.00
C PHE B 4809 4.23 -57.47 -71.85
N ALA B 4810 2.93 -57.72 -71.82
CA ALA B 4810 1.93 -56.67 -71.74
C ALA B 4810 1.30 -56.65 -70.36
N ALA B 4811 1.84 -57.43 -69.44
CA ALA B 4811 1.42 -57.42 -68.05
C ALA B 4811 2.29 -56.48 -67.26
N HIS B 4812 3.23 -55.86 -67.95
CA HIS B 4812 4.19 -54.96 -67.37
C HIS B 4812 3.65 -53.55 -67.38
N LEU B 4813 2.60 -53.33 -68.18
CA LEU B 4813 2.04 -52.01 -68.35
C LEU B 4813 1.34 -51.54 -67.09
N LEU B 4814 0.96 -52.47 -66.21
CA LEU B 4814 0.30 -52.16 -64.95
C LEU B 4814 1.22 -51.48 -63.95
N ASP B 4815 2.53 -51.47 -64.23
CA ASP B 4815 3.50 -50.78 -63.40
C ASP B 4815 3.31 -49.26 -63.43
N ILE B 4816 2.50 -48.72 -64.35
CA ILE B 4816 2.22 -47.28 -64.42
C ILE B 4816 1.57 -46.79 -63.13
N ALA B 4817 0.65 -47.59 -62.57
CA ALA B 4817 -0.06 -47.23 -61.34
C ALA B 4817 0.88 -47.10 -60.15
N MET B 4818 1.77 -48.07 -59.97
CA MET B 4818 2.78 -47.99 -58.93
C MET B 4818 3.81 -46.90 -59.21
N GLY B 4819 4.25 -46.78 -60.47
CA GLY B 4819 5.30 -45.84 -60.81
C GLY B 4819 4.88 -44.38 -60.73
N VAL B 4820 3.72 -44.04 -61.28
CA VAL B 4820 3.31 -42.65 -61.40
C VAL B 4820 2.43 -42.27 -60.22
N LYS B 4821 2.74 -41.11 -59.62
CA LYS B 4821 2.05 -40.64 -58.44
C LYS B 4821 0.62 -40.20 -58.78
N THR B 4822 0.42 -39.60 -59.95
CA THR B 4822 -0.91 -39.18 -60.37
C THR B 4822 -1.85 -40.37 -60.52
N LEU B 4823 -1.38 -41.48 -61.10
CA LEU B 4823 -2.30 -42.58 -61.31
C LEU B 4823 -2.64 -43.21 -59.99
N ARG B 4824 -1.61 -43.38 -59.15
CA ARG B 4824 -1.79 -43.97 -57.83
C ARG B 4824 -2.80 -43.17 -57.02
N THR B 4825 -2.71 -41.83 -57.14
CA THR B 4825 -3.66 -40.95 -56.48
C THR B 4825 -5.07 -41.09 -57.03
N ILE B 4826 -5.21 -41.19 -58.36
CA ILE B 4826 -6.54 -41.37 -58.95
C ILE B 4826 -7.13 -42.70 -58.52
N LEU B 4827 -6.30 -43.74 -58.47
CA LEU B 4827 -6.76 -45.08 -58.12
C LEU B 4827 -6.95 -45.24 -56.61
N SER B 4828 -6.53 -44.24 -55.84
CA SER B 4828 -6.80 -44.30 -54.41
C SER B 4828 -8.28 -44.06 -54.14
N SER B 4829 -8.95 -43.30 -55.00
CA SER B 4829 -10.39 -43.15 -54.86
C SER B 4829 -11.12 -44.47 -55.08
N VAL B 4830 -10.67 -45.26 -56.07
CA VAL B 4830 -11.21 -46.60 -56.30
C VAL B 4830 -10.91 -47.54 -55.15
N THR B 4831 -9.72 -47.47 -54.57
CA THR B 4831 -9.34 -48.46 -53.57
C THR B 4831 -9.66 -48.04 -52.15
N HIS B 4832 -9.97 -46.77 -51.92
CA HIS B 4832 -10.36 -46.31 -50.59
C HIS B 4832 -11.67 -46.97 -50.15
N ASN B 4833 -12.65 -47.04 -51.04
CA ASN B 4833 -13.96 -47.59 -50.72
C ASN B 4833 -14.15 -48.95 -51.38
N GLY B 4834 -13.05 -49.69 -51.51
CA GLY B 4834 -13.07 -50.95 -52.24
C GLY B 4834 -13.94 -52.04 -51.62
N LYS B 4835 -13.86 -52.19 -50.30
CA LYS B 4835 -14.73 -53.17 -49.62
C LYS B 4835 -16.20 -52.81 -49.76
N GLN B 4836 -16.51 -51.52 -49.73
CA GLN B 4836 -17.90 -51.08 -49.88
C GLN B 4836 -18.39 -51.35 -51.28
N LEU B 4837 -17.52 -51.16 -52.28
CA LEU B 4837 -17.88 -51.48 -53.66
C LEU B 4837 -18.10 -52.97 -53.85
N VAL B 4838 -17.25 -53.79 -53.22
CA VAL B 4838 -17.37 -55.24 -53.39
C VAL B 4838 -18.65 -55.74 -52.75
N MET B 4839 -19.00 -55.19 -51.58
CA MET B 4839 -20.21 -55.64 -50.92
C MET B 4839 -21.44 -55.14 -51.67
N THR B 4840 -21.32 -53.99 -52.35
CA THR B 4840 -22.41 -53.50 -53.18
C THR B 4840 -22.62 -54.39 -54.40
N VAL B 4841 -21.52 -54.94 -54.94
CA VAL B 4841 -21.62 -55.89 -56.04
C VAL B 4841 -22.29 -57.18 -55.58
N GLY B 4842 -21.98 -57.64 -54.38
CA GLY B 4842 -22.67 -58.81 -53.84
C GLY B 4842 -24.12 -58.55 -53.53
N LEU B 4843 -24.45 -57.30 -53.23
CA LEU B 4843 -25.84 -56.89 -53.06
C LEU B 4843 -26.58 -56.93 -54.39
N LEU B 4844 -25.92 -56.47 -55.45
CA LEU B 4844 -26.50 -56.54 -56.79
C LEU B 4844 -26.72 -57.99 -57.22
N ALA B 4845 -25.77 -58.87 -56.92
CA ALA B 4845 -25.90 -60.29 -57.20
C ALA B 4845 -27.07 -60.95 -56.45
N VAL B 4846 -27.29 -60.55 -55.20
CA VAL B 4846 -28.46 -61.01 -54.45
C VAL B 4846 -29.79 -60.53 -55.07
N VAL B 4847 -29.88 -59.24 -55.40
CA VAL B 4847 -31.17 -58.75 -55.95
C VAL B 4847 -31.43 -59.31 -57.35
N VAL B 4848 -30.39 -59.46 -58.18
CA VAL B 4848 -30.57 -60.09 -59.49
C VAL B 4848 -30.99 -61.55 -59.31
N TYR B 4849 -30.52 -62.21 -58.24
CA TYR B 4849 -31.00 -63.56 -57.96
C TYR B 4849 -32.48 -63.56 -57.62
N LEU B 4850 -32.92 -62.54 -56.86
CA LEU B 4850 -34.33 -62.49 -56.46
C LEU B 4850 -35.25 -62.29 -57.67
N TYR B 4851 -34.85 -61.43 -58.60
CA TYR B 4851 -35.60 -61.30 -59.85
C TYR B 4851 -35.53 -62.58 -60.69
N THR B 4852 -34.37 -63.25 -60.70
CA THR B 4852 -34.26 -64.53 -61.40
C THR B 4852 -35.29 -65.52 -60.88
N VAL B 4853 -35.43 -65.60 -59.54
CA VAL B 4853 -36.36 -66.54 -58.92
C VAL B 4853 -37.79 -66.22 -59.35
N VAL B 4854 -38.12 -64.92 -59.41
CA VAL B 4854 -39.47 -64.49 -59.76
C VAL B 4854 -39.78 -64.76 -61.23
N ALA B 4855 -38.79 -64.58 -62.10
CA ALA B 4855 -38.99 -64.92 -63.50
C ALA B 4855 -39.08 -66.43 -63.72
N PHE B 4856 -38.31 -67.21 -62.98
CA PHE B 4856 -38.31 -68.66 -63.19
C PHE B 4856 -39.64 -69.24 -62.74
N ASN B 4857 -40.17 -68.72 -61.64
CA ASN B 4857 -41.46 -69.16 -61.12
C ASN B 4857 -42.64 -68.66 -61.96
N PHE B 4858 -42.53 -67.52 -62.64
CA PHE B 4858 -43.74 -66.97 -63.24
C PHE B 4858 -43.62 -66.41 -64.65
N PHE B 4859 -42.44 -66.34 -65.24
CA PHE B 4859 -42.22 -65.58 -66.46
C PHE B 4859 -41.38 -66.37 -67.45
N ARG B 4860 -41.48 -67.70 -67.39
CA ARG B 4860 -40.64 -68.58 -68.20
C ARG B 4860 -40.92 -68.45 -69.69
N LYS B 4861 -42.17 -68.17 -70.06
CA LYS B 4861 -42.55 -68.09 -71.47
C LYS B 4861 -41.81 -66.98 -72.20
N PHE B 4862 -41.61 -65.85 -71.55
CA PHE B 4862 -41.13 -64.64 -72.20
C PHE B 4862 -39.67 -64.66 -72.57
N TYR B 4863 -38.89 -65.65 -72.14
CA TYR B 4863 -37.44 -65.58 -72.29
C TYR B 4863 -36.91 -66.42 -73.44
N ASN B 4864 -37.69 -66.57 -74.50
CA ASN B 4864 -37.22 -67.27 -75.68
C ASN B 4864 -36.38 -66.33 -76.52
N LYS B 4865 -35.09 -66.64 -76.68
CA LYS B 4865 -34.17 -65.76 -77.37
C LYS B 4865 -33.86 -66.26 -78.76
N SER B 4866 -34.71 -67.11 -79.32
CA SER B 4866 -34.54 -67.67 -80.64
C SER B 4866 -35.67 -67.21 -81.54
N GLU B 4867 -35.31 -66.55 -82.64
CA GLU B 4867 -36.30 -66.13 -83.63
C GLU B 4867 -36.91 -67.34 -84.32
N ASP B 4868 -36.10 -68.36 -84.59
CA ASP B 4868 -36.54 -69.53 -85.32
C ASP B 4868 -37.48 -70.38 -84.46
N GLU B 4869 -38.71 -70.59 -84.95
CA GLU B 4869 -39.67 -71.43 -84.27
C GLU B 4869 -39.31 -72.91 -84.30
N ASP B 4870 -38.34 -73.29 -85.13
CA ASP B 4870 -37.92 -74.69 -85.23
C ASP B 4870 -37.30 -75.16 -83.92
N GLU B 4871 -36.32 -74.41 -83.41
CA GLU B 4871 -35.76 -74.71 -82.09
C GLU B 4871 -36.03 -73.56 -81.13
N PRO B 4872 -36.75 -73.79 -80.04
CA PRO B 4872 -36.88 -72.76 -79.00
C PRO B 4872 -35.59 -72.68 -78.20
N ASP B 4873 -35.21 -71.47 -77.80
CA ASP B 4873 -34.06 -71.29 -76.92
C ASP B 4873 -34.42 -70.44 -75.71
N MET B 4874 -35.45 -70.87 -74.97
CA MET B 4874 -35.82 -70.23 -73.72
C MET B 4874 -34.64 -70.22 -72.77
N LYS B 4875 -34.34 -69.06 -72.19
CA LYS B 4875 -33.16 -68.92 -71.36
C LYS B 4875 -33.51 -68.85 -69.88
N CYS B 4876 -34.69 -69.33 -69.50
CA CYS B 4876 -35.12 -69.35 -68.11
C CYS B 4876 -35.66 -70.71 -67.69
N ASP B 4877 -35.26 -71.79 -68.33
CA ASP B 4877 -35.82 -73.07 -67.94
C ASP B 4877 -34.96 -73.75 -66.90
N ASP B 4878 -33.94 -73.05 -66.41
CA ASP B 4878 -32.98 -73.57 -65.47
C ASP B 4878 -32.57 -72.34 -64.67
N MET B 4879 -32.08 -72.54 -63.47
CA MET B 4879 -31.79 -71.37 -62.71
C MET B 4879 -30.34 -70.96 -62.90
N MET B 4880 -29.50 -71.90 -63.34
CA MET B 4880 -28.13 -71.51 -63.68
C MET B 4880 -28.15 -70.69 -64.97
N THR B 4881 -28.93 -71.11 -65.96
CA THR B 4881 -28.95 -70.37 -67.21
C THR B 4881 -29.73 -69.07 -67.05
N CYS B 4882 -30.81 -69.06 -66.24
CA CYS B 4882 -31.56 -67.81 -66.04
C CYS B 4882 -30.76 -66.80 -65.22
N TYR B 4883 -29.98 -67.25 -64.23
CA TYR B 4883 -29.07 -66.36 -63.52
C TYR B 4883 -27.94 -65.89 -64.41
N LEU B 4884 -27.41 -66.76 -65.28
CA LEU B 4884 -26.41 -66.31 -66.24
C LEU B 4884 -27.00 -65.29 -67.19
N PHE B 4885 -28.26 -65.49 -67.59
CA PHE B 4885 -28.92 -64.57 -68.51
C PHE B 4885 -29.17 -63.23 -67.85
N HIS B 4886 -29.65 -63.24 -66.61
CA HIS B 4886 -29.99 -62.00 -65.93
C HIS B 4886 -28.75 -61.20 -65.59
N MET B 4887 -27.70 -61.88 -65.12
CA MET B 4887 -26.43 -61.20 -64.84
C MET B 4887 -25.71 -60.72 -66.09
N TYR B 4888 -25.63 -61.54 -67.13
CA TYR B 4888 -24.93 -61.09 -68.33
C TYR B 4888 -25.72 -60.03 -69.11
N VAL B 4889 -27.03 -60.20 -69.31
CA VAL B 4889 -27.73 -59.29 -70.22
C VAL B 4889 -28.62 -58.24 -69.54
N GLY B 4890 -28.95 -58.38 -68.25
CA GLY B 4890 -29.89 -57.45 -67.67
C GLY B 4890 -29.28 -56.24 -67.02
N VAL B 4891 -28.12 -56.43 -66.38
CA VAL B 4891 -27.45 -55.30 -65.77
C VAL B 4891 -26.72 -54.50 -66.84
N ARG B 4892 -26.34 -55.14 -67.96
CA ARG B 4892 -25.64 -54.44 -69.01
C ARG B 4892 -26.56 -53.77 -70.01
N ALA B 4893 -27.87 -53.99 -69.92
CA ALA B 4893 -28.80 -53.33 -70.81
C ALA B 4893 -29.17 -51.97 -70.23
N GLY B 4894 -29.47 -51.03 -71.11
CA GLY B 4894 -29.79 -49.68 -70.66
C GLY B 4894 -31.09 -49.59 -69.88
N GLY B 4895 -32.11 -50.28 -70.33
CA GLY B 4895 -33.41 -50.26 -69.69
C GLY B 4895 -33.72 -51.50 -68.87
N GLY B 4896 -32.75 -52.35 -68.60
CA GLY B 4896 -32.99 -53.53 -67.81
C GLY B 4896 -33.33 -54.72 -68.69
N ILE B 4897 -33.99 -55.71 -68.08
CA ILE B 4897 -34.32 -56.93 -68.79
C ILE B 4897 -35.41 -56.74 -69.84
N GLY B 4898 -36.18 -55.65 -69.74
CA GLY B 4898 -37.28 -55.41 -70.65
C GLY B 4898 -36.87 -55.18 -72.09
N ASP B 4899 -35.65 -54.69 -72.31
CA ASP B 4899 -35.14 -54.58 -73.68
C ASP B 4899 -34.98 -55.96 -74.31
N GLU B 4900 -34.49 -56.91 -73.52
CA GLU B 4900 -34.15 -58.21 -74.10
C GLU B 4900 -35.35 -59.12 -74.24
N ILE B 4901 -36.20 -59.21 -73.22
CA ILE B 4901 -37.23 -60.23 -73.26
C ILE B 4901 -38.46 -59.79 -74.03
N GLU B 4902 -39.34 -60.73 -74.32
CA GLU B 4902 -40.46 -60.59 -75.24
C GLU B 4902 -41.47 -59.56 -74.73
N ASP B 4903 -42.10 -58.86 -75.67
CA ASP B 4903 -43.10 -57.84 -75.38
C ASP B 4903 -44.31 -58.42 -74.65
N PRO B 4904 -44.65 -57.90 -73.48
CA PRO B 4904 -45.76 -58.44 -72.68
C PRO B 4904 -47.15 -57.99 -73.09
N ALA B 4905 -47.31 -57.26 -74.18
CA ALA B 4905 -48.64 -56.80 -74.57
C ALA B 4905 -49.57 -57.97 -74.87
N GLY B 4906 -50.86 -57.73 -74.65
CA GLY B 4906 -51.91 -58.71 -74.82
C GLY B 4906 -51.74 -59.98 -74.01
N ASP B 4907 -51.59 -59.85 -72.69
CA ASP B 4907 -51.40 -61.01 -71.84
C ASP B 4907 -52.02 -60.76 -70.47
N GLU B 4908 -52.39 -61.86 -69.80
CA GLU B 4908 -52.95 -61.77 -68.45
C GLU B 4908 -51.92 -61.29 -67.43
N TYR B 4909 -50.64 -61.53 -67.67
CA TYR B 4909 -49.59 -61.19 -66.72
C TYR B 4909 -48.86 -59.92 -67.11
N GLU B 4910 -49.47 -59.12 -68.00
CA GLU B 4910 -48.84 -57.91 -68.52
C GLU B 4910 -48.49 -56.94 -67.41
N LEU B 4911 -49.44 -56.66 -66.51
CA LEU B 4911 -49.20 -55.68 -65.46
C LEU B 4911 -48.14 -56.16 -64.49
N TYR B 4912 -48.11 -57.47 -64.23
CA TYR B 4912 -47.09 -58.02 -63.37
C TYR B 4912 -45.72 -57.88 -64.00
N ARG B 4913 -45.61 -58.17 -65.29
CA ARG B 4913 -44.32 -58.06 -65.97
C ARG B 4913 -43.85 -56.61 -66.18
N VAL B 4914 -44.78 -55.66 -66.34
CA VAL B 4914 -44.36 -54.24 -66.35
C VAL B 4914 -43.87 -53.80 -64.98
N VAL B 4915 -44.54 -54.21 -63.89
CA VAL B 4915 -44.03 -53.88 -62.55
C VAL B 4915 -42.71 -54.60 -62.28
N PHE B 4916 -42.52 -55.75 -62.93
CA PHE B 4916 -41.26 -56.49 -62.87
C PHE B 4916 -40.15 -55.68 -63.50
N ASP B 4917 -40.29 -55.33 -64.78
CA ASP B 4917 -39.23 -54.62 -65.49
C ASP B 4917 -38.98 -53.24 -64.86
N ILE B 4918 -40.05 -52.52 -64.50
CA ILE B 4918 -39.89 -51.17 -63.97
C ILE B 4918 -39.12 -51.20 -62.66
N THR B 4919 -39.44 -52.16 -61.78
CA THR B 4919 -38.66 -52.28 -60.56
C THR B 4919 -37.23 -52.65 -60.86
N PHE B 4920 -37.02 -53.57 -61.83
CA PHE B 4920 -35.67 -53.98 -62.20
C PHE B 4920 -34.84 -52.82 -62.69
N PHE B 4921 -35.50 -51.89 -63.39
CA PHE B 4921 -34.87 -50.70 -63.93
C PHE B 4921 -34.52 -49.73 -62.81
N PHE B 4922 -35.48 -49.43 -61.93
CA PHE B 4922 -35.23 -48.45 -60.88
C PHE B 4922 -34.21 -48.99 -59.89
N PHE B 4923 -34.42 -50.22 -59.43
CA PHE B 4923 -33.61 -50.78 -58.36
C PHE B 4923 -32.21 -51.17 -58.82
N VAL B 4924 -32.09 -51.82 -59.97
CA VAL B 4924 -30.81 -52.36 -60.39
C VAL B 4924 -30.06 -51.41 -61.32
N ILE B 4925 -30.73 -50.88 -62.33
CA ILE B 4925 -30.05 -50.08 -63.34
C ILE B 4925 -29.69 -48.70 -62.78
N VAL B 4926 -30.58 -48.13 -61.98
CA VAL B 4926 -30.43 -46.75 -61.56
C VAL B 4926 -29.83 -46.73 -60.15
N ILE B 4927 -30.64 -47.16 -59.17
CA ILE B 4927 -30.26 -47.09 -57.75
C ILE B 4927 -28.97 -47.85 -57.47
N LEU B 4928 -28.75 -48.98 -58.14
CA LEU B 4928 -27.60 -49.80 -57.76
C LEU B 4928 -26.33 -49.50 -58.53
N LEU B 4929 -26.34 -48.53 -59.45
CA LEU B 4929 -25.11 -48.08 -60.07
C LEU B 4929 -24.83 -46.66 -59.65
N ALA B 4930 -25.83 -46.03 -59.04
CA ALA B 4930 -25.66 -44.76 -58.39
C ALA B 4930 -24.87 -44.92 -57.13
N ILE B 4931 -25.02 -46.05 -56.44
CA ILE B 4931 -24.23 -46.30 -55.23
C ILE B 4931 -22.75 -46.42 -55.59
N ILE B 4932 -22.45 -47.06 -56.72
CA ILE B 4932 -21.06 -47.22 -57.16
C ILE B 4932 -20.46 -45.86 -57.53
N GLN B 4933 -21.24 -45.06 -58.27
CA GLN B 4933 -20.78 -43.72 -58.62
C GLN B 4933 -20.66 -42.83 -57.39
N GLY B 4934 -21.61 -42.93 -56.47
CA GLY B 4934 -21.56 -42.14 -55.26
C GLY B 4934 -20.41 -42.51 -54.36
N LEU B 4935 -20.05 -43.79 -54.31
CA LEU B 4935 -18.87 -44.22 -53.57
C LEU B 4935 -17.59 -43.61 -54.13
N ILE B 4936 -17.45 -43.59 -55.45
CA ILE B 4936 -16.29 -42.91 -56.07
C ILE B 4936 -16.30 -41.39 -55.85
N ILE B 4937 -17.46 -40.75 -56.04
CA ILE B 4937 -17.57 -39.29 -55.82
C ILE B 4937 -17.32 -38.94 -54.36
N ASP B 4938 -17.88 -39.73 -53.44
CA ASP B 4938 -17.62 -39.54 -52.01
C ASP B 4938 -16.13 -39.71 -51.71
N ALA B 4939 -15.48 -40.68 -52.37
CA ALA B 4939 -14.08 -40.95 -52.08
C ALA B 4939 -13.21 -39.77 -52.44
N PHE B 4940 -13.51 -39.11 -53.58
CA PHE B 4940 -12.70 -37.96 -54.00
C PHE B 4940 -12.79 -36.82 -52.99
N GLY B 4941 -13.99 -36.61 -52.46
CA GLY B 4941 -14.21 -35.59 -51.44
C GLY B 4941 -13.55 -35.93 -50.12
N GLU B 4942 -13.64 -37.20 -49.71
CA GLU B 4942 -12.99 -37.64 -48.49
C GLU B 4942 -11.48 -37.46 -48.59
N LEU B 4943 -10.89 -37.79 -49.74
CA LEU B 4943 -9.44 -37.68 -49.86
C LEU B 4943 -9.01 -36.20 -49.86
N ARG B 4944 -9.83 -35.34 -50.48
CA ARG B 4944 -9.51 -33.92 -50.46
C ARG B 4944 -9.66 -33.31 -49.06
N ASP B 4945 -10.74 -33.65 -48.34
CA ASP B 4945 -10.91 -33.15 -46.98
C ASP B 4945 -9.80 -33.66 -46.06
N GLN B 4946 -9.35 -34.91 -46.29
CA GLN B 4946 -8.24 -35.47 -45.51
C GLN B 4946 -6.97 -34.68 -45.74
N GLN B 4947 -6.74 -34.22 -46.98
CA GLN B 4947 -5.47 -33.55 -47.22
C GLN B 4947 -5.56 -32.09 -46.76
N GLU B 4948 -6.74 -31.49 -46.90
CA GLU B 4948 -6.94 -30.13 -46.40
C GLU B 4948 -6.84 -30.05 -44.89
N GLN B 4949 -7.42 -31.02 -44.17
CA GLN B 4949 -7.32 -31.02 -42.71
C GLN B 4949 -5.88 -31.18 -42.23
N VAL B 4950 -5.07 -31.91 -43.00
CA VAL B 4950 -3.66 -32.07 -42.65
C VAL B 4950 -2.92 -30.75 -42.84
N LYS B 4951 -3.20 -30.06 -43.95
CA LYS B 4951 -2.56 -28.77 -44.21
C LYS B 4951 -2.99 -27.73 -43.17
N GLU B 4952 -4.30 -27.73 -42.84
CA GLU B 4952 -4.84 -26.77 -41.89
C GLU B 4952 -4.30 -27.00 -40.49
N ASP B 4953 -4.15 -28.26 -40.09
CA ASP B 4953 -3.55 -28.58 -38.80
C ASP B 4953 -2.09 -28.14 -38.74
N MET B 4954 -1.33 -28.44 -39.80
CA MET B 4954 0.09 -28.09 -39.78
C MET B 4954 0.27 -26.58 -39.78
N GLU B 4955 -0.54 -25.88 -40.55
CA GLU B 4955 -0.41 -24.43 -40.65
C GLU B 4955 -0.92 -23.74 -39.39
N THR B 4956 -1.83 -24.38 -38.63
CA THR B 4956 -2.42 -23.70 -37.48
C THR B 4956 -1.85 -24.15 -36.13
N LYS B 4957 -0.94 -25.13 -36.08
CA LYS B 4957 -0.32 -25.42 -34.79
C LYS B 4957 1.07 -25.97 -34.97
N CYS B 4958 1.90 -25.78 -33.95
CA CYS B 4958 3.26 -26.32 -33.96
C CYS B 4958 3.24 -27.83 -33.73
N PHE B 4959 3.99 -28.55 -34.58
CA PHE B 4959 4.05 -30.01 -34.47
C PHE B 4959 4.67 -30.46 -33.15
N ILE B 4960 5.78 -29.83 -32.76
CA ILE B 4960 6.52 -30.26 -31.57
C ILE B 4960 5.76 -29.98 -30.29
N CYS B 4961 5.12 -28.81 -30.18
CA CYS B 4961 4.55 -28.41 -28.90
C CYS B 4961 3.04 -28.30 -28.88
N GLY B 4962 2.38 -28.16 -30.01
CA GLY B 4962 0.94 -28.14 -30.06
C GLY B 4962 0.31 -26.79 -29.78
N ILE B 4963 1.10 -25.76 -29.49
CA ILE B 4963 0.57 -24.44 -29.23
C ILE B 4963 0.08 -23.84 -30.54
N GLY B 4964 -1.03 -23.12 -30.49
CA GLY B 4964 -1.64 -22.60 -31.69
C GLY B 4964 -0.87 -21.44 -32.27
N SER B 4965 -1.18 -21.14 -33.53
CA SER B 4965 -0.57 -20.02 -34.22
C SER B 4965 -0.99 -18.67 -33.64
N ASP B 4966 -2.13 -18.65 -32.93
CA ASP B 4966 -2.69 -17.42 -32.35
C ASP B 4966 -1.68 -16.75 -31.43
N TYR B 4967 -1.10 -17.53 -30.51
CA TYR B 4967 -0.15 -16.97 -29.55
C TYR B 4967 1.08 -16.44 -30.25
N PHE B 4968 1.63 -17.20 -31.20
CA PHE B 4968 2.90 -16.81 -31.79
C PHE B 4968 2.72 -15.65 -32.74
N ASP B 4969 1.54 -15.48 -33.32
CA ASP B 4969 1.37 -14.48 -34.35
C ASP B 4969 1.17 -13.07 -33.79
N THR B 4970 1.12 -12.92 -32.46
CA THR B 4970 1.06 -11.59 -31.86
C THR B 4970 2.27 -10.77 -32.27
N THR B 4971 3.45 -11.36 -32.18
CA THR B 4971 4.65 -10.76 -32.73
C THR B 4971 4.61 -10.96 -34.24
N PRO B 4972 5.14 -10.02 -35.04
CA PRO B 4972 5.08 -10.23 -36.50
C PRO B 4972 5.98 -11.36 -36.95
N HIS B 4973 5.43 -12.23 -37.82
CA HIS B 4973 6.08 -13.43 -38.37
C HIS B 4973 6.44 -14.42 -37.27
N GLY B 4974 5.59 -14.47 -36.24
CA GLY B 4974 5.92 -15.28 -35.08
C GLY B 4974 5.81 -16.77 -35.34
N PHE B 4975 4.76 -17.20 -36.06
CA PHE B 4975 4.60 -18.62 -36.31
C PHE B 4975 5.72 -19.13 -37.20
N GLU B 4976 6.10 -18.35 -38.22
CA GLU B 4976 7.13 -18.78 -39.14
C GLU B 4976 8.46 -18.88 -38.41
N THR B 4977 8.70 -17.90 -37.52
CA THR B 4977 9.95 -17.91 -36.74
C THR B 4977 9.97 -19.11 -35.81
N HIS B 4978 8.83 -19.43 -35.18
CA HIS B 4978 8.79 -20.53 -34.23
C HIS B 4978 9.01 -21.86 -34.92
N THR B 4979 8.29 -22.09 -36.03
CA THR B 4979 8.39 -23.36 -36.73
C THR B 4979 9.73 -23.53 -37.41
N LEU B 4980 10.24 -22.48 -38.05
CA LEU B 4980 11.52 -22.58 -38.73
C LEU B 4980 12.71 -22.67 -37.78
N GLU B 4981 12.68 -21.97 -36.65
CA GLU B 4981 13.87 -21.88 -35.81
C GLU B 4981 13.77 -22.59 -34.46
N GLU B 4982 12.84 -22.17 -33.60
CA GLU B 4982 12.74 -22.73 -32.26
C GLU B 4982 12.29 -24.19 -32.25
N HIS B 4983 11.28 -24.55 -33.02
CA HIS B 4983 10.76 -25.91 -32.91
C HIS B 4983 10.76 -26.63 -34.25
N ASN B 4984 11.80 -26.44 -35.06
CA ASN B 4984 11.91 -27.16 -36.32
C ASN B 4984 12.06 -28.66 -36.11
N LEU B 4985 11.21 -29.45 -36.78
CA LEU B 4985 11.28 -30.90 -36.69
C LEU B 4985 12.61 -31.40 -37.24
N ALA B 4986 13.07 -30.78 -38.34
CA ALA B 4986 14.31 -31.17 -39.00
C ALA B 4986 15.46 -31.04 -38.03
N ASN B 4987 15.39 -30.04 -37.14
CA ASN B 4987 16.47 -29.80 -36.20
C ASN B 4987 16.53 -30.94 -35.20
N TYR B 4988 15.38 -31.44 -34.74
CA TYR B 4988 15.36 -32.57 -33.83
C TYR B 4988 15.95 -33.80 -34.49
N MET B 4989 15.65 -33.98 -35.78
CA MET B 4989 16.27 -35.09 -36.52
C MET B 4989 17.78 -34.94 -36.60
N PHE B 4990 18.26 -33.72 -36.92
CA PHE B 4990 19.71 -33.49 -37.00
C PHE B 4990 20.36 -33.69 -35.64
N PHE B 4991 19.63 -33.36 -34.58
CA PHE B 4991 20.15 -33.46 -33.23
C PHE B 4991 20.33 -34.91 -32.87
N LEU B 4992 19.35 -35.74 -33.25
CA LEU B 4992 19.46 -37.17 -33.06
C LEU B 4992 20.62 -37.74 -33.87
N MET B 4993 20.84 -37.21 -35.07
CA MET B 4993 21.98 -37.62 -35.89
C MET B 4993 23.28 -37.32 -35.15
N TYR B 4994 23.35 -36.12 -34.58
CA TYR B 4994 24.53 -35.66 -33.84
C TYR B 4994 24.78 -36.54 -32.63
N LEU B 4995 23.72 -36.83 -31.87
CA LEU B 4995 23.85 -37.63 -30.65
C LEU B 4995 24.25 -39.05 -30.98
N ILE B 4996 23.64 -39.66 -32.00
CA ILE B 4996 23.93 -41.04 -32.34
C ILE B 4996 25.36 -41.15 -32.86
N ASN B 4997 25.80 -40.14 -33.61
CA ASN B 4997 27.11 -40.24 -34.25
C ASN B 4997 28.22 -39.68 -33.36
N LYS B 4998 27.88 -39.19 -32.18
CA LYS B 4998 28.85 -38.64 -31.27
C LYS B 4998 29.18 -39.67 -30.19
N ASP B 4999 30.47 -39.81 -29.89
CA ASP B 4999 30.92 -40.70 -28.83
C ASP B 4999 30.38 -40.22 -27.49
N GLU B 5000 29.92 -41.16 -26.67
CA GLU B 5000 29.24 -40.83 -25.42
C GLU B 5000 30.17 -40.11 -24.43
N THR B 5001 31.47 -40.40 -24.49
CA THR B 5001 32.44 -39.78 -23.57
C THR B 5001 32.47 -38.26 -23.70
N GLU B 5002 32.18 -37.73 -24.88
CA GLU B 5002 32.29 -36.31 -25.15
C GLU B 5002 30.96 -35.59 -24.98
N HIS B 5003 29.93 -36.32 -24.55
CA HIS B 5003 28.60 -35.75 -24.43
C HIS B 5003 28.54 -34.75 -23.29
N THR B 5004 27.95 -33.60 -23.54
CA THR B 5004 27.76 -32.62 -22.49
C THR B 5004 26.60 -33.07 -21.60
N GLY B 5005 26.42 -32.38 -20.47
CA GLY B 5005 25.44 -32.82 -19.48
C GLY B 5005 24.03 -32.89 -20.03
N GLN B 5006 23.66 -31.89 -20.85
CA GLN B 5006 22.30 -31.88 -21.36
C GLN B 5006 22.18 -32.92 -22.46
N GLU B 5007 23.25 -33.11 -23.22
CA GLU B 5007 23.34 -34.13 -24.26
C GLU B 5007 23.23 -35.52 -23.67
N SER B 5008 23.94 -35.74 -22.57
CA SER B 5008 23.84 -37.02 -21.87
C SER B 5008 22.45 -37.22 -21.27
N TYR B 5009 21.83 -36.15 -20.77
CA TYR B 5009 20.47 -36.26 -20.24
C TYR B 5009 19.49 -36.71 -21.32
N VAL B 5010 19.62 -36.14 -22.52
CA VAL B 5010 18.78 -36.55 -23.64
C VAL B 5010 19.14 -37.98 -24.04
N TRP B 5011 20.43 -38.32 -24.01
CA TRP B 5011 20.90 -39.64 -24.41
C TRP B 5011 20.28 -40.71 -23.53
N LYS B 5012 20.30 -40.49 -22.21
CA LYS B 5012 19.73 -41.45 -21.27
C LYS B 5012 18.23 -41.56 -21.46
N MET B 5013 17.55 -40.42 -21.67
CA MET B 5013 16.10 -40.44 -21.82
C MET B 5013 15.73 -41.20 -23.09
N TYR B 5014 16.53 -41.03 -24.14
CA TYR B 5014 16.31 -41.73 -25.40
C TYR B 5014 16.54 -43.23 -25.22
N GLN B 5015 17.61 -43.61 -24.49
CA GLN B 5015 17.88 -45.02 -24.29
C GLN B 5015 16.79 -45.69 -23.47
N GLU B 5016 16.10 -44.94 -22.62
CA GLU B 5016 15.03 -45.56 -21.85
C GLU B 5016 13.67 -45.32 -22.50
N ARG B 5017 13.67 -44.74 -23.72
CA ARG B 5017 12.45 -44.48 -24.51
C ARG B 5017 11.44 -43.62 -23.75
N CYS B 5018 11.92 -42.61 -23.04
CA CYS B 5018 11.03 -41.69 -22.35
C CYS B 5018 11.00 -40.37 -23.11
N TRP B 5019 9.84 -40.06 -23.66
CA TRP B 5019 9.64 -38.86 -24.47
C TRP B 5019 9.14 -37.69 -23.62
N ASP B 5020 9.97 -37.31 -22.66
CA ASP B 5020 9.58 -36.25 -21.76
C ASP B 5020 10.52 -35.07 -21.89
N PHE B 5021 11.49 -35.14 -22.81
CA PHE B 5021 12.35 -34.02 -23.10
C PHE B 5021 11.80 -33.17 -24.22
N PHE B 5022 10.59 -33.48 -24.69
CA PHE B 5022 10.00 -32.80 -25.82
C PHE B 5022 9.02 -31.78 -25.28
N PRO B 5023 9.17 -30.50 -25.62
CA PRO B 5023 8.30 -29.46 -25.06
C PRO B 5023 6.85 -29.71 -25.42
N ALA B 5024 6.01 -29.90 -24.41
CA ALA B 5024 4.58 -30.09 -24.65
C ALA B 5024 3.84 -28.98 -23.92
N GLY B 5025 3.15 -28.13 -24.68
CA GLY B 5025 2.48 -26.99 -24.09
C GLY B 5025 3.39 -25.86 -23.69
N ASP B 5026 4.68 -25.92 -24.01
CA ASP B 5026 5.62 -24.91 -23.54
C ASP B 5026 6.59 -24.52 -24.64
N CYS B 5027 7.07 -23.29 -24.55
CA CYS B 5027 8.07 -22.73 -25.45
C CYS B 5027 8.89 -21.75 -24.66
N PHE B 5028 10.04 -21.36 -25.22
CA PHE B 5028 10.91 -20.38 -24.59
C PHE B 5028 10.18 -19.06 -24.42
N ARG B 5029 9.37 -18.69 -25.41
CA ARG B 5029 8.60 -17.45 -25.40
C ARG B 5029 7.60 -17.43 -24.25
N LYS B 5030 6.88 -18.54 -24.06
CA LYS B 5030 5.91 -18.62 -22.97
C LYS B 5030 6.59 -18.70 -21.62
N GLN B 5031 7.68 -19.47 -21.53
CA GLN B 5031 8.34 -19.64 -20.24
C GLN B 5031 8.96 -18.34 -19.79
N TYR B 5032 9.58 -17.61 -20.71
CA TYR B 5032 10.31 -16.41 -20.35
C TYR B 5032 9.59 -15.18 -20.85
N GLU B 5033 8.25 -15.24 -20.86
CA GLU B 5033 7.41 -14.17 -21.42
C GLU B 5033 7.66 -12.83 -20.75
N ASP B 5034 7.73 -12.82 -19.42
CA ASP B 5034 7.88 -11.58 -18.67
C ASP B 5034 9.22 -10.91 -18.97
N GLN B 5035 10.31 -11.69 -18.88
CA GLN B 5035 11.66 -11.14 -19.00
C GLN B 5035 11.92 -10.55 -20.38
N LEU B 5036 11.51 -11.26 -21.44
CA LEU B 5036 11.72 -10.75 -22.79
C LEU B 5036 10.91 -9.49 -23.07
N SER B 5037 9.67 -9.46 -22.59
CA SER B 5037 8.78 -8.33 -22.83
C SER B 5037 9.21 -7.10 -22.03
N VAL C 11 32.12 -1.29 -4.63
CA VAL C 11 33.05 -1.75 -5.66
C VAL C 11 33.85 -0.54 -6.11
N GLN C 12 33.40 0.09 -7.21
CA GLN C 12 33.97 1.32 -7.76
C GLN C 12 35.46 1.17 -8.10
N PHE C 13 35.75 0.29 -9.05
CA PHE C 13 37.11 0.10 -9.54
C PHE C 13 37.64 1.38 -10.16
N LEU C 14 38.85 1.77 -9.76
CA LEU C 14 39.44 2.99 -10.28
C LEU C 14 39.92 2.79 -11.72
N ARG C 15 39.96 3.88 -12.47
CA ARG C 15 40.23 3.83 -13.90
C ARG C 15 40.94 5.13 -14.27
N THR C 16 41.57 5.14 -15.44
CA THR C 16 42.23 6.33 -15.95
C THR C 16 41.23 7.45 -16.23
N ASP C 17 41.77 8.64 -16.51
CA ASP C 17 41.04 9.88 -16.79
C ASP C 17 40.19 10.35 -15.61
N ASP C 18 40.46 9.83 -14.41
CA ASP C 18 39.76 10.20 -13.20
C ASP C 18 40.66 11.06 -12.33
N GLU C 19 40.13 11.46 -11.17
CA GLU C 19 40.83 12.32 -10.23
C GLU C 19 40.90 11.65 -8.87
N VAL C 20 42.09 11.66 -8.27
CA VAL C 20 42.30 11.02 -6.98
C VAL C 20 43.43 11.77 -6.26
N VAL C 21 43.49 11.64 -4.93
CA VAL C 21 44.52 12.29 -4.13
C VAL C 21 45.25 11.27 -3.25
N LEU C 22 46.58 11.38 -3.24
CA LEU C 22 47.43 10.61 -2.35
C LEU C 22 47.37 11.18 -0.93
N GLN C 23 47.27 10.31 0.06
CA GLN C 23 47.01 10.73 1.43
C GLN C 23 47.66 9.79 2.43
N CYS C 24 48.42 10.36 3.37
CA CYS C 24 49.00 9.59 4.46
C CYS C 24 48.35 9.98 5.78
N SER C 25 48.86 9.41 6.87
CA SER C 25 48.41 9.73 8.22
C SER C 25 49.61 9.64 9.14
N ALA C 26 50.23 10.78 9.40
CA ALA C 26 51.43 10.81 10.24
C ALA C 26 51.06 10.90 11.71
N THR C 27 52.08 10.76 12.56
CA THR C 27 51.91 10.77 14.02
C THR C 27 52.80 11.87 14.60
N VAL C 28 52.30 13.10 14.63
CA VAL C 28 52.94 14.20 15.35
C VAL C 28 51.86 14.83 16.22
N LEU C 29 52.26 15.27 17.42
CA LEU C 29 51.37 15.80 18.47
C LEU C 29 50.28 14.81 18.88
N LYS C 30 50.52 13.52 18.65
CA LYS C 30 49.67 12.40 19.09
C LYS C 30 48.26 12.46 18.49
N GLU C 31 48.17 12.87 17.23
CA GLU C 31 46.94 12.70 16.47
C GLU C 31 47.32 12.25 15.07
N GLN C 32 46.43 11.43 14.48
CA GLN C 32 46.66 10.83 13.17
C GLN C 32 46.23 11.81 12.10
N LEU C 33 47.05 12.84 11.89
CA LEU C 33 46.77 13.84 10.87
C LEU C 33 46.91 13.25 9.47
N LYS C 34 46.07 13.73 8.57
CA LYS C 34 46.03 13.28 7.19
C LYS C 34 46.80 14.28 6.34
N LEU C 35 47.81 13.80 5.64
CA LEU C 35 48.64 14.66 4.79
C LEU C 35 48.39 14.39 3.32
N CYS C 36 48.40 15.45 2.51
CA CYS C 36 48.19 15.33 1.07
C CYS C 36 49.35 15.97 0.34
N LEU C 37 49.79 15.32 -0.75
CA LEU C 37 50.88 15.83 -1.57
C LEU C 37 50.44 17.08 -2.31
N ALA C 38 51.15 18.19 -2.11
CA ALA C 38 50.77 19.45 -2.72
C ALA C 38 52.01 20.15 -3.27
N ALA C 39 51.84 20.81 -4.41
CA ALA C 39 52.92 21.55 -5.06
C ALA C 39 52.33 22.51 -6.07
N GLU C 40 52.69 23.79 -5.96
CA GLU C 40 52.23 24.78 -6.92
C GLU C 40 52.89 24.60 -8.28
N GLY C 41 54.09 24.03 -8.31
CA GLY C 41 54.83 23.80 -9.54
C GLY C 41 55.49 25.04 -10.10
N PHE C 42 54.68 26.01 -10.53
CA PHE C 42 55.20 27.24 -11.09
C PHE C 42 55.88 28.05 -9.99
N GLY C 43 57.20 28.15 -10.06
CA GLY C 43 57.97 28.86 -9.07
C GLY C 43 58.50 28.00 -7.94
N ASN C 44 57.91 26.82 -7.74
CA ASN C 44 58.40 25.88 -6.73
C ASN C 44 58.06 24.47 -7.20
N ARG C 45 59.03 23.81 -7.83
CA ARG C 45 58.78 22.49 -8.39
C ARG C 45 58.71 21.42 -7.31
N LEU C 46 59.41 21.62 -6.20
CA LEU C 46 59.45 20.64 -5.12
C LEU C 46 58.09 20.51 -4.44
N CYS C 47 57.75 19.28 -4.08
CA CYS C 47 56.48 19.01 -3.44
C CYS C 47 56.56 19.30 -1.94
N PHE C 48 55.39 19.39 -1.31
CA PHE C 48 55.28 19.54 0.13
C PHE C 48 53.95 18.94 0.57
N LEU C 49 53.68 19.01 1.87
CA LEU C 49 52.54 18.35 2.47
C LEU C 49 51.54 19.38 2.98
N GLU C 50 50.28 19.22 2.57
CA GLU C 50 49.18 20.04 3.07
C GLU C 50 48.27 19.18 3.93
N PRO C 51 48.27 19.37 5.25
CA PRO C 51 47.37 18.59 6.11
C PRO C 51 45.92 18.90 5.81
N THR C 52 45.07 17.89 5.93
CA THR C 52 43.64 18.01 5.71
C THR C 52 42.82 17.37 6.83
N SER C 53 43.47 16.94 7.91
CA SER C 53 42.75 16.34 9.04
C SER C 53 41.84 17.35 9.72
N ASN C 54 42.33 18.57 9.94
CA ASN C 54 41.53 19.64 10.54
C ASN C 54 40.71 20.30 9.44
N ALA C 55 39.76 19.55 8.90
CA ALA C 55 38.98 19.98 7.75
C ALA C 55 37.83 20.90 8.12
N GLN C 56 37.58 21.14 9.41
CA GLN C 56 36.47 21.98 9.83
C GLN C 56 36.92 23.36 10.28
N ASN C 57 38.01 23.45 11.06
CA ASN C 57 38.47 24.76 11.52
C ASN C 57 39.11 25.57 10.39
N VAL C 58 39.95 24.92 9.58
CA VAL C 58 40.60 25.58 8.46
C VAL C 58 40.42 24.74 7.19
N PRO C 59 39.94 25.34 6.11
CA PRO C 59 39.80 24.61 4.85
C PRO C 59 41.16 24.36 4.21
N PRO C 60 41.51 23.09 3.99
CA PRO C 60 42.80 22.78 3.35
C PRO C 60 42.87 23.28 1.92
N ASP C 61 44.09 23.61 1.50
CA ASP C 61 44.31 24.11 0.15
C ASP C 61 44.22 22.94 -0.82
N LEU C 62 43.00 22.63 -1.26
CA LEU C 62 42.79 21.47 -2.11
C LEU C 62 43.09 21.73 -3.58
N ALA C 63 43.38 22.99 -3.95
CA ALA C 63 43.66 23.32 -5.34
C ALA C 63 44.95 22.68 -5.83
N ILE C 64 45.97 22.63 -4.96
CA ILE C 64 47.30 22.21 -5.37
C ILE C 64 47.60 20.74 -5.04
N CYS C 65 46.66 20.03 -4.41
CA CYS C 65 46.88 18.62 -4.10
C CYS C 65 46.19 17.70 -5.10
N CYS C 66 45.61 18.24 -6.17
CA CYS C 66 44.85 17.43 -7.11
C CYS C 66 45.78 16.87 -8.18
N PHE C 67 45.78 15.55 -8.31
CA PHE C 67 46.57 14.84 -9.32
C PHE C 67 45.66 13.96 -10.16
N THR C 68 45.78 14.06 -11.48
CA THR C 68 44.90 13.34 -12.38
C THR C 68 45.57 12.05 -12.83
N LEU C 69 44.86 11.30 -13.66
CA LEU C 69 45.31 10.01 -14.15
C LEU C 69 45.30 10.01 -15.67
N GLU C 70 46.46 9.81 -16.28
CA GLU C 70 46.54 9.83 -17.74
C GLU C 70 46.68 8.44 -18.34
N GLN C 71 47.73 7.71 -17.96
CA GLN C 71 48.04 6.44 -18.58
C GLN C 71 48.25 5.35 -17.54
N SER C 72 47.85 4.13 -17.90
CA SER C 72 48.08 2.95 -17.09
C SER C 72 48.76 1.89 -17.94
N LEU C 73 50.04 1.66 -17.69
CA LEU C 73 50.84 0.75 -18.50
C LEU C 73 51.52 -0.29 -17.61
N SER C 74 51.70 -1.48 -18.15
CA SER C 74 52.49 -2.49 -17.47
C SER C 74 53.96 -2.08 -17.51
N VAL C 75 54.72 -2.58 -16.53
CA VAL C 75 56.15 -2.26 -16.44
C VAL C 75 56.90 -2.73 -17.68
N ARG C 76 56.57 -3.93 -18.16
CA ARG C 76 57.24 -4.48 -19.35
C ARG C 76 56.92 -3.64 -20.57
N ALA C 77 55.64 -3.35 -20.81
CA ALA C 77 55.25 -2.51 -21.95
C ALA C 77 55.76 -1.09 -21.79
N LEU C 78 55.97 -0.66 -20.54
CA LEU C 78 56.56 0.64 -20.26
C LEU C 78 57.98 0.69 -20.79
N GLN C 79 58.71 -0.42 -20.67
CA GLN C 79 60.08 -0.45 -21.19
C GLN C 79 60.11 -0.23 -22.70
N GLU C 80 59.20 -0.86 -23.44
CA GLU C 80 59.06 -0.59 -24.88
C GLU C 80 58.65 0.84 -25.15
N MET C 81 57.68 1.36 -24.38
CA MET C 81 57.20 2.73 -24.56
C MET C 81 58.31 3.74 -24.32
N LEU C 82 59.11 3.53 -23.28
CA LEU C 82 60.25 4.39 -22.99
C LEU C 82 61.31 4.27 -24.09
N ALA C 83 61.50 3.05 -24.62
CA ALA C 83 62.55 2.83 -25.60
C ALA C 83 62.22 3.48 -26.94
N ASN C 84 60.99 3.31 -27.42
CA ASN C 84 60.65 3.85 -28.73
C ASN C 84 60.24 5.33 -28.68
N HIS C 98 39.93 4.68 -21.41
CA HIS C 98 39.65 4.25 -20.04
C HIS C 98 40.08 2.82 -19.78
N ARG C 99 41.33 2.66 -19.33
CA ARG C 99 41.87 1.37 -18.96
C ARG C 99 41.80 1.21 -17.45
N THR C 100 41.34 0.04 -17.00
CA THR C 100 41.21 -0.22 -15.58
C THR C 100 42.59 -0.29 -14.92
N LEU C 101 42.67 0.22 -13.70
CA LEU C 101 43.92 0.18 -12.96
C LEU C 101 44.21 -1.23 -12.46
N LEU C 102 45.47 -1.64 -12.54
CA LEU C 102 45.90 -2.95 -12.06
C LEU C 102 47.11 -2.79 -11.16
N TYR C 103 47.18 -3.65 -10.14
CA TYR C 103 48.33 -3.66 -9.24
C TYR C 103 49.58 -4.11 -9.97
N GLY C 104 50.70 -3.47 -9.64
CA GLY C 104 51.96 -3.78 -10.27
C GLY C 104 52.20 -3.09 -11.59
N HIS C 105 51.24 -2.30 -12.07
CA HIS C 105 51.44 -1.55 -13.30
C HIS C 105 52.22 -0.27 -13.02
N ALA C 106 52.41 0.50 -14.07
CA ALA C 106 53.13 1.76 -14.01
C ALA C 106 52.16 2.88 -14.37
N ILE C 107 52.25 4.00 -13.63
CA ILE C 107 51.26 5.05 -13.72
C ILE C 107 51.96 6.37 -13.96
N LEU C 108 51.30 7.25 -14.73
CA LEU C 108 51.76 8.59 -15.00
C LEU C 108 50.91 9.58 -14.21
N LEU C 109 51.55 10.38 -13.37
CA LEU C 109 50.88 11.35 -12.52
C LEU C 109 51.05 12.75 -13.10
N ARG C 110 49.94 13.46 -13.29
CA ARG C 110 49.96 14.84 -13.72
C ARG C 110 49.19 15.69 -12.73
N HIS C 111 49.74 16.86 -12.39
CA HIS C 111 49.05 17.79 -11.52
C HIS C 111 47.85 18.37 -12.27
N ALA C 112 46.69 18.35 -11.62
CA ALA C 112 45.47 18.85 -12.26
C ALA C 112 45.54 20.34 -12.55
N HIS C 113 46.11 21.12 -11.61
CA HIS C 113 46.16 22.57 -11.79
C HIS C 113 47.28 22.99 -12.73
N SER C 114 48.52 22.68 -12.37
CA SER C 114 49.67 23.20 -13.10
C SER C 114 50.00 22.41 -14.36
N ARG C 115 49.30 21.29 -14.61
CA ARG C 115 49.55 20.38 -15.74
C ARG C 115 50.99 19.89 -15.74
N MET C 116 51.55 19.73 -14.55
CA MET C 116 52.98 19.52 -14.36
C MET C 116 53.14 18.12 -13.77
N TYR C 117 53.87 17.26 -14.47
CA TYR C 117 53.91 15.84 -14.16
C TYR C 117 54.78 15.54 -12.94
N LEU C 118 54.30 14.67 -12.06
CA LEU C 118 55.09 14.26 -10.90
C LEU C 118 56.32 13.48 -11.36
N SER C 119 57.48 13.79 -10.77
CA SER C 119 58.69 13.12 -11.22
C SER C 119 59.74 13.12 -10.12
N CYS C 120 60.48 12.03 -9.99
CA CYS C 120 61.56 11.96 -9.03
C CYS C 120 62.79 12.68 -9.57
N LEU C 121 63.10 13.84 -9.00
CA LEU C 121 64.24 14.62 -9.44
C LEU C 121 65.55 13.95 -9.02
N THR C 122 66.57 14.12 -9.85
CA THR C 122 67.89 13.58 -9.56
C THR C 122 68.57 14.29 -8.39
N THR C 123 68.15 15.51 -8.06
CA THR C 123 68.78 16.27 -6.99
C THR C 123 68.42 15.69 -5.62
N SER C 124 69.08 16.20 -4.59
CA SER C 124 68.81 15.82 -3.21
C SER C 124 69.09 17.05 -2.33
N ARG C 125 68.03 17.82 -2.09
CA ARG C 125 68.13 19.02 -1.25
C ARG C 125 68.02 18.70 0.23
N SER C 126 67.39 17.58 0.58
CA SER C 126 67.04 17.28 1.97
C SER C 126 68.27 16.98 2.81
N MET C 127 68.56 17.86 3.77
CA MET C 127 69.48 17.57 4.85
C MET C 127 68.91 16.54 5.82
N THR C 128 67.58 16.35 5.80
CA THR C 128 66.84 15.49 6.72
C THR C 128 67.32 14.03 6.67
N ASP C 129 67.88 13.61 5.52
CA ASP C 129 68.53 12.31 5.38
C ASP C 129 69.38 12.35 4.11
N LYS C 130 70.34 11.45 4.03
CA LYS C 130 71.20 11.32 2.87
C LYS C 130 70.71 10.14 2.02
N LEU C 131 71.13 10.14 0.75
CA LEU C 131 70.72 9.17 -0.28
C LEU C 131 69.23 9.22 -0.60
N ALA C 132 68.56 10.29 -0.23
CA ALA C 132 67.15 10.48 -0.54
C ALA C 132 67.00 11.62 -1.53
N PHE C 133 66.41 11.32 -2.68
CA PHE C 133 66.17 12.30 -3.72
C PHE C 133 64.85 13.01 -3.46
N ASP C 134 64.83 14.31 -3.71
CA ASP C 134 63.63 15.11 -3.52
C ASP C 134 62.74 15.05 -4.77
N VAL C 135 61.50 14.64 -4.57
CA VAL C 135 60.60 14.50 -5.71
C VAL C 135 60.10 15.87 -6.11
N GLY C 136 59.89 16.08 -7.40
CA GLY C 136 59.43 17.35 -7.90
C GLY C 136 58.45 17.23 -9.05
N LEU C 137 58.63 18.09 -10.04
CA LEU C 137 57.72 18.15 -11.17
C LEU C 137 58.49 18.36 -12.46
N GLN C 138 58.06 17.66 -13.50
CA GLN C 138 58.63 17.68 -14.84
C GLN C 138 57.56 18.16 -15.81
N GLU C 139 57.97 18.97 -16.80
CA GLU C 139 57.02 19.59 -17.72
C GLU C 139 56.29 18.55 -18.56
N ASP C 140 56.99 17.51 -19.00
CA ASP C 140 56.37 16.52 -19.88
C ASP C 140 56.60 15.10 -19.37
N ALA C 141 56.23 14.11 -20.19
CA ALA C 141 56.36 12.71 -19.83
C ALA C 141 57.71 12.11 -20.19
N THR C 142 58.65 12.93 -20.66
CA THR C 142 59.98 12.46 -21.01
C THR C 142 60.72 11.94 -19.80
N GLY C 143 61.48 10.87 -19.98
CA GLY C 143 62.20 10.23 -18.91
C GLY C 143 61.39 9.20 -18.16
N GLU C 144 62.06 8.52 -17.24
CA GLU C 144 61.48 7.48 -16.42
C GLU C 144 61.01 7.97 -15.06
N ALA C 145 61.36 9.20 -14.67
CA ALA C 145 60.94 9.74 -13.37
C ALA C 145 59.45 9.97 -13.30
N CYS C 146 58.79 10.12 -14.44
CA CYS C 146 57.37 10.42 -14.51
C CYS C 146 56.49 9.22 -14.18
N TRP C 147 57.06 8.03 -14.07
CA TRP C 147 56.30 6.80 -13.90
C TRP C 147 56.44 6.25 -12.48
N TRP C 148 55.32 5.72 -11.96
CA TRP C 148 55.24 5.20 -10.60
C TRP C 148 54.57 3.84 -10.61
N THR C 149 55.12 2.88 -9.87
CA THR C 149 54.57 1.54 -9.76
C THR C 149 53.99 1.30 -8.37
N MET C 150 52.78 0.76 -8.30
CA MET C 150 52.19 0.48 -7.00
C MET C 150 52.40 -0.99 -6.64
N HIS C 151 52.36 -1.24 -5.34
CA HIS C 151 52.39 -2.60 -4.82
C HIS C 151 51.42 -2.70 -3.66
N PRO C 152 50.76 -3.85 -3.48
CA PRO C 152 49.83 -4.01 -2.35
C PRO C 152 50.51 -3.86 -1.00
N ALA C 153 49.75 -3.31 -0.05
CA ALA C 153 50.29 -2.99 1.27
C ALA C 153 50.77 -4.22 2.01
N SER C 154 50.00 -5.30 1.96
CA SER C 154 50.33 -6.50 2.71
C SER C 154 49.82 -7.71 1.91
N LYS C 155 49.75 -8.86 2.57
CA LYS C 155 49.35 -10.11 1.93
C LYS C 155 47.86 -10.21 1.68
N GLN C 156 47.07 -9.22 2.13
CA GLN C 156 45.62 -9.19 1.89
C GLN C 156 45.26 -9.15 0.41
N ARG C 157 46.16 -8.71 -0.46
CA ARG C 157 45.96 -8.75 -1.90
C ARG C 157 47.31 -9.11 -2.51
N SER C 158 47.43 -9.08 -3.83
CA SER C 158 48.67 -9.38 -4.51
C SER C 158 48.72 -8.58 -5.81
N GLU C 159 49.75 -8.81 -6.60
CA GLU C 159 49.90 -8.15 -7.88
C GLU C 159 48.95 -8.78 -8.89
N GLY C 160 48.40 -7.95 -9.78
CA GLY C 160 47.50 -8.42 -10.81
C GLY C 160 46.03 -8.15 -10.56
N GLU C 161 45.67 -7.62 -9.39
CA GLU C 161 44.30 -7.28 -9.08
C GLU C 161 44.06 -5.79 -9.24
N LYS C 162 42.80 -5.44 -9.46
CA LYS C 162 42.39 -4.06 -9.67
C LYS C 162 42.14 -3.36 -8.34
N VAL C 163 42.38 -2.05 -8.33
CA VAL C 163 42.20 -1.23 -7.14
C VAL C 163 40.76 -0.74 -7.05
N ARG C 164 40.21 -0.81 -5.85
CA ARG C 164 38.90 -0.28 -5.53
C ARG C 164 39.09 0.95 -4.66
N VAL C 165 37.97 1.55 -4.25
CA VAL C 165 38.02 2.72 -3.39
C VAL C 165 38.46 2.32 -1.98
N GLY C 166 39.32 3.15 -1.39
CA GLY C 166 39.79 2.90 -0.04
C GLY C 166 40.91 1.91 0.10
N ASP C 167 41.42 1.34 -1.00
CA ASP C 167 42.50 0.37 -0.93
C ASP C 167 43.79 1.05 -0.47
N ASP C 168 44.63 0.28 0.20
CA ASP C 168 45.89 0.77 0.75
C ASP C 168 47.04 0.27 -0.11
N LEU C 169 47.83 1.19 -0.66
CA LEU C 169 48.87 0.85 -1.63
C LEU C 169 50.24 1.39 -1.21
N ILE C 170 51.25 0.97 -1.96
CA ILE C 170 52.63 1.36 -1.77
C ILE C 170 53.15 1.93 -3.09
N LEU C 171 53.82 3.09 -3.02
CA LEU C 171 54.36 3.75 -4.21
C LEU C 171 55.85 3.49 -4.33
N VAL C 172 56.28 3.05 -5.51
CA VAL C 172 57.67 2.71 -5.80
C VAL C 172 58.08 3.46 -7.07
N SER C 173 59.25 4.12 -7.01
CA SER C 173 59.75 4.88 -8.15
C SER C 173 60.20 3.94 -9.25
N VAL C 174 60.03 4.38 -10.49
CA VAL C 174 60.59 3.65 -11.61
C VAL C 174 62.00 4.13 -11.93
N SER C 175 62.25 5.43 -11.75
CA SER C 175 63.56 5.99 -12.07
C SER C 175 64.63 5.53 -11.10
N SER C 176 64.42 5.74 -9.81
CA SER C 176 65.44 5.47 -8.82
C SER C 176 65.09 4.32 -7.88
N GLU C 177 63.94 3.66 -8.08
CA GLU C 177 63.47 2.54 -7.25
C GLU C 177 63.43 2.90 -5.77
N ARG C 178 62.96 4.11 -5.49
CA ARG C 178 62.84 4.59 -4.12
C ARG C 178 61.37 4.69 -3.77
N TYR C 179 61.05 4.29 -2.54
CA TYR C 179 59.69 4.40 -2.05
C TYR C 179 59.38 5.87 -1.79
N LEU C 180 58.21 6.32 -2.23
CA LEU C 180 57.85 7.73 -2.11
C LEU C 180 57.60 8.01 -0.63
N HIS C 181 58.59 8.58 0.03
CA HIS C 181 58.69 8.62 1.48
C HIS C 181 58.39 10.01 2.04
N LEU C 182 58.06 10.05 3.33
CA LEU C 182 57.94 11.32 4.04
C LEU C 182 59.02 11.37 5.10
N SER C 183 59.56 12.55 5.30
CA SER C 183 60.65 12.86 6.21
C SER C 183 60.09 13.77 7.30
N THR C 184 59.75 13.16 8.43
CA THR C 184 59.19 13.83 9.59
C THR C 184 60.24 14.10 10.66
N ALA C 185 61.52 13.77 10.39
CA ALA C 185 62.58 13.98 11.38
C ALA C 185 62.79 15.45 11.69
N SER C 186 62.73 16.30 10.66
CA SER C 186 62.84 17.73 10.87
C SER C 186 61.52 18.28 11.38
N GLY C 187 61.50 19.57 11.71
CA GLY C 187 60.31 20.22 12.22
C GLY C 187 59.16 20.26 11.25
N GLU C 188 59.45 20.11 9.96
CA GLU C 188 58.44 20.10 8.90
C GLU C 188 58.19 18.66 8.44
N LEU C 189 57.18 18.53 7.59
CA LEU C 189 56.76 17.27 7.00
C LEU C 189 57.12 17.36 5.51
N GLN C 190 58.31 16.87 5.16
CA GLN C 190 58.78 16.93 3.79
C GLN C 190 58.62 15.59 3.10
N VAL C 191 58.28 15.58 1.81
CA VAL C 191 58.15 14.34 1.06
C VAL C 191 59.29 14.26 0.05
N ASP C 192 60.00 13.13 0.07
CA ASP C 192 61.11 12.88 -0.84
C ASP C 192 60.96 11.47 -1.36
N ALA C 193 62.00 10.97 -2.02
CA ALA C 193 62.07 9.59 -2.48
C ALA C 193 63.22 8.92 -1.73
N SER C 194 62.93 7.81 -1.05
CA SER C 194 63.97 7.11 -0.31
C SER C 194 63.59 5.64 -0.20
N PHE C 195 64.29 4.92 0.67
CA PHE C 195 64.13 3.48 0.77
C PHE C 195 63.22 3.05 1.92
N MET C 196 62.96 3.94 2.87
CA MET C 196 62.04 3.64 3.96
C MET C 196 60.62 3.53 3.42
N GLN C 197 59.87 2.56 3.97
CA GLN C 197 58.52 2.32 3.49
C GLN C 197 57.55 3.39 3.97
N THR C 198 56.65 3.79 3.08
CA THR C 198 55.55 4.71 3.40
C THR C 198 54.24 4.14 2.91
N LEU C 199 53.25 4.13 3.78
CA LEU C 199 51.94 3.55 3.51
C LEU C 199 51.04 4.63 2.95
N TRP C 200 50.50 4.40 1.75
CA TRP C 200 49.78 5.42 1.00
C TRP C 200 48.34 5.01 0.73
N ASN C 201 47.41 5.95 0.92
CA ASN C 201 46.00 5.75 0.60
C ASN C 201 45.61 6.73 -0.49
N MET C 202 44.67 6.34 -1.34
CA MET C 202 44.19 7.23 -2.38
C MET C 202 42.69 7.43 -2.22
N ASN C 203 42.26 8.69 -2.31
CA ASN C 203 40.85 9.05 -2.15
C ASN C 203 40.31 9.64 -3.45
N PRO C 204 39.35 8.99 -4.10
CA PRO C 204 38.83 9.49 -5.38
C PRO C 204 38.00 10.75 -5.20
N ILE C 205 37.94 11.54 -6.28
CA ILE C 205 37.15 12.76 -6.35
C ILE C 205 36.16 12.72 -7.50
N CYS C 206 36.61 12.34 -8.67
CA CYS C 206 35.82 12.38 -9.89
C CYS C 206 35.73 11.02 -10.56
N SER C 207 34.53 10.69 -11.03
CA SER C 207 34.30 9.53 -11.87
C SER C 207 33.85 9.95 -13.26
N CYS C 208 32.77 10.73 -13.36
CA CYS C 208 32.26 11.20 -14.64
C CYS C 208 31.52 12.51 -14.42
N CYS C 209 32.08 13.62 -14.92
CA CYS C 209 31.38 14.89 -14.89
C CYS C 209 30.64 15.08 -16.21
N GLU C 210 29.32 15.18 -16.11
CA GLU C 210 28.49 15.40 -17.29
C GLU C 210 28.75 16.78 -17.87
N GLU C 211 28.69 16.89 -19.20
CA GLU C 211 28.96 18.15 -19.86
C GLU C 211 27.85 19.15 -19.56
N GLY C 212 28.24 20.36 -19.15
CA GLY C 212 27.29 21.38 -18.77
C GLY C 212 26.50 21.06 -17.52
N TYR C 213 27.15 20.47 -16.51
CA TYR C 213 26.50 20.13 -15.25
C TYR C 213 27.37 20.59 -14.10
N VAL C 214 26.73 21.14 -13.07
CA VAL C 214 27.42 21.72 -11.93
C VAL C 214 27.71 20.64 -10.90
N THR C 215 28.98 20.48 -10.57
CA THR C 215 29.41 19.54 -9.55
C THR C 215 30.19 20.30 -8.48
N GLY C 216 30.62 19.58 -7.46
CA GLY C 216 31.42 20.18 -6.41
C GLY C 216 32.85 20.41 -6.85
N GLY C 217 33.55 21.26 -6.09
CA GLY C 217 34.92 21.57 -6.43
C GLY C 217 35.09 22.45 -7.65
N HIS C 218 34.04 23.08 -8.12
CA HIS C 218 34.08 23.90 -9.32
C HIS C 218 34.25 25.38 -8.97
N VAL C 219 35.28 25.98 -9.53
CA VAL C 219 35.43 27.43 -9.52
C VAL C 219 34.52 27.94 -10.63
N LEU C 220 33.80 29.04 -10.40
CA LEU C 220 32.87 29.58 -11.40
C LEU C 220 32.41 30.96 -10.96
N ARG C 221 31.56 31.57 -11.77
CA ARG C 221 31.01 32.88 -11.42
C ARG C 221 29.66 32.69 -10.73
N LEU C 222 29.03 33.80 -10.36
CA LEU C 222 27.72 33.78 -9.72
C LEU C 222 26.85 34.83 -10.43
N PHE C 223 26.10 34.39 -11.44
CA PHE C 223 25.32 35.34 -12.23
C PHE C 223 24.01 35.69 -11.52
N HIS C 224 23.44 36.79 -11.94
CA HIS C 224 22.11 37.23 -11.55
C HIS C 224 21.11 36.68 -12.56
N GLY C 225 19.83 36.68 -12.16
CA GLY C 225 18.76 36.37 -13.10
C GLY C 225 18.68 37.32 -14.29
N HIS C 226 19.22 38.53 -14.14
CA HIS C 226 19.39 39.49 -15.22
C HIS C 226 20.66 39.23 -16.04
N MET C 227 21.43 38.19 -15.67
CA MET C 227 22.67 37.69 -16.29
C MET C 227 23.66 38.76 -16.73
N ASP C 228 23.68 39.90 -16.04
CA ASP C 228 24.64 40.96 -16.25
C ASP C 228 25.43 41.32 -15.01
N GLU C 229 24.89 41.07 -13.81
CA GLU C 229 25.55 41.40 -12.57
C GLU C 229 26.07 40.14 -11.89
N CYS C 230 27.30 40.22 -11.39
CA CYS C 230 27.98 39.09 -10.78
C CYS C 230 28.55 39.49 -9.43
N LEU C 231 28.67 38.51 -8.54
CA LEU C 231 29.13 38.71 -7.17
C LEU C 231 30.63 38.97 -7.21
N THR C 232 31.03 40.23 -7.13
CA THR C 232 32.45 40.58 -7.22
C THR C 232 32.88 41.50 -6.09
N ILE C 233 34.11 41.31 -5.64
CA ILE C 233 34.76 42.26 -4.74
C ILE C 233 35.34 43.39 -5.58
N SER C 234 35.77 44.47 -4.93
CA SER C 234 36.35 45.61 -5.62
C SER C 234 37.67 45.26 -6.31
N ALA C 235 38.16 46.21 -7.10
CA ALA C 235 39.38 46.02 -7.88
C ALA C 235 40.60 45.96 -6.97
N ALA C 236 41.72 45.52 -7.56
CA ALA C 236 42.97 45.41 -6.83
C ALA C 236 43.48 46.79 -6.42
N ASP C 237 44.05 46.86 -5.21
CA ASP C 237 44.58 48.09 -4.60
C ASP C 237 43.50 49.17 -4.53
N SER C 238 42.45 48.85 -3.78
CA SER C 238 41.30 49.73 -3.63
C SER C 238 41.11 50.12 -2.17
N ASP C 239 40.42 51.25 -1.98
CA ASP C 239 40.07 51.73 -0.64
C ASP C 239 39.10 50.81 0.09
N ASP C 240 38.40 49.93 -0.64
CA ASP C 240 37.48 48.97 -0.06
C ASP C 240 38.19 47.89 0.77
N GLN C 241 39.53 47.77 0.64
CA GLN C 241 40.37 46.72 1.21
C GLN C 241 40.02 45.33 0.69
N ARG C 242 39.26 45.27 -0.41
CA ARG C 242 38.87 44.04 -1.10
C ARG C 242 38.16 43.06 -0.17
N ARG C 243 37.13 43.56 0.53
CA ARG C 243 36.36 42.71 1.43
C ARG C 243 34.86 42.95 1.36
N LEU C 244 34.36 43.75 0.41
CA LEU C 244 32.92 43.89 0.24
C LEU C 244 32.55 43.33 -1.12
N VAL C 245 31.51 42.51 -1.14
CA VAL C 245 31.05 41.84 -2.35
C VAL C 245 29.83 42.58 -2.88
N TYR C 246 29.72 42.68 -4.21
CA TYR C 246 28.67 43.46 -4.84
C TYR C 246 28.03 42.61 -5.94
N TYR C 247 27.11 43.23 -6.66
CA TYR C 247 26.52 42.70 -7.89
C TYR C 247 26.93 43.67 -8.99
N GLU C 248 28.10 43.45 -9.54
CA GLU C 248 28.72 44.40 -10.45
C GLU C 248 28.53 43.92 -11.88
N GLY C 249 28.21 44.86 -12.77
CA GLY C 249 27.96 44.55 -14.16
C GLY C 249 29.15 44.86 -15.05
N GLY C 250 28.93 44.69 -16.36
CA GLY C 250 29.96 44.96 -17.33
C GLY C 250 31.00 43.87 -17.38
N ALA C 251 32.15 44.21 -17.96
CA ALA C 251 33.30 43.31 -18.07
C ALA C 251 34.03 43.09 -16.74
N VAL C 252 33.51 43.62 -15.63
CA VAL C 252 34.14 43.43 -14.33
C VAL C 252 34.10 41.96 -13.93
N CYS C 253 32.95 41.32 -14.11
CA CYS C 253 32.76 39.97 -13.63
C CYS C 253 33.12 38.90 -14.65
N THR C 254 33.53 39.28 -15.85
CA THR C 254 34.08 38.30 -16.77
C THR C 254 35.56 38.06 -16.51
N HIS C 255 36.13 38.76 -15.53
CA HIS C 255 37.53 38.64 -15.14
C HIS C 255 37.65 37.64 -13.98
N ALA C 256 38.84 37.56 -13.40
CA ALA C 256 39.14 36.61 -12.33
C ALA C 256 38.60 37.03 -10.97
N ARG C 257 38.18 38.28 -10.79
CA ARG C 257 37.67 38.73 -9.51
C ARG C 257 36.33 38.11 -9.14
N SER C 258 35.63 37.51 -10.11
CA SER C 258 34.32 36.93 -9.87
C SER C 258 34.35 35.42 -9.78
N LEU C 259 35.50 34.84 -9.44
CA LEU C 259 35.66 33.39 -9.43
C LEU C 259 35.53 32.90 -8.00
N TRP C 260 34.48 32.13 -7.74
CA TRP C 260 34.20 31.56 -6.44
C TRP C 260 34.17 30.03 -6.56
N ARG C 261 34.92 29.38 -5.67
CA ARG C 261 35.09 27.95 -5.67
C ARG C 261 34.08 27.34 -4.71
N LEU C 262 33.28 26.40 -5.21
CA LEU C 262 32.29 25.65 -4.42
C LEU C 262 33.00 24.50 -3.72
N GLU C 263 33.63 24.80 -2.59
CA GLU C 263 34.37 23.75 -1.87
C GLU C 263 33.45 23.01 -0.90
N PRO C 264 33.20 21.72 -1.08
CA PRO C 264 32.32 21.01 -0.15
C PRO C 264 33.01 20.70 1.18
N LEU C 265 32.19 20.23 2.12
CA LEU C 265 32.67 19.80 3.43
C LEU C 265 33.15 18.36 3.45
N ARG C 266 33.02 17.64 2.34
CA ARG C 266 33.34 16.22 2.29
C ARG C 266 34.78 16.01 1.83
N ILE C 267 35.50 15.14 2.55
CA ILE C 267 36.89 14.87 2.20
C ILE C 267 36.96 14.09 0.89
N SER C 268 36.14 13.04 0.77
CA SER C 268 36.14 12.20 -0.42
C SER C 268 34.98 12.59 -1.32
N TRP C 269 35.19 12.40 -2.64
CA TRP C 269 34.21 12.74 -3.68
C TRP C 269 33.75 14.19 -3.61
N SER C 270 34.71 15.10 -3.38
CA SER C 270 34.40 16.53 -3.36
C SER C 270 33.95 17.04 -4.73
N GLY C 271 34.26 16.33 -5.80
CA GLY C 271 33.82 16.64 -7.14
C GLY C 271 32.51 16.00 -7.53
N SER C 272 31.81 15.38 -6.59
CA SER C 272 30.51 14.78 -6.87
C SER C 272 29.51 15.82 -7.29
N HIS C 273 28.56 15.41 -8.14
CA HIS C 273 27.55 16.32 -8.64
C HIS C 273 26.68 16.84 -7.50
N LEU C 274 26.43 18.14 -7.53
CA LEU C 274 25.76 18.81 -6.42
C LEU C 274 24.26 18.53 -6.44
N ARG C 275 23.74 18.14 -5.28
CA ARG C 275 22.30 18.06 -5.06
C ARG C 275 21.81 19.41 -4.55
N TRP C 276 20.54 19.49 -4.18
CA TRP C 276 19.99 20.74 -3.69
C TRP C 276 20.28 20.90 -2.21
N GLY C 277 20.77 22.08 -1.84
CA GLY C 277 21.05 22.39 -0.45
C GLY C 277 22.18 21.57 0.17
N GLN C 278 23.25 21.37 -0.57
CA GLN C 278 24.39 20.68 0.02
C GLN C 278 25.30 21.70 0.68
N PRO C 279 25.65 21.52 1.95
CA PRO C 279 26.49 22.51 2.64
C PRO C 279 27.90 22.55 2.05
N LEU C 280 28.35 23.76 1.72
CA LEU C 280 29.64 23.93 1.06
C LEU C 280 30.13 25.36 1.25
N ARG C 281 31.44 25.50 1.39
CA ARG C 281 32.06 26.80 1.55
C ARG C 281 32.21 27.46 0.19
N ILE C 282 32.56 28.75 0.22
CA ILE C 282 32.79 29.55 -0.96
C ILE C 282 34.16 30.20 -0.82
N ARG C 283 34.99 30.09 -1.86
CA ARG C 283 36.35 30.59 -1.78
C ARG C 283 36.59 31.55 -2.93
N HIS C 284 37.37 32.59 -2.67
CA HIS C 284 37.84 33.51 -3.71
C HIS C 284 39.27 33.12 -4.05
N VAL C 285 39.48 32.64 -5.27
CA VAL C 285 40.77 32.08 -5.65
C VAL C 285 41.83 33.16 -5.77
N THR C 286 41.49 34.31 -6.39
CA THR C 286 42.48 35.35 -6.66
C THR C 286 42.96 36.06 -5.40
N THR C 287 42.23 35.95 -4.29
CA THR C 287 42.64 36.58 -3.05
C THR C 287 42.93 35.59 -1.92
N GLY C 288 42.56 34.33 -2.08
CA GLY C 288 42.80 33.34 -1.04
C GLY C 288 42.04 33.59 0.24
N ARG C 289 40.77 33.97 0.13
CA ARG C 289 39.94 34.26 1.29
C ARG C 289 38.57 33.64 1.11
N TYR C 290 37.88 33.41 2.23
CA TYR C 290 36.63 32.66 2.23
C TYR C 290 35.45 33.55 2.59
N LEU C 291 34.35 33.36 1.87
CA LEU C 291 33.12 34.10 2.14
C LEU C 291 32.51 33.66 3.47
N ALA C 292 32.00 34.62 4.24
CA ALA C 292 31.40 34.36 5.54
C ALA C 292 30.54 35.55 5.94
N LEU C 293 29.92 35.43 7.12
CA LEU C 293 29.24 36.56 7.75
C LEU C 293 29.85 36.76 9.13
N THR C 294 30.32 37.97 9.39
CA THR C 294 30.92 38.32 10.66
C THR C 294 30.00 39.28 11.40
N GLU C 295 30.45 39.74 12.56
CA GLU C 295 29.59 40.52 13.44
C GLU C 295 29.60 42.02 13.14
N ASP C 296 30.76 42.62 12.88
CA ASP C 296 30.82 44.07 12.72
C ASP C 296 30.35 44.54 11.35
N GLN C 297 30.58 43.77 10.28
CA GLN C 297 30.27 44.24 8.94
C GLN C 297 29.54 43.21 8.09
N GLY C 298 28.85 42.25 8.71
CA GLY C 298 27.94 41.35 8.01
C GLY C 298 28.61 40.39 7.05
N LEU C 299 27.91 40.09 5.96
CA LEU C 299 28.37 39.12 4.97
C LEU C 299 29.55 39.69 4.22
N VAL C 300 30.76 39.26 4.58
CA VAL C 300 32.00 39.72 3.95
C VAL C 300 32.98 38.56 3.82
N VAL C 301 33.87 38.66 2.85
CA VAL C 301 34.87 37.62 2.66
C VAL C 301 35.92 37.74 3.75
N VAL C 302 36.31 36.59 4.32
CA VAL C 302 37.20 36.56 5.47
C VAL C 302 38.36 35.62 5.14
N ASP C 303 39.45 35.77 5.91
CA ASP C 303 40.64 34.96 5.73
C ASP C 303 40.34 33.48 5.97
N ALA C 304 41.06 32.62 5.24
CA ALA C 304 40.87 31.17 5.35
C ALA C 304 41.23 30.61 6.72
N CYS C 305 42.01 31.34 7.51
CA CYS C 305 42.36 30.88 8.87
C CYS C 305 41.17 30.97 9.83
N LYS C 306 40.11 31.68 9.48
CA LYS C 306 38.94 31.84 10.33
C LYS C 306 37.67 31.39 9.62
N ALA C 307 37.76 30.29 8.88
CA ALA C 307 36.59 29.68 8.24
C ALA C 307 36.14 28.52 9.11
N HIS C 308 35.37 28.86 10.15
CA HIS C 308 34.95 27.94 11.20
C HIS C 308 33.75 27.07 10.83
N THR C 309 33.38 26.98 9.54
CA THR C 309 32.42 26.04 8.94
C THR C 309 30.98 26.38 9.33
N LYS C 310 30.78 27.35 10.22
CA LYS C 310 29.45 27.79 10.62
C LYS C 310 29.00 28.98 9.78
N ALA C 311 29.79 30.06 9.78
CA ALA C 311 29.46 31.25 8.99
C ALA C 311 29.88 31.13 7.54
N THR C 312 30.70 30.14 7.19
CA THR C 312 31.16 30.01 5.80
C THR C 312 30.29 29.06 4.98
N SER C 313 29.74 28.02 5.61
CA SER C 313 28.93 27.04 4.90
C SER C 313 27.65 27.67 4.37
N PHE C 314 27.24 27.25 3.18
CA PHE C 314 26.06 27.78 2.52
C PHE C 314 25.38 26.64 1.77
N CYS C 315 24.10 26.81 1.46
CA CYS C 315 23.35 25.79 0.74
C CYS C 315 22.60 26.41 -0.43
N PHE C 316 22.59 25.69 -1.55
CA PHE C 316 21.89 26.13 -2.75
C PHE C 316 20.52 25.45 -2.77
N ARG C 317 19.49 26.22 -2.49
CA ARG C 317 18.12 25.74 -2.34
C ARG C 317 17.31 26.06 -3.59
N VAL C 318 16.36 25.18 -3.89
CA VAL C 318 15.58 25.29 -5.13
C VAL C 318 14.72 26.56 -5.14
N SER C 319 14.13 26.92 -4.01
CA SER C 319 13.23 28.07 -3.95
C SER C 319 13.32 28.69 -2.56
N LYS C 320 12.56 29.77 -2.37
CA LYS C 320 12.52 30.45 -1.08
C LYS C 320 11.76 29.66 0.00
N GLU C 321 11.08 28.58 -0.38
CA GLU C 321 10.38 27.74 0.58
C GLU C 321 11.39 27.03 1.49
N LYS C 322 10.94 26.66 2.68
CA LYS C 322 11.79 25.99 3.64
C LYS C 322 11.99 24.53 3.24
N LEU C 323 13.23 24.15 2.99
CA LEU C 323 13.57 22.77 2.68
C LEU C 323 14.27 22.11 3.88
N PRO C 327 20.42 19.50 3.50
CA PRO C 327 21.68 18.76 3.57
C PRO C 327 21.47 17.26 3.77
N LYS C 328 21.61 16.49 2.69
CA LYS C 328 21.42 15.05 2.73
C LYS C 328 22.79 14.37 2.89
N ARG C 329 22.77 13.04 2.88
CA ARG C 329 23.99 12.27 3.04
C ARG C 329 24.90 12.41 1.83
N ASP C 330 26.21 12.38 2.09
CA ASP C 330 27.18 12.37 1.01
C ASP C 330 27.19 11.02 0.31
N VAL C 331 27.32 11.05 -1.01
CA VAL C 331 27.26 9.85 -1.85
C VAL C 331 28.65 9.54 -2.38
N GLU C 332 29.02 8.25 -2.36
CA GLU C 332 30.31 7.78 -2.84
C GLU C 332 30.33 7.68 -4.38
N GLY C 333 30.02 8.79 -5.03
CA GLY C 333 29.94 8.86 -6.47
C GLY C 333 29.30 10.18 -6.85
N MET C 334 29.10 10.35 -8.15
CA MET C 334 28.45 11.56 -8.66
C MET C 334 27.01 11.67 -8.17
N GLY C 335 26.28 10.57 -8.16
CA GLY C 335 24.89 10.59 -7.79
C GLY C 335 24.02 11.16 -8.88
N PRO C 336 22.87 11.73 -8.49
CA PRO C 336 21.95 12.28 -9.49
C PRO C 336 22.43 13.62 -10.03
N PRO C 337 22.59 13.73 -11.36
CA PRO C 337 22.91 15.04 -11.95
C PRO C 337 21.67 15.92 -12.07
N GLU C 338 21.60 16.93 -11.22
CA GLU C 338 20.44 17.81 -11.13
C GLU C 338 20.75 19.25 -11.49
N ILE C 339 21.75 19.86 -10.85
CA ILE C 339 22.08 21.25 -11.09
C ILE C 339 22.82 21.37 -12.43
N LYS C 340 22.28 22.18 -13.33
CA LYS C 340 22.85 22.37 -14.65
C LYS C 340 23.60 23.70 -14.73
N TYR C 341 24.50 23.79 -15.71
CA TYR C 341 25.28 24.99 -15.94
C TYR C 341 24.48 25.92 -16.85
N GLY C 342 24.24 27.14 -16.38
CA GLY C 342 23.44 28.09 -17.12
C GLY C 342 21.95 27.98 -16.92
N GLU C 343 21.46 26.91 -16.30
CA GLU C 343 20.05 26.71 -15.98
C GLU C 343 19.99 26.18 -14.55
N SER C 344 18.80 25.70 -14.15
CA SER C 344 18.53 25.15 -12.81
C SER C 344 18.85 26.18 -11.72
N LEU C 345 18.03 27.25 -11.73
CA LEU C 345 18.23 28.41 -10.86
C LEU C 345 18.23 28.02 -9.39
N CYS C 346 19.16 28.62 -8.64
CA CYS C 346 19.35 28.36 -7.22
C CYS C 346 19.25 29.64 -6.41
N PHE C 347 18.80 29.48 -5.17
CA PHE C 347 18.80 30.54 -4.18
C PHE C 347 19.81 30.14 -3.12
N VAL C 348 20.77 31.00 -2.86
CA VAL C 348 21.84 30.67 -1.92
C VAL C 348 21.42 31.16 -0.55
N GLN C 349 21.35 30.25 0.42
CA GLN C 349 20.95 30.61 1.77
C GLN C 349 21.97 30.09 2.77
N HIS C 350 22.24 30.91 3.77
CA HIS C 350 23.08 30.52 4.90
C HIS C 350 22.48 29.34 5.62
N VAL C 351 23.24 28.25 5.72
CA VAL C 351 22.74 27.05 6.39
C VAL C 351 22.55 27.30 7.89
N ALA C 352 23.37 28.18 8.47
CA ALA C 352 23.30 28.46 9.90
C ALA C 352 22.32 29.60 10.21
N SER C 353 22.54 30.77 9.60
CA SER C 353 21.70 31.92 9.91
C SER C 353 20.34 31.87 9.22
N GLY C 354 20.19 31.07 8.16
CA GLY C 354 18.92 30.98 7.47
C GLY C 354 18.55 32.19 6.67
N LEU C 355 19.52 33.02 6.31
CA LEU C 355 19.27 34.25 5.57
C LEU C 355 19.66 34.08 4.10
N TRP C 356 18.99 34.83 3.23
CA TRP C 356 19.15 34.69 1.78
C TRP C 356 19.93 35.86 1.17
N LEU C 357 20.58 35.59 0.04
CA LEU C 357 21.31 36.61 -0.68
C LEU C 357 20.35 37.60 -1.33
N THR C 358 20.71 38.89 -1.30
CA THR C 358 19.89 39.96 -1.88
C THR C 358 20.78 41.19 -2.01
N TYR C 359 20.59 41.94 -3.09
CA TYR C 359 21.29 43.20 -3.24
C TYR C 359 20.78 44.22 -2.23
N ALA C 360 21.64 45.17 -1.88
CA ALA C 360 21.24 46.27 -1.01
C ALA C 360 20.24 47.16 -1.73
N ALA C 361 19.03 47.26 -1.16
CA ALA C 361 17.94 48.00 -1.81
C ALA C 361 18.21 49.48 -2.08
N PRO C 362 18.72 50.30 -1.13
CA PRO C 362 18.94 51.73 -1.45
C PRO C 362 19.95 51.93 -2.57
N ASP C 363 19.67 52.93 -3.42
CA ASP C 363 20.60 53.32 -4.48
C ASP C 363 21.04 54.76 -4.25
N PRO C 364 22.27 55.01 -3.79
CA PRO C 364 22.69 56.37 -3.45
C PRO C 364 22.93 57.27 -4.66
N LYS C 365 23.42 58.49 -4.39
CA LYS C 365 23.69 59.46 -5.44
C LYS C 365 24.79 58.97 -6.39
N ALA C 366 25.69 58.09 -5.91
CA ALA C 366 26.68 57.50 -6.79
C ALA C 366 26.01 56.63 -7.86
N LEU C 367 24.98 55.87 -7.47
CA LEU C 367 24.23 55.08 -8.42
C LEU C 367 23.17 55.88 -9.15
N ARG C 368 22.94 57.14 -8.75
CA ARG C 368 21.98 57.98 -9.44
C ARG C 368 22.43 58.30 -10.87
N LEU C 369 23.72 58.56 -11.05
CA LEU C 369 24.25 58.89 -12.37
C LEU C 369 25.42 58.00 -12.78
N GLY C 370 26.18 57.47 -11.82
CA GLY C 370 27.35 56.68 -12.12
C GLY C 370 27.02 55.26 -12.50
N VAL C 371 28.09 54.44 -12.57
CA VAL C 371 27.96 53.03 -12.94
C VAL C 371 27.12 52.29 -11.90
N LEU C 372 26.23 51.43 -12.37
CA LEU C 372 25.27 50.73 -11.51
C LEU C 372 25.91 49.47 -10.95
N LYS C 373 26.36 49.54 -9.69
CA LYS C 373 26.81 48.37 -8.97
C LYS C 373 26.15 48.39 -7.59
N LYS C 374 25.60 47.26 -7.18
CA LYS C 374 24.82 47.18 -5.96
C LYS C 374 25.45 46.16 -5.01
N LYS C 375 25.60 46.57 -3.75
CA LYS C 375 26.18 45.69 -2.73
C LYS C 375 25.21 44.59 -2.36
N ALA C 376 25.74 43.39 -2.12
CA ALA C 376 24.94 42.25 -1.72
C ALA C 376 24.87 42.18 -0.20
N ILE C 377 23.67 41.97 0.33
CA ILE C 377 23.45 41.85 1.77
C ILE C 377 22.71 40.55 2.04
N LEU C 378 23.16 39.82 3.06
CA LEU C 378 22.51 38.55 3.36
C LEU C 378 21.17 38.83 4.04
N HIS C 379 20.12 39.04 3.23
CA HIS C 379 18.84 39.48 3.75
C HIS C 379 18.12 38.34 4.47
N GLN C 380 17.33 38.72 5.48
CA GLN C 380 16.62 37.74 6.30
C GLN C 380 15.59 36.94 5.50
N GLU C 381 14.85 37.61 4.62
CA GLU C 381 13.84 36.94 3.81
C GLU C 381 14.14 36.97 2.32
N GLY C 382 14.70 38.06 1.81
CA GLY C 382 15.05 38.17 0.42
C GLY C 382 13.92 38.70 -0.45
N HIS C 383 14.31 39.26 -1.59
CA HIS C 383 13.37 39.78 -2.57
C HIS C 383 12.95 38.65 -3.51
N MET C 384 12.22 38.99 -4.57
CA MET C 384 11.75 38.01 -5.53
C MET C 384 12.79 37.74 -6.62
N ASP C 385 13.52 38.77 -7.04
CA ASP C 385 14.50 38.65 -8.12
C ASP C 385 15.88 38.20 -7.65
N ASP C 386 15.97 37.57 -6.47
CA ASP C 386 17.24 37.11 -5.94
C ASP C 386 17.69 35.75 -6.49
N ALA C 387 17.10 35.30 -7.60
CA ALA C 387 17.51 34.07 -8.24
C ALA C 387 18.91 34.21 -8.84
N LEU C 388 19.71 33.15 -8.70
CA LEU C 388 21.11 33.17 -9.10
C LEU C 388 21.38 32.06 -10.12
N PHE C 389 22.20 32.39 -11.11
CA PHE C 389 22.61 31.47 -12.14
C PHE C 389 24.05 31.01 -11.91
N LEU C 390 24.32 29.76 -12.29
CA LEU C 390 25.66 29.18 -12.23
C LEU C 390 26.12 28.86 -13.64
N THR C 391 27.28 29.40 -14.02
CA THR C 391 27.82 29.22 -15.36
C THR C 391 29.27 28.77 -15.28
N ARG C 392 29.69 28.04 -16.31
CA ARG C 392 31.02 27.47 -16.40
C ARG C 392 32.09 28.55 -16.58
N CYS C 393 33.33 28.17 -16.26
CA CYS C 393 34.47 29.05 -16.52
C CYS C 393 35.58 28.20 -17.13
N GLN C 394 36.45 28.85 -17.90
CA GLN C 394 37.47 28.12 -18.64
C GLN C 394 38.62 27.65 -17.74
N GLN C 395 39.23 26.54 -18.15
CA GLN C 395 40.24 25.91 -17.30
C GLN C 395 41.52 26.73 -17.27
N GLU C 396 41.96 27.23 -18.44
CA GLU C 396 43.26 27.91 -18.51
C GLU C 396 43.25 29.19 -17.67
N GLU C 397 42.16 29.96 -17.73
CA GLU C 397 42.04 31.14 -16.90
C GLU C 397 41.84 30.77 -15.44
N SER C 398 41.17 29.65 -15.16
CA SER C 398 41.09 29.18 -13.78
C SER C 398 42.47 28.82 -13.22
N GLN C 399 43.29 28.18 -14.05
CA GLN C 399 44.69 27.91 -13.72
C GLN C 399 45.46 29.20 -13.48
N ALA C 400 45.24 30.20 -14.33
CA ALA C 400 45.81 31.53 -14.08
C ALA C 400 45.29 32.12 -12.78
N ALA C 401 44.01 31.92 -12.48
CA ALA C 401 43.40 32.42 -11.25
C ALA C 401 44.06 31.82 -10.01
N ARG C 402 44.32 30.52 -10.03
CA ARG C 402 45.09 29.90 -8.96
C ARG C 402 46.54 30.38 -8.95
N MET C 403 47.11 30.62 -10.13
CA MET C 403 48.47 31.15 -10.20
C MET C 403 48.59 32.58 -9.70
N ILE C 404 47.57 33.40 -9.94
CA ILE C 404 47.62 34.82 -9.63
C ILE C 404 47.71 35.06 -8.13
N HIS C 405 47.10 34.18 -7.32
CA HIS C 405 47.17 34.33 -5.87
C HIS C 405 48.57 34.03 -5.35
N SER C 406 49.16 32.91 -5.80
CA SER C 406 50.52 32.57 -5.37
C SER C 406 51.51 33.59 -5.90
N THR C 407 51.23 34.13 -7.09
CA THR C 407 52.03 35.18 -7.68
C THR C 407 52.01 36.41 -6.80
N ALA C 408 50.82 36.80 -6.33
CA ALA C 408 50.74 37.95 -5.42
C ALA C 408 51.47 37.65 -4.13
N GLY C 409 51.32 36.43 -3.62
CA GLY C 409 51.91 36.09 -2.33
C GLY C 409 53.43 36.15 -2.33
N LEU C 410 54.04 35.63 -3.40
CA LEU C 410 55.49 35.56 -3.46
C LEU C 410 56.10 36.94 -3.66
N TYR C 411 55.56 37.72 -4.59
CA TYR C 411 56.17 39.01 -4.87
C TYR C 411 55.82 40.03 -3.77
N ASN C 412 54.60 39.97 -3.21
CA ASN C 412 54.25 40.84 -2.10
C ASN C 412 55.12 40.57 -0.87
N GLN C 413 55.35 39.28 -0.56
CA GLN C 413 56.30 38.92 0.49
C GLN C 413 57.73 39.35 0.15
N PHE C 414 58.10 39.25 -1.13
CA PHE C 414 59.40 39.76 -1.58
C PHE C 414 59.52 41.27 -1.39
N ILE C 415 58.47 42.02 -1.71
CA ILE C 415 58.44 43.48 -1.50
C ILE C 415 58.56 43.82 -0.03
N LYS C 416 57.83 43.07 0.82
CA LYS C 416 57.93 43.24 2.27
C LYS C 416 59.33 42.93 2.77
N GLY C 417 59.99 41.93 2.19
CA GLY C 417 61.37 41.67 2.54
C GLY C 417 62.28 42.78 2.08
N LEU C 418 62.00 43.34 0.90
CA LEU C 418 62.87 44.33 0.27
C LEU C 418 62.91 45.63 1.06
N ASP C 419 61.73 46.21 1.35
CA ASP C 419 61.74 47.51 2.02
C ASP C 419 62.16 47.42 3.49
N SER C 420 62.27 46.19 4.04
CA SER C 420 62.76 46.01 5.40
C SER C 420 64.20 46.48 5.56
N PHE C 421 65.00 46.44 4.50
CA PHE C 421 66.37 46.94 4.53
C PHE C 421 66.53 48.18 3.65
N SER C 422 65.48 49.02 3.63
CA SER C 422 65.50 50.28 2.87
C SER C 422 66.64 51.18 3.34
N GLY C 423 66.80 51.30 4.65
CA GLY C 423 67.98 51.95 5.19
C GLY C 423 68.83 50.84 5.79
N LYS C 424 69.32 51.04 7.03
CA LYS C 424 70.04 50.11 7.91
C LYS C 424 71.09 49.24 7.19
N PRO C 425 72.22 49.82 6.77
CA PRO C 425 73.25 49.03 6.08
C PRO C 425 73.78 47.88 6.94
N ARG C 426 74.04 46.75 6.28
CA ARG C 426 74.47 45.54 6.97
C ARG C 426 75.82 45.72 7.65
N GLY C 427 76.74 46.39 6.97
CA GLY C 427 78.09 46.55 7.50
C GLY C 427 78.89 45.27 7.36
N SER C 428 79.14 44.60 8.49
CA SER C 428 79.86 43.34 8.48
C SER C 428 79.11 42.23 9.22
N GLY C 429 77.86 42.47 9.61
CA GLY C 429 77.10 41.50 10.34
C GLY C 429 76.13 40.72 9.47
N PRO C 430 75.05 40.24 10.06
CA PRO C 430 74.05 39.49 9.30
C PRO C 430 73.08 40.43 8.61
N PRO C 431 72.26 39.94 7.67
CA PRO C 431 71.25 40.79 7.02
C PRO C 431 70.22 41.36 8.01
N ALA C 432 69.39 42.26 7.46
CA ALA C 432 68.40 42.98 8.27
C ALA C 432 67.37 42.04 8.89
N GLY C 433 66.90 41.05 8.14
CA GLY C 433 65.93 40.12 8.66
C GLY C 433 66.02 38.73 8.05
N PRO C 434 64.86 38.12 7.78
CA PRO C 434 64.84 36.79 7.17
C PRO C 434 65.41 36.81 5.75
N ALA C 435 65.96 35.66 5.36
CA ALA C 435 66.56 35.52 4.03
C ALA C 435 65.50 35.66 2.94
N LEU C 436 65.88 36.32 1.86
CA LEU C 436 64.97 36.58 0.76
C LEU C 436 64.76 35.32 -0.10
N PRO C 437 63.58 35.16 -0.71
CA PRO C 437 63.33 34.01 -1.61
C PRO C 437 63.83 34.26 -3.03
N ILE C 438 65.16 34.28 -3.17
CA ILE C 438 65.79 34.54 -4.47
C ILE C 438 65.47 33.44 -5.47
N GLU C 439 65.68 32.18 -5.07
CA GLU C 439 65.45 31.06 -5.97
C GLU C 439 63.97 30.92 -6.33
N ALA C 440 63.09 31.12 -5.34
CA ALA C 440 61.66 31.03 -5.58
C ALA C 440 61.20 32.11 -6.55
N VAL C 441 61.71 33.33 -6.37
CA VAL C 441 61.34 34.44 -7.24
C VAL C 441 61.87 34.22 -8.65
N ILE C 442 63.14 33.81 -8.78
CA ILE C 442 63.76 33.58 -10.09
C ILE C 442 63.04 32.47 -10.85
N LEU C 443 62.71 31.37 -10.16
CA LEU C 443 61.96 30.28 -10.79
C LEU C 443 60.57 30.75 -11.22
N SER C 444 59.93 31.60 -10.39
CA SER C 444 58.64 32.15 -10.76
C SER C 444 58.77 33.05 -11.98
N LEU C 445 59.86 33.83 -12.04
CA LEU C 445 60.09 34.72 -13.18
C LEU C 445 60.22 33.92 -14.47
N GLN C 446 60.98 32.83 -14.43
CA GLN C 446 61.15 32.00 -15.62
C GLN C 446 59.84 31.37 -16.06
N ASP C 447 59.05 30.92 -15.09
CA ASP C 447 57.74 30.34 -15.38
C ASP C 447 56.80 31.36 -16.00
N LEU C 448 56.81 32.60 -15.48
CA LEU C 448 55.90 33.60 -16.00
C LEU C 448 56.34 34.11 -17.37
N ILE C 449 57.65 34.29 -17.58
CA ILE C 449 58.15 34.74 -18.89
C ILE C 449 57.80 33.72 -19.96
N GLY C 450 58.03 32.43 -19.68
CA GLY C 450 57.60 31.40 -20.61
C GLY C 450 56.10 31.35 -20.77
N TYR C 451 55.35 31.61 -19.69
CA TYR C 451 53.90 31.64 -19.76
C TYR C 451 53.40 32.77 -20.65
N PHE C 452 54.15 33.87 -20.71
CA PHE C 452 53.79 35.04 -21.51
C PHE C 452 54.58 35.14 -22.80
N GLU C 453 55.29 34.09 -23.20
CA GLU C 453 56.02 34.14 -24.47
C GLU C 453 55.04 34.24 -25.62
N PRO C 454 55.23 35.18 -26.56
CA PRO C 454 54.34 35.25 -27.71
C PRO C 454 54.48 34.03 -28.60
N PRO C 455 53.42 33.64 -29.31
CA PRO C 455 53.51 32.50 -30.22
C PRO C 455 54.51 32.73 -31.35
N SER C 456 55.16 31.65 -31.77
CA SER C 456 56.22 31.71 -32.76
C SER C 456 55.68 32.15 -34.11
N GLU C 457 56.54 32.81 -34.89
CA GLU C 457 56.13 33.40 -36.16
C GLU C 457 55.74 32.34 -37.19
N GLU C 458 56.49 31.23 -37.25
CA GLU C 458 56.29 30.23 -38.29
C GLU C 458 55.00 29.41 -38.14
N LEU C 459 54.15 29.69 -37.17
CA LEU C 459 52.89 29.00 -37.02
C LEU C 459 51.93 29.32 -38.17
N GLN C 460 50.99 28.42 -38.37
CA GLN C 460 49.94 28.62 -39.37
C GLN C 460 49.08 29.82 -38.98
N HIS C 461 48.62 30.56 -39.99
CA HIS C 461 47.90 31.81 -39.79
C HIS C 461 46.59 31.64 -39.02
N GLU C 462 45.97 30.47 -39.11
CA GLU C 462 44.68 30.26 -38.45
C GLU C 462 44.83 30.12 -36.94
N GLU C 463 45.59 29.11 -36.50
CA GLU C 463 45.71 28.82 -35.07
C GLU C 463 46.49 29.90 -34.33
N LYS C 464 47.40 30.59 -35.03
CA LYS C 464 48.20 31.64 -34.41
C LYS C 464 47.32 32.76 -33.87
N GLN C 465 46.27 33.14 -34.62
CA GLN C 465 45.36 34.19 -34.16
C GLN C 465 44.68 33.79 -32.85
N SER C 466 44.32 32.51 -32.71
CA SER C 466 43.77 32.02 -31.46
C SER C 466 44.79 32.09 -30.34
N LYS C 467 46.08 31.91 -30.68
CA LYS C 467 47.08 32.04 -29.63
C LYS C 467 47.26 33.50 -29.25
N LEU C 468 47.05 34.41 -30.21
CA LEU C 468 47.09 35.84 -29.90
C LEU C 468 45.97 36.20 -28.95
N ARG C 469 44.77 35.67 -29.19
CA ARG C 469 43.64 35.91 -28.31
C ARG C 469 43.89 35.39 -26.90
N SER C 470 44.48 34.19 -26.79
CA SER C 470 44.85 33.66 -25.49
C SER C 470 45.90 34.53 -24.78
N LEU C 471 46.90 35.01 -25.54
CA LEU C 471 47.92 35.88 -24.97
C LEU C 471 47.35 37.21 -24.49
N ARG C 472 46.46 37.81 -25.30
CA ARG C 472 45.81 39.07 -24.91
C ARG C 472 44.95 38.88 -23.68
N ASN C 473 44.22 37.76 -23.61
CA ASN C 473 43.33 37.53 -22.48
C ASN C 473 44.13 37.38 -21.20
N ARG C 474 45.15 36.51 -21.22
CA ARG C 474 45.95 36.26 -20.01
C ARG C 474 46.66 37.53 -19.54
N GLN C 475 47.24 38.29 -20.48
CA GLN C 475 47.92 39.53 -20.13
C GLN C 475 46.94 40.55 -19.56
N SER C 476 45.73 40.62 -20.13
CA SER C 476 44.71 41.54 -19.65
C SER C 476 44.33 41.21 -18.22
N LEU C 477 44.17 39.91 -17.92
CA LEU C 477 43.84 39.50 -16.57
C LEU C 477 44.95 39.86 -15.58
N PHE C 478 46.21 39.64 -15.96
CA PHE C 478 47.31 39.96 -15.05
C PHE C 478 47.40 41.45 -14.75
N GLN C 479 47.23 42.30 -15.78
CA GLN C 479 47.19 43.74 -15.53
C GLN C 479 45.97 44.11 -14.70
N GLU C 480 44.82 43.51 -15.00
CA GLU C 480 43.60 43.79 -14.27
C GLU C 480 43.73 43.37 -12.80
N GLU C 481 44.57 42.37 -12.53
CA GLU C 481 44.84 42.01 -11.15
C GLU C 481 45.95 42.86 -10.55
N GLY C 482 46.57 43.74 -11.34
CA GLY C 482 47.44 44.75 -10.75
C GLY C 482 48.92 44.46 -10.64
N MET C 483 49.40 43.35 -11.16
CA MET C 483 50.82 43.06 -11.03
C MET C 483 51.71 43.83 -11.98
N LEU C 484 51.12 44.50 -12.98
CA LEU C 484 51.89 45.44 -13.79
C LEU C 484 52.42 46.58 -12.94
N SER C 485 51.64 47.03 -11.95
CA SER C 485 52.17 47.99 -10.99
C SER C 485 53.15 47.35 -10.02
N LEU C 486 52.88 46.09 -9.64
CA LEU C 486 53.72 45.40 -8.66
C LEU C 486 55.16 45.23 -9.16
N VAL C 487 55.31 44.87 -10.45
CA VAL C 487 56.66 44.74 -10.98
C VAL C 487 57.32 46.11 -11.02
N LEU C 488 56.57 47.17 -11.34
CA LEU C 488 57.12 48.52 -11.33
C LEU C 488 57.64 48.88 -9.95
N ASN C 489 56.95 48.40 -8.90
CA ASN C 489 57.45 48.60 -7.55
C ASN C 489 58.75 47.82 -7.35
N CYS C 490 58.85 46.64 -7.97
CA CYS C 490 60.06 45.82 -7.81
C CYS C 490 61.27 46.52 -8.40
N ILE C 491 61.12 47.08 -9.62
CA ILE C 491 62.21 47.85 -10.22
C ILE C 491 62.50 49.09 -9.37
N ASP C 492 61.46 49.80 -8.92
CA ASP C 492 61.67 51.04 -8.17
C ASP C 492 62.44 50.78 -6.88
N ARG C 493 62.12 49.70 -6.17
CA ARG C 493 62.87 49.32 -4.98
C ARG C 493 64.31 48.93 -5.30
N LEU C 494 64.54 48.17 -6.36
CA LEU C 494 65.91 47.74 -6.63
C LEU C 494 66.79 48.80 -7.29
N ASN C 495 66.22 49.65 -8.14
CA ASN C 495 66.99 50.61 -8.95
C ASN C 495 67.62 51.73 -8.15
N VAL C 496 67.22 51.95 -6.89
CA VAL C 496 67.85 53.01 -6.10
C VAL C 496 69.24 52.65 -5.59
N TYR C 497 69.75 51.47 -5.93
CA TYR C 497 71.09 51.04 -5.56
C TYR C 497 71.96 51.03 -6.81
N THR C 498 73.15 51.63 -6.71
CA THR C 498 74.00 51.84 -7.88
C THR C 498 74.50 50.53 -8.47
N THR C 499 75.07 49.66 -7.65
CA THR C 499 75.72 48.46 -8.14
C THR C 499 75.39 47.29 -7.23
N ALA C 500 75.85 46.10 -7.64
CA ALA C 500 75.65 44.89 -6.86
C ALA C 500 76.36 44.97 -5.52
N ALA C 501 77.58 45.52 -5.50
CA ALA C 501 78.29 45.71 -4.24
C ALA C 501 77.53 46.66 -3.31
N HIS C 502 76.87 47.67 -3.88
CA HIS C 502 76.04 48.55 -3.07
C HIS C 502 74.78 47.85 -2.61
N PHE C 503 74.31 46.85 -3.38
CA PHE C 503 73.15 46.07 -2.96
C PHE C 503 73.53 45.11 -1.86
N ALA C 504 74.80 44.69 -1.83
CA ALA C 504 75.29 43.80 -0.79
C ALA C 504 75.30 44.49 0.56
N GLU C 505 75.43 45.81 0.58
CA GLU C 505 75.49 46.54 1.85
C GLU C 505 74.16 46.51 2.58
N TYR C 506 73.07 46.26 1.86
CA TYR C 506 71.73 46.33 2.41
C TYR C 506 71.07 44.95 2.50
N ALA C 507 70.97 44.24 1.37
CA ALA C 507 70.35 42.93 1.41
C ALA C 507 71.29 41.81 1.81
N GLY C 508 72.59 42.06 1.85
CA GLY C 508 73.55 41.03 2.16
C GLY C 508 74.36 40.66 0.92
N GLU C 509 75.52 40.04 1.16
CA GLU C 509 76.40 39.64 0.07
C GLU C 509 75.81 38.53 -0.77
N GLU C 510 74.97 37.67 -0.17
CA GLU C 510 74.38 36.54 -0.88
C GLU C 510 73.46 36.96 -2.04
N ALA C 511 72.84 38.13 -1.95
CA ALA C 511 71.94 38.59 -2.99
C ALA C 511 72.63 39.47 -4.04
N ALA C 512 73.92 39.76 -3.85
CA ALA C 512 74.65 40.63 -4.76
C ALA C 512 74.78 39.98 -6.13
N GLU C 513 75.09 38.68 -6.15
CA GLU C 513 75.28 37.99 -7.42
C GLU C 513 73.98 37.94 -8.20
N SER C 514 72.87 37.70 -7.49
CA SER C 514 71.57 37.55 -8.12
C SER C 514 70.94 38.90 -8.49
N TRP C 515 71.55 40.02 -8.09
CA TRP C 515 70.97 41.34 -8.33
C TRP C 515 70.80 41.63 -9.83
N LYS C 516 71.84 41.33 -10.61
CA LYS C 516 71.82 41.57 -12.06
C LYS C 516 70.76 40.72 -12.73
N GLU C 517 70.64 39.46 -12.29
CA GLU C 517 69.70 38.56 -12.92
C GLU C 517 68.28 38.98 -12.61
N ILE C 518 67.99 39.33 -11.35
CA ILE C 518 66.62 39.66 -10.99
C ILE C 518 66.20 40.97 -11.66
N VAL C 519 67.12 41.95 -11.76
CA VAL C 519 66.76 43.22 -12.38
C VAL C 519 66.52 43.03 -13.87
N ASN C 520 67.32 42.18 -14.54
CA ASN C 520 67.06 41.92 -15.96
C ASN C 520 65.72 41.22 -16.15
N LEU C 521 65.51 40.10 -15.43
CA LEU C 521 64.34 39.27 -15.65
C LEU C 521 63.05 40.00 -15.34
N LEU C 522 63.09 40.97 -14.40
CA LEU C 522 61.90 41.79 -14.17
C LEU C 522 61.59 42.61 -15.41
N TYR C 523 62.63 43.14 -16.07
CA TYR C 523 62.41 43.96 -17.26
C TYR C 523 61.80 43.14 -18.39
N GLU C 524 62.33 41.93 -18.61
CA GLU C 524 61.71 41.04 -19.62
C GLU C 524 60.30 40.63 -19.26
N LEU C 525 60.03 40.34 -17.98
CA LEU C 525 58.66 40.03 -17.54
C LEU C 525 57.72 41.21 -17.77
N LEU C 526 58.17 42.42 -17.47
CA LEU C 526 57.41 43.64 -17.74
C LEU C 526 57.13 43.81 -19.23
N ALA C 527 58.14 43.55 -20.06
CA ALA C 527 57.95 43.61 -21.51
C ALA C 527 56.94 42.56 -21.97
N SER C 528 57.00 41.36 -21.40
CA SER C 528 56.06 40.31 -21.77
C SER C 528 54.65 40.72 -21.41
N LEU C 529 54.48 41.33 -20.23
CA LEU C 529 53.17 41.79 -19.78
C LEU C 529 52.61 42.86 -20.71
N ILE C 530 53.45 43.80 -21.15
CA ILE C 530 52.94 44.90 -21.96
C ILE C 530 52.95 44.63 -23.45
N ARG C 531 53.51 43.49 -23.88
CA ARG C 531 53.64 43.18 -25.30
C ARG C 531 52.28 43.05 -25.98
N GLY C 532 52.07 43.87 -27.01
CA GLY C 532 50.88 43.72 -27.82
C GLY C 532 49.58 44.15 -27.18
N ASN C 533 49.63 44.88 -26.07
CA ASN C 533 48.43 45.24 -25.33
C ASN C 533 48.17 46.73 -25.45
N ARG C 534 46.97 47.08 -25.94
CA ARG C 534 46.58 48.48 -26.02
C ARG C 534 46.45 49.10 -24.64
N ALA C 535 45.84 48.36 -23.71
CA ALA C 535 45.60 48.88 -22.37
C ALA C 535 46.91 49.09 -21.64
N ASN C 536 47.76 48.05 -21.63
CA ASN C 536 49.00 48.09 -20.86
C ASN C 536 49.95 49.13 -21.42
N CYS C 537 50.07 49.21 -22.75
CA CYS C 537 50.93 50.24 -23.32
C CYS C 537 50.37 51.63 -23.03
N ALA C 538 49.05 51.81 -23.10
CA ALA C 538 48.44 53.11 -22.82
C ALA C 538 48.63 53.55 -21.37
N LEU C 539 48.79 52.60 -20.44
CA LEU C 539 48.97 52.99 -19.05
C LEU C 539 50.30 53.68 -18.77
N PHE C 540 51.31 53.47 -19.61
CA PHE C 540 52.61 54.10 -19.36
C PHE C 540 52.70 55.53 -19.88
N SER C 541 51.64 56.06 -20.50
CA SER C 541 51.62 57.46 -20.87
C SER C 541 51.67 58.36 -19.65
N THR C 542 50.97 57.96 -18.57
CA THR C 542 50.95 58.77 -17.35
C THR C 542 52.34 58.85 -16.71
N ASN C 543 53.07 57.74 -16.66
CA ASN C 543 54.38 57.67 -16.04
C ASN C 543 55.46 57.39 -17.09
N LEU C 544 55.34 58.07 -18.24
CA LEU C 544 56.29 57.91 -19.33
C LEU C 544 57.71 58.29 -18.91
N ASP C 545 57.85 59.33 -18.08
CA ASP C 545 59.17 59.80 -17.64
C ASP C 545 59.89 58.80 -16.75
N TRP C 546 59.18 57.79 -16.24
CA TRP C 546 59.78 56.76 -15.38
C TRP C 546 60.83 55.96 -16.15
N VAL C 547 60.45 55.45 -17.32
CA VAL C 547 61.39 54.65 -18.12
C VAL C 547 62.47 55.56 -18.70
N VAL C 548 62.10 56.78 -19.12
CA VAL C 548 63.03 57.68 -19.79
C VAL C 548 64.12 58.12 -18.81
N SER C 549 63.76 58.31 -17.54
CA SER C 549 64.72 58.73 -16.53
C SER C 549 65.78 57.67 -16.23
N LYS C 550 65.56 56.41 -16.61
CA LYS C 550 66.47 55.32 -16.27
C LYS C 550 67.31 54.83 -17.43
N LEU C 551 67.33 55.54 -18.56
CA LEU C 551 68.06 55.09 -19.74
C LEU C 551 69.56 55.04 -19.54
N ASP C 552 70.11 55.88 -18.66
CA ASP C 552 71.56 55.92 -18.51
C ASP C 552 72.11 54.81 -17.63
N ARG C 553 71.25 54.05 -16.95
CA ARG C 553 71.71 52.99 -16.07
C ARG C 553 72.39 51.88 -16.88
N LEU C 554 73.51 51.39 -16.37
CA LEU C 554 74.32 50.43 -17.10
C LEU C 554 73.97 48.97 -16.83
N GLU C 555 73.15 48.69 -15.81
CA GLU C 555 72.86 47.30 -15.47
C GLU C 555 71.97 46.62 -16.51
N ALA C 556 71.03 47.34 -17.10
CA ALA C 556 70.12 46.76 -18.09
C ALA C 556 69.69 47.84 -19.06
N SER C 557 70.32 47.90 -20.23
CA SER C 557 69.98 48.87 -21.26
C SER C 557 69.13 48.29 -22.38
N SER C 558 69.44 47.07 -22.82
CA SER C 558 68.67 46.42 -23.88
C SER C 558 67.24 46.15 -23.45
N GLY C 559 67.06 45.68 -22.22
CA GLY C 559 65.72 45.38 -21.75
C GLY C 559 64.85 46.61 -21.65
N ILE C 560 65.38 47.69 -21.08
CA ILE C 560 64.61 48.92 -20.90
C ILE C 560 64.30 49.56 -22.25
N LEU C 561 65.27 49.54 -23.19
CA LEU C 561 65.03 50.08 -24.52
C LEU C 561 63.95 49.30 -25.26
N GLU C 562 63.95 47.97 -25.13
CA GLU C 562 62.91 47.17 -25.76
C GLU C 562 61.55 47.38 -25.07
N VAL C 563 61.57 47.59 -23.75
CA VAL C 563 60.35 47.89 -23.00
C VAL C 563 59.75 49.19 -23.49
N LEU C 564 60.62 50.20 -23.71
CA LEU C 564 60.16 51.47 -24.26
C LEU C 564 59.60 51.27 -25.65
N TYR C 565 60.21 50.37 -26.43
CA TYR C 565 59.83 50.16 -27.81
C TYR C 565 58.41 49.61 -27.91
N CYS C 566 58.04 48.74 -26.97
CA CYS C 566 56.74 48.08 -27.02
C CYS C 566 55.59 49.09 -26.89
N VAL C 567 55.78 50.09 -26.02
CA VAL C 567 54.73 51.07 -25.77
C VAL C 567 54.51 51.93 -27.01
N LEU C 568 55.62 52.43 -27.58
CA LEU C 568 55.57 53.33 -28.72
C LEU C 568 54.96 52.66 -29.94
N ILE C 569 55.31 51.40 -30.20
CA ILE C 569 54.84 50.77 -31.44
C ILE C 569 53.36 50.41 -31.39
N GLU C 570 52.67 50.69 -30.28
CA GLU C 570 51.26 50.34 -30.20
C GLU C 570 50.39 51.54 -29.83
N SER C 571 50.89 52.45 -28.99
CA SER C 571 50.06 53.53 -28.50
C SER C 571 50.32 54.84 -29.24
N PRO C 572 49.38 55.31 -30.07
CA PRO C 572 49.59 56.60 -30.75
C PRO C 572 49.59 57.79 -29.80
N GLU C 573 48.82 57.73 -28.71
CA GLU C 573 48.71 58.86 -27.80
C GLU C 573 49.96 59.07 -26.96
N VAL C 574 50.78 58.02 -26.78
CA VAL C 574 52.01 58.14 -26.01
C VAL C 574 52.99 59.08 -26.68
N LEU C 575 53.02 59.07 -28.03
CA LEU C 575 53.90 59.95 -28.79
C LEU C 575 53.58 61.43 -28.54
N ASN C 576 52.31 61.75 -28.32
CA ASN C 576 51.90 63.13 -28.06
C ASN C 576 52.45 63.67 -26.75
N ILE C 577 52.80 62.77 -25.83
CA ILE C 577 53.28 63.16 -24.50
C ILE C 577 54.78 63.41 -24.52
N ILE C 578 55.49 62.89 -25.54
CA ILE C 578 56.95 63.01 -25.64
C ILE C 578 57.36 64.46 -25.74
N GLN C 579 58.35 64.85 -24.93
CA GLN C 579 58.85 66.22 -24.89
C GLN C 579 60.27 66.28 -25.45
N GLU C 580 60.82 67.49 -25.42
CA GLU C 580 62.17 67.74 -25.94
C GLU C 580 63.23 67.03 -25.10
N ASN C 581 63.03 67.00 -23.77
CA ASN C 581 64.02 66.41 -22.86
C ASN C 581 64.18 64.92 -23.12
N HIS C 582 63.06 64.23 -23.36
CA HIS C 582 63.09 62.79 -23.60
C HIS C 582 63.87 62.50 -24.88
N ILE C 583 63.63 63.34 -25.90
CA ILE C 583 64.24 63.14 -27.22
C ILE C 583 65.75 63.30 -27.10
N LYS C 584 66.20 64.35 -26.38
CA LYS C 584 67.63 64.53 -26.19
C LYS C 584 68.24 63.40 -25.37
N SER C 585 67.50 62.87 -24.40
CA SER C 585 67.99 61.74 -23.61
C SER C 585 68.16 60.48 -24.47
N ILE C 586 67.19 60.22 -25.36
CA ILE C 586 67.30 59.08 -26.25
C ILE C 586 68.47 59.28 -27.22
N ILE C 587 68.65 60.50 -27.72
CA ILE C 587 69.81 60.78 -28.57
C ILE C 587 71.10 60.55 -27.80
N SER C 588 71.12 60.94 -26.51
CA SER C 588 72.27 60.72 -25.65
C SER C 588 72.60 59.24 -25.48
N LEU C 589 71.59 58.36 -25.64
CA LEU C 589 71.85 56.92 -25.59
C LEU C 589 72.82 56.47 -26.67
N LEU C 590 72.71 57.04 -27.87
CA LEU C 590 73.66 56.77 -28.94
C LEU C 590 75.08 57.19 -28.56
N ASP C 591 75.21 58.33 -27.90
CA ASP C 591 76.51 58.84 -27.52
C ASP C 591 77.09 58.08 -26.33
N LYS C 592 76.24 57.59 -25.42
CA LYS C 592 76.71 56.90 -24.23
C LYS C 592 76.70 55.38 -24.38
N HIS C 593 76.28 54.85 -25.53
CA HIS C 593 76.27 53.40 -25.69
C HIS C 593 76.72 52.95 -27.07
N GLY C 594 77.17 53.84 -27.92
CA GLY C 594 77.60 53.46 -29.26
C GLY C 594 76.46 53.44 -30.25
N ARG C 595 76.78 52.91 -31.44
CA ARG C 595 75.83 52.87 -32.54
C ARG C 595 74.97 51.62 -32.42
N ASN C 596 73.96 51.71 -31.56
CA ASN C 596 72.95 50.67 -31.43
C ASN C 596 71.84 50.98 -32.42
N HIS C 597 71.54 50.02 -33.29
CA HIS C 597 70.54 50.24 -34.32
C HIS C 597 69.11 50.27 -33.78
N LYS C 598 68.87 49.71 -32.59
CA LYS C 598 67.52 49.75 -32.02
C LYS C 598 67.14 51.15 -31.55
N VAL C 599 68.13 51.99 -31.27
CA VAL C 599 67.85 53.37 -30.89
C VAL C 599 67.19 54.08 -32.06
N LEU C 600 67.73 53.86 -33.27
CA LEU C 600 67.15 54.45 -34.47
C LEU C 600 65.75 53.89 -34.70
N ASP C 601 65.50 52.64 -34.30
CA ASP C 601 64.16 52.07 -34.40
C ASP C 601 63.18 52.81 -33.52
N VAL C 602 63.63 53.17 -32.32
CA VAL C 602 62.81 53.99 -31.41
C VAL C 602 62.54 55.35 -32.02
N LEU C 603 63.57 55.95 -32.62
CA LEU C 603 63.41 57.25 -33.27
C LEU C 603 62.45 57.16 -34.45
N CYS C 604 62.53 56.07 -35.23
CA CYS C 604 61.61 55.86 -36.34
C CYS C 604 60.19 55.73 -35.83
N SER C 605 60.01 55.09 -34.68
CA SER C 605 58.68 54.93 -34.11
C SER C 605 58.14 56.28 -33.65
N LEU C 606 59.03 57.18 -33.21
CA LEU C 606 58.61 58.48 -32.72
C LEU C 606 58.02 59.36 -33.82
N CYS C 607 58.52 59.25 -35.05
CA CYS C 607 58.09 60.17 -36.11
C CYS C 607 56.63 59.98 -36.49
N VAL C 608 56.18 58.73 -36.61
CA VAL C 608 54.85 58.41 -37.13
C VAL C 608 54.20 57.39 -36.21
N CYS C 609 52.94 57.64 -35.85
CA CYS C 609 52.10 56.68 -35.15
C CYS C 609 50.95 56.30 -36.08
N ASN C 610 50.80 54.99 -36.32
CA ASN C 610 49.76 54.29 -37.10
C ASN C 610 49.24 55.06 -38.32
N GLY C 611 50.16 55.59 -39.12
CA GLY C 611 49.83 56.32 -40.32
C GLY C 611 49.56 57.79 -40.12
N VAL C 612 49.67 58.30 -38.90
CA VAL C 612 49.43 59.72 -38.60
C VAL C 612 50.76 60.33 -38.16
N ALA C 613 51.19 61.36 -38.87
CA ALA C 613 52.48 61.99 -38.60
C ALA C 613 52.42 62.82 -37.32
N VAL C 614 53.51 62.79 -36.55
CA VAL C 614 53.63 63.65 -35.38
C VAL C 614 54.74 64.67 -35.64
N ARG C 615 54.34 65.83 -36.17
CA ARG C 615 55.32 66.84 -36.56
C ARG C 615 55.93 67.52 -35.34
N SER C 616 55.26 67.43 -34.19
CA SER C 616 55.79 68.03 -32.98
C SER C 616 57.04 67.30 -32.52
N ASN C 617 57.18 66.02 -32.87
CA ASN C 617 58.37 65.27 -32.50
C ASN C 617 59.35 65.14 -33.64
N GLN C 618 58.87 65.16 -34.89
CA GLN C 618 59.79 65.04 -36.04
C GLN C 618 60.76 66.22 -36.10
N ASP C 619 60.25 67.42 -35.87
CA ASP C 619 61.09 68.61 -35.93
C ASP C 619 62.10 68.62 -34.78
N LEU C 620 61.70 68.15 -33.60
CA LEU C 620 62.63 68.12 -32.48
C LEU C 620 63.76 67.14 -32.74
N ILE C 621 63.44 65.98 -33.33
CA ILE C 621 64.45 64.98 -33.63
C ILE C 621 65.45 65.52 -34.64
N THR C 622 64.95 66.12 -35.74
CA THR C 622 65.89 66.62 -36.72
C THR C 622 66.58 67.90 -36.26
N GLU C 623 66.01 68.59 -35.27
CA GLU C 623 66.64 69.78 -34.73
C GLU C 623 67.82 69.42 -33.85
N ASN C 624 67.68 68.34 -33.09
CA ASN C 624 68.70 67.98 -32.12
C ASN C 624 69.74 67.02 -32.66
N LEU C 625 69.43 66.27 -33.71
CA LEU C 625 70.34 65.21 -34.14
C LEU C 625 71.09 65.56 -35.42
N LEU C 626 70.35 65.97 -36.46
CA LEU C 626 70.93 66.20 -37.78
C LEU C 626 72.02 67.28 -37.86
N PRO C 627 71.84 68.52 -37.35
CA PRO C 627 72.91 69.53 -37.55
C PRO C 627 74.19 69.23 -36.79
N GLY C 628 74.16 68.36 -35.78
CA GLY C 628 75.36 68.05 -35.01
C GLY C 628 76.45 67.42 -35.86
N ARG C 629 76.08 66.49 -36.74
CA ARG C 629 76.98 65.78 -37.67
C ARG C 629 78.11 65.07 -36.92
N GLU C 630 77.78 64.46 -35.80
CA GLU C 630 78.78 63.75 -35.02
C GLU C 630 78.37 62.32 -34.70
N LEU C 631 77.09 62.08 -34.44
CA LEU C 631 76.66 60.75 -34.04
C LEU C 631 76.39 59.84 -35.23
N LEU C 632 76.00 60.41 -36.36
CA LEU C 632 75.62 59.63 -37.52
C LEU C 632 76.65 59.82 -38.63
N LEU C 633 76.88 58.75 -39.38
CA LEU C 633 77.84 58.75 -40.48
C LEU C 633 77.40 59.69 -41.59
N GLN C 634 78.36 60.41 -42.15
CA GLN C 634 78.12 61.34 -43.23
C GLN C 634 78.68 60.77 -44.54
N THR C 635 78.02 61.12 -45.64
CA THR C 635 78.39 60.64 -46.96
C THR C 635 78.62 61.81 -47.89
N ASN C 636 79.52 61.61 -48.86
CA ASN C 636 79.81 62.62 -49.87
C ASN C 636 80.44 61.92 -51.06
N LEU C 637 80.42 62.62 -52.20
CA LEU C 637 81.05 62.14 -53.42
C LEU C 637 82.43 62.76 -53.53
N ILE C 638 83.46 61.93 -53.60
CA ILE C 638 84.84 62.38 -53.50
C ILE C 638 85.64 61.83 -54.67
N ASN C 639 86.45 62.70 -55.28
CA ASN C 639 87.29 62.33 -56.41
C ASN C 639 88.41 61.39 -55.98
N TYR C 640 89.03 60.76 -56.98
CA TYR C 640 90.16 59.87 -56.75
C TYR C 640 91.47 60.64 -56.90
N VAL C 641 92.34 60.52 -55.91
CA VAL C 641 93.60 61.27 -55.84
C VAL C 641 94.75 60.29 -55.85
N THR C 642 95.70 60.49 -56.76
CA THR C 642 96.88 59.63 -56.85
C THR C 642 98.15 60.49 -56.85
N SER C 643 99.25 59.86 -56.43
CA SER C 643 100.54 60.52 -56.32
C SER C 643 101.56 59.86 -57.25
N ILE C 644 102.31 60.70 -57.96
CA ILE C 644 103.36 60.28 -58.88
C ILE C 644 104.68 60.84 -58.40
N ARG C 645 105.69 59.98 -58.31
CA ARG C 645 107.00 60.37 -57.83
C ARG C 645 108.09 59.94 -58.80
N PRO C 646 109.18 60.69 -58.87
CA PRO C 646 110.37 60.20 -59.57
C PRO C 646 111.24 59.44 -58.58
N ASN C 647 111.89 58.37 -59.06
CA ASN C 647 112.72 57.54 -58.21
C ASN C 647 114.06 58.23 -57.88
N ILE C 648 113.95 59.33 -57.13
CA ILE C 648 115.09 60.09 -56.67
C ILE C 648 114.93 60.19 -55.16
N PHE C 649 115.75 59.46 -54.42
CA PHE C 649 115.61 59.36 -52.98
C PHE C 649 116.82 60.01 -52.32
N VAL C 650 116.56 60.91 -51.38
CA VAL C 650 117.63 61.60 -50.67
C VAL C 650 117.37 61.50 -49.16
N GLY C 651 118.46 61.49 -48.40
CA GLY C 651 118.39 61.43 -46.95
C GLY C 651 119.77 61.67 -46.38
N ARG C 652 119.80 61.86 -45.07
CA ARG C 652 121.05 62.12 -44.37
C ARG C 652 121.19 61.19 -43.18
N ALA C 653 122.44 60.88 -42.85
CA ALA C 653 122.82 60.08 -41.70
C ALA C 653 124.30 60.33 -41.45
N GLU C 654 124.81 59.75 -40.37
CA GLU C 654 126.25 59.83 -40.09
C GLU C 654 127.04 59.15 -41.19
N GLY C 655 128.06 59.85 -41.70
CA GLY C 655 128.86 59.36 -42.80
C GLY C 655 128.10 59.09 -44.08
N SER C 656 127.11 59.93 -44.39
CA SER C 656 126.27 59.74 -45.56
C SER C 656 127.03 60.04 -46.85
N THR C 657 126.76 59.24 -47.88
CA THR C 657 127.36 59.45 -49.20
C THR C 657 126.57 60.44 -50.05
N GLN C 658 125.44 60.93 -49.56
CA GLN C 658 124.60 61.86 -50.29
C GLN C 658 124.80 63.29 -49.80
N TYR C 659 124.42 64.24 -50.64
CA TYR C 659 124.52 65.65 -50.30
C TYR C 659 123.26 66.12 -49.59
N GLY C 660 123.41 67.18 -48.80
CA GLY C 660 122.36 67.70 -47.96
C GLY C 660 121.51 68.83 -48.50
N LYS C 661 121.62 69.17 -49.78
CA LYS C 661 120.84 70.26 -50.36
C LYS C 661 120.32 69.81 -51.71
N TRP C 662 119.01 69.97 -51.95
CA TRP C 662 118.42 69.53 -53.20
C TRP C 662 117.32 70.49 -53.63
N TYR C 663 117.22 70.70 -54.94
CA TYR C 663 116.27 71.65 -55.53
C TYR C 663 115.58 71.04 -56.73
N PHE C 664 114.25 71.14 -56.78
CA PHE C 664 113.52 70.62 -57.94
C PHE C 664 112.31 71.50 -58.21
N GLU C 665 111.77 71.39 -59.43
CA GLU C 665 110.67 72.23 -59.83
C GLU C 665 109.54 71.44 -60.48
N VAL C 666 108.37 72.07 -60.52
CA VAL C 666 107.18 71.54 -61.19
C VAL C 666 106.55 72.64 -62.03
N MET C 667 106.14 72.28 -63.24
CA MET C 667 105.48 73.14 -64.20
C MET C 667 104.02 72.73 -64.30
N VAL C 668 103.12 73.68 -64.48
CA VAL C 668 101.69 73.40 -64.59
C VAL C 668 101.27 73.77 -66.01
N ASP C 669 100.79 72.78 -66.77
CA ASP C 669 100.35 73.03 -68.14
C ASP C 669 98.85 73.31 -68.20
N GLU C 670 98.03 72.36 -67.76
CA GLU C 670 96.58 72.53 -67.79
C GLU C 670 95.97 72.04 -66.50
N VAL C 671 95.14 72.88 -65.87
CA VAL C 671 94.41 72.54 -64.66
C VAL C 671 92.96 72.92 -64.86
N VAL C 672 92.06 71.96 -64.72
CA VAL C 672 90.62 72.22 -64.76
C VAL C 672 90.17 72.47 -63.33
N PRO C 673 89.61 73.67 -63.03
CA PRO C 673 89.19 73.99 -61.65
C PRO C 673 88.15 73.04 -61.08
N PHE C 674 87.03 72.91 -61.77
CA PHE C 674 85.94 72.04 -61.35
C PHE C 674 85.54 71.16 -62.53
N LEU C 675 86.25 70.04 -62.68
CA LEU C 675 85.79 69.03 -63.62
C LEU C 675 84.55 68.32 -63.08
N THR C 676 84.52 68.13 -61.76
CA THR C 676 83.36 67.57 -61.07
C THR C 676 82.95 68.52 -59.95
N ALA C 677 82.05 68.06 -59.07
CA ALA C 677 81.57 68.87 -57.96
C ALA C 677 82.70 69.25 -57.02
N GLN C 678 83.55 68.29 -56.67
CA GLN C 678 84.66 68.54 -55.77
C GLN C 678 85.74 69.36 -56.48
N ALA C 679 86.40 70.23 -55.73
CA ALA C 679 87.51 71.01 -56.26
C ALA C 679 88.67 70.09 -56.62
N THR C 680 89.31 70.38 -57.76
CA THR C 680 90.43 69.58 -58.23
C THR C 680 91.60 69.65 -57.25
N HIS C 681 92.16 68.49 -56.91
CA HIS C 681 93.27 68.42 -55.98
C HIS C 681 94.58 68.48 -56.75
N LEU C 682 95.51 69.30 -56.25
CA LEU C 682 96.84 69.40 -56.85
C LEU C 682 97.78 69.95 -55.79
N ARG C 683 98.71 69.12 -55.34
CA ARG C 683 99.71 69.55 -54.37
C ARG C 683 101.06 68.98 -54.77
N VAL C 684 102.11 69.75 -54.48
CA VAL C 684 103.49 69.36 -54.78
C VAL C 684 104.33 69.53 -53.52
N GLY C 685 105.39 68.74 -53.44
CA GLY C 685 106.27 68.82 -52.28
C GLY C 685 107.05 67.53 -52.10
N TRP C 686 107.39 67.24 -50.84
CA TRP C 686 108.21 66.10 -50.49
C TRP C 686 107.43 65.14 -49.61
N ALA C 687 107.94 63.91 -49.52
CA ALA C 687 107.33 62.90 -48.66
C ALA C 687 108.41 61.93 -48.20
N LEU C 688 108.05 61.10 -47.23
CA LEU C 688 108.97 60.22 -46.52
C LEU C 688 108.66 58.77 -46.84
N THR C 689 109.71 57.94 -47.01
CA THR C 689 109.56 56.58 -47.51
C THR C 689 109.09 55.57 -46.45
N GLU C 690 108.84 56.00 -45.22
CA GLU C 690 108.61 55.05 -44.14
C GLU C 690 107.28 55.27 -43.44
N GLY C 691 106.20 55.36 -44.22
CA GLY C 691 104.88 55.55 -43.67
C GLY C 691 103.93 56.35 -44.54
N TYR C 692 104.44 56.91 -45.63
CA TYR C 692 103.59 57.60 -46.61
C TYR C 692 103.16 56.59 -47.66
N SER C 693 101.99 56.00 -47.46
CA SER C 693 101.41 55.05 -48.41
C SER C 693 99.98 55.50 -48.69
N PRO C 694 99.80 56.44 -49.62
CA PRO C 694 98.45 56.94 -49.93
C PRO C 694 97.63 55.95 -50.76
N TYR C 695 97.00 55.01 -50.04
CA TYR C 695 96.16 54.01 -50.66
C TYR C 695 94.95 54.69 -51.30
N PRO C 696 94.61 54.33 -52.55
CA PRO C 696 93.46 54.96 -53.22
C PRO C 696 92.14 54.69 -52.51
N GLY C 697 91.24 55.65 -52.61
CA GLY C 697 89.93 55.53 -52.01
C GLY C 697 89.79 56.23 -50.67
N GLY C 698 89.02 55.64 -49.78
CA GLY C 698 88.79 56.24 -48.47
C GLY C 698 90.03 56.17 -47.59
N GLY C 699 90.02 57.00 -46.56
CA GLY C 699 91.13 57.05 -45.65
C GLY C 699 90.91 58.07 -44.57
N GLU C 700 92.02 58.49 -43.96
CA GLU C 700 91.98 59.47 -42.89
C GLU C 700 91.50 60.83 -43.40
N GLY C 701 90.72 61.51 -42.58
CA GLY C 701 90.23 62.84 -42.89
C GLY C 701 88.94 62.78 -43.73
N TRP C 702 89.04 63.21 -44.98
CA TRP C 702 87.89 63.23 -45.89
C TRP C 702 88.28 62.70 -47.25
N GLY C 703 89.03 61.59 -47.27
CA GLY C 703 89.40 60.93 -48.51
C GLY C 703 90.32 61.73 -49.41
N GLY C 704 90.65 61.09 -50.54
CA GLY C 704 91.53 61.69 -51.54
C GLY C 704 92.89 62.07 -50.97
N ASN C 705 93.43 61.21 -50.10
CA ASN C 705 94.66 61.53 -49.39
C ASN C 705 95.85 61.63 -50.33
N GLY C 706 96.70 62.61 -50.08
CA GLY C 706 97.91 62.81 -50.86
C GLY C 706 99.00 63.38 -50.00
N VAL C 707 99.69 64.39 -50.53
CA VAL C 707 100.79 65.03 -49.82
C VAL C 707 100.22 66.04 -48.83
N GLY C 708 100.68 65.94 -47.58
CA GLY C 708 100.24 66.84 -46.52
C GLY C 708 99.12 66.32 -45.67
N ASP C 709 98.47 65.22 -46.07
CA ASP C 709 97.39 64.65 -45.28
C ASP C 709 97.86 63.97 -44.00
N ASP C 710 99.16 63.80 -43.82
CA ASP C 710 99.71 63.22 -42.61
C ASP C 710 101.07 63.85 -42.35
N LEU C 711 101.82 63.28 -41.41
CA LEU C 711 103.11 63.82 -41.04
C LEU C 711 104.26 63.21 -41.84
N TYR C 712 103.95 62.33 -42.79
CA TYR C 712 104.97 61.69 -43.61
C TYR C 712 105.17 62.42 -44.92
N SER C 713 104.51 63.57 -45.10
CA SER C 713 104.62 64.33 -46.35
C SER C 713 104.52 65.81 -46.02
N TYR C 714 105.03 66.63 -46.94
CA TYR C 714 105.03 68.09 -46.81
C TYR C 714 104.67 68.68 -48.15
N GLY C 715 103.58 69.45 -48.22
CA GLY C 715 103.06 69.91 -49.48
C GLY C 715 102.75 71.40 -49.48
N PHE C 716 102.41 71.89 -50.67
CA PHE C 716 102.10 73.31 -50.88
C PHE C 716 101.15 73.40 -52.07
N ASP C 717 99.86 73.58 -51.79
CA ASP C 717 98.83 73.61 -52.83
C ASP C 717 98.85 74.88 -53.67
N GLY C 718 99.61 75.89 -53.28
CA GLY C 718 99.61 77.19 -53.92
C GLY C 718 99.19 78.31 -52.99
N LEU C 719 98.53 77.99 -51.88
CA LEU C 719 98.14 78.98 -50.89
C LEU C 719 98.38 78.55 -49.46
N HIS C 720 98.65 77.26 -49.19
CA HIS C 720 98.82 76.78 -47.83
C HIS C 720 99.98 75.80 -47.79
N LEU C 721 100.52 75.61 -46.59
CA LEU C 721 101.49 74.55 -46.33
C LEU C 721 100.77 73.37 -45.73
N TRP C 722 100.88 72.22 -46.37
CA TRP C 722 100.12 71.04 -46.00
C TRP C 722 101.00 70.04 -45.27
N THR C 723 100.64 69.76 -44.02
CA THR C 723 101.25 68.70 -43.22
C THR C 723 100.28 68.35 -42.11
N GLY C 724 100.17 67.05 -41.83
CA GLY C 724 99.27 66.57 -40.80
C GLY C 724 97.80 66.87 -41.05
N HIS C 725 97.38 66.89 -42.32
CA HIS C 725 96.01 67.16 -42.75
C HIS C 725 95.51 68.54 -42.28
N VAL C 726 96.43 69.50 -42.17
CA VAL C 726 96.10 70.86 -41.74
C VAL C 726 96.68 71.84 -42.75
N ALA C 727 95.86 72.80 -43.18
CA ALA C 727 96.27 73.84 -44.11
C ALA C 727 96.52 75.14 -43.35
N ARG C 728 97.64 75.79 -43.64
CA ARG C 728 98.03 77.02 -42.96
C ARG C 728 98.37 78.05 -44.03
N PRO C 729 97.61 79.15 -44.13
CA PRO C 729 97.80 80.11 -45.22
C PRO C 729 99.18 80.76 -45.21
N VAL C 730 99.72 80.97 -46.40
CA VAL C 730 101.05 81.54 -46.60
C VAL C 730 100.96 82.71 -47.57
N THR C 731 101.77 83.74 -47.30
CA THR C 731 101.77 84.95 -48.12
C THR C 731 102.69 84.76 -49.32
N SER C 732 102.22 85.19 -50.49
CA SER C 732 103.01 85.18 -51.71
C SER C 732 102.74 86.46 -52.47
N PRO C 733 103.72 86.94 -53.25
CA PRO C 733 103.50 88.16 -54.03
C PRO C 733 102.55 87.93 -55.21
N GLY C 734 101.26 87.95 -54.95
CA GLY C 734 100.28 87.60 -55.96
C GLY C 734 99.79 86.19 -55.74
N GLN C 735 99.52 85.87 -54.47
CA GLN C 735 99.16 84.51 -54.06
C GLN C 735 97.88 84.04 -54.73
N HIS C 736 97.92 82.81 -55.24
CA HIS C 736 96.76 82.15 -55.80
C HIS C 736 97.02 80.66 -55.86
N LEU C 737 95.93 79.90 -56.01
CA LEU C 737 96.04 78.47 -56.24
C LEU C 737 96.74 78.24 -57.57
N LEU C 738 97.50 77.15 -57.65
CA LEU C 738 98.35 76.82 -58.81
C LEU C 738 97.56 76.80 -60.11
N ALA C 739 97.85 77.75 -60.97
CA ALA C 739 97.22 78.00 -62.25
C ALA C 739 98.10 77.51 -63.38
N PRO C 740 97.55 77.35 -64.60
CA PRO C 740 98.39 76.97 -65.75
C PRO C 740 99.50 77.97 -66.02
N GLU C 741 100.64 77.44 -66.47
CA GLU C 741 101.86 78.18 -66.76
C GLU C 741 102.37 78.91 -65.51
N ASP C 742 102.72 78.11 -64.51
CA ASP C 742 103.30 78.62 -63.27
C ASP C 742 104.49 77.76 -62.89
N VAL C 743 105.41 78.37 -62.14
CA VAL C 743 106.66 77.73 -61.75
C VAL C 743 106.73 77.67 -60.22
N VAL C 744 107.04 76.50 -59.69
CA VAL C 744 107.24 76.31 -58.25
C VAL C 744 108.66 75.82 -58.03
N SER C 745 109.40 76.53 -57.19
CA SER C 745 110.77 76.20 -56.84
C SER C 745 110.75 75.58 -55.44
N CYS C 746 111.02 74.27 -55.36
CA CYS C 746 110.98 73.56 -54.08
C CYS C 746 112.40 73.23 -53.66
N CYS C 747 112.79 73.67 -52.46
CA CYS C 747 114.13 73.44 -51.94
C CYS C 747 114.05 72.64 -50.64
N LEU C 748 114.96 71.70 -50.51
CA LEU C 748 115.11 70.85 -49.33
C LEU C 748 116.55 70.91 -48.85
N ASP C 749 116.72 71.13 -47.55
CA ASP C 749 118.04 71.10 -46.94
C ASP C 749 118.04 69.93 -45.98
N LEU C 750 119.00 69.03 -46.13
CA LEU C 750 119.13 67.92 -45.21
C LEU C 750 120.17 68.16 -44.13
N SER C 751 121.09 69.11 -44.35
CA SER C 751 122.05 69.48 -43.32
C SER C 751 121.35 70.05 -42.08
N VAL C 752 120.36 70.90 -42.30
CA VAL C 752 119.51 71.41 -41.23
C VAL C 752 118.08 71.27 -41.76
N PRO C 753 117.10 70.89 -40.92
CA PRO C 753 115.71 70.79 -41.42
C PRO C 753 115.11 72.11 -41.88
N SER C 754 114.91 72.24 -43.19
CA SER C 754 114.35 73.45 -43.78
C SER C 754 113.89 73.16 -45.20
N ILE C 755 112.64 73.47 -45.48
CA ILE C 755 112.01 73.25 -46.78
C ILE C 755 111.49 74.61 -47.23
N SER C 756 112.18 75.25 -48.16
CA SER C 756 111.73 76.54 -48.65
C SER C 756 110.96 76.37 -49.95
N PHE C 757 110.01 77.29 -50.18
CA PHE C 757 109.14 77.23 -51.34
C PHE C 757 109.10 78.58 -52.01
N ARG C 758 109.11 78.58 -53.33
CA ARG C 758 108.98 79.80 -54.11
C ARG C 758 107.99 79.60 -55.24
N ILE C 759 107.19 80.62 -55.53
CA ILE C 759 106.23 80.57 -56.61
C ILE C 759 106.72 81.55 -57.68
N ASN C 760 107.03 81.01 -58.87
CA ASN C 760 107.53 81.77 -60.02
C ASN C 760 108.78 82.58 -59.68
N GLY C 761 109.62 82.06 -58.77
CA GLY C 761 110.79 82.73 -58.28
C GLY C 761 110.56 83.65 -57.09
N CYS C 762 109.31 83.98 -56.78
CA CYS C 762 109.00 84.83 -55.64
C CYS C 762 108.95 83.99 -54.38
N PRO C 763 109.74 84.31 -53.34
CA PRO C 763 109.76 83.49 -52.12
C PRO C 763 108.43 83.46 -51.38
N VAL C 764 108.13 82.31 -50.79
CA VAL C 764 106.97 82.12 -49.94
C VAL C 764 107.45 81.96 -48.51
N GLN C 765 106.92 82.78 -47.60
CA GLN C 765 107.42 82.88 -46.22
C GLN C 765 106.94 81.69 -45.39
N GLY C 766 107.43 80.50 -45.76
CA GLY C 766 107.14 79.29 -45.04
C GLY C 766 108.31 78.34 -45.08
N VAL C 767 108.79 77.92 -43.90
CA VAL C 767 109.90 76.97 -43.79
C VAL C 767 109.52 75.91 -42.78
N PHE C 768 109.55 74.64 -43.22
CA PHE C 768 109.35 73.54 -42.29
C PHE C 768 110.60 73.40 -41.43
N GLU C 769 110.41 73.11 -40.14
CA GLU C 769 111.51 73.00 -39.21
C GLU C 769 111.26 71.81 -38.30
N ALA C 770 112.35 71.25 -37.76
CA ALA C 770 112.32 70.20 -36.73
C ALA C 770 111.51 68.97 -37.17
N PHE C 771 111.78 68.51 -38.39
CA PHE C 771 111.21 67.27 -38.89
C PHE C 771 112.30 66.22 -38.97
N ASN C 772 111.89 64.97 -38.68
CA ASN C 772 112.84 63.87 -38.57
C ASN C 772 113.53 63.60 -39.91
N LEU C 773 114.80 63.22 -39.82
CA LEU C 773 115.60 62.94 -41.01
C LEU C 773 115.61 61.46 -41.38
N ASP C 774 115.04 60.61 -40.53
CA ASP C 774 115.00 59.18 -40.81
C ASP C 774 114.17 58.87 -42.06
N GLY C 775 114.54 57.80 -42.74
CA GLY C 775 113.94 57.49 -44.00
C GLY C 775 114.61 58.24 -45.14
N LEU C 776 113.92 58.29 -46.27
CA LEU C 776 114.40 58.95 -47.47
C LEU C 776 113.36 59.94 -47.95
N PHE C 777 113.83 61.03 -48.54
CA PHE C 777 112.97 62.07 -49.07
C PHE C 777 112.98 62.01 -50.59
N PHE C 778 111.86 62.38 -51.20
CA PHE C 778 111.72 62.26 -52.64
C PHE C 778 110.73 63.30 -53.14
N PRO C 779 110.86 63.75 -54.40
CA PRO C 779 109.79 64.56 -54.98
C PRO C 779 108.54 63.73 -55.15
N VAL C 780 107.39 64.38 -55.03
CA VAL C 780 106.11 63.71 -55.13
C VAL C 780 105.05 64.74 -55.49
N VAL C 781 104.10 64.32 -56.32
CA VAL C 781 102.96 65.17 -56.67
C VAL C 781 101.67 64.39 -56.39
N SER C 782 100.77 65.02 -55.64
CA SER C 782 99.45 64.47 -55.36
C SER C 782 98.42 65.24 -56.17
N PHE C 783 97.63 64.52 -56.94
CA PHE C 783 96.75 65.17 -57.89
C PHE C 783 95.48 64.35 -58.10
N SER C 784 94.38 65.05 -58.27
CA SER C 784 93.14 64.45 -58.73
C SER C 784 93.15 64.48 -60.26
N ALA C 785 92.01 64.18 -60.87
CA ALA C 785 91.91 64.19 -62.33
C ALA C 785 91.90 65.61 -62.89
N GLY C 786 92.20 65.71 -64.17
CA GLY C 786 92.14 66.97 -64.89
C GLY C 786 93.38 67.84 -64.82
N VAL C 787 94.54 67.26 -64.53
CA VAL C 787 95.78 68.02 -64.43
C VAL C 787 96.83 67.49 -65.40
N LYS C 788 97.68 68.42 -65.86
CA LYS C 788 98.86 68.12 -66.66
C LYS C 788 100.01 68.86 -66.01
N VAL C 789 100.95 68.13 -65.41
CA VAL C 789 102.07 68.74 -64.72
C VAL C 789 103.37 68.19 -65.30
N ARG C 790 104.43 68.97 -65.18
CA ARG C 790 105.74 68.56 -65.69
C ARG C 790 106.78 68.63 -64.59
N PHE C 791 107.58 67.58 -64.46
CA PHE C 791 108.68 67.54 -63.50
C PHE C 791 109.91 68.12 -64.18
N LEU C 792 110.49 69.15 -63.57
CA LEU C 792 111.75 69.74 -64.01
C LEU C 792 112.80 69.44 -62.95
N LEU C 793 113.78 68.61 -63.32
CA LEU C 793 114.81 68.18 -62.40
C LEU C 793 116.18 68.76 -62.71
N GLY C 794 116.30 69.57 -63.76
CA GLY C 794 117.54 70.23 -64.08
C GLY C 794 118.48 69.36 -64.90
N GLY C 795 119.56 70.00 -65.37
CA GLY C 795 120.54 69.31 -66.19
C GLY C 795 119.95 68.78 -67.48
N ARG C 796 120.19 67.50 -67.75
CA ARG C 796 119.57 66.86 -68.90
C ARG C 796 118.08 66.65 -68.69
N HIS C 797 117.61 66.65 -67.44
CA HIS C 797 116.22 66.39 -67.08
C HIS C 797 115.45 67.66 -66.73
N GLY C 798 115.72 68.76 -67.44
CA GLY C 798 115.04 70.02 -67.23
C GLY C 798 115.97 71.21 -67.27
N GLU C 799 115.44 72.42 -67.30
CA GLU C 799 116.26 73.62 -67.31
C GLU C 799 115.96 74.59 -66.17
N PHE C 800 114.86 74.36 -65.43
CA PHE C 800 114.39 75.07 -64.24
C PHE C 800 113.83 76.46 -64.52
N LYS C 801 114.08 77.02 -65.71
CA LYS C 801 113.61 78.35 -66.17
C LYS C 801 113.86 79.49 -65.16
N PHE C 802 114.74 79.28 -64.19
CA PHE C 802 115.04 80.15 -63.07
C PHE C 802 116.33 79.65 -62.45
N LEU C 803 117.19 80.57 -62.04
CA LEU C 803 118.48 80.19 -61.48
C LEU C 803 118.28 79.52 -60.12
N PRO C 804 118.77 78.29 -59.93
CA PRO C 804 118.61 77.63 -58.64
C PRO C 804 119.38 78.35 -57.56
N PRO C 805 118.91 78.30 -56.31
CA PRO C 805 119.66 78.91 -55.21
C PRO C 805 121.01 78.24 -55.04
N PRO C 806 122.05 79.00 -54.65
CA PRO C 806 123.39 78.42 -54.55
C PRO C 806 123.49 77.31 -53.52
N GLY C 807 124.28 76.30 -53.84
CA GLY C 807 124.48 75.17 -52.98
C GLY C 807 123.44 74.08 -53.11
N TYR C 808 122.31 74.34 -53.77
CA TYR C 808 121.26 73.35 -53.94
C TYR C 808 121.48 72.61 -55.24
N ALA C 809 121.99 71.39 -55.13
CA ALA C 809 122.19 70.55 -56.30
C ALA C 809 120.85 70.08 -56.85
N PRO C 810 120.64 70.15 -58.17
CA PRO C 810 119.39 69.67 -58.76
C PRO C 810 119.18 68.19 -58.49
N CYS C 811 117.91 67.80 -58.29
CA CYS C 811 117.56 66.43 -57.92
C CYS C 811 117.87 65.40 -59.01
N HIS C 812 118.11 65.83 -60.26
CA HIS C 812 118.48 64.91 -61.32
C HIS C 812 119.86 64.29 -61.13
N GLU C 813 120.67 64.80 -60.21
CA GLU C 813 122.01 64.29 -59.98
C GLU C 813 122.06 63.19 -58.94
N ALA C 814 120.93 62.79 -58.37
CA ALA C 814 120.88 61.72 -57.38
C ALA C 814 120.53 60.37 -57.98
N VAL C 815 120.41 60.27 -59.30
CA VAL C 815 120.01 59.03 -59.94
C VAL C 815 121.16 58.01 -59.87
N LEU C 816 120.80 56.78 -59.51
CA LEU C 816 121.76 55.69 -59.37
C LEU C 816 122.19 55.20 -60.75
N PRO C 817 123.39 54.59 -60.86
CA PRO C 817 123.83 54.10 -62.18
C PRO C 817 123.17 52.80 -62.61
N ARG C 818 122.85 51.93 -61.65
CA ARG C 818 122.21 50.64 -61.96
C ARG C 818 120.81 50.79 -62.54
N GLU C 819 120.15 51.92 -62.31
CA GLU C 819 118.80 52.15 -62.78
C GLU C 819 118.75 53.43 -63.61
N ARG C 820 117.61 53.63 -64.25
CA ARG C 820 117.37 54.80 -65.07
C ARG C 820 116.18 55.58 -64.51
N LEU C 821 116.25 56.90 -64.66
CA LEU C 821 115.20 57.77 -64.15
C LEU C 821 113.86 57.49 -64.82
N ARG C 822 112.81 57.44 -64.02
CA ARG C 822 111.47 57.16 -64.50
C ARG C 822 110.50 57.75 -63.49
N LEU C 823 109.24 57.87 -63.92
CA LEU C 823 108.17 58.36 -63.08
C LEU C 823 107.23 57.21 -62.76
N GLU C 824 107.01 56.97 -61.49
CA GLU C 824 106.21 55.85 -61.02
C GLU C 824 105.32 56.33 -59.88
N PRO C 825 104.20 55.66 -59.64
CA PRO C 825 103.39 55.99 -58.48
C PRO C 825 104.02 55.43 -57.21
N ILE C 826 103.40 55.75 -56.08
CA ILE C 826 103.78 55.21 -54.77
C ILE C 826 103.41 53.73 -54.80
N LYS C 827 103.87 52.94 -53.81
CA LYS C 827 103.62 51.50 -53.66
C LYS C 827 102.17 51.12 -53.92
N GLU C 828 101.98 50.26 -54.92
CA GLU C 828 100.65 49.92 -55.38
C GLU C 828 100.43 48.41 -55.26
N TYR C 829 99.17 48.02 -55.42
CA TYR C 829 98.76 46.63 -55.39
C TYR C 829 98.19 46.16 -56.72
N ARG C 830 98.30 46.98 -57.77
CA ARG C 830 97.74 46.61 -59.07
C ARG C 830 98.39 47.48 -60.14
N ARG C 831 98.62 46.89 -61.30
CA ARG C 831 99.09 47.61 -62.48
C ARG C 831 98.43 46.99 -63.70
N GLU C 832 98.31 47.78 -64.76
CA GLU C 832 97.74 47.26 -66.00
C GLU C 832 98.69 46.26 -66.64
N GLY C 833 98.14 45.22 -67.26
CA GLY C 833 98.94 44.23 -67.94
C GLY C 833 98.37 44.04 -69.33
N PRO C 834 99.25 43.71 -70.30
CA PRO C 834 98.82 43.50 -71.70
C PRO C 834 97.74 42.45 -71.85
N ARG C 835 97.82 41.41 -71.04
CA ARG C 835 96.76 40.43 -71.03
C ARG C 835 95.69 40.82 -70.03
N GLY C 836 96.11 41.28 -68.84
CA GLY C 836 95.17 41.70 -67.82
C GLY C 836 95.84 42.37 -66.64
N PRO C 837 95.03 42.95 -65.76
CA PRO C 837 95.59 43.63 -64.57
C PRO C 837 96.40 42.67 -63.71
N HIS C 838 97.52 43.16 -63.21
CA HIS C 838 98.46 42.39 -62.42
C HIS C 838 98.36 42.85 -60.97
N LEU C 839 98.10 41.90 -60.07
CA LEU C 839 98.19 42.19 -58.65
C LEU C 839 99.65 42.32 -58.27
N VAL C 840 100.01 43.47 -57.72
CA VAL C 840 101.39 43.83 -57.46
C VAL C 840 101.70 43.65 -55.99
N GLY C 841 102.55 42.67 -55.65
CA GLY C 841 103.03 42.46 -54.30
C GLY C 841 103.81 43.65 -53.76
N PRO C 842 104.09 43.65 -52.45
CA PRO C 842 104.93 44.70 -51.85
C PRO C 842 106.24 44.95 -52.59
N SER C 843 106.68 46.21 -52.55
CA SER C 843 107.88 46.64 -53.26
C SER C 843 109.04 46.79 -52.28
N ARG C 844 110.20 46.25 -52.66
CA ARG C 844 111.40 46.41 -51.87
C ARG C 844 111.80 47.88 -51.91
N CYS C 845 112.03 48.47 -50.75
CA CYS C 845 112.30 49.90 -50.65
C CYS C 845 113.72 50.12 -50.16
N LEU C 846 114.42 51.05 -50.82
CA LEU C 846 115.78 51.41 -50.43
C LEU C 846 115.74 52.19 -49.11
N SER C 847 116.84 52.14 -48.37
CA SER C 847 116.92 52.76 -47.05
C SER C 847 118.14 53.68 -46.99
N HIS C 848 118.04 54.67 -46.09
CA HIS C 848 119.15 55.60 -45.86
C HIS C 848 120.38 54.84 -45.34
N THR C 849 120.16 53.86 -44.46
CA THR C 849 121.22 52.98 -43.97
C THR C 849 121.96 52.24 -45.09
N ASP C 850 121.38 52.12 -46.27
CA ASP C 850 122.04 51.50 -47.41
C ASP C 850 122.93 52.47 -48.19
N PHE C 851 123.04 53.74 -47.77
CA PHE C 851 123.97 54.65 -48.41
C PHE C 851 125.19 54.93 -47.56
N VAL C 852 125.24 54.44 -46.34
CA VAL C 852 126.44 54.60 -45.52
C VAL C 852 127.30 53.37 -45.78
N PRO C 853 128.57 53.53 -46.16
CA PRO C 853 129.41 52.34 -46.35
C PRO C 853 129.98 51.88 -45.01
N CYS C 854 129.58 50.67 -44.60
CA CYS C 854 129.97 50.10 -43.32
C CYS C 854 130.84 48.86 -43.53
N PRO C 855 132.14 49.02 -43.59
CA PRO C 855 133.04 47.88 -43.81
C PRO C 855 133.34 47.20 -42.50
N VAL C 856 134.18 46.17 -42.56
CA VAL C 856 134.71 45.54 -41.35
C VAL C 856 136.04 46.19 -41.02
N ASP C 857 136.18 46.60 -39.75
CA ASP C 857 137.38 47.31 -39.31
C ASP C 857 138.62 46.44 -39.45
N THR C 858 139.65 46.99 -40.07
CA THR C 858 140.91 46.30 -40.32
C THR C 858 142.08 46.92 -39.58
N VAL C 859 141.89 47.26 -38.31
CA VAL C 859 142.95 47.86 -37.50
C VAL C 859 143.44 46.91 -36.42
N GLN C 860 142.54 46.37 -35.60
CA GLN C 860 142.93 45.52 -34.47
C GLN C 860 143.19 44.09 -34.95
N ILE C 861 144.23 43.96 -35.78
CA ILE C 861 144.65 42.67 -36.34
C ILE C 861 146.18 42.62 -36.27
N VAL C 862 146.72 41.79 -35.37
CA VAL C 862 148.16 41.54 -35.37
C VAL C 862 148.52 40.67 -36.56
N LEU C 863 149.52 41.09 -37.31
CA LEU C 863 149.84 40.47 -38.59
C LEU C 863 150.60 39.17 -38.36
N PRO C 864 150.13 38.05 -38.92
CA PRO C 864 150.68 36.72 -38.58
C PRO C 864 152.02 36.45 -39.27
N PRO C 865 152.79 35.46 -38.75
CA PRO C 865 154.07 35.12 -39.40
C PRO C 865 153.92 34.56 -40.80
N HIS C 866 152.90 33.74 -41.07
CA HIS C 866 152.76 33.16 -42.40
C HIS C 866 152.36 34.22 -43.42
N LEU C 867 151.79 35.33 -42.95
CA LEU C 867 151.45 36.45 -43.82
C LEU C 867 152.65 37.35 -44.08
N GLU C 868 153.42 37.72 -43.03
CA GLU C 868 154.65 38.48 -43.28
C GLU C 868 155.64 37.68 -44.12
N ARG C 869 155.58 36.35 -44.05
CA ARG C 869 156.38 35.49 -44.90
C ARG C 869 155.99 35.63 -46.37
N ILE C 870 154.73 35.94 -46.66
CA ILE C 870 154.32 36.12 -48.05
C ILE C 870 153.92 37.58 -48.32
N ARG C 871 154.45 38.50 -47.50
CA ARG C 871 154.14 39.93 -47.58
C ARG C 871 154.66 40.56 -48.87
N GLU C 872 155.59 39.91 -49.57
CA GLU C 872 156.33 40.53 -50.65
C GLU C 872 155.76 40.17 -52.03
N LYS C 873 155.61 38.88 -52.34
CA LYS C 873 155.17 38.47 -53.67
C LYS C 873 153.78 38.98 -54.00
N LEU C 874 152.85 38.89 -53.03
CA LEU C 874 151.50 39.45 -53.18
C LEU C 874 151.46 40.97 -53.30
N ALA C 875 152.55 41.66 -52.96
CA ALA C 875 152.66 43.10 -53.22
C ALA C 875 153.31 43.36 -54.57
N GLU C 876 154.36 42.59 -54.88
CA GLU C 876 155.05 42.70 -56.16
C GLU C 876 154.11 42.41 -57.31
N ASN C 877 153.12 41.55 -57.09
CA ASN C 877 152.20 41.20 -58.15
C ASN C 877 151.08 42.24 -58.27
N ILE C 878 150.99 43.20 -57.34
CA ILE C 878 149.98 44.24 -57.46
C ILE C 878 150.60 45.63 -57.47
N HIS C 879 151.89 45.71 -57.82
CA HIS C 879 152.53 47.00 -57.94
C HIS C 879 152.35 47.62 -59.31
N GLU C 880 152.21 46.80 -60.36
CA GLU C 880 151.90 47.32 -61.69
C GLU C 880 150.86 46.47 -62.41
N LEU C 881 150.01 45.77 -61.66
CA LEU C 881 148.98 44.95 -62.29
C LEU C 881 148.00 45.82 -63.07
N TRP C 882 147.65 46.99 -62.52
CA TRP C 882 146.85 47.93 -63.28
C TRP C 882 147.59 48.49 -64.48
N ALA C 883 148.93 48.39 -64.48
CA ALA C 883 149.75 48.91 -65.56
C ALA C 883 149.93 47.92 -66.70
N LEU C 884 149.68 46.63 -66.44
CA LEU C 884 149.97 45.60 -67.45
C LEU C 884 149.06 45.70 -68.68
N THR C 885 147.81 46.12 -68.48
CA THR C 885 146.80 46.09 -69.55
C THR C 885 147.15 47.00 -70.72
N ARG C 886 147.69 48.19 -70.43
CA ARG C 886 147.82 49.26 -71.41
C ARG C 886 149.18 49.38 -72.07
N ILE C 887 150.13 48.49 -71.78
CA ILE C 887 151.43 48.53 -72.45
C ILE C 887 151.25 48.12 -73.91
N GLU C 888 152.11 48.63 -74.79
CA GLU C 888 152.05 48.46 -76.26
C GLU C 888 150.77 49.06 -76.86
N GLN C 889 150.24 50.10 -76.22
CA GLN C 889 149.08 50.85 -76.72
C GLN C 889 149.44 52.32 -76.77
N GLY C 890 148.44 53.19 -76.94
CA GLY C 890 148.67 54.63 -76.83
C GLY C 890 149.21 55.07 -75.49
N TRP C 891 148.92 54.32 -74.43
CA TRP C 891 149.47 54.56 -73.10
C TRP C 891 150.67 53.66 -72.87
N THR C 892 151.71 53.87 -73.66
CA THR C 892 152.95 53.10 -73.58
C THR C 892 154.04 53.97 -72.96
N TYR C 893 154.72 53.41 -71.96
CA TYR C 893 155.64 54.11 -71.09
C TYR C 893 156.84 54.70 -71.86
N GLY C 894 157.52 55.64 -71.20
CA GLY C 894 158.71 56.27 -71.70
C GLY C 894 159.64 56.55 -70.53
N PRO C 895 160.95 56.42 -70.76
CA PRO C 895 161.94 56.64 -69.68
C PRO C 895 161.96 58.03 -69.06
N VAL C 896 161.58 59.07 -69.81
CA VAL C 896 161.64 60.44 -69.28
C VAL C 896 160.61 60.67 -68.17
N ARG C 897 159.44 60.09 -68.27
CA ARG C 897 158.33 60.34 -67.36
C ARG C 897 158.04 59.10 -66.51
N ASP C 898 156.97 59.17 -65.74
CA ASP C 898 156.58 58.11 -64.82
C ASP C 898 155.07 57.98 -64.90
N ASP C 899 154.48 57.34 -63.89
CA ASP C 899 153.03 57.11 -63.82
C ASP C 899 152.24 58.42 -63.88
N ASN C 900 150.96 58.27 -64.26
CA ASN C 900 149.94 59.32 -64.30
C ASN C 900 150.21 60.42 -65.33
N LYS C 901 151.10 60.16 -66.31
CA LYS C 901 151.47 61.14 -67.32
C LYS C 901 151.05 60.71 -68.73
N ARG C 902 149.91 60.03 -68.83
CA ARG C 902 149.31 59.48 -70.06
C ARG C 902 150.19 58.44 -70.78
N LEU C 903 151.31 58.05 -70.17
CA LEU C 903 152.25 57.04 -70.60
C LEU C 903 152.68 56.23 -69.38
N HIS C 904 151.67 55.87 -68.57
CA HIS C 904 151.86 55.40 -67.20
C HIS C 904 152.80 54.20 -66.93
N PRO C 905 152.77 53.01 -67.72
CA PRO C 905 153.15 51.69 -67.14
C PRO C 905 154.32 51.53 -66.17
N CYS C 906 155.55 51.88 -66.59
CA CYS C 906 156.79 51.73 -65.82
C CYS C 906 156.90 50.33 -65.21
N LEU C 907 156.99 49.35 -66.11
CA LEU C 907 156.98 47.94 -65.73
C LEU C 907 158.24 47.45 -65.03
N VAL C 908 159.28 48.30 -64.93
CA VAL C 908 160.61 47.87 -64.47
C VAL C 908 160.54 47.27 -63.07
N ASN C 909 160.17 48.11 -62.09
CA ASN C 909 160.07 47.73 -60.70
C ASN C 909 159.48 48.92 -59.95
N PHE C 910 159.10 48.67 -58.69
CA PHE C 910 158.62 49.70 -57.78
C PHE C 910 159.75 50.43 -57.07
N HIS C 911 160.99 49.94 -57.19
CA HIS C 911 162.13 50.70 -56.68
C HIS C 911 162.33 51.98 -57.47
N SER C 912 162.16 51.92 -58.80
CA SER C 912 162.17 53.13 -59.62
C SER C 912 161.00 54.03 -59.26
N LEU C 913 159.87 53.45 -58.87
CA LEU C 913 158.71 54.20 -58.47
C LEU C 913 158.92 54.81 -57.09
N PRO C 914 158.19 55.90 -56.76
CA PRO C 914 158.39 56.59 -55.47
C PRO C 914 158.18 55.70 -54.25
N GLU C 915 159.05 55.88 -53.26
CA GLU C 915 159.05 55.07 -52.03
C GLU C 915 157.75 55.12 -51.21
N PRO C 916 157.12 56.29 -50.92
CA PRO C 916 155.89 56.26 -50.09
C PRO C 916 154.76 55.43 -50.69
N GLU C 917 154.40 55.69 -51.95
CA GLU C 917 153.37 54.86 -52.59
C GLU C 917 153.84 53.41 -52.75
N ARG C 918 155.17 53.18 -52.83
CA ARG C 918 155.71 51.82 -52.92
C ARG C 918 155.38 51.00 -51.66
N ASN C 919 155.92 51.43 -50.50
CA ASN C 919 155.61 50.71 -49.27
C ASN C 919 154.14 50.83 -48.87
N TYR C 920 153.45 51.87 -49.37
CA TYR C 920 152.00 51.92 -49.27
C TYR C 920 151.34 50.77 -50.01
N ASN C 921 151.86 50.42 -51.20
CA ASN C 921 151.32 49.28 -51.95
C ASN C 921 151.63 47.98 -51.23
N LEU C 922 152.83 47.86 -50.64
CA LEU C 922 153.14 46.70 -49.79
C LEU C 922 152.13 46.55 -48.65
N GLN C 923 151.90 47.63 -47.91
CA GLN C 923 150.99 47.54 -46.78
C GLN C 923 149.51 47.57 -47.21
N MET C 924 149.22 47.89 -48.47
CA MET C 924 147.89 47.61 -49.04
C MET C 924 147.70 46.14 -49.35
N SER C 925 148.76 45.46 -49.83
CA SER C 925 148.71 44.00 -49.93
C SER C 925 148.50 43.37 -48.55
N GLY C 926 149.25 43.87 -47.56
CA GLY C 926 149.01 43.48 -46.18
C GLY C 926 147.61 43.81 -45.70
N GLU C 927 147.06 44.93 -46.15
CA GLU C 927 145.71 45.35 -45.77
C GLU C 927 144.65 44.42 -46.34
N THR C 928 144.84 43.97 -47.59
CA THR C 928 143.97 42.95 -48.16
C THR C 928 144.07 41.63 -47.39
N LEU C 929 145.29 41.22 -47.02
CA LEU C 929 145.40 40.04 -46.15
C LEU C 929 144.76 40.24 -44.78
N LYS C 930 144.76 41.47 -44.26
CA LYS C 930 144.11 41.76 -42.99
C LYS C 930 142.59 41.69 -43.13
N THR C 931 142.08 42.14 -44.28
CA THR C 931 140.67 41.94 -44.61
C THR C 931 140.33 40.46 -44.71
N LEU C 932 141.25 39.65 -45.26
CA LEU C 932 141.04 38.20 -45.32
C LEU C 932 140.96 37.61 -43.91
N LEU C 933 141.81 38.10 -43.01
CA LEU C 933 141.76 37.67 -41.61
C LEU C 933 140.44 38.05 -40.95
N ALA C 934 140.05 39.33 -41.06
CA ALA C 934 138.82 39.79 -40.42
C ALA C 934 137.60 39.11 -41.00
N LEU C 935 137.66 38.73 -42.29
CA LEU C 935 136.56 37.99 -42.91
C LEU C 935 136.52 36.56 -42.41
N GLY C 936 137.69 35.97 -42.15
CA GLY C 936 137.75 34.57 -41.76
C GLY C 936 138.50 33.68 -42.72
N CYS C 937 139.54 34.22 -43.36
CA CYS C 937 140.38 33.44 -44.27
C CYS C 937 141.72 33.15 -43.62
N HIS C 938 142.12 31.88 -43.67
CA HIS C 938 143.39 31.41 -43.11
C HIS C 938 144.06 30.51 -44.14
N VAL C 939 145.39 30.42 -44.06
CA VAL C 939 146.19 29.82 -45.12
C VAL C 939 146.88 28.56 -44.61
N GLY C 940 147.07 27.62 -45.52
CA GLY C 940 147.79 26.39 -45.25
C GLY C 940 148.51 25.89 -46.48
N MET C 941 149.75 25.41 -46.30
CA MET C 941 150.63 25.04 -47.41
C MET C 941 150.70 23.52 -47.50
N ALA C 942 150.37 22.98 -48.67
CA ALA C 942 150.46 21.54 -48.91
C ALA C 942 151.44 21.19 -50.02
N ASP C 943 151.23 21.70 -51.24
CA ASP C 943 151.80 21.06 -52.42
C ASP C 943 153.15 21.70 -52.76
N GLU C 944 153.68 21.40 -53.96
CA GLU C 944 154.94 21.94 -54.47
C GLU C 944 154.96 23.47 -54.50
N LYS C 945 156.09 24.04 -54.11
CA LYS C 945 156.24 25.50 -54.04
C LYS C 945 156.15 26.07 -55.45
N ALA C 946 155.18 26.97 -55.67
CA ALA C 946 154.97 27.59 -56.98
C ALA C 946 156.18 28.38 -57.48
N GLU C 947 157.03 28.86 -56.55
CA GLU C 947 158.25 29.59 -56.89
C GLU C 947 159.14 28.80 -57.86
N ASP C 948 159.21 27.49 -57.70
CA ASP C 948 160.02 26.65 -58.58
C ASP C 948 159.38 26.58 -59.97
N ASN C 949 158.09 26.29 -60.03
CA ASN C 949 157.40 25.95 -61.26
C ASN C 949 156.73 27.19 -61.87
N LEU C 950 157.12 28.37 -61.40
CA LEU C 950 156.70 29.64 -61.98
C LEU C 950 157.88 30.27 -62.70
N LYS C 951 157.59 31.02 -63.77
CA LYS C 951 158.62 31.71 -64.53
C LYS C 951 158.07 33.05 -65.02
N LYS C 952 158.99 33.95 -65.35
CA LYS C 952 158.65 35.23 -65.94
C LYS C 952 158.78 35.14 -67.46
N THR C 953 157.78 35.65 -68.18
CA THR C 953 157.68 35.49 -69.62
C THR C 953 157.89 36.85 -70.27
N LYS C 954 159.04 37.03 -70.92
CA LYS C 954 159.29 38.23 -71.72
C LYS C 954 158.53 38.09 -73.03
N LEU C 955 157.27 38.50 -73.00
CA LEU C 955 156.40 38.39 -74.16
C LEU C 955 156.84 39.38 -75.24
N PRO C 956 156.53 39.11 -76.51
CA PRO C 956 156.72 40.14 -77.54
C PRO C 956 155.95 41.43 -77.26
N LYS C 957 154.71 41.31 -76.75
CA LYS C 957 154.02 42.44 -76.19
C LYS C 957 154.63 42.82 -74.85
N THR C 958 154.39 44.07 -74.43
CA THR C 958 154.94 44.70 -73.22
C THR C 958 156.45 44.81 -73.24
N TYR C 959 157.07 44.79 -74.43
CA TYR C 959 158.50 45.01 -74.54
C TYR C 959 158.81 46.49 -74.40
N MET C 960 159.80 46.80 -73.57
CA MET C 960 160.21 48.18 -73.30
C MET C 960 161.71 48.33 -73.35
N MET C 961 162.14 49.57 -73.59
CA MET C 961 163.54 49.93 -73.71
C MET C 961 164.13 50.36 -72.37
N SER C 962 163.28 50.71 -71.41
CA SER C 962 163.72 51.19 -70.10
C SER C 962 164.03 50.00 -69.20
N ASN C 963 165.33 49.69 -69.09
CA ASN C 963 165.90 48.69 -68.17
C ASN C 963 165.24 47.32 -68.37
N GLY C 964 165.27 46.84 -69.61
CA GLY C 964 164.78 45.52 -69.93
C GLY C 964 163.27 45.43 -69.93
N TYR C 965 162.77 44.29 -70.41
CA TYR C 965 161.34 44.07 -70.52
C TYR C 965 160.95 42.87 -69.68
N LYS C 966 159.78 42.97 -69.04
CA LYS C 966 159.24 41.96 -68.17
C LYS C 966 157.74 42.21 -68.04
N PRO C 967 156.97 41.20 -67.60
CA PRO C 967 155.57 41.49 -67.22
C PRO C 967 155.54 42.53 -66.10
N ALA C 968 154.60 43.47 -66.23
CA ALA C 968 154.49 44.55 -65.24
C ALA C 968 154.20 44.05 -63.82
N PRO C 969 153.20 43.15 -63.56
CA PRO C 969 153.19 42.48 -62.25
C PRO C 969 154.12 41.28 -62.26
N LEU C 970 154.13 40.51 -61.19
CA LEU C 970 154.92 39.28 -61.20
C LEU C 970 154.13 38.21 -61.94
N ASP C 971 154.81 37.47 -62.82
CA ASP C 971 154.15 36.54 -63.72
C ASP C 971 153.60 35.34 -62.94
N LEU C 972 152.66 34.64 -63.58
CA LEU C 972 152.03 33.47 -62.97
C LEU C 972 151.58 32.54 -64.09
N SER C 973 151.63 31.24 -63.81
CA SER C 973 151.24 30.21 -64.77
C SER C 973 149.77 29.83 -64.53
N HIS C 974 149.34 28.74 -65.17
CA HIS C 974 148.00 28.17 -65.02
C HIS C 974 147.60 27.89 -63.56
N VAL C 975 146.60 28.62 -63.09
CA VAL C 975 146.07 28.57 -61.72
C VAL C 975 144.57 28.85 -61.83
N ARG C 976 143.76 28.17 -61.02
CA ARG C 976 142.30 28.29 -61.10
C ARG C 976 141.75 28.72 -59.73
N LEU C 977 140.44 28.96 -59.67
CA LEU C 977 139.80 29.46 -58.47
C LEU C 977 138.41 28.85 -58.33
N THR C 978 138.09 28.37 -57.13
CA THR C 978 136.80 27.76 -56.83
C THR C 978 135.77 28.84 -56.47
N PRO C 979 134.45 28.51 -56.50
CA PRO C 979 133.43 29.52 -56.18
C PRO C 979 133.55 30.15 -54.79
N ALA C 980 134.01 29.41 -53.78
CA ALA C 980 134.29 30.01 -52.47
C ALA C 980 135.24 31.21 -52.60
N GLN C 981 136.30 31.05 -53.41
CA GLN C 981 137.22 32.15 -53.67
C GLN C 981 136.54 33.27 -54.46
N THR C 982 135.59 32.93 -55.34
CA THR C 982 134.87 33.97 -56.09
C THR C 982 134.03 34.85 -55.15
N THR C 983 133.24 34.22 -54.29
CA THR C 983 132.45 34.99 -53.31
C THR C 983 133.36 35.78 -52.38
N LEU C 984 134.45 35.16 -51.92
CA LEU C 984 135.36 35.82 -51.00
C LEU C 984 136.02 37.04 -51.63
N VAL C 985 136.43 36.94 -52.90
CA VAL C 985 137.04 38.10 -53.56
C VAL C 985 135.98 39.15 -53.84
N ASP C 986 134.72 38.74 -54.05
CA ASP C 986 133.62 39.69 -54.20
C ASP C 986 133.46 40.55 -52.94
N ARG C 987 133.37 39.91 -51.77
CA ARG C 987 133.22 40.70 -50.55
C ARG C 987 134.53 41.39 -50.16
N LEU C 988 135.67 40.87 -50.61
CA LEU C 988 136.94 41.55 -50.42
C LEU C 988 136.98 42.88 -51.19
N ALA C 989 136.46 42.86 -52.42
CA ALA C 989 136.34 44.09 -53.19
C ALA C 989 135.30 45.01 -52.57
N GLU C 990 134.23 44.44 -52.01
CA GLU C 990 133.25 45.22 -51.26
C GLU C 990 133.90 45.96 -50.11
N ASN C 991 134.74 45.27 -49.34
CA ASN C 991 135.37 45.92 -48.20
C ASN C 991 136.50 46.85 -48.62
N GLY C 992 136.93 46.79 -49.87
CA GLY C 992 137.87 47.78 -50.35
C GLY C 992 137.13 49.04 -50.75
N HIS C 993 136.05 48.84 -51.50
CA HIS C 993 135.21 49.95 -51.95
C HIS C 993 134.61 50.72 -50.78
N ASN C 994 134.13 50.00 -49.76
CA ASN C 994 133.45 50.68 -48.67
C ASN C 994 134.42 51.44 -47.77
N VAL C 995 135.69 51.03 -47.74
CA VAL C 995 136.70 51.79 -47.00
C VAL C 995 137.07 53.03 -47.79
N TRP C 996 137.21 52.88 -49.12
CA TRP C 996 137.52 54.02 -49.98
C TRP C 996 136.40 55.06 -49.90
N ALA C 997 135.15 54.61 -49.97
CA ALA C 997 134.00 55.51 -49.90
C ALA C 997 133.91 56.17 -48.53
N ARG C 998 134.17 55.41 -47.46
CA ARG C 998 134.19 55.94 -46.11
C ARG C 998 135.23 57.05 -45.97
N ASP C 999 136.43 56.81 -46.53
CA ASP C 999 137.50 57.81 -46.47
C ASP C 999 137.12 59.07 -47.22
N ARG C 1000 136.56 58.91 -48.44
CA ARG C 1000 136.15 60.06 -49.24
C ARG C 1000 135.08 60.89 -48.51
N VAL C 1001 134.11 60.19 -47.89
CA VAL C 1001 133.09 60.87 -47.10
C VAL C 1001 133.74 61.61 -45.94
N ALA C 1002 134.71 60.97 -45.27
CA ALA C 1002 135.43 61.64 -44.20
C ALA C 1002 136.24 62.84 -44.71
N GLN C 1003 136.57 62.88 -46.00
CA GLN C 1003 137.09 64.11 -46.59
C GLN C 1003 136.00 64.97 -47.20
N GLY C 1004 134.74 64.68 -46.92
CA GLY C 1004 133.65 65.56 -47.28
C GLY C 1004 132.89 65.20 -48.54
N TRP C 1005 133.47 64.38 -49.41
CA TRP C 1005 132.89 64.04 -50.71
C TRP C 1005 131.51 63.39 -50.60
N SER C 1006 130.79 63.41 -51.72
CA SER C 1006 129.47 62.78 -51.80
C SER C 1006 129.21 62.30 -53.22
N TYR C 1007 128.01 61.75 -53.43
CA TYR C 1007 127.62 61.14 -54.69
C TYR C 1007 126.96 62.17 -55.61
N SER C 1008 127.20 62.03 -56.92
CA SER C 1008 126.50 62.80 -57.95
C SER C 1008 126.68 62.03 -59.25
N ALA C 1009 125.58 61.82 -59.99
CA ALA C 1009 125.62 61.07 -61.24
C ALA C 1009 126.50 61.71 -62.32
N VAL C 1010 126.79 63.01 -62.18
CA VAL C 1010 127.75 63.71 -63.03
C VAL C 1010 128.92 64.09 -62.15
N GLN C 1011 130.14 63.84 -62.64
CA GLN C 1011 131.32 64.02 -61.81
C GLN C 1011 131.67 65.49 -61.71
N ASP C 1012 131.91 65.95 -60.48
CA ASP C 1012 132.32 67.33 -60.20
C ASP C 1012 133.49 67.28 -59.21
N ILE C 1013 134.71 67.34 -59.75
CA ILE C 1013 135.91 67.30 -58.93
C ILE C 1013 136.05 68.56 -58.06
N PRO C 1014 135.96 69.82 -58.58
CA PRO C 1014 136.06 70.97 -57.64
C PRO C 1014 134.96 71.04 -56.61
N ALA C 1015 133.76 70.52 -56.92
CA ALA C 1015 132.70 70.38 -55.94
C ALA C 1015 132.82 69.11 -55.12
N ARG C 1016 133.81 68.26 -55.43
CA ARG C 1016 134.18 67.08 -54.65
C ARG C 1016 133.04 66.07 -54.61
N ARG C 1017 132.54 65.72 -55.79
CA ARG C 1017 131.49 64.72 -55.93
C ARG C 1017 131.86 63.77 -57.06
N ASN C 1018 131.47 62.51 -56.89
CA ASN C 1018 131.89 61.41 -57.73
C ASN C 1018 130.67 60.58 -58.10
N PRO C 1019 130.65 59.95 -59.27
CA PRO C 1019 129.57 59.00 -59.59
C PRO C 1019 129.73 57.62 -58.99
N ARG C 1020 130.78 57.39 -58.22
CA ARG C 1020 131.02 56.06 -57.67
C ARG C 1020 131.01 56.06 -56.16
N LEU C 1021 130.71 57.20 -55.53
CA LEU C 1021 130.52 57.26 -54.08
C LEU C 1021 129.15 56.76 -53.67
N VAL C 1022 128.94 55.46 -53.88
CA VAL C 1022 127.81 54.74 -53.32
C VAL C 1022 128.39 53.45 -52.77
N PRO C 1023 127.75 52.83 -51.77
CA PRO C 1023 128.21 51.51 -51.31
C PRO C 1023 128.19 50.48 -52.43
N TYR C 1024 129.09 49.49 -52.29
CA TYR C 1024 129.34 48.47 -53.32
C TYR C 1024 128.06 47.81 -53.78
N ARG C 1025 127.14 47.53 -52.85
CA ARG C 1025 125.87 46.87 -53.18
C ARG C 1025 125.04 47.71 -54.16
N LEU C 1026 125.26 49.03 -54.17
CA LEU C 1026 124.53 49.96 -55.03
C LEU C 1026 125.37 50.37 -56.22
N LEU C 1027 126.65 50.00 -56.26
CA LEU C 1027 127.52 50.32 -57.38
C LEU C 1027 127.04 49.63 -58.66
N ASP C 1028 127.62 50.03 -59.77
CA ASP C 1028 127.27 49.43 -61.05
C ASP C 1028 128.15 48.22 -61.34
N GLU C 1029 127.66 47.33 -62.21
CA GLU C 1029 128.34 46.07 -62.50
C GLU C 1029 129.68 46.27 -63.19
N ALA C 1030 129.81 47.33 -64.00
CA ALA C 1030 131.08 47.64 -64.65
C ALA C 1030 132.17 47.92 -63.61
N THR C 1031 131.86 48.79 -62.64
CA THR C 1031 132.83 49.12 -61.61
C THR C 1031 133.03 47.95 -60.66
N LYS C 1032 131.97 47.19 -60.36
CA LYS C 1032 132.10 45.97 -59.57
C LYS C 1032 133.10 45.01 -60.19
N ARG C 1033 132.97 44.77 -61.49
CA ARG C 1033 133.87 43.88 -62.21
C ARG C 1033 135.28 44.43 -62.23
N SER C 1034 135.42 45.75 -62.45
CA SER C 1034 136.73 46.37 -62.51
C SER C 1034 137.47 46.26 -61.18
N ASN C 1035 136.77 46.48 -60.06
CA ASN C 1035 137.40 46.26 -58.76
C ASN C 1035 137.72 44.78 -58.53
N ARG C 1036 136.78 43.89 -58.87
CA ARG C 1036 136.96 42.48 -58.59
C ARG C 1036 138.09 41.85 -59.41
N ASP C 1037 138.39 42.40 -60.60
CA ASP C 1037 139.41 41.81 -61.47
C ASP C 1037 140.80 41.82 -60.84
N SER C 1038 141.19 42.98 -60.26
CA SER C 1038 142.52 43.14 -59.68
C SER C 1038 142.72 42.21 -58.50
N LEU C 1039 141.78 42.23 -57.56
CA LEU C 1039 141.88 41.40 -56.38
C LEU C 1039 141.64 39.93 -56.71
N CYS C 1040 140.92 39.64 -57.81
CA CYS C 1040 140.82 38.26 -58.30
C CYS C 1040 142.18 37.75 -58.76
N GLN C 1041 142.93 38.60 -59.46
CA GLN C 1041 144.30 38.25 -59.83
C GLN C 1041 145.15 38.04 -58.58
N ALA C 1042 144.97 38.91 -57.58
CA ALA C 1042 145.73 38.81 -56.32
C ALA C 1042 145.45 37.48 -55.61
N VAL C 1043 144.17 37.14 -55.42
CA VAL C 1043 143.82 35.90 -54.72
C VAL C 1043 144.23 34.69 -55.58
N ARG C 1044 144.24 34.85 -56.92
CA ARG C 1044 144.74 33.80 -57.81
C ARG C 1044 146.22 33.56 -57.56
N THR C 1045 147.01 34.63 -57.45
CA THR C 1045 148.44 34.53 -57.16
C THR C 1045 148.68 33.89 -55.80
N LEU C 1046 147.81 34.20 -54.83
CA LEU C 1046 147.88 33.55 -53.52
C LEU C 1046 147.60 32.06 -53.65
N LEU C 1047 146.60 31.69 -54.46
CA LEU C 1047 146.21 30.31 -54.65
C LEU C 1047 147.30 29.51 -55.36
N GLY C 1048 148.03 30.17 -56.27
CA GLY C 1048 149.12 29.50 -56.98
C GLY C 1048 150.17 28.92 -56.06
N TYR C 1049 150.51 29.65 -54.99
CA TYR C 1049 151.46 29.18 -53.98
C TYR C 1049 150.88 28.09 -53.08
N GLY C 1050 149.66 27.63 -53.34
CA GLY C 1050 149.06 26.49 -52.67
C GLY C 1050 148.46 26.81 -51.34
N TYR C 1051 148.50 28.07 -50.90
CA TYR C 1051 147.96 28.42 -49.60
C TYR C 1051 146.44 28.52 -49.70
N ASN C 1052 145.76 27.76 -48.83
CA ASN C 1052 144.32 27.61 -48.89
C ASN C 1052 143.60 28.92 -48.61
N ILE C 1053 142.52 29.15 -49.33
CA ILE C 1053 141.61 30.25 -49.04
C ILE C 1053 140.44 29.62 -48.30
N GLU C 1054 140.42 29.78 -46.97
CA GLU C 1054 139.45 29.07 -46.16
C GLU C 1054 138.19 29.92 -46.01
N PRO C 1055 137.03 29.44 -46.45
CA PRO C 1055 135.79 30.15 -46.18
C PRO C 1055 135.52 30.21 -44.69
N PRO C 1056 134.94 31.31 -44.22
CA PRO C 1056 134.53 31.41 -42.81
C PRO C 1056 133.22 30.67 -42.60
N ASP C 1057 132.75 30.68 -41.36
CA ASP C 1057 131.46 30.11 -41.03
C ASP C 1057 130.34 30.94 -41.67
N GLN C 1058 129.21 30.29 -41.88
CA GLN C 1058 128.05 30.90 -42.52
C GLN C 1058 127.01 31.29 -41.48
N GLU C 1059 126.61 32.56 -41.47
CA GLU C 1059 125.59 33.06 -40.56
C GLU C 1059 124.45 33.65 -41.38
N PRO C 1060 123.26 33.06 -41.33
CA PRO C 1060 122.12 33.61 -42.09
C PRO C 1060 121.55 34.87 -41.43
N SER C 1061 121.42 35.93 -42.21
CA SER C 1061 120.95 37.21 -41.71
C SER C 1061 119.88 37.77 -42.63
N GLN C 1062 118.96 38.53 -42.03
CA GLN C 1062 117.89 39.21 -42.74
C GLN C 1062 118.05 40.72 -42.60
N VAL C 1063 117.95 41.43 -43.72
CA VAL C 1063 118.18 42.87 -43.74
C VAL C 1063 117.12 43.61 -42.93
N GLU C 1064 115.85 43.28 -43.16
CA GLU C 1064 114.74 43.89 -42.43
C GLU C 1064 113.95 42.79 -41.76
N ASN C 1065 113.72 42.93 -40.46
CA ASN C 1065 113.03 41.91 -39.68
C ASN C 1065 111.77 42.41 -38.99
N GLN C 1066 111.75 43.67 -38.53
CA GLN C 1066 110.64 44.20 -37.75
C GLN C 1066 109.32 44.15 -38.52
N SER C 1067 109.32 44.67 -39.75
CA SER C 1067 108.11 44.75 -40.55
C SER C 1067 107.90 43.43 -41.31
N ARG C 1068 107.47 42.42 -40.55
CA ARG C 1068 107.14 41.14 -41.17
C ARG C 1068 105.86 41.22 -42.00
N TRP C 1069 105.05 42.26 -41.81
CA TRP C 1069 103.77 42.34 -42.50
C TRP C 1069 103.89 43.03 -43.84
N ASP C 1070 104.82 43.99 -43.98
CA ASP C 1070 105.09 44.57 -45.29
C ASP C 1070 105.97 43.63 -46.13
N ARG C 1071 105.56 42.40 -46.27
CA ARG C 1071 106.22 41.36 -47.04
C ARG C 1071 105.27 40.66 -47.99
N VAL C 1072 104.05 40.36 -47.55
CA VAL C 1072 103.11 39.65 -48.41
C VAL C 1072 101.80 40.42 -48.40
N ARG C 1073 101.20 40.58 -49.56
CA ARG C 1073 99.94 41.31 -49.70
C ARG C 1073 98.80 40.40 -50.16
N ILE C 1074 98.17 39.69 -49.22
CA ILE C 1074 97.08 38.75 -49.53
C ILE C 1074 95.99 39.41 -50.39
N PHE C 1075 95.46 38.63 -51.35
CA PHE C 1075 94.35 38.96 -52.24
C PHE C 1075 93.30 37.85 -52.18
N ARG C 1076 92.06 38.23 -51.93
CA ARG C 1076 90.96 37.28 -51.87
C ARG C 1076 89.72 37.95 -52.41
N ALA C 1077 88.75 37.16 -52.86
CA ALA C 1077 87.56 37.78 -53.43
C ALA C 1077 86.61 38.24 -52.33
N GLU C 1078 85.48 38.83 -52.74
CA GLU C 1078 84.45 39.19 -51.77
C GLU C 1078 83.83 37.93 -51.17
N LYS C 1079 83.39 38.04 -49.92
CA LYS C 1079 82.72 36.94 -49.25
C LYS C 1079 81.37 36.60 -49.85
N SER C 1080 80.78 37.50 -50.65
CA SER C 1080 79.50 37.20 -51.30
C SER C 1080 79.62 36.09 -52.31
N TYR C 1081 80.75 36.02 -53.02
CA TYR C 1081 80.99 35.01 -54.05
C TYR C 1081 81.42 33.66 -53.49
N THR C 1082 81.30 33.44 -52.17
CA THR C 1082 81.67 32.18 -51.55
C THR C 1082 80.85 31.03 -52.14
N VAL C 1083 81.53 29.91 -52.41
CA VAL C 1083 80.93 28.77 -53.10
C VAL C 1083 80.76 27.63 -52.11
N GLN C 1084 79.64 26.92 -52.24
CA GLN C 1084 79.31 25.80 -51.38
C GLN C 1084 79.30 24.47 -52.13
N SER C 1085 79.39 24.49 -53.46
CA SER C 1085 79.28 23.28 -54.26
C SER C 1085 79.86 23.57 -55.64
N GLY C 1086 79.88 22.52 -56.48
CA GLY C 1086 80.34 22.62 -57.84
C GLY C 1086 81.84 22.42 -57.98
N ARG C 1087 82.28 22.40 -59.23
CA ARG C 1087 83.67 22.17 -59.59
C ARG C 1087 84.23 23.47 -60.12
N TRP C 1088 85.07 24.12 -59.31
CA TRP C 1088 85.54 25.46 -59.60
C TRP C 1088 87.03 25.45 -59.92
N TYR C 1089 87.40 26.30 -60.88
CA TYR C 1089 88.75 26.34 -61.42
C TYR C 1089 89.13 27.78 -61.70
N PHE C 1090 90.38 28.14 -61.40
CA PHE C 1090 90.84 29.49 -61.73
C PHE C 1090 92.34 29.47 -61.94
N GLU C 1091 92.85 30.47 -62.65
CA GLU C 1091 94.26 30.49 -63.00
C GLU C 1091 94.95 31.70 -62.39
N PHE C 1092 96.15 31.47 -61.87
CA PHE C 1092 96.99 32.55 -61.39
C PHE C 1092 98.32 32.48 -62.12
N GLU C 1093 98.60 33.50 -62.93
CA GLU C 1093 99.82 33.52 -63.70
C GLU C 1093 100.93 34.05 -62.82
N ALA C 1094 101.96 33.23 -62.64
CA ALA C 1094 103.19 33.52 -61.90
C ALA C 1094 104.16 34.09 -62.92
N VAL C 1095 104.13 35.41 -63.05
CA VAL C 1095 104.99 36.13 -63.98
C VAL C 1095 106.44 35.96 -63.56
N THR C 1096 106.73 36.10 -62.28
CA THR C 1096 108.06 35.90 -61.74
C THR C 1096 108.16 34.53 -61.07
N THR C 1097 109.35 34.24 -60.53
CA THR C 1097 109.62 32.96 -59.89
C THR C 1097 109.78 33.16 -58.37
N GLY C 1098 109.39 34.31 -57.85
CA GLY C 1098 109.53 34.60 -56.45
C GLY C 1098 108.54 33.91 -55.53
N GLU C 1099 108.17 34.56 -54.44
CA GLU C 1099 107.30 33.95 -53.45
C GLU C 1099 105.84 34.32 -53.77
N MET C 1100 105.05 33.31 -54.13
CA MET C 1100 103.63 33.48 -54.38
C MET C 1100 102.89 32.27 -53.84
N ARG C 1101 101.71 32.49 -53.27
CA ARG C 1101 100.91 31.40 -52.76
C ARG C 1101 99.52 31.48 -53.36
N VAL C 1102 99.00 30.37 -53.86
CA VAL C 1102 97.68 30.39 -54.50
C VAL C 1102 96.91 29.13 -54.10
N GLY C 1103 95.61 29.28 -53.93
CA GLY C 1103 94.76 28.16 -53.59
C GLY C 1103 93.36 28.54 -53.18
N TRP C 1104 92.87 27.95 -52.09
CA TRP C 1104 91.53 28.26 -51.61
C TRP C 1104 91.58 28.45 -50.10
N ALA C 1105 90.65 29.24 -49.58
CA ALA C 1105 90.61 29.48 -48.15
C ALA C 1105 89.21 29.89 -47.74
N ARG C 1106 88.92 29.71 -46.46
CA ARG C 1106 87.65 30.08 -45.91
C ARG C 1106 87.54 31.61 -45.86
N PRO C 1107 86.31 32.15 -45.88
CA PRO C 1107 86.15 33.63 -45.87
C PRO C 1107 86.69 34.34 -44.64
N GLU C 1108 86.95 33.64 -43.54
CA GLU C 1108 87.43 34.23 -42.31
C GLU C 1108 88.95 34.24 -42.22
N LEU C 1109 89.65 34.30 -43.35
CA LEU C 1109 91.11 34.37 -43.36
C LEU C 1109 91.58 35.62 -42.65
N ARG C 1110 92.40 35.44 -41.62
CA ARG C 1110 92.91 36.58 -40.87
C ARG C 1110 93.95 37.30 -41.71
N PRO C 1111 93.85 38.63 -41.86
CA PRO C 1111 94.76 39.36 -42.75
C PRO C 1111 96.21 39.40 -42.29
N ASP C 1112 96.52 39.08 -41.04
CA ASP C 1112 97.87 39.18 -40.52
C ASP C 1112 98.42 37.82 -40.09
N VAL C 1113 97.94 36.74 -40.71
CA VAL C 1113 98.39 35.39 -40.45
C VAL C 1113 98.77 34.78 -41.78
N GLU C 1114 99.92 34.10 -41.82
CA GLU C 1114 100.39 33.47 -43.05
C GLU C 1114 99.44 32.38 -43.52
N LEU C 1115 99.29 32.28 -44.83
CA LEU C 1115 98.39 31.31 -45.45
C LEU C 1115 98.91 29.89 -45.23
N GLY C 1116 98.03 29.02 -44.77
CA GLY C 1116 98.38 27.66 -44.46
C GLY C 1116 98.95 27.44 -43.07
N ALA C 1117 99.34 28.52 -42.38
CA ALA C 1117 99.81 28.38 -41.00
C ALA C 1117 98.69 27.95 -40.07
N ASP C 1118 97.44 28.24 -40.43
CA ASP C 1118 96.26 27.85 -39.67
C ASP C 1118 95.34 27.01 -40.56
N GLU C 1119 94.26 26.53 -39.95
CA GLU C 1119 93.27 25.71 -40.65
C GLU C 1119 92.44 26.49 -41.65
N LEU C 1120 92.52 27.82 -41.66
CA LEU C 1120 91.67 28.66 -42.49
C LEU C 1120 92.21 28.85 -43.90
N ALA C 1121 93.09 27.96 -44.37
CA ALA C 1121 93.65 28.09 -45.71
C ALA C 1121 94.12 26.73 -46.19
N TYR C 1122 93.97 26.51 -47.49
CA TYR C 1122 94.47 25.34 -48.22
C TYR C 1122 95.24 25.93 -49.40
N VAL C 1123 96.53 26.22 -49.22
CA VAL C 1123 97.21 27.02 -50.22
C VAL C 1123 98.47 26.28 -50.67
N PHE C 1124 98.96 26.61 -51.86
CA PHE C 1124 100.13 25.98 -52.42
C PHE C 1124 101.16 27.07 -52.73
N ASN C 1125 102.42 26.77 -52.42
CA ASN C 1125 103.56 27.64 -52.63
C ASN C 1125 104.51 26.93 -53.59
N GLY C 1126 104.61 27.44 -54.81
CA GLY C 1126 105.46 26.81 -55.80
C GLY C 1126 106.76 27.57 -55.97
N HIS C 1127 107.23 28.17 -54.89
CA HIS C 1127 108.59 28.66 -54.88
C HIS C 1127 109.56 27.58 -54.41
N ARG C 1128 109.07 26.63 -53.62
CA ARG C 1128 109.91 25.50 -53.21
C ARG C 1128 109.17 24.17 -53.28
N GLY C 1129 108.08 24.08 -54.04
CA GLY C 1129 107.27 22.87 -54.09
C GLY C 1129 106.70 22.47 -52.74
N GLN C 1130 105.83 23.31 -52.18
CA GLN C 1130 105.36 23.16 -50.83
C GLN C 1130 103.85 23.42 -50.79
N ARG C 1131 103.12 22.65 -49.98
CA ARG C 1131 101.70 22.93 -49.79
C ARG C 1131 101.45 23.24 -48.32
N TRP C 1132 100.75 24.34 -48.07
CA TRP C 1132 100.58 24.86 -46.73
C TRP C 1132 99.15 24.65 -46.26
N HIS C 1133 99.01 23.86 -45.20
CA HIS C 1133 97.79 23.76 -44.41
C HIS C 1133 98.17 23.21 -43.05
N LEU C 1134 98.15 24.08 -42.03
CA LEU C 1134 98.49 23.74 -40.63
C LEU C 1134 99.87 23.09 -40.52
N GLY C 1135 100.83 23.59 -41.28
CA GLY C 1135 102.17 23.07 -41.26
C GLY C 1135 102.74 22.99 -42.65
N SER C 1136 103.75 22.13 -42.81
CA SER C 1136 104.49 22.02 -44.06
C SER C 1136 104.62 20.56 -44.47
N GLU C 1137 104.45 20.30 -45.78
CA GLU C 1137 104.65 18.97 -46.34
C GLU C 1137 104.95 19.08 -47.82
N PRO C 1138 105.95 18.34 -48.33
CA PRO C 1138 106.37 18.49 -49.74
C PRO C 1138 105.28 18.11 -50.72
N PHE C 1139 105.26 18.81 -51.86
CA PHE C 1139 104.28 18.58 -52.92
C PHE C 1139 104.69 19.23 -54.22
N GLY C 1140 104.72 18.45 -55.31
CA GLY C 1140 104.93 19.00 -56.62
C GLY C 1140 106.33 19.57 -56.85
N ARG C 1141 106.40 20.48 -57.80
CA ARG C 1141 107.65 21.11 -58.18
C ARG C 1141 107.48 22.62 -58.22
N PRO C 1142 108.53 23.38 -57.97
CA PRO C 1142 108.44 24.83 -58.14
C PRO C 1142 108.29 25.23 -59.60
N TRP C 1143 107.64 26.37 -59.83
CA TRP C 1143 107.47 26.88 -61.17
C TRP C 1143 108.71 27.65 -61.64
N GLN C 1144 108.58 28.27 -62.81
CA GLN C 1144 109.51 29.29 -63.30
C GLN C 1144 108.69 30.50 -63.72
N SER C 1145 109.40 31.52 -64.24
CA SER C 1145 108.77 32.76 -64.66
C SER C 1145 107.79 32.55 -65.82
N GLY C 1146 106.62 33.18 -65.73
CA GLY C 1146 105.64 33.08 -66.79
C GLY C 1146 104.70 31.89 -66.68
N ASP C 1147 104.88 31.04 -65.67
CA ASP C 1147 104.04 29.86 -65.52
C ASP C 1147 102.63 30.21 -65.04
N VAL C 1148 101.67 29.39 -65.43
CA VAL C 1148 100.26 29.60 -65.07
C VAL C 1148 99.82 28.43 -64.20
N VAL C 1149 99.31 28.72 -63.01
CA VAL C 1149 98.87 27.69 -62.07
C VAL C 1149 97.35 27.68 -62.06
N GLY C 1150 96.76 26.55 -62.48
CA GLY C 1150 95.33 26.41 -62.45
C GLY C 1150 94.78 25.57 -61.32
N CYS C 1151 94.07 26.21 -60.40
CA CYS C 1151 93.59 25.56 -59.20
C CYS C 1151 92.24 24.92 -59.47
N MET C 1152 92.15 23.61 -59.25
CA MET C 1152 90.99 22.76 -59.37
C MET C 1152 90.37 22.62 -57.98
N ILE C 1153 89.05 22.46 -57.90
CA ILE C 1153 88.40 22.20 -56.61
C ILE C 1153 87.04 21.57 -56.88
N ASP C 1154 86.70 20.59 -56.05
CA ASP C 1154 85.45 19.85 -56.16
C ASP C 1154 84.93 19.65 -54.75
N LEU C 1155 84.02 20.55 -54.34
CA LEU C 1155 83.41 20.46 -53.02
C LEU C 1155 82.54 19.21 -52.90
N THR C 1156 81.87 18.80 -53.98
CA THR C 1156 81.05 17.59 -53.94
C THR C 1156 81.90 16.36 -53.69
N GLU C 1157 83.05 16.26 -54.34
CA GLU C 1157 83.98 15.15 -54.17
C GLU C 1157 85.00 15.38 -53.07
N ASN C 1158 84.97 16.55 -52.42
CA ASN C 1158 85.85 16.92 -51.30
C ASN C 1158 87.32 16.82 -51.69
N THR C 1159 87.66 17.39 -52.85
CA THR C 1159 89.01 17.33 -53.39
C THR C 1159 89.49 18.71 -53.80
N ILE C 1160 90.80 18.91 -53.65
CA ILE C 1160 91.49 20.13 -54.07
C ILE C 1160 92.70 19.67 -54.87
N ILE C 1161 92.86 20.20 -56.10
CA ILE C 1161 93.95 19.76 -56.97
C ILE C 1161 94.59 21.02 -57.54
N PHE C 1162 95.89 20.96 -57.84
CA PHE C 1162 96.58 22.05 -58.48
C PHE C 1162 97.21 21.55 -59.78
N THR C 1163 97.12 22.36 -60.83
CA THR C 1163 97.71 22.06 -62.13
C THR C 1163 98.69 23.17 -62.50
N LEU C 1164 99.74 22.81 -63.23
CA LEU C 1164 100.76 23.77 -63.62
C LEU C 1164 101.04 23.58 -65.10
N ASN C 1165 100.75 24.62 -65.89
CA ASN C 1165 100.97 24.67 -67.34
C ASN C 1165 100.33 23.49 -68.05
N GLY C 1166 99.10 23.18 -67.63
CA GLY C 1166 98.38 22.06 -68.20
C GLY C 1166 98.82 20.70 -67.71
N GLU C 1167 99.71 20.65 -66.73
CA GLU C 1167 100.21 19.39 -66.17
C GLU C 1167 99.77 19.31 -64.72
N VAL C 1168 99.21 18.16 -64.35
CA VAL C 1168 98.70 17.95 -63.00
C VAL C 1168 99.87 17.74 -62.05
N LEU C 1169 99.92 18.56 -61.00
CA LEU C 1169 100.96 18.43 -59.98
C LEU C 1169 100.80 17.12 -59.20
N MET C 1170 101.94 16.52 -58.86
CA MET C 1170 101.97 15.22 -58.21
C MET C 1170 102.53 15.33 -56.80
N SER C 1171 101.89 14.63 -55.87
CA SER C 1171 102.37 14.58 -54.50
C SER C 1171 103.50 13.54 -54.40
N ASP C 1172 104.05 13.38 -53.19
CA ASP C 1172 105.13 12.42 -52.98
C ASP C 1172 104.60 11.01 -52.71
N SER C 1173 103.68 10.56 -53.56
CA SER C 1173 103.04 9.26 -53.51
C SER C 1173 102.22 9.13 -54.80
N GLY C 1174 101.44 8.05 -54.90
CA GLY C 1174 100.52 7.89 -56.01
C GLY C 1174 99.37 8.88 -56.03
N SER C 1175 99.13 9.58 -54.91
CA SER C 1175 98.06 10.57 -54.84
C SER C 1175 98.35 11.75 -55.77
N GLU C 1176 97.32 12.16 -56.52
CA GLU C 1176 97.41 13.27 -57.45
C GLU C 1176 96.59 14.48 -57.00
N THR C 1177 96.03 14.43 -55.79
CA THR C 1177 95.21 15.51 -55.27
C THR C 1177 95.93 16.17 -54.09
N ALA C 1178 95.89 17.50 -54.06
CA ALA C 1178 96.54 18.24 -52.99
C ALA C 1178 95.92 17.94 -51.63
N PHE C 1179 94.59 17.93 -51.57
CA PHE C 1179 93.90 17.65 -50.32
C PHE C 1179 92.67 16.82 -50.59
N ARG C 1180 92.25 16.07 -49.57
CA ARG C 1180 91.10 15.20 -49.66
C ARG C 1180 90.38 15.21 -48.33
N GLU C 1181 89.10 14.80 -48.39
CA GLU C 1181 88.19 14.73 -47.24
C GLU C 1181 88.09 16.08 -46.53
N ILE C 1182 87.62 17.07 -47.29
CA ILE C 1182 87.46 18.43 -46.80
C ILE C 1182 85.98 18.68 -46.50
N GLU C 1183 85.71 19.21 -45.32
CA GLU C 1183 84.35 19.54 -44.95
C GLU C 1183 83.92 20.81 -45.69
N ILE C 1184 82.63 20.85 -46.07
CA ILE C 1184 82.10 21.99 -46.80
C ILE C 1184 82.20 23.25 -45.96
N GLY C 1185 81.73 23.20 -44.72
CA GLY C 1185 81.82 24.29 -43.76
C GLY C 1185 81.09 25.53 -44.25
N ASP C 1186 81.63 26.68 -43.87
CA ASP C 1186 81.06 27.94 -44.29
C ASP C 1186 81.46 28.35 -45.71
N GLY C 1187 82.42 27.64 -46.30
CA GLY C 1187 82.75 27.81 -47.70
C GLY C 1187 84.22 28.02 -47.92
N PHE C 1188 84.57 28.18 -49.19
CA PHE C 1188 85.94 28.46 -49.58
C PHE C 1188 85.95 29.56 -50.62
N LEU C 1189 87.12 30.20 -50.76
CA LEU C 1189 87.24 31.37 -51.58
C LEU C 1189 88.60 31.34 -52.28
N PRO C 1190 88.68 31.70 -53.56
CA PRO C 1190 89.97 31.66 -54.27
C PRO C 1190 90.90 32.74 -53.75
N VAL C 1191 92.06 32.34 -53.25
CA VAL C 1191 92.97 33.27 -52.60
C VAL C 1191 94.37 33.15 -53.21
N CYS C 1192 95.00 34.30 -53.43
CA CYS C 1192 96.39 34.31 -53.86
C CYS C 1192 97.13 35.43 -53.14
N SER C 1193 98.42 35.22 -52.92
CA SER C 1193 99.24 36.18 -52.21
C SER C 1193 100.56 36.34 -52.96
N LEU C 1194 101.19 37.49 -52.72
CA LEU C 1194 102.45 37.86 -53.35
C LEU C 1194 103.43 38.41 -52.33
N GLY C 1195 104.68 37.97 -52.44
CA GLY C 1195 105.77 38.40 -51.60
C GLY C 1195 106.40 39.70 -52.09
N PRO C 1196 107.54 40.07 -51.49
CA PRO C 1196 108.22 41.30 -51.92
C PRO C 1196 108.74 41.19 -53.35
N GLY C 1197 108.56 42.27 -54.11
CA GLY C 1197 109.00 42.33 -55.49
C GLY C 1197 108.36 41.29 -56.39
N GLN C 1198 107.04 41.12 -56.29
CA GLN C 1198 106.32 40.12 -57.06
C GLN C 1198 105.20 40.77 -57.87
N VAL C 1199 104.99 40.25 -59.06
CA VAL C 1199 103.93 40.69 -59.97
C VAL C 1199 103.20 39.44 -60.43
N GLY C 1200 101.89 39.39 -60.24
CA GLY C 1200 101.16 38.20 -60.64
C GLY C 1200 99.76 38.46 -61.13
N HIS C 1201 99.37 37.81 -62.23
CA HIS C 1201 98.04 38.00 -62.78
C HIS C 1201 97.04 37.01 -62.21
N LEU C 1202 95.90 37.50 -61.75
CA LEU C 1202 94.84 36.61 -61.30
C LEU C 1202 93.74 36.59 -62.35
N ASN C 1203 93.39 35.39 -62.80
CA ASN C 1203 92.42 35.19 -63.85
C ASN C 1203 91.33 34.28 -63.27
N LEU C 1204 90.25 34.90 -62.79
CA LEU C 1204 89.10 34.16 -62.28
C LEU C 1204 88.26 33.58 -63.39
N GLY C 1205 88.51 33.98 -64.64
CA GLY C 1205 87.84 33.40 -65.78
C GLY C 1205 86.50 34.05 -66.07
N GLN C 1206 86.44 35.38 -65.98
CA GLN C 1206 85.24 36.07 -66.45
C GLN C 1206 85.05 35.87 -67.95
N ASP C 1207 86.13 35.96 -68.71
CA ASP C 1207 86.15 35.53 -70.10
C ASP C 1207 86.88 34.20 -70.15
N VAL C 1208 86.19 33.15 -70.60
CA VAL C 1208 86.77 31.81 -70.59
C VAL C 1208 87.95 31.72 -71.54
N SER C 1209 87.93 32.50 -72.63
CA SER C 1209 89.02 32.52 -73.60
C SER C 1209 90.29 33.09 -73.00
N SER C 1210 90.17 33.87 -71.91
CA SER C 1210 91.33 34.40 -71.24
C SER C 1210 92.16 33.28 -70.62
N LEU C 1211 91.49 32.22 -70.15
CA LEU C 1211 92.22 31.07 -69.61
C LEU C 1211 92.98 30.35 -70.71
N ARG C 1212 94.21 29.95 -70.39
CA ARG C 1212 95.08 29.30 -71.37
C ARG C 1212 95.05 27.78 -71.29
N PHE C 1213 94.97 27.22 -70.08
CA PHE C 1213 95.06 25.78 -69.90
C PHE C 1213 93.76 25.16 -69.43
N PHE C 1214 92.66 25.92 -69.48
CA PHE C 1214 91.35 25.39 -69.08
C PHE C 1214 90.90 24.28 -70.01
N ALA C 1215 91.10 24.46 -71.32
CA ALA C 1215 90.76 23.42 -72.28
C ALA C 1215 91.60 22.18 -72.07
N ILE C 1216 92.88 22.38 -71.74
CA ILE C 1216 93.79 21.26 -71.47
C ILE C 1216 93.35 20.49 -70.23
N CYS C 1217 92.98 21.20 -69.17
CA CYS C 1217 92.58 20.54 -67.94
C CYS C 1217 91.40 21.29 -67.32
N GLY C 1218 90.34 20.56 -67.02
CA GLY C 1218 89.18 21.15 -66.38
C GLY C 1218 87.95 21.23 -67.25
N LEU C 1219 88.12 21.59 -68.53
CA LEU C 1219 86.97 21.74 -69.43
C LEU C 1219 86.27 20.41 -69.66
N GLN C 1220 87.02 19.35 -69.89
CA GLN C 1220 86.42 18.05 -70.13
C GLN C 1220 86.01 17.36 -68.83
N GLU C 1221 86.41 17.90 -67.68
CA GLU C 1221 86.06 17.32 -66.39
C GLU C 1221 84.80 17.94 -65.81
N GLY C 1222 84.13 18.83 -66.53
CA GLY C 1222 82.95 19.49 -66.02
C GLY C 1222 83.22 20.68 -65.14
N PHE C 1223 84.48 21.06 -64.93
CA PHE C 1223 84.81 22.19 -64.09
C PHE C 1223 84.43 23.50 -64.78
N GLU C 1224 84.22 24.52 -63.96
CA GLU C 1224 83.82 25.83 -64.46
C GLU C 1224 84.70 26.91 -63.88
N PRO C 1225 84.91 28.02 -64.61
CA PRO C 1225 85.63 29.15 -64.04
C PRO C 1225 84.84 29.75 -62.89
N PHE C 1226 85.56 30.34 -61.93
CA PHE C 1226 84.95 30.87 -60.72
C PHE C 1226 83.97 31.99 -61.01
N ALA C 1227 84.27 32.84 -61.99
CA ALA C 1227 83.41 33.96 -62.32
C ALA C 1227 82.96 33.89 -63.77
N ILE C 1228 82.56 32.71 -64.23
CA ILE C 1228 82.31 32.48 -65.64
C ILE C 1228 81.11 33.29 -66.16
N ASN C 1229 80.03 33.36 -65.39
CA ASN C 1229 78.86 34.12 -65.81
C ASN C 1229 78.65 35.20 -64.77
N MET C 1230 79.42 36.28 -64.91
CA MET C 1230 79.34 37.45 -64.03
C MET C 1230 79.68 38.65 -64.89
N GLN C 1231 78.71 39.57 -65.02
CA GLN C 1231 78.90 40.74 -65.86
CA GLN C 1231 78.90 40.75 -65.86
C GLN C 1231 80.03 41.64 -65.35
N ARG C 1232 80.08 41.85 -64.07
CA ARG C 1232 81.15 42.69 -63.59
C ARG C 1232 82.26 41.84 -62.99
N PRO C 1233 83.52 42.30 -63.12
CA PRO C 1233 84.64 41.57 -62.51
C PRO C 1233 84.47 41.47 -61.00
N VAL C 1234 84.86 40.32 -60.45
CA VAL C 1234 84.69 40.08 -59.02
C VAL C 1234 85.57 41.02 -58.22
N THR C 1235 84.98 41.68 -57.24
CA THR C 1235 85.73 42.58 -56.39
C THR C 1235 86.66 41.81 -55.48
N THR C 1236 87.92 42.20 -55.49
CA THR C 1236 88.95 41.61 -54.67
C THR C 1236 89.25 42.51 -53.48
N TRP C 1237 89.73 41.89 -52.42
CA TRP C 1237 90.10 42.52 -51.18
C TRP C 1237 91.55 42.17 -50.88
N PHE C 1238 92.31 43.15 -50.39
CA PHE C 1238 93.70 42.93 -50.07
C PHE C 1238 93.93 43.26 -48.61
N SER C 1239 94.84 42.52 -48.00
CA SER C 1239 95.17 42.81 -46.62
C SER C 1239 95.97 44.10 -46.56
N LYS C 1240 95.31 45.18 -46.13
CA LYS C 1240 95.94 46.48 -46.05
C LYS C 1240 96.95 46.52 -44.91
N SER C 1241 98.15 46.97 -45.24
CA SER C 1241 99.26 47.10 -44.30
C SER C 1241 99.27 48.49 -43.67
N LEU C 1242 98.15 48.91 -43.12
CA LEU C 1242 98.03 50.21 -42.47
C LEU C 1242 97.36 50.00 -41.12
N PRO C 1243 98.07 50.18 -40.01
CA PRO C 1243 97.49 49.95 -38.69
C PRO C 1243 96.30 50.86 -38.40
N GLN C 1244 95.27 50.29 -37.79
CA GLN C 1244 94.06 51.03 -37.43
C GLN C 1244 93.58 50.56 -36.06
N PHE C 1245 93.33 51.51 -35.15
CA PHE C 1245 92.87 51.16 -33.81
C PHE C 1245 91.47 50.56 -33.89
N GLU C 1246 91.32 49.35 -33.37
CA GLU C 1246 90.03 48.66 -33.30
C GLU C 1246 89.94 47.96 -31.96
N PRO C 1247 88.72 47.76 -31.43
CA PRO C 1247 88.58 47.19 -30.07
C PRO C 1247 89.11 45.77 -29.97
N VAL C 1248 89.54 45.44 -28.76
CA VAL C 1248 90.08 44.10 -28.47
C VAL C 1248 88.97 43.07 -28.54
N PRO C 1249 89.20 41.91 -29.16
CA PRO C 1249 88.24 40.81 -29.06
C PRO C 1249 88.10 40.34 -27.63
N PRO C 1250 86.88 39.98 -27.21
CA PRO C 1250 86.70 39.51 -25.82
C PRO C 1250 87.42 38.21 -25.51
N GLU C 1251 87.73 37.40 -26.51
CA GLU C 1251 88.36 36.09 -26.32
C GLU C 1251 89.83 36.17 -26.72
N HIS C 1252 90.49 37.25 -26.35
CA HIS C 1252 91.91 37.35 -26.65
C HIS C 1252 92.70 36.44 -25.71
N PRO C 1253 93.48 35.49 -26.23
CA PRO C 1253 94.19 34.54 -25.35
C PRO C 1253 95.21 35.19 -24.42
N HIS C 1254 95.84 36.28 -24.83
CA HIS C 1254 96.93 36.86 -24.07
C HIS C 1254 96.54 38.10 -23.30
N TYR C 1255 95.78 39.00 -23.92
CA TYR C 1255 95.47 40.30 -23.34
C TYR C 1255 94.02 40.36 -22.88
N GLU C 1256 93.78 41.16 -21.84
CA GLU C 1256 92.44 41.30 -21.29
C GLU C 1256 92.31 42.68 -20.67
N VAL C 1257 91.12 43.27 -20.79
CA VAL C 1257 90.81 44.57 -20.23
C VAL C 1257 89.71 44.38 -19.18
N ALA C 1258 89.94 44.89 -17.98
CA ALA C 1258 89.02 44.74 -16.88
C ALA C 1258 88.27 46.05 -16.64
N ARG C 1259 86.94 45.98 -16.64
CA ARG C 1259 86.09 47.12 -16.34
C ARG C 1259 85.31 46.82 -15.07
N MET C 1260 85.60 47.58 -14.02
CA MET C 1260 84.93 47.42 -12.73
C MET C 1260 84.10 48.66 -12.43
N ASP C 1261 82.98 48.45 -11.73
CA ASP C 1261 82.10 49.54 -11.38
C ASP C 1261 82.78 50.44 -10.35
N GLY C 1262 82.60 51.75 -10.52
CA GLY C 1262 83.20 52.74 -9.65
C GLY C 1262 82.73 52.65 -8.21
N THR C 1263 83.67 52.63 -7.28
CA THR C 1263 83.34 52.58 -5.86
C THR C 1263 83.21 53.98 -5.29
N VAL C 1264 82.77 54.05 -4.03
CA VAL C 1264 82.62 55.33 -3.35
C VAL C 1264 83.97 56.02 -3.13
N ASP C 1265 85.05 55.24 -3.06
CA ASP C 1265 86.38 55.78 -2.82
C ASP C 1265 87.28 55.76 -4.04
N THR C 1266 86.99 54.94 -5.05
CA THR C 1266 87.81 54.86 -6.23
C THR C 1266 86.95 55.05 -7.48
N PRO C 1267 87.45 55.78 -8.47
CA PRO C 1267 86.70 56.00 -9.71
C PRO C 1267 86.71 54.75 -10.58
N PRO C 1268 85.81 54.65 -11.55
CA PRO C 1268 85.89 53.53 -12.51
C PRO C 1268 87.17 53.54 -13.33
N CYS C 1269 87.68 52.33 -13.58
CA CYS C 1269 88.96 52.16 -14.21
C CYS C 1269 88.87 51.05 -15.25
N LEU C 1270 89.81 51.11 -16.19
CA LEU C 1270 89.98 50.17 -17.29
C LEU C 1270 91.35 49.52 -17.07
N ARG C 1271 91.40 48.44 -16.30
CA ARG C 1271 92.66 47.80 -15.97
C ARG C 1271 92.99 46.76 -17.04
N LEU C 1272 94.21 46.81 -17.55
CA LEU C 1272 94.69 45.86 -18.54
C LEU C 1272 95.48 44.75 -17.85
N ALA C 1273 95.11 43.50 -18.13
CA ALA C 1273 95.76 42.37 -17.50
C ALA C 1273 96.20 41.38 -18.57
N HIS C 1274 97.46 40.93 -18.48
CA HIS C 1274 98.00 39.95 -19.40
C HIS C 1274 97.60 38.57 -18.91
N ARG C 1275 96.84 37.84 -19.73
CA ARG C 1275 96.29 36.55 -19.30
C ARG C 1275 97.38 35.51 -19.08
N THR C 1276 98.26 35.33 -20.07
CA THR C 1276 99.22 34.25 -20.07
C THR C 1276 100.62 34.66 -19.64
N TRP C 1277 100.77 35.86 -19.07
CA TRP C 1277 102.06 36.30 -18.55
C TRP C 1277 102.54 35.38 -17.43
N GLY C 1278 103.78 34.96 -17.52
CA GLY C 1278 104.35 34.02 -16.58
C GLY C 1278 104.14 32.57 -16.92
N SER C 1279 103.39 32.28 -17.98
CA SER C 1279 103.13 30.92 -18.43
C SER C 1279 104.01 30.61 -19.63
N GLN C 1280 103.86 29.40 -20.17
CA GLN C 1280 104.61 29.00 -21.34
C GLN C 1280 104.10 29.76 -22.56
N ASN C 1281 104.98 29.88 -23.57
CA ASN C 1281 104.81 30.45 -24.92
C ASN C 1281 103.88 31.66 -25.01
N SER C 1282 104.02 32.56 -24.04
CA SER C 1282 103.19 33.75 -24.00
C SER C 1282 103.61 34.76 -25.06
N LEU C 1283 102.64 35.55 -25.51
CA LEU C 1283 102.88 36.59 -26.51
C LEU C 1283 103.36 37.84 -25.78
N VAL C 1284 104.62 38.20 -26.01
CA VAL C 1284 105.21 39.41 -25.45
C VAL C 1284 105.69 40.28 -26.61
N GLU C 1285 105.22 41.53 -26.63
CA GLU C 1285 105.48 42.50 -27.68
C GLU C 1285 104.99 43.85 -27.20
N MET C 1286 105.51 44.91 -27.84
CA MET C 1286 105.10 46.28 -27.54
C MET C 1286 103.61 46.45 -27.80
N LEU C 1287 102.89 47.03 -26.86
CA LEU C 1287 101.44 47.10 -26.94
C LEU C 1287 101.01 48.56 -27.01
N PHE C 1288 100.17 48.88 -27.97
CA PHE C 1288 99.63 50.21 -28.15
C PHE C 1288 98.18 50.21 -27.70
N LEU C 1289 97.83 51.15 -26.82
CA LEU C 1289 96.47 51.21 -26.32
C LEU C 1289 95.96 52.64 -26.45
N ARG C 1290 94.66 52.76 -26.68
CA ARG C 1290 94.00 54.06 -26.72
C ARG C 1290 92.56 53.89 -26.31
N LEU C 1291 91.96 54.99 -25.87
CA LEU C 1291 90.54 54.99 -25.59
C LEU C 1291 89.76 55.18 -26.89
N SER C 1292 88.53 54.68 -26.93
CA SER C 1292 87.79 54.70 -28.17
C SER C 1292 87.24 56.07 -28.56
N LEU C 1293 87.29 57.07 -27.67
CA LEU C 1293 86.70 58.36 -27.99
C LEU C 1293 87.69 59.50 -27.84
N PRO C 1294 87.61 60.53 -28.71
CA PRO C 1294 88.49 61.69 -28.58
C PRO C 1294 87.88 62.86 -27.84
N VAL C 1295 88.70 63.89 -27.64
CA VAL C 1295 88.25 65.17 -27.10
C VAL C 1295 88.68 66.28 -28.07
N GLN C 1296 87.80 67.25 -28.27
CA GLN C 1296 88.02 68.34 -29.20
C GLN C 1296 88.17 69.65 -28.43
N PHE C 1297 89.21 70.42 -28.75
CA PHE C 1297 89.40 71.72 -28.12
C PHE C 1297 88.36 72.71 -28.59
N HIS C 1298 88.25 73.81 -27.86
CA HIS C 1298 87.37 74.90 -28.24
C HIS C 1298 87.87 75.55 -29.53
N GLN C 1299 86.93 76.01 -30.36
CA GLN C 1299 87.28 76.54 -31.68
C GLN C 1299 88.08 77.83 -31.58
N HIS C 1300 87.76 78.71 -30.63
CA HIS C 1300 88.53 79.92 -30.43
C HIS C 1300 89.17 79.90 -29.05
N PHE C 1301 90.45 80.24 -29.00
CA PHE C 1301 91.17 80.27 -27.74
C PHE C 1301 90.91 81.57 -27.00
N ARG C 1302 90.81 81.46 -25.66
CA ARG C 1302 90.57 82.63 -24.82
C ARG C 1302 91.71 83.63 -24.95
N CYS C 1303 91.36 84.92 -24.94
CA CYS C 1303 92.34 85.98 -25.14
C CYS C 1303 93.33 86.04 -23.98
N THR C 1304 94.52 86.55 -24.28
CA THR C 1304 95.66 86.71 -23.36
C THR C 1304 96.07 85.39 -22.71
N ASP C 1419 86.69 69.29 4.00
CA ASP C 1419 87.82 69.71 3.17
C ASP C 1419 87.82 68.99 1.83
N ASN C 1420 88.52 69.58 0.85
CA ASN C 1420 88.65 69.09 -0.52
C ASN C 1420 87.28 69.03 -1.20
N ARG C 1421 86.60 70.17 -1.21
CA ARG C 1421 85.32 70.33 -1.87
C ARG C 1421 85.49 71.31 -3.03
N ASP C 1422 84.96 70.95 -4.19
CA ASP C 1422 85.15 71.77 -5.38
C ASP C 1422 84.38 73.08 -5.28
N ASP C 1423 84.88 74.08 -6.00
CA ASP C 1423 84.16 75.33 -6.15
C ASP C 1423 83.06 75.12 -7.17
N PRO C 1424 81.78 75.35 -6.82
CA PRO C 1424 80.68 75.08 -7.78
C PRO C 1424 80.76 75.85 -9.08
N GLU C 1425 81.31 77.07 -9.08
CA GLU C 1425 81.38 77.83 -10.33
C GLU C 1425 82.67 77.56 -11.09
N ILE C 1426 83.78 77.30 -10.39
CA ILE C 1426 85.02 76.92 -11.07
C ILE C 1426 84.85 75.56 -11.75
N ILE C 1427 84.25 74.59 -11.07
CA ILE C 1427 84.00 73.27 -11.66
C ILE C 1427 83.08 73.35 -12.89
N LEU C 1428 82.25 74.39 -12.99
CA LEU C 1428 81.40 74.59 -14.16
C LEU C 1428 82.05 75.45 -15.23
N ASN C 1429 83.03 76.28 -14.89
CA ASN C 1429 83.69 77.15 -15.85
C ASN C 1429 85.09 76.68 -16.23
N THR C 1430 85.56 75.57 -15.68
CA THR C 1430 86.88 75.06 -16.00
C THR C 1430 86.89 74.49 -17.41
N THR C 1431 88.09 74.46 -17.99
CA THR C 1431 88.29 73.91 -19.33
C THR C 1431 89.45 72.93 -19.35
N THR C 1432 89.86 72.40 -18.19
CA THR C 1432 90.93 71.43 -18.12
C THR C 1432 90.38 70.14 -17.53
N TYR C 1433 90.72 69.03 -18.17
CA TYR C 1433 90.22 67.71 -17.82
C TYR C 1433 91.37 66.76 -17.55
N TYR C 1434 91.17 65.89 -16.56
CA TYR C 1434 92.21 65.04 -15.99
C TYR C 1434 91.82 63.57 -16.07
N TYR C 1435 92.80 62.73 -16.40
CA TYR C 1435 92.69 61.29 -16.20
C TYR C 1435 94.03 60.83 -15.67
N SER C 1436 94.14 59.54 -15.38
CA SER C 1436 95.40 59.03 -14.87
C SER C 1436 95.51 57.55 -15.22
N VAL C 1437 96.72 57.02 -15.10
CA VAL C 1437 96.94 55.59 -15.25
C VAL C 1437 97.78 55.12 -14.07
N ARG C 1438 97.37 53.99 -13.48
CA ARG C 1438 98.03 53.45 -12.30
C ARG C 1438 98.92 52.28 -12.75
N VAL C 1439 100.20 52.56 -12.94
CA VAL C 1439 101.21 51.57 -13.28
C VAL C 1439 101.43 50.72 -12.03
N PHE C 1440 100.95 49.47 -12.05
CA PHE C 1440 100.99 48.61 -10.89
C PHE C 1440 102.41 48.17 -10.57
N ALA C 1441 102.59 47.73 -9.31
CA ALA C 1441 103.86 47.15 -8.89
C ALA C 1441 104.16 45.90 -9.70
N GLY C 1442 105.41 45.78 -10.14
CA GLY C 1442 105.83 44.73 -11.03
C GLY C 1442 105.89 45.14 -12.48
N GLN C 1443 105.32 46.30 -12.83
CA GLN C 1443 105.40 46.85 -14.16
C GLN C 1443 106.43 47.97 -14.16
N GLU C 1444 107.42 47.86 -15.04
CA GLU C 1444 108.52 48.82 -15.06
C GLU C 1444 108.11 50.09 -15.79
N PRO C 1445 108.12 51.26 -15.13
CA PRO C 1445 107.80 52.51 -15.83
C PRO C 1445 108.79 52.89 -16.92
N SER C 1446 109.98 52.30 -16.94
CA SER C 1446 110.97 52.51 -17.99
C SER C 1446 110.51 51.99 -19.35
N CYS C 1447 109.47 51.18 -19.39
CA CYS C 1447 108.89 50.70 -20.64
C CYS C 1447 107.41 51.07 -20.71
N VAL C 1448 107.05 52.23 -20.15
CA VAL C 1448 105.69 52.74 -20.18
C VAL C 1448 105.73 54.16 -20.74
N TRP C 1449 104.87 54.42 -21.73
CA TRP C 1449 104.70 55.74 -22.32
C TRP C 1449 103.23 56.12 -22.19
N VAL C 1450 102.97 57.29 -21.62
CA VAL C 1450 101.62 57.72 -21.28
C VAL C 1450 101.36 59.10 -21.86
N GLY C 1451 100.26 59.25 -22.59
CA GLY C 1451 99.95 60.53 -23.19
C GLY C 1451 98.74 60.56 -24.10
N TRP C 1452 98.89 61.19 -25.26
CA TRP C 1452 97.79 61.35 -26.19
C TRP C 1452 98.26 61.11 -27.62
N VAL C 1453 97.32 60.73 -28.49
CA VAL C 1453 97.56 60.58 -29.92
C VAL C 1453 96.40 61.21 -30.70
N THR C 1454 96.73 61.85 -31.80
CA THR C 1454 95.72 62.28 -32.76
C THR C 1454 95.26 61.06 -33.55
N PRO C 1455 94.04 61.08 -34.13
CA PRO C 1455 93.55 59.88 -34.83
C PRO C 1455 94.34 59.46 -36.05
N ASP C 1456 95.20 60.32 -36.61
CA ASP C 1456 95.98 59.96 -37.78
C ASP C 1456 97.27 59.22 -37.44
N TYR C 1457 97.56 59.02 -36.15
CA TYR C 1457 98.76 58.30 -35.73
C TYR C 1457 98.62 56.83 -36.14
N HIS C 1458 99.36 56.42 -37.16
CA HIS C 1458 99.27 55.09 -37.75
C HIS C 1458 100.65 54.45 -37.85
N GLN C 1459 101.43 54.54 -36.77
CA GLN C 1459 102.77 53.99 -36.71
C GLN C 1459 102.84 52.86 -35.69
N HIS C 1460 103.34 51.70 -36.10
CA HIS C 1460 103.50 50.54 -35.22
C HIS C 1460 104.99 50.26 -35.04
N ASP C 1461 105.49 50.44 -33.82
CA ASP C 1461 106.89 50.23 -33.50
C ASP C 1461 107.04 49.20 -32.39
N MET C 1462 107.82 48.14 -32.64
CA MET C 1462 108.08 47.14 -31.62
C MET C 1462 109.05 47.64 -30.57
N ASN C 1463 109.90 48.61 -30.90
CA ASN C 1463 110.86 49.16 -29.96
C ASN C 1463 110.62 50.65 -29.77
N PHE C 1464 109.35 51.00 -29.56
CA PHE C 1464 108.91 52.39 -29.55
C PHE C 1464 109.59 53.19 -28.45
N ASP C 1465 109.91 54.43 -28.77
CA ASP C 1465 110.40 55.42 -27.83
C ASP C 1465 109.98 56.79 -28.32
N LEU C 1466 110.15 57.80 -27.47
CA LEU C 1466 109.73 59.16 -27.79
C LEU C 1466 110.54 59.80 -28.91
N SER C 1467 111.65 59.19 -29.32
CA SER C 1467 112.45 59.72 -30.42
C SER C 1467 111.78 59.49 -31.77
N LYS C 1468 110.99 58.43 -31.90
CA LYS C 1468 110.35 58.11 -33.17
C LYS C 1468 108.98 58.78 -33.33
N VAL C 1469 108.57 59.58 -32.35
CA VAL C 1469 107.31 60.30 -32.46
C VAL C 1469 107.40 61.33 -33.58
N ARG C 1470 106.44 61.27 -34.50
CA ARG C 1470 106.43 62.18 -35.65
C ARG C 1470 106.19 63.61 -35.18
N ALA C 1471 106.97 64.55 -35.71
CA ALA C 1471 106.84 65.95 -35.34
C ALA C 1471 107.34 66.83 -36.47
N VAL C 1472 106.76 68.03 -36.55
CA VAL C 1472 107.18 69.04 -37.53
C VAL C 1472 106.67 70.38 -37.05
N THR C 1473 107.40 71.45 -37.34
CA THR C 1473 107.02 72.80 -36.95
C THR C 1473 106.97 73.67 -38.19
N VAL C 1474 105.84 74.31 -38.43
CA VAL C 1474 105.71 75.23 -39.55
C VAL C 1474 106.12 76.61 -39.06
N THR C 1475 107.14 77.19 -39.71
CA THR C 1475 107.71 78.46 -39.29
C THR C 1475 107.44 79.49 -40.37
N MET C 1476 106.93 80.64 -39.96
CA MET C 1476 106.43 81.66 -40.86
C MET C 1476 106.88 83.03 -40.36
N GLY C 1477 107.17 83.92 -41.30
CA GLY C 1477 107.56 85.28 -40.99
C GLY C 1477 107.09 86.24 -42.05
N ASP C 1478 107.59 87.47 -42.04
CA ASP C 1478 107.26 88.41 -43.09
C ASP C 1478 108.27 88.25 -44.23
N GLU C 1479 108.17 89.11 -45.25
CA GLU C 1479 108.98 89.00 -46.46
C GLU C 1479 110.47 89.13 -46.20
N GLN C 1480 110.88 89.73 -45.07
CA GLN C 1480 112.28 89.90 -44.71
C GLN C 1480 112.48 89.29 -43.31
N GLY C 1481 112.66 87.96 -43.29
CA GLY C 1481 112.87 87.23 -42.04
C GLY C 1481 111.71 87.41 -41.07
N ASN C 1482 112.06 87.79 -39.84
CA ASN C 1482 111.15 88.14 -38.74
C ASN C 1482 110.06 87.10 -38.52
N VAL C 1483 110.50 85.89 -38.13
CA VAL C 1483 109.61 84.77 -37.93
C VAL C 1483 108.64 85.05 -36.77
N HIS C 1484 107.35 85.16 -37.11
CA HIS C 1484 106.31 85.49 -36.14
C HIS C 1484 105.27 84.39 -35.95
N SER C 1485 105.42 83.23 -36.60
CA SER C 1485 104.46 82.14 -36.42
C SER C 1485 105.22 80.82 -36.45
N SER C 1486 105.24 80.11 -35.33
CA SER C 1486 105.94 78.84 -35.25
C SER C 1486 104.99 77.86 -34.56
N LEU C 1487 104.31 77.04 -35.35
CA LEU C 1487 103.33 76.10 -34.83
C LEU C 1487 103.84 74.67 -34.99
N LYS C 1488 103.76 73.90 -33.91
CA LYS C 1488 104.24 72.53 -33.93
C LYS C 1488 103.08 71.55 -34.09
N CYS C 1489 103.32 70.48 -34.83
CA CYS C 1489 102.37 69.42 -35.13
C CYS C 1489 103.02 68.09 -34.79
N SER C 1490 102.22 67.19 -34.22
CA SER C 1490 102.66 65.85 -33.87
C SER C 1490 101.45 64.95 -33.81
N ASN C 1491 101.67 63.67 -34.10
CA ASN C 1491 100.60 62.69 -34.02
C ASN C 1491 100.56 62.00 -32.66
N CYS C 1492 101.50 62.32 -31.78
CA CYS C 1492 101.60 61.66 -30.48
C CYS C 1492 102.10 62.67 -29.48
N TYR C 1493 101.35 62.88 -28.40
CA TYR C 1493 101.71 63.81 -27.33
C TYR C 1493 101.77 62.97 -26.06
N MET C 1494 102.97 62.47 -25.76
CA MET C 1494 103.13 61.38 -24.81
C MET C 1494 104.47 61.50 -24.09
N VAL C 1495 104.46 61.17 -22.80
CA VAL C 1495 105.62 61.32 -21.93
C VAL C 1495 106.06 59.94 -21.44
N TRP C 1496 107.37 59.73 -21.43
CA TRP C 1496 107.94 58.47 -20.99
C TRP C 1496 107.86 58.36 -19.48
N GLY C 1497 107.40 57.21 -18.99
CA GLY C 1497 107.31 57.00 -17.55
C GLY C 1497 108.61 56.72 -16.87
N GLY C 1498 109.67 56.44 -17.64
CA GLY C 1498 110.98 56.16 -17.06
C GLY C 1498 111.66 57.37 -16.48
N ASP C 1499 111.21 58.58 -16.84
CA ASP C 1499 111.74 59.80 -16.27
C ASP C 1499 111.01 60.22 -15.01
N PHE C 1500 110.03 59.44 -14.55
CA PHE C 1500 109.20 59.78 -13.41
C PHE C 1500 109.46 58.91 -12.20
N VAL C 1501 110.58 58.19 -12.18
CA VAL C 1501 110.89 57.26 -11.11
C VAL C 1501 112.06 57.80 -10.29
N SER C 1502 112.15 57.31 -9.06
CA SER C 1502 113.24 57.72 -8.17
C SER C 1502 114.55 57.13 -8.68
N PRO C 1503 115.60 57.95 -8.87
CA PRO C 1503 116.89 57.45 -9.38
C PRO C 1503 117.73 56.76 -8.31
N GLY C 1504 117.20 55.67 -7.75
CA GLY C 1504 117.94 54.91 -6.77
C GLY C 1504 118.90 53.93 -7.42
N GLN C 1505 119.81 53.40 -6.60
CA GLN C 1505 120.79 52.43 -7.08
C GLN C 1505 120.10 51.14 -7.54
N GLN C 1506 119.18 50.64 -6.73
CA GLN C 1506 118.43 49.45 -7.07
C GLN C 1506 117.07 49.51 -6.40
N GLY C 1507 116.14 48.72 -6.91
CA GLY C 1507 114.77 48.75 -6.45
C GLY C 1507 113.90 49.42 -7.50
N ARG C 1508 114.26 49.21 -8.77
CA ARG C 1508 113.54 49.82 -9.89
C ARG C 1508 112.09 49.34 -9.97
N ILE C 1509 111.81 48.13 -9.47
CA ILE C 1509 110.45 47.61 -9.38
C ILE C 1509 109.82 48.26 -8.15
N SER C 1510 109.07 49.34 -8.37
CA SER C 1510 108.51 50.09 -7.26
C SER C 1510 107.42 49.31 -6.57
N HIS C 1511 107.51 49.22 -5.23
CA HIS C 1511 106.45 48.59 -4.44
C HIS C 1511 105.16 49.42 -4.47
N THR C 1512 105.29 50.73 -4.63
CA THR C 1512 104.15 51.64 -4.71
C THR C 1512 103.83 51.91 -6.18
N ASP C 1513 102.55 51.81 -6.53
CA ASP C 1513 102.11 51.97 -7.91
C ASP C 1513 102.30 53.42 -8.35
N LEU C 1514 102.87 53.60 -9.55
CA LEU C 1514 103.07 54.94 -10.10
C LEU C 1514 101.79 55.41 -10.78
N VAL C 1515 101.26 56.55 -10.36
CA VAL C 1515 100.00 57.06 -10.89
C VAL C 1515 100.33 58.34 -11.65
N ILE C 1516 100.39 58.23 -12.97
CA ILE C 1516 100.71 59.37 -13.84
C ILE C 1516 99.43 59.87 -14.48
N GLY C 1517 99.16 61.16 -14.36
CA GLY C 1517 97.95 61.75 -14.93
C GLY C 1517 98.24 62.78 -15.98
N CYS C 1518 97.32 62.91 -16.93
CA CYS C 1518 97.43 63.87 -18.02
C CYS C 1518 96.23 64.82 -18.02
N LEU C 1519 96.51 66.11 -18.19
CA LEU C 1519 95.48 67.14 -18.14
C LEU C 1519 95.51 67.93 -19.45
N VAL C 1520 94.32 68.24 -19.95
CA VAL C 1520 94.20 69.01 -21.20
C VAL C 1520 93.30 70.22 -20.97
N ASP C 1521 93.75 71.37 -21.45
CA ASP C 1521 93.00 72.62 -21.40
C ASP C 1521 92.50 72.89 -22.81
N LEU C 1522 91.18 72.85 -22.98
CA LEU C 1522 90.52 73.01 -24.28
C LEU C 1522 90.50 74.46 -24.71
N ALA C 1523 90.35 75.38 -23.75
CA ALA C 1523 90.26 76.81 -24.04
C ALA C 1523 91.57 77.37 -24.55
N THR C 1524 92.67 76.65 -24.37
CA THR C 1524 93.97 77.10 -24.81
C THR C 1524 94.75 76.06 -25.60
N GLY C 1525 94.27 74.82 -25.70
CA GLY C 1525 95.06 73.81 -26.39
C GLY C 1525 96.29 73.38 -25.64
N LEU C 1526 96.27 73.52 -24.30
CA LEU C 1526 97.43 73.25 -23.46
C LEU C 1526 97.40 71.85 -22.84
N MET C 1527 98.48 71.10 -22.97
CA MET C 1527 98.60 69.77 -22.39
C MET C 1527 99.67 69.79 -21.31
N THR C 1528 99.30 69.32 -20.11
CA THR C 1528 100.19 69.23 -18.97
C THR C 1528 100.11 67.85 -18.36
N PHE C 1529 101.09 67.51 -17.53
CA PHE C 1529 101.18 66.18 -16.95
C PHE C 1529 101.51 66.29 -15.47
N THR C 1530 101.10 65.27 -14.71
CA THR C 1530 101.40 65.17 -13.29
C THR C 1530 102.05 63.82 -13.02
N ALA C 1531 103.19 63.86 -12.33
CA ALA C 1531 103.97 62.66 -12.04
C ALA C 1531 103.39 61.89 -10.86
N ASN C 1532 103.39 62.51 -9.68
CA ASN C 1532 102.80 61.90 -8.49
C ASN C 1532 102.04 62.94 -7.68
N GLY C 1533 101.27 63.79 -8.36
CA GLY C 1533 100.65 64.93 -7.73
C GLY C 1533 101.40 66.22 -7.93
N LYS C 1534 102.60 66.16 -8.48
CA LYS C 1534 103.41 67.33 -8.78
C LYS C 1534 103.59 67.44 -10.29
N GLU C 1535 103.52 68.67 -10.80
CA GLU C 1535 103.67 68.90 -12.22
C GLU C 1535 105.11 68.68 -12.65
N SER C 1536 105.27 68.31 -13.92
CA SER C 1536 106.58 68.08 -14.52
C SER C 1536 106.84 69.13 -15.58
N ASN C 1537 108.12 69.26 -15.95
CA ASN C 1537 108.54 70.26 -16.93
C ASN C 1537 107.94 70.04 -18.32
N THR C 1538 107.47 68.83 -18.62
CA THR C 1538 106.89 68.54 -19.91
C THR C 1538 105.53 69.21 -20.08
N PHE C 1539 105.31 69.78 -21.26
CA PHE C 1539 104.05 70.43 -21.61
C PHE C 1539 104.00 70.55 -23.12
N PHE C 1540 102.79 70.75 -23.62
CA PHE C 1540 102.55 70.83 -25.06
C PHE C 1540 101.48 71.88 -25.34
N GLN C 1541 101.53 72.45 -26.54
CA GLN C 1541 100.52 73.42 -26.95
C GLN C 1541 100.20 73.21 -28.42
N VAL C 1542 98.90 73.21 -28.75
CA VAL C 1542 98.46 72.95 -30.12
C VAL C 1542 97.38 73.95 -30.54
N GLU C 1543 97.08 73.91 -31.84
CA GLU C 1543 96.05 74.73 -32.46
C GLU C 1543 94.66 74.22 -32.06
N PRO C 1544 93.62 75.05 -32.20
CA PRO C 1544 92.26 74.58 -31.93
C PRO C 1544 91.77 73.56 -32.94
N ASN C 1545 90.57 73.03 -32.67
CA ASN C 1545 89.85 72.03 -33.46
C ASN C 1545 90.57 70.69 -33.56
N THR C 1546 91.64 70.48 -32.79
CA THR C 1546 92.39 69.24 -32.85
C THR C 1546 91.74 68.20 -31.95
N LYS C 1547 91.84 66.93 -32.36
CA LYS C 1547 91.28 65.81 -31.61
C LYS C 1547 92.41 64.93 -31.11
N LEU C 1548 92.42 64.68 -29.80
CA LEU C 1548 93.44 63.84 -29.17
C LEU C 1548 92.79 62.66 -28.46
N PHE C 1549 93.30 61.46 -28.74
CA PHE C 1549 92.84 60.22 -28.13
C PHE C 1549 93.73 59.88 -26.94
N PRO C 1550 93.16 59.54 -25.78
CA PRO C 1550 93.97 59.08 -24.64
C PRO C 1550 94.70 57.80 -24.97
N ALA C 1551 96.03 57.84 -24.96
CA ALA C 1551 96.82 56.69 -25.38
C ALA C 1551 97.92 56.38 -24.36
N VAL C 1552 98.06 55.09 -24.06
CA VAL C 1552 99.14 54.60 -23.21
C VAL C 1552 99.81 53.45 -23.94
N PHE C 1553 101.09 53.61 -24.26
CA PHE C 1553 101.87 52.59 -24.94
C PHE C 1553 102.78 51.94 -23.92
N VAL C 1554 102.82 50.61 -23.90
CA VAL C 1554 103.57 49.90 -22.87
C VAL C 1554 104.01 48.54 -23.40
N LEU C 1555 105.25 48.14 -23.06
CA LEU C 1555 105.69 46.78 -23.25
C LEU C 1555 105.47 46.04 -21.95
N PRO C 1556 104.57 45.06 -21.89
CA PRO C 1556 104.18 44.44 -20.61
C PRO C 1556 105.34 43.73 -19.91
N THR C 1557 105.37 43.86 -18.57
CA THR C 1557 106.37 43.18 -17.75
C THR C 1557 105.75 42.55 -16.49
N HIS C 1558 104.43 42.39 -16.45
CA HIS C 1558 103.77 41.86 -15.26
C HIS C 1558 102.39 41.37 -15.68
N GLN C 1559 101.76 40.58 -14.78
CA GLN C 1559 100.38 40.16 -15.01
C GLN C 1559 99.43 41.35 -15.00
N ASN C 1560 99.63 42.27 -14.05
CA ASN C 1560 98.93 43.54 -14.02
C ASN C 1560 99.86 44.61 -14.56
N VAL C 1561 99.47 45.24 -15.66
CA VAL C 1561 100.35 46.14 -16.40
C VAL C 1561 100.00 47.59 -16.15
N ILE C 1562 98.80 48.01 -16.58
CA ILE C 1562 98.36 49.40 -16.45
C ILE C 1562 96.88 49.42 -16.07
N GLN C 1563 96.40 50.62 -15.78
CA GLN C 1563 95.00 50.78 -15.40
C GLN C 1563 94.58 52.21 -15.71
N PHE C 1564 93.79 52.39 -16.77
CA PHE C 1564 93.23 53.69 -17.12
C PHE C 1564 92.23 54.12 -16.06
N GLU C 1565 92.61 55.08 -15.23
CA GLU C 1565 91.80 55.57 -14.13
C GLU C 1565 91.05 56.79 -14.62
N LEU C 1566 89.72 56.72 -14.61
CA LEU C 1566 88.88 57.85 -15.02
C LEU C 1566 88.48 58.70 -13.82
N GLY C 1567 89.51 59.19 -13.13
CA GLY C 1567 89.32 59.97 -11.92
C GLY C 1567 89.19 61.45 -12.18
N LYS C 1568 89.46 62.22 -11.13
CA LYS C 1568 89.34 63.67 -11.17
C LYS C 1568 90.21 64.25 -10.07
N GLN C 1569 90.38 65.57 -10.13
CA GLN C 1569 91.13 66.32 -9.14
C GLN C 1569 90.26 67.49 -8.71
N LYS C 1570 90.70 68.16 -7.63
CA LYS C 1570 89.94 69.28 -7.08
C LYS C 1570 89.81 70.41 -8.10
N ASN C 1571 88.58 70.89 -8.28
CA ASN C 1571 88.19 71.93 -9.24
C ASN C 1571 88.55 71.57 -10.68
N ILE C 1572 88.69 70.28 -10.98
CA ILE C 1572 89.03 69.78 -12.31
C ILE C 1572 87.98 68.75 -12.70
N MET C 1573 87.33 68.96 -13.83
CA MET C 1573 86.27 68.10 -14.32
C MET C 1573 86.86 66.82 -14.93
N PRO C 1574 86.28 65.65 -14.64
CA PRO C 1574 86.78 64.40 -15.23
C PRO C 1574 86.40 64.27 -16.70
N LEU C 1575 87.00 63.28 -17.36
CA LEU C 1575 86.81 63.04 -18.79
C LEU C 1575 85.38 62.65 -19.16
N SER C 1576 84.57 62.22 -18.18
CA SER C 1576 83.19 61.83 -18.46
C SER C 1576 82.37 62.98 -19.03
N ALA C 1577 82.71 64.21 -18.67
CA ALA C 1577 82.05 65.35 -19.28
C ALA C 1577 82.74 65.80 -20.56
N ALA C 1578 84.05 65.59 -20.67
CA ALA C 1578 84.77 65.97 -21.87
C ALA C 1578 84.38 65.13 -23.07
N MET C 1579 84.13 63.84 -22.85
CA MET C 1579 83.80 62.95 -23.96
C MET C 1579 82.39 63.18 -24.48
N PHE C 1580 81.43 63.38 -23.59
CA PHE C 1580 80.02 63.42 -23.94
C PHE C 1580 79.44 64.79 -23.66
N LEU C 1581 78.73 65.35 -24.65
CA LEU C 1581 78.09 66.64 -24.48
C LEU C 1581 76.95 66.57 -23.48
N SER C 1582 76.18 65.48 -23.49
CA SER C 1582 75.04 65.34 -22.59
C SER C 1582 75.44 65.31 -21.12
N GLU C 1583 76.68 64.93 -20.82
CA GLU C 1583 77.18 64.85 -19.46
C GLU C 1583 78.09 66.01 -19.10
N ARG C 1584 78.09 67.09 -19.91
CA ARG C 1584 78.97 68.24 -19.69
C ARG C 1584 78.75 68.95 -18.35
N LYS C 1585 77.58 68.81 -17.76
CA LYS C 1585 77.30 69.43 -16.47
C LYS C 1585 77.28 68.41 -15.34
N ASN C 1586 77.85 67.22 -15.56
CA ASN C 1586 77.88 66.17 -14.56
C ASN C 1586 79.27 66.06 -13.98
N PRO C 1587 79.50 66.46 -12.73
CA PRO C 1587 80.85 66.35 -12.15
C PRO C 1587 81.24 64.93 -11.79
N ALA C 1588 80.28 64.04 -11.60
CA ALA C 1588 80.57 62.67 -11.19
C ALA C 1588 81.19 61.90 -12.35
N PRO C 1589 82.36 61.28 -12.15
CA PRO C 1589 82.94 60.45 -13.21
C PRO C 1589 82.06 59.26 -13.55
N GLN C 1590 82.04 58.90 -14.83
CA GLN C 1590 81.21 57.82 -15.32
C GLN C 1590 81.96 57.13 -16.46
N CYS C 1591 81.71 55.83 -16.63
CA CYS C 1591 82.33 55.04 -17.70
C CYS C 1591 81.22 54.37 -18.50
N PRO C 1592 80.60 55.08 -19.44
CA PRO C 1592 79.51 54.51 -20.25
C PRO C 1592 80.03 53.40 -21.14
N PRO C 1593 79.15 52.45 -21.54
CA PRO C 1593 79.62 51.28 -22.30
C PRO C 1593 80.25 51.57 -23.66
N ARG C 1594 79.98 52.74 -24.27
CA ARG C 1594 80.59 53.04 -25.55
C ARG C 1594 82.10 53.18 -25.45
N LEU C 1595 82.59 53.82 -24.38
CA LEU C 1595 84.02 54.02 -24.22
C LEU C 1595 84.70 52.71 -23.87
N GLU C 1596 85.61 52.27 -24.73
CA GLU C 1596 86.32 51.02 -24.50
C GLU C 1596 87.72 51.13 -25.09
N VAL C 1597 88.66 50.37 -24.50
CA VAL C 1597 90.05 50.44 -24.91
C VAL C 1597 90.25 49.74 -26.25
N GLN C 1598 90.91 50.42 -27.16
CA GLN C 1598 91.27 49.93 -28.48
C GLN C 1598 92.76 49.62 -28.52
N MET C 1599 93.14 48.70 -29.40
CA MET C 1599 94.53 48.35 -29.62
C MET C 1599 94.77 48.30 -31.12
N LEU C 1600 96.03 48.47 -31.50
CA LEU C 1600 96.41 48.72 -32.88
C LEU C 1600 96.92 47.42 -33.51
N MET C 1601 96.09 46.78 -34.33
CA MET C 1601 96.58 45.69 -35.19
C MET C 1601 97.08 46.25 -36.50
N PRO C 1602 98.30 45.92 -36.91
CA PRO C 1602 98.89 46.56 -38.11
C PRO C 1602 98.16 46.28 -39.41
N VAL C 1603 97.52 45.12 -39.56
CA VAL C 1603 96.99 44.68 -40.84
C VAL C 1603 95.48 44.56 -40.70
N SER C 1604 94.75 45.15 -41.65
CA SER C 1604 93.30 45.02 -41.68
C SER C 1604 92.88 44.85 -43.12
N TRP C 1605 91.71 44.26 -43.34
CA TRP C 1605 91.25 44.01 -44.70
C TRP C 1605 90.79 45.30 -45.37
N SER C 1606 90.89 45.33 -46.70
CA SER C 1606 90.47 46.51 -47.44
C SER C 1606 90.00 46.10 -48.82
N ARG C 1607 89.32 47.03 -49.49
CA ARG C 1607 88.71 46.80 -50.79
C ARG C 1607 89.41 47.60 -51.87
N MET C 1608 89.73 46.95 -52.99
CA MET C 1608 90.23 47.82 -54.03
C MET C 1608 89.10 48.24 -54.96
N PRO C 1609 89.14 49.47 -55.46
CA PRO C 1609 88.08 49.95 -56.36
C PRO C 1609 88.05 49.15 -57.66
N ASN C 1610 86.85 49.06 -58.24
CA ASN C 1610 86.69 48.36 -59.51
C ASN C 1610 87.26 49.13 -60.69
N HIS C 1611 87.62 50.40 -60.50
CA HIS C 1611 88.22 51.20 -61.56
C HIS C 1611 89.37 52.00 -60.97
N PHE C 1612 90.33 52.34 -61.82
CA PHE C 1612 91.51 53.06 -61.41
C PHE C 1612 91.76 54.20 -62.38
N LEU C 1613 92.48 55.21 -61.89
CA LEU C 1613 92.83 56.36 -62.69
C LEU C 1613 93.80 55.98 -63.81
N GLN C 1614 93.73 56.73 -64.91
CA GLN C 1614 94.59 56.52 -66.07
C GLN C 1614 95.55 57.70 -66.15
N VAL C 1615 96.83 57.42 -65.93
CA VAL C 1615 97.87 58.43 -65.86
C VAL C 1615 98.88 58.16 -66.96
N GLU C 1616 99.23 59.20 -67.72
CA GLU C 1616 100.24 59.12 -68.77
C GLU C 1616 101.50 59.82 -68.28
N THR C 1617 102.54 59.03 -67.99
CA THR C 1617 103.83 59.54 -67.53
C THR C 1617 104.84 59.28 -68.63
N ARG C 1618 105.50 60.34 -69.09
CA ARG C 1618 106.47 60.18 -70.18
C ARG C 1618 107.44 61.34 -70.14
N ARG C 1619 108.55 61.21 -70.86
CA ARG C 1619 109.54 62.28 -70.93
C ARG C 1619 109.19 63.15 -72.13
N ALA C 1620 108.54 64.29 -71.87
CA ALA C 1620 108.15 65.19 -72.95
C ALA C 1620 109.35 65.81 -73.68
N GLY C 1621 110.49 65.92 -73.01
CA GLY C 1621 111.67 66.46 -73.64
C GLY C 1621 112.73 66.72 -72.61
N GLU C 1622 113.95 66.94 -73.11
CA GLU C 1622 115.08 67.23 -72.22
C GLU C 1622 114.87 68.55 -71.48
N ARG C 1623 114.49 69.59 -72.22
CA ARG C 1623 114.10 70.85 -71.59
C ARG C 1623 112.69 70.79 -71.03
N LEU C 1624 111.80 70.05 -71.69
CA LEU C 1624 110.42 69.93 -71.24
C LEU C 1624 110.29 69.08 -69.99
N GLY C 1625 111.29 68.27 -69.66
CA GLY C 1625 111.18 67.45 -68.48
C GLY C 1625 110.21 66.29 -68.68
N TRP C 1626 109.74 65.75 -67.57
CA TRP C 1626 108.81 64.64 -67.60
C TRP C 1626 107.37 65.10 -67.41
N ALA C 1627 106.48 64.71 -68.31
CA ALA C 1627 105.10 65.19 -68.29
C ALA C 1627 104.18 64.09 -67.76
N VAL C 1628 103.31 64.50 -66.83
CA VAL C 1628 102.28 63.70 -66.21
C VAL C 1628 100.92 64.23 -66.67
N GLN C 1629 100.07 63.35 -67.15
CA GLN C 1629 98.77 63.72 -67.70
C GLN C 1629 97.70 62.85 -67.07
N CYS C 1630 96.60 63.47 -66.63
CA CYS C 1630 95.49 62.71 -66.07
C CYS C 1630 94.24 63.57 -66.19
N GLN C 1631 93.26 63.10 -66.98
CA GLN C 1631 92.11 63.93 -67.30
C GLN C 1631 90.77 63.25 -66.99
N ASP C 1632 90.72 61.92 -67.07
CA ASP C 1632 89.47 61.19 -66.89
C ASP C 1632 89.04 61.26 -65.43
N PRO C 1633 87.86 61.81 -65.13
CA PRO C 1633 87.44 61.93 -63.73
C PRO C 1633 86.85 60.64 -63.19
N LEU C 1634 87.12 60.38 -61.91
CA LEU C 1634 86.54 59.25 -61.21
C LEU C 1634 86.17 59.70 -59.81
N THR C 1635 84.96 59.34 -59.37
CA THR C 1635 84.43 59.79 -58.09
C THR C 1635 83.88 58.59 -57.33
N MET C 1636 84.03 58.61 -56.01
CA MET C 1636 83.53 57.54 -55.16
C MET C 1636 82.76 58.14 -54.00
N MET C 1637 81.79 57.38 -53.50
CA MET C 1637 80.99 57.77 -52.36
C MET C 1637 81.66 57.32 -51.07
N ALA C 1638 82.04 58.27 -50.23
CA ALA C 1638 82.79 57.99 -49.01
C ALA C 1638 81.89 58.17 -47.79
N LEU C 1639 81.86 57.16 -46.94
CA LEU C 1639 81.14 57.18 -45.67
C LEU C 1639 82.12 57.58 -44.58
N HIS C 1640 81.93 58.78 -44.03
CA HIS C 1640 82.86 59.34 -43.07
C HIS C 1640 82.39 59.11 -41.64
N ILE C 1641 83.19 58.39 -40.86
CA ILE C 1641 82.98 58.24 -39.43
C ILE C 1641 83.48 59.53 -38.78
N PRO C 1642 82.58 60.27 -38.09
CA PRO C 1642 82.94 61.58 -37.55
C PRO C 1642 83.94 61.54 -36.41
N GLU C 1643 83.67 60.70 -35.40
CA GLU C 1643 84.47 60.71 -34.17
C GLU C 1643 85.89 60.23 -34.43
N GLU C 1644 86.06 59.32 -35.39
CA GLU C 1644 87.38 58.84 -35.72
C GLU C 1644 87.98 59.65 -36.85
N ASN C 1645 87.19 60.58 -37.42
CA ASN C 1645 87.59 61.51 -38.48
C ASN C 1645 88.18 60.76 -39.66
N ARG C 1646 87.59 59.61 -39.98
CA ARG C 1646 88.08 58.86 -41.13
C ARG C 1646 86.94 58.34 -41.97
N CYS C 1647 87.18 58.20 -43.27
CA CYS C 1647 86.14 57.77 -44.18
C CYS C 1647 86.57 56.53 -44.94
N MET C 1648 85.59 55.67 -45.19
CA MET C 1648 85.80 54.42 -45.93
C MET C 1648 84.81 54.36 -47.08
N ASP C 1649 85.15 53.55 -48.08
CA ASP C 1649 84.29 53.37 -49.24
C ASP C 1649 82.96 52.77 -48.81
N ILE C 1650 81.89 53.24 -49.46
CA ILE C 1650 80.54 52.77 -49.16
C ILE C 1650 80.38 51.31 -49.54
N LEU C 1651 81.07 50.86 -50.58
CA LEU C 1651 81.00 49.47 -51.03
C LEU C 1651 81.58 48.50 -50.01
N GLU C 1652 82.43 48.98 -49.09
CA GLU C 1652 82.99 48.14 -48.04
C GLU C 1652 81.92 47.64 -47.08
N LEU C 1653 80.77 48.35 -47.01
CA LEU C 1653 79.71 47.93 -46.11
C LEU C 1653 79.05 46.63 -46.56
N SER C 1654 79.32 46.16 -47.79
CA SER C 1654 78.88 44.84 -48.21
C SER C 1654 79.56 43.73 -47.44
N GLU C 1655 80.65 44.04 -46.74
CA GLU C 1655 81.35 43.11 -45.87
C GLU C 1655 81.21 43.51 -44.41
N ARG C 1656 81.18 44.81 -44.13
CA ARG C 1656 81.03 45.27 -42.74
C ARG C 1656 79.53 45.29 -42.44
N LEU C 1657 79.00 44.10 -42.12
CA LEU C 1657 77.57 43.93 -41.84
C LEU C 1657 77.12 44.70 -40.61
N ASP C 1658 78.03 44.95 -39.67
CA ASP C 1658 77.70 45.73 -38.49
C ASP C 1658 77.36 47.18 -38.86
N LEU C 1659 78.13 47.78 -39.75
CA LEU C 1659 77.88 49.15 -40.17
C LEU C 1659 76.73 49.25 -41.15
N GLN C 1660 76.55 48.22 -41.99
CA GLN C 1660 75.51 48.24 -43.02
C GLN C 1660 74.12 48.30 -42.42
N ARG C 1661 73.88 47.48 -41.39
CA ARG C 1661 72.55 47.43 -40.77
C ARG C 1661 72.20 48.77 -40.13
N PHE C 1662 73.19 49.36 -39.45
CA PHE C 1662 72.99 50.64 -38.78
C PHE C 1662 72.71 51.74 -39.79
N HIS C 1663 73.50 51.80 -40.86
CA HIS C 1663 73.29 52.86 -41.84
C HIS C 1663 71.99 52.67 -42.61
N SER C 1664 71.57 51.41 -42.84
CA SER C 1664 70.27 51.15 -43.45
C SER C 1664 69.15 51.67 -42.56
N HIS C 1665 69.27 51.43 -41.25
CA HIS C 1665 68.28 51.98 -40.32
C HIS C 1665 68.37 53.51 -40.29
N THR C 1666 69.57 54.06 -40.48
CA THR C 1666 69.73 55.51 -40.53
C THR C 1666 68.94 56.08 -41.70
N LEU C 1667 69.03 55.42 -42.86
CA LEU C 1667 68.26 55.86 -44.02
C LEU C 1667 66.77 55.71 -43.78
N ARG C 1668 66.38 54.70 -43.00
CA ARG C 1668 64.97 54.55 -42.62
C ARG C 1668 64.52 55.74 -41.78
N LEU C 1669 65.38 56.16 -40.86
CA LEU C 1669 65.08 57.33 -40.03
C LEU C 1669 64.98 58.60 -40.87
N TYR C 1670 65.86 58.73 -41.87
CA TYR C 1670 65.80 59.87 -42.78
C TYR C 1670 64.49 59.88 -43.55
N ARG C 1671 63.96 58.71 -43.90
CA ARG C 1671 62.63 58.67 -44.49
C ARG C 1671 61.55 58.99 -43.48
N ALA C 1672 61.76 58.61 -42.22
CA ALA C 1672 60.74 58.77 -41.20
C ALA C 1672 60.55 60.24 -40.82
N VAL C 1673 61.65 60.98 -40.69
CA VAL C 1673 61.54 62.38 -40.29
C VAL C 1673 60.88 63.21 -41.39
N CYS C 1674 61.12 62.88 -42.65
CA CYS C 1674 60.49 63.57 -43.77
C CYS C 1674 59.19 62.93 -44.21
N ALA C 1675 58.71 61.92 -43.49
CA ALA C 1675 57.51 61.20 -43.90
C ALA C 1675 56.26 62.07 -43.73
N LEU C 1676 55.31 61.87 -44.65
CA LEU C 1676 53.97 62.49 -44.64
C LEU C 1676 54.03 64.02 -44.71
N GLY C 1677 54.70 64.50 -45.77
CA GLY C 1677 54.68 65.91 -46.13
C GLY C 1677 55.28 66.86 -45.14
N ASN C 1678 56.42 66.49 -44.53
CA ASN C 1678 57.18 67.39 -43.68
C ASN C 1678 58.26 68.07 -44.53
N ASN C 1679 57.79 68.89 -45.48
CA ASN C 1679 58.66 69.48 -46.51
C ASN C 1679 59.72 70.39 -45.90
N ARG C 1680 59.42 70.98 -44.74
CA ARG C 1680 60.39 71.82 -44.05
C ARG C 1680 61.61 71.01 -43.63
N VAL C 1681 61.38 69.82 -43.07
CA VAL C 1681 62.47 68.94 -42.70
C VAL C 1681 63.12 68.37 -43.97
N ALA C 1682 62.29 68.09 -45.00
CA ALA C 1682 62.79 67.53 -46.25
C ALA C 1682 63.82 68.45 -46.90
N HIS C 1683 63.62 69.77 -46.77
CA HIS C 1683 64.61 70.70 -47.29
C HIS C 1683 65.90 70.64 -46.48
N ALA C 1684 65.78 70.41 -45.17
CA ALA C 1684 66.96 70.30 -44.30
C ALA C 1684 67.80 69.08 -44.68
N LEU C 1685 67.14 67.98 -45.01
CA LEU C 1685 67.85 66.75 -45.36
C LEU C 1685 68.62 66.84 -46.67
N CYS C 1686 68.30 67.83 -47.51
CA CYS C 1686 69.03 68.04 -48.75
C CYS C 1686 70.49 68.40 -48.50
N SER C 1687 70.78 69.00 -47.35
CA SER C 1687 72.16 69.31 -47.00
C SER C 1687 72.93 68.02 -46.71
N HIS C 1688 72.35 67.14 -45.89
CA HIS C 1688 73.02 65.90 -45.52
C HIS C 1688 73.19 64.97 -46.72
N VAL C 1689 72.11 64.71 -47.46
CA VAL C 1689 72.21 63.94 -48.69
C VAL C 1689 71.77 64.81 -49.86
N ASP C 1690 72.65 64.97 -50.84
CA ASP C 1690 72.39 65.92 -51.90
C ASP C 1690 71.86 65.23 -53.14
N GLN C 1691 71.62 66.04 -54.17
CA GLN C 1691 71.15 65.53 -55.45
C GLN C 1691 72.23 64.68 -56.12
N ALA C 1692 73.49 65.12 -56.06
CA ALA C 1692 74.57 64.39 -56.74
C ALA C 1692 74.75 63.01 -56.12
N GLN C 1693 74.70 62.94 -54.79
CA GLN C 1693 74.85 61.67 -54.10
C GLN C 1693 73.71 60.73 -54.45
N LEU C 1694 72.45 61.23 -54.40
CA LEU C 1694 71.32 60.34 -54.66
C LEU C 1694 71.32 59.82 -56.10
N LEU C 1695 71.58 60.70 -57.08
CA LEU C 1695 71.65 60.27 -58.47
C LEU C 1695 72.80 59.30 -58.73
N HIS C 1696 73.95 59.52 -58.09
CA HIS C 1696 75.04 58.56 -58.27
C HIS C 1696 74.71 57.24 -57.59
N ALA C 1697 74.06 57.30 -56.43
CA ALA C 1697 73.72 56.09 -55.69
C ALA C 1697 72.70 55.25 -56.43
N LEU C 1698 71.89 55.87 -57.30
CA LEU C 1698 70.98 55.07 -58.11
C LEU C 1698 71.77 54.18 -59.07
N GLU C 1699 72.80 54.75 -59.69
CA GLU C 1699 73.55 54.04 -60.72
C GLU C 1699 74.65 53.16 -60.15
N ASP C 1700 74.96 53.28 -58.86
CA ASP C 1700 76.03 52.47 -58.26
C ASP C 1700 75.58 51.02 -58.21
N ALA C 1701 76.10 50.21 -59.12
CA ALA C 1701 75.66 48.82 -59.26
C ALA C 1701 76.21 47.90 -58.17
N HIS C 1702 77.28 48.29 -57.48
CA HIS C 1702 77.88 47.42 -56.48
C HIS C 1702 77.41 47.73 -55.07
N LEU C 1703 76.42 48.61 -54.93
CA LEU C 1703 75.89 48.92 -53.61
C LEU C 1703 75.12 47.72 -53.06
N PRO C 1704 75.14 47.52 -51.73
CA PRO C 1704 74.39 46.41 -51.14
C PRO C 1704 72.88 46.60 -51.30
N GLY C 1705 72.15 45.54 -50.95
CA GLY C 1705 70.71 45.48 -51.08
C GLY C 1705 69.95 46.50 -50.26
N PRO C 1706 70.02 46.38 -48.92
CA PRO C 1706 69.28 47.33 -48.07
C PRO C 1706 69.69 48.78 -48.27
N LEU C 1707 70.98 49.03 -48.52
CA LEU C 1707 71.43 50.39 -48.74
C LEU C 1707 70.89 50.95 -50.04
N ARG C 1708 70.85 50.12 -51.09
CA ARG C 1708 70.34 50.54 -52.39
C ARG C 1708 68.85 50.86 -52.30
N ALA C 1709 68.09 49.98 -51.66
CA ALA C 1709 66.65 50.21 -51.50
C ALA C 1709 66.38 51.41 -50.62
N GLY C 1710 67.17 51.57 -49.56
CA GLY C 1710 67.02 52.71 -48.68
C GLY C 1710 67.28 54.03 -49.39
N TYR C 1711 68.32 54.07 -50.23
CA TYR C 1711 68.61 55.29 -50.97
C TYR C 1711 67.55 55.61 -52.00
N TYR C 1712 67.02 54.58 -52.68
CA TYR C 1712 65.94 54.82 -53.65
C TYR C 1712 64.67 55.33 -52.97
N ASP C 1713 64.29 54.69 -51.86
CA ASP C 1713 63.11 55.12 -51.13
C ASP C 1713 63.32 56.45 -50.44
N LEU C 1714 64.59 56.79 -50.13
CA LEU C 1714 64.86 58.11 -49.58
C LEU C 1714 64.69 59.18 -50.64
N LEU C 1715 65.15 58.89 -51.87
CA LEU C 1715 65.00 59.85 -52.96
C LEU C 1715 63.53 60.12 -53.22
N ILE C 1716 62.73 59.05 -53.20
CA ILE C 1716 61.30 59.16 -53.41
C ILE C 1716 60.67 59.98 -52.29
N SER C 1717 61.08 59.72 -51.04
CA SER C 1717 60.48 60.41 -49.89
C SER C 1717 60.83 61.90 -49.89
N ILE C 1718 62.09 62.24 -50.19
CA ILE C 1718 62.52 63.64 -50.15
C ILE C 1718 61.86 64.44 -51.27
N HIS C 1719 61.85 63.90 -52.48
CA HIS C 1719 61.51 64.73 -53.63
C HIS C 1719 60.16 64.43 -54.28
N LEU C 1720 59.60 63.26 -54.08
CA LEU C 1720 58.47 62.83 -54.88
C LEU C 1720 57.22 62.45 -54.11
N GLU C 1721 57.35 61.98 -52.87
CA GLU C 1721 56.21 61.38 -52.15
C GLU C 1721 55.05 62.34 -51.90
N SER C 1722 55.33 63.59 -51.48
CA SER C 1722 54.26 64.54 -51.21
C SER C 1722 53.45 64.89 -52.45
N ALA C 1723 54.16 65.15 -53.56
CA ALA C 1723 53.51 65.49 -54.82
C ALA C 1723 52.75 64.29 -55.35
N CYS C 1724 53.34 63.09 -55.21
CA CYS C 1724 52.70 61.88 -55.71
C CYS C 1724 51.43 61.62 -54.92
N ARG C 1725 51.48 61.83 -53.61
CA ARG C 1725 50.34 61.55 -52.73
C ARG C 1725 49.17 62.47 -53.08
N SER C 1726 49.45 63.77 -53.16
CA SER C 1726 48.41 64.74 -53.47
C SER C 1726 47.83 64.52 -54.86
N ARG C 1727 48.70 64.24 -55.85
CA ARG C 1727 48.22 64.00 -57.20
C ARG C 1727 47.40 62.73 -57.24
N ARG C 1728 47.81 61.72 -56.46
CA ARG C 1728 47.13 60.44 -56.43
C ARG C 1728 45.71 60.63 -55.91
N SER C 1729 45.56 61.46 -54.87
CA SER C 1729 44.23 61.73 -54.35
C SER C 1729 43.40 62.47 -55.40
N MET C 1730 44.05 63.38 -56.15
CA MET C 1730 43.35 64.11 -57.20
C MET C 1730 42.95 63.25 -58.39
N LEU C 1731 43.55 62.06 -58.54
CA LEU C 1731 43.18 61.20 -59.67
C LEU C 1731 41.81 60.55 -59.51
N SER C 1732 41.28 60.49 -58.29
CA SER C 1732 39.98 59.86 -58.10
C SER C 1732 38.81 60.70 -58.60
N GLU C 1733 39.03 61.97 -58.91
CA GLU C 1733 37.98 62.84 -59.41
C GLU C 1733 38.27 63.24 -60.85
N TYR C 1734 37.20 63.40 -61.63
CA TYR C 1734 37.30 63.68 -63.07
C TYR C 1734 36.48 64.93 -63.38
N ILE C 1735 37.11 66.09 -63.26
CA ILE C 1735 36.52 67.36 -63.65
C ILE C 1735 37.01 67.66 -65.06
N VAL C 1736 36.14 67.48 -66.05
CA VAL C 1736 36.51 67.58 -67.46
C VAL C 1736 36.01 68.92 -68.00
N PRO C 1737 36.90 69.88 -68.28
CA PRO C 1737 36.46 71.13 -68.91
C PRO C 1737 36.09 70.94 -70.37
N LEU C 1738 35.24 71.83 -70.86
CA LEU C 1738 34.75 71.80 -72.25
C LEU C 1738 35.65 72.68 -73.10
N THR C 1739 36.64 72.07 -73.72
CA THR C 1739 37.66 72.70 -74.54
C THR C 1739 37.74 71.98 -75.88
N PRO C 1740 38.26 72.63 -76.94
CA PRO C 1740 38.43 71.92 -78.24
C PRO C 1740 39.32 70.69 -78.15
N GLU C 1741 40.36 70.74 -77.31
CA GLU C 1741 41.16 69.56 -77.08
C GLU C 1741 40.36 68.48 -76.39
N THR C 1742 39.42 68.86 -75.51
CA THR C 1742 38.52 67.86 -74.95
C THR C 1742 37.63 67.29 -76.06
N ARG C 1743 37.22 68.15 -77.00
CA ARG C 1743 36.36 67.72 -78.10
CA ARG C 1743 36.35 67.70 -78.09
C ARG C 1743 37.06 66.71 -79.00
N ALA C 1744 38.38 66.79 -79.08
CA ALA C 1744 39.13 65.86 -79.93
C ALA C 1744 39.23 64.45 -79.35
N ILE C 1745 38.81 64.25 -78.10
CA ILE C 1745 38.94 62.95 -77.43
C ILE C 1745 37.97 61.96 -78.05
N THR C 1746 38.49 60.78 -78.41
CA THR C 1746 37.69 59.70 -78.99
C THR C 1746 38.03 58.39 -78.28
N LEU C 1747 37.07 57.46 -78.31
CA LEU C 1747 37.27 56.14 -77.74
C LEU C 1747 38.41 55.38 -78.41
N PHE C 1748 38.49 55.47 -79.73
CA PHE C 1748 39.52 54.79 -80.48
C PHE C 1748 40.28 55.78 -81.33
N PRO C 1749 41.56 55.52 -81.61
CA PRO C 1749 42.28 56.36 -82.55
C PRO C 1749 41.69 56.23 -83.93
N PRO C 1750 41.77 57.29 -84.76
CA PRO C 1750 41.22 57.22 -86.12
C PRO C 1750 41.91 56.17 -86.98
N GLY C 1751 41.16 55.13 -87.31
CA GLY C 1751 41.71 54.00 -88.04
C GLY C 1751 40.76 53.44 -89.07
N ARG C 1752 41.10 52.27 -89.60
CA ARG C 1752 40.31 51.64 -90.65
C ARG C 1752 40.17 50.13 -90.45
N LYS C 1753 40.30 49.65 -89.21
CA LYS C 1753 40.19 48.22 -88.94
C LYS C 1753 38.77 47.71 -89.16
N GLY C 1754 37.81 48.26 -88.42
CA GLY C 1754 36.44 47.81 -88.53
C GLY C 1754 35.45 48.89 -88.14
N GLY C 1755 34.22 48.72 -88.62
CA GLY C 1755 33.16 49.67 -88.31
C GLY C 1755 32.77 49.69 -86.85
N ASN C 1756 32.68 48.50 -86.24
CA ASN C 1756 32.31 48.41 -84.82
C ASN C 1756 33.37 49.04 -83.93
N ALA C 1757 34.63 48.66 -84.13
CA ALA C 1757 35.75 49.20 -83.36
C ALA C 1757 37.05 48.91 -84.10
N ARG C 1758 38.08 49.63 -83.72
CA ARG C 1758 39.43 49.44 -84.22
C ARG C 1758 40.27 48.84 -83.10
N ARG C 1759 41.56 48.64 -83.39
CA ARG C 1759 42.47 48.17 -82.36
C ARG C 1759 42.61 49.21 -81.26
N HIS C 1760 42.72 48.72 -80.02
CA HIS C 1760 42.74 49.61 -78.87
C HIS C 1760 43.97 50.51 -78.89
N GLY C 1761 43.75 51.79 -78.57
CA GLY C 1761 44.86 52.71 -78.46
C GLY C 1761 45.78 52.37 -77.31
N LEU C 1762 47.02 52.80 -77.45
CA LEU C 1762 48.05 52.51 -76.46
C LEU C 1762 47.73 53.24 -75.16
N PRO C 1763 47.65 52.52 -74.03
CA PRO C 1763 47.33 53.18 -72.75
C PRO C 1763 48.40 54.19 -72.33
N GLY C 1764 47.94 55.28 -71.74
CA GLY C 1764 48.82 56.35 -71.33
C GLY C 1764 49.36 57.21 -72.45
N VAL C 1765 48.94 56.96 -73.69
CA VAL C 1765 49.40 57.69 -74.86
C VAL C 1765 48.23 58.51 -75.38
N GLY C 1766 48.46 59.81 -75.57
CA GLY C 1766 47.44 60.71 -76.03
C GLY C 1766 47.40 61.94 -75.15
N VAL C 1767 46.27 62.62 -75.18
CA VAL C 1767 46.06 63.83 -74.40
C VAL C 1767 44.95 63.57 -73.38
N THR C 1768 45.15 64.06 -72.17
CA THR C 1768 44.15 63.98 -71.11
C THR C 1768 43.86 65.39 -70.64
N THR C 1769 42.61 65.81 -70.75
CA THR C 1769 42.22 67.16 -70.38
C THR C 1769 41.63 67.24 -68.97
N SER C 1770 41.59 66.11 -68.24
CA SER C 1770 41.10 66.11 -66.88
C SER C 1770 41.93 67.02 -65.99
N LEU C 1771 41.26 67.76 -65.13
CA LEU C 1771 41.94 68.77 -64.32
C LEU C 1771 42.72 68.08 -63.21
N ARG C 1772 44.02 68.35 -63.15
CA ARG C 1772 44.89 67.88 -62.10
C ARG C 1772 45.79 69.06 -61.76
N PRO C 1773 45.95 69.38 -60.48
CA PRO C 1773 46.79 70.52 -60.08
C PRO C 1773 48.24 70.30 -60.45
N PRO C 1774 48.93 71.34 -60.89
CA PRO C 1774 50.36 71.21 -61.18
C PRO C 1774 51.15 71.11 -59.89
N HIS C 1775 52.28 70.42 -59.98
CA HIS C 1775 53.13 70.27 -58.80
C HIS C 1775 53.81 71.58 -58.48
N HIS C 1776 54.21 71.73 -57.23
CA HIS C 1776 54.92 72.92 -56.77
C HIS C 1776 56.23 72.49 -56.12
N PHE C 1777 57.32 73.13 -56.51
CA PHE C 1777 58.62 72.81 -55.96
C PHE C 1777 59.40 74.08 -55.66
N SER C 1778 60.10 74.04 -54.53
CA SER C 1778 60.98 75.12 -54.12
C SER C 1778 62.40 74.61 -54.17
N PRO C 1779 63.29 75.23 -54.94
CA PRO C 1779 64.70 74.78 -54.98
C PRO C 1779 65.34 74.83 -53.62
N PRO C 1780 66.15 73.83 -53.27
CA PRO C 1780 66.73 73.79 -51.93
C PRO C 1780 67.91 74.76 -51.79
N CYS C 1781 67.71 75.78 -50.98
CA CYS C 1781 68.74 76.78 -50.73
C CYS C 1781 68.89 77.01 -49.24
N PHE C 1782 70.13 77.18 -48.80
CA PHE C 1782 70.44 77.42 -47.40
C PHE C 1782 71.19 78.72 -47.17
N VAL C 1783 71.70 79.37 -48.21
CA VAL C 1783 72.37 80.65 -48.05
C VAL C 1783 71.37 81.79 -47.94
N ALA C 1784 70.10 81.55 -48.29
CA ALA C 1784 69.07 82.57 -48.22
C ALA C 1784 68.85 82.98 -46.77
N ALA C 1785 68.50 84.26 -46.59
CA ALA C 1785 68.30 84.83 -45.26
C ALA C 1785 67.13 84.18 -44.55
N LEU C 1786 67.24 84.11 -43.23
CA LEU C 1786 66.17 83.56 -42.41
C LEU C 1786 64.94 84.46 -42.50
N PRO C 1787 63.77 83.91 -42.85
CA PRO C 1787 62.57 84.74 -43.01
C PRO C 1787 62.17 85.45 -41.72
N ALA C 1788 61.74 86.70 -41.87
CA ALA C 1788 61.26 87.47 -40.72
C ALA C 1788 59.95 86.94 -40.17
N ALA C 1789 59.17 86.24 -40.99
CA ALA C 1789 57.90 85.67 -40.54
C ALA C 1789 58.16 84.53 -39.55
N GLY C 1790 57.29 84.42 -38.55
CA GLY C 1790 57.40 83.37 -37.56
C GLY C 1790 56.63 82.13 -37.94
N VAL C 1791 56.63 81.16 -37.02
CA VAL C 1791 55.90 79.92 -37.23
C VAL C 1791 54.39 80.21 -37.21
N ALA C 1792 53.63 79.32 -37.86
CA ALA C 1792 52.17 79.35 -37.99
C ALA C 1792 51.64 80.58 -38.74
N GLU C 1793 52.52 81.37 -39.35
CA GLU C 1793 52.11 82.52 -40.15
C GLU C 1793 52.81 82.49 -41.50
N ALA C 1794 54.02 81.95 -41.53
CA ALA C 1794 54.76 81.82 -42.78
C ALA C 1794 54.11 80.75 -43.68
N PRO C 1795 54.20 80.90 -45.00
CA PRO C 1795 53.65 79.88 -45.91
C PRO C 1795 54.36 78.54 -45.78
N ALA C 1796 53.59 77.48 -46.01
CA ALA C 1796 54.10 76.11 -45.90
C ALA C 1796 55.17 75.83 -46.95
N ARG C 1797 56.20 75.11 -46.54
CA ARG C 1797 57.29 74.75 -47.43
C ARG C 1797 56.83 73.78 -48.51
N LEU C 1798 57.43 73.91 -49.69
CA LEU C 1798 57.16 73.02 -50.80
C LEU C 1798 58.23 71.93 -50.86
N SER C 1799 57.98 70.93 -51.69
CA SER C 1799 58.95 69.85 -51.85
C SER C 1799 60.22 70.37 -52.54
N PRO C 1800 61.39 69.90 -52.13
CA PRO C 1800 62.64 70.29 -52.80
C PRO C 1800 62.65 69.87 -54.27
N ALA C 1801 63.23 70.73 -55.10
CA ALA C 1801 63.22 70.46 -56.53
C ALA C 1801 64.35 69.50 -56.91
N ILE C 1802 64.21 68.90 -58.09
CA ILE C 1802 65.17 67.97 -58.67
C ILE C 1802 64.87 67.87 -60.16
N PRO C 1803 65.91 67.82 -61.06
CA PRO C 1803 65.63 67.66 -62.50
C PRO C 1803 64.88 66.40 -62.84
N LEU C 1804 63.65 66.59 -63.30
CA LEU C 1804 62.77 65.46 -63.55
C LEU C 1804 62.95 64.86 -64.93
N GLU C 1805 63.27 65.66 -65.94
CA GLU C 1805 63.58 65.12 -67.26
C GLU C 1805 64.83 64.25 -67.21
N ALA C 1806 65.85 64.71 -66.48
CA ALA C 1806 67.05 63.91 -66.27
C ALA C 1806 66.73 62.67 -65.45
N LEU C 1807 65.88 62.81 -64.43
CA LEU C 1807 65.53 61.66 -63.59
C LEU C 1807 64.78 60.60 -64.39
N ARG C 1808 63.82 61.01 -65.23
CA ARG C 1808 63.06 60.04 -66.01
C ARG C 1808 63.92 59.39 -67.09
N ASP C 1809 64.87 60.13 -67.68
CA ASP C 1809 65.75 59.51 -68.68
C ASP C 1809 66.68 58.51 -68.04
N LYS C 1810 67.22 58.85 -66.85
CA LYS C 1810 68.06 57.93 -66.11
C LYS C 1810 67.29 56.67 -65.73
N ALA C 1811 66.03 56.86 -65.28
CA ALA C 1811 65.19 55.72 -64.90
C ALA C 1811 64.91 54.80 -66.08
N LEU C 1812 64.61 55.36 -67.27
CA LEU C 1812 64.40 54.54 -68.46
C LEU C 1812 65.67 53.80 -68.86
N ARG C 1813 66.82 54.47 -68.81
CA ARG C 1813 68.10 53.83 -69.14
C ARG C 1813 68.42 52.71 -68.15
N MET C 1814 68.22 52.97 -66.87
CA MET C 1814 68.58 52.01 -65.83
C MET C 1814 67.67 50.81 -65.90
N LEU C 1815 66.36 51.06 -66.13
CA LEU C 1815 65.42 49.96 -66.23
C LEU C 1815 65.74 49.09 -67.45
N GLY C 1816 66.17 49.72 -68.55
CA GLY C 1816 66.60 48.93 -69.71
C GLY C 1816 67.79 48.06 -69.41
N GLU C 1817 68.73 48.60 -68.61
CA GLU C 1817 69.90 47.83 -68.19
C GLU C 1817 69.49 46.65 -67.33
N ALA C 1818 68.55 46.87 -66.40
CA ALA C 1818 68.09 45.80 -65.52
C ALA C 1818 67.37 44.72 -66.31
N VAL C 1819 66.53 45.11 -67.27
CA VAL C 1819 65.73 44.15 -68.04
C VAL C 1819 66.66 43.28 -68.87
N ARG C 1820 67.62 43.90 -69.57
CA ARG C 1820 68.56 43.11 -70.35
C ARG C 1820 69.42 42.21 -69.47
N ASP C 1821 69.84 42.71 -68.29
CA ASP C 1821 70.58 41.87 -67.35
C ASP C 1821 69.72 40.71 -66.86
N GLY C 1822 68.40 40.93 -66.76
CA GLY C 1822 67.50 39.86 -66.39
C GLY C 1822 67.49 38.78 -67.44
N GLY C 1823 67.51 39.19 -68.71
CA GLY C 1823 67.55 38.22 -69.78
C GLY C 1823 68.90 37.53 -69.93
N GLN C 1824 69.97 38.14 -69.40
CA GLN C 1824 71.28 37.48 -69.47
C GLN C 1824 71.41 36.28 -68.54
N HIS C 1825 70.51 36.14 -67.54
CA HIS C 1825 70.57 35.10 -66.50
C HIS C 1825 71.90 35.14 -65.76
N ALA C 1826 72.37 36.36 -65.48
CA ALA C 1826 73.63 36.57 -64.79
C ALA C 1826 73.56 36.10 -63.35
N ARG C 1827 74.71 35.62 -62.85
CA ARG C 1827 74.84 35.11 -61.50
C ARG C 1827 75.25 36.19 -60.51
N ASP C 1828 75.36 37.44 -60.93
CA ASP C 1828 75.68 38.55 -60.05
C ASP C 1828 74.67 39.68 -60.23
N PRO C 1829 73.45 39.51 -59.72
CA PRO C 1829 72.44 40.57 -59.87
C PRO C 1829 72.81 41.81 -59.08
N VAL C 1830 72.34 42.96 -59.58
CA VAL C 1830 72.61 44.24 -58.94
C VAL C 1830 71.95 44.28 -57.57
N GLY C 1831 72.72 44.64 -56.56
CA GLY C 1831 72.22 44.70 -55.21
C GLY C 1831 72.27 43.39 -54.46
N GLY C 1832 72.54 42.28 -55.14
CA GLY C 1832 72.65 40.98 -54.51
C GLY C 1832 71.51 40.03 -54.80
N SER C 1833 70.40 40.51 -55.37
CA SER C 1833 69.27 39.64 -55.66
C SER C 1833 68.43 40.27 -56.75
N VAL C 1834 67.55 39.45 -57.32
CA VAL C 1834 66.61 39.92 -58.33
C VAL C 1834 65.66 40.94 -57.73
N GLU C 1835 65.21 40.70 -56.49
CA GLU C 1835 64.32 41.61 -55.81
C GLU C 1835 65.00 42.96 -55.59
N PHE C 1836 66.25 42.94 -55.08
CA PHE C 1836 66.97 44.18 -54.86
C PHE C 1836 67.36 44.85 -56.16
N GLN C 1837 67.33 44.11 -57.28
CA GLN C 1837 67.66 44.70 -58.57
C GLN C 1837 66.46 45.40 -59.18
N PHE C 1838 65.27 44.85 -58.99
CA PHE C 1838 64.09 45.36 -59.69
C PHE C 1838 63.12 46.17 -58.84
N VAL C 1839 62.97 45.87 -57.54
CA VAL C 1839 61.99 46.59 -56.71
C VAL C 1839 62.28 48.09 -56.58
N PRO C 1840 63.50 48.54 -56.19
CA PRO C 1840 63.70 50.00 -56.03
C PRO C 1840 63.52 50.80 -57.30
N VAL C 1841 63.95 50.28 -58.45
CA VAL C 1841 63.79 51.05 -59.68
C VAL C 1841 62.33 51.11 -60.09
N LEU C 1842 61.58 50.01 -59.88
CA LEU C 1842 60.17 49.98 -60.26
C LEU C 1842 59.35 50.89 -59.37
N LYS C 1843 59.76 51.08 -58.12
CA LYS C 1843 59.08 52.06 -57.27
C LYS C 1843 59.22 53.46 -57.84
N LEU C 1844 60.42 53.80 -58.32
CA LEU C 1844 60.67 55.10 -58.93
C LEU C 1844 59.86 55.26 -60.20
N VAL C 1845 59.79 54.19 -61.01
CA VAL C 1845 59.02 54.25 -62.26
C VAL C 1845 57.56 54.47 -61.96
N SER C 1846 57.03 53.76 -60.95
CA SER C 1846 55.63 53.89 -60.59
C SER C 1846 55.31 55.29 -60.09
N THR C 1847 56.21 55.84 -59.27
CA THR C 1847 55.99 57.19 -58.73
C THR C 1847 56.00 58.24 -59.84
N LEU C 1848 56.95 58.13 -60.78
CA LEU C 1848 56.98 59.09 -61.88
C LEU C 1848 55.77 58.93 -62.79
N LEU C 1849 55.32 57.69 -63.00
CA LEU C 1849 54.13 57.46 -63.81
C LEU C 1849 52.90 58.09 -63.17
N VAL C 1850 52.78 57.95 -61.85
CA VAL C 1850 51.66 58.57 -61.13
C VAL C 1850 51.74 60.08 -61.25
N MET C 1851 52.94 60.64 -61.08
CA MET C 1851 53.11 62.09 -61.20
C MET C 1851 52.95 62.58 -62.63
N GLY C 1852 52.93 61.69 -63.63
CA GLY C 1852 52.80 62.12 -65.00
C GLY C 1852 54.04 62.76 -65.60
N ILE C 1853 55.22 62.47 -65.04
CA ILE C 1853 56.45 63.07 -65.53
C ILE C 1853 56.78 62.54 -66.93
N PHE C 1854 56.52 61.26 -67.17
CA PHE C 1854 56.86 60.62 -68.44
C PHE C 1854 56.04 61.20 -69.59
N GLY C 1855 56.67 61.27 -70.76
CA GLY C 1855 55.97 61.71 -71.96
C GLY C 1855 55.35 60.55 -72.71
N ASP C 1856 54.75 60.88 -73.86
CA ASP C 1856 54.10 59.87 -74.70
C ASP C 1856 55.10 58.85 -75.23
N GLU C 1857 56.25 59.32 -75.71
CA GLU C 1857 57.27 58.40 -76.20
C GLU C 1857 57.85 57.58 -75.06
N ASP C 1858 58.00 58.20 -73.88
CA ASP C 1858 58.50 57.48 -72.72
C ASP C 1858 57.55 56.35 -72.34
N VAL C 1859 56.25 56.62 -72.40
CA VAL C 1859 55.25 55.59 -72.14
C VAL C 1859 55.35 54.48 -73.19
N LYS C 1860 55.62 54.87 -74.45
CA LYS C 1860 55.78 53.87 -75.52
C LYS C 1860 56.96 52.95 -75.21
N GLN C 1861 58.06 53.52 -74.74
CA GLN C 1861 59.24 52.72 -74.39
C GLN C 1861 58.92 51.77 -73.25
N ILE C 1862 58.18 52.26 -72.23
CA ILE C 1862 57.83 51.41 -71.10
C ILE C 1862 56.94 50.25 -71.55
N LEU C 1863 55.97 50.53 -72.41
CA LEU C 1863 55.09 49.47 -72.91
C LEU C 1863 55.86 48.44 -73.72
N LYS C 1864 56.82 48.88 -74.54
CA LYS C 1864 57.72 47.96 -75.23
C LYS C 1864 58.51 47.10 -74.25
N MET C 1865 58.95 47.69 -73.14
CA MET C 1865 59.73 46.92 -72.19
C MET C 1865 58.87 45.90 -71.44
N ILE C 1866 57.68 46.32 -70.99
CA ILE C 1866 56.78 45.41 -70.26
C ILE C 1866 56.32 44.27 -71.13
N GLU C 1867 55.84 44.57 -72.34
CA GLU C 1867 55.40 43.53 -73.26
C GLU C 1867 55.55 44.03 -74.68
N PRO C 1868 56.64 43.66 -75.38
CA PRO C 1868 56.93 44.27 -76.68
C PRO C 1868 55.93 43.95 -77.80
N GLU C 1869 55.70 42.67 -78.09
CA GLU C 1869 54.98 42.29 -79.30
C GLU C 1869 53.50 42.69 -79.25
N VAL C 1870 52.89 42.61 -78.06
CA VAL C 1870 51.49 43.02 -77.92
C VAL C 1870 51.36 44.52 -78.11
N PHE C 1871 52.35 45.28 -77.62
CA PHE C 1871 52.30 46.73 -77.64
C PHE C 1871 53.08 47.31 -78.84
N THR C 1872 53.12 46.58 -79.95
CA THR C 1872 53.71 47.10 -81.18
C THR C 1872 52.68 47.92 -81.93
N GLU C 1873 52.82 49.25 -81.89
CA GLU C 1873 51.89 50.13 -82.56
C GLU C 1873 51.98 49.94 -84.08
N GLU C 1874 50.83 50.04 -84.74
CA GLU C 1874 50.75 49.89 -86.19
C GLU C 1874 49.46 50.50 -86.73
N LEU C 1922 68.28 39.83 -75.17
CA LEU C 1922 67.01 39.52 -75.80
C LEU C 1922 65.95 40.54 -75.41
N GLU C 1923 65.08 40.87 -76.36
CA GLU C 1923 64.02 41.86 -76.15
C GLU C 1923 62.72 41.19 -75.65
N GLU C 1924 62.89 40.35 -74.64
CA GLU C 1924 61.76 39.67 -74.01
C GLU C 1924 61.20 40.54 -72.91
N GLY C 1925 59.87 40.55 -72.80
CA GLY C 1925 59.19 41.42 -71.86
C GLY C 1925 59.40 41.00 -70.42
N LEU C 1926 58.93 41.86 -69.52
CA LEU C 1926 59.05 41.60 -68.08
C LEU C 1926 58.27 40.37 -67.67
N LEU C 1927 57.12 40.14 -68.28
CA LEU C 1927 56.18 39.10 -67.87
C LEU C 1927 56.72 37.68 -68.04
N GLN C 1928 57.81 37.50 -68.77
CA GLN C 1928 58.41 36.18 -68.96
C GLN C 1928 59.69 36.00 -68.17
N MET C 1929 59.91 36.82 -67.14
CA MET C 1929 61.17 36.81 -66.39
C MET C 1929 61.12 36.00 -65.10
N LYS C 1930 60.03 35.26 -64.85
CA LYS C 1930 59.77 34.42 -63.65
C LYS C 1930 60.23 35.10 -62.34
N LEU C 1931 59.67 36.28 -62.13
CA LEU C 1931 60.06 37.17 -61.05
C LEU C 1931 59.57 36.67 -59.69
N PRO C 1932 60.24 37.10 -58.59
CA PRO C 1932 59.74 36.76 -57.25
C PRO C 1932 58.48 37.51 -56.88
N GLU C 1933 57.92 37.18 -55.70
CA GLU C 1933 56.64 37.74 -55.27
C GLU C 1933 56.69 39.24 -55.04
N SER C 1934 57.77 39.75 -54.43
CA SER C 1934 57.84 41.14 -54.00
C SER C 1934 57.74 42.12 -55.17
N VAL C 1935 58.46 41.84 -56.25
CA VAL C 1935 58.44 42.71 -57.43
C VAL C 1935 57.15 42.55 -58.24
N LYS C 1936 56.48 41.40 -58.13
CA LYS C 1936 55.18 41.20 -58.76
C LYS C 1936 54.16 42.22 -58.26
N LEU C 1937 54.26 42.61 -56.98
CA LEU C 1937 53.41 43.64 -56.42
C LEU C 1937 53.64 44.98 -57.11
N GLN C 1938 54.90 45.34 -57.37
CA GLN C 1938 55.16 46.58 -58.09
C GLN C 1938 54.69 46.49 -59.53
N MET C 1939 54.69 45.28 -60.10
CA MET C 1939 54.20 45.09 -61.46
C MET C 1939 52.71 45.37 -61.52
N CYS C 1940 51.98 44.90 -60.50
CA CYS C 1940 50.55 45.15 -60.42
C CYS C 1940 50.30 46.65 -60.22
N ASN C 1941 51.14 47.30 -59.41
CA ASN C 1941 51.00 48.73 -59.19
C ASN C 1941 51.19 49.53 -60.48
N LEU C 1942 52.05 49.06 -61.36
CA LEU C 1942 52.19 49.67 -62.69
C LEU C 1942 50.94 49.48 -63.53
N LEU C 1943 50.37 48.27 -63.47
CA LEU C 1943 49.25 47.98 -64.34
C LEU C 1943 47.99 48.68 -63.88
N GLU C 1944 47.78 48.82 -62.56
CA GLU C 1944 46.59 49.53 -62.11
C GLU C 1944 46.67 51.03 -62.40
N TYR C 1945 47.85 51.54 -62.73
CA TYR C 1945 47.98 52.89 -63.23
C TYR C 1945 47.57 52.96 -64.69
N PHE C 1946 48.04 52.01 -65.50
CA PHE C 1946 47.65 52.02 -66.91
C PHE C 1946 46.15 51.80 -67.06
N CYS C 1947 45.58 50.91 -66.26
CA CYS C 1947 44.14 50.69 -66.24
C CYS C 1947 43.38 51.92 -65.78
N ASP C 1948 43.92 52.67 -64.81
CA ASP C 1948 43.33 53.94 -64.41
C ASP C 1948 43.36 54.92 -65.59
N GLN C 1949 44.47 54.92 -66.34
CA GLN C 1949 44.58 55.81 -67.50
C GLN C 1949 43.53 55.47 -68.54
N GLU C 1950 43.30 54.17 -68.76
CA GLU C 1950 42.25 53.74 -69.69
C GLU C 1950 40.86 54.16 -69.24
N LEU C 1951 40.59 54.05 -67.93
CA LEU C 1951 39.31 54.50 -67.39
C LEU C 1951 39.12 56.01 -67.56
N GLN C 1952 40.18 56.78 -67.32
CA GLN C 1952 40.11 58.23 -67.50
C GLN C 1952 39.91 58.58 -68.97
N HIS C 1953 40.54 57.83 -69.87
CA HIS C 1953 40.36 58.04 -71.30
C HIS C 1953 38.91 57.80 -71.70
N ARG C 1954 38.30 56.77 -71.13
CA ARG C 1954 36.89 56.48 -71.40
C ARG C 1954 36.00 57.62 -70.91
N VAL C 1955 36.24 58.10 -69.68
CA VAL C 1955 35.40 59.15 -69.10
C VAL C 1955 35.50 60.42 -69.93
N GLU C 1956 36.73 60.75 -70.36
CA GLU C 1956 36.93 61.92 -71.21
C GLU C 1956 36.20 61.78 -72.55
N SER C 1957 36.16 60.56 -73.09
CA SER C 1957 35.43 60.31 -74.34
C SER C 1957 33.94 60.52 -74.14
N LEU C 1958 33.40 60.06 -73.00
CA LEU C 1958 32.00 60.31 -72.67
C LEU C 1958 31.70 61.80 -72.55
N ALA C 1959 32.60 62.56 -71.92
CA ALA C 1959 32.42 64.01 -71.83
C ALA C 1959 32.44 64.69 -73.20
N ALA C 1960 33.34 64.27 -74.09
CA ALA C 1960 33.37 64.81 -75.45
C ALA C 1960 32.10 64.48 -76.23
N PHE C 1961 31.62 63.23 -76.10
CA PHE C 1961 30.38 62.85 -76.76
C PHE C 1961 29.19 63.62 -76.19
N ALA C 1962 29.19 63.85 -74.87
CA ALA C 1962 28.14 64.63 -74.25
C ALA C 1962 28.15 66.07 -74.77
N GLU C 1963 29.35 66.62 -74.97
CA GLU C 1963 29.51 67.97 -75.51
C GLU C 1963 28.88 68.08 -76.90
N ARG C 1964 29.14 67.09 -77.76
CA ARG C 1964 28.56 67.15 -79.10
C ARG C 1964 27.05 66.88 -79.08
N TYR C 1965 26.65 65.86 -78.32
CA TYR C 1965 25.27 65.39 -78.32
C TYR C 1965 24.31 66.39 -77.72
N VAL C 1966 24.74 67.15 -76.70
CA VAL C 1966 23.89 68.18 -76.13
C VAL C 1966 23.60 69.25 -77.17
N ASP C 1967 24.64 69.68 -77.90
CA ASP C 1967 24.49 70.74 -78.90
C ASP C 1967 23.52 70.34 -80.01
N LYS C 1968 23.70 69.13 -80.56
CA LYS C 1968 22.80 68.69 -81.62
C LYS C 1968 21.39 68.40 -81.11
N LEU C 1969 21.27 67.90 -79.87
CA LEU C 1969 19.95 67.63 -79.32
C LEU C 1969 19.21 68.93 -79.01
N GLN C 1970 19.94 69.94 -78.54
CA GLN C 1970 19.33 71.25 -78.29
C GLN C 1970 18.85 71.87 -79.60
N ALA C 1971 19.65 71.74 -80.66
CA ALA C 1971 19.24 72.29 -81.96
C ALA C 1971 17.98 71.61 -82.47
N ASN C 1972 17.90 70.27 -82.34
CA ASN C 1972 16.71 69.53 -82.75
C ASN C 1972 15.49 69.92 -81.90
N GLN C 1973 15.68 70.05 -80.59
CA GLN C 1973 14.61 70.46 -79.69
C GLN C 1973 14.14 71.89 -79.97
N ARG C 1974 15.06 72.77 -80.34
CA ARG C 1974 14.72 74.13 -80.75
C ARG C 1974 13.87 74.12 -82.02
N SER C 1975 14.27 73.32 -83.01
CA SER C 1975 13.52 73.26 -84.26
C SER C 1975 12.14 72.64 -84.03
N ARG C 1976 12.06 71.62 -83.18
CA ARG C 1976 10.77 71.00 -82.86
C ARG C 1976 9.86 71.99 -82.13
N TYR C 1977 10.45 72.81 -81.25
CA TYR C 1977 9.68 73.82 -80.53
C TYR C 1977 9.12 74.85 -81.51
N ALA C 1978 9.95 75.24 -82.49
CA ALA C 1978 9.50 76.18 -83.51
C ALA C 1978 8.36 75.59 -84.32
N LEU C 1979 8.46 74.29 -84.67
CA LEU C 1979 7.35 73.63 -85.38
C LEU C 1979 6.11 73.58 -84.51
N LEU C 1980 6.28 73.48 -83.18
CA LEU C 1980 5.11 73.45 -82.32
C LEU C 1980 4.45 74.82 -82.26
N MET C 1981 5.24 75.88 -82.50
CA MET C 1981 4.66 77.23 -82.49
C MET C 1981 3.70 77.44 -83.65
N ARG C 1982 3.92 76.74 -84.77
CA ARG C 1982 3.00 76.80 -85.90
C ARG C 1982 2.09 75.58 -85.98
N ALA C 1983 2.16 74.67 -85.01
CA ALA C 1983 1.33 73.48 -85.07
C ALA C 1983 -0.13 73.75 -84.73
N PHE C 1984 -0.42 74.90 -84.08
CA PHE C 1984 -1.78 75.22 -83.65
C PHE C 1984 -2.72 75.46 -84.82
N THR C 1985 -2.18 75.71 -86.02
CA THR C 1985 -3.01 75.87 -87.20
C THR C 1985 -3.55 74.53 -87.66
N MET C 1986 -2.72 73.49 -87.56
CA MET C 1986 -3.07 72.15 -88.03
C MET C 1986 -3.15 71.16 -86.88
N SER C 1987 -3.64 71.62 -85.73
CA SER C 1987 -3.80 70.73 -84.58
C SER C 1987 -4.97 71.24 -83.73
N ALA C 1988 -5.11 70.68 -82.55
CA ALA C 1988 -6.20 71.00 -81.62
C ALA C 1988 -5.66 70.82 -80.21
N ALA C 1989 -6.56 70.64 -79.23
CA ALA C 1989 -6.21 70.52 -77.82
C ALA C 1989 -5.27 69.36 -77.49
N GLU C 1990 -5.01 68.43 -78.42
CA GLU C 1990 -4.08 67.33 -78.17
C GLU C 1990 -2.61 67.76 -78.20
N THR C 1991 -2.32 69.05 -78.42
CA THR C 1991 -0.96 69.58 -78.36
C THR C 1991 -0.33 69.49 -76.98
N ALA C 1992 -1.12 69.24 -75.92
CA ALA C 1992 -0.57 69.10 -74.57
C ALA C 1992 0.47 67.99 -74.49
N ARG C 1993 0.26 66.89 -75.22
CA ARG C 1993 1.24 65.81 -75.24
C ARG C 1993 2.51 66.22 -75.97
N ARG C 1994 2.41 67.07 -77.01
CA ARG C 1994 3.59 67.54 -77.71
C ARG C 1994 4.34 68.61 -76.94
N THR C 1995 3.63 69.49 -76.25
CA THR C 1995 4.25 70.55 -75.45
C THR C 1995 4.53 70.12 -74.01
N ARG C 1996 4.28 68.84 -73.69
CA ARG C 1996 4.61 68.32 -72.38
C ARG C 1996 6.11 68.41 -72.12
N GLU C 1997 6.92 68.29 -73.18
CA GLU C 1997 8.36 68.44 -73.05
C GLU C 1997 8.71 69.84 -72.55
N PHE C 1998 8.15 70.85 -73.21
CA PHE C 1998 8.52 72.22 -72.90
C PHE C 1998 7.82 72.74 -71.65
N ARG C 1999 6.79 72.05 -71.16
CA ARG C 1999 6.24 72.38 -69.85
C ARG C 1999 6.77 71.46 -68.75
N SER C 2000 7.66 70.52 -69.09
CA SER C 2000 8.27 69.66 -68.10
C SER C 2000 9.73 70.07 -67.92
N PRO C 2001 10.26 70.02 -66.69
CA PRO C 2001 11.65 70.42 -66.46
C PRO C 2001 12.63 69.50 -67.18
N PRO C 2002 13.83 70.00 -67.52
CA PRO C 2002 14.74 69.24 -68.41
C PRO C 2002 15.24 67.91 -67.88
N GLN C 2003 15.12 67.67 -66.56
CA GLN C 2003 15.62 66.44 -65.96
C GLN C 2003 14.94 65.22 -66.55
N GLU C 2004 13.62 65.27 -66.72
CA GLU C 2004 12.93 64.16 -67.36
C GLU C 2004 12.73 64.38 -68.86
N GLN C 2005 13.00 65.59 -69.36
CA GLN C 2005 13.00 65.82 -70.80
C GLN C 2005 14.09 64.99 -71.46
N ILE C 2006 15.31 65.09 -70.93
CA ILE C 2006 16.40 64.29 -71.48
C ILE C 2006 16.15 62.80 -71.24
N ASN C 2007 15.54 62.44 -70.12
CA ASN C 2007 15.21 61.04 -69.84
C ASN C 2007 14.26 60.47 -70.88
N MET C 2008 13.24 61.25 -71.25
CA MET C 2008 12.34 60.85 -72.32
C MET C 2008 13.04 60.82 -73.68
N LEU C 2009 13.87 61.83 -73.96
CA LEU C 2009 14.57 61.89 -75.23
C LEU C 2009 15.54 60.72 -75.38
N LEU C 2010 16.27 60.40 -74.33
CA LEU C 2010 17.20 59.27 -74.33
C LEU C 2010 16.50 57.92 -74.26
N HIS C 2011 15.22 57.90 -73.90
CA HIS C 2011 14.52 56.64 -73.67
C HIS C 2011 14.07 56.03 -75.00
N PHE C 2012 15.05 55.50 -75.73
CA PHE C 2012 14.78 54.72 -76.94
C PHE C 2012 15.73 53.55 -77.07
N LYS C 2013 16.30 53.06 -75.98
CA LYS C 2013 17.34 52.03 -76.05
C LYS C 2013 16.77 50.69 -76.50
N ASP C 2014 15.67 50.26 -75.89
CA ASP C 2014 15.14 48.92 -76.10
C ASP C 2014 14.25 48.79 -77.32
N GLU C 2015 14.05 49.88 -78.08
CA GLU C 2015 13.29 50.00 -79.33
C GLU C 2015 11.78 49.81 -79.17
N ALA C 2016 11.28 49.51 -77.98
CA ALA C 2016 9.85 49.39 -77.72
C ALA C 2016 9.23 50.72 -77.32
N ASP C 2017 9.99 51.82 -77.40
CA ASP C 2017 9.55 53.14 -76.97
C ASP C 2017 9.92 54.22 -77.99
N GLU C 2018 10.02 53.84 -79.27
CA GLU C 2018 10.41 54.80 -80.30
C GLU C 2018 9.32 55.82 -80.58
N GLU C 2019 8.06 55.43 -80.37
CA GLU C 2019 6.93 56.33 -80.65
C GLU C 2019 6.96 57.57 -79.76
N ASP C 2020 7.29 57.38 -78.48
CA ASP C 2020 7.36 58.51 -77.56
C ASP C 2020 8.54 59.42 -77.89
N CYS C 2021 9.67 58.83 -78.26
CA CYS C 2021 10.88 59.59 -78.56
C CYS C 2021 10.75 60.32 -79.89
N PRO C 2022 10.94 61.64 -79.94
CA PRO C 2022 10.86 62.38 -81.21
C PRO C 2022 12.18 62.60 -81.92
N LEU C 2023 13.27 62.00 -81.46
CA LEU C 2023 14.58 62.22 -82.06
C LEU C 2023 14.64 61.62 -83.46
N PRO C 2024 15.26 62.32 -84.41
CA PRO C 2024 15.44 61.73 -85.75
C PRO C 2024 16.42 60.57 -85.72
N GLU C 2025 16.24 59.67 -86.68
CA GLU C 2025 17.00 58.42 -86.74
C GLU C 2025 18.51 58.63 -86.92
N ASP C 2026 18.93 59.79 -87.44
CA ASP C 2026 20.36 60.06 -87.54
C ASP C 2026 20.99 60.28 -86.17
N ILE C 2027 20.32 61.05 -85.29
CA ILE C 2027 20.80 61.21 -83.92
C ILE C 2027 20.67 59.91 -83.16
N ARG C 2028 19.56 59.18 -83.36
CA ARG C 2028 19.40 57.88 -82.72
C ARG C 2028 20.49 56.90 -83.15
N GLN C 2029 20.91 56.98 -84.41
CA GLN C 2029 22.01 56.14 -84.89
C GLN C 2029 23.32 56.57 -84.27
N ASP C 2030 23.49 57.88 -84.06
CA ASP C 2030 24.72 58.41 -83.49
C ASP C 2030 24.91 57.87 -82.09
N LEU C 2031 23.83 57.90 -81.30
CA LEU C 2031 23.90 57.44 -79.92
C LEU C 2031 24.12 55.94 -79.86
N GLN C 2032 23.33 55.15 -80.61
CA GLN C 2032 23.51 53.70 -80.53
C GLN C 2032 24.87 53.25 -81.08
N ASP C 2033 25.43 54.00 -82.04
CA ASP C 2033 26.77 53.73 -82.53
C ASP C 2033 27.81 53.99 -81.44
N PHE C 2034 27.68 55.13 -80.77
CA PHE C 2034 28.61 55.41 -79.68
C PHE C 2034 28.44 54.43 -78.52
N HIS C 2035 27.26 53.84 -78.37
CA HIS C 2035 27.12 52.80 -77.37
C HIS C 2035 27.80 51.52 -77.83
N GLN C 2036 27.79 51.28 -79.15
CA GLN C 2036 28.37 50.06 -79.71
C GLN C 2036 29.87 50.06 -79.53
N ASP C 2037 30.53 51.15 -79.94
CA ASP C 2037 31.98 51.13 -79.77
C ASP C 2037 32.37 51.35 -78.32
N LEU C 2038 31.49 51.92 -77.49
CA LEU C 2038 31.80 52.06 -76.07
C LEU C 2038 31.89 50.69 -75.39
N LEU C 2039 30.88 49.84 -75.63
CA LEU C 2039 30.96 48.48 -75.11
C LEU C 2039 32.05 47.66 -75.81
N ALA C 2040 32.33 47.93 -77.08
CA ALA C 2040 33.46 47.27 -77.73
C ALA C 2040 34.79 47.70 -77.10
N HIS C 2041 34.90 48.97 -76.72
CA HIS C 2041 36.08 49.46 -76.01
C HIS C 2041 36.21 48.78 -74.66
N CYS C 2042 35.08 48.56 -73.99
CA CYS C 2042 35.10 47.79 -72.75
C CYS C 2042 35.20 46.29 -72.98
N GLY C 2043 35.23 45.85 -74.25
CA GLY C 2043 35.36 44.44 -74.58
C GLY C 2043 34.18 43.56 -74.20
N ILE C 2044 32.96 44.04 -74.40
CA ILE C 2044 31.80 43.22 -74.06
C ILE C 2044 31.58 42.14 -75.11
N GLN C 2045 31.35 42.53 -76.35
CA GLN C 2045 31.15 41.59 -77.44
C GLN C 2045 31.49 42.28 -78.75
N LEU C 2046 31.82 41.47 -79.75
CA LEU C 2046 32.19 41.96 -81.07
C LEU C 2046 32.15 40.82 -82.08
N GLU C 2088 45.38 32.35 -81.60
CA GLU C 2088 44.60 33.36 -80.91
C GLU C 2088 45.14 33.60 -79.51
N LYS C 2089 46.34 33.09 -79.25
CA LYS C 2089 46.97 33.26 -77.94
C LYS C 2089 47.48 34.68 -77.72
N LYS C 2090 47.49 35.52 -78.74
CA LYS C 2090 47.95 36.89 -78.59
C LYS C 2090 46.88 37.69 -77.86
N PRO C 2091 47.19 38.26 -76.69
CA PRO C 2091 46.18 39.07 -75.97
C PRO C 2091 45.70 40.28 -76.74
N GLN C 2092 46.58 40.95 -77.47
CA GLN C 2092 46.30 42.08 -78.37
C GLN C 2092 45.69 43.30 -77.68
N SER C 2093 45.62 43.30 -76.35
CA SER C 2093 45.07 44.41 -75.58
C SER C 2093 45.52 44.27 -74.14
N LEU C 2094 45.48 45.41 -73.43
CA LEU C 2094 45.82 45.42 -72.01
C LEU C 2094 44.82 44.61 -71.20
N GLN C 2095 43.53 44.69 -71.55
CA GLN C 2095 42.49 43.98 -70.82
C GLN C 2095 42.69 42.47 -70.86
N GLU C 2096 43.03 41.94 -72.02
CA GLU C 2096 43.27 40.51 -72.12
C GLU C 2096 44.62 40.13 -71.54
N LEU C 2097 45.61 41.01 -71.70
CA LEU C 2097 46.97 40.72 -71.23
C LEU C 2097 47.05 40.61 -69.71
N VAL C 2098 46.40 41.54 -69.00
CA VAL C 2098 46.45 41.55 -67.54
C VAL C 2098 45.78 40.29 -66.99
N SER C 2099 44.60 39.95 -67.52
CA SER C 2099 43.87 38.77 -67.07
C SER C 2099 44.66 37.49 -67.33
N HIS C 2100 45.29 37.39 -68.52
CA HIS C 2100 46.09 36.21 -68.85
CA HIS C 2100 46.09 36.21 -68.85
C HIS C 2100 47.29 36.09 -67.93
N MET C 2101 47.94 37.21 -67.63
CA MET C 2101 49.13 37.20 -66.80
C MET C 2101 48.78 36.85 -65.37
N VAL C 2102 47.72 37.46 -64.83
CA VAL C 2102 47.35 37.24 -63.43
C VAL C 2102 46.96 35.79 -63.22
N VAL C 2103 46.16 35.23 -64.16
CA VAL C 2103 45.79 33.82 -64.07
C VAL C 2103 47.02 32.94 -64.16
N ARG C 2104 47.98 33.30 -65.04
CA ARG C 2104 49.20 32.52 -65.18
C ARG C 2104 50.00 32.52 -63.88
N TRP C 2105 50.13 33.70 -63.24
CA TRP C 2105 50.86 33.82 -61.99
C TRP C 2105 50.22 32.97 -60.91
N ALA C 2106 48.89 33.02 -60.82
CA ALA C 2106 48.18 32.27 -59.80
C ALA C 2106 48.34 30.77 -60.00
N GLN C 2107 48.24 30.30 -61.24
CA GLN C 2107 48.31 28.86 -61.46
C GLN C 2107 49.75 28.33 -61.47
N GLU C 2108 50.75 29.20 -61.59
CA GLU C 2108 52.12 28.71 -61.59
C GLU C 2108 52.57 28.28 -60.20
N ASP C 2109 52.16 29.00 -59.17
CA ASP C 2109 52.58 28.68 -57.81
C ASP C 2109 51.61 29.24 -56.79
N TYR C 2110 51.69 28.71 -55.58
CA TYR C 2110 50.86 29.18 -54.48
C TYR C 2110 51.46 30.47 -53.95
N VAL C 2111 50.81 31.59 -54.28
CA VAL C 2111 51.27 32.91 -53.86
C VAL C 2111 51.11 33.04 -52.36
N GLN C 2112 52.18 33.45 -51.68
CA GLN C 2112 52.16 33.50 -50.22
C GLN C 2112 51.93 34.89 -49.65
N SER C 2113 52.06 35.95 -50.46
CA SER C 2113 51.86 37.30 -49.95
C SER C 2113 50.39 37.69 -50.06
N PRO C 2114 49.68 37.89 -48.94
CA PRO C 2114 48.26 38.28 -49.00
C PRO C 2114 48.03 39.61 -49.72
N GLU C 2115 48.96 40.55 -49.54
CA GLU C 2115 48.83 41.85 -50.20
C GLU C 2115 48.98 41.67 -51.70
N LEU C 2116 49.90 40.81 -52.13
CA LEU C 2116 50.08 40.54 -53.56
C LEU C 2116 48.84 39.88 -54.15
N VAL C 2117 48.23 38.97 -53.38
CA VAL C 2117 46.99 38.30 -53.82
C VAL C 2117 45.88 39.32 -54.02
N ARG C 2118 45.69 40.21 -53.03
CA ARG C 2118 44.68 41.24 -53.13
C ARG C 2118 44.96 42.19 -54.28
N ALA C 2119 46.25 42.45 -54.53
CA ALA C 2119 46.65 43.36 -55.59
C ALA C 2119 46.30 42.77 -56.95
N MET C 2120 46.64 41.49 -57.16
CA MET C 2120 46.41 40.91 -58.49
C MET C 2120 44.91 40.76 -58.74
N PHE C 2121 44.15 40.37 -57.71
CA PHE C 2121 42.74 40.14 -57.97
C PHE C 2121 41.96 41.44 -58.07
N SER C 2122 42.51 42.55 -57.56
CA SER C 2122 41.94 43.85 -57.87
C SER C 2122 42.05 44.14 -59.36
N LEU C 2123 43.20 43.84 -59.94
CA LEU C 2123 43.41 44.04 -61.38
C LEU C 2123 42.50 43.15 -62.18
N LEU C 2124 42.39 41.87 -61.79
CA LEU C 2124 41.59 40.91 -62.54
C LEU C 2124 40.12 41.32 -62.54
N HIS C 2125 39.63 41.77 -61.37
CA HIS C 2125 38.25 42.21 -61.28
C HIS C 2125 38.03 43.42 -62.16
N ARG C 2126 39.00 44.35 -62.18
CA ARG C 2126 38.82 45.55 -62.99
C ARG C 2126 38.82 45.22 -64.47
N GLN C 2127 39.55 44.17 -64.89
CA GLN C 2127 39.57 43.87 -66.32
C GLN C 2127 38.25 43.27 -66.74
N TYR C 2128 37.73 42.33 -65.94
CA TYR C 2128 36.45 41.73 -66.31
C TYR C 2128 35.28 42.71 -66.19
N ASP C 2129 35.18 43.43 -65.08
CA ASP C 2129 34.04 44.32 -64.85
C ASP C 2129 34.33 45.69 -65.45
N GLY C 2130 34.36 45.72 -66.79
CA GLY C 2130 34.64 46.97 -67.49
C GLY C 2130 33.58 48.03 -67.28
N LEU C 2131 32.31 47.64 -67.34
CA LEU C 2131 31.24 48.61 -67.15
C LEU C 2131 31.03 49.00 -65.70
N GLY C 2132 31.26 48.07 -64.76
CA GLY C 2132 31.05 48.37 -63.35
C GLY C 2132 31.96 49.46 -62.82
N GLU C 2133 33.24 49.41 -63.18
CA GLU C 2133 34.17 50.47 -62.80
C GLU C 2133 33.79 51.80 -63.43
N LEU C 2134 33.25 51.79 -64.66
CA LEU C 2134 32.74 53.01 -65.24
C LEU C 2134 31.53 53.52 -64.47
N LEU C 2135 30.65 52.61 -64.06
CA LEU C 2135 29.48 52.99 -63.28
C LEU C 2135 29.86 53.51 -61.91
N ARG C 2136 31.01 53.10 -61.38
CA ARG C 2136 31.48 53.58 -60.11
C ARG C 2136 32.42 54.78 -60.26
N ALA C 2137 32.64 55.22 -61.50
CA ALA C 2137 33.41 56.43 -61.75
C ALA C 2137 32.57 57.59 -62.24
N LEU C 2138 31.46 57.31 -62.91
CA LEU C 2138 30.55 58.37 -63.36
C LEU C 2138 29.99 59.29 -62.28
N PRO C 2139 29.58 58.82 -61.06
CA PRO C 2139 29.10 59.79 -60.05
C PRO C 2139 30.09 60.88 -59.68
N ARG C 2140 31.39 60.61 -59.77
CA ARG C 2140 32.37 61.64 -59.50
C ARG C 2140 32.73 62.45 -60.75
N ALA C 2141 32.23 62.07 -61.92
CA ALA C 2141 32.49 62.83 -63.12
C ALA C 2141 31.69 64.12 -63.12
N TYR C 2142 32.23 65.15 -63.77
CA TYR C 2142 31.60 66.46 -63.81
C TYR C 2142 32.23 67.26 -64.95
N THR C 2143 31.44 68.16 -65.53
CA THR C 2143 31.90 69.00 -66.62
C THR C 2143 31.82 70.46 -66.18
N ILE C 2144 32.79 71.25 -66.62
CA ILE C 2144 32.89 72.62 -66.16
C ILE C 2144 33.08 73.55 -67.36
N SER C 2145 32.74 74.82 -67.15
CA SER C 2145 32.87 75.83 -68.17
C SER C 2145 34.34 76.20 -68.39
N PRO C 2146 34.76 76.38 -69.65
CA PRO C 2146 36.15 76.78 -69.93
C PRO C 2146 36.56 78.11 -69.31
N SER C 2147 35.62 79.04 -69.13
CA SER C 2147 35.95 80.34 -68.56
C SER C 2147 36.22 80.31 -67.05
N SER C 2148 35.91 79.20 -66.37
CA SER C 2148 36.11 79.11 -64.92
C SER C 2148 37.10 78.02 -64.55
N VAL C 2149 37.97 77.63 -65.48
CA VAL C 2149 38.92 76.56 -65.23
C VAL C 2149 39.95 76.99 -64.19
N GLU C 2150 40.44 78.23 -64.25
CA GLU C 2150 41.46 78.66 -63.31
C GLU C 2150 40.91 78.77 -61.88
N ASP C 2151 39.65 79.16 -61.74
CA ASP C 2151 38.99 79.15 -60.45
C ASP C 2151 38.82 77.75 -59.89
N THR C 2152 38.44 76.80 -60.76
CA THR C 2152 38.38 75.41 -60.28
C THR C 2152 39.77 74.85 -59.99
N MET C 2153 40.77 75.27 -60.76
CA MET C 2153 42.15 74.86 -60.52
C MET C 2153 42.62 75.36 -59.16
N SER C 2154 42.13 76.54 -58.77
CA SER C 2154 42.52 77.13 -57.51
C SER C 2154 41.86 76.38 -56.37
N LEU C 2155 40.55 76.08 -56.50
CA LEU C 2155 39.88 75.40 -55.40
C LEU C 2155 40.42 73.99 -55.21
N LEU C 2156 40.80 73.32 -56.31
CA LEU C 2156 41.45 72.02 -56.20
C LEU C 2156 42.78 72.12 -55.48
N GLU C 2157 43.55 73.17 -55.76
CA GLU C 2157 44.78 73.43 -55.00
C GLU C 2157 44.49 73.66 -53.52
N CYS C 2158 43.46 74.45 -53.21
CA CYS C 2158 43.09 74.68 -51.81
C CYS C 2158 42.63 73.40 -51.11
N LEU C 2159 41.85 72.56 -51.82
CA LEU C 2159 41.43 71.28 -51.26
C LEU C 2159 42.60 70.32 -51.07
N GLY C 2160 43.70 70.51 -51.81
CA GLY C 2160 44.84 69.63 -51.64
C GLY C 2160 45.43 69.67 -50.25
N GLN C 2161 45.56 70.89 -49.68
CA GLN C 2161 46.06 71.00 -48.31
C GLN C 2161 45.06 70.42 -47.33
N ILE C 2162 43.77 70.60 -47.63
CA ILE C 2162 42.70 70.15 -46.74
C ILE C 2162 42.77 68.63 -46.58
N ARG C 2163 42.92 67.93 -47.71
CA ARG C 2163 43.07 66.48 -47.65
C ARG C 2163 44.39 66.11 -47.00
N SER C 2164 45.46 66.86 -47.27
CA SER C 2164 46.76 66.49 -46.70
C SER C 2164 46.85 66.72 -45.20
N LEU C 2165 45.92 67.46 -44.60
CA LEU C 2165 46.01 67.75 -43.17
C LEU C 2165 45.25 66.77 -42.30
N LEU C 2166 44.52 65.83 -42.87
CA LEU C 2166 43.84 64.85 -42.03
C LEU C 2166 44.76 63.71 -41.58
N ILE C 2167 45.96 63.60 -42.16
CA ILE C 2167 46.90 62.55 -41.78
C ILE C 2167 47.95 63.04 -40.80
N VAL C 2168 47.80 64.26 -40.27
CA VAL C 2168 48.78 64.86 -39.39
C VAL C 2168 48.07 65.34 -38.13
N GLN C 2169 48.74 65.21 -36.98
CA GLN C 2169 48.21 65.71 -35.72
C GLN C 2169 47.96 67.21 -35.80
N MET C 2170 46.85 67.64 -35.20
CA MET C 2170 46.45 69.05 -35.23
C MET C 2170 47.45 69.96 -34.52
N GLY C 2171 47.78 71.05 -35.20
CA GLY C 2171 48.73 72.01 -34.68
C GLY C 2171 48.33 73.40 -35.13
N PRO C 2172 48.83 74.43 -34.44
CA PRO C 2172 48.50 75.82 -34.82
C PRO C 2172 48.95 76.19 -36.22
N GLN C 2173 50.09 75.65 -36.66
CA GLN C 2173 50.59 75.90 -38.00
C GLN C 2173 49.64 75.33 -39.05
N GLU C 2174 49.15 74.11 -38.82
CA GLU C 2174 48.21 73.52 -39.77
C GLU C 2174 46.86 74.21 -39.68
N GLU C 2175 46.53 74.69 -38.47
CA GLU C 2175 45.27 75.38 -38.21
C GLU C 2175 45.14 76.65 -39.04
N ASN C 2176 46.23 77.43 -39.10
CA ASN C 2176 46.22 78.64 -39.92
C ASN C 2176 46.06 78.29 -41.39
N LEU C 2177 46.75 77.24 -41.85
CA LEU C 2177 46.72 76.86 -43.26
C LEU C 2177 45.32 76.43 -43.68
N MET C 2178 44.65 75.62 -42.83
CA MET C 2178 43.32 75.18 -43.18
C MET C 2178 42.30 76.32 -43.07
N ILE C 2179 42.49 77.24 -42.12
CA ILE C 2179 41.59 78.40 -42.02
C ILE C 2179 41.68 79.26 -43.27
N GLN C 2180 42.91 79.49 -43.76
CA GLN C 2180 43.12 80.19 -45.03
C GLN C 2180 42.51 79.43 -46.20
N SER C 2181 42.64 78.10 -46.20
CA SER C 2181 42.05 77.28 -47.25
C SER C 2181 40.54 77.39 -47.27
N ILE C 2182 39.91 77.36 -46.08
CA ILE C 2182 38.46 77.50 -45.97
C ILE C 2182 38.02 78.87 -46.46
N GLY C 2183 38.77 79.92 -46.07
CA GLY C 2183 38.44 81.25 -46.53
C GLY C 2183 38.55 81.38 -48.04
N ASN C 2184 39.54 80.69 -48.63
CA ASN C 2184 39.66 80.69 -50.08
C ASN C 2184 38.47 80.00 -50.73
N ILE C 2185 37.93 78.96 -50.07
CA ILE C 2185 36.74 78.29 -50.58
C ILE C 2185 35.55 79.24 -50.53
N MET C 2186 35.46 80.04 -49.46
CA MET C 2186 34.44 81.07 -49.36
C MET C 2186 34.55 82.06 -50.51
N ASN C 2187 35.76 82.58 -50.74
CA ASN C 2187 35.96 83.59 -51.76
C ASN C 2187 35.89 83.04 -53.18
N ASN C 2188 35.87 81.72 -53.35
CA ASN C 2188 35.75 81.17 -54.70
C ASN C 2188 34.28 81.12 -55.10
N LYS C 2189 33.96 81.78 -56.22
CA LYS C 2189 32.59 81.87 -56.71
C LYS C 2189 32.04 80.54 -57.23
N VAL C 2190 32.92 79.59 -57.57
CA VAL C 2190 32.46 78.29 -58.08
C VAL C 2190 31.76 77.48 -57.00
N PHE C 2191 32.08 77.77 -55.73
CA PHE C 2191 31.47 77.09 -54.59
C PHE C 2191 29.97 77.33 -54.53
N TYR C 2192 29.49 78.42 -55.14
CA TYR C 2192 28.06 78.66 -55.28
C TYR C 2192 27.54 78.29 -56.65
N GLN C 2193 28.39 78.45 -57.68
CA GLN C 2193 27.97 78.20 -59.05
C GLN C 2193 27.64 76.72 -59.27
N HIS C 2194 28.45 75.82 -58.71
CA HIS C 2194 28.29 74.38 -58.94
C HIS C 2194 28.30 73.65 -57.61
N PRO C 2195 27.20 73.70 -56.84
CA PRO C 2195 27.12 72.89 -55.61
C PRO C 2195 27.19 71.39 -55.85
N ASN C 2196 26.70 70.92 -57.01
CA ASN C 2196 26.75 69.48 -57.32
C ASN C 2196 28.18 68.98 -57.42
N LEU C 2197 29.06 69.76 -58.07
CA LEU C 2197 30.47 69.42 -58.08
C LEU C 2197 31.06 69.49 -56.68
N MET C 2198 30.67 70.50 -55.91
CA MET C 2198 31.19 70.66 -54.55
C MET C 2198 30.74 69.51 -53.66
N ARG C 2199 29.57 68.93 -53.96
CA ARG C 2199 29.10 67.76 -53.25
C ARG C 2199 29.82 66.51 -53.72
N ALA C 2200 30.10 66.45 -55.03
CA ALA C 2200 30.78 65.29 -55.62
C ALA C 2200 32.17 65.13 -55.06
N LEU C 2201 32.89 66.24 -54.87
CA LEU C 2201 34.20 66.20 -54.24
C LEU C 2201 34.12 65.76 -52.77
N GLY C 2202 32.96 65.88 -52.14
CA GLY C 2202 32.79 65.44 -50.76
C GLY C 2202 33.60 66.23 -49.77
N MET C 2203 33.68 67.56 -49.93
CA MET C 2203 34.38 68.39 -48.97
C MET C 2203 33.72 68.36 -47.60
N HIS C 2204 32.39 68.31 -47.58
CA HIS C 2204 31.62 68.24 -46.33
C HIS C 2204 32.03 67.06 -45.47
N GLU C 2205 32.38 65.94 -46.11
CA GLU C 2205 32.94 64.79 -45.42
C GLU C 2205 34.26 65.14 -44.78
N THR C 2206 35.22 65.63 -45.59
CA THR C 2206 36.58 65.87 -45.11
C THR C 2206 36.59 66.90 -43.99
N VAL C 2207 35.83 68.00 -44.16
CA VAL C 2207 35.71 69.01 -43.11
C VAL C 2207 35.03 68.42 -41.89
N MET C 2208 34.18 67.39 -42.08
CA MET C 2208 33.57 66.78 -40.92
C MET C 2208 34.60 65.96 -40.14
N GLU C 2209 35.43 65.17 -40.83
CA GLU C 2209 36.38 64.35 -40.09
C GLU C 2209 37.49 65.19 -39.47
N VAL C 2210 37.89 66.30 -40.13
CA VAL C 2210 38.93 67.15 -39.54
C VAL C 2210 38.42 67.75 -38.23
N MET C 2211 37.10 67.90 -38.08
CA MET C 2211 36.52 68.21 -36.78
C MET C 2211 36.57 67.00 -35.86
N VAL C 2212 36.22 65.81 -36.39
CA VAL C 2212 36.14 64.57 -35.60
C VAL C 2212 37.47 64.26 -34.93
N ASN C 2213 38.57 64.57 -35.60
CA ASN C 2213 39.90 64.49 -35.02
C ASN C 2213 40.04 65.38 -33.78
N VAL C 2214 39.51 66.60 -33.85
CA VAL C 2214 39.60 67.54 -32.74
C VAL C 2214 38.68 67.15 -31.59
N LEU C 2215 37.43 66.80 -31.91
CA LEU C 2215 36.47 66.39 -30.88
C LEU C 2215 36.92 65.10 -30.19
N GLY C 2216 37.37 64.11 -30.95
CA GLY C 2216 37.87 62.89 -30.34
C GLY C 2216 39.16 63.12 -29.55
N GLY C 2217 40.03 64.01 -30.04
CA GLY C 2217 41.27 64.29 -29.34
C GLY C 2217 41.06 65.08 -28.07
N GLY C 2218 41.31 64.44 -26.93
CA GLY C 2218 41.17 65.09 -25.64
C GLY C 2218 39.75 65.49 -25.27
N GLU C 2219 38.77 64.62 -25.57
CA GLU C 2219 37.38 64.89 -25.19
C GLU C 2219 37.16 64.81 -23.68
N THR C 2220 38.10 64.26 -22.94
CA THR C 2220 37.96 64.17 -21.49
C THR C 2220 38.38 65.47 -20.82
N LYS C 2221 39.43 66.12 -21.33
CA LYS C 2221 39.98 67.31 -20.69
C LYS C 2221 39.43 68.61 -21.28
N GLU C 2222 39.66 68.87 -22.57
CA GLU C 2222 39.30 70.13 -23.21
C GLU C 2222 39.48 69.97 -24.71
N ILE C 2223 38.63 70.66 -25.47
CA ILE C 2223 38.67 70.60 -26.94
C ILE C 2223 39.68 71.65 -27.40
N ARG C 2224 40.92 71.20 -27.61
CA ARG C 2224 42.02 72.07 -28.00
C ARG C 2224 41.78 72.69 -29.37
N PHE C 2225 42.32 73.90 -29.57
CA PHE C 2225 42.28 74.69 -30.79
C PHE C 2225 40.85 74.95 -31.28
N PRO C 2226 40.01 75.69 -30.54
CA PRO C 2226 38.64 75.94 -31.04
C PRO C 2226 38.56 76.92 -32.19
N LYS C 2227 39.66 77.61 -32.52
CA LYS C 2227 39.65 78.62 -33.57
C LYS C 2227 39.32 78.02 -34.93
N MET C 2228 39.87 76.84 -35.22
CA MET C 2228 39.50 76.23 -36.48
C MET C 2228 38.21 75.43 -36.37
N VAL C 2229 37.80 75.07 -35.15
CA VAL C 2229 36.53 74.38 -34.95
C VAL C 2229 35.37 75.29 -35.32
N THR C 2230 35.40 76.53 -34.84
CA THR C 2230 34.35 77.47 -35.22
C THR C 2230 34.43 77.83 -36.70
N SER C 2231 35.63 77.86 -37.29
CA SER C 2231 35.77 78.10 -38.72
C SER C 2231 35.12 76.99 -39.54
N CYS C 2232 35.34 75.73 -39.14
CA CYS C 2232 34.69 74.60 -39.79
C CYS C 2232 33.19 74.62 -39.60
N CYS C 2233 32.72 74.92 -38.38
CA CYS C 2233 31.28 75.00 -38.14
C CYS C 2233 30.63 76.10 -38.96
N ARG C 2234 31.29 77.27 -39.05
CA ARG C 2234 30.80 78.35 -39.89
C ARG C 2234 30.77 77.94 -41.35
N PHE C 2235 31.71 77.09 -41.77
CA PHE C 2235 31.70 76.59 -43.14
C PHE C 2235 30.55 75.63 -43.38
N LEU C 2236 30.34 74.68 -42.45
CA LEU C 2236 29.24 73.72 -42.61
C LEU C 2236 27.89 74.42 -42.58
N CYS C 2237 27.71 75.37 -41.65
CA CYS C 2237 26.48 76.16 -41.60
C CYS C 2237 26.26 76.93 -42.88
N TYR C 2238 27.34 77.52 -43.43
CA TYR C 2238 27.22 78.22 -44.70
C TYR C 2238 27.05 77.26 -45.87
N PHE C 2239 27.43 75.99 -45.69
CA PHE C 2239 27.31 74.95 -46.70
C PHE C 2239 25.87 74.44 -46.81
N CYS C 2240 25.17 74.32 -45.68
CA CYS C 2240 23.81 73.79 -45.70
C CYS C 2240 22.86 74.70 -46.47
N ARG C 2241 23.02 76.00 -46.32
CA ARG C 2241 22.10 76.97 -46.92
C ARG C 2241 22.26 77.08 -48.43
N ILE C 2242 23.29 76.45 -49.02
CA ILE C 2242 23.54 76.53 -50.45
C ILE C 2242 22.39 75.91 -51.24
N SER C 2243 21.97 74.71 -50.84
CA SER C 2243 20.88 74.02 -51.55
C SER C 2243 20.30 72.95 -50.64
N ARG C 2244 19.17 72.40 -51.08
CA ARG C 2244 18.49 71.35 -50.33
C ARG C 2244 19.29 70.05 -50.32
N GLN C 2245 19.92 69.71 -51.44
CA GLN C 2245 20.74 68.50 -51.51
C GLN C 2245 21.95 68.62 -50.60
N ASN C 2246 22.50 69.84 -50.47
CA ASN C 2246 23.55 70.05 -49.49
C ASN C 2246 23.00 69.88 -48.09
N GLN C 2247 21.70 70.12 -47.90
CA GLN C 2247 21.13 69.95 -46.59
C GLN C 2247 20.88 68.48 -46.29
N ARG C 2248 20.53 67.65 -47.30
CA ARG C 2248 20.31 66.24 -47.02
C ARG C 2248 21.63 65.52 -46.78
N SER C 2249 22.70 66.02 -47.40
CA SER C 2249 24.03 65.48 -47.13
C SER C 2249 24.39 65.66 -45.67
N MET C 2250 24.10 66.84 -45.11
CA MET C 2250 24.26 67.00 -43.67
C MET C 2250 23.16 66.30 -42.88
N PHE C 2251 22.00 66.05 -43.51
CA PHE C 2251 20.89 65.45 -42.78
C PHE C 2251 21.20 64.03 -42.37
N ASP C 2252 21.99 63.33 -43.17
CA ASP C 2252 22.34 61.97 -42.77
C ASP C 2252 23.27 61.92 -41.55
N HIS C 2253 23.87 63.05 -41.16
CA HIS C 2253 24.88 63.11 -40.10
C HIS C 2253 24.41 63.88 -38.86
N LEU C 2254 23.12 63.84 -38.50
CA LEU C 2254 22.71 64.52 -37.27
C LEU C 2254 23.07 63.77 -36.00
N SER C 2255 22.55 62.53 -35.84
CA SER C 2255 22.74 61.73 -34.62
C SER C 2255 24.21 61.56 -34.26
N TYR C 2256 25.06 61.46 -35.27
CA TYR C 2256 26.51 61.46 -35.06
C TYR C 2256 26.96 62.81 -34.53
N LEU C 2257 26.46 63.90 -35.14
CA LEU C 2257 26.90 65.24 -34.75
C LEU C 2257 26.35 65.60 -33.38
N LEU C 2258 25.06 65.33 -33.15
CA LEU C 2258 24.45 65.60 -31.85
C LEU C 2258 25.15 64.82 -30.76
N GLU C 2259 25.55 63.57 -31.05
CA GLU C 2259 26.32 62.81 -30.08
C GLU C 2259 27.65 63.49 -29.79
N ASN C 2260 28.32 63.98 -30.85
CA ASN C 2260 29.60 64.66 -30.66
C ASN C 2260 29.45 66.02 -29.96
N SER C 2261 28.23 66.56 -29.90
CA SER C 2261 28.02 67.86 -29.26
C SER C 2261 27.89 67.76 -27.75
N GLY C 2262 28.06 66.58 -27.17
CA GLY C 2262 27.94 66.41 -25.73
C GLY C 2262 29.01 67.15 -24.95
N ILE C 2263 30.22 67.25 -25.49
CA ILE C 2263 31.35 67.87 -24.81
C ILE C 2263 31.69 69.26 -25.36
N GLY C 2264 31.13 69.64 -26.50
CA GLY C 2264 31.39 70.93 -27.10
C GLY C 2264 30.73 72.11 -26.45
N LEU C 2265 30.01 71.89 -25.35
CA LEU C 2265 29.28 72.94 -24.65
C LEU C 2265 30.21 73.97 -24.01
N GLY C 2266 31.40 73.54 -23.58
CA GLY C 2266 32.35 74.48 -23.00
C GLY C 2266 32.82 75.52 -23.99
N MET C 2267 32.97 75.13 -25.26
CA MET C 2267 33.37 76.05 -26.30
C MET C 2267 32.23 77.02 -26.61
N GLN C 2268 32.59 78.28 -26.90
CA GLN C 2268 31.63 79.33 -27.19
CA GLN C 2268 31.63 79.33 -27.19
C GLN C 2268 31.82 79.81 -28.61
N GLY C 2269 30.72 80.11 -29.29
CA GLY C 2269 30.79 80.57 -30.65
C GLY C 2269 29.88 79.77 -31.57
N SER C 2270 30.40 79.41 -32.74
CA SER C 2270 29.65 78.58 -33.68
C SER C 2270 29.85 77.12 -33.26
N THR C 2271 29.01 76.69 -32.31
CA THR C 2271 29.06 75.34 -31.80
C THR C 2271 28.58 74.36 -32.88
N PRO C 2272 28.94 73.07 -32.78
CA PRO C 2272 28.38 72.08 -33.73
C PRO C 2272 26.87 71.92 -33.66
N LEU C 2273 26.25 72.38 -32.57
CA LEU C 2273 24.80 72.39 -32.48
C LEU C 2273 24.21 73.31 -33.54
N ASP C 2274 24.86 74.45 -33.78
CA ASP C 2274 24.37 75.36 -34.82
C ASP C 2274 24.45 74.71 -36.19
N VAL C 2275 25.45 73.85 -36.42
CA VAL C 2275 25.53 73.07 -37.66
C VAL C 2275 24.36 72.12 -37.77
N ALA C 2276 24.01 71.48 -36.64
CA ALA C 2276 22.85 70.61 -36.58
C ALA C 2276 21.57 71.38 -36.89
N ALA C 2277 21.42 72.57 -36.33
CA ALA C 2277 20.24 73.39 -36.61
C ALA C 2277 20.20 73.81 -38.07
N ALA C 2278 21.36 74.22 -38.61
CA ALA C 2278 21.48 74.67 -39.99
C ALA C 2278 21.14 73.56 -40.98
N SER C 2279 21.29 72.31 -40.55
CA SER C 2279 20.88 71.20 -41.39
C SER C 2279 19.39 70.90 -41.25
N VAL C 2280 18.68 71.66 -40.42
CA VAL C 2280 17.25 71.44 -40.19
C VAL C 2280 16.40 72.62 -40.66
N ILE C 2281 16.96 73.84 -40.69
CA ILE C 2281 16.17 75.04 -40.98
C ILE C 2281 15.58 75.03 -42.40
N ASP C 2282 14.33 75.50 -42.49
CA ASP C 2282 13.60 75.77 -43.73
C ASP C 2282 13.55 74.54 -44.65
N ASN C 2283 13.07 73.43 -44.11
CA ASN C 2283 12.92 72.19 -44.87
C ASN C 2283 11.93 71.32 -44.13
N ASN C 2284 10.88 70.88 -44.85
CA ASN C 2284 9.73 70.22 -44.24
C ASN C 2284 9.79 68.70 -44.34
N GLU C 2285 9.81 68.17 -45.57
CA GLU C 2285 9.77 66.72 -45.75
C GLU C 2285 11.05 66.08 -45.27
N LEU C 2286 12.18 66.67 -45.62
CA LEU C 2286 13.49 66.08 -45.39
C LEU C 2286 13.91 66.23 -43.95
N ALA C 2287 14.05 67.47 -43.50
CA ALA C 2287 14.69 67.81 -42.24
C ALA C 2287 13.90 67.43 -40.99
N LEU C 2288 12.65 66.99 -41.11
CA LEU C 2288 11.82 66.77 -39.94
C LEU C 2288 11.66 65.29 -39.59
N ALA C 2289 12.47 64.42 -40.17
CA ALA C 2289 12.44 62.99 -39.89
C ALA C 2289 13.32 62.59 -38.71
N LEU C 2290 13.61 63.52 -37.80
CA LEU C 2290 14.44 63.23 -36.63
C LEU C 2290 13.81 62.16 -35.75
N GLN C 2291 14.62 61.19 -35.36
CA GLN C 2291 14.14 60.09 -34.53
C GLN C 2291 13.88 60.52 -33.10
N GLU C 2292 12.94 59.79 -32.47
CA GLU C 2292 12.59 60.02 -31.08
C GLU C 2292 13.78 59.79 -30.15
N GLN C 2293 14.69 58.87 -30.52
CA GLN C 2293 15.91 58.68 -29.75
C GLN C 2293 16.78 59.92 -29.76
N ASP C 2294 16.81 60.61 -30.92
CA ASP C 2294 17.56 61.86 -31.03
C ASP C 2294 16.93 62.91 -30.13
N LEU C 2295 15.60 63.02 -30.16
CA LEU C 2295 14.93 64.04 -29.36
C LEU C 2295 15.09 63.77 -27.86
N GLU C 2296 14.95 62.52 -27.43
CA GLU C 2296 15.06 62.22 -26.00
C GLU C 2296 16.49 62.39 -25.52
N LYS C 2297 17.47 62.17 -26.39
CA LYS C 2297 18.84 62.34 -25.95
C LYS C 2297 19.19 63.83 -25.90
N VAL C 2298 18.63 64.64 -26.81
CA VAL C 2298 18.87 66.09 -26.74
C VAL C 2298 18.24 66.65 -25.47
N VAL C 2299 16.99 66.25 -25.17
CA VAL C 2299 16.36 66.80 -23.98
C VAL C 2299 17.06 66.29 -22.71
N SER C 2300 17.69 65.09 -22.74
CA SER C 2300 18.48 64.65 -21.60
C SER C 2300 19.69 65.56 -21.40
N TYR C 2301 20.30 66.02 -22.51
CA TYR C 2301 21.34 67.03 -22.42
C TYR C 2301 20.82 68.34 -21.83
N LEU C 2302 19.61 68.73 -22.22
CA LEU C 2302 18.98 69.91 -21.64
C LEU C 2302 18.73 69.73 -20.14
N ALA C 2303 18.32 68.52 -19.73
CA ALA C 2303 18.15 68.21 -18.33
C ALA C 2303 19.46 68.35 -17.55
N GLY C 2304 20.56 67.89 -18.15
CA GLY C 2304 21.87 68.08 -17.52
C GLY C 2304 22.27 69.53 -17.43
N CYS C 2305 22.03 70.30 -18.50
CA CYS C 2305 22.35 71.73 -18.46
C CYS C 2305 21.47 72.50 -17.48
N GLY C 2306 20.23 72.07 -17.30
CA GLY C 2306 19.35 72.64 -16.30
C GLY C 2306 19.55 72.07 -14.92
N LEU C 2307 20.48 71.12 -14.79
CA LEU C 2307 20.79 70.51 -13.51
C LEU C 2307 22.16 70.91 -12.98
N GLN C 2308 23.06 71.37 -13.84
CA GLN C 2308 24.41 71.74 -13.42
C GLN C 2308 24.80 73.08 -14.03
N SER C 2309 25.70 73.78 -13.35
CA SER C 2309 26.23 75.03 -13.86
C SER C 2309 27.22 74.79 -14.99
N CYS C 2310 27.41 75.82 -15.80
CA CYS C 2310 28.37 75.76 -16.90
C CYS C 2310 29.78 75.73 -16.33
N PRO C 2311 30.59 74.71 -16.65
CA PRO C 2311 31.97 74.66 -16.12
C PRO C 2311 32.84 75.83 -16.54
N MET C 2312 32.67 76.35 -17.76
CA MET C 2312 33.46 77.51 -18.19
C MET C 2312 32.99 78.77 -17.48
N LEU C 2313 31.68 78.88 -17.22
CA LEU C 2313 31.16 79.97 -16.38
C LEU C 2313 31.77 79.92 -15.00
N LEU C 2314 31.80 78.72 -14.40
CA LEU C 2314 32.34 78.60 -13.05
C LEU C 2314 33.84 78.92 -13.05
N ALA C 2315 34.54 78.51 -14.12
CA ALA C 2315 35.97 78.76 -14.26
C ALA C 2315 36.27 80.25 -14.39
N LYS C 2316 35.33 81.06 -14.88
CA LYS C 2316 35.58 82.48 -15.02
C LYS C 2316 35.21 83.28 -13.77
N GLY C 2317 34.99 82.63 -12.64
CA GLY C 2317 34.66 83.30 -11.40
C GLY C 2317 33.22 83.71 -11.24
N TYR C 2318 32.33 83.24 -12.10
CA TYR C 2318 30.91 83.59 -12.03
C TYR C 2318 30.28 83.01 -10.77
N PRO C 2319 29.30 83.72 -10.18
CA PRO C 2319 28.59 83.17 -9.01
C PRO C 2319 27.87 81.87 -9.35
N ASP C 2320 27.81 80.97 -8.37
CA ASP C 2320 27.30 79.63 -8.60
C ASP C 2320 25.78 79.60 -8.54
N ILE C 2321 25.16 79.23 -9.67
CA ILE C 2321 23.73 78.93 -9.75
C ILE C 2321 23.59 77.55 -10.37
N GLY C 2322 22.64 76.76 -9.87
CA GLY C 2322 22.59 75.35 -10.19
C GLY C 2322 22.13 74.92 -11.57
N TRP C 2323 22.18 75.80 -12.57
CA TRP C 2323 21.80 75.42 -13.93
C TRP C 2323 22.46 76.38 -14.92
N ASN C 2324 22.59 75.92 -16.17
CA ASN C 2324 23.28 76.68 -17.20
C ASN C 2324 22.26 77.26 -18.16
N PRO C 2325 22.06 78.59 -18.14
CA PRO C 2325 21.10 79.21 -19.06
C PRO C 2325 21.58 79.29 -20.48
N CYS C 2326 22.86 79.58 -20.71
CA CYS C 2326 23.38 79.70 -22.07
C CYS C 2326 23.27 78.37 -22.79
N GLY C 2327 23.65 77.28 -22.11
CA GLY C 2327 23.53 75.96 -22.68
C GLY C 2327 22.09 75.57 -22.93
N GLY C 2328 21.20 75.92 -21.99
CA GLY C 2328 19.79 75.62 -22.19
C GLY C 2328 19.28 76.36 -23.40
N GLU C 2329 19.41 77.70 -23.44
CA GLU C 2329 18.90 78.53 -24.53
C GLU C 2329 19.46 78.11 -25.88
N ARG C 2330 20.71 77.60 -25.88
CA ARG C 2330 21.32 77.02 -27.07
C ARG C 2330 20.59 75.75 -27.50
N TYR C 2331 20.16 74.92 -26.54
CA TYR C 2331 19.41 73.73 -26.94
C TYR C 2331 18.01 74.10 -27.41
N LEU C 2332 17.39 75.06 -26.72
CA LEU C 2332 16.02 75.46 -27.02
C LEU C 2332 15.88 76.08 -28.40
N ASP C 2333 16.87 76.86 -28.88
CA ASP C 2333 16.72 77.37 -30.25
C ASP C 2333 16.81 76.24 -31.28
N PHE C 2334 17.57 75.19 -30.97
CA PHE C 2334 17.62 74.02 -31.83
C PHE C 2334 16.28 73.29 -31.82
N LEU C 2335 15.74 73.04 -30.64
CA LEU C 2335 14.42 72.43 -30.56
C LEU C 2335 13.33 73.31 -31.16
N ARG C 2336 13.54 74.64 -31.17
CA ARG C 2336 12.63 75.56 -31.83
C ARG C 2336 12.61 75.29 -33.33
N PHE C 2337 13.80 75.07 -33.90
CA PHE C 2337 13.88 74.80 -35.32
C PHE C 2337 13.46 73.37 -35.63
N ALA C 2338 13.46 72.51 -34.62
CA ALA C 2338 13.14 71.11 -34.84
C ALA C 2338 11.64 70.92 -35.03
N VAL C 2339 10.85 71.86 -34.52
CA VAL C 2339 9.40 71.72 -34.52
C VAL C 2339 8.68 72.80 -35.34
N PHE C 2340 9.31 73.95 -35.62
CA PHE C 2340 8.58 75.01 -36.28
C PHE C 2340 9.25 75.32 -37.61
N VAL C 2341 8.55 75.04 -38.71
CA VAL C 2341 9.08 75.22 -40.06
C VAL C 2341 8.02 75.93 -40.90
N ASN C 2342 8.44 76.95 -41.65
CA ASN C 2342 7.61 77.69 -42.62
C ASN C 2342 6.39 78.33 -41.97
N GLY C 2343 6.53 78.80 -40.74
CA GLY C 2343 5.43 79.48 -40.09
C GLY C 2343 4.35 78.59 -39.54
N GLU C 2344 4.51 77.26 -39.60
CA GLU C 2344 3.52 76.35 -39.07
C GLU C 2344 4.18 75.31 -38.19
N SER C 2345 3.49 74.91 -37.14
CA SER C 2345 4.01 73.90 -36.24
C SER C 2345 3.93 72.52 -36.89
N VAL C 2346 4.76 71.61 -36.40
CA VAL C 2346 4.80 70.24 -36.90
C VAL C 2346 4.15 69.34 -35.87
N GLU C 2347 3.07 68.68 -36.29
CA GLU C 2347 2.21 67.93 -35.39
C GLU C 2347 2.95 66.76 -34.75
N GLU C 2348 3.68 65.99 -35.56
CA GLU C 2348 4.42 64.83 -35.07
C GLU C 2348 5.55 65.23 -34.13
N ASN C 2349 6.26 66.31 -34.43
CA ASN C 2349 7.36 66.70 -33.56
C ASN C 2349 6.89 67.40 -32.29
N ALA C 2350 5.75 68.11 -32.38
CA ALA C 2350 5.26 68.95 -31.28
C ALA C 2350 4.89 68.13 -30.05
N ASN C 2351 4.06 67.10 -30.23
CA ASN C 2351 3.58 66.35 -29.07
C ASN C 2351 4.72 65.57 -28.45
N VAL C 2352 5.61 65.04 -29.29
CA VAL C 2352 6.71 64.20 -28.83
C VAL C 2352 7.64 65.03 -27.94
N VAL C 2353 8.03 66.22 -28.42
CA VAL C 2353 8.95 67.07 -27.65
C VAL C 2353 8.27 67.54 -26.36
N VAL C 2354 6.99 67.94 -26.44
CA VAL C 2354 6.28 68.40 -25.23
C VAL C 2354 6.18 67.27 -24.21
N ARG C 2355 5.93 66.03 -24.68
CA ARG C 2355 5.94 64.88 -23.77
C ARG C 2355 7.31 64.65 -23.16
N LEU C 2356 8.38 64.93 -23.89
CA LEU C 2356 9.71 64.69 -23.32
C LEU C 2356 10.06 65.73 -22.27
N LEU C 2357 9.72 67.00 -22.52
CA LEU C 2357 9.89 68.01 -21.47
C LEU C 2357 8.99 67.74 -20.26
N ILE C 2358 7.77 67.26 -20.49
CA ILE C 2358 6.85 67.14 -19.35
C ILE C 2358 7.18 65.91 -18.49
N ARG C 2359 7.89 64.91 -19.05
CA ARG C 2359 8.43 63.87 -18.18
C ARG C 2359 9.46 64.43 -17.21
N LYS C 2360 10.32 65.34 -17.66
CA LYS C 2360 11.41 65.83 -16.84
C LYS C 2360 11.17 67.29 -16.46
N PRO C 2361 10.62 67.56 -15.28
CA PRO C 2361 10.33 68.96 -14.90
C PRO C 2361 11.56 69.84 -14.71
N GLU C 2362 12.75 69.25 -14.54
CA GLU C 2362 13.97 70.05 -14.41
C GLU C 2362 14.33 70.77 -15.69
N CYS C 2363 13.77 70.36 -16.83
CA CYS C 2363 14.09 70.98 -18.12
C CYS C 2363 13.64 72.44 -18.15
N PHE C 2364 12.47 72.73 -17.57
CA PHE C 2364 11.93 74.08 -17.54
C PHE C 2364 12.77 75.04 -16.69
N GLY C 2365 13.65 74.50 -15.85
CA GLY C 2365 14.49 75.30 -14.98
C GLY C 2365 13.96 75.31 -13.55
N PRO C 2366 14.51 76.17 -12.71
CA PRO C 2366 14.01 76.30 -11.33
C PRO C 2366 12.56 76.74 -11.24
N ALA C 2367 12.10 77.58 -12.15
CA ALA C 2367 10.70 77.99 -12.16
C ALA C 2367 9.83 76.88 -12.73
N LEU C 2368 8.60 76.81 -12.22
CA LEU C 2368 7.54 75.89 -12.67
C LEU C 2368 7.96 74.42 -12.53
N ARG C 2369 8.83 74.13 -11.55
CA ARG C 2369 9.25 72.77 -11.29
CA ARG C 2369 9.25 72.78 -11.28
C ARG C 2369 8.14 71.94 -10.64
N GLY C 2370 7.13 72.61 -10.06
CA GLY C 2370 6.10 71.96 -9.27
C GLY C 2370 6.08 72.57 -7.88
N GLU C 2371 6.47 71.80 -6.87
CA GLU C 2371 6.75 72.37 -5.56
C GLU C 2371 8.23 72.74 -5.50
N GLY C 2372 8.51 73.94 -5.00
CA GLY C 2372 9.83 74.51 -5.10
C GLY C 2372 10.06 75.26 -6.38
N GLY C 2373 9.11 75.20 -7.32
CA GLY C 2373 9.20 75.95 -8.54
C GLY C 2373 8.36 77.20 -8.48
N SER C 2374 9.03 78.35 -8.36
CA SER C 2374 8.34 79.63 -8.25
C SER C 2374 7.67 79.99 -9.57
N GLY C 2375 6.75 80.95 -9.49
CA GLY C 2375 6.06 81.42 -10.67
C GLY C 2375 6.98 82.10 -11.66
N LEU C 2376 6.53 82.10 -12.92
CA LEU C 2376 7.30 82.72 -14.00
C LEU C 2376 7.47 84.22 -13.80
N LEU C 2377 6.51 84.87 -13.14
CA LEU C 2377 6.68 86.26 -12.76
C LEU C 2377 7.78 86.43 -11.72
N ALA C 2378 7.93 85.46 -10.82
CA ALA C 2378 9.03 85.53 -9.87
C ALA C 2378 10.36 85.27 -10.55
N ALA C 2379 10.37 84.37 -11.53
CA ALA C 2379 11.60 84.08 -12.26
C ALA C 2379 12.04 85.26 -13.10
N ILE C 2380 11.09 85.92 -13.79
CA ILE C 2380 11.45 87.07 -14.61
C ILE C 2380 11.90 88.23 -13.73
N GLU C 2381 11.27 88.38 -12.53
CA GLU C 2381 11.65 89.48 -11.64
C GLU C 2381 13.05 89.29 -11.11
N GLU C 2382 13.37 88.07 -10.61
CA GLU C 2382 14.71 87.82 -10.12
C GLU C 2382 15.74 87.88 -11.24
N ALA C 2383 15.35 87.56 -12.48
CA ALA C 2383 16.29 87.69 -13.59
C ALA C 2383 16.58 89.15 -13.87
N ILE C 2384 15.56 90.01 -13.72
CA ILE C 2384 15.76 91.44 -13.90
C ILE C 2384 16.71 91.96 -12.84
N ARG C 2385 16.52 91.56 -11.58
CA ARG C 2385 17.37 92.09 -10.51
C ARG C 2385 18.81 91.61 -10.66
N ILE C 2386 19.01 90.34 -11.05
CA ILE C 2386 20.36 89.81 -11.22
C ILE C 2386 21.07 90.53 -12.36
N SER C 2387 20.36 90.73 -13.49
CA SER C 2387 20.98 91.39 -14.64
C SER C 2387 21.29 92.85 -14.33
N GLU C 2388 20.38 93.56 -13.68
CA GLU C 2388 20.58 94.99 -13.44
C GLU C 2388 21.60 95.25 -12.34
N ASP C 2389 21.78 94.30 -11.41
CA ASP C 2389 22.73 94.52 -10.32
C ASP C 2389 24.02 93.74 -10.55
N PRO C 2390 25.16 94.41 -10.78
CA PRO C 2390 26.44 93.70 -10.95
C PRO C 2390 26.94 92.98 -9.71
N ALA C 2391 28.12 92.34 -9.83
CA ALA C 2391 28.84 91.48 -8.87
C ALA C 2391 28.16 90.12 -8.70
N ARG C 2392 27.00 89.94 -9.32
CA ARG C 2392 26.34 88.66 -9.45
C ARG C 2392 25.88 88.42 -10.87
N ASP C 2393 26.01 89.41 -11.76
CA ASP C 2393 25.68 89.26 -13.16
C ASP C 2393 26.86 88.76 -13.98
N GLY C 2394 28.08 88.97 -13.51
CA GLY C 2394 29.26 88.51 -14.21
C GLY C 2394 30.33 88.03 -13.25
N PRO C 2395 31.58 87.99 -13.71
CA PRO C 2395 32.69 87.61 -12.82
C PRO C 2395 32.86 88.53 -11.63
N GLY C 2396 32.58 89.83 -11.80
CA GLY C 2396 32.70 90.79 -10.72
C GLY C 2396 34.12 91.01 -10.23
N VAL C 2397 35.07 91.10 -11.16
CA VAL C 2397 36.47 91.31 -10.80
C VAL C 2397 36.81 92.80 -10.89
N PRO C 2410 30.42 94.35 -23.97
CA PRO C 2410 31.06 93.11 -23.53
C PRO C 2410 32.58 93.14 -23.72
N PRO C 2411 33.33 93.28 -22.62
CA PRO C 2411 34.80 93.28 -22.73
C PRO C 2411 35.38 91.99 -23.29
N GLU C 2412 34.76 90.85 -23.01
CA GLU C 2412 35.19 89.58 -23.57
C GLU C 2412 34.62 89.32 -24.95
N GLU C 2413 33.74 90.22 -25.44
CA GLU C 2413 33.01 90.20 -26.71
C GLU C 2413 31.91 89.14 -26.76
N ASN C 2414 31.89 88.25 -25.77
CA ASN C 2414 30.82 87.29 -25.52
C ASN C 2414 30.55 87.21 -24.03
N ARG C 2415 30.58 88.36 -23.36
CA ARG C 2415 30.51 88.45 -21.90
C ARG C 2415 29.15 87.99 -21.41
N VAL C 2416 29.14 86.88 -20.67
CA VAL C 2416 27.89 86.30 -20.20
C VAL C 2416 27.35 87.15 -19.05
N HIS C 2417 26.08 87.53 -19.17
CA HIS C 2417 25.33 88.22 -18.12
C HIS C 2417 24.29 87.23 -17.62
N LEU C 2418 24.45 86.78 -16.37
CA LEU C 2418 23.60 85.71 -15.84
C LEU C 2418 22.13 86.06 -15.78
N GLY C 2419 21.79 87.26 -15.31
CA GLY C 2419 20.38 87.67 -15.25
C GLY C 2419 19.70 87.70 -16.60
N HIS C 2420 20.41 88.20 -17.61
CA HIS C 2420 19.90 88.20 -18.97
C HIS C 2420 19.85 86.79 -19.54
N ALA C 2421 20.86 85.96 -19.26
CA ALA C 2421 20.87 84.59 -19.77
C ALA C 2421 19.71 83.77 -19.21
N ILE C 2422 19.43 83.92 -17.91
CA ILE C 2422 18.25 83.31 -17.28
C ILE C 2422 16.97 83.83 -17.92
N MET C 2423 16.91 85.14 -18.15
CA MET C 2423 15.73 85.75 -18.74
C MET C 2423 15.52 85.31 -20.18
N SER C 2424 16.61 85.19 -20.94
CA SER C 2424 16.52 84.70 -22.30
C SER C 2424 16.16 83.22 -22.33
N PHE C 2425 16.60 82.46 -21.32
CA PHE C 2425 16.21 81.06 -21.21
C PHE C 2425 14.71 80.93 -21.07
N TYR C 2426 14.12 81.75 -20.20
CA TYR C 2426 12.68 81.65 -19.99
C TYR C 2426 11.92 82.15 -21.20
N ALA C 2427 12.45 83.18 -21.87
CA ALA C 2427 11.84 83.68 -23.10
C ALA C 2427 11.87 82.62 -24.19
N ALA C 2428 13.01 81.92 -24.31
CA ALA C 2428 13.13 80.85 -25.29
C ALA C 2428 12.18 79.70 -24.97
N LEU C 2429 12.02 79.38 -23.68
CA LEU C 2429 11.12 78.31 -23.27
C LEU C 2429 9.68 78.62 -23.65
N ILE C 2430 9.25 79.86 -23.40
CA ILE C 2430 7.92 80.30 -23.81
C ILE C 2430 7.79 80.33 -25.34
N ASP C 2431 8.84 80.79 -26.04
CA ASP C 2431 8.83 80.80 -27.50
C ASP C 2431 8.74 79.40 -28.08
N LEU C 2432 9.49 78.46 -27.50
CA LEU C 2432 9.47 77.07 -27.92
C LEU C 2432 8.10 76.45 -27.71
N LEU C 2433 7.48 76.69 -26.55
CA LEU C 2433 6.13 76.16 -26.32
C LEU C 2433 5.13 76.76 -27.29
N GLY C 2434 5.24 78.07 -27.54
CA GLY C 2434 4.36 78.72 -28.50
C GLY C 2434 4.51 78.14 -29.89
N ARG C 2435 5.74 77.80 -30.28
CA ARG C 2435 5.93 77.17 -31.58
C ARG C 2435 5.54 75.70 -31.58
N CYS C 2436 5.44 75.08 -30.40
CA CYS C 2436 4.94 73.71 -30.28
C CYS C 2436 3.43 73.65 -30.14
N ALA C 2437 2.75 74.80 -30.13
CA ALA C 2437 1.30 74.82 -29.92
C ALA C 2437 0.56 74.14 -31.07
N PRO C 2438 -0.53 73.42 -30.78
CA PRO C 2438 -1.37 72.85 -31.85
C PRO C 2438 -1.97 73.93 -32.73
N GLU C 2439 -2.10 73.61 -34.02
CA GLU C 2439 -2.59 74.59 -34.97
C GLU C 2439 -4.08 74.87 -34.82
N MET C 2440 -4.47 76.08 -35.24
CA MET C 2440 -5.84 76.55 -35.09
C MET C 2440 -6.80 75.70 -35.90
N HIS C 2441 -6.41 75.35 -37.13
CA HIS C 2441 -7.29 74.59 -38.00
C HIS C 2441 -7.52 73.19 -37.44
N LEU C 2442 -6.56 72.67 -36.69
CA LEU C 2442 -6.73 71.39 -36.04
C LEU C 2442 -7.60 71.52 -34.79
N ILE C 2443 -7.64 72.70 -34.18
CA ILE C 2443 -8.42 72.87 -32.94
C ILE C 2443 -9.91 72.67 -33.22
N GLN C 2444 -10.42 73.30 -34.29
CA GLN C 2444 -11.84 73.16 -34.61
C GLN C 2444 -12.23 71.76 -35.07
N ALA C 2445 -11.26 70.94 -35.48
CA ALA C 2445 -11.56 69.56 -35.85
C ALA C 2445 -11.89 68.69 -34.64
N GLY C 2446 -11.66 69.19 -33.42
CA GLY C 2446 -11.97 68.42 -32.24
C GLY C 2446 -11.01 67.30 -31.95
N LYS C 2447 -9.78 67.37 -32.46
CA LYS C 2447 -8.80 66.32 -32.24
C LYS C 2447 -8.47 66.18 -30.76
N GLY C 2448 -8.49 64.93 -30.28
CA GLY C 2448 -8.36 64.68 -28.85
C GLY C 2448 -7.02 65.09 -28.29
N GLU C 2449 -5.94 64.70 -28.97
CA GLU C 2449 -4.64 65.06 -28.45
C GLU C 2449 -4.32 66.52 -28.69
N ALA C 2450 -4.81 67.12 -29.79
CA ALA C 2450 -4.57 68.54 -30.02
C ALA C 2450 -5.21 69.40 -28.92
N LEU C 2451 -6.44 69.05 -28.53
CA LEU C 2451 -7.10 69.72 -27.43
C LEU C 2451 -6.37 69.47 -26.11
N ARG C 2452 -5.94 68.22 -25.91
CA ARG C 2452 -5.24 67.87 -24.68
C ARG C 2452 -3.93 68.62 -24.54
N ILE C 2453 -3.15 68.69 -25.63
CA ILE C 2453 -1.86 69.37 -25.60
C ILE C 2453 -2.05 70.85 -25.34
N ARG C 2454 -3.08 71.46 -25.96
CA ARG C 2454 -3.32 72.88 -25.72
C ARG C 2454 -3.64 73.11 -24.24
N ALA C 2455 -4.49 72.25 -23.67
CA ALA C 2455 -4.80 72.36 -22.24
C ALA C 2455 -3.57 72.11 -21.36
N ILE C 2456 -2.66 71.25 -21.84
CA ILE C 2456 -1.41 70.99 -21.10
C ILE C 2456 -0.56 72.24 -21.03
N LEU C 2457 -0.33 72.90 -22.18
CA LEU C 2457 0.47 74.13 -22.18
C LEU C 2457 -0.19 75.24 -21.38
N ARG C 2458 -1.52 75.36 -21.46
CA ARG C 2458 -2.22 76.35 -20.65
C ARG C 2458 -2.08 76.05 -19.16
N SER C 2459 -2.09 74.78 -18.77
CA SER C 2459 -1.93 74.43 -17.37
C SER C 2459 -0.50 74.67 -16.88
N LEU C 2460 0.52 74.31 -17.69
CA LEU C 2460 1.91 74.61 -17.32
C LEU C 2460 2.18 76.11 -17.25
N VAL C 2461 1.77 76.87 -18.26
CA VAL C 2461 2.09 78.29 -18.29
C VAL C 2461 0.82 79.10 -18.06
N PRO C 2462 0.61 79.65 -16.86
CA PRO C 2462 -0.57 80.49 -16.64
C PRO C 2462 -0.52 81.77 -17.46
N LEU C 2463 -1.70 82.22 -17.87
CA LEU C 2463 -1.83 83.40 -18.71
C LEU C 2463 -1.55 84.69 -17.94
N ASP C 2464 -1.89 84.72 -16.65
CA ASP C 2464 -1.76 85.94 -15.84
C ASP C 2464 -0.30 86.37 -15.70
N ASP C 2465 0.62 85.40 -15.50
CA ASP C 2465 2.01 85.77 -15.36
C ASP C 2465 2.55 86.34 -16.67
N LEU C 2466 2.06 85.84 -17.81
CA LEU C 2466 2.45 86.37 -19.10
C LEU C 2466 1.97 87.82 -19.25
N VAL C 2467 0.75 88.09 -18.76
CA VAL C 2467 0.24 89.47 -18.77
C VAL C 2467 1.13 90.37 -17.92
N GLY C 2468 1.56 89.85 -16.76
CA GLY C 2468 2.47 90.61 -15.91
C GLY C 2468 3.81 90.89 -16.57
N ILE C 2469 4.33 89.90 -17.31
CA ILE C 2469 5.59 90.08 -18.04
C ILE C 2469 5.43 91.13 -19.14
N ILE C 2470 4.28 91.12 -19.84
CA ILE C 2470 4.02 92.15 -20.84
C ILE C 2470 3.95 93.52 -20.17
N SER C 2471 3.28 93.60 -19.01
CA SER C 2471 3.18 94.85 -18.26
C SER C 2471 4.51 95.30 -17.66
N LEU C 2472 5.51 94.42 -17.61
CA LEU C 2472 6.83 94.79 -17.08
C LEU C 2472 7.49 95.84 -17.98
N PRO C 2473 8.04 96.91 -17.40
CA PRO C 2473 8.53 98.03 -18.21
C PRO C 2473 9.86 97.70 -18.89
N LEU C 2474 10.27 98.61 -19.76
CA LEU C 2474 11.54 98.55 -20.47
C LEU C 2474 12.53 99.50 -19.81
N GLN C 2475 13.80 99.35 -20.21
CA GLN C 2475 14.83 100.33 -19.88
C GLN C 2475 14.90 101.28 -21.06
N ILE C 2476 14.41 102.51 -20.85
CA ILE C 2476 14.22 103.48 -21.93
C ILE C 2476 15.48 104.32 -22.04
N PRO C 2477 16.15 104.37 -23.20
CA PRO C 2477 17.27 105.28 -23.38
C PRO C 2477 16.81 106.73 -23.24
N THR C 2478 17.67 107.56 -22.65
CA THR C 2478 17.34 108.94 -22.39
C THR C 2478 18.36 109.86 -23.08
N LEU C 2479 18.19 111.16 -22.84
CA LEU C 2479 19.08 112.19 -23.38
C LEU C 2479 19.65 112.95 -22.19
N GLY C 2480 20.95 112.82 -21.99
CA GLY C 2480 21.62 113.46 -20.87
C GLY C 2480 23.09 113.15 -20.91
N LYS C 2481 23.79 113.63 -19.88
CA LYS C 2481 25.24 113.48 -19.70
C LYS C 2481 26.00 114.05 -20.91
N ASP C 2482 25.87 115.38 -21.04
CA ASP C 2482 26.41 116.19 -22.14
C ASP C 2482 25.74 115.84 -23.47
N GLY C 2483 24.49 115.40 -23.41
CA GLY C 2483 23.71 115.11 -24.60
C GLY C 2483 24.10 113.85 -25.33
N ALA C 2484 24.95 113.02 -24.75
CA ALA C 2484 25.37 111.78 -25.40
C ALA C 2484 24.23 110.78 -25.41
N LEU C 2485 24.37 109.77 -26.27
CA LEU C 2485 23.36 108.73 -26.40
C LEU C 2485 23.41 107.79 -25.20
N VAL C 2486 22.61 108.06 -24.18
CA VAL C 2486 22.56 107.23 -22.99
C VAL C 2486 21.74 105.99 -23.34
N GLN C 2487 22.42 104.87 -23.59
CA GLN C 2487 21.79 103.63 -24.01
C GLN C 2487 22.22 102.49 -23.09
N PRO C 2488 21.35 101.51 -22.88
CA PRO C 2488 21.70 100.39 -21.99
C PRO C 2488 22.58 99.38 -22.70
N LYS C 2489 22.93 98.34 -21.96
CA LYS C 2489 23.71 97.21 -22.47
C LYS C 2489 22.72 96.13 -22.88
N MET C 2490 22.76 95.76 -24.16
CA MET C 2490 21.71 94.94 -24.77
C MET C 2490 21.66 93.55 -24.13
N SER C 2491 22.80 92.88 -24.07
CA SER C 2491 22.91 91.55 -23.47
C SER C 2491 22.88 91.57 -21.95
N ALA C 2492 22.56 92.70 -21.32
CA ALA C 2492 22.46 92.80 -19.87
C ALA C 2492 21.24 93.58 -19.42
N SER C 2493 20.29 93.86 -20.31
CA SER C 2493 19.09 94.62 -19.96
C SER C 2493 17.89 93.99 -20.64
N PHE C 2494 16.71 94.43 -20.21
CA PHE C 2494 15.46 93.90 -20.75
C PHE C 2494 15.27 94.32 -22.20
N VAL C 2495 14.84 93.38 -23.03
CA VAL C 2495 14.79 93.59 -24.48
C VAL C 2495 13.39 93.29 -25.01
N PRO C 2496 12.98 93.91 -26.12
CA PRO C 2496 11.67 93.57 -26.72
C PRO C 2496 11.56 92.17 -27.28
N ASP C 2497 12.68 91.49 -27.55
CA ASP C 2497 12.64 90.13 -28.12
C ASP C 2497 11.96 89.14 -27.17
N HIS C 2498 12.24 89.26 -25.87
CA HIS C 2498 11.59 88.39 -24.89
C HIS C 2498 10.10 88.67 -24.81
N LYS C 2499 9.71 89.93 -25.05
CA LYS C 2499 8.29 90.24 -25.10
C LYS C 2499 7.66 89.67 -26.35
N ALA C 2500 8.39 89.65 -27.48
CA ALA C 2500 7.89 89.03 -28.70
C ALA C 2500 7.65 87.54 -28.47
N SER C 2501 8.57 86.91 -27.71
CA SER C 2501 8.39 85.52 -27.31
C SER C 2501 7.14 85.36 -26.44
N MET C 2502 6.77 86.41 -25.70
CA MET C 2502 5.54 86.31 -24.90
C MET C 2502 4.31 86.38 -25.82
N VAL C 2503 4.39 87.26 -26.82
CA VAL C 2503 3.26 87.50 -27.73
C VAL C 2503 2.95 86.25 -28.54
N LEU C 2504 4.00 85.56 -29.02
CA LEU C 2504 3.78 84.39 -29.87
C LEU C 2504 3.03 83.30 -29.12
N PHE C 2505 3.40 83.10 -27.83
CA PHE C 2505 2.71 82.12 -26.99
C PHE C 2505 1.27 82.56 -26.81
N LEU C 2506 1.06 83.88 -26.68
CA LEU C 2506 -0.29 84.39 -26.48
C LEU C 2506 -1.15 84.10 -27.70
N ASP C 2507 -0.68 84.49 -28.88
CA ASP C 2507 -1.51 84.37 -30.07
C ASP C 2507 -1.66 82.93 -30.54
N ARG C 2508 -0.89 81.99 -29.99
CA ARG C 2508 -1.01 80.61 -30.43
C ARG C 2508 -1.61 79.65 -29.41
N VAL C 2509 -1.40 79.86 -28.11
CA VAL C 2509 -1.85 78.92 -27.11
C VAL C 2509 -3.14 79.37 -26.45
N TYR C 2510 -3.13 80.53 -25.81
CA TYR C 2510 -4.33 81.02 -25.14
C TYR C 2510 -5.25 81.74 -26.11
N GLY C 2511 -4.69 82.66 -26.89
CA GLY C 2511 -5.48 83.41 -27.85
C GLY C 2511 -6.37 84.48 -27.24
N ILE C 2512 -6.72 85.46 -28.04
CA ILE C 2512 -7.62 86.53 -27.63
C ILE C 2512 -8.95 86.34 -28.34
N GLU C 2513 -9.99 86.08 -27.55
CA GLU C 2513 -11.31 85.73 -28.06
C GLU C 2513 -12.39 86.75 -27.74
N ASN C 2514 -12.20 87.59 -26.71
CA ASN C 2514 -13.21 88.53 -26.27
C ASN C 2514 -12.61 89.91 -26.03
N GLN C 2515 -13.49 90.90 -26.13
CA GLN C 2515 -13.10 92.30 -26.03
C GLN C 2515 -12.55 92.65 -24.65
N ASP C 2516 -13.20 92.14 -23.59
CA ASP C 2516 -12.81 92.52 -22.22
C ASP C 2516 -11.39 92.09 -21.89
N PHE C 2517 -11.01 90.86 -22.27
CA PHE C 2517 -9.65 90.41 -22.06
C PHE C 2517 -8.71 90.97 -23.10
N LEU C 2518 -9.23 91.42 -24.25
CA LEU C 2518 -8.38 92.06 -25.23
C LEU C 2518 -7.88 93.38 -24.70
N LEU C 2519 -8.83 94.27 -24.38
CA LEU C 2519 -8.52 95.60 -23.86
C LEU C 2519 -7.86 95.52 -22.48
N HIS C 2520 -8.07 94.40 -21.75
CA HIS C 2520 -7.41 94.17 -20.48
C HIS C 2520 -5.92 94.09 -20.66
N VAL C 2521 -5.45 93.41 -21.70
CA VAL C 2521 -4.02 93.28 -21.90
C VAL C 2521 -3.50 94.55 -22.56
N LEU C 2522 -4.35 95.18 -23.39
CA LEU C 2522 -3.94 96.33 -24.18
C LEU C 2522 -3.57 97.50 -23.28
N ASP C 2523 -4.36 97.75 -22.23
CA ASP C 2523 -4.06 98.93 -21.45
C ASP C 2523 -3.04 98.68 -20.36
N VAL C 2524 -2.67 97.43 -20.10
CA VAL C 2524 -1.69 97.15 -19.06
C VAL C 2524 -0.28 97.02 -19.64
N GLY C 2525 -0.10 96.36 -20.79
CA GLY C 2525 1.25 96.18 -21.28
C GLY C 2525 1.60 96.67 -22.66
N PHE C 2526 0.62 96.73 -23.56
CA PHE C 2526 0.90 97.07 -24.95
C PHE C 2526 0.94 98.57 -25.18
N LEU C 2527 0.01 99.31 -24.58
CA LEU C 2527 -0.08 100.77 -24.77
C LEU C 2527 1.19 101.52 -24.34
N PRO C 2528 1.80 101.30 -23.14
CA PRO C 2528 3.07 102.00 -22.85
C PRO C 2528 4.19 101.69 -23.82
N ASP C 2529 4.28 100.45 -24.32
CA ASP C 2529 5.38 100.11 -25.22
C ASP C 2529 5.17 100.75 -26.59
N MET C 2530 3.94 100.69 -27.11
CA MET C 2530 3.68 101.26 -28.43
C MET C 2530 3.83 102.77 -28.38
N ARG C 2531 3.49 103.40 -27.24
CA ARG C 2531 3.78 104.81 -27.09
C ARG C 2531 5.28 105.06 -27.01
N ALA C 2532 6.01 104.13 -26.37
CA ALA C 2532 7.44 104.30 -26.16
C ALA C 2532 8.18 104.33 -27.49
N ALA C 2533 7.79 103.45 -28.41
CA ALA C 2533 8.43 103.40 -29.73
C ALA C 2533 8.21 104.68 -30.51
N ALA C 2534 6.99 105.23 -30.45
CA ALA C 2534 6.69 106.48 -31.13
C ALA C 2534 7.41 107.65 -30.46
N SER C 2535 7.49 107.66 -29.13
CA SER C 2535 8.19 108.73 -28.43
C SER C 2535 9.68 108.71 -28.74
N LEU C 2536 10.29 107.53 -28.72
CA LEU C 2536 11.70 107.41 -29.10
C LEU C 2536 11.94 107.62 -30.59
N ASP C 2537 10.88 107.64 -31.41
CA ASP C 2537 11.03 107.93 -32.83
C ASP C 2537 11.21 109.45 -32.95
N THR C 2538 12.46 109.89 -32.96
CA THR C 2538 12.76 111.32 -33.07
C THR C 2538 13.96 111.49 -33.99
N ALA C 2539 14.50 112.71 -34.05
CA ALA C 2539 15.65 112.98 -34.91
C ALA C 2539 16.95 112.35 -34.41
N THR C 2540 16.98 111.85 -33.17
CA THR C 2540 18.18 111.27 -32.58
C THR C 2540 18.03 109.77 -32.29
N PHE C 2541 16.99 109.39 -31.55
CA PHE C 2541 16.86 108.04 -31.04
C PHE C 2541 16.20 107.06 -32.01
N SER C 2542 15.66 107.51 -33.14
CA SER C 2542 14.98 106.61 -34.08
C SER C 2542 15.92 105.60 -34.70
N THR C 2543 17.20 105.95 -34.84
CA THR C 2543 18.17 105.05 -35.46
C THR C 2543 18.88 104.20 -34.40
N THR C 2544 18.56 104.41 -33.12
CA THR C 2544 19.17 103.62 -32.06
C THR C 2544 18.65 102.18 -32.09
N GLU C 2545 19.45 101.30 -31.49
CA GLU C 2545 19.19 99.86 -31.52
C GLU C 2545 17.93 99.47 -30.75
N MET C 2546 17.64 100.16 -29.63
CA MET C 2546 16.40 99.91 -28.89
C MET C 2546 15.17 100.26 -29.71
N ALA C 2547 15.19 101.41 -30.38
CA ALA C 2547 14.05 101.84 -31.19
C ALA C 2547 13.78 100.85 -32.33
N LEU C 2548 14.83 100.42 -33.02
CA LEU C 2548 14.67 99.41 -34.08
C LEU C 2548 14.23 98.07 -33.51
N ALA C 2549 14.64 97.76 -32.27
CA ALA C 2549 14.15 96.57 -31.60
C ALA C 2549 12.65 96.66 -31.37
N LEU C 2550 12.16 97.84 -30.96
CA LEU C 2550 10.72 98.04 -30.82
C LEU C 2550 10.02 97.93 -32.18
N ASN C 2551 10.64 98.48 -33.23
CA ASN C 2551 10.02 98.45 -34.56
C ASN C 2551 9.82 97.03 -35.06
N ARG C 2552 10.88 96.20 -34.96
CA ARG C 2552 10.76 94.80 -35.37
C ARG C 2552 9.83 94.05 -34.44
N TYR C 2553 9.89 94.34 -33.14
CA TYR C 2553 9.10 93.64 -32.15
C TYR C 2553 7.61 93.87 -32.37
N LEU C 2554 7.22 95.11 -32.65
CA LEU C 2554 5.81 95.38 -32.87
C LEU C 2554 5.36 94.81 -34.21
N CYS C 2555 6.14 95.07 -35.27
CA CYS C 2555 5.71 94.71 -36.63
C CYS C 2555 5.71 93.21 -36.89
N LEU C 2556 6.45 92.44 -36.09
CA LEU C 2556 6.51 91.00 -36.35
C LEU C 2556 5.46 90.24 -35.57
N ALA C 2557 5.28 90.57 -34.30
CA ALA C 2557 4.39 89.80 -33.43
C ALA C 2557 3.25 90.59 -32.85
N VAL C 2558 3.45 91.83 -32.42
CA VAL C 2558 2.39 92.54 -31.68
C VAL C 2558 1.30 93.00 -32.62
N LEU C 2559 1.67 93.81 -33.61
CA LEU C 2559 0.71 94.43 -34.52
C LEU C 2559 -0.21 93.45 -35.25
N PRO C 2560 0.25 92.29 -35.80
CA PRO C 2560 -0.72 91.35 -36.36
C PRO C 2560 -1.74 90.82 -35.36
N LEU C 2561 -1.37 90.68 -34.08
CA LEU C 2561 -2.31 90.16 -33.08
C LEU C 2561 -3.50 91.12 -32.89
N ILE C 2562 -3.23 92.41 -32.79
CA ILE C 2562 -4.30 93.40 -32.74
C ILE C 2562 -5.04 93.46 -34.08
N THR C 2563 -4.31 93.33 -35.18
CA THR C 2563 -4.96 93.29 -36.49
C THR C 2563 -5.93 92.10 -36.60
N LYS C 2564 -5.56 90.96 -36.01
CA LYS C 2564 -6.44 89.82 -35.93
C LYS C 2564 -7.66 90.12 -35.06
N CYS C 2565 -7.45 90.80 -33.94
CA CYS C 2565 -8.52 91.04 -32.99
C CYS C 2565 -9.19 92.40 -33.20
N ALA C 2566 -9.08 92.97 -34.39
CA ALA C 2566 -9.78 94.21 -34.72
C ALA C 2566 -11.31 94.17 -34.58
N PRO C 2567 -12.06 93.11 -34.98
CA PRO C 2567 -13.53 93.16 -34.81
C PRO C 2567 -14.03 93.30 -33.37
N LEU C 2568 -13.19 93.01 -32.38
CA LEU C 2568 -13.61 93.10 -30.98
C LEU C 2568 -13.64 94.52 -30.44
N PHE C 2569 -13.30 95.52 -31.26
CA PHE C 2569 -13.32 96.92 -30.85
C PHE C 2569 -14.68 97.58 -31.01
N ALA C 2570 -15.71 96.82 -31.41
CA ALA C 2570 -17.01 97.41 -31.69
C ALA C 2570 -17.67 97.96 -30.43
N GLY C 2571 -17.63 97.22 -29.34
CA GLY C 2571 -18.35 97.60 -28.13
C GLY C 2571 -17.47 98.18 -27.04
N THR C 2572 -16.51 99.03 -27.42
CA THR C 2572 -15.59 99.63 -26.46
C THR C 2572 -15.93 101.12 -26.36
N GLU C 2573 -17.24 101.41 -26.30
CA GLU C 2573 -17.69 102.79 -26.15
C GLU C 2573 -17.33 103.35 -24.78
N HIS C 2574 -17.48 102.56 -23.73
CA HIS C 2574 -17.23 103.05 -22.38
C HIS C 2574 -15.76 103.28 -22.09
N ARG C 2575 -14.87 102.60 -22.80
CA ARG C 2575 -13.44 102.68 -22.56
C ARG C 2575 -12.78 103.43 -23.72
N ALA C 2576 -13.46 104.50 -24.19
CA ALA C 2576 -13.11 105.11 -25.46
C ALA C 2576 -11.85 105.98 -25.42
N ILE C 2577 -11.53 106.59 -24.28
CA ILE C 2577 -10.45 107.58 -24.23
C ILE C 2577 -9.08 106.91 -24.48
N MET C 2578 -8.90 105.70 -23.97
CA MET C 2578 -7.66 104.96 -24.26
C MET C 2578 -7.62 104.44 -25.69
N VAL C 2579 -8.78 104.07 -26.25
CA VAL C 2579 -8.85 103.71 -27.67
C VAL C 2579 -8.45 104.90 -28.53
N ASP C 2580 -8.96 106.09 -28.19
CA ASP C 2580 -8.59 107.32 -28.88
C ASP C 2580 -7.10 107.61 -28.77
N SER C 2581 -6.52 107.35 -27.60
CA SER C 2581 -5.08 107.52 -27.43
C SER C 2581 -4.32 106.49 -28.24
N MET C 2582 -4.80 105.24 -28.26
CA MET C 2582 -4.13 104.17 -28.98
C MET C 2582 -4.10 104.45 -30.48
N LEU C 2583 -5.24 104.89 -31.04
CA LEU C 2583 -5.29 105.19 -32.47
C LEU C 2583 -4.41 106.38 -32.81
N HIS C 2584 -4.36 107.39 -31.93
CA HIS C 2584 -3.51 108.55 -32.20
CA HIS C 2584 -3.50 108.55 -32.18
C HIS C 2584 -2.04 108.16 -32.16
N THR C 2585 -1.65 107.36 -31.17
CA THR C 2585 -0.25 106.98 -31.03
C THR C 2585 0.17 106.03 -32.16
N VAL C 2586 -0.70 105.08 -32.55
CA VAL C 2586 -0.33 104.17 -33.64
C VAL C 2586 -0.24 104.94 -34.97
N TYR C 2587 -1.07 105.98 -35.15
CA TYR C 2587 -0.91 106.83 -36.33
C TYR C 2587 0.43 107.58 -36.28
N ARG C 2588 0.81 108.08 -35.10
CA ARG C 2588 2.13 108.70 -34.98
C ARG C 2588 3.25 107.69 -35.17
N LEU C 2589 3.01 106.42 -34.82
CA LEU C 2589 3.94 105.34 -35.13
C LEU C 2589 4.08 105.16 -36.64
N SER C 2590 2.97 105.24 -37.36
CA SER C 2590 3.02 105.21 -38.83
C SER C 2590 3.79 106.40 -39.35
N ARG C 2591 3.67 107.56 -38.68
CA ARG C 2591 4.46 108.74 -38.99
C ARG C 2591 5.82 108.66 -38.29
N GLY C 2592 6.56 107.61 -38.61
CA GLY C 2592 7.87 107.37 -38.00
C GLY C 2592 8.99 107.33 -39.02
N ARG C 2593 10.10 107.97 -38.68
CA ARG C 2593 11.28 108.02 -39.53
C ARG C 2593 12.23 106.87 -39.19
N SER C 2594 13.05 106.51 -40.19
CA SER C 2594 14.03 105.42 -40.11
C SER C 2594 13.38 104.07 -39.82
N LEU C 2595 12.23 103.82 -40.44
CA LEU C 2595 11.56 102.54 -40.39
C LEU C 2595 11.38 101.99 -41.80
N THR C 2596 11.62 100.69 -41.96
CA THR C 2596 11.58 100.04 -43.26
C THR C 2596 10.15 100.04 -43.80
N LYS C 2597 10.02 100.04 -45.13
CA LYS C 2597 8.71 99.95 -45.76
C LYS C 2597 7.98 98.65 -45.42
N ALA C 2598 8.74 97.55 -45.28
CA ALA C 2598 8.18 96.28 -44.82
C ALA C 2598 7.56 96.40 -43.43
N GLN C 2599 8.24 97.10 -42.52
CA GLN C 2599 7.64 97.43 -41.24
C GLN C 2599 6.45 98.36 -41.41
N ARG C 2600 6.58 99.36 -42.29
CA ARG C 2600 5.62 100.44 -42.46
C ARG C 2600 4.24 99.94 -42.88
N ASP C 2601 4.20 98.98 -43.81
CA ASP C 2601 2.90 98.47 -44.28
C ASP C 2601 2.11 97.73 -43.19
N VAL C 2602 2.79 97.25 -42.15
CA VAL C 2602 2.12 96.52 -41.08
C VAL C 2602 1.25 97.45 -40.26
N ILE C 2603 1.76 98.65 -39.93
CA ILE C 2603 1.01 99.61 -39.13
C ILE C 2603 -0.23 100.07 -39.88
N GLU C 2604 -0.09 100.43 -41.16
CA GLU C 2604 -1.24 100.93 -41.91
C GLU C 2604 -2.29 99.83 -42.10
N ASP C 2605 -1.86 98.57 -42.35
CA ASP C 2605 -2.83 97.49 -42.43
C ASP C 2605 -3.53 97.25 -41.09
N CYS C 2606 -2.85 97.60 -39.99
CA CYS C 2606 -3.50 97.54 -38.69
C CYS C 2606 -4.48 98.69 -38.52
N LEU C 2607 -4.16 99.85 -39.10
CA LEU C 2607 -5.04 101.01 -38.97
C LEU C 2607 -6.34 100.77 -39.70
N MET C 2608 -6.26 100.31 -40.96
CA MET C 2608 -7.47 100.05 -41.73
C MET C 2608 -8.29 98.93 -41.13
N ALA C 2609 -7.63 97.86 -40.62
CA ALA C 2609 -8.37 96.79 -39.95
C ALA C 2609 -9.07 97.28 -38.68
N LEU C 2610 -8.39 98.11 -37.87
CA LEU C 2610 -9.02 98.67 -36.67
C LEU C 2610 -10.17 99.60 -37.02
N CYS C 2611 -9.97 100.43 -38.04
CA CYS C 2611 -10.95 101.46 -38.35
C CYS C 2611 -12.18 100.90 -39.04
N ARG C 2612 -12.05 99.77 -39.74
CA ARG C 2612 -13.23 99.19 -40.38
CA ARG C 2612 -13.24 99.20 -40.38
C ARG C 2612 -14.19 98.63 -39.34
N TYR C 2613 -13.70 98.28 -38.15
CA TYR C 2613 -14.50 97.72 -37.07
C TYR C 2613 -14.54 98.64 -35.85
N ILE C 2614 -14.20 99.92 -35.99
CA ILE C 2614 -14.34 100.88 -34.91
C ILE C 2614 -15.45 101.85 -35.32
N ARG C 2615 -16.19 102.32 -34.32
CA ARG C 2615 -17.26 103.28 -34.58
C ARG C 2615 -16.66 104.63 -34.98
N PRO C 2616 -17.37 105.39 -35.82
CA PRO C 2616 -16.89 106.75 -36.18
C PRO C 2616 -16.85 107.73 -35.02
N SER C 2617 -17.54 107.44 -33.90
CA SER C 2617 -17.56 108.34 -32.76
C SER C 2617 -16.17 108.53 -32.16
N MET C 2618 -15.41 107.44 -32.05
CA MET C 2618 -14.04 107.51 -31.53
C MET C 2618 -13.04 107.97 -32.58
N LEU C 2619 -13.45 108.13 -33.83
CA LEU C 2619 -12.56 108.52 -34.90
C LEU C 2619 -12.45 110.03 -35.07
N GLN C 2620 -13.18 110.81 -34.28
CA GLN C 2620 -13.21 112.27 -34.43
C GLN C 2620 -11.83 112.88 -34.22
N HIS C 2621 -11.10 112.41 -33.21
CA HIS C 2621 -9.76 112.93 -32.96
C HIS C 2621 -8.77 112.49 -34.03
N LEU C 2622 -8.97 111.28 -34.58
CA LEU C 2622 -8.10 110.81 -35.66
C LEU C 2622 -8.26 111.68 -36.89
N LEU C 2623 -9.51 111.95 -37.28
CA LEU C 2623 -9.76 112.87 -38.39
C LEU C 2623 -9.28 114.28 -38.09
N ARG C 2624 -9.33 114.69 -36.81
CA ARG C 2624 -8.79 115.99 -36.42
C ARG C 2624 -7.29 116.04 -36.68
N ARG C 2625 -6.58 114.94 -36.40
CA ARG C 2625 -5.17 114.83 -36.76
C ARG C 2625 -4.98 114.89 -38.26
N LEU C 2626 -5.90 114.26 -39.01
CA LEU C 2626 -5.83 114.33 -40.47
C LEU C 2626 -6.07 115.73 -41.00
N VAL C 2627 -6.80 116.58 -40.25
CA VAL C 2627 -7.07 117.95 -40.69
C VAL C 2627 -5.77 118.73 -40.77
N PHE C 2628 -4.86 118.50 -39.84
CA PHE C 2628 -3.59 119.20 -39.87
C PHE C 2628 -2.54 118.48 -40.70
N ASP C 2629 -2.65 117.16 -40.89
CA ASP C 2629 -1.59 116.43 -41.59
C ASP C 2629 -1.85 116.24 -43.07
N VAL C 2630 -3.05 115.75 -43.43
CA VAL C 2630 -3.34 115.40 -44.83
C VAL C 2630 -3.26 116.56 -45.81
N PRO C 2631 -3.81 117.78 -45.54
CA PRO C 2631 -3.69 118.88 -46.54
C PRO C 2631 -2.27 119.31 -46.89
N ILE C 2632 -1.28 119.01 -46.04
CA ILE C 2632 0.12 119.26 -46.40
C ILE C 2632 0.52 118.41 -47.61
N LEU C 2633 -0.12 117.25 -47.79
CA LEU C 2633 0.12 116.30 -48.88
C LEU C 2633 1.58 115.83 -48.91
N ASN C 2634 2.07 115.43 -47.74
CA ASN C 2634 3.41 114.90 -47.60
C ASN C 2634 3.46 113.42 -48.02
N GLU C 2635 4.64 112.81 -47.90
CA GLU C 2635 4.83 111.41 -48.26
C GLU C 2635 4.04 110.46 -47.36
N PHE C 2636 3.66 110.90 -46.15
CA PHE C 2636 2.88 110.09 -45.22
C PHE C 2636 1.38 110.27 -45.40
N ALA C 2637 0.94 110.71 -46.58
CA ALA C 2637 -0.47 110.85 -46.91
C ALA C 2637 -1.07 109.62 -47.58
N LYS C 2638 -0.28 108.55 -47.77
CA LYS C 2638 -0.81 107.36 -48.43
C LYS C 2638 -1.83 106.64 -47.55
N MET C 2639 -1.48 106.38 -46.30
CA MET C 2639 -2.44 105.66 -45.46
C MET C 2639 -3.66 106.48 -44.98
N PRO C 2640 -3.61 107.80 -44.73
CA PRO C 2640 -4.86 108.48 -44.38
C PRO C 2640 -5.88 108.58 -45.50
N LEU C 2641 -5.45 108.80 -46.75
CA LEU C 2641 -6.41 108.91 -47.85
C LEU C 2641 -7.17 107.61 -48.08
N LYS C 2642 -6.47 106.47 -47.99
CA LYS C 2642 -7.14 105.17 -48.01
C LYS C 2642 -8.02 104.99 -46.76
N LEU C 2643 -7.54 105.50 -45.62
CA LEU C 2643 -8.27 105.39 -44.36
C LEU C 2643 -9.62 106.11 -44.46
N LEU C 2644 -9.58 107.37 -44.90
CA LEU C 2644 -10.79 108.15 -45.02
C LEU C 2644 -11.69 107.60 -46.12
N THR C 2645 -11.08 107.01 -47.16
CA THR C 2645 -11.87 106.42 -48.25
C THR C 2645 -12.71 105.26 -47.74
N ASN C 2646 -12.08 104.37 -46.95
CA ASN C 2646 -12.84 103.22 -46.48
C ASN C 2646 -13.80 103.59 -45.36
N HIS C 2647 -13.41 104.56 -44.50
CA HIS C 2647 -14.26 104.95 -43.39
C HIS C 2647 -15.51 105.65 -43.90
N TYR C 2648 -15.35 106.62 -44.80
CA TYR C 2648 -16.49 107.35 -45.31
C TYR C 2648 -17.35 106.46 -46.20
N GLU C 2649 -16.73 105.63 -47.06
CA GLU C 2649 -17.53 104.73 -47.89
C GLU C 2649 -18.30 103.73 -47.03
N ARG C 2650 -17.78 103.39 -45.86
CA ARG C 2650 -18.48 102.48 -44.95
C ARG C 2650 -19.61 103.18 -44.20
N CYS C 2651 -19.41 104.44 -43.81
CA CYS C 2651 -20.40 105.16 -42.99
C CYS C 2651 -20.79 106.49 -43.62
N TRP C 2652 -21.13 106.48 -44.91
CA TRP C 2652 -21.45 107.74 -45.57
C TRP C 2652 -22.83 108.28 -45.18
N LYS C 2653 -23.80 107.39 -44.94
CA LYS C 2653 -25.09 107.85 -44.45
C LYS C 2653 -25.05 108.27 -42.99
N TYR C 2654 -24.01 107.90 -42.23
CA TYR C 2654 -23.87 108.37 -40.85
C TYR C 2654 -23.80 109.89 -40.79
N TYR C 2655 -23.21 110.52 -41.80
CA TYR C 2655 -23.18 111.96 -41.90
C TYR C 2655 -24.23 112.52 -42.85
N CYS C 2656 -24.81 111.69 -43.72
CA CYS C 2656 -25.78 112.17 -44.69
C CYS C 2656 -27.22 112.10 -44.19
N LEU C 2657 -27.57 111.05 -43.46
CA LEU C 2657 -28.92 110.94 -42.91
C LEU C 2657 -29.11 111.98 -41.81
N PRO C 2658 -30.32 112.57 -41.70
CA PRO C 2658 -30.58 113.52 -40.60
C PRO C 2658 -30.41 112.91 -39.23
N THR C 2659 -30.76 111.64 -39.06
CA THR C 2659 -30.52 110.93 -37.81
C THR C 2659 -29.27 110.07 -37.85
N GLY C 2660 -28.49 110.16 -38.94
CA GLY C 2660 -27.27 109.37 -39.03
C GLY C 2660 -27.53 107.88 -39.22
N TRP C 2661 -26.46 107.12 -39.08
CA TRP C 2661 -26.58 105.66 -39.09
C TRP C 2661 -27.41 105.20 -37.90
N ALA C 2662 -28.18 104.13 -38.11
CA ALA C 2662 -29.01 103.57 -37.06
C ALA C 2662 -28.13 103.11 -35.90
N ASN C 2663 -28.53 103.48 -34.67
CA ASN C 2663 -27.94 103.08 -33.37
C ASN C 2663 -26.41 103.21 -33.31
N PHE C 2664 -25.86 104.21 -34.03
CA PHE C 2664 -24.47 104.63 -33.87
C PHE C 2664 -24.31 106.12 -33.63
N GLY C 2665 -25.38 106.89 -33.62
CA GLY C 2665 -25.30 108.28 -33.20
C GLY C 2665 -25.42 109.24 -34.37
N VAL C 2666 -25.24 110.52 -34.03
CA VAL C 2666 -25.33 111.65 -34.96
C VAL C 2666 -24.08 112.48 -34.68
N THR C 2667 -23.64 113.25 -35.69
CA THR C 2667 -22.51 114.15 -35.54
C THR C 2667 -22.79 115.23 -34.49
N SER C 2668 -21.71 115.87 -34.03
CA SER C 2668 -21.78 116.89 -33.00
C SER C 2668 -21.51 118.30 -33.52
N GLU C 2669 -21.69 118.52 -34.83
CA GLU C 2669 -21.51 119.78 -35.58
C GLU C 2669 -20.03 120.17 -35.68
N GLU C 2670 -19.12 119.43 -35.04
CA GLU C 2670 -17.69 119.60 -35.17
C GLU C 2670 -17.08 118.65 -36.19
N GLU C 2671 -17.58 117.40 -36.23
CA GLU C 2671 -17.12 116.44 -37.23
C GLU C 2671 -17.45 116.91 -38.64
N LEU C 2672 -18.63 117.48 -38.84
CA LEU C 2672 -18.99 118.03 -40.15
C LEU C 2672 -18.11 119.21 -40.52
N HIS C 2673 -17.79 120.07 -39.54
CA HIS C 2673 -16.89 121.20 -39.78
C HIS C 2673 -15.50 120.72 -40.19
N LEU C 2674 -14.99 119.68 -39.51
CA LEU C 2674 -13.72 119.07 -39.89
C LEU C 2674 -13.79 118.45 -41.28
N THR C 2675 -14.88 117.74 -41.59
CA THR C 2675 -15.01 117.09 -42.89
C THR C 2675 -15.06 118.11 -44.02
N ARG C 2676 -15.82 119.20 -43.82
CA ARG C 2676 -15.88 120.29 -44.79
C ARG C 2676 -14.53 120.97 -44.95
N LYS C 2677 -13.80 121.17 -43.85
CA LYS C 2677 -12.45 121.71 -43.92
C LYS C 2677 -11.50 120.77 -44.66
N LEU C 2678 -11.62 119.46 -44.43
CA LEU C 2678 -10.85 118.47 -45.18
C LEU C 2678 -11.15 118.52 -46.67
N PHE C 2679 -12.43 118.70 -47.01
CA PHE C 2679 -12.84 118.85 -48.41
C PHE C 2679 -12.18 120.07 -49.03
N TRP C 2680 -12.26 121.22 -48.35
CA TRP C 2680 -11.71 122.44 -48.91
C TRP C 2680 -10.19 122.38 -48.97
N GLY C 2681 -9.57 121.91 -47.90
CA GLY C 2681 -8.11 121.86 -47.82
C GLY C 2681 -7.52 120.95 -48.88
N ILE C 2682 -8.09 119.74 -49.00
CA ILE C 2682 -7.61 118.78 -49.99
C ILE C 2682 -7.88 119.26 -51.41
N PHE C 2683 -9.09 119.81 -51.66
CA PHE C 2683 -9.43 120.29 -53.00
C PHE C 2683 -8.52 121.45 -53.44
N ASP C 2684 -8.23 122.37 -52.52
CA ASP C 2684 -7.29 123.46 -52.80
C ASP C 2684 -5.85 122.97 -52.94
N SER C 2685 -5.40 122.06 -52.06
CA SER C 2685 -4.04 121.55 -52.14
C SER C 2685 -3.83 120.76 -53.42
N LEU C 2686 -4.82 119.93 -53.79
CA LEU C 2686 -4.73 119.15 -55.01
C LEU C 2686 -4.72 120.05 -56.24
N ALA C 2687 -5.50 121.14 -56.20
CA ALA C 2687 -5.49 122.10 -57.30
C ALA C 2687 -4.15 122.81 -57.43
N HIS C 2688 -3.56 123.22 -56.30
CA HIS C 2688 -2.27 123.90 -56.36
C HIS C 2688 -1.13 122.94 -56.71
N LYS C 2689 -1.23 121.69 -56.26
CA LYS C 2689 -0.22 120.68 -56.53
C LYS C 2689 -0.20 120.30 -58.01
N LYS C 2690 0.97 119.86 -58.47
CA LYS C 2690 1.09 119.36 -59.82
C LYS C 2690 0.36 118.02 -59.95
N TYR C 2691 0.16 117.60 -61.20
CA TYR C 2691 -0.56 116.36 -61.48
C TYR C 2691 0.29 115.18 -61.02
N ASP C 2692 -0.07 114.62 -59.87
CA ASP C 2692 0.60 113.46 -59.27
C ASP C 2692 -0.39 112.31 -59.40
N GLN C 2693 -0.23 111.54 -60.49
CA GLN C 2693 -1.21 110.51 -60.86
C GLN C 2693 -1.35 109.45 -59.78
N GLU C 2694 -0.23 109.07 -59.15
CA GLU C 2694 -0.26 108.10 -58.06
C GLU C 2694 -1.11 108.59 -56.90
N LEU C 2695 -0.98 109.85 -56.53
CA LEU C 2695 -1.83 110.41 -55.49
C LEU C 2695 -3.23 110.69 -56.00
N TYR C 2696 -3.37 111.10 -57.27
CA TYR C 2696 -4.66 111.49 -57.83
C TYR C 2696 -5.64 110.32 -57.85
N ARG C 2697 -5.15 109.12 -58.24
CA ARG C 2697 -6.02 107.95 -58.37
C ARG C 2697 -6.59 107.53 -57.03
N MET C 2698 -5.79 107.59 -55.98
CA MET C 2698 -6.20 107.10 -54.68
C MET C 2698 -6.67 108.22 -53.76
N ALA C 2699 -6.66 109.46 -54.26
CA ALA C 2699 -7.21 110.59 -53.51
C ALA C 2699 -8.59 111.00 -53.99
N MET C 2700 -8.90 110.78 -55.28
CA MET C 2700 -10.25 111.07 -55.78
C MET C 2700 -11.37 110.31 -55.06
N PRO C 2701 -11.30 108.98 -54.80
CA PRO C 2701 -12.38 108.34 -54.01
C PRO C 2701 -12.57 108.91 -52.62
N CYS C 2702 -11.49 109.33 -51.95
CA CYS C 2702 -11.63 109.99 -50.65
C CYS C 2702 -12.41 111.30 -50.75
N LEU C 2703 -12.12 112.10 -51.79
CA LEU C 2703 -12.83 113.34 -52.01
C LEU C 2703 -14.30 113.07 -52.32
N CYS C 2704 -14.57 112.06 -53.14
CA CYS C 2704 -15.94 111.78 -53.54
C CYS C 2704 -16.74 111.19 -52.39
N ALA C 2705 -16.11 110.32 -51.58
CA ALA C 2705 -16.76 109.74 -50.42
C ALA C 2705 -17.08 110.81 -49.38
N ILE C 2706 -16.16 111.77 -49.19
CA ILE C 2706 -16.41 112.89 -48.29
C ILE C 2706 -17.59 113.71 -48.77
N ALA C 2707 -17.62 114.00 -50.09
CA ALA C 2707 -18.68 114.82 -50.66
C ALA C 2707 -20.03 114.14 -50.54
N GLY C 2708 -20.08 112.83 -50.81
CA GLY C 2708 -21.33 112.09 -50.69
C GLY C 2708 -21.79 111.98 -49.25
N ALA C 2709 -20.84 111.82 -48.31
CA ALA C 2709 -21.19 111.72 -46.90
C ALA C 2709 -21.75 113.03 -46.35
N LEU C 2710 -21.15 114.15 -46.75
CA LEU C 2710 -21.55 115.45 -46.21
C LEU C 2710 -23.00 115.78 -46.59
N PRO C 2711 -23.76 116.39 -45.68
CA PRO C 2711 -25.11 116.86 -46.03
C PRO C 2711 -25.07 117.90 -47.12
N PRO C 2712 -26.03 117.89 -48.04
CA PRO C 2712 -26.00 118.87 -49.14
C PRO C 2712 -26.20 120.31 -48.70
N ASP C 2713 -27.13 120.54 -47.76
CA ASP C 2713 -27.45 121.87 -47.27
C ASP C 2713 -26.74 122.19 -45.96
N TYR C 2714 -25.54 121.65 -45.77
CA TYR C 2714 -24.78 121.85 -44.55
C TYR C 2714 -24.40 123.32 -44.41
N VAL C 2715 -24.60 123.87 -43.21
CA VAL C 2715 -24.19 125.23 -42.87
C VAL C 2715 -23.33 125.14 -41.61
N ASP C 2716 -22.11 125.65 -41.69
CA ASP C 2716 -21.21 125.62 -40.56
C ASP C 2716 -21.57 126.70 -39.55
N ALA C 2717 -21.15 126.48 -38.31
CA ALA C 2717 -21.44 127.45 -37.24
C ALA C 2717 -20.68 128.75 -37.46
N SER C 2718 -19.38 128.66 -37.72
CA SER C 2718 -18.53 129.84 -37.94
C SER C 2718 -18.09 129.83 -39.40
N TYR C 2719 -18.60 130.78 -40.17
CA TYR C 2719 -18.23 130.92 -41.59
C TYR C 2719 -16.99 131.79 -41.75
N SER C 2720 -15.93 131.45 -41.02
CA SER C 2720 -14.68 132.20 -41.06
C SER C 2720 -13.56 131.30 -40.56
N SER C 2721 -12.33 131.69 -40.88
CA SER C 2721 -11.14 130.95 -40.47
C SER C 2721 -9.93 131.88 -40.57
N LYS C 2722 -8.81 131.42 -40.00
CA LYS C 2722 -7.58 132.17 -40.07
C LYS C 2722 -7.02 132.22 -41.50
N ALA C 2723 -7.27 131.15 -42.27
CA ALA C 2723 -6.88 131.01 -43.68
C ALA C 2723 -5.36 131.14 -43.87
N GLU C 2724 -4.64 130.21 -43.25
CA GLU C 2724 -3.20 130.10 -43.39
C GLU C 2724 -2.86 128.78 -44.07
N LYS C 2725 -1.60 128.68 -44.51
CA LYS C 2725 -1.04 127.54 -45.25
C LYS C 2725 -1.82 127.19 -46.51
N ASN C 2734 5.89 119.01 -36.91
CA ASN C 2734 4.50 118.83 -36.47
C ASN C 2734 3.75 120.16 -36.35
N PHE C 2735 2.91 120.28 -35.32
CA PHE C 2735 2.11 121.49 -35.12
C PHE C 2735 3.02 122.55 -34.51
N ASP C 2736 3.26 123.64 -35.26
CA ASP C 2736 4.13 124.73 -34.82
C ASP C 2736 3.38 126.06 -34.97
N PRO C 2737 2.51 126.40 -34.01
CA PRO C 2737 1.73 127.64 -34.13
C PRO C 2737 2.56 128.91 -33.95
N ARG C 2738 2.71 129.68 -35.02
CA ARG C 2738 3.48 130.91 -34.95
C ARG C 2738 2.66 131.98 -34.22
N PRO C 2739 3.13 132.50 -33.09
CA PRO C 2739 2.40 133.58 -32.44
C PRO C 2739 2.58 134.89 -33.17
N VAL C 2740 1.56 135.73 -33.08
CA VAL C 2740 1.61 137.06 -33.68
C VAL C 2740 2.45 137.94 -32.77
N GLU C 2741 3.27 138.82 -33.36
CA GLU C 2741 4.12 139.72 -32.59
C GLU C 2741 3.27 140.65 -31.73
N THR C 2742 3.60 140.70 -30.44
CA THR C 2742 2.84 141.49 -29.48
C THR C 2742 3.68 142.59 -28.82
N LEU C 2743 4.83 142.23 -28.26
CA LEU C 2743 5.68 143.20 -27.58
C LEU C 2743 6.45 144.08 -28.56
N ASN C 2744 6.63 143.63 -29.81
CA ASN C 2744 7.37 144.41 -30.80
C ASN C 2744 6.68 145.73 -31.12
N VAL C 2745 5.37 145.71 -31.26
CA VAL C 2745 4.62 146.94 -31.49
C VAL C 2745 4.52 147.70 -30.16
N ILE C 2746 4.59 149.03 -30.23
CA ILE C 2746 4.50 149.83 -29.02
C ILE C 2746 3.04 149.90 -28.56
N ILE C 2747 2.82 149.64 -27.28
CA ILE C 2747 1.48 149.69 -26.71
C ILE C 2747 1.10 151.16 -26.50
N PRO C 2748 -0.02 151.61 -27.07
CA PRO C 2748 -0.45 153.00 -26.86
C PRO C 2748 -0.80 153.25 -25.40
N GLU C 2749 -0.39 154.42 -24.91
CA GLU C 2749 -0.67 154.83 -23.54
C GLU C 2749 -1.83 155.81 -23.45
N LYS C 2750 -2.53 156.05 -24.57
CA LYS C 2750 -3.69 156.92 -24.57
C LYS C 2750 -4.83 156.37 -23.75
N LEU C 2751 -4.90 155.05 -23.57
CA LEU C 2751 -5.97 154.39 -22.84
C LEU C 2751 -5.43 153.64 -21.62
N ASP C 2752 -4.31 154.13 -21.05
CA ASP C 2752 -3.70 153.51 -19.88
C ASP C 2752 -4.64 153.55 -18.68
N SER C 2753 -5.56 154.50 -18.64
CA SER C 2753 -6.60 154.53 -17.62
C SER C 2753 -7.56 153.36 -17.76
N PHE C 2754 -7.63 152.75 -18.95
CA PHE C 2754 -8.47 151.59 -19.17
C PHE C 2754 -7.69 150.29 -18.99
N ILE C 2755 -6.39 150.28 -19.28
CA ILE C 2755 -5.59 149.04 -19.16
C ILE C 2755 -5.56 148.54 -17.71
N ASN C 2756 -5.31 149.45 -16.77
CA ASN C 2756 -5.31 149.07 -15.37
C ASN C 2756 -6.73 148.86 -14.84
N LYS C 2757 -7.71 149.59 -15.38
CA LYS C 2757 -9.10 149.40 -14.99
C LYS C 2757 -9.59 148.00 -15.37
N PHE C 2758 -9.28 147.57 -16.59
CA PHE C 2758 -9.60 146.22 -17.03
C PHE C 2758 -8.84 145.18 -16.21
N ALA C 2759 -7.58 145.45 -15.88
CA ALA C 2759 -6.81 144.51 -15.07
C ALA C 2759 -7.42 144.36 -13.68
N GLU C 2760 -7.80 145.48 -13.06
CA GLU C 2760 -8.41 145.47 -11.74
C GLU C 2760 -9.75 144.75 -11.79
N TYR C 2761 -10.54 144.98 -12.84
CA TYR C 2761 -11.83 144.31 -12.89
C TYR C 2761 -11.73 142.84 -13.28
N THR C 2762 -10.65 142.41 -13.96
CA THR C 2762 -10.42 140.98 -14.16
C THR C 2762 -10.13 140.30 -12.82
N HIS C 2763 -9.35 140.96 -11.97
CA HIS C 2763 -9.13 140.39 -10.64
C HIS C 2763 -10.37 140.55 -9.76
N GLU C 2764 -11.14 141.61 -9.94
CA GLU C 2764 -12.40 141.77 -9.22
C GLU C 2764 -13.42 140.70 -9.61
N LYS C 2765 -13.48 140.35 -10.91
CA LYS C 2765 -14.29 139.23 -11.36
C LYS C 2765 -13.77 137.89 -10.82
N TRP C 2766 -12.45 137.77 -10.64
CA TRP C 2766 -11.93 136.59 -9.95
C TRP C 2766 -12.39 136.55 -8.50
N ALA C 2767 -12.42 137.71 -7.84
CA ALA C 2767 -13.04 137.81 -6.51
C ALA C 2767 -14.54 137.52 -6.55
N PHE C 2768 -15.22 137.89 -7.64
CA PHE C 2768 -16.61 137.51 -7.82
C PHE C 2768 -16.77 136.01 -7.93
N ASP C 2769 -15.82 135.34 -8.59
CA ASP C 2769 -15.81 133.87 -8.60
C ASP C 2769 -15.61 133.33 -7.19
N LYS C 2770 -14.73 133.99 -6.41
CA LYS C 2770 -14.53 133.58 -5.02
C LYS C 2770 -15.79 133.76 -4.18
N ILE C 2771 -16.48 134.89 -4.33
CA ILE C 2771 -17.72 135.15 -3.59
C ILE C 2771 -18.87 134.27 -4.08
N GLN C 2772 -18.81 133.74 -5.31
CA GLN C 2772 -19.80 132.78 -5.77
C GLN C 2772 -19.33 131.33 -5.61
N ASN C 2773 -18.15 131.13 -5.03
CA ASN C 2773 -17.58 129.81 -4.80
C ASN C 2773 -18.11 129.19 -3.50
N ASN C 2774 -18.96 129.90 -2.75
CA ASN C 2774 -19.54 129.59 -1.44
C ASN C 2774 -18.52 129.64 -0.30
N TRP C 2775 -17.26 129.97 -0.58
CA TRP C 2775 -16.23 130.09 0.45
C TRP C 2775 -15.62 131.49 0.37
N SER C 2776 -15.34 132.05 1.54
CA SER C 2776 -14.75 133.38 1.63
C SER C 2776 -13.24 133.34 1.34
N TYR C 2777 -12.63 134.52 1.41
CA TYR C 2777 -11.20 134.69 1.17
C TYR C 2777 -10.52 135.12 2.47
N GLY C 2778 -9.42 134.45 2.79
CA GLY C 2778 -8.69 134.71 4.02
C GLY C 2778 -7.34 135.35 3.71
N GLU C 2779 -6.89 136.20 4.64
CA GLU C 2779 -5.63 136.93 4.41
C GLU C 2779 -4.43 136.02 4.57
N ASN C 2780 -4.45 135.15 5.59
CA ASN C 2780 -3.30 134.33 5.92
C ASN C 2780 -3.08 133.24 4.87
N VAL C 2781 -1.87 132.71 4.85
CA VAL C 2781 -1.52 131.62 3.94
C VAL C 2781 -2.05 130.31 4.53
N ASP C 2782 -2.92 129.64 3.78
CA ASP C 2782 -3.53 128.39 4.25
C ASP C 2782 -3.78 127.47 3.07
N GLU C 2783 -3.44 126.18 3.26
CA GLU C 2783 -3.75 125.16 2.27
C GLU C 2783 -5.12 124.55 2.46
N GLU C 2784 -5.83 124.92 3.53
CA GLU C 2784 -7.17 124.44 3.81
C GLU C 2784 -8.26 125.26 3.13
N LEU C 2785 -7.91 126.39 2.53
CA LEU C 2785 -8.90 127.26 1.90
C LEU C 2785 -9.44 126.70 0.58
N LYS C 2786 -8.70 125.76 -0.05
CA LYS C 2786 -8.99 125.09 -1.34
C LYS C 2786 -9.41 126.05 -2.47
N THR C 2787 -9.01 127.32 -2.37
CA THR C 2787 -9.30 128.38 -3.32
C THR C 2787 -8.02 129.22 -3.44
N HIS C 2788 -8.15 130.40 -4.02
CA HIS C 2788 -7.06 131.37 -4.10
C HIS C 2788 -6.72 131.83 -2.68
N PRO C 2789 -5.58 131.44 -2.12
CA PRO C 2789 -5.35 131.69 -0.69
C PRO C 2789 -4.88 133.09 -0.35
N MET C 2790 -4.34 133.82 -1.31
CA MET C 2790 -3.69 135.11 -1.06
C MET C 2790 -4.57 136.30 -1.43
N LEU C 2791 -5.86 136.08 -1.69
CA LEU C 2791 -6.78 137.18 -1.95
C LEU C 2791 -7.15 137.87 -0.65
N ARG C 2792 -7.06 139.18 -0.63
CA ARG C 2792 -7.36 140.01 0.53
C ARG C 2792 -8.23 141.19 0.10
N PRO C 2793 -8.99 141.78 1.03
CA PRO C 2793 -9.75 143.00 0.69
C PRO C 2793 -8.83 144.15 0.34
N TYR C 2794 -9.33 145.05 -0.52
CA TYR C 2794 -8.55 146.16 -1.09
C TYR C 2794 -8.00 147.12 -0.04
N LYS C 2795 -8.58 147.15 1.17
CA LYS C 2795 -8.09 148.02 2.23
C LYS C 2795 -6.66 147.64 2.64
N THR C 2796 -6.38 146.35 2.75
CA THR C 2796 -5.08 145.84 3.17
C THR C 2796 -4.48 144.91 2.12
N PHE C 2797 -4.71 145.21 0.85
CA PHE C 2797 -4.18 144.43 -0.27
C PHE C 2797 -3.06 145.21 -0.92
N SER C 2798 -1.84 144.66 -0.88
CA SER C 2798 -0.64 145.33 -1.38
C SER C 2798 -0.69 145.52 -2.89
N GLU C 2799 0.18 146.39 -3.39
CA GLU C 2799 0.28 146.68 -4.82
C GLU C 2799 1.38 145.90 -5.53
N LYS C 2800 2.20 145.14 -4.80
CA LYS C 2800 3.27 144.36 -5.42
C LYS C 2800 2.72 143.28 -6.34
N ASP C 2801 1.66 142.60 -5.92
CA ASP C 2801 1.04 141.61 -6.78
C ASP C 2801 0.12 142.26 -7.81
N LYS C 2802 -0.37 143.48 -7.51
CA LYS C 2802 -1.22 144.17 -8.46
C LYS C 2802 -0.43 144.60 -9.68
N GLU C 2803 0.86 144.93 -9.48
CA GLU C 2803 1.67 145.36 -10.62
C GLU C 2803 2.10 144.19 -11.50
N ILE C 2804 1.87 142.95 -11.08
CA ILE C 2804 2.15 141.78 -11.91
C ILE C 2804 0.88 141.06 -12.35
N TYR C 2805 -0.29 141.49 -11.87
CA TYR C 2805 -1.54 140.87 -12.31
C TYR C 2805 -1.87 141.15 -13.77
N ARG C 2806 -1.36 142.25 -14.34
CA ARG C 2806 -1.81 142.71 -15.64
C ARG C 2806 -0.97 142.21 -16.82
N TRP C 2807 -0.09 141.21 -16.61
CA TRP C 2807 0.60 140.57 -17.73
C TRP C 2807 -0.35 139.93 -18.76
N PRO C 2808 -1.36 139.10 -18.39
CA PRO C 2808 -2.34 138.67 -19.42
C PRO C 2808 -3.13 139.82 -20.02
N ILE C 2809 -3.45 140.84 -19.22
CA ILE C 2809 -4.26 141.95 -19.70
C ILE C 2809 -3.46 142.79 -20.70
N LYS C 2810 -2.20 143.12 -20.36
CA LYS C 2810 -1.39 143.90 -21.29
C LYS C 2810 -1.09 143.11 -22.56
N GLU C 2811 -0.91 141.78 -22.45
CA GLU C 2811 -0.70 140.96 -23.64
C GLU C 2811 -1.97 140.86 -24.48
N SER C 2812 -3.13 140.89 -23.83
CA SER C 2812 -4.40 140.87 -24.56
C SER C 2812 -4.57 142.16 -25.35
N LEU C 2813 -4.31 143.29 -24.70
CA LEU C 2813 -4.49 144.59 -25.36
C LEU C 2813 -3.52 144.75 -26.52
N LYS C 2814 -2.24 144.41 -26.33
CA LYS C 2814 -1.31 144.53 -27.46
C LYS C 2814 -1.57 143.44 -28.50
N ALA C 2815 -2.30 142.37 -28.15
CA ALA C 2815 -2.68 141.36 -29.11
C ALA C 2815 -3.81 141.86 -30.01
N MET C 2816 -4.80 142.54 -29.43
CA MET C 2816 -5.94 143.01 -30.22
C MET C 2816 -5.72 144.39 -30.82
N ILE C 2817 -4.65 145.09 -30.45
CA ILE C 2817 -4.44 146.45 -30.94
C ILE C 2817 -3.51 146.51 -32.16
N ALA C 2818 -2.74 145.45 -32.42
CA ALA C 2818 -1.85 145.42 -33.58
C ALA C 2818 -2.44 144.71 -34.79
N TRP C 2819 -3.57 144.03 -34.66
CA TRP C 2819 -4.17 143.33 -35.79
C TRP C 2819 -5.10 144.23 -36.62
N GLU C 2820 -4.60 145.41 -37.01
CA GLU C 2820 -5.26 146.46 -37.83
C GLU C 2820 -6.72 146.71 -37.44
N TRP C 2821 -7.03 146.61 -36.15
CA TRP C 2821 -8.38 146.76 -35.62
C TRP C 2821 -8.34 147.86 -34.57
N THR C 2822 -9.01 148.97 -34.85
CA THR C 2822 -8.90 150.15 -34.01
C THR C 2822 -9.74 150.01 -32.73
N ILE C 2823 -9.35 150.77 -31.71
CA ILE C 2823 -10.07 150.90 -30.46
C ILE C 2823 -10.22 152.39 -30.17
N GLU C 2824 -11.41 152.79 -29.72
CA GLU C 2824 -11.70 154.19 -29.47
C GLU C 2824 -12.55 154.31 -28.22
N LYS C 2825 -12.48 155.48 -27.59
CA LYS C 2825 -13.24 155.78 -26.37
C LYS C 2825 -14.51 156.51 -26.78
N ALA C 2826 -15.65 155.84 -26.68
CA ALA C 2826 -16.92 156.43 -27.05
C ALA C 2826 -17.45 157.42 -26.01
N ARG C 2827 -17.10 157.20 -24.73
CA ARG C 2827 -17.62 158.01 -23.63
C ARG C 2827 -16.49 158.77 -22.95
N GLU C 2828 -16.88 159.69 -22.06
CA GLU C 2828 -15.95 160.46 -21.23
C GLU C 2828 -16.45 160.33 -19.79
N GLY C 2829 -15.94 159.35 -19.08
CA GLY C 2829 -16.33 159.12 -17.70
C GLY C 2829 -15.47 158.06 -17.06
N GLU C 2830 -15.51 158.04 -15.73
CA GLU C 2830 -14.76 157.11 -14.87
C GLU C 2830 -13.25 157.11 -15.14
N TYR C 2855 -14.45 146.33 -0.52
CA TYR C 2855 -14.02 145.33 -1.49
C TYR C 2855 -15.17 144.40 -1.84
N ASN C 2856 -15.84 144.67 -2.96
CA ASN C 2856 -16.98 143.90 -3.41
C ASN C 2856 -17.18 144.13 -4.91
N PRO C 2857 -17.33 143.07 -5.71
CA PRO C 2857 -17.56 143.25 -7.15
C PRO C 2857 -18.94 143.78 -7.49
N GLN C 2858 -19.18 145.07 -7.23
CA GLN C 2858 -20.49 145.66 -7.49
C GLN C 2858 -20.89 145.69 -8.97
N PRO C 2859 -20.07 146.14 -9.93
CA PRO C 2859 -20.54 146.13 -11.34
C PRO C 2859 -20.59 144.70 -11.88
N PRO C 2860 -21.75 144.27 -12.38
CA PRO C 2860 -21.88 142.89 -12.87
C PRO C 2860 -21.59 142.75 -14.35
N ASP C 2861 -20.91 141.65 -14.68
CA ASP C 2861 -20.58 141.28 -16.05
C ASP C 2861 -21.07 139.87 -16.31
N LEU C 2862 -22.00 139.74 -17.26
CA LEU C 2862 -22.52 138.44 -17.68
C LEU C 2862 -22.19 138.27 -19.15
N SER C 2863 -21.71 137.07 -19.50
CA SER C 2863 -21.22 136.79 -20.84
C SER C 2863 -21.99 135.67 -21.55
N GLY C 2864 -23.27 135.50 -21.20
CA GLY C 2864 -24.06 134.45 -21.83
C GLY C 2864 -24.96 134.91 -22.96
N VAL C 2865 -25.08 136.22 -23.15
CA VAL C 2865 -25.98 136.77 -24.17
C VAL C 2865 -25.22 136.93 -25.48
N THR C 2866 -25.97 137.06 -26.57
CA THR C 2866 -25.39 137.14 -27.90
C THR C 2866 -24.90 138.56 -28.20
N LEU C 2867 -24.21 138.69 -29.33
CA LEU C 2867 -23.62 139.95 -29.78
C LEU C 2867 -23.38 139.83 -31.28
N SER C 2868 -23.11 140.97 -31.92
CA SER C 2868 -22.92 141.06 -33.37
C SER C 2868 -21.80 140.15 -33.85
N ARG C 2869 -22.00 139.58 -35.05
CA ARG C 2869 -21.12 138.54 -35.58
C ARG C 2869 -19.71 139.05 -35.87
N GLU C 2870 -19.57 140.22 -36.50
CA GLU C 2870 -18.25 140.73 -36.87
CA GLU C 2870 -18.25 140.72 -36.88
C GLU C 2870 -17.38 140.99 -35.65
N LEU C 2871 -17.96 141.62 -34.63
CA LEU C 2871 -17.22 141.92 -33.40
C LEU C 2871 -16.90 140.64 -32.63
N GLN C 2872 -17.81 139.66 -32.69
CA GLN C 2872 -17.56 138.38 -32.02
C GLN C 2872 -16.47 137.62 -32.77
N ALA C 2873 -16.45 137.73 -34.10
CA ALA C 2873 -15.44 137.05 -34.91
C ALA C 2873 -14.06 137.58 -34.59
N MET C 2874 -13.94 138.91 -34.42
CA MET C 2874 -12.66 139.47 -34.01
C MET C 2874 -12.29 139.06 -32.58
N ALA C 2875 -13.30 138.88 -31.71
CA ALA C 2875 -12.99 138.37 -30.36
C ALA C 2875 -12.56 136.92 -30.40
N GLU C 2876 -13.10 136.14 -31.33
CA GLU C 2876 -12.69 134.75 -31.50
C GLU C 2876 -11.28 134.65 -32.06
N GLN C 2877 -10.90 135.59 -32.93
CA GLN C 2877 -9.50 135.68 -33.37
C GLN C 2877 -8.58 136.01 -32.19
N LEU C 2878 -9.02 136.91 -31.30
CA LEU C 2878 -8.26 137.20 -30.08
C LEU C 2878 -8.11 135.97 -29.20
N ALA C 2879 -9.18 135.20 -29.02
CA ALA C 2879 -9.12 133.94 -28.29
C ALA C 2879 -8.24 132.91 -28.99
N GLU C 2880 -8.23 132.91 -30.33
CA GLU C 2880 -7.32 132.05 -31.08
C GLU C 2880 -5.87 132.44 -30.81
N ASN C 2881 -5.58 133.74 -30.74
CA ASN C 2881 -4.23 134.18 -30.38
C ASN C 2881 -3.88 133.78 -28.94
N TYR C 2882 -4.89 133.71 -28.06
CA TYR C 2882 -4.65 133.21 -26.70
C TYR C 2882 -4.26 131.75 -26.74
N HIS C 2883 -4.95 130.97 -27.60
CA HIS C 2883 -4.74 129.54 -27.63
C HIS C 2883 -3.39 129.20 -28.27
N ASN C 2884 -3.05 129.86 -29.38
CA ASN C 2884 -1.79 129.56 -30.05
C ASN C 2884 -0.60 130.01 -29.21
N THR C 2885 -0.70 131.17 -28.53
CA THR C 2885 0.38 131.58 -27.63
C THR C 2885 0.52 130.62 -26.45
N TRP C 2886 -0.61 130.14 -25.91
CA TRP C 2886 -0.59 129.15 -24.82
C TRP C 2886 0.08 127.86 -25.28
N GLY C 2887 -0.25 127.41 -26.49
CA GLY C 2887 0.38 126.22 -27.03
C GLY C 2887 1.85 126.41 -27.30
N ARG C 2888 2.22 127.60 -27.80
CA ARG C 2888 3.62 127.88 -28.10
C ARG C 2888 4.47 127.86 -26.83
N LYS C 2889 3.97 128.51 -25.76
CA LYS C 2889 4.73 128.52 -24.51
C LYS C 2889 4.64 127.21 -23.74
N LYS C 2890 3.78 126.28 -24.15
CA LYS C 2890 3.85 124.96 -23.54
C LYS C 2890 4.64 123.97 -24.40
N LYS C 2891 4.60 124.14 -25.72
CA LYS C 2891 5.43 123.34 -26.60
C LYS C 2891 6.90 123.73 -26.51
N GLN C 2892 7.21 124.89 -25.93
CA GLN C 2892 8.62 125.25 -25.71
C GLN C 2892 9.29 124.24 -24.78
N GLU C 2893 8.60 123.87 -23.70
CA GLU C 2893 9.12 122.84 -22.81
C GLU C 2893 8.77 121.44 -23.28
N LEU C 2894 7.78 121.31 -24.18
CA LEU C 2894 7.43 119.99 -24.70
C LEU C 2894 8.41 119.50 -25.76
N GLU C 2895 9.08 120.41 -26.48
CA GLU C 2895 10.00 120.03 -27.55
C GLU C 2895 11.41 119.70 -27.06
N ALA C 2896 11.60 119.52 -25.76
CA ALA C 2896 12.91 119.17 -25.22
C ALA C 2896 13.36 117.79 -25.67
N LYS C 2897 12.45 116.81 -25.71
CA LYS C 2897 12.81 115.47 -26.15
C LYS C 2897 12.38 115.15 -27.57
N GLY C 2898 11.38 115.85 -28.11
CA GLY C 2898 10.95 115.64 -29.48
C GLY C 2898 10.02 114.48 -29.71
N GLY C 2899 9.27 114.04 -28.71
CA GLY C 2899 8.36 112.93 -28.86
C GLY C 2899 6.99 113.26 -28.29
N GLY C 2900 5.97 112.62 -28.87
CA GLY C 2900 4.61 112.81 -28.40
C GLY C 2900 4.00 114.10 -28.93
N THR C 2901 2.73 114.30 -28.57
CA THR C 2901 2.02 115.50 -28.96
C THR C 2901 1.06 115.90 -27.84
N HIS C 2902 0.89 117.22 -27.69
CA HIS C 2902 -0.01 117.79 -26.69
C HIS C 2902 -1.44 117.79 -27.19
N PRO C 2903 -2.41 117.40 -26.34
CA PRO C 2903 -3.82 117.42 -26.77
C PRO C 2903 -4.34 118.81 -27.11
N LEU C 2904 -3.75 119.86 -26.58
CA LEU C 2904 -4.17 121.23 -26.87
C LEU C 2904 -3.37 121.87 -28.00
N LEU C 2905 -2.44 121.15 -28.61
CA LEU C 2905 -1.69 121.67 -29.76
C LEU C 2905 -2.45 121.32 -31.04
N VAL C 2906 -3.59 121.98 -31.20
CA VAL C 2906 -4.50 121.73 -32.32
C VAL C 2906 -4.98 123.07 -32.85
N PRO C 2907 -5.40 123.12 -34.14
CA PRO C 2907 -5.98 124.36 -34.68
C PRO C 2907 -7.24 124.79 -33.92
N TYR C 2908 -7.39 126.11 -33.79
CA TYR C 2908 -8.46 126.69 -32.95
C TYR C 2908 -9.84 126.34 -33.46
N ASP C 2909 -10.06 126.42 -34.78
CA ASP C 2909 -11.38 126.13 -35.32
C ASP C 2909 -11.74 124.65 -35.19
N THR C 2910 -10.75 123.77 -35.34
CA THR C 2910 -11.01 122.34 -35.39
C THR C 2910 -11.31 121.73 -34.02
N LEU C 2911 -10.74 122.28 -32.96
CA LEU C 2911 -10.94 121.72 -31.63
C LEU C 2911 -12.39 121.89 -31.19
N THR C 2912 -12.86 120.93 -30.39
CA THR C 2912 -14.26 120.85 -30.00
C THR C 2912 -14.64 122.02 -29.09
N ALA C 2913 -15.96 122.26 -29.00
CA ALA C 2913 -16.46 123.38 -28.20
C ALA C 2913 -16.24 123.17 -26.71
N LYS C 2914 -16.16 121.92 -26.24
CA LYS C 2914 -15.92 121.64 -24.83
C LYS C 2914 -14.54 122.15 -24.39
N GLU C 2915 -13.53 121.99 -25.26
CA GLU C 2915 -12.19 122.51 -25.02
C GLU C 2915 -11.99 123.90 -25.62
N LYS C 2916 -13.04 124.48 -26.21
CA LYS C 2916 -13.02 125.86 -26.69
C LYS C 2916 -13.67 126.82 -25.72
N ALA C 2917 -14.47 126.31 -24.78
CA ALA C 2917 -15.21 127.14 -23.85
C ALA C 2917 -14.31 127.98 -22.94
N ARG C 2918 -13.14 127.44 -22.56
CA ARG C 2918 -12.20 128.20 -21.73
C ARG C 2918 -11.70 129.48 -22.40
N ASP C 2919 -11.34 129.41 -23.68
CA ASP C 2919 -10.97 130.62 -24.42
C ASP C 2919 -12.17 131.44 -24.85
N ARG C 2920 -13.29 130.77 -25.15
CA ARG C 2920 -14.51 131.46 -25.54
C ARG C 2920 -15.04 132.32 -24.42
N GLU C 2921 -15.02 131.82 -23.18
CA GLU C 2921 -15.55 132.57 -22.03
C GLU C 2921 -14.74 133.84 -21.80
N LYS C 2922 -13.41 133.74 -21.93
CA LYS C 2922 -12.56 134.92 -21.81
C LYS C 2922 -12.82 135.92 -22.93
N ALA C 2923 -13.03 135.43 -24.16
CA ALA C 2923 -13.38 136.31 -25.28
C ALA C 2923 -14.73 137.00 -25.06
N GLN C 2924 -15.72 136.24 -24.55
CA GLN C 2924 -17.03 136.81 -24.25
C GLN C 2924 -16.96 137.84 -23.14
N GLU C 2925 -16.23 137.54 -22.06
CA GLU C 2925 -16.15 138.47 -20.92
C GLU C 2925 -15.41 139.73 -21.30
N LEU C 2926 -14.29 139.60 -22.02
CA LEU C 2926 -13.53 140.78 -22.46
C LEU C 2926 -14.35 141.63 -23.42
N LEU C 2927 -15.08 140.98 -24.34
CA LEU C 2927 -15.90 141.72 -25.28
C LEU C 2927 -17.09 142.39 -24.59
N LYS C 2928 -17.66 141.74 -23.56
CA LYS C 2928 -18.71 142.38 -22.78
C LYS C 2928 -18.19 143.58 -22.02
N PHE C 2929 -16.97 143.46 -21.47
CA PHE C 2929 -16.33 144.59 -20.80
C PHE C 2929 -16.10 145.73 -21.79
N LEU C 2930 -15.83 145.42 -23.05
CA LEU C 2930 -15.74 146.48 -24.04
C LEU C 2930 -17.12 147.05 -24.38
N GLN C 2931 -18.16 146.22 -24.31
CA GLN C 2931 -19.48 146.66 -24.73
C GLN C 2931 -20.11 147.60 -23.71
N MET C 2932 -20.29 147.14 -22.46
CA MET C 2932 -20.98 147.94 -21.46
C MET C 2932 -20.22 149.22 -21.12
N ASN C 2933 -18.89 149.14 -20.98
CA ASN C 2933 -18.10 150.34 -20.71
C ASN C 2933 -18.04 151.29 -21.90
N GLY C 2934 -18.33 150.81 -23.12
CA GLY C 2934 -18.38 151.69 -24.27
C GLY C 2934 -17.14 151.70 -25.14
N TYR C 2935 -16.66 150.53 -25.50
CA TYR C 2935 -15.51 150.37 -26.38
C TYR C 2935 -15.95 149.56 -27.59
N ALA C 2936 -15.57 150.02 -28.79
CA ALA C 2936 -15.95 149.36 -30.02
C ALA C 2936 -14.72 149.12 -30.89
N VAL C 2937 -14.72 148.00 -31.59
CA VAL C 2937 -13.63 147.61 -32.48
C VAL C 2937 -14.19 147.46 -33.88
N THR C 2938 -13.54 148.10 -34.86
CA THR C 2938 -13.96 148.06 -36.24
C THR C 2938 -12.71 147.93 -37.11
N ARG C 2939 -12.78 147.09 -38.13
CA ARG C 2939 -11.65 146.86 -39.02
C ARG C 2939 -11.31 148.11 -39.84
N LEU C 2946 -17.78 138.57 -44.89
CA LEU C 2946 -18.60 139.55 -44.18
C LEU C 2946 -19.92 139.71 -44.94
N ASP C 2947 -20.99 140.01 -44.19
CA ASP C 2947 -22.37 140.06 -44.68
C ASP C 2947 -22.78 138.73 -45.34
N THR C 2948 -22.35 137.63 -44.74
CA THR C 2948 -22.66 136.31 -45.26
C THR C 2948 -24.13 135.97 -45.09
N SER C 2949 -24.65 135.18 -46.03
CA SER C 2949 -26.06 134.77 -46.02
C SER C 2949 -26.17 133.26 -46.05
N SER C 2950 -27.29 132.75 -45.53
CA SER C 2950 -27.50 131.30 -45.44
C SER C 2950 -27.62 130.64 -46.81
N ILE C 2951 -27.93 131.41 -47.86
CA ILE C 2951 -28.02 130.86 -49.21
C ILE C 2951 -26.64 130.40 -49.66
N GLU C 2952 -25.63 131.25 -49.46
CA GLU C 2952 -24.27 130.89 -49.84
C GLU C 2952 -23.56 130.06 -48.78
N LYS C 2953 -24.10 129.99 -47.55
CA LYS C 2953 -23.48 129.14 -46.52
C LYS C 2953 -23.59 127.66 -46.84
N ARG C 2954 -24.47 127.28 -47.76
CA ARG C 2954 -24.63 125.88 -48.17
C ARG C 2954 -23.35 125.32 -48.76
N PHE C 2955 -23.01 124.11 -48.33
CA PHE C 2955 -21.82 123.43 -48.86
C PHE C 2955 -21.96 123.10 -50.34
N ALA C 2956 -23.17 122.72 -50.77
CA ALA C 2956 -23.44 122.43 -52.18
C ALA C 2956 -23.24 123.67 -53.04
N PHE C 2957 -23.71 124.83 -52.57
CA PHE C 2957 -23.46 126.08 -53.27
C PHE C 2957 -21.98 126.42 -53.31
N GLY C 2958 -21.24 126.12 -52.22
CA GLY C 2958 -19.80 126.31 -52.24
C GLY C 2958 -19.10 125.48 -53.30
N PHE C 2959 -19.52 124.22 -53.45
CA PHE C 2959 -19.01 123.40 -54.55
C PHE C 2959 -19.39 123.97 -55.91
N LEU C 2960 -20.64 124.46 -56.03
CA LEU C 2960 -21.10 124.98 -57.31
C LEU C 2960 -20.36 126.26 -57.68
N GLN C 2961 -20.15 127.17 -56.71
CA GLN C 2961 -19.46 128.42 -57.03
C GLN C 2961 -18.00 128.14 -57.39
N GLN C 2962 -17.41 127.06 -56.83
CA GLN C 2962 -16.08 126.67 -57.30
C GLN C 2962 -16.15 126.16 -58.73
N LEU C 2963 -17.29 125.54 -59.08
CA LEU C 2963 -17.45 125.01 -60.44
C LEU C 2963 -17.51 126.14 -61.44
N LEU C 2964 -18.34 127.17 -61.19
CA LEU C 2964 -18.42 128.29 -62.14
C LEU C 2964 -17.12 129.10 -62.20
N ARG C 2965 -16.50 129.38 -61.03
CA ARG C 2965 -15.28 130.19 -61.02
C ARG C 2965 -14.13 129.48 -61.74
N TRP C 2966 -14.15 128.15 -61.79
CA TRP C 2966 -13.17 127.45 -62.60
C TRP C 2966 -13.74 127.06 -63.96
N MET C 2967 -15.03 127.28 -64.16
CA MET C 2967 -15.61 127.09 -65.47
C MET C 2967 -15.19 128.19 -66.42
N ASP C 2968 -15.12 129.44 -65.93
CA ASP C 2968 -14.58 130.49 -66.81
C ASP C 2968 -13.15 130.18 -67.27
N ILE C 2969 -12.39 129.45 -66.43
CA ILE C 2969 -11.11 128.88 -66.86
C ILE C 2969 -11.34 127.79 -67.91
N SER C 2970 -12.39 126.97 -67.73
CA SER C 2970 -12.61 125.83 -68.62
C SER C 2970 -12.91 126.31 -70.03
N GLN C 2971 -13.87 127.24 -70.18
CA GLN C 2971 -14.05 127.86 -71.49
C GLN C 2971 -12.93 128.82 -71.88
N GLU C 2972 -11.94 129.07 -71.02
CA GLU C 2972 -10.81 129.87 -71.43
C GLU C 2972 -9.82 129.02 -72.23
N PHE C 2973 -9.32 127.93 -71.63
CA PHE C 2973 -8.25 127.17 -72.29
C PHE C 2973 -8.72 126.33 -73.48
N ILE C 2974 -10.03 126.09 -73.65
CA ILE C 2974 -10.50 125.39 -74.85
C ILE C 2974 -10.20 126.18 -76.12
N ALA C 2975 -10.35 127.52 -76.08
CA ALA C 2975 -9.95 128.35 -77.22
C ALA C 2975 -8.46 128.22 -77.51
N HIS C 2976 -7.63 128.10 -76.47
CA HIS C 2976 -6.21 127.82 -76.64
C HIS C 2976 -5.98 126.46 -77.31
N LEU C 2977 -6.72 125.43 -76.89
CA LEU C 2977 -6.62 124.12 -77.52
C LEU C 2977 -7.09 124.12 -78.98
N GLU C 2978 -8.18 124.83 -79.28
CA GLU C 2978 -8.61 124.98 -80.67
C GLU C 2978 -7.57 125.74 -81.49
N ALA C 2979 -6.91 126.73 -80.86
CA ALA C 2979 -5.88 127.49 -81.54
C ALA C 2979 -4.68 126.61 -81.87
N VAL C 2980 -4.29 125.72 -80.95
CA VAL C 2980 -3.11 124.90 -81.20
C VAL C 2980 -3.42 123.67 -82.04
N VAL C 2981 -4.69 123.28 -82.18
CA VAL C 2981 -5.00 122.13 -83.04
C VAL C 2981 -5.32 122.60 -84.45
N SER C 2982 -5.86 123.82 -84.62
CA SER C 2982 -6.15 124.33 -85.95
C SER C 2982 -4.87 124.62 -86.73
N SER C 2983 -3.87 125.21 -86.08
CA SER C 2983 -2.60 125.54 -86.72
C SER C 2983 -1.57 125.78 -85.62
N GLY C 2984 -0.31 125.92 -86.03
CA GLY C 2984 0.75 126.22 -85.08
C GLY C 2984 1.02 125.12 -84.07
N ARG C 2985 1.57 124.00 -84.54
CA ARG C 2985 1.83 122.82 -83.72
C ARG C 2985 2.75 123.11 -82.53
N VAL C 2986 2.18 123.02 -81.33
CA VAL C 2986 2.94 123.23 -80.09
C VAL C 2986 2.23 122.45 -78.99
N GLU C 2987 3.00 121.79 -78.14
CA GLU C 2987 2.49 120.94 -77.08
C GLU C 2987 3.06 121.32 -75.72
N LYS C 2988 3.46 122.58 -75.55
CA LYS C 2988 3.89 123.06 -74.24
C LYS C 2988 2.75 122.99 -73.23
N SER C 2989 1.56 123.46 -73.63
CA SER C 2989 0.28 123.38 -72.92
C SER C 2989 0.38 123.90 -71.48
N PRO C 2990 0.45 125.22 -71.28
CA PRO C 2990 0.56 125.76 -69.91
C PRO C 2990 -0.67 125.52 -69.03
N HIS C 2991 -1.81 125.16 -69.61
CA HIS C 2991 -3.01 124.84 -68.85
C HIS C 2991 -3.25 123.33 -68.72
N GLU C 2992 -2.24 122.51 -69.06
CA GLU C 2992 -2.41 121.06 -69.00
C GLU C 2992 -2.66 120.57 -67.58
N GLN C 2993 -1.96 121.16 -66.60
CA GLN C 2993 -2.20 120.81 -65.20
C GLN C 2993 -3.64 121.08 -64.79
N GLU C 2994 -4.21 122.18 -65.31
CA GLU C 2994 -5.63 122.46 -65.12
C GLU C 2994 -6.49 121.37 -65.77
N ILE C 2995 -6.19 121.03 -67.03
CA ILE C 2995 -7.01 120.07 -67.79
C ILE C 2995 -7.03 118.72 -67.09
N LYS C 2996 -5.85 118.30 -66.61
CA LYS C 2996 -5.73 117.07 -65.83
C LYS C 2996 -6.52 117.17 -64.52
N PHE C 2997 -6.58 118.37 -63.92
CA PHE C 2997 -7.28 118.47 -62.65
C PHE C 2997 -8.78 118.45 -62.84
N PHE C 2998 -9.30 119.14 -63.87
CA PHE C 2998 -10.73 119.07 -64.16
C PHE C 2998 -11.15 117.66 -64.55
N ALA C 2999 -10.38 117.03 -65.44
CA ALA C 2999 -10.77 115.75 -66.03
C ALA C 2999 -10.64 114.61 -65.05
N LYS C 3000 -9.69 114.69 -64.12
CA LYS C 3000 -9.42 113.56 -63.25
C LYS C 3000 -10.00 113.78 -61.86
N ILE C 3001 -10.43 115.00 -61.53
CA ILE C 3001 -10.91 115.31 -60.19
C ILE C 3001 -12.33 115.82 -60.19
N LEU C 3002 -12.60 116.90 -60.95
CA LEU C 3002 -13.92 117.55 -60.88
C LEU C 3002 -15.02 116.66 -61.46
N LEU C 3003 -14.80 116.09 -62.65
CA LEU C 3003 -15.82 115.23 -63.26
C LEU C 3003 -16.14 113.98 -62.42
N PRO C 3004 -15.17 113.20 -61.88
CA PRO C 3004 -15.56 112.13 -60.94
C PRO C 3004 -16.29 112.64 -59.70
N LEU C 3005 -15.88 113.81 -59.20
CA LEU C 3005 -16.58 114.46 -58.09
C LEU C 3005 -17.99 114.86 -58.48
N ILE C 3006 -18.17 115.40 -59.67
CA ILE C 3006 -19.51 115.75 -60.16
C ILE C 3006 -20.36 114.50 -60.29
N ASN C 3007 -19.76 113.42 -60.82
CA ASN C 3007 -20.47 112.16 -61.02
C ASN C 3007 -20.97 111.60 -59.68
N GLN C 3008 -20.09 111.53 -58.68
CA GLN C 3008 -20.49 110.92 -57.42
C GLN C 3008 -21.40 111.83 -56.61
N TYR C 3009 -21.07 113.13 -56.53
CA TYR C 3009 -21.85 114.04 -55.70
C TYR C 3009 -23.25 114.21 -56.27
N PHE C 3010 -23.35 114.48 -57.57
CA PHE C 3010 -24.64 114.71 -58.18
C PHE C 3010 -25.48 113.44 -58.23
N THR C 3011 -24.84 112.27 -58.42
CA THR C 3011 -25.59 111.02 -58.36
C THR C 3011 -26.14 110.76 -56.96
N ASN C 3012 -25.32 111.01 -55.92
CA ASN C 3012 -25.77 110.78 -54.56
C ASN C 3012 -26.88 111.77 -54.16
N HIS C 3013 -26.71 113.05 -54.48
CA HIS C 3013 -27.66 114.07 -54.09
C HIS C 3013 -28.55 114.53 -55.25
N CYS C 3014 -28.86 113.62 -56.19
CA CYS C 3014 -29.81 113.92 -57.25
C CYS C 3014 -31.20 114.18 -56.69
N LEU C 3015 -31.55 113.51 -55.58
CA LEU C 3015 -32.81 113.77 -54.89
C LEU C 3015 -32.83 115.18 -54.31
N TYR C 3016 -31.69 115.67 -53.82
CA TYR C 3016 -31.64 117.00 -53.20
C TYR C 3016 -31.81 118.10 -54.25
N PHE C 3017 -31.09 117.99 -55.37
CA PHE C 3017 -31.16 119.03 -56.40
C PHE C 3017 -32.54 119.12 -57.04
N LEU C 3018 -33.30 118.03 -57.03
CA LEU C 3018 -34.68 118.05 -57.49
C LEU C 3018 -35.68 118.26 -56.37
N SER C 3019 -35.20 118.43 -55.13
CA SER C 3019 -36.09 118.64 -54.00
C SER C 3019 -36.51 120.10 -53.95
N THR C 3020 -37.80 120.35 -53.95
CA THR C 3020 -38.40 121.68 -53.95
C THR C 3020 -39.38 121.77 -52.79
N PRO C 3021 -39.60 122.96 -52.24
CA PRO C 3021 -40.57 123.11 -51.15
C PRO C 3021 -42.00 122.68 -51.52
N ALA C 3022 -42.39 122.81 -52.78
CA ALA C 3022 -43.71 122.36 -53.22
C ALA C 3022 -43.86 120.86 -53.07
N LYS C 3023 -42.86 120.10 -53.54
CA LYS C 3023 -42.89 118.64 -53.48
C LYS C 3023 -41.52 118.17 -53.00
N VAL C 3024 -41.44 117.74 -51.74
CA VAL C 3024 -40.19 117.20 -51.20
C VAL C 3024 -40.11 115.73 -51.57
N LEU C 3025 -39.06 115.38 -52.32
CA LEU C 3025 -38.92 114.03 -52.85
C LEU C 3025 -38.26 113.08 -51.85
N GLY C 3026 -37.14 113.50 -51.25
CA GLY C 3026 -36.38 112.65 -50.36
C GLY C 3026 -36.81 112.80 -48.92
N SER C 3027 -35.96 112.27 -48.02
CA SER C 3027 -36.23 112.34 -46.59
C SER C 3027 -36.23 113.79 -46.10
N GLY C 3028 -35.29 114.58 -46.57
CA GLY C 3028 -35.22 115.97 -46.15
C GLY C 3028 -34.25 116.74 -47.02
N GLY C 3029 -34.20 118.05 -46.77
CA GLY C 3029 -33.32 118.92 -47.52
C GLY C 3029 -33.88 119.31 -48.88
N HIS C 3030 -33.72 120.57 -49.25
CA HIS C 3030 -34.21 121.05 -50.54
C HIS C 3030 -33.16 121.98 -51.14
N ALA C 3031 -32.92 121.84 -52.44
CA ALA C 3031 -31.99 122.72 -53.13
C ALA C 3031 -32.55 124.14 -53.19
N SER C 3032 -31.67 125.11 -52.96
CA SER C 3032 -32.08 126.50 -52.97
C SER C 3032 -32.41 126.95 -54.39
N ASN C 3033 -33.10 128.09 -54.47
CA ASN C 3033 -33.48 128.67 -55.75
C ASN C 3033 -32.27 129.03 -56.58
N LYS C 3034 -31.22 129.59 -55.94
CA LYS C 3034 -30.00 129.96 -56.65
C LYS C 3034 -29.30 128.72 -57.20
N GLU C 3035 -29.23 127.65 -56.38
CA GLU C 3035 -28.55 126.43 -56.80
C GLU C 3035 -29.26 125.82 -57.99
N LYS C 3036 -30.60 125.78 -57.95
CA LYS C 3036 -31.38 125.24 -59.05
C LYS C 3036 -31.24 126.09 -60.32
N GLU C 3037 -31.21 127.41 -60.18
CA GLU C 3037 -31.10 128.26 -61.36
C GLU C 3037 -29.66 128.45 -61.83
N MET C 3038 -28.69 127.87 -61.13
CA MET C 3038 -27.29 127.99 -61.52
C MET C 3038 -26.66 126.66 -61.94
N ILE C 3039 -27.28 125.54 -61.54
CA ILE C 3039 -26.92 124.24 -62.13
C ILE C 3039 -27.24 124.20 -63.62
N THR C 3040 -28.33 124.86 -64.05
CA THR C 3040 -28.68 124.87 -65.47
C THR C 3040 -27.65 125.67 -66.27
N SER C 3041 -27.17 126.77 -65.69
CA SER C 3041 -26.12 127.56 -66.32
C SER C 3041 -24.84 126.74 -66.49
N LEU C 3042 -24.50 125.95 -65.45
CA LEU C 3042 -23.38 125.02 -65.60
C LEU C 3042 -23.66 123.96 -66.66
N PHE C 3043 -24.92 123.50 -66.71
CA PHE C 3043 -25.32 122.41 -67.61
C PHE C 3043 -25.08 122.84 -69.05
N CYS C 3044 -25.52 124.05 -69.39
CA CYS C 3044 -25.36 124.52 -70.76
C CYS C 3044 -23.91 124.91 -71.02
N LYS C 3045 -23.17 125.31 -69.98
CA LYS C 3045 -21.77 125.68 -70.20
C LYS C 3045 -20.92 124.47 -70.56
N LEU C 3046 -21.21 123.30 -69.97
CA LEU C 3046 -20.38 122.13 -70.23
C LEU C 3046 -20.55 121.64 -71.67
N ALA C 3047 -21.78 121.70 -72.18
CA ALA C 3047 -21.99 121.28 -73.55
C ALA C 3047 -21.48 122.33 -74.54
N ALA C 3048 -21.67 123.63 -74.27
CA ALA C 3048 -21.02 124.63 -75.10
C ALA C 3048 -19.49 124.57 -74.98
N LEU C 3049 -18.98 124.09 -73.85
CA LEU C 3049 -17.56 123.80 -73.67
C LEU C 3049 -17.08 122.74 -74.65
N VAL C 3050 -17.92 121.75 -74.96
CA VAL C 3050 -17.43 120.66 -75.78
C VAL C 3050 -18.13 120.58 -77.13
N ARG C 3051 -18.89 121.61 -77.51
CA ARG C 3051 -19.61 121.64 -78.79
C ARG C 3051 -18.66 121.64 -79.99
N HIS C 3052 -18.69 120.56 -80.79
CA HIS C 3052 -17.81 120.20 -81.91
C HIS C 3052 -16.39 119.84 -81.46
N ARG C 3053 -16.11 119.84 -80.16
CA ARG C 3053 -14.78 119.59 -79.62
C ARG C 3053 -14.71 118.25 -78.90
N VAL C 3054 -15.53 117.29 -79.32
CA VAL C 3054 -15.56 115.98 -78.66
C VAL C 3054 -14.24 115.23 -78.88
N SER C 3055 -13.58 115.41 -80.02
CA SER C 3055 -12.35 114.69 -80.29
C SER C 3055 -11.12 115.36 -79.67
N LEU C 3056 -11.29 116.52 -79.02
CA LEU C 3056 -10.17 117.23 -78.43
C LEU C 3056 -9.91 116.83 -76.98
N PHE C 3057 -10.94 116.34 -76.28
CA PHE C 3057 -10.81 115.97 -74.87
C PHE C 3057 -10.34 114.54 -74.66
N GLY C 3058 -10.14 113.78 -75.75
CA GLY C 3058 -9.66 112.42 -75.60
C GLY C 3058 -10.72 111.47 -75.07
N THR C 3059 -10.28 110.60 -74.16
CA THR C 3059 -11.11 109.56 -73.56
C THR C 3059 -11.96 110.06 -72.39
N ASP C 3060 -11.84 111.32 -72.00
CA ASP C 3060 -12.67 111.87 -70.94
C ASP C 3060 -14.03 112.35 -71.43
N ALA C 3061 -14.26 112.32 -72.75
CA ALA C 3061 -15.57 112.69 -73.29
C ALA C 3061 -16.72 111.83 -72.79
N PRO C 3062 -16.65 110.48 -72.72
CA PRO C 3062 -17.78 109.74 -72.11
C PRO C 3062 -18.04 110.14 -70.66
N ALA C 3063 -16.99 110.52 -69.92
CA ALA C 3063 -17.17 111.03 -68.56
C ALA C 3063 -17.95 112.34 -68.60
N VAL C 3064 -17.66 113.18 -69.60
CA VAL C 3064 -18.37 114.45 -69.73
C VAL C 3064 -19.84 114.20 -70.03
N VAL C 3065 -20.13 113.35 -71.02
CA VAL C 3065 -21.53 113.13 -71.41
C VAL C 3065 -22.31 112.46 -70.29
N ASN C 3066 -21.64 111.63 -69.46
CA ASN C 3066 -22.31 111.03 -68.31
C ASN C 3066 -22.65 112.10 -67.27
N CYS C 3067 -21.72 113.04 -67.04
CA CYS C 3067 -22.00 114.11 -66.08
C CYS C 3067 -23.14 114.99 -66.60
N LEU C 3068 -23.18 115.26 -67.91
CA LEU C 3068 -24.27 116.03 -68.50
C LEU C 3068 -25.60 115.32 -68.34
N HIS C 3069 -25.60 113.98 -68.46
CA HIS C 3069 -26.80 113.19 -68.21
C HIS C 3069 -27.29 113.31 -66.77
N ILE C 3070 -26.36 113.27 -65.81
CA ILE C 3070 -26.75 113.42 -64.40
C ILE C 3070 -27.26 114.83 -64.11
N LEU C 3071 -26.64 115.85 -64.70
CA LEU C 3071 -27.14 117.22 -64.56
C LEU C 3071 -28.54 117.37 -65.14
N ALA C 3072 -28.76 116.84 -66.36
CA ALA C 3072 -30.06 116.93 -67.02
C ALA C 3072 -31.12 116.21 -66.22
N ARG C 3073 -30.77 115.05 -65.65
CA ARG C 3073 -31.69 114.35 -64.75
C ARG C 3073 -31.96 115.18 -63.50
N SER C 3074 -30.98 115.99 -63.08
CA SER C 3074 -31.10 116.78 -61.86
C SER C 3074 -31.34 118.26 -62.11
N LEU C 3075 -32.10 118.62 -63.15
CA LEU C 3075 -32.46 120.02 -63.40
C LEU C 3075 -33.91 120.25 -63.01
N ASP C 3076 -34.14 121.22 -62.12
CA ASP C 3076 -35.49 121.69 -61.79
C ASP C 3076 -35.86 122.88 -62.70
N ALA C 3077 -35.84 122.59 -64.00
CA ALA C 3077 -36.04 123.62 -65.03
C ALA C 3077 -37.39 124.31 -64.95
N ARG C 3078 -38.40 123.65 -64.36
CA ARG C 3078 -39.72 124.28 -64.18
C ARG C 3078 -39.59 125.51 -63.28
N THR C 3079 -38.86 125.33 -62.18
CA THR C 3079 -38.67 126.42 -61.23
C THR C 3079 -37.68 127.42 -61.81
N VAL C 3080 -36.72 126.95 -62.61
CA VAL C 3080 -35.72 127.85 -63.19
C VAL C 3080 -36.41 128.84 -64.15
N MET C 3081 -37.26 128.31 -65.03
CA MET C 3081 -38.00 129.16 -65.96
C MET C 3081 -39.02 130.05 -65.25
N LYS C 3082 -39.70 129.53 -64.22
CA LYS C 3082 -40.67 130.35 -63.50
C LYS C 3082 -39.99 131.48 -62.72
N SER C 3083 -38.81 131.21 -62.17
CA SER C 3083 -38.06 132.20 -61.40
C SER C 3083 -36.58 131.92 -61.60
N GLY C 3084 -35.91 132.77 -62.37
CA GLY C 3084 -34.49 132.62 -62.62
C GLY C 3084 -33.88 133.77 -63.38
N PRO C 3085 -32.55 133.80 -63.45
CA PRO C 3085 -31.87 134.86 -64.19
C PRO C 3085 -32.08 134.78 -65.69
N GLU C 3086 -32.06 135.96 -66.31
CA GLU C 3086 -32.23 136.05 -67.74
C GLU C 3086 -31.04 135.44 -68.47
N ILE C 3087 -29.83 135.63 -67.95
CA ILE C 3087 -28.63 135.09 -68.60
C ILE C 3087 -28.67 133.56 -68.66
N VAL C 3088 -29.19 132.93 -67.59
CA VAL C 3088 -29.38 131.48 -67.56
C VAL C 3088 -30.48 131.06 -68.53
N LYS C 3089 -31.60 131.79 -68.53
CA LYS C 3089 -32.69 131.43 -69.44
C LYS C 3089 -32.28 131.63 -70.90
N ALA C 3090 -31.54 132.70 -71.17
CA ALA C 3090 -31.04 132.97 -72.51
C ALA C 3090 -30.06 131.89 -72.95
N GLY C 3091 -29.23 131.42 -72.00
CA GLY C 3091 -28.29 130.37 -72.32
C GLY C 3091 -28.99 129.07 -72.68
N LEU C 3092 -30.06 128.73 -71.95
CA LEU C 3092 -30.75 127.48 -72.26
C LEU C 3092 -31.56 127.61 -73.55
N ARG C 3093 -32.12 128.81 -73.83
CA ARG C 3093 -32.79 129.00 -75.10
C ARG C 3093 -31.82 128.93 -76.27
N SER C 3094 -30.62 129.52 -76.13
CA SER C 3094 -29.59 129.37 -77.15
C SER C 3094 -29.12 127.93 -77.26
N PHE C 3095 -29.16 127.18 -76.15
CA PHE C 3095 -28.89 125.76 -76.18
C PHE C 3095 -29.85 125.01 -77.10
N PHE C 3096 -31.15 125.24 -76.94
CA PHE C 3096 -32.11 124.61 -77.84
C PHE C 3096 -32.01 125.14 -79.27
N GLU C 3097 -31.66 126.41 -79.45
CA GLU C 3097 -31.39 126.94 -80.79
C GLU C 3097 -30.20 126.23 -81.44
N SER C 3098 -29.11 126.06 -80.70
CA SER C 3098 -27.94 125.34 -81.20
C SER C 3098 -28.25 123.88 -81.51
N ALA C 3099 -29.05 123.24 -80.64
CA ALA C 3099 -29.48 121.86 -80.88
C ALA C 3099 -30.33 121.78 -82.15
N SER C 3100 -31.22 122.76 -82.36
CA SER C 3100 -32.04 122.78 -83.57
C SER C 3100 -31.17 122.96 -84.82
N GLU C 3101 -30.15 123.81 -84.74
CA GLU C 3101 -29.21 123.98 -85.86
C GLU C 3101 -28.46 122.68 -86.13
N ASP C 3102 -28.05 121.99 -85.06
CA ASP C 3102 -27.30 120.74 -85.22
C ASP C 3102 -28.15 119.65 -85.85
N ILE C 3103 -29.41 119.49 -85.41
CA ILE C 3103 -30.26 118.45 -85.99
C ILE C 3103 -30.62 118.82 -87.43
N GLU C 3104 -30.81 120.11 -87.73
CA GLU C 3104 -31.00 120.50 -89.13
C GLU C 3104 -29.75 120.23 -89.96
N LYS C 3105 -28.56 120.36 -89.37
CA LYS C 3105 -27.35 119.98 -90.08
C LYS C 3105 -27.27 118.46 -90.26
N MET C 3106 -27.88 117.70 -89.33
CA MET C 3106 -27.94 116.25 -89.46
C MET C 3106 -28.75 115.90 -90.69
N VAL C 3107 -29.93 116.51 -90.81
CA VAL C 3107 -30.87 116.11 -91.86
C VAL C 3107 -30.36 116.54 -93.24
N GLU C 3108 -29.72 117.73 -93.33
CA GLU C 3108 -29.17 118.13 -94.63
C GLU C 3108 -27.95 117.29 -95.01
N ASN C 3109 -27.17 116.84 -94.02
CA ASN C 3109 -26.07 115.93 -94.34
C ASN C 3109 -26.58 114.53 -94.69
N LEU C 3110 -27.61 114.06 -93.99
CA LEU C 3110 -28.23 112.78 -94.26
C LEU C 3110 -29.04 112.77 -95.55
N ARG C 3111 -29.33 113.94 -96.14
CA ARG C 3111 -30.05 114.01 -97.40
C ARG C 3111 -29.11 113.95 -98.60
N LEU C 3112 -27.92 113.33 -98.42
CA LEU C 3112 -26.88 113.18 -99.44
C LEU C 3112 -26.39 114.52 -99.98
N GLY C 3113 -26.42 115.55 -99.13
CA GLY C 3113 -25.85 116.83 -99.52
C GLY C 3113 -24.34 116.77 -99.68
N LYS C 3114 -23.69 115.97 -98.85
CA LYS C 3114 -22.25 115.74 -98.92
C LYS C 3114 -22.02 114.25 -99.12
N VAL C 3115 -20.85 113.91 -99.68
CA VAL C 3115 -20.51 112.52 -99.98
C VAL C 3115 -20.43 111.70 -98.68
N SER C 3116 -19.77 112.26 -97.67
CA SER C 3116 -19.58 111.68 -96.33
C SER C 3116 -18.94 110.28 -96.36
N LYS C 3123 -14.29 115.65 -92.08
CA LYS C 3123 -13.97 117.01 -91.68
C LYS C 3123 -14.78 117.45 -90.46
N GLY C 3124 -14.94 118.77 -90.29
CA GLY C 3124 -15.76 119.27 -89.19
C GLY C 3124 -17.21 118.88 -89.32
N VAL C 3125 -17.69 118.61 -90.54
CA VAL C 3125 -19.04 118.10 -90.73
C VAL C 3125 -19.15 116.73 -90.08
N GLY C 3126 -18.14 115.88 -90.29
CA GLY C 3126 -18.10 114.57 -89.68
C GLY C 3126 -17.99 114.64 -88.17
N GLN C 3127 -17.17 115.56 -87.66
CA GLN C 3127 -17.05 115.75 -86.21
C GLN C 3127 -18.36 116.22 -85.59
N ASN C 3128 -19.07 117.14 -86.23
CA ASN C 3128 -20.40 117.54 -85.75
C ASN C 3128 -21.40 116.41 -85.87
N LEU C 3129 -21.29 115.60 -86.92
CA LEU C 3129 -22.19 114.47 -87.13
C LEU C 3129 -22.04 113.45 -86.01
N THR C 3130 -20.80 113.14 -85.64
CA THR C 3130 -20.62 112.15 -84.60
C THR C 3130 -20.86 112.76 -83.22
N TYR C 3131 -20.57 114.08 -83.07
CA TYR C 3131 -20.64 114.72 -81.78
C TYR C 3131 -22.09 114.86 -81.33
N THR C 3132 -22.97 115.33 -82.21
CA THR C 3132 -24.35 115.51 -81.80
C THR C 3132 -25.00 114.18 -81.47
N THR C 3133 -24.74 113.15 -82.30
CA THR C 3133 -25.37 111.85 -82.16
C THR C 3133 -24.88 111.08 -80.95
N VAL C 3134 -23.72 111.43 -80.37
CA VAL C 3134 -23.25 110.68 -79.21
C VAL C 3134 -23.34 111.53 -77.93
N ALA C 3135 -23.32 112.85 -78.04
CA ALA C 3135 -23.32 113.72 -76.88
C ALA C 3135 -24.63 114.48 -76.71
N LEU C 3136 -25.06 115.25 -77.72
CA LEU C 3136 -26.26 116.05 -77.54
C LEU C 3136 -27.53 115.20 -77.48
N LEU C 3137 -27.68 114.26 -78.43
CA LEU C 3137 -28.90 113.47 -78.52
C LEU C 3137 -29.20 112.63 -77.28
N PRO C 3138 -28.28 111.80 -76.73
CA PRO C 3138 -28.63 111.09 -75.48
C PRO C 3138 -28.89 112.02 -74.30
N VAL C 3139 -28.19 113.16 -74.22
CA VAL C 3139 -28.38 114.10 -73.12
C VAL C 3139 -29.75 114.78 -73.21
N LEU C 3140 -30.11 115.27 -74.41
CA LEU C 3140 -31.43 115.88 -74.59
C LEU C 3140 -32.54 114.84 -74.43
N THR C 3141 -32.29 113.60 -74.86
CA THR C 3141 -33.21 112.50 -74.62
C THR C 3141 -33.43 112.26 -73.12
N THR C 3142 -32.34 112.26 -72.34
CA THR C 3142 -32.43 112.11 -70.89
C THR C 3142 -33.16 113.30 -70.24
N LEU C 3143 -32.89 114.50 -70.73
CA LEU C 3143 -33.55 115.70 -70.22
C LEU C 3143 -35.04 115.70 -70.54
N PHE C 3144 -35.40 115.37 -71.77
CA PHE C 3144 -36.81 115.28 -72.15
C PHE C 3144 -37.53 114.12 -71.50
N GLN C 3145 -36.80 113.07 -71.09
CA GLN C 3145 -37.36 112.10 -70.15
C GLN C 3145 -37.66 112.76 -68.81
N HIS C 3146 -36.66 113.47 -68.26
CA HIS C 3146 -36.84 114.17 -66.99
C HIS C 3146 -37.98 115.18 -67.07
N ILE C 3147 -38.20 115.78 -68.23
CA ILE C 3147 -39.36 116.63 -68.43
C ILE C 3147 -40.63 115.77 -68.44
N ALA C 3148 -40.53 114.57 -69.01
CA ALA C 3148 -41.70 113.72 -69.25
C ALA C 3148 -42.37 113.30 -67.95
N GLN C 3149 -41.66 112.52 -67.10
CA GLN C 3149 -42.32 112.09 -65.87
C GLN C 3149 -42.58 113.22 -64.86
N HIS C 3150 -41.84 114.32 -64.93
CA HIS C 3150 -42.07 115.45 -64.03
C HIS C 3150 -43.09 116.45 -64.57
N GLN C 3151 -43.52 116.28 -65.82
CA GLN C 3151 -44.45 117.14 -66.55
C GLN C 3151 -43.97 118.61 -66.50
N PHE C 3152 -42.76 118.79 -67.03
CA PHE C 3152 -42.10 120.09 -67.09
C PHE C 3152 -42.36 120.82 -68.40
N GLY C 3153 -43.15 120.23 -69.30
CA GLY C 3153 -43.37 120.82 -70.62
C GLY C 3153 -44.07 122.17 -70.57
N ASP C 3154 -45.06 122.30 -69.69
CA ASP C 3154 -45.88 123.51 -69.61
C ASP C 3154 -45.06 124.73 -69.21
N ASP C 3155 -44.14 124.58 -68.26
CA ASP C 3155 -43.41 125.71 -67.71
C ASP C 3155 -42.05 125.96 -68.36
N VAL C 3156 -41.51 125.00 -69.08
CA VAL C 3156 -40.22 125.14 -69.76
C VAL C 3156 -40.40 125.32 -71.26
N ILE C 3157 -41.20 124.47 -71.89
CA ILE C 3157 -41.46 124.57 -73.33
C ILE C 3157 -42.68 125.48 -73.47
N LEU C 3158 -42.44 126.79 -73.41
CA LEU C 3158 -43.52 127.76 -73.43
C LEU C 3158 -43.43 128.77 -74.57
N ASP C 3159 -42.26 129.39 -74.81
CA ASP C 3159 -42.17 130.52 -75.71
C ASP C 3159 -41.37 130.25 -76.98
N ASP C 3160 -40.10 129.88 -76.87
CA ASP C 3160 -39.25 129.59 -78.02
C ASP C 3160 -38.72 128.18 -78.02
N VAL C 3161 -38.76 127.49 -76.89
CA VAL C 3161 -38.44 126.07 -76.83
C VAL C 3161 -39.46 125.28 -77.66
N GLN C 3162 -40.67 125.81 -77.77
CA GLN C 3162 -41.71 125.22 -78.61
C GLN C 3162 -41.30 125.20 -80.07
N VAL C 3163 -40.85 126.35 -80.58
CA VAL C 3163 -40.36 126.45 -81.96
C VAL C 3163 -39.08 125.64 -82.15
N SER C 3164 -38.20 125.62 -81.14
CA SER C 3164 -36.98 124.81 -81.22
C SER C 3164 -37.30 123.31 -81.35
N CYS C 3165 -38.26 122.84 -80.55
CA CYS C 3165 -38.74 121.47 -80.64
C CYS C 3165 -39.45 121.22 -81.97
N TYR C 3166 -40.22 122.20 -82.46
CA TYR C 3166 -40.88 122.03 -83.76
C TYR C 3166 -39.86 121.89 -84.88
N ARG C 3167 -38.81 122.72 -84.88
CA ARG C 3167 -37.75 122.64 -85.87
C ARG C 3167 -37.03 121.30 -85.83
N THR C 3168 -36.79 120.80 -84.61
CA THR C 3168 -36.28 119.44 -84.43
C THR C 3168 -37.26 118.39 -84.96
N LEU C 3169 -38.56 118.56 -84.67
CA LEU C 3169 -39.59 117.61 -85.11
C LEU C 3169 -39.68 117.55 -86.62
N CYS C 3170 -39.71 118.71 -87.28
CA CYS C 3170 -39.79 118.78 -88.73
C CYS C 3170 -38.57 118.14 -89.37
N SER C 3171 -37.40 118.39 -88.77
CA SER C 3171 -36.17 117.83 -89.33
C SER C 3171 -36.15 116.32 -89.17
N ILE C 3172 -36.45 115.82 -87.97
CA ILE C 3172 -36.31 114.39 -87.70
C ILE C 3172 -37.34 113.61 -88.53
N TYR C 3173 -38.54 114.17 -88.71
CA TYR C 3173 -39.56 113.47 -89.46
C TYR C 3173 -39.30 113.55 -90.96
N SER C 3174 -38.47 114.51 -91.40
CA SER C 3174 -38.18 114.65 -92.82
C SER C 3174 -37.36 113.49 -93.39
N LEU C 3175 -36.81 112.62 -92.54
CA LEU C 3175 -36.00 111.47 -92.92
C LEU C 3175 -36.82 110.26 -93.35
N GLY C 3176 -38.13 110.42 -93.55
CA GLY C 3176 -38.96 109.28 -93.91
C GLY C 3176 -38.64 108.67 -95.26
N THR C 3177 -38.43 109.50 -96.27
CA THR C 3177 -38.18 109.02 -97.63
C THR C 3177 -36.69 109.04 -97.99
N THR C 3178 -35.81 108.78 -97.03
CA THR C 3178 -34.37 108.75 -97.27
C THR C 3178 -33.83 107.34 -97.05
N LYS C 3179 -33.13 106.82 -98.04
CA LYS C 3179 -32.58 105.46 -98.03
C LYS C 3179 -31.05 105.52 -98.05
N ASN C 3180 -30.45 105.60 -96.86
CA ASN C 3180 -29.00 105.60 -96.72
C ASN C 3180 -28.60 104.78 -95.50
N THR C 3181 -27.39 104.22 -95.55
CA THR C 3181 -26.90 103.44 -94.42
C THR C 3181 -26.63 104.32 -93.20
N TYR C 3182 -26.33 105.62 -93.42
CA TYR C 3182 -26.22 106.53 -92.29
C TYR C 3182 -27.56 106.72 -91.61
N VAL C 3183 -28.64 106.69 -92.41
CA VAL C 3183 -29.98 106.74 -91.84
C VAL C 3183 -30.25 105.45 -91.10
N GLU C 3184 -29.77 104.32 -91.63
CA GLU C 3184 -29.98 103.02 -91.00
C GLU C 3184 -29.33 102.97 -89.62
N LYS C 3185 -28.09 103.45 -89.52
CA LYS C 3185 -27.41 103.50 -88.22
C LYS C 3185 -27.94 104.61 -87.31
N LEU C 3186 -28.74 105.54 -87.84
CA LEU C 3186 -29.34 106.58 -87.00
C LEU C 3186 -30.82 106.36 -86.70
N ARG C 3187 -31.44 105.32 -87.26
CA ARG C 3187 -32.85 105.04 -87.00
C ARG C 3187 -33.19 104.74 -85.54
N PRO C 3188 -32.46 103.86 -84.76
CA PRO C 3188 -32.88 103.63 -83.37
C PRO C 3188 -32.70 104.83 -82.46
N ALA C 3189 -31.52 105.47 -82.50
CA ALA C 3189 -31.22 106.59 -81.61
C ALA C 3189 -32.16 107.77 -81.85
N LEU C 3190 -32.41 108.10 -83.12
CA LEU C 3190 -33.35 109.17 -83.42
C LEU C 3190 -34.78 108.74 -83.12
N GLY C 3191 -35.11 107.47 -83.33
CA GLY C 3191 -36.45 107.00 -83.05
C GLY C 3191 -36.81 107.08 -81.58
N GLU C 3192 -35.89 106.61 -80.72
CA GLU C 3192 -36.09 106.75 -79.28
C GLU C 3192 -36.01 108.20 -78.85
N CYS C 3193 -35.27 109.03 -79.59
CA CYS C 3193 -35.22 110.46 -79.30
C CYS C 3193 -36.59 111.11 -79.53
N LEU C 3194 -37.24 110.77 -80.66
CA LEU C 3194 -38.48 111.41 -81.07
C LEU C 3194 -39.59 111.17 -80.05
N ALA C 3195 -39.68 109.95 -79.52
CA ALA C 3195 -40.68 109.63 -78.51
C ALA C 3195 -40.50 110.49 -77.28
N ARG C 3196 -39.25 110.69 -76.84
CA ARG C 3196 -39.01 111.53 -75.68
C ARG C 3196 -39.31 112.99 -75.98
N LEU C 3197 -39.13 113.42 -77.24
CA LEU C 3197 -39.57 114.77 -77.63
C LEU C 3197 -41.09 114.88 -77.49
N ALA C 3198 -41.81 113.86 -77.95
CA ALA C 3198 -43.27 113.88 -77.89
C ALA C 3198 -43.75 113.89 -76.45
N ALA C 3199 -43.10 113.09 -75.59
CA ALA C 3199 -43.44 113.04 -74.17
C ALA C 3199 -43.18 114.36 -73.48
N ALA C 3200 -42.07 115.02 -73.81
CA ALA C 3200 -41.75 116.30 -73.19
C ALA C 3200 -42.60 117.44 -73.73
N MET C 3201 -42.93 117.40 -75.01
CA MET C 3201 -43.62 118.49 -75.69
C MET C 3201 -45.08 118.60 -75.23
N PRO C 3202 -45.52 119.75 -74.73
CA PRO C 3202 -46.85 119.86 -74.12
C PRO C 3202 -48.00 120.20 -75.06
N VAL C 3203 -47.74 120.57 -76.31
CA VAL C 3203 -48.80 120.98 -77.22
C VAL C 3203 -49.20 119.81 -78.11
N ALA C 3204 -50.44 119.85 -78.59
CA ALA C 3204 -50.95 118.81 -79.48
C ALA C 3204 -50.45 119.10 -80.89
N PHE C 3205 -49.34 118.48 -81.26
CA PHE C 3205 -48.75 118.66 -82.58
C PHE C 3205 -49.39 117.78 -83.64
N LEU C 3206 -49.98 116.66 -83.24
CA LEU C 3206 -50.71 115.82 -84.19
C LEU C 3206 -52.18 116.17 -84.24
N GLU C 3207 -52.62 117.17 -83.46
CA GLU C 3207 -54.01 117.61 -83.45
C GLU C 3207 -54.06 119.13 -83.67
N PRO C 3208 -53.75 119.59 -84.90
CA PRO C 3208 -53.81 121.03 -85.16
C PRO C 3208 -55.20 121.61 -85.02
N GLN C 3209 -56.25 120.82 -85.33
CA GLN C 3209 -57.61 121.29 -85.20
C GLN C 3209 -58.03 121.45 -83.75
N LEU C 3210 -57.27 120.93 -82.80
CA LEU C 3210 -57.55 121.07 -81.38
C LEU C 3210 -56.42 121.78 -80.64
N ASN C 3211 -55.43 122.30 -81.37
CA ASN C 3211 -54.30 122.98 -80.73
C ASN C 3211 -54.70 124.29 -80.06
N GLU C 3212 -55.76 124.94 -80.57
CA GLU C 3212 -56.25 126.20 -80.01
C GLU C 3212 -56.89 126.05 -78.64
N TYR C 3213 -57.17 124.83 -78.20
CA TYR C 3213 -57.76 124.55 -76.90
C TYR C 3213 -56.72 124.34 -75.81
N ASN C 3214 -55.44 124.47 -76.13
CA ASN C 3214 -54.35 124.28 -75.16
C ASN C 3214 -53.84 125.65 -74.73
N ALA C 3215 -53.87 125.90 -73.43
CA ALA C 3215 -53.42 127.18 -72.90
C ALA C 3215 -51.90 127.27 -72.76
N CYS C 3216 -51.20 126.15 -72.83
CA CYS C 3216 -49.73 126.15 -72.79
C CYS C 3216 -49.14 126.13 -74.20
N SER C 3217 -49.56 127.08 -75.03
CA SER C 3217 -49.14 127.13 -76.42
C SER C 3217 -48.92 128.57 -76.85
N VAL C 3218 -47.99 128.75 -77.79
CA VAL C 3218 -47.74 130.08 -78.37
C VAL C 3218 -48.94 130.54 -79.19
N TYR C 3219 -49.64 129.61 -79.86
CA TYR C 3219 -50.78 129.94 -80.70
C TYR C 3219 -51.97 130.49 -79.93
N THR C 3220 -51.99 130.33 -78.62
CA THR C 3220 -53.04 130.86 -77.75
C THR C 3220 -52.54 131.97 -76.84
N THR C 3221 -51.36 131.79 -76.24
CA THR C 3221 -50.82 132.83 -75.35
C THR C 3221 -50.36 134.05 -76.14
N LYS C 3222 -49.68 133.85 -77.26
CA LYS C 3222 -49.13 134.95 -78.04
C LYS C 3222 -50.22 135.54 -78.93
N SER C 3223 -50.48 136.83 -78.74
CA SER C 3223 -51.45 137.56 -79.53
C SER C 3223 -50.94 137.70 -80.97
N PRO C 3224 -51.84 137.86 -81.96
CA PRO C 3224 -51.39 137.94 -83.36
C PRO C 3224 -50.45 139.11 -83.70
N ARG C 3225 -50.29 140.13 -82.85
CA ARG C 3225 -49.38 141.21 -83.20
C ARG C 3225 -47.92 140.84 -82.98
N GLU C 3226 -47.62 139.75 -82.27
CA GLU C 3226 -46.33 139.09 -82.35
C GLU C 3226 -46.49 137.89 -83.28
N ARG C 3227 -45.48 137.00 -83.29
CA ARG C 3227 -45.40 135.76 -84.09
C ARG C 3227 -45.18 136.02 -85.58
N ALA C 3228 -45.25 137.28 -86.01
CA ALA C 3228 -44.89 137.67 -87.36
C ALA C 3228 -43.64 138.53 -87.41
N ILE C 3229 -43.31 139.22 -86.32
CA ILE C 3229 -42.03 139.93 -86.22
C ILE C 3229 -40.87 138.94 -86.27
N LEU C 3230 -40.99 137.81 -85.59
CA LEU C 3230 -40.02 136.72 -85.67
C LEU C 3230 -40.54 135.63 -86.59
N GLY C 3231 -39.59 134.86 -87.14
CA GLY C 3231 -39.87 133.85 -88.15
C GLY C 3231 -40.84 132.77 -87.70
N LEU C 3232 -42.05 132.80 -88.26
CA LEU C 3232 -43.10 131.82 -88.02
C LEU C 3232 -44.17 131.95 -89.09
N PRO C 3233 -44.60 130.85 -89.72
CA PRO C 3233 -45.64 130.93 -90.75
C PRO C 3233 -47.03 131.35 -90.26
N ASN C 3234 -47.21 131.57 -88.95
CA ASN C 3234 -48.42 132.03 -88.26
C ASN C 3234 -49.59 131.04 -88.35
N SER C 3235 -49.36 129.83 -88.88
CA SER C 3235 -50.37 128.80 -88.95
C SER C 3235 -49.76 127.49 -88.45
N VAL C 3236 -50.58 126.71 -87.74
CA VAL C 3236 -50.06 125.52 -87.06
C VAL C 3236 -49.68 124.43 -88.05
N GLU C 3237 -50.42 124.29 -89.15
CA GLU C 3237 -50.16 123.17 -90.05
C GLU C 3237 -49.02 123.43 -91.04
N GLU C 3238 -48.48 124.65 -91.08
CA GLU C 3238 -47.48 125.02 -92.06
C GLU C 3238 -46.07 125.07 -91.51
N MET C 3239 -45.86 124.74 -90.25
CA MET C 3239 -44.51 124.76 -89.71
C MET C 3239 -43.78 123.46 -90.01
N CYS C 3240 -44.40 122.31 -89.69
CA CYS C 3240 -43.90 121.00 -90.09
C CYS C 3240 -44.72 120.49 -91.27
N PRO C 3241 -44.30 120.76 -92.51
CA PRO C 3241 -45.11 120.37 -93.68
C PRO C 3241 -45.16 118.87 -93.91
N ASP C 3242 -44.16 118.12 -93.44
CA ASP C 3242 -44.12 116.67 -93.64
C ASP C 3242 -44.94 115.91 -92.61
N ILE C 3243 -45.37 116.54 -91.52
CA ILE C 3243 -46.11 115.85 -90.46
C ILE C 3243 -47.58 115.72 -90.84
N PRO C 3244 -48.12 114.51 -90.96
CA PRO C 3244 -49.55 114.35 -91.20
C PRO C 3244 -50.32 114.49 -89.90
N VAL C 3245 -51.64 114.56 -90.03
CA VAL C 3245 -52.51 114.62 -88.86
C VAL C 3245 -52.54 113.25 -88.18
N LEU C 3246 -53.10 113.22 -86.97
CA LEU C 3246 -53.16 112.00 -86.17
C LEU C 3246 -53.99 110.92 -86.88
N ASP C 3247 -55.14 111.33 -87.43
CA ASP C 3247 -56.04 110.39 -88.09
C ASP C 3247 -55.36 109.77 -89.30
N ARG C 3248 -54.63 110.59 -90.08
CA ARG C 3248 -53.89 110.07 -91.22
C ARG C 3248 -52.80 109.11 -90.76
N LEU C 3249 -52.24 109.38 -89.58
CA LEU C 3249 -51.14 108.55 -89.07
C LEU C 3249 -51.65 107.15 -88.76
N MET C 3250 -52.77 107.05 -88.04
CA MET C 3250 -53.33 105.72 -87.80
C MET C 3250 -53.87 105.10 -89.08
N ALA C 3251 -54.37 105.91 -90.03
CA ALA C 3251 -54.85 105.37 -91.30
C ALA C 3251 -53.71 104.72 -92.08
N ASP C 3252 -52.55 105.36 -92.07
CA ASP C 3252 -51.36 104.85 -92.76
C ASP C 3252 -50.86 103.56 -92.13
N ILE C 3253 -50.69 103.56 -90.80
CA ILE C 3253 -50.15 102.36 -90.16
C ILE C 3253 -51.16 101.21 -90.21
N GLY C 3254 -52.46 101.52 -90.04
CA GLY C 3254 -53.48 100.49 -90.09
C GLY C 3254 -53.60 99.86 -91.45
N GLY C 3255 -53.61 100.68 -92.50
CA GLY C 3255 -53.72 100.14 -93.85
C GLY C 3255 -52.47 99.37 -94.26
N LEU C 3256 -51.28 99.86 -93.88
CA LEU C 3256 -50.09 99.17 -94.31
C LEU C 3256 -49.81 97.91 -93.47
N ALA C 3257 -50.35 97.83 -92.26
CA ALA C 3257 -50.12 96.66 -91.41
C ALA C 3257 -50.90 95.45 -91.88
N GLU C 3258 -52.16 95.63 -92.27
CA GLU C 3258 -53.02 94.51 -92.69
C GLU C 3258 -52.54 93.86 -93.99
N SER C 3259 -51.78 94.57 -94.80
CA SER C 3259 -51.22 94.03 -96.04
C SER C 3259 -50.08 93.05 -95.80
N GLY C 3260 -49.62 92.91 -94.56
CA GLY C 3260 -48.51 92.03 -94.26
C GLY C 3260 -47.16 92.61 -94.63
N ALA C 3261 -47.05 93.94 -94.62
CA ALA C 3261 -45.79 94.59 -94.97
C ALA C 3261 -44.73 94.32 -93.91
N ARG C 3262 -43.51 94.05 -94.37
CA ARG C 3262 -42.38 93.77 -93.50
C ARG C 3262 -41.75 95.05 -92.97
N TYR C 3263 -40.79 94.87 -92.07
CA TYR C 3263 -40.03 96.00 -91.54
C TYR C 3263 -39.15 96.60 -92.64
N THR C 3264 -38.75 95.78 -93.62
CA THR C 3264 -37.94 96.27 -94.73
C THR C 3264 -38.69 97.34 -95.52
N GLU C 3265 -40.00 97.15 -95.72
CA GLU C 3265 -40.83 98.17 -96.34
C GLU C 3265 -41.46 99.10 -95.32
N MET C 3266 -41.12 98.96 -94.04
CA MET C 3266 -41.52 99.93 -93.00
C MET C 3266 -40.30 100.44 -92.23
N PRO C 3267 -39.27 101.02 -92.92
CA PRO C 3267 -38.04 101.39 -92.21
C PRO C 3267 -38.17 102.57 -91.24
N HIS C 3268 -38.71 103.69 -91.71
CA HIS C 3268 -38.82 104.91 -90.91
C HIS C 3268 -39.96 104.83 -89.91
N VAL C 3269 -41.08 104.22 -90.32
CA VAL C 3269 -42.30 104.23 -89.49
C VAL C 3269 -42.09 103.42 -88.21
N ILE C 3270 -41.55 102.21 -88.34
CA ILE C 3270 -41.35 101.33 -87.19
C ILE C 3270 -40.31 101.90 -86.24
N GLU C 3271 -39.16 102.30 -86.79
CA GLU C 3271 -38.05 102.75 -85.96
C GLU C 3271 -38.34 104.09 -85.29
N ILE C 3272 -39.04 104.99 -85.98
CA ILE C 3272 -39.15 106.38 -85.57
C ILE C 3272 -40.59 106.78 -85.23
N THR C 3273 -41.52 106.57 -86.18
CA THR C 3273 -42.89 107.07 -86.02
C THR C 3273 -43.64 106.32 -84.91
N LEU C 3274 -43.53 105.00 -84.88
CA LEU C 3274 -44.27 104.18 -83.92
C LEU C 3274 -43.95 104.49 -82.44
N PRO C 3275 -42.68 104.61 -81.99
CA PRO C 3275 -42.45 105.02 -80.59
C PRO C 3275 -43.05 106.38 -80.27
N MET C 3276 -43.07 107.30 -81.24
CA MET C 3276 -43.68 108.60 -81.04
C MET C 3276 -45.18 108.47 -80.76
N LEU C 3277 -45.88 107.62 -81.50
CA LEU C 3277 -47.30 107.37 -81.22
C LEU C 3277 -47.49 106.72 -79.85
N CYS C 3278 -46.59 105.78 -79.50
CA CYS C 3278 -46.60 105.18 -78.17
C CYS C 3278 -46.37 106.20 -77.06
N SER C 3279 -45.58 107.23 -77.34
CA SER C 3279 -45.37 108.33 -76.41
C SER C 3279 -46.42 109.42 -76.55
N TYR C 3280 -47.27 109.34 -77.56
CA TYR C 3280 -48.24 110.38 -77.85
C TYR C 3280 -49.57 110.07 -77.18
N LEU C 3281 -50.17 108.92 -77.54
CA LEU C 3281 -51.56 108.64 -77.16
C LEU C 3281 -51.81 108.59 -75.65
N PRO C 3282 -51.05 107.85 -74.81
CA PRO C 3282 -51.36 107.90 -73.36
C PRO C 3282 -51.11 109.26 -72.72
N ARG C 3283 -50.19 110.06 -73.27
CA ARG C 3283 -49.86 111.36 -72.69
C ARG C 3283 -51.05 112.30 -72.70
N TRP C 3284 -51.81 112.32 -73.80
CA TRP C 3284 -53.04 113.08 -73.87
C TRP C 3284 -54.29 112.22 -73.68
N TRP C 3285 -54.13 110.97 -73.23
CA TRP C 3285 -55.30 110.14 -72.93
C TRP C 3285 -56.08 110.72 -71.76
N GLU C 3286 -55.40 111.06 -70.68
CA GLU C 3286 -56.04 111.50 -69.45
C GLU C 3286 -56.36 113.00 -69.45
N ARG C 3287 -56.04 113.72 -70.52
CA ARG C 3287 -56.30 115.14 -70.61
C ARG C 3287 -57.48 115.46 -71.51
N GLY C 3288 -58.26 114.45 -71.90
CA GLY C 3288 -59.36 114.65 -72.82
C GLY C 3288 -60.47 113.64 -72.68
N PRO C 3289 -60.95 113.13 -73.83
CA PRO C 3289 -62.08 112.20 -73.83
C PRO C 3289 -61.73 110.87 -73.17
N GLU C 3290 -62.77 110.21 -72.66
CA GLU C 3290 -62.80 108.94 -71.94
C GLU C 3290 -62.09 109.01 -70.58
N ALA C 3291 -61.62 110.18 -70.17
CA ALA C 3291 -60.93 110.44 -68.92
C ALA C 3291 -61.85 111.13 -67.93
N PRO C 3292 -61.63 110.90 -66.63
CA PRO C 3292 -62.34 111.65 -65.58
C PRO C 3292 -61.66 112.98 -65.28
N PRO C 3293 -62.02 114.06 -65.98
CA PRO C 3293 -61.22 115.30 -65.89
C PRO C 3293 -61.42 116.01 -64.56
N PRO C 3294 -60.34 116.18 -63.77
CA PRO C 3294 -60.44 116.90 -62.49
C PRO C 3294 -60.30 118.41 -62.65
N ALA C 3295 -61.01 118.98 -63.62
CA ALA C 3295 -60.95 120.40 -63.96
C ALA C 3295 -62.35 120.96 -64.14
N LEU C 3296 -63.25 120.66 -63.19
CA LEU C 3296 -64.62 121.13 -63.27
C LEU C 3296 -64.85 122.65 -63.33
N PRO C 3297 -64.17 123.53 -62.56
CA PRO C 3297 -64.52 124.96 -62.68
C PRO C 3297 -64.04 125.60 -63.97
N ALA C 3298 -62.82 125.30 -64.41
CA ALA C 3298 -62.23 125.88 -65.61
C ALA C 3298 -62.33 124.97 -66.82
N GLY C 3299 -63.28 124.04 -66.82
CA GLY C 3299 -63.46 123.08 -67.90
C GLY C 3299 -64.31 123.57 -69.06
N ALA C 3300 -64.72 124.85 -69.04
CA ALA C 3300 -65.49 125.39 -70.15
C ALA C 3300 -64.81 125.29 -71.52
N PRO C 3301 -63.49 125.57 -71.70
CA PRO C 3301 -62.87 125.24 -73.00
C PRO C 3301 -62.93 123.76 -73.28
N PRO C 3302 -63.16 123.36 -74.53
CA PRO C 3302 -63.15 121.93 -74.88
C PRO C 3302 -61.76 121.35 -74.75
N PRO C 3303 -61.64 120.02 -74.56
CA PRO C 3303 -60.31 119.41 -74.45
C PRO C 3303 -59.48 119.58 -75.71
N CYS C 3304 -58.16 119.65 -75.51
CA CYS C 3304 -57.21 119.89 -76.59
C CYS C 3304 -56.82 118.61 -77.34
N THR C 3305 -57.44 117.48 -77.01
CA THR C 3305 -57.10 116.20 -77.60
C THR C 3305 -58.36 115.39 -77.85
N ALA C 3306 -58.21 114.35 -78.67
CA ALA C 3306 -59.31 113.45 -79.02
C ALA C 3306 -58.85 111.99 -78.98
N VAL C 3307 -58.14 111.61 -77.93
CA VAL C 3307 -57.58 110.28 -77.80
C VAL C 3307 -58.50 109.44 -76.92
N THR C 3308 -58.93 108.28 -77.45
CA THR C 3308 -59.76 107.35 -76.70
C THR C 3308 -59.16 105.95 -76.72
N SER C 3309 -59.92 104.97 -76.22
CA SER C 3309 -59.44 103.59 -76.21
C SER C 3309 -59.42 102.97 -77.60
N ASP C 3310 -60.26 103.45 -78.52
CA ASP C 3310 -60.27 102.95 -79.89
C ASP C 3310 -58.95 103.23 -80.61
N HIS C 3311 -58.38 104.42 -80.38
CA HIS C 3311 -57.10 104.79 -80.96
C HIS C 3311 -55.99 103.86 -80.48
N LEU C 3312 -55.98 103.54 -79.19
CA LEU C 3312 -54.97 102.63 -78.66
C LEU C 3312 -55.24 101.20 -79.10
N ASN C 3313 -56.52 100.85 -79.29
CA ASN C 3313 -56.88 99.52 -79.79
C ASN C 3313 -56.30 99.32 -81.19
N SER C 3314 -56.46 100.33 -82.04
CA SER C 3314 -55.88 100.29 -83.38
C SER C 3314 -54.35 100.29 -83.35
N LEU C 3315 -53.76 101.09 -82.45
CA LEU C 3315 -52.30 101.13 -82.32
C LEU C 3315 -51.72 99.78 -81.89
N LEU C 3316 -52.29 99.20 -80.84
CA LEU C 3316 -51.83 97.89 -80.34
C LEU C 3316 -52.08 96.80 -81.36
N GLY C 3317 -53.23 96.83 -82.03
CA GLY C 3317 -53.52 95.84 -83.05
C GLY C 3317 -52.56 95.89 -84.21
N ASN C 3318 -52.25 97.10 -84.68
CA ASN C 3318 -51.31 97.25 -85.78
C ASN C 3318 -49.91 96.82 -85.36
N ILE C 3319 -49.49 97.16 -84.13
CA ILE C 3319 -48.16 96.77 -83.64
C ILE C 3319 -48.02 95.25 -83.59
N LEU C 3320 -49.05 94.57 -83.06
CA LEU C 3320 -49.04 93.11 -83.02
C LEU C 3320 -49.05 92.50 -84.42
N ARG C 3321 -49.85 93.05 -85.34
CA ARG C 3321 -49.86 92.55 -86.72
C ARG C 3321 -48.51 92.73 -87.39
N ILE C 3322 -47.86 93.88 -87.17
CA ILE C 3322 -46.54 94.15 -87.76
C ILE C 3322 -45.52 93.14 -87.26
N ILE C 3323 -45.52 92.88 -85.94
CA ILE C 3323 -44.53 91.97 -85.37
C ILE C 3323 -44.75 90.55 -85.87
N VAL C 3324 -46.01 90.09 -85.89
CA VAL C 3324 -46.24 88.71 -86.35
C VAL C 3324 -46.11 88.58 -87.87
N ASN C 3325 -46.20 89.69 -88.62
CA ASN C 3325 -45.83 89.63 -90.03
C ASN C 3325 -44.31 89.55 -90.20
N ASN C 3326 -43.56 90.10 -89.26
CA ASN C 3326 -42.11 89.93 -89.22
C ASN C 3326 -41.68 88.80 -88.30
N LEU C 3327 -42.60 87.91 -87.92
CA LEU C 3327 -42.31 86.84 -86.97
C LEU C 3327 -41.29 85.85 -87.51
N GLY C 3328 -41.27 85.64 -88.83
CA GLY C 3328 -40.43 84.68 -89.50
C GLY C 3328 -39.08 85.15 -89.97
N ILE C 3329 -38.67 86.39 -89.69
CA ILE C 3329 -37.37 86.88 -90.12
C ILE C 3329 -36.33 86.53 -89.07
N ASP C 3330 -35.08 86.41 -89.52
CA ASP C 3330 -34.02 85.90 -88.65
C ASP C 3330 -33.52 86.98 -87.69
N GLU C 3331 -32.99 88.08 -88.20
CA GLU C 3331 -32.38 89.11 -87.37
C GLU C 3331 -33.19 90.40 -87.47
N ALA C 3332 -33.59 90.93 -86.32
CA ALA C 3332 -34.27 92.22 -86.24
C ALA C 3332 -34.19 92.72 -84.80
N THR C 3333 -33.60 93.89 -84.61
CA THR C 3333 -33.39 94.45 -83.28
C THR C 3333 -34.49 95.40 -82.86
N TRP C 3334 -35.54 95.55 -83.66
CA TRP C 3334 -36.57 96.54 -83.40
C TRP C 3334 -37.75 96.01 -82.58
N MET C 3335 -38.01 94.70 -82.58
CA MET C 3335 -39.14 94.16 -81.84
C MET C 3335 -39.02 94.38 -80.34
N LYS C 3336 -37.84 94.16 -79.76
CA LYS C 3336 -37.64 94.39 -78.33
C LYS C 3336 -37.77 95.87 -77.98
N ARG C 3337 -37.24 96.76 -78.83
CA ARG C 3337 -37.41 98.20 -78.62
C ARG C 3337 -38.88 98.60 -78.71
N LEU C 3338 -39.59 98.08 -79.71
CA LEU C 3338 -41.02 98.39 -79.86
C LEU C 3338 -41.81 97.87 -78.67
N ALA C 3339 -41.44 96.69 -78.16
CA ALA C 3339 -42.12 96.11 -77.01
C ALA C 3339 -41.93 96.97 -75.76
N VAL C 3340 -40.68 97.38 -75.50
CA VAL C 3340 -40.43 98.18 -74.30
C VAL C 3340 -41.03 99.58 -74.47
N PHE C 3341 -41.12 100.09 -75.70
CA PHE C 3341 -41.76 101.39 -75.88
C PHE C 3341 -43.28 101.28 -75.76
N ALA C 3342 -43.82 100.11 -76.10
CA ALA C 3342 -45.26 99.89 -76.08
C ALA C 3342 -45.74 99.28 -74.77
N GLN C 3343 -44.87 99.13 -73.78
CA GLN C 3343 -45.33 98.66 -72.47
C GLN C 3343 -46.33 99.62 -71.81
N PRO C 3344 -46.10 100.96 -71.71
CA PRO C 3344 -47.11 101.82 -71.07
C PRO C 3344 -48.44 101.93 -71.82
N ILE C 3345 -48.49 101.65 -73.13
CA ILE C 3345 -49.72 101.90 -73.89
C ILE C 3345 -50.71 100.75 -73.79
N VAL C 3346 -50.30 99.59 -73.29
CA VAL C 3346 -51.20 98.44 -73.18
C VAL C 3346 -51.93 98.50 -71.83
N SER C 3347 -51.73 99.61 -71.10
CA SER C 3347 -52.37 99.83 -69.81
C SER C 3347 -53.88 100.02 -69.91
N ARG C 3348 -54.41 100.24 -71.11
CA ARG C 3348 -55.84 100.40 -71.36
C ARG C 3348 -56.25 99.44 -72.47
N ALA C 3349 -55.82 98.20 -72.34
CA ALA C 3349 -56.13 97.17 -73.33
C ALA C 3349 -57.58 96.74 -73.22
N ARG C 3350 -58.08 96.14 -74.31
CA ARG C 3350 -59.45 95.68 -74.43
C ARG C 3350 -59.47 94.16 -74.56
N PRO C 3351 -60.46 93.49 -73.98
CA PRO C 3351 -60.56 92.02 -74.14
C PRO C 3351 -60.77 91.54 -75.56
N GLU C 3352 -61.21 92.42 -76.48
CA GLU C 3352 -61.27 92.05 -77.89
C GLU C 3352 -59.90 91.71 -78.46
N LEU C 3353 -58.84 92.31 -77.90
CA LEU C 3353 -57.48 91.98 -78.35
C LEU C 3353 -57.11 90.56 -77.96
N LEU C 3354 -57.68 90.04 -76.86
CA LEU C 3354 -57.31 88.74 -76.34
C LEU C 3354 -57.57 87.65 -77.36
N HIS C 3355 -58.80 87.61 -77.86
CA HIS C 3355 -59.17 86.59 -78.84
C HIS C 3355 -58.75 86.99 -80.25
N SER C 3356 -58.56 88.29 -80.52
CA SER C 3356 -58.21 88.67 -81.89
C SER C 3356 -56.76 88.28 -82.18
N HIS C 3357 -55.85 88.57 -81.23
CA HIS C 3357 -54.44 88.35 -81.47
C HIS C 3357 -53.78 87.37 -80.51
N PHE C 3358 -53.94 87.51 -79.19
CA PHE C 3358 -53.23 86.62 -78.26
C PHE C 3358 -53.59 85.15 -78.41
N ILE C 3359 -54.76 84.81 -78.91
CA ILE C 3359 -55.04 83.40 -79.13
C ILE C 3359 -54.37 82.91 -80.43
N PRO C 3360 -54.57 83.52 -81.62
CA PRO C 3360 -53.90 82.94 -82.82
C PRO C 3360 -52.39 83.08 -82.84
N THR C 3361 -51.84 84.21 -82.38
CA THR C 3361 -50.39 84.42 -82.44
C THR C 3361 -49.64 83.42 -81.57
N ILE C 3362 -50.14 83.19 -80.35
CA ILE C 3362 -49.54 82.17 -79.50
C ILE C 3362 -49.81 80.78 -80.06
N GLY C 3363 -50.96 80.56 -80.71
CA GLY C 3363 -51.18 79.30 -81.42
C GLY C 3363 -50.12 79.02 -82.49
N ARG C 3364 -49.74 80.07 -83.23
CA ARG C 3364 -48.62 79.99 -84.17
C ARG C 3364 -47.29 79.76 -83.45
N LEU C 3365 -47.09 80.40 -82.29
CA LEU C 3365 -45.85 80.21 -81.55
C LEU C 3365 -45.77 78.78 -81.04
N ARG C 3366 -46.90 78.23 -80.60
CA ARG C 3366 -46.98 76.87 -80.08
C ARG C 3366 -46.64 75.85 -81.16
N LYS C 3367 -47.26 75.98 -82.34
CA LYS C 3367 -46.97 75.03 -83.42
C LYS C 3367 -45.53 75.16 -83.91
N ARG C 3368 -45.00 76.39 -84.00
CA ARG C 3368 -43.61 76.61 -84.40
C ARG C 3368 -42.64 76.00 -83.38
N ALA C 3369 -42.93 76.19 -82.09
CA ALA C 3369 -42.14 75.59 -81.01
C ALA C 3369 -42.20 74.07 -81.05
N GLY C 3370 -43.39 73.51 -81.29
CA GLY C 3370 -43.51 72.06 -81.40
C GLY C 3370 -42.75 71.52 -82.59
N LYS C 3371 -42.71 72.28 -83.69
CA LYS C 3371 -41.97 71.86 -84.87
C LYS C 3371 -40.48 71.81 -84.58
N VAL C 3372 -39.97 72.86 -83.91
CA VAL C 3372 -38.53 72.92 -83.65
C VAL C 3372 -38.12 71.84 -82.65
N VAL C 3373 -38.89 71.68 -81.56
CA VAL C 3373 -38.54 70.62 -80.60
C VAL C 3373 -38.75 69.23 -81.20
N ALA C 3374 -39.66 69.09 -82.17
CA ALA C 3374 -39.78 67.83 -82.91
C ALA C 3374 -38.52 67.54 -83.72
N GLU C 3375 -37.95 68.57 -84.35
CA GLU C 3375 -36.69 68.36 -85.04
C GLU C 3375 -35.56 68.10 -84.05
N GLU C 3376 -35.65 68.74 -82.87
CA GLU C 3376 -34.62 68.55 -81.84
C GLU C 3376 -34.62 67.11 -81.35
N GLU C 3377 -35.81 66.53 -81.12
CA GLU C 3377 -35.84 65.16 -80.62
C GLU C 3377 -35.47 64.17 -81.73
N GLN C 3378 -35.77 64.49 -82.99
CA GLN C 3378 -35.33 63.62 -84.09
C GLN C 3378 -33.82 63.60 -84.18
N LEU C 3379 -33.19 64.78 -84.01
CA LEU C 3379 -31.74 64.85 -84.00
C LEU C 3379 -31.16 64.14 -82.78
N ARG C 3380 -31.84 64.26 -81.64
CA ARG C 3380 -31.32 63.72 -80.39
C ARG C 3380 -31.39 62.20 -80.32
N LEU C 3381 -32.44 61.60 -80.90
CA LEU C 3381 -32.62 60.15 -80.78
C LEU C 3381 -31.53 59.37 -81.51
N GLU C 3382 -31.06 59.89 -82.65
CA GLU C 3382 -30.03 59.23 -83.43
C GLU C 3382 -28.65 59.79 -83.05
N ALA C 3383 -27.71 58.89 -82.75
CA ALA C 3383 -26.37 59.29 -82.34
C ALA C 3383 -25.47 59.24 -83.56
N LYS C 3384 -25.22 60.40 -84.15
CA LYS C 3384 -24.39 60.53 -85.33
C LYS C 3384 -23.99 62.00 -85.47
N ALA C 3385 -23.02 62.27 -86.35
CA ALA C 3385 -22.60 63.64 -86.64
C ALA C 3385 -23.72 64.45 -87.31
N GLU C 3386 -24.73 63.79 -87.87
CA GLU C 3386 -25.85 64.51 -88.47
C GLU C 3386 -26.69 65.24 -87.42
N ALA C 3387 -26.61 64.84 -86.14
CA ALA C 3387 -27.31 65.59 -85.11
C ALA C 3387 -26.73 66.99 -84.99
N GLU C 3388 -25.39 67.08 -84.98
CA GLU C 3388 -24.71 68.37 -84.97
C GLU C 3388 -24.94 69.12 -86.27
N GLU C 3389 -24.93 68.41 -87.40
CA GLU C 3389 -25.19 69.08 -88.67
C GLU C 3389 -26.70 69.30 -88.72
N GLY C 3390 -27.14 70.44 -88.18
CA GLY C 3390 -28.56 70.70 -88.07
C GLY C 3390 -28.93 71.15 -86.68
N GLU C 3391 -28.08 70.79 -85.70
CA GLU C 3391 -28.31 71.29 -84.35
C GLU C 3391 -28.11 72.79 -84.27
N LEU C 3392 -27.10 73.35 -84.97
CA LEU C 3392 -26.98 74.80 -85.02
C LEU C 3392 -28.15 75.45 -85.76
N LEU C 3393 -28.78 74.72 -86.68
CA LEU C 3393 -29.99 75.20 -87.36
C LEU C 3393 -31.14 75.31 -86.38
N VAL C 3394 -31.27 74.33 -85.47
CA VAL C 3394 -32.35 74.48 -84.50
C VAL C 3394 -31.93 75.40 -83.37
N ARG C 3395 -30.63 75.64 -83.16
CA ARG C 3395 -30.18 76.71 -82.27
C ARG C 3395 -30.63 78.07 -82.76
N ASP C 3396 -30.52 78.30 -84.09
CA ASP C 3396 -31.04 79.52 -84.70
C ASP C 3396 -32.56 79.59 -84.57
N GLU C 3397 -33.24 78.44 -84.75
CA GLU C 3397 -34.70 78.40 -84.59
C GLU C 3397 -35.10 78.72 -83.14
N PHE C 3398 -34.32 78.22 -82.18
CA PHE C 3398 -34.55 78.54 -80.77
C PHE C 3398 -34.34 80.03 -80.52
N SER C 3399 -33.33 80.63 -81.16
CA SER C 3399 -33.03 82.04 -80.92
C SER C 3399 -34.15 82.93 -81.49
N VAL C 3400 -34.62 82.63 -82.72
CA VAL C 3400 -35.70 83.44 -83.28
C VAL C 3400 -36.99 83.23 -82.46
N LEU C 3401 -37.22 82.01 -81.94
CA LEU C 3401 -38.37 81.79 -81.07
C LEU C 3401 -38.23 82.58 -79.78
N CYS C 3402 -37.00 82.69 -79.27
CA CYS C 3402 -36.73 83.49 -78.07
C CYS C 3402 -37.05 84.96 -78.31
N ARG C 3403 -36.69 85.47 -79.49
CA ARG C 3403 -37.06 86.84 -79.86
C ARG C 3403 -38.57 87.02 -79.92
N ASP C 3404 -39.29 86.05 -80.48
CA ASP C 3404 -40.76 86.12 -80.51
C ASP C 3404 -41.36 86.11 -79.10
N LEU C 3405 -40.75 85.32 -78.20
CA LEU C 3405 -41.13 85.36 -76.79
C LEU C 3405 -40.84 86.71 -76.16
N TYR C 3406 -39.69 87.31 -76.48
CA TYR C 3406 -39.31 88.57 -75.86
C TYR C 3406 -40.10 89.72 -76.43
N ALA C 3407 -40.68 89.54 -77.61
CA ALA C 3407 -41.40 90.59 -78.29
C ALA C 3407 -42.87 90.57 -77.96
N LEU C 3408 -43.42 89.42 -77.56
CA LEU C 3408 -44.85 89.39 -77.30
C LEU C 3408 -45.18 89.22 -75.82
N TYR C 3409 -44.38 88.43 -75.08
CA TYR C 3409 -44.68 88.13 -73.68
C TYR C 3409 -44.76 89.31 -72.71
N PRO C 3410 -43.82 90.28 -72.65
CA PRO C 3410 -43.97 91.39 -71.68
C PRO C 3410 -45.27 92.19 -71.81
N LEU C 3411 -45.72 92.36 -73.06
CA LEU C 3411 -47.03 92.97 -73.32
C LEU C 3411 -48.15 92.10 -72.78
N LEU C 3412 -48.02 90.78 -72.93
CA LEU C 3412 -49.02 89.87 -72.38
C LEU C 3412 -49.02 89.92 -70.86
N ILE C 3413 -47.84 90.01 -70.24
CA ILE C 3413 -47.73 90.09 -68.79
C ILE C 3413 -48.44 91.34 -68.27
N ARG C 3414 -48.19 92.48 -68.93
CA ARG C 3414 -48.87 93.71 -68.56
C ARG C 3414 -50.38 93.62 -68.81
N TYR C 3415 -50.80 92.85 -69.81
CA TYR C 3415 -52.25 92.66 -70.01
C TYR C 3415 -52.83 91.85 -68.86
N VAL C 3416 -52.13 90.79 -68.45
CA VAL C 3416 -52.62 89.86 -67.43
C VAL C 3416 -52.72 90.58 -66.09
N ASP C 3417 -51.67 91.31 -65.67
CA ASP C 3417 -51.72 91.90 -64.34
C ASP C 3417 -52.79 92.98 -64.21
N ASN C 3418 -53.25 93.55 -65.33
CA ASN C 3418 -54.33 94.51 -65.32
C ASN C 3418 -55.71 93.85 -65.38
N ASN C 3419 -55.85 92.69 -66.04
CA ASN C 3419 -57.16 92.10 -66.24
C ASN C 3419 -57.42 90.76 -65.57
N ARG C 3420 -56.42 90.19 -64.87
CA ARG C 3420 -56.57 88.90 -64.21
C ARG C 3420 -57.62 88.92 -63.11
N ALA C 3421 -57.71 90.04 -62.37
CA ALA C 3421 -58.73 90.20 -61.33
C ALA C 3421 -60.14 90.02 -61.91
N HIS C 3422 -60.38 90.57 -63.10
CA HIS C 3422 -61.65 90.38 -63.76
CA HIS C 3422 -61.66 90.38 -63.77
C HIS C 3422 -61.87 88.92 -64.13
N TRP C 3423 -60.84 88.25 -64.65
CA TRP C 3423 -60.93 86.85 -65.01
C TRP C 3423 -61.11 85.95 -63.79
N LEU C 3424 -60.54 86.34 -62.65
CA LEU C 3424 -60.84 85.62 -61.41
C LEU C 3424 -62.26 85.89 -60.95
N THR C 3425 -62.76 87.12 -61.15
CA THR C 3425 -64.14 87.46 -60.79
C THR C 3425 -65.14 86.68 -61.63
N GLU C 3426 -64.89 86.54 -62.93
CA GLU C 3426 -65.77 85.84 -63.85
C GLU C 3426 -64.96 85.03 -64.85
N PRO C 3427 -65.34 83.77 -65.10
CA PRO C 3427 -64.56 82.92 -66.01
C PRO C 3427 -64.56 83.40 -67.45
N ASN C 3428 -63.44 83.15 -68.13
CA ASN C 3428 -63.29 83.49 -69.55
C ASN C 3428 -62.55 82.37 -70.25
N ALA C 3429 -63.23 81.74 -71.22
CA ALA C 3429 -62.65 80.64 -71.99
C ALA C 3429 -61.43 81.06 -72.80
N ASN C 3430 -61.37 82.33 -73.22
CA ASN C 3430 -60.22 82.83 -73.96
C ASN C 3430 -58.95 82.79 -73.11
N ALA C 3431 -59.03 83.30 -71.87
CA ALA C 3431 -57.92 83.22 -70.93
C ALA C 3431 -57.62 81.77 -70.56
N GLU C 3432 -58.67 80.97 -70.33
CA GLU C 3432 -58.46 79.56 -70.00
C GLU C 3432 -57.73 78.79 -71.10
N GLU C 3433 -58.07 79.05 -72.36
CA GLU C 3433 -57.31 78.52 -73.48
C GLU C 3433 -55.88 79.07 -73.51
N LEU C 3434 -55.72 80.37 -73.25
CA LEU C 3434 -54.38 80.98 -73.24
C LEU C 3434 -53.48 80.32 -72.21
N PHE C 3435 -54.07 79.90 -71.08
CA PHE C 3435 -53.29 79.16 -70.08
C PHE C 3435 -52.82 77.84 -70.64
N ARG C 3436 -53.60 77.23 -71.55
CA ARG C 3436 -53.19 75.97 -72.16
C ARG C 3436 -52.01 76.19 -73.09
N MET C 3437 -52.05 77.24 -73.92
CA MET C 3437 -50.93 77.46 -74.83
C MET C 3437 -49.66 77.87 -74.08
N VAL C 3438 -49.76 78.76 -73.08
CA VAL C 3438 -48.57 79.15 -72.33
C VAL C 3438 -48.03 77.96 -71.55
N GLY C 3439 -48.90 77.05 -71.09
CA GLY C 3439 -48.43 75.83 -70.45
C GLY C 3439 -47.69 74.92 -71.40
N GLU C 3440 -48.19 74.78 -72.63
CA GLU C 3440 -47.49 73.96 -73.63
C GLU C 3440 -46.12 74.54 -73.96
N ILE C 3441 -46.04 75.87 -74.08
CA ILE C 3441 -44.76 76.55 -74.31
C ILE C 3441 -43.82 76.32 -73.13
N PHE C 3442 -44.37 76.33 -71.92
CA PHE C 3442 -43.58 76.09 -70.70
C PHE C 3442 -43.02 74.68 -70.75
N ILE C 3443 -43.86 73.69 -71.10
CA ILE C 3443 -43.46 72.29 -71.13
C ILE C 3443 -42.34 72.07 -72.15
N TYR C 3444 -42.47 72.65 -73.34
CA TYR C 3444 -41.39 72.57 -74.33
C TYR C 3444 -40.12 73.27 -73.86
N TRP C 3445 -40.24 74.42 -73.19
CA TRP C 3445 -39.09 75.11 -72.62
C TRP C 3445 -38.41 74.28 -71.54
N SER C 3446 -39.19 73.63 -70.69
CA SER C 3446 -38.66 72.83 -69.61
C SER C 3446 -37.98 71.58 -70.14
N LYS C 3447 -38.60 70.93 -71.13
CA LYS C 3447 -38.06 69.69 -71.67
C LYS C 3447 -36.79 69.95 -72.47
N SER C 3448 -36.75 71.04 -73.23
CA SER C 3448 -35.62 71.31 -74.10
C SER C 3448 -34.59 72.14 -73.34
N HIS C 3449 -33.49 71.49 -72.94
CA HIS C 3449 -32.37 72.24 -72.36
C HIS C 3449 -31.68 73.07 -73.43
N ASN C 3450 -31.76 72.64 -74.69
CA ASN C 3450 -31.22 73.40 -75.80
C ASN C 3450 -31.93 74.74 -75.95
N PHE C 3451 -33.25 74.76 -75.79
CA PHE C 3451 -33.97 76.03 -75.79
C PHE C 3451 -33.56 76.92 -74.62
N LYS C 3452 -33.20 76.32 -73.48
CA LYS C 3452 -32.75 77.12 -72.34
C LYS C 3452 -31.40 77.76 -72.60
N ARG C 3453 -30.43 76.95 -73.06
CA ARG C 3453 -29.04 77.41 -73.12
C ARG C 3453 -28.91 78.55 -74.12
N GLU C 3454 -29.64 78.46 -75.24
CA GLU C 3454 -29.67 79.64 -76.09
C GLU C 3454 -30.70 80.65 -75.65
N GLU C 3455 -31.53 80.38 -74.65
CA GLU C 3455 -32.38 81.45 -74.14
C GLU C 3455 -31.52 82.46 -73.38
N GLN C 3456 -30.62 81.97 -72.51
CA GLN C 3456 -29.68 82.94 -71.92
C GLN C 3456 -28.60 83.39 -72.90
N ASN C 3457 -28.24 82.56 -73.90
CA ASN C 3457 -27.32 83.05 -74.92
C ASN C 3457 -27.95 84.20 -75.68
N PHE C 3458 -29.21 84.06 -76.10
CA PHE C 3458 -29.91 85.14 -76.76
C PHE C 3458 -30.08 86.34 -75.84
N VAL C 3459 -30.01 86.13 -74.52
CA VAL C 3459 -30.09 87.26 -73.59
C VAL C 3459 -28.80 88.08 -73.63
N VAL C 3460 -27.64 87.40 -73.68
CA VAL C 3460 -26.38 88.12 -73.45
C VAL C 3460 -26.02 89.06 -74.61
N GLN C 3461 -26.32 88.70 -75.86
CA GLN C 3461 -26.05 89.61 -76.97
C GLN C 3461 -27.23 90.51 -77.31
N ASN C 3462 -28.31 90.49 -76.52
CA ASN C 3462 -29.41 91.41 -76.73
C ASN C 3462 -29.67 92.35 -75.56
N GLU C 3463 -28.97 92.17 -74.44
CA GLU C 3463 -29.09 92.98 -73.22
C GLU C 3463 -30.55 93.00 -72.73
N ILE C 3464 -31.01 91.82 -72.34
CA ILE C 3464 -32.33 91.67 -71.72
C ILE C 3464 -32.14 92.01 -70.25
N ASN C 3465 -32.67 93.18 -69.84
CA ASN C 3465 -32.37 93.74 -68.53
C ASN C 3465 -33.09 92.96 -67.43
N ASN C 3466 -34.32 92.51 -67.70
CA ASN C 3466 -35.14 91.62 -66.89
C ASN C 3466 -35.60 92.22 -65.56
N MET C 3467 -35.36 93.51 -65.32
CA MET C 3467 -35.91 94.18 -64.15
C MET C 3467 -36.95 95.25 -64.48
N SER C 3468 -36.70 96.09 -65.51
CA SER C 3468 -37.69 97.10 -65.86
C SER C 3468 -38.93 96.48 -66.49
N PHE C 3469 -38.83 95.23 -66.97
CA PHE C 3469 -39.96 94.54 -67.55
C PHE C 3469 -41.00 94.24 -66.49
N LEU C 3470 -40.55 93.76 -65.33
CA LEU C 3470 -41.48 93.42 -64.27
C LEU C 3470 -41.66 94.55 -63.27
N THR C 3471 -40.93 95.66 -63.43
CA THR C 3471 -41.14 96.81 -62.55
C THR C 3471 -41.75 98.00 -63.29
N ALA C 3472 -42.16 97.81 -64.55
CA ALA C 3472 -42.83 98.88 -65.29
C ALA C 3472 -44.16 99.24 -64.64
N ASP C 3473 -44.91 98.24 -64.17
CA ASP C 3473 -46.14 98.49 -63.45
C ASP C 3473 -45.88 99.22 -62.14
N SER C 3474 -44.79 98.85 -61.44
CA SER C 3474 -44.45 99.50 -60.18
C SER C 3474 -44.12 100.97 -60.39
N LYS C 3475 -43.35 101.27 -61.46
CA LYS C 3475 -43.02 102.65 -61.79
C LYS C 3475 -44.28 103.43 -62.18
N SER C 3476 -45.18 102.80 -62.95
CA SER C 3476 -46.39 103.50 -63.38
C SER C 3476 -47.29 103.81 -62.19
N LYS C 3477 -47.42 102.86 -61.26
CA LYS C 3477 -48.30 103.06 -60.11
C LYS C 3477 -47.63 103.81 -58.97
N MET C 3478 -46.34 104.15 -59.12
CA MET C 3478 -45.53 104.89 -58.15
C MET C 3478 -45.50 104.14 -56.80
N ALA C 3479 -44.88 102.97 -56.86
CA ALA C 3479 -44.74 102.13 -55.67
C ALA C 3479 -43.30 102.08 -55.18
N ARG C 3498 -27.05 93.59 -60.62
CA ARG C 3498 -26.61 93.17 -59.30
C ARG C 3498 -26.34 91.66 -59.28
N ARG C 3499 -27.18 90.93 -58.53
CA ARG C 3499 -27.03 89.48 -58.42
C ARG C 3499 -27.31 88.78 -59.75
N GLY C 3500 -28.44 89.08 -60.38
CA GLY C 3500 -28.80 88.42 -61.61
C GLY C 3500 -29.21 89.34 -62.73
N ASP C 3501 -28.55 90.49 -62.83
CA ASP C 3501 -28.85 91.46 -63.88
C ASP C 3501 -28.59 90.88 -65.27
N ARG C 3502 -27.46 90.19 -65.43
CA ARG C 3502 -27.12 89.61 -66.72
C ARG C 3502 -28.10 88.51 -67.11
N TYR C 3503 -28.38 87.58 -66.19
CA TYR C 3503 -29.33 86.50 -66.38
C TYR C 3503 -29.57 85.84 -65.04
N SER C 3504 -30.81 85.42 -64.80
CA SER C 3504 -31.17 84.72 -63.58
C SER C 3504 -32.43 83.90 -63.83
N VAL C 3505 -32.48 82.72 -63.21
CA VAL C 3505 -33.64 81.84 -63.36
C VAL C 3505 -34.89 82.47 -62.76
N GLN C 3506 -34.74 83.13 -61.60
CA GLN C 3506 -35.87 83.72 -60.89
C GLN C 3506 -36.54 84.86 -61.65
N THR C 3507 -35.83 85.49 -62.58
CA THR C 3507 -36.39 86.57 -63.39
C THR C 3507 -36.73 86.14 -64.80
N SER C 3508 -36.74 84.84 -65.08
CA SER C 3508 -37.09 84.34 -66.40
C SER C 3508 -38.57 84.62 -66.70
N LEU C 3509 -38.81 85.25 -67.85
CA LEU C 3509 -40.16 85.69 -68.17
C LEU C 3509 -41.08 84.55 -68.56
N ILE C 3510 -40.53 83.47 -69.14
CA ILE C 3510 -41.38 82.36 -69.58
C ILE C 3510 -42.03 81.68 -68.37
N VAL C 3511 -41.25 81.42 -67.32
CA VAL C 3511 -41.83 80.87 -66.09
C VAL C 3511 -42.62 81.94 -65.34
N ALA C 3512 -42.19 83.21 -65.43
CA ALA C 3512 -42.88 84.28 -64.72
C ALA C 3512 -44.31 84.49 -65.23
N THR C 3513 -44.49 84.41 -66.55
CA THR C 3513 -45.82 84.54 -67.14
C THR C 3513 -46.74 83.42 -66.66
N LEU C 3514 -46.20 82.20 -66.54
CA LEU C 3514 -46.95 81.09 -65.95
C LEU C 3514 -47.27 81.37 -64.48
N LYS C 3515 -46.34 81.99 -63.74
CA LYS C 3515 -46.60 82.32 -62.33
C LYS C 3515 -47.77 83.29 -62.21
N LYS C 3516 -47.79 84.33 -63.05
CA LYS C 3516 -48.92 85.25 -63.10
C LYS C 3516 -50.20 84.56 -63.56
N MET C 3517 -50.09 83.67 -64.54
CA MET C 3517 -51.27 83.07 -65.16
C MET C 3517 -51.82 81.89 -64.35
N LEU C 3518 -51.11 81.48 -63.29
CA LEU C 3518 -51.50 80.32 -62.47
C LEU C 3518 -52.91 80.40 -61.84
N PRO C 3519 -53.35 81.53 -61.22
CA PRO C 3519 -54.71 81.53 -60.60
C PRO C 3519 -55.83 81.19 -61.57
N ILE C 3520 -55.74 81.65 -62.82
CA ILE C 3520 -56.76 81.36 -63.80
C ILE C 3520 -56.73 79.88 -64.18
N GLY C 3521 -55.52 79.33 -64.31
CA GLY C 3521 -55.37 77.92 -64.67
C GLY C 3521 -55.94 76.99 -63.61
N LEU C 3522 -55.64 77.27 -62.35
CA LEU C 3522 -56.19 76.47 -61.26
C LEU C 3522 -57.62 76.84 -60.90
N ASN C 3523 -58.13 77.97 -61.42
CA ASN C 3523 -59.53 78.35 -61.19
C ASN C 3523 -60.50 77.35 -61.80
N MET C 3524 -60.16 76.79 -62.97
CA MET C 3524 -61.03 75.82 -63.62
C MET C 3524 -61.24 74.57 -62.77
N CYS C 3525 -60.16 74.03 -62.24
CA CYS C 3525 -60.20 72.76 -61.53
C CYS C 3525 -60.92 72.87 -60.19
N ALA C 3526 -61.75 71.88 -59.90
CA ALA C 3526 -62.42 71.79 -58.62
C ALA C 3526 -61.45 71.24 -57.58
N PRO C 3527 -61.27 71.92 -56.44
CA PRO C 3527 -60.37 71.43 -55.38
C PRO C 3527 -60.70 70.05 -54.80
N THR C 3528 -61.89 69.51 -55.05
CA THR C 3528 -62.14 68.11 -54.72
C THR C 3528 -61.28 67.15 -55.54
N ASP C 3529 -60.73 67.60 -56.66
CA ASP C 3529 -59.88 66.79 -57.53
C ASP C 3529 -58.40 66.93 -57.18
N GLN C 3530 -58.07 67.64 -56.09
CA GLN C 3530 -56.68 67.83 -55.69
C GLN C 3530 -55.96 66.52 -55.40
N ASP C 3531 -56.68 65.46 -55.02
CA ASP C 3531 -56.06 64.15 -54.86
C ASP C 3531 -55.50 63.64 -56.19
N LEU C 3532 -56.24 63.86 -57.28
CA LEU C 3532 -55.73 63.58 -58.61
C LEU C 3532 -54.59 64.49 -58.96
N ILE C 3533 -54.66 65.76 -58.52
CA ILE C 3533 -53.60 66.71 -58.83
C ILE C 3533 -52.30 66.29 -58.14
N MET C 3534 -52.36 65.96 -56.84
CA MET C 3534 -51.15 65.59 -56.11
C MET C 3534 -50.56 64.29 -56.64
N LEU C 3535 -51.42 63.29 -56.95
CA LEU C 3535 -50.90 62.04 -57.51
C LEU C 3535 -50.35 62.25 -58.93
N ALA C 3536 -50.78 63.31 -59.60
CA ALA C 3536 -50.35 63.59 -60.96
C ALA C 3536 -48.86 63.92 -61.01
N LYS C 3537 -48.37 64.71 -60.05
CA LYS C 3537 -46.93 65.04 -60.05
C LYS C 3537 -46.10 63.79 -59.83
N THR C 3538 -46.55 62.91 -58.93
CA THR C 3538 -45.83 61.69 -58.62
C THR C 3538 -45.73 60.79 -59.86
N ARG C 3539 -46.82 60.65 -60.60
CA ARG C 3539 -46.74 59.83 -61.81
C ARG C 3539 -45.98 60.56 -62.92
N TYR C 3540 -46.00 61.90 -62.96
CA TYR C 3540 -45.12 62.63 -63.87
C TYR C 3540 -43.65 62.36 -63.55
N ALA C 3541 -43.30 62.37 -62.27
CA ALA C 3541 -41.95 62.07 -61.84
C ALA C 3541 -41.56 60.64 -62.15
N LEU C 3542 -42.54 59.75 -62.29
CA LEU C 3542 -42.27 58.37 -62.69
C LEU C 3542 -42.04 58.22 -64.20
N LYS C 3543 -41.90 59.34 -64.93
CA LYS C 3543 -41.68 59.38 -66.38
C LYS C 3543 -42.88 58.80 -67.16
N ASP C 3544 -44.07 59.31 -66.87
CA ASP C 3544 -45.28 58.90 -67.56
C ASP C 3544 -45.74 60.02 -68.49
N THR C 3545 -46.00 59.66 -69.75
CA THR C 3545 -46.35 60.66 -70.75
C THR C 3545 -47.79 61.14 -70.60
N ASP C 3546 -48.15 62.10 -71.47
CA ASP C 3546 -49.44 62.78 -71.38
C ASP C 3546 -50.62 61.85 -71.67
N GLU C 3547 -50.45 60.91 -72.60
CA GLU C 3547 -51.59 60.07 -72.94
C GLU C 3547 -51.82 59.03 -71.84
N GLU C 3548 -50.74 58.47 -71.30
CA GLU C 3548 -50.95 57.46 -70.30
C GLU C 3548 -51.35 58.06 -68.97
N VAL C 3549 -51.02 59.33 -68.70
CA VAL C 3549 -51.56 59.91 -67.48
C VAL C 3549 -53.03 60.26 -67.69
N ARG C 3550 -53.42 60.57 -68.95
CA ARG C 3550 -54.83 60.84 -69.23
C ARG C 3550 -55.66 59.58 -69.03
N GLU C 3551 -55.17 58.42 -69.48
CA GLU C 3551 -55.90 57.18 -69.19
C GLU C 3551 -55.75 56.74 -67.74
N PHE C 3552 -54.70 57.19 -67.03
CA PHE C 3552 -54.66 57.04 -65.58
C PHE C 3552 -55.80 57.82 -64.93
N LEU C 3553 -56.09 59.01 -65.43
CA LEU C 3553 -57.23 59.77 -64.94
C LEU C 3553 -58.55 59.10 -65.31
N GLN C 3554 -58.59 58.45 -66.48
CA GLN C 3554 -59.78 57.69 -66.89
C GLN C 3554 -60.01 56.53 -65.93
N ASN C 3555 -58.93 55.85 -65.53
CA ASN C 3555 -59.06 54.73 -64.62
C ASN C 3555 -59.35 55.22 -63.20
N ASN C 3556 -59.00 56.47 -62.90
CA ASN C 3556 -59.13 56.99 -61.55
C ASN C 3556 -60.03 58.22 -61.52
N LEU C 3557 -61.15 58.15 -62.22
CA LEU C 3557 -62.13 59.24 -62.20
C LEU C 3557 -62.82 59.39 -60.86
N HIS C 3558 -62.89 58.32 -60.06
CA HIS C 3558 -63.60 58.32 -58.79
C HIS C 3558 -62.74 58.83 -57.62
N LEU C 3559 -61.44 59.03 -57.84
CA LEU C 3559 -60.52 59.31 -56.75
C LEU C 3559 -60.50 60.76 -56.29
N GLN C 3560 -61.57 61.52 -56.52
CA GLN C 3560 -61.67 62.87 -56.00
C GLN C 3560 -61.83 62.85 -54.48
N GLY C 3561 -61.72 64.03 -53.87
CA GLY C 3561 -61.83 64.17 -52.43
C GLY C 3561 -63.26 64.19 -51.95
N LYS C 3562 -63.41 64.30 -50.62
CA LYS C 3562 -64.71 64.36 -49.97
C LYS C 3562 -64.84 65.69 -49.24
N VAL C 3563 -65.94 66.40 -49.52
CA VAL C 3563 -66.17 67.70 -48.89
C VAL C 3563 -66.57 67.55 -47.43
N GLU C 3564 -67.32 66.49 -47.08
CA GLU C 3564 -67.83 66.32 -45.72
C GLU C 3564 -66.70 66.05 -44.72
N GLY C 3565 -65.76 65.17 -45.06
CA GLY C 3565 -64.68 64.83 -44.14
C GLY C 3565 -63.59 65.87 -44.01
N SER C 3566 -63.56 66.84 -44.90
CA SER C 3566 -62.60 67.95 -44.84
C SER C 3566 -63.39 69.25 -44.72
N PRO C 3567 -63.57 69.77 -43.51
CA PRO C 3567 -64.35 71.02 -43.34
C PRO C 3567 -63.77 72.22 -44.06
N SER C 3568 -62.47 72.20 -44.37
CA SER C 3568 -61.87 73.27 -45.17
C SER C 3568 -62.50 73.34 -46.56
N LEU C 3569 -62.93 72.20 -47.10
CA LEU C 3569 -63.55 72.16 -48.41
C LEU C 3569 -64.97 72.69 -48.42
N ARG C 3570 -65.67 72.66 -47.28
CA ARG C 3570 -67.09 73.03 -47.23
C ARG C 3570 -67.32 74.48 -47.65
N TRP C 3571 -66.59 75.42 -47.05
CA TRP C 3571 -66.71 76.83 -47.42
C TRP C 3571 -66.12 77.10 -48.80
N GLN C 3572 -65.05 76.38 -49.16
CA GLN C 3572 -64.45 76.53 -50.48
C GLN C 3572 -65.44 76.13 -51.58
N MET C 3573 -66.17 75.03 -51.37
CA MET C 3573 -67.12 74.58 -52.37
C MET C 3573 -68.39 75.40 -52.36
N ALA C 3574 -68.79 75.91 -51.19
CA ALA C 3574 -69.91 76.85 -51.15
C ALA C 3574 -69.59 78.14 -51.90
N LEU C 3575 -68.36 78.63 -51.79
CA LEU C 3575 -67.98 79.78 -52.62
C LEU C 3575 -67.76 79.39 -54.08
N TYR C 3576 -67.39 78.13 -54.33
CA TYR C 3576 -67.15 77.66 -55.69
C TYR C 3576 -68.45 77.64 -56.48
N ARG C 3577 -69.50 77.02 -55.93
CA ARG C 3577 -70.80 77.22 -56.55
C ARG C 3577 -71.38 78.60 -56.30
N GLY C 3578 -70.81 79.39 -55.38
CA GLY C 3578 -71.18 80.78 -55.26
C GLY C 3578 -70.75 81.61 -56.44
N LEU C 3579 -69.76 81.13 -57.19
CA LEU C 3579 -69.34 81.81 -58.41
C LEU C 3579 -70.41 81.64 -59.47
N PRO C 3580 -70.93 82.73 -60.06
CA PRO C 3580 -71.97 82.61 -61.10
C PRO C 3580 -71.54 81.85 -62.35
N GLY C 3581 -70.25 81.81 -62.65
CA GLY C 3581 -69.76 81.11 -63.82
C GLY C 3581 -69.59 79.62 -63.66
N ARG C 3582 -69.92 79.06 -62.50
CA ARG C 3582 -69.76 77.63 -62.25
C ARG C 3582 -71.09 76.92 -62.44
N GLU C 3583 -71.16 76.10 -63.48
CA GLU C 3583 -72.31 75.24 -63.72
C GLU C 3583 -71.98 73.85 -63.21
N GLU C 3584 -72.99 73.17 -62.66
CA GLU C 3584 -72.80 71.83 -62.12
C GLU C 3584 -72.48 70.79 -63.19
N ASP C 3585 -72.72 71.09 -64.46
CA ASP C 3585 -72.38 70.20 -65.57
C ASP C 3585 -71.05 70.56 -66.22
N ALA C 3586 -70.33 71.55 -65.70
CA ALA C 3586 -69.08 71.98 -66.32
C ALA C 3586 -67.95 70.99 -66.06
N ASP C 3587 -67.99 70.27 -64.94
CA ASP C 3587 -66.93 69.32 -64.59
C ASP C 3587 -67.21 67.92 -65.14
N ASP C 3588 -67.42 67.83 -66.45
CA ASP C 3588 -67.63 66.54 -67.10
C ASP C 3588 -66.31 65.78 -67.11
N PRO C 3589 -66.36 64.42 -67.15
CA PRO C 3589 -65.12 63.63 -67.11
C PRO C 3589 -64.11 63.94 -68.22
N GLU C 3590 -64.62 64.22 -69.42
CA GLU C 3590 -63.73 64.51 -70.54
C GLU C 3590 -63.06 65.87 -70.36
N LYS C 3591 -63.73 66.83 -69.73
CA LYS C 3591 -63.13 68.15 -69.59
C LYS C 3591 -62.17 68.17 -68.41
N ILE C 3592 -62.52 67.44 -67.34
CA ILE C 3592 -61.67 67.45 -66.15
C ILE C 3592 -60.35 66.76 -66.43
N VAL C 3593 -60.35 65.64 -67.17
CA VAL C 3593 -59.08 64.94 -67.39
C VAL C 3593 -58.10 65.79 -68.21
N ARG C 3594 -58.62 66.59 -69.15
CA ARG C 3594 -57.78 67.49 -69.94
C ARG C 3594 -57.26 68.63 -69.09
N ARG C 3595 -58.13 69.26 -68.30
CA ARG C 3595 -57.69 70.41 -67.51
C ARG C 3595 -56.78 69.98 -66.36
N VAL C 3596 -57.06 68.82 -65.74
CA VAL C 3596 -56.24 68.29 -64.66
C VAL C 3596 -54.84 67.97 -65.18
N GLN C 3597 -54.76 67.32 -66.34
CA GLN C 3597 -53.46 66.98 -66.92
C GLN C 3597 -52.67 68.24 -67.27
N GLU C 3598 -53.36 69.25 -67.83
CA GLU C 3598 -52.65 70.46 -68.25
C GLU C 3598 -52.11 71.25 -67.05
N VAL C 3599 -52.96 71.46 -66.03
CA VAL C 3599 -52.54 72.23 -64.86
C VAL C 3599 -51.48 71.46 -64.08
N SER C 3600 -51.61 70.12 -64.02
CA SER C 3600 -50.65 69.34 -63.27
C SER C 3600 -49.30 69.30 -63.98
N ALA C 3601 -49.30 69.21 -65.31
CA ALA C 3601 -48.04 69.26 -66.06
C ALA C 3601 -47.32 70.58 -65.87
N VAL C 3602 -48.10 71.68 -65.84
CA VAL C 3602 -47.51 72.98 -65.53
C VAL C 3602 -46.96 73.02 -64.12
N LEU C 3603 -47.76 72.62 -63.12
CA LEU C 3603 -47.34 72.77 -61.73
C LEU C 3603 -46.17 71.84 -61.42
N TYR C 3604 -46.17 70.65 -62.03
CA TYR C 3604 -45.07 69.71 -61.89
C TYR C 3604 -43.78 70.29 -62.41
N HIS C 3605 -43.80 70.94 -63.58
CA HIS C 3605 -42.55 71.49 -64.08
C HIS C 3605 -42.18 72.82 -63.43
N LEU C 3606 -43.15 73.46 -62.74
CA LEU C 3606 -42.85 74.67 -61.97
C LEU C 3606 -41.80 74.39 -60.90
N GLU C 3607 -42.02 73.37 -60.07
CA GLU C 3607 -41.02 73.06 -59.05
C GLU C 3607 -39.74 72.49 -59.65
N GLN C 3608 -39.82 71.96 -60.87
CA GLN C 3608 -38.63 71.46 -61.56
C GLN C 3608 -37.71 72.61 -61.91
N THR C 3609 -38.29 73.76 -62.26
CA THR C 3609 -37.44 74.87 -62.66
C THR C 3609 -37.15 75.85 -61.53
N GLU C 3610 -38.06 76.05 -60.56
CA GLU C 3610 -37.77 76.92 -59.43
C GLU C 3610 -36.86 76.25 -58.40
N HIS C 3611 -36.78 74.91 -58.39
CA HIS C 3611 -35.88 74.18 -57.50
C HIS C 3611 -34.96 73.27 -58.32
N PRO C 3612 -33.91 73.83 -58.96
CA PRO C 3612 -32.95 72.98 -59.68
C PRO C 3612 -32.17 72.01 -58.81
N TYR C 3613 -31.70 72.44 -57.62
CA TYR C 3613 -30.97 71.62 -56.62
C TYR C 3613 -29.73 70.94 -57.23
N LYS C 3614 -29.01 71.70 -58.06
CA LYS C 3614 -27.86 71.17 -58.79
C LYS C 3614 -26.73 70.76 -57.84
N SER C 3615 -26.48 71.54 -56.78
CA SER C 3615 -25.36 71.45 -55.82
C SER C 3615 -24.99 70.04 -55.31
N LYS C 3616 -23.80 69.94 -54.66
CA LYS C 3616 -23.21 68.76 -54.01
C LYS C 3616 -22.49 67.89 -55.04
N LYS C 3617 -21.98 68.51 -56.10
CA LYS C 3617 -21.22 67.81 -57.14
C LYS C 3617 -19.77 68.24 -57.23
N ALA C 3618 -19.48 69.54 -57.30
CA ALA C 3618 -18.08 70.00 -57.37
C ALA C 3618 -17.86 71.04 -56.27
N VAL C 3619 -17.45 70.55 -55.11
CA VAL C 3619 -17.23 71.35 -53.91
C VAL C 3619 -15.72 71.49 -53.70
N TRP C 3620 -15.30 72.68 -53.25
CA TRP C 3620 -13.91 73.01 -52.92
C TRP C 3620 -13.32 72.00 -51.94
N HIS C 3621 -12.23 71.34 -52.34
CA HIS C 3621 -11.66 70.28 -51.52
C HIS C 3621 -10.13 70.34 -51.44
N LYS C 3622 -9.52 71.42 -51.96
CA LYS C 3622 -8.07 71.69 -51.98
C LYS C 3622 -7.24 70.47 -52.45
N LEU C 3623 -7.49 70.11 -53.72
CA LEU C 3623 -6.82 68.99 -54.37
C LEU C 3623 -5.30 69.15 -54.36
N LEU C 3624 -4.79 70.19 -55.01
CA LEU C 3624 -3.37 70.51 -54.94
C LEU C 3624 -3.11 72.02 -54.83
N SER C 3625 -4.15 72.82 -54.60
CA SER C 3625 -3.99 74.27 -54.54
C SER C 3625 -3.12 74.70 -53.36
N LYS C 3626 -3.36 74.11 -52.19
CA LYS C 3626 -2.63 74.48 -50.98
C LYS C 3626 -1.27 73.80 -50.87
N GLN C 3627 -0.95 72.88 -51.77
CA GLN C 3627 0.31 72.14 -51.65
C GLN C 3627 1.25 72.32 -52.83
N ARG C 3628 0.73 72.33 -54.07
CA ARG C 3628 1.63 72.36 -55.22
C ARG C 3628 1.14 73.28 -56.33
N ARG C 3629 0.47 74.40 -55.99
CA ARG C 3629 0.17 75.40 -57.01
C ARG C 3629 1.44 76.13 -57.49
N ARG C 3630 2.53 76.08 -56.71
CA ARG C 3630 3.80 76.67 -57.16
C ARG C 3630 4.32 75.94 -58.39
N ALA C 3631 4.00 74.64 -58.51
CA ALA C 3631 4.47 73.86 -59.64
C ALA C 3631 3.82 74.34 -60.92
N VAL C 3632 2.48 74.44 -60.92
CA VAL C 3632 1.76 74.82 -62.15
C VAL C 3632 2.07 76.27 -62.50
N VAL C 3633 2.33 77.12 -61.50
CA VAL C 3633 2.76 78.50 -61.77
C VAL C 3633 4.10 78.51 -62.47
N ALA C 3634 5.05 77.68 -62.02
CA ALA C 3634 6.37 77.68 -62.64
C ALA C 3634 6.43 76.95 -63.97
N CYS C 3635 5.53 75.98 -64.22
CA CYS C 3635 5.63 75.10 -65.38
C CYS C 3635 5.57 75.86 -66.71
N PHE C 3636 4.60 76.77 -66.86
CA PHE C 3636 4.47 77.51 -68.11
C PHE C 3636 5.59 78.52 -68.31
N ARG C 3637 6.18 79.03 -67.22
CA ARG C 3637 7.24 80.02 -67.30
C ARG C 3637 8.61 79.37 -67.23
N MET C 3638 8.65 78.04 -67.16
CA MET C 3638 9.89 77.29 -66.97
C MET C 3638 10.63 77.20 -68.30
N THR C 3639 11.94 77.46 -68.25
CA THR C 3639 12.72 77.71 -69.47
C THR C 3639 12.96 76.42 -70.25
N PRO C 3640 12.92 76.49 -71.60
CA PRO C 3640 13.13 75.27 -72.40
C PRO C 3640 14.54 74.72 -72.32
N LEU C 3641 14.77 73.58 -72.99
CA LEU C 3641 16.03 72.87 -72.84
C LEU C 3641 17.18 73.59 -73.56
N TYR C 3642 16.91 74.17 -74.72
CA TYR C 3642 17.98 74.79 -75.50
C TYR C 3642 18.58 76.03 -74.83
N ASN C 3643 17.90 76.60 -73.84
CA ASN C 3643 18.41 77.76 -73.11
C ASN C 3643 19.40 77.39 -72.01
N LEU C 3644 19.54 76.11 -71.68
CA LEU C 3644 20.46 75.71 -70.63
C LEU C 3644 21.92 75.81 -71.09
N PRO C 3645 22.83 76.16 -70.19
CA PRO C 3645 24.26 76.16 -70.54
C PRO C 3645 24.71 74.75 -70.88
N THR C 3646 25.71 74.67 -71.77
CA THR C 3646 26.21 73.39 -72.26
C THR C 3646 26.77 72.51 -71.15
N HIS C 3647 27.58 73.10 -70.25
CA HIS C 3647 28.16 72.35 -69.15
C HIS C 3647 27.10 71.84 -68.17
N ARG C 3648 26.10 72.68 -67.87
CA ARG C 3648 25.02 72.26 -66.99
C ARG C 3648 24.22 71.15 -67.62
N ALA C 3649 23.89 71.30 -68.91
CA ALA C 3649 23.08 70.30 -69.61
C ALA C 3649 23.81 68.97 -69.69
N CYS C 3650 25.14 69.01 -69.90
CA CYS C 3650 25.93 67.78 -69.94
C CYS C 3650 25.96 67.11 -68.57
N ASN C 3651 25.88 67.90 -67.49
CA ASN C 3651 26.01 67.32 -66.15
C ASN C 3651 24.86 66.35 -65.86
N MET C 3652 23.62 66.81 -66.03
CA MET C 3652 22.52 65.87 -65.82
C MET C 3652 22.31 64.95 -67.02
N PHE C 3653 22.89 65.28 -68.19
CA PHE C 3653 22.85 64.34 -69.31
C PHE C 3653 23.61 63.07 -68.99
N LEU C 3654 24.76 63.19 -68.33
CA LEU C 3654 25.56 62.00 -68.01
C LEU C 3654 24.82 61.08 -67.06
N GLU C 3655 24.23 61.65 -65.99
CA GLU C 3655 23.52 60.82 -65.03
C GLU C 3655 22.26 60.21 -65.64
N SER C 3656 21.66 60.88 -66.63
CA SER C 3656 20.53 60.26 -67.29
C SER C 3656 20.99 59.15 -68.22
N TYR C 3657 22.14 59.35 -68.88
CA TYR C 3657 22.66 58.33 -69.79
C TYR C 3657 23.02 57.06 -69.04
N LYS C 3658 23.69 57.19 -67.88
CA LYS C 3658 24.02 55.99 -67.10
C LYS C 3658 22.78 55.34 -66.54
N ALA C 3659 21.79 56.14 -66.13
CA ALA C 3659 20.59 55.57 -65.54
C ALA C 3659 19.71 54.88 -66.57
N ALA C 3660 19.77 55.30 -67.84
CA ALA C 3660 18.88 54.75 -68.85
C ALA C 3660 19.54 53.80 -69.84
N TRP C 3661 20.86 53.84 -69.98
CA TRP C 3661 21.56 53.02 -70.96
C TRP C 3661 22.61 52.09 -70.37
N ILE C 3662 23.30 52.49 -69.30
CA ILE C 3662 24.38 51.69 -68.74
C ILE C 3662 23.90 50.78 -67.63
N LEU C 3663 23.08 51.31 -66.72
CA LEU C 3663 22.46 50.48 -65.68
C LEU C 3663 21.55 49.43 -66.29
N THR C 3664 20.79 49.80 -67.32
CA THR C 3664 19.94 48.85 -68.02
C THR C 3664 20.74 47.77 -68.75
N GLU C 3665 21.95 48.10 -69.20
CA GLU C 3665 22.80 47.12 -69.86
C GLU C 3665 23.20 45.98 -68.92
N ASP C 3666 23.22 44.76 -69.44
CA ASP C 3666 23.55 43.57 -68.67
C ASP C 3666 24.76 42.89 -69.29
N HIS C 3667 25.73 42.51 -68.46
CA HIS C 3667 26.93 41.81 -68.91
C HIS C 3667 27.08 40.51 -68.14
N SER C 3668 27.14 39.39 -68.85
CA SER C 3668 27.24 38.05 -68.27
C SER C 3668 28.69 37.58 -68.36
N PHE C 3669 29.46 37.85 -67.32
CA PHE C 3669 30.86 37.45 -67.26
C PHE C 3669 31.23 36.62 -66.04
N GLU C 3670 30.29 36.43 -65.11
CA GLU C 3670 30.56 35.78 -63.83
C GLU C 3670 30.95 34.32 -64.01
N ASP C 3671 30.21 33.60 -64.88
CA ASP C 3671 30.50 32.19 -65.08
C ASP C 3671 31.83 32.02 -65.78
N ARG C 3672 32.12 32.89 -66.74
CA ARG C 3672 33.38 32.78 -67.47
C ARG C 3672 34.55 33.09 -66.54
N MET C 3673 34.34 33.97 -65.55
CA MET C 3673 35.37 34.23 -64.54
C MET C 3673 35.64 32.98 -63.72
N ILE C 3674 34.57 32.31 -63.26
CA ILE C 3674 34.77 31.14 -62.41
C ILE C 3674 35.42 30.02 -63.22
N ASP C 3675 35.05 29.92 -64.50
CA ASP C 3675 35.64 28.93 -65.39
C ASP C 3675 37.13 29.16 -65.52
N ASP C 3676 37.54 30.43 -65.71
CA ASP C 3676 38.96 30.74 -65.82
C ASP C 3676 39.70 30.43 -64.52
N LEU C 3677 39.12 30.82 -63.38
CA LEU C 3677 39.79 30.64 -62.09
C LEU C 3677 39.79 29.17 -61.64
N SER C 3678 38.96 28.33 -62.23
CA SER C 3678 38.87 26.94 -61.83
C SER C 3678 39.79 26.00 -62.60
N LYS C 3679 40.62 26.52 -63.50
CA LYS C 3679 41.49 25.68 -64.30
C LYS C 3679 42.91 25.78 -63.77
N ALA C 3680 43.37 24.71 -63.13
CA ALA C 3680 44.76 24.58 -62.73
C ALA C 3680 45.55 23.80 -63.79
N GLY C 3681 45.55 24.36 -65.00
CA GLY C 3681 46.13 23.70 -66.15
C GLY C 3681 47.47 24.30 -66.54
N GLU C 3682 48.14 23.59 -67.46
CA GLU C 3682 49.42 23.92 -68.12
C GLU C 3682 50.55 24.26 -67.13
N GLN C 3683 50.45 23.89 -65.86
CA GLN C 3683 51.60 23.92 -64.97
C GLN C 3683 52.03 22.52 -64.56
N GLU C 3684 51.40 21.48 -65.11
CA GLU C 3684 51.67 20.09 -64.75
C GLU C 3684 52.74 19.45 -65.63
N GLU C 3685 53.66 20.23 -66.19
CA GLU C 3685 54.73 19.69 -67.03
C GLU C 3685 55.71 18.80 -66.27
N GLU C 3686 55.81 18.96 -64.95
CA GLU C 3686 56.74 18.14 -64.16
C GLU C 3686 56.09 16.93 -63.49
N GLU C 3687 54.78 16.97 -63.26
CA GLU C 3687 53.94 15.93 -62.62
C GLU C 3687 54.60 15.22 -61.42
N GLU C 3688 55.00 16.03 -60.44
CA GLU C 3688 55.64 15.53 -59.22
C GLU C 3688 54.79 14.50 -58.48
N GLU C 3689 55.47 13.49 -57.94
CA GLU C 3689 54.83 12.40 -57.21
C GLU C 3689 54.15 12.89 -55.93
N VAL C 3690 54.76 13.85 -55.24
CA VAL C 3690 54.29 14.30 -53.92
C VAL C 3690 52.87 14.85 -53.98
N GLU C 3691 52.55 15.62 -55.03
CA GLU C 3691 51.16 16.04 -55.37
C GLU C 3691 50.48 16.81 -54.24
N GLU C 3692 51.21 17.70 -53.58
CA GLU C 3692 50.72 18.61 -52.53
C GLU C 3692 49.45 19.43 -52.86
N LYS C 3693 48.98 19.36 -54.12
CA LYS C 3693 47.79 20.01 -54.69
C LYS C 3693 47.70 21.50 -54.35
N LYS C 3694 48.68 22.25 -54.88
CA LYS C 3694 48.74 23.69 -54.68
C LYS C 3694 47.45 24.32 -55.18
N PRO C 3695 46.88 25.28 -54.44
CA PRO C 3695 45.55 25.79 -54.78
C PRO C 3695 45.47 26.42 -56.17
N ASP C 3696 44.39 26.11 -56.86
CA ASP C 3696 44.03 26.77 -58.09
C ASP C 3696 43.55 28.20 -57.78
N PRO C 3697 43.54 29.10 -58.81
CA PRO C 3697 43.23 30.53 -58.54
C PRO C 3697 41.95 30.79 -57.79
N LEU C 3698 40.89 30.02 -58.07
CA LEU C 3698 39.64 30.20 -57.34
C LEU C 3698 39.80 29.85 -55.87
N HIS C 3699 40.58 28.80 -55.57
CA HIS C 3699 40.83 28.42 -54.18
C HIS C 3699 41.62 29.49 -53.46
N GLN C 3700 42.44 30.24 -54.19
CA GLN C 3700 43.25 31.26 -53.53
C GLN C 3700 42.38 32.42 -53.06
N LEU C 3701 41.26 32.69 -53.75
CA LEU C 3701 40.31 33.71 -53.30
C LEU C 3701 39.75 33.34 -51.95
N VAL C 3702 39.26 32.12 -51.83
CA VAL C 3702 38.60 31.65 -50.62
C VAL C 3702 39.59 31.64 -49.45
N LEU C 3703 40.82 31.17 -49.70
CA LEU C 3703 41.84 31.18 -48.64
C LEU C 3703 42.18 32.60 -48.19
N HIS C 3704 42.26 33.54 -49.14
CA HIS C 3704 42.54 34.92 -48.77
C HIS C 3704 41.36 35.56 -48.05
N PHE C 3705 40.14 35.23 -48.45
CA PHE C 3705 39.00 35.79 -47.74
C PHE C 3705 38.79 35.11 -46.41
N SER C 3706 39.33 33.90 -46.24
CA SER C 3706 39.21 33.22 -44.97
C SER C 3706 40.16 33.81 -43.95
N ARG C 3707 41.39 34.16 -44.37
CA ARG C 3707 42.34 34.69 -43.40
C ARG C 3707 41.95 36.10 -42.94
N THR C 3708 41.42 36.92 -43.85
CA THR C 3708 40.98 38.27 -43.48
C THR C 3708 39.73 38.25 -42.59
N ALA C 3709 39.03 37.13 -42.52
CA ALA C 3709 37.93 36.98 -41.58
C ALA C 3709 38.34 36.27 -40.30
N LEU C 3710 39.38 35.46 -40.35
CA LEU C 3710 39.88 34.83 -39.14
C LEU C 3710 40.85 35.71 -38.38
N THR C 3711 41.33 36.79 -38.98
CA THR C 3711 42.21 37.71 -38.26
C THR C 3711 41.41 38.45 -37.19
N GLU C 3712 42.12 38.90 -36.16
CA GLU C 3712 41.49 39.47 -34.98
C GLU C 3712 41.35 40.98 -35.14
N LYS C 3713 40.10 41.42 -35.28
CA LYS C 3713 39.77 42.84 -35.36
C LYS C 3713 38.55 43.10 -34.51
N SER C 3714 38.51 44.27 -33.87
CA SER C 3714 37.36 44.64 -33.05
C SER C 3714 36.12 44.85 -33.93
N LYS C 3715 36.29 45.49 -35.08
CA LYS C 3715 35.21 45.71 -36.02
C LYS C 3715 35.63 45.19 -37.38
N LEU C 3716 34.70 44.52 -38.06
CA LEU C 3716 34.96 43.99 -39.38
C LEU C 3716 34.57 45.03 -40.43
N ASP C 3717 35.52 45.42 -41.26
CA ASP C 3717 35.35 46.52 -42.19
C ASP C 3717 34.82 46.06 -43.54
N GLU C 3718 34.40 47.03 -44.36
CA GLU C 3718 33.87 46.73 -45.67
C GLU C 3718 34.99 46.66 -46.71
N ASP C 3719 35.00 45.57 -47.47
CA ASP C 3719 35.93 45.38 -48.57
C ASP C 3719 35.15 45.36 -49.87
N TYR C 3720 35.41 46.37 -50.72
CA TYR C 3720 34.75 46.43 -52.03
C TYR C 3720 35.11 45.22 -52.89
N LEU C 3721 36.35 44.75 -52.76
CA LEU C 3721 36.77 43.56 -53.50
C LEU C 3721 35.99 42.34 -53.02
N TYR C 3722 35.80 42.21 -51.70
CA TYR C 3722 35.01 41.09 -51.21
C TYR C 3722 33.55 41.22 -51.63
N MET C 3723 33.05 42.45 -51.75
CA MET C 3723 31.70 42.69 -52.26
C MET C 3723 31.57 42.14 -53.67
N ALA C 3724 32.54 42.49 -54.52
CA ALA C 3724 32.46 42.15 -55.93
C ALA C 3724 32.63 40.65 -56.12
N TYR C 3725 33.64 40.07 -55.49
CA TYR C 3725 33.94 38.66 -55.73
C TYR C 3725 32.88 37.76 -55.11
N ALA C 3726 32.36 38.14 -53.93
CA ALA C 3726 31.25 37.41 -53.34
C ALA C 3726 29.98 37.48 -54.19
N ASP C 3727 29.67 38.66 -54.74
CA ASP C 3727 28.52 38.77 -55.63
C ASP C 3727 28.70 37.99 -56.92
N ILE C 3728 29.92 38.02 -57.48
CA ILE C 3728 30.23 37.26 -58.69
C ILE C 3728 30.09 35.77 -58.45
N MET C 3729 30.60 35.29 -57.31
CA MET C 3729 30.48 33.89 -56.94
C MET C 3729 29.02 33.53 -56.73
N ALA C 3730 28.25 34.43 -56.11
CA ALA C 3730 26.86 34.13 -55.80
C ALA C 3730 26.06 34.00 -57.10
N LYS C 3731 26.16 34.99 -57.98
CA LYS C 3731 25.36 34.95 -59.19
C LYS C 3731 26.03 34.17 -60.32
N SER C 3732 27.07 33.40 -60.02
CA SER C 3732 27.63 32.47 -60.98
C SER C 3732 27.19 31.03 -60.71
N CYS C 3733 26.10 30.84 -59.97
CA CYS C 3733 25.66 29.51 -59.58
C CYS C 3733 24.30 29.13 -60.14
N HIS C 3734 23.29 29.98 -59.97
CA HIS C 3734 21.92 29.60 -60.37
C HIS C 3734 21.79 29.49 -61.89
N LEU C 3735 22.06 30.60 -62.60
CA LEU C 3735 21.91 30.73 -64.05
C LEU C 3735 20.50 30.35 -64.51
N GLU C 3736 19.51 30.76 -63.72
CA GLU C 3736 18.11 30.45 -63.98
C GLU C 3736 17.18 31.43 -63.28
N VAL C 3749 5.02 24.41 -70.86
CA VAL C 3749 5.50 24.51 -69.49
C VAL C 3749 5.60 23.11 -68.86
N GLU C 3750 5.19 22.09 -69.60
CA GLU C 3750 5.25 20.71 -69.12
C GLU C 3750 6.59 20.04 -69.44
N VAL C 3751 7.62 20.64 -68.83
CA VAL C 3751 8.98 20.13 -68.94
C VAL C 3751 9.11 18.80 -68.20
N SER C 3752 9.69 17.81 -68.87
CA SER C 3752 9.72 16.48 -68.30
C SER C 3752 10.93 16.32 -67.39
N PHE C 3753 10.82 15.36 -66.46
CA PHE C 3753 11.85 15.21 -65.45
C PHE C 3753 13.15 14.63 -65.98
N GLU C 3754 13.14 14.08 -67.20
CA GLU C 3754 14.37 13.50 -67.76
C GLU C 3754 15.36 14.56 -68.17
N GLU C 3755 14.88 15.72 -68.62
CA GLU C 3755 15.77 16.83 -68.85
C GLU C 3755 15.75 17.80 -67.70
N LYS C 3756 14.76 17.68 -66.81
CA LYS C 3756 14.74 18.49 -65.59
C LYS C 3756 15.91 18.14 -64.67
N GLU C 3757 16.27 16.86 -64.56
CA GLU C 3757 17.43 16.57 -63.70
C GLU C 3757 18.76 17.10 -64.24
N MET C 3758 18.80 17.55 -65.50
CA MET C 3758 20.03 18.07 -66.08
C MET C 3758 20.41 19.37 -65.40
N GLU C 3759 19.45 20.30 -65.26
CA GLU C 3759 19.79 21.59 -64.67
C GLU C 3759 20.19 21.41 -63.21
N LYS C 3760 19.50 20.50 -62.49
CA LYS C 3760 19.87 20.25 -61.10
C LYS C 3760 21.29 19.71 -60.96
N GLN C 3761 21.63 18.64 -61.71
CA GLN C 3761 22.99 18.11 -61.60
C GLN C 3761 24.06 19.06 -62.15
N ARG C 3762 23.67 19.99 -63.02
CA ARG C 3762 24.58 21.06 -63.40
C ARG C 3762 24.72 22.10 -62.30
N LEU C 3763 23.61 22.43 -61.63
CA LEU C 3763 23.69 23.35 -60.50
C LEU C 3763 24.52 22.76 -59.39
N LEU C 3764 24.33 21.47 -59.10
CA LEU C 3764 25.15 20.78 -58.12
C LEU C 3764 26.62 20.79 -58.50
N TYR C 3765 26.92 20.71 -59.80
CA TYR C 3765 28.30 20.83 -60.25
C TYR C 3765 28.84 22.22 -59.97
N GLN C 3766 28.04 23.25 -60.27
CA GLN C 3766 28.46 24.62 -60.06
C GLN C 3766 28.68 24.94 -58.57
N GLN C 3767 27.80 24.45 -57.70
CA GLN C 3767 28.03 24.59 -56.26
C GLN C 3767 29.22 23.77 -55.80
N SER C 3768 29.44 22.59 -56.40
CA SER C 3768 30.59 21.78 -56.06
C SER C 3768 31.89 22.48 -56.41
N ARG C 3769 31.86 23.27 -57.50
CA ARG C 3769 33.01 24.05 -57.93
C ARG C 3769 33.45 25.05 -56.87
N LEU C 3770 32.52 25.48 -56.02
CA LEU C 3770 32.82 26.46 -54.98
C LEU C 3770 33.10 25.78 -53.65
N HIS C 3771 32.17 24.94 -53.18
CA HIS C 3771 32.30 24.38 -51.84
C HIS C 3771 33.43 23.38 -51.74
N THR C 3772 33.91 22.84 -52.87
CA THR C 3772 35.07 21.95 -52.79
C THR C 3772 36.35 22.70 -52.43
N ARG C 3773 36.33 24.03 -52.46
CA ARG C 3773 37.49 24.84 -52.15
C ARG C 3773 37.36 25.60 -50.85
N GLY C 3774 36.54 25.12 -49.92
CA GLY C 3774 36.42 25.77 -48.63
C GLY C 3774 35.48 26.96 -48.54
N ALA C 3775 34.73 27.27 -49.61
CA ALA C 3775 33.85 28.44 -49.58
C ALA C 3775 32.75 28.34 -48.53
N ALA C 3776 32.33 27.12 -48.19
CA ALA C 3776 31.32 26.94 -47.14
C ALA C 3776 31.85 27.40 -45.80
N GLU C 3777 33.10 27.05 -45.48
CA GLU C 3777 33.66 27.47 -44.22
C GLU C 3777 34.02 28.95 -44.26
N MET C 3778 34.36 29.46 -45.45
CA MET C 3778 34.66 30.89 -45.56
C MET C 3778 33.42 31.70 -45.24
N VAL C 3779 32.25 31.25 -45.73
CA VAL C 3779 30.99 31.89 -45.41
C VAL C 3779 30.70 31.79 -43.92
N LEU C 3780 30.95 30.61 -43.33
CA LEU C 3780 30.73 30.42 -41.89
C LEU C 3780 31.59 31.35 -41.06
N GLN C 3781 32.86 31.51 -41.46
CA GLN C 3781 33.78 32.38 -40.76
C GLN C 3781 33.34 33.83 -40.88
N MET C 3782 32.93 34.26 -42.08
CA MET C 3782 32.53 35.65 -42.26
C MET C 3782 31.28 35.98 -41.46
N ILE C 3783 30.32 35.05 -41.42
CA ILE C 3783 29.13 35.23 -40.58
C ILE C 3783 29.51 35.30 -39.11
N SER C 3784 30.42 34.44 -38.66
CA SER C 3784 30.81 34.50 -37.25
C SER C 3784 31.71 35.70 -36.96
N ALA C 3785 32.27 36.32 -38.00
CA ALA C 3785 33.18 37.43 -37.86
C ALA C 3785 32.51 38.79 -37.98
N CYS C 3786 31.30 38.86 -38.55
CA CYS C 3786 30.63 40.15 -38.66
C CYS C 3786 30.18 40.71 -37.31
N LYS C 3787 30.21 39.90 -36.24
CA LYS C 3787 29.96 40.31 -34.85
C LYS C 3787 28.56 40.85 -34.63
N GLY C 3788 27.61 40.52 -35.49
CA GLY C 3788 26.27 41.01 -35.33
C GLY C 3788 26.01 42.38 -35.90
N GLU C 3789 26.93 42.90 -36.71
CA GLU C 3789 26.78 44.23 -37.29
C GLU C 3789 26.25 44.05 -38.71
N THR C 3790 25.03 44.51 -38.94
CA THR C 3790 24.41 44.39 -40.25
C THR C 3790 25.05 45.32 -41.26
N GLY C 3791 25.05 44.90 -42.52
CA GLY C 3791 25.62 45.73 -43.57
C GLY C 3791 25.60 45.00 -44.90
N ALA C 3792 26.18 45.68 -45.89
CA ALA C 3792 26.27 45.12 -47.22
C ALA C 3792 27.21 43.92 -47.27
N MET C 3793 28.16 43.86 -46.33
CA MET C 3793 29.10 42.75 -46.29
C MET C 3793 28.37 41.47 -45.90
N VAL C 3794 27.61 41.53 -44.81
CA VAL C 3794 26.97 40.32 -44.32
C VAL C 3794 25.81 39.97 -45.26
N SER C 3795 25.18 40.98 -45.89
CA SER C 3795 24.14 40.68 -46.87
C SER C 3795 24.70 39.94 -48.07
N SER C 3796 25.89 40.36 -48.56
CA SER C 3796 26.53 39.65 -49.66
C SER C 3796 26.98 38.27 -49.25
N THR C 3797 27.36 38.10 -47.98
CA THR C 3797 27.76 36.79 -47.48
C THR C 3797 26.57 35.84 -47.45
N LEU C 3798 25.43 36.32 -46.94
CA LEU C 3798 24.22 35.50 -46.91
C LEU C 3798 23.74 35.19 -48.32
N LYS C 3799 23.91 36.13 -49.25
CA LYS C 3799 23.57 35.92 -50.65
C LYS C 3799 24.40 34.79 -51.24
N LEU C 3800 25.69 34.76 -50.93
CA LEU C 3800 26.55 33.69 -51.40
C LEU C 3800 26.20 32.36 -50.74
N GLY C 3801 25.92 32.39 -49.44
CA GLY C 3801 25.54 31.16 -48.73
C GLY C 3801 24.27 30.55 -49.27
N ILE C 3802 23.32 31.39 -49.68
CA ILE C 3802 22.11 30.87 -50.31
C ILE C 3802 22.44 30.32 -51.69
N SER C 3803 23.22 31.05 -52.47
CA SER C 3803 23.53 30.61 -53.83
C SER C 3803 24.34 29.32 -53.84
N ILE C 3804 25.09 29.05 -52.77
CA ILE C 3804 25.82 27.79 -52.66
C ILE C 3804 24.96 26.74 -51.97
N LEU C 3805 23.84 27.13 -51.37
CA LEU C 3805 22.97 26.20 -50.67
C LEU C 3805 21.63 25.99 -51.34
N ASN C 3806 21.49 26.40 -52.60
CA ASN C 3806 20.22 26.23 -53.31
C ASN C 3806 19.87 24.75 -53.45
N GLY C 3807 18.60 24.44 -53.22
CA GLY C 3807 18.10 23.09 -53.28
C GLY C 3807 18.48 22.22 -52.10
N GLY C 3808 19.06 22.79 -51.05
CA GLY C 3808 19.49 22.05 -49.89
C GLY C 3808 20.58 21.03 -50.18
N ASN C 3809 21.77 21.51 -50.55
CA ASN C 3809 22.90 20.63 -50.83
C ASN C 3809 23.28 19.80 -49.60
N ALA C 3810 23.32 18.48 -49.77
CA ALA C 3810 23.54 17.57 -48.65
C ALA C 3810 24.97 17.66 -48.14
N GLU C 3811 25.93 17.65 -49.06
CA GLU C 3811 27.31 17.66 -48.62
C GLU C 3811 27.73 19.03 -48.14
N VAL C 3812 27.09 20.09 -48.65
CA VAL C 3812 27.39 21.43 -48.14
C VAL C 3812 26.94 21.53 -46.69
N GLN C 3813 25.70 21.07 -46.39
CA GLN C 3813 25.24 21.07 -45.00
C GLN C 3813 26.11 20.18 -44.13
N GLN C 3814 26.66 19.11 -44.71
CA GLN C 3814 27.57 18.25 -43.95
C GLN C 3814 28.85 19.00 -43.58
N LYS C 3815 29.42 19.72 -44.54
CA LYS C 3815 30.65 20.48 -44.27
C LYS C 3815 30.41 21.59 -43.26
N MET C 3816 29.30 22.33 -43.41
CA MET C 3816 29.00 23.43 -42.48
C MET C 3816 28.78 22.91 -41.07
N LEU C 3817 28.05 21.80 -40.93
CA LEU C 3817 27.81 21.23 -39.62
C LEU C 3817 29.10 20.70 -39.00
N ASP C 3818 29.94 20.04 -39.79
CA ASP C 3818 31.20 19.53 -39.26
C ASP C 3818 32.13 20.66 -38.82
N TYR C 3819 32.17 21.74 -39.61
CA TYR C 3819 33.02 22.87 -39.26
C TYR C 3819 32.54 23.55 -37.98
N LEU C 3820 31.22 23.59 -37.77
CA LEU C 3820 30.75 24.16 -36.51
C LEU C 3820 31.02 23.21 -35.35
N LYS C 3821 30.95 21.91 -35.61
CA LYS C 3821 31.06 20.96 -34.52
C LYS C 3821 32.50 20.86 -34.05
N ASP C 3822 33.46 20.96 -34.96
CA ASP C 3822 34.82 20.85 -34.47
C ASP C 3822 35.38 22.20 -34.01
N LYS C 3823 34.98 23.32 -34.65
CA LYS C 3823 35.43 24.62 -34.17
C LYS C 3823 34.88 24.96 -32.78
N LYS C 3824 33.61 24.62 -32.53
CA LYS C 3824 32.92 24.88 -31.25
C LYS C 3824 32.94 26.36 -30.87
N GLU C 3825 32.76 27.24 -31.85
CA GLU C 3825 32.73 28.67 -31.59
C GLU C 3825 31.31 29.15 -31.33
N VAL C 3826 31.20 30.10 -30.39
CA VAL C 3826 29.90 30.63 -29.99
C VAL C 3826 29.49 31.82 -30.86
N GLY C 3827 30.47 32.52 -31.45
CA GLY C 3827 30.21 33.79 -32.12
C GLY C 3827 29.30 33.67 -33.31
N PHE C 3828 29.21 32.47 -33.91
CA PHE C 3828 28.36 32.28 -35.08
C PHE C 3828 26.90 32.49 -34.71
N PHE C 3829 26.44 31.77 -33.67
CA PHE C 3829 25.05 31.93 -33.28
C PHE C 3829 24.84 33.23 -32.53
N GLN C 3830 25.89 33.79 -31.91
CA GLN C 3830 25.76 35.14 -31.34
C GLN C 3830 25.44 36.15 -32.42
N SER C 3831 26.12 36.03 -33.57
CA SER C 3831 25.84 36.91 -34.70
C SER C 3831 24.46 36.66 -35.27
N ILE C 3832 24.09 35.38 -35.45
CA ILE C 3832 22.78 35.04 -36.03
C ILE C 3832 21.65 35.63 -35.20
N GLN C 3833 21.74 35.49 -33.87
CA GLN C 3833 20.78 36.09 -32.97
C GLN C 3833 20.79 37.62 -33.06
N ALA C 3834 21.98 38.23 -33.15
CA ALA C 3834 22.06 39.68 -33.18
C ALA C 3834 21.44 40.25 -34.46
N LEU C 3835 21.80 39.67 -35.61
CA LEU C 3835 21.24 40.12 -36.88
C LEU C 3835 19.74 39.93 -36.92
N MET C 3836 19.24 38.80 -36.42
CA MET C 3836 17.82 38.55 -36.52
C MET C 3836 17.05 39.50 -35.60
N GLN C 3837 17.61 39.79 -34.42
CA GLN C 3837 16.96 40.74 -33.51
C GLN C 3837 16.97 42.16 -34.06
N THR C 3838 17.90 42.49 -34.95
CA THR C 3838 17.91 43.82 -35.54
C THR C 3838 16.98 43.97 -36.73
N CYS C 3839 16.35 42.88 -37.19
CA CYS C 3839 15.43 42.95 -38.33
C CYS C 3839 14.25 43.86 -38.02
N SER C 3840 13.95 44.75 -38.96
CA SER C 3840 12.92 45.77 -38.78
C SER C 3840 11.53 45.19 -38.96
N VAL C 3841 10.56 45.82 -38.28
CA VAL C 3841 9.15 45.47 -38.39
C VAL C 3841 8.39 46.67 -38.92
N LEU C 3842 7.08 46.49 -39.15
CA LEU C 3842 6.23 47.56 -39.66
C LEU C 3842 6.10 48.69 -38.65
N ASP C 3843 6.09 49.93 -39.13
CA ASP C 3843 6.05 51.10 -38.26
C ASP C 3843 4.98 52.06 -38.76
N LEU C 3844 3.95 52.24 -37.93
CA LEU C 3844 2.86 53.15 -38.28
C LEU C 3844 3.33 54.60 -38.34
N ASN C 3845 4.13 55.02 -37.36
CA ASN C 3845 4.55 56.42 -37.26
C ASN C 3845 5.36 56.83 -38.48
N ALA C 3846 6.29 55.96 -38.87
CA ALA C 3846 7.10 56.17 -40.06
C ALA C 3846 6.26 56.14 -41.32
N PHE C 3847 5.26 55.24 -41.37
CA PHE C 3847 4.36 55.20 -42.51
C PHE C 3847 3.55 56.49 -42.65
N GLU C 3848 3.05 57.02 -41.54
CA GLU C 3848 2.34 58.29 -41.54
C GLU C 3848 3.25 59.44 -41.96
N ARG C 3849 4.50 59.44 -41.48
CA ARG C 3849 5.46 60.45 -41.91
C ARG C 3849 5.72 60.36 -43.41
N GLN C 3850 5.84 59.15 -43.94
CA GLN C 3850 6.05 58.97 -45.37
C GLN C 3850 4.83 59.46 -46.16
N ASN C 3851 3.63 59.22 -45.62
CA ASN C 3851 2.40 59.68 -46.26
C ASN C 3851 2.34 61.20 -46.32
N LYS C 3852 2.76 61.87 -45.25
CA LYS C 3852 2.87 63.34 -45.30
C LYS C 3852 3.93 63.78 -46.28
N ALA C 3853 5.06 63.04 -46.35
CA ALA C 3853 6.13 63.42 -47.27
C ALA C 3853 5.66 63.33 -48.72
N GLU C 3854 4.97 62.25 -49.07
CA GLU C 3854 4.48 62.16 -50.44
C GLU C 3854 3.32 63.10 -50.68
N GLY C 3855 2.60 63.51 -49.61
CA GLY C 3855 1.58 64.52 -49.77
C GLY C 3855 2.18 65.86 -50.16
N LEU C 3856 3.31 66.21 -49.54
CA LEU C 3856 4.01 67.44 -49.92
C LEU C 3856 4.64 67.31 -51.30
N GLY C 3857 5.23 66.15 -51.60
CA GLY C 3857 5.83 65.90 -52.90
C GLY C 3857 7.03 66.77 -53.25
N MET C 3858 8.14 66.59 -52.54
CA MET C 3858 9.32 67.43 -52.71
C MET C 3858 9.94 67.27 -54.08
N VAL C 3859 10.63 68.33 -54.54
CA VAL C 3859 11.34 68.34 -55.81
C VAL C 3859 12.72 68.94 -55.58
N ASN C 3860 13.64 68.60 -56.49
CA ASN C 3860 15.01 69.11 -56.44
C ASN C 3860 15.07 70.42 -57.23
N GLU C 3861 16.29 70.93 -57.46
CA GLU C 3861 16.48 72.22 -58.11
C GLU C 3861 16.76 72.07 -59.60
N ASP C 3862 17.79 71.30 -59.98
CA ASP C 3862 18.18 71.11 -61.37
C ASP C 3862 17.19 70.17 -62.07
N GLY C 3863 16.03 70.72 -62.42
CA GLY C 3863 14.96 69.94 -63.00
C GLY C 3863 13.95 69.56 -61.94
N THR C 3864 13.32 68.39 -62.09
CA THR C 3864 12.31 67.93 -61.14
C THR C 3864 12.13 66.42 -61.30
N VAL C 3865 12.11 65.72 -60.16
CA VAL C 3865 11.71 64.33 -60.10
C VAL C 3865 10.29 64.27 -59.55
N ILE C 3866 9.41 63.53 -60.23
CA ILE C 3866 8.00 63.50 -59.87
C ILE C 3866 7.76 62.29 -58.97
N ASN C 3867 7.31 62.57 -57.74
CA ASN C 3867 7.04 61.55 -56.71
C ASN C 3867 8.26 60.68 -56.45
N ARG C 3868 9.30 61.34 -55.91
CA ARG C 3868 10.63 60.76 -55.73
C ARG C 3868 10.57 59.46 -54.91
N GLN C 3869 11.34 58.48 -55.35
CA GLN C 3869 11.30 57.13 -54.79
C GLN C 3869 12.48 56.86 -53.87
N ASN C 3870 12.87 57.85 -53.05
CA ASN C 3870 13.91 57.68 -52.04
C ASN C 3870 13.55 56.54 -51.09
N GLY C 3871 14.58 56.01 -50.41
CA GLY C 3871 14.46 54.82 -49.57
C GLY C 3871 13.38 54.87 -48.52
N GLU C 3872 12.54 53.83 -48.52
CA GLU C 3872 11.45 53.76 -47.56
C GLU C 3872 12.00 53.40 -46.19
N LYS C 3873 11.52 54.11 -45.16
CA LYS C 3873 11.99 53.86 -43.80
C LYS C 3873 11.28 52.70 -43.13
N VAL C 3874 10.34 52.05 -43.81
CA VAL C 3874 9.70 50.84 -43.32
C VAL C 3874 10.05 49.72 -44.27
N MET C 3875 10.48 48.57 -43.72
CA MET C 3875 10.96 47.41 -44.49
C MET C 3875 12.12 47.77 -45.40
N ALA C 3876 13.04 48.59 -44.89
CA ALA C 3876 14.24 48.91 -45.66
C ALA C 3876 15.10 47.67 -45.87
N ASP C 3877 15.19 46.83 -44.84
CA ASP C 3877 15.93 45.57 -44.89
C ASP C 3877 15.01 44.40 -45.15
N ASP C 3878 13.94 44.59 -45.94
CA ASP C 3878 12.98 43.53 -46.21
C ASP C 3878 13.62 42.35 -46.93
N GLU C 3879 14.49 42.62 -47.90
CA GLU C 3879 15.18 41.55 -48.60
C GLU C 3879 16.23 40.90 -47.72
N PHE C 3880 16.81 41.66 -46.79
CA PHE C 3880 17.79 41.09 -45.88
C PHE C 3880 17.12 40.19 -44.86
N THR C 3881 15.92 40.56 -44.41
CA THR C 3881 15.16 39.70 -43.52
C THR C 3881 14.68 38.46 -44.26
N GLN C 3882 14.35 38.61 -45.53
CA GLN C 3882 13.93 37.48 -46.35
C GLN C 3882 15.06 36.46 -46.48
N ASP C 3883 16.20 36.89 -47.03
CA ASP C 3883 17.23 35.91 -47.31
C ASP C 3883 17.97 35.43 -46.06
N LEU C 3884 17.84 36.12 -44.91
CA LEU C 3884 18.40 35.56 -43.68
C LEU C 3884 17.63 34.31 -43.26
N PHE C 3885 16.30 34.38 -43.30
CA PHE C 3885 15.51 33.21 -42.96
C PHE C 3885 15.55 32.18 -44.07
N ARG C 3886 15.69 32.61 -45.32
CA ARG C 3886 15.85 31.65 -46.40
C ARG C 3886 17.14 30.85 -46.23
N PHE C 3887 18.22 31.51 -45.83
CA PHE C 3887 19.48 30.82 -45.53
C PHE C 3887 19.31 29.84 -44.38
N LEU C 3888 18.60 30.25 -43.34
CA LEU C 3888 18.32 29.35 -42.22
C LEU C 3888 17.47 28.17 -42.65
N GLN C 3889 16.50 28.41 -43.54
CA GLN C 3889 15.65 27.34 -44.04
C GLN C 3889 16.47 26.34 -44.86
N LEU C 3890 17.33 26.85 -45.74
CA LEU C 3890 18.16 25.99 -46.58
C LEU C 3890 19.14 25.17 -45.76
N LEU C 3891 19.54 25.68 -44.59
CA LEU C 3891 20.43 24.90 -43.74
C LEU C 3891 19.75 23.67 -43.17
N CYS C 3892 18.44 23.73 -42.91
CA CYS C 3892 17.70 22.60 -42.38
C CYS C 3892 16.92 21.85 -43.44
N GLU C 3893 16.99 22.28 -44.69
CA GLU C 3893 16.24 21.63 -45.75
C GLU C 3893 16.81 20.26 -46.05
N GLY C 3894 15.95 19.37 -46.57
CA GLY C 3894 16.33 18.00 -46.81
C GLY C 3894 16.26 17.12 -45.59
N HIS C 3895 15.55 17.57 -44.55
CA HIS C 3895 15.33 16.85 -43.29
C HIS C 3895 16.65 16.49 -42.59
N ASN C 3896 17.54 17.46 -42.53
CA ASN C 3896 18.83 17.27 -41.84
C ASN C 3896 18.55 17.33 -40.35
N ASN C 3897 18.16 16.18 -39.78
CA ASN C 3897 17.79 16.11 -38.37
C ASN C 3897 18.97 16.44 -37.47
N ASP C 3898 20.18 16.06 -37.90
CA ASP C 3898 21.38 16.33 -37.13
C ASP C 3898 21.59 17.82 -36.96
N PHE C 3899 21.39 18.58 -38.04
CA PHE C 3899 21.61 20.01 -37.92
C PHE C 3899 20.42 20.66 -37.23
N GLN C 3900 19.23 20.05 -37.37
CA GLN C 3900 18.03 20.59 -36.73
C GLN C 3900 18.19 20.57 -35.22
N ASN C 3901 18.73 19.46 -34.68
CA ASN C 3901 18.99 19.44 -33.25
C ASN C 3901 20.12 20.38 -32.87
N TYR C 3902 21.01 20.69 -33.83
CA TYR C 3902 22.12 21.59 -33.55
C TYR C 3902 21.62 23.00 -33.34
N LEU C 3903 20.62 23.41 -34.12
CA LEU C 3903 20.04 24.74 -33.96
C LEU C 3903 19.37 24.88 -32.60
N ARG C 3904 18.63 23.86 -32.18
CA ARG C 3904 17.95 23.91 -30.89
C ARG C 3904 18.95 23.95 -29.75
N THR C 3905 20.01 23.16 -29.83
CA THR C 3905 21.01 23.15 -28.78
C THR C 3905 22.35 22.72 -29.37
N GLN C 3906 23.42 23.25 -28.80
CA GLN C 3906 24.77 22.90 -29.21
C GLN C 3906 25.48 22.26 -28.03
N THR C 3907 25.57 20.93 -28.06
CA THR C 3907 26.19 20.19 -26.96
C THR C 3907 27.67 20.53 -26.83
N GLY C 3908 28.37 20.63 -27.98
CA GLY C 3908 29.79 20.92 -27.94
C GLY C 3908 30.09 22.33 -27.45
N ASN C 3909 29.24 23.29 -27.82
CA ASN C 3909 29.46 24.68 -27.47
C ASN C 3909 29.35 24.90 -25.97
N THR C 3910 30.09 25.88 -25.47
CA THR C 3910 30.06 26.21 -24.05
C THR C 3910 28.68 26.72 -23.64
N THR C 3911 28.06 27.56 -24.45
CA THR C 3911 26.74 28.10 -24.20
C THR C 3911 25.80 27.78 -25.35
N THR C 3912 24.50 27.73 -25.06
CA THR C 3912 23.47 27.36 -26.02
C THR C 3912 22.56 28.55 -26.28
N ILE C 3913 22.39 28.89 -27.56
CA ILE C 3913 21.47 29.94 -27.99
C ILE C 3913 20.37 29.29 -28.81
N ASN C 3914 19.15 29.31 -28.30
CA ASN C 3914 18.03 28.65 -28.98
C ASN C 3914 17.55 29.58 -30.10
N ILE C 3915 17.99 29.26 -31.31
CA ILE C 3915 17.62 30.01 -32.50
C ILE C 3915 16.13 29.88 -32.77
N ILE C 3916 15.57 28.71 -32.49
CA ILE C 3916 14.15 28.45 -32.77
C ILE C 3916 13.26 29.36 -31.91
N ILE C 3917 13.57 29.46 -30.62
CA ILE C 3917 12.84 30.34 -29.71
C ILE C 3917 12.99 31.79 -30.12
N CYS C 3918 14.22 32.20 -30.47
CA CYS C 3918 14.42 33.57 -30.93
C CYS C 3918 13.65 33.85 -32.21
N THR C 3919 13.55 32.85 -33.10
CA THR C 3919 12.78 32.98 -34.34
C THR C 3919 11.32 33.20 -34.04
N VAL C 3920 10.79 32.49 -33.04
CA VAL C 3920 9.40 32.66 -32.64
C VAL C 3920 9.21 34.08 -32.12
N ASP C 3921 10.19 34.58 -31.37
CA ASP C 3921 10.09 35.91 -30.77
C ASP C 3921 10.00 36.98 -31.85
N TYR C 3922 10.82 36.83 -32.91
CA TYR C 3922 10.76 37.77 -34.02
C TYR C 3922 9.42 37.67 -34.73
N LEU C 3923 8.91 36.45 -34.92
CA LEU C 3923 7.61 36.27 -35.56
C LEU C 3923 6.51 36.94 -34.76
N LEU C 3924 6.59 36.87 -33.43
CA LEU C 3924 5.69 37.59 -32.54
C LEU C 3924 5.73 39.09 -32.78
N ARG C 3925 6.94 39.65 -32.90
CA ARG C 3925 7.07 41.09 -33.17
C ARG C 3925 6.46 41.47 -34.52
N LEU C 3926 6.64 40.60 -35.52
CA LEU C 3926 6.03 40.85 -36.83
C LEU C 3926 4.52 40.73 -36.74
N GLN C 3927 4.04 39.82 -35.89
CA GLN C 3927 2.60 39.66 -35.67
C GLN C 3927 1.99 40.93 -35.09
N GLU C 3928 2.64 41.51 -34.09
CA GLU C 3928 2.11 42.76 -33.51
C GLU C 3928 2.09 43.87 -34.54
N SER C 3929 3.16 43.98 -35.33
CA SER C 3929 3.25 45.07 -36.30
C SER C 3929 2.22 44.91 -37.43
N ILE C 3930 2.00 43.67 -37.87
CA ILE C 3930 0.97 43.45 -38.89
C ILE C 3930 -0.42 43.64 -38.29
N SER C 3931 -0.59 43.38 -36.98
CA SER C 3931 -1.91 43.57 -36.38
C SER C 3931 -2.24 45.05 -36.33
N ASP C 3932 -1.30 45.87 -35.81
CA ASP C 3932 -1.62 47.29 -35.71
C ASP C 3932 -1.67 47.95 -37.08
N PHE C 3933 -1.11 47.32 -38.12
CA PHE C 3933 -1.16 47.99 -39.41
C PHE C 3933 -2.49 47.70 -40.07
N TYR C 3934 -3.14 46.58 -39.70
CA TYR C 3934 -4.56 46.44 -40.00
C TYR C 3934 -5.39 47.44 -39.23
N TRP C 3935 -5.16 47.54 -37.92
CA TRP C 3935 -5.97 48.40 -37.06
C TRP C 3935 -5.93 49.87 -37.48
N TYR C 3936 -4.86 50.28 -38.16
CA TYR C 3936 -4.85 51.59 -38.79
C TYR C 3936 -5.88 51.69 -39.92
N TYR C 3937 -6.02 50.65 -40.73
CA TYR C 3937 -6.95 50.62 -41.85
C TYR C 3937 -8.32 50.03 -41.52
N SER C 3938 -8.53 49.56 -40.30
CA SER C 3938 -9.82 49.01 -39.91
C SER C 3938 -10.92 50.07 -39.96
N GLY C 3939 -10.63 51.27 -39.47
CA GLY C 3939 -11.60 52.35 -39.58
C GLY C 3939 -11.81 52.80 -41.02
N LYS C 3940 -10.74 52.78 -41.82
CA LYS C 3940 -10.82 53.18 -43.21
C LYS C 3940 -11.49 52.09 -44.04
N ASP C 3941 -11.79 52.42 -45.29
CA ASP C 3941 -12.51 51.54 -46.20
C ASP C 3941 -11.64 50.90 -47.27
N VAL C 3942 -10.73 51.64 -47.90
CA VAL C 3942 -9.94 51.12 -49.01
C VAL C 3942 -8.46 51.29 -48.67
N ILE C 3943 -7.63 50.46 -49.26
CA ILE C 3943 -6.19 50.45 -49.03
C ILE C 3943 -5.50 51.14 -50.20
N GLU C 3944 -4.65 52.12 -49.90
CA GLU C 3944 -4.01 52.89 -50.96
C GLU C 3944 -2.82 52.11 -51.55
N GLU C 3945 -2.10 52.79 -52.45
CA GLU C 3945 -1.03 52.16 -53.22
C GLU C 3945 0.16 51.81 -52.35
N GLN C 3946 0.66 52.76 -51.55
CA GLN C 3946 1.82 52.45 -50.73
C GLN C 3946 1.45 51.50 -49.61
N GLY C 3947 0.18 51.54 -49.18
CA GLY C 3947 -0.28 50.67 -48.12
C GLY C 3947 -0.24 49.22 -48.55
N LYS C 3948 -0.77 48.94 -49.75
CA LYS C 3948 -0.81 47.55 -50.18
C LYS C 3948 0.59 47.04 -50.50
N ARG C 3949 1.49 47.93 -50.93
CA ARG C 3949 2.89 47.54 -51.12
C ARG C 3949 3.54 47.17 -49.79
N ASN C 3950 3.15 47.87 -48.72
CA ASN C 3950 3.71 47.54 -47.40
C ASN C 3950 3.15 46.22 -46.89
N PHE C 3951 1.89 45.92 -47.24
CA PHE C 3951 1.36 44.59 -46.97
C PHE C 3951 2.15 43.54 -47.73
N SER C 3952 2.37 43.77 -49.03
CA SER C 3952 2.91 42.74 -49.91
C SER C 3952 4.30 42.32 -49.44
N LYS C 3953 5.13 43.32 -49.10
CA LYS C 3953 6.50 42.99 -48.68
C LYS C 3953 6.53 42.44 -47.24
N ALA C 3954 5.64 42.91 -46.35
CA ALA C 3954 5.59 42.34 -45.00
C ALA C 3954 5.10 40.89 -45.03
N MET C 3955 4.09 40.62 -45.84
CA MET C 3955 3.57 39.27 -45.98
C MET C 3955 4.58 38.34 -46.62
N SER C 3956 5.33 38.81 -47.62
CA SER C 3956 6.37 37.96 -48.21
C SER C 3956 7.43 37.57 -47.18
N VAL C 3957 7.75 38.50 -46.26
CA VAL C 3957 8.66 38.16 -45.17
C VAL C 3957 8.02 37.15 -44.23
N ALA C 3958 6.73 37.32 -43.93
CA ALA C 3958 6.03 36.39 -43.05
C ALA C 3958 5.97 34.98 -43.64
N LYS C 3959 5.79 34.90 -44.97
CA LYS C 3959 5.82 33.63 -45.67
C LYS C 3959 7.17 32.95 -45.52
N GLN C 3960 8.25 33.72 -45.66
CA GLN C 3960 9.59 33.13 -45.53
C GLN C 3960 9.81 32.62 -44.10
N VAL C 3961 9.27 33.36 -43.11
CA VAL C 3961 9.40 32.96 -41.71
C VAL C 3961 8.66 31.64 -41.47
N PHE C 3962 7.44 31.51 -42.00
CA PHE C 3962 6.68 30.28 -41.80
C PHE C 3962 7.32 29.10 -42.50
N ASN C 3963 7.87 29.30 -43.70
CA ASN C 3963 8.59 28.21 -44.38
C ASN C 3963 9.80 27.76 -43.58
N SER C 3964 10.54 28.72 -43.00
CA SER C 3964 11.68 28.38 -42.16
C SER C 3964 11.25 27.61 -40.91
N LEU C 3965 10.12 28.01 -40.30
CA LEU C 3965 9.61 27.28 -39.15
C LEU C 3965 9.19 25.88 -39.53
N THR C 3966 8.60 25.71 -40.72
CA THR C 3966 8.18 24.40 -41.18
C THR C 3966 9.39 23.49 -41.32
N GLU C 3967 10.48 24.00 -41.92
CA GLU C 3967 11.70 23.22 -42.07
C GLU C 3967 12.35 22.93 -40.73
N TYR C 3968 12.07 23.73 -39.70
CA TYR C 3968 12.67 23.49 -38.40
C TYR C 3968 12.11 22.23 -37.75
N ILE C 3969 10.83 21.94 -38.01
CA ILE C 3969 10.12 20.88 -37.30
C ILE C 3969 9.83 19.67 -38.17
N GLN C 3970 10.02 19.75 -39.49
CA GLN C 3970 9.73 18.58 -40.30
C GLN C 3970 10.77 17.49 -40.07
N GLY C 3971 10.36 16.25 -40.37
CA GLY C 3971 11.21 15.09 -40.19
C GLY C 3971 10.62 13.90 -39.45
N PRO C 3972 9.90 14.06 -38.32
CA PRO C 3972 9.71 15.23 -37.42
C PRO C 3972 10.85 15.39 -36.44
N CYS C 3973 11.08 16.60 -35.93
CA CYS C 3973 12.09 16.86 -34.93
C CYS C 3973 11.38 17.02 -33.59
N THR C 3974 11.52 16.04 -32.71
CA THR C 3974 10.81 16.07 -31.43
C THR C 3974 11.30 17.20 -30.54
N GLY C 3975 12.61 17.51 -30.61
CA GLY C 3975 13.16 18.58 -29.79
C GLY C 3975 12.54 19.91 -30.15
N ASN C 3976 12.44 20.18 -31.46
CA ASN C 3976 11.85 21.44 -31.90
C ASN C 3976 10.36 21.44 -31.57
N GLN C 3977 9.69 20.28 -31.70
CA GLN C 3977 8.25 20.26 -31.44
C GLN C 3977 7.96 20.63 -30.00
N GLN C 3978 8.78 20.12 -29.06
CA GLN C 3978 8.63 20.51 -27.66
C GLN C 3978 8.97 21.99 -27.47
N SER C 3979 9.98 22.49 -28.19
CA SER C 3979 10.34 23.91 -28.04
C SER C 3979 9.21 24.83 -28.51
N LEU C 3980 8.58 24.47 -29.63
CA LEU C 3980 7.44 25.26 -30.12
C LEU C 3980 6.29 25.19 -29.14
N ALA C 3981 6.09 24.00 -28.53
CA ALA C 3981 5.01 23.87 -27.56
C ALA C 3981 5.28 24.76 -26.36
N HIS C 3982 6.52 24.79 -25.89
CA HIS C 3982 6.90 25.62 -24.74
C HIS C 3982 7.27 27.04 -25.14
N SER C 3983 6.84 27.49 -26.32
CA SER C 3983 7.12 28.85 -26.75
C SER C 3983 5.84 29.67 -26.76
N ARG C 3984 5.97 30.92 -27.21
CA ARG C 3984 4.86 31.85 -27.39
C ARG C 3984 4.31 31.84 -28.81
N LEU C 3985 4.43 30.71 -29.50
CA LEU C 3985 3.92 30.61 -30.87
C LEU C 3985 2.41 30.78 -30.96
N TRP C 3986 1.69 30.21 -29.99
CA TRP C 3986 0.22 30.23 -29.98
C TRP C 3986 -0.35 31.64 -30.00
N ASP C 3987 0.27 32.57 -29.27
CA ASP C 3987 -0.19 33.96 -29.27
C ASP C 3987 -0.09 34.58 -30.66
N ALA C 3988 0.99 34.27 -31.39
CA ALA C 3988 1.10 34.71 -32.77
C ALA C 3988 0.08 34.02 -33.66
N VAL C 3989 -0.23 32.75 -33.36
CA VAL C 3989 -1.18 32.02 -34.19
C VAL C 3989 -2.58 32.62 -34.06
N VAL C 3990 -3.03 32.87 -32.82
CA VAL C 3990 -4.37 33.41 -32.62
C VAL C 3990 -4.45 34.83 -33.16
N GLY C 3991 -3.38 35.62 -32.97
CA GLY C 3991 -3.39 36.98 -33.49
C GLY C 3991 -3.43 37.02 -35.00
N PHE C 3992 -2.67 36.13 -35.66
CA PHE C 3992 -2.74 36.05 -37.11
C PHE C 3992 -4.12 35.63 -37.59
N LEU C 3993 -4.75 34.68 -36.88
CA LEU C 3993 -6.10 34.23 -37.27
C LEU C 3993 -7.10 35.38 -37.21
N HIS C 3994 -6.99 36.19 -36.15
CA HIS C 3994 -7.80 37.39 -36.02
C HIS C 3994 -7.55 38.36 -37.17
N VAL C 3995 -6.29 38.53 -37.55
CA VAL C 3995 -5.96 39.40 -38.68
C VAL C 3995 -6.56 38.85 -39.96
N PHE C 3996 -6.37 37.53 -40.21
CA PHE C 3996 -6.78 36.88 -41.45
C PHE C 3996 -8.27 37.00 -41.70
N ALA C 3997 -9.06 36.90 -40.62
CA ALA C 3997 -10.51 37.00 -40.73
C ALA C 3997 -10.90 38.35 -41.29
N HIS C 3998 -10.34 39.41 -40.73
CA HIS C 3998 -10.80 40.73 -41.07
C HIS C 3998 -10.18 41.21 -42.38
N MET C 3999 -8.96 40.75 -42.71
CA MET C 3999 -8.43 40.98 -44.06
C MET C 3999 -9.33 40.34 -45.11
N MET C 4000 -9.72 39.07 -44.93
CA MET C 4000 -10.50 38.40 -45.96
C MET C 4000 -11.86 39.07 -46.14
N MET C 4001 -12.51 39.41 -45.02
CA MET C 4001 -13.82 40.06 -45.11
C MET C 4001 -13.72 41.45 -45.74
N LYS C 4002 -12.73 42.25 -45.34
CA LYS C 4002 -12.63 43.61 -45.86
C LYS C 4002 -12.22 43.59 -47.34
N LEU C 4003 -11.19 42.82 -47.66
CA LEU C 4003 -10.64 42.82 -49.02
C LEU C 4003 -11.54 42.10 -50.01
N ALA C 4004 -12.51 41.30 -49.55
CA ALA C 4004 -13.39 40.64 -50.51
C ALA C 4004 -14.53 41.54 -50.98
N GLN C 4005 -14.73 42.71 -50.37
CA GLN C 4005 -15.80 43.61 -50.77
C GLN C 4005 -15.59 44.21 -52.17
N ASP C 4006 -14.38 44.14 -52.71
CA ASP C 4006 -14.10 44.77 -54.00
C ASP C 4006 -13.12 43.91 -54.79
N SER C 4007 -13.04 44.20 -56.08
CA SER C 4007 -12.16 43.51 -57.00
C SER C 4007 -10.82 44.22 -57.18
N SER C 4008 -10.58 45.29 -56.43
CA SER C 4008 -9.31 46.00 -56.52
C SER C 4008 -8.19 45.36 -55.72
N GLN C 4009 -8.50 44.44 -54.81
CA GLN C 4009 -7.47 43.79 -54.00
C GLN C 4009 -7.50 42.27 -54.19
N ILE C 4010 -7.72 41.84 -55.44
CA ILE C 4010 -7.73 40.41 -55.77
C ILE C 4010 -6.33 39.83 -55.59
N GLU C 4011 -5.29 40.62 -55.90
CA GLU C 4011 -3.93 40.17 -55.67
C GLU C 4011 -3.71 40.02 -54.17
N LEU C 4012 -3.83 41.13 -53.42
CA LEU C 4012 -3.53 41.14 -51.98
C LEU C 4012 -4.34 40.10 -51.22
N LEU C 4013 -5.48 39.68 -51.77
CA LEU C 4013 -6.19 38.52 -51.25
C LEU C 4013 -5.47 37.22 -51.61
N LYS C 4014 -4.97 37.06 -52.84
CA LYS C 4014 -4.45 35.73 -53.18
C LYS C 4014 -3.06 35.51 -52.54
N GLU C 4015 -2.23 36.57 -52.49
CA GLU C 4015 -1.04 36.52 -51.64
C GLU C 4015 -1.40 36.46 -50.16
N LEU C 4016 -2.56 36.95 -49.74
CA LEU C 4016 -2.97 36.66 -48.37
C LEU C 4016 -3.21 35.18 -48.18
N LEU C 4017 -4.00 34.58 -49.08
CA LEU C 4017 -4.50 33.20 -48.94
C LEU C 4017 -3.35 32.20 -48.89
N ASP C 4018 -2.33 32.38 -49.72
CA ASP C 4018 -1.21 31.44 -49.65
C ASP C 4018 -0.41 31.57 -48.36
N LEU C 4019 -0.53 32.70 -47.64
CA LEU C 4019 0.28 32.86 -46.44
C LEU C 4019 -0.27 31.98 -45.32
N GLN C 4020 -1.60 31.99 -45.12
CA GLN C 4020 -2.09 31.03 -44.13
C GLN C 4020 -2.12 29.63 -44.69
N LYS C 4021 -2.06 29.44 -46.01
CA LYS C 4021 -1.81 28.09 -46.51
C LYS C 4021 -0.46 27.55 -46.04
N ASP C 4022 0.58 28.39 -46.09
CA ASP C 4022 1.87 27.99 -45.51
C ASP C 4022 1.83 27.92 -43.99
N MET C 4023 0.90 28.66 -43.37
CA MET C 4023 0.78 28.60 -41.92
C MET C 4023 0.15 27.28 -41.51
N VAL C 4024 -0.97 26.92 -42.12
CA VAL C 4024 -1.66 25.68 -41.74
C VAL C 4024 -0.76 24.49 -42.07
N VAL C 4025 0.05 24.58 -43.14
CA VAL C 4025 1.07 23.56 -43.39
C VAL C 4025 2.02 23.43 -42.20
N MET C 4026 2.44 24.57 -41.63
CA MET C 4026 3.29 24.54 -40.44
C MET C 4026 2.58 23.89 -39.25
N LEU C 4027 1.30 24.23 -39.05
CA LEU C 4027 0.54 23.60 -37.98
C LEU C 4027 0.38 22.10 -38.19
N LEU C 4028 0.15 21.67 -39.44
CA LEU C 4028 0.09 20.24 -39.71
C LEU C 4028 1.42 19.57 -39.40
N SER C 4029 2.53 20.26 -39.70
CA SER C 4029 3.84 19.74 -39.37
C SER C 4029 4.05 19.64 -37.87
N LEU C 4030 3.31 20.43 -37.09
CA LEU C 4030 3.37 20.29 -35.64
C LEU C 4030 2.70 19.02 -35.13
N LEU C 4031 1.81 18.40 -35.93
CA LEU C 4031 1.10 17.19 -35.53
C LEU C 4031 1.83 15.92 -35.89
N GLU C 4032 2.99 16.00 -36.52
CA GLU C 4032 3.74 14.81 -36.91
C GLU C 4032 4.24 14.06 -35.70
N GLY C 4033 3.91 12.77 -35.63
CA GLY C 4033 4.36 11.91 -34.54
C GLY C 4033 3.85 12.30 -33.17
N ASN C 4034 2.57 12.65 -33.08
CA ASN C 4034 1.95 13.04 -31.83
C ASN C 4034 1.17 11.86 -31.24
N VAL C 4035 1.14 11.81 -29.91
CA VAL C 4035 0.38 10.80 -29.21
C VAL C 4035 -1.00 11.38 -28.91
N VAL C 4036 -2.00 10.50 -28.72
CA VAL C 4036 -3.32 10.97 -28.33
C VAL C 4036 -3.21 11.62 -26.96
N ASN C 4037 -4.04 12.65 -26.74
CA ASN C 4037 -3.98 13.53 -25.56
C ASN C 4037 -2.59 14.14 -25.40
N GLY C 4038 -1.91 14.36 -26.53
CA GLY C 4038 -0.57 14.91 -26.50
C GLY C 4038 -0.57 16.35 -26.05
N MET C 4039 0.57 16.76 -25.49
CA MET C 4039 0.73 18.11 -24.98
C MET C 4039 0.58 19.16 -26.09
N ILE C 4040 1.19 18.90 -27.25
CA ILE C 4040 1.10 19.82 -28.38
C ILE C 4040 -0.34 19.90 -28.89
N ALA C 4041 -1.01 18.76 -28.97
CA ALA C 4041 -2.40 18.74 -29.43
C ALA C 4041 -3.31 19.48 -28.47
N ARG C 4042 -3.11 19.26 -27.16
CA ARG C 4042 -3.94 19.92 -26.14
C ARG C 4042 -3.75 21.43 -26.19
N GLN C 4043 -2.50 21.89 -26.33
CA GLN C 4043 -2.25 23.31 -26.46
C GLN C 4043 -2.87 23.89 -27.72
N MET C 4044 -2.88 23.11 -28.81
CA MET C 4044 -3.57 23.56 -30.02
C MET C 4044 -5.07 23.70 -29.79
N VAL C 4045 -5.68 22.72 -29.11
CA VAL C 4045 -7.09 22.75 -28.78
C VAL C 4045 -7.41 23.99 -27.94
N ASP C 4046 -6.54 24.28 -26.96
CA ASP C 4046 -6.70 25.48 -26.16
C ASP C 4046 -6.63 26.71 -27.05
N MET C 4047 -5.69 26.74 -28.01
CA MET C 4047 -5.51 27.91 -28.86
C MET C 4047 -6.78 28.15 -29.68
N LEU C 4048 -7.41 27.04 -30.12
CA LEU C 4048 -8.69 27.18 -30.84
C LEU C 4048 -9.78 27.70 -29.92
N VAL C 4049 -9.69 27.47 -28.60
CA VAL C 4049 -10.79 27.89 -27.72
C VAL C 4049 -10.89 29.41 -27.73
N GLU C 4050 -9.76 30.11 -27.49
CA GLU C 4050 -9.81 31.57 -27.56
C GLU C 4050 -9.95 32.08 -28.99
N SER C 4051 -9.42 31.36 -29.99
CA SER C 4051 -9.60 31.81 -31.36
C SER C 4051 -10.86 31.25 -32.02
N SER C 4052 -11.84 30.82 -31.22
CA SER C 4052 -13.05 30.19 -31.76
C SER C 4052 -13.84 31.13 -32.66
N SER C 4053 -14.03 32.38 -32.24
CA SER C 4053 -14.75 33.36 -33.05
C SER C 4053 -14.04 33.65 -34.36
N ASN C 4054 -12.71 33.79 -34.31
CA ASN C 4054 -11.93 34.10 -35.49
C ASN C 4054 -11.97 32.96 -36.49
N VAL C 4055 -11.72 31.73 -36.02
CA VAL C 4055 -11.71 30.57 -36.92
C VAL C 4055 -13.11 30.30 -37.44
N GLU C 4056 -14.14 30.60 -36.63
CA GLU C 4056 -15.50 30.55 -37.14
C GLU C 4056 -15.71 31.51 -38.29
N MET C 4057 -15.22 32.74 -38.16
CA MET C 4057 -15.33 33.70 -39.26
C MET C 4057 -14.56 33.25 -40.50
N ILE C 4058 -13.43 32.57 -40.29
CA ILE C 4058 -12.65 31.96 -41.38
C ILE C 4058 -13.50 30.93 -42.12
N LEU C 4059 -14.05 29.97 -41.36
CA LEU C 4059 -14.82 28.91 -41.98
C LEU C 4059 -16.10 29.45 -42.57
N LYS C 4060 -16.73 30.46 -41.94
CA LYS C 4060 -17.93 31.07 -42.48
C LYS C 4060 -17.67 31.74 -43.82
N PHE C 4061 -16.41 32.12 -44.10
CA PHE C 4061 -16.13 32.60 -45.45
C PHE C 4061 -15.87 31.46 -46.43
N PHE C 4062 -15.17 30.42 -45.95
CA PHE C 4062 -14.83 29.31 -46.85
C PHE C 4062 -16.04 28.48 -47.23
N ASP C 4063 -16.86 28.08 -46.24
CA ASP C 4063 -17.97 27.18 -46.49
C ASP C 4063 -18.98 27.86 -47.38
N MET C 4064 -19.22 29.15 -47.12
CA MET C 4064 -20.10 29.95 -47.96
C MET C 4064 -19.62 29.97 -49.39
N PHE C 4065 -18.31 30.19 -49.59
CA PHE C 4065 -17.81 30.35 -50.93
C PHE C 4065 -17.82 29.01 -51.70
N LEU C 4066 -17.92 27.90 -50.98
CA LEU C 4066 -18.12 26.62 -51.65
C LEU C 4066 -19.60 26.23 -51.78
N LYS C 4067 -20.39 26.43 -50.73
CA LYS C 4067 -21.82 26.11 -50.75
C LYS C 4067 -22.58 26.93 -51.78
N LEU C 4068 -22.29 28.22 -51.89
CA LEU C 4068 -23.03 28.99 -52.88
C LEU C 4068 -22.55 28.73 -54.31
N LYS C 4069 -21.39 28.06 -54.47
CA LYS C 4069 -20.91 27.66 -55.79
C LYS C 4069 -21.88 26.67 -56.42
N ASP C 4070 -22.53 25.84 -55.60
CA ASP C 4070 -23.55 24.93 -56.10
C ASP C 4070 -24.95 25.51 -55.96
N ILE C 4071 -25.16 26.41 -54.98
CA ILE C 4071 -26.49 27.00 -54.77
C ILE C 4071 -26.89 27.85 -55.99
N VAL C 4072 -25.90 28.52 -56.61
CA VAL C 4072 -26.20 29.29 -57.82
C VAL C 4072 -26.69 28.38 -58.94
N GLY C 4073 -26.12 27.17 -59.04
CA GLY C 4073 -26.58 26.15 -59.96
C GLY C 4073 -27.84 25.42 -59.56
N SER C 4074 -28.27 25.56 -58.30
CA SER C 4074 -29.50 24.93 -57.83
C SER C 4074 -30.71 25.55 -58.53
N GLU C 4075 -31.76 24.75 -58.68
CA GLU C 4075 -32.95 25.19 -59.40
C GLU C 4075 -33.71 26.31 -58.69
N ALA C 4076 -33.55 26.46 -57.37
CA ALA C 4076 -34.20 27.55 -56.64
C ALA C 4076 -33.68 28.91 -57.13
N PHE C 4077 -32.36 29.03 -57.21
CA PHE C 4077 -31.76 30.25 -57.72
C PHE C 4077 -31.89 30.33 -59.23
N GLN C 4078 -31.81 29.20 -59.95
CA GLN C 4078 -31.92 29.23 -61.40
C GLN C 4078 -33.30 29.74 -61.84
N ASP C 4079 -34.35 29.27 -61.15
CA ASP C 4079 -35.71 29.76 -61.38
C ASP C 4079 -35.85 31.22 -60.98
N TYR C 4080 -35.24 31.62 -59.85
CA TYR C 4080 -35.26 33.03 -59.47
C TYR C 4080 -34.54 33.91 -60.49
N VAL C 4081 -33.44 33.42 -61.04
CA VAL C 4081 -32.68 34.10 -62.08
C VAL C 4081 -33.53 34.20 -63.34
N THR C 4082 -33.71 35.42 -63.84
CA THR C 4082 -34.51 35.64 -65.03
C THR C 4082 -33.72 36.29 -66.16
N ASP C 4083 -32.50 36.75 -65.91
CA ASP C 4083 -31.71 37.37 -66.95
C ASP C 4083 -31.10 36.28 -67.82
N PRO C 4084 -31.37 36.27 -69.14
CA PRO C 4084 -30.75 35.24 -70.00
C PRO C 4084 -29.24 35.37 -70.15
N ARG C 4085 -28.67 36.53 -69.82
CA ARG C 4085 -27.23 36.77 -69.91
C ARG C 4085 -26.42 36.08 -68.82
N GLY C 4086 -27.06 35.44 -67.84
CA GLY C 4086 -26.32 34.90 -66.72
C GLY C 4086 -26.14 35.84 -65.56
N LEU C 4087 -26.95 36.89 -65.47
CA LEU C 4087 -26.81 37.94 -64.47
C LEU C 4087 -28.00 37.87 -63.52
N ILE C 4088 -27.95 38.69 -62.47
CA ILE C 4088 -29.04 38.78 -61.52
C ILE C 4088 -29.02 40.17 -60.90
N SER C 4089 -30.21 40.69 -60.62
CA SER C 4089 -30.28 41.96 -59.94
C SER C 4089 -30.00 41.76 -58.45
N LYS C 4090 -29.62 42.86 -57.78
CA LYS C 4090 -29.27 42.82 -56.36
C LYS C 4090 -30.45 42.39 -55.53
N LYS C 4091 -31.63 42.97 -55.79
CA LYS C 4091 -32.83 42.65 -55.02
C LYS C 4091 -33.24 41.19 -55.23
N ASP C 4092 -33.14 40.70 -56.47
CA ASP C 4092 -33.46 39.31 -56.76
C ASP C 4092 -32.54 38.33 -56.03
N PHE C 4093 -31.23 38.64 -56.00
CA PHE C 4093 -30.32 37.78 -55.25
C PHE C 4093 -30.56 37.93 -53.75
N GLN C 4094 -30.95 39.13 -53.31
CA GLN C 4094 -31.36 39.37 -51.93
C GLN C 4094 -32.55 38.51 -51.53
N LYS C 4095 -33.57 38.46 -52.38
CA LYS C 4095 -34.77 37.68 -52.12
C LYS C 4095 -34.61 36.22 -52.50
N ALA C 4096 -33.42 35.81 -52.94
CA ALA C 4096 -33.21 34.42 -53.33
C ALA C 4096 -32.65 33.55 -52.21
N MET C 4097 -31.77 34.10 -51.36
CA MET C 4097 -31.07 33.29 -50.38
C MET C 4097 -31.97 32.83 -49.22
N ASP C 4098 -33.10 33.51 -48.98
CA ASP C 4098 -33.98 33.05 -47.92
C ASP C 4098 -34.76 31.79 -48.29
N SER C 4099 -34.78 31.42 -49.57
CA SER C 4099 -35.42 30.17 -49.98
C SER C 4099 -34.69 28.96 -49.42
N GLN C 4100 -33.35 29.02 -49.41
CA GLN C 4100 -32.54 27.91 -48.94
C GLN C 4100 -32.64 27.69 -47.44
N LYS C 4101 -33.11 28.69 -46.68
CA LYS C 4101 -33.24 28.66 -45.21
C LYS C 4101 -31.91 28.31 -44.54
N GLN C 4102 -30.86 29.04 -44.93
CA GLN C 4102 -29.52 28.73 -44.47
C GLN C 4102 -28.73 29.90 -43.92
N PHE C 4103 -29.09 31.14 -44.23
CA PHE C 4103 -28.28 32.30 -43.88
C PHE C 4103 -29.05 33.24 -42.95
N THR C 4104 -28.32 33.87 -42.03
CA THR C 4104 -28.90 34.81 -41.08
C THR C 4104 -28.74 36.22 -41.64
N GLY C 4105 -29.52 37.16 -41.11
CA GLY C 4105 -29.62 38.53 -41.61
C GLY C 4105 -28.35 39.32 -41.89
N PRO C 4106 -27.53 39.57 -40.85
CA PRO C 4106 -26.24 40.25 -41.08
C PRO C 4106 -25.34 39.53 -42.07
N GLU C 4107 -25.39 38.20 -42.06
CA GLU C 4107 -24.68 37.44 -43.08
C GLU C 4107 -25.25 37.70 -44.47
N ILE C 4108 -26.58 37.74 -44.60
CA ILE C 4108 -27.23 37.95 -45.91
C ILE C 4108 -26.82 39.29 -46.50
N GLN C 4109 -26.85 40.33 -45.67
CA GLN C 4109 -26.42 41.65 -46.12
C GLN C 4109 -24.92 41.64 -46.45
N PHE C 4110 -24.14 40.89 -45.67
CA PHE C 4110 -22.72 40.75 -45.97
C PHE C 4110 -22.50 40.05 -47.32
N LEU C 4111 -23.32 39.04 -47.62
CA LEU C 4111 -23.15 38.28 -48.85
C LEU C 4111 -23.45 39.15 -50.04
N LEU C 4112 -24.49 39.98 -49.90
CA LEU C 4112 -24.87 40.89 -50.97
C LEU C 4112 -23.74 41.89 -51.21
N SER C 4113 -23.16 42.41 -50.12
CA SER C 4113 -22.07 43.39 -50.24
C SER C 4113 -20.83 42.78 -50.87
N CYS C 4114 -20.59 41.48 -50.62
CA CYS C 4114 -19.43 40.79 -51.20
C CYS C 4114 -19.50 40.75 -52.73
N SER C 4115 -20.70 40.55 -53.27
CA SER C 4115 -20.89 40.53 -54.71
C SER C 4115 -20.52 41.87 -55.34
N GLU C 4116 -19.90 41.80 -56.53
CA GLU C 4116 -19.43 42.98 -57.24
C GLU C 4116 -20.62 43.68 -57.90
N ALA C 4117 -21.33 44.46 -57.09
CA ALA C 4117 -22.47 45.22 -57.58
C ALA C 4117 -21.97 46.32 -58.53
N ASP C 4118 -22.51 46.34 -59.74
CA ASP C 4118 -22.07 47.29 -60.75
C ASP C 4118 -22.87 48.59 -60.61
N GLU C 4119 -22.71 49.48 -61.57
CA GLU C 4119 -23.47 50.73 -61.58
C GLU C 4119 -24.96 50.51 -61.84
N ASN C 4120 -25.34 49.37 -62.38
CA ASN C 4120 -26.74 49.05 -62.68
C ASN C 4120 -27.43 48.29 -61.56
N GLU C 4121 -26.76 48.09 -60.42
CA GLU C 4121 -27.22 47.24 -59.30
C GLU C 4121 -27.50 45.82 -59.76
N MET C 4122 -26.72 45.34 -60.72
CA MET C 4122 -26.83 44.01 -61.28
C MET C 4122 -25.62 43.20 -60.86
N ILE C 4123 -25.86 41.99 -60.38
CA ILE C 4123 -24.79 41.14 -59.87
C ILE C 4123 -24.45 40.13 -60.95
N ASN C 4124 -23.19 40.17 -61.40
CA ASN C 4124 -22.67 39.17 -62.33
C ASN C 4124 -22.14 38.02 -61.47
N PHE C 4125 -23.08 37.20 -60.99
CA PHE C 4125 -22.77 36.12 -60.06
C PHE C 4125 -22.05 34.95 -60.73
N GLU C 4126 -21.92 34.94 -62.06
CA GLU C 4126 -21.21 33.88 -62.75
C GLU C 4126 -19.74 33.80 -62.34
N GLU C 4127 -19.05 34.94 -62.25
CA GLU C 4127 -17.67 34.93 -61.81
C GLU C 4127 -17.50 35.19 -60.32
N PHE C 4128 -18.59 35.58 -59.64
CA PHE C 4128 -18.56 35.74 -58.18
C PHE C 4128 -18.22 34.42 -57.51
N ALA C 4129 -18.76 33.32 -58.05
CA ALA C 4129 -18.51 32.02 -57.46
C ALA C 4129 -17.22 31.39 -57.96
N ASN C 4130 -16.72 31.81 -59.13
CA ASN C 4130 -15.52 31.22 -59.72
C ASN C 4130 -14.26 32.05 -59.45
N ARG C 4131 -14.37 33.12 -58.68
CA ARG C 4131 -13.23 34.03 -58.49
C ARG C 4131 -12.08 33.38 -57.71
N PHE C 4132 -12.40 32.70 -56.60
CA PHE C 4132 -11.40 32.18 -55.67
C PHE C 4132 -11.45 30.67 -55.48
N GLN C 4133 -12.15 29.93 -56.34
CA GLN C 4133 -12.39 28.50 -56.09
C GLN C 4133 -11.11 27.70 -56.04
N GLU C 4134 -10.16 27.97 -56.95
CA GLU C 4134 -8.90 27.24 -56.93
C GLU C 4134 -8.05 27.52 -55.68
N PRO C 4135 -7.73 28.77 -55.30
CA PRO C 4135 -6.88 28.93 -54.11
C PRO C 4135 -7.53 28.53 -52.79
N ALA C 4136 -8.81 28.87 -52.59
CA ALA C 4136 -9.48 28.66 -51.30
C ALA C 4136 -9.72 27.20 -50.97
N ARG C 4137 -9.74 26.32 -51.98
CA ARG C 4137 -9.98 24.90 -51.75
C ARG C 4137 -8.84 24.29 -50.95
N ASP C 4138 -7.59 24.69 -51.26
CA ASP C 4138 -6.42 24.14 -50.61
C ASP C 4138 -6.41 24.45 -49.12
N ILE C 4139 -6.70 25.70 -48.74
CA ILE C 4139 -6.76 26.06 -47.33
C ILE C 4139 -7.94 25.39 -46.65
N GLY C 4140 -9.09 25.30 -47.33
CA GLY C 4140 -10.25 24.64 -46.73
C GLY C 4140 -9.99 23.18 -46.45
N PHE C 4141 -9.30 22.51 -47.38
CA PHE C 4141 -8.94 21.12 -47.17
C PHE C 4141 -7.94 20.98 -46.03
N ASN C 4142 -6.95 21.88 -45.98
CA ASN C 4142 -5.91 21.77 -44.97
C ASN C 4142 -6.46 21.97 -43.57
N VAL C 4143 -7.35 22.95 -43.38
CA VAL C 4143 -7.96 23.14 -42.07
C VAL C 4143 -8.88 21.96 -41.75
N ALA C 4144 -9.52 21.37 -42.76
CA ALA C 4144 -10.32 20.16 -42.54
C ALA C 4144 -9.45 19.01 -42.05
N VAL C 4145 -8.26 18.86 -42.63
CA VAL C 4145 -7.30 17.85 -42.19
C VAL C 4145 -6.86 18.12 -40.77
N LEU C 4146 -6.59 19.39 -40.45
CA LEU C 4146 -6.12 19.78 -39.12
C LEU C 4146 -7.18 19.46 -38.08
N LEU C 4147 -8.43 19.84 -38.35
CA LEU C 4147 -9.52 19.57 -37.41
C LEU C 4147 -9.75 18.08 -37.25
N THR C 4148 -9.65 17.31 -38.34
CA THR C 4148 -9.82 15.87 -38.24
C THR C 4148 -8.72 15.24 -37.39
N ASN C 4149 -7.48 15.70 -37.57
CA ASN C 4149 -6.35 15.18 -36.81
C ASN C 4149 -6.50 15.48 -35.33
N LEU C 4150 -6.90 16.71 -35.00
CA LEU C 4150 -7.11 17.07 -33.59
C LEU C 4150 -8.27 16.30 -32.99
N SER C 4151 -9.36 16.13 -33.75
CA SER C 4151 -10.52 15.42 -33.24
C SER C 4151 -10.18 13.98 -32.92
N GLU C 4152 -9.45 13.32 -33.82
CA GLU C 4152 -9.09 11.93 -33.60
C GLU C 4152 -8.05 11.77 -32.49
N HIS C 4153 -7.12 12.72 -32.36
CA HIS C 4153 -6.11 12.58 -31.33
C HIS C 4153 -6.51 13.15 -29.98
N VAL C 4154 -7.62 13.86 -29.88
CA VAL C 4154 -8.11 14.33 -28.58
C VAL C 4154 -9.56 13.88 -28.47
N PRO C 4155 -9.81 12.64 -28.07
CA PRO C 4155 -11.17 12.11 -28.10
C PRO C 4155 -12.00 12.34 -26.85
N HIS C 4156 -11.45 12.91 -25.78
CA HIS C 4156 -12.16 13.11 -24.52
C HIS C 4156 -12.08 14.55 -24.07
N ASP C 4157 -12.29 15.49 -24.99
CA ASP C 4157 -12.35 16.91 -24.66
C ASP C 4157 -13.69 17.44 -25.16
N PRO C 4158 -14.62 17.76 -24.26
CA PRO C 4158 -15.93 18.30 -24.69
C PRO C 4158 -15.85 19.62 -25.45
N ARG C 4159 -14.87 20.47 -25.14
CA ARG C 4159 -14.74 21.77 -25.80
C ARG C 4159 -14.47 21.60 -27.29
N LEU C 4160 -13.63 20.63 -27.64
CA LEU C 4160 -13.29 20.36 -29.03
C LEU C 4160 -14.51 19.95 -29.86
N ARG C 4161 -15.52 19.34 -29.21
CA ARG C 4161 -16.72 18.91 -29.92
C ARG C 4161 -17.46 20.06 -30.59
N ASN C 4162 -17.59 21.20 -29.89
CA ASN C 4162 -18.37 22.35 -30.39
C ASN C 4162 -17.91 22.84 -31.76
N PHE C 4163 -16.61 22.74 -32.02
CA PHE C 4163 -16.06 23.08 -33.33
C PHE C 4163 -16.63 22.20 -34.42
N LEU C 4164 -16.90 20.93 -34.11
CA LEU C 4164 -17.38 20.01 -35.15
C LEU C 4164 -18.74 20.45 -35.66
N GLU C 4165 -19.71 20.69 -34.76
CA GLU C 4165 -20.99 21.17 -35.26
C GLU C 4165 -20.95 22.63 -35.69
N LEU C 4166 -19.88 23.37 -35.39
CA LEU C 4166 -19.78 24.70 -35.97
C LEU C 4166 -19.01 24.69 -37.28
N ALA C 4167 -18.50 23.53 -37.67
CA ALA C 4167 -17.70 23.41 -38.88
C ALA C 4167 -18.06 22.16 -39.67
N GLU C 4168 -19.32 21.70 -39.57
CA GLU C 4168 -19.75 20.52 -40.32
C GLU C 4168 -19.67 20.74 -41.82
N SER C 4169 -20.06 21.95 -42.26
CA SER C 4169 -20.18 22.29 -43.68
C SER C 4169 -18.89 22.01 -44.45
N ILE C 4170 -17.75 22.31 -43.84
CA ILE C 4170 -16.48 22.12 -44.53
C ILE C 4170 -16.01 20.68 -44.40
N LEU C 4171 -16.54 19.92 -43.44
CA LEU C 4171 -16.05 18.56 -43.22
C LEU C 4171 -16.68 17.59 -44.21
N GLU C 4172 -18.02 17.53 -44.26
CA GLU C 4172 -18.69 16.64 -45.20
C GLU C 4172 -18.43 17.01 -46.66
N TYR C 4173 -18.03 18.25 -46.95
CA TYR C 4173 -17.59 18.58 -48.30
C TYR C 4173 -16.29 17.87 -48.65
N PHE C 4174 -15.36 17.80 -47.71
CA PHE C 4174 -14.06 17.20 -47.97
C PHE C 4174 -13.96 15.77 -47.45
N ARG C 4175 -15.07 15.22 -46.98
CA ARG C 4175 -15.12 13.84 -46.51
C ARG C 4175 -14.76 12.83 -47.60
N PRO C 4176 -15.29 12.88 -48.84
CA PRO C 4176 -14.84 11.91 -49.85
C PRO C 4176 -13.37 12.04 -50.20
N TYR C 4177 -12.77 13.20 -49.98
CA TYR C 4177 -11.45 13.48 -50.53
C TYR C 4177 -10.37 13.27 -49.49
N LEU C 4178 -10.74 12.77 -48.33
CA LEU C 4178 -9.85 12.63 -47.20
C LEU C 4178 -9.34 11.21 -47.11
N GLY C 4179 -8.03 11.00 -47.21
CA GLY C 4179 -7.48 9.68 -47.12
C GLY C 4179 -6.76 9.58 -45.79
N ARG C 4180 -7.03 8.51 -45.06
CA ARG C 4180 -6.36 8.29 -43.79
C ARG C 4180 -5.77 6.90 -43.83
N ILE C 4181 -4.49 6.80 -43.49
CA ILE C 4181 -3.83 5.51 -43.39
C ILE C 4181 -3.07 5.45 -42.09
N GLU C 4182 -2.72 4.24 -41.68
CA GLU C 4182 -1.89 4.04 -40.50
C GLU C 4182 -0.62 3.34 -40.94
N ILE C 4183 0.52 3.92 -40.61
CA ILE C 4183 1.83 3.36 -40.93
C ILE C 4183 2.65 3.17 -39.67
N MET C 4184 3.30 2.00 -39.56
CA MET C 4184 4.29 1.85 -38.51
C MET C 4184 5.41 2.85 -38.81
N GLY C 4185 5.95 3.49 -37.79
CA GLY C 4185 6.84 4.60 -38.10
C GLY C 4185 8.22 4.60 -37.48
N ALA C 4186 8.96 5.69 -37.73
CA ALA C 4186 10.33 5.83 -37.23
C ALA C 4186 10.35 5.80 -35.72
N SER C 4187 9.31 6.37 -35.10
CA SER C 4187 9.15 6.41 -33.64
C SER C 4187 9.00 5.01 -33.04
N ARG C 4188 8.70 4.01 -33.88
CA ARG C 4188 8.48 2.59 -33.63
C ARG C 4188 7.05 2.35 -33.16
N ARG C 4189 6.19 3.33 -33.38
CA ARG C 4189 4.79 3.24 -33.01
C ARG C 4189 3.96 3.74 -34.21
N ILE C 4190 2.75 3.19 -34.31
CA ILE C 4190 1.86 3.46 -35.44
C ILE C 4190 1.42 4.92 -35.46
N GLU C 4191 1.31 5.48 -36.66
CA GLU C 4191 0.99 6.90 -36.86
C GLU C 4191 -0.04 7.00 -37.98
N ARG C 4192 -0.80 8.08 -37.97
CA ARG C 4192 -1.86 8.30 -38.95
C ARG C 4192 -1.50 9.39 -39.95
N ILE C 4193 -1.57 9.08 -41.24
CA ILE C 4193 -1.25 10.01 -42.31
C ILE C 4193 -2.54 10.42 -43.02
N TYR C 4194 -2.65 11.72 -43.33
CA TYR C 4194 -3.84 12.31 -43.95
C TYR C 4194 -3.44 12.93 -45.29
N PHE C 4195 -3.83 12.26 -46.37
CA PHE C 4195 -3.49 12.61 -47.75
C PHE C 4195 -4.72 12.91 -48.60
N GLU C 4196 -4.69 14.00 -49.37
CA GLU C 4196 -5.79 14.29 -50.27
C GLU C 4196 -5.94 13.23 -51.36
N ILE C 4197 -7.18 12.88 -51.70
CA ILE C 4197 -7.47 11.95 -52.78
C ILE C 4197 -8.16 12.69 -53.92
N SER C 4198 -7.61 12.59 -55.13
CA SER C 4198 -8.18 13.29 -56.27
C SER C 4198 -9.49 12.62 -56.68
N GLU C 4199 -10.54 13.44 -56.89
CA GLU C 4199 -11.84 12.96 -57.34
C GLU C 4199 -11.75 12.06 -58.58
N THR C 4200 -10.85 12.38 -59.51
CA THR C 4200 -10.72 11.57 -60.73
C THR C 4200 -10.19 10.18 -60.40
N ASN C 4201 -9.19 10.10 -59.52
CA ASN C 4201 -8.65 8.80 -59.13
C ASN C 4201 -9.69 7.99 -58.39
N ARG C 4202 -10.54 8.65 -57.58
CA ARG C 4202 -11.62 7.94 -56.92
C ARG C 4202 -12.60 7.38 -57.95
N ALA C 4203 -12.89 8.15 -59.01
CA ALA C 4203 -13.80 7.66 -60.05
C ALA C 4203 -13.21 6.44 -60.74
N GLN C 4204 -11.90 6.49 -61.03
CA GLN C 4204 -11.21 5.38 -61.68
C GLN C 4204 -11.21 4.17 -60.79
N TRP C 4205 -11.18 4.39 -59.47
CA TRP C 4205 -11.22 3.28 -58.54
C TRP C 4205 -12.61 2.66 -58.56
N GLU C 4206 -13.63 3.50 -58.64
CA GLU C 4206 -14.99 3.01 -58.58
C GLU C 4206 -15.40 2.30 -59.86
N MET C 4207 -14.62 2.41 -60.95
CA MET C 4207 -15.03 1.83 -62.23
C MET C 4207 -15.12 0.30 -62.14
N PRO C 4208 -16.05 -0.31 -62.89
CA PRO C 4208 -16.28 -1.77 -62.80
C PRO C 4208 -15.12 -2.69 -63.17
N GLN C 4209 -14.32 -2.33 -64.17
CA GLN C 4209 -13.15 -3.12 -64.52
C GLN C 4209 -12.12 -3.12 -63.40
N VAL C 4210 -11.85 -1.94 -62.82
CA VAL C 4210 -10.83 -1.85 -61.79
C VAL C 4210 -11.28 -2.68 -60.58
N LYS C 4211 -12.59 -2.64 -60.29
CA LYS C 4211 -13.16 -3.39 -59.18
C LYS C 4211 -12.98 -4.89 -59.40
N GLU C 4212 -13.22 -5.35 -60.64
CA GLU C 4212 -13.04 -6.77 -60.95
C GLU C 4212 -11.58 -7.18 -60.83
N SER C 4213 -10.68 -6.30 -61.27
CA SER C 4213 -9.25 -6.53 -61.09
C SER C 4213 -8.90 -6.68 -59.62
N LYS C 4214 -9.51 -5.84 -58.78
CA LYS C 4214 -9.31 -5.95 -57.34
C LYS C 4214 -9.78 -7.29 -56.80
N ARG C 4215 -10.98 -7.74 -57.22
CA ARG C 4215 -11.50 -9.01 -56.71
C ARG C 4215 -10.63 -10.18 -57.15
N GLN C 4216 -10.10 -10.10 -58.38
CA GLN C 4216 -9.20 -11.12 -58.88
C GLN C 4216 -7.93 -11.17 -58.04
N PHE C 4217 -7.37 -10.00 -57.73
CA PHE C 4217 -6.16 -9.92 -56.92
C PHE C 4217 -6.39 -10.50 -55.54
N ILE C 4218 -7.49 -10.10 -54.89
CA ILE C 4218 -7.81 -10.53 -53.54
C ILE C 4218 -8.00 -12.04 -53.48
N PHE C 4219 -8.65 -12.61 -54.50
CA PHE C 4219 -8.82 -14.05 -54.55
C PHE C 4219 -7.48 -14.75 -54.74
N ASP C 4220 -6.65 -14.24 -55.65
CA ASP C 4220 -5.37 -14.90 -55.94
C ASP C 4220 -4.43 -14.89 -54.74
N VAL C 4221 -4.33 -13.73 -54.06
CA VAL C 4221 -3.50 -13.62 -52.86
C VAL C 4221 -4.04 -14.49 -51.73
N VAL C 4222 -5.35 -14.51 -51.50
CA VAL C 4222 -5.87 -15.23 -50.36
C VAL C 4222 -5.82 -16.74 -50.60
N ASN C 4223 -6.23 -17.19 -51.77
CA ASN C 4223 -6.25 -18.62 -52.07
C ASN C 4223 -4.87 -19.23 -52.22
N GLU C 4224 -3.96 -18.62 -53.00
CA GLU C 4224 -2.71 -19.34 -53.25
C GLU C 4224 -1.46 -18.61 -52.79
N GLY C 4225 -1.60 -17.63 -51.89
CA GLY C 4225 -0.48 -16.85 -51.43
C GLY C 4225 -0.33 -16.96 -49.91
N GLY C 4226 0.77 -16.40 -49.41
CA GLY C 4226 1.06 -16.40 -47.99
C GLY C 4226 1.25 -14.97 -47.52
N GLU C 4227 1.43 -14.84 -46.20
CA GLU C 4227 1.59 -13.50 -45.63
C GLU C 4227 3.01 -12.97 -45.76
N ALA C 4228 3.99 -13.86 -45.99
CA ALA C 4228 5.39 -13.46 -46.10
C ALA C 4228 5.63 -12.51 -47.25
N GLU C 4229 4.96 -12.73 -48.37
CA GLU C 4229 5.17 -11.94 -49.58
C GLU C 4229 3.96 -11.10 -49.92
N LYS C 4230 2.92 -11.16 -49.08
CA LYS C 4230 1.63 -10.54 -49.34
C LYS C 4230 1.74 -9.04 -49.57
N MET C 4231 2.59 -8.37 -48.79
CA MET C 4231 2.78 -6.94 -48.97
C MET C 4231 3.48 -6.61 -50.27
N GLU C 4232 4.44 -7.44 -50.69
CA GLU C 4232 5.10 -7.23 -51.98
C GLU C 4232 4.12 -7.41 -53.14
N LEU C 4233 3.28 -8.45 -53.04
CA LEU C 4233 2.24 -8.68 -54.06
C LEU C 4233 1.26 -7.54 -54.07
N PHE C 4234 0.89 -7.05 -52.88
CA PHE C 4234 -0.09 -5.98 -52.76
C PHE C 4234 0.44 -4.70 -53.38
N VAL C 4235 1.72 -4.37 -53.12
CA VAL C 4235 2.32 -3.17 -53.67
C VAL C 4235 2.39 -3.29 -55.19
N SER C 4236 2.73 -4.48 -55.69
CA SER C 4236 2.82 -4.71 -57.13
C SER C 4236 1.46 -4.47 -57.78
N PHE C 4237 0.40 -4.95 -57.13
CA PHE C 4237 -0.97 -4.74 -57.61
C PHE C 4237 -1.31 -3.26 -57.64
N CYS C 4238 -0.93 -2.54 -56.57
CA CYS C 4238 -1.22 -1.11 -56.51
C CYS C 4238 -0.53 -0.38 -57.65
N GLU C 4239 0.73 -0.77 -57.94
CA GLU C 4239 1.51 -0.10 -58.97
C GLU C 4239 0.88 -0.31 -60.33
N ASP C 4240 0.41 -1.54 -60.58
CA ASP C 4240 -0.25 -1.86 -61.84
C ASP C 4240 -1.55 -1.08 -61.98
N THR C 4241 -2.27 -0.91 -60.86
CA THR C 4241 -3.48 -0.10 -60.85
C THR C 4241 -3.16 1.37 -61.15
N ILE C 4242 -2.11 1.91 -60.56
CA ILE C 4242 -1.75 3.32 -60.75
C ILE C 4242 -1.40 3.57 -62.21
N PHE C 4243 -0.69 2.61 -62.82
CA PHE C 4243 -0.33 2.75 -64.22
C PHE C 4243 -1.57 2.69 -65.10
N GLU C 4244 -2.47 1.74 -64.80
CA GLU C 4244 -3.69 1.60 -65.58
C GLU C 4244 -4.54 2.87 -65.48
N MET C 4245 -4.60 3.45 -64.28
CA MET C 4245 -5.34 4.70 -64.08
C MET C 4245 -4.74 5.83 -64.89
N GLN C 4246 -3.41 5.84 -65.03
CA GLN C 4246 -2.75 6.85 -65.87
C GLN C 4246 -3.09 6.66 -67.34
N ILE C 4247 -3.13 5.40 -67.79
CA ILE C 4247 -3.50 5.11 -69.17
C ILE C 4247 -4.94 5.55 -69.44
N ALA C 4248 -5.84 5.27 -68.49
CA ALA C 4248 -7.23 5.66 -68.62
C ALA C 4248 -7.37 7.17 -68.68
N ALA C 4249 -6.56 7.88 -67.88
CA ALA C 4249 -6.60 9.33 -67.87
C ALA C 4249 -6.14 9.89 -69.22
N GLN C 4250 -5.07 9.32 -69.79
CA GLN C 4250 -4.61 9.80 -71.09
C GLN C 4250 -5.64 9.53 -72.18
N ILE C 4251 -6.24 8.33 -72.18
CA ILE C 4251 -7.19 7.99 -73.25
C ILE C 4251 -8.50 8.74 -73.12
N SER C 4252 -8.81 9.27 -71.92
CA SER C 4252 -10.06 9.99 -71.68
C SER C 4252 -10.21 11.19 -72.59
N GLU C 4253 -11.40 11.32 -73.18
CA GLU C 4253 -11.65 12.36 -74.18
C GLU C 4253 -12.17 13.61 -73.49
N PRO C 4254 -11.51 14.76 -73.66
CA PRO C 4254 -12.01 16.05 -73.16
C PRO C 4254 -13.13 16.61 -74.02
N PHE C 4540 0.13 19.74 -92.94
CA PHE C 4540 -0.88 18.70 -92.80
C PHE C 4540 -0.48 17.69 -91.74
N TRP C 4541 0.83 17.63 -91.47
CA TRP C 4541 1.38 16.63 -90.54
C TRP C 4541 0.80 16.78 -89.14
N GLY C 4542 0.57 18.03 -88.71
CA GLY C 4542 -0.05 18.27 -87.43
C GLY C 4542 -1.45 17.71 -87.35
N GLU C 4543 -2.29 18.00 -88.36
CA GLU C 4543 -3.67 17.56 -88.33
C GLU C 4543 -3.72 16.04 -88.37
N LEU C 4544 -2.82 15.46 -89.18
CA LEU C 4544 -2.74 14.01 -89.34
C LEU C 4544 -2.42 13.36 -88.00
N GLU C 4545 -1.51 13.97 -87.24
CA GLU C 4545 -1.15 13.48 -85.91
C GLU C 4545 -2.32 13.59 -84.94
N VAL C 4546 -3.02 14.74 -84.93
CA VAL C 4546 -4.11 14.91 -83.97
C VAL C 4546 -5.24 13.94 -84.27
N GLN C 4547 -5.55 13.75 -85.56
CA GLN C 4547 -6.54 12.78 -85.98
C GLN C 4547 -6.13 11.37 -85.58
N ARG C 4548 -4.85 11.03 -85.74
CA ARG C 4548 -4.35 9.71 -85.38
C ARG C 4548 -4.43 9.45 -83.88
N VAL C 4549 -4.06 10.43 -83.05
CA VAL C 4549 -4.16 10.22 -81.60
C VAL C 4549 -5.63 10.15 -81.17
N LYS C 4550 -6.49 11.00 -81.76
CA LYS C 4550 -7.90 11.04 -81.36
C LYS C 4550 -8.58 9.72 -81.70
N PHE C 4551 -8.21 9.18 -82.86
CA PHE C 4551 -8.75 7.91 -83.33
C PHE C 4551 -8.31 6.79 -82.41
N LEU C 4552 -6.98 6.67 -82.20
CA LEU C 4552 -6.43 5.62 -81.35
C LEU C 4552 -6.99 5.68 -79.93
N ASN C 4553 -7.27 6.90 -79.43
CA ASN C 4553 -7.91 7.06 -78.13
C ASN C 4553 -9.35 6.55 -78.14
N TYR C 4554 -10.07 6.81 -79.24
CA TYR C 4554 -11.42 6.29 -79.38
C TYR C 4554 -11.40 4.77 -79.37
N LEU C 4555 -10.46 4.17 -80.12
CA LEU C 4555 -10.35 2.73 -80.22
C LEU C 4555 -10.08 2.12 -78.85
N SER C 4556 -9.18 2.76 -78.09
CA SER C 4556 -8.80 2.26 -76.78
C SER C 4556 -9.98 2.35 -75.82
N ARG C 4557 -10.74 3.44 -75.90
CA ARG C 4557 -11.91 3.59 -75.04
C ARG C 4557 -12.98 2.57 -75.36
N ASN C 4558 -13.12 2.21 -76.64
CA ASN C 4558 -14.23 1.37 -77.09
C ASN C 4558 -13.82 -0.07 -77.39
N PHE C 4559 -12.64 -0.50 -76.92
CA PHE C 4559 -12.12 -1.84 -77.22
C PHE C 4559 -13.06 -2.95 -76.76
N TYR C 4560 -13.63 -2.84 -75.56
CA TYR C 4560 -14.48 -3.90 -75.02
C TYR C 4560 -15.77 -4.03 -75.82
N THR C 4561 -16.28 -2.89 -76.28
CA THR C 4561 -17.47 -2.87 -77.12
C THR C 4561 -17.17 -3.45 -78.49
N LEU C 4562 -15.98 -3.18 -79.02
CA LEU C 4562 -15.60 -3.80 -80.29
C LEU C 4562 -15.50 -5.31 -80.17
N ARG C 4563 -15.03 -5.80 -79.02
CA ARG C 4563 -14.95 -7.26 -78.83
C ARG C 4563 -16.34 -7.87 -78.74
N PHE C 4564 -17.27 -7.14 -78.11
CA PHE C 4564 -18.66 -7.61 -78.07
C PHE C 4564 -19.29 -7.54 -79.46
N LEU C 4565 -18.93 -6.52 -80.23
CA LEU C 4565 -19.42 -6.36 -81.58
C LEU C 4565 -18.95 -7.51 -82.45
N ALA C 4566 -17.71 -7.94 -82.24
CA ALA C 4566 -17.14 -9.03 -83.02
C ALA C 4566 -17.81 -10.35 -82.69
N LEU C 4567 -18.15 -10.54 -81.40
CA LEU C 4567 -18.92 -11.73 -81.03
C LEU C 4567 -20.32 -11.70 -81.65
N PHE C 4568 -20.93 -10.51 -81.70
CA PHE C 4568 -22.22 -10.37 -82.37
C PHE C 4568 -22.10 -10.67 -83.86
N LEU C 4569 -20.99 -10.25 -84.47
CA LEU C 4569 -20.78 -10.43 -85.90
C LEU C 4569 -20.58 -11.90 -86.21
N ALA C 4570 -19.91 -12.63 -85.31
CA ALA C 4570 -19.71 -14.05 -85.50
C ALA C 4570 -21.04 -14.78 -85.39
N PHE C 4571 -21.87 -14.39 -84.42
CA PHE C 4571 -23.19 -15.00 -84.29
C PHE C 4571 -24.06 -14.71 -85.51
N ALA C 4572 -23.92 -13.51 -86.09
CA ALA C 4572 -24.64 -13.17 -87.31
C ALA C 4572 -24.18 -14.00 -88.49
N ILE C 4573 -22.87 -14.14 -88.69
CA ILE C 4573 -22.37 -14.88 -89.84
C ILE C 4573 -22.75 -16.36 -89.70
N ASN C 4574 -22.60 -16.89 -88.49
CA ASN C 4574 -22.96 -18.28 -88.25
C ASN C 4574 -24.46 -18.49 -88.42
N PHE C 4575 -25.28 -17.45 -88.17
CA PHE C 4575 -26.70 -17.54 -88.46
C PHE C 4575 -26.96 -17.50 -89.96
N ILE C 4576 -26.04 -16.89 -90.72
CA ILE C 4576 -26.23 -16.75 -92.16
C ILE C 4576 -25.55 -17.92 -92.87
N LEU C 4577 -25.02 -18.86 -92.09
CA LEU C 4577 -24.25 -19.98 -92.60
C LEU C 4577 -25.04 -21.27 -92.47
N LEU C 4578 -26.24 -21.17 -91.93
CA LEU C 4578 -27.16 -22.27 -91.68
C LEU C 4578 -28.15 -22.43 -92.82
N PHE C 4579 -28.00 -21.64 -93.87
CA PHE C 4579 -28.80 -21.74 -95.09
C PHE C 4579 -27.97 -22.24 -96.26
N TYR C 4580 -26.84 -22.86 -95.99
CA TYR C 4580 -25.97 -23.38 -97.03
C TYR C 4580 -26.51 -24.71 -97.56
N LYS C 4581 -25.91 -25.16 -98.66
CA LYS C 4581 -26.30 -26.29 -99.47
C LYS C 4581 -25.09 -26.78 -100.25
N VAL C 4582 -25.31 -27.86 -100.99
CA VAL C 4582 -24.31 -28.44 -101.86
C VAL C 4582 -25.07 -28.85 -103.11
N SER C 4583 -24.43 -28.68 -104.27
CA SER C 4583 -25.06 -29.12 -105.50
C SER C 4583 -23.98 -29.65 -106.43
N ASP C 4584 -24.23 -30.84 -106.98
CA ASP C 4584 -23.34 -31.37 -108.02
C ASP C 4584 -23.38 -30.51 -109.28
N SER C 4585 -24.58 -30.08 -109.67
CA SER C 4585 -24.76 -29.13 -110.76
C SER C 4585 -24.53 -27.71 -110.24
N PRO C 4586 -24.23 -26.75 -111.11
CA PRO C 4586 -23.94 -25.40 -110.61
C PRO C 4586 -25.24 -24.66 -110.32
N PRO C 4587 -25.19 -23.56 -109.56
CA PRO C 4587 -26.40 -22.76 -109.39
C PRO C 4587 -26.52 -21.66 -110.44
N ASN C 4626 -17.29 -34.62 -111.02
CA ASN C 4626 -18.25 -34.72 -109.94
C ASN C 4626 -18.09 -33.55 -108.97
N MET C 4627 -17.65 -32.42 -109.53
CA MET C 4627 -17.37 -31.21 -108.74
C MET C 4627 -18.63 -30.70 -108.06
N VAL C 4628 -18.53 -30.40 -106.77
CA VAL C 4628 -19.66 -29.99 -105.96
C VAL C 4628 -19.63 -28.48 -105.84
N TYR C 4629 -20.78 -27.84 -106.05
CA TYR C 4629 -20.91 -26.40 -105.90
C TYR C 4629 -21.56 -26.09 -104.55
N TYR C 4630 -20.94 -25.23 -103.77
CA TYR C 4630 -21.52 -24.78 -102.52
C TYR C 4630 -22.17 -23.43 -102.79
N PHE C 4631 -23.47 -23.34 -102.54
CA PHE C 4631 -24.19 -22.09 -102.76
C PHE C 4631 -25.10 -21.83 -101.57
N LEU C 4632 -25.06 -20.61 -101.03
CA LEU C 4632 -26.06 -20.27 -100.03
C LEU C 4632 -27.43 -20.30 -100.69
N GLU C 4633 -28.43 -20.81 -99.98
CA GLU C 4633 -29.79 -20.80 -100.51
C GLU C 4633 -30.73 -20.06 -99.57
N GLU C 4634 -31.16 -18.87 -99.96
CA GLU C 4634 -32.16 -18.15 -99.18
C GLU C 4634 -33.20 -17.60 -100.14
N SER C 4635 -34.47 -17.65 -99.72
CA SER C 4635 -35.63 -17.19 -100.48
C SER C 4635 -35.42 -15.76 -100.97
N THR C 4636 -35.37 -14.82 -100.02
CA THR C 4636 -35.32 -13.39 -100.31
C THR C 4636 -34.08 -12.99 -101.11
N GLY C 4637 -32.92 -13.54 -100.76
CA GLY C 4637 -31.68 -13.10 -101.37
C GLY C 4637 -31.07 -11.89 -100.70
N TYR C 4638 -31.62 -11.50 -99.56
CA TYR C 4638 -31.04 -10.45 -98.72
C TYR C 4638 -29.73 -10.89 -98.08
N MET C 4639 -29.65 -12.16 -97.70
CA MET C 4639 -28.53 -12.67 -96.91
C MET C 4639 -27.18 -12.64 -97.60
N GLU C 4640 -27.10 -12.96 -98.91
CA GLU C 4640 -25.78 -12.92 -99.55
C GLU C 4640 -25.13 -11.52 -99.61
N PRO C 4641 -25.83 -10.43 -100.00
CA PRO C 4641 -25.21 -9.10 -99.87
C PRO C 4641 -24.83 -8.79 -98.43
N ALA C 4642 -25.73 -9.15 -97.51
CA ALA C 4642 -25.47 -9.02 -96.09
C ALA C 4642 -24.29 -9.88 -95.66
N LEU C 4643 -24.17 -11.11 -96.20
CA LEU C 4643 -23.06 -11.97 -95.79
C LEU C 4643 -21.74 -11.35 -96.20
N TRP C 4644 -21.71 -10.80 -97.41
CA TRP C 4644 -20.49 -10.18 -97.93
C TRP C 4644 -20.08 -8.98 -97.08
N CYS C 4645 -21.07 -8.11 -96.79
CA CYS C 4645 -20.76 -6.90 -96.03
C CYS C 4645 -20.39 -7.24 -94.59
N LEU C 4646 -21.11 -8.20 -93.98
CA LEU C 4646 -20.85 -8.61 -92.61
C LEU C 4646 -19.47 -9.23 -92.45
N SER C 4647 -19.01 -9.97 -93.46
CA SER C 4647 -17.65 -10.50 -93.43
C SER C 4647 -16.62 -9.39 -93.55
N LEU C 4648 -16.89 -8.39 -94.42
CA LEU C 4648 -15.97 -7.25 -94.51
C LEU C 4648 -15.93 -6.48 -93.18
N LEU C 4649 -17.11 -6.27 -92.59
CA LEU C 4649 -17.22 -5.54 -91.34
C LEU C 4649 -16.53 -6.29 -90.22
N HIS C 4650 -16.65 -7.63 -90.23
CA HIS C 4650 -16.04 -8.46 -89.19
C HIS C 4650 -14.53 -8.34 -89.26
N THR C 4651 -13.98 -8.43 -90.48
CA THR C 4651 -12.53 -8.34 -90.65
C THR C 4651 -12.02 -6.98 -90.19
N LEU C 4652 -12.76 -5.91 -90.54
CA LEU C 4652 -12.39 -4.56 -90.10
C LEU C 4652 -12.40 -4.42 -88.58
N VAL C 4653 -13.47 -4.88 -87.92
CA VAL C 4653 -13.53 -4.89 -86.45
C VAL C 4653 -12.43 -5.77 -85.84
N ALA C 4654 -12.04 -6.83 -86.55
CA ALA C 4654 -10.94 -7.68 -86.09
C ALA C 4654 -9.61 -6.95 -86.17
N PHE C 4655 -9.47 -6.02 -87.10
CA PHE C 4655 -8.23 -5.26 -87.15
C PHE C 4655 -8.26 -4.18 -86.06
N LEU C 4656 -9.36 -3.43 -86.00
CA LEU C 4656 -9.60 -2.44 -84.95
C LEU C 4656 -9.42 -2.99 -83.54
N CYS C 4657 -9.58 -4.30 -83.34
CA CYS C 4657 -9.50 -4.84 -82.00
C CYS C 4657 -8.05 -5.06 -81.62
N ILE C 4658 -7.24 -5.48 -82.59
CA ILE C 4658 -5.80 -5.65 -82.39
C ILE C 4658 -5.16 -4.30 -82.11
N ILE C 4659 -5.60 -3.27 -82.84
CA ILE C 4659 -5.06 -1.93 -82.61
C ILE C 4659 -5.48 -1.41 -81.24
N GLY C 4660 -6.77 -1.55 -80.90
CA GLY C 4660 -7.25 -1.14 -79.59
C GLY C 4660 -6.54 -1.87 -78.46
N TYR C 4661 -6.18 -3.14 -78.69
CA TYR C 4661 -5.39 -3.89 -77.72
C TYR C 4661 -4.01 -3.29 -77.57
N ASN C 4662 -3.35 -3.00 -78.69
CA ASN C 4662 -1.97 -2.51 -78.62
C ASN C 4662 -1.92 -1.18 -77.88
N CYS C 4663 -2.88 -0.30 -78.18
CA CYS C 4663 -2.97 0.99 -77.50
C CYS C 4663 -3.37 0.88 -76.03
N LEU C 4664 -4.24 -0.06 -75.67
CA LEU C 4664 -4.73 -0.10 -74.29
C LEU C 4664 -4.08 -1.10 -73.34
N LYS C 4665 -3.71 -2.31 -73.78
CA LYS C 4665 -3.28 -3.33 -72.83
C LYS C 4665 -1.83 -3.72 -72.95
N VAL C 4666 -1.16 -3.37 -74.04
CA VAL C 4666 0.28 -3.64 -74.18
C VAL C 4666 1.13 -2.76 -73.26
N PRO C 4667 0.81 -1.46 -73.00
CA PRO C 4667 1.65 -0.70 -72.04
C PRO C 4667 1.77 -1.33 -70.66
N LEU C 4668 0.70 -1.94 -70.16
CA LEU C 4668 0.78 -2.57 -68.85
C LEU C 4668 1.67 -3.81 -68.86
N VAL C 4669 1.75 -4.50 -70.00
CA VAL C 4669 2.69 -5.61 -70.13
C VAL C 4669 4.11 -5.09 -70.12
N ILE C 4670 4.35 -3.98 -70.83
CA ILE C 4670 5.70 -3.42 -70.92
C ILE C 4670 6.12 -2.89 -69.55
N PHE C 4671 5.19 -2.25 -68.85
CA PHE C 4671 5.43 -1.72 -67.52
C PHE C 4671 5.75 -2.85 -66.55
N LYS C 4672 4.99 -3.94 -66.60
CA LYS C 4672 5.21 -5.05 -65.68
C LYS C 4672 6.57 -5.70 -65.94
N ARG C 4673 6.95 -5.79 -67.22
CA ARG C 4673 8.23 -6.40 -67.57
C ARG C 4673 9.39 -5.51 -67.16
N GLU C 4674 9.26 -4.19 -67.38
CA GLU C 4674 10.30 -3.27 -66.96
C GLU C 4674 10.41 -3.24 -65.44
N LYS C 4675 9.28 -3.33 -64.75
CA LYS C 4675 9.29 -3.33 -63.28
C LYS C 4675 10.04 -4.53 -62.77
N GLU C 4676 9.76 -5.70 -63.35
CA GLU C 4676 10.37 -6.94 -62.88
C GLU C 4676 11.86 -6.91 -63.16
N LEU C 4677 12.23 -6.45 -64.37
CA LEU C 4677 13.63 -6.41 -64.76
C LEU C 4677 14.40 -5.45 -63.88
N ALA C 4678 13.82 -4.26 -63.62
CA ALA C 4678 14.49 -3.26 -62.82
C ALA C 4678 14.72 -3.74 -61.40
N ARG C 4679 13.73 -4.45 -60.84
CA ARG C 4679 13.88 -4.98 -59.48
C ARG C 4679 14.92 -6.08 -59.40
N LYS C 4680 14.92 -7.02 -60.36
CA LYS C 4680 15.95 -8.07 -60.31
C LYS C 4680 17.34 -7.50 -60.60
N LEU C 4681 17.44 -6.54 -61.52
CA LEU C 4681 18.71 -5.89 -61.79
C LEU C 4681 19.25 -5.11 -60.59
N GLU C 4682 18.40 -4.35 -59.91
CA GLU C 4682 18.90 -3.46 -58.87
C GLU C 4682 18.80 -4.08 -57.49
N PHE C 4683 18.21 -5.27 -57.36
CA PHE C 4683 18.09 -5.89 -56.06
C PHE C 4683 18.61 -7.31 -56.01
N ASP C 4684 18.88 -7.93 -57.16
CA ASP C 4684 19.44 -9.28 -57.20
C ASP C 4684 20.66 -9.40 -58.10
N GLY C 4685 21.06 -8.33 -58.80
CA GLY C 4685 22.12 -8.39 -59.78
C GLY C 4685 21.98 -9.49 -60.81
N LEU C 4686 20.87 -9.49 -61.56
CA LEU C 4686 20.58 -10.60 -62.47
C LEU C 4686 21.61 -10.74 -63.58
N TYR C 4687 22.13 -9.63 -64.10
CA TYR C 4687 23.14 -9.71 -65.14
C TYR C 4687 24.49 -9.18 -64.67
N ILE C 4688 24.63 -8.88 -63.39
CA ILE C 4688 25.86 -8.30 -62.88
C ILE C 4688 26.59 -9.25 -61.94
N THR C 4689 25.88 -10.22 -61.34
CA THR C 4689 26.49 -11.22 -60.48
C THR C 4689 26.08 -12.63 -60.85
N GLU C 4690 24.79 -12.95 -60.66
CA GLU C 4690 24.30 -14.30 -60.86
C GLU C 4690 24.43 -14.79 -62.30
N GLN C 4691 24.08 -13.93 -63.29
CA GLN C 4691 24.05 -14.14 -64.74
C GLN C 4691 22.76 -14.90 -65.10
N PRO C 4692 22.21 -14.75 -66.31
CA PRO C 4692 20.93 -15.42 -66.61
C PRO C 4692 21.11 -16.93 -66.70
N GLY C 4693 19.98 -17.63 -66.51
CA GLY C 4693 19.98 -19.08 -66.43
C GLY C 4693 20.54 -19.80 -67.65
N ASP C 4694 20.26 -19.28 -68.86
CA ASP C 4694 20.58 -19.74 -70.22
C ASP C 4694 19.42 -20.60 -70.72
N ASP C 4695 18.54 -20.98 -69.79
CA ASP C 4695 17.29 -21.64 -70.15
C ASP C 4695 16.09 -20.74 -69.86
N ASP C 4696 16.33 -19.51 -69.45
CA ASP C 4696 15.28 -18.55 -69.15
C ASP C 4696 15.14 -17.68 -70.38
N VAL C 4697 14.08 -17.94 -71.17
CA VAL C 4697 13.86 -17.24 -72.43
C VAL C 4697 13.61 -15.76 -72.14
N LYS C 4698 12.87 -15.48 -71.07
CA LYS C 4698 12.50 -14.11 -70.75
C LYS C 4698 13.76 -13.32 -70.39
N GLY C 4699 14.65 -13.92 -69.59
CA GLY C 4699 15.89 -13.26 -69.22
C GLY C 4699 16.79 -13.03 -70.43
N GLN C 4700 16.85 -14.01 -71.34
CA GLN C 4700 17.74 -13.88 -72.48
C GLN C 4700 17.22 -12.83 -73.43
N TRP C 4701 15.90 -12.75 -73.60
CA TRP C 4701 15.36 -11.75 -74.49
C TRP C 4701 15.57 -10.39 -73.85
N ASP C 4702 15.41 -10.33 -72.52
CA ASP C 4702 15.55 -9.09 -71.77
C ASP C 4702 16.97 -8.56 -71.82
N ARG C 4703 17.94 -9.41 -72.19
CA ARG C 4703 19.35 -8.99 -72.27
C ARG C 4703 19.59 -7.95 -73.35
N LEU C 4704 18.64 -7.76 -74.27
CA LEU C 4704 18.79 -6.86 -75.40
C LEU C 4704 18.36 -5.44 -75.09
N VAL C 4705 17.71 -5.22 -73.94
CA VAL C 4705 17.15 -3.91 -73.67
C VAL C 4705 18.02 -3.10 -72.70
N LEU C 4706 18.95 -3.75 -72.01
CA LEU C 4706 19.77 -3.08 -70.99
C LEU C 4706 20.62 -1.98 -71.60
N ASN C 4707 21.27 -2.29 -72.72
CA ASN C 4707 22.18 -1.36 -73.37
C ASN C 4707 21.46 -0.13 -73.94
N THR C 4708 20.20 -0.30 -74.38
CA THR C 4708 19.46 0.74 -75.07
C THR C 4708 19.33 2.03 -74.25
N PRO C 4709 19.33 3.19 -74.92
CA PRO C 4709 19.15 4.46 -74.19
C PRO C 4709 17.81 4.66 -73.53
N SER C 4710 16.82 3.81 -73.79
CA SER C 4710 15.47 4.00 -73.23
C SER C 4710 15.01 2.71 -72.56
N PHE C 4711 15.72 2.31 -71.50
CA PHE C 4711 15.38 1.05 -70.84
C PHE C 4711 14.03 1.17 -70.12
N PRO C 4712 13.68 2.29 -69.44
CA PRO C 4712 12.30 2.39 -68.96
C PRO C 4712 11.52 3.51 -69.63
N SER C 4713 10.65 3.14 -70.58
CA SER C 4713 9.82 4.15 -71.19
C SER C 4713 8.44 4.22 -70.58
N ASN C 4714 8.00 3.18 -69.87
CA ASN C 4714 6.71 3.22 -69.20
C ASN C 4714 6.87 3.24 -67.70
N TYR C 4715 7.80 2.44 -67.18
CA TYR C 4715 8.04 2.37 -65.75
C TYR C 4715 8.54 3.71 -65.25
N TRP C 4716 8.13 4.09 -64.04
CA TRP C 4716 8.43 5.42 -63.56
C TRP C 4716 9.70 5.50 -62.73
N ASP C 4717 10.43 4.40 -62.54
CA ASP C 4717 11.69 4.52 -61.82
C ASP C 4717 12.72 4.93 -62.87
N LYS C 4718 12.85 6.24 -62.99
CA LYS C 4718 13.75 6.86 -63.95
C LYS C 4718 15.22 6.65 -63.63
N PHE C 4719 15.56 6.46 -62.36
CA PHE C 4719 16.94 6.42 -61.90
C PHE C 4719 17.44 4.99 -61.67
N VAL C 4720 16.87 4.01 -62.39
CA VAL C 4720 17.21 2.60 -62.15
C VAL C 4720 18.68 2.36 -62.48
N LYS C 4721 19.15 2.92 -63.60
CA LYS C 4721 20.52 2.70 -64.05
C LYS C 4721 21.49 3.29 -63.05
N ARG C 4722 21.22 4.52 -62.60
CA ARG C 4722 22.12 5.18 -61.67
C ARG C 4722 22.15 4.44 -60.35
N LYS C 4723 20.99 3.98 -59.88
CA LYS C 4723 20.92 3.32 -58.58
C LYS C 4723 21.64 1.97 -58.61
N VAL C 4724 21.48 1.22 -59.71
CA VAL C 4724 22.18 -0.06 -59.81
C VAL C 4724 23.68 0.19 -59.97
N LEU C 4725 24.06 1.32 -60.58
CA LEU C 4725 25.47 1.68 -60.67
C LEU C 4725 26.05 1.95 -59.29
N ASP C 4726 25.32 2.66 -58.44
CA ASP C 4726 25.78 2.89 -57.07
C ASP C 4726 25.85 1.57 -56.29
N LYS C 4727 24.82 0.74 -56.43
CA LYS C 4727 24.73 -0.50 -55.64
C LYS C 4727 25.80 -1.52 -56.02
N HIS C 4728 26.09 -1.69 -57.30
CA HIS C 4728 26.99 -2.75 -57.77
C HIS C 4728 28.24 -2.25 -58.46
N GLY C 4729 28.43 -0.93 -58.53
CA GLY C 4729 29.58 -0.37 -59.21
C GLY C 4729 30.91 -0.68 -58.55
N ASP C 4730 30.98 -0.60 -57.22
CA ASP C 4730 32.25 -0.78 -56.53
C ASP C 4730 32.78 -2.21 -56.67
N ILE C 4731 31.96 -3.21 -56.41
CA ILE C 4731 32.44 -4.59 -56.44
C ILE C 4731 32.72 -5.05 -57.88
N PHE C 4732 31.84 -4.73 -58.82
CA PHE C 4732 31.93 -5.23 -60.18
C PHE C 4732 32.54 -4.24 -61.16
N GLY C 4733 33.04 -3.10 -60.70
CA GLY C 4733 33.68 -2.17 -61.59
C GLY C 4733 32.66 -1.21 -62.17
N ARG C 4734 33.14 -0.08 -62.66
CA ARG C 4734 32.21 0.95 -63.12
C ARG C 4734 32.05 0.95 -64.63
N GLU C 4735 33.17 0.86 -65.36
CA GLU C 4735 33.11 0.93 -66.81
C GLU C 4735 32.38 -0.26 -67.41
N ARG C 4736 32.53 -1.44 -66.82
CA ARG C 4736 31.77 -2.61 -67.26
C ARG C 4736 30.27 -2.39 -67.09
N ILE C 4737 29.88 -1.82 -65.96
CA ILE C 4737 28.47 -1.55 -65.70
C ILE C 4737 27.93 -0.52 -66.67
N ALA C 4738 28.75 0.51 -66.97
CA ALA C 4738 28.31 1.53 -67.92
C ALA C 4738 28.22 1.02 -69.35
N GLU C 4739 29.13 0.13 -69.78
CA GLU C 4739 28.99 -0.42 -71.11
C GLU C 4739 27.75 -1.30 -71.19
N LEU C 4740 27.56 -2.16 -70.17
CA LEU C 4740 26.41 -3.07 -70.14
C LEU C 4740 25.09 -2.31 -70.21
N LEU C 4741 25.00 -1.18 -69.51
CA LEU C 4741 23.76 -0.43 -69.44
C LEU C 4741 23.79 0.81 -70.33
N GLY C 4742 24.74 0.89 -71.26
CA GLY C 4742 24.86 1.95 -72.24
C GLY C 4742 24.80 3.35 -71.68
N MET C 4743 25.62 3.60 -70.65
CA MET C 4743 25.70 4.87 -69.96
C MET C 4743 27.05 5.50 -70.25
N ASP C 4744 27.06 6.81 -70.50
CA ASP C 4744 28.31 7.56 -70.66
C ASP C 4744 28.80 8.06 -69.31
N LEU C 4745 29.82 7.37 -68.78
CA LEU C 4745 30.37 7.71 -67.47
C LEU C 4745 30.99 9.10 -67.49
N ALA C 4746 31.63 9.44 -68.61
CA ALA C 4746 32.31 10.73 -68.75
C ALA C 4746 31.31 11.88 -68.64
N SER C 4747 30.16 11.75 -69.31
CA SER C 4747 29.15 12.79 -69.31
C SER C 4747 28.23 12.69 -68.12
N LEU C 4748 28.38 11.64 -67.30
CA LEU C 4748 27.49 11.42 -66.17
C LEU C 4748 27.61 12.54 -65.13
N GLU C 4749 28.85 12.94 -64.81
CA GLU C 4749 29.07 13.94 -63.77
C GLU C 4749 28.67 15.34 -64.23
N ILE C 4750 29.14 15.78 -65.39
CA ILE C 4750 28.93 17.17 -65.80
C ILE C 4750 27.60 17.31 -66.53
N ASP C 4772 14.83 3.93 -81.73
CA ASP C 4772 15.78 2.99 -81.16
C ASP C 4772 15.38 1.57 -81.55
N VAL C 4773 16.04 1.05 -82.59
CA VAL C 4773 15.71 -0.24 -83.20
C VAL C 4773 15.90 -1.41 -82.26
N LYS C 4774 16.71 -1.26 -81.22
CA LYS C 4774 16.96 -2.35 -80.29
C LYS C 4774 15.82 -2.41 -79.27
N TYR C 4775 15.42 -1.24 -78.76
CA TYR C 4775 14.27 -1.16 -77.87
C TYR C 4775 13.01 -1.62 -78.59
N GLN C 4776 12.82 -1.18 -79.84
CA GLN C 4776 11.63 -1.57 -80.60
C GLN C 4776 11.60 -3.07 -80.86
N ILE C 4777 12.75 -3.68 -81.19
CA ILE C 4777 12.82 -5.13 -81.36
C ILE C 4777 12.47 -5.85 -80.07
N TRP C 4778 12.97 -5.34 -78.92
CA TRP C 4778 12.71 -6.03 -77.66
C TRP C 4778 11.23 -5.93 -77.32
N LYS C 4779 10.66 -4.72 -77.51
CA LYS C 4779 9.26 -4.48 -77.16
C LYS C 4779 8.38 -5.38 -78.01
N PHE C 4780 8.72 -5.51 -79.30
CA PHE C 4780 7.95 -6.34 -80.23
C PHE C 4780 8.00 -7.79 -79.81
N GLY C 4781 9.17 -8.26 -79.34
CA GLY C 4781 9.25 -9.62 -78.82
C GLY C 4781 8.38 -9.84 -77.59
N VAL C 4782 8.30 -8.83 -76.72
CA VAL C 4782 7.41 -8.92 -75.56
C VAL C 4782 5.94 -8.91 -76.01
N ILE C 4783 5.60 -8.07 -76.97
CA ILE C 4783 4.24 -8.05 -77.52
C ILE C 4783 3.92 -9.39 -78.18
N PHE C 4784 4.90 -9.96 -78.90
CA PHE C 4784 4.69 -11.18 -79.67
C PHE C 4784 4.92 -12.42 -78.83
N THR C 4785 4.96 -12.26 -77.50
CA THR C 4785 4.98 -13.39 -76.60
C THR C 4785 3.80 -13.29 -75.64
N ASP C 4786 2.95 -12.28 -75.80
CA ASP C 4786 1.77 -12.09 -74.96
C ASP C 4786 0.67 -13.01 -75.45
N ASN C 4787 0.09 -13.81 -74.55
CA ASN C 4787 -0.91 -14.79 -74.97
C ASN C 4787 -2.17 -14.14 -75.53
N SER C 4788 -2.62 -13.04 -74.92
CA SER C 4788 -3.85 -12.38 -75.36
C SER C 4788 -3.68 -11.78 -76.74
N PHE C 4789 -2.49 -11.23 -77.02
CA PHE C 4789 -2.21 -10.65 -78.32
C PHE C 4789 -2.17 -11.75 -79.37
N LEU C 4790 -1.61 -12.91 -79.00
CA LEU C 4790 -1.50 -14.02 -79.94
C LEU C 4790 -2.87 -14.57 -80.26
N TYR C 4791 -3.75 -14.61 -79.26
CA TYR C 4791 -5.14 -14.99 -79.51
C TYR C 4791 -5.82 -14.00 -80.44
N LEU C 4792 -5.61 -12.70 -80.22
CA LEU C 4792 -6.29 -11.70 -81.04
C LEU C 4792 -5.79 -11.74 -82.47
N GLY C 4793 -4.50 -12.04 -82.64
CA GLY C 4793 -3.95 -12.23 -83.96
C GLY C 4793 -4.40 -13.51 -84.62
N TRP C 4794 -4.72 -14.53 -83.82
CA TRP C 4794 -5.31 -15.73 -84.39
C TRP C 4794 -6.76 -15.45 -84.81
N TYR C 4795 -7.44 -14.57 -84.08
CA TYR C 4795 -8.79 -14.17 -84.46
C TYR C 4795 -8.77 -13.43 -85.80
N MET C 4796 -7.79 -12.55 -85.95
CA MET C 4796 -7.61 -11.80 -87.18
C MET C 4796 -7.18 -12.71 -88.33
N VAL C 4797 -6.39 -13.75 -88.03
CA VAL C 4797 -6.00 -14.70 -89.07
C VAL C 4797 -7.22 -15.50 -89.55
N MET C 4798 -8.03 -16.00 -88.62
CA MET C 4798 -9.18 -16.79 -89.07
C MET C 4798 -10.21 -15.89 -89.74
N SER C 4799 -10.22 -14.61 -89.40
CA SER C 4799 -11.13 -13.66 -90.04
C SER C 4799 -10.67 -13.42 -91.47
N LEU C 4800 -9.36 -13.37 -91.67
CA LEU C 4800 -8.81 -13.16 -93.00
C LEU C 4800 -9.06 -14.38 -93.86
N LEU C 4801 -8.81 -15.58 -93.29
CA LEU C 4801 -9.00 -16.82 -94.02
C LEU C 4801 -10.47 -17.02 -94.40
N GLY C 4802 -11.39 -16.60 -93.51
CA GLY C 4802 -12.80 -16.80 -93.77
C GLY C 4802 -13.37 -16.13 -95.01
N HIS C 4803 -12.55 -15.32 -95.70
CA HIS C 4803 -12.88 -14.71 -96.97
C HIS C 4803 -12.52 -15.66 -98.09
N TYR C 4804 -11.40 -16.37 -97.92
CA TYR C 4804 -11.00 -17.43 -98.84
C TYR C 4804 -12.00 -18.57 -98.83
N ASN C 4805 -12.30 -19.10 -97.64
CA ASN C 4805 -13.35 -20.10 -97.55
C ASN C 4805 -14.29 -19.64 -96.44
N ASN C 4806 -15.58 -19.55 -96.74
CA ASN C 4806 -16.52 -18.96 -95.80
C ASN C 4806 -16.66 -19.77 -94.51
N PHE C 4807 -16.37 -21.07 -94.56
CA PHE C 4807 -16.65 -21.90 -93.41
C PHE C 4807 -15.61 -21.77 -92.31
N PHE C 4808 -14.61 -20.93 -92.51
CA PHE C 4808 -13.60 -20.70 -91.49
C PHE C 4808 -14.07 -19.67 -90.49
N PHE C 4809 -15.27 -19.14 -90.69
CA PHE C 4809 -15.78 -18.05 -89.87
C PHE C 4809 -16.52 -18.61 -88.68
N ALA C 4810 -16.47 -19.92 -88.49
CA ALA C 4810 -17.17 -20.59 -87.42
C ALA C 4810 -16.21 -21.04 -86.35
N ALA C 4811 -14.95 -20.63 -86.45
CA ALA C 4811 -13.96 -20.89 -85.43
C ALA C 4811 -13.89 -19.72 -84.48
N HIS C 4812 -14.73 -18.73 -84.73
CA HIS C 4812 -14.78 -17.51 -83.97
C HIS C 4812 -15.75 -17.66 -82.84
N LEU C 4813 -16.60 -18.70 -82.91
CA LEU C 4813 -17.64 -18.91 -81.93
C LEU C 4813 -17.05 -19.32 -80.60
N LEU C 4814 -15.82 -19.84 -80.58
CA LEU C 4814 -15.14 -20.26 -79.37
C LEU C 4814 -14.74 -19.09 -78.48
N ASP C 4815 -14.83 -17.86 -79.00
CA ASP C 4815 -14.57 -16.66 -78.23
C ASP C 4815 -15.60 -16.44 -77.12
N ILE C 4816 -16.71 -17.18 -77.11
CA ILE C 4816 -17.72 -17.08 -76.06
C ILE C 4816 -17.13 -17.45 -74.69
N ALA C 4817 -16.27 -18.47 -74.65
CA ALA C 4817 -15.65 -18.93 -73.42
C ALA C 4817 -14.75 -17.87 -72.80
N MET C 4818 -13.90 -17.25 -73.62
CA MET C 4818 -13.07 -16.14 -73.15
C MET C 4818 -13.90 -14.90 -72.83
N GLY C 4819 -14.88 -14.58 -73.68
CA GLY C 4819 -15.65 -13.36 -73.51
C GLY C 4819 -16.58 -13.37 -72.31
N VAL C 4820 -17.32 -14.46 -72.11
CA VAL C 4820 -18.35 -14.50 -71.08
C VAL C 4820 -17.80 -15.13 -69.81
N LYS C 4821 -18.06 -14.45 -68.69
CA LYS C 4821 -17.54 -14.88 -67.39
C LYS C 4821 -18.21 -16.17 -66.92
N THR C 4822 -19.50 -16.33 -67.20
CA THR C 4822 -20.22 -17.54 -66.82
C THR C 4822 -19.65 -18.77 -67.51
N LEU C 4823 -19.32 -18.67 -68.80
CA LEU C 4823 -18.85 -19.87 -69.48
C LEU C 4823 -17.47 -20.22 -68.98
N ARG C 4824 -16.63 -19.18 -68.83
CA ARG C 4824 -15.26 -19.36 -68.36
C ARG C 4824 -15.28 -20.03 -66.99
N THR C 4825 -16.22 -19.62 -66.14
CA THR C 4825 -16.39 -20.22 -64.83
C THR C 4825 -16.83 -21.68 -64.91
N ILE C 4826 -17.80 -21.97 -65.80
CA ILE C 4826 -18.24 -23.36 -65.96
C ILE C 4826 -17.10 -24.23 -66.48
N LEU C 4827 -16.31 -23.70 -67.41
CA LEU C 4827 -15.23 -24.46 -68.01
C LEU C 4827 -14.01 -24.51 -67.10
N SER C 4828 -14.02 -23.77 -66.00
CA SER C 4828 -12.94 -23.89 -65.04
C SER C 4828 -13.02 -25.22 -64.30
N SER C 4829 -14.23 -25.76 -64.14
CA SER C 4829 -14.36 -27.09 -63.56
C SER C 4829 -13.73 -28.15 -64.45
N VAL C 4830 -13.92 -28.03 -65.77
CA VAL C 4830 -13.29 -28.91 -66.73
C VAL C 4830 -11.76 -28.76 -66.74
N THR C 4831 -11.27 -27.53 -66.64
CA THR C 4831 -9.83 -27.32 -66.80
C THR C 4831 -9.06 -27.37 -65.49
N HIS C 4832 -9.74 -27.31 -64.35
CA HIS C 4832 -9.08 -27.43 -63.06
C HIS C 4832 -8.44 -28.80 -62.90
N ASN C 4833 -9.16 -29.86 -63.26
CA ASN C 4833 -8.68 -31.23 -63.10
C ASN C 4833 -8.30 -31.83 -64.45
N GLY C 4834 -7.82 -30.98 -65.36
CA GLY C 4834 -7.55 -31.41 -66.73
C GLY C 4834 -6.47 -32.45 -66.87
N LYS C 4835 -5.36 -32.29 -66.14
CA LYS C 4835 -4.30 -33.30 -66.17
C LYS C 4835 -4.77 -34.63 -65.61
N GLN C 4836 -5.61 -34.59 -64.58
CA GLN C 4836 -6.13 -35.82 -64.00
C GLN C 4836 -7.06 -36.52 -64.98
N LEU C 4837 -7.86 -35.73 -65.72
CA LEU C 4837 -8.73 -36.32 -66.74
C LEU C 4837 -7.93 -36.93 -67.87
N VAL C 4838 -6.84 -36.27 -68.28
CA VAL C 4838 -6.03 -36.77 -69.39
C VAL C 4838 -5.34 -38.06 -68.99
N MET C 4839 -4.85 -38.12 -67.75
CA MET C 4839 -4.18 -39.34 -67.31
C MET C 4839 -5.19 -40.47 -67.12
N THR C 4840 -6.43 -40.13 -66.76
CA THR C 4840 -7.47 -41.14 -66.66
C THR C 4840 -7.83 -41.70 -68.04
N VAL C 4841 -7.78 -40.85 -69.07
CA VAL C 4841 -8.00 -41.31 -70.43
C VAL C 4841 -6.89 -42.24 -70.88
N GLY C 4842 -5.65 -41.92 -70.52
CA GLY C 4842 -4.55 -42.83 -70.82
C GLY C 4842 -4.62 -44.13 -70.04
N LEU C 4843 -5.23 -44.08 -68.86
CA LEU C 4843 -5.50 -45.30 -68.10
C LEU C 4843 -6.53 -46.16 -68.79
N LEU C 4844 -7.58 -45.52 -69.32
CA LEU C 4844 -8.59 -46.24 -70.09
C LEU C 4844 -8.01 -46.88 -71.33
N ALA C 4845 -7.12 -46.15 -72.03
CA ALA C 4845 -6.41 -46.68 -73.19
C ALA C 4845 -5.54 -47.89 -72.86
N VAL C 4846 -4.87 -47.88 -71.71
CA VAL C 4846 -4.11 -49.04 -71.25
C VAL C 4846 -5.02 -50.24 -70.94
N VAL C 4847 -6.12 -50.04 -70.21
CA VAL C 4847 -6.96 -51.20 -69.88
C VAL C 4847 -7.69 -51.75 -71.11
N VAL C 4848 -8.12 -50.88 -72.03
CA VAL C 4848 -8.71 -51.36 -73.28
C VAL C 4848 -7.67 -52.13 -74.10
N TYR C 4849 -6.39 -51.73 -74.00
CA TYR C 4849 -5.35 -52.51 -74.66
C TYR C 4849 -5.22 -53.89 -74.03
N LEU C 4850 -5.35 -53.98 -72.70
CA LEU C 4850 -5.22 -55.27 -72.03
C LEU C 4850 -6.33 -56.23 -72.43
N TYR C 4851 -7.57 -55.72 -72.53
CA TYR C 4851 -8.66 -56.54 -73.05
C TYR C 4851 -8.46 -56.89 -74.52
N THR C 4852 -7.92 -55.96 -75.31
CA THR C 4852 -7.60 -56.26 -76.71
C THR C 4852 -6.66 -57.45 -76.81
N VAL C 4853 -5.62 -57.46 -75.96
CA VAL C 4853 -4.63 -58.53 -75.98
C VAL C 4853 -5.29 -59.87 -75.65
N VAL C 4854 -6.21 -59.85 -74.67
CA VAL C 4854 -6.88 -61.08 -74.23
C VAL C 4854 -7.85 -61.60 -75.29
N ALA C 4855 -8.53 -60.69 -75.99
CA ALA C 4855 -9.38 -61.13 -77.09
C ALA C 4855 -8.57 -61.63 -78.28
N PHE C 4856 -7.44 -61.00 -78.57
CA PHE C 4856 -6.66 -61.41 -79.74
C PHE C 4856 -6.05 -62.80 -79.51
N ASN C 4857 -5.60 -63.05 -78.29
CA ASN C 4857 -5.06 -64.34 -77.91
C ASN C 4857 -6.12 -65.43 -77.80
N PHE C 4858 -7.36 -65.10 -77.45
CA PHE C 4858 -8.29 -66.19 -77.12
C PHE C 4858 -9.70 -66.08 -77.67
N PHE C 4859 -10.09 -64.99 -78.31
CA PHE C 4859 -11.48 -64.71 -78.62
C PHE C 4859 -11.64 -64.22 -80.04
N ARG C 4860 -10.74 -64.65 -80.93
CA ARG C 4860 -10.69 -64.16 -82.31
C ARG C 4860 -11.93 -64.56 -83.11
N LYS C 4861 -12.52 -65.72 -82.81
CA LYS C 4861 -13.67 -66.22 -83.56
C LYS C 4861 -14.87 -65.30 -83.44
N PHE C 4862 -15.09 -64.74 -82.26
CA PHE C 4862 -16.33 -64.04 -81.94
C PHE C 4862 -16.46 -62.67 -82.60
N TYR C 4863 -15.41 -62.14 -83.23
CA TYR C 4863 -15.44 -60.75 -83.66
C TYR C 4863 -15.72 -60.59 -85.14
N ASN C 4864 -16.49 -61.49 -85.73
CA ASN C 4864 -16.88 -61.33 -87.12
C ASN C 4864 -18.05 -60.38 -87.22
N LYS C 4865 -17.85 -59.25 -87.89
CA LYS C 4865 -18.85 -58.20 -87.95
C LYS C 4865 -19.56 -58.18 -89.29
N SER C 4866 -19.50 -59.28 -90.03
CA SER C 4866 -20.12 -59.41 -91.33
C SER C 4866 -21.20 -60.47 -91.28
N GLU C 4867 -22.42 -60.07 -91.62
CA GLU C 4867 -23.53 -61.01 -91.70
C GLU C 4867 -23.33 -61.99 -92.84
N ASP C 4868 -22.80 -61.51 -93.96
CA ASP C 4868 -22.63 -62.31 -95.15
C ASP C 4868 -21.52 -63.34 -94.95
N GLU C 4869 -21.86 -64.62 -95.10
CA GLU C 4869 -20.89 -65.70 -95.00
C GLU C 4869 -19.92 -65.74 -96.17
N ASP C 4870 -20.22 -64.99 -97.24
CA ASP C 4870 -19.34 -64.97 -98.41
C ASP C 4870 -17.98 -64.35 -98.07
N GLU C 4871 -17.99 -63.16 -97.45
CA GLU C 4871 -16.75 -62.57 -96.97
C GLU C 4871 -16.80 -62.42 -95.46
N PRO C 4872 -15.89 -63.05 -94.72
CA PRO C 4872 -15.80 -62.79 -93.29
C PRO C 4872 -15.11 -61.45 -93.05
N ASP C 4873 -15.57 -60.73 -92.03
CA ASP C 4873 -14.92 -59.49 -91.64
C ASP C 4873 -14.58 -59.48 -90.15
N MET C 4874 -13.84 -60.50 -89.71
CA MET C 4874 -13.36 -60.56 -88.34
C MET C 4874 -12.54 -59.32 -88.03
N LYS C 4875 -12.82 -58.67 -86.91
CA LYS C 4875 -12.17 -57.41 -86.58
C LYS C 4875 -11.12 -57.57 -85.49
N CYS C 4876 -10.64 -58.79 -85.27
CA CYS C 4876 -9.62 -59.06 -84.26
C CYS C 4876 -8.47 -59.88 -84.82
N ASP C 4877 -8.22 -59.86 -86.11
CA ASP C 4877 -7.14 -60.68 -86.63
C ASP C 4877 -5.83 -59.92 -86.68
N ASP C 4878 -5.83 -58.71 -86.13
CA ASP C 4878 -4.70 -57.82 -86.14
C ASP C 4878 -4.86 -57.03 -84.85
N MET C 4879 -3.76 -56.47 -84.36
CA MET C 4879 -3.92 -55.81 -83.11
C MET C 4879 -4.20 -54.33 -83.32
N MET C 4880 -3.85 -53.82 -84.50
CA MET C 4880 -4.23 -52.44 -84.80
C MET C 4880 -5.73 -52.38 -85.04
N THR C 4881 -6.29 -53.34 -85.78
CA THR C 4881 -7.72 -53.31 -86.06
C THR C 4881 -8.51 -53.71 -84.81
N CYS C 4882 -8.00 -54.64 -84.00
CA CYS C 4882 -8.72 -55.02 -82.78
C CYS C 4882 -8.70 -53.90 -81.73
N TYR C 4883 -7.59 -53.17 -81.62
CA TYR C 4883 -7.55 -51.98 -80.77
C TYR C 4883 -8.42 -50.86 -81.32
N LEU C 4884 -8.46 -50.68 -82.63
CA LEU C 4884 -9.38 -49.70 -83.21
C LEU C 4884 -10.82 -50.11 -82.92
N PHE C 4885 -11.11 -51.41 -83.00
CA PHE C 4885 -12.46 -51.91 -82.76
C PHE C 4885 -12.86 -51.72 -81.31
N HIS C 4886 -11.96 -52.06 -80.39
CA HIS C 4886 -12.28 -51.99 -78.97
C HIS C 4886 -12.42 -50.55 -78.51
N MET C 4887 -11.54 -49.67 -78.97
CA MET C 4887 -11.65 -48.25 -78.64
C MET C 4887 -12.83 -47.56 -79.31
N TYR C 4888 -13.07 -47.82 -80.58
CA TYR C 4888 -14.21 -47.15 -81.22
C TYR C 4888 -15.56 -47.72 -80.75
N VAL C 4889 -15.73 -49.04 -80.66
CA VAL C 4889 -17.07 -49.57 -80.41
C VAL C 4889 -17.32 -50.08 -78.99
N GLY C 4890 -16.29 -50.28 -78.16
CA GLY C 4890 -16.54 -50.89 -76.88
C GLY C 4890 -16.77 -49.92 -75.74
N VAL C 4891 -16.06 -48.79 -75.78
CA VAL C 4891 -16.28 -47.79 -74.76
C VAL C 4891 -17.53 -46.98 -75.08
N ARG C 4892 -17.92 -46.91 -76.35
CA ARG C 4892 -19.12 -46.17 -76.73
C ARG C 4892 -20.39 -46.99 -76.64
N ALA C 4893 -20.29 -48.29 -76.40
CA ALA C 4893 -21.48 -49.11 -76.25
C ALA C 4893 -21.95 -49.04 -74.81
N GLY C 4894 -23.26 -49.19 -74.63
CA GLY C 4894 -23.83 -49.08 -73.29
C GLY C 4894 -23.42 -50.22 -72.37
N GLY C 4895 -23.40 -51.44 -72.89
CA GLY C 4895 -23.04 -52.60 -72.11
C GLY C 4895 -21.66 -53.15 -72.38
N GLY C 4896 -20.82 -52.41 -73.07
CA GLY C 4896 -19.47 -52.86 -73.34
C GLY C 4896 -19.40 -53.60 -74.67
N ILE C 4897 -18.36 -54.41 -74.80
CA ILE C 4897 -18.13 -55.13 -76.05
C ILE C 4897 -19.15 -56.23 -76.30
N GLY C 4898 -19.85 -56.68 -75.25
CA GLY C 4898 -20.80 -57.77 -75.38
C GLY C 4898 -22.00 -57.46 -76.25
N ASP C 4899 -22.37 -56.20 -76.37
CA ASP C 4899 -23.42 -55.83 -77.31
C ASP C 4899 -22.98 -56.09 -78.74
N GLU C 4900 -21.72 -55.79 -79.06
CA GLU C 4900 -21.28 -55.86 -80.44
C GLU C 4900 -20.91 -57.26 -80.87
N ILE C 4901 -20.17 -58.00 -80.04
CA ILE C 4901 -19.63 -59.26 -80.52
C ILE C 4901 -20.61 -60.40 -80.37
N GLU C 4902 -20.29 -61.52 -81.01
CA GLU C 4902 -21.18 -62.66 -81.20
C GLU C 4902 -21.56 -63.31 -79.87
N ASP C 4903 -22.78 -63.82 -79.80
CA ASP C 4903 -23.32 -64.49 -78.63
C ASP C 4903 -22.50 -65.73 -78.25
N PRO C 4904 -21.99 -65.80 -77.02
CA PRO C 4904 -21.14 -66.91 -76.60
C PRO C 4904 -21.87 -68.17 -76.17
N ALA C 4905 -23.18 -68.26 -76.31
CA ALA C 4905 -23.90 -69.45 -75.87
C ALA C 4905 -23.45 -70.68 -76.66
N GLY C 4906 -23.56 -71.83 -76.00
CA GLY C 4906 -23.15 -73.11 -76.54
C GLY C 4906 -21.69 -73.20 -76.97
N ASP C 4907 -20.77 -72.87 -76.05
CA ASP C 4907 -19.35 -72.90 -76.39
C ASP C 4907 -18.55 -73.29 -75.16
N GLU C 4908 -17.35 -73.86 -75.41
CA GLU C 4908 -16.45 -74.22 -74.32
C GLU C 4908 -15.90 -73.01 -73.59
N TYR C 4909 -15.81 -71.86 -74.26
CA TYR C 4909 -15.21 -70.67 -73.69
C TYR C 4909 -16.26 -69.68 -73.23
N GLU C 4910 -17.51 -70.15 -73.07
CA GLU C 4910 -18.63 -69.29 -72.71
C GLU C 4910 -18.39 -68.57 -71.39
N LEU C 4911 -17.99 -69.33 -70.35
CA LEU C 4911 -17.80 -68.72 -69.04
C LEU C 4911 -16.65 -67.73 -69.03
N TYR C 4912 -15.61 -68.01 -69.81
CA TYR C 4912 -14.50 -67.08 -69.92
C TYR C 4912 -14.95 -65.80 -70.59
N ARG C 4913 -15.73 -65.91 -71.66
CA ARG C 4913 -16.18 -64.71 -72.36
C ARG C 4913 -17.24 -63.91 -71.58
N VAL C 4914 -18.07 -64.55 -70.76
CA VAL C 4914 -18.96 -63.80 -69.87
C VAL C 4914 -18.17 -63.07 -68.80
N VAL C 4915 -17.14 -63.69 -68.21
CA VAL C 4915 -16.30 -62.98 -67.25
C VAL C 4915 -15.50 -61.87 -67.94
N PHE C 4916 -15.22 -62.06 -69.23
CA PHE C 4916 -14.59 -61.04 -70.05
C PHE C 4916 -15.49 -59.82 -70.18
N ASP C 4917 -16.69 -60.00 -70.73
CA ASP C 4917 -17.60 -58.87 -70.95
C ASP C 4917 -17.99 -58.22 -69.63
N ILE C 4918 -18.28 -59.01 -68.59
CA ILE C 4918 -18.75 -58.45 -67.33
C ILE C 4918 -17.67 -57.58 -66.71
N THR C 4919 -16.40 -58.05 -66.75
CA THR C 4919 -15.33 -57.20 -66.25
C THR C 4919 -15.20 -55.95 -67.09
N PHE C 4920 -15.30 -56.09 -68.41
CA PHE C 4920 -15.19 -54.94 -69.32
C PHE C 4920 -16.25 -53.89 -69.03
N PHE C 4921 -17.43 -54.36 -68.64
CA PHE C 4921 -18.56 -53.50 -68.30
C PHE C 4921 -18.30 -52.80 -66.97
N PHE C 4922 -17.92 -53.55 -65.94
CA PHE C 4922 -17.75 -52.94 -64.63
C PHE C 4922 -16.55 -52.00 -64.65
N PHE C 4923 -15.43 -52.46 -65.17
CA PHE C 4923 -14.19 -51.73 -65.09
C PHE C 4923 -14.15 -50.54 -66.04
N VAL C 4924 -14.58 -50.72 -67.29
CA VAL C 4924 -14.43 -49.67 -68.28
C VAL C 4924 -15.68 -48.80 -68.40
N ILE C 4925 -16.85 -49.42 -68.50
CA ILE C 4925 -18.07 -48.66 -68.76
C ILE C 4925 -18.51 -47.90 -67.52
N VAL C 4926 -18.36 -48.51 -66.35
CA VAL C 4926 -18.92 -47.95 -65.13
C VAL C 4926 -17.82 -47.24 -64.37
N ILE C 4927 -16.87 -48.02 -63.82
CA ILE C 4927 -15.82 -47.48 -62.95
C ILE C 4927 -14.98 -46.41 -63.66
N LEU C 4928 -14.74 -46.57 -64.95
CA LEU C 4928 -13.81 -45.64 -65.60
C LEU C 4928 -14.48 -44.42 -66.21
N LEU C 4929 -15.79 -44.29 -66.13
CA LEU C 4929 -16.45 -43.05 -66.53
C LEU C 4929 -17.03 -42.37 -65.32
N ALA C 4930 -17.06 -43.10 -64.21
CA ALA C 4930 -17.39 -42.52 -62.92
C ALA C 4930 -16.25 -41.68 -62.44
N ILE C 4931 -15.01 -42.03 -62.76
CA ILE C 4931 -13.87 -41.22 -62.37
C ILE C 4931 -13.93 -39.87 -63.07
N ILE C 4932 -14.32 -39.87 -64.35
CA ILE C 4932 -14.43 -38.63 -65.11
C ILE C 4932 -15.54 -37.74 -64.54
N GLN C 4933 -16.69 -38.35 -64.24
CA GLN C 4933 -17.78 -37.60 -63.64
C GLN C 4933 -17.42 -37.13 -62.23
N GLY C 4934 -16.75 -37.97 -61.46
CA GLY C 4934 -16.34 -37.58 -60.13
C GLY C 4934 -15.31 -36.48 -60.11
N LEU C 4935 -14.42 -36.46 -61.09
CA LEU C 4935 -13.47 -35.36 -61.23
C LEU C 4935 -14.17 -34.04 -61.49
N ILE C 4936 -15.17 -34.03 -62.38
CA ILE C 4936 -15.96 -32.81 -62.60
C ILE C 4936 -16.78 -32.40 -61.37
N ILE C 4937 -17.45 -33.37 -60.72
CA ILE C 4937 -18.24 -33.07 -59.51
C ILE C 4937 -17.35 -32.58 -58.38
N ASP C 4938 -16.20 -33.22 -58.19
CA ASP C 4938 -15.22 -32.77 -57.21
C ASP C 4938 -14.74 -31.36 -57.53
N ALA C 4939 -14.55 -31.05 -58.83
CA ALA C 4939 -14.02 -29.75 -59.21
C ALA C 4939 -14.98 -28.65 -58.83
N PHE C 4940 -16.29 -28.88 -59.02
CA PHE C 4940 -17.30 -27.86 -58.68
C PHE C 4940 -17.28 -27.54 -57.18
N GLY C 4941 -17.12 -28.57 -56.36
CA GLY C 4941 -17.03 -28.40 -54.93
C GLY C 4941 -15.75 -27.73 -54.49
N GLU C 4942 -14.63 -28.11 -55.11
CA GLU C 4942 -13.37 -27.46 -54.81
C GLU C 4942 -13.42 -25.97 -55.15
N LEU C 4943 -14.01 -25.61 -56.28
CA LEU C 4943 -14.04 -24.21 -56.66
C LEU C 4943 -14.96 -23.42 -55.73
N ARG C 4944 -16.06 -24.04 -55.29
CA ARG C 4944 -16.95 -23.37 -54.35
C ARG C 4944 -16.30 -23.20 -52.97
N ASP C 4945 -15.64 -24.24 -52.46
CA ASP C 4945 -14.95 -24.13 -51.18
C ASP C 4945 -13.82 -23.10 -51.25
N GLN C 4946 -13.14 -23.02 -52.40
CA GLN C 4946 -12.09 -22.02 -52.59
C GLN C 4946 -12.66 -20.62 -52.52
N GLN C 4947 -13.86 -20.41 -53.05
CA GLN C 4947 -14.38 -19.05 -53.06
C GLN C 4947 -14.98 -18.69 -51.71
N GLU C 4948 -15.58 -19.68 -51.04
CA GLU C 4948 -16.11 -19.48 -49.70
C GLU C 4948 -15.00 -19.20 -48.69
N GLN C 4949 -13.88 -19.93 -48.76
CA GLN C 4949 -12.78 -19.68 -47.84
C GLN C 4949 -12.18 -18.29 -48.03
N VAL C 4950 -12.21 -17.78 -49.27
CA VAL C 4950 -11.72 -16.43 -49.53
C VAL C 4950 -12.65 -15.40 -48.91
N LYS C 4951 -13.96 -15.60 -49.07
CA LYS C 4951 -14.92 -14.68 -48.48
C LYS C 4951 -14.86 -14.72 -46.95
N GLU C 4952 -14.74 -15.92 -46.38
CA GLU C 4952 -14.69 -16.10 -44.94
C GLU C 4952 -13.43 -15.49 -44.34
N ASP C 4953 -12.30 -15.64 -45.02
CA ASP C 4953 -11.06 -15.00 -44.58
C ASP C 4953 -11.17 -13.49 -44.61
N MET C 4954 -11.70 -12.94 -45.72
CA MET C 4954 -11.80 -11.48 -45.84
C MET C 4954 -12.75 -10.93 -44.80
N GLU C 4955 -13.87 -11.60 -44.58
CA GLU C 4955 -14.86 -11.11 -43.65
C GLU C 4955 -14.40 -11.28 -42.20
N THR C 4956 -13.52 -12.24 -41.93
CA THR C 4956 -13.13 -12.51 -40.54
C THR C 4956 -11.76 -11.94 -40.14
N LYS C 4957 -11.01 -11.32 -41.04
CA LYS C 4957 -9.79 -10.66 -40.58
C LYS C 4957 -9.43 -9.48 -41.47
N CYS C 4958 -8.71 -8.53 -40.90
CA CYS C 4958 -8.24 -7.37 -41.65
C CYS C 4958 -7.10 -7.75 -42.57
N PHE C 4959 -7.19 -7.31 -43.83
CA PHE C 4959 -6.16 -7.62 -44.82
C PHE C 4959 -4.82 -7.00 -44.45
N ILE C 4960 -4.83 -5.72 -44.05
CA ILE C 4960 -3.58 -5.01 -43.79
C ILE C 4960 -2.87 -5.53 -42.54
N CYS C 4961 -3.60 -5.82 -41.47
CA CYS C 4961 -2.95 -6.13 -40.21
C CYS C 4961 -3.14 -7.54 -39.71
N GLY C 4962 -4.15 -8.27 -40.17
CA GLY C 4962 -4.34 -9.65 -39.80
C GLY C 4962 -5.06 -9.87 -38.49
N ILE C 4963 -5.43 -8.80 -37.78
CA ILE C 4963 -6.14 -8.95 -36.53
C ILE C 4963 -7.57 -9.40 -36.82
N GLY C 4964 -8.10 -10.27 -35.97
CA GLY C 4964 -9.40 -10.85 -36.20
C GLY C 4964 -10.52 -9.87 -35.96
N SER C 4965 -11.70 -10.23 -36.49
CA SER C 4965 -12.89 -9.42 -36.29
C SER C 4965 -13.36 -9.42 -34.85
N ASP C 4966 -12.96 -10.43 -34.06
CA ASP C 4966 -13.36 -10.57 -32.67
C ASP C 4966 -13.01 -9.34 -31.86
N TYR C 4967 -11.75 -8.88 -31.97
CA TYR C 4967 -11.30 -7.73 -31.20
C TYR C 4967 -12.07 -6.48 -31.61
N PHE C 4968 -12.24 -6.26 -32.91
CA PHE C 4968 -12.82 -5.00 -33.36
C PHE C 4968 -14.31 -4.95 -33.08
N ASP C 4969 -14.96 -6.12 -33.03
CA ASP C 4969 -16.40 -6.13 -32.93
C ASP C 4969 -16.91 -5.90 -31.52
N THR C 4970 -16.01 -5.76 -30.53
CA THR C 4970 -16.43 -5.41 -29.17
C THR C 4970 -17.17 -4.07 -29.18
N THR C 4971 -16.60 -3.09 -29.86
CA THR C 4971 -17.29 -1.84 -30.09
C THR C 4971 -18.32 -2.10 -31.21
N PRO C 4972 -19.47 -1.43 -31.20
CA PRO C 4972 -20.45 -1.70 -32.27
C PRO C 4972 -19.96 -1.17 -33.62
N HIS C 4973 -20.12 -2.02 -34.65
CA HIS C 4973 -19.70 -1.77 -36.04
C HIS C 4973 -18.18 -1.57 -36.13
N GLY C 4974 -17.45 -2.27 -35.28
CA GLY C 4974 -16.02 -2.06 -35.18
C GLY C 4974 -15.26 -2.57 -36.39
N PHE C 4975 -15.62 -3.77 -36.88
CA PHE C 4975 -14.90 -4.32 -38.02
C PHE C 4975 -15.13 -3.47 -39.27
N GLU C 4976 -16.37 -3.02 -39.46
CA GLU C 4976 -16.69 -2.24 -40.64
C GLU C 4976 -15.96 -0.91 -40.58
N THR C 4977 -15.90 -0.32 -39.39
CA THR C 4977 -15.20 0.94 -39.21
C THR C 4977 -13.71 0.76 -39.48
N HIS C 4978 -13.13 -0.34 -38.99
CA HIS C 4978 -11.71 -0.58 -39.15
C HIS C 4978 -11.35 -0.79 -40.61
N THR C 4979 -12.09 -1.65 -41.30
CA THR C 4979 -11.78 -1.97 -42.69
C THR C 4979 -12.07 -0.80 -43.61
N LEU C 4980 -13.18 -0.10 -43.41
CA LEU C 4980 -13.51 1.03 -44.26
C LEU C 4980 -12.63 2.25 -44.03
N GLU C 4981 -12.24 2.52 -42.78
CA GLU C 4981 -11.55 3.77 -42.50
C GLU C 4981 -10.09 3.64 -42.10
N GLU C 4982 -9.79 2.95 -41.00
CA GLU C 4982 -8.41 2.85 -40.50
C GLU C 4982 -7.50 2.04 -41.41
N HIS C 4983 -7.94 0.89 -41.90
CA HIS C 4983 -7.03 0.05 -42.68
C HIS C 4983 -7.57 -0.28 -44.05
N ASN C 4984 -8.21 0.68 -44.72
CA ASN C 4984 -8.69 0.46 -46.07
C ASN C 4984 -7.54 0.24 -47.05
N LEU C 4985 -7.62 -0.86 -47.82
CA LEU C 4985 -6.59 -1.15 -48.82
C LEU C 4985 -6.56 -0.06 -49.89
N ALA C 4986 -7.76 0.41 -50.27
CA ALA C 4986 -7.88 1.43 -51.31
C ALA C 4986 -7.12 2.68 -50.90
N ASN C 4987 -7.11 2.97 -49.59
CA ASN C 4987 -6.46 4.16 -49.09
C ASN C 4987 -4.96 4.03 -49.28
N TYR C 4988 -4.40 2.85 -49.03
CA TYR C 4988 -2.98 2.63 -49.24
C TYR C 4988 -2.62 2.81 -50.71
N MET C 4989 -3.50 2.34 -51.60
CA MET C 4989 -3.28 2.56 -53.03
C MET C 4989 -3.30 4.04 -53.38
N PHE C 4990 -4.29 4.78 -52.84
CA PHE C 4990 -4.37 6.22 -53.11
C PHE C 4990 -3.16 6.94 -52.55
N PHE C 4991 -2.64 6.44 -51.43
CA PHE C 4991 -1.51 7.06 -50.76
C PHE C 4991 -0.27 6.89 -51.62
N LEU C 4992 -0.11 5.70 -52.19
CA LEU C 4992 0.98 5.45 -53.13
C LEU C 4992 0.84 6.32 -54.36
N MET C 4993 -0.40 6.55 -54.82
CA MET C 4993 -0.63 7.45 -55.95
C MET C 4993 -0.15 8.85 -55.60
N TYR C 4994 -0.50 9.29 -54.40
CA TYR C 4994 -0.12 10.62 -53.90
C TYR C 4994 1.38 10.76 -53.82
N LEU C 4995 2.04 9.75 -53.25
CA LEU C 4995 3.49 9.79 -53.06
C LEU C 4995 4.21 9.78 -54.40
N ILE C 4996 3.77 8.92 -55.33
CA ILE C 4996 4.45 8.81 -56.62
C ILE C 4996 4.25 10.10 -57.41
N ASN C 4997 3.07 10.70 -57.30
CA ASN C 4997 2.78 11.86 -58.12
C ASN C 4997 3.18 13.16 -57.45
N LYS C 4998 3.72 13.09 -56.24
CA LYS C 4998 4.15 14.27 -55.52
C LYS C 4998 5.66 14.43 -55.65
N ASP C 4999 6.10 15.66 -55.89
CA ASP C 4999 7.51 15.98 -55.96
C ASP C 4999 8.16 15.73 -54.60
N GLU C 5000 9.36 15.13 -54.63
CA GLU C 5000 10.02 14.70 -53.40
C GLU C 5000 10.39 15.88 -52.49
N THR C 5001 10.65 17.05 -53.08
CA THR C 5001 11.03 18.23 -52.31
C THR C 5001 9.95 18.64 -51.31
N GLU C 5002 8.69 18.39 -51.62
CA GLU C 5002 7.57 18.83 -50.81
C GLU C 5002 7.10 17.76 -49.84
N HIS C 5003 7.80 16.63 -49.79
CA HIS C 5003 7.41 15.51 -48.96
C HIS C 5003 7.62 15.83 -47.49
N THR C 5004 6.62 15.54 -46.67
CA THR C 5004 6.77 15.73 -45.24
C THR C 5004 7.62 14.60 -44.68
N GLY C 5005 8.01 14.72 -43.41
CA GLY C 5005 8.95 13.77 -42.82
C GLY C 5005 8.44 12.34 -42.85
N GLN C 5006 7.15 12.16 -42.57
CA GLN C 5006 6.62 10.80 -42.53
C GLN C 5006 6.47 10.30 -43.96
N GLU C 5007 6.11 11.21 -44.87
CA GLU C 5007 5.99 10.91 -46.29
C GLU C 5007 7.34 10.50 -46.87
N SER C 5008 8.38 11.25 -46.51
CA SER C 5008 9.73 10.89 -46.94
C SER C 5008 10.17 9.57 -46.33
N TYR C 5009 9.80 9.30 -45.07
CA TYR C 5009 10.15 8.02 -44.44
C TYR C 5009 9.54 6.85 -45.20
N VAL C 5010 8.27 7.00 -45.61
CA VAL C 5010 7.62 5.96 -46.41
C VAL C 5010 8.27 5.89 -47.78
N TRP C 5011 8.64 7.06 -48.35
CA TRP C 5011 9.24 7.11 -49.68
C TRP C 5011 10.55 6.33 -49.71
N LYS C 5012 11.40 6.55 -48.70
CA LYS C 5012 12.68 5.85 -48.63
C LYS C 5012 12.47 4.36 -48.43
N MET C 5013 11.51 3.99 -47.56
CA MET C 5013 11.27 2.58 -47.30
C MET C 5013 10.77 1.89 -48.56
N TYR C 5014 9.94 2.59 -49.32
CA TYR C 5014 9.43 2.06 -50.58
C TYR C 5014 10.55 1.91 -51.60
N GLN C 5015 11.44 2.91 -51.69
CA GLN C 5015 12.55 2.83 -52.65
C GLN C 5015 13.50 1.69 -52.30
N GLU C 5016 13.58 1.31 -51.02
CA GLU C 5016 14.47 0.20 -50.69
C GLU C 5016 13.70 -1.10 -50.56
N ARG C 5017 12.41 -1.08 -50.95
CA ARG C 5017 11.53 -2.27 -50.95
C ARG C 5017 11.45 -2.93 -49.57
N CYS C 5018 11.38 -2.14 -48.52
CA CYS C 5018 11.21 -2.67 -47.17
C CYS C 5018 9.78 -2.43 -46.72
N TRP C 5019 9.05 -3.54 -46.54
CA TRP C 5019 7.65 -3.50 -46.16
C TRP C 5019 7.49 -3.58 -44.65
N ASP C 5020 8.03 -2.58 -43.97
CA ASP C 5020 7.99 -2.57 -42.53
C ASP C 5020 7.21 -1.38 -42.02
N PHE C 5021 6.65 -0.58 -42.91
CA PHE C 5021 5.79 0.51 -42.54
C PHE C 5021 4.35 0.08 -42.51
N PHE C 5022 4.08 -1.21 -42.71
CA PHE C 5022 2.73 -1.71 -42.80
C PHE C 5022 2.38 -2.32 -41.46
N PRO C 5023 1.30 -1.89 -40.80
CA PRO C 5023 0.97 -2.40 -39.47
C PRO C 5023 0.72 -3.90 -39.49
N ALA C 5024 1.53 -4.64 -38.75
CA ALA C 5024 1.35 -6.08 -38.65
C ALA C 5024 1.11 -6.43 -37.20
N GLY C 5025 -0.08 -6.95 -36.90
CA GLY C 5025 -0.43 -7.22 -35.53
C GLY C 5025 -0.79 -6.02 -34.70
N ASP C 5026 -0.87 -4.83 -35.30
CA ASP C 5026 -1.08 -3.62 -34.52
C ASP C 5026 -2.07 -2.70 -35.22
N CYS C 5027 -2.76 -1.91 -34.40
CA CYS C 5027 -3.71 -0.91 -34.85
C CYS C 5027 -3.67 0.23 -33.85
N PHE C 5028 -4.24 1.37 -34.26
CA PHE C 5028 -4.32 2.53 -33.37
C PHE C 5028 -5.13 2.19 -32.12
N ARG C 5029 -6.18 1.41 -32.29
CA ARG C 5029 -7.04 0.99 -31.19
C ARG C 5029 -6.29 0.16 -30.17
N LYS C 5030 -5.49 -0.81 -30.64
CA LYS C 5030 -4.71 -1.64 -29.73
C LYS C 5030 -3.57 -0.86 -29.11
N GLN C 5031 -2.90 -0.01 -29.89
CA GLN C 5031 -1.77 0.72 -29.35
C GLN C 5031 -2.20 1.70 -28.29
N TYR C 5032 -3.32 2.39 -28.53
CA TYR C 5032 -3.76 3.44 -27.64
C TYR C 5032 -5.01 3.01 -26.88
N GLU C 5033 -5.11 1.71 -26.58
CA GLU C 5033 -6.29 1.12 -25.96
C GLU C 5033 -6.63 1.78 -24.63
N ASP C 5034 -5.62 2.00 -23.78
CA ASP C 5034 -5.86 2.55 -22.45
C ASP C 5034 -6.38 3.97 -22.52
N GLN C 5035 -5.71 4.83 -23.31
CA GLN C 5035 -6.03 6.25 -23.35
C GLN C 5035 -7.43 6.51 -23.90
N LEU C 5036 -7.82 5.82 -24.98
CA LEU C 5036 -9.14 6.00 -25.55
C LEU C 5036 -10.24 5.54 -24.60
N SER C 5037 -10.02 4.40 -23.94
CA SER C 5037 -11.03 3.81 -23.05
C SER C 5037 -11.18 4.62 -21.77
N VAL D 11 0.31 29.99 -12.47
CA VAL D 11 -0.09 30.64 -13.71
C VAL D 11 -1.14 31.68 -13.35
N GLN D 12 -2.42 31.30 -13.49
CA GLN D 12 -3.60 32.10 -13.13
C GLN D 12 -3.61 33.46 -13.84
N PHE D 13 -3.73 33.40 -15.17
CA PHE D 13 -3.85 34.61 -15.98
C PHE D 13 -5.11 35.38 -15.61
N LEU D 14 -4.95 36.69 -15.38
CA LEU D 14 -6.07 37.52 -15.02
C LEU D 14 -6.98 37.77 -16.22
N ARG D 15 -8.26 38.01 -15.93
CA ARG D 15 -9.28 38.11 -16.96
C ARG D 15 -10.33 39.10 -16.47
N THR D 16 -11.16 39.57 -17.39
CA THR D 16 -12.26 40.46 -17.04
C THR D 16 -13.29 39.76 -16.16
N ASP D 17 -14.23 40.56 -15.63
CA ASP D 17 -15.31 40.16 -14.73
C ASP D 17 -14.80 39.59 -13.41
N ASP D 18 -13.53 39.84 -13.07
CA ASP D 18 -12.92 39.39 -11.84
C ASP D 18 -12.74 40.58 -10.90
N GLU D 19 -12.18 40.30 -9.72
CA GLU D 19 -11.96 41.29 -8.68
C GLU D 19 -10.49 41.33 -8.31
N VAL D 20 -9.93 42.54 -8.23
CA VAL D 20 -8.53 42.72 -7.90
C VAL D 20 -8.37 44.06 -7.21
N VAL D 21 -7.27 44.23 -6.46
CA VAL D 21 -6.99 45.48 -5.75
C VAL D 21 -5.60 46.01 -6.10
N LEU D 22 -5.54 47.32 -6.37
CA LEU D 22 -4.29 48.02 -6.56
C LEU D 22 -3.61 48.26 -5.22
N GLN D 23 -2.30 48.05 -5.18
CA GLN D 23 -1.56 48.05 -3.92
C GLN D 23 -0.13 48.54 -4.12
N CYS D 24 0.28 49.52 -3.31
CA CYS D 24 1.66 50.00 -3.30
C CYS D 24 2.33 49.61 -1.99
N SER D 25 3.58 50.07 -1.83
CA SER D 25 4.35 49.85 -0.62
C SER D 25 5.21 51.09 -0.41
N ALA D 26 4.72 52.01 0.42
CA ALA D 26 5.45 53.25 0.66
C ALA D 26 6.47 53.08 1.78
N THR D 27 7.29 54.11 1.95
CA THR D 27 8.37 54.11 2.95
C THR D 27 8.18 55.31 3.87
N VAL D 28 7.36 55.16 4.91
CA VAL D 28 7.24 56.14 5.99
C VAL D 28 7.39 55.36 7.28
N LEU D 29 8.05 55.98 8.27
CA LEU D 29 8.41 55.38 9.57
C LEU D 29 9.27 54.12 9.42
N LYS D 30 9.96 53.99 8.27
CA LYS D 30 10.93 52.93 7.98
C LYS D 30 10.31 51.53 8.02
N GLU D 31 9.08 51.42 7.53
CA GLU D 31 8.51 50.11 7.23
C GLU D 31 7.78 50.20 5.90
N GLN D 32 7.79 49.08 5.17
CA GLN D 32 7.21 49.00 3.84
C GLN D 32 5.71 48.73 3.97
N LEU D 33 4.98 49.76 4.35
CA LEU D 33 3.52 49.65 4.47
C LEU D 33 2.87 49.48 3.11
N LYS D 34 1.80 48.69 3.09
CA LYS D 34 1.04 48.39 1.89
C LYS D 34 -0.18 49.30 1.84
N LEU D 35 -0.32 50.07 0.78
CA LEU D 35 -1.43 51.01 0.63
C LEU D 35 -2.38 50.54 -0.45
N CYS D 36 -3.68 50.74 -0.23
CA CYS D 36 -4.71 50.35 -1.18
C CYS D 36 -5.57 51.55 -1.52
N LEU D 37 -5.92 51.68 -2.80
CA LEU D 37 -6.77 52.78 -3.25
C LEU D 37 -8.18 52.60 -2.71
N ALA D 38 -8.69 53.59 -1.99
CA ALA D 38 -10.00 53.49 -1.38
C ALA D 38 -10.76 54.80 -1.56
N ALA D 39 -12.07 54.69 -1.79
CA ALA D 39 -12.94 55.85 -1.97
C ALA D 39 -14.38 55.43 -1.77
N GLU D 40 -15.09 56.11 -0.88
CA GLU D 40 -16.51 55.83 -0.68
C GLU D 40 -17.35 56.27 -1.86
N GLY D 41 -16.89 57.27 -2.61
CA GLY D 41 -17.60 57.79 -3.76
C GLY D 41 -18.77 58.69 -3.41
N PHE D 42 -19.80 58.11 -2.79
CA PHE D 42 -20.98 58.88 -2.41
C PHE D 42 -20.60 59.86 -1.30
N GLY D 43 -20.61 61.15 -1.62
CA GLY D 43 -20.25 62.17 -0.68
C GLY D 43 -18.79 62.57 -0.71
N ASN D 44 -17.92 61.73 -1.27
CA ASN D 44 -16.50 62.06 -1.41
C ASN D 44 -15.98 61.31 -2.63
N ARG D 45 -15.93 62.00 -3.77
CA ARG D 45 -15.52 61.36 -5.01
C ARG D 45 -14.02 61.13 -5.06
N LEU D 46 -13.24 61.98 -4.38
CA LEU D 46 -11.79 61.87 -4.39
C LEU D 46 -11.31 60.61 -3.68
N CYS D 47 -10.28 60.00 -4.23
CA CYS D 47 -9.73 58.77 -3.68
C CYS D 47 -8.78 59.09 -2.53
N PHE D 48 -8.48 58.06 -1.74
CA PHE D 48 -7.50 58.14 -0.68
C PHE D 48 -6.89 56.76 -0.46
N LEU D 49 -5.99 56.66 0.50
CA LEU D 49 -5.21 55.45 0.72
C LEU D 49 -5.60 54.81 2.05
N GLU D 50 -5.90 53.53 2.01
CA GLU D 50 -6.16 52.74 3.21
C GLU D 50 -5.04 51.73 3.40
N PRO D 51 -4.18 51.92 4.39
CA PRO D 51 -3.10 50.95 4.62
C PRO D 51 -3.66 49.61 5.05
N THR D 52 -2.99 48.53 4.61
CA THR D 52 -3.36 47.17 4.95
C THR D 52 -2.18 46.34 5.43
N SER D 53 -1.02 46.97 5.65
CA SER D 53 0.15 46.24 6.14
C SER D 53 -0.08 45.71 7.55
N ASN D 54 -0.66 46.52 8.42
CA ASN D 54 -0.97 46.09 9.79
C ASN D 54 -2.31 45.37 9.78
N ALA D 55 -2.32 44.20 9.14
CA ALA D 55 -3.53 43.44 8.91
C ALA D 55 -3.96 42.62 10.12
N GLN D 56 -3.17 42.57 11.18
CA GLN D 56 -3.50 41.78 12.35
C GLN D 56 -4.01 42.61 13.52
N ASN D 57 -3.38 43.76 13.80
CA ASN D 57 -3.84 44.59 14.91
C ASN D 57 -5.15 45.30 14.58
N VAL D 58 -5.27 45.85 13.37
CA VAL D 58 -6.49 46.53 12.94
C VAL D 58 -6.93 46.00 11.57
N PRO D 59 -8.17 45.58 11.43
CA PRO D 59 -8.66 45.12 10.12
C PRO D 59 -8.85 46.29 9.17
N PRO D 60 -8.16 46.27 8.03
CA PRO D 60 -8.32 47.36 7.05
C PRO D 60 -9.72 47.41 6.46
N ASP D 61 -10.14 48.62 6.10
CA ASP D 61 -11.46 48.82 5.52
C ASP D 61 -11.44 48.32 4.09
N LEU D 62 -11.68 47.02 3.90
CA LEU D 62 -11.60 46.43 2.58
C LEU D 62 -12.84 46.63 1.74
N ALA D 63 -13.92 47.19 2.32
CA ALA D 63 -15.15 47.39 1.58
C ALA D 63 -14.99 48.42 0.47
N ILE D 64 -14.21 49.47 0.72
CA ILE D 64 -14.12 50.60 -0.20
C ILE D 64 -12.89 50.54 -1.11
N CYS D 65 -12.04 49.52 -0.96
CA CYS D 65 -10.87 49.39 -1.83
C CYS D 65 -11.08 48.38 -2.95
N CYS D 66 -12.29 47.85 -3.10
CA CYS D 66 -12.56 46.81 -4.08
C CYS D 66 -12.91 47.44 -5.43
N PHE D 67 -12.16 47.08 -6.47
CA PHE D 67 -12.38 47.55 -7.82
C PHE D 67 -12.53 46.36 -8.75
N THR D 68 -13.59 46.36 -9.56
CA THR D 68 -13.87 45.24 -10.43
C THR D 68 -13.31 45.49 -11.82
N LEU D 69 -13.52 44.52 -12.71
CA LEU D 69 -13.01 44.57 -14.07
C LEU D 69 -14.15 44.40 -15.05
N GLU D 70 -14.39 45.39 -15.90
CA GLU D 70 -15.49 45.32 -16.85
C GLU D 70 -15.02 45.03 -18.26
N GLN D 71 -14.16 45.88 -18.82
CA GLN D 71 -13.78 45.78 -20.22
C GLN D 71 -12.27 45.81 -20.37
N SER D 72 -11.78 45.07 -21.38
CA SER D 72 -10.38 45.07 -21.75
C SER D 72 -10.29 45.35 -23.24
N LEU D 73 -9.82 46.55 -23.58
CA LEU D 73 -9.76 46.99 -24.97
C LEU D 73 -8.36 47.47 -25.31
N SER D 74 -7.98 47.28 -26.57
CA SER D 74 -6.73 47.84 -27.06
C SER D 74 -6.89 49.36 -27.18
N VAL D 75 -5.76 50.06 -27.11
CA VAL D 75 -5.77 51.53 -27.20
C VAL D 75 -6.33 52.00 -28.54
N ARG D 76 -5.94 51.31 -29.62
CA ARG D 76 -6.42 51.68 -30.95
C ARG D 76 -7.92 51.46 -31.07
N ALA D 77 -8.41 50.28 -30.68
CA ALA D 77 -9.85 50.00 -30.71
C ALA D 77 -10.60 50.89 -29.72
N LEU D 78 -9.92 51.33 -28.65
CA LEU D 78 -10.49 52.27 -27.70
C LEU D 78 -10.80 53.58 -28.40
N GLN D 79 -9.92 54.01 -29.31
CA GLN D 79 -10.16 55.26 -30.02
C GLN D 79 -11.44 55.19 -30.85
N GLU D 80 -11.68 54.07 -31.54
CA GLU D 80 -12.95 53.85 -32.24
C GLU D 80 -14.12 53.80 -31.28
N MET D 81 -13.97 53.09 -30.16
CA MET D 81 -15.04 52.96 -29.17
C MET D 81 -15.42 54.32 -28.59
N LEU D 82 -14.41 55.14 -28.28
CA LEU D 82 -14.66 56.49 -27.79
C LEU D 82 -15.30 57.35 -28.86
N ALA D 83 -14.89 57.17 -30.12
CA ALA D 83 -15.40 58.01 -31.20
C ALA D 83 -16.86 57.72 -31.51
N ASN D 84 -17.23 56.44 -31.61
CA ASN D 84 -18.60 56.12 -31.99
C ASN D 84 -19.56 56.11 -30.80
N HIS D 98 -15.52 37.24 -21.14
CA HIS D 98 -14.24 37.01 -20.48
C HIS D 98 -13.07 37.08 -21.45
N ARG D 99 -12.52 38.28 -21.60
CA ARG D 99 -11.35 38.50 -22.43
C ARG D 99 -10.11 38.55 -21.55
N THR D 100 -9.05 37.86 -21.97
CA THR D 100 -7.82 37.82 -21.21
C THR D 100 -7.15 39.19 -21.20
N LEU D 101 -6.55 39.53 -20.06
CA LEU D 101 -5.86 40.80 -19.95
C LEU D 101 -4.54 40.77 -20.70
N LEU D 102 -4.21 41.86 -21.40
CA LEU D 102 -2.97 41.98 -22.13
C LEU D 102 -2.27 43.28 -21.76
N TYR D 103 -0.94 43.23 -21.73
CA TYR D 103 -0.14 44.43 -21.46
C TYR D 103 -0.29 45.44 -22.58
N GLY D 104 -0.35 46.71 -22.21
CA GLY D 104 -0.51 47.77 -23.17
C GLY D 104 -1.93 48.04 -23.60
N HIS D 105 -2.89 47.28 -23.09
CA HIS D 105 -4.29 47.52 -23.41
C HIS D 105 -4.84 48.63 -22.53
N ALA D 106 -6.13 48.91 -22.69
CA ALA D 106 -6.83 49.94 -21.95
C ALA D 106 -7.91 49.26 -21.12
N ILE D 107 -8.07 49.72 -19.88
CA ILE D 107 -8.91 49.03 -18.91
C ILE D 107 -9.89 50.02 -18.31
N LEU D 108 -11.09 49.53 -18.01
CA LEU D 108 -12.13 50.30 -17.34
C LEU D 108 -12.25 49.82 -15.90
N LEU D 109 -12.09 50.74 -14.96
CA LEU D 109 -12.15 50.43 -13.53
C LEU D 109 -13.47 50.91 -12.96
N ARG D 110 -14.17 50.00 -12.28
CA ARG D 110 -15.40 50.34 -11.57
C ARG D 110 -15.26 49.93 -10.12
N HIS D 111 -15.72 50.79 -9.22
CA HIS D 111 -15.73 50.46 -7.81
C HIS D 111 -16.78 49.38 -7.56
N ALA D 112 -16.39 48.34 -6.83
CA ALA D 112 -17.30 47.23 -6.57
C ALA D 112 -18.48 47.66 -5.71
N HIS D 113 -18.24 48.50 -4.71
CA HIS D 113 -19.30 48.91 -3.80
C HIS D 113 -20.19 50.00 -4.40
N SER D 114 -19.60 51.14 -4.71
CA SER D 114 -20.38 52.31 -5.13
C SER D 114 -20.78 52.27 -6.59
N ARG D 115 -20.32 51.29 -7.36
CA ARG D 115 -20.55 51.17 -8.81
C ARG D 115 -20.10 52.42 -9.56
N MET D 116 -19.05 53.05 -9.04
CA MET D 116 -18.63 54.38 -9.45
C MET D 116 -17.26 54.24 -10.11
N TYR D 117 -17.16 54.64 -11.37
CA TYR D 117 -16.00 54.34 -12.20
C TYR D 117 -14.81 55.23 -11.85
N LEU D 118 -13.62 54.63 -11.79
CA LEU D 118 -12.41 55.41 -11.53
C LEU D 118 -12.13 56.34 -12.71
N SER D 119 -11.79 57.59 -12.41
CA SER D 119 -11.58 58.54 -13.51
C SER D 119 -10.66 59.65 -13.07
N CYS D 120 -9.79 60.09 -13.98
CA CYS D 120 -8.91 61.22 -13.68
C CYS D 120 -9.67 62.53 -13.85
N LEU D 121 -9.96 63.19 -12.73
CA LEU D 121 -10.70 64.44 -12.76
C LEU D 121 -9.83 65.56 -13.32
N THR D 122 -10.47 66.50 -14.01
CA THR D 122 -9.77 67.66 -14.56
C THR D 122 -9.30 68.62 -13.48
N THR D 123 -9.88 68.57 -12.28
CA THR D 123 -9.50 69.47 -11.21
C THR D 123 -8.13 69.13 -10.64
N SER D 124 -7.63 70.02 -9.78
CA SER D 124 -6.35 69.80 -9.09
C SER D 124 -6.47 70.48 -7.72
N ARG D 125 -6.88 69.70 -6.73
CA ARG D 125 -7.01 70.19 -5.36
C ARG D 125 -5.70 70.17 -4.60
N SER D 126 -4.77 69.30 -5.01
CA SER D 126 -3.56 69.03 -4.24
C SER D 126 -2.61 70.23 -4.23
N MET D 127 -2.44 70.83 -3.06
CA MET D 127 -1.35 71.76 -2.80
C MET D 127 0.00 71.05 -2.76
N THR D 128 -0.01 69.72 -2.56
CA THR D 128 1.17 68.88 -2.39
C THR D 128 2.12 68.96 -3.59
N ASP D 129 1.59 69.26 -4.77
CA ASP D 129 2.38 69.54 -5.98
C ASP D 129 1.47 70.22 -6.99
N LYS D 130 2.10 70.91 -7.93
CA LYS D 130 1.38 71.57 -9.01
C LYS D 130 1.46 70.71 -10.27
N LEU D 131 0.54 70.97 -11.21
CA LEU D 131 0.35 70.22 -12.46
C LEU D 131 -0.05 68.77 -12.23
N ALA D 132 -0.55 68.44 -11.04
CA ALA D 132 -1.03 67.10 -10.74
C ALA D 132 -2.52 67.15 -10.53
N PHE D 133 -3.24 66.37 -11.32
CA PHE D 133 -4.70 66.29 -11.23
C PHE D 133 -5.09 65.24 -10.21
N ASP D 134 -6.12 65.54 -9.43
CA ASP D 134 -6.61 64.61 -8.42
C ASP D 134 -7.59 63.61 -9.03
N VAL D 135 -7.30 62.33 -8.88
CA VAL D 135 -8.14 61.31 -9.47
C VAL D 135 -9.39 61.14 -8.60
N GLY D 136 -10.51 60.86 -9.24
CA GLY D 136 -11.76 60.70 -8.53
C GLY D 136 -12.63 59.61 -9.10
N LEU D 137 -13.93 59.89 -9.18
CA LEU D 137 -14.90 58.91 -9.62
C LEU D 137 -15.94 59.57 -10.52
N GLN D 138 -16.31 58.86 -11.58
CA GLN D 138 -17.28 59.27 -12.58
C GLN D 138 -18.43 58.27 -12.58
N GLU D 139 -19.66 58.77 -12.75
CA GLU D 139 -20.84 57.91 -12.66
C GLU D 139 -20.87 56.85 -13.75
N ASP D 140 -20.46 57.21 -14.97
CA ASP D 140 -20.54 56.27 -16.07
C ASP D 140 -19.22 56.17 -16.81
N ALA D 141 -19.22 55.48 -17.95
CA ALA D 141 -18.03 55.27 -18.75
C ALA D 141 -17.78 56.37 -19.77
N THR D 142 -18.59 57.43 -19.74
CA THR D 142 -18.44 58.54 -20.67
C THR D 142 -17.10 59.26 -20.44
N GLY D 143 -16.48 59.68 -21.54
CA GLY D 143 -15.19 60.32 -21.48
C GLY D 143 -14.03 59.35 -21.51
N GLU D 144 -12.83 59.93 -21.59
CA GLU D 144 -11.58 59.19 -21.65
C GLU D 144 -10.92 59.01 -20.29
N ALA D 145 -11.40 59.70 -19.26
CA ALA D 145 -10.80 59.57 -17.93
C ALA D 145 -11.04 58.21 -17.31
N CYS D 146 -12.05 57.50 -17.76
CA CYS D 146 -12.43 56.21 -17.22
C CYS D 146 -11.49 55.08 -17.64
N TRP D 147 -10.57 55.34 -18.56
CA TRP D 147 -9.72 54.30 -19.13
C TRP D 147 -8.28 54.44 -18.63
N TRP D 148 -7.65 53.29 -18.39
CA TRP D 148 -6.29 53.22 -17.85
C TRP D 148 -5.48 52.21 -18.66
N THR D 149 -4.24 52.58 -19.00
CA THR D 149 -3.34 51.72 -19.74
C THR D 149 -2.19 51.25 -18.85
N MET D 150 -1.90 49.95 -18.87
CA MET D 150 -0.79 49.45 -18.08
C MET D 150 0.45 49.31 -18.94
N HIS D 151 1.60 49.34 -18.29
CA HIS D 151 2.88 49.08 -18.93
C HIS D 151 3.73 48.24 -17.98
N PRO D 152 4.55 47.33 -18.51
CA PRO D 152 5.42 46.51 -17.65
C PRO D 152 6.40 47.35 -16.85
N ALA D 153 6.70 46.86 -15.63
CA ALA D 153 7.53 47.61 -14.70
C ALA D 153 8.94 47.83 -15.23
N SER D 154 9.53 46.80 -15.83
CA SER D 154 10.90 46.88 -16.30
C SER D 154 11.04 46.00 -17.53
N LYS D 155 12.28 45.70 -17.91
CA LYS D 155 12.57 44.92 -19.12
C LYS D 155 12.31 43.44 -18.94
N GLN D 156 11.94 42.98 -17.74
CA GLN D 156 11.59 41.58 -17.50
C GLN D 156 10.42 41.08 -18.33
N ARG D 157 9.55 41.97 -18.80
CA ARG D 157 8.48 41.61 -19.72
C ARG D 157 8.38 42.75 -20.73
N SER D 158 7.38 42.73 -21.59
CA SER D 158 7.16 43.76 -22.58
C SER D 158 5.67 43.88 -22.86
N GLU D 159 5.32 44.73 -23.82
CA GLU D 159 3.94 44.91 -24.22
C GLU D 159 3.50 43.72 -25.06
N GLY D 160 2.24 43.32 -24.89
CA GLY D 160 1.69 42.23 -25.65
C GLY D 160 1.57 40.91 -24.91
N GLU D 161 2.07 40.83 -23.68
CA GLU D 161 1.95 39.63 -22.87
C GLU D 161 0.83 39.78 -21.84
N LYS D 162 0.33 38.63 -21.40
CA LYS D 162 -0.76 38.58 -20.44
C LYS D 162 -0.24 38.66 -19.01
N VAL D 163 -1.06 39.24 -18.13
CA VAL D 163 -0.70 39.41 -16.73
C VAL D 163 -1.08 38.16 -15.94
N ARG D 164 -0.18 37.74 -15.07
CA ARG D 164 -0.42 36.66 -14.14
C ARG D 164 -0.53 37.25 -12.74
N VAL D 165 -0.72 36.38 -11.75
CA VAL D 165 -0.82 36.83 -10.37
C VAL D 165 0.54 37.29 -9.86
N GLY D 166 0.53 38.40 -9.11
CA GLY D 166 1.75 38.93 -8.54
C GLY D 166 2.61 39.76 -9.47
N ASP D 167 2.19 39.98 -10.72
CA ASP D 167 2.97 40.78 -11.65
C ASP D 167 2.99 42.24 -11.20
N ASP D 168 4.08 42.92 -11.55
CA ASP D 168 4.30 44.31 -11.18
C ASP D 168 4.07 45.19 -12.41
N LEU D 169 3.14 46.14 -12.31
CA LEU D 169 2.72 46.94 -13.46
C LEU D 169 2.81 48.43 -13.16
N ILE D 170 2.61 49.21 -14.23
CA ILE D 170 2.63 50.67 -14.19
C ILE D 170 1.30 51.17 -14.76
N LEU D 171 0.67 52.12 -14.08
CA LEU D 171 -0.61 52.68 -14.52
C LEU D 171 -0.38 54.04 -15.18
N VAL D 172 -0.95 54.20 -16.37
CA VAL D 172 -0.84 55.41 -17.17
C VAL D 172 -2.23 55.88 -17.56
N SER D 173 -2.50 57.17 -17.36
CA SER D 173 -3.81 57.73 -17.69
C SER D 173 -3.99 57.80 -19.19
N VAL D 174 -5.24 57.62 -19.63
CA VAL D 174 -5.56 57.84 -21.03
C VAL D 174 -5.97 59.29 -21.27
N SER D 175 -6.66 59.89 -20.30
CA SER D 175 -7.15 61.26 -20.45
C SER D 175 -6.02 62.27 -20.43
N SER D 176 -5.20 62.26 -19.40
CA SER D 176 -4.17 63.27 -19.22
C SER D 176 -2.75 62.74 -19.34
N GLU D 177 -2.58 61.44 -19.64
CA GLU D 177 -1.27 60.78 -19.78
C GLU D 177 -0.39 61.00 -18.55
N ARG D 178 -1.01 60.90 -17.38
CA ARG D 178 -0.30 61.04 -16.12
C ARG D 178 -0.23 59.70 -15.43
N TYR D 179 0.92 59.42 -14.83
CA TYR D 179 1.09 58.20 -14.07
C TYR D 179 0.31 58.31 -12.77
N LEU D 180 -0.43 57.26 -12.43
CA LEU D 180 -1.28 57.29 -11.25
C LEU D 180 -0.37 57.28 -10.02
N HIS D 181 -0.15 58.46 -9.44
CA HIS D 181 0.93 58.72 -8.51
C HIS D 181 0.42 58.85 -7.08
N LEU D 182 1.33 58.68 -6.13
CA LEU D 182 1.04 58.97 -4.73
C LEU D 182 1.91 60.14 -4.29
N SER D 183 1.34 60.98 -3.45
CA SER D 183 1.93 62.21 -2.93
C SER D 183 2.10 62.02 -1.44
N THR D 184 3.32 61.65 -1.06
CA THR D 184 3.71 61.42 0.32
C THR D 184 4.44 62.61 0.93
N ALA D 185 4.57 63.72 0.19
CA ALA D 185 5.27 64.90 0.68
C ALA D 185 4.57 65.52 1.88
N SER D 186 3.25 65.58 1.85
CA SER D 186 2.48 66.08 2.98
C SER D 186 2.39 65.00 4.04
N GLY D 187 1.80 65.37 5.19
CA GLY D 187 1.66 64.44 6.30
C GLY D 187 0.78 63.24 6.00
N GLU D 188 -0.06 63.35 4.99
CA GLU D 188 -0.94 62.26 4.56
C GLU D 188 -0.39 61.60 3.31
N LEU D 189 -1.04 60.51 2.93
CA LEU D 189 -0.70 59.71 1.75
C LEU D 189 -1.85 59.92 0.76
N GLN D 190 -1.68 60.89 -0.13
CA GLN D 190 -2.72 61.22 -1.10
C GLN D 190 -2.38 60.64 -2.47
N VAL D 191 -3.38 60.18 -3.21
CA VAL D 191 -3.16 59.65 -4.55
C VAL D 191 -3.76 60.61 -5.56
N ASP D 192 -2.95 61.00 -6.55
CA ASP D 192 -3.37 61.90 -7.60
C ASP D 192 -2.86 61.33 -8.92
N ALA D 193 -2.94 62.13 -9.97
CA ALA D 193 -2.38 61.79 -11.28
C ALA D 193 -1.28 62.79 -11.58
N SER D 194 -0.06 62.31 -11.86
CA SER D 194 1.04 63.20 -12.15
C SER D 194 2.05 62.46 -13.02
N PHE D 195 3.24 63.03 -13.17
CA PHE D 195 4.23 62.51 -14.09
C PHE D 195 5.29 61.66 -13.41
N MET D 196 5.41 61.75 -12.09
CA MET D 196 6.33 60.89 -11.35
C MET D 196 5.88 59.45 -11.40
N GLN D 197 6.85 58.54 -11.54
CA GLN D 197 6.52 57.12 -11.66
C GLN D 197 6.10 56.53 -10.33
N THR D 198 5.07 55.67 -10.38
CA THR D 198 4.63 54.89 -9.22
C THR D 198 4.51 53.43 -9.60
N LEU D 199 5.08 52.57 -8.78
CA LEU D 199 5.14 51.14 -9.02
C LEU D 199 3.91 50.49 -8.37
N TRP D 200 3.11 49.78 -9.17
CA TRP D 200 1.82 49.28 -8.73
C TRP D 200 1.75 47.76 -8.82
N ASN D 201 1.19 47.13 -7.78
CA ASN D 201 0.95 45.70 -7.75
C ASN D 201 -0.54 45.46 -7.65
N MET D 202 -1.01 44.37 -8.23
CA MET D 202 -2.42 44.02 -8.14
C MET D 202 -2.57 42.66 -7.49
N ASN D 203 -3.49 42.56 -6.53
CA ASN D 203 -3.74 41.32 -5.80
C ASN D 203 -5.15 40.82 -6.07
N PRO D 204 -5.30 39.66 -6.71
CA PRO D 204 -6.64 39.16 -7.04
C PRO D 204 -7.41 38.70 -5.80
N ILE D 205 -8.74 38.74 -5.92
CA ILE D 205 -9.66 38.29 -4.88
C ILE D 205 -10.59 37.20 -5.39
N CYS D 206 -11.19 37.41 -6.55
CA CYS D 206 -12.21 36.54 -7.09
C CYS D 206 -11.84 36.03 -8.47
N SER D 207 -12.09 34.74 -8.69
CA SER D 207 -11.99 34.13 -10.00
C SER D 207 -13.36 33.66 -10.48
N CYS D 208 -14.03 32.81 -9.70
CA CYS D 208 -15.36 32.29 -10.07
C CYS D 208 -16.12 31.96 -8.79
N CYS D 209 -17.15 32.74 -8.47
CA CYS D 209 -18.03 32.40 -7.35
C CYS D 209 -19.20 31.59 -7.87
N GLU D 210 -19.32 30.36 -7.39
CA GLU D 210 -20.43 29.50 -7.77
C GLU D 210 -21.74 30.04 -7.23
N GLU D 211 -22.81 29.88 -8.00
CA GLU D 211 -24.12 30.38 -7.60
C GLU D 211 -24.64 29.62 -6.38
N GLY D 212 -25.09 30.35 -5.36
CA GLY D 212 -25.55 29.74 -4.13
C GLY D 212 -24.46 29.05 -3.34
N TYR D 213 -23.26 29.62 -3.29
CA TYR D 213 -22.14 29.04 -2.55
C TYR D 213 -21.49 30.12 -1.70
N VAL D 214 -21.14 29.76 -0.47
CA VAL D 214 -20.59 30.69 0.51
C VAL D 214 -19.09 30.80 0.31
N THR D 215 -18.61 32.01 0.07
CA THR D 215 -17.19 32.29 -0.05
C THR D 215 -16.80 33.35 0.97
N GLY D 216 -15.52 33.69 1.01
CA GLY D 216 -15.05 34.71 1.89
C GLY D 216 -15.40 36.10 1.40
N GLY D 217 -15.32 37.07 2.31
CA GLY D 217 -15.65 38.44 1.95
C GLY D 217 -17.12 38.70 1.74
N HIS D 218 -17.99 37.80 2.18
CA HIS D 218 -19.43 37.93 1.98
C HIS D 218 -20.10 38.51 3.21
N VAL D 219 -20.82 39.61 3.00
CA VAL D 219 -21.74 40.12 4.00
C VAL D 219 -22.99 39.26 3.89
N LEU D 220 -23.59 38.88 5.02
CA LEU D 220 -24.79 38.03 5.00
C LEU D 220 -25.39 37.99 6.40
N ARG D 221 -26.48 37.25 6.54
CA ARG D 221 -27.12 37.10 7.84
C ARG D 221 -26.60 35.83 8.51
N LEU D 222 -27.10 35.55 9.71
CA LEU D 222 -26.73 34.35 10.46
C LEU D 222 -28.02 33.72 10.98
N PHE D 223 -28.57 32.78 10.22
CA PHE D 223 -29.85 32.19 10.59
C PHE D 223 -29.66 31.11 11.65
N HIS D 224 -30.76 30.80 12.32
CA HIS D 224 -30.87 29.68 13.24
C HIS D 224 -31.36 28.47 12.46
N GLY D 225 -31.18 27.28 13.06
CA GLY D 225 -31.78 26.07 12.51
C GLY D 225 -33.30 26.12 12.44
N HIS D 226 -33.93 26.97 13.25
CA HIS D 226 -35.35 27.27 13.20
C HIS D 226 -35.68 28.33 12.15
N MET D 227 -34.66 28.84 11.44
CA MET D 227 -34.68 29.83 10.35
C MET D 227 -35.62 31.01 10.56
N ASP D 228 -35.84 31.39 11.81
CA ASP D 228 -36.60 32.58 12.19
C ASP D 228 -35.82 33.56 13.04
N GLU D 229 -34.81 33.10 13.78
CA GLU D 229 -34.02 33.96 14.64
C GLU D 229 -32.64 34.20 14.04
N CYS D 230 -32.20 35.45 14.10
CA CYS D 230 -30.95 35.87 13.50
C CYS D 230 -30.13 36.67 14.51
N LEU D 231 -28.82 36.63 14.35
CA LEU D 231 -27.87 37.27 15.26
C LEU D 231 -27.93 38.77 15.03
N THR D 232 -28.65 39.50 15.87
CA THR D 232 -28.83 40.94 15.69
C THR D 232 -28.52 41.71 16.95
N ILE D 233 -27.94 42.90 16.78
CA ILE D 233 -27.82 43.85 17.87
C ILE D 233 -29.13 44.62 17.98
N SER D 234 -29.31 45.39 19.06
CA SER D 234 -30.52 46.16 19.28
C SER D 234 -30.69 47.26 18.23
N ALA D 235 -31.85 47.90 18.26
CA ALA D 235 -32.20 48.93 17.29
C ALA D 235 -31.37 50.19 17.51
N ALA D 236 -31.42 51.08 16.52
CA ALA D 236 -30.68 52.33 16.59
C ALA D 236 -31.22 53.22 17.70
N ASP D 237 -30.30 53.92 18.38
CA ASP D 237 -30.60 54.81 19.51
C ASP D 237 -31.34 54.07 20.62
N SER D 238 -30.66 53.06 21.15
CA SER D 238 -31.23 52.20 22.19
C SER D 238 -30.40 52.27 23.46
N ASP D 239 -31.05 51.92 24.57
CA ASP D 239 -30.39 51.86 25.88
C ASP D 239 -29.33 50.77 25.94
N ASP D 240 -29.37 49.79 25.04
CA ASP D 240 -28.39 48.71 24.97
C ASP D 240 -27.00 49.21 24.54
N GLN D 241 -26.90 50.44 24.02
CA GLN D 241 -25.71 51.04 23.41
C GLN D 241 -25.23 50.29 22.18
N ARG D 242 -26.09 49.42 21.63
CA ARG D 242 -25.85 48.65 20.41
C ARG D 242 -24.57 47.81 20.49
N ARG D 243 -24.46 47.04 21.58
CA ARG D 243 -23.31 46.17 21.76
C ARG D 243 -23.65 44.77 22.27
N LEU D 244 -24.93 44.41 22.38
CA LEU D 244 -25.29 43.06 22.75
C LEU D 244 -25.98 42.41 21.56
N VAL D 245 -25.57 41.18 21.25
CA VAL D 245 -26.09 40.44 20.10
C VAL D 245 -27.08 39.42 20.61
N TYR D 246 -28.16 39.19 19.86
CA TYR D 246 -29.23 38.31 20.28
C TYR D 246 -29.57 37.37 19.14
N TYR D 247 -30.61 36.56 19.36
CA TYR D 247 -31.24 35.72 18.34
C TYR D 247 -32.66 36.25 18.22
N GLU D 248 -32.83 37.27 17.39
CA GLU D 248 -34.07 38.01 17.31
C GLU D 248 -34.86 37.54 16.10
N GLY D 249 -36.17 37.39 16.27
CA GLY D 249 -37.04 36.92 15.22
C GLY D 249 -37.81 38.05 14.54
N GLY D 250 -38.71 37.65 13.64
CA GLY D 250 -39.52 38.61 12.93
C GLY D 250 -38.75 39.32 11.84
N ALA D 251 -39.31 40.45 11.40
CA ALA D 251 -38.70 41.31 10.39
C ALA D 251 -37.49 42.09 10.89
N VAL D 252 -37.04 41.85 12.13
CA VAL D 252 -35.87 42.55 12.66
C VAL D 252 -34.63 42.16 11.89
N CYS D 253 -34.46 40.87 11.62
CA CYS D 253 -33.22 40.39 11.01
C CYS D 253 -33.27 40.35 9.49
N THR D 254 -34.39 40.71 8.87
CA THR D 254 -34.39 40.89 7.44
C THR D 254 -33.90 42.27 7.04
N HIS D 255 -33.56 43.11 8.03
CA HIS D 255 -33.06 44.45 7.81
C HIS D 255 -31.53 44.43 7.81
N ALA D 256 -30.93 45.62 7.82
CA ALA D 256 -29.48 45.77 7.75
C ALA D 256 -28.77 45.51 9.07
N ARG D 257 -29.49 45.45 10.20
CA ARG D 257 -28.85 45.22 11.49
C ARG D 257 -28.30 43.80 11.63
N SER D 258 -28.71 42.88 10.77
CA SER D 258 -28.27 41.49 10.86
C SER D 258 -27.22 41.14 9.83
N LEU D 259 -26.49 42.13 9.32
CA LEU D 259 -25.51 41.90 8.26
C LEU D 259 -24.13 41.81 8.87
N TRP D 260 -23.54 40.63 8.77
CA TRP D 260 -22.21 40.34 9.26
C TRP D 260 -21.31 39.91 8.12
N ARG D 261 -20.16 40.56 8.03
CA ARG D 261 -19.20 40.34 6.96
C ARG D 261 -18.17 39.32 7.42
N LEU D 262 -18.01 38.25 6.63
CA LEU D 262 -17.04 37.18 6.87
C LEU D 262 -15.68 37.65 6.31
N GLU D 263 -14.96 38.45 7.09
CA GLU D 263 -13.67 38.97 6.60
C GLU D 263 -12.55 37.99 6.95
N PRO D 264 -11.86 37.40 5.98
CA PRO D 264 -10.78 36.47 6.31
C PRO D 264 -9.52 37.19 6.76
N LEU D 265 -8.57 36.39 7.26
CA LEU D 265 -7.26 36.87 7.67
C LEU D 265 -6.26 36.96 6.53
N ARG D 266 -6.65 36.53 5.33
CA ARG D 266 -5.73 36.46 4.20
C ARG D 266 -5.81 37.73 3.36
N ILE D 267 -4.65 38.28 3.02
CA ILE D 267 -4.61 39.50 2.22
C ILE D 267 -5.08 39.23 0.79
N SER D 268 -4.57 38.16 0.19
CA SER D 268 -4.91 37.81 -1.18
C SER D 268 -5.95 36.70 -1.17
N TRP D 269 -6.81 36.71 -2.21
CA TRP D 269 -7.90 35.74 -2.39
C TRP D 269 -8.83 35.69 -1.18
N SER D 270 -9.15 36.87 -0.64
CA SER D 270 -10.10 36.95 0.47
C SER D 270 -11.51 36.51 0.07
N GLY D 271 -11.83 36.50 -1.21
CA GLY D 271 -13.08 36.03 -1.74
C GLY D 271 -13.08 34.56 -2.10
N SER D 272 -12.03 33.82 -1.74
CA SER D 272 -11.97 32.39 -2.01
C SER D 272 -13.07 31.65 -1.26
N HIS D 273 -13.52 30.55 -1.86
CA HIS D 273 -14.58 29.77 -1.26
C HIS D 273 -14.14 29.18 0.07
N LEU D 274 -15.03 29.28 1.06
CA LEU D 274 -14.69 28.93 2.43
C LEU D 274 -14.66 27.41 2.61
N ARG D 275 -13.59 26.93 3.22
CA ARG D 275 -13.50 25.57 3.69
C ARG D 275 -14.04 25.49 5.11
N TRP D 276 -13.92 24.34 5.75
CA TRP D 276 -14.42 24.19 7.12
C TRP D 276 -13.37 24.67 8.10
N GLY D 277 -13.82 25.48 9.06
CA GLY D 277 -12.94 25.99 10.10
C GLY D 277 -11.85 26.92 9.62
N GLN D 278 -12.16 27.81 8.71
CA GLN D 278 -11.17 28.79 8.29
C GLN D 278 -11.25 30.00 9.20
N PRO D 279 -10.14 30.43 9.81
CA PRO D 279 -10.19 31.57 10.74
C PRO D 279 -10.53 32.86 10.01
N LEU D 280 -11.52 33.58 10.54
CA LEU D 280 -12.00 34.79 9.89
C LEU D 280 -12.75 35.65 10.91
N ARG D 281 -12.61 36.95 10.75
CA ARG D 281 -13.28 37.91 11.61
C ARG D 281 -14.73 38.08 11.16
N ILE D 282 -15.50 38.75 12.02
CA ILE D 282 -16.90 39.06 11.76
C ILE D 282 -17.08 40.56 11.95
N ARG D 283 -17.72 41.21 10.98
CA ARG D 283 -17.87 42.66 11.03
C ARG D 283 -19.33 43.01 10.91
N HIS D 284 -19.74 44.07 11.61
CA HIS D 284 -21.08 44.63 11.46
C HIS D 284 -20.95 45.88 10.59
N VAL D 285 -21.54 45.82 9.40
CA VAL D 285 -21.34 46.87 8.41
C VAL D 285 -22.05 48.16 8.83
N THR D 286 -23.28 48.07 9.33
CA THR D 286 -24.07 49.25 9.63
C THR D 286 -23.53 50.04 10.83
N THR D 287 -22.69 49.43 11.66
CA THR D 287 -22.13 50.12 12.81
C THR D 287 -20.61 50.26 12.76
N GLY D 288 -19.94 49.56 11.85
CA GLY D 288 -18.49 49.64 11.75
C GLY D 288 -17.76 49.11 12.96
N ARG D 289 -18.21 47.98 13.50
CA ARG D 289 -17.59 47.39 14.68
C ARG D 289 -17.46 45.90 14.49
N TYR D 290 -16.53 45.29 15.23
CA TYR D 290 -16.16 43.89 15.02
C TYR D 290 -16.57 43.03 16.21
N LEU D 291 -17.09 41.85 15.90
CA LEU D 291 -17.48 40.89 16.93
C LEU D 291 -16.25 40.33 17.64
N ALA D 292 -16.34 40.18 18.96
CA ALA D 292 -15.24 39.68 19.77
C ALA D 292 -15.79 39.21 21.11
N LEU D 293 -14.88 38.70 21.96
CA LEU D 293 -15.20 38.41 23.35
C LEU D 293 -14.23 39.20 24.22
N THR D 294 -14.78 39.99 25.13
CA THR D 294 -13.99 40.79 26.04
C THR D 294 -14.14 40.24 27.45
N GLU D 295 -13.52 40.91 28.41
CA GLU D 295 -13.45 40.38 29.77
C GLU D 295 -14.65 40.76 30.65
N ASP D 296 -15.12 42.00 30.60
CA ASP D 296 -16.18 42.41 31.52
C ASP D 296 -17.57 41.94 31.09
N GLN D 297 -17.84 41.85 29.78
CA GLN D 297 -19.20 41.53 29.34
C GLN D 297 -19.23 40.47 28.24
N GLY D 298 -18.20 39.63 28.14
CA GLY D 298 -18.23 38.44 27.29
C GLY D 298 -18.27 38.74 25.80
N LEU D 299 -18.97 37.86 25.07
CA LEU D 299 -19.04 37.94 23.61
C LEU D 299 -19.87 39.15 23.22
N VAL D 300 -19.20 40.24 22.83
CA VAL D 300 -19.87 41.47 22.42
C VAL D 300 -19.12 42.10 21.24
N VAL D 301 -19.84 42.88 20.44
CA VAL D 301 -19.21 43.55 19.31
C VAL D 301 -18.36 44.70 19.83
N VAL D 302 -17.16 44.84 19.27
CA VAL D 302 -16.18 45.80 19.76
C VAL D 302 -15.71 46.64 18.57
N ASP D 303 -15.14 47.81 18.87
CA ASP D 303 -14.63 48.72 17.87
C ASP D 303 -13.52 48.06 17.04
N ALA D 304 -13.44 48.45 15.77
CA ALA D 304 -12.44 47.91 14.85
C ALA D 304 -11.01 48.26 15.24
N CYS D 305 -10.81 49.28 16.07
CA CYS D 305 -9.46 49.63 16.52
C CYS D 305 -8.90 48.63 17.53
N LYS D 306 -9.73 47.76 18.09
CA LYS D 306 -9.29 46.77 19.07
C LYS D 306 -9.65 45.35 18.62
N ALA D 307 -9.49 45.07 17.33
CA ALA D 307 -9.69 43.72 16.80
C ALA D 307 -8.31 43.08 16.65
N HIS D 308 -7.83 42.54 17.76
CA HIS D 308 -6.48 42.01 17.90
C HIS D 308 -6.30 40.59 17.37
N THR D 309 -7.24 40.08 16.56
CA THR D 309 -7.17 38.85 15.76
C THR D 309 -7.24 37.59 16.65
N LYS D 310 -7.22 37.76 17.96
CA LYS D 310 -7.32 36.63 18.88
C LYS D 310 -8.77 36.43 19.31
N ALA D 311 -9.40 37.46 19.87
CA ALA D 311 -10.80 37.36 20.29
C ALA D 311 -11.78 37.59 19.16
N THR D 312 -11.32 38.08 18.01
CA THR D 312 -12.24 38.33 16.89
C THR D 312 -12.32 37.17 15.92
N SER D 313 -11.22 36.44 15.73
CA SER D 313 -11.20 35.33 14.79
C SER D 313 -12.13 34.21 15.24
N PHE D 314 -12.79 33.57 14.28
CA PHE D 314 -13.74 32.51 14.53
C PHE D 314 -13.63 31.48 13.42
N CYS D 315 -14.09 30.27 13.69
CA CYS D 315 -14.04 29.20 12.69
C CYS D 315 -15.39 28.52 12.58
N PHE D 316 -15.78 28.20 11.35
CA PHE D 316 -17.03 27.52 11.06
C PHE D 316 -16.73 26.03 10.92
N ARG D 317 -17.11 25.27 11.93
CA ARG D 317 -16.81 23.85 12.05
C ARG D 317 -18.04 23.02 11.68
N VAL D 318 -17.79 21.84 11.12
CA VAL D 318 -18.86 20.99 10.60
C VAL D 318 -19.77 20.50 11.73
N SER D 319 -19.21 20.14 12.87
CA SER D 319 -19.99 19.59 13.98
C SER D 319 -19.34 19.98 15.30
N LYS D 320 -19.97 19.55 16.39
CA LYS D 320 -19.44 19.83 17.73
C LYS D 320 -18.19 19.01 18.06
N GLU D 321 -17.83 18.04 17.22
CA GLU D 321 -16.62 17.25 17.43
C GLU D 321 -15.38 18.13 17.24
N LYS D 322 -14.29 17.72 17.87
CA LYS D 322 -13.05 18.48 17.79
C LYS D 322 -12.38 18.24 16.43
N LEU D 323 -12.21 19.31 15.67
CA LEU D 323 -11.51 19.24 14.39
C LEU D 323 -10.13 19.87 14.52
N PRO D 327 -8.14 25.05 10.76
CA PRO D 327 -7.49 26.07 9.94
C PRO D 327 -6.39 25.51 9.05
N LYS D 328 -6.69 25.32 7.77
CA LYS D 328 -5.74 24.76 6.82
C LYS D 328 -5.07 25.91 6.07
N ARG D 329 -4.20 25.55 5.12
CA ARG D 329 -3.46 26.55 4.35
C ARG D 329 -4.39 27.32 3.43
N ASP D 330 -4.06 28.59 3.21
CA ASP D 330 -4.77 29.41 2.26
C ASP D 330 -4.42 28.99 0.83
N VAL D 331 -5.42 28.97 -0.04
CA VAL D 331 -5.28 28.53 -1.41
C VAL D 331 -5.35 29.72 -2.35
N GLU D 332 -4.47 29.74 -3.36
CA GLU D 332 -4.41 30.81 -4.36
C GLU D 332 -5.50 30.63 -5.43
N GLY D 333 -6.74 30.56 -4.96
CA GLY D 333 -7.88 30.34 -5.82
C GLY D 333 -9.08 30.03 -4.96
N MET D 334 -10.20 29.75 -5.63
CA MET D 334 -11.42 29.38 -4.92
C MET D 334 -11.25 28.08 -4.14
N GLY D 335 -10.60 27.10 -4.73
CA GLY D 335 -10.46 25.81 -4.10
C GLY D 335 -11.74 25.01 -4.16
N PRO D 336 -11.92 24.09 -3.20
CA PRO D 336 -13.12 23.24 -3.21
C PRO D 336 -14.35 24.00 -2.73
N PRO D 337 -15.41 24.04 -3.55
CA PRO D 337 -16.68 24.63 -3.09
C PRO D 337 -17.46 23.65 -2.21
N GLU D 338 -17.48 23.94 -0.91
CA GLU D 338 -18.08 23.06 0.08
C GLU D 338 -19.26 23.69 0.79
N ILE D 339 -19.08 24.88 1.37
CA ILE D 339 -20.15 25.54 2.13
C ILE D 339 -21.17 26.13 1.15
N LYS D 340 -22.42 25.73 1.29
CA LYS D 340 -23.48 26.18 0.42
C LYS D 340 -24.34 27.24 1.11
N TYR D 341 -25.05 28.02 0.30
CA TYR D 341 -25.94 29.06 0.80
C TYR D 341 -27.30 28.44 1.10
N GLY D 342 -27.77 28.57 2.34
CA GLY D 342 -29.02 27.98 2.76
C GLY D 342 -28.93 26.54 3.21
N GLU D 343 -27.80 25.86 2.96
CA GLU D 343 -27.56 24.49 3.41
C GLU D 343 -26.14 24.45 3.97
N SER D 344 -25.64 23.22 4.21
CA SER D 344 -24.30 22.96 4.75
C SER D 344 -24.12 23.65 6.11
N LEU D 345 -24.89 23.15 7.08
CA LEU D 345 -24.97 23.73 8.42
C LEU D 345 -23.60 23.79 9.09
N CYS D 346 -23.35 24.92 9.76
CA CYS D 346 -22.09 25.18 10.43
C CYS D 346 -22.31 25.51 11.90
N PHE D 347 -21.32 25.16 12.72
CA PHE D 347 -21.27 25.55 14.12
C PHE D 347 -20.11 26.52 14.23
N VAL D 348 -20.38 27.70 14.76
CA VAL D 348 -19.36 28.74 14.85
C VAL D 348 -18.68 28.61 16.21
N GLN D 349 -17.37 28.41 16.20
CA GLN D 349 -16.61 28.27 17.44
C GLN D 349 -15.43 29.21 17.43
N HIS D 350 -15.18 29.80 18.61
CA HIS D 350 -14.00 30.63 18.83
C HIS D 350 -12.74 29.81 18.61
N VAL D 351 -11.88 30.27 17.70
CA VAL D 351 -10.66 29.55 17.41
C VAL D 351 -9.70 29.59 18.61
N ALA D 352 -9.75 30.68 19.40
CA ALA D 352 -8.87 30.83 20.55
C ALA D 352 -9.46 30.22 21.81
N SER D 353 -10.66 30.68 22.20
CA SER D 353 -11.26 30.20 23.44
C SER D 353 -11.87 28.81 23.32
N GLY D 354 -12.16 28.35 22.11
CA GLY D 354 -12.73 27.03 21.93
C GLY D 354 -14.17 26.90 22.38
N LEU D 355 -14.89 28.01 22.48
CA LEU D 355 -16.26 28.01 22.95
C LEU D 355 -17.23 28.18 21.76
N TRP D 356 -18.43 27.64 21.91
CA TRP D 356 -19.42 27.61 20.84
C TRP D 356 -20.57 28.59 21.07
N LEU D 357 -21.18 29.02 19.98
CA LEU D 357 -22.34 29.91 20.05
C LEU D 357 -23.55 29.18 20.58
N THR D 358 -24.33 29.86 21.43
CA THR D 358 -25.54 29.30 22.04
C THR D 358 -26.35 30.45 22.60
N TYR D 359 -27.68 30.35 22.48
CA TYR D 359 -28.54 31.34 23.10
C TYR D 359 -28.49 31.22 24.62
N ALA D 360 -28.76 32.34 25.29
CA ALA D 360 -28.85 32.33 26.75
C ALA D 360 -30.07 31.52 27.19
N ALA D 361 -29.82 30.45 27.95
CA ALA D 361 -30.89 29.52 28.33
C ALA D 361 -32.02 30.15 29.16
N PRO D 362 -31.79 30.95 30.23
CA PRO D 362 -32.95 31.50 30.98
C PRO D 362 -33.83 32.40 30.13
N ASP D 363 -35.14 32.30 30.36
CA ASP D 363 -36.11 33.18 29.71
C ASP D 363 -36.84 34.00 30.77
N PRO D 364 -36.53 35.29 30.92
CA PRO D 364 -37.13 36.09 32.00
C PRO D 364 -38.60 36.43 31.79
N LYS D 365 -39.14 37.24 32.71
CA LYS D 365 -40.54 37.64 32.65
C LYS D 365 -40.84 38.47 31.40
N ALA D 366 -39.82 39.15 30.84
CA ALA D 366 -40.01 39.85 29.57
C ALA D 366 -40.32 38.87 28.46
N LEU D 367 -39.62 37.73 28.43
CA LEU D 367 -39.89 36.69 27.44
C LEU D 367 -41.07 35.82 27.83
N ARG D 368 -41.60 35.97 29.05
CA ARG D 368 -42.76 35.19 29.47
C ARG D 368 -44.00 35.55 28.64
N LEU D 369 -44.18 36.84 28.37
CA LEU D 369 -45.35 37.30 27.61
C LEU D 369 -44.97 38.13 26.39
N GLY D 370 -43.84 38.83 26.44
CA GLY D 370 -43.45 39.72 25.37
C GLY D 370 -42.83 38.99 24.19
N VAL D 371 -42.26 39.79 23.28
CA VAL D 371 -41.64 39.26 22.07
C VAL D 371 -40.44 38.38 22.44
N LEU D 372 -40.32 37.24 21.76
CA LEU D 372 -39.31 36.24 22.07
C LEU D 372 -38.00 36.59 21.36
N LYS D 373 -37.06 37.17 22.11
CA LYS D 373 -35.71 37.37 21.62
C LYS D 373 -34.75 36.90 22.70
N LYS D 374 -33.76 36.11 22.30
CA LYS D 374 -32.84 35.47 23.24
C LYS D 374 -31.41 35.91 22.96
N LYS D 375 -30.71 36.30 24.03
CA LYS D 375 -29.33 36.74 23.91
C LYS D 375 -28.41 35.56 23.62
N ALA D 376 -27.41 35.78 22.77
CA ALA D 376 -26.43 34.75 22.44
C ALA D 376 -25.25 34.84 23.39
N ILE D 377 -24.83 33.68 23.90
CA ILE D 377 -23.69 33.60 24.81
C ILE D 377 -22.70 32.58 24.25
N LEU D 378 -21.42 32.92 24.26
CA LEU D 378 -20.43 32.00 23.73
C LEU D 378 -20.22 30.86 24.72
N HIS D 379 -21.07 29.83 24.63
CA HIS D 379 -21.08 28.77 25.62
C HIS D 379 -19.86 27.86 25.46
N GLN D 380 -19.42 27.30 26.59
CA GLN D 380 -18.23 26.46 26.62
C GLN D 380 -18.41 25.17 25.80
N GLU D 381 -19.57 24.54 25.90
CA GLU D 381 -19.85 23.31 25.17
C GLU D 381 -20.95 23.45 24.15
N GLY D 382 -22.00 24.21 24.45
CA GLY D 382 -23.09 24.43 23.53
C GLY D 382 -24.19 23.40 23.65
N HIS D 383 -25.38 23.78 23.21
CA HIS D 383 -26.54 22.91 23.19
C HIS D 383 -26.56 22.11 21.89
N MET D 384 -27.64 21.40 21.65
CA MET D 384 -27.78 20.58 20.45
C MET D 384 -28.33 21.39 19.27
N ASP D 385 -29.25 22.32 19.54
CA ASP D 385 -29.90 23.11 18.49
C ASP D 385 -29.12 24.37 18.12
N ASP D 386 -27.81 24.42 18.40
CA ASP D 386 -26.99 25.58 18.08
C ASP D 386 -26.48 25.59 16.63
N ALA D 387 -27.10 24.79 15.76
CA ALA D 387 -26.73 24.80 14.34
C ALA D 387 -27.15 26.11 13.68
N LEU D 388 -26.28 26.62 12.81
CA LEU D 388 -26.47 27.92 12.18
C LEU D 388 -26.49 27.78 10.67
N PHE D 389 -27.37 28.55 10.04
CA PHE D 389 -27.52 28.60 8.60
C PHE D 389 -26.91 29.88 8.04
N LEU D 390 -26.36 29.77 6.83
CA LEU D 390 -25.83 30.91 6.11
C LEU D 390 -26.64 31.12 4.84
N THR D 391 -27.17 32.34 4.67
CA THR D 391 -28.01 32.67 3.53
C THR D 391 -27.52 33.94 2.87
N ARG D 392 -27.80 34.05 1.58
CA ARG D 392 -27.36 35.17 0.75
C ARG D 392 -28.10 36.46 1.12
N CYS D 393 -27.51 37.58 0.74
CA CYS D 393 -28.15 38.88 0.89
C CYS D 393 -27.96 39.65 -0.41
N GLN D 394 -28.89 40.58 -0.67
CA GLN D 394 -28.88 41.29 -1.95
C GLN D 394 -27.80 42.36 -2.00
N GLN D 395 -27.32 42.62 -3.23
CA GLN D 395 -26.18 43.51 -3.39
C GLN D 395 -26.58 44.96 -3.13
N GLU D 396 -27.74 45.38 -3.65
CA GLU D 396 -28.12 46.79 -3.55
C GLU D 396 -28.32 47.21 -2.10
N GLU D 397 -28.97 46.35 -1.30
CA GLU D 397 -29.11 46.65 0.13
C GLU D 397 -27.79 46.51 0.85
N SER D 398 -26.91 45.61 0.41
CA SER D 398 -25.56 45.56 0.99
C SER D 398 -24.79 46.84 0.73
N GLN D 399 -24.93 47.37 -0.49
CA GLN D 399 -24.36 48.68 -0.84
C GLN D 399 -24.95 49.78 0.03
N ALA D 400 -26.26 49.74 0.27
CA ALA D 400 -26.88 50.67 1.22
C ALA D 400 -26.33 50.46 2.62
N ALA D 401 -26.09 49.21 3.01
CA ALA D 401 -25.55 48.89 4.33
C ALA D 401 -24.16 49.49 4.53
N ARG D 402 -23.31 49.40 3.52
CA ARG D 402 -22.03 50.10 3.56
C ARG D 402 -22.20 51.62 3.52
N MET D 403 -23.19 52.10 2.78
CA MET D 403 -23.46 53.53 2.75
C MET D 403 -24.00 54.06 4.06
N ILE D 404 -24.80 53.28 4.77
CA ILE D 404 -25.50 53.74 5.97
C ILE D 404 -24.51 54.05 7.09
N HIS D 405 -23.38 53.32 7.15
CA HIS D 405 -22.38 53.58 8.18
C HIS D 405 -21.66 54.90 7.92
N SER D 406 -21.22 55.13 6.68
CA SER D 406 -20.55 56.38 6.34
C SER D 406 -21.52 57.55 6.46
N THR D 407 -22.79 57.28 6.15
CA THR D 407 -23.85 58.27 6.31
C THR D 407 -23.99 58.66 7.77
N ALA D 408 -23.99 57.68 8.67
CA ALA D 408 -24.06 57.99 10.10
C ALA D 408 -22.83 58.76 10.53
N GLY D 409 -21.66 58.35 10.02
CA GLY D 409 -20.41 58.96 10.46
C GLY D 409 -20.31 60.43 10.10
N LEU D 410 -20.73 60.77 8.87
CA LEU D 410 -20.59 62.14 8.39
C LEU D 410 -21.58 63.07 9.09
N TYR D 411 -22.84 62.65 9.19
CA TYR D 411 -23.83 63.53 9.78
C TYR D 411 -23.71 63.59 11.30
N ASN D 412 -23.35 62.46 11.94
CA ASN D 412 -23.11 62.47 13.37
C ASN D 412 -21.93 63.36 13.74
N GLN D 413 -20.83 63.29 12.97
CA GLN D 413 -19.72 64.21 13.14
C GLN D 413 -20.12 65.65 12.84
N PHE D 414 -20.99 65.86 11.84
CA PHE D 414 -21.54 67.19 11.58
C PHE D 414 -22.36 67.72 12.75
N ILE D 415 -23.19 66.87 13.35
CA ILE D 415 -23.98 67.23 14.53
C ILE D 415 -23.08 67.60 15.70
N LYS D 416 -22.02 66.80 15.91
CA LYS D 416 -21.03 67.10 16.94
C LYS D 416 -20.32 68.41 16.67
N GLY D 417 -20.05 68.72 15.40
CA GLY D 417 -19.49 70.01 15.07
C GLY D 417 -20.47 71.13 15.33
N LEU D 418 -21.75 70.88 15.03
CA LEU D 418 -22.79 71.91 15.11
C LEU D 418 -23.03 72.36 16.54
N ASP D 419 -23.30 71.42 17.45
CA ASP D 419 -23.63 71.84 18.81
C ASP D 419 -22.43 72.37 19.59
N SER D 420 -21.21 72.22 19.04
CA SER D 420 -20.01 72.79 19.65
C SER D 420 -20.07 74.31 19.71
N PHE D 421 -20.77 74.95 18.79
CA PHE D 421 -20.95 76.40 18.80
C PHE D 421 -22.40 76.78 19.08
N SER D 422 -23.06 75.99 19.94
CA SER D 422 -24.45 76.26 20.34
C SER D 422 -24.57 77.64 20.98
N GLY D 423 -23.65 77.96 21.88
CA GLY D 423 -23.55 79.32 22.37
C GLY D 423 -22.30 79.91 21.74
N LYS D 424 -21.45 80.57 22.56
CA LYS D 424 -20.11 81.11 22.27
C LYS D 424 -20.00 81.81 20.91
N PRO D 425 -20.58 83.01 20.74
CA PRO D 425 -20.50 83.71 19.46
C PRO D 425 -19.05 84.01 19.06
N ARG D 426 -18.79 83.90 17.75
CA ARG D 426 -17.44 84.06 17.22
C ARG D 426 -16.93 85.48 17.43
N GLY D 427 -17.79 86.47 17.23
CA GLY D 427 -17.38 87.86 17.31
C GLY D 427 -16.57 88.28 16.11
N SER D 428 -15.26 88.47 16.29
CA SER D 428 -14.38 88.83 15.18
C SER D 428 -13.18 87.90 15.07
N GLY D 429 -13.15 86.81 15.84
CA GLY D 429 -12.03 85.90 15.82
C GLY D 429 -12.28 84.68 14.96
N PRO D 430 -11.62 83.57 15.28
CA PRO D 430 -11.80 82.34 14.52
C PRO D 430 -13.02 81.58 15.00
N PRO D 431 -13.49 80.56 14.26
CA PRO D 431 -14.62 79.74 14.72
C PRO D 431 -14.35 79.00 16.03
N ALA D 432 -15.42 78.39 16.55
CA ALA D 432 -15.37 77.70 17.84
C ALA D 432 -14.38 76.55 17.85
N GLY D 433 -14.35 75.76 16.79
CA GLY D 433 -13.44 74.64 16.72
C GLY D 433 -12.99 74.30 15.31
N PRO D 434 -12.90 73.00 15.01
CA PRO D 434 -12.51 72.57 13.66
C PRO D 434 -13.53 72.97 12.61
N ALA D 435 -13.04 73.16 11.38
CA ALA D 435 -13.89 73.56 10.27
C ALA D 435 -14.90 72.46 9.94
N LEU D 436 -16.11 72.88 9.61
CA LEU D 436 -17.19 71.95 9.33
C LEU D 436 -17.04 71.33 7.94
N PRO D 437 -17.51 70.09 7.73
CA PRO D 437 -17.46 69.46 6.40
C PRO D 437 -18.65 69.85 5.53
N ILE D 438 -18.65 71.11 5.09
CA ILE D 438 -19.74 71.64 4.27
C ILE D 438 -19.81 70.95 2.92
N GLU D 439 -18.67 70.86 2.23
CA GLU D 439 -18.65 70.25 0.90
C GLU D 439 -18.96 68.76 0.96
N ALA D 440 -18.43 68.07 1.98
CA ALA D 440 -18.68 66.65 2.15
C ALA D 440 -20.16 66.39 2.41
N VAL D 441 -20.77 67.22 3.26
CA VAL D 441 -22.18 67.06 3.59
C VAL D 441 -23.05 67.36 2.38
N ILE D 442 -22.76 68.46 1.66
CA ILE D 442 -23.55 68.85 0.49
C ILE D 442 -23.47 67.78 -0.61
N LEU D 443 -22.26 67.25 -0.87
CA LEU D 443 -22.10 66.19 -1.85
C LEU D 443 -22.85 64.93 -1.41
N SER D 444 -22.84 64.62 -0.10
CA SER D 444 -23.60 63.49 0.39
C SER D 444 -25.09 63.72 0.21
N LEU D 445 -25.55 64.96 0.44
CA LEU D 445 -26.96 65.30 0.28
C LEU D 445 -27.40 65.07 -1.16
N GLN D 446 -26.59 65.52 -2.13
CA GLN D 446 -26.93 65.34 -3.53
C GLN D 446 -26.98 63.87 -3.91
N ASP D 447 -26.02 63.10 -3.39
CA ASP D 447 -25.99 61.66 -3.65
C ASP D 447 -27.21 60.96 -3.07
N LEU D 448 -27.62 61.35 -1.85
CA LEU D 448 -28.75 60.68 -1.23
C LEU D 448 -30.07 61.09 -1.86
N ILE D 449 -30.22 62.37 -2.23
CA ILE D 449 -31.45 62.83 -2.88
C ILE D 449 -31.64 62.11 -4.21
N GLY D 450 -30.57 62.02 -5.01
CA GLY D 450 -30.64 61.25 -6.24
C GLY D 450 -30.87 59.77 -5.97
N TYR D 451 -30.29 59.24 -4.90
CA TYR D 451 -30.50 57.84 -4.53
C TYR D 451 -31.95 57.57 -4.17
N PHE D 452 -32.64 58.57 -3.62
CA PHE D 452 -34.04 58.44 -3.21
C PHE D 452 -35.01 59.08 -4.18
N GLU D 453 -34.56 59.46 -5.38
CA GLU D 453 -35.48 60.03 -6.35
C GLU D 453 -36.50 58.99 -6.77
N PRO D 454 -37.80 59.32 -6.75
CA PRO D 454 -38.80 58.36 -7.21
C PRO D 454 -38.66 58.08 -8.70
N PRO D 455 -39.05 56.89 -9.15
CA PRO D 455 -38.99 56.57 -10.59
C PRO D 455 -39.90 57.48 -11.41
N SER D 456 -39.45 57.77 -12.63
CA SER D 456 -40.14 58.71 -13.51
C SER D 456 -41.51 58.15 -13.92
N GLU D 457 -42.43 59.07 -14.19
CA GLU D 457 -43.81 58.70 -14.48
C GLU D 457 -43.94 57.94 -15.80
N GLU D 458 -43.20 58.35 -16.83
CA GLU D 458 -43.35 57.79 -18.16
C GLU D 458 -42.82 56.36 -18.32
N LEU D 459 -42.35 55.72 -17.26
CA LEU D 459 -41.90 54.34 -17.32
C LEU D 459 -43.07 53.39 -17.58
N GLN D 460 -42.73 52.22 -18.11
CA GLN D 460 -43.70 51.16 -18.33
C GLN D 460 -44.27 50.69 -16.99
N HIS D 461 -45.55 50.34 -16.99
CA HIS D 461 -46.28 50.00 -15.77
C HIS D 461 -45.71 48.78 -15.05
N GLU D 462 -45.07 47.86 -15.78
CA GLU D 462 -44.56 46.64 -15.16
C GLU D 462 -43.32 46.91 -14.32
N GLU D 463 -42.26 47.42 -14.96
CA GLU D 463 -40.97 47.62 -14.27
C GLU D 463 -41.05 48.73 -13.24
N LYS D 464 -41.95 49.70 -13.43
CA LYS D 464 -42.08 50.81 -12.49
C LYS D 464 -42.48 50.32 -11.11
N GLN D 465 -43.39 49.33 -11.05
CA GLN D 465 -43.81 48.78 -9.75
C GLN D 465 -42.62 48.16 -9.01
N SER D 466 -41.72 47.50 -9.74
CA SER D 466 -40.51 46.98 -9.13
C SER D 466 -39.62 48.09 -8.63
N LYS D 467 -39.63 49.24 -9.33
CA LYS D 467 -38.84 50.36 -8.82
C LYS D 467 -39.49 50.95 -7.58
N LEU D 468 -40.82 50.88 -7.49
CA LEU D 468 -41.51 51.32 -6.28
C LEU D 468 -41.13 50.45 -5.11
N ARG D 469 -41.07 49.13 -5.33
CA ARG D 469 -40.66 48.20 -4.28
C ARG D 469 -39.24 48.46 -3.80
N SER D 470 -38.33 48.72 -4.75
CA SER D 470 -36.97 49.08 -4.39
C SER D 470 -36.90 50.39 -3.59
N LEU D 471 -37.69 51.39 -4.00
CA LEU D 471 -37.73 52.66 -3.28
C LEU D 471 -38.29 52.51 -1.87
N ARG D 472 -39.36 51.73 -1.73
CA ARG D 472 -39.95 51.47 -0.41
C ARG D 472 -38.98 50.73 0.49
N ASN D 473 -38.27 49.75 -0.08
CA ASN D 473 -37.35 48.95 0.73
C ASN D 473 -36.21 49.82 1.24
N ARG D 474 -35.56 50.57 0.33
CA ARG D 474 -34.42 51.40 0.73
C ARG D 474 -34.82 52.46 1.75
N GLN D 475 -35.97 53.11 1.52
CA GLN D 475 -36.45 54.13 2.46
C GLN D 475 -36.77 53.51 3.82
N SER D 476 -37.36 52.30 3.81
CA SER D 476 -37.70 51.63 5.07
C SER D 476 -36.43 51.32 5.85
N LEU D 477 -35.38 50.87 5.16
CA LEU D 477 -34.12 50.58 5.83
C LEU D 477 -33.50 51.85 6.43
N PHE D 478 -33.53 52.96 5.69
CA PHE D 478 -32.95 54.20 6.21
C PHE D 478 -33.69 54.71 7.45
N GLN D 479 -35.03 54.65 7.43
CA GLN D 479 -35.78 55.02 8.64
C GLN D 479 -35.50 54.03 9.76
N GLU D 480 -35.45 52.74 9.44
CA GLU D 480 -35.19 51.72 10.45
C GLU D 480 -33.80 51.89 11.06
N GLU D 481 -32.87 52.46 10.29
CA GLU D 481 -31.56 52.78 10.86
C GLU D 481 -31.56 54.13 11.55
N GLY D 482 -32.68 54.87 11.52
CA GLY D 482 -32.80 56.03 12.38
C GLY D 482 -32.40 57.38 11.85
N MET D 483 -32.02 57.50 10.59
CA MET D 483 -31.61 58.81 10.09
C MET D 483 -32.75 59.76 9.80
N LEU D 484 -33.98 59.26 9.78
CA LEU D 484 -35.14 60.15 9.73
C LEU D 484 -35.19 61.05 10.95
N SER D 485 -34.80 60.52 12.11
CA SER D 485 -34.67 61.39 13.29
C SER D 485 -33.41 62.26 13.19
N LEU D 486 -32.34 61.72 12.61
CA LEU D 486 -31.07 62.45 12.52
C LEU D 486 -31.21 63.73 11.70
N VAL D 487 -31.93 63.64 10.58
CA VAL D 487 -32.12 64.85 9.77
C VAL D 487 -32.98 65.84 10.55
N LEU D 488 -33.98 65.35 11.30
CA LEU D 488 -34.80 66.23 12.12
C LEU D 488 -33.94 66.98 13.13
N ASN D 489 -32.90 66.30 13.66
CA ASN D 489 -31.97 66.98 14.54
C ASN D 489 -31.19 68.05 13.77
N CYS D 490 -30.88 67.77 12.50
CA CYS D 490 -30.11 68.73 11.69
C CYS D 490 -30.91 70.01 11.49
N ILE D 491 -32.20 69.89 11.14
CA ILE D 491 -33.06 71.07 11.01
C ILE D 491 -33.20 71.76 12.37
N ASP D 492 -33.41 71.00 13.44
CA ASP D 492 -33.63 71.59 14.75
C ASP D 492 -32.42 72.41 15.20
N ARG D 493 -31.21 71.89 14.97
CA ARG D 493 -29.99 72.64 15.27
C ARG D 493 -29.85 73.89 14.41
N LEU D 494 -30.14 73.79 13.10
CA LEU D 494 -29.93 74.98 12.27
C LEU D 494 -31.04 76.02 12.37
N ASN D 495 -32.28 75.61 12.58
CA ASN D 495 -33.44 76.51 12.53
C ASN D 495 -33.51 77.49 13.69
N VAL D 496 -32.74 77.30 14.76
CA VAL D 496 -32.78 78.27 15.86
C VAL D 496 -32.03 79.56 15.56
N TYR D 497 -31.47 79.71 14.37
CA TYR D 497 -30.79 80.91 13.94
C TYR D 497 -31.65 81.61 12.89
N THR D 498 -31.85 82.92 13.07
CA THR D 498 -32.80 83.66 12.23
C THR D 498 -32.34 83.75 10.79
N THR D 499 -31.10 84.15 10.55
CA THR D 499 -30.64 84.41 9.19
C THR D 499 -29.22 83.89 9.04
N ALA D 500 -28.72 83.98 7.80
CA ALA D 500 -27.36 83.55 7.49
C ALA D 500 -26.33 84.39 8.22
N ALA D 501 -26.56 85.71 8.31
CA ALA D 501 -25.67 86.58 9.07
C ALA D 501 -25.65 86.20 10.55
N HIS D 502 -26.80 85.77 11.08
CA HIS D 502 -26.84 85.28 12.45
C HIS D 502 -26.15 83.94 12.59
N PHE D 503 -26.12 83.15 11.51
CA PHE D 503 -25.41 81.88 11.53
C PHE D 503 -23.91 82.10 11.45
N ALA D 504 -23.51 83.22 10.84
CA ALA D 504 -22.10 83.57 10.74
C ALA D 504 -21.52 83.90 12.10
N GLU D 505 -22.36 84.37 13.03
CA GLU D 505 -21.87 84.76 14.35
C GLU D 505 -21.43 83.54 15.15
N TYR D 506 -21.91 82.36 14.80
CA TYR D 506 -21.66 81.15 15.56
C TYR D 506 -20.76 80.17 14.81
N ALA D 507 -21.15 79.77 13.60
CA ALA D 507 -20.33 78.83 12.84
C ALA D 507 -19.21 79.49 12.06
N GLY D 508 -19.23 80.81 11.92
CA GLY D 508 -18.24 81.50 11.13
C GLY D 508 -18.85 82.04 9.84
N GLU D 509 -18.16 83.02 9.26
CA GLU D 509 -18.65 83.65 8.03
C GLU D 509 -18.62 82.70 6.84
N GLU D 510 -17.68 81.73 6.84
CA GLU D 510 -17.53 80.79 5.74
C GLU D 510 -18.77 79.90 5.53
N ALA D 511 -19.52 79.62 6.59
CA ALA D 511 -20.69 78.76 6.48
C ALA D 511 -21.99 79.54 6.25
N ALA D 512 -21.91 80.88 6.24
CA ALA D 512 -23.10 81.70 6.08
C ALA D 512 -23.70 81.52 4.69
N GLU D 513 -22.84 81.47 3.66
CA GLU D 513 -23.33 81.34 2.30
C GLU D 513 -24.01 79.99 2.11
N SER D 514 -23.42 78.94 2.69
CA SER D 514 -23.93 77.58 2.53
C SER D 514 -25.13 77.29 3.41
N TRP D 515 -25.50 78.22 4.31
CA TRP D 515 -26.59 77.97 5.25
C TRP D 515 -27.93 77.73 4.54
N LYS D 516 -28.23 78.57 3.54
CA LYS D 516 -29.48 78.45 2.78
C LYS D 516 -29.53 77.14 2.01
N GLU D 517 -28.39 76.75 1.43
CA GLU D 517 -28.37 75.54 0.64
C GLU D 517 -28.54 74.32 1.51
N ILE D 518 -27.84 74.28 2.66
CA ILE D 518 -27.91 73.08 3.48
C ILE D 518 -29.30 72.95 4.10
N VAL D 519 -29.93 74.07 4.48
CA VAL D 519 -31.25 73.99 5.10
C VAL D 519 -32.28 73.56 4.06
N ASN D 520 -32.16 74.02 2.80
CA ASN D 520 -33.09 73.57 1.77
C ASN D 520 -32.90 72.07 1.50
N LEU D 521 -31.66 71.66 1.22
CA LEU D 521 -31.38 70.30 0.80
C LEU D 521 -31.74 69.28 1.87
N LEU D 522 -31.67 69.67 3.16
CA LEU D 522 -32.13 68.77 4.20
C LEU D 522 -33.63 68.55 4.08
N TYR D 523 -34.38 69.61 3.75
CA TYR D 523 -35.83 69.49 3.63
C TYR D 523 -36.20 68.56 2.47
N GLU D 524 -35.53 68.74 1.32
CA GLU D 524 -35.77 67.81 0.20
C GLU D 524 -35.36 66.38 0.51
N LEU D 525 -34.23 66.19 1.20
CA LEU D 525 -33.83 64.84 1.63
C LEU D 525 -34.86 64.21 2.57
N LEU D 526 -35.37 65.00 3.52
CA LEU D 526 -36.43 64.55 4.41
C LEU D 526 -37.70 64.18 3.65
N ALA D 527 -38.06 64.99 2.65
CA ALA D 527 -39.21 64.67 1.81
C ALA D 527 -38.97 63.38 1.04
N SER D 528 -37.76 63.18 0.53
CA SER D 528 -37.44 61.97 -0.21
C SER D 528 -37.56 60.76 0.69
N LEU D 529 -37.09 60.88 1.93
CA LEU D 529 -37.18 59.79 2.91
C LEU D 529 -38.62 59.43 3.21
N ILE D 530 -39.48 60.44 3.38
CA ILE D 530 -40.85 60.15 3.78
C ILE D 530 -41.80 59.93 2.61
N ARG D 531 -41.34 60.12 1.37
CA ARG D 531 -42.19 60.01 0.20
C ARG D 531 -42.75 58.61 0.02
N GLY D 532 -44.08 58.50 0.00
CA GLY D 532 -44.71 57.23 -0.31
C GLY D 532 -44.62 56.17 0.76
N ASN D 533 -44.25 56.53 1.98
CA ASN D 533 -44.04 55.54 3.03
C ASN D 533 -45.12 55.67 4.09
N ARG D 534 -45.83 54.56 4.34
CA ARG D 534 -46.84 54.54 5.40
C ARG D 534 -46.21 54.72 6.76
N ALA D 535 -45.08 54.05 7.00
CA ALA D 535 -44.43 54.10 8.30
C ALA D 535 -43.89 55.49 8.58
N ASN D 536 -43.13 56.03 7.61
CA ASN D 536 -42.46 57.31 7.82
C ASN D 536 -43.47 58.44 7.94
N CYS D 537 -44.52 58.43 7.10
CA CYS D 537 -45.53 59.46 7.24
C CYS D 537 -46.27 59.33 8.57
N ALA D 538 -46.56 58.09 9.01
CA ALA D 538 -47.25 57.87 10.28
C ALA D 538 -46.43 58.32 11.47
N LEU D 539 -45.09 58.33 11.36
CA LEU D 539 -44.27 58.76 12.49
C LEU D 539 -44.39 60.25 12.81
N PHE D 540 -44.80 61.07 11.85
CA PHE D 540 -44.90 62.50 12.12
C PHE D 540 -46.21 62.91 12.78
N SER D 541 -47.12 61.96 13.04
CA SER D 541 -48.32 62.27 13.81
C SER D 541 -47.97 62.69 15.22
N THR D 542 -46.96 62.03 15.82
CA THR D 542 -46.56 62.35 17.20
C THR D 542 -46.01 63.77 17.30
N ASN D 543 -45.18 64.18 16.34
CA ASN D 543 -44.55 65.49 16.34
C ASN D 543 -45.06 66.34 15.18
N LEU D 544 -46.38 66.28 14.95
CA LEU D 544 -47.01 67.04 13.88
C LEU D 544 -46.81 68.55 14.04
N ASP D 545 -46.85 69.04 15.28
CA ASP D 545 -46.70 70.46 15.54
C ASP D 545 -45.31 71.00 15.22
N TRP D 546 -44.33 70.11 15.02
CA TRP D 546 -42.96 70.51 14.69
C TRP D 546 -42.92 71.22 13.34
N VAL D 547 -43.51 70.60 12.31
CA VAL D 547 -43.51 71.21 10.98
C VAL D 547 -44.44 72.42 10.96
N VAL D 548 -45.58 72.34 11.65
CA VAL D 548 -46.58 73.39 11.62
C VAL D 548 -46.03 74.66 12.28
N SER D 549 -45.22 74.49 13.33
CA SER D 549 -44.65 75.64 14.03
C SER D 549 -43.64 76.41 13.19
N LYS D 550 -43.13 75.83 12.09
CA LYS D 550 -42.08 76.45 11.31
C LYS D 550 -42.56 77.01 9.97
N LEU D 551 -43.87 77.09 9.75
CA LEU D 551 -44.40 77.54 8.46
C LEU D 551 -44.08 79.00 8.16
N ASP D 552 -43.91 79.84 9.19
CA ASP D 552 -43.69 81.25 8.93
C ASP D 552 -42.25 81.59 8.55
N ARG D 553 -41.33 80.64 8.67
CA ARG D 553 -39.93 80.90 8.37
C ARG D 553 -39.76 81.17 6.87
N LEU D 554 -38.95 82.17 6.55
CA LEU D 554 -38.81 82.63 5.18
C LEU D 554 -37.69 81.93 4.40
N GLU D 555 -36.81 81.18 5.08
CA GLU D 555 -35.68 80.59 4.38
C GLU D 555 -36.11 79.44 3.46
N ALA D 556 -37.11 78.66 3.85
CA ALA D 556 -37.56 77.53 3.03
C ALA D 556 -39.04 77.29 3.29
N SER D 557 -39.89 77.79 2.40
CA SER D 557 -41.34 77.61 2.52
C SER D 557 -41.88 76.52 1.61
N SER D 558 -41.39 76.45 0.38
CA SER D 558 -41.84 75.44 -0.57
C SER D 558 -41.48 74.03 -0.10
N GLY D 559 -40.26 73.87 0.41
CA GLY D 559 -39.83 72.56 0.85
C GLY D 559 -40.65 72.06 2.03
N ILE D 560 -40.86 72.91 3.02
CA ILE D 560 -41.59 72.51 4.22
C ILE D 560 -43.05 72.23 3.89
N LEU D 561 -43.66 73.05 3.02
CA LEU D 561 -45.04 72.82 2.60
C LEU D 561 -45.19 71.50 1.85
N GLU D 562 -44.23 71.17 0.98
CA GLU D 562 -44.28 69.89 0.28
C GLU D 562 -44.02 68.72 1.24
N VAL D 563 -43.15 68.94 2.24
CA VAL D 563 -42.90 67.93 3.27
C VAL D 563 -44.17 67.64 4.04
N LEU D 564 -44.92 68.70 4.38
CA LEU D 564 -46.19 68.54 5.06
C LEU D 564 -47.16 67.80 4.17
N TYR D 565 -47.11 68.08 2.85
CA TYR D 565 -48.05 67.50 1.91
C TYR D 565 -47.90 65.99 1.83
N CYS D 566 -46.66 65.51 1.92
CA CYS D 566 -46.39 64.08 1.76
C CYS D 566 -47.05 63.26 2.87
N VAL D 567 -47.04 63.78 4.10
CA VAL D 567 -47.58 63.06 5.24
C VAL D 567 -49.09 62.94 5.12
N LEU D 568 -49.74 64.08 4.80
CA LEU D 568 -51.19 64.14 4.72
C LEU D 568 -51.74 63.25 3.62
N ILE D 569 -51.08 63.23 2.45
CA ILE D 569 -51.66 62.49 1.33
C ILE D 569 -51.51 60.98 1.49
N GLU D 570 -50.92 60.51 2.59
CA GLU D 570 -50.78 59.07 2.78
C GLU D 570 -51.34 58.59 4.10
N SER D 571 -51.25 59.40 5.16
CA SER D 571 -51.67 58.94 6.47
C SER D 571 -53.05 59.44 6.86
N PRO D 572 -54.06 58.58 6.91
CA PRO D 572 -55.40 59.04 7.34
C PRO D 572 -55.46 59.45 8.80
N GLU D 573 -54.66 58.82 9.67
CA GLU D 573 -54.72 59.11 11.10
C GLU D 573 -54.10 60.45 11.45
N VAL D 574 -53.21 60.98 10.61
CA VAL D 574 -52.59 62.27 10.86
C VAL D 574 -53.63 63.39 10.84
N LEU D 575 -54.63 63.27 9.95
CA LEU D 575 -55.70 64.26 9.85
C LEU D 575 -56.50 64.36 11.15
N ASN D 576 -56.65 63.25 11.87
CA ASN D 576 -57.40 63.24 13.12
C ASN D 576 -56.70 64.06 14.21
N ILE D 577 -55.39 64.26 14.07
CA ILE D 577 -54.60 64.96 15.08
C ILE D 577 -54.63 66.46 14.85
N ILE D 578 -55.01 66.90 13.63
CA ILE D 578 -55.03 68.32 13.26
C ILE D 578 -56.01 69.09 14.12
N GLN D 579 -55.55 70.22 14.66
CA GLN D 579 -56.37 71.06 15.53
C GLN D 579 -56.70 72.37 14.83
N GLU D 580 -57.41 73.23 15.57
CA GLU D 580 -57.84 74.54 15.06
C GLU D 580 -56.65 75.45 14.81
N ASN D 581 -55.64 75.40 15.70
CA ASN D 581 -54.48 76.29 15.60
C ASN D 581 -53.69 76.02 14.33
N HIS D 582 -53.53 74.74 13.98
CA HIS D 582 -52.77 74.37 12.79
C HIS D 582 -53.48 74.91 11.55
N ILE D 583 -54.82 74.79 11.55
CA ILE D 583 -55.62 75.18 10.40
C ILE D 583 -55.50 76.68 10.18
N LYS D 584 -55.60 77.46 11.28
CA LYS D 584 -55.44 78.91 11.15
C LYS D 584 -54.03 79.29 10.71
N SER D 585 -53.02 78.54 11.16
CA SER D 585 -51.65 78.80 10.73
C SER D 585 -51.46 78.54 9.23
N ILE D 586 -52.06 77.45 8.73
CA ILE D 586 -51.98 77.16 7.30
C ILE D 586 -52.73 78.23 6.51
N ILE D 587 -53.89 78.67 7.01
CA ILE D 587 -54.61 79.76 6.35
C ILE D 587 -53.76 81.03 6.34
N SER D 588 -53.03 81.29 7.45
CA SER D 588 -52.13 82.43 7.54
C SER D 588 -51.02 82.37 6.51
N LEU D 589 -50.65 81.16 6.04
CA LEU D 589 -49.66 81.04 4.97
C LEU D 589 -50.09 81.74 3.70
N LEU D 590 -51.38 81.65 3.36
CA LEU D 590 -51.93 82.38 2.22
C LEU D 590 -51.78 83.89 2.39
N ASP D 591 -52.01 84.38 3.59
CA ASP D 591 -51.93 85.80 3.87
C ASP D 591 -50.49 86.28 3.94
N LYS D 592 -49.56 85.44 4.39
CA LYS D 592 -48.17 85.84 4.55
C LYS D 592 -47.31 85.42 3.37
N HIS D 593 -47.85 84.75 2.36
CA HIS D 593 -47.04 84.35 1.23
C HIS D 593 -47.75 84.52 -0.11
N GLY D 594 -48.94 85.08 -0.15
CA GLY D 594 -49.65 85.26 -1.40
C GLY D 594 -50.49 84.05 -1.76
N ARG D 595 -51.01 84.09 -2.98
CA ARG D 595 -51.91 83.05 -3.47
C ARG D 595 -51.08 81.92 -4.06
N ASN D 596 -50.59 81.06 -3.16
CA ASN D 596 -49.90 79.84 -3.56
C ASN D 596 -50.96 78.75 -3.68
N HIS D 597 -51.02 78.12 -4.85
CA HIS D 597 -52.04 77.10 -5.09
C HIS D 597 -51.77 75.80 -4.34
N LYS D 598 -50.54 75.55 -3.91
CA LYS D 598 -50.26 74.32 -3.15
C LYS D 598 -50.85 74.37 -1.76
N VAL D 599 -51.08 75.58 -1.23
CA VAL D 599 -51.73 75.71 0.08
C VAL D 599 -53.13 75.14 0.00
N LEU D 600 -53.85 75.47 -1.08
CA LEU D 600 -55.18 74.93 -1.28
C LEU D 600 -55.13 73.42 -1.46
N ASP D 601 -54.04 72.89 -2.02
CA ASP D 601 -53.87 71.45 -2.14
C ASP D 601 -53.78 70.80 -0.78
N VAL D 602 -53.06 71.45 0.14
CA VAL D 602 -52.98 70.98 1.53
C VAL D 602 -54.36 71.00 2.17
N LEU D 603 -55.10 72.08 1.95
CA LEU D 603 -56.45 72.20 2.49
C LEU D 603 -57.37 71.13 1.92
N CYS D 604 -57.24 70.84 0.61
CA CYS D 604 -58.03 69.78 -0.01
C CYS D 604 -57.69 68.44 0.60
N SER D 605 -56.42 68.23 0.94
CA SER D 605 -56.02 66.97 1.55
C SER D 605 -56.59 66.85 2.96
N LEU D 606 -56.76 67.99 3.64
CA LEU D 606 -57.27 67.97 5.00
C LEU D 606 -58.73 67.53 5.08
N CYS D 607 -59.54 67.84 4.07
CA CYS D 607 -60.98 67.56 4.16
C CYS D 607 -61.28 66.06 4.16
N VAL D 608 -60.60 65.29 3.31
CA VAL D 608 -60.90 63.88 3.11
C VAL D 608 -59.61 63.08 3.14
N CYS D 609 -59.61 61.98 3.89
CA CYS D 609 -58.54 61.00 3.88
C CYS D 609 -59.10 59.70 3.31
N ASN D 610 -58.45 59.19 2.26
CA ASN D 610 -58.68 57.92 1.53
C ASN D 610 -60.14 57.49 1.43
N GLY D 611 -61.01 58.43 1.04
CA GLY D 611 -62.41 58.18 0.88
C GLY D 611 -63.26 58.32 2.14
N VAL D 612 -62.65 58.69 3.25
CA VAL D 612 -63.36 58.86 4.52
C VAL D 612 -63.31 60.34 4.89
N ALA D 613 -64.47 60.95 5.05
CA ALA D 613 -64.55 62.39 5.34
C ALA D 613 -64.13 62.68 6.78
N VAL D 614 -63.44 63.80 6.96
CA VAL D 614 -63.10 64.27 8.30
C VAL D 614 -63.86 65.57 8.57
N ARG D 615 -65.06 65.43 9.16
CA ARG D 615 -65.90 66.59 9.36
C ARG D 615 -65.37 67.48 10.48
N SER D 616 -64.51 66.94 11.34
CA SER D 616 -63.93 67.73 12.41
C SER D 616 -63.00 68.79 11.85
N ASN D 617 -62.41 68.56 10.68
CA ASN D 617 -61.53 69.53 10.06
C ASN D 617 -62.22 70.33 8.97
N GLN D 618 -63.23 69.74 8.30
CA GLN D 618 -63.93 70.46 7.23
C GLN D 618 -64.65 71.69 7.77
N ASP D 619 -65.31 71.54 8.92
CA ASP D 619 -66.04 72.65 9.50
C ASP D 619 -65.10 73.75 9.99
N LEU D 620 -63.93 73.37 10.52
CA LEU D 620 -62.98 74.37 10.98
C LEU D 620 -62.44 75.17 9.80
N ILE D 621 -62.16 74.50 8.69
CA ILE D 621 -61.64 75.18 7.51
C ILE D 621 -62.66 76.17 6.97
N THR D 622 -63.93 75.72 6.82
CA THR D 622 -64.91 76.66 6.29
C THR D 622 -65.33 77.70 7.32
N GLU D 623 -65.08 77.44 8.60
CA GLU D 623 -65.39 78.41 9.64
C GLU D 623 -64.38 79.55 9.64
N ASN D 624 -63.12 79.21 9.39
CA ASN D 624 -62.06 80.20 9.49
C ASN D 624 -61.75 80.89 8.18
N LEU D 625 -62.08 80.29 7.05
CA LEU D 625 -61.63 80.84 5.77
C LEU D 625 -62.77 81.51 4.99
N LEU D 626 -63.88 80.79 4.81
CA LEU D 626 -64.97 81.27 3.96
C LEU D 626 -65.63 82.59 4.39
N PRO D 627 -66.07 82.79 5.66
CA PRO D 627 -66.77 84.06 5.97
C PRO D 627 -65.89 85.29 5.90
N GLY D 628 -64.57 85.15 5.95
CA GLY D 628 -63.67 86.30 5.90
C GLY D 628 -63.80 87.09 4.61
N ARG D 629 -63.90 86.39 3.47
CA ARG D 629 -64.05 86.98 2.13
C ARG D 629 -62.92 87.95 1.80
N GLU D 630 -61.72 87.60 2.18
CA GLU D 630 -60.57 88.46 1.91
C GLU D 630 -59.43 87.72 1.21
N LEU D 631 -59.20 86.46 1.54
CA LEU D 631 -58.07 85.74 0.96
C LEU D 631 -58.41 85.12 -0.38
N LEU D 632 -59.67 84.77 -0.60
CA LEU D 632 -60.08 84.09 -1.81
C LEU D 632 -60.94 85.00 -2.67
N LEU D 633 -60.79 84.86 -3.98
CA LEU D 633 -61.53 85.66 -4.94
C LEU D 633 -63.02 85.37 -4.87
N GLN D 634 -63.82 86.42 -4.98
CA GLN D 634 -65.27 86.32 -4.95
C GLN D 634 -65.83 86.57 -6.34
N THR D 635 -66.95 85.90 -6.64
CA THR D 635 -67.60 86.00 -7.93
C THR D 635 -69.04 86.42 -7.76
N ASN D 636 -69.56 87.14 -8.76
CA ASN D 636 -70.95 87.56 -8.78
C ASN D 636 -71.34 87.86 -10.22
N LEU D 637 -72.65 87.90 -10.45
CA LEU D 637 -73.21 88.25 -11.75
C LEU D 637 -73.57 89.72 -11.74
N ILE D 638 -72.98 90.48 -12.66
CA ILE D 638 -73.08 91.94 -12.64
C ILE D 638 -73.53 92.43 -14.00
N ASN D 639 -74.47 93.38 -14.00
CA ASN D 639 -75.01 93.96 -15.21
C ASN D 639 -73.97 94.84 -15.91
N TYR D 640 -74.26 95.17 -17.16
CA TYR D 640 -73.41 96.04 -17.96
C TYR D 640 -73.90 97.48 -17.85
N VAL D 641 -72.99 98.39 -17.53
CA VAL D 641 -73.31 99.80 -17.28
C VAL D 641 -72.57 100.65 -18.30
N THR D 642 -73.30 101.52 -18.99
CA THR D 642 -72.71 102.41 -19.98
C THR D 642 -73.15 103.86 -19.71
N SER D 643 -72.32 104.79 -20.18
CA SER D 643 -72.55 106.21 -19.97
C SER D 643 -72.72 106.92 -21.32
N ILE D 644 -73.73 107.79 -21.37
CA ILE D 644 -74.06 108.58 -22.56
C ILE D 644 -73.94 110.05 -22.19
N ARG D 645 -73.22 110.80 -23.02
CA ARG D 645 -72.99 112.22 -22.77
C ARG D 645 -73.35 113.04 -24.01
N PRO D 646 -73.79 114.27 -23.80
CA PRO D 646 -73.88 115.22 -24.92
C PRO D 646 -72.57 115.96 -25.06
N ASN D 647 -72.17 116.25 -26.30
CA ASN D 647 -70.91 116.93 -26.57
C ASN D 647 -71.00 118.42 -26.22
N ILE D 648 -71.15 118.69 -24.92
CA ILE D 648 -71.19 120.03 -24.38
C ILE D 648 -70.13 120.06 -23.28
N PHE D 649 -69.02 120.74 -23.55
CA PHE D 649 -67.88 120.73 -22.65
C PHE D 649 -67.70 122.13 -22.08
N VAL D 650 -67.59 122.22 -20.76
CA VAL D 650 -67.40 123.50 -20.09
C VAL D 650 -66.23 123.39 -19.12
N GLY D 651 -65.55 124.51 -18.93
CA GLY D 651 -64.42 124.58 -18.02
C GLY D 651 -64.02 126.03 -17.84
N ARG D 652 -63.14 126.25 -16.86
CA ARG D 652 -62.67 127.59 -16.56
C ARG D 652 -61.16 127.61 -16.49
N ALA D 653 -60.60 128.76 -16.83
CA ALA D 653 -59.17 129.05 -16.75
C ALA D 653 -59.01 130.55 -16.81
N GLU D 654 -57.77 131.01 -16.67
CA GLU D 654 -57.47 132.44 -16.80
C GLU D 654 -57.79 132.91 -18.22
N GLY D 655 -58.53 134.01 -18.32
CA GLY D 655 -58.98 134.54 -19.59
C GLY D 655 -59.84 133.60 -20.41
N SER D 656 -60.70 132.83 -19.74
CA SER D 656 -61.54 131.85 -20.42
C SER D 656 -62.64 132.52 -21.24
N THR D 657 -62.93 131.95 -22.40
CA THR D 657 -64.00 132.43 -23.27
C THR D 657 -65.36 131.84 -22.90
N GLN D 658 -65.41 130.94 -21.93
CA GLN D 658 -66.64 130.29 -21.52
C GLN D 658 -67.19 130.91 -20.23
N TYR D 659 -68.47 130.70 -20.00
CA TYR D 659 -69.12 131.21 -18.80
C TYR D 659 -69.00 130.20 -17.66
N GLY D 660 -69.09 130.70 -16.43
CA GLY D 660 -68.88 129.91 -15.24
C GLY D 660 -70.10 129.34 -14.55
N LYS D 661 -71.28 129.39 -15.17
CA LYS D 661 -72.49 128.87 -14.56
C LYS D 661 -73.27 128.11 -15.62
N TRP D 662 -73.68 126.88 -15.31
CA TRP D 662 -74.39 126.06 -16.28
C TRP D 662 -75.44 125.21 -15.57
N TYR D 663 -76.58 125.02 -16.25
CA TYR D 663 -77.73 124.30 -15.70
C TYR D 663 -78.30 123.35 -16.73
N PHE D 664 -78.52 122.09 -16.33
CA PHE D 664 -79.13 121.13 -17.26
C PHE D 664 -80.01 120.17 -16.49
N GLU D 665 -80.91 119.49 -17.21
CA GLU D 665 -81.87 118.61 -16.58
C GLU D 665 -81.95 117.25 -17.27
N VAL D 666 -82.49 116.29 -16.52
CA VAL D 666 -82.76 114.95 -17.01
C VAL D 666 -84.17 114.53 -16.61
N MET D 667 -84.88 113.91 -17.54
CA MET D 667 -86.24 113.40 -17.35
C MET D 667 -86.17 111.88 -17.34
N VAL D 668 -87.02 111.25 -16.54
CA VAL D 668 -87.05 109.79 -16.44
C VAL D 668 -88.40 109.33 -16.97
N ASP D 669 -88.37 108.53 -18.04
CA ASP D 669 -89.61 108.03 -18.64
C ASP D 669 -89.98 106.66 -18.08
N GLU D 670 -89.10 105.67 -18.25
CA GLU D 670 -89.37 104.31 -17.76
C GLU D 670 -88.13 103.75 -17.11
N VAL D 671 -88.27 103.24 -15.89
CA VAL D 671 -87.21 102.58 -15.15
C VAL D 671 -87.74 101.26 -14.62
N VAL D 672 -87.09 100.16 -14.98
CA VAL D 672 -87.43 98.84 -14.44
C VAL D 672 -86.56 98.63 -13.21
N PRO D 673 -87.15 98.44 -12.01
CA PRO D 673 -86.36 98.27 -10.79
C PRO D 673 -85.41 97.08 -10.81
N PHE D 674 -85.95 95.90 -11.05
CA PHE D 674 -85.18 94.67 -11.11
C PHE D 674 -85.53 93.93 -12.40
N LEU D 675 -84.86 94.30 -13.49
CA LEU D 675 -84.94 93.49 -14.69
C LEU D 675 -84.19 92.19 -14.51
N THR D 676 -83.07 92.24 -13.80
CA THR D 676 -82.30 91.06 -13.44
C THR D 676 -82.11 91.03 -11.93
N ALA D 677 -81.22 90.15 -11.45
CA ALA D 677 -80.96 90.02 -10.01
C ALA D 677 -80.38 91.30 -9.44
N GLN D 678 -79.42 91.90 -10.13
CA GLN D 678 -78.81 93.13 -9.65
C GLN D 678 -79.77 94.30 -9.82
N ALA D 679 -79.70 95.25 -8.88
CA ALA D 679 -80.51 96.46 -8.97
C ALA D 679 -80.08 97.28 -10.17
N THR D 680 -81.07 97.85 -10.87
CA THR D 680 -80.80 98.67 -12.05
C THR D 680 -80.01 99.92 -11.67
N HIS D 681 -78.95 100.18 -12.43
CA HIS D 681 -78.09 101.33 -12.18
C HIS D 681 -78.58 102.52 -12.98
N LEU D 682 -78.66 103.69 -12.32
CA LEU D 682 -79.05 104.93 -12.99
C LEU D 682 -78.52 106.08 -12.15
N ARG D 683 -77.55 106.81 -12.70
CA ARG D 683 -77.01 107.99 -12.04
C ARG D 683 -76.82 109.09 -13.06
N VAL D 684 -77.00 110.33 -12.61
CA VAL D 684 -76.85 111.51 -13.44
C VAL D 684 -75.93 112.50 -12.74
N GLY D 685 -75.26 113.32 -13.53
CA GLY D 685 -74.36 114.31 -12.95
C GLY D 685 -73.31 114.74 -13.97
N TRP D 686 -72.14 115.12 -13.45
CA TRP D 686 -71.06 115.66 -14.26
C TRP D 686 -69.84 114.75 -14.17
N ALA D 687 -68.93 114.93 -15.11
CA ALA D 687 -67.69 114.17 -15.13
C ALA D 687 -66.61 115.00 -15.81
N LEU D 688 -65.36 114.54 -15.68
CA LEU D 688 -64.18 115.27 -16.09
C LEU D 688 -63.50 114.56 -17.25
N THR D 689 -63.00 115.33 -18.23
CA THR D 689 -62.50 114.79 -19.49
C THR D 689 -61.09 114.18 -19.40
N GLU D 690 -60.47 114.19 -18.23
CA GLU D 690 -59.05 113.84 -18.15
C GLU D 690 -58.79 112.69 -17.18
N GLY D 691 -59.54 111.60 -17.34
CA GLY D 691 -59.37 110.43 -16.49
C GLY D 691 -60.63 109.65 -16.23
N TYR D 692 -61.77 110.16 -16.68
CA TYR D 692 -63.03 109.43 -16.58
C TYR D 692 -63.21 108.63 -17.87
N SER D 693 -62.79 107.38 -17.86
CA SER D 693 -62.94 106.47 -18.99
C SER D 693 -63.58 105.19 -18.47
N PRO D 694 -64.91 105.16 -18.36
CA PRO D 694 -65.59 103.96 -17.84
C PRO D 694 -65.65 102.82 -18.86
N TYR D 695 -64.56 102.06 -18.90
CA TYR D 695 -64.45 100.92 -19.80
C TYR D 695 -65.49 99.87 -19.41
N PRO D 696 -66.23 99.31 -20.38
CA PRO D 696 -67.25 98.31 -20.05
C PRO D 696 -66.66 97.05 -19.44
N GLY D 697 -67.45 96.42 -18.57
CA GLY D 697 -67.03 95.19 -17.92
C GLY D 697 -66.49 95.39 -16.52
N GLY D 698 -65.50 94.59 -16.16
CA GLY D 698 -64.92 94.67 -14.83
C GLY D 698 -64.10 95.93 -14.64
N GLY D 699 -63.86 96.24 -13.37
CA GLY D 699 -63.10 97.42 -13.04
C GLY D 699 -62.97 97.59 -11.56
N GLU D 700 -62.70 98.83 -11.15
CA GLU D 700 -62.51 99.16 -9.75
C GLU D 700 -63.82 99.01 -8.98
N GLY D 701 -63.72 98.52 -7.76
CA GLY D 701 -64.87 98.36 -6.88
C GLY D 701 -65.58 97.02 -7.12
N TRP D 702 -66.79 97.09 -7.66
CA TRP D 702 -67.60 95.90 -7.92
C TRP D 702 -68.25 95.99 -9.28
N GLY D 703 -67.48 96.41 -10.29
CA GLY D 703 -67.94 96.47 -11.66
C GLY D 703 -69.06 97.46 -11.92
N GLY D 704 -69.47 97.49 -13.19
CA GLY D 704 -70.53 98.39 -13.64
C GLY D 704 -70.22 99.85 -13.37
N ASN D 705 -68.96 100.24 -13.56
CA ASN D 705 -68.52 101.58 -13.20
C ASN D 705 -69.18 102.65 -14.06
N GLY D 706 -69.55 103.74 -13.42
CA GLY D 706 -70.16 104.87 -14.09
C GLY D 706 -69.78 106.16 -13.43
N VAL D 707 -70.77 107.03 -13.23
CA VAL D 707 -70.54 108.32 -12.61
C VAL D 707 -70.50 108.15 -11.10
N GLY D 708 -69.45 108.68 -10.48
CA GLY D 708 -69.28 108.63 -9.04
C GLY D 708 -68.40 107.50 -8.56
N ASP D 709 -68.05 106.55 -9.42
CA ASP D 709 -67.19 105.44 -9.04
C ASP D 709 -65.74 105.86 -8.82
N ASP D 710 -65.37 107.08 -9.18
CA ASP D 710 -64.02 107.59 -8.95
C ASP D 710 -64.11 109.08 -8.69
N LEU D 711 -62.96 109.75 -8.70
CA LEU D 711 -62.91 111.18 -8.41
C LEU D 711 -63.02 112.03 -9.67
N TYR D 712 -63.19 111.41 -10.83
CA TYR D 712 -63.30 112.13 -12.09
C TYR D 712 -64.75 112.37 -12.47
N SER D 713 -65.69 112.02 -11.59
CA SER D 713 -67.11 112.19 -11.88
C SER D 713 -67.84 112.52 -10.59
N TYR D 714 -69.02 113.12 -10.73
CA TYR D 714 -69.86 113.51 -9.61
C TYR D 714 -71.30 113.18 -9.96
N GLY D 715 -71.95 112.33 -9.16
CA GLY D 715 -73.25 111.81 -9.51
C GLY D 715 -74.24 111.90 -8.36
N PHE D 716 -75.49 111.58 -8.69
CA PHE D 716 -76.60 111.63 -7.73
C PHE D 716 -77.64 110.61 -8.19
N ASP D 717 -77.67 109.46 -7.53
CA ASP D 717 -78.57 108.36 -7.91
C ASP D 717 -80.03 108.62 -7.55
N GLY D 718 -80.32 109.66 -6.78
CA GLY D 718 -81.65 109.92 -6.26
C GLY D 718 -81.71 109.91 -4.75
N LEU D 719 -80.73 109.31 -4.08
CA LEU D 719 -80.66 109.30 -2.64
C LEU D 719 -79.27 109.58 -2.08
N HIS D 720 -78.21 109.53 -2.90
CA HIS D 720 -76.85 109.71 -2.41
C HIS D 720 -76.08 110.58 -3.39
N LEU D 721 -75.00 111.18 -2.89
CA LEU D 721 -74.03 111.86 -3.74
C LEU D 721 -72.87 110.91 -4.00
N TRP D 722 -72.60 110.65 -5.27
CA TRP D 722 -71.63 109.65 -5.67
C TRP D 722 -70.35 110.32 -6.15
N THR D 723 -69.25 110.03 -5.44
CA THR D 723 -67.91 110.43 -5.84
C THR D 723 -66.93 109.53 -5.12
N GLY D 724 -65.88 109.12 -5.83
CA GLY D 724 -64.87 108.23 -5.27
C GLY D 724 -65.39 106.88 -4.82
N HIS D 725 -66.41 106.35 -5.52
CA HIS D 725 -67.03 105.05 -5.24
C HIS D 725 -67.62 104.98 -3.82
N VAL D 726 -68.08 106.13 -3.31
CA VAL D 726 -68.66 106.22 -1.96
C VAL D 726 -70.01 106.91 -2.08
N ALA D 727 -71.03 106.33 -1.45
CA ALA D 727 -72.37 106.90 -1.42
C ALA D 727 -72.62 107.56 -0.07
N ARG D 728 -73.16 108.77 -0.09
CA ARG D 728 -73.41 109.54 1.12
C ARG D 728 -74.85 110.01 1.08
N PRO D 729 -75.71 109.56 2.01
CA PRO D 729 -77.14 109.89 1.94
C PRO D 729 -77.42 111.38 2.04
N VAL D 730 -78.41 111.82 1.27
CA VAL D 730 -78.81 113.23 1.20
C VAL D 730 -80.31 113.34 1.43
N THR D 731 -80.70 114.41 2.12
CA THR D 731 -82.10 114.64 2.46
C THR D 731 -82.81 115.35 1.30
N SER D 732 -84.01 114.88 0.98
CA SER D 732 -84.85 115.50 -0.03
C SER D 732 -86.28 115.50 0.46
N PRO D 733 -87.09 116.48 0.04
CA PRO D 733 -88.50 116.50 0.47
C PRO D 733 -89.32 115.41 -0.21
N GLY D 734 -89.26 114.20 0.32
CA GLY D 734 -89.88 113.06 -0.33
C GLY D 734 -88.84 112.25 -1.06
N GLN D 735 -87.70 112.04 -0.40
CA GLN D 735 -86.54 111.38 -1.00
C GLN D 735 -86.86 109.96 -1.43
N HIS D 736 -86.44 109.63 -2.65
CA HIS D 736 -86.55 108.28 -3.18
C HIS D 736 -85.60 108.13 -4.35
N LEU D 737 -85.32 106.88 -4.71
CA LEU D 737 -84.56 106.58 -5.90
C LEU D 737 -85.35 107.06 -7.11
N LEU D 738 -84.62 107.49 -8.15
CA LEU D 738 -85.21 108.10 -9.35
C LEU D 738 -86.25 107.19 -10.00
N ALA D 739 -87.49 107.64 -9.95
CA ALA D 739 -88.68 106.95 -10.44
C ALA D 739 -89.14 107.54 -11.75
N PRO D 740 -90.00 106.84 -12.51
CA PRO D 740 -90.54 107.43 -13.75
C PRO D 740 -91.31 108.73 -13.51
N GLU D 741 -91.19 109.63 -14.48
CA GLU D 741 -91.78 110.97 -14.47
C GLU D 741 -91.26 111.78 -13.27
N ASP D 742 -89.95 112.02 -13.29
CA ASP D 742 -89.29 112.84 -12.28
C ASP D 742 -88.33 113.80 -12.96
N VAL D 743 -88.08 114.91 -12.29
CA VAL D 743 -87.25 115.99 -12.82
C VAL D 743 -86.06 116.21 -11.89
N VAL D 744 -84.87 116.26 -12.47
CA VAL D 744 -83.64 116.55 -11.73
C VAL D 744 -83.03 117.81 -12.31
N SER D 745 -82.78 118.79 -11.45
CA SER D 745 -82.17 120.07 -11.82
C SER D 745 -80.72 120.04 -11.36
N CYS D 746 -79.78 119.95 -12.31
CA CYS D 746 -78.36 119.87 -11.99
C CYS D 746 -77.70 121.19 -12.33
N CYS D 747 -77.04 121.81 -11.34
CA CYS D 747 -76.37 123.10 -11.52
C CYS D 747 -74.89 122.94 -11.23
N LEU D 748 -74.09 123.59 -12.07
CA LEU D 748 -72.63 123.63 -11.95
C LEU D 748 -72.18 125.08 -11.97
N ASP D 749 -71.32 125.45 -11.02
CA ASP D 749 -70.72 126.77 -11.00
C ASP D 749 -69.23 126.56 -11.22
N LEU D 750 -68.68 127.24 -12.21
CA LEU D 750 -67.25 127.17 -12.45
C LEU D 750 -66.49 128.35 -11.84
N SER D 751 -67.19 129.46 -11.56
CA SER D 751 -66.56 130.58 -10.89
C SER D 751 -66.06 130.19 -9.49
N VAL D 752 -66.87 129.44 -8.76
CA VAL D 752 -66.48 128.87 -7.48
C VAL D 752 -66.92 127.40 -7.54
N PRO D 753 -66.13 126.45 -7.01
CA PRO D 753 -66.56 125.05 -7.04
C PRO D 753 -67.82 124.75 -6.22
N SER D 754 -68.92 124.46 -6.93
CA SER D 754 -70.20 124.18 -6.29
C SER D 754 -71.13 123.51 -7.31
N ILE D 755 -71.66 122.36 -6.93
CA ILE D 755 -72.56 121.56 -7.76
C ILE D 755 -73.82 121.37 -6.94
N SER D 756 -74.88 122.10 -7.27
CA SER D 756 -76.12 121.95 -6.55
C SER D 756 -77.07 121.02 -7.30
N PHE D 757 -77.92 120.33 -6.54
CA PHE D 757 -78.84 119.35 -7.10
C PHE D 757 -80.23 119.59 -6.56
N ARG D 758 -81.23 119.46 -7.42
CA ARG D 758 -82.62 119.58 -7.01
C ARG D 758 -83.43 118.45 -7.63
N ILE D 759 -84.38 117.92 -6.86
CA ILE D 759 -85.26 116.87 -7.35
C ILE D 759 -86.65 117.49 -7.47
N ASN D 760 -87.18 117.51 -8.71
CA ASN D 760 -88.50 118.07 -9.04
C ASN D 760 -88.65 119.52 -8.58
N GLY D 761 -87.54 120.28 -8.59
CA GLY D 761 -87.50 121.64 -8.09
C GLY D 761 -87.22 121.78 -6.61
N CYS D 762 -87.32 120.70 -5.84
CA CYS D 762 -87.04 120.74 -4.42
C CYS D 762 -85.54 120.61 -4.18
N PRO D 763 -84.89 121.56 -3.50
CA PRO D 763 -83.44 121.50 -3.30
C PRO D 763 -82.99 120.29 -2.49
N VAL D 764 -81.81 119.77 -2.84
CA VAL D 764 -81.16 118.70 -2.12
C VAL D 764 -79.93 119.27 -1.44
N GLN D 765 -79.83 119.08 -0.13
CA GLN D 765 -78.80 119.72 0.70
C GLN D 765 -77.45 119.04 0.51
N GLY D 766 -76.92 119.16 -0.70
CA GLY D 766 -75.61 118.65 -1.01
C GLY D 766 -74.91 119.52 -2.04
N VAL D 767 -73.71 119.99 -1.70
CA VAL D 767 -72.91 120.82 -2.60
C VAL D 767 -71.48 120.29 -2.61
N PHE D 768 -70.99 119.95 -3.80
CA PHE D 768 -69.60 119.57 -3.94
C PHE D 768 -68.74 120.82 -3.82
N GLU D 769 -67.60 120.70 -3.14
CA GLU D 769 -66.72 121.83 -2.91
C GLU D 769 -65.29 121.37 -3.10
N ALA D 770 -64.42 122.32 -3.45
CA ALA D 770 -62.96 122.13 -3.52
C ALA D 770 -62.57 120.99 -4.47
N PHE D 771 -63.16 121.01 -5.66
CA PHE D 771 -62.79 120.08 -6.71
C PHE D 771 -62.06 120.84 -7.80
N ASN D 772 -61.08 120.16 -8.40
CA ASN D 772 -60.19 120.79 -9.37
C ASN D 772 -60.96 121.24 -10.62
N LEU D 773 -60.53 122.37 -11.17
CA LEU D 773 -61.17 122.94 -12.34
C LEU D 773 -60.49 122.53 -13.63
N ASP D 774 -59.35 121.84 -13.55
CA ASP D 774 -58.63 121.40 -14.74
C ASP D 774 -59.46 120.39 -15.55
N GLY D 775 -59.24 120.40 -16.85
CA GLY D 775 -60.05 119.60 -17.73
C GLY D 775 -61.33 120.32 -18.11
N LEU D 776 -62.27 119.54 -18.63
CA LEU D 776 -63.56 120.05 -19.06
C LEU D 776 -64.67 119.26 -18.39
N PHE D 777 -65.78 119.93 -18.11
CA PHE D 777 -66.93 119.32 -17.48
C PHE D 777 -68.03 119.15 -18.51
N PHE D 778 -68.84 118.12 -18.34
CA PHE D 778 -69.86 117.79 -19.32
C PHE D 778 -71.01 117.05 -18.64
N PRO D 779 -72.24 117.16 -19.17
CA PRO D 779 -73.31 116.29 -18.69
C PRO D 779 -73.01 114.86 -19.06
N VAL D 780 -73.45 113.93 -18.20
CA VAL D 780 -73.20 112.52 -18.41
C VAL D 780 -74.24 111.73 -17.63
N VAL D 781 -74.69 110.62 -18.21
CA VAL D 781 -75.60 109.71 -17.52
C VAL D 781 -75.01 108.30 -17.55
N SER D 782 -74.93 107.69 -16.38
CA SER D 782 -74.48 106.31 -16.24
C SER D 782 -75.69 105.44 -15.93
N PHE D 783 -75.88 104.40 -16.74
CA PHE D 783 -77.10 103.62 -16.65
C PHE D 783 -76.85 102.17 -17.04
N SER D 784 -77.53 101.28 -16.36
CA SER D 784 -77.60 99.88 -16.76
C SER D 784 -78.77 99.74 -17.73
N ALA D 785 -79.15 98.50 -18.03
CA ALA D 785 -80.26 98.25 -18.94
C ALA D 785 -81.61 98.55 -18.29
N GLY D 786 -82.62 98.72 -19.12
CA GLY D 786 -83.98 98.92 -18.67
C GLY D 786 -84.38 100.34 -18.34
N VAL D 787 -83.67 101.33 -18.88
CA VAL D 787 -83.98 102.73 -18.60
C VAL D 787 -84.27 103.50 -19.88
N LYS D 788 -85.14 104.51 -19.74
CA LYS D 788 -85.44 105.47 -20.79
C LYS D 788 -85.33 106.84 -20.15
N VAL D 789 -84.31 107.62 -20.53
CA VAL D 789 -84.08 108.93 -19.94
C VAL D 789 -84.04 109.97 -21.05
N ARG D 790 -84.37 111.20 -20.70
CA ARG D 790 -84.36 112.30 -21.67
C ARG D 790 -83.48 113.44 -21.18
N PHE D 791 -82.63 113.95 -22.06
CA PHE D 791 -81.77 115.08 -21.77
C PHE D 791 -82.55 116.35 -22.13
N LEU D 792 -82.70 117.24 -21.15
CA LEU D 792 -83.31 118.56 -21.35
C LEU D 792 -82.21 119.59 -21.16
N LEU D 793 -81.87 120.28 -22.25
CA LEU D 793 -80.79 121.25 -22.24
C LEU D 793 -81.28 122.68 -22.38
N GLY D 794 -82.59 122.90 -22.52
CA GLY D 794 -83.14 124.23 -22.58
C GLY D 794 -83.11 124.81 -23.98
N GLY D 795 -83.78 125.97 -24.12
CA GLY D 795 -83.86 126.65 -25.40
C GLY D 795 -84.55 125.80 -26.46
N ARG D 796 -83.89 125.67 -27.61
CA ARG D 796 -84.40 124.78 -28.65
C ARG D 796 -84.24 123.32 -28.26
N HIS D 797 -83.35 123.00 -27.34
CA HIS D 797 -83.04 121.64 -26.92
C HIS D 797 -83.67 121.26 -25.58
N GLY D 798 -84.89 121.74 -25.33
CA GLY D 798 -85.61 121.44 -24.10
C GLY D 798 -86.33 122.64 -23.53
N GLU D 799 -87.18 122.44 -22.54
CA GLU D 799 -87.90 123.54 -21.91
C GLU D 799 -87.70 123.63 -20.40
N PHE D 800 -87.09 122.59 -19.79
CA PHE D 800 -86.69 122.45 -18.39
C PHE D 800 -87.86 122.25 -17.43
N LYS D 801 -89.11 122.50 -17.87
CA LYS D 801 -90.35 122.35 -17.09
C LYS D 801 -90.31 123.00 -15.69
N PHE D 802 -89.36 123.89 -15.45
CA PHE D 802 -89.05 124.52 -14.18
C PHE D 802 -88.14 125.69 -14.48
N LEU D 803 -88.35 126.81 -13.79
CA LEU D 803 -87.56 128.00 -14.03
C LEU D 803 -86.11 127.78 -13.58
N PRO D 804 -85.13 127.95 -14.46
CA PRO D 804 -83.73 127.76 -14.06
C PRO D 804 -83.32 128.81 -13.05
N PRO D 805 -82.39 128.48 -12.15
CA PRO D 805 -81.89 129.47 -11.21
C PRO D 805 -81.20 130.61 -11.94
N PRO D 806 -81.30 131.84 -11.42
CA PRO D 806 -80.73 133.00 -12.13
C PRO D 806 -79.21 132.91 -12.28
N GLY D 807 -78.73 133.37 -13.42
CA GLY D 807 -77.32 133.35 -13.72
C GLY D 807 -76.81 132.06 -14.31
N TYR D 808 -77.59 130.98 -14.25
CA TYR D 808 -77.16 129.70 -14.77
C TYR D 808 -77.65 129.57 -16.21
N ALA D 809 -76.73 129.76 -17.15
CA ALA D 809 -77.04 129.60 -18.56
C ALA D 809 -77.28 128.14 -18.90
N PRO D 810 -78.34 127.81 -19.64
CA PRO D 810 -78.59 126.42 -20.04
C PRO D 810 -77.44 125.86 -20.86
N CYS D 811 -77.15 124.57 -20.67
CA CYS D 811 -76.02 123.92 -21.32
C CYS D 811 -76.15 123.83 -22.84
N HIS D 812 -77.34 124.04 -23.40
CA HIS D 812 -77.51 124.03 -24.85
C HIS D 812 -76.84 125.22 -25.54
N GLU D 813 -76.41 126.23 -24.79
CA GLU D 813 -75.78 127.40 -25.36
C GLU D 813 -74.27 127.28 -25.49
N ALA D 814 -73.69 126.15 -25.11
CA ALA D 814 -72.25 125.93 -25.22
C ALA D 814 -71.85 125.18 -26.48
N VAL D 815 -72.80 124.89 -27.37
CA VAL D 815 -72.52 124.13 -28.57
C VAL D 815 -71.69 124.96 -29.56
N LEU D 816 -70.65 124.34 -30.11
CA LEU D 816 -69.75 125.00 -31.05
C LEU D 816 -70.43 125.13 -32.40
N PRO D 817 -70.02 126.11 -33.23
CA PRO D 817 -70.65 126.26 -34.55
C PRO D 817 -70.20 125.24 -35.58
N ARG D 818 -68.93 124.81 -35.50
CA ARG D 818 -68.39 123.83 -36.45
C ARG D 818 -69.05 122.46 -36.34
N GLU D 819 -69.67 122.15 -35.21
CA GLU D 819 -70.30 120.86 -34.99
C GLU D 819 -71.76 121.06 -34.60
N ARG D 820 -72.49 119.95 -34.57
CA ARG D 820 -73.88 119.93 -34.20
C ARG D 820 -74.07 119.06 -32.97
N LEU D 821 -75.04 119.45 -32.14
CA LEU D 821 -75.32 118.73 -30.91
C LEU D 821 -75.77 117.31 -31.19
N ARG D 822 -75.22 116.37 -30.42
CA ARG D 822 -75.54 114.96 -30.57
C ARG D 822 -75.24 114.28 -29.25
N LEU D 823 -75.76 113.06 -29.10
CA LEU D 823 -75.54 112.25 -27.92
C LEU D 823 -74.64 111.08 -28.29
N GLU D 824 -73.54 110.95 -27.57
CA GLU D 824 -72.53 109.94 -27.86
C GLU D 824 -72.07 109.33 -26.55
N PRO D 825 -71.55 108.11 -26.57
CA PRO D 825 -70.98 107.54 -25.36
C PRO D 825 -69.59 108.13 -25.12
N ILE D 826 -69.00 107.74 -23.99
CA ILE D 826 -67.63 108.11 -23.62
C ILE D 826 -66.72 107.36 -24.60
N LYS D 827 -65.42 107.70 -24.65
CA LYS D 827 -64.40 107.11 -25.52
C LYS D 827 -64.47 105.59 -25.57
N GLU D 828 -64.69 105.07 -26.78
CA GLU D 828 -64.94 103.66 -26.97
C GLU D 828 -63.89 103.07 -27.91
N TYR D 829 -63.88 101.74 -27.95
CA TYR D 829 -62.99 100.99 -28.82
C TYR D 829 -63.74 100.18 -29.86
N ARG D 830 -65.05 100.38 -29.99
CA ARG D 830 -65.84 99.62 -30.94
C ARG D 830 -67.16 100.35 -31.19
N ARG D 831 -67.63 100.29 -32.43
CA ARG D 831 -68.94 100.80 -32.79
C ARG D 831 -69.53 99.88 -33.85
N GLU D 832 -70.85 99.85 -33.94
CA GLU D 832 -71.50 99.04 -34.96
C GLU D 832 -71.24 99.62 -36.35
N GLY D 833 -71.09 98.75 -37.34
CA GLY D 833 -70.89 99.19 -38.70
C GLY D 833 -71.87 98.45 -39.58
N PRO D 834 -72.30 99.10 -40.69
CA PRO D 834 -73.26 98.48 -41.62
C PRO D 834 -72.79 97.16 -42.19
N ARG D 835 -71.50 97.05 -42.43
CA ARG D 835 -70.95 95.78 -42.84
C ARG D 835 -70.55 94.97 -41.62
N GLY D 836 -69.91 95.61 -40.64
CA GLY D 836 -69.50 94.94 -39.44
C GLY D 836 -68.98 95.87 -38.37
N PRO D 837 -68.77 95.34 -37.16
CA PRO D 837 -68.26 96.18 -36.06
C PRO D 837 -66.91 96.80 -36.40
N HIS D 838 -66.75 98.06 -36.03
CA HIS D 838 -65.56 98.84 -36.32
C HIS D 838 -64.77 99.02 -35.03
N LEU D 839 -63.51 98.62 -35.05
CA LEU D 839 -62.62 98.93 -33.95
C LEU D 839 -62.28 100.41 -34.00
N VAL D 840 -62.58 101.12 -32.92
CA VAL D 840 -62.49 102.56 -32.86
C VAL D 840 -61.23 102.97 -32.12
N GLY D 841 -60.26 103.56 -32.82
CA GLY D 841 -59.06 104.11 -32.24
C GLY D 841 -59.35 105.23 -31.24
N PRO D 842 -58.34 105.64 -30.47
CA PRO D 842 -58.49 106.79 -29.55
C PRO D 842 -59.10 108.03 -30.19
N SER D 843 -59.84 108.78 -29.39
CA SER D 843 -60.54 109.97 -29.86
C SER D 843 -59.80 111.22 -29.43
N ARG D 844 -59.63 112.15 -30.37
CA ARG D 844 -59.02 113.43 -30.06
C ARG D 844 -59.97 114.20 -29.14
N CYS D 845 -59.46 114.69 -28.03
CA CYS D 845 -60.28 115.34 -27.02
C CYS D 845 -59.93 116.81 -26.93
N LEU D 846 -60.96 117.65 -26.87
CA LEU D 846 -60.78 119.09 -26.72
C LEU D 846 -60.29 119.39 -25.31
N SER D 847 -59.60 120.52 -25.15
CA SER D 847 -59.00 120.90 -23.88
C SER D 847 -59.44 122.31 -23.51
N HIS D 848 -59.41 122.57 -22.19
CA HIS D 848 -59.73 123.91 -21.67
C HIS D 848 -58.74 124.94 -22.21
N THR D 849 -57.46 124.58 -22.28
CA THR D 849 -56.41 125.41 -22.87
C THR D 849 -56.72 125.81 -24.32
N ASP D 850 -57.58 125.10 -25.01
CA ASP D 850 -57.98 125.45 -26.37
C ASP D 850 -59.12 126.47 -26.42
N PHE D 851 -59.61 126.95 -25.27
CA PHE D 851 -60.60 128.01 -25.29
C PHE D 851 -60.03 129.35 -24.86
N VAL D 852 -58.78 129.39 -24.43
CA VAL D 852 -58.16 130.67 -24.11
C VAL D 852 -57.48 131.16 -25.38
N PRO D 853 -57.74 132.38 -25.85
CA PRO D 853 -57.04 132.85 -27.05
C PRO D 853 -55.68 133.42 -26.66
N CYS D 854 -54.62 132.77 -27.16
CA CYS D 854 -53.25 133.13 -26.84
C CYS D 854 -52.52 133.62 -28.09
N PRO D 855 -52.56 134.91 -28.36
CA PRO D 855 -51.90 135.44 -29.56
C PRO D 855 -50.43 135.69 -29.28
N VAL D 856 -49.74 136.22 -30.28
CA VAL D 856 -48.37 136.70 -30.09
C VAL D 856 -48.41 138.18 -29.76
N ASP D 857 -47.71 138.56 -28.68
CA ASP D 857 -47.73 139.94 -28.21
C ASP D 857 -47.15 140.89 -29.25
N THR D 858 -47.89 141.96 -29.53
CA THR D 858 -47.51 142.95 -30.53
C THR D 858 -47.25 144.32 -29.91
N VAL D 859 -46.52 144.36 -28.80
CA VAL D 859 -46.21 145.62 -28.13
C VAL D 859 -44.73 145.96 -28.24
N GLN D 860 -43.85 145.04 -27.85
CA GLN D 860 -42.40 145.32 -27.83
C GLN D 860 -41.81 145.14 -29.23
N ILE D 861 -42.25 146.02 -30.14
CA ILE D 861 -41.80 146.03 -31.54
C ILE D 861 -41.58 147.48 -31.94
N VAL D 862 -40.31 147.89 -32.09
CA VAL D 862 -40.02 149.20 -32.65
C VAL D 862 -40.31 149.19 -34.14
N LEU D 863 -41.06 150.18 -34.59
CA LEU D 863 -41.60 150.19 -35.95
C LEU D 863 -40.51 150.60 -36.93
N PRO D 864 -40.24 149.81 -37.97
CA PRO D 864 -39.08 150.02 -38.84
C PRO D 864 -39.30 151.16 -39.84
N PRO D 865 -38.19 151.70 -40.41
CA PRO D 865 -38.34 152.76 -41.42
C PRO D 865 -39.05 152.32 -42.69
N HIS D 866 -38.81 151.11 -43.17
CA HIS D 866 -39.45 150.68 -44.41
C HIS D 866 -40.95 150.47 -44.21
N LEU D 867 -41.37 150.25 -42.96
CA LEU D 867 -42.78 150.12 -42.64
C LEU D 867 -43.45 151.49 -42.47
N GLU D 868 -42.83 152.43 -41.74
CA GLU D 868 -43.40 153.78 -41.69
C GLU D 868 -43.42 154.44 -43.06
N ARG D 869 -42.50 154.03 -43.95
CA ARG D 869 -42.52 154.49 -45.33
C ARG D 869 -43.75 153.99 -46.08
N ILE D 870 -44.30 152.83 -45.71
CA ILE D 870 -45.50 152.34 -46.37
C ILE D 870 -46.69 152.31 -45.39
N ARG D 871 -46.61 153.15 -44.35
CA ARG D 871 -47.63 153.21 -43.30
C ARG D 871 -48.97 153.74 -43.82
N GLU D 872 -48.98 154.39 -44.98
CA GLU D 872 -50.14 155.14 -45.44
C GLU D 872 -51.00 154.36 -46.43
N LYS D 873 -50.41 153.84 -47.52
CA LYS D 873 -51.18 153.17 -48.55
C LYS D 873 -51.90 151.93 -48.03
N LEU D 874 -51.20 151.12 -47.22
CA LEU D 874 -51.79 149.96 -46.56
C LEU D 874 -52.87 150.30 -45.54
N ALA D 875 -52.97 151.56 -45.12
CA ALA D 875 -54.09 152.02 -44.29
C ALA D 875 -55.21 152.56 -45.15
N GLU D 876 -54.85 153.33 -46.18
CA GLU D 876 -55.82 153.89 -47.11
C GLU D 876 -56.59 152.79 -47.81
N ASN D 877 -55.95 151.64 -48.02
CA ASN D 877 -56.62 150.55 -48.71
C ASN D 877 -57.48 149.74 -47.75
N ILE D 878 -57.42 150.00 -46.44
CA ILE D 878 -58.27 149.28 -45.50
C ILE D 878 -59.12 150.25 -44.68
N HIS D 879 -59.32 151.46 -45.19
CA HIS D 879 -60.19 152.41 -44.52
C HIS D 879 -61.64 152.25 -44.91
N GLU D 880 -61.92 151.79 -46.14
CA GLU D 880 -63.29 151.48 -46.56
C GLU D 880 -63.38 150.18 -47.35
N LEU D 881 -62.44 149.27 -47.13
CA LEU D 881 -62.47 148.00 -47.86
C LEU D 881 -63.71 147.20 -47.48
N TRP D 882 -64.09 147.22 -46.20
CA TRP D 882 -65.35 146.62 -45.80
C TRP D 882 -66.55 147.36 -46.36
N ALA D 883 -66.37 148.61 -46.80
CA ALA D 883 -67.44 149.42 -47.35
C ALA D 883 -67.64 149.21 -48.84
N LEU D 884 -66.63 148.66 -49.53
CA LEU D 884 -66.70 148.56 -51.00
C LEU D 884 -67.77 147.59 -51.48
N THR D 885 -68.01 146.52 -50.72
CA THR D 885 -68.89 145.43 -51.16
C THR D 885 -70.34 145.88 -51.36
N ARG D 886 -70.84 146.73 -50.47
CA ARG D 886 -72.26 147.03 -50.37
C ARG D 886 -72.71 148.30 -51.07
N ILE D 887 -71.83 149.01 -51.78
CA ILE D 887 -72.24 150.19 -52.52
C ILE D 887 -73.09 149.75 -53.71
N GLU D 888 -74.01 150.63 -54.15
CA GLU D 888 -75.02 150.36 -55.20
C GLU D 888 -75.97 149.23 -54.82
N GLN D 889 -76.21 149.06 -53.52
CA GLN D 889 -77.18 148.09 -53.00
C GLN D 889 -78.15 148.81 -52.08
N GLY D 890 -78.93 148.06 -51.30
CA GLY D 890 -79.76 148.67 -50.27
C GLY D 890 -78.98 149.44 -49.23
N TRP D 891 -77.72 149.08 -49.00
CA TRP D 891 -76.83 149.81 -48.11
C TRP D 891 -75.95 150.75 -48.93
N THR D 892 -76.60 151.73 -49.57
CA THR D 892 -75.92 152.72 -50.39
C THR D 892 -75.92 154.06 -49.66
N TYR D 893 -74.74 154.67 -49.60
CA TYR D 893 -74.45 155.83 -48.78
C TYR D 893 -75.30 157.06 -49.18
N GLY D 894 -75.35 158.02 -48.26
CA GLY D 894 -76.03 159.28 -48.45
C GLY D 894 -75.24 160.37 -47.74
N PRO D 895 -75.21 161.57 -48.33
CA PRO D 895 -74.44 162.69 -47.74
C PRO D 895 -74.88 163.13 -46.35
N VAL D 896 -76.15 162.96 -45.98
CA VAL D 896 -76.64 163.44 -44.69
C VAL D 896 -76.05 162.63 -43.52
N ARG D 897 -75.85 161.33 -43.70
CA ARG D 897 -75.43 160.44 -42.63
C ARG D 897 -74.01 159.93 -42.89
N ASP D 898 -73.57 159.01 -42.05
CA ASP D 898 -72.23 158.45 -42.11
C ASP D 898 -72.34 156.95 -41.86
N ASP D 899 -71.22 156.33 -41.50
CA ASP D 899 -71.15 154.89 -41.24
C ASP D 899 -72.12 154.46 -40.13
N ASN D 900 -72.43 153.16 -40.14
CA ASN D 900 -73.24 152.45 -39.15
C ASN D 900 -74.69 152.89 -39.10
N LYS D 901 -75.18 153.57 -40.16
CA LYS D 901 -76.55 154.07 -40.21
C LYS D 901 -77.37 153.41 -41.31
N ARG D 902 -77.12 152.12 -41.56
CA ARG D 902 -77.74 151.27 -42.59
C ARG D 902 -77.53 151.77 -44.02
N LEU D 903 -76.71 152.80 -44.21
CA LEU D 903 -76.30 153.39 -45.47
C LEU D 903 -74.81 153.72 -45.37
N HIS D 904 -74.06 152.75 -44.83
CA HIS D 904 -72.70 152.96 -44.34
C HIS D 904 -71.63 153.57 -45.27
N PRO D 905 -71.45 153.15 -46.62
CA PRO D 905 -70.13 153.24 -47.29
C PRO D 905 -69.18 154.42 -47.09
N CYS D 906 -69.61 155.64 -47.43
CA CYS D 906 -68.82 156.89 -47.37
C CYS D 906 -67.44 156.68 -48.01
N LEU D 907 -67.47 156.42 -49.32
CA LEU D 907 -66.27 156.08 -50.08
C LEU D 907 -65.31 157.25 -50.30
N VAL D 908 -65.69 158.47 -49.91
CA VAL D 908 -64.94 159.68 -50.28
C VAL D 908 -63.50 159.61 -49.78
N ASN D 909 -63.34 159.58 -48.45
CA ASN D 909 -62.05 159.53 -47.78
C ASN D 909 -62.31 159.36 -46.29
N PHE D 910 -61.24 159.06 -45.56
CA PHE D 910 -61.26 158.96 -44.11
C PHE D 910 -61.10 160.32 -43.43
N HIS D 911 -60.76 161.37 -44.19
CA HIS D 911 -60.76 162.72 -43.62
C HIS D 911 -62.17 163.15 -43.27
N SER D 912 -63.14 162.83 -44.13
CA SER D 912 -64.55 163.07 -43.80
C SER D 912 -64.97 162.22 -42.60
N LEU D 913 -64.40 161.03 -42.47
CA LEU D 913 -64.70 160.15 -41.37
C LEU D 913 -64.03 160.66 -40.09
N PRO D 914 -64.56 160.28 -38.90
CA PRO D 914 -64.01 160.79 -37.63
C PRO D 914 -62.53 160.48 -37.42
N GLU D 915 -61.82 161.48 -36.88
CA GLU D 915 -60.37 161.39 -36.67
C GLU D 915 -59.90 160.25 -35.75
N PRO D 916 -60.50 159.98 -34.57
CA PRO D 916 -59.95 158.88 -33.72
C PRO D 916 -59.99 157.52 -34.40
N GLU D 917 -61.14 157.10 -34.93
CA GLU D 917 -61.18 155.83 -35.67
C GLU D 917 -60.31 155.89 -36.93
N ARG D 918 -60.10 157.09 -37.50
CA ARG D 918 -59.24 157.24 -38.67
C ARG D 918 -57.79 156.85 -38.35
N ASN D 919 -57.14 157.61 -37.45
CA ASN D 919 -55.77 157.25 -37.08
C ASN D 919 -55.68 155.91 -36.35
N TYR D 920 -56.80 155.47 -35.74
CA TYR D 920 -56.89 154.10 -35.25
C TYR D 920 -56.76 153.09 -36.38
N ASN D 921 -57.39 153.37 -37.54
CA ASN D 921 -57.27 152.48 -38.69
C ASN D 921 -55.84 152.50 -39.24
N LEU D 922 -55.21 153.70 -39.26
CA LEU D 922 -53.79 153.78 -39.62
C LEU D 922 -52.93 152.89 -38.72
N GLN D 923 -53.09 153.04 -37.41
CA GLN D 923 -52.26 152.26 -36.50
C GLN D 923 -52.74 150.80 -36.37
N MET D 924 -53.93 150.47 -36.87
CA MET D 924 -54.30 149.06 -37.09
C MET D 924 -53.59 148.46 -38.29
N SER D 925 -53.42 149.25 -39.37
CA SER D 925 -52.55 148.81 -40.46
C SER D 925 -51.12 148.60 -39.97
N GLY D 926 -50.62 149.55 -39.17
CA GLY D 926 -49.35 149.37 -38.49
C GLY D 926 -49.33 148.16 -37.57
N GLU D 927 -50.46 147.87 -36.91
CA GLU D 927 -50.56 146.73 -36.01
C GLU D 927 -50.48 145.41 -36.76
N THR D 928 -51.12 145.34 -37.94
CA THR D 928 -50.96 144.18 -38.81
C THR D 928 -49.53 144.01 -39.28
N LEU D 929 -48.86 145.11 -39.66
CA LEU D 929 -47.44 145.01 -39.97
C LEU D 929 -46.58 144.59 -38.77
N LYS D 930 -46.99 144.97 -37.55
CA LYS D 930 -46.28 144.55 -36.35
C LYS D 930 -46.48 143.07 -36.08
N THR D 931 -47.69 142.57 -36.37
CA THR D 931 -47.94 141.13 -36.36
C THR D 931 -47.08 140.41 -37.38
N LEU D 932 -46.89 141.02 -38.56
CA LEU D 932 -46.01 140.43 -39.58
C LEU D 932 -44.57 140.35 -39.07
N LEU D 933 -44.13 141.39 -38.36
CA LEU D 933 -42.79 141.38 -37.75
C LEU D 933 -42.67 140.29 -36.70
N ALA D 934 -43.61 140.24 -35.76
CA ALA D 934 -43.54 139.25 -34.68
C ALA D 934 -43.66 137.83 -35.22
N LEU D 935 -44.38 137.65 -36.34
CA LEU D 935 -44.47 136.34 -36.98
C LEU D 935 -43.16 135.98 -37.67
N GLY D 936 -42.48 136.98 -38.23
CA GLY D 936 -41.27 136.71 -38.99
C GLY D 936 -41.35 137.10 -40.45
N CYS D 937 -42.09 138.16 -40.77
CA CYS D 937 -42.19 138.67 -42.12
C CYS D 937 -41.39 139.95 -42.27
N HIS D 938 -40.56 140.00 -43.32
CA HIS D 938 -39.72 141.15 -43.63
C HIS D 938 -39.85 141.46 -45.11
N VAL D 939 -39.60 142.71 -45.48
CA VAL D 939 -39.94 143.21 -46.81
C VAL D 939 -38.67 143.60 -47.56
N GLY D 940 -38.74 143.44 -48.88
CA GLY D 940 -37.67 143.84 -49.78
C GLY D 940 -38.20 144.27 -51.11
N MET D 941 -37.64 145.35 -51.67
CA MET D 941 -38.16 145.98 -52.89
C MET D 941 -37.23 145.64 -54.05
N ALA D 942 -37.80 145.06 -55.11
CA ALA D 942 -37.03 144.75 -56.31
C ALA D 942 -37.55 145.48 -57.54
N ASP D 943 -38.82 145.28 -57.91
CA ASP D 943 -39.25 145.53 -59.29
C ASP D 943 -39.79 146.96 -59.40
N GLU D 944 -40.46 147.26 -60.53
CA GLU D 944 -41.08 148.55 -60.81
C GLU D 944 -42.09 148.97 -59.75
N LYS D 945 -42.07 150.25 -59.39
CA LYS D 945 -42.94 150.78 -58.35
C LYS D 945 -44.38 150.68 -58.83
N ALA D 946 -45.22 149.97 -58.07
CA ALA D 946 -46.64 149.79 -58.42
C ALA D 946 -47.41 151.10 -58.50
N GLU D 947 -46.95 152.14 -57.78
CA GLU D 947 -47.57 153.47 -57.80
C GLU D 947 -47.70 154.01 -59.22
N ASP D 948 -46.72 153.75 -60.08
CA ASP D 948 -46.77 154.21 -61.46
C ASP D 948 -47.83 153.44 -62.25
N ASN D 949 -47.81 152.12 -62.15
CA ASN D 949 -48.58 151.24 -63.00
C ASN D 949 -49.90 150.85 -62.33
N LEU D 950 -50.28 151.58 -61.28
CA LEU D 950 -51.58 151.45 -60.65
C LEU D 950 -52.43 152.67 -60.98
N LYS D 951 -53.75 152.47 -61.05
CA LYS D 951 -54.67 153.55 -61.33
C LYS D 951 -55.96 153.32 -60.54
N LYS D 952 -56.72 154.41 -60.36
CA LYS D 952 -58.03 154.35 -59.73
C LYS D 952 -59.10 154.29 -60.82
N THR D 953 -60.06 153.38 -60.65
CA THR D 953 -61.06 153.10 -61.67
C THR D 953 -62.42 153.58 -61.18
N LYS D 954 -62.92 154.66 -61.77
CA LYS D 954 -64.27 155.13 -61.50
C LYS D 954 -65.24 154.22 -62.25
N LEU D 955 -65.60 153.12 -61.60
CA LEU D 955 -66.50 152.13 -62.19
C LEU D 955 -67.90 152.70 -62.29
N PRO D 956 -68.72 152.20 -63.24
CA PRO D 956 -70.16 152.54 -63.22
C PRO D 956 -70.84 152.16 -61.91
N LYS D 957 -70.49 151.00 -61.34
CA LYS D 957 -70.87 150.70 -59.97
C LYS D 957 -70.04 151.53 -59.00
N THR D 958 -70.57 151.66 -57.78
CA THR D 958 -70.01 152.48 -56.68
C THR D 958 -69.96 153.96 -57.03
N TYR D 959 -70.78 154.41 -57.98
CA TYR D 959 -70.88 155.84 -58.27
C TYR D 959 -71.71 156.53 -57.21
N MET D 960 -71.19 157.66 -56.71
CA MET D 960 -71.84 158.43 -55.66
C MET D 960 -71.84 159.91 -55.99
N MET D 961 -72.80 160.61 -55.37
CA MET D 961 -72.98 162.05 -55.57
C MET D 961 -72.20 162.87 -54.54
N SER D 962 -71.78 162.25 -53.45
CA SER D 962 -71.06 162.94 -52.37
C SER D 962 -69.59 163.01 -52.72
N ASN D 963 -69.18 164.20 -53.22
CA ASN D 963 -67.78 164.57 -53.48
C ASN D 963 -67.09 163.57 -54.42
N GLY D 964 -67.72 163.34 -55.57
CA GLY D 964 -67.15 162.49 -56.60
C GLY D 964 -67.24 161.02 -56.26
N TYR D 965 -66.91 160.19 -57.25
CA TYR D 965 -66.98 158.74 -57.10
C TYR D 965 -65.59 158.15 -57.31
N LYS D 966 -65.30 157.12 -56.51
CA LYS D 966 -64.02 156.43 -56.53
C LYS D 966 -64.22 155.08 -55.87
N PRO D 967 -63.31 154.12 -56.10
CA PRO D 967 -63.33 152.89 -55.27
C PRO D 967 -63.17 153.25 -53.80
N ALA D 968 -63.97 152.58 -52.95
CA ALA D 968 -63.93 152.87 -51.52
C ALA D 968 -62.56 152.61 -50.88
N PRO D 969 -61.87 151.44 -51.09
CA PRO D 969 -60.45 151.40 -50.71
C PRO D 969 -59.60 151.97 -51.83
N LEU D 970 -58.28 151.90 -51.69
CA LEU D 970 -57.42 152.33 -52.78
C LEU D 970 -57.36 151.22 -53.81
N ASP D 971 -57.48 151.59 -55.09
CA ASP D 971 -57.61 150.61 -56.16
C ASP D 971 -56.30 149.85 -56.37
N LEU D 972 -56.41 148.70 -57.03
CA LEU D 972 -55.25 147.85 -57.31
C LEU D 972 -55.53 147.06 -58.58
N SER D 973 -54.47 146.80 -59.34
CA SER D 973 -54.57 146.06 -60.59
C SER D 973 -54.27 144.58 -60.32
N HIS D 974 -54.09 143.81 -61.39
CA HIS D 974 -53.72 142.39 -61.35
C HIS D 974 -52.48 142.09 -60.50
N VAL D 975 -52.70 141.37 -59.40
CA VAL D 975 -51.67 141.00 -58.42
C VAL D 975 -52.07 139.62 -57.89
N ARG D 976 -51.09 138.75 -57.63
CA ARG D 976 -51.37 137.38 -57.21
C ARG D 976 -50.67 137.11 -55.87
N LEU D 977 -50.90 135.91 -55.31
CA LEU D 977 -50.37 135.56 -54.00
C LEU D 977 -50.00 134.08 -53.98
N THR D 978 -48.81 133.77 -53.46
CA THR D 978 -48.31 132.42 -53.36
C THR D 978 -48.83 131.74 -52.08
N PRO D 979 -48.76 130.39 -51.99
CA PRO D 979 -49.28 129.71 -50.78
C PRO D 979 -48.63 130.13 -49.46
N ALA D 980 -47.34 130.50 -49.46
CA ALA D 980 -46.71 131.06 -48.27
C ALA D 980 -47.50 132.27 -47.74
N GLN D 981 -47.91 133.15 -48.66
CA GLN D 981 -48.74 134.30 -48.29
C GLN D 981 -50.12 133.85 -47.82
N THR D 982 -50.65 132.76 -48.38
CA THR D 982 -51.96 132.26 -47.93
C THR D 982 -51.90 131.79 -46.47
N THR D 983 -50.91 130.95 -46.15
CA THR D 983 -50.75 130.50 -44.76
C THR D 983 -50.47 131.68 -43.84
N LEU D 984 -49.63 132.61 -44.27
CA LEU D 984 -49.28 133.75 -43.44
C LEU D 984 -50.49 134.64 -43.16
N VAL D 985 -51.34 134.87 -44.17
CA VAL D 985 -52.53 135.69 -43.92
C VAL D 985 -53.53 134.92 -43.07
N ASP D 986 -53.53 133.58 -43.16
CA ASP D 986 -54.37 132.75 -42.29
C ASP D 986 -53.99 132.96 -40.82
N ARG D 987 -52.70 132.83 -40.49
CA ARG D 987 -52.30 133.02 -39.10
C ARG D 987 -52.34 134.50 -38.70
N LEU D 988 -52.24 135.41 -39.67
CA LEU D 988 -52.42 136.83 -39.39
C LEU D 988 -53.85 137.13 -38.96
N ALA D 989 -54.82 136.49 -39.62
CA ALA D 989 -56.21 136.61 -39.22
C ALA D 989 -56.44 135.93 -37.88
N GLU D 990 -55.74 134.81 -37.64
CA GLU D 990 -55.78 134.15 -36.34
C GLU D 990 -55.33 135.09 -35.23
N ASN D 991 -54.22 135.81 -35.46
CA ASN D 991 -53.72 136.70 -34.42
C ASN D 991 -54.55 137.98 -34.32
N GLY D 992 -55.40 138.25 -35.30
CA GLY D 992 -56.32 139.35 -35.15
C GLY D 992 -57.51 138.93 -34.31
N HIS D 993 -58.05 137.76 -34.65
CA HIS D 993 -59.19 137.19 -33.93
C HIS D 993 -58.85 136.95 -32.46
N ASN D 994 -57.66 136.41 -32.19
CA ASN D 994 -57.35 136.04 -30.81
C ASN D 994 -57.07 137.27 -29.95
N VAL D 995 -56.66 138.39 -30.55
CA VAL D 995 -56.50 139.63 -29.81
C VAL D 995 -57.87 140.22 -29.53
N TRP D 996 -58.76 140.18 -30.54
CA TRP D 996 -60.13 140.68 -30.36
C TRP D 996 -60.85 139.89 -29.26
N ALA D 997 -60.72 138.56 -29.30
CA ALA D 997 -61.36 137.70 -28.31
C ALA D 997 -60.76 137.93 -26.93
N ARG D 998 -59.44 138.10 -26.85
CA ARG D 998 -58.76 138.40 -25.59
C ARG D 998 -59.28 139.70 -24.99
N ASP D 999 -59.43 140.74 -25.84
CA ASP D 999 -59.94 142.03 -25.37
C ASP D 999 -61.36 141.91 -24.86
N ARG D 1000 -62.23 141.20 -25.61
CA ARG D 1000 -63.62 141.02 -25.20
C ARG D 1000 -63.71 140.29 -23.86
N VAL D 1001 -62.88 139.25 -23.69
CA VAL D 1001 -62.81 138.53 -22.43
C VAL D 1001 -62.36 139.47 -21.32
N ALA D 1002 -61.34 140.30 -21.59
CA ALA D 1002 -60.90 141.28 -20.62
C ALA D 1002 -61.99 142.32 -20.31
N GLN D 1003 -62.97 142.50 -21.20
CA GLN D 1003 -64.16 143.26 -20.85
C GLN D 1003 -65.28 142.38 -20.33
N GLY D 1004 -65.00 141.12 -20.02
CA GLY D 1004 -65.95 140.26 -19.34
C GLY D 1004 -66.72 139.30 -20.20
N TRP D 1005 -66.80 139.56 -21.51
CA TRP D 1005 -67.61 138.78 -22.44
C TRP D 1005 -67.23 137.29 -22.46
N SER D 1006 -68.16 136.48 -22.99
CA SER D 1006 -67.93 135.05 -23.13
C SER D 1006 -68.71 134.51 -24.33
N TYR D 1007 -68.63 133.20 -24.53
CA TYR D 1007 -69.22 132.53 -25.69
C TYR D 1007 -70.64 132.07 -25.37
N SER D 1008 -71.52 132.13 -26.37
CA SER D 1008 -72.86 131.55 -26.31
C SER D 1008 -73.33 131.38 -27.74
N ALA D 1009 -73.85 130.19 -28.08
CA ALA D 1009 -74.30 129.90 -29.44
C ALA D 1009 -75.45 130.79 -29.90
N VAL D 1010 -76.16 131.42 -28.98
CA VAL D 1010 -77.17 132.44 -29.28
C VAL D 1010 -76.64 133.76 -28.75
N GLN D 1011 -76.75 134.80 -29.57
CA GLN D 1011 -76.12 136.07 -29.22
C GLN D 1011 -76.97 136.81 -28.20
N ASP D 1012 -76.32 137.28 -27.14
CA ASP D 1012 -76.96 138.07 -26.08
C ASP D 1012 -76.08 139.28 -25.79
N ILE D 1013 -76.41 140.41 -26.42
CA ILE D 1013 -75.66 141.65 -26.23
C ILE D 1013 -75.81 142.20 -24.81
N PRO D 1014 -77.02 142.38 -24.22
CA PRO D 1014 -77.05 142.88 -22.82
C PRO D 1014 -76.41 141.94 -21.81
N ALA D 1015 -76.43 140.63 -22.07
CA ALA D 1015 -75.70 139.69 -21.24
C ALA D 1015 -74.24 139.55 -21.66
N ARG D 1016 -73.83 140.25 -22.73
CA ARG D 1016 -72.44 140.38 -23.17
C ARG D 1016 -71.86 139.03 -23.56
N ARG D 1017 -72.57 138.33 -24.43
CA ARG D 1017 -72.12 137.04 -24.96
C ARG D 1017 -72.32 137.02 -26.46
N ASN D 1018 -71.42 136.35 -27.15
CA ASN D 1018 -71.30 136.38 -28.60
C ASN D 1018 -71.14 134.95 -29.10
N PRO D 1019 -71.62 134.64 -30.31
CA PRO D 1019 -71.35 133.32 -30.90
C PRO D 1019 -69.98 133.18 -31.54
N ARG D 1020 -69.15 134.21 -31.49
CA ARG D 1020 -67.86 134.15 -32.15
C ARG D 1020 -66.72 134.31 -31.16
N LEU D 1021 -67.01 134.39 -29.86
CA LEU D 1021 -65.97 134.37 -28.83
C LEU D 1021 -65.46 132.96 -28.56
N VAL D 1022 -64.80 132.41 -29.56
CA VAL D 1022 -64.01 131.19 -29.42
C VAL D 1022 -62.70 131.48 -30.14
N PRO D 1023 -61.61 130.81 -29.77
CA PRO D 1023 -60.36 130.95 -30.54
C PRO D 1023 -60.54 130.54 -31.99
N TYR D 1024 -59.70 131.16 -32.85
CA TYR D 1024 -59.80 131.03 -34.31
C TYR D 1024 -59.84 129.58 -34.74
N ARG D 1025 -59.05 128.71 -34.08
CA ARG D 1025 -58.99 127.30 -34.43
C ARG D 1025 -60.34 126.62 -34.25
N LEU D 1026 -61.18 127.17 -33.37
CA LEU D 1026 -62.50 126.62 -33.08
C LEU D 1026 -63.60 127.41 -33.77
N LEU D 1027 -63.26 128.54 -34.39
CA LEU D 1027 -64.23 129.33 -35.12
C LEU D 1027 -64.79 128.56 -36.31
N ASP D 1028 -65.84 129.09 -36.91
CA ASP D 1028 -66.45 128.46 -38.07
C ASP D 1028 -65.79 128.97 -39.35
N GLU D 1029 -65.93 128.17 -40.42
CA GLU D 1029 -65.26 128.46 -41.70
C GLU D 1029 -65.79 129.73 -42.36
N ALA D 1030 -67.08 130.04 -42.16
CA ALA D 1030 -67.65 131.27 -42.70
C ALA D 1030 -66.94 132.50 -42.11
N THR D 1031 -66.82 132.53 -40.78
CA THR D 1031 -66.16 133.66 -40.14
C THR D 1031 -64.66 133.65 -40.42
N LYS D 1032 -64.04 132.47 -40.48
CA LYS D 1032 -62.64 132.35 -40.88
C LYS D 1032 -62.39 133.00 -42.23
N ARG D 1033 -63.23 132.67 -43.21
CA ARG D 1033 -63.11 133.23 -44.55
C ARG D 1033 -63.35 134.72 -44.55
N SER D 1034 -64.37 135.17 -43.78
CA SER D 1034 -64.69 136.59 -43.72
C SER D 1034 -63.55 137.42 -43.14
N ASN D 1035 -62.91 136.92 -42.07
CA ASN D 1035 -61.72 137.61 -41.55
C ASN D 1035 -60.57 137.55 -42.54
N ARG D 1036 -60.33 136.38 -43.15
CA ARG D 1036 -59.18 136.22 -44.02
C ARG D 1036 -59.29 137.04 -45.30
N ASP D 1037 -60.51 137.35 -45.77
CA ASP D 1037 -60.69 138.08 -47.02
C ASP D 1037 -60.11 139.48 -46.97
N SER D 1038 -60.38 140.22 -45.88
CA SER D 1038 -59.92 141.60 -45.73
C SER D 1038 -58.40 141.68 -45.70
N LEU D 1039 -57.80 140.88 -44.82
CA LEU D 1039 -56.36 140.89 -44.67
C LEU D 1039 -55.68 140.24 -45.87
N CYS D 1040 -56.38 139.36 -46.60
CA CYS D 1040 -55.86 138.85 -47.88
C CYS D 1040 -55.76 139.97 -48.90
N GLN D 1041 -56.77 140.84 -48.95
CA GLN D 1041 -56.69 142.03 -49.81
C GLN D 1041 -55.54 142.91 -49.37
N ALA D 1042 -55.36 143.08 -48.05
CA ALA D 1042 -54.28 143.91 -47.51
C ALA D 1042 -52.91 143.38 -47.93
N VAL D 1043 -52.66 142.08 -47.71
CA VAL D 1043 -51.36 141.49 -48.05
C VAL D 1043 -51.18 141.48 -49.58
N ARG D 1044 -52.30 141.39 -50.33
CA ARG D 1044 -52.24 141.51 -51.79
C ARG D 1044 -51.76 142.89 -52.20
N THR D 1045 -52.30 143.94 -51.57
CA THR D 1045 -51.88 145.31 -51.84
C THR D 1045 -50.42 145.52 -51.47
N LEU D 1046 -49.97 144.87 -50.39
CA LEU D 1046 -48.55 144.91 -50.03
C LEU D 1046 -47.71 144.24 -51.11
N LEU D 1047 -48.18 143.09 -51.62
CA LEU D 1047 -47.45 142.34 -52.64
C LEU D 1047 -47.37 143.11 -53.95
N GLY D 1048 -48.41 143.88 -54.27
CA GLY D 1048 -48.42 144.68 -55.49
C GLY D 1048 -47.25 145.63 -55.59
N TYR D 1049 -46.88 146.26 -54.47
CA TYR D 1049 -45.73 147.15 -54.40
C TYR D 1049 -44.39 146.41 -54.45
N GLY D 1050 -44.41 145.09 -54.62
CA GLY D 1050 -43.22 144.29 -54.84
C GLY D 1050 -42.48 143.94 -53.59
N TYR D 1051 -42.96 144.36 -52.41
CA TYR D 1051 -42.27 144.07 -51.18
C TYR D 1051 -42.53 142.62 -50.77
N ASN D 1052 -41.45 141.87 -50.57
CA ASN D 1052 -41.53 140.44 -50.33
C ASN D 1052 -42.23 140.12 -49.02
N ILE D 1053 -43.02 139.07 -49.04
CA ILE D 1053 -43.61 138.52 -47.82
C ILE D 1053 -42.75 137.31 -47.47
N GLU D 1054 -41.85 137.47 -46.50
CA GLU D 1054 -40.86 136.44 -46.22
C GLU D 1054 -41.42 135.47 -45.18
N PRO D 1055 -41.54 134.19 -45.50
CA PRO D 1055 -41.92 133.21 -44.49
C PRO D 1055 -40.86 133.13 -43.41
N PRO D 1056 -41.27 132.91 -42.17
CA PRO D 1056 -40.31 132.69 -41.08
C PRO D 1056 -39.79 131.26 -41.12
N ASP D 1057 -38.90 130.95 -40.18
CA ASP D 1057 -38.40 129.59 -40.03
C ASP D 1057 -39.53 128.67 -39.56
N GLN D 1058 -39.37 127.39 -39.86
CA GLN D 1058 -40.36 126.37 -39.52
C GLN D 1058 -39.92 125.58 -38.30
N GLU D 1059 -40.77 125.53 -37.28
CA GLU D 1059 -40.50 124.78 -36.06
C GLU D 1059 -41.61 123.75 -35.87
N PRO D 1060 -41.30 122.46 -35.94
CA PRO D 1060 -42.34 121.44 -35.73
C PRO D 1060 -42.71 121.29 -34.25
N SER D 1061 -44.01 121.35 -33.98
CA SER D 1061 -44.50 121.29 -32.61
C SER D 1061 -45.66 120.31 -32.52
N GLN D 1062 -45.78 119.69 -31.35
CA GLN D 1062 -46.86 118.76 -31.03
C GLN D 1062 -47.71 119.33 -29.90
N VAL D 1063 -49.04 119.29 -30.09
CA VAL D 1063 -49.96 119.89 -29.14
C VAL D 1063 -49.92 119.15 -27.80
N GLU D 1064 -50.01 117.82 -27.84
CA GLU D 1064 -49.95 116.99 -26.64
C GLU D 1064 -48.80 116.01 -26.78
N ASN D 1065 -47.93 115.98 -25.78
CA ASN D 1065 -46.75 115.13 -25.82
C ASN D 1065 -46.66 114.13 -24.69
N GLN D 1066 -47.14 114.48 -23.49
CA GLN D 1066 -47.00 113.64 -22.30
C GLN D 1066 -47.67 112.28 -22.49
N SER D 1067 -48.94 112.28 -22.92
CA SER D 1067 -49.70 111.05 -23.05
C SER D 1067 -49.43 110.43 -24.43
N ARG D 1068 -48.25 109.84 -24.55
CA ARG D 1068 -47.91 109.11 -25.77
C ARG D 1068 -48.71 107.82 -25.91
N TRP D 1069 -49.32 107.33 -24.83
CA TRP D 1069 -50.01 106.06 -24.88
C TRP D 1069 -51.46 106.20 -25.28
N ASP D 1070 -52.10 107.33 -24.93
CA ASP D 1070 -53.44 107.60 -25.45
C ASP D 1070 -53.39 108.11 -26.88
N ARG D 1071 -52.73 107.39 -27.75
CA ARG D 1071 -52.57 107.66 -29.17
C ARG D 1071 -52.92 106.47 -30.03
N VAL D 1072 -52.51 105.27 -29.64
CA VAL D 1072 -52.79 104.09 -30.45
C VAL D 1072 -53.39 103.04 -29.54
N ARG D 1073 -54.44 102.38 -30.02
CA ARG D 1073 -55.13 101.34 -29.25
C ARG D 1073 -54.99 99.96 -29.89
N ILE D 1074 -53.88 99.27 -29.62
CA ILE D 1074 -53.60 97.95 -30.21
C ILE D 1074 -54.78 96.98 -30.01
N PHE D 1075 -55.04 96.16 -31.04
CA PHE D 1075 -56.04 95.09 -31.08
C PHE D 1075 -55.38 93.80 -31.56
N ARG D 1076 -55.54 92.74 -30.80
CA ARG D 1076 -54.97 91.44 -31.14
C ARG D 1076 -55.94 90.37 -30.68
N ALA D 1077 -55.85 89.19 -31.28
CA ALA D 1077 -56.79 88.14 -30.90
C ALA D 1077 -56.35 87.47 -29.60
N GLU D 1078 -57.15 86.49 -29.15
CA GLU D 1078 -56.74 85.71 -27.98
C GLU D 1078 -55.53 84.85 -28.33
N LYS D 1079 -54.70 84.59 -27.32
CA LYS D 1079 -53.54 83.73 -27.50
C LYS D 1079 -53.90 82.28 -27.77
N SER D 1080 -55.14 81.87 -27.49
CA SER D 1080 -55.55 80.49 -27.78
C SER D 1080 -55.58 80.21 -29.27
N TYR D 1081 -55.96 81.20 -30.07
CA TYR D 1081 -56.06 81.05 -31.52
C TYR D 1081 -54.73 81.17 -32.24
N THR D 1082 -53.61 81.14 -31.51
CA THR D 1082 -52.29 81.24 -32.11
C THR D 1082 -52.05 80.08 -33.09
N VAL D 1083 -51.47 80.41 -34.24
CA VAL D 1083 -51.30 79.47 -35.35
C VAL D 1083 -49.83 79.12 -35.48
N GLN D 1084 -49.58 77.84 -35.76
CA GLN D 1084 -48.23 77.33 -35.93
C GLN D 1084 -47.93 76.89 -37.36
N SER D 1085 -48.94 76.84 -38.23
CA SER D 1085 -48.78 76.33 -39.58
C SER D 1085 -49.94 76.82 -40.43
N GLY D 1086 -49.89 76.47 -41.72
CA GLY D 1086 -50.94 76.80 -42.65
C GLY D 1086 -50.78 78.17 -43.28
N ARG D 1087 -51.67 78.45 -44.23
CA ARG D 1087 -51.66 79.69 -45.00
C ARG D 1087 -52.86 80.51 -44.56
N TRP D 1088 -52.59 81.56 -43.80
CA TRP D 1088 -53.64 82.34 -43.15
C TRP D 1088 -53.74 83.73 -43.76
N TYR D 1089 -54.97 84.20 -43.88
CA TYR D 1089 -55.28 85.45 -44.55
C TYR D 1089 -56.40 86.17 -43.82
N PHE D 1090 -56.28 87.48 -43.69
CA PHE D 1090 -57.37 88.24 -43.06
C PHE D 1090 -57.38 89.65 -43.61
N GLU D 1091 -58.52 90.32 -43.49
CA GLU D 1091 -58.67 91.65 -44.07
C GLU D 1091 -58.92 92.69 -43.00
N PHE D 1092 -58.27 93.84 -43.15
CA PHE D 1092 -58.53 94.98 -42.29
C PHE D 1092 -58.92 96.16 -43.17
N GLU D 1093 -60.16 96.60 -43.04
CA GLU D 1093 -60.64 97.70 -43.85
C GLU D 1093 -60.22 99.00 -43.19
N ALA D 1094 -59.46 99.79 -43.94
CA ALA D 1094 -58.98 101.12 -43.58
C ALA D 1094 -60.03 102.10 -44.09
N VAL D 1095 -60.99 102.39 -43.22
CA VAL D 1095 -62.08 103.31 -43.54
C VAL D 1095 -61.53 104.70 -43.77
N THR D 1096 -60.61 105.15 -42.92
CA THR D 1096 -59.95 106.44 -43.07
C THR D 1096 -58.55 106.25 -43.64
N THR D 1097 -57.84 107.37 -43.82
CA THR D 1097 -56.50 107.37 -44.39
C THR D 1097 -55.47 107.73 -43.31
N GLY D 1098 -55.87 107.71 -42.04
CA GLY D 1098 -54.98 108.07 -40.96
C GLY D 1098 -53.93 107.04 -40.60
N GLU D 1099 -53.56 106.98 -39.34
CA GLU D 1099 -52.51 106.08 -38.89
C GLU D 1099 -53.11 104.75 -38.45
N MET D 1100 -52.81 103.69 -39.20
CA MET D 1100 -53.24 102.34 -38.85
C MET D 1100 -52.11 101.38 -39.18
N ARG D 1101 -51.94 100.36 -38.34
CA ARG D 1101 -50.91 99.36 -38.57
C ARG D 1101 -51.54 97.98 -38.53
N VAL D 1102 -51.25 97.14 -39.51
CA VAL D 1102 -51.87 95.81 -39.56
C VAL D 1102 -50.82 94.79 -40.00
N GLY D 1103 -50.91 93.60 -39.43
CA GLY D 1103 -50.00 92.53 -39.79
C GLY D 1103 -50.07 91.32 -38.88
N TRP D 1104 -48.90 90.82 -38.46
CA TRP D 1104 -48.88 89.67 -37.57
C TRP D 1104 -47.85 89.92 -36.49
N ALA D 1105 -48.06 89.30 -35.33
CA ALA D 1105 -47.14 89.47 -34.22
C ALA D 1105 -47.22 88.28 -33.29
N ARG D 1106 -46.16 88.10 -32.51
CA ARG D 1106 -46.11 87.02 -31.55
C ARG D 1106 -47.07 87.32 -30.40
N PRO D 1107 -47.55 86.29 -29.69
CA PRO D 1107 -48.53 86.52 -28.60
C PRO D 1107 -48.00 87.35 -27.43
N GLU D 1108 -46.69 87.53 -27.30
CA GLU D 1108 -46.11 88.29 -26.20
C GLU D 1108 -45.90 89.75 -26.54
N LEU D 1109 -46.74 90.32 -27.41
CA LEU D 1109 -46.65 91.74 -27.76
C LEU D 1109 -46.88 92.59 -26.53
N ARG D 1110 -45.92 93.44 -26.21
CA ARG D 1110 -46.04 94.31 -25.05
C ARG D 1110 -47.06 95.40 -25.35
N PRO D 1111 -48.03 95.64 -24.47
CA PRO D 1111 -49.09 96.61 -24.77
C PRO D 1111 -48.64 98.06 -24.83
N ASP D 1112 -47.46 98.40 -24.32
CA ASP D 1112 -47.01 99.79 -24.28
C ASP D 1112 -45.74 100.01 -25.12
N VAL D 1113 -45.57 99.19 -26.16
CA VAL D 1113 -44.44 99.30 -27.08
C VAL D 1113 -45.01 99.37 -28.48
N GLU D 1114 -44.50 100.29 -29.30
CA GLU D 1114 -44.97 100.44 -30.67
C GLU D 1114 -44.71 99.19 -31.50
N LEU D 1115 -45.64 98.88 -32.38
CA LEU D 1115 -45.57 97.70 -33.24
C LEU D 1115 -44.44 97.86 -34.25
N GLY D 1116 -43.60 96.83 -34.33
CA GLY D 1116 -42.45 96.84 -35.20
C GLY D 1116 -41.22 97.49 -34.60
N ALA D 1117 -41.35 98.22 -33.50
CA ALA D 1117 -40.18 98.78 -32.82
C ALA D 1117 -39.30 97.69 -32.23
N ASP D 1118 -39.88 96.52 -31.93
CA ASP D 1118 -39.16 95.38 -31.40
C ASP D 1118 -39.37 94.18 -32.33
N GLU D 1119 -38.70 93.08 -31.99
CA GLU D 1119 -38.78 91.85 -32.76
C GLU D 1119 -40.12 91.14 -32.63
N LEU D 1120 -40.98 91.57 -31.71
CA LEU D 1120 -42.23 90.87 -31.43
C LEU D 1120 -43.37 91.30 -32.34
N ALA D 1121 -43.07 91.86 -33.51
CA ALA D 1121 -44.11 92.29 -34.44
C ALA D 1121 -43.55 92.34 -35.85
N TYR D 1122 -44.40 91.99 -36.81
CA TYR D 1122 -44.14 92.09 -38.24
C TYR D 1122 -45.35 92.85 -38.79
N VAL D 1123 -45.29 94.19 -38.82
CA VAL D 1123 -46.50 94.94 -39.06
C VAL D 1123 -46.23 95.91 -40.22
N PHE D 1124 -47.30 96.34 -40.89
CA PHE D 1124 -47.21 97.24 -42.02
C PHE D 1124 -48.05 98.47 -41.71
N ASN D 1125 -47.51 99.64 -42.06
CA ASN D 1125 -48.13 100.94 -41.88
C ASN D 1125 -48.31 101.56 -43.26
N GLY D 1126 -49.55 101.66 -43.72
CA GLY D 1126 -49.82 102.21 -45.02
C GLY D 1126 -50.30 103.63 -44.95
N HIS D 1127 -49.84 104.36 -43.94
CA HIS D 1127 -50.03 105.79 -43.95
C HIS D 1127 -48.89 106.49 -44.67
N ARG D 1128 -47.71 105.86 -44.71
CA ARG D 1128 -46.59 106.41 -45.47
C ARG D 1128 -45.85 105.35 -46.27
N GLY D 1129 -46.46 104.19 -46.54
CA GLY D 1129 -45.79 103.10 -47.22
C GLY D 1129 -44.56 102.60 -46.48
N GLN D 1130 -44.77 102.04 -45.29
CA GLN D 1130 -43.70 101.69 -44.39
C GLN D 1130 -43.97 100.32 -43.78
N ARG D 1131 -42.93 99.50 -43.61
CA ARG D 1131 -43.10 98.23 -42.91
C ARG D 1131 -42.21 98.23 -41.67
N TRP D 1132 -42.80 97.87 -40.54
CA TRP D 1132 -42.14 97.99 -39.25
C TRP D 1132 -41.79 96.61 -38.72
N HIS D 1133 -40.49 96.38 -38.55
CA HIS D 1133 -39.94 95.27 -37.79
C HIS D 1133 -38.52 95.63 -37.40
N LEU D 1134 -38.32 95.96 -36.12
CA LEU D 1134 -37.01 96.34 -35.56
C LEU D 1134 -36.37 97.51 -36.31
N GLY D 1135 -37.18 98.47 -36.70
CA GLY D 1135 -36.71 99.63 -37.42
C GLY D 1135 -37.65 100.00 -38.53
N SER D 1136 -37.12 100.74 -39.51
CA SER D 1136 -37.93 101.28 -40.59
C SER D 1136 -37.28 100.98 -41.94
N GLU D 1137 -38.12 100.62 -42.92
CA GLU D 1137 -37.65 100.39 -44.29
C GLU D 1137 -38.81 100.56 -45.26
N PRO D 1138 -38.62 101.27 -46.38
CA PRO D 1138 -39.74 101.56 -47.29
C PRO D 1138 -40.34 100.31 -47.91
N PHE D 1139 -41.66 100.35 -48.14
CA PHE D 1139 -42.39 99.23 -48.73
C PHE D 1139 -43.76 99.66 -49.22
N GLY D 1140 -44.07 99.37 -50.49
CA GLY D 1140 -45.40 99.57 -50.99
C GLY D 1140 -45.81 101.04 -51.11
N ARG D 1141 -47.12 101.24 -51.09
CA ARG D 1141 -47.70 102.57 -51.22
C ARG D 1141 -48.73 102.79 -50.12
N PRO D 1142 -48.94 104.03 -49.70
CA PRO D 1142 -50.01 104.30 -48.75
C PRO D 1142 -51.38 104.10 -49.37
N TRP D 1143 -52.36 103.75 -48.53
CA TRP D 1143 -53.73 103.58 -48.99
C TRP D 1143 -54.46 104.91 -49.07
N GLN D 1144 -55.77 104.83 -49.35
CA GLN D 1144 -56.70 105.93 -49.19
C GLN D 1144 -57.89 105.42 -48.38
N SER D 1145 -58.87 106.31 -48.17
CA SER D 1145 -60.05 105.98 -47.39
C SER D 1145 -60.88 104.87 -48.04
N GLY D 1146 -61.34 103.92 -47.22
CA GLY D 1146 -62.15 102.83 -47.71
C GLY D 1146 -61.39 101.64 -48.23
N ASP D 1147 -60.07 101.69 -48.23
CA ASP D 1147 -59.26 100.60 -48.76
C ASP D 1147 -59.25 99.39 -47.83
N VAL D 1148 -59.10 98.21 -48.41
CA VAL D 1148 -59.10 96.96 -47.66
C VAL D 1148 -57.72 96.32 -47.81
N VAL D 1149 -57.06 96.02 -46.69
CA VAL D 1149 -55.72 95.44 -46.70
C VAL D 1149 -55.85 93.98 -46.30
N GLY D 1150 -55.49 93.08 -47.22
CA GLY D 1150 -55.51 91.66 -46.92
C GLY D 1150 -54.16 91.05 -46.64
N CYS D 1151 -53.94 90.63 -45.40
CA CYS D 1151 -52.65 90.13 -44.96
C CYS D 1151 -52.58 88.63 -45.24
N MET D 1152 -51.56 88.23 -46.01
CA MET D 1152 -51.21 86.87 -46.38
C MET D 1152 -50.13 86.40 -45.41
N ILE D 1153 -50.09 85.10 -45.13
CA ILE D 1153 -49.00 84.55 -44.31
C ILE D 1153 -48.92 83.05 -44.56
N ASP D 1154 -47.69 82.56 -44.64
CA ASP D 1154 -47.40 81.15 -44.91
C ASP D 1154 -46.27 80.75 -43.99
N LEU D 1155 -46.62 80.16 -42.85
CA LEU D 1155 -45.62 79.69 -41.90
C LEU D 1155 -44.79 78.54 -42.48
N THR D 1156 -45.40 77.68 -43.29
CA THR D 1156 -44.68 76.58 -43.91
C THR D 1156 -43.60 77.09 -44.87
N GLU D 1157 -43.93 78.11 -45.65
CA GLU D 1157 -42.99 78.73 -46.58
C GLU D 1157 -42.21 79.89 -45.98
N ASN D 1158 -42.48 80.23 -44.72
CA ASN D 1158 -41.79 81.29 -43.96
C ASN D 1158 -41.90 82.64 -44.68
N THR D 1159 -43.11 82.98 -45.12
CA THR D 1159 -43.34 84.21 -45.86
C THR D 1159 -44.51 84.99 -45.27
N ILE D 1160 -44.41 86.31 -45.38
CA ILE D 1160 -45.45 87.25 -44.97
C ILE D 1160 -45.65 88.21 -46.13
N ILE D 1161 -46.90 88.36 -46.59
CA ILE D 1161 -47.18 89.20 -47.75
C ILE D 1161 -48.37 90.08 -47.40
N PHE D 1162 -48.43 91.28 -47.98
CA PHE D 1162 -49.56 92.16 -47.80
C PHE D 1162 -50.16 92.50 -49.17
N THR D 1163 -51.48 92.51 -49.24
CA THR D 1163 -52.22 92.86 -50.45
C THR D 1163 -53.13 94.04 -50.16
N LEU D 1164 -53.35 94.88 -51.16
CA LEU D 1164 -54.17 96.06 -51.01
C LEU D 1164 -55.13 96.13 -52.18
N ASN D 1165 -56.44 96.03 -51.87
CA ASN D 1165 -57.55 96.12 -52.83
C ASN D 1165 -57.37 95.11 -53.96
N GLY D 1166 -56.97 93.89 -53.59
CA GLY D 1166 -56.74 92.84 -54.56
C GLY D 1166 -55.44 92.97 -55.33
N GLU D 1167 -54.59 93.92 -54.97
CA GLU D 1167 -53.31 94.13 -55.64
C GLU D 1167 -52.20 93.83 -54.65
N VAL D 1168 -51.22 93.04 -55.08
CA VAL D 1168 -50.11 92.65 -54.22
C VAL D 1168 -49.15 93.81 -54.07
N LEU D 1169 -48.88 94.19 -52.81
CA LEU D 1169 -47.93 95.25 -52.52
C LEU D 1169 -46.51 94.85 -52.91
N MET D 1170 -45.76 95.82 -53.42
CA MET D 1170 -44.42 95.58 -53.94
C MET D 1170 -43.39 96.29 -53.09
N SER D 1171 -42.29 95.59 -52.81
CA SER D 1171 -41.16 96.20 -52.10
C SER D 1171 -40.32 97.01 -53.08
N ASP D 1172 -39.25 97.63 -52.56
CA ASP D 1172 -38.36 98.44 -53.39
C ASP D 1172 -37.30 97.59 -54.09
N SER D 1173 -37.73 96.50 -54.71
CA SER D 1173 -36.90 95.55 -55.44
C SER D 1173 -37.86 94.59 -56.15
N GLY D 1174 -37.31 93.55 -56.78
CA GLY D 1174 -38.14 92.51 -57.36
C GLY D 1174 -38.89 91.66 -56.36
N SER D 1175 -38.53 91.74 -55.08
CA SER D 1175 -39.22 90.98 -54.04
C SER D 1175 -40.66 91.46 -53.89
N GLU D 1176 -41.59 90.50 -53.80
CA GLU D 1176 -43.00 90.78 -53.63
C GLU D 1176 -43.52 90.35 -52.25
N THR D 1177 -42.64 89.93 -51.35
CA THR D 1177 -43.02 89.49 -50.03
C THR D 1177 -42.49 90.47 -48.99
N ALA D 1178 -43.33 90.78 -48.01
CA ALA D 1178 -42.94 91.72 -46.96
C ALA D 1178 -41.78 91.18 -46.14
N PHE D 1179 -41.85 89.91 -45.75
CA PHE D 1179 -40.79 89.32 -44.95
C PHE D 1179 -40.57 87.89 -45.39
N ARG D 1180 -39.35 87.40 -45.16
CA ARG D 1180 -38.96 86.05 -45.53
C ARG D 1180 -38.03 85.51 -44.48
N GLU D 1181 -37.92 84.17 -44.46
CA GLU D 1181 -37.09 83.41 -43.52
C GLU D 1181 -37.45 83.74 -42.07
N ILE D 1182 -38.70 83.46 -41.73
CA ILE D 1182 -39.23 83.71 -40.40
C ILE D 1182 -39.30 82.39 -39.63
N GLU D 1183 -38.78 82.40 -38.42
CA GLU D 1183 -38.85 81.22 -37.58
C GLU D 1183 -40.26 81.06 -37.05
N ILE D 1184 -40.69 79.79 -36.91
CA ILE D 1184 -42.04 79.50 -36.43
C ILE D 1184 -42.22 80.01 -35.01
N GLY D 1185 -41.29 79.67 -34.13
CA GLY D 1185 -41.27 80.15 -32.75
C GLY D 1185 -42.50 79.73 -31.99
N ASP D 1186 -42.92 80.59 -31.06
CA ASP D 1186 -44.11 80.32 -30.28
C ASP D 1186 -45.40 80.66 -31.01
N GLY D 1187 -45.30 81.33 -32.16
CA GLY D 1187 -46.44 81.54 -33.03
C GLY D 1187 -46.60 82.99 -33.41
N PHE D 1188 -47.64 83.22 -34.22
CA PHE D 1188 -47.98 84.57 -34.63
C PHE D 1188 -49.49 84.76 -34.52
N LEU D 1189 -49.90 86.03 -34.46
CA LEU D 1189 -51.26 86.37 -34.19
C LEU D 1189 -51.64 87.59 -35.03
N PRO D 1190 -52.83 87.62 -35.62
CA PRO D 1190 -53.23 88.77 -36.45
C PRO D 1190 -53.46 90.00 -35.59
N VAL D 1191 -52.70 91.06 -35.86
CA VAL D 1191 -52.75 92.24 -35.02
C VAL D 1191 -53.00 93.49 -35.86
N CYS D 1192 -53.86 94.38 -35.36
CA CYS D 1192 -54.06 95.67 -36.00
C CYS D 1192 -54.17 96.75 -34.93
N SER D 1193 -53.74 97.95 -35.28
CA SER D 1193 -53.75 99.07 -34.36
C SER D 1193 -54.31 100.29 -35.07
N LEU D 1194 -54.80 101.22 -34.27
CA LEU D 1194 -55.41 102.46 -34.75
C LEU D 1194 -54.91 103.65 -33.96
N GLY D 1195 -54.59 104.73 -34.67
CA GLY D 1195 -54.14 105.97 -34.12
C GLY D 1195 -55.29 106.87 -33.67
N PRO D 1196 -54.98 108.12 -33.32
CA PRO D 1196 -56.03 109.05 -32.90
C PRO D 1196 -56.99 109.37 -34.04
N GLY D 1197 -58.29 109.39 -33.71
CA GLY D 1197 -59.33 109.68 -34.69
C GLY D 1197 -59.39 108.70 -35.84
N GLN D 1198 -59.33 107.40 -35.54
CA GLN D 1198 -59.32 106.37 -36.56
C GLN D 1198 -60.46 105.37 -36.32
N VAL D 1199 -61.04 104.91 -37.41
CA VAL D 1199 -62.11 103.91 -37.41
C VAL D 1199 -61.72 102.84 -38.40
N GLY D 1200 -61.67 101.58 -37.96
CA GLY D 1200 -61.26 100.53 -38.88
C GLY D 1200 -61.92 99.20 -38.64
N HIS D 1201 -62.36 98.54 -39.71
CA HIS D 1201 -63.03 97.25 -39.57
C HIS D 1201 -62.05 96.10 -39.65
N LEU D 1202 -62.12 95.18 -38.70
CA LEU D 1202 -61.31 93.98 -38.76
C LEU D 1202 -62.18 92.81 -39.16
N ASN D 1203 -61.78 92.12 -40.22
CA ASN D 1203 -62.54 91.01 -40.78
C ASN D 1203 -61.61 89.80 -40.76
N LEU D 1204 -61.75 88.97 -39.72
CA LEU D 1204 -60.98 87.74 -39.61
C LEU D 1204 -61.52 86.65 -40.53
N GLY D 1205 -62.70 86.86 -41.11
CA GLY D 1205 -63.25 85.95 -42.09
C GLY D 1205 -64.01 84.80 -41.46
N GLN D 1206 -64.82 85.11 -40.44
CA GLN D 1206 -65.72 84.08 -39.92
C GLN D 1206 -66.74 83.68 -40.99
N ASP D 1207 -67.28 84.66 -41.70
CA ASP D 1207 -68.05 84.42 -42.91
C ASP D 1207 -67.15 84.77 -44.09
N VAL D 1208 -66.88 83.79 -44.95
CA VAL D 1208 -65.94 83.99 -46.06
C VAL D 1208 -66.50 85.00 -47.05
N SER D 1209 -67.83 85.07 -47.18
CA SER D 1209 -68.47 86.01 -48.09
C SER D 1209 -68.27 87.44 -47.63
N SER D 1210 -67.96 87.65 -46.35
CA SER D 1210 -67.69 88.98 -45.84
C SER D 1210 -66.42 89.54 -46.46
N LEU D 1211 -65.44 88.68 -46.73
CA LEU D 1211 -64.22 89.13 -47.39
C LEU D 1211 -64.51 89.56 -48.82
N ARG D 1212 -63.90 90.67 -49.24
CA ARG D 1212 -64.13 91.23 -50.56
C ARG D 1212 -63.09 90.81 -51.59
N PHE D 1213 -61.82 90.72 -51.19
CA PHE D 1213 -60.73 90.45 -52.12
C PHE D 1213 -60.10 89.09 -51.92
N PHE D 1214 -60.73 88.23 -51.11
CA PHE D 1214 -60.21 86.89 -50.89
C PHE D 1214 -60.24 86.05 -52.15
N ALA D 1215 -61.33 86.15 -52.92
CA ALA D 1215 -61.40 85.45 -54.20
C ALA D 1215 -60.36 85.97 -55.17
N ILE D 1216 -60.12 87.28 -55.16
CA ILE D 1216 -59.11 87.88 -56.02
C ILE D 1216 -57.72 87.40 -55.66
N CYS D 1217 -57.41 87.35 -54.37
CA CYS D 1217 -56.09 86.91 -53.93
C CYS D 1217 -56.22 86.04 -52.70
N GLY D 1218 -55.61 84.86 -52.73
CA GLY D 1218 -55.62 83.98 -51.59
C GLY D 1218 -56.45 82.72 -51.75
N LEU D 1219 -57.63 82.85 -52.39
CA LEU D 1219 -58.51 81.69 -52.55
C LEU D 1219 -57.88 80.64 -53.46
N GLN D 1220 -57.30 81.06 -54.57
CA GLN D 1220 -56.69 80.12 -55.49
C GLN D 1220 -55.30 79.69 -55.04
N GLU D 1221 -54.74 80.33 -54.02
CA GLU D 1221 -53.43 79.99 -53.50
C GLU D 1221 -53.50 79.00 -52.34
N GLY D 1222 -54.69 78.52 -52.00
CA GLY D 1222 -54.84 77.61 -50.88
C GLY D 1222 -54.93 78.28 -49.53
N PHE D 1223 -54.90 79.60 -49.46
CA PHE D 1223 -54.97 80.30 -48.19
C PHE D 1223 -56.38 80.21 -47.61
N GLU D 1224 -56.44 80.36 -46.29
CA GLU D 1224 -57.70 80.26 -45.58
C GLU D 1224 -57.89 81.45 -44.66
N PRO D 1225 -59.14 81.85 -44.41
CA PRO D 1225 -59.38 82.90 -43.40
C PRO D 1225 -58.97 82.42 -42.02
N PHE D 1226 -58.56 83.38 -41.18
CA PHE D 1226 -58.05 83.06 -39.85
C PHE D 1226 -59.09 82.38 -38.98
N ALA D 1227 -60.35 82.78 -39.08
CA ALA D 1227 -61.41 82.21 -38.27
C ALA D 1227 -62.50 81.61 -39.13
N ILE D 1228 -62.11 80.87 -40.18
CA ILE D 1228 -63.05 80.42 -41.19
C ILE D 1228 -64.08 79.43 -40.62
N ASN D 1229 -63.65 78.49 -39.78
CA ASN D 1229 -64.56 77.51 -39.21
C ASN D 1229 -64.51 77.72 -37.71
N MET D 1230 -65.24 78.71 -37.23
CA MET D 1230 -65.34 79.04 -35.81
C MET D 1230 -66.74 79.59 -35.59
N GLN D 1231 -67.52 78.88 -34.76
CA GLN D 1231 -68.90 79.27 -34.51
CA GLN D 1231 -68.90 79.28 -34.52
C GLN D 1231 -68.99 80.65 -33.85
N ARG D 1232 -68.16 80.89 -32.88
CA ARG D 1232 -68.24 82.19 -32.26
C ARG D 1232 -67.15 83.10 -32.76
N PRO D 1233 -67.41 84.41 -32.86
CA PRO D 1233 -66.38 85.35 -33.28
C PRO D 1233 -65.19 85.33 -32.33
N VAL D 1234 -63.99 85.46 -32.90
CA VAL D 1234 -62.77 85.40 -32.11
C VAL D 1234 -62.69 86.57 -31.15
N THR D 1235 -62.44 86.28 -29.88
CA THR D 1235 -62.31 87.32 -28.89
C THR D 1235 -61.04 88.11 -29.10
N THR D 1236 -61.18 89.42 -29.17
CA THR D 1236 -60.09 90.36 -29.33
C THR D 1236 -59.75 90.99 -28.00
N TRP D 1237 -58.50 91.40 -27.89
CA TRP D 1237 -57.93 92.06 -26.73
C TRP D 1237 -57.35 93.39 -27.17
N PHE D 1238 -57.56 94.42 -26.35
CA PHE D 1238 -57.04 95.73 -26.67
C PHE D 1238 -56.13 96.19 -25.55
N SER D 1239 -55.10 96.94 -25.94
CA SER D 1239 -54.22 97.48 -24.92
C SER D 1239 -54.94 98.59 -24.17
N LYS D 1240 -55.37 98.29 -22.94
CA LYS D 1240 -56.11 99.24 -22.13
C LYS D 1240 -55.17 100.34 -21.64
N SER D 1241 -55.60 101.58 -21.85
CA SER D 1241 -54.88 102.77 -21.44
C SER D 1241 -55.30 103.22 -20.05
N LEU D 1242 -55.26 102.31 -19.09
CA LEU D 1242 -55.62 102.60 -17.71
C LEU D 1242 -54.53 102.04 -16.81
N PRO D 1243 -53.75 102.90 -16.15
CA PRO D 1243 -52.65 102.42 -15.31
C PRO D 1243 -53.14 101.55 -14.15
N GLN D 1244 -52.40 100.48 -13.88
CA GLN D 1244 -52.72 99.55 -12.80
C GLN D 1244 -51.44 99.11 -12.12
N PHE D 1245 -51.38 99.21 -10.79
CA PHE D 1245 -50.18 98.82 -10.05
C PHE D 1245 -49.98 97.32 -10.16
N GLU D 1246 -48.82 96.91 -10.65
CA GLU D 1246 -48.44 95.51 -10.76
C GLU D 1246 -46.98 95.38 -10.36
N PRO D 1247 -46.56 94.22 -9.84
CA PRO D 1247 -45.18 94.07 -9.33
C PRO D 1247 -44.13 94.23 -10.41
N VAL D 1248 -42.96 94.68 -9.99
CA VAL D 1248 -41.82 94.88 -10.90
C VAL D 1248 -41.31 93.54 -11.38
N PRO D 1249 -41.01 93.39 -12.67
CA PRO D 1249 -40.31 92.19 -13.14
C PRO D 1249 -38.93 92.09 -12.51
N PRO D 1250 -38.49 90.87 -12.17
CA PRO D 1250 -37.15 90.73 -11.56
C PRO D 1250 -36.01 91.10 -12.48
N GLU D 1251 -36.22 91.09 -13.80
CA GLU D 1251 -35.16 91.37 -14.77
C GLU D 1251 -35.37 92.76 -15.36
N HIS D 1252 -35.74 93.71 -14.53
CA HIS D 1252 -35.90 95.07 -15.03
C HIS D 1252 -34.53 95.68 -15.28
N PRO D 1253 -34.23 96.13 -16.51
CA PRO D 1253 -32.88 96.66 -16.81
C PRO D 1253 -32.51 97.91 -16.01
N HIS D 1254 -33.47 98.76 -15.67
CA HIS D 1254 -33.17 100.04 -15.05
C HIS D 1254 -33.44 100.07 -13.55
N TYR D 1255 -34.55 99.50 -13.11
CA TYR D 1255 -34.99 99.60 -11.74
C TYR D 1255 -34.81 98.28 -11.00
N GLU D 1256 -34.57 98.37 -9.69
CA GLU D 1256 -34.37 97.19 -8.88
C GLU D 1256 -34.81 97.48 -7.46
N VAL D 1257 -35.39 96.48 -6.80
CA VAL D 1257 -35.84 96.58 -5.42
C VAL D 1257 -35.03 95.59 -4.59
N ALA D 1258 -34.43 96.08 -3.50
CA ALA D 1258 -33.58 95.26 -2.65
C ALA D 1258 -34.32 94.92 -1.37
N ARG D 1259 -34.40 93.62 -1.06
CA ARG D 1259 -34.99 93.12 0.17
C ARG D 1259 -33.91 92.45 0.99
N MET D 1260 -33.59 93.03 2.14
CA MET D 1260 -32.58 92.48 3.03
C MET D 1260 -33.23 92.04 4.33
N ASP D 1261 -32.67 90.99 4.93
CA ASP D 1261 -33.19 90.47 6.17
C ASP D 1261 -32.94 91.46 7.30
N GLY D 1262 -33.93 91.61 8.18
CA GLY D 1262 -33.87 92.54 9.29
C GLY D 1262 -32.76 92.22 10.28
N THR D 1263 -31.96 93.22 10.61
CA THR D 1263 -30.88 93.04 11.59
C THR D 1263 -31.38 93.34 12.99
N VAL D 1264 -30.51 93.08 13.97
CA VAL D 1264 -30.85 93.33 15.37
C VAL D 1264 -31.00 94.82 15.65
N ASP D 1265 -30.34 95.68 14.85
CA ASP D 1265 -30.39 97.12 15.03
C ASP D 1265 -31.22 97.85 13.99
N THR D 1266 -31.47 97.24 12.82
CA THR D 1266 -32.24 97.89 11.78
C THR D 1266 -33.38 96.98 11.34
N PRO D 1267 -34.56 97.54 11.09
CA PRO D 1267 -35.70 96.75 10.65
C PRO D 1267 -35.55 96.33 9.19
N PRO D 1268 -36.30 95.34 8.72
CA PRO D 1268 -36.29 95.02 7.28
C PRO D 1268 -36.80 96.16 6.42
N CYS D 1269 -36.15 96.31 5.26
CA CYS D 1269 -36.40 97.43 4.38
C CYS D 1269 -36.47 96.95 2.94
N LEU D 1270 -37.14 97.76 2.13
CA LEU D 1270 -37.33 97.56 0.70
C LEU D 1270 -36.63 98.73 0.02
N ARG D 1271 -35.34 98.57 -0.27
CA ARG D 1271 -34.56 99.66 -0.86
C ARG D 1271 -34.66 99.59 -2.38
N LEU D 1272 -34.96 100.72 -2.99
CA LEU D 1272 -35.05 100.82 -4.44
C LEU D 1272 -33.74 101.36 -5.00
N ALA D 1273 -33.17 100.66 -5.97
CA ALA D 1273 -31.90 101.05 -6.55
C ALA D 1273 -32.03 101.11 -8.06
N HIS D 1274 -31.54 102.20 -8.66
CA HIS D 1274 -31.55 102.37 -10.10
C HIS D 1274 -30.32 101.68 -10.66
N ARG D 1275 -30.54 100.66 -11.51
CA ARG D 1275 -29.43 99.85 -12.01
C ARG D 1275 -28.48 100.65 -12.90
N THR D 1276 -29.04 101.34 -13.90
CA THR D 1276 -28.24 101.98 -14.93
C THR D 1276 -28.06 103.47 -14.73
N TRP D 1277 -28.39 103.99 -13.54
CA TRP D 1277 -28.16 105.40 -13.24
C TRP D 1277 -26.69 105.74 -13.29
N GLY D 1278 -26.36 106.82 -13.99
CA GLY D 1278 -24.98 107.21 -14.20
C GLY D 1278 -24.32 106.59 -15.41
N SER D 1279 -25.00 105.69 -16.10
CA SER D 1279 -24.48 105.04 -17.29
C SER D 1279 -25.11 105.68 -18.52
N GLN D 1280 -24.74 105.16 -19.69
CA GLN D 1280 -25.30 105.65 -20.94
C GLN D 1280 -26.76 105.23 -21.05
N ASN D 1281 -27.51 106.00 -21.85
CA ASN D 1281 -28.92 105.83 -22.28
C ASN D 1281 -29.86 105.25 -21.22
N SER D 1282 -29.70 105.72 -19.99
CA SER D 1282 -30.52 105.24 -18.89
C SER D 1282 -31.93 105.79 -18.96
N LEU D 1283 -32.89 105.02 -18.43
CA LEU D 1283 -34.28 105.42 -18.40
C LEU D 1283 -34.51 106.28 -17.17
N VAL D 1284 -34.80 107.56 -17.39
CA VAL D 1284 -35.10 108.50 -16.32
C VAL D 1284 -36.50 109.05 -16.58
N GLU D 1285 -37.37 108.93 -15.58
CA GLU D 1285 -38.77 109.32 -15.63
C GLU D 1285 -39.33 109.25 -14.22
N MET D 1286 -40.45 109.95 -14.01
CA MET D 1286 -41.15 109.96 -12.74
C MET D 1286 -41.60 108.54 -12.40
N LEU D 1287 -41.33 108.11 -11.17
CA LEU D 1287 -41.57 106.73 -10.79
C LEU D 1287 -42.61 106.69 -9.68
N PHE D 1288 -43.62 105.85 -9.85
CA PHE D 1288 -44.67 105.67 -8.87
C PHE D 1288 -44.47 104.32 -8.19
N LEU D 1289 -44.44 104.33 -6.86
CA LEU D 1289 -44.23 103.09 -6.12
C LEU D 1289 -45.30 102.97 -5.05
N ARG D 1290 -45.67 101.72 -4.77
CA ARG D 1290 -46.61 101.43 -3.70
C ARG D 1290 -46.32 100.03 -3.16
N LEU D 1291 -46.75 99.80 -1.93
CA LEU D 1291 -46.69 98.46 -1.37
C LEU D 1291 -47.86 97.63 -1.87
N SER D 1292 -47.68 96.32 -1.93
CA SER D 1292 -48.70 95.47 -2.52
C SER D 1292 -49.93 95.26 -1.65
N LEU D 1293 -49.90 95.67 -0.37
CA LEU D 1293 -51.04 95.40 0.50
C LEU D 1293 -51.57 96.67 1.15
N PRO D 1294 -52.90 96.76 1.34
CA PRO D 1294 -53.48 97.93 2.01
C PRO D 1294 -53.73 97.72 3.50
N VAL D 1295 -54.18 98.80 4.15
CA VAL D 1295 -54.65 98.77 5.53
C VAL D 1295 -56.05 99.36 5.58
N GLN D 1296 -56.92 98.75 6.37
CA GLN D 1296 -58.31 99.14 6.50
C GLN D 1296 -58.56 99.71 7.90
N PHE D 1297 -59.21 100.87 7.95
CA PHE D 1297 -59.56 101.46 9.24
C PHE D 1297 -60.66 100.67 9.92
N HIS D 1298 -60.83 100.93 11.22
CA HIS D 1298 -61.90 100.33 11.98
C HIS D 1298 -63.25 100.84 11.47
N GLN D 1299 -64.26 99.97 11.52
CA GLN D 1299 -65.57 100.30 10.95
C GLN D 1299 -66.26 101.43 11.73
N HIS D 1300 -66.14 101.44 13.04
CA HIS D 1300 -66.71 102.52 13.84
C HIS D 1300 -65.60 103.28 14.54
N PHE D 1301 -65.66 104.59 14.48
CA PHE D 1301 -64.66 105.43 15.12
C PHE D 1301 -64.97 105.60 16.60
N ARG D 1302 -63.90 105.62 17.42
CA ARG D 1302 -64.04 105.78 18.86
C ARG D 1302 -64.68 107.13 19.19
N CYS D 1303 -65.55 107.12 20.20
CA CYS D 1303 -66.29 108.32 20.58
C CYS D 1303 -65.37 109.40 21.11
N THR D 1304 -65.82 110.65 20.96
CA THR D 1304 -65.12 111.89 21.37
C THR D 1304 -63.74 112.01 20.73
N ASP D 1419 -33.99 101.66 29.01
CA ASP D 1419 -34.78 102.77 28.48
C ASP D 1419 -35.32 102.44 27.09
N ASN D 1420 -36.38 103.16 26.70
CA ASN D 1420 -37.09 103.01 25.42
C ASN D 1420 -37.69 101.61 25.30
N ARG D 1421 -38.50 101.25 26.30
CA ARG D 1421 -39.22 99.99 26.33
C ARG D 1421 -40.71 100.28 26.23
N ASP D 1422 -41.40 99.56 25.36
CA ASP D 1422 -42.81 99.83 25.13
C ASP D 1422 -43.66 99.44 26.34
N ASP D 1423 -44.81 100.10 26.45
CA ASP D 1423 -45.80 99.73 27.44
C ASP D 1423 -46.54 98.50 26.91
N PRO D 1424 -46.54 97.37 27.64
CA PRO D 1424 -47.20 96.14 27.13
C PRO D 1424 -48.67 96.29 26.81
N GLU D 1425 -49.41 97.12 27.54
CA GLU D 1425 -50.83 97.26 27.26
C GLU D 1425 -51.11 98.35 26.23
N ILE D 1426 -50.32 99.42 26.20
CA ILE D 1426 -50.47 100.44 25.16
C ILE D 1426 -50.12 99.85 23.79
N ILE D 1427 -49.02 99.09 23.70
CA ILE D 1427 -48.64 98.44 22.44
C ILE D 1427 -49.70 97.45 21.95
N LEU D 1428 -50.53 96.91 22.84
CA LEU D 1428 -51.62 96.03 22.46
C LEU D 1428 -52.93 96.76 22.20
N ASN D 1429 -53.12 97.96 22.76
CA ASN D 1429 -54.35 98.71 22.58
C ASN D 1429 -54.20 99.89 21.63
N THR D 1430 -53.02 100.11 21.07
CA THR D 1430 -52.81 101.21 20.14
C THR D 1430 -53.50 100.92 18.82
N THR D 1431 -53.82 102.01 18.10
CA THR D 1431 -54.45 101.91 16.79
C THR D 1431 -53.71 102.76 15.76
N THR D 1432 -52.46 103.14 16.04
CA THR D 1432 -51.68 103.92 15.10
C THR D 1432 -50.45 103.13 14.70
N TYR D 1433 -50.18 103.09 13.41
CA TYR D 1433 -49.10 102.30 12.82
C TYR D 1433 -48.18 103.19 12.01
N TYR D 1434 -46.88 102.88 12.08
CA TYR D 1434 -45.80 103.71 11.57
C TYR D 1434 -44.95 102.95 10.57
N TYR D 1435 -44.56 103.64 9.50
CA TYR D 1435 -43.48 103.18 8.63
C TYR D 1435 -42.66 104.40 8.29
N SER D 1436 -41.60 104.20 7.52
CA SER D 1436 -40.76 105.33 7.15
C SER D 1436 -40.06 105.01 5.84
N VAL D 1437 -39.51 106.04 5.22
CA VAL D 1437 -38.67 105.87 4.04
C VAL D 1437 -37.40 106.68 4.24
N ARG D 1438 -36.26 106.06 3.93
CA ARG D 1438 -34.96 106.68 4.13
C ARG D 1438 -34.46 107.17 2.77
N VAL D 1439 -34.67 108.45 2.50
CA VAL D 1439 -34.18 109.13 1.31
C VAL D 1439 -32.66 109.26 1.45
N PHE D 1440 -31.92 108.47 0.67
CA PHE D 1440 -30.48 108.40 0.79
C PHE D 1440 -29.82 109.69 0.31
N ALA D 1441 -28.57 109.87 0.76
CA ALA D 1441 -27.75 110.99 0.29
C ALA D 1441 -27.53 110.87 -1.21
N GLY D 1442 -27.66 111.99 -1.91
CA GLY D 1442 -27.61 112.02 -3.36
C GLY D 1442 -28.97 112.03 -4.02
N GLN D 1443 -30.03 111.74 -3.26
CA GLN D 1443 -31.40 111.83 -3.76
C GLN D 1443 -32.02 113.11 -3.23
N GLU D 1444 -32.52 113.94 -4.13
CA GLU D 1444 -33.07 115.24 -3.76
C GLU D 1444 -34.48 115.09 -3.21
N PRO D 1445 -34.74 115.48 -1.95
CA PRO D 1445 -36.11 115.43 -1.43
C PRO D 1445 -37.09 116.36 -2.12
N SER D 1446 -36.61 117.34 -2.88
CA SER D 1446 -37.45 118.24 -3.66
C SER D 1446 -38.18 117.52 -4.79
N CYS D 1447 -37.78 116.30 -5.13
CA CYS D 1447 -38.46 115.49 -6.12
C CYS D 1447 -38.90 114.15 -5.51
N VAL D 1448 -39.26 114.17 -4.23
CA VAL D 1448 -39.74 113.00 -3.51
C VAL D 1448 -41.08 113.34 -2.87
N TRP D 1449 -42.07 112.48 -3.10
CA TRP D 1449 -43.39 112.60 -2.50
C TRP D 1449 -43.67 111.30 -1.75
N VAL D 1450 -44.03 111.42 -0.47
CA VAL D 1450 -44.17 110.27 0.41
C VAL D 1450 -45.54 110.32 1.09
N GLY D 1451 -46.28 109.22 1.02
CA GLY D 1451 -47.60 109.19 1.63
C GLY D 1451 -48.41 107.95 1.39
N TRP D 1452 -49.69 108.13 1.04
CA TRP D 1452 -50.59 107.01 0.85
C TRP D 1452 -51.48 107.25 -0.37
N VAL D 1453 -51.97 106.16 -0.96
CA VAL D 1453 -52.93 106.20 -2.05
C VAL D 1453 -54.03 105.17 -1.80
N THR D 1454 -55.25 105.53 -2.14
CA THR D 1454 -56.35 104.57 -2.19
C THR D 1454 -56.19 103.73 -3.45
N PRO D 1455 -56.76 102.50 -3.48
CA PRO D 1455 -56.56 101.63 -4.66
C PRO D 1455 -57.13 102.16 -5.97
N ASP D 1456 -58.03 103.14 -5.94
CA ASP D 1456 -58.61 103.67 -7.17
C ASP D 1456 -57.75 104.75 -7.81
N TYR D 1457 -56.62 105.12 -7.19
CA TYR D 1457 -55.73 106.13 -7.76
C TYR D 1457 -55.10 105.57 -9.04
N HIS D 1458 -55.53 106.06 -10.19
CA HIS D 1458 -55.12 105.57 -11.50
C HIS D 1458 -54.65 106.71 -12.39
N GLN D 1459 -53.82 107.59 -11.83
CA GLN D 1459 -53.30 108.75 -12.54
C GLN D 1459 -51.78 108.63 -12.70
N HIS D 1460 -51.29 108.77 -13.93
CA HIS D 1460 -49.86 108.71 -14.24
C HIS D 1460 -49.41 110.08 -14.72
N ASP D 1461 -48.56 110.74 -13.93
CA ASP D 1461 -48.05 112.07 -14.24
C ASP D 1461 -46.53 112.06 -14.30
N MET D 1462 -45.96 112.51 -15.43
CA MET D 1462 -44.52 112.61 -15.56
C MET D 1462 -43.95 113.78 -14.78
N ASN D 1463 -44.76 114.81 -14.52
CA ASN D 1463 -44.32 115.98 -13.78
C ASN D 1463 -45.16 116.16 -12.53
N PHE D 1464 -45.35 115.05 -11.81
CA PHE D 1464 -46.28 114.99 -10.68
C PHE D 1464 -45.91 115.96 -9.58
N ASP D 1465 -46.93 116.57 -8.99
CA ASP D 1465 -46.81 117.39 -7.80
C ASP D 1465 -48.11 117.30 -7.03
N LEU D 1466 -48.11 117.82 -5.81
CA LEU D 1466 -49.28 117.73 -4.93
C LEU D 1466 -50.46 118.55 -5.41
N SER D 1467 -50.27 119.42 -6.41
CA SER D 1467 -51.37 120.20 -6.95
C SER D 1467 -52.31 119.36 -7.81
N LYS D 1468 -51.79 118.31 -8.45
CA LYS D 1468 -52.60 117.47 -9.33
C LYS D 1468 -53.28 116.32 -8.59
N VAL D 1469 -53.10 116.24 -7.27
CA VAL D 1469 -53.77 115.20 -6.49
C VAL D 1469 -55.27 115.44 -6.51
N ARG D 1470 -56.02 114.41 -6.89
CA ARG D 1470 -57.48 114.51 -6.98
C ARG D 1470 -58.07 114.70 -5.59
N ALA D 1471 -59.01 115.64 -5.47
CA ALA D 1471 -59.65 115.92 -4.19
C ALA D 1471 -61.03 116.51 -4.43
N VAL D 1472 -61.93 116.26 -3.47
CA VAL D 1472 -63.29 116.82 -3.50
C VAL D 1472 -63.83 116.73 -2.09
N THR D 1473 -64.68 117.67 -1.71
CA THR D 1473 -65.30 117.71 -0.39
C THR D 1473 -66.81 117.75 -0.56
N VAL D 1474 -67.51 116.81 0.04
CA VAL D 1474 -68.97 116.80 0.01
C VAL D 1474 -69.45 117.61 1.21
N THR D 1475 -70.22 118.67 0.93
CA THR D 1475 -70.67 119.59 1.96
C THR D 1475 -72.19 119.48 2.06
N MET D 1476 -72.67 119.34 3.28
CA MET D 1476 -74.06 119.03 3.56
C MET D 1476 -74.53 119.87 4.75
N GLY D 1477 -75.79 120.28 4.69
CA GLY D 1477 -76.41 121.05 5.77
C GLY D 1477 -77.88 120.73 5.89
N ASP D 1478 -78.61 121.54 6.65
CA ASP D 1478 -80.05 121.35 6.72
C ASP D 1478 -80.71 122.15 5.60
N GLU D 1479 -82.05 122.17 5.59
CA GLU D 1479 -82.82 122.79 4.51
C GLU D 1479 -82.57 124.29 4.37
N GLN D 1480 -82.07 124.95 5.43
CA GLN D 1480 -81.78 126.38 5.41
C GLN D 1480 -80.31 126.56 5.82
N GLY D 1481 -79.41 126.39 4.84
CA GLY D 1481 -77.97 126.53 5.07
C GLY D 1481 -77.47 125.57 6.13
N ASN D 1482 -76.75 126.14 7.11
CA ASN D 1482 -76.23 125.48 8.31
C ASN D 1482 -75.49 124.18 8.00
N VAL D 1483 -74.38 124.33 7.27
CA VAL D 1483 -73.57 123.20 6.84
C VAL D 1483 -72.97 122.47 8.04
N HIS D 1484 -73.42 121.23 8.24
CA HIS D 1484 -72.99 120.42 9.38
C HIS D 1484 -72.23 119.16 9.00
N SER D 1485 -71.96 118.92 7.71
CA SER D 1485 -71.21 117.74 7.31
C SER D 1485 -70.30 118.12 6.14
N SER D 1486 -68.99 118.08 6.36
CA SER D 1486 -68.04 118.42 5.31
C SER D 1486 -66.97 117.33 5.31
N LEU D 1487 -67.10 116.38 4.39
CA LEU D 1487 -66.19 115.25 4.32
C LEU D 1487 -65.33 115.35 3.07
N LYS D 1488 -64.02 115.19 3.23
CA LYS D 1488 -63.10 115.29 2.11
C LYS D 1488 -62.69 113.91 1.63
N CYS D 1489 -62.53 113.77 0.31
CA CYS D 1489 -62.16 112.56 -0.39
C CYS D 1489 -60.98 112.87 -1.29
N SER D 1490 -60.04 111.93 -1.35
CA SER D 1490 -58.87 112.04 -2.20
C SER D 1490 -58.34 110.65 -2.49
N ASN D 1491 -57.71 110.50 -3.64
CA ASN D 1491 -57.11 109.23 -4.00
C ASN D 1491 -55.64 109.15 -3.61
N CYS D 1492 -55.10 110.22 -3.06
CA CYS D 1492 -53.69 110.29 -2.72
C CYS D 1492 -53.54 111.14 -1.48
N TYR D 1493 -52.93 110.59 -0.43
CA TYR D 1493 -52.69 111.30 0.83
C TYR D 1493 -51.18 111.27 1.03
N MET D 1494 -50.52 112.32 0.55
CA MET D 1494 -49.08 112.30 0.34
C MET D 1494 -48.49 113.68 0.54
N VAL D 1495 -47.30 113.73 1.14
CA VAL D 1495 -46.63 114.98 1.50
C VAL D 1495 -45.34 115.09 0.71
N TRP D 1496 -45.06 116.29 0.22
CA TRP D 1496 -43.87 116.56 -0.55
C TRP D 1496 -42.66 116.62 0.38
N GLY D 1497 -41.58 115.93 0.00
CA GLY D 1497 -40.37 115.94 0.80
C GLY D 1497 -39.55 117.19 0.69
N GLY D 1498 -39.86 118.05 -0.29
CA GLY D 1498 -39.11 119.29 -0.46
C GLY D 1498 -39.40 120.33 0.60
N ASP D 1499 -40.50 120.17 1.34
CA ASP D 1499 -40.82 121.06 2.44
C ASP D 1499 -40.21 120.60 3.76
N PHE D 1500 -39.43 119.51 3.75
CA PHE D 1500 -38.88 118.92 4.96
C PHE D 1500 -37.38 119.07 5.05
N VAL D 1501 -36.79 119.97 4.25
CA VAL D 1501 -35.35 120.13 4.20
C VAL D 1501 -34.97 121.48 4.81
N SER D 1502 -33.71 121.57 5.23
CA SER D 1502 -33.21 122.82 5.80
C SER D 1502 -33.09 123.87 4.70
N PRO D 1503 -33.67 125.07 4.89
CA PRO D 1503 -33.61 126.12 3.85
C PRO D 1503 -32.28 126.86 3.83
N GLY D 1504 -31.19 126.13 3.56
CA GLY D 1504 -29.90 126.75 3.45
C GLY D 1504 -29.67 127.35 2.07
N GLN D 1505 -28.61 128.17 1.99
CA GLN D 1505 -28.26 128.80 0.72
C GLN D 1505 -27.83 127.76 -0.31
N GLN D 1506 -26.98 126.83 0.10
CA GLN D 1506 -26.53 125.76 -0.77
C GLN D 1506 -26.19 124.55 0.07
N GLY D 1507 -26.15 123.39 -0.58
CA GLY D 1507 -25.95 122.13 0.09
C GLY D 1507 -27.25 121.37 0.14
N ARG D 1508 -28.03 121.52 -0.94
CA ARG D 1508 -29.34 120.87 -1.03
C ARG D 1508 -29.22 119.33 -1.04
N ILE D 1509 -28.09 118.81 -1.51
CA ILE D 1509 -27.81 117.38 -1.46
C ILE D 1509 -27.37 117.07 -0.04
N SER D 1510 -28.30 116.62 0.80
CA SER D 1510 -28.00 116.40 2.21
C SER D 1510 -27.07 115.21 2.38
N HIS D 1511 -26.00 115.42 3.17
CA HIS D 1511 -25.10 114.32 3.51
C HIS D 1511 -25.77 113.30 4.42
N THR D 1512 -26.73 113.75 5.22
CA THR D 1512 -27.49 112.88 6.12
C THR D 1512 -28.80 112.49 5.45
N ASP D 1513 -29.12 111.20 5.49
CA ASP D 1513 -30.31 110.67 4.82
C ASP D 1513 -31.56 111.18 5.52
N LEU D 1514 -32.53 111.65 4.73
CA LEU D 1514 -33.80 112.13 5.29
C LEU D 1514 -34.73 110.96 5.51
N VAL D 1515 -35.20 110.79 6.74
CA VAL D 1515 -36.06 109.65 7.09
C VAL D 1515 -37.43 110.22 7.43
N ILE D 1516 -38.35 110.11 6.49
CA ILE D 1516 -39.71 110.62 6.65
C ILE D 1516 -40.64 109.45 6.93
N GLY D 1517 -41.42 109.54 8.00
CA GLY D 1517 -42.33 108.48 8.38
C GLY D 1517 -43.78 108.92 8.36
N CYS D 1518 -44.66 107.96 8.08
CA CYS D 1518 -46.09 108.20 8.04
C CYS D 1518 -46.82 107.30 9.03
N LEU D 1519 -47.76 107.89 9.77
CA LEU D 1519 -48.49 107.17 10.81
C LEU D 1519 -49.99 107.25 10.53
N VAL D 1520 -50.68 106.15 10.73
CA VAL D 1520 -52.13 106.10 10.51
C VAL D 1520 -52.83 105.57 11.76
N ASP D 1521 -53.89 106.25 12.15
CA ASP D 1521 -54.74 105.87 13.28
C ASP D 1521 -56.03 105.31 12.69
N LEU D 1522 -56.25 104.01 12.90
CA LEU D 1522 -57.38 103.28 12.36
C LEU D 1522 -58.66 103.59 13.12
N ALA D 1523 -58.55 103.80 14.44
CA ALA D 1523 -59.71 104.05 15.29
C ALA D 1523 -60.33 105.40 15.01
N THR D 1524 -59.62 106.29 14.32
CA THR D 1524 -60.14 107.61 14.01
C THR D 1524 -59.99 108.00 12.55
N GLY D 1525 -59.30 107.20 11.73
CA GLY D 1525 -59.09 107.62 10.35
C GLY D 1525 -58.12 108.77 10.20
N LEU D 1526 -57.22 108.94 11.17
CA LEU D 1526 -56.29 110.06 11.21
C LEU D 1526 -54.92 109.74 10.63
N MET D 1527 -54.43 110.57 9.72
CA MET D 1527 -53.12 110.39 9.11
C MET D 1527 -52.22 111.54 9.53
N THR D 1528 -51.04 111.19 10.07
CA THR D 1528 -50.04 112.14 10.52
C THR D 1528 -48.69 111.77 9.94
N PHE D 1529 -47.76 112.72 9.97
CA PHE D 1529 -46.44 112.51 9.38
C PHE D 1529 -45.37 113.02 10.32
N THR D 1530 -44.17 112.44 10.20
CA THR D 1530 -43.00 112.85 10.96
C THR D 1530 -41.86 113.15 10.01
N ALA D 1531 -41.27 114.34 10.17
CA ALA D 1531 -40.20 114.80 9.30
C ALA D 1531 -38.86 114.17 9.67
N ASN D 1532 -38.36 114.45 10.87
CA ASN D 1532 -37.13 113.86 11.36
C ASN D 1532 -37.27 113.49 12.83
N GLY D 1533 -38.40 112.90 13.20
CA GLY D 1533 -38.72 112.66 14.59
C GLY D 1533 -39.64 113.70 15.18
N LYS D 1534 -39.91 114.78 14.46
CA LYS D 1534 -40.82 115.83 14.89
C LYS D 1534 -42.01 115.87 13.94
N GLU D 1535 -43.20 116.07 14.52
CA GLU D 1535 -44.41 116.12 13.72
C GLU D 1535 -44.46 117.40 12.89
N SER D 1536 -45.16 117.32 11.77
CA SER D 1536 -45.34 118.45 10.87
C SER D 1536 -46.80 118.87 10.87
N ASN D 1537 -47.05 120.08 10.38
CA ASN D 1537 -48.40 120.64 10.34
C ASN D 1537 -49.36 119.86 9.45
N THR D 1538 -48.84 119.07 8.52
CA THR D 1538 -49.68 118.29 7.62
C THR D 1538 -50.37 117.15 8.36
N PHE D 1539 -51.65 116.95 8.06
CA PHE D 1539 -52.46 115.88 8.63
C PHE D 1539 -53.68 115.70 7.76
N PHE D 1540 -54.30 114.54 7.89
CA PHE D 1540 -55.46 114.17 7.08
C PHE D 1540 -56.45 113.39 7.94
N GLN D 1541 -57.71 113.45 7.56
CA GLN D 1541 -58.76 112.70 8.25
C GLN D 1541 -59.76 112.18 7.24
N VAL D 1542 -60.13 110.90 7.37
CA VAL D 1542 -61.04 110.26 6.42
C VAL D 1542 -62.10 109.45 7.15
N GLU D 1543 -63.08 109.00 6.36
CA GLU D 1543 -64.17 108.17 6.81
C GLU D 1543 -63.67 106.74 7.07
N PRO D 1544 -64.42 105.94 7.86
CA PRO D 1544 -64.03 104.55 8.06
C PRO D 1544 -64.18 103.70 6.80
N ASN D 1545 -63.74 102.44 6.92
CA ASN D 1545 -63.75 101.40 5.89
C ASN D 1545 -62.89 101.73 4.67
N THR D 1546 -62.08 102.79 4.74
CA THR D 1546 -61.24 103.18 3.61
C THR D 1546 -59.95 102.38 3.62
N LYS D 1547 -59.42 102.10 2.43
CA LYS D 1547 -58.19 101.35 2.27
C LYS D 1547 -57.13 102.27 1.66
N LEU D 1548 -55.98 102.34 2.32
CA LEU D 1548 -54.87 103.17 1.86
C LEU D 1548 -53.63 102.31 1.65
N PHE D 1549 -53.01 102.46 0.48
CA PHE D 1549 -51.78 101.77 0.10
C PHE D 1549 -50.58 102.66 0.39
N PRO D 1550 -49.54 102.14 1.06
CA PRO D 1550 -48.30 102.93 1.25
C PRO D 1550 -47.65 103.26 -0.08
N ALA D 1551 -47.55 104.54 -0.40
CA ALA D 1551 -47.05 104.96 -1.70
C ALA D 1551 -45.97 106.04 -1.55
N VAL D 1552 -44.89 105.87 -2.31
CA VAL D 1552 -43.84 106.87 -2.40
C VAL D 1552 -43.58 107.14 -3.88
N PHE D 1553 -43.81 108.37 -4.31
CA PHE D 1553 -43.59 108.78 -5.69
C PHE D 1553 -42.30 109.60 -5.73
N VAL D 1554 -41.43 109.29 -6.69
CA VAL D 1554 -40.12 109.94 -6.72
C VAL D 1554 -39.59 109.95 -8.16
N LEU D 1555 -38.97 111.06 -8.54
CA LEU D 1555 -38.18 111.12 -9.77
C LEU D 1555 -36.74 110.85 -9.38
N PRO D 1556 -36.14 109.73 -9.81
CA PRO D 1556 -34.81 109.34 -9.32
C PRO D 1556 -33.71 110.34 -9.68
N THR D 1557 -32.79 110.55 -8.73
CA THR D 1557 -31.62 111.41 -8.95
C THR D 1557 -30.34 110.79 -8.42
N HIS D 1558 -30.32 109.49 -8.16
CA HIS D 1558 -29.14 108.84 -7.60
C HIS D 1558 -29.26 107.34 -7.85
N GLN D 1559 -28.13 106.64 -7.66
CA GLN D 1559 -28.15 105.18 -7.75
C GLN D 1559 -29.01 104.58 -6.63
N ASN D 1560 -28.88 105.10 -5.42
CA ASN D 1560 -29.73 104.77 -4.30
C ASN D 1560 -30.75 105.88 -4.14
N VAL D 1561 -32.03 105.56 -4.29
CA VAL D 1561 -33.09 106.56 -4.36
C VAL D 1561 -33.88 106.62 -3.07
N ILE D 1562 -34.58 105.54 -2.73
CA ILE D 1562 -35.43 105.49 -1.54
C ILE D 1562 -35.29 104.12 -0.89
N GLN D 1563 -35.90 104.00 0.29
CA GLN D 1563 -35.84 102.74 1.03
C GLN D 1563 -37.04 102.68 1.96
N PHE D 1564 -38.04 101.85 1.60
CA PHE D 1564 -39.19 101.61 2.46
C PHE D 1564 -38.76 100.88 3.72
N GLU D 1565 -38.73 101.59 4.84
CA GLU D 1565 -38.29 101.05 6.12
C GLU D 1565 -39.53 100.60 6.87
N LEU D 1566 -39.59 99.29 7.19
CA LEU D 1566 -40.72 98.75 7.95
C LEU D 1566 -40.40 98.72 9.44
N GLY D 1567 -40.10 99.90 9.97
CA GLY D 1567 -39.71 100.05 11.35
C GLY D 1567 -40.88 100.29 12.28
N LYS D 1568 -40.55 100.86 13.43
CA LYS D 1568 -41.54 101.12 14.48
C LYS D 1568 -41.01 102.22 15.38
N GLN D 1569 -41.90 102.72 16.23
CA GLN D 1569 -41.56 103.74 17.21
C GLN D 1569 -42.08 103.27 18.55
N LYS D 1570 -41.67 103.97 19.61
CA LYS D 1570 -42.04 103.60 20.97
C LYS D 1570 -43.56 103.66 21.15
N ASN D 1571 -44.12 102.58 21.71
CA ASN D 1571 -45.56 102.38 21.93
C ASN D 1571 -46.37 102.47 20.65
N ILE D 1572 -45.75 102.24 19.49
CA ILE D 1572 -46.40 102.30 18.19
C ILE D 1572 -46.12 100.98 17.47
N MET D 1573 -47.17 100.29 17.07
CA MET D 1573 -47.08 98.99 16.42
C MET D 1573 -46.65 99.16 14.95
N PRO D 1574 -45.73 98.33 14.46
CA PRO D 1574 -45.32 98.42 13.05
C PRO D 1574 -46.38 97.86 12.12
N LEU D 1575 -46.17 98.11 10.82
CA LEU D 1575 -47.12 97.71 9.77
C LEU D 1575 -47.27 96.20 9.63
N SER D 1576 -46.33 95.42 10.17
CA SER D 1576 -46.41 93.95 10.09
C SER D 1576 -47.67 93.41 10.75
N ALA D 1577 -48.17 94.10 11.77
CA ALA D 1577 -49.43 93.70 12.37
C ALA D 1577 -50.62 94.34 11.68
N ALA D 1578 -50.44 95.52 11.11
CA ALA D 1578 -51.53 96.19 10.41
C ALA D 1578 -51.93 95.47 9.14
N MET D 1579 -50.95 94.91 8.43
CA MET D 1579 -51.24 94.25 7.16
C MET D 1579 -51.91 92.90 7.36
N PHE D 1580 -51.45 92.12 8.34
CA PHE D 1580 -51.87 90.75 8.51
C PHE D 1580 -52.61 90.58 9.83
N LEU D 1581 -53.78 89.94 9.77
CA LEU D 1581 -54.56 89.68 10.98
C LEU D 1581 -53.86 88.67 11.89
N SER D 1582 -53.23 87.65 11.30
CA SER D 1582 -52.57 86.61 12.08
C SER D 1582 -51.40 87.14 12.91
N GLU D 1583 -50.82 88.26 12.50
CA GLU D 1583 -49.69 88.87 13.19
C GLU D 1583 -50.09 90.09 14.01
N ARG D 1584 -51.39 90.29 14.26
CA ARG D 1584 -51.90 91.45 14.99
C ARG D 1584 -51.37 91.57 16.42
N LYS D 1585 -50.93 90.48 17.02
CA LYS D 1585 -50.39 90.50 18.37
C LYS D 1585 -48.88 90.34 18.37
N ASN D 1586 -48.22 90.55 17.23
CA ASN D 1586 -46.78 90.41 17.12
C ASN D 1586 -46.14 91.78 17.04
N PRO D 1587 -45.44 92.24 18.08
CA PRO D 1587 -44.81 93.57 18.01
C PRO D 1587 -43.58 93.61 17.13
N ALA D 1588 -42.94 92.48 16.87
CA ALA D 1588 -41.72 92.44 16.08
C ALA D 1588 -42.03 92.71 14.62
N PRO D 1589 -41.38 93.70 13.99
CA PRO D 1589 -41.58 93.92 12.56
C PRO D 1589 -41.14 92.73 11.72
N GLN D 1590 -41.88 92.48 10.64
CA GLN D 1590 -41.63 91.35 9.77
C GLN D 1590 -41.97 91.76 8.34
N CYS D 1591 -41.28 91.18 7.37
CA CYS D 1591 -41.52 91.45 5.95
C CYS D 1591 -41.79 90.12 5.25
N PRO D 1592 -43.02 89.61 5.32
CA PRO D 1592 -43.35 88.33 4.68
C PRO D 1592 -43.25 88.44 3.17
N PRO D 1593 -43.02 87.31 2.47
CA PRO D 1593 -42.79 87.37 1.01
C PRO D 1593 -43.95 87.91 0.17
N ARG D 1594 -45.19 87.89 0.68
CA ARG D 1594 -46.30 88.42 -0.09
C ARG D 1594 -46.18 89.92 -0.33
N LEU D 1595 -45.74 90.66 0.69
CA LEU D 1595 -45.62 92.11 0.55
C LEU D 1595 -44.44 92.46 -0.34
N GLU D 1596 -44.72 93.12 -1.45
CA GLU D 1596 -43.68 93.50 -2.39
C GLU D 1596 -44.05 94.81 -3.06
N VAL D 1597 -43.03 95.57 -3.47
CA VAL D 1597 -43.25 96.88 -4.05
C VAL D 1597 -43.79 96.75 -5.47
N GLN D 1598 -44.87 97.47 -5.75
CA GLN D 1598 -45.51 97.54 -7.06
C GLN D 1598 -45.20 98.88 -7.70
N MET D 1599 -45.23 98.91 -9.03
CA MET D 1599 -45.04 100.13 -9.79
C MET D 1599 -46.12 100.19 -10.86
N LEU D 1600 -46.40 101.40 -11.32
CA LEU D 1600 -47.57 101.68 -12.13
C LEU D 1600 -47.15 101.77 -13.60
N MET D 1601 -47.43 100.71 -14.38
CA MET D 1601 -47.33 100.81 -15.84
C MET D 1601 -48.64 101.29 -16.42
N PRO D 1602 -48.62 102.34 -17.25
CA PRO D 1602 -49.88 102.94 -17.73
C PRO D 1602 -50.75 102.03 -18.57
N VAL D 1603 -50.17 101.10 -19.32
CA VAL D 1603 -50.90 100.34 -20.33
C VAL D 1603 -50.86 98.87 -19.92
N SER D 1604 -52.02 98.23 -19.92
CA SER D 1604 -52.09 96.79 -19.64
C SER D 1604 -53.11 96.19 -20.59
N TRP D 1605 -53.00 94.89 -20.84
CA TRP D 1605 -53.91 94.25 -21.78
C TRP D 1605 -55.30 94.07 -21.17
N SER D 1606 -56.31 94.02 -22.04
CA SER D 1606 -57.67 93.85 -21.56
C SER D 1606 -58.49 93.15 -22.62
N ARG D 1607 -59.66 92.66 -22.21
CA ARG D 1607 -60.55 91.88 -23.05
C ARG D 1607 -61.82 92.65 -23.36
N MET D 1608 -62.21 92.66 -24.64
CA MET D 1608 -63.52 93.26 -24.82
C MET D 1608 -64.60 92.18 -24.82
N PRO D 1609 -65.77 92.49 -24.28
CA PRO D 1609 -66.86 91.50 -24.23
C PRO D 1609 -67.32 91.13 -25.64
N ASN D 1610 -67.81 89.89 -25.76
CA ASN D 1610 -68.33 89.42 -27.04
C ASN D 1610 -69.67 90.04 -27.40
N HIS D 1611 -70.32 90.74 -26.47
CA HIS D 1611 -71.58 91.40 -26.74
C HIS D 1611 -71.55 92.78 -26.10
N PHE D 1612 -72.32 93.69 -26.66
CA PHE D 1612 -72.37 95.07 -26.19
C PHE D 1612 -73.82 95.50 -26.07
N LEU D 1613 -74.04 96.50 -25.23
CA LEU D 1613 -75.38 97.05 -25.01
C LEU D 1613 -75.87 97.76 -26.27
N GLN D 1614 -77.19 97.77 -26.43
CA GLN D 1614 -77.85 98.42 -27.56
C GLN D 1614 -78.59 99.64 -27.02
N VAL D 1615 -78.13 100.82 -27.41
CA VAL D 1615 -78.63 102.09 -26.92
C VAL D 1615 -79.19 102.87 -28.10
N GLU D 1616 -80.42 103.40 -27.94
CA GLU D 1616 -81.06 104.24 -28.95
C GLU D 1616 -81.03 105.68 -28.47
N THR D 1617 -80.20 106.49 -29.12
CA THR D 1617 -80.07 107.91 -28.80
C THR D 1617 -80.63 108.70 -29.97
N ARG D 1618 -81.61 109.56 -29.69
CA ARG D 1618 -82.24 110.33 -30.76
C ARG D 1618 -82.88 111.57 -30.16
N ARG D 1619 -83.22 112.53 -31.02
CA ARG D 1619 -83.89 113.75 -30.57
C ARG D 1619 -85.39 113.51 -30.63
N ALA D 1620 -85.99 113.21 -29.47
CA ALA D 1620 -87.43 112.96 -29.42
C ALA D 1620 -88.27 114.19 -29.78
N GLY D 1621 -87.73 115.38 -29.57
CA GLY D 1621 -88.45 116.59 -29.90
C GLY D 1621 -87.74 117.79 -29.33
N GLU D 1622 -88.15 118.96 -29.82
CA GLU D 1622 -87.57 120.21 -29.34
C GLU D 1622 -87.88 120.44 -27.86
N ARG D 1623 -89.15 120.27 -27.49
CA ARG D 1623 -89.53 120.28 -26.08
C ARG D 1623 -89.19 118.98 -25.38
N LEU D 1624 -89.29 117.86 -26.10
CA LEU D 1624 -89.01 116.55 -25.54
C LEU D 1624 -87.52 116.34 -25.30
N GLY D 1625 -86.66 117.12 -25.93
CA GLY D 1625 -85.24 116.93 -25.73
C GLY D 1625 -84.74 115.67 -26.42
N TRP D 1626 -83.58 115.20 -25.96
CA TRP D 1626 -82.97 114.01 -26.53
C TRP D 1626 -83.26 112.77 -25.70
N ALA D 1627 -83.77 111.72 -26.32
CA ALA D 1627 -84.19 110.53 -25.60
C ALA D 1627 -83.16 109.42 -25.79
N VAL D 1628 -82.81 108.79 -24.67
CA VAL D 1628 -81.91 107.65 -24.56
C VAL D 1628 -82.73 106.45 -24.12
N GLN D 1629 -82.60 105.35 -24.84
CA GLN D 1629 -83.37 104.14 -24.58
C GLN D 1629 -82.43 102.95 -24.50
N CYS D 1630 -82.61 102.10 -23.49
CA CYS D 1630 -81.80 100.89 -23.37
C CYS D 1630 -82.56 99.91 -22.51
N GLN D 1631 -82.94 98.76 -23.09
CA GLN D 1631 -83.82 97.84 -22.40
C GLN D 1631 -83.27 96.41 -22.33
N ASP D 1632 -82.47 96.01 -23.32
CA ASP D 1632 -81.98 94.64 -23.39
C ASP D 1632 -80.96 94.40 -22.28
N PRO D 1633 -81.20 93.44 -21.37
CA PRO D 1633 -80.26 93.22 -20.28
C PRO D 1633 -79.07 92.38 -20.69
N LEU D 1634 -77.91 92.70 -20.12
CA LEU D 1634 -76.70 91.93 -20.32
C LEU D 1634 -75.97 91.84 -18.99
N THR D 1635 -75.53 90.63 -18.64
CA THR D 1635 -74.90 90.38 -17.35
C THR D 1635 -73.59 89.61 -17.57
N MET D 1636 -72.59 89.91 -16.74
CA MET D 1636 -71.30 89.25 -16.82
C MET D 1636 -70.89 88.78 -15.44
N MET D 1637 -70.10 87.70 -15.40
CA MET D 1637 -69.57 87.16 -14.17
C MET D 1637 -68.24 87.83 -13.84
N ALA D 1638 -68.19 88.53 -12.71
CA ALA D 1638 -67.03 89.31 -12.33
C ALA D 1638 -66.30 88.62 -11.17
N LEU D 1639 -65.00 88.42 -11.33
CA LEU D 1639 -64.13 87.87 -10.30
C LEU D 1639 -63.47 89.03 -9.58
N HIS D 1640 -63.85 89.22 -8.31
CA HIS D 1640 -63.41 90.36 -7.54
C HIS D 1640 -62.22 90.00 -6.65
N ILE D 1641 -61.09 90.67 -6.87
CA ILE D 1641 -59.94 90.57 -6.00
C ILE D 1641 -60.24 91.46 -4.79
N PRO D 1642 -60.28 90.87 -3.58
CA PRO D 1642 -60.69 91.61 -2.38
C PRO D 1642 -59.71 92.68 -1.94
N GLU D 1643 -58.42 92.31 -1.81
CA GLU D 1643 -57.43 93.21 -1.22
C GLU D 1643 -57.18 94.42 -2.12
N GLU D 1644 -57.30 94.24 -3.43
CA GLU D 1644 -57.12 95.36 -4.34
C GLU D 1644 -58.44 96.02 -4.65
N ASN D 1645 -59.55 95.44 -4.15
CA ASN D 1645 -60.91 95.96 -4.27
C ASN D 1645 -61.27 96.20 -5.73
N ARG D 1646 -60.81 95.30 -6.60
CA ARG D 1646 -61.15 95.46 -8.02
C ARG D 1646 -61.55 94.13 -8.63
N CYS D 1647 -62.41 94.19 -9.63
CA CYS D 1647 -62.93 92.98 -10.25
C CYS D 1647 -62.66 92.99 -11.74
N MET D 1648 -62.37 91.80 -12.26
CA MET D 1648 -62.10 91.59 -13.68
C MET D 1648 -63.03 90.50 -14.21
N ASP D 1649 -63.22 90.52 -15.52
CA ASP D 1649 -64.05 89.52 -16.18
C ASP D 1649 -63.47 88.13 -15.96
N ILE D 1650 -64.36 87.15 -15.77
CA ILE D 1650 -63.96 85.77 -15.55
C ILE D 1650 -63.30 85.20 -16.80
N LEU D 1651 -63.74 85.63 -17.98
CA LEU D 1651 -63.18 85.15 -19.24
C LEU D 1651 -61.73 85.57 -19.44
N GLU D 1652 -61.26 86.61 -18.72
CA GLU D 1652 -59.88 87.04 -18.79
C GLU D 1652 -58.93 85.98 -18.24
N LEU D 1653 -59.44 85.07 -17.39
CA LEU D 1653 -58.59 84.04 -16.81
C LEU D 1653 -58.14 83.02 -17.86
N SER D 1654 -58.74 83.03 -19.06
CA SER D 1654 -58.24 82.22 -20.16
C SER D 1654 -56.88 82.66 -20.64
N GLU D 1655 -56.45 83.86 -20.26
CA GLU D 1655 -55.12 84.38 -20.54
C GLU D 1655 -54.29 84.51 -19.27
N ARG D 1656 -54.93 84.85 -18.15
CA ARG D 1656 -54.20 84.97 -16.89
C ARG D 1656 -54.11 83.57 -16.28
N LEU D 1657 -53.15 82.79 -16.78
CA LEU D 1657 -52.97 81.40 -16.34
C LEU D 1657 -52.57 81.30 -14.88
N ASP D 1658 -51.95 82.34 -14.33
CA ASP D 1658 -51.59 82.35 -12.92
C ASP D 1658 -52.84 82.36 -12.03
N LEU D 1659 -53.83 83.16 -12.39
CA LEU D 1659 -55.06 83.24 -11.61
C LEU D 1659 -55.97 82.05 -11.87
N GLN D 1660 -55.95 81.53 -13.10
CA GLN D 1660 -56.84 80.43 -13.48
C GLN D 1660 -56.55 79.17 -12.68
N ARG D 1661 -55.27 78.83 -12.53
CA ARG D 1661 -54.89 77.61 -11.81
C ARG D 1661 -55.30 77.70 -10.35
N PHE D 1662 -55.09 78.87 -9.75
CA PHE D 1662 -55.43 79.08 -8.35
C PHE D 1662 -56.93 78.99 -8.14
N HIS D 1663 -57.71 79.65 -9.01
CA HIS D 1663 -59.16 79.62 -8.82
C HIS D 1663 -59.73 78.24 -9.11
N SER D 1664 -59.13 77.49 -10.04
CA SER D 1664 -59.54 76.11 -10.28
C SER D 1664 -59.31 75.26 -9.03
N HIS D 1665 -58.15 75.45 -8.39
CA HIS D 1665 -57.90 74.75 -7.13
C HIS D 1665 -58.86 75.23 -6.04
N THR D 1666 -59.25 76.51 -6.09
CA THR D 1666 -60.22 77.04 -5.13
C THR D 1666 -61.54 76.31 -5.27
N LEU D 1667 -61.98 76.09 -6.51
CA LEU D 1667 -63.21 75.34 -6.75
C LEU D 1667 -63.07 73.90 -6.30
N ARG D 1668 -61.87 73.34 -6.42
CA ARG D 1668 -61.62 72.00 -5.90
C ARG D 1668 -61.78 71.97 -4.39
N LEU D 1669 -61.29 73.00 -3.72
CA LEU D 1669 -61.45 73.11 -2.27
C LEU D 1669 -62.91 73.25 -1.88
N TYR D 1670 -63.67 74.02 -2.67
CA TYR D 1670 -65.10 74.16 -2.43
C TYR D 1670 -65.82 72.82 -2.57
N ARG D 1671 -65.37 71.98 -3.49
CA ARG D 1671 -65.91 70.62 -3.55
C ARG D 1671 -65.46 69.78 -2.38
N ALA D 1672 -64.24 70.02 -1.89
CA ALA D 1672 -63.66 69.19 -0.84
C ALA D 1672 -64.35 69.43 0.50
N VAL D 1673 -64.63 70.69 0.82
CA VAL D 1673 -65.25 71.00 2.12
C VAL D 1673 -66.68 70.46 2.17
N CYS D 1674 -67.39 70.46 1.05
CA CYS D 1674 -68.75 69.92 0.99
C CYS D 1674 -68.79 68.46 0.59
N ALA D 1675 -67.63 67.81 0.46
CA ALA D 1675 -67.59 66.43 0.01
C ALA D 1675 -68.14 65.47 1.07
N LEU D 1676 -68.79 64.41 0.58
CA LEU D 1676 -69.30 63.29 1.39
C LEU D 1676 -70.35 63.75 2.42
N GLY D 1677 -71.39 64.40 1.90
CA GLY D 1677 -72.58 64.71 2.68
C GLY D 1677 -72.40 65.65 3.85
N ASN D 1678 -71.60 66.70 3.66
CA ASN D 1678 -71.47 67.75 4.66
C ASN D 1678 -72.45 68.88 4.30
N ASN D 1679 -73.75 68.53 4.40
CA ASN D 1679 -74.82 69.42 3.92
C ASN D 1679 -74.86 70.73 4.68
N ARG D 1680 -74.39 70.73 5.94
CA ARG D 1680 -74.33 71.95 6.73
C ARG D 1680 -73.37 72.95 6.09
N VAL D 1681 -72.20 72.48 5.66
CA VAL D 1681 -71.24 73.34 4.98
C VAL D 1681 -71.77 73.68 3.59
N ALA D 1682 -72.44 72.70 2.94
CA ALA D 1682 -72.98 72.90 1.60
C ALA D 1682 -73.97 74.06 1.57
N HIS D 1683 -74.75 74.22 2.64
CA HIS D 1683 -75.65 75.37 2.71
C HIS D 1683 -74.88 76.67 2.85
N ALA D 1684 -73.75 76.64 3.56
CA ALA D 1684 -72.92 77.83 3.73
C ALA D 1684 -72.34 78.27 2.39
N LEU D 1685 -71.93 77.32 1.56
CA LEU D 1685 -71.33 77.64 0.27
C LEU D 1685 -72.30 78.28 -0.71
N CYS D 1686 -73.62 78.13 -0.47
CA CYS D 1686 -74.62 78.75 -1.32
C CYS D 1686 -74.53 80.27 -1.28
N SER D 1687 -74.03 80.83 -0.19
CA SER D 1687 -73.83 82.27 -0.11
C SER D 1687 -72.70 82.71 -1.03
N HIS D 1688 -71.57 82.01 -0.99
CA HIS D 1688 -70.42 82.37 -1.82
C HIS D 1688 -70.71 82.16 -3.29
N VAL D 1689 -71.20 80.98 -3.68
CA VAL D 1689 -71.62 80.74 -5.05
C VAL D 1689 -73.11 80.42 -5.07
N ASP D 1690 -73.87 81.20 -5.83
CA ASP D 1690 -75.31 81.09 -5.76
C ASP D 1690 -75.85 80.26 -6.92
N GLN D 1691 -77.17 80.14 -6.94
CA GLN D 1691 -77.85 79.42 -8.00
C GLN D 1691 -77.71 80.16 -9.33
N ALA D 1692 -77.83 81.48 -9.32
CA ALA D 1692 -77.78 82.26 -10.56
C ALA D 1692 -76.40 82.14 -11.20
N GLN D 1693 -75.34 82.21 -10.37
CA GLN D 1693 -73.98 82.10 -10.88
C GLN D 1693 -73.74 80.72 -11.48
N LEU D 1694 -74.14 79.65 -10.75
CA LEU D 1694 -73.87 78.31 -11.25
C LEU D 1694 -74.62 78.02 -12.55
N LEU D 1695 -75.91 78.39 -12.62
CA LEU D 1695 -76.67 78.20 -13.86
C LEU D 1695 -76.13 79.03 -15.02
N HIS D 1696 -75.69 80.26 -14.76
CA HIS D 1696 -75.09 81.03 -15.85
C HIS D 1696 -73.75 80.44 -16.27
N ALA D 1697 -72.97 79.96 -15.30
CA ALA D 1697 -71.67 79.39 -15.59
C ALA D 1697 -71.78 78.12 -16.39
N LEU D 1698 -72.91 77.41 -16.30
CA LEU D 1698 -73.09 76.24 -17.16
C LEU D 1698 -73.17 76.67 -18.62
N GLU D 1699 -73.90 77.74 -18.89
CA GLU D 1699 -74.14 78.16 -20.27
C GLU D 1699 -73.04 79.05 -20.82
N ASP D 1700 -72.12 79.51 -19.98
CA ASP D 1700 -71.05 80.40 -20.45
C ASP D 1700 -70.10 79.59 -21.34
N ALA D 1701 -70.22 79.78 -22.65
CA ALA D 1701 -69.45 78.98 -23.61
C ALA D 1701 -67.99 79.39 -23.71
N HIS D 1702 -67.62 80.59 -23.27
CA HIS D 1702 -66.25 81.04 -23.41
C HIS D 1702 -65.43 80.82 -22.15
N LEU D 1703 -65.98 80.12 -21.16
CA LEU D 1703 -65.24 79.83 -19.95
C LEU D 1703 -64.11 78.84 -20.24
N PRO D 1704 -62.98 78.95 -19.53
CA PRO D 1704 -61.89 78.00 -19.74
C PRO D 1704 -62.27 76.58 -19.31
N GLY D 1705 -61.38 75.65 -19.65
CA GLY D 1705 -61.57 74.24 -19.39
C GLY D 1705 -61.69 73.87 -17.93
N PRO D 1706 -60.59 74.04 -17.16
CA PRO D 1706 -60.63 73.66 -15.74
C PRO D 1706 -61.69 74.41 -14.94
N LEU D 1707 -61.92 75.69 -15.27
CA LEU D 1707 -62.93 76.46 -14.55
C LEU D 1707 -64.33 75.94 -14.85
N ARG D 1708 -64.58 75.58 -16.12
CA ARG D 1708 -65.88 75.06 -16.52
C ARG D 1708 -66.17 73.72 -15.83
N ALA D 1709 -65.18 72.83 -15.85
CA ALA D 1709 -65.34 71.53 -15.20
C ALA D 1709 -65.47 71.67 -13.70
N GLY D 1710 -64.71 72.59 -13.11
CA GLY D 1710 -64.80 72.83 -11.68
C GLY D 1710 -66.17 73.35 -11.27
N TYR D 1711 -66.73 74.27 -12.07
CA TYR D 1711 -68.05 74.79 -11.75
C TYR D 1711 -69.15 73.74 -11.90
N TYR D 1712 -69.04 72.89 -12.93
CA TYR D 1712 -70.02 71.81 -13.11
C TYR D 1712 -69.95 70.81 -11.96
N ASP D 1713 -68.73 70.39 -11.61
CA ASP D 1713 -68.57 69.45 -10.51
C ASP D 1713 -68.89 70.07 -9.17
N LEU D 1714 -68.77 71.41 -9.05
CA LEU D 1714 -69.18 72.07 -7.83
C LEU D 1714 -70.69 72.07 -7.71
N LEU D 1715 -71.39 72.31 -8.83
CA LEU D 1715 -72.86 72.30 -8.82
C LEU D 1715 -73.36 70.93 -8.40
N ILE D 1716 -72.73 69.89 -8.94
CA ILE D 1716 -73.09 68.52 -8.61
C ILE D 1716 -72.83 68.25 -7.14
N SER D 1717 -71.68 68.71 -6.62
CA SER D 1717 -71.32 68.44 -5.23
C SER D 1717 -72.25 69.16 -4.26
N ILE D 1718 -72.58 70.42 -4.55
CA ILE D 1718 -73.43 71.21 -3.63
C ILE D 1718 -74.84 70.67 -3.61
N HIS D 1719 -75.41 70.38 -4.77
CA HIS D 1719 -76.85 70.15 -4.84
C HIS D 1719 -77.27 68.71 -5.11
N LEU D 1720 -76.41 67.89 -5.67
CA LEU D 1720 -76.84 66.60 -6.19
C LEU D 1720 -76.13 65.39 -5.63
N GLU D 1721 -74.87 65.52 -5.20
CA GLU D 1721 -74.05 64.35 -4.86
C GLU D 1721 -74.59 63.52 -3.71
N SER D 1722 -75.06 64.16 -2.62
CA SER D 1722 -75.57 63.40 -1.47
C SER D 1722 -76.81 62.59 -1.82
N ALA D 1723 -77.75 63.22 -2.53
CA ALA D 1723 -78.98 62.55 -2.94
C ALA D 1723 -78.67 61.44 -3.93
N CYS D 1724 -77.73 61.72 -4.86
CA CYS D 1724 -77.39 60.73 -5.87
C CYS D 1724 -76.73 59.53 -5.21
N ARG D 1725 -75.87 59.77 -4.23
CA ARG D 1725 -75.13 58.70 -3.55
C ARG D 1725 -76.10 57.78 -2.81
N SER D 1726 -76.98 58.38 -2.00
CA SER D 1726 -77.94 57.60 -1.23
C SER D 1726 -78.91 56.84 -2.14
N ARG D 1727 -79.39 57.50 -3.21
CA ARG D 1727 -80.30 56.84 -4.12
C ARG D 1727 -79.58 55.71 -4.85
N ARG D 1728 -78.29 55.92 -5.17
CA ARG D 1728 -77.50 54.93 -5.89
C ARG D 1728 -77.37 53.68 -5.04
N SER D 1729 -77.13 53.86 -3.73
CA SER D 1729 -77.04 52.71 -2.85
C SER D 1729 -78.39 51.99 -2.78
N MET D 1730 -79.48 52.77 -2.78
CA MET D 1730 -80.82 52.19 -2.75
C MET D 1730 -81.19 51.45 -4.03
N LEU D 1731 -80.48 51.69 -5.14
CA LEU D 1731 -80.82 51.00 -6.39
C LEU D 1731 -80.39 49.53 -6.39
N SER D 1732 -79.48 49.13 -5.50
CA SER D 1732 -79.04 47.74 -5.48
C SER D 1732 -80.08 46.79 -4.89
N GLU D 1733 -81.12 47.30 -4.23
CA GLU D 1733 -82.16 46.47 -3.66
C GLU D 1733 -83.48 46.69 -4.39
N TYR D 1734 -84.27 45.63 -4.50
CA TYR D 1734 -85.53 45.64 -5.25
C TYR D 1734 -86.65 45.14 -4.34
N ILE D 1735 -87.25 46.07 -3.60
CA ILE D 1735 -88.43 45.79 -2.78
C ILE D 1735 -89.64 46.19 -3.62
N VAL D 1736 -90.36 45.20 -4.15
CA VAL D 1736 -91.44 45.43 -5.10
C VAL D 1736 -92.77 45.24 -4.35
N PRO D 1737 -93.52 46.31 -4.09
CA PRO D 1737 -94.85 46.15 -3.48
C PRO D 1737 -95.86 45.59 -4.47
N LEU D 1738 -96.90 44.96 -3.92
CA LEU D 1738 -97.96 44.33 -4.71
C LEU D 1738 -99.10 45.32 -4.87
N THR D 1739 -99.07 46.05 -5.98
CA THR D 1739 -100.02 47.10 -6.33
C THR D 1739 -100.54 46.85 -7.73
N PRO D 1740 -101.72 47.41 -8.09
CA PRO D 1740 -102.22 47.25 -9.48
C PRO D 1740 -101.27 47.79 -10.53
N GLU D 1741 -100.58 48.89 -10.23
CA GLU D 1741 -99.57 49.38 -11.15
C GLU D 1741 -98.41 48.40 -11.25
N THR D 1742 -98.09 47.69 -10.16
CA THR D 1742 -97.09 46.62 -10.28
C THR D 1742 -97.65 45.51 -11.17
N ARG D 1743 -98.96 45.24 -11.05
CA ARG D 1743 -99.58 44.18 -11.85
CA ARG D 1743 -99.56 44.17 -11.84
C ARG D 1743 -99.54 44.49 -13.33
N ALA D 1744 -99.53 45.78 -13.69
CA ALA D 1744 -99.50 46.15 -15.09
C ALA D 1744 -98.14 45.95 -15.75
N ILE D 1745 -97.10 45.63 -14.97
CA ILE D 1745 -95.75 45.48 -15.50
C ILE D 1745 -95.65 44.23 -16.36
N THR D 1746 -95.11 44.38 -17.56
CA THR D 1746 -94.92 43.27 -18.50
C THR D 1746 -93.50 43.34 -19.05
N LEU D 1747 -93.02 42.17 -19.50
CA LEU D 1747 -91.70 42.08 -20.13
C LEU D 1747 -91.61 42.90 -21.40
N PHE D 1748 -92.66 42.86 -22.21
CA PHE D 1748 -92.68 43.59 -23.46
C PHE D 1748 -93.91 44.49 -23.50
N PRO D 1749 -93.83 45.61 -24.21
CA PRO D 1749 -95.03 46.43 -24.41
C PRO D 1749 -96.03 45.68 -25.23
N PRO D 1750 -97.34 45.95 -25.04
CA PRO D 1750 -98.38 45.25 -25.82
C PRO D 1750 -98.28 45.55 -27.31
N GLY D 1751 -97.91 44.52 -28.07
CA GLY D 1751 -97.69 44.68 -29.49
C GLY D 1751 -98.19 43.51 -30.31
N ARG D 1752 -97.79 43.48 -31.58
CA ARG D 1752 -98.25 42.44 -32.50
C ARG D 1752 -97.14 41.93 -33.41
N LYS D 1753 -95.87 42.07 -32.99
CA LYS D 1753 -94.74 41.62 -33.80
C LYS D 1753 -94.71 40.10 -33.93
N GLY D 1754 -94.61 39.40 -32.80
CA GLY D 1754 -94.53 37.95 -32.83
C GLY D 1754 -95.02 37.33 -31.55
N GLY D 1755 -95.38 36.05 -31.65
CA GLY D 1755 -95.87 35.32 -30.50
C GLY D 1755 -94.80 35.10 -29.43
N ASN D 1756 -93.58 34.77 -29.86
CA ASN D 1756 -92.49 34.55 -28.91
C ASN D 1756 -92.13 35.83 -28.17
N ALA D 1757 -91.92 36.91 -28.90
CA ALA D 1757 -91.58 38.20 -28.31
C ALA D 1757 -91.83 39.29 -29.35
N ARG D 1758 -91.92 40.52 -28.86
CA ARG D 1758 -92.05 41.71 -29.68
C ARG D 1758 -90.74 42.48 -29.61
N ARG D 1759 -90.71 43.63 -30.27
CA ARG D 1759 -89.54 44.49 -30.19
C ARG D 1759 -89.37 45.02 -28.77
N HIS D 1760 -88.12 45.12 -28.35
CA HIS D 1760 -87.81 45.50 -26.97
C HIS D 1760 -88.31 46.91 -26.67
N GLY D 1761 -88.91 47.07 -25.49
CA GLY D 1761 -89.32 48.38 -25.06
C GLY D 1761 -88.15 49.30 -24.81
N LEU D 1762 -88.42 50.59 -24.92
CA LEU D 1762 -87.38 51.61 -24.76
C LEU D 1762 -86.91 51.63 -23.31
N PRO D 1763 -85.60 51.49 -23.06
CA PRO D 1763 -85.09 51.49 -21.68
C PRO D 1763 -85.33 52.82 -20.98
N GLY D 1764 -85.64 52.73 -19.69
CA GLY D 1764 -85.93 53.90 -18.90
C GLY D 1764 -87.29 54.52 -19.15
N VAL D 1765 -88.10 53.92 -20.02
CA VAL D 1765 -89.42 54.42 -20.38
C VAL D 1765 -90.45 53.46 -19.82
N GLY D 1766 -91.41 54.00 -19.07
CA GLY D 1766 -92.45 53.21 -18.46
C GLY D 1766 -92.58 53.58 -17.00
N VAL D 1767 -93.15 52.67 -16.23
CA VAL D 1767 -93.37 52.86 -14.80
C VAL D 1767 -92.54 51.85 -14.04
N THR D 1768 -91.91 52.29 -12.95
CA THR D 1768 -91.15 51.43 -12.07
C THR D 1768 -91.74 51.57 -10.67
N THR D 1769 -92.23 50.47 -10.11
CA THR D 1769 -92.84 50.48 -8.80
C THR D 1769 -91.89 50.09 -7.68
N SER D 1770 -90.61 49.84 -8.01
CA SER D 1770 -89.63 49.51 -6.99
C SER D 1770 -89.47 50.64 -5.99
N LEU D 1771 -89.37 50.28 -4.72
CA LEU D 1771 -89.34 51.28 -3.66
C LEU D 1771 -87.99 51.97 -3.63
N ARG D 1772 -88.00 53.30 -3.75
CA ARG D 1772 -86.82 54.12 -3.64
C ARG D 1772 -87.24 55.33 -2.82
N PRO D 1773 -86.48 55.70 -1.80
CA PRO D 1773 -86.83 56.85 -0.95
C PRO D 1773 -86.83 58.14 -1.74
N PRO D 1774 -87.78 59.03 -1.46
CA PRO D 1774 -87.79 60.33 -2.12
C PRO D 1774 -86.67 61.20 -1.57
N HIS D 1775 -86.19 62.10 -2.42
CA HIS D 1775 -85.12 63.00 -2.00
C HIS D 1775 -85.67 64.03 -1.03
N HIS D 1776 -84.78 64.59 -0.22
CA HIS D 1776 -85.15 65.63 0.73
C HIS D 1776 -84.26 66.84 0.51
N PHE D 1777 -84.87 68.01 0.42
CA PHE D 1777 -84.12 69.23 0.19
C PHE D 1777 -84.64 70.34 1.09
N SER D 1778 -83.71 71.13 1.61
CA SER D 1778 -84.01 72.29 2.41
C SER D 1778 -83.59 73.52 1.63
N PRO D 1779 -84.49 74.46 1.35
CA PRO D 1779 -84.11 75.68 0.62
C PRO D 1779 -83.05 76.46 1.37
N PRO D 1780 -82.06 77.02 0.67
CA PRO D 1780 -80.97 77.71 1.34
C PRO D 1780 -81.39 79.10 1.81
N CYS D 1781 -81.46 79.26 3.13
CA CYS D 1781 -81.82 80.54 3.72
C CYS D 1781 -80.83 80.90 4.81
N PHE D 1782 -80.49 82.18 4.89
CA PHE D 1782 -79.57 82.69 5.88
C PHE D 1782 -80.17 83.77 6.77
N VAL D 1783 -81.32 84.33 6.41
CA VAL D 1783 -81.97 85.32 7.26
C VAL D 1783 -82.73 84.67 8.42
N ALA D 1784 -82.95 83.35 8.34
CA ALA D 1784 -83.65 82.64 9.40
C ALA D 1784 -82.85 82.68 10.69
N ALA D 1785 -83.58 82.70 11.82
CA ALA D 1785 -82.97 82.80 13.14
C ALA D 1785 -82.11 81.58 13.44
N LEU D 1786 -81.05 81.82 14.22
CA LEU D 1786 -80.17 80.73 14.64
C LEU D 1786 -80.94 79.78 15.55
N PRO D 1787 -80.96 78.47 15.24
CA PRO D 1787 -81.74 77.52 16.05
C PRO D 1787 -81.26 77.46 17.50
N ALA D 1788 -82.22 77.35 18.41
CA ALA D 1788 -81.90 77.22 19.83
C ALA D 1788 -81.26 75.88 20.15
N ALA D 1789 -81.49 74.86 19.33
CA ALA D 1789 -80.89 73.55 19.56
C ALA D 1789 -79.39 73.61 19.31
N GLY D 1790 -78.64 72.85 20.11
CA GLY D 1790 -77.20 72.79 19.98
C GLY D 1790 -76.76 71.68 19.04
N VAL D 1791 -75.43 71.53 18.95
CA VAL D 1791 -74.85 70.48 18.12
C VAL D 1791 -75.16 69.11 18.74
N ALA D 1792 -75.15 68.08 17.89
CA ALA D 1792 -75.40 66.67 18.22
C ALA D 1792 -76.81 66.40 18.75
N GLU D 1793 -77.70 67.39 18.68
CA GLU D 1793 -79.10 67.21 19.10
C GLU D 1793 -80.03 67.73 18.02
N ALA D 1794 -79.59 68.75 17.29
CA ALA D 1794 -80.38 69.28 16.19
C ALA D 1794 -80.42 68.29 15.02
N PRO D 1795 -81.51 68.27 14.25
CA PRO D 1795 -81.58 67.38 13.08
C PRO D 1795 -80.55 67.73 12.02
N ALA D 1796 -80.11 66.69 11.31
CA ALA D 1796 -79.09 66.84 10.27
C ALA D 1796 -79.60 67.68 9.11
N ARG D 1797 -78.72 68.52 8.58
CA ARG D 1797 -79.06 69.38 7.46
C ARG D 1797 -79.29 68.57 6.19
N LEU D 1798 -80.21 69.05 5.36
CA LEU D 1798 -80.49 68.44 4.08
C LEU D 1798 -79.73 69.17 2.97
N SER D 1799 -79.74 68.59 1.78
CA SER D 1799 -79.08 69.22 0.66
C SER D 1799 -79.81 70.49 0.24
N PRO D 1800 -79.09 71.55 -0.14
CA PRO D 1800 -79.73 72.77 -0.63
C PRO D 1800 -80.56 72.52 -1.88
N ALA D 1801 -81.70 73.21 -1.96
CA ALA D 1801 -82.60 72.98 -3.07
C ALA D 1801 -82.16 73.77 -4.31
N ILE D 1802 -82.67 73.35 -5.45
CA ILE D 1802 -82.42 73.97 -6.75
C ILE D 1802 -83.50 73.50 -7.72
N PRO D 1803 -84.05 74.38 -8.61
CA PRO D 1803 -85.07 73.93 -9.56
C PRO D 1803 -84.58 72.83 -10.49
N LEU D 1804 -85.16 71.65 -10.33
CA LEU D 1804 -84.70 70.48 -11.07
C LEU D 1804 -85.33 70.36 -12.45
N GLU D 1805 -86.58 70.77 -12.60
CA GLU D 1805 -87.20 70.78 -13.92
C GLU D 1805 -86.48 71.76 -14.85
N ALA D 1806 -86.15 72.94 -14.32
CA ALA D 1806 -85.34 73.90 -15.06
C ALA D 1806 -83.95 73.36 -15.34
N LEU D 1807 -83.35 72.68 -14.36
CA LEU D 1807 -82.01 72.14 -14.54
C LEU D 1807 -81.99 71.06 -15.62
N ARG D 1808 -82.97 70.16 -15.62
CA ARG D 1808 -83.00 69.09 -16.61
C ARG D 1808 -83.31 69.63 -18.01
N ASP D 1809 -84.16 70.68 -18.11
CA ASP D 1809 -84.44 71.25 -19.42
C ASP D 1809 -83.21 71.95 -19.98
N LYS D 1810 -82.48 72.68 -19.11
CA LYS D 1810 -81.25 73.33 -19.51
C LYS D 1810 -80.22 72.30 -19.96
N ALA D 1811 -80.11 71.19 -19.21
CA ALA D 1811 -79.17 70.12 -19.55
C ALA D 1811 -79.49 69.50 -20.89
N LEU D 1812 -80.77 69.23 -21.18
CA LEU D 1812 -81.15 68.69 -22.48
C LEU D 1812 -80.86 69.66 -23.61
N ARG D 1813 -81.15 70.95 -23.41
CA ARG D 1813 -80.86 71.98 -24.41
C ARG D 1813 -79.37 72.09 -24.66
N MET D 1814 -78.59 72.11 -23.59
CA MET D 1814 -77.15 72.31 -23.70
C MET D 1814 -76.51 71.11 -24.36
N LEU D 1815 -76.95 69.91 -23.99
CA LEU D 1815 -76.41 68.70 -24.58
C LEU D 1815 -76.73 68.66 -26.06
N GLY D 1816 -77.93 69.12 -26.46
CA GLY D 1816 -78.26 69.20 -27.87
C GLY D 1816 -77.35 70.15 -28.62
N GLU D 1817 -77.02 71.28 -27.98
CA GLU D 1817 -76.09 72.24 -28.56
C GLU D 1817 -74.71 71.63 -28.75
N ALA D 1818 -74.24 70.89 -27.73
CA ALA D 1818 -72.92 70.26 -27.81
C ALA D 1818 -72.88 69.20 -28.89
N VAL D 1819 -73.95 68.39 -29.01
CA VAL D 1819 -73.98 67.31 -29.99
C VAL D 1819 -73.95 67.87 -31.40
N ARG D 1820 -74.78 68.88 -31.65
CA ARG D 1820 -74.78 69.50 -32.98
C ARG D 1820 -73.45 70.18 -33.27
N ASP D 1821 -72.85 70.83 -32.26
CA ASP D 1821 -71.53 71.43 -32.46
C ASP D 1821 -70.48 70.35 -32.74
N GLY D 1822 -70.67 69.16 -32.17
CA GLY D 1822 -69.78 68.06 -32.46
C GLY D 1822 -69.87 67.65 -33.91
N GLY D 1823 -71.10 67.63 -34.44
CA GLY D 1823 -71.27 67.32 -35.84
C GLY D 1823 -70.80 68.41 -36.78
N GLN D 1824 -70.70 69.65 -36.29
CA GLN D 1824 -70.21 70.73 -37.15
C GLN D 1824 -68.72 70.64 -37.44
N HIS D 1825 -67.96 69.85 -36.66
CA HIS D 1825 -66.49 69.75 -36.75
C HIS D 1825 -65.83 71.11 -36.59
N ALA D 1826 -66.37 71.91 -35.67
CA ALA D 1826 -65.88 73.25 -35.40
C ALA D 1826 -64.48 73.22 -34.79
N ARG D 1827 -63.69 74.24 -35.11
CA ARG D 1827 -62.33 74.37 -34.64
C ARG D 1827 -62.23 75.16 -33.33
N ASP D 1828 -63.36 75.54 -32.75
CA ASP D 1828 -63.39 76.25 -31.47
C ASP D 1828 -64.35 75.54 -30.50
N PRO D 1829 -63.96 74.38 -29.97
CA PRO D 1829 -64.86 73.68 -29.04
C PRO D 1829 -65.03 74.43 -27.74
N VAL D 1830 -66.21 74.23 -27.12
CA VAL D 1830 -66.52 74.90 -25.87
C VAL D 1830 -65.58 74.42 -24.78
N GLY D 1831 -64.99 75.36 -24.06
CA GLY D 1831 -64.04 75.04 -23.02
C GLY D 1831 -62.62 74.83 -23.48
N GLY D 1832 -62.40 74.72 -24.79
CA GLY D 1832 -61.07 74.56 -25.34
C GLY D 1832 -60.77 73.19 -25.90
N SER D 1833 -61.61 72.19 -25.63
CA SER D 1833 -61.37 70.84 -26.14
C SER D 1833 -62.68 70.08 -26.17
N VAL D 1834 -62.66 68.96 -26.89
CA VAL D 1834 -63.82 68.07 -26.96
C VAL D 1834 -64.13 67.50 -25.58
N GLU D 1835 -63.06 67.13 -24.84
CA GLU D 1835 -63.22 66.59 -23.51
C GLU D 1835 -63.87 67.62 -22.59
N PHE D 1836 -63.35 68.86 -22.60
CA PHE D 1836 -63.92 69.90 -21.77
C PHE D 1836 -65.31 70.31 -22.23
N GLN D 1837 -65.68 69.97 -23.47
CA GLN D 1837 -67.00 70.31 -23.98
C GLN D 1837 -68.03 69.27 -23.55
N PHE D 1838 -67.64 68.00 -23.51
CA PHE D 1838 -68.61 66.93 -23.28
C PHE D 1838 -68.59 66.30 -21.89
N VAL D 1839 -67.43 66.22 -21.23
CA VAL D 1839 -67.35 65.56 -19.92
C VAL D 1839 -68.19 66.24 -18.84
N PRO D 1840 -68.08 67.57 -18.59
CA PRO D 1840 -68.89 68.16 -17.49
C PRO D 1840 -70.39 68.06 -17.69
N VAL D 1841 -70.88 68.21 -18.92
CA VAL D 1841 -72.32 68.13 -19.14
C VAL D 1841 -72.80 66.69 -18.96
N LEU D 1842 -72.00 65.71 -19.42
CA LEU D 1842 -72.40 64.32 -19.31
C LEU D 1842 -72.41 63.85 -17.86
N LYS D 1843 -71.54 64.44 -17.03
CA LYS D 1843 -71.59 64.13 -15.59
C LYS D 1843 -72.92 64.57 -15.00
N LEU D 1844 -73.39 65.76 -15.39
CA LEU D 1844 -74.67 66.27 -14.92
C LEU D 1844 -75.81 65.40 -15.42
N VAL D 1845 -75.74 64.96 -16.68
CA VAL D 1845 -76.78 64.11 -17.25
C VAL D 1845 -76.84 62.79 -16.51
N SER D 1846 -75.66 62.21 -16.22
CA SER D 1846 -75.60 60.93 -15.52
C SER D 1846 -76.16 61.05 -14.11
N THR D 1847 -75.83 62.14 -13.42
CA THR D 1847 -76.31 62.34 -12.06
C THR D 1847 -77.83 62.51 -12.02
N LEU D 1848 -78.38 63.29 -12.96
CA LEU D 1848 -79.83 63.46 -13.00
C LEU D 1848 -80.53 62.15 -13.37
N LEU D 1849 -79.92 61.38 -14.28
CA LEU D 1849 -80.49 60.09 -14.65
C LEU D 1849 -80.53 59.14 -13.46
N VAL D 1850 -79.45 59.13 -12.67
CA VAL D 1850 -79.42 58.29 -11.47
C VAL D 1850 -80.48 58.75 -10.49
N MET D 1851 -80.61 60.07 -10.30
CA MET D 1851 -81.62 60.60 -9.39
C MET D 1851 -83.05 60.41 -9.92
N GLY D 1852 -83.21 60.05 -11.19
CA GLY D 1852 -84.54 59.90 -11.74
C GLY D 1852 -85.29 61.19 -12.00
N ILE D 1853 -84.57 62.31 -12.16
CA ILE D 1853 -85.22 63.59 -12.38
C ILE D 1853 -85.90 63.62 -13.74
N PHE D 1854 -85.28 63.01 -14.75
CA PHE D 1854 -85.79 63.03 -16.11
C PHE D 1854 -87.10 62.28 -16.23
N GLY D 1855 -87.99 62.77 -17.10
CA GLY D 1855 -89.23 62.09 -17.38
C GLY D 1855 -89.10 61.11 -18.53
N ASP D 1856 -90.23 60.50 -18.88
CA ASP D 1856 -90.28 59.52 -19.97
C ASP D 1856 -89.93 60.16 -21.31
N GLU D 1857 -90.49 61.34 -21.59
CA GLU D 1857 -90.17 62.02 -22.83
C GLU D 1857 -88.72 62.49 -22.83
N ASP D 1858 -88.22 62.91 -21.67
CA ASP D 1858 -86.83 63.33 -21.57
C ASP D 1858 -85.90 62.18 -21.88
N VAL D 1859 -86.24 60.98 -21.38
CA VAL D 1859 -85.47 59.78 -21.68
C VAL D 1859 -85.53 59.47 -23.18
N LYS D 1860 -86.71 59.71 -23.79
CA LYS D 1860 -86.84 59.48 -25.22
C LYS D 1860 -85.92 60.40 -26.01
N GLN D 1861 -85.82 61.66 -25.59
CA GLN D 1861 -84.94 62.62 -26.24
C GLN D 1861 -83.48 62.19 -26.10
N ILE D 1862 -83.10 61.73 -24.90
CA ILE D 1862 -81.73 61.27 -24.67
C ILE D 1862 -81.40 60.08 -25.55
N LEU D 1863 -82.32 59.13 -25.66
CA LEU D 1863 -82.09 57.95 -26.50
C LEU D 1863 -81.95 58.33 -27.97
N LYS D 1864 -82.77 59.29 -28.44
CA LYS D 1864 -82.61 59.83 -29.79
C LYS D 1864 -81.24 60.47 -29.98
N MET D 1865 -80.75 61.16 -28.95
CA MET D 1865 -79.45 61.82 -29.09
C MET D 1865 -78.31 60.80 -29.11
N ILE D 1866 -78.35 59.82 -28.21
CA ILE D 1866 -77.29 58.80 -28.14
C ILE D 1866 -77.25 57.98 -29.40
N GLU D 1867 -78.40 57.46 -29.84
CA GLU D 1867 -78.46 56.67 -31.06
C GLU D 1867 -79.85 56.79 -31.66
N PRO D 1868 -80.04 57.66 -32.66
CA PRO D 1868 -81.39 57.96 -33.15
C PRO D 1868 -82.12 56.80 -33.83
N GLU D 1869 -81.53 56.22 -34.88
CA GLU D 1869 -82.27 55.29 -35.74
C GLU D 1869 -82.61 53.99 -35.03
N VAL D 1870 -81.72 53.50 -34.15
CA VAL D 1870 -82.00 52.28 -33.40
C VAL D 1870 -83.14 52.54 -32.42
N PHE D 1871 -83.17 53.72 -31.82
CA PHE D 1871 -84.14 54.06 -30.78
C PHE D 1871 -85.34 54.83 -31.34
N THR D 1872 -85.71 54.55 -32.59
CA THR D 1872 -86.91 55.13 -33.18
C THR D 1872 -88.10 54.27 -32.80
N GLU D 1873 -88.92 54.75 -31.87
CA GLU D 1873 -90.10 54.02 -31.43
C GLU D 1873 -91.12 53.90 -32.56
N GLU D 1874 -91.78 52.74 -32.62
CA GLU D 1874 -92.79 52.47 -33.64
C GLU D 1874 -93.70 51.34 -33.21
N LEU D 1922 -76.31 67.86 -38.37
CA LEU D 1922 -76.70 66.49 -38.66
C LEU D 1922 -77.17 65.78 -37.39
N GLU D 1923 -78.19 64.92 -37.54
CA GLU D 1923 -78.76 64.19 -36.42
C GLU D 1923 -78.08 62.83 -36.22
N GLU D 1924 -76.74 62.87 -36.22
CA GLU D 1924 -75.93 61.68 -35.99
C GLU D 1924 -75.71 61.49 -34.51
N GLY D 1925 -75.77 60.23 -34.08
CA GLY D 1925 -75.68 59.90 -32.67
C GLY D 1925 -74.30 60.15 -32.09
N LEU D 1926 -74.23 60.02 -30.77
CA LEU D 1926 -72.98 60.21 -30.05
C LEU D 1926 -71.93 59.19 -30.46
N LEU D 1927 -72.35 57.96 -30.71
CA LEU D 1927 -71.45 56.83 -30.94
C LEU D 1927 -70.60 56.97 -32.21
N GLN D 1928 -70.93 57.89 -33.10
CA GLN D 1928 -70.17 58.10 -34.33
C GLN D 1928 -69.33 59.37 -34.28
N MET D 1929 -69.06 59.90 -33.09
CA MET D 1929 -68.38 61.18 -32.95
C MET D 1929 -66.88 61.06 -32.68
N LYS D 1930 -66.31 59.85 -32.76
CA LYS D 1930 -64.89 59.51 -32.51
C LYS D 1930 -64.30 60.27 -31.30
N LEU D 1931 -64.97 60.06 -30.17
CA LEU D 1931 -64.69 60.78 -28.94
C LEU D 1931 -63.38 60.33 -28.29
N PRO D 1932 -62.76 61.19 -27.46
CA PRO D 1932 -61.58 60.78 -26.69
C PRO D 1932 -61.91 59.80 -25.58
N GLU D 1933 -60.86 59.31 -24.90
CA GLU D 1933 -61.01 58.27 -23.89
C GLU D 1933 -61.81 58.73 -22.67
N SER D 1934 -61.57 59.96 -22.20
CA SER D 1934 -62.15 60.44 -20.95
C SER D 1934 -63.67 60.48 -20.98
N VAL D 1935 -64.25 60.98 -22.07
CA VAL D 1935 -65.70 61.06 -22.21
C VAL D 1935 -66.33 59.70 -22.50
N LYS D 1936 -65.56 58.76 -23.08
CA LYS D 1936 -66.02 57.40 -23.28
C LYS D 1936 -66.41 56.73 -21.96
N LEU D 1937 -65.68 57.07 -20.88
CA LEU D 1937 -66.01 56.58 -19.55
C LEU D 1937 -67.38 57.08 -19.09
N GLN D 1938 -67.69 58.36 -19.35
CA GLN D 1938 -69.01 58.85 -19.00
C GLN D 1938 -70.09 58.22 -19.87
N MET D 1939 -69.73 57.85 -21.10
CA MET D 1939 -70.68 57.19 -21.99
C MET D 1939 -71.04 55.81 -21.43
N CYS D 1940 -70.03 55.11 -20.91
CA CYS D 1940 -70.27 53.82 -20.30
C CYS D 1940 -71.11 53.98 -19.04
N ASN D 1941 -70.85 55.04 -18.27
CA ASN D 1941 -71.62 55.30 -17.06
C ASN D 1941 -73.10 55.55 -17.38
N LEU D 1942 -73.38 56.17 -18.52
CA LEU D 1942 -74.76 56.32 -18.97
C LEU D 1942 -75.39 54.98 -19.33
N LEU D 1943 -74.62 54.13 -20.00
CA LEU D 1943 -75.19 52.87 -20.47
C LEU D 1943 -75.41 51.90 -19.33
N GLU D 1944 -74.52 51.88 -18.33
CA GLU D 1944 -74.75 50.97 -17.21
C GLU D 1944 -75.94 51.40 -16.35
N TYR D 1945 -76.41 52.64 -16.51
CA TYR D 1945 -77.66 53.05 -15.90
C TYR D 1945 -78.83 52.52 -16.69
N PHE D 1946 -78.79 52.65 -18.02
CA PHE D 1946 -79.90 52.12 -18.82
C PHE D 1946 -80.01 50.60 -18.68
N CYS D 1947 -78.87 49.92 -18.64
CA CYS D 1947 -78.85 48.48 -18.41
C CYS D 1947 -79.38 48.11 -17.02
N ASP D 1948 -79.07 48.94 -16.01
CA ASP D 1948 -79.65 48.74 -14.68
C ASP D 1948 -81.18 48.90 -14.75
N GLN D 1949 -81.65 49.89 -15.52
CA GLN D 1949 -83.08 50.10 -15.68
C GLN D 1949 -83.75 48.89 -16.31
N GLU D 1950 -83.10 48.30 -17.31
CA GLU D 1950 -83.61 47.09 -17.95
C GLU D 1950 -83.68 45.92 -16.97
N LEU D 1951 -82.64 45.76 -16.15
CA LEU D 1951 -82.64 44.71 -15.14
C LEU D 1951 -83.77 44.91 -14.13
N GLN D 1952 -83.98 46.16 -13.69
CA GLN D 1952 -85.07 46.44 -12.76
C GLN D 1952 -86.42 46.19 -13.40
N HIS D 1953 -86.56 46.49 -14.70
CA HIS D 1953 -87.80 46.22 -15.41
C HIS D 1953 -88.08 44.73 -15.46
N ARG D 1954 -87.02 43.93 -15.67
CA ARG D 1954 -87.17 42.47 -15.67
C ARG D 1954 -87.64 41.98 -14.31
N VAL D 1955 -86.99 42.47 -13.24
CA VAL D 1955 -87.30 41.99 -11.89
C VAL D 1955 -88.75 42.33 -11.54
N GLU D 1956 -89.19 43.54 -11.91
CA GLU D 1956 -90.56 43.95 -11.67
C GLU D 1956 -91.54 43.08 -12.45
N SER D 1957 -91.17 42.67 -13.67
CA SER D 1957 -92.02 41.76 -14.45
C SER D 1957 -92.15 40.41 -13.77
N LEU D 1958 -91.04 39.89 -13.22
CA LEU D 1958 -91.07 38.65 -12.45
C LEU D 1958 -91.98 38.76 -11.24
N ALA D 1959 -91.91 39.89 -10.53
CA ALA D 1959 -92.80 40.10 -9.38
C ALA D 1959 -94.28 40.15 -9.79
N ALA D 1960 -94.59 40.81 -10.91
CA ALA D 1960 -95.96 40.84 -11.41
C ALA D 1960 -96.46 39.45 -11.81
N PHE D 1961 -95.60 38.68 -12.48
CA PHE D 1961 -95.96 37.32 -12.86
C PHE D 1961 -96.15 36.45 -11.63
N ALA D 1962 -95.29 36.65 -10.61
CA ALA D 1962 -95.43 35.90 -9.36
C ALA D 1962 -96.75 36.23 -8.68
N GLU D 1963 -97.15 37.51 -8.74
CA GLU D 1963 -98.42 37.94 -8.17
C GLU D 1963 -99.60 37.23 -8.82
N ARG D 1964 -99.58 37.13 -10.14
CA ARG D 1964 -100.69 36.44 -10.81
C ARG D 1964 -100.63 34.93 -10.60
N TYR D 1965 -99.43 34.35 -10.72
CA TYR D 1965 -99.25 32.91 -10.70
C TYR D 1965 -99.55 32.31 -9.34
N VAL D 1966 -99.22 33.03 -8.25
CA VAL D 1966 -99.54 32.55 -6.91
C VAL D 1966 -101.05 32.44 -6.74
N ASP D 1967 -101.78 33.46 -7.20
CA ASP D 1967 -103.24 33.49 -7.04
C ASP D 1967 -103.90 32.34 -7.79
N LYS D 1968 -103.52 32.14 -9.06
CA LYS D 1968 -104.12 31.04 -9.81
C LYS D 1968 -103.68 29.68 -9.32
N LEU D 1969 -102.43 29.56 -8.84
CA LEU D 1969 -101.96 28.28 -8.33
C LEU D 1969 -102.64 27.95 -7.01
N GLN D 1970 -102.87 28.96 -6.15
CA GLN D 1970 -103.59 28.74 -4.91
C GLN D 1970 -105.02 28.31 -5.18
N ALA D 1971 -105.67 28.92 -6.18
CA ALA D 1971 -107.04 28.53 -6.52
C ALA D 1971 -107.10 27.09 -7.00
N ASN D 1972 -106.15 26.69 -7.85
CA ASN D 1972 -106.09 25.30 -8.32
C ASN D 1972 -105.80 24.32 -7.17
N GLN D 1973 -104.89 24.68 -6.28
CA GLN D 1973 -104.57 23.85 -5.12
C GLN D 1973 -105.75 23.75 -4.16
N ARG D 1974 -106.51 24.83 -4.01
CA ARG D 1974 -107.74 24.81 -3.21
C ARG D 1974 -108.77 23.86 -3.81
N SER D 1975 -108.96 23.93 -5.13
CA SER D 1975 -109.93 23.05 -5.78
C SER D 1975 -109.49 21.59 -5.70
N ARG D 1976 -108.19 21.34 -5.87
CA ARG D 1976 -107.66 19.98 -5.77
C ARG D 1976 -107.84 19.44 -4.34
N TYR D 1977 -107.66 20.31 -3.34
CA TYR D 1977 -107.84 19.91 -1.95
C TYR D 1977 -109.30 19.54 -1.69
N ALA D 1978 -110.22 20.33 -2.28
CA ALA D 1978 -111.64 20.04 -2.15
C ALA D 1978 -111.97 18.70 -2.79
N LEU D 1979 -111.38 18.42 -3.97
CA LEU D 1979 -111.59 17.13 -4.60
C LEU D 1979 -111.01 16.00 -3.75
N LEU D 1980 -109.93 16.27 -3.01
CA LEU D 1980 -109.37 15.24 -2.16
C LEU D 1980 -110.28 14.97 -0.97
N MET D 1981 -111.07 15.97 -0.57
CA MET D 1981 -111.99 15.78 0.55
C MET D 1981 -113.09 14.78 0.20
N ARG D 1982 -113.47 14.70 -1.08
CA ARG D 1982 -114.44 13.70 -1.53
C ARG D 1982 -113.79 12.51 -2.20
N ALA D 1983 -112.46 12.44 -2.25
CA ALA D 1983 -111.81 11.32 -2.91
C ALA D 1983 -111.87 10.04 -2.09
N PHE D 1984 -112.14 10.13 -0.78
CA PHE D 1984 -112.16 8.95 0.08
C PHE D 1984 -113.29 7.98 -0.26
N THR D 1985 -114.30 8.44 -1.00
CA THR D 1985 -115.38 7.55 -1.42
C THR D 1985 -114.91 6.64 -2.54
N MET D 1986 -114.08 7.17 -3.43
CA MET D 1986 -113.59 6.44 -4.60
C MET D 1986 -112.08 6.23 -4.55
N SER D 1987 -111.56 6.00 -3.35
CA SER D 1987 -110.13 5.74 -3.18
C SER D 1987 -109.93 4.84 -1.97
N ALA D 1988 -108.68 4.69 -1.56
CA ALA D 1988 -108.30 3.82 -0.45
C ALA D 1988 -107.06 4.44 0.20
N ALA D 1989 -106.30 3.64 0.94
CA ALA D 1989 -105.12 4.10 1.67
C ALA D 1989 -104.02 4.73 0.81
N GLU D 1990 -104.10 4.64 -0.53
CA GLU D 1990 -103.10 5.28 -1.39
C GLU D 1990 -103.28 6.79 -1.50
N THR D 1991 -104.25 7.38 -0.80
CA THR D 1991 -104.42 8.83 -0.75
C THR D 1991 -103.27 9.56 -0.08
N ALA D 1992 -102.39 8.85 0.63
CA ALA D 1992 -101.23 9.48 1.26
C ALA D 1992 -100.34 10.20 0.24
N ARG D 1993 -100.20 9.64 -0.95
CA ARG D 1993 -99.42 10.29 -2.00
C ARG D 1993 -100.13 11.54 -2.52
N ARG D 1994 -101.47 11.56 -2.56
CA ARG D 1994 -102.20 12.74 -3.00
C ARG D 1994 -102.25 13.82 -1.93
N THR D 1995 -102.36 13.43 -0.66
CA THR D 1995 -102.37 14.40 0.44
C THR D 1995 -100.99 14.70 0.99
N ARG D 1996 -99.94 14.16 0.35
CA ARG D 1996 -98.57 14.48 0.74
C ARG D 1996 -98.30 15.97 0.57
N GLU D 1997 -98.95 16.61 -0.40
CA GLU D 1997 -98.81 18.05 -0.60
C GLU D 1997 -99.32 18.79 0.62
N PHE D 1998 -100.52 18.46 1.08
CA PHE D 1998 -101.15 19.20 2.15
C PHE D 1998 -100.60 18.79 3.52
N ARG D 1999 -99.87 17.68 3.61
CA ARG D 1999 -99.16 17.37 4.84
C ARG D 1999 -97.67 17.77 4.76
N SER D 2000 -97.25 18.33 3.63
CA SER D 2000 -95.89 18.81 3.50
C SER D 2000 -95.88 20.33 3.52
N PRO D 2001 -94.86 20.96 4.13
CA PRO D 2001 -94.83 22.42 4.20
C PRO D 2001 -94.70 23.04 2.82
N PRO D 2002 -95.15 24.29 2.64
CA PRO D 2002 -95.24 24.87 1.27
C PRO D 2002 -93.94 25.06 0.53
N GLN D 2003 -92.80 25.02 1.24
CA GLN D 2003 -91.49 25.25 0.62
C GLN D 2003 -91.21 24.21 -0.45
N GLU D 2004 -91.51 22.94 -0.17
CA GLU D 2004 -91.33 21.93 -1.20
C GLU D 2004 -92.61 21.63 -1.96
N GLN D 2005 -93.75 22.15 -1.48
CA GLN D 2005 -94.99 22.05 -2.26
C GLN D 2005 -94.86 22.82 -3.56
N ILE D 2006 -94.40 24.07 -3.48
CA ILE D 2006 -94.19 24.85 -4.69
C ILE D 2006 -93.08 24.24 -5.54
N ASN D 2007 -92.05 23.68 -4.90
CA ASN D 2007 -90.96 23.03 -5.63
C ASN D 2007 -91.46 21.86 -6.47
N MET D 2008 -92.34 21.04 -5.88
CA MET D 2008 -92.97 19.96 -6.61
C MET D 2008 -93.91 20.48 -7.70
N LEU D 2009 -94.71 21.51 -7.38
CA LEU D 2009 -95.64 22.06 -8.34
C LEU D 2009 -94.91 22.66 -9.54
N LEU D 2010 -93.83 23.40 -9.28
CA LEU D 2010 -93.02 24.00 -10.33
C LEU D 2010 -92.16 22.98 -11.06
N HIS D 2011 -91.98 21.78 -10.51
CA HIS D 2011 -91.07 20.81 -11.07
C HIS D 2011 -91.71 20.08 -12.25
N PHE D 2012 -91.83 20.80 -13.36
CA PHE D 2012 -92.26 20.21 -14.61
C PHE D 2012 -91.50 20.80 -15.81
N LYS D 2013 -90.31 21.34 -15.60
CA LYS D 2013 -89.60 22.06 -16.66
C LYS D 2013 -89.12 21.13 -17.76
N ASP D 2014 -88.48 20.02 -17.37
CA ASP D 2014 -87.82 19.14 -18.33
C ASP D 2014 -88.75 18.12 -18.97
N GLU D 2015 -90.04 18.13 -18.63
CA GLU D 2015 -91.13 17.29 -19.16
C GLU D 2015 -91.02 15.81 -18.79
N ALA D 2016 -89.98 15.39 -18.09
CA ALA D 2016 -89.84 14.01 -17.62
C ALA D 2016 -90.45 13.81 -16.25
N ASP D 2017 -91.16 14.81 -15.73
CA ASP D 2017 -91.73 14.78 -14.39
C ASP D 2017 -93.16 15.30 -14.38
N GLU D 2018 -93.88 15.16 -15.50
CA GLU D 2018 -95.24 15.69 -15.59
C GLU D 2018 -96.22 14.87 -14.75
N GLU D 2019 -95.93 13.58 -14.55
CA GLU D 2019 -96.82 12.70 -13.79
C GLU D 2019 -96.95 13.16 -12.34
N ASP D 2020 -95.84 13.55 -11.74
CA ASP D 2020 -95.87 14.01 -10.35
C ASP D 2020 -96.60 15.35 -10.23
N CYS D 2021 -96.39 16.24 -11.19
CA CYS D 2021 -97.00 17.57 -11.16
C CYS D 2021 -98.49 17.49 -11.47
N PRO D 2022 -99.37 18.01 -10.61
CA PRO D 2022 -100.81 17.99 -10.88
C PRO D 2022 -101.37 19.24 -11.54
N LEU D 2023 -100.52 20.18 -11.95
CA LEU D 2023 -101.00 21.43 -12.53
C LEU D 2023 -101.67 21.18 -13.89
N PRO D 2024 -102.78 21.85 -14.17
CA PRO D 2024 -103.40 21.73 -15.50
C PRO D 2024 -102.52 22.38 -16.57
N GLU D 2025 -102.69 21.87 -17.79
CA GLU D 2025 -101.85 22.26 -18.92
C GLU D 2025 -101.99 23.74 -19.28
N ASP D 2026 -103.09 24.39 -18.91
CA ASP D 2026 -103.21 25.82 -19.17
C ASP D 2026 -102.25 26.63 -18.28
N ILE D 2027 -102.16 26.28 -16.99
CA ILE D 2027 -101.19 26.93 -16.11
C ILE D 2027 -99.77 26.55 -16.52
N ARG D 2028 -99.56 25.27 -16.87
CA ARG D 2028 -98.24 24.85 -17.35
C ARG D 2028 -97.83 25.59 -18.61
N GLN D 2029 -98.80 25.89 -19.49
CA GLN D 2029 -98.51 26.67 -20.69
C GLN D 2029 -98.20 28.11 -20.33
N ASP D 2030 -98.87 28.63 -19.30
CA ASP D 2030 -98.69 30.01 -18.88
C ASP D 2030 -97.25 30.20 -18.41
N LEU D 2031 -96.77 29.25 -17.59
CA LEU D 2031 -95.43 29.36 -17.05
C LEU D 2031 -94.38 29.18 -18.14
N GLN D 2032 -94.52 28.14 -18.98
CA GLN D 2032 -93.49 27.93 -20.01
C GLN D 2032 -93.49 29.06 -21.05
N ASP D 2033 -94.65 29.69 -21.28
CA ASP D 2033 -94.73 30.86 -22.16
C ASP D 2033 -93.99 32.04 -21.53
N PHE D 2034 -94.23 32.29 -20.24
CA PHE D 2034 -93.49 33.37 -19.59
C PHE D 2034 -92.00 33.07 -19.50
N HIS D 2035 -91.61 31.80 -19.50
CA HIS D 2035 -90.19 31.50 -19.57
C HIS D 2035 -89.65 31.78 -20.96
N GLN D 2036 -90.50 31.56 -21.99
CA GLN D 2036 -90.06 31.74 -23.37
C GLN D 2036 -89.79 33.20 -23.65
N ASP D 2037 -90.75 34.08 -23.31
CA ASP D 2037 -90.47 35.47 -23.61
C ASP D 2037 -89.50 36.07 -22.61
N LEU D 2038 -89.31 35.46 -21.43
CA LEU D 2038 -88.30 35.95 -20.50
C LEU D 2038 -86.90 35.74 -21.06
N LEU D 2039 -86.61 34.53 -21.56
CA LEU D 2039 -85.32 34.31 -22.20
C LEU D 2039 -85.22 35.07 -23.54
N ALA D 2040 -86.33 35.27 -24.24
CA ALA D 2040 -86.29 36.11 -25.43
C ALA D 2040 -85.98 37.57 -25.08
N HIS D 2041 -86.51 38.05 -23.95
CA HIS D 2041 -86.17 39.38 -23.46
C HIS D 2041 -84.70 39.47 -23.10
N CYS D 2042 -84.15 38.40 -22.53
CA CYS D 2042 -82.72 38.35 -22.28
C CYS D 2042 -81.92 38.03 -23.53
N GLY D 2043 -82.57 37.81 -24.67
CA GLY D 2043 -81.91 37.53 -25.92
C GLY D 2043 -81.15 36.23 -25.99
N ILE D 2044 -81.72 35.14 -25.46
CA ILE D 2044 -81.04 33.85 -25.52
C ILE D 2044 -81.15 33.25 -26.91
N GLN D 2045 -82.38 33.00 -27.37
CA GLN D 2045 -82.59 32.45 -28.69
C GLN D 2045 -84.00 32.81 -29.13
N LEU D 2046 -84.19 32.81 -30.45
CA LEU D 2046 -85.48 33.15 -31.06
C LEU D 2046 -85.50 32.71 -32.52
N GLU D 2088 -78.42 43.25 -41.78
CA GLU D 2088 -78.63 42.83 -40.40
C GLU D 2088 -77.68 43.56 -39.46
N LYS D 2089 -77.04 44.61 -39.99
CA LYS D 2089 -76.11 45.40 -39.18
C LYS D 2089 -76.81 46.28 -38.16
N LYS D 2090 -78.13 46.40 -38.22
CA LYS D 2090 -78.87 47.21 -37.26
C LYS D 2090 -78.93 46.47 -35.94
N PRO D 2091 -78.39 47.04 -34.85
CA PRO D 2091 -78.46 46.38 -33.54
C PRO D 2091 -79.88 46.13 -33.04
N GLN D 2092 -80.79 47.08 -33.27
CA GLN D 2092 -82.22 47.01 -32.97
C GLN D 2092 -82.54 46.82 -31.50
N SER D 2093 -81.55 46.89 -30.62
CA SER D 2093 -81.74 46.74 -29.18
C SER D 2093 -80.52 47.29 -28.46
N LEU D 2094 -80.72 47.62 -27.19
CA LEU D 2094 -79.63 48.10 -26.35
C LEU D 2094 -78.58 47.02 -26.14
N GLN D 2095 -79.03 45.76 -25.97
CA GLN D 2095 -78.11 44.65 -25.72
C GLN D 2095 -77.14 44.45 -26.88
N GLU D 2096 -77.64 44.51 -28.10
CA GLU D 2096 -76.76 44.36 -29.25
C GLU D 2096 -75.95 45.62 -29.50
N LEU D 2097 -76.55 46.78 -29.24
CA LEU D 2097 -75.89 48.07 -29.51
C LEU D 2097 -74.67 48.27 -28.62
N VAL D 2098 -74.80 47.97 -27.32
CA VAL D 2098 -73.69 48.17 -26.39
C VAL D 2098 -72.52 47.26 -26.75
N SER D 2099 -72.80 45.99 -27.03
CA SER D 2099 -71.76 45.03 -27.38
C SER D 2099 -71.06 45.42 -28.67
N HIS D 2100 -71.83 45.87 -29.68
CA HIS D 2100 -71.24 46.30 -30.95
CA HIS D 2100 -71.25 46.29 -30.95
C HIS D 2100 -70.35 47.52 -30.77
N MET D 2101 -70.81 48.46 -29.94
CA MET D 2101 -70.06 49.69 -29.73
C MET D 2101 -68.78 49.41 -28.97
N VAL D 2102 -68.86 48.61 -27.90
CA VAL D 2102 -67.70 48.36 -27.05
C VAL D 2102 -66.63 47.62 -27.85
N VAL D 2103 -67.06 46.61 -28.64
CA VAL D 2103 -66.11 45.89 -29.48
C VAL D 2103 -65.49 46.84 -30.51
N ARG D 2104 -66.31 47.75 -31.06
CA ARG D 2104 -65.79 48.71 -32.04
C ARG D 2104 -64.73 49.62 -31.41
N TRP D 2105 -65.01 50.11 -30.19
CA TRP D 2105 -64.07 50.98 -29.49
C TRP D 2105 -62.76 50.26 -29.23
N ALA D 2106 -62.85 49.01 -28.79
CA ALA D 2106 -61.65 48.24 -28.47
C ALA D 2106 -60.82 47.98 -29.71
N GLN D 2107 -61.46 47.64 -30.83
CA GLN D 2107 -60.68 47.30 -32.02
C GLN D 2107 -60.22 48.54 -32.78
N GLU D 2108 -60.78 49.71 -32.50
CA GLU D 2108 -60.33 50.91 -33.22
C GLU D 2108 -58.96 51.37 -32.75
N ASP D 2109 -58.70 51.28 -31.45
CA ASP D 2109 -57.42 51.74 -30.92
C ASP D 2109 -57.10 51.06 -29.60
N TYR D 2110 -55.84 51.13 -29.22
CA TYR D 2110 -55.38 50.57 -27.95
C TYR D 2110 -55.77 51.55 -26.84
N VAL D 2111 -56.81 51.18 -26.08
CA VAL D 2111 -57.30 52.01 -24.99
C VAL D 2111 -56.27 52.05 -23.88
N GLN D 2112 -55.93 53.26 -23.43
CA GLN D 2112 -54.86 53.40 -22.45
C GLN D 2112 -55.35 53.61 -21.02
N SER D 2113 -56.64 53.92 -20.83
CA SER D 2113 -57.15 54.14 -19.48
C SER D 2113 -57.62 52.82 -18.89
N PRO D 2114 -56.97 52.31 -17.82
CA PRO D 2114 -57.41 51.04 -17.20
C PRO D 2114 -58.82 51.09 -16.66
N GLU D 2115 -59.22 52.25 -16.12
CA GLU D 2115 -60.57 52.39 -15.59
C GLU D 2115 -61.58 52.32 -16.72
N LEU D 2116 -61.26 52.94 -17.86
CA LEU D 2116 -62.14 52.88 -19.02
C LEU D 2116 -62.28 51.46 -19.55
N VAL D 2117 -61.16 50.72 -19.54
CA VAL D 2117 -61.17 49.31 -19.97
C VAL D 2117 -62.08 48.49 -19.08
N ARG D 2118 -61.93 48.65 -17.76
CA ARG D 2118 -62.77 47.93 -16.81
C ARG D 2118 -64.23 48.33 -16.95
N ALA D 2119 -64.47 49.61 -17.27
CA ALA D 2119 -65.82 50.11 -17.41
C ALA D 2119 -66.50 49.48 -18.62
N MET D 2120 -65.80 49.45 -19.76
CA MET D 2120 -66.45 48.93 -20.97
C MET D 2120 -66.67 47.43 -20.85
N PHE D 2121 -65.71 46.71 -20.26
CA PHE D 2121 -65.88 45.27 -20.21
C PHE D 2121 -66.88 44.84 -19.14
N SER D 2122 -67.16 45.72 -18.16
CA SER D 2122 -68.30 45.48 -17.29
C SER D 2122 -69.60 45.50 -18.07
N LEU D 2123 -69.74 46.47 -18.97
CA LEU D 2123 -70.93 46.57 -19.81
C LEU D 2123 -71.04 45.37 -20.73
N LEU D 2124 -69.92 44.97 -21.36
CA LEU D 2124 -69.95 43.87 -22.32
C LEU D 2124 -70.34 42.57 -21.63
N HIS D 2125 -69.80 42.34 -20.42
CA HIS D 2125 -70.14 41.15 -19.68
C HIS D 2125 -71.62 41.17 -19.33
N ARG D 2126 -72.14 42.33 -18.94
CA ARG D 2126 -73.55 42.38 -18.55
C ARG D 2126 -74.46 42.14 -19.75
N GLN D 2127 -74.02 42.52 -20.96
CA GLN D 2127 -74.91 42.30 -22.11
C GLN D 2127 -74.95 40.84 -22.46
N TYR D 2128 -73.80 40.18 -22.47
CA TYR D 2128 -73.79 38.75 -22.80
C TYR D 2128 -74.45 37.90 -21.71
N ASP D 2129 -74.08 38.11 -20.45
CA ASP D 2129 -74.59 37.27 -19.37
C ASP D 2129 -75.91 37.84 -18.85
N GLY D 2130 -76.94 37.74 -19.70
CA GLY D 2130 -78.25 38.26 -19.35
C GLY D 2130 -78.89 37.54 -18.16
N LEU D 2131 -78.79 36.21 -18.14
CA LEU D 2131 -79.38 35.46 -17.04
C LEU D 2131 -78.55 35.52 -15.76
N GLY D 2132 -77.23 35.59 -15.89
CA GLY D 2132 -76.37 35.62 -14.70
C GLY D 2132 -76.59 36.84 -13.83
N GLU D 2133 -76.71 38.01 -14.44
CA GLU D 2133 -77.03 39.22 -13.68
C GLU D 2133 -78.41 39.13 -13.03
N LEU D 2134 -79.37 38.48 -13.70
CA LEU D 2134 -80.66 38.25 -13.06
C LEU D 2134 -80.52 37.31 -11.88
N LEU D 2135 -79.70 36.27 -12.03
CA LEU D 2135 -79.46 35.33 -10.94
C LEU D 2135 -78.73 35.97 -9.78
N ARG D 2136 -77.96 37.02 -10.05
CA ARG D 2136 -77.27 37.74 -9.00
C ARG D 2136 -78.07 38.93 -8.49
N ALA D 2137 -79.27 39.13 -9.03
CA ALA D 2137 -80.17 40.15 -8.54
C ALA D 2137 -81.38 39.60 -7.81
N LEU D 2138 -81.80 38.39 -8.14
CA LEU D 2138 -82.92 37.74 -7.44
C LEU D 2138 -82.75 37.57 -5.92
N PRO D 2139 -81.58 37.18 -5.36
CA PRO D 2139 -81.48 37.08 -3.89
C PRO D 2139 -81.81 38.36 -3.14
N ARG D 2140 -81.58 39.52 -3.74
CA ARG D 2140 -81.97 40.77 -3.09
C ARG D 2140 -83.40 41.18 -3.41
N ALA D 2141 -84.08 40.47 -4.31
CA ALA D 2141 -85.46 40.79 -4.61
C ALA D 2141 -86.37 40.36 -3.47
N TYR D 2142 -87.47 41.09 -3.29
CA TYR D 2142 -88.42 40.81 -2.23
C TYR D 2142 -89.74 41.51 -2.57
N THR D 2143 -90.83 40.92 -2.08
CA THR D 2143 -92.16 41.47 -2.31
C THR D 2143 -92.78 41.82 -0.97
N ILE D 2144 -93.53 42.91 -0.93
CA ILE D 2144 -94.07 43.41 0.31
C ILE D 2144 -95.57 43.70 0.15
N SER D 2145 -96.25 43.73 1.29
CA SER D 2145 -97.68 44.01 1.31
C SER D 2145 -97.95 45.49 1.04
N PRO D 2146 -98.97 45.80 0.24
CA PRO D 2146 -99.32 47.22 -0.02
C PRO D 2146 -99.68 48.02 1.22
N SER D 2147 -100.23 47.38 2.25
CA SER D 2147 -100.61 48.10 3.46
C SER D 2147 -99.43 48.51 4.34
N SER D 2148 -98.23 48.01 4.09
CA SER D 2148 -97.05 48.31 4.89
C SER D 2148 -95.97 49.02 4.09
N VAL D 2149 -96.34 49.65 2.97
CA VAL D 2149 -95.37 50.32 2.12
C VAL D 2149 -94.77 51.53 2.83
N GLU D 2150 -95.59 52.31 3.55
CA GLU D 2150 -95.05 53.51 4.19
C GLU D 2150 -94.09 53.16 5.33
N ASP D 2151 -94.36 52.07 6.04
CA ASP D 2151 -93.44 51.57 7.06
C ASP D 2151 -92.12 51.10 6.45
N THR D 2152 -92.19 50.40 5.31
CA THR D 2152 -90.94 50.03 4.65
C THR D 2152 -90.23 51.24 4.07
N MET D 2153 -90.99 52.24 3.61
CA MET D 2153 -90.42 53.47 3.10
C MET D 2153 -89.67 54.20 4.21
N SER D 2154 -90.19 54.09 5.43
CA SER D 2154 -89.58 54.75 6.58
C SER D 2154 -88.30 54.04 6.95
N LEU D 2155 -88.32 52.70 7.00
CA LEU D 2155 -87.12 51.99 7.41
C LEU D 2155 -86.00 52.16 6.37
N LEU D 2156 -86.37 52.23 5.08
CA LEU D 2156 -85.38 52.53 4.05
C LEU D 2156 -84.77 53.91 4.23
N GLU D 2157 -85.59 54.90 4.60
CA GLU D 2157 -85.08 56.21 4.95
C GLU D 2157 -84.13 56.16 6.14
N CYS D 2158 -84.50 55.41 7.19
CA CYS D 2158 -83.63 55.27 8.35
C CYS D 2158 -82.32 54.57 8.01
N LEU D 2159 -82.38 53.53 7.17
CA LEU D 2159 -81.18 52.85 6.72
C LEU D 2159 -80.30 53.73 5.85
N GLY D 2160 -80.87 54.77 5.22
CA GLY D 2160 -80.08 55.65 4.39
C GLY D 2160 -79.00 56.37 5.17
N GLN D 2161 -79.34 56.88 6.37
CA GLN D 2161 -78.33 57.53 7.20
C GLN D 2161 -77.31 56.52 7.69
N ILE D 2162 -77.77 55.30 7.97
CA ILE D 2162 -76.90 54.25 8.50
C ILE D 2162 -75.80 53.95 7.50
N ARG D 2163 -76.18 53.78 6.23
CA ARG D 2163 -75.17 53.56 5.20
C ARG D 2163 -74.31 54.79 5.00
N SER D 2164 -74.91 55.99 5.07
CA SER D 2164 -74.12 57.20 4.84
C SER D 2164 -73.13 57.51 5.96
N LEU D 2165 -73.24 56.87 7.11
CA LEU D 2165 -72.34 57.19 8.21
C LEU D 2165 -71.11 56.30 8.28
N LEU D 2166 -71.01 55.28 7.44
CA LEU D 2166 -69.79 54.47 7.46
C LEU D 2166 -68.64 55.11 6.69
N ILE D 2167 -68.89 56.16 5.92
CA ILE D 2167 -67.84 56.83 5.16
C ILE D 2167 -67.32 58.08 5.87
N VAL D 2168 -67.72 58.30 7.12
CA VAL D 2168 -67.36 59.50 7.86
C VAL D 2168 -66.79 59.07 9.21
N GLN D 2169 -65.78 59.81 9.68
CA GLN D 2169 -65.20 59.56 11.00
C GLN D 2169 -66.25 59.70 12.08
N MET D 2170 -66.18 58.82 13.07
CA MET D 2170 -67.15 58.79 14.16
C MET D 2170 -67.12 60.06 15.01
N GLY D 2171 -68.30 60.60 15.26
CA GLY D 2171 -68.46 61.81 16.03
C GLY D 2171 -69.73 61.75 16.84
N PRO D 2172 -69.83 62.56 17.89
CA PRO D 2172 -71.05 62.58 18.73
C PRO D 2172 -72.32 62.95 17.96
N GLN D 2173 -72.18 63.86 16.98
CA GLN D 2173 -73.31 64.26 16.16
C GLN D 2173 -73.82 63.09 15.33
N GLU D 2174 -72.90 62.32 14.74
CA GLU D 2174 -73.32 61.16 13.96
C GLU D 2174 -73.83 60.06 14.87
N GLU D 2175 -73.26 60.00 16.08
CA GLU D 2175 -73.62 59.00 17.07
C GLU D 2175 -75.08 59.11 17.47
N ASN D 2176 -75.54 60.35 17.70
CA ASN D 2176 -76.94 60.58 18.04
C ASN D 2176 -77.85 60.17 16.89
N LEU D 2177 -77.45 60.51 15.66
CA LEU D 2177 -78.26 60.22 14.47
C LEU D 2177 -78.42 58.73 14.27
N MET D 2178 -77.33 57.98 14.42
CA MET D 2178 -77.42 56.54 14.24
C MET D 2178 -78.17 55.87 15.39
N ILE D 2179 -78.04 56.39 16.61
CA ILE D 2179 -78.80 55.84 17.74
C ILE D 2179 -80.29 56.03 17.54
N GLN D 2180 -80.70 57.21 17.05
CA GLN D 2180 -82.10 57.46 16.67
C GLN D 2180 -82.54 56.55 15.53
N SER D 2181 -81.66 56.33 14.55
CA SER D 2181 -81.98 55.44 13.43
C SER D 2181 -82.20 54.01 13.90
N ILE D 2182 -81.35 53.53 14.82
CA ILE D 2182 -81.49 52.18 15.38
C ILE D 2182 -82.78 52.07 16.17
N GLY D 2183 -83.10 53.10 16.96
CA GLY D 2183 -84.35 53.08 17.71
C GLY D 2183 -85.56 53.06 16.79
N ASN D 2184 -85.47 53.76 15.65
CA ASN D 2184 -86.55 53.73 14.68
C ASN D 2184 -86.70 52.34 14.09
N ILE D 2185 -85.57 51.62 13.91
CA ILE D 2185 -85.63 50.24 13.42
C ILE D 2185 -86.34 49.36 14.45
N MET D 2186 -86.04 49.59 15.73
CA MET D 2186 -86.74 48.89 16.82
C MET D 2186 -88.24 49.13 16.74
N ASN D 2187 -88.63 50.40 16.64
CA ASN D 2187 -90.05 50.75 16.66
C ASN D 2187 -90.77 50.39 15.36
N ASN D 2188 -90.05 50.01 14.31
CA ASN D 2188 -90.70 49.60 13.07
C ASN D 2188 -91.11 48.13 13.16
N LYS D 2189 -92.42 47.88 13.01
CA LYS D 2189 -92.97 46.54 13.11
C LYS D 2189 -92.55 45.61 11.97
N VAL D 2190 -92.11 46.17 10.84
CA VAL D 2190 -91.70 45.34 9.70
C VAL D 2190 -90.42 44.57 10.01
N PHE D 2191 -89.61 45.09 10.95
CA PHE D 2191 -88.37 44.45 11.37
C PHE D 2191 -88.62 43.07 11.98
N TYR D 2192 -89.83 42.83 12.49
CA TYR D 2192 -90.22 41.51 12.96
C TYR D 2192 -91.07 40.77 11.94
N GLN D 2193 -91.87 41.51 11.16
CA GLN D 2193 -92.78 40.90 10.20
C GLN D 2193 -92.02 40.17 9.10
N HIS D 2194 -90.94 40.77 8.61
CA HIS D 2194 -90.19 40.22 7.47
C HIS D 2194 -88.70 40.19 7.80
N PRO D 2195 -88.26 39.23 8.64
CA PRO D 2195 -86.81 39.07 8.87
C PRO D 2195 -86.02 38.72 7.62
N ASN D 2196 -86.63 38.00 6.67
CA ASN D 2196 -85.94 37.64 5.43
C ASN D 2196 -85.55 38.87 4.62
N LEU D 2197 -86.47 39.85 4.52
CA LEU D 2197 -86.13 41.12 3.90
C LEU D 2197 -85.05 41.85 4.69
N MET D 2198 -85.16 41.82 6.02
CA MET D 2198 -84.19 42.51 6.87
C MET D 2198 -82.81 41.87 6.75
N ARG D 2199 -82.77 40.57 6.45
CA ARG D 2199 -81.51 39.88 6.20
C ARG D 2199 -81.00 40.20 4.81
N ALA D 2200 -81.92 40.31 3.84
CA ALA D 2200 -81.55 40.59 2.45
C ALA D 2200 -80.89 41.96 2.34
N LEU D 2201 -81.41 42.95 3.06
CA LEU D 2201 -80.78 44.26 3.09
C LEU D 2201 -79.40 44.23 3.75
N GLY D 2202 -79.11 43.22 4.55
CA GLY D 2202 -77.80 43.09 5.17
C GLY D 2202 -77.48 44.18 6.17
N MET D 2203 -78.45 44.58 6.99
CA MET D 2203 -78.20 45.57 8.02
C MET D 2203 -77.22 45.08 9.05
N HIS D 2204 -77.30 43.79 9.39
CA HIS D 2204 -76.39 43.17 10.36
C HIS D 2204 -74.93 43.34 9.96
N GLU D 2205 -74.65 43.32 8.65
CA GLU D 2205 -73.33 43.63 8.13
C GLU D 2205 -72.95 45.07 8.44
N THR D 2206 -73.79 46.02 8.01
CA THR D 2206 -73.46 47.44 8.13
C THR D 2206 -73.28 47.84 9.59
N VAL D 2207 -74.19 47.38 10.46
CA VAL D 2207 -74.07 47.64 11.89
C VAL D 2207 -72.83 46.96 12.45
N MET D 2208 -72.38 45.87 11.81
CA MET D 2208 -71.16 45.24 12.29
C MET D 2208 -69.95 46.09 11.94
N GLU D 2209 -69.88 46.61 10.70
CA GLU D 2209 -68.70 47.39 10.34
C GLU D 2209 -68.68 48.74 11.05
N VAL D 2210 -69.85 49.34 11.31
CA VAL D 2210 -69.87 50.62 12.02
C VAL D 2210 -69.32 50.43 13.43
N MET D 2211 -69.42 49.22 13.98
CA MET D 2211 -68.69 48.88 15.20
C MET D 2211 -67.21 48.72 14.92
N VAL D 2212 -66.87 48.02 13.82
CA VAL D 2212 -65.48 47.69 13.48
C VAL D 2212 -64.64 48.97 13.33
N ASN D 2213 -65.25 50.03 12.83
CA ASN D 2213 -64.63 51.35 12.80
C ASN D 2213 -64.27 51.85 14.19
N VAL D 2214 -65.16 51.65 15.16
CA VAL D 2214 -64.93 52.10 16.53
C VAL D 2214 -63.89 51.23 17.23
N LEU D 2215 -64.02 49.91 17.11
CA LEU D 2215 -63.06 48.99 17.74
C LEU D 2215 -61.67 49.16 17.15
N GLY D 2216 -61.55 49.26 15.82
CA GLY D 2216 -60.26 49.48 15.22
C GLY D 2216 -59.69 50.86 15.54
N GLY D 2217 -60.55 51.88 15.63
CA GLY D 2217 -60.10 53.21 15.96
C GLY D 2217 -59.67 53.35 17.40
N GLY D 2218 -58.37 53.55 17.62
CA GLY D 2218 -57.84 53.72 18.95
C GLY D 2218 -57.94 52.50 19.85
N GLU D 2219 -57.70 51.31 19.30
CA GLU D 2219 -57.71 50.09 20.11
C GLU D 2219 -56.54 50.01 21.09
N THR D 2220 -55.53 50.85 20.92
CA THR D 2220 -54.40 50.85 21.83
C THR D 2220 -54.69 51.66 23.08
N LYS D 2221 -55.40 52.78 22.94
CA LYS D 2221 -55.64 53.69 24.06
C LYS D 2221 -56.99 53.44 24.75
N GLU D 2222 -58.11 53.58 24.03
CA GLU D 2222 -59.44 53.50 24.62
C GLU D 2222 -60.46 53.47 23.49
N ILE D 2223 -61.55 52.75 23.71
CA ILE D 2223 -62.62 52.62 22.71
C ILE D 2223 -63.56 53.82 22.90
N ARG D 2224 -63.31 54.86 22.10
CA ARG D 2224 -64.07 56.10 22.19
C ARG D 2224 -65.53 55.89 21.80
N PHE D 2225 -66.41 56.71 22.39
CA PHE D 2225 -67.85 56.74 22.18
C PHE D 2225 -68.52 55.38 22.43
N PRO D 2226 -68.52 54.85 23.66
CA PRO D 2226 -69.19 53.55 23.88
C PRO D 2226 -70.70 53.60 23.86
N LYS D 2227 -71.29 54.80 23.84
CA LYS D 2227 -72.74 54.95 23.88
C LYS D 2227 -73.41 54.32 22.67
N MET D 2228 -72.81 54.51 21.49
CA MET D 2228 -73.40 53.86 20.33
C MET D 2228 -72.92 52.43 20.18
N VAL D 2229 -71.80 52.07 20.83
CA VAL D 2229 -71.32 50.70 20.80
C VAL D 2229 -72.30 49.78 21.51
N THR D 2230 -72.73 50.18 22.70
CA THR D 2230 -73.73 49.38 23.41
C THR D 2230 -75.07 49.40 22.69
N SER D 2231 -75.42 50.49 22.01
CA SER D 2231 -76.65 50.53 21.21
C SER D 2231 -76.61 49.53 20.07
N CYS D 2232 -75.47 49.46 19.37
CA CYS D 2232 -75.28 48.47 18.31
C CYS D 2232 -75.29 47.06 18.85
N CYS D 2233 -74.62 46.82 19.98
CA CYS D 2233 -74.61 45.48 20.58
C CYS D 2233 -76.01 45.06 21.00
N ARG D 2234 -76.77 45.98 21.60
CA ARG D 2234 -78.15 45.70 21.96
C ARG D 2234 -79.00 45.41 20.73
N PHE D 2235 -78.67 46.05 19.60
CA PHE D 2235 -79.39 45.76 18.36
C PHE D 2235 -79.04 44.39 17.82
N LEU D 2236 -77.75 44.03 17.81
CA LEU D 2236 -77.35 42.72 17.31
C LEU D 2236 -77.90 41.60 18.19
N CYS D 2237 -77.83 41.77 19.51
CA CYS D 2237 -78.42 40.81 20.44
C CYS D 2237 -79.91 40.66 20.23
N TYR D 2238 -80.60 41.79 20.00
CA TYR D 2238 -82.03 41.72 19.71
C TYR D 2238 -82.31 41.18 18.30
N PHE D 2239 -81.31 41.24 17.42
CA PHE D 2239 -81.41 40.74 16.06
C PHE D 2239 -81.30 39.21 16.00
N CYS D 2240 -80.43 38.63 16.84
CA CYS D 2240 -80.22 37.19 16.81
C CYS D 2240 -81.48 36.43 17.21
N ARG D 2241 -82.21 36.93 18.20
CA ARG D 2241 -83.37 36.25 18.74
C ARG D 2241 -84.57 36.27 17.80
N ILE D 2242 -84.50 37.03 16.70
CA ILE D 2242 -85.62 37.13 15.76
C ILE D 2242 -85.91 35.78 15.11
N SER D 2243 -84.88 35.11 14.63
CA SER D 2243 -85.05 33.81 13.96
C SER D 2243 -83.73 33.07 13.94
N ARG D 2244 -83.81 31.80 13.57
CA ARG D 2244 -82.62 30.95 13.48
C ARG D 2244 -81.70 31.38 12.35
N GLN D 2245 -82.27 31.77 11.21
CA GLN D 2245 -81.46 32.24 10.08
C GLN D 2245 -80.74 33.53 10.43
N ASN D 2246 -81.38 34.39 11.24
CA ASN D 2246 -80.68 35.56 11.74
C ASN D 2246 -79.56 35.14 12.68
N GLN D 2247 -79.70 33.97 13.32
CA GLN D 2247 -78.65 33.52 14.21
C GLN D 2247 -77.49 32.93 13.41
N ARG D 2248 -77.76 32.27 12.26
CA ARG D 2248 -76.64 31.73 11.49
C ARG D 2248 -75.86 32.83 10.78
N SER D 2249 -76.56 33.92 10.44
CA SER D 2249 -75.89 35.08 9.88
C SER D 2249 -74.86 35.63 10.86
N MET D 2250 -75.23 35.71 12.14
CA MET D 2250 -74.24 36.06 13.15
C MET D 2250 -73.30 34.92 13.45
N PHE D 2251 -73.71 33.67 13.17
CA PHE D 2251 -72.87 32.52 13.51
C PHE D 2251 -71.61 32.49 12.68
N ASP D 2252 -71.69 32.99 11.45
CA ASP D 2252 -70.47 33.01 10.64
C ASP D 2252 -69.44 34.02 11.16
N HIS D 2253 -69.82 34.93 12.05
CA HIS D 2253 -68.97 36.02 12.52
C HIS D 2253 -68.57 35.91 13.99
N LEU D 2254 -68.39 34.71 14.54
CA LEU D 2254 -67.94 34.62 15.93
C LEU D 2254 -66.46 34.91 16.12
N SER D 2255 -65.59 34.10 15.48
CA SER D 2255 -64.13 34.21 15.64
C SER D 2255 -63.61 35.61 15.37
N TYR D 2256 -64.23 36.29 14.41
CA TYR D 2256 -63.93 37.70 14.16
C TYR D 2256 -64.37 38.54 15.35
N LEU D 2257 -65.58 38.29 15.87
CA LEU D 2257 -66.12 39.10 16.96
C LEU D 2257 -65.37 38.81 18.25
N LEU D 2258 -65.14 37.52 18.55
CA LEU D 2258 -64.40 37.15 19.74
C LEU D 2258 -63.00 37.74 19.70
N GLU D 2259 -62.37 37.76 18.52
CA GLU D 2259 -61.07 38.40 18.40
C GLU D 2259 -61.17 39.89 18.72
N ASN D 2260 -62.23 40.54 18.20
CA ASN D 2260 -62.41 41.97 18.47
C ASN D 2260 -62.78 42.26 19.93
N SER D 2261 -63.19 41.24 20.69
CA SER D 2261 -63.58 41.44 22.08
C SER D 2261 -62.39 41.45 23.03
N GLY D 2262 -61.16 41.37 22.51
CA GLY D 2262 -59.98 41.37 23.36
C GLY D 2262 -59.76 42.67 24.10
N ILE D 2263 -60.13 43.79 23.50
CA ILE D 2263 -59.91 45.12 24.09
C ILE D 2263 -61.20 45.75 24.63
N GLY D 2264 -62.37 45.18 24.32
CA GLY D 2264 -63.63 45.71 24.78
C GLY D 2264 -63.97 45.44 26.23
N LEU D 2265 -63.05 44.81 26.97
CA LEU D 2265 -63.28 44.47 28.36
C LEU D 2265 -63.38 45.69 29.27
N GLY D 2266 -62.66 46.77 28.92
CA GLY D 2266 -62.75 47.99 29.71
C GLY D 2266 -64.14 48.60 29.70
N MET D 2267 -64.82 48.52 28.55
CA MET D 2267 -66.18 49.03 28.43
C MET D 2267 -67.14 48.16 29.22
N GLN D 2268 -68.14 48.80 29.85
CA GLN D 2268 -69.13 48.11 30.66
CA GLN D 2268 -69.13 48.11 30.66
C GLN D 2268 -70.50 48.27 30.03
N GLY D 2269 -71.30 47.22 30.10
CA GLY D 2269 -72.62 47.26 29.53
C GLY D 2269 -72.88 46.08 28.60
N SER D 2270 -73.49 46.36 27.45
CA SER D 2270 -73.72 45.32 26.45
C SER D 2270 -72.43 45.18 25.63
N THR D 2271 -71.52 44.37 26.16
CA THR D 2271 -70.25 44.12 25.50
C THR D 2271 -70.48 43.28 24.24
N PRO D 2272 -69.53 43.30 23.28
CA PRO D 2272 -69.66 42.41 22.11
C PRO D 2272 -69.64 40.92 22.45
N LEU D 2273 -69.17 40.56 23.64
CA LEU D 2273 -69.24 39.19 24.10
C LEU D 2273 -70.69 38.75 24.23
N ASP D 2274 -71.56 39.64 24.71
CA ASP D 2274 -72.98 39.30 24.82
C ASP D 2274 -73.59 39.06 23.44
N VAL D 2275 -73.10 39.77 22.41
CA VAL D 2275 -73.53 39.52 21.04
C VAL D 2275 -73.10 38.13 20.59
N ALA D 2276 -71.88 37.75 20.97
CA ALA D 2276 -71.37 36.42 20.69
C ALA D 2276 -72.21 35.36 21.37
N ALA D 2277 -72.58 35.58 22.63
CA ALA D 2277 -73.43 34.63 23.35
C ALA D 2277 -74.81 34.55 22.72
N ALA D 2278 -75.38 35.71 22.35
CA ALA D 2278 -76.71 35.79 21.75
C ALA D 2278 -76.75 35.07 20.41
N SER D 2279 -75.61 34.93 19.75
CA SER D 2279 -75.55 34.16 18.52
C SER D 2279 -75.40 32.67 18.80
N VAL D 2280 -75.33 32.27 20.07
CA VAL D 2280 -75.14 30.87 20.44
C VAL D 2280 -76.35 30.31 21.20
N ILE D 2281 -77.11 31.16 21.91
CA ILE D 2281 -78.18 30.69 22.78
C ILE D 2281 -79.29 29.97 22.02
N ASP D 2282 -79.78 28.88 22.62
CA ASP D 2282 -80.96 28.12 22.21
C ASP D 2282 -80.86 27.66 20.75
N ASN D 2283 -79.77 26.96 20.43
CA ASN D 2283 -79.57 26.41 19.10
C ASN D 2283 -78.53 25.31 19.22
N ASN D 2284 -78.88 24.11 18.72
CA ASN D 2284 -78.10 22.91 18.94
C ASN D 2284 -77.19 22.55 17.78
N GLU D 2285 -77.77 22.30 16.60
CA GLU D 2285 -76.97 21.87 15.46
C GLU D 2285 -76.07 22.98 14.97
N LEU D 2286 -76.62 24.18 14.87
CA LEU D 2286 -75.93 25.30 14.24
C LEU D 2286 -74.90 25.91 15.17
N ALA D 2287 -75.36 26.41 16.32
CA ALA D 2287 -74.57 27.25 17.20
C ALA D 2287 -73.45 26.53 17.95
N LEU D 2288 -73.37 25.20 17.89
CA LEU D 2288 -72.43 24.47 18.70
C LEU D 2288 -71.22 23.96 17.92
N ALA D 2289 -71.01 24.46 16.71
CA ALA D 2289 -69.87 24.08 15.87
C ALA D 2289 -68.65 24.95 16.12
N LEU D 2290 -68.53 25.57 17.29
CA LEU D 2290 -67.38 26.41 17.63
C LEU D 2290 -66.08 25.62 17.59
N GLN D 2291 -65.08 26.19 16.94
CA GLN D 2291 -63.79 25.53 16.82
C GLN D 2291 -63.01 25.54 18.12
N GLU D 2292 -62.15 24.52 18.26
CA GLU D 2292 -61.28 24.40 19.41
C GLU D 2292 -60.33 25.58 19.54
N GLN D 2293 -59.93 26.17 18.40
CA GLN D 2293 -59.10 27.37 18.43
C GLN D 2293 -59.84 28.53 19.09
N ASP D 2294 -61.15 28.62 18.81
CA ASP D 2294 -61.98 29.65 19.44
C ASP D 2294 -62.04 29.42 20.94
N LEU D 2295 -62.26 28.16 21.35
CA LEU D 2295 -62.38 27.88 22.78
C LEU D 2295 -61.06 28.12 23.52
N GLU D 2296 -59.93 27.70 22.93
CA GLU D 2296 -58.65 27.88 23.62
C GLU D 2296 -58.26 29.35 23.67
N LYS D 2297 -58.69 30.14 22.69
CA LYS D 2297 -58.35 31.55 22.72
C LYS D 2297 -59.23 32.28 23.73
N VAL D 2298 -60.50 31.85 23.87
CA VAL D 2298 -61.36 32.47 24.89
C VAL D 2298 -60.83 32.14 26.28
N VAL D 2299 -60.46 30.87 26.52
CA VAL D 2299 -59.97 30.54 27.85
C VAL D 2299 -58.62 31.22 28.12
N SER D 2300 -57.82 31.50 27.08
CA SER D 2300 -56.59 32.27 27.29
C SER D 2300 -56.92 33.69 27.74
N TYR D 2301 -58.00 34.27 27.20
CA TYR D 2301 -58.49 35.55 27.70
C TYR D 2301 -58.94 35.45 29.16
N LEU D 2302 -59.60 34.35 29.50
CA LEU D 2302 -59.99 34.11 30.89
C LEU D 2302 -58.77 33.99 31.80
N ALA D 2303 -57.71 33.33 31.31
CA ALA D 2303 -56.46 33.23 32.04
C ALA D 2303 -55.84 34.61 32.29
N GLY D 2304 -55.89 35.48 31.28
CA GLY D 2304 -55.42 36.85 31.48
C GLY D 2304 -56.26 37.62 32.47
N CYS D 2305 -57.60 37.48 32.40
CA CYS D 2305 -58.46 38.16 33.35
C CYS D 2305 -58.30 37.63 34.77
N GLY D 2306 -58.00 36.34 34.90
CA GLY D 2306 -57.70 35.76 36.20
C GLY D 2306 -56.27 35.94 36.62
N LEU D 2307 -55.47 36.60 35.79
CA LEU D 2307 -54.07 36.88 36.10
C LEU D 2307 -53.80 38.34 36.37
N GLN D 2308 -54.67 39.25 35.90
CA GLN D 2308 -54.47 40.68 36.07
C GLN D 2308 -55.76 41.34 36.53
N SER D 2309 -55.62 42.46 37.23
CA SER D 2309 -56.77 43.24 37.65
C SER D 2309 -57.37 44.01 36.48
N CYS D 2310 -58.64 44.37 36.64
CA CYS D 2310 -59.34 45.16 35.63
C CYS D 2310 -58.76 46.57 35.61
N PRO D 2311 -58.27 47.04 34.46
CA PRO D 2311 -57.71 48.41 34.40
C PRO D 2311 -58.71 49.51 34.73
N MET D 2312 -59.98 49.34 34.36
CA MET D 2312 -60.98 50.36 34.70
C MET D 2312 -61.31 50.32 36.18
N LEU D 2313 -61.30 49.11 36.78
CA LEU D 2313 -61.43 48.99 38.23
C LEU D 2313 -60.29 49.71 38.93
N LEU D 2314 -59.06 49.49 38.45
CA LEU D 2314 -57.91 50.12 39.10
C LEU D 2314 -57.98 51.64 38.92
N ALA D 2315 -58.46 52.09 37.76
CA ALA D 2315 -58.60 53.51 37.47
C ALA D 2315 -59.63 54.18 38.37
N LYS D 2316 -60.61 53.43 38.88
CA LYS D 2316 -61.62 54.03 39.73
C LYS D 2316 -61.24 54.02 41.21
N GLY D 2317 -59.97 53.76 41.53
CA GLY D 2317 -59.50 53.74 42.91
C GLY D 2317 -59.79 52.48 43.69
N TYR D 2318 -60.21 51.42 43.03
CA TYR D 2318 -60.52 50.16 43.70
C TYR D 2318 -59.25 49.54 44.28
N PRO D 2319 -59.35 48.84 45.42
CA PRO D 2319 -58.18 48.14 45.97
C PRO D 2319 -57.66 47.08 45.02
N ASP D 2320 -56.34 46.89 45.03
CA ASP D 2320 -55.69 46.03 44.05
C ASP D 2320 -55.77 44.56 44.48
N ILE D 2321 -56.43 43.75 43.65
CA ILE D 2321 -56.43 42.30 43.76
C ILE D 2321 -56.02 41.74 42.41
N GLY D 2322 -55.22 40.67 42.43
CA GLY D 2322 -54.54 40.22 41.22
C GLY D 2322 -55.34 39.52 40.14
N TRP D 2323 -56.67 39.69 40.12
CA TRP D 2323 -57.49 39.09 39.07
C TRP D 2323 -58.79 39.86 38.93
N ASN D 2324 -59.42 39.73 37.76
CA ASN D 2324 -60.63 40.48 37.46
C ASN D 2324 -61.85 39.55 37.52
N PRO D 2325 -62.70 39.71 38.54
CA PRO D 2325 -63.88 38.85 38.64
C PRO D 2325 -64.96 39.18 37.64
N CYS D 2326 -65.20 40.47 37.37
CA CYS D 2326 -66.27 40.84 36.43
C CYS D 2326 -65.96 40.32 35.05
N GLY D 2327 -64.70 40.46 34.61
CA GLY D 2327 -64.28 39.95 33.32
C GLY D 2327 -64.35 38.44 33.27
N GLY D 2328 -63.95 37.77 34.36
CA GLY D 2328 -64.04 36.32 34.39
C GLY D 2328 -65.48 35.90 34.28
N GLU D 2329 -66.37 36.37 35.17
CA GLU D 2329 -67.78 35.97 35.19
C GLU D 2329 -68.47 36.26 33.87
N ARG D 2330 -68.02 37.32 33.17
CA ARG D 2330 -68.49 37.63 31.84
C ARG D 2330 -68.06 36.56 30.84
N TYR D 2331 -66.83 36.03 30.98
CA TYR D 2331 -66.43 34.96 30.07
C TYR D 2331 -67.16 33.66 30.41
N LEU D 2332 -67.31 33.39 31.70
CA LEU D 2332 -67.92 32.15 32.16
C LEU D 2332 -69.38 32.02 31.74
N ASP D 2333 -70.16 33.13 31.73
CA ASP D 2333 -71.54 32.97 31.24
C ASP D 2333 -71.58 32.66 29.75
N PHE D 2334 -70.59 33.14 29.00
CA PHE D 2334 -70.48 32.79 27.59
C PHE D 2334 -70.11 31.32 27.43
N LEU D 2335 -69.11 30.86 28.17
CA LEU D 2335 -68.78 29.44 28.13
C LEU D 2335 -69.91 28.57 28.67
N ARG D 2336 -70.75 29.11 29.55
CA ARG D 2336 -71.94 28.41 30.02
C ARG D 2336 -72.89 28.16 28.87
N PHE D 2337 -73.07 29.18 28.03
CA PHE D 2337 -73.97 29.03 26.88
C PHE D 2337 -73.31 28.23 25.78
N ALA D 2338 -71.98 28.11 25.81
CA ALA D 2338 -71.27 27.41 24.76
C ALA D 2338 -71.44 25.91 24.90
N VAL D 2339 -71.72 25.44 26.11
CA VAL D 2339 -71.78 24.01 26.41
C VAL D 2339 -73.15 23.52 26.82
N PHE D 2340 -74.06 24.39 27.30
CA PHE D 2340 -75.32 23.90 27.83
C PHE D 2340 -76.46 24.48 27.01
N VAL D 2341 -77.17 23.62 26.28
CA VAL D 2341 -78.25 24.03 25.40
C VAL D 2341 -79.45 23.10 25.64
N ASN D 2342 -80.64 23.70 25.77
CA ASN D 2342 -81.93 22.99 25.90
C ASN D 2342 -81.96 22.05 27.09
N GLY D 2343 -81.33 22.44 28.19
CA GLY D 2343 -81.38 21.64 29.39
C GLY D 2343 -80.48 20.43 29.39
N GLU D 2344 -79.66 20.23 28.38
CA GLU D 2344 -78.75 19.09 28.32
C GLU D 2344 -77.35 19.56 27.97
N SER D 2345 -76.36 18.89 28.55
CA SER D 2345 -74.98 19.23 28.28
C SER D 2345 -74.58 18.72 26.90
N VAL D 2346 -73.54 19.33 26.34
CA VAL D 2346 -73.03 18.96 25.02
C VAL D 2346 -71.73 18.21 25.22
N GLU D 2347 -71.72 16.96 24.77
CA GLU D 2347 -70.63 16.03 25.04
C GLU D 2347 -69.32 16.51 24.42
N GLU D 2348 -69.37 16.93 23.16
CA GLU D 2348 -68.17 17.38 22.45
C GLU D 2348 -67.61 18.68 23.04
N ASN D 2349 -68.48 19.61 23.43
CA ASN D 2349 -67.97 20.86 23.98
C ASN D 2349 -67.51 20.72 25.42
N ALA D 2350 -68.14 19.81 26.17
CA ALA D 2350 -67.91 19.67 27.61
C ALA D 2350 -66.49 19.23 27.93
N ASN D 2351 -66.02 18.15 27.30
CA ASN D 2351 -64.71 17.61 27.64
C ASN D 2351 -63.63 18.57 27.18
N VAL D 2352 -63.83 19.20 26.01
CA VAL D 2352 -62.84 20.08 25.42
C VAL D 2352 -62.63 21.29 26.35
N VAL D 2353 -63.72 21.92 26.78
CA VAL D 2353 -63.60 23.10 27.64
C VAL D 2353 -63.00 22.72 28.99
N VAL D 2354 -63.45 21.58 29.57
CA VAL D 2354 -62.89 21.15 30.87
C VAL D 2354 -61.39 20.87 30.74
N ARG D 2355 -60.97 20.26 29.63
CA ARG D 2355 -59.53 20.06 29.39
C ARG D 2355 -58.80 21.38 29.25
N LEU D 2356 -59.43 22.41 28.69
CA LEU D 2356 -58.72 23.68 28.54
C LEU D 2356 -58.58 24.39 29.87
N LEU D 2357 -59.62 24.38 30.71
CA LEU D 2357 -59.47 24.91 32.06
C LEU D 2357 -58.46 24.11 32.89
N ILE D 2358 -58.43 22.79 32.72
CA ILE D 2358 -57.58 22.00 33.62
C ILE D 2358 -56.11 22.09 33.21
N ARG D 2359 -55.81 22.45 31.95
CA ARG D 2359 -54.42 22.79 31.62
C ARG D 2359 -53.96 24.03 32.37
N LYS D 2360 -54.82 25.04 32.50
CA LYS D 2360 -54.41 26.31 33.09
C LYS D 2360 -55.10 26.50 34.44
N PRO D 2361 -54.44 26.16 35.55
CA PRO D 2361 -55.08 26.29 36.87
C PRO D 2361 -55.39 27.72 37.30
N GLU D 2362 -54.77 28.73 36.67
CA GLU D 2362 -55.08 30.12 37.00
C GLU D 2362 -56.49 30.52 36.59
N CYS D 2363 -57.14 29.75 35.71
CA CYS D 2363 -58.48 30.08 35.24
C CYS D 2363 -59.49 30.03 36.37
N PHE D 2364 -59.35 29.04 37.27
CA PHE D 2364 -60.25 28.87 38.40
C PHE D 2364 -60.15 30.02 39.41
N GLY D 2365 -59.09 30.82 39.34
CA GLY D 2365 -58.87 31.92 40.24
C GLY D 2365 -57.85 31.57 41.32
N PRO D 2366 -57.72 32.42 42.33
CA PRO D 2366 -56.81 32.12 43.45
C PRO D 2366 -57.16 30.85 44.21
N ALA D 2367 -58.44 30.52 44.34
CA ALA D 2367 -58.84 29.29 45.00
C ALA D 2367 -58.64 28.10 44.07
N LEU D 2368 -58.32 26.96 44.68
CA LEU D 2368 -58.15 25.66 44.01
C LEU D 2368 -57.06 25.69 42.94
N ARG D 2369 -56.05 26.55 43.14
CA ARG D 2369 -54.93 26.63 42.22
CA ARG D 2369 -54.92 26.64 42.23
C ARG D 2369 -54.00 25.42 42.35
N GLY D 2370 -54.09 24.69 43.46
CA GLY D 2370 -53.17 23.62 43.79
C GLY D 2370 -52.52 23.90 45.13
N GLU D 2371 -51.22 24.19 45.13
CA GLU D 2371 -50.58 24.75 46.30
C GLU D 2371 -50.63 26.26 46.22
N GLY D 2372 -51.00 26.90 47.32
CA GLY D 2372 -51.33 28.30 47.32
C GLY D 2372 -52.77 28.59 46.96
N GLY D 2373 -53.52 27.56 46.56
CA GLY D 2373 -54.93 27.70 46.27
C GLY D 2373 -55.77 27.24 47.44
N SER D 2374 -56.36 28.19 48.16
CA SER D 2374 -57.18 27.87 49.32
C SER D 2374 -58.47 27.18 48.91
N GLY D 2375 -59.12 26.56 49.89
CA GLY D 2375 -60.37 25.89 49.65
C GLY D 2375 -61.48 26.85 49.25
N LEU D 2376 -62.47 26.28 48.55
CA LEU D 2376 -63.62 27.07 48.09
C LEU D 2376 -64.42 27.64 49.25
N LEU D 2377 -64.43 26.96 50.39
CA LEU D 2377 -65.04 27.53 51.59
C LEU D 2377 -64.26 28.73 52.10
N ALA D 2378 -62.94 28.73 51.94
CA ALA D 2378 -62.16 29.90 52.32
C ALA D 2378 -62.39 31.04 51.33
N ALA D 2379 -62.54 30.70 50.05
CA ALA D 2379 -62.79 31.73 49.04
C ALA D 2379 -64.16 32.37 49.23
N ILE D 2380 -65.18 31.56 49.51
CA ILE D 2380 -66.52 32.12 49.70
C ILE D 2380 -66.56 32.95 50.99
N GLU D 2381 -65.82 32.51 52.03
CA GLU D 2381 -65.82 33.25 53.29
C GLU D 2381 -65.17 34.61 53.12
N GLU D 2382 -63.98 34.64 52.49
CA GLU D 2382 -63.32 35.92 52.28
C GLU D 2382 -64.11 36.80 51.32
N ALA D 2383 -64.87 36.21 50.39
CA ALA D 2383 -65.70 37.03 49.52
C ALA D 2383 -66.83 37.66 50.30
N ILE D 2384 -67.37 36.92 51.28
CA ILE D 2384 -68.43 37.46 52.13
C ILE D 2384 -67.89 38.63 52.94
N ARG D 2385 -66.68 38.48 53.52
CA ARG D 2385 -66.14 39.54 54.36
C ARG D 2385 -65.81 40.78 53.54
N ILE D 2386 -65.26 40.60 52.33
CA ILE D 2386 -64.92 41.74 51.48
C ILE D 2386 -66.18 42.49 51.07
N SER D 2387 -67.23 41.74 50.67
CA SER D 2387 -68.47 42.38 50.23
C SER D 2387 -69.15 43.10 51.39
N GLU D 2388 -69.21 42.47 52.57
CA GLU D 2388 -69.94 43.07 53.68
C GLU D 2388 -69.18 44.23 54.31
N ASP D 2389 -67.85 44.26 54.19
CA ASP D 2389 -67.08 45.34 54.79
C ASP D 2389 -66.63 46.34 53.75
N PRO D 2390 -67.13 47.59 53.77
CA PRO D 2390 -66.68 48.62 52.81
C PRO D 2390 -65.23 49.04 52.97
N ALA D 2391 -64.80 50.00 52.12
CA ALA D 2391 -63.45 50.56 51.94
C ALA D 2391 -62.49 49.58 51.25
N ARG D 2392 -62.96 48.35 51.04
CA ARG D 2392 -62.29 47.37 50.22
C ARG D 2392 -63.24 46.71 49.24
N ASP D 2393 -64.55 47.00 49.34
CA ASP D 2393 -65.54 46.50 48.42
C ASP D 2393 -65.72 47.41 47.21
N GLY D 2394 -65.38 48.69 47.34
CA GLY D 2394 -65.51 49.62 46.25
C GLY D 2394 -64.37 50.62 46.24
N PRO D 2395 -64.58 51.77 45.58
CA PRO D 2395 -63.56 52.83 45.59
C PRO D 2395 -63.25 53.36 46.97
N GLY D 2396 -64.24 53.41 47.87
CA GLY D 2396 -64.04 53.89 49.22
C GLY D 2396 -63.68 55.36 49.31
N VAL D 2397 -64.35 56.20 48.53
CA VAL D 2397 -64.09 57.63 48.54
C VAL D 2397 -65.09 58.34 49.45
N PRO D 2410 -76.57 51.21 43.80
CA PRO D 2410 -75.36 51.55 43.02
C PRO D 2410 -75.39 52.99 42.52
N PRO D 2411 -74.58 53.87 43.13
CA PRO D 2411 -74.53 55.27 42.66
C PRO D 2411 -74.06 55.43 41.23
N GLU D 2412 -73.16 54.57 40.76
CA GLU D 2412 -72.72 54.59 39.38
C GLU D 2412 -73.65 53.82 38.45
N GLU D 2413 -74.68 53.17 39.01
CA GLU D 2413 -75.70 52.33 38.37
C GLU D 2413 -75.15 50.99 37.87
N ASN D 2414 -73.83 50.84 37.88
CA ASN D 2414 -73.11 49.59 37.64
C ASN D 2414 -71.96 49.47 38.62
N ARG D 2415 -72.20 49.87 39.87
CA ARG D 2415 -71.16 49.99 40.89
C ARG D 2415 -70.61 48.61 41.25
N VAL D 2416 -69.34 48.39 40.93
CA VAL D 2416 -68.72 47.10 41.17
C VAL D 2416 -68.46 46.91 42.65
N HIS D 2417 -68.92 45.78 43.18
CA HIS D 2417 -68.64 45.36 44.55
C HIS D 2417 -67.71 44.16 44.44
N LEU D 2418 -66.46 44.32 44.90
CA LEU D 2418 -65.44 43.29 44.70
C LEU D 2418 -65.76 41.97 45.38
N GLY D 2419 -66.22 42.01 46.63
CA GLY D 2419 -66.57 40.78 47.34
C GLY D 2419 -67.67 39.98 46.67
N HIS D 2420 -68.69 40.69 46.18
CA HIS D 2420 -69.76 40.05 45.44
C HIS D 2420 -69.29 39.57 44.07
N ALA D 2421 -68.45 40.36 43.39
CA ALA D 2421 -67.94 39.96 42.09
C ALA D 2421 -67.09 38.69 42.17
N ILE D 2422 -66.23 38.60 43.19
CA ILE D 2422 -65.47 37.38 43.47
C ILE D 2422 -66.40 36.21 43.77
N MET D 2423 -67.44 36.47 44.58
CA MET D 2423 -68.38 35.43 44.95
C MET D 2423 -69.21 34.96 43.76
N SER D 2424 -69.60 35.90 42.89
CA SER D 2424 -70.32 35.53 41.68
C SER D 2424 -69.41 34.81 40.70
N PHE D 2425 -68.12 35.14 40.70
CA PHE D 2425 -67.16 34.41 39.87
C PHE D 2425 -67.11 32.95 40.26
N TYR D 2426 -67.04 32.69 41.57
CA TYR D 2426 -66.95 31.30 42.02
C TYR D 2426 -68.26 30.58 41.80
N ALA D 2427 -69.38 31.29 41.95
CA ALA D 2427 -70.69 30.70 41.68
C ALA D 2427 -70.82 30.33 40.21
N ALA D 2428 -70.36 31.23 39.33
CA ALA D 2428 -70.39 30.96 37.89
C ALA D 2428 -69.49 29.79 37.54
N LEU D 2429 -68.32 29.69 38.19
CA LEU D 2429 -67.40 28.59 37.92
C LEU D 2429 -68.01 27.24 38.29
N ILE D 2430 -68.69 27.19 39.44
CA ILE D 2430 -69.40 25.98 39.85
C ILE D 2430 -70.58 25.70 38.92
N ASP D 2431 -71.31 26.75 38.51
CA ASP D 2431 -72.42 26.59 37.58
C ASP D 2431 -71.95 26.08 36.22
N LEU D 2432 -70.84 26.61 35.73
CA LEU D 2432 -70.25 26.18 34.47
C LEU D 2432 -69.82 24.73 34.52
N LEU D 2433 -69.15 24.32 35.61
CA LEU D 2433 -68.76 22.92 35.74
C LEU D 2433 -69.97 22.00 35.81
N GLY D 2434 -71.01 22.43 36.55
CA GLY D 2434 -72.23 21.65 36.63
C GLY D 2434 -72.90 21.49 35.28
N ARG D 2435 -72.85 22.54 34.46
CA ARG D 2435 -73.41 22.42 33.12
C ARG D 2435 -72.50 21.66 32.17
N CYS D 2436 -71.21 21.53 32.51
CA CYS D 2436 -70.28 20.71 31.75
C CYS D 2436 -70.27 19.26 32.20
N ALA D 2437 -71.07 18.91 33.21
CA ALA D 2437 -71.06 17.55 33.75
C ALA D 2437 -71.56 16.54 32.71
N PRO D 2438 -70.96 15.33 32.68
CA PRO D 2438 -71.48 14.26 31.80
C PRO D 2438 -72.90 13.88 32.16
N GLU D 2439 -73.68 13.54 31.14
CA GLU D 2439 -75.09 13.21 31.35
C GLU D 2439 -75.28 11.87 32.04
N MET D 2440 -76.42 11.76 32.74
CA MET D 2440 -76.75 10.60 33.54
C MET D 2440 -76.88 9.36 32.66
N HIS D 2441 -77.55 9.51 31.51
CA HIS D 2441 -77.80 8.38 30.63
C HIS D 2441 -76.50 7.85 30.07
N LEU D 2442 -75.50 8.72 29.92
CA LEU D 2442 -74.19 8.29 29.48
C LEU D 2442 -73.41 7.63 30.59
N ILE D 2443 -73.72 7.96 31.86
CA ILE D 2443 -72.97 7.39 32.98
C ILE D 2443 -73.18 5.88 33.06
N GLN D 2444 -74.44 5.43 32.95
CA GLN D 2444 -74.74 4.01 33.02
C GLN D 2444 -74.20 3.22 31.83
N ALA D 2445 -73.90 3.89 30.71
CA ALA D 2445 -73.31 3.20 29.58
C ALA D 2445 -71.86 2.79 29.82
N GLY D 2446 -71.24 3.27 30.90
CA GLY D 2446 -69.87 2.90 31.20
C GLY D 2446 -68.84 3.55 30.34
N LYS D 2447 -69.16 4.70 29.73
CA LYS D 2447 -68.21 5.39 28.86
C LYS D 2447 -66.98 5.83 29.63
N GLY D 2448 -65.81 5.54 29.05
CA GLY D 2448 -64.55 5.75 29.76
C GLY D 2448 -64.27 7.20 30.06
N GLU D 2449 -64.44 8.06 29.06
CA GLU D 2449 -64.15 9.46 29.30
C GLU D 2449 -65.26 10.12 30.12
N ALA D 2450 -66.52 9.69 29.96
CA ALA D 2450 -67.60 10.27 30.75
C ALA D 2450 -67.38 10.00 32.25
N LEU D 2451 -66.98 8.76 32.58
CA LEU D 2451 -66.65 8.42 33.95
C LEU D 2451 -65.42 9.20 34.43
N ARG D 2452 -64.41 9.31 33.55
CA ARG D 2452 -63.19 10.02 33.91
C ARG D 2452 -63.45 11.49 34.18
N ILE D 2453 -64.25 12.14 33.33
CA ILE D 2453 -64.55 13.56 33.48
C ILE D 2453 -65.33 13.79 34.76
N ARG D 2454 -66.30 12.89 35.07
CA ARG D 2454 -67.05 13.06 36.31
C ARG D 2454 -66.12 12.96 37.52
N ALA D 2455 -65.20 11.99 37.50
CA ALA D 2455 -64.22 11.87 38.58
C ALA D 2455 -63.29 13.08 38.64
N ILE D 2456 -63.00 13.68 37.48
CA ILE D 2456 -62.16 14.89 37.43
C ILE D 2456 -62.84 16.04 38.15
N LEU D 2457 -64.12 16.31 37.81
CA LEU D 2457 -64.84 17.40 38.48
C LEU D 2457 -65.02 17.14 39.97
N ARG D 2458 -65.28 15.88 40.35
CA ARG D 2458 -65.38 15.56 41.77
C ARG D 2458 -64.05 15.78 42.49
N SER D 2459 -62.93 15.47 41.83
CA SER D 2459 -61.62 15.69 42.45
C SER D 2459 -61.28 17.18 42.55
N LEU D 2460 -61.57 17.97 41.50
CA LEU D 2460 -61.36 19.42 41.58
C LEU D 2460 -62.25 20.08 42.63
N VAL D 2461 -63.54 19.77 42.63
CA VAL D 2461 -64.46 20.45 43.54
C VAL D 2461 -64.93 19.47 44.60
N PRO D 2462 -64.40 19.54 45.83
CA PRO D 2462 -64.88 18.65 46.89
C PRO D 2462 -66.33 18.95 47.25
N LEU D 2463 -67.04 17.88 47.63
CA LEU D 2463 -68.45 17.98 47.96
C LEU D 2463 -68.68 18.66 49.31
N ASP D 2464 -67.76 18.48 50.25
CA ASP D 2464 -67.93 19.01 51.61
C ASP D 2464 -67.97 20.54 51.62
N ASP D 2465 -67.11 21.19 50.81
CA ASP D 2465 -67.12 22.64 50.80
C ASP D 2465 -68.42 23.16 50.22
N LEU D 2466 -69.00 22.44 49.25
CA LEU D 2466 -70.29 22.82 48.69
C LEU D 2466 -71.38 22.72 49.75
N VAL D 2467 -71.30 21.67 50.60
CA VAL D 2467 -72.25 21.54 51.71
C VAL D 2467 -72.11 22.72 52.66
N GLY D 2468 -70.86 23.12 52.93
CA GLY D 2468 -70.64 24.28 53.79
C GLY D 2468 -71.19 25.57 53.19
N ILE D 2469 -71.06 25.73 51.87
CA ILE D 2469 -71.60 26.91 51.19
C ILE D 2469 -73.13 26.91 51.27
N ILE D 2470 -73.76 25.74 51.12
CA ILE D 2470 -75.21 25.65 51.28
C ILE D 2470 -75.59 26.01 52.71
N SER D 2471 -74.84 25.51 53.70
CA SER D 2471 -75.09 25.81 55.09
C SER D 2471 -74.81 27.27 55.45
N LEU D 2472 -74.10 28.01 54.59
CA LEU D 2472 -73.83 29.43 54.85
C LEU D 2472 -75.12 30.25 54.84
N PRO D 2473 -75.33 31.10 55.83
CA PRO D 2473 -76.62 31.78 55.97
C PRO D 2473 -76.80 32.90 54.95
N LEU D 2474 -78.01 33.44 54.92
CA LEU D 2474 -78.39 34.57 54.09
C LEU D 2474 -78.42 35.84 54.92
N GLN D 2475 -78.51 36.97 54.23
CA GLN D 2475 -78.80 38.25 54.87
C GLN D 2475 -80.30 38.44 54.76
N ILE D 2476 -80.98 38.31 55.90
CA ILE D 2476 -82.45 38.27 55.94
C ILE D 2476 -82.96 39.69 56.16
N PRO D 2477 -83.80 40.20 55.25
CA PRO D 2477 -84.43 41.51 55.48
C PRO D 2477 -85.31 41.46 56.73
N THR D 2478 -85.33 42.56 57.48
CA THR D 2478 -86.05 42.64 58.73
C THR D 2478 -87.08 43.78 58.66
N LEU D 2479 -87.76 43.98 59.79
CA LEU D 2479 -88.75 45.04 59.94
C LEU D 2479 -88.29 45.92 61.10
N GLY D 2480 -87.93 47.16 60.79
CA GLY D 2480 -87.44 48.08 61.80
C GLY D 2480 -87.13 49.41 61.16
N LYS D 2481 -86.60 50.32 61.99
CA LYS D 2481 -86.24 51.69 61.60
C LYS D 2481 -87.46 52.43 61.03
N ASP D 2482 -88.43 52.64 61.93
CA ASP D 2482 -89.73 53.26 61.65
C ASP D 2482 -90.57 52.38 60.72
N GLY D 2483 -90.36 51.07 60.78
CA GLY D 2483 -91.14 50.12 60.01
C GLY D 2483 -90.84 50.08 58.53
N ALA D 2484 -89.78 50.74 58.08
CA ALA D 2484 -89.43 50.76 56.67
C ALA D 2484 -88.89 49.40 56.25
N LEU D 2485 -88.87 49.18 54.93
CA LEU D 2485 -88.39 47.93 54.37
C LEU D 2485 -86.87 47.85 54.46
N VAL D 2486 -86.34 47.27 55.54
CA VAL D 2486 -84.91 47.13 55.73
C VAL D 2486 -84.45 45.98 54.83
N GLN D 2487 -83.84 46.32 53.69
CA GLN D 2487 -83.42 45.34 52.70
C GLN D 2487 -81.95 45.56 52.36
N PRO D 2488 -81.23 44.49 52.03
CA PRO D 2488 -79.80 44.63 51.72
C PRO D 2488 -79.59 45.13 50.30
N LYS D 2489 -78.32 45.28 49.94
CA LYS D 2489 -77.91 45.68 48.60
C LYS D 2489 -77.60 44.41 47.82
N MET D 2490 -78.33 44.21 46.72
CA MET D 2490 -78.35 42.93 46.02
C MET D 2490 -76.97 42.59 45.46
N SER D 2491 -76.39 43.50 44.70
CA SER D 2491 -75.07 43.33 44.12
C SER D 2491 -73.92 43.47 45.12
N ALA D 2492 -74.22 43.53 46.43
CA ALA D 2492 -73.20 43.61 47.46
C ALA D 2492 -73.47 42.69 48.64
N SER D 2493 -74.42 41.76 48.51
CA SER D 2493 -74.75 40.84 49.59
C SER D 2493 -74.98 39.46 49.03
N PHE D 2494 -75.04 38.48 49.93
CA PHE D 2494 -75.22 37.08 49.54
C PHE D 2494 -76.61 36.85 48.96
N VAL D 2495 -76.66 36.11 47.86
CA VAL D 2495 -77.90 35.97 47.08
C VAL D 2495 -78.23 34.49 46.90
N PRO D 2496 -79.51 34.13 46.73
CA PRO D 2496 -79.86 32.73 46.45
C PRO D 2496 -79.38 32.20 45.12
N ASP D 2497 -79.04 33.06 44.15
CA ASP D 2497 -78.60 32.61 42.83
C ASP D 2497 -77.30 31.80 42.91
N HIS D 2498 -76.37 32.24 43.76
CA HIS D 2498 -75.13 31.50 43.95
C HIS D 2498 -75.38 30.14 44.60
N LYS D 2499 -76.42 30.08 45.45
CA LYS D 2499 -76.79 28.79 46.03
C LYS D 2499 -77.43 27.90 44.97
N ALA D 2500 -78.19 28.48 44.03
CA ALA D 2500 -78.75 27.70 42.93
C ALA D 2500 -77.64 27.11 42.08
N SER D 2501 -76.58 27.90 41.88
CA SER D 2501 -75.39 27.41 41.19
C SER D 2501 -74.74 26.27 41.97
N MET D 2502 -74.89 26.26 43.30
CA MET D 2502 -74.34 25.15 44.07
C MET D 2502 -75.19 23.89 43.87
N VAL D 2503 -76.52 24.08 43.81
CA VAL D 2503 -77.45 22.96 43.70
C VAL D 2503 -77.28 22.26 42.36
N LEU D 2504 -77.10 23.03 41.28
CA LEU D 2504 -77.01 22.43 39.95
C LEU D 2504 -75.80 21.50 39.86
N PHE D 2505 -74.67 21.94 40.45
CA PHE D 2505 -73.46 21.12 40.49
C PHE D 2505 -73.74 19.86 41.29
N LEU D 2506 -74.51 20.02 42.38
CA LEU D 2506 -74.83 18.88 43.23
C LEU D 2506 -75.63 17.85 42.46
N ASP D 2507 -76.74 18.28 41.85
CA ASP D 2507 -77.64 17.32 41.22
C ASP D 2507 -77.07 16.75 39.92
N ARG D 2508 -75.97 17.30 39.41
CA ARG D 2508 -75.42 16.78 38.16
C ARG D 2508 -74.08 16.07 38.30
N VAL D 2509 -73.22 16.47 39.23
CA VAL D 2509 -71.88 15.90 39.33
C VAL D 2509 -71.80 14.84 40.42
N TYR D 2510 -72.07 15.22 41.66
CA TYR D 2510 -71.99 14.27 42.76
C TYR D 2510 -73.28 13.47 42.90
N GLY D 2511 -74.42 14.16 42.90
CA GLY D 2511 -75.70 13.50 43.02
C GLY D 2511 -76.01 12.99 44.42
N ILE D 2512 -77.29 12.82 44.70
CA ILE D 2512 -77.76 12.28 45.97
C ILE D 2512 -78.29 10.88 45.74
N GLU D 2513 -77.62 9.90 46.33
CA GLU D 2513 -77.90 8.49 46.10
C GLU D 2513 -78.42 7.76 47.32
N ASN D 2514 -78.17 8.27 48.53
CA ASN D 2514 -78.54 7.59 49.76
C ASN D 2514 -79.20 8.54 50.75
N GLN D 2515 -80.00 7.95 51.63
CA GLN D 2515 -80.80 8.71 52.59
C GLN D 2515 -79.93 9.47 53.58
N ASP D 2516 -78.86 8.82 54.07
CA ASP D 2516 -78.04 9.44 55.12
C ASP D 2516 -77.38 10.74 54.66
N PHE D 2517 -76.84 10.74 53.44
CA PHE D 2517 -76.26 11.94 52.88
C PHE D 2517 -77.32 12.88 52.36
N LEU D 2518 -78.53 12.37 52.08
CA LEU D 2518 -79.61 13.25 51.67
C LEU D 2518 -80.01 14.13 52.83
N LEU D 2519 -80.43 13.49 53.93
CA LEU D 2519 -80.88 14.19 55.13
C LEU D 2519 -79.73 14.95 55.78
N HIS D 2520 -78.48 14.53 55.51
CA HIS D 2520 -77.31 15.24 56.00
C HIS D 2520 -77.24 16.64 55.44
N VAL D 2521 -77.54 16.79 54.14
CA VAL D 2521 -77.48 18.11 53.54
C VAL D 2521 -78.75 18.87 53.88
N LEU D 2522 -79.87 18.13 54.02
CA LEU D 2522 -81.18 18.74 54.22
C LEU D 2522 -81.22 19.49 55.54
N ASP D 2523 -80.67 18.92 56.60
CA ASP D 2523 -80.82 19.59 57.87
C ASP D 2523 -79.74 20.63 58.14
N VAL D 2524 -78.70 20.68 57.31
CA VAL D 2524 -77.64 21.66 57.52
C VAL D 2524 -77.86 22.92 56.68
N GLY D 2525 -78.28 22.80 55.42
CA GLY D 2525 -78.41 23.99 54.61
C GLY D 2525 -79.74 24.31 53.97
N PHE D 2526 -80.55 23.29 53.70
CA PHE D 2526 -81.79 23.49 52.97
C PHE D 2526 -82.94 23.90 53.87
N LEU D 2527 -83.05 23.26 55.04
CA LEU D 2527 -84.15 23.54 55.98
C LEU D 2527 -84.19 24.99 56.46
N PRO D 2528 -83.09 25.65 56.91
CA PRO D 2528 -83.21 27.08 57.26
C PRO D 2528 -83.65 27.97 56.12
N ASP D 2529 -83.20 27.69 54.89
CA ASP D 2529 -83.55 28.55 53.77
C ASP D 2529 -85.03 28.37 53.39
N MET D 2530 -85.50 27.12 53.34
CA MET D 2530 -86.88 26.88 52.96
C MET D 2530 -87.81 27.43 54.04
N ARG D 2531 -87.39 27.38 55.31
CA ARG D 2531 -88.17 28.05 56.35
C ARG D 2531 -88.13 29.56 56.17
N ALA D 2532 -86.98 30.08 55.73
CA ALA D 2532 -86.80 31.53 55.60
C ALA D 2532 -87.75 32.10 54.57
N ALA D 2533 -87.91 31.40 53.44
CA ALA D 2533 -88.81 31.86 52.39
C ALA D 2533 -90.27 31.89 52.86
N ALA D 2534 -90.68 30.88 53.61
CA ALA D 2534 -92.03 30.85 54.15
C ALA D 2534 -92.24 31.90 55.23
N SER D 2535 -91.22 32.13 56.07
CA SER D 2535 -91.32 33.15 57.10
C SER D 2535 -91.40 34.55 56.49
N LEU D 2536 -90.57 34.83 55.49
CA LEU D 2536 -90.64 36.11 54.79
C LEU D 2536 -91.88 36.23 53.91
N ASP D 2537 -92.61 35.14 53.68
CA ASP D 2537 -93.86 35.20 52.93
C ASP D 2537 -94.92 35.75 53.89
N THR D 2538 -95.10 37.07 53.86
CA THR D 2538 -96.08 37.72 54.73
C THR D 2538 -96.78 38.81 53.94
N ALA D 2539 -97.56 39.65 54.62
CA ALA D 2539 -98.28 40.73 53.96
C ALA D 2539 -97.37 41.86 53.48
N THR D 2540 -96.11 41.89 53.92
CA THR D 2540 -95.18 42.95 53.57
C THR D 2540 -94.00 42.46 52.73
N PHE D 2541 -93.29 41.44 53.21
CA PHE D 2541 -92.04 41.01 52.60
C PHE D 2541 -92.20 40.02 51.45
N SER D 2542 -93.39 39.50 51.19
CA SER D 2542 -93.58 38.51 50.12
C SER D 2542 -93.31 39.09 48.75
N THR D 2543 -93.52 40.38 48.57
CA THR D 2543 -93.31 41.02 47.27
C THR D 2543 -91.90 41.59 47.15
N THR D 2544 -91.10 41.47 48.21
CA THR D 2544 -89.72 41.97 48.18
C THR D 2544 -88.86 41.09 47.26
N GLU D 2545 -87.76 41.70 46.81
CA GLU D 2545 -86.88 41.07 45.84
C GLU D 2545 -86.15 39.84 46.40
N MET D 2546 -85.79 39.86 47.68
CA MET D 2546 -85.18 38.68 48.31
C MET D 2546 -86.13 37.50 48.36
N ALA D 2547 -87.39 37.75 48.74
CA ALA D 2547 -88.39 36.69 48.83
C ALA D 2547 -88.63 36.05 47.46
N LEU D 2548 -88.78 36.86 46.43
CA LEU D 2548 -88.93 36.35 45.07
C LEU D 2548 -87.68 35.63 44.59
N ALA D 2549 -86.50 36.07 45.07
CA ALA D 2549 -85.26 35.36 44.78
C ALA D 2549 -85.29 33.97 45.39
N LEU D 2550 -85.79 33.86 46.62
CA LEU D 2550 -85.95 32.54 47.24
C LEU D 2550 -86.96 31.69 46.47
N ASN D 2551 -88.06 32.32 46.02
CA ASN D 2551 -89.11 31.58 45.30
C ASN D 2551 -88.57 30.96 44.01
N ARG D 2552 -87.86 31.77 43.20
CA ARG D 2552 -87.28 31.25 41.98
C ARG D 2552 -86.17 30.25 42.29
N TYR D 2553 -85.37 30.53 43.32
CA TYR D 2553 -84.24 29.69 43.67
C TYR D 2553 -84.70 28.30 44.09
N LEU D 2554 -85.75 28.23 44.90
CA LEU D 2554 -86.22 26.91 45.32
C LEU D 2554 -86.90 26.19 44.17
N CYS D 2555 -87.80 26.89 43.46
CA CYS D 2555 -88.63 26.24 42.44
C CYS D 2555 -87.86 25.83 41.20
N LEU D 2556 -86.68 26.41 40.96
CA LEU D 2556 -85.94 26.08 39.75
C LEU D 2556 -84.96 24.95 40.00
N ALA D 2557 -84.22 25.00 41.10
CA ALA D 2557 -83.16 24.05 41.34
C ALA D 2557 -83.33 23.21 42.60
N VAL D 2558 -83.79 23.78 43.71
CA VAL D 2558 -83.79 23.03 44.97
C VAL D 2558 -84.91 22.00 44.99
N LEU D 2559 -86.14 22.47 44.83
CA LEU D 2559 -87.32 21.60 44.93
C LEU D 2559 -87.32 20.38 44.00
N PRO D 2560 -86.95 20.46 42.70
CA PRO D 2560 -86.84 19.22 41.92
C PRO D 2560 -85.83 18.22 42.46
N LEU D 2561 -84.74 18.67 43.09
CA LEU D 2561 -83.75 17.75 43.63
C LEU D 2561 -84.33 16.87 44.74
N ILE D 2562 -85.06 17.48 45.66
CA ILE D 2562 -85.77 16.71 46.69
C ILE D 2562 -86.89 15.88 46.06
N THR D 2563 -87.57 16.43 45.05
CA THR D 2563 -88.59 15.65 44.35
C THR D 2563 -88.00 14.41 43.68
N LYS D 2564 -86.77 14.52 43.16
CA LYS D 2564 -86.04 13.38 42.63
C LYS D 2564 -85.70 12.38 43.73
N CYS D 2565 -85.28 12.89 44.89
CA CYS D 2565 -84.82 12.02 45.96
C CYS D 2565 -85.91 11.71 46.97
N ALA D 2566 -87.17 11.84 46.58
CA ALA D 2566 -88.29 11.45 47.44
C ALA D 2566 -88.31 9.99 47.91
N PRO D 2567 -87.99 8.95 47.10
CA PRO D 2567 -88.02 7.57 47.63
C PRO D 2567 -87.07 7.28 48.79
N LEU D 2568 -86.06 8.12 49.02
CA LEU D 2568 -85.11 7.89 50.09
C LEU D 2568 -85.63 8.30 51.46
N PHE D 2569 -86.86 8.79 51.55
CA PHE D 2569 -87.46 9.18 52.81
C PHE D 2569 -88.13 8.03 53.55
N ALA D 2570 -88.04 6.80 53.02
CA ALA D 2570 -88.75 5.67 53.61
C ALA D 2570 -88.22 5.32 54.99
N GLY D 2571 -86.91 5.28 55.16
CA GLY D 2571 -86.31 4.82 56.41
C GLY D 2571 -85.79 5.93 57.29
N THR D 2572 -86.53 7.03 57.40
CA THR D 2572 -86.12 8.17 58.20
C THR D 2572 -87.04 8.25 59.43
N GLU D 2573 -87.30 7.08 60.02
CA GLU D 2573 -88.12 7.02 61.22
C GLU D 2573 -87.42 7.66 62.42
N HIS D 2574 -86.13 7.42 62.56
CA HIS D 2574 -85.40 7.93 63.72
C HIS D 2574 -85.20 9.43 63.69
N ARG D 2575 -85.22 10.04 62.50
CA ARG D 2575 -84.95 11.45 62.33
C ARG D 2575 -86.27 12.16 61.95
N ALA D 2576 -87.36 11.74 62.58
CA ALA D 2576 -88.69 12.10 62.11
C ALA D 2576 -89.11 13.53 62.41
N ILE D 2577 -88.61 14.12 63.52
CA ILE D 2577 -89.12 15.42 63.95
C ILE D 2577 -88.75 16.53 62.96
N MET D 2578 -87.56 16.44 62.36
CA MET D 2578 -87.18 17.41 61.33
C MET D 2578 -87.92 17.15 60.01
N VAL D 2579 -88.22 15.89 59.69
CA VAL D 2579 -89.05 15.58 58.54
C VAL D 2579 -90.44 16.18 58.72
N ASP D 2580 -91.01 16.04 59.93
CA ASP D 2580 -92.29 16.64 60.27
C ASP D 2580 -92.26 18.16 60.15
N SER D 2581 -91.15 18.77 60.58
CA SER D 2581 -91.00 20.21 60.41
C SER D 2581 -90.87 20.59 58.95
N MET D 2582 -90.13 19.79 58.17
CA MET D 2582 -89.91 20.08 56.76
C MET D 2582 -91.22 20.03 55.99
N LEU D 2583 -92.03 18.99 56.24
CA LEU D 2583 -93.32 18.86 55.55
C LEU D 2583 -94.27 19.98 55.94
N HIS D 2584 -94.26 20.39 57.22
CA HIS D 2584 -95.13 21.48 57.65
CA HIS D 2584 -95.11 21.49 57.65
C HIS D 2584 -94.71 22.79 56.99
N THR D 2585 -93.40 23.07 56.96
CA THR D 2585 -92.92 24.32 56.41
C THR D 2585 -93.12 24.36 54.89
N VAL D 2586 -92.88 23.23 54.20
CA VAL D 2586 -93.07 23.24 52.75
C VAL D 2586 -94.57 23.38 52.42
N TYR D 2587 -95.46 22.83 53.25
CA TYR D 2587 -96.89 23.09 53.05
C TYR D 2587 -97.22 24.56 53.27
N ARG D 2588 -96.62 25.19 54.28
CA ARG D 2588 -96.81 26.62 54.46
C ARG D 2588 -96.19 27.43 53.31
N LEU D 2589 -95.12 26.90 52.70
CA LEU D 2589 -94.57 27.48 51.47
C LEU D 2589 -95.57 27.41 50.33
N SER D 2590 -96.28 26.28 50.21
CA SER D 2590 -97.36 26.17 49.23
C SER D 2590 -98.46 27.17 49.54
N ARG D 2591 -98.71 27.41 50.83
CA ARG D 2591 -99.64 28.45 51.27
C ARG D 2591 -98.93 29.81 51.30
N GLY D 2592 -98.43 30.21 50.15
CA GLY D 2592 -97.69 31.47 50.02
C GLY D 2592 -98.33 32.43 49.04
N ARG D 2593 -98.38 33.70 49.42
CA ARG D 2593 -98.94 34.75 48.59
C ARG D 2593 -97.86 35.39 47.73
N SER D 2594 -98.30 35.98 46.61
CA SER D 2594 -97.45 36.65 45.62
C SER D 2594 -96.41 35.71 45.02
N LEU D 2595 -96.83 34.47 44.75
CA LEU D 2595 -96.02 33.49 44.04
C LEU D 2595 -96.74 33.03 42.78
N THR D 2596 -95.99 32.90 41.69
CA THR D 2596 -96.55 32.56 40.39
C THR D 2596 -97.09 31.13 40.42
N LYS D 2597 -98.11 30.86 39.60
CA LYS D 2597 -98.65 29.51 39.48
C LYS D 2597 -97.61 28.51 38.96
N ALA D 2598 -96.72 28.97 38.07
CA ALA D 2598 -95.61 28.15 37.60
C ALA D 2598 -94.69 27.73 38.75
N GLN D 2599 -94.40 28.67 39.66
CA GLN D 2599 -93.70 28.31 40.88
C GLN D 2599 -94.54 27.40 41.76
N ARG D 2600 -95.84 27.69 41.86
CA ARG D 2600 -96.76 27.03 42.78
C ARG D 2600 -96.89 25.53 42.52
N ASP D 2601 -96.96 25.14 41.24
CA ASP D 2601 -97.11 23.71 40.92
C ASP D 2601 -95.88 22.87 41.31
N VAL D 2602 -94.71 23.52 41.46
CA VAL D 2602 -93.50 22.80 41.80
C VAL D 2602 -93.57 22.29 43.25
N ILE D 2603 -94.05 23.13 44.17
CA ILE D 2603 -94.13 22.74 45.57
C ILE D 2603 -95.11 21.59 45.74
N GLU D 2604 -96.30 21.69 45.14
CA GLU D 2604 -97.30 20.63 45.31
C GLU D 2604 -96.83 19.32 44.68
N ASP D 2605 -96.17 19.38 43.51
CA ASP D 2605 -95.60 18.15 42.95
C ASP D 2605 -94.50 17.56 43.83
N CYS D 2606 -93.84 18.42 44.61
CA CYS D 2606 -92.87 17.92 45.58
C CYS D 2606 -93.58 17.30 46.76
N LEU D 2607 -94.74 17.84 47.13
CA LEU D 2607 -95.48 17.32 48.29
C LEU D 2607 -96.00 15.93 47.99
N MET D 2608 -96.64 15.76 46.82
CA MET D 2608 -97.16 14.45 46.46
C MET D 2608 -96.06 13.43 46.27
N ALA D 2609 -94.92 13.84 45.65
CA ALA D 2609 -93.79 12.92 45.52
C ALA D 2609 -93.22 12.51 46.88
N LEU D 2610 -93.07 13.46 47.81
CA LEU D 2610 -92.59 13.14 49.16
C LEU D 2610 -93.57 12.24 49.91
N CYS D 2611 -94.86 12.54 49.79
CA CYS D 2611 -95.85 11.83 50.58
C CYS D 2611 -96.12 10.43 50.06
N ARG D 2612 -95.90 10.18 48.76
CA ARG D 2612 -96.12 8.84 48.25
CA ARG D 2612 -96.12 8.83 48.26
C ARG D 2612 -95.06 7.88 48.78
N TYR D 2613 -93.89 8.39 49.17
CA TYR D 2613 -92.79 7.59 49.68
C TYR D 2613 -92.47 7.92 51.14
N ILE D 2614 -93.37 8.57 51.87
CA ILE D 2614 -93.19 8.79 53.29
C ILE D 2614 -94.23 7.94 54.02
N ARG D 2615 -93.85 7.46 55.20
CA ARG D 2615 -94.77 6.66 56.00
C ARG D 2615 -95.90 7.54 56.55
N PRO D 2616 -97.10 6.97 56.74
CA PRO D 2616 -98.20 7.75 57.35
C PRO D 2616 -97.95 8.16 58.79
N SER D 2617 -96.99 7.55 59.49
CA SER D 2617 -96.70 7.89 60.88
C SER D 2617 -96.25 9.33 61.02
N MET D 2618 -95.39 9.79 60.12
CA MET D 2618 -94.92 11.17 60.14
C MET D 2618 -95.91 12.15 59.53
N LEU D 2619 -97.00 11.66 58.94
CA LEU D 2619 -97.99 12.50 58.29
C LEU D 2619 -99.08 12.98 59.23
N GLN D 2620 -99.05 12.57 60.50
CA GLN D 2620 -100.12 12.90 61.45
C GLN D 2620 -100.23 14.41 61.64
N HIS D 2621 -99.10 15.10 61.77
CA HIS D 2621 -99.12 16.54 61.95
C HIS D 2621 -99.55 17.26 60.67
N LEU D 2622 -99.20 16.70 59.51
CA LEU D 2622 -99.63 17.30 58.25
C LEU D 2622 -101.14 17.24 58.11
N LEU D 2623 -101.72 16.06 58.38
CA LEU D 2623 -103.18 15.95 58.38
C LEU D 2623 -103.82 16.80 59.46
N ARG D 2624 -103.13 17.00 60.59
CA ARG D 2624 -103.63 17.90 61.63
C ARG D 2624 -103.72 19.33 61.10
N ARG D 2625 -102.73 19.75 60.31
CA ARG D 2625 -102.79 21.04 59.63
C ARG D 2625 -103.96 21.08 58.64
N LEU D 2626 -104.19 19.95 57.95
CA LEU D 2626 -105.33 19.87 57.04
C LEU D 2626 -106.68 19.94 57.76
N VAL D 2627 -106.71 19.56 59.05
CA VAL D 2627 -107.97 19.60 59.81
C VAL D 2627 -108.42 21.05 59.97
N PHE D 2628 -107.47 21.96 60.17
CA PHE D 2628 -107.84 23.35 60.32
C PHE D 2628 -107.90 24.09 58.99
N ASP D 2629 -107.20 23.61 57.95
CA ASP D 2629 -107.15 24.37 56.70
C ASP D 2629 -108.17 23.91 55.66
N VAL D 2630 -108.24 22.60 55.40
CA VAL D 2630 -109.09 22.08 54.32
C VAL D 2630 -110.58 22.35 54.49
N PRO D 2631 -111.22 22.17 55.68
CA PRO D 2631 -112.67 22.46 55.79
C PRO D 2631 -113.09 23.90 55.50
N ILE D 2632 -112.16 24.86 55.57
CA ILE D 2632 -112.46 26.23 55.14
C ILE D 2632 -112.79 26.27 53.65
N LEU D 2633 -112.23 25.32 52.87
CA LEU D 2633 -112.42 25.19 51.42
C LEU D 2633 -112.00 26.47 50.68
N ASN D 2634 -110.81 26.96 51.02
CA ASN D 2634 -110.23 28.12 50.37
C ASN D 2634 -109.59 27.74 49.03
N GLU D 2635 -108.99 28.73 48.36
CA GLU D 2635 -108.33 28.50 47.08
C GLU D 2635 -107.11 27.60 47.19
N PHE D 2636 -106.52 27.48 48.39
CA PHE D 2636 -105.36 26.62 48.62
C PHE D 2636 -105.76 25.20 49.03
N ALA D 2637 -106.98 24.77 48.70
CA ALA D 2637 -107.44 23.42 48.97
C ALA D 2637 -107.21 22.46 47.81
N LYS D 2638 -106.59 22.91 46.72
CA LYS D 2638 -106.36 22.02 45.57
C LYS D 2638 -105.32 20.95 45.90
N MET D 2639 -104.18 21.35 46.43
CA MET D 2639 -103.16 20.34 46.71
C MET D 2639 -103.44 19.43 47.93
N PRO D 2640 -104.11 19.85 49.02
CA PRO D 2640 -104.40 18.86 50.07
C PRO D 2640 -105.41 17.79 49.69
N LEU D 2641 -106.45 18.12 48.93
CA LEU D 2641 -107.44 17.12 48.55
C LEU D 2641 -106.83 16.02 47.67
N LYS D 2642 -105.96 16.40 46.73
CA LYS D 2642 -105.19 15.43 45.97
C LYS D 2642 -104.22 14.67 46.87
N LEU D 2643 -103.64 15.38 47.85
CA LEU D 2643 -102.70 14.78 48.78
C LEU D 2643 -103.37 13.68 49.59
N LEU D 2644 -104.51 13.99 50.19
CA LEU D 2644 -105.22 13.02 51.01
C LEU D 2644 -105.77 11.89 50.14
N THR D 2645 -106.12 12.21 48.87
CA THR D 2645 -106.62 11.19 47.97
C THR D 2645 -105.57 10.14 47.69
N ASN D 2646 -104.34 10.58 47.40
CA ASN D 2646 -103.30 9.61 47.08
C ASN D 2646 -102.80 8.90 48.33
N HIS D 2647 -102.73 9.62 49.46
CA HIS D 2647 -102.23 9.03 50.70
C HIS D 2647 -103.18 7.95 51.20
N TYR D 2648 -104.48 8.27 51.26
CA TYR D 2648 -105.45 7.31 51.76
C TYR D 2648 -105.62 6.15 50.78
N GLU D 2649 -105.67 6.44 49.47
CA GLU D 2649 -105.78 5.36 48.50
C GLU D 2649 -104.56 4.44 48.54
N ARG D 2650 -103.40 4.98 48.92
CA ARG D 2650 -102.19 4.17 49.04
C ARG D 2650 -102.18 3.35 50.34
N CYS D 2651 -102.68 3.91 51.43
CA CYS D 2651 -102.63 3.23 52.73
C CYS D 2651 -104.00 3.14 53.38
N TRP D 2652 -105.00 2.67 52.63
CA TRP D 2652 -106.35 2.63 53.19
C TRP D 2652 -106.52 1.49 54.19
N LYS D 2653 -105.86 0.34 53.97
CA LYS D 2653 -105.91 -0.72 54.96
C LYS D 2653 -105.07 -0.42 56.20
N TYR D 2654 -104.17 0.57 56.15
CA TYR D 2654 -103.42 0.97 57.34
C TYR D 2654 -104.35 1.44 58.45
N TYR D 2655 -105.47 2.06 58.09
CA TYR D 2655 -106.49 2.46 59.04
C TYR D 2655 -107.65 1.49 59.10
N CYS D 2656 -107.82 0.62 58.10
CA CYS D 2656 -108.96 -0.28 58.08
C CYS D 2656 -108.67 -1.63 58.73
N LEU D 2657 -107.47 -2.17 58.54
CA LEU D 2657 -107.11 -3.43 59.19
C LEU D 2657 -106.97 -3.22 60.69
N PRO D 2658 -107.38 -4.21 61.50
CA PRO D 2658 -107.20 -4.10 62.97
C PRO D 2658 -105.75 -3.95 63.38
N THR D 2659 -104.83 -4.60 62.67
CA THR D 2659 -103.41 -4.42 62.91
C THR D 2659 -102.77 -3.45 61.93
N GLY D 2660 -103.56 -2.79 61.08
CA GLY D 2660 -103.01 -1.84 60.13
C GLY D 2660 -102.22 -2.50 59.02
N TRP D 2661 -101.50 -1.66 58.28
CA TRP D 2661 -100.57 -2.14 57.27
C TRP D 2661 -99.46 -2.94 57.93
N ALA D 2662 -98.99 -3.97 57.23
CA ALA D 2662 -97.91 -4.81 57.73
C ALA D 2662 -96.66 -3.96 57.91
N ASN D 2663 -96.01 -4.11 59.08
CA ASN D 2663 -94.71 -3.51 59.48
C ASN D 2663 -94.61 -2.00 59.20
N PHE D 2664 -95.75 -1.30 59.31
CA PHE D 2664 -95.78 0.16 59.34
C PHE D 2664 -96.55 0.74 60.52
N GLY D 2665 -97.14 -0.09 61.36
CA GLY D 2665 -97.72 0.39 62.60
C GLY D 2665 -99.24 0.40 62.57
N VAL D 2666 -99.79 0.95 63.65
CA VAL D 2666 -101.23 1.06 63.89
C VAL D 2666 -101.45 2.50 64.32
N THR D 2667 -102.67 3.01 64.10
CA THR D 2667 -103.03 4.35 64.54
C THR D 2667 -102.98 4.48 66.07
N SER D 2668 -102.94 5.73 66.53
CA SER D 2668 -102.83 6.04 67.95
C SER D 2668 -104.12 6.61 68.54
N GLU D 2669 -105.27 6.35 67.91
CA GLU D 2669 -106.63 6.77 68.27
C GLU D 2669 -106.83 8.28 68.09
N GLU D 2670 -105.79 9.03 67.74
CA GLU D 2670 -105.86 10.43 67.40
C GLU D 2670 -105.95 10.66 65.89
N GLU D 2671 -105.21 9.85 65.11
CA GLU D 2671 -105.30 9.94 63.66
C GLU D 2671 -106.71 9.60 63.16
N LEU D 2672 -107.33 8.59 63.76
CA LEU D 2672 -108.71 8.24 63.40
C LEU D 2672 -109.68 9.35 63.77
N HIS D 2673 -109.48 10.00 64.92
CA HIS D 2673 -110.30 11.13 65.33
C HIS D 2673 -110.17 12.30 64.36
N LEU D 2674 -108.94 12.58 63.93
CA LEU D 2674 -108.71 13.60 62.91
C LEU D 2674 -109.36 13.23 61.58
N THR D 2675 -109.23 11.96 61.17
CA THR D 2675 -109.80 11.53 59.90
C THR D 2675 -111.32 11.62 59.90
N ARG D 2676 -111.95 11.20 61.01
CA ARG D 2676 -113.39 11.32 61.17
C ARG D 2676 -113.84 12.78 61.20
N LYS D 2677 -113.06 13.65 61.87
CA LYS D 2677 -113.35 15.08 61.84
C LYS D 2677 -113.21 15.66 60.44
N LEU D 2678 -112.19 15.23 59.68
CA LEU D 2678 -112.05 15.64 58.29
C LEU D 2678 -113.23 15.19 57.44
N PHE D 2679 -113.72 13.98 57.69
CA PHE D 2679 -114.91 13.48 57.00
C PHE D 2679 -116.12 14.36 57.29
N TRP D 2680 -116.35 14.65 58.57
CA TRP D 2680 -117.52 15.44 58.94
C TRP D 2680 -117.39 16.87 58.45
N GLY D 2681 -116.21 17.48 58.64
CA GLY D 2681 -115.99 18.87 58.27
C GLY D 2681 -116.13 19.08 56.78
N ILE D 2682 -115.50 18.20 55.99
CA ILE D 2682 -115.58 18.30 54.54
C ILE D 2682 -116.99 18.02 54.04
N PHE D 2683 -117.64 16.98 54.58
CA PHE D 2683 -119.00 16.63 54.15
C PHE D 2683 -120.00 17.76 54.44
N ASP D 2684 -119.87 18.38 55.63
CA ASP D 2684 -120.71 19.53 55.97
C ASP D 2684 -120.36 20.77 55.15
N SER D 2685 -119.07 21.05 54.95
CA SER D 2685 -118.66 22.23 54.18
C SER D 2685 -119.09 22.08 52.73
N LEU D 2686 -118.94 20.89 52.16
CA LEU D 2686 -119.34 20.63 50.78
C LEU D 2686 -120.85 20.74 50.63
N ALA D 2687 -121.60 20.28 51.65
CA ALA D 2687 -123.06 20.42 51.61
C ALA D 2687 -123.49 21.88 51.68
N HIS D 2688 -122.85 22.68 52.54
CA HIS D 2688 -123.22 24.09 52.64
C HIS D 2688 -122.75 24.89 51.43
N LYS D 2689 -121.61 24.52 50.86
CA LYS D 2689 -121.06 25.19 49.69
C LYS D 2689 -121.94 24.95 48.46
N LYS D 2690 -121.89 25.91 47.54
CA LYS D 2690 -122.57 25.75 46.27
C LYS D 2690 -121.87 24.69 45.42
N TYR D 2691 -122.56 24.26 44.36
CA TYR D 2691 -122.03 23.21 43.48
C TYR D 2691 -120.83 23.77 42.72
N ASP D 2692 -119.63 23.40 43.16
CA ASP D 2692 -118.37 23.81 42.55
C ASP D 2692 -117.81 22.55 41.89
N GLN D 2693 -118.12 22.37 40.60
CA GLN D 2693 -117.82 21.13 39.89
C GLN D 2693 -116.33 20.83 39.86
N GLU D 2694 -115.50 21.88 39.71
CA GLU D 2694 -114.05 21.71 39.72
C GLU D 2694 -113.57 21.15 41.06
N LEU D 2695 -114.10 21.65 42.17
CA LEU D 2695 -113.75 21.09 43.46
C LEU D 2695 -114.45 19.76 43.70
N TYR D 2696 -115.69 19.60 43.21
CA TYR D 2696 -116.49 18.40 43.47
C TYR D 2696 -115.84 17.15 42.88
N ARG D 2697 -115.31 17.26 41.64
CA ARG D 2697 -114.73 16.11 40.95
C ARG D 2697 -113.50 15.59 41.67
N MET D 2698 -112.67 16.50 42.18
CA MET D 2698 -111.40 16.11 42.77
C MET D 2698 -111.48 16.05 44.30
N ALA D 2699 -112.66 16.33 44.86
CA ALA D 2699 -112.88 16.18 46.29
C ALA D 2699 -113.63 14.91 46.64
N MET D 2700 -114.49 14.42 45.74
CA MET D 2700 -115.18 13.15 45.98
C MET D 2700 -114.25 11.95 46.19
N PRO D 2701 -113.18 11.70 45.40
CA PRO D 2701 -112.27 10.58 45.74
C PRO D 2701 -111.60 10.69 47.10
N CYS D 2702 -111.28 11.91 47.55
CA CYS D 2702 -110.75 12.09 48.91
C CYS D 2702 -111.74 11.67 49.97
N LEU D 2703 -113.01 12.05 49.80
CA LEU D 2703 -114.06 11.66 50.73
C LEU D 2703 -114.26 10.15 50.73
N CYS D 2704 -114.24 9.54 49.54
CA CYS D 2704 -114.49 8.10 49.46
C CYS D 2704 -113.30 7.31 49.99
N ALA D 2705 -112.07 7.78 49.72
CA ALA D 2705 -110.87 7.12 50.23
C ALA D 2705 -110.81 7.21 51.76
N ILE D 2706 -111.22 8.36 52.32
CA ILE D 2706 -111.27 8.51 53.78
C ILE D 2706 -112.29 7.54 54.35
N ALA D 2707 -113.47 7.45 53.72
CA ALA D 2707 -114.53 6.59 54.22
C ALA D 2707 -114.12 5.12 54.17
N GLY D 2708 -113.48 4.71 53.07
CA GLY D 2708 -113.02 3.33 52.96
C GLY D 2708 -111.90 3.01 53.94
N ALA D 2709 -111.01 3.97 54.17
CA ALA D 2709 -109.91 3.77 55.10
C ALA D 2709 -110.39 3.63 56.54
N LEU D 2710 -111.38 4.45 56.93
CA LEU D 2710 -111.84 4.47 58.31
C LEU D 2710 -112.48 3.13 58.69
N PRO D 2711 -112.26 2.65 59.91
CA PRO D 2711 -112.95 1.44 60.38
C PRO D 2711 -114.45 1.64 60.40
N PRO D 2712 -115.23 0.61 60.06
CA PRO D 2712 -116.69 0.78 60.03
C PRO D 2712 -117.31 1.00 61.40
N ASP D 2713 -116.84 0.27 62.42
CA ASP D 2713 -117.36 0.37 63.78
C ASP D 2713 -116.51 1.27 64.67
N TYR D 2714 -115.91 2.30 64.08
CA TYR D 2714 -115.05 3.22 64.83
C TYR D 2714 -115.86 3.98 65.86
N VAL D 2715 -115.33 4.07 67.08
CA VAL D 2715 -115.92 4.84 68.16
C VAL D 2715 -114.83 5.77 68.68
N ASP D 2716 -115.11 7.07 68.67
CA ASP D 2716 -114.15 8.05 69.14
C ASP D 2716 -114.13 8.09 70.66
N ALA D 2717 -113.01 8.58 71.21
CA ALA D 2717 -112.86 8.66 72.65
C ALA D 2717 -113.80 9.71 73.25
N SER D 2718 -113.82 10.90 72.66
CA SER D 2718 -114.67 12.00 73.13
C SER D 2718 -115.72 12.26 72.07
N TYR D 2719 -116.97 11.94 72.38
CA TYR D 2719 -118.10 12.17 71.47
C TYR D 2719 -118.67 13.58 71.66
N SER D 2720 -117.81 14.59 71.61
CA SER D 2720 -118.21 15.98 71.78
C SER D 2720 -117.14 16.88 71.17
N SER D 2721 -117.52 18.12 70.91
CA SER D 2721 -116.62 19.11 70.33
C SER D 2721 -117.18 20.50 70.60
N LYS D 2722 -116.36 21.51 70.34
CA LYS D 2722 -116.78 22.90 70.51
C LYS D 2722 -117.84 23.28 69.47
N ALA D 2723 -117.76 22.69 68.27
CA ALA D 2723 -118.69 22.87 67.15
C ALA D 2723 -118.77 24.34 66.72
N GLU D 2724 -117.64 24.85 66.27
CA GLU D 2724 -117.54 26.19 65.72
C GLU D 2724 -117.16 26.11 64.24
N LYS D 2725 -117.31 27.24 63.55
CA LYS D 2725 -117.07 27.41 62.11
C LYS D 2725 -117.88 26.43 61.26
N ASN D 2734 -104.61 32.72 59.57
CA ASN D 2734 -104.29 31.39 60.09
C ASN D 2734 -105.12 31.03 61.33
N PHE D 2735 -104.51 30.36 62.29
CA PHE D 2735 -105.21 29.93 63.50
C PHE D 2735 -105.36 31.14 64.42
N ASP D 2736 -106.61 31.58 64.65
CA ASP D 2736 -106.91 32.74 65.48
C ASP D 2736 -107.95 32.36 66.53
N PRO D 2737 -107.53 31.72 67.62
CA PRO D 2737 -108.49 31.28 68.65
C PRO D 2737 -109.11 32.42 69.44
N ARG D 2738 -110.40 32.65 69.26
CA ARG D 2738 -111.08 33.72 69.98
C ARG D 2738 -111.30 33.29 71.43
N PRO D 2739 -110.74 33.99 72.41
CA PRO D 2739 -111.02 33.64 73.79
C PRO D 2739 -112.40 34.09 74.22
N VAL D 2740 -112.98 33.33 75.14
CA VAL D 2740 -114.28 33.67 75.69
C VAL D 2740 -114.09 34.80 76.69
N GLU D 2741 -115.03 35.75 76.71
CA GLU D 2741 -114.96 36.88 77.63
C GLU D 2741 -114.99 36.40 79.07
N THR D 2742 -114.02 36.86 79.86
CA THR D 2742 -113.88 36.45 81.26
C THR D 2742 -114.02 37.61 82.23
N LEU D 2743 -113.25 38.68 82.04
CA LEU D 2743 -113.30 39.82 82.94
C LEU D 2743 -114.53 40.69 82.73
N ASN D 2744 -115.17 40.61 81.56
CA ASN D 2744 -116.35 41.41 81.27
C ASN D 2744 -117.51 41.06 82.19
N VAL D 2745 -117.73 39.79 82.44
CA VAL D 2745 -118.77 39.36 83.37
C VAL D 2745 -118.27 39.61 84.79
N ILE D 2746 -119.18 40.00 85.68
CA ILE D 2746 -118.79 40.26 87.06
C ILE D 2746 -118.63 38.93 87.79
N ILE D 2747 -117.51 38.79 88.49
CA ILE D 2747 -117.24 37.58 89.26
C ILE D 2747 -118.07 37.61 90.54
N PRO D 2748 -118.90 36.60 90.79
CA PRO D 2748 -119.67 36.56 92.04
C PRO D 2748 -118.77 36.46 93.27
N GLU D 2749 -119.12 37.21 94.31
CA GLU D 2749 -118.38 37.19 95.55
C GLU D 2749 -119.06 36.35 96.62
N LYS D 2750 -120.12 35.61 96.25
CA LYS D 2750 -120.80 34.73 97.19
C LYS D 2750 -119.93 33.57 97.62
N LEU D 2751 -118.94 33.19 96.81
CA LEU D 2751 -118.05 32.07 97.10
C LEU D 2751 -116.60 32.53 97.22
N ASP D 2752 -116.39 33.79 97.63
CA ASP D 2752 -115.04 34.33 97.79
C ASP D 2752 -114.24 33.57 98.84
N SER D 2753 -114.92 32.94 99.79
CA SER D 2753 -114.26 32.06 100.75
C SER D 2753 -113.70 30.81 100.07
N PHE D 2754 -114.21 30.46 98.89
CA PHE D 2754 -113.70 29.33 98.14
C PHE D 2754 -112.64 29.75 97.13
N ILE D 2755 -112.73 30.98 96.58
CA ILE D 2755 -111.77 31.43 95.56
C ILE D 2755 -110.35 31.48 96.14
N ASN D 2756 -110.21 32.06 97.33
CA ASN D 2756 -108.90 32.11 97.97
C ASN D 2756 -108.50 30.75 98.53
N LYS D 2757 -109.48 29.94 98.97
CA LYS D 2757 -109.18 28.61 99.45
C LYS D 2757 -108.60 27.73 98.34
N PHE D 2758 -109.22 27.78 97.16
CA PHE D 2758 -108.70 27.07 96.00
C PHE D 2758 -107.34 27.62 95.58
N ALA D 2759 -107.14 28.94 95.65
CA ALA D 2759 -105.85 29.52 95.29
C ALA D 2759 -104.76 29.04 96.25
N GLU D 2760 -105.06 29.03 97.56
CA GLU D 2760 -104.10 28.59 98.55
C GLU D 2760 -103.80 27.11 98.38
N TYR D 2761 -104.82 26.30 98.07
CA TYR D 2761 -104.54 24.88 97.90
C TYR D 2761 -103.87 24.55 96.57
N THR D 2762 -104.01 25.40 95.54
CA THR D 2762 -103.21 25.23 94.33
C THR D 2762 -101.73 25.47 94.63
N HIS D 2763 -101.44 26.48 95.44
CA HIS D 2763 -100.05 26.69 95.84
C HIS D 2763 -99.60 25.63 96.85
N GLU D 2764 -100.50 25.15 97.70
CA GLU D 2764 -100.18 24.06 98.62
C GLU D 2764 -99.87 22.77 97.87
N LYS D 2765 -100.63 22.49 96.80
CA LYS D 2765 -100.31 21.36 95.92
C LYS D 2765 -98.99 21.57 95.17
N TRP D 2766 -98.65 22.82 94.85
CA TRP D 2766 -97.32 23.09 94.31
C TRP D 2766 -96.23 22.80 95.36
N ALA D 2767 -96.49 23.13 96.61
CA ALA D 2767 -95.62 22.71 97.70
C ALA D 2767 -95.60 21.20 97.89
N PHE D 2768 -96.72 20.52 97.62
CA PHE D 2768 -96.74 19.06 97.60
C PHE D 2768 -95.86 18.50 96.50
N ASP D 2769 -95.84 19.16 95.34
CA ASP D 2769 -94.88 18.80 94.29
C ASP D 2769 -93.45 19.00 94.75
N LYS D 2770 -93.20 20.09 95.49
CA LYS D 2770 -91.88 20.34 96.05
C LYS D 2770 -91.48 19.27 97.07
N ILE D 2771 -92.40 18.88 97.95
CA ILE D 2771 -92.12 17.83 98.94
C ILE D 2771 -92.02 16.45 98.31
N GLN D 2772 -92.59 16.24 97.12
CA GLN D 2772 -92.41 14.99 96.39
C GLN D 2772 -91.31 15.08 95.34
N ASN D 2773 -90.64 16.22 95.26
CA ASN D 2773 -89.54 16.45 94.32
C ASN D 2773 -88.21 15.92 94.85
N ASN D 2774 -88.19 15.37 96.07
CA ASN D 2774 -87.06 14.87 96.85
C ASN D 2774 -86.13 15.98 97.35
N TRP D 2775 -86.44 17.25 97.07
CA TRP D 2775 -85.65 18.38 97.55
C TRP D 2775 -86.56 19.32 98.33
N SER D 2776 -86.02 19.87 99.41
CA SER D 2776 -86.75 20.79 100.26
C SER D 2776 -86.81 22.19 99.66
N TYR D 2777 -87.47 23.09 100.38
CA TYR D 2777 -87.63 24.48 99.96
C TYR D 2777 -86.86 25.39 100.93
N GLY D 2778 -86.08 26.30 100.37
CA GLY D 2778 -85.25 27.20 101.15
C GLY D 2778 -85.78 28.63 101.05
N GLU D 2779 -85.59 29.39 102.14
CA GLU D 2779 -86.12 30.75 102.18
C GLU D 2779 -85.29 31.69 101.31
N ASN D 2780 -83.97 31.55 101.35
CA ASN D 2780 -83.08 32.48 100.67
C ASN D 2780 -83.14 32.29 99.16
N VAL D 2781 -82.69 33.31 98.44
CA VAL D 2781 -82.64 33.27 96.98
C VAL D 2781 -81.40 32.48 96.57
N ASP D 2782 -81.61 31.39 95.83
CA ASP D 2782 -80.50 30.53 95.41
C ASP D 2782 -80.82 29.92 94.05
N GLU D 2783 -79.81 29.93 93.17
CA GLU D 2783 -79.92 29.27 91.88
C GLU D 2783 -79.50 27.81 91.94
N GLU D 2784 -79.00 27.34 93.08
CA GLU D 2784 -78.60 25.96 93.27
C GLU D 2784 -79.75 25.05 93.71
N LEU D 2785 -80.90 25.62 94.03
CA LEU D 2785 -82.04 24.83 94.51
C LEU D 2785 -82.72 24.03 93.41
N LYS D 2786 -82.51 24.43 92.13
CA LYS D 2786 -83.07 23.83 90.89
C LYS D 2786 -84.59 23.56 90.96
N THR D 2787 -85.30 24.28 91.82
CA THR D 2787 -86.74 24.18 92.04
C THR D 2787 -87.26 25.61 92.22
N HIS D 2788 -88.47 25.73 92.73
CA HIS D 2788 -89.06 27.02 93.07
C HIS D 2788 -88.26 27.62 94.23
N PRO D 2789 -87.47 28.68 94.02
CA PRO D 2789 -86.54 29.11 95.06
C PRO D 2789 -87.15 29.96 96.16
N MET D 2790 -88.30 30.58 95.91
CA MET D 2790 -88.89 31.56 96.82
C MET D 2790 -90.02 30.98 97.66
N LEU D 2791 -90.19 29.66 97.68
CA LEU D 2791 -91.19 29.04 98.54
C LEU D 2791 -90.67 29.01 99.98
N ARG D 2792 -91.52 29.43 100.91
CA ARG D 2792 -91.21 29.48 102.33
C ARG D 2792 -92.38 28.91 103.12
N PRO D 2793 -92.13 28.43 104.34
CA PRO D 2793 -93.25 27.98 105.20
C PRO D 2793 -94.18 29.13 105.55
N TYR D 2794 -95.45 28.80 105.77
CA TYR D 2794 -96.53 29.77 105.99
C TYR D 2794 -96.31 30.66 107.20
N LYS D 2795 -95.47 30.24 108.16
CA LYS D 2795 -95.20 31.06 109.35
C LYS D 2795 -94.51 32.37 108.96
N THR D 2796 -93.55 32.32 108.03
CA THR D 2796 -92.79 33.47 107.59
C THR D 2796 -92.92 33.69 106.09
N PHE D 2797 -94.10 33.42 105.54
CA PHE D 2797 -94.39 33.60 104.12
C PHE D 2797 -95.29 34.82 103.96
N SER D 2798 -94.78 35.84 103.26
CA SER D 2798 -95.48 37.11 103.11
C SER D 2798 -96.75 36.96 102.27
N GLU D 2799 -97.61 37.97 102.35
CA GLU D 2799 -98.87 37.97 101.60
C GLU D 2799 -98.80 38.75 100.28
N LYS D 2800 -97.68 39.42 100.00
CA LYS D 2800 -97.54 40.18 98.75
C LYS D 2800 -97.59 39.27 97.53
N ASP D 2801 -96.92 38.12 97.60
CA ASP D 2801 -96.99 37.18 96.50
C ASP D 2801 -98.27 36.35 96.55
N LYS D 2802 -98.89 36.24 97.74
CA LYS D 2802 -100.13 35.49 97.85
C LYS D 2802 -101.25 36.25 97.16
N GLU D 2803 -101.20 37.58 97.17
CA GLU D 2803 -102.27 38.34 96.53
C GLU D 2803 -102.13 38.36 95.01
N ILE D 2804 -101.02 37.86 94.45
CA ILE D 2804 -100.86 37.74 93.01
C ILE D 2804 -100.85 36.29 92.55
N TYR D 2805 -100.88 35.32 93.48
CA TYR D 2805 -100.92 33.92 93.08
C TYR D 2805 -102.24 33.52 92.42
N ARG D 2806 -103.33 34.23 92.70
CA ARG D 2806 -104.66 33.79 92.31
C ARG D 2806 -105.13 34.34 90.96
N TRP D 2807 -104.25 34.94 90.15
CA TRP D 2807 -104.62 35.32 88.79
C TRP D 2807 -105.06 34.13 87.92
N PRO D 2808 -104.34 32.98 87.83
CA PRO D 2808 -104.93 31.82 87.12
C PRO D 2808 -106.20 31.30 87.76
N ILE D 2809 -106.29 31.34 89.10
CA ILE D 2809 -107.45 30.80 89.79
C ILE D 2809 -108.67 31.68 89.54
N LYS D 2810 -108.52 33.01 89.66
CA LYS D 2810 -109.66 33.89 89.40
C LYS D 2810 -110.07 33.84 87.93
N GLU D 2811 -109.10 33.67 87.01
CA GLU D 2811 -109.45 33.54 85.60
C GLU D 2811 -110.14 32.20 85.31
N SER D 2812 -109.78 31.16 86.07
CA SER D 2812 -110.43 29.87 85.91
C SER D 2812 -111.88 29.96 86.37
N LEU D 2813 -112.10 30.58 87.54
CA LEU D 2813 -113.46 30.67 88.09
C LEU D 2813 -114.35 31.51 87.18
N LYS D 2814 -113.87 32.68 86.73
CA LYS D 2814 -114.71 33.47 85.83
C LYS D 2814 -114.82 32.83 84.44
N ALA D 2815 -113.92 31.89 84.11
CA ALA D 2815 -114.02 31.15 82.86
C ALA D 2815 -115.13 30.11 82.94
N MET D 2816 -115.23 29.39 84.06
CA MET D 2816 -116.24 28.34 84.19
C MET D 2816 -117.57 28.85 84.73
N ILE D 2817 -117.64 30.10 85.19
CA ILE D 2817 -118.88 30.59 85.78
C ILE D 2817 -119.74 31.38 84.79
N ALA D 2818 -119.18 31.81 83.66
CA ALA D 2818 -119.95 32.53 82.66
C ALA D 2818 -120.46 31.65 81.52
N TRP D 2819 -120.03 30.40 81.42
CA TRP D 2819 -120.49 29.52 80.34
C TRP D 2819 -121.78 28.78 80.70
N GLU D 2820 -122.80 29.52 81.16
CA GLU D 2820 -124.15 29.08 81.56
C GLU D 2820 -124.16 27.78 82.36
N TRP D 2821 -123.15 27.60 83.21
CA TRP D 2821 -122.97 26.41 84.03
C TRP D 2821 -122.88 26.84 85.48
N THR D 2822 -123.87 26.46 86.28
CA THR D 2822 -124.00 26.96 87.64
C THR D 2822 -123.02 26.25 88.58
N ILE D 2823 -122.72 26.93 89.68
CA ILE D 2823 -121.92 26.40 90.77
C ILE D 2823 -122.68 26.68 92.06
N GLU D 2824 -122.71 25.69 92.96
CA GLU D 2824 -123.46 25.80 94.20
C GLU D 2824 -122.67 25.16 95.32
N LYS D 2825 -122.95 25.60 96.55
CA LYS D 2825 -122.29 25.07 97.75
C LYS D 2825 -123.19 24.01 98.35
N ALA D 2826 -122.78 22.74 98.24
CA ALA D 2826 -123.57 21.64 98.76
C ALA D 2826 -123.47 21.50 100.27
N ARG D 2827 -122.34 21.91 100.85
CA ARG D 2827 -122.08 21.75 102.27
C ARG D 2827 -121.96 23.10 102.96
N GLU D 2828 -121.91 23.07 104.30
CA GLU D 2828 -121.69 24.24 105.13
C GLU D 2828 -120.58 23.88 106.11
N GLY D 2829 -119.35 24.20 105.73
CA GLY D 2829 -118.20 23.90 106.57
C GLY D 2829 -116.95 24.53 106.00
N GLU D 2830 -115.94 24.63 106.85
CA GLU D 2830 -114.61 25.19 106.54
C GLU D 2830 -114.68 26.61 105.97
N TYR D 2855 -96.76 24.21 108.05
CA TYR D 2855 -96.80 24.26 106.59
C TYR D 2855 -96.56 22.87 106.01
N ASN D 2856 -97.65 22.19 105.66
CA ASN D 2856 -97.60 20.84 105.12
C ASN D 2856 -98.90 20.55 104.36
N PRO D 2857 -98.82 20.05 103.12
CA PRO D 2857 -100.05 19.72 102.38
C PRO D 2857 -100.78 18.50 102.91
N GLN D 2858 -101.44 18.63 104.07
CA GLN D 2858 -102.14 17.50 104.68
C GLN D 2858 -103.31 16.97 103.84
N PRO D 2859 -104.26 17.77 103.32
CA PRO D 2859 -105.35 17.16 102.52
C PRO D 2859 -104.84 16.68 101.17
N PRO D 2860 -105.04 15.41 100.85
CA PRO D 2860 -104.53 14.87 99.58
C PRO D 2860 -105.53 14.96 98.43
N ASP D 2861 -105.00 15.28 97.26
CA ASP D 2861 -105.76 15.36 96.03
C ASP D 2861 -105.10 14.49 94.98
N LEU D 2862 -105.80 13.47 94.52
CA LEU D 2862 -105.33 12.59 93.46
C LEU D 2862 -106.30 12.70 92.29
N SER D 2863 -105.75 12.80 91.08
CA SER D 2863 -106.53 13.06 89.88
C SER D 2863 -106.40 11.96 88.83
N GLY D 2864 -106.15 10.72 89.27
CA GLY D 2864 -106.02 9.62 88.33
C GLY D 2864 -107.24 8.76 88.17
N VAL D 2865 -108.26 8.96 89.01
CA VAL D 2865 -109.46 8.13 88.98
C VAL D 2865 -110.48 8.77 88.05
N THR D 2866 -111.46 7.96 87.64
CA THR D 2866 -112.47 8.40 86.68
C THR D 2866 -113.57 9.21 87.37
N LEU D 2867 -114.44 9.78 86.55
CA LEU D 2867 -115.55 10.63 87.00
C LEU D 2867 -116.57 10.66 85.88
N SER D 2868 -117.77 11.16 86.20
CA SER D 2868 -118.91 11.20 85.28
C SER D 2868 -118.58 11.99 84.02
N ARG D 2869 -119.13 11.52 82.90
CA ARG D 2869 -118.78 12.04 81.57
C ARG D 2869 -119.20 13.49 81.37
N GLU D 2870 -120.42 13.86 81.75
CA GLU D 2870 -120.91 15.22 81.54
CA GLU D 2870 -120.91 15.22 81.54
C GLU D 2870 -120.08 16.26 82.28
N LEU D 2871 -119.77 15.98 83.56
CA LEU D 2871 -118.96 16.89 84.36
C LEU D 2871 -117.52 16.95 83.85
N GLN D 2872 -117.02 15.81 83.36
CA GLN D 2872 -115.66 15.79 82.81
C GLN D 2872 -115.63 16.56 81.49
N ALA D 2873 -116.71 16.46 80.70
CA ALA D 2873 -116.78 17.16 79.43
C ALA D 2873 -116.75 18.67 79.64
N MET D 2874 -117.48 19.14 80.67
CA MET D 2874 -117.42 20.57 81.00
C MET D 2874 -116.03 20.96 81.53
N ALA D 2875 -115.35 20.05 82.24
CA ALA D 2875 -113.98 20.35 82.67
C ALA D 2875 -113.02 20.38 81.49
N GLU D 2876 -113.27 19.56 80.46
CA GLU D 2876 -112.46 19.57 79.26
C GLU D 2876 -112.69 20.84 78.46
N GLN D 2877 -113.93 21.36 78.47
CA GLN D 2877 -114.18 22.68 77.87
C GLN D 2877 -113.42 23.77 78.62
N LEU D 2878 -113.37 23.68 79.95
CA LEU D 2878 -112.57 24.62 80.74
C LEU D 2878 -111.09 24.54 80.40
N ALA D 2879 -110.56 23.32 80.25
CA ALA D 2879 -109.18 23.13 79.81
C ALA D 2879 -108.95 23.64 78.38
N GLU D 2880 -109.97 23.50 77.52
CA GLU D 2880 -109.89 24.07 76.18
C GLU D 2880 -109.81 25.58 76.24
N ASN D 2881 -110.57 26.21 77.13
CA ASN D 2881 -110.46 27.66 77.33
C ASN D 2881 -109.09 28.04 77.87
N TYR D 2882 -108.46 27.15 78.66
CA TYR D 2882 -107.10 27.40 79.12
C TYR D 2882 -106.14 27.39 77.95
N HIS D 2883 -106.34 26.44 77.03
CA HIS D 2883 -105.42 26.25 75.92
C HIS D 2883 -105.56 27.40 74.91
N ASN D 2884 -106.80 27.77 74.57
CA ASN D 2884 -106.99 28.83 73.58
C ASN D 2884 -106.53 30.18 74.14
N THR D 2885 -106.79 30.46 75.43
CA THR D 2885 -106.28 31.70 76.02
C THR D 2885 -104.75 31.71 76.06
N TRP D 2886 -104.13 30.56 76.37
CA TRP D 2886 -102.66 30.44 76.35
C TRP D 2886 -102.11 30.69 74.96
N GLY D 2887 -102.76 30.13 73.95
CA GLY D 2887 -102.34 30.36 72.57
C GLY D 2887 -102.54 31.80 72.16
N ARG D 2888 -103.65 32.42 72.58
CA ARG D 2888 -103.92 33.80 72.21
C ARG D 2888 -102.88 34.75 72.79
N LYS D 2889 -102.54 34.55 74.08
CA LYS D 2889 -101.53 35.41 74.70
C LYS D 2889 -100.11 35.07 74.28
N LYS D 2890 -99.89 33.95 73.58
CA LYS D 2890 -98.56 33.75 73.02
C LYS D 2890 -98.50 34.15 71.54
N LYS D 2891 -99.62 34.02 70.82
CA LYS D 2891 -99.68 34.51 69.46
C LYS D 2891 -99.73 36.03 69.40
N GLN D 2892 -100.01 36.70 70.53
CA GLN D 2892 -99.95 38.16 70.54
C GLN D 2892 -98.54 38.64 70.25
N GLU D 2893 -97.54 38.00 70.86
CA GLU D 2893 -96.15 38.33 70.57
C GLU D 2893 -95.63 37.57 69.36
N LEU D 2894 -96.32 36.50 68.94
CA LEU D 2894 -95.89 35.76 67.76
C LEU D 2894 -96.28 36.45 66.46
N GLU D 2895 -97.35 37.26 66.46
CA GLU D 2895 -97.83 37.93 65.26
C GLU D 2895 -97.12 39.25 64.96
N ALA D 2896 -95.99 39.52 65.63
CA ALA D 2896 -95.24 40.76 65.39
C ALA D 2896 -94.64 40.77 63.98
N LYS D 2897 -94.12 39.64 63.50
CA LYS D 2897 -93.55 39.59 62.16
C LYS D 2897 -94.45 38.94 61.12
N GLY D 2898 -95.41 38.11 61.55
CA GLY D 2898 -96.34 37.49 60.62
C GLY D 2898 -95.85 36.27 59.89
N GLY D 2899 -94.87 35.55 60.43
CA GLY D 2899 -94.36 34.37 59.78
C GLY D 2899 -94.26 33.20 60.75
N GLY D 2900 -94.38 31.99 60.19
CA GLY D 2900 -94.28 30.78 60.99
C GLY D 2900 -95.56 30.48 61.72
N THR D 2901 -95.55 29.35 62.44
CA THR D 2901 -96.69 28.94 63.24
C THR D 2901 -96.20 28.24 64.51
N HIS D 2902 -96.95 28.44 65.59
CA HIS D 2902 -96.64 27.84 66.89
C HIS D 2902 -97.15 26.41 66.94
N PRO D 2903 -96.35 25.47 67.46
CA PRO D 2903 -96.81 24.08 67.58
C PRO D 2903 -98.03 23.90 68.49
N LEU D 2904 -98.25 24.80 69.44
CA LEU D 2904 -99.40 24.71 70.33
C LEU D 2904 -100.59 25.54 69.85
N LEU D 2905 -100.50 26.18 68.69
CA LEU D 2905 -101.63 26.90 68.11
C LEU D 2905 -102.44 25.95 67.23
N VAL D 2906 -103.10 25.01 67.90
CA VAL D 2906 -103.86 23.95 67.25
C VAL D 2906 -105.18 23.78 67.99
N PRO D 2907 -106.22 23.26 67.31
CA PRO D 2907 -107.49 22.96 67.99
C PRO D 2907 -107.32 21.95 69.13
N TYR D 2908 -108.10 22.16 70.21
CA TYR D 2908 -107.92 21.38 71.43
C TYR D 2908 -108.22 19.90 71.23
N ASP D 2909 -109.28 19.58 70.49
CA ASP D 2909 -109.63 18.17 70.28
C ASP D 2909 -108.60 17.45 69.41
N THR D 2910 -108.05 18.16 68.42
CA THR D 2910 -107.18 17.53 67.43
C THR D 2910 -105.78 17.24 67.96
N LEU D 2911 -105.28 18.04 68.90
CA LEU D 2911 -103.94 17.84 69.40
C LEU D 2911 -103.84 16.55 70.20
N THR D 2912 -102.66 15.93 70.15
CA THR D 2912 -102.44 14.60 70.72
C THR D 2912 -102.56 14.64 72.24
N ALA D 2913 -102.76 13.44 72.83
CA ALA D 2913 -102.93 13.35 74.27
C ALA D 2913 -101.65 13.66 75.04
N LYS D 2914 -100.48 13.46 74.42
CA LYS D 2914 -99.22 13.78 75.08
C LYS D 2914 -99.08 15.28 75.35
N GLU D 2915 -99.54 16.11 74.41
CA GLU D 2915 -99.58 17.56 74.57
C GLU D 2915 -100.91 18.04 75.13
N LYS D 2916 -101.83 17.12 75.44
CA LYS D 2916 -103.09 17.45 76.10
C LYS D 2916 -103.04 17.19 77.60
N ALA D 2917 -102.07 16.39 78.05
CA ALA D 2917 -101.97 15.99 79.44
C ALA D 2917 -101.75 17.17 80.39
N ARG D 2918 -101.01 18.19 79.94
CA ARG D 2918 -100.78 19.38 80.78
C ARG D 2918 -102.08 20.12 81.13
N ASP D 2919 -102.96 20.32 80.15
CA ASP D 2919 -104.27 20.91 80.42
C ASP D 2919 -105.25 19.92 81.06
N ARG D 2920 -105.13 18.65 80.69
CA ARG D 2920 -105.99 17.61 81.25
C ARG D 2920 -105.75 17.45 82.74
N GLU D 2921 -104.49 17.47 83.17
CA GLU D 2921 -104.16 17.28 84.59
C GLU D 2921 -104.73 18.40 85.43
N LYS D 2922 -104.65 19.64 84.92
CA LYS D 2922 -105.24 20.78 85.62
C LYS D 2922 -106.76 20.67 85.68
N ALA D 2923 -107.39 20.20 84.58
CA ALA D 2923 -108.84 19.99 84.58
C ALA D 2923 -109.24 18.90 85.58
N GLN D 2924 -108.46 17.80 85.63
CA GLN D 2924 -108.72 16.72 86.58
C GLN D 2924 -108.55 17.18 88.02
N GLU D 2925 -107.47 17.91 88.31
CA GLU D 2925 -107.21 18.35 89.68
C GLU D 2925 -108.25 19.36 90.14
N LEU D 2926 -108.60 20.32 89.28
CA LEU D 2926 -109.63 21.31 89.64
C LEU D 2926 -110.98 20.64 89.85
N LEU D 2927 -111.33 19.67 88.98
CA LEU D 2927 -112.58 18.97 89.12
C LEU D 2927 -112.61 18.08 90.36
N LYS D 2928 -111.46 17.48 90.71
CA LYS D 2928 -111.39 16.71 91.95
C LYS D 2928 -111.55 17.62 93.17
N PHE D 2929 -110.94 18.81 93.11
CA PHE D 2929 -111.11 19.79 94.18
C PHE D 2929 -112.57 20.20 94.29
N LEU D 2930 -113.30 20.24 93.18
CA LEU D 2930 -114.73 20.50 93.28
C LEU D 2930 -115.48 19.30 93.84
N GLN D 2931 -114.98 18.09 93.56
CA GLN D 2931 -115.71 16.89 93.95
C GLN D 2931 -115.61 16.63 95.46
N MET D 2932 -114.38 16.48 95.98
CA MET D 2932 -114.20 16.14 97.39
C MET D 2932 -114.72 17.23 98.32
N ASN D 2933 -114.43 18.50 98.00
CA ASN D 2933 -114.93 19.60 98.81
C ASN D 2933 -116.45 19.77 98.70
N GLY D 2934 -117.08 19.25 97.66
CA GLY D 2934 -118.53 19.30 97.55
C GLY D 2934 -119.08 20.40 96.67
N TYR D 2935 -118.54 20.52 95.47
CA TYR D 2935 -119.00 21.49 94.48
C TYR D 2935 -119.43 20.73 93.23
N ALA D 2936 -120.59 21.08 92.70
CA ALA D 2936 -121.13 20.41 91.52
C ALA D 2936 -121.52 21.43 90.46
N VAL D 2937 -121.32 21.07 89.20
CA VAL D 2937 -121.63 21.92 88.06
C VAL D 2937 -122.65 21.19 87.20
N THR D 2938 -123.74 21.88 86.86
CA THR D 2938 -124.80 21.32 86.04
C THR D 2938 -125.26 22.39 85.05
N ARG D 2939 -125.49 21.99 83.80
CA ARG D 2939 -125.91 22.92 82.76
C ARG D 2939 -127.30 23.48 83.03
N LEU D 2946 -125.51 14.25 74.68
CA LEU D 2946 -125.69 13.80 76.05
C LEU D 2946 -126.49 12.49 76.03
N ASP D 2947 -126.21 11.63 77.02
CA ASP D 2947 -126.75 10.26 77.10
C ASP D 2947 -126.42 9.45 75.84
N THR D 2948 -125.22 9.64 75.32
CA THR D 2948 -124.78 8.94 74.12
C THR D 2948 -124.56 7.46 74.38
N SER D 2949 -124.81 6.65 73.35
CA SER D 2949 -124.66 5.20 73.44
C SER D 2949 -123.72 4.69 72.36
N SER D 2950 -123.10 3.54 72.63
CA SER D 2950 -122.11 2.97 71.72
C SER D 2950 -122.72 2.54 70.39
N ILE D 2951 -124.04 2.34 70.35
CA ILE D 2951 -124.71 1.96 69.10
C ILE D 2951 -124.63 3.11 68.11
N GLU D 2952 -124.94 4.32 68.58
CA GLU D 2952 -124.87 5.50 67.72
C GLU D 2952 -123.45 6.07 67.62
N LYS D 2953 -122.54 5.67 68.51
CA LYS D 2953 -121.16 6.15 68.41
C LYS D 2953 -120.44 5.63 67.17
N ARG D 2954 -120.97 4.58 66.53
CA ARG D 2954 -120.38 4.02 65.32
C ARG D 2954 -120.34 5.05 64.20
N PHE D 2955 -119.21 5.10 63.51
CA PHE D 2955 -119.06 6.00 62.37
C PHE D 2955 -119.98 5.63 61.22
N ALA D 2956 -120.16 4.32 60.99
CA ALA D 2956 -121.06 3.84 59.94
C ALA D 2956 -122.50 4.26 60.21
N PHE D 2957 -122.93 4.16 61.47
CA PHE D 2957 -124.25 4.65 61.85
C PHE D 2957 -124.36 6.16 61.67
N GLY D 2958 -123.29 6.90 61.96
CA GLY D 2958 -123.29 8.33 61.70
C GLY D 2958 -123.48 8.68 60.23
N PHE D 2959 -122.82 7.93 59.35
CA PHE D 2959 -123.06 8.08 57.92
C PHE D 2959 -124.50 7.72 57.54
N LEU D 2960 -125.03 6.64 58.14
CA LEU D 2960 -126.38 6.20 57.81
C LEU D 2960 -127.42 7.21 58.30
N GLN D 2961 -127.25 7.74 59.51
CA GLN D 2961 -128.24 8.70 60.01
C GLN D 2961 -128.20 9.98 59.19
N GLN D 2962 -127.01 10.34 58.64
CA GLN D 2962 -127.00 11.46 57.69
C GLN D 2962 -127.75 11.10 56.43
N LEU D 2963 -127.72 9.81 56.05
CA LEU D 2963 -128.42 9.37 54.84
C LEU D 2963 -129.92 9.52 55.02
N LEU D 2964 -130.47 9.00 56.13
CA LEU D 2964 -131.91 9.12 56.34
C LEU D 2964 -132.37 10.57 56.53
N ARG D 2965 -131.63 11.36 57.33
CA ARG D 2965 -132.02 12.74 57.58
C ARG D 2965 -132.00 13.58 56.31
N TRP D 2966 -131.17 13.22 55.33
CA TRP D 2966 -131.23 13.89 54.05
C TRP D 2966 -132.06 13.09 53.04
N MET D 2967 -132.47 11.89 53.41
CA MET D 2967 -133.39 11.14 52.58
C MET D 2967 -134.79 11.74 52.65
N ASP D 2968 -135.22 12.17 53.83
CA ASP D 2968 -136.52 12.87 53.87
C ASP D 2968 -136.53 14.12 52.97
N ILE D 2969 -135.36 14.75 52.78
CA ILE D 2969 -135.20 15.77 51.76
C ILE D 2969 -135.30 15.16 50.36
N SER D 2970 -134.73 13.95 50.18
CA SER D 2970 -134.68 13.35 48.85
C SER D 2970 -136.08 13.04 48.36
N GLN D 2971 -136.88 12.35 49.17
CA GLN D 2971 -138.30 12.19 48.82
C GLN D 2971 -139.11 13.48 48.95
N GLU D 2972 -138.53 14.58 49.42
CA GLU D 2972 -139.27 15.83 49.43
C GLU D 2972 -139.22 16.48 48.05
N PHE D 2973 -138.01 16.74 47.53
CA PHE D 2973 -137.92 17.49 46.27
C PHE D 2973 -138.32 16.70 45.02
N ILE D 2974 -138.41 15.36 45.09
CA ILE D 2974 -138.91 14.60 43.94
C ILE D 2974 -140.35 14.96 43.61
N ALA D 2975 -141.20 15.16 44.62
CA ALA D 2975 -142.56 15.64 44.38
C ALA D 2975 -142.56 17.01 43.70
N HIS D 2976 -141.62 17.88 44.07
CA HIS D 2976 -141.43 19.16 43.37
C HIS D 2976 -141.04 18.95 41.90
N LEU D 2977 -140.11 18.03 41.65
CA LEU D 2977 -139.73 17.70 40.27
C LEU D 2977 -140.87 17.11 39.46
N GLU D 2978 -141.67 16.21 40.06
CA GLU D 2978 -142.85 15.69 39.38
C GLU D 2978 -143.87 16.80 39.12
N ALA D 2979 -143.98 17.75 40.05
CA ALA D 2979 -144.89 18.86 39.87
C ALA D 2979 -144.46 19.75 38.71
N VAL D 2980 -143.16 19.99 38.58
CA VAL D 2980 -142.69 20.89 37.51
C VAL D 2980 -142.55 20.17 36.17
N VAL D 2981 -142.53 18.84 36.15
CA VAL D 2981 -142.46 18.15 34.86
C VAL D 2981 -143.86 17.81 34.35
N SER D 2982 -144.83 17.60 35.26
CA SER D 2982 -146.19 17.31 34.84
C SER D 2982 -146.86 18.53 34.20
N SER D 2983 -146.65 19.71 34.78
CA SER D 2983 -147.22 20.95 34.27
C SER D 2983 -146.46 22.12 34.87
N GLY D 2984 -146.74 23.32 34.37
CA GLY D 2984 -146.12 24.52 34.92
C GLY D 2984 -144.63 24.59 34.71
N ARG D 2985 -144.20 24.78 33.46
CA ARG D 2985 -142.80 24.82 33.08
C ARG D 2985 -142.01 25.89 33.81
N VAL D 2986 -141.08 25.47 34.68
CA VAL D 2986 -140.22 26.36 35.42
C VAL D 2986 -138.94 25.60 35.77
N GLU D 2987 -137.80 26.28 35.64
CA GLU D 2987 -136.50 25.66 35.86
C GLU D 2987 -135.66 26.45 36.85
N LYS D 2988 -136.32 27.18 37.76
CA LYS D 2988 -135.60 27.86 38.83
C LYS D 2988 -134.90 26.86 39.74
N SER D 2989 -135.62 25.79 40.13
CA SER D 2989 -135.14 24.63 40.88
C SER D 2989 -134.39 25.01 42.15
N PRO D 2990 -135.08 25.44 43.21
CA PRO D 2990 -134.39 25.83 44.45
C PRO D 2990 -133.69 24.70 45.18
N HIS D 2991 -133.99 23.44 44.86
CA HIS D 2991 -133.32 22.29 45.44
C HIS D 2991 -132.28 21.67 44.50
N GLU D 2992 -131.90 22.40 43.43
CA GLU D 2992 -130.93 21.86 42.47
C GLU D 2992 -129.56 21.64 43.11
N GLN D 2993 -129.13 22.57 43.99
CA GLN D 2993 -127.87 22.41 44.71
C GLN D 2993 -127.88 21.13 45.54
N GLU D 2994 -129.03 20.81 46.14
CA GLU D 2994 -129.20 19.55 46.84
C GLU D 2994 -129.06 18.37 45.88
N ILE D 2995 -129.77 18.43 44.73
CA ILE D 2995 -129.79 17.32 43.78
C ILE D 2995 -128.38 17.02 43.28
N LYS D 2996 -127.64 18.09 42.96
CA LYS D 2996 -126.25 17.97 42.57
C LYS D 2996 -125.40 17.38 43.69
N PHE D 2997 -125.73 17.70 44.95
CA PHE D 2997 -124.90 17.19 46.03
C PHE D 2997 -125.17 15.73 46.30
N PHE D 2998 -126.44 15.30 46.25
CA PHE D 2998 -126.75 13.87 46.40
C PHE D 2998 -126.17 13.06 45.25
N ALA D 2999 -126.35 13.54 44.02
CA ALA D 2999 -126.01 12.77 42.83
C ALA D 2999 -124.51 12.70 42.61
N LYS D 3000 -123.78 13.74 43.02
CA LYS D 3000 -122.36 13.80 42.71
C LYS D 3000 -121.51 13.44 43.91
N ILE D 3001 -122.10 13.38 45.12
CA ILE D 3001 -121.32 13.15 46.33
C ILE D 3001 -121.80 11.91 47.08
N LEU D 3002 -123.09 11.85 47.43
CA LEU D 3002 -123.58 10.77 48.28
C LEU D 3002 -123.54 9.42 47.58
N LEU D 3003 -124.05 9.35 46.33
CA LEU D 3003 -124.05 8.09 45.59
C LEU D 3003 -122.63 7.54 45.33
N PRO D 3004 -121.63 8.33 44.86
CA PRO D 3004 -120.26 7.77 44.81
C PRO D 3004 -119.72 7.35 46.17
N LEU D 3005 -120.07 8.09 47.22
CA LEU D 3005 -119.71 7.71 48.59
C LEU D 3005 -120.39 6.42 49.01
N ILE D 3006 -121.67 6.26 48.66
CA ILE D 3006 -122.39 5.03 48.96
C ILE D 3006 -121.75 3.86 48.20
N ASN D 3007 -121.40 4.09 46.93
CA ASN D 3007 -120.79 3.06 46.09
C ASN D 3007 -119.47 2.58 46.69
N GLN D 3008 -118.58 3.52 47.05
CA GLN D 3008 -117.27 3.11 47.53
C GLN D 3008 -117.34 2.56 48.96
N TYR D 3009 -118.09 3.22 49.85
CA TYR D 3009 -118.13 2.80 51.25
C TYR D 3009 -118.80 1.44 51.38
N PHE D 3010 -119.96 1.27 50.75
CA PHE D 3010 -120.70 0.03 50.86
C PHE D 3010 -119.97 -1.11 50.14
N THR D 3011 -119.30 -0.82 49.01
CA THR D 3011 -118.51 -1.87 48.35
C THR D 3011 -117.34 -2.30 49.22
N ASN D 3012 -116.64 -1.34 49.85
CA ASN D 3012 -115.51 -1.69 50.70
C ASN D 3012 -115.95 -2.45 51.96
N HIS D 3013 -117.01 -1.99 52.61
CA HIS D 3013 -117.46 -2.60 53.85
C HIS D 3013 -118.72 -3.46 53.67
N CYS D 3014 -118.86 -4.08 52.50
CA CYS D 3014 -119.95 -5.03 52.27
C CYS D 3014 -119.82 -6.24 53.20
N LEU D 3015 -118.58 -6.63 53.52
CA LEU D 3015 -118.34 -7.70 54.49
C LEU D 3015 -118.83 -7.29 55.88
N TYR D 3016 -118.67 -6.02 56.24
CA TYR D 3016 -119.06 -5.55 57.57
C TYR D 3016 -120.58 -5.54 57.73
N PHE D 3017 -121.29 -5.00 56.74
CA PHE D 3017 -122.75 -4.91 56.83
C PHE D 3017 -123.42 -6.28 56.84
N LEU D 3018 -122.77 -7.29 56.28
CA LEU D 3018 -123.26 -8.66 56.36
C LEU D 3018 -122.64 -9.44 57.50
N SER D 3019 -121.78 -8.81 58.31
CA SER D 3019 -121.15 -9.49 59.42
C SER D 3019 -122.09 -9.50 60.61
N THR D 3020 -122.38 -10.68 61.13
CA THR D 3020 -123.29 -10.90 62.23
C THR D 3020 -122.56 -11.70 63.31
N PRO D 3021 -122.95 -11.54 64.58
CA PRO D 3021 -122.30 -12.32 65.65
C PRO D 3021 -122.43 -13.83 65.49
N ALA D 3022 -123.51 -14.31 64.86
CA ALA D 3022 -123.67 -15.74 64.62
C ALA D 3022 -122.60 -16.27 63.67
N LYS D 3023 -122.37 -15.56 62.56
CA LYS D 3023 -121.37 -15.95 61.56
C LYS D 3023 -120.59 -14.71 61.18
N VAL D 3024 -119.34 -14.61 61.67
CA VAL D 3024 -118.48 -13.50 61.30
C VAL D 3024 -117.79 -13.84 59.98
N LEU D 3025 -118.03 -13.01 58.97
CA LEU D 3025 -117.53 -13.28 57.62
C LEU D 3025 -116.11 -12.78 57.42
N GLY D 3026 -115.83 -11.54 57.80
CA GLY D 3026 -114.53 -10.93 57.57
C GLY D 3026 -113.58 -11.16 58.73
N SER D 3027 -112.48 -10.39 58.71
CA SER D 3027 -111.47 -10.47 59.76
C SER D 3027 -112.03 -10.04 61.10
N GLY D 3028 -112.83 -8.98 61.12
CA GLY D 3028 -113.40 -8.51 62.36
C GLY D 3028 -114.47 -7.47 62.09
N GLY D 3029 -115.12 -7.05 63.17
CA GLY D 3029 -116.18 -6.06 63.07
C GLY D 3029 -117.51 -6.64 62.63
N HIS D 3030 -118.60 -6.20 63.25
CA HIS D 3030 -119.93 -6.67 62.87
C HIS D 3030 -120.89 -5.50 62.88
N ALA D 3031 -121.75 -5.45 61.87
CA ALA D 3031 -122.76 -4.40 61.80
C ALA D 3031 -123.77 -4.57 62.93
N SER D 3032 -124.15 -3.45 63.54
CA SER D 3032 -125.10 -3.48 64.64
C SER D 3032 -126.49 -3.83 64.12
N ASN D 3033 -127.36 -4.20 65.08
CA ASN D 3033 -128.74 -4.55 64.76
C ASN D 3033 -129.48 -3.38 64.16
N LYS D 3034 -129.26 -2.16 64.70
CA LYS D 3034 -129.93 -0.98 64.17
C LYS D 3034 -129.47 -0.69 62.75
N GLU D 3035 -128.16 -0.80 62.48
CA GLU D 3035 -127.62 -0.52 61.17
C GLU D 3035 -128.18 -1.49 60.14
N LYS D 3036 -128.25 -2.78 60.51
CA LYS D 3036 -128.81 -3.79 59.62
C LYS D 3036 -130.30 -3.56 59.36
N GLU D 3037 -131.05 -3.18 60.38
CA GLU D 3037 -132.48 -2.97 60.21
C GLU D 3037 -132.84 -1.59 59.65
N MET D 3038 -131.84 -0.74 59.43
CA MET D 3038 -132.08 0.59 58.89
C MET D 3038 -131.48 0.80 57.50
N ILE D 3039 -130.50 -0.05 57.12
CA ILE D 3039 -130.06 -0.09 55.72
C ILE D 3039 -131.19 -0.57 54.82
N THR D 3040 -132.04 -1.49 55.30
CA THR D 3040 -133.16 -1.98 54.47
C THR D 3040 -134.19 -0.87 54.26
N SER D 3041 -134.42 -0.06 55.29
CA SER D 3041 -135.32 1.10 55.17
C SER D 3041 -134.79 2.08 54.13
N LEU D 3042 -133.46 2.31 54.14
CA LEU D 3042 -132.86 3.14 53.09
C LEU D 3042 -133.00 2.47 51.73
N PHE D 3043 -132.86 1.14 51.69
CA PHE D 3043 -132.88 0.38 50.45
C PHE D 3043 -134.21 0.56 49.75
N CYS D 3044 -135.30 0.42 50.52
CA CYS D 3044 -136.62 0.55 49.92
C CYS D 3044 -136.93 2.01 49.64
N LYS D 3045 -136.33 2.95 50.41
CA LYS D 3045 -136.61 4.36 50.16
C LYS D 3045 -136.02 4.82 48.83
N LEU D 3046 -134.85 4.30 48.47
CA LEU D 3046 -134.21 4.76 47.22
C LEU D 3046 -135.00 4.31 45.99
N ALA D 3047 -135.53 3.10 46.03
CA ALA D 3047 -136.31 2.64 44.90
C ALA D 3047 -137.69 3.30 44.87
N ALA D 3048 -138.35 3.48 46.02
CA ALA D 3048 -139.57 4.28 46.02
C ALA D 3048 -139.31 5.74 45.66
N LEU D 3049 -138.09 6.23 45.90
CA LEU D 3049 -137.63 7.54 45.44
C LEU D 3049 -137.64 7.62 43.92
N VAL D 3050 -137.30 6.52 43.25
CA VAL D 3050 -137.17 6.61 41.80
C VAL D 3050 -138.20 5.77 41.05
N ARG D 3051 -139.23 5.28 41.75
CA ARG D 3051 -140.28 4.46 41.13
C ARG D 3051 -141.09 5.24 40.10
N HIS D 3052 -141.00 4.84 38.82
CA HIS D 3052 -141.53 5.48 37.60
C HIS D 3052 -140.83 6.79 37.26
N ARG D 3053 -139.82 7.20 38.04
CA ARG D 3053 -139.13 8.47 37.84
C ARG D 3053 -137.71 8.27 37.33
N VAL D 3054 -137.47 7.18 36.60
CA VAL D 3054 -136.13 6.89 36.09
C VAL D 3054 -135.68 7.94 35.08
N SER D 3055 -136.61 8.49 34.28
CA SER D 3055 -136.22 9.46 33.27
C SER D 3055 -136.08 10.87 33.81
N LEU D 3056 -136.36 11.08 35.10
CA LEU D 3056 -136.27 12.40 35.70
C LEU D 3056 -134.90 12.70 36.28
N PHE D 3057 -134.14 11.67 36.67
CA PHE D 3057 -132.83 11.85 37.27
C PHE D 3057 -131.71 11.95 36.26
N GLY D 3058 -132.00 11.82 34.97
CA GLY D 3058 -130.97 11.95 33.96
C GLY D 3058 -130.04 10.74 33.92
N THR D 3059 -128.75 11.03 33.76
CA THR D 3059 -127.70 10.03 33.63
C THR D 3059 -127.22 9.46 34.97
N ASP D 3060 -127.75 9.95 36.09
CA ASP D 3060 -127.38 9.41 37.39
C ASP D 3060 -128.18 8.18 37.77
N ALA D 3061 -129.17 7.80 36.96
CA ALA D 3061 -129.95 6.59 37.22
C ALA D 3061 -129.11 5.31 37.23
N PRO D 3062 -128.18 5.04 36.29
CA PRO D 3062 -127.34 3.82 36.47
C PRO D 3062 -126.53 3.83 37.76
N ALA D 3063 -126.12 5.02 38.23
CA ALA D 3063 -125.45 5.13 39.52
C ALA D 3063 -126.39 4.71 40.64
N VAL D 3064 -127.67 5.10 40.51
CA VAL D 3064 -128.66 4.74 41.53
C VAL D 3064 -128.86 3.24 41.55
N VAL D 3065 -129.08 2.63 40.38
CA VAL D 3065 -129.37 1.19 40.34
C VAL D 3065 -128.15 0.38 40.80
N ASN D 3066 -126.93 0.90 40.56
CA ASN D 3066 -125.73 0.22 41.06
C ASN D 3066 -125.67 0.28 42.58
N CYS D 3067 -126.02 1.45 43.16
CA CYS D 3067 -126.03 1.57 44.61
C CYS D 3067 -127.08 0.64 45.22
N LEU D 3068 -128.25 0.54 44.57
CA LEU D 3068 -129.29 -0.37 45.03
C LEU D 3068 -128.83 -1.82 44.98
N HIS D 3069 -128.05 -2.18 43.95
CA HIS D 3069 -127.47 -3.51 43.85
C HIS D 3069 -126.51 -3.79 45.01
N ILE D 3070 -125.67 -2.81 45.35
CA ILE D 3070 -124.74 -3.00 46.48
C ILE D 3070 -125.48 -3.09 47.80
N LEU D 3071 -126.54 -2.29 47.99
CA LEU D 3071 -127.36 -2.40 49.19
C LEU D 3071 -128.03 -3.76 49.29
N ALA D 3072 -128.63 -4.24 48.19
CA ALA D 3072 -129.30 -5.54 48.16
C ALA D 3072 -128.32 -6.66 48.46
N ARG D 3073 -127.11 -6.56 47.90
CA ARG D 3073 -126.08 -7.53 48.23
C ARG D 3073 -125.68 -7.44 49.70
N SER D 3074 -125.80 -6.25 50.29
CA SER D 3074 -125.40 -6.01 51.68
C SER D 3074 -126.58 -5.89 52.64
N LEU D 3075 -127.66 -6.64 52.42
CA LEU D 3075 -128.80 -6.65 53.36
C LEU D 3075 -128.78 -7.94 54.16
N ASP D 3076 -128.76 -7.81 55.48
CA ASP D 3076 -128.94 -8.95 56.40
C ASP D 3076 -130.43 -9.08 56.76
N ALA D 3077 -131.23 -9.29 55.70
CA ALA D 3077 -132.69 -9.31 55.83
C ALA D 3077 -133.21 -10.43 56.72
N ARG D 3078 -132.44 -11.51 56.92
CA ARG D 3078 -132.83 -12.58 57.83
C ARG D 3078 -132.93 -12.04 59.25
N THR D 3079 -131.91 -11.27 59.65
CA THR D 3079 -131.89 -10.70 60.98
C THR D 3079 -132.89 -9.56 61.06
N VAL D 3080 -133.09 -8.84 59.95
CA VAL D 3080 -134.02 -7.71 59.96
C VAL D 3080 -135.45 -8.21 60.23
N MET D 3081 -135.85 -9.26 59.50
CA MET D 3081 -137.18 -9.86 59.70
C MET D 3081 -137.31 -10.52 61.06
N LYS D 3082 -136.26 -11.21 61.54
CA LYS D 3082 -136.33 -11.85 62.86
C LYS D 3082 -136.41 -10.82 63.99
N SER D 3083 -135.73 -9.70 63.83
CA SER D 3083 -135.71 -8.63 64.85
C SER D 3083 -135.55 -7.31 64.12
N GLY D 3084 -136.62 -6.52 64.06
CA GLY D 3084 -136.57 -5.23 63.40
C GLY D 3084 -137.84 -4.42 63.58
N PRO D 3085 -137.79 -3.15 63.20
CA PRO D 3085 -138.97 -2.29 63.30
C PRO D 3085 -140.07 -2.68 62.31
N GLU D 3086 -141.30 -2.41 62.76
CA GLU D 3086 -142.47 -2.72 61.94
C GLU D 3086 -142.51 -1.81 60.71
N ILE D 3087 -142.13 -0.54 60.86
CA ILE D 3087 -142.16 0.39 59.74
C ILE D 3087 -141.21 -0.04 58.62
N VAL D 3088 -140.04 -0.60 58.99
CA VAL D 3088 -139.10 -1.15 58.03
C VAL D 3088 -139.65 -2.42 57.39
N LYS D 3089 -140.23 -3.30 58.21
CA LYS D 3089 -140.78 -4.54 57.66
C LYS D 3089 -141.98 -4.24 56.75
N ALA D 3090 -142.82 -3.28 57.13
CA ALA D 3090 -143.96 -2.89 56.33
C ALA D 3090 -143.49 -2.26 55.02
N GLY D 3091 -142.40 -1.50 55.07
CA GLY D 3091 -141.87 -0.90 53.86
C GLY D 3091 -141.36 -1.95 52.89
N LEU D 3092 -140.69 -2.99 53.41
CA LEU D 3092 -140.18 -4.00 52.49
C LEU D 3092 -141.31 -4.90 51.97
N ARG D 3093 -142.34 -5.14 52.79
CA ARG D 3093 -143.50 -5.88 52.29
C ARG D 3093 -144.25 -5.08 51.22
N SER D 3094 -144.40 -3.76 51.43
CA SER D 3094 -144.99 -2.92 50.38
C SER D 3094 -144.08 -2.86 49.15
N PHE D 3095 -142.77 -2.98 49.34
CA PHE D 3095 -141.84 -3.09 48.23
C PHE D 3095 -142.14 -4.30 47.36
N PHE D 3096 -142.28 -5.47 47.98
CA PHE D 3096 -142.64 -6.66 47.19
C PHE D 3096 -144.06 -6.58 46.62
N GLU D 3097 -144.99 -5.93 47.33
CA GLU D 3097 -146.32 -5.66 46.76
C GLU D 3097 -146.25 -4.79 45.52
N SER D 3098 -145.47 -3.71 45.58
CA SER D 3098 -145.27 -2.83 44.43
C SER D 3098 -144.58 -3.54 43.28
N ALA D 3099 -143.58 -4.38 43.59
CA ALA D 3099 -142.93 -5.18 42.57
C ALA D 3099 -143.89 -6.15 41.91
N SER D 3100 -144.78 -6.77 42.71
CA SER D 3100 -145.79 -7.67 42.17
C SER D 3100 -146.76 -6.93 41.25
N GLU D 3101 -147.16 -5.71 41.64
CA GLU D 3101 -148.02 -4.90 40.78
C GLU D 3101 -147.31 -4.54 39.49
N ASP D 3102 -146.01 -4.22 39.57
CA ASP D 3102 -145.26 -3.84 38.38
C ASP D 3102 -145.11 -5.01 37.42
N ILE D 3103 -144.78 -6.20 37.92
CA ILE D 3103 -144.63 -7.35 37.03
C ILE D 3103 -146.00 -7.76 36.45
N GLU D 3104 -147.07 -7.63 37.24
CA GLU D 3104 -148.40 -7.88 36.66
C GLU D 3104 -148.75 -6.83 35.59
N LYS D 3105 -148.27 -5.59 35.76
CA LYS D 3105 -148.43 -4.61 34.70
C LYS D 3105 -147.59 -4.95 33.49
N MET D 3106 -146.44 -5.62 33.71
CA MET D 3106 -145.60 -6.07 32.60
C MET D 3106 -146.39 -7.08 31.77
N VAL D 3107 -146.97 -8.07 32.44
CA VAL D 3107 -147.59 -9.18 31.73
C VAL D 3107 -148.87 -8.73 31.01
N GLU D 3108 -149.65 -7.82 31.63
CA GLU D 3108 -150.84 -7.33 30.92
C GLU D 3108 -150.46 -6.42 29.75
N ASN D 3109 -149.35 -5.68 29.86
CA ASN D 3109 -148.92 -4.89 28.71
C ASN D 3109 -148.31 -5.78 27.62
N LEU D 3110 -147.57 -6.81 28.02
CA LEU D 3110 -147.00 -7.77 27.08
C LEU D 3110 -148.04 -8.70 26.46
N ARG D 3111 -149.27 -8.73 26.99
CA ARG D 3111 -150.33 -9.53 26.42
C ARG D 3111 -151.11 -8.78 25.34
N LEU D 3112 -150.47 -7.78 24.72
CA LEU D 3112 -151.04 -6.93 23.66
C LEU D 3112 -152.27 -6.16 24.14
N GLY D 3113 -152.32 -5.84 25.44
CA GLY D 3113 -153.38 -5.00 25.94
C GLY D 3113 -153.32 -3.58 25.39
N LYS D 3114 -152.11 -3.07 25.19
CA LYS D 3114 -151.89 -1.76 24.59
C LYS D 3114 -151.04 -1.95 23.34
N VAL D 3115 -151.15 -0.98 22.42
CA VAL D 3115 -150.43 -1.05 21.15
C VAL D 3115 -148.93 -1.05 21.38
N SER D 3116 -148.46 -0.15 22.26
CA SER D 3116 -147.05 0.01 22.65
C SER D 3116 -146.10 0.26 21.47
N LYS D 3123 -145.93 6.58 26.84
CA LYS D 3123 -146.49 7.29 27.99
C LYS D 3123 -145.92 6.75 29.30
N GLY D 3124 -146.67 6.96 30.39
CA GLY D 3124 -146.24 6.43 31.68
C GLY D 3124 -146.21 4.91 31.71
N VAL D 3125 -147.00 4.26 30.86
CA VAL D 3125 -146.94 2.80 30.72
C VAL D 3125 -145.57 2.42 30.19
N GLY D 3126 -145.10 3.15 29.18
CA GLY D 3126 -143.77 2.90 28.63
C GLY D 3126 -142.66 3.18 29.63
N GLN D 3127 -142.81 4.26 30.40
CA GLN D 3127 -141.83 4.58 31.44
C GLN D 3127 -141.77 3.52 32.53
N ASN D 3128 -142.93 3.01 32.97
CA ASN D 3128 -142.94 1.90 33.92
C ASN D 3128 -142.40 0.62 33.29
N LEU D 3129 -142.66 0.40 32.01
CA LEU D 3129 -142.16 -0.79 31.30
C LEU D 3129 -140.64 -0.78 31.26
N THR D 3130 -140.05 0.37 30.95
CA THR D 3130 -138.60 0.39 30.86
C THR D 3130 -137.98 0.48 32.26
N TYR D 3131 -138.69 1.11 33.21
CA TYR D 3131 -138.14 1.34 34.53
C TYR D 3131 -138.02 0.05 35.31
N THR D 3132 -139.07 -0.78 35.30
CA THR D 3132 -139.01 -2.02 36.07
C THR D 3132 -137.95 -2.95 35.50
N THR D 3133 -137.89 -3.05 34.16
CA THR D 3133 -137.00 -3.98 33.49
C THR D 3133 -135.54 -3.58 33.59
N VAL D 3134 -135.22 -2.31 33.91
CA VAL D 3134 -133.82 -1.93 34.00
C VAL D 3134 -133.41 -1.67 35.45
N ALA D 3135 -134.35 -1.30 36.32
CA ALA D 3135 -134.03 -0.96 37.70
C ALA D 3135 -134.53 -2.00 38.70
N LEU D 3136 -135.82 -2.33 38.71
CA LEU D 3136 -136.33 -3.25 39.72
C LEU D 3136 -135.85 -4.67 39.49
N LEU D 3137 -135.96 -5.16 38.25
CA LEU D 3137 -135.63 -6.56 37.94
C LEU D 3137 -134.17 -6.93 38.22
N PRO D 3138 -133.13 -6.20 37.75
CA PRO D 3138 -131.77 -6.59 38.14
C PRO D 3138 -131.51 -6.47 39.64
N VAL D 3139 -132.11 -5.50 40.31
CA VAL D 3139 -131.92 -5.32 41.76
C VAL D 3139 -132.55 -6.46 42.54
N LEU D 3140 -133.80 -6.81 42.22
CA LEU D 3140 -134.46 -7.94 42.88
C LEU D 3140 -133.77 -9.25 42.54
N THR D 3141 -133.27 -9.37 41.31
CA THR D 3141 -132.45 -10.53 40.93
C THR D 3141 -131.18 -10.64 41.77
N THR D 3142 -130.50 -9.51 41.99
CA THR D 3142 -129.31 -9.48 42.85
C THR D 3142 -129.66 -9.80 44.31
N LEU D 3143 -130.79 -9.28 44.79
CA LEU D 3143 -131.24 -9.54 46.15
C LEU D 3143 -131.62 -11.01 46.34
N PHE D 3144 -132.36 -11.58 45.40
CA PHE D 3144 -132.72 -12.99 45.46
C PHE D 3144 -131.54 -13.92 45.24
N GLN D 3145 -130.49 -13.45 44.56
CA GLN D 3145 -129.20 -14.14 44.64
C GLN D 3145 -128.65 -14.10 46.06
N HIS D 3146 -128.60 -12.90 46.65
CA HIS D 3146 -128.11 -12.76 48.01
C HIS D 3146 -128.92 -13.60 49.00
N ILE D 3147 -130.22 -13.78 48.72
CA ILE D 3147 -131.03 -14.69 49.52
C ILE D 3147 -130.59 -16.13 49.24
N ALA D 3148 -130.24 -16.41 47.98
CA ALA D 3148 -129.98 -17.78 47.53
C ALA D 3148 -128.78 -18.39 48.25
N GLN D 3149 -127.58 -17.82 48.05
CA GLN D 3149 -126.43 -18.44 48.72
C GLN D 3149 -126.42 -18.28 50.25
N HIS D 3150 -127.12 -17.30 50.79
CA HIS D 3150 -127.20 -17.13 52.24
C HIS D 3150 -128.34 -17.90 52.88
N GLN D 3151 -129.21 -18.49 52.06
CA GLN D 3151 -130.41 -19.23 52.45
C GLN D 3151 -131.28 -18.39 53.40
N PHE D 3152 -131.70 -17.24 52.87
CA PHE D 3152 -132.51 -16.28 53.58
C PHE D 3152 -134.00 -16.47 53.32
N GLY D 3153 -134.37 -17.48 52.53
CA GLY D 3153 -135.77 -17.67 52.16
C GLY D 3153 -136.67 -17.99 53.34
N ASP D 3154 -136.18 -18.81 54.27
CA ASP D 3154 -136.99 -19.28 55.40
C ASP D 3154 -137.40 -18.13 56.32
N ASP D 3155 -136.51 -17.18 56.57
CA ASP D 3155 -136.75 -16.12 57.55
C ASP D 3155 -137.28 -14.83 56.95
N VAL D 3156 -137.15 -14.64 55.64
CA VAL D 3156 -137.63 -13.44 54.96
C VAL D 3156 -138.90 -13.72 54.16
N ILE D 3157 -138.90 -14.78 53.37
CA ILE D 3157 -140.09 -15.16 52.58
C ILE D 3157 -140.88 -16.11 53.46
N LEU D 3158 -141.67 -15.53 54.38
CA LEU D 3158 -142.42 -16.31 55.33
C LEU D 3158 -143.93 -16.08 55.29
N ASP D 3159 -144.39 -14.83 55.27
CA ASP D 3159 -145.81 -14.55 55.48
C ASP D 3159 -146.51 -13.98 54.25
N ASP D 3160 -146.07 -12.84 53.72
CA ASP D 3160 -146.68 -12.23 52.55
C ASP D 3160 -145.71 -12.09 51.39
N VAL D 3161 -144.41 -12.19 51.64
CA VAL D 3161 -143.41 -12.25 50.58
C VAL D 3161 -143.62 -13.50 49.75
N GLN D 3162 -144.16 -14.56 50.38
CA GLN D 3162 -144.51 -15.80 49.69
C GLN D 3162 -145.56 -15.56 48.62
N VAL D 3163 -146.65 -14.89 48.99
CA VAL D 3163 -147.71 -14.54 48.04
C VAL D 3163 -147.22 -13.54 47.00
N SER D 3164 -146.36 -12.60 47.40
CA SER D 3164 -145.78 -11.65 46.44
C SER D 3164 -144.94 -12.36 45.38
N CYS D 3165 -144.11 -13.32 45.82
CA CYS D 3165 -143.34 -14.14 44.90
C CYS D 3165 -144.24 -15.03 44.06
N TYR D 3166 -145.31 -15.57 44.64
CA TYR D 3166 -146.25 -16.38 43.86
C TYR D 3166 -146.91 -15.56 42.77
N ARG D 3167 -147.34 -14.33 43.08
CA ARG D 3167 -147.95 -13.44 42.09
C ARG D 3167 -146.97 -13.10 40.97
N THR D 3168 -145.72 -12.87 41.34
CA THR D 3168 -144.64 -12.71 40.35
C THR D 3168 -144.45 -13.98 39.53
N LEU D 3169 -144.47 -15.15 40.17
CA LEU D 3169 -144.28 -16.44 39.49
C LEU D 3169 -145.39 -16.71 38.48
N CYS D 3170 -146.64 -16.50 38.89
CA CYS D 3170 -147.79 -16.72 38.03
C CYS D 3170 -147.74 -15.78 36.84
N SER D 3171 -147.34 -14.52 37.09
CA SER D 3171 -147.29 -13.55 36.00
C SER D 3171 -146.19 -13.91 35.02
N ILE D 3172 -144.97 -14.19 35.52
CA ILE D 3172 -143.83 -14.41 34.63
C ILE D 3172 -144.05 -15.69 33.81
N TYR D 3173 -144.66 -16.71 34.42
CA TYR D 3173 -144.87 -17.95 33.69
C TYR D 3173 -146.04 -17.85 32.73
N SER D 3174 -146.91 -16.84 32.90
CA SER D 3174 -148.04 -16.68 32.00
C SER D 3174 -147.65 -16.25 30.59
N LEU D 3175 -146.39 -15.85 30.37
CA LEU D 3175 -145.85 -15.43 29.08
C LEU D 3175 -145.47 -16.58 28.16
N GLY D 3176 -145.84 -17.81 28.49
CA GLY D 3176 -145.45 -18.95 27.67
C GLY D 3176 -146.04 -18.94 26.27
N THR D 3177 -147.33 -18.64 26.16
CA THR D 3177 -148.02 -18.66 24.86
C THR D 3177 -148.17 -17.27 24.26
N THR D 3178 -147.19 -16.39 24.45
CA THR D 3178 -147.23 -15.04 23.90
C THR D 3178 -146.10 -14.87 22.89
N LYS D 3179 -146.44 -14.43 21.68
CA LYS D 3179 -145.49 -14.27 20.57
C LYS D 3179 -145.41 -12.79 20.20
N ASN D 3180 -144.51 -12.06 20.86
CA ASN D 3180 -144.26 -10.65 20.58
C ASN D 3180 -142.77 -10.35 20.67
N THR D 3181 -142.34 -9.34 19.91
CA THR D 3181 -140.93 -8.95 19.96
C THR D 3181 -140.57 -8.34 21.31
N TYR D 3182 -141.54 -7.73 22.01
CA TYR D 3182 -141.26 -7.26 23.36
C TYR D 3182 -141.00 -8.44 24.29
N VAL D 3183 -141.69 -9.55 24.04
CA VAL D 3183 -141.41 -10.77 24.80
C VAL D 3183 -140.03 -11.29 24.43
N GLU D 3184 -139.67 -11.17 23.15
CA GLU D 3184 -138.37 -11.66 22.69
C GLU D 3184 -137.23 -10.90 23.37
N LYS D 3185 -137.35 -9.57 23.45
CA LYS D 3185 -136.35 -8.77 24.15
C LYS D 3185 -136.43 -8.88 25.67
N LEU D 3186 -137.50 -9.47 26.21
CA LEU D 3186 -137.59 -9.68 27.65
C LEU D 3186 -137.36 -11.12 28.08
N ARG D 3187 -137.17 -12.05 27.14
CA ARG D 3187 -136.91 -13.45 27.49
C ARG D 3187 -135.65 -13.70 28.31
N PRO D 3188 -134.43 -13.15 27.98
CA PRO D 3188 -133.26 -13.46 28.83
C PRO D 3188 -133.34 -12.86 30.24
N ALA D 3189 -133.68 -11.58 30.35
CA ALA D 3189 -133.71 -10.90 31.64
C ALA D 3189 -134.74 -11.52 32.59
N LEU D 3190 -135.94 -11.80 32.06
CA LEU D 3190 -136.94 -12.47 32.89
C LEU D 3190 -136.57 -13.91 33.16
N GLY D 3191 -135.93 -14.59 32.19
CA GLY D 3191 -135.55 -15.98 32.40
C GLY D 3191 -134.51 -16.14 33.50
N GLU D 3192 -133.48 -15.29 33.48
CA GLU D 3192 -132.50 -15.29 34.57
C GLU D 3192 -133.11 -14.78 35.87
N CYS D 3193 -134.14 -13.94 35.77
CA CYS D 3193 -134.84 -13.49 36.97
C CYS D 3193 -135.57 -14.66 37.65
N LEU D 3194 -136.25 -15.48 36.85
CA LEU D 3194 -137.09 -16.56 37.38
C LEU D 3194 -136.28 -17.58 38.16
N ALA D 3195 -135.09 -17.93 37.65
CA ALA D 3195 -134.22 -18.86 38.34
C ALA D 3195 -133.83 -18.33 39.71
N ARG D 3196 -133.51 -17.03 39.80
CA ARG D 3196 -133.16 -16.45 41.09
C ARG D 3196 -134.36 -16.39 42.02
N LEU D 3197 -135.57 -16.24 41.47
CA LEU D 3197 -136.78 -16.36 42.29
C LEU D 3197 -136.89 -17.77 42.87
N ALA D 3198 -136.65 -18.78 42.03
CA ALA D 3198 -136.75 -20.18 42.47
C ALA D 3198 -135.71 -20.48 43.53
N ALA D 3199 -134.48 -19.97 43.35
CA ALA D 3199 -133.41 -20.16 44.32
C ALA D 3199 -133.71 -19.48 45.64
N ALA D 3200 -134.30 -18.28 45.60
CA ALA D 3200 -134.63 -17.58 46.83
C ALA D 3200 -135.85 -18.16 47.53
N MET D 3201 -136.83 -18.61 46.76
CA MET D 3201 -138.11 -19.07 47.28
C MET D 3201 -137.98 -20.39 48.04
N PRO D 3202 -138.38 -20.45 49.31
CA PRO D 3202 -138.11 -21.65 50.13
C PRO D 3202 -139.15 -22.76 50.07
N VAL D 3203 -140.31 -22.55 49.46
CA VAL D 3203 -141.36 -23.56 49.45
C VAL D 3203 -141.31 -24.34 48.14
N ALA D 3204 -141.81 -25.57 48.19
CA ALA D 3204 -141.86 -26.42 47.01
C ALA D 3204 -143.07 -26.02 46.18
N PHE D 3205 -142.83 -25.16 45.19
CA PHE D 3205 -143.89 -24.67 44.31
C PHE D 3205 -144.18 -25.64 43.17
N LEU D 3206 -143.21 -26.46 42.77
CA LEU D 3206 -143.45 -27.48 41.76
C LEU D 3206 -143.85 -28.80 42.37
N GLU D 3207 -143.95 -28.88 43.70
CA GLU D 3207 -144.35 -30.09 44.41
C GLU D 3207 -145.51 -29.77 45.35
N PRO D 3208 -146.71 -29.49 44.80
CA PRO D 3208 -147.85 -29.20 45.68
C PRO D 3208 -148.25 -30.37 46.55
N GLN D 3209 -148.07 -31.59 46.07
CA GLN D 3209 -148.40 -32.77 46.85
C GLN D 3209 -147.45 -32.99 48.02
N LEU D 3210 -146.32 -32.28 48.06
CA LEU D 3210 -145.37 -32.38 49.15
C LEU D 3210 -145.17 -31.03 49.84
N ASN D 3211 -145.96 -30.01 49.48
CA ASN D 3211 -145.81 -28.68 50.07
C ASN D 3211 -146.21 -28.66 51.55
N GLU D 3212 -147.10 -29.56 51.97
CA GLU D 3212 -147.55 -29.64 53.36
C GLU D 3212 -146.47 -30.15 54.30
N TYR D 3213 -145.37 -30.69 53.79
CA TYR D 3213 -144.27 -31.18 54.60
C TYR D 3213 -143.21 -30.12 54.87
N ASN D 3214 -143.41 -28.89 54.42
CA ASN D 3214 -142.46 -27.80 54.61
C ASN D 3214 -142.98 -26.91 55.73
N ALA D 3215 -142.17 -26.73 56.78
CA ALA D 3215 -142.54 -25.90 57.91
C ALA D 3215 -142.36 -24.41 57.65
N CYS D 3216 -141.63 -24.04 56.62
CA CYS D 3216 -141.46 -22.62 56.25
C CYS D 3216 -142.45 -22.21 55.18
N SER D 3217 -143.73 -22.45 55.43
CA SER D 3217 -144.78 -22.19 54.45
C SER D 3217 -146.02 -21.65 55.14
N VAL D 3218 -146.77 -20.81 54.42
CA VAL D 3218 -148.04 -20.29 54.92
C VAL D 3218 -149.07 -21.41 55.05
N TYR D 3219 -149.03 -22.39 54.13
CA TYR D 3219 -150.00 -23.49 54.13
C TYR D 3219 -149.88 -24.41 55.33
N THR D 3220 -148.78 -24.32 56.08
CA THR D 3220 -148.57 -25.10 57.29
C THR D 3220 -148.55 -24.24 58.54
N THR D 3221 -147.89 -23.07 58.49
CA THR D 3221 -147.83 -22.20 59.66
C THR D 3221 -149.17 -21.52 59.91
N LYS D 3222 -149.82 -21.05 58.85
CA LYS D 3222 -151.07 -20.32 58.99
C LYS D 3222 -152.23 -21.29 59.12
N SER D 3223 -152.95 -21.20 60.24
CA SER D 3223 -154.11 -22.02 60.50
C SER D 3223 -155.25 -21.66 59.54
N PRO D 3224 -156.18 -22.58 59.26
CA PRO D 3224 -157.25 -22.28 58.29
C PRO D 3224 -158.17 -21.10 58.64
N ARG D 3225 -158.18 -20.59 59.89
CA ARG D 3225 -159.06 -19.48 60.18
C ARG D 3225 -158.52 -18.13 59.67
N GLU D 3226 -157.25 -18.07 59.28
CA GLU D 3226 -156.76 -17.01 58.41
C GLU D 3226 -156.70 -17.58 56.99
N ARG D 3227 -156.04 -16.85 56.08
CA ARG D 3227 -155.83 -17.18 54.66
C ARG D 3227 -157.10 -17.06 53.82
N ALA D 3228 -158.25 -16.84 54.46
CA ALA D 3228 -159.50 -16.54 53.77
C ALA D 3228 -159.97 -15.12 54.02
N ILE D 3229 -159.57 -14.50 55.14
CA ILE D 3229 -159.83 -13.09 55.36
C ILE D 3229 -159.12 -12.23 54.31
N LEU D 3230 -157.88 -12.57 53.97
CA LEU D 3230 -157.15 -11.92 52.90
C LEU D 3230 -157.18 -12.81 51.66
N GLY D 3231 -157.01 -12.16 50.50
CA GLY D 3231 -157.15 -12.81 49.20
C GLY D 3231 -156.20 -13.97 48.97
N LEU D 3232 -156.75 -15.18 48.96
CA LEU D 3232 -156.02 -16.41 48.69
C LEU D 3232 -157.02 -17.52 48.37
N PRO D 3233 -156.81 -18.29 47.30
CA PRO D 3233 -157.74 -19.38 46.96
C PRO D 3233 -157.77 -20.54 47.95
N ASN D 3234 -156.95 -20.52 49.00
CA ASN D 3234 -156.85 -21.50 50.10
C ASN D 3234 -156.37 -22.88 49.64
N SER D 3235 -155.97 -23.02 48.38
CA SER D 3235 -155.43 -24.27 47.87
C SER D 3235 -154.15 -23.98 47.09
N VAL D 3236 -153.18 -24.89 47.21
CA VAL D 3236 -151.85 -24.63 46.66
C VAL D 3236 -151.85 -24.66 45.13
N GLU D 3237 -152.66 -25.51 44.51
CA GLU D 3237 -152.60 -25.65 43.06
C GLU D 3237 -153.40 -24.61 42.32
N GLU D 3238 -154.17 -23.77 43.01
CA GLU D 3238 -155.07 -22.82 42.37
C GLU D 3238 -154.56 -21.39 42.40
N MET D 3239 -153.36 -21.15 42.92
CA MET D 3239 -152.85 -19.79 42.92
C MET D 3239 -152.16 -19.45 41.60
N CYS D 3240 -151.23 -20.32 41.15
CA CYS D 3240 -150.64 -20.22 39.82
C CYS D 3240 -151.27 -21.27 38.91
N PRO D 3241 -152.34 -20.93 38.19
CA PRO D 3241 -153.04 -21.93 37.38
C PRO D 3241 -152.25 -22.40 36.17
N ASP D 3242 -151.32 -21.59 35.68
CA ASP D 3242 -150.53 -21.94 34.50
C ASP D 3242 -149.33 -22.82 34.84
N ILE D 3243 -148.96 -22.95 36.11
CA ILE D 3243 -147.77 -23.72 36.50
C ILE D 3243 -148.11 -25.21 36.56
N PRO D 3244 -147.47 -26.04 35.75
CA PRO D 3244 -147.68 -27.49 35.86
C PRO D 3244 -146.86 -28.06 37.01
N VAL D 3245 -147.13 -29.33 37.33
CA VAL D 3245 -146.35 -30.02 38.35
C VAL D 3245 -144.96 -30.33 37.83
N LEU D 3246 -144.08 -30.74 38.74
CA LEU D 3246 -142.69 -31.04 38.40
C LEU D 3246 -142.60 -32.18 37.39
N ASP D 3247 -143.39 -33.24 37.64
CA ASP D 3247 -143.36 -34.42 36.77
C ASP D 3247 -143.81 -34.07 35.37
N ARG D 3248 -144.86 -33.24 35.26
CA ARG D 3248 -145.32 -32.78 33.95
C ARG D 3248 -144.25 -31.93 33.28
N LEU D 3249 -143.47 -31.19 34.08
CA LEU D 3249 -142.45 -30.31 33.52
C LEU D 3249 -141.35 -31.12 32.85
N MET D 3250 -140.84 -32.16 33.55
CA MET D 3250 -139.85 -33.01 32.90
C MET D 3250 -140.46 -33.83 31.77
N ALA D 3251 -141.75 -34.18 31.88
CA ALA D 3251 -142.41 -34.93 30.80
C ALA D 3251 -142.47 -34.09 29.53
N ASP D 3252 -142.77 -32.80 29.68
CA ASP D 3252 -142.85 -31.87 28.55
C ASP D 3252 -141.49 -31.66 27.92
N ILE D 3253 -140.47 -31.36 28.72
CA ILE D 3253 -139.16 -31.08 28.13
C ILE D 3253 -138.56 -32.36 27.55
N GLY D 3254 -138.74 -33.50 28.22
CA GLY D 3254 -138.20 -34.76 27.73
C GLY D 3254 -138.83 -35.18 26.42
N GLY D 3255 -140.16 -35.10 26.34
CA GLY D 3255 -140.84 -35.47 25.11
C GLY D 3255 -140.53 -34.53 23.97
N LEU D 3256 -140.45 -33.23 24.24
CA LEU D 3256 -140.22 -32.30 23.14
C LEU D 3256 -138.74 -32.27 22.72
N ALA D 3257 -137.83 -32.69 23.59
CA ALA D 3257 -136.40 -32.67 23.24
C ALA D 3257 -136.04 -33.79 22.27
N GLU D 3258 -136.57 -35.00 22.50
CA GLU D 3258 -136.23 -36.15 21.65
C GLU D 3258 -136.75 -36.00 20.22
N SER D 3259 -137.76 -35.17 20.00
CA SER D 3259 -138.29 -34.91 18.66
C SER D 3259 -137.36 -34.05 17.82
N GLY D 3260 -136.29 -33.50 18.39
CA GLY D 3260 -135.40 -32.64 17.66
C GLY D 3260 -135.93 -31.24 17.48
N ALA D 3261 -136.77 -30.77 18.40
CA ALA D 3261 -137.34 -29.43 18.31
C ALA D 3261 -136.27 -28.38 18.52
N ARG D 3262 -136.33 -27.33 17.70
CA ARG D 3262 -135.39 -26.23 17.77
C ARG D 3262 -135.76 -25.22 18.85
N TYR D 3263 -134.86 -24.25 19.06
CA TYR D 3263 -135.14 -23.18 20.00
C TYR D 3263 -136.27 -22.30 19.48
N THR D 3264 -136.45 -22.24 18.15
CA THR D 3264 -137.53 -21.45 17.58
C THR D 3264 -138.88 -21.97 18.03
N GLU D 3265 -139.04 -23.30 18.11
CA GLU D 3265 -140.25 -23.90 18.66
C GLU D 3265 -140.15 -24.15 20.16
N MET D 3266 -139.06 -23.72 20.79
CA MET D 3266 -138.93 -23.74 22.26
C MET D 3266 -138.57 -22.36 22.80
N PRO D 3267 -139.38 -21.30 22.49
CA PRO D 3267 -138.95 -19.93 22.90
C PRO D 3267 -139.01 -19.65 24.39
N HIS D 3268 -140.15 -19.93 25.04
CA HIS D 3268 -140.34 -19.64 26.45
C HIS D 3268 -139.63 -20.64 27.34
N VAL D 3269 -139.66 -21.92 26.95
CA VAL D 3269 -139.14 -22.99 27.81
C VAL D 3269 -137.64 -22.87 28.01
N ILE D 3270 -136.90 -22.68 26.91
CA ILE D 3270 -135.44 -22.59 26.97
C ILE D 3270 -134.99 -21.34 27.71
N GLU D 3271 -135.56 -20.19 27.35
CA GLU D 3271 -135.12 -18.92 27.91
C GLU D 3271 -135.52 -18.78 29.37
N ILE D 3272 -136.68 -19.30 29.75
CA ILE D 3272 -137.28 -18.99 31.05
C ILE D 3272 -137.43 -20.23 31.93
N THR D 3273 -138.09 -21.29 31.42
CA THR D 3273 -138.42 -22.44 32.25
C THR D 3273 -137.17 -23.25 32.63
N LEU D 3274 -136.27 -23.48 31.67
CA LEU D 3274 -135.08 -24.30 31.91
C LEU D 3274 -134.14 -23.76 32.99
N PRO D 3275 -133.78 -22.45 33.03
CA PRO D 3275 -132.95 -21.98 34.17
C PRO D 3275 -133.65 -22.16 35.51
N MET D 3276 -134.98 -22.05 35.54
CA MET D 3276 -135.72 -22.28 36.77
C MET D 3276 -135.57 -23.72 37.26
N LEU D 3277 -135.64 -24.70 36.35
CA LEU D 3277 -135.40 -26.09 36.73
C LEU D 3277 -133.96 -26.29 37.21
N CYS D 3278 -133.00 -25.64 36.53
CA CYS D 3278 -131.61 -25.66 36.96
C CYS D 3278 -131.42 -25.06 38.34
N SER D 3279 -132.22 -24.06 38.69
CA SER D 3279 -132.22 -23.47 40.02
C SER D 3279 -133.13 -24.20 40.99
N TYR D 3280 -133.92 -25.15 40.50
CA TYR D 3280 -134.90 -25.85 41.32
C TYR D 3280 -134.31 -27.13 41.88
N LEU D 3281 -133.89 -28.04 41.00
CA LEU D 3281 -133.56 -29.41 41.41
C LEU D 3281 -132.41 -29.50 42.42
N PRO D 3282 -131.22 -28.88 42.23
CA PRO D 3282 -130.19 -29.00 43.28
C PRO D 3282 -130.56 -28.35 44.60
N ARG D 3283 -131.41 -27.31 44.57
CA ARG D 3283 -131.79 -26.59 45.78
C ARG D 3283 -132.52 -27.50 46.77
N TRP D 3284 -133.43 -28.32 46.27
CA TRP D 3284 -134.09 -29.33 47.10
C TRP D 3284 -133.50 -30.72 46.94
N TRP D 3285 -132.34 -30.85 46.30
CA TRP D 3285 -131.69 -32.15 46.21
C TRP D 3285 -131.25 -32.63 47.59
N GLU D 3286 -130.59 -31.77 48.34
CA GLU D 3286 -130.02 -32.14 49.63
C GLU D 3286 -131.01 -32.05 50.78
N ARG D 3287 -132.25 -31.67 50.52
CA ARG D 3287 -133.26 -31.56 51.56
C ARG D 3287 -134.26 -32.71 51.51
N GLY D 3288 -133.98 -33.76 50.74
CA GLY D 3288 -134.90 -34.85 50.58
C GLY D 3288 -134.25 -36.18 50.25
N PRO D 3289 -134.82 -36.89 49.28
CA PRO D 3289 -134.32 -38.21 48.91
C PRO D 3289 -132.93 -38.16 48.29
N GLU D 3290 -132.22 -39.28 48.43
CA GLU D 3290 -130.84 -39.56 47.99
C GLU D 3290 -129.80 -38.72 48.73
N ALA D 3291 -130.20 -37.91 49.71
CA ALA D 3291 -129.37 -37.05 50.52
C ALA D 3291 -129.15 -37.65 51.90
N PRO D 3292 -128.01 -37.36 52.51
CA PRO D 3292 -127.76 -37.73 53.92
C PRO D 3292 -128.34 -36.70 54.87
N PRO D 3293 -129.60 -36.83 55.30
CA PRO D 3293 -130.26 -35.74 56.02
C PRO D 3293 -129.74 -35.61 57.45
N PRO D 3294 -129.16 -34.44 57.80
CA PRO D 3294 -128.67 -34.21 59.16
C PRO D 3294 -129.76 -33.69 60.12
N ALA D 3295 -130.92 -34.33 60.08
CA ALA D 3295 -132.09 -33.95 60.85
C ALA D 3295 -132.72 -35.17 61.50
N LEU D 3296 -131.89 -36.00 62.14
CA LEU D 3296 -132.39 -37.21 62.79
C LEU D 3296 -133.44 -37.03 63.90
N PRO D 3297 -133.37 -36.07 64.85
CA PRO D 3297 -134.42 -36.04 65.88
C PRO D 3297 -135.76 -35.55 65.38
N ALA D 3298 -135.79 -34.51 64.55
CA ALA D 3298 -137.03 -33.93 64.04
C ALA D 3298 -137.34 -34.39 62.62
N GLY D 3299 -136.83 -35.54 62.22
CA GLY D 3299 -137.05 -36.07 60.90
C GLY D 3299 -138.31 -36.88 60.72
N ALA D 3300 -139.17 -36.93 61.74
CA ALA D 3300 -140.44 -37.66 61.62
C ALA D 3300 -141.33 -37.18 60.48
N PRO D 3301 -141.52 -35.87 60.21
CA PRO D 3301 -142.23 -35.48 58.98
C PRO D 3301 -141.49 -35.96 57.74
N PRO D 3302 -142.20 -36.42 56.71
CA PRO D 3302 -141.54 -36.83 55.47
C PRO D 3302 -140.93 -35.63 54.76
N PRO D 3303 -139.92 -35.84 53.90
CA PRO D 3303 -139.31 -34.70 53.19
C PRO D 3303 -140.30 -34.00 52.27
N CYS D 3304 -140.08 -32.70 52.10
CA CYS D 3304 -140.95 -31.84 51.31
C CYS D 3304 -140.66 -31.88 49.82
N THR D 3305 -139.72 -32.74 49.39
CA THR D 3305 -139.32 -32.81 48.00
C THR D 3305 -139.09 -34.25 47.59
N ALA D 3306 -139.01 -34.47 46.28
CA ALA D 3306 -138.80 -35.79 45.71
C ALA D 3306 -137.79 -35.73 44.56
N VAL D 3307 -136.68 -35.03 44.78
CA VAL D 3307 -135.66 -34.83 43.76
C VAL D 3307 -134.54 -35.84 43.98
N THR D 3308 -134.22 -36.61 42.93
CA THR D 3308 -133.13 -37.57 42.97
C THR D 3308 -132.18 -37.36 41.79
N SER D 3309 -131.23 -38.28 41.61
CA SER D 3309 -130.28 -38.19 40.51
C SER D 3309 -130.93 -38.47 39.15
N ASP D 3310 -132.01 -39.26 39.13
CA ASP D 3310 -132.72 -39.55 37.89
C ASP D 3310 -133.33 -38.28 37.28
N HIS D 3311 -133.88 -37.40 38.13
CA HIS D 3311 -134.44 -36.13 37.66
C HIS D 3311 -133.37 -35.26 37.02
N LEU D 3312 -132.18 -35.20 37.63
CA LEU D 3312 -131.10 -34.42 37.05
C LEU D 3312 -130.53 -35.09 35.82
N ASN D 3313 -130.56 -36.43 35.78
CA ASN D 3313 -130.12 -37.18 34.61
C ASN D 3313 -130.98 -36.82 33.40
N SER D 3314 -132.31 -36.80 33.61
CA SER D 3314 -133.23 -36.40 32.56
C SER D 3314 -133.05 -34.93 32.19
N LEU D 3315 -132.84 -34.05 33.18
CA LEU D 3315 -132.64 -32.63 32.90
C LEU D 3315 -131.40 -32.38 32.06
N LEU D 3316 -130.26 -32.96 32.48
CA LEU D 3316 -129.01 -32.81 31.75
C LEU D 3316 -129.08 -33.44 30.36
N GLY D 3317 -129.73 -34.61 30.26
CA GLY D 3317 -129.86 -35.26 28.97
C GLY D 3317 -130.69 -34.45 28.00
N ASN D 3318 -131.81 -33.89 28.48
CA ASN D 3318 -132.65 -33.05 27.63
C ASN D 3318 -131.92 -31.78 27.22
N ILE D 3319 -131.17 -31.16 28.14
CA ILE D 3319 -130.42 -29.94 27.83
C ILE D 3319 -129.40 -30.20 26.73
N LEU D 3320 -128.64 -31.30 26.86
CA LEU D 3320 -127.67 -31.67 25.85
C LEU D 3320 -128.32 -31.98 24.50
N ARG D 3321 -129.45 -32.70 24.52
CA ARG D 3321 -130.16 -33.00 23.28
C ARG D 3321 -130.66 -31.73 22.60
N ILE D 3322 -131.18 -30.78 23.40
CA ILE D 3322 -131.69 -29.51 22.86
C ILE D 3322 -130.56 -28.74 22.18
N ILE D 3323 -129.40 -28.67 22.86
CA ILE D 3323 -128.28 -27.89 22.32
C ILE D 3323 -127.76 -28.53 21.03
N VAL D 3324 -127.59 -29.86 21.03
CA VAL D 3324 -127.06 -30.48 19.82
C VAL D 3324 -128.11 -30.55 18.70
N ASN D 3325 -129.40 -30.43 19.02
CA ASN D 3325 -130.39 -30.24 17.97
C ASN D 3325 -130.33 -28.83 17.39
N ASN D 3326 -129.91 -27.86 18.20
CA ASN D 3326 -129.64 -26.51 17.71
C ASN D 3326 -128.16 -26.29 17.40
N LEU D 3327 -127.39 -27.37 17.25
CA LEU D 3327 -125.95 -27.26 17.02
C LEU D 3327 -125.63 -26.59 15.69
N GLY D 3328 -126.48 -26.78 14.69
CA GLY D 3328 -126.28 -26.30 13.33
C GLY D 3328 -126.83 -24.92 13.00
N ILE D 3329 -127.38 -24.19 13.97
CA ILE D 3329 -127.91 -22.86 13.70
C ILE D 3329 -126.79 -21.83 13.85
N ASP D 3330 -126.92 -20.72 13.13
CA ASP D 3330 -125.85 -19.73 13.06
C ASP D 3330 -125.78 -18.88 14.32
N GLU D 3331 -126.84 -18.14 14.63
CA GLU D 3331 -126.82 -17.19 15.74
C GLU D 3331 -127.80 -17.64 16.81
N ALA D 3332 -127.32 -17.76 18.04
CA ALA D 3332 -128.15 -18.07 19.20
C ALA D 3332 -127.38 -17.70 20.46
N THR D 3333 -127.94 -16.81 21.27
CA THR D 3333 -127.28 -16.32 22.46
C THR D 3333 -127.69 -17.09 23.72
N TRP D 3334 -128.48 -18.15 23.58
CA TRP D 3334 -129.02 -18.85 24.73
C TRP D 3334 -128.17 -20.03 25.20
N MET D 3335 -127.34 -20.61 24.33
CA MET D 3335 -126.53 -21.77 24.73
C MET D 3335 -125.54 -21.43 25.83
N LYS D 3336 -124.85 -20.30 25.72
CA LYS D 3336 -123.90 -19.90 26.76
C LYS D 3336 -124.61 -19.60 28.08
N ARG D 3337 -125.78 -18.95 28.02
CA ARG D 3337 -126.57 -18.71 29.23
C ARG D 3337 -127.04 -20.02 29.85
N LEU D 3338 -127.52 -20.96 29.02
CA LEU D 3338 -127.97 -22.26 29.53
C LEU D 3338 -126.80 -23.03 30.14
N ALA D 3339 -125.61 -22.93 29.53
CA ALA D 3339 -124.43 -23.61 30.04
C ALA D 3339 -124.03 -23.06 31.41
N VAL D 3340 -123.99 -21.73 31.55
CA VAL D 3340 -123.58 -21.15 32.82
C VAL D 3340 -124.67 -21.37 33.88
N PHE D 3341 -125.94 -21.47 33.48
CA PHE D 3341 -126.98 -21.76 34.45
C PHE D 3341 -126.95 -23.23 34.84
N ALA D 3342 -126.50 -24.10 33.94
CA ALA D 3342 -126.47 -25.53 34.18
C ALA D 3342 -125.14 -26.01 34.73
N GLN D 3343 -124.22 -25.10 35.02
CA GLN D 3343 -122.96 -25.53 35.65
C GLN D 3343 -123.18 -26.16 37.04
N PRO D 3344 -123.95 -25.59 37.99
CA PRO D 3344 -124.11 -26.27 39.29
C PRO D 3344 -124.88 -27.59 39.24
N ILE D 3345 -125.69 -27.85 38.20
CA ILE D 3345 -126.53 -29.05 38.21
C ILE D 3345 -125.81 -30.29 37.72
N VAL D 3346 -124.64 -30.15 37.11
CA VAL D 3346 -123.89 -31.30 36.60
C VAL D 3346 -122.98 -31.84 37.71
N SER D 3347 -123.13 -31.28 38.93
CA SER D 3347 -122.36 -31.70 40.08
C SER D 3347 -122.70 -33.11 40.56
N ARG D 3348 -123.80 -33.69 40.09
CA ARG D 3348 -124.22 -35.05 40.41
C ARG D 3348 -124.49 -35.81 39.12
N ALA D 3349 -123.53 -35.70 38.19
CA ALA D 3349 -123.63 -36.38 36.91
C ALA D 3349 -123.42 -37.88 37.06
N ARG D 3350 -123.88 -38.62 36.06
CA ARG D 3350 -123.81 -40.06 36.02
C ARG D 3350 -122.93 -40.50 34.86
N PRO D 3351 -122.13 -41.56 35.01
CA PRO D 3351 -121.31 -42.05 33.89
C PRO D 3351 -122.10 -42.53 32.67
N GLU D 3352 -123.40 -42.83 32.82
CA GLU D 3352 -124.23 -43.13 31.66
C GLU D 3352 -124.31 -41.96 30.69
N LEU D 3353 -124.19 -40.72 31.20
CA LEU D 3353 -124.17 -39.56 30.32
C LEU D 3353 -122.93 -39.53 29.45
N LEU D 3354 -121.83 -40.10 29.95
CA LEU D 3354 -120.54 -40.02 29.25
C LEU D 3354 -120.63 -40.67 27.88
N HIS D 3355 -121.09 -41.92 27.85
CA HIS D 3355 -121.21 -42.64 26.61
C HIS D 3355 -122.48 -42.28 25.86
N SER D 3356 -123.53 -41.79 26.56
CA SER D 3356 -124.76 -41.50 25.84
C SER D 3356 -124.60 -40.25 25.00
N HIS D 3357 -123.99 -39.20 25.57
CA HIS D 3357 -123.90 -37.92 24.89
C HIS D 3357 -122.48 -37.44 24.63
N PHE D 3358 -121.58 -37.42 25.64
CA PHE D 3358 -120.24 -36.86 25.40
C PHE D 3358 -119.43 -37.61 24.36
N ILE D 3359 -119.70 -38.88 24.11
CA ILE D 3359 -118.97 -39.54 23.02
C ILE D 3359 -119.58 -39.17 21.66
N PRO D 3360 -120.90 -39.32 21.37
CA PRO D 3360 -121.36 -38.96 20.01
C PRO D 3360 -121.32 -37.47 19.69
N THR D 3361 -121.66 -36.61 20.66
CA THR D 3361 -121.71 -35.17 20.38
C THR D 3361 -120.33 -34.62 20.03
N ILE D 3362 -119.31 -35.02 20.78
CA ILE D 3362 -117.94 -34.62 20.44
C ILE D 3362 -117.49 -35.30 19.15
N GLY D 3363 -117.95 -36.53 18.89
CA GLY D 3363 -117.69 -37.14 17.58
C GLY D 3363 -118.21 -36.32 16.42
N ARG D 3364 -119.42 -35.75 16.57
CA ARG D 3364 -119.97 -34.80 15.62
C ARG D 3364 -119.15 -33.51 15.56
N LEU D 3365 -118.69 -33.03 16.72
CA LEU D 3365 -117.88 -31.82 16.74
C LEU D 3365 -116.56 -32.05 16.01
N ARG D 3366 -115.98 -33.24 16.21
CA ARG D 3366 -114.71 -33.61 15.60
C ARG D 3366 -114.83 -33.66 14.08
N LYS D 3367 -115.87 -34.36 13.57
CA LYS D 3367 -116.04 -34.43 12.12
C LYS D 3367 -116.36 -33.07 11.51
N ARG D 3368 -117.17 -32.26 12.20
CA ARG D 3368 -117.48 -30.90 11.72
C ARG D 3368 -116.23 -30.03 11.68
N ALA D 3369 -115.41 -30.11 12.73
CA ALA D 3369 -114.13 -29.40 12.79
C ALA D 3369 -113.18 -29.86 11.70
N GLY D 3370 -113.10 -31.18 11.46
CA GLY D 3370 -112.26 -31.68 10.39
C GLY D 3370 -112.74 -31.21 9.03
N LYS D 3371 -114.05 -31.09 8.84
CA LYS D 3371 -114.61 -30.62 7.59
C LYS D 3371 -114.21 -29.17 7.35
N VAL D 3372 -114.34 -28.34 8.38
CA VAL D 3372 -114.06 -26.91 8.22
C VAL D 3372 -112.56 -26.69 8.00
N VAL D 3373 -111.70 -27.36 8.78
CA VAL D 3373 -110.26 -27.20 8.56
C VAL D 3373 -109.83 -27.83 7.23
N ALA D 3374 -110.55 -28.84 6.74
CA ALA D 3374 -110.31 -29.36 5.39
C ALA D 3374 -110.61 -28.32 4.33
N GLU D 3375 -111.70 -27.57 4.50
CA GLU D 3375 -111.97 -26.48 3.56
C GLU D 3375 -110.96 -25.36 3.73
N GLU D 3376 -110.48 -25.15 4.97
CA GLU D 3376 -109.50 -24.11 5.23
C GLU D 3376 -108.19 -24.43 4.52
N GLU D 3377 -107.75 -25.70 4.57
CA GLU D 3377 -106.49 -26.03 3.92
C GLU D 3377 -106.64 -26.04 2.40
N GLN D 3378 -107.83 -26.40 1.88
CA GLN D 3378 -108.05 -26.32 0.44
C GLN D 3378 -107.98 -24.88 -0.03
N LEU D 3379 -108.54 -23.95 0.75
CA LEU D 3379 -108.45 -22.54 0.41
C LEU D 3379 -107.03 -22.03 0.55
N ARG D 3380 -106.29 -22.54 1.55
CA ARG D 3380 -104.95 -22.04 1.85
C ARG D 3380 -103.93 -22.50 0.81
N LEU D 3381 -104.07 -23.73 0.28
CA LEU D 3381 -103.05 -24.26 -0.62
C LEU D 3381 -103.00 -23.49 -1.94
N GLU D 3382 -104.14 -23.04 -2.43
CA GLU D 3382 -104.21 -22.30 -3.69
C GLU D 3382 -104.16 -20.79 -3.40
N ALA D 3383 -103.27 -20.09 -4.10
CA ALA D 3383 -103.09 -18.66 -3.91
C ALA D 3383 -103.90 -17.93 -4.98
N LYS D 3384 -105.08 -17.46 -4.59
CA LYS D 3384 -105.99 -16.74 -5.48
C LYS D 3384 -106.99 -16.00 -4.62
N ALA D 3385 -107.75 -15.10 -5.27
CA ALA D 3385 -108.83 -14.37 -4.59
C ALA D 3385 -109.95 -15.30 -4.14
N GLU D 3386 -110.04 -16.51 -4.71
CA GLU D 3386 -111.07 -17.46 -4.28
C GLU D 3386 -110.82 -17.95 -2.85
N ALA D 3387 -109.59 -17.85 -2.34
CA ALA D 3387 -109.36 -18.22 -0.95
C ALA D 3387 -110.12 -17.28 -0.02
N GLU D 3388 -110.05 -15.97 -0.31
CA GLU D 3388 -110.83 -14.99 0.44
C GLU D 3388 -112.32 -15.15 0.20
N GLU D 3389 -112.71 -15.43 -1.06
CA GLU D 3389 -114.12 -15.65 -1.33
C GLU D 3389 -114.44 -17.04 -0.80
N GLY D 3390 -114.81 -17.12 0.48
CA GLY D 3390 -115.03 -18.40 1.12
C GLY D 3390 -114.31 -18.49 2.44
N GLU D 3391 -113.26 -17.66 2.59
CA GLU D 3391 -112.58 -17.61 3.88
C GLU D 3391 -113.49 -17.02 4.95
N LEU D 3392 -114.27 -15.98 4.63
CA LEU D 3392 -115.25 -15.48 5.60
C LEU D 3392 -116.34 -16.52 5.90
N LEU D 3393 -116.61 -17.41 4.94
CA LEU D 3393 -117.55 -18.52 5.18
C LEU D 3393 -116.98 -19.49 6.19
N VAL D 3394 -115.68 -19.77 6.11
CA VAL D 3394 -115.14 -20.67 7.14
C VAL D 3394 -114.85 -19.90 8.43
N ARG D 3395 -114.74 -18.57 8.37
CA ARG D 3395 -114.70 -17.76 9.60
C ARG D 3395 -116.01 -17.90 10.37
N ASP D 3396 -117.14 -17.87 9.65
CA ASP D 3396 -118.44 -18.12 10.26
C ASP D 3396 -118.53 -19.54 10.80
N GLU D 3397 -117.99 -20.52 10.05
CA GLU D 3397 -117.97 -21.90 10.52
C GLU D 3397 -117.12 -22.06 11.77
N PHE D 3398 -115.99 -21.33 11.83
CA PHE D 3398 -115.16 -21.31 13.03
C PHE D 3398 -115.92 -20.70 14.20
N SER D 3399 -116.70 -19.64 13.95
CA SER D 3399 -117.41 -18.97 15.03
C SER D 3399 -118.52 -19.87 15.60
N VAL D 3400 -119.29 -20.52 14.73
CA VAL D 3400 -120.34 -21.42 15.22
C VAL D 3400 -119.72 -22.61 15.94
N LEU D 3401 -118.56 -23.11 15.47
CA LEU D 3401 -117.85 -24.17 16.19
C LEU D 3401 -117.39 -23.68 17.56
N CYS D 3402 -116.96 -22.41 17.63
CA CYS D 3402 -116.55 -21.83 18.90
C CYS D 3402 -117.71 -21.78 19.88
N ARG D 3403 -118.90 -21.43 19.39
CA ARG D 3403 -120.10 -21.47 20.22
C ARG D 3403 -120.41 -22.88 20.72
N ASP D 3404 -120.27 -23.88 19.85
CA ASP D 3404 -120.46 -25.28 20.27
C ASP D 3404 -119.45 -25.70 21.34
N LEU D 3405 -118.21 -25.22 21.21
CA LEU D 3405 -117.19 -25.43 22.24
C LEU D 3405 -117.56 -24.74 23.54
N TYR D 3406 -118.10 -23.51 23.45
CA TYR D 3406 -118.40 -22.75 24.65
C TYR D 3406 -119.66 -23.27 25.31
N ALA D 3407 -120.48 -24.00 24.57
CA ALA D 3407 -121.75 -24.49 25.07
C ALA D 3407 -121.63 -25.88 25.67
N LEU D 3408 -120.63 -26.65 25.25
CA LEU D 3408 -120.54 -28.01 25.78
C LEU D 3408 -119.34 -28.21 26.70
N TYR D 3409 -118.20 -27.57 26.40
CA TYR D 3409 -116.97 -27.78 27.17
C TYR D 3409 -117.02 -27.45 28.67
N PRO D 3410 -117.52 -26.29 29.15
CA PRO D 3410 -117.51 -26.04 30.61
C PRO D 3410 -118.26 -27.10 31.44
N LEU D 3411 -119.36 -27.62 30.88
CA LEU D 3411 -120.07 -28.74 31.49
C LEU D 3411 -119.19 -29.98 31.51
N LEU D 3412 -118.43 -30.22 30.44
CA LEU D 3412 -117.52 -31.36 30.41
C LEU D 3412 -116.40 -31.19 31.43
N ILE D 3413 -115.89 -29.96 31.58
CA ILE D 3413 -114.83 -29.67 32.56
C ILE D 3413 -115.33 -29.96 33.96
N ARG D 3414 -116.54 -29.51 34.29
CA ARG D 3414 -117.12 -29.80 35.59
C ARG D 3414 -117.40 -31.30 35.77
N TYR D 3415 -117.68 -32.02 34.68
CA TYR D 3415 -117.84 -33.47 34.79
C TYR D 3415 -116.50 -34.12 35.12
N VAL D 3416 -115.44 -33.66 34.44
CA VAL D 3416 -114.11 -34.27 34.57
C VAL D 3416 -113.58 -34.05 35.97
N ASP D 3417 -113.64 -32.81 36.49
CA ASP D 3417 -113.02 -32.55 37.79
C ASP D 3417 -113.73 -33.29 38.93
N ASN D 3418 -114.98 -33.70 38.73
CA ASN D 3418 -115.70 -34.49 39.71
C ASN D 3418 -115.44 -35.99 39.57
N ASN D 3419 -115.20 -36.48 38.34
CA ASN D 3419 -115.10 -37.93 38.15
C ASN D 3419 -113.74 -38.45 37.68
N ARG D 3420 -112.75 -37.58 37.48
CA ARG D 3420 -111.42 -37.98 37.02
C ARG D 3420 -110.71 -38.87 38.03
N ALA D 3421 -110.88 -38.58 39.32
CA ALA D 3421 -110.30 -39.41 40.39
C ALA D 3421 -110.74 -40.87 40.26
N HIS D 3422 -112.02 -41.08 39.94
CA HIS D 3422 -112.52 -42.42 39.72
CA HIS D 3422 -112.52 -42.42 39.72
C HIS D 3422 -111.87 -43.06 38.50
N TRP D 3423 -111.72 -42.28 37.42
CA TRP D 3423 -111.10 -42.79 36.19
C TRP D 3423 -109.61 -43.06 36.39
N LEU D 3424 -108.95 -42.29 37.25
CA LEU D 3424 -107.58 -42.63 37.63
C LEU D 3424 -107.54 -43.88 38.50
N THR D 3425 -108.53 -44.05 39.37
CA THR D 3425 -108.61 -45.24 40.21
C THR D 3425 -108.83 -46.51 39.39
N GLU D 3426 -109.70 -46.44 38.38
CA GLU D 3426 -110.02 -47.56 37.51
C GLU D 3426 -110.16 -47.11 36.07
N PRO D 3427 -109.58 -47.83 35.12
CA PRO D 3427 -109.63 -47.40 33.70
C PRO D 3427 -111.04 -47.42 33.12
N ASN D 3428 -111.28 -46.49 32.20
CA ASN D 3428 -112.55 -46.40 31.49
C ASN D 3428 -112.29 -46.07 30.03
N ALA D 3429 -112.68 -46.98 29.14
CA ALA D 3429 -112.49 -46.80 27.70
C ALA D 3429 -113.25 -45.60 27.16
N ASN D 3430 -114.39 -45.26 27.77
CA ASN D 3430 -115.17 -44.10 27.34
C ASN D 3430 -114.39 -42.80 27.52
N ALA D 3431 -113.80 -42.62 28.71
CA ALA D 3431 -112.93 -41.48 28.97
C ALA D 3431 -111.68 -41.51 28.10
N GLU D 3432 -111.09 -42.70 27.94
CA GLU D 3432 -109.90 -42.85 27.10
C GLU D 3432 -110.16 -42.46 25.65
N GLU D 3433 -111.33 -42.85 25.11
CA GLU D 3433 -111.74 -42.38 23.80
C GLU D 3433 -112.00 -40.87 23.79
N LEU D 3434 -112.63 -40.35 24.86
CA LEU D 3434 -112.89 -38.91 24.94
C LEU D 3434 -111.60 -38.11 24.89
N PHE D 3435 -110.53 -38.66 25.48
CA PHE D 3435 -109.24 -38.00 25.39
C PHE D 3435 -108.75 -37.94 23.95
N ARG D 3436 -109.11 -38.96 23.14
CA ARG D 3436 -108.71 -38.95 21.74
C ARG D 3436 -109.45 -37.86 20.97
N MET D 3437 -110.76 -37.72 21.20
CA MET D 3437 -111.48 -36.68 20.48
C MET D 3437 -111.07 -35.27 20.91
N VAL D 3438 -110.91 -35.04 22.22
CA VAL D 3438 -110.48 -33.71 22.67
C VAL D 3438 -109.06 -33.42 22.18
N GLY D 3439 -108.21 -34.45 22.06
CA GLY D 3439 -106.89 -34.25 21.48
C GLY D 3439 -106.95 -33.88 20.01
N GLU D 3440 -107.84 -34.52 19.25
CA GLU D 3440 -107.99 -34.17 17.83
C GLU D 3440 -108.50 -32.73 17.67
N ILE D 3441 -109.45 -32.32 18.52
CA ILE D 3441 -109.94 -30.95 18.51
C ILE D 3441 -108.81 -29.98 18.86
N PHE D 3442 -107.95 -30.37 19.81
CA PHE D 3442 -106.81 -29.55 20.21
C PHE D 3442 -105.88 -29.38 19.01
N ILE D 3443 -105.59 -30.49 18.31
CA ILE D 3443 -104.65 -30.47 17.18
C ILE D 3443 -105.17 -29.56 16.07
N TYR D 3444 -106.47 -29.66 15.76
CA TYR D 3444 -107.06 -28.76 14.76
C TYR D 3444 -107.04 -27.30 15.22
N TRP D 3445 -107.30 -27.04 16.51
CA TRP D 3445 -107.20 -25.69 17.07
C TRP D 3445 -105.79 -25.15 16.99
N SER D 3446 -104.80 -25.97 17.29
CA SER D 3446 -103.41 -25.55 17.27
C SER D 3446 -102.94 -25.29 15.86
N LYS D 3447 -103.32 -26.16 14.91
CA LYS D 3447 -102.87 -26.02 13.53
C LYS D 3447 -103.53 -24.82 12.87
N SER D 3448 -104.81 -24.58 13.15
CA SER D 3448 -105.54 -23.52 12.47
C SER D 3448 -105.40 -22.23 13.28
N HIS D 3449 -104.57 -21.31 12.79
CA HIS D 3449 -104.52 -19.98 13.39
C HIS D 3449 -105.81 -19.21 13.12
N ASN D 3450 -106.48 -19.54 12.01
CA ASN D 3450 -107.77 -18.93 11.69
C ASN D 3450 -108.82 -19.27 12.74
N PHE D 3451 -108.83 -20.52 13.22
CA PHE D 3451 -109.72 -20.89 14.31
C PHE D 3451 -109.38 -20.13 15.60
N LYS D 3452 -108.10 -19.82 15.83
CA LYS D 3452 -107.71 -19.06 17.01
C LYS D 3452 -108.20 -17.63 16.93
N ARG D 3453 -107.94 -16.96 15.80
CA ARG D 3453 -108.16 -15.52 15.71
C ARG D 3453 -109.63 -15.20 15.85
N GLU D 3454 -110.50 -16.04 15.25
CA GLU D 3454 -111.90 -15.85 15.55
C GLU D 3454 -112.32 -16.53 16.84
N GLU D 3455 -111.46 -17.29 17.51
CA GLU D 3455 -111.85 -17.77 18.83
C GLU D 3455 -111.86 -16.61 19.82
N GLN D 3456 -110.80 -15.77 19.80
CA GLN D 3456 -110.90 -14.55 20.62
C GLN D 3456 -111.83 -13.51 20.01
N ASN D 3457 -112.01 -13.49 18.68
CA ASN D 3457 -113.01 -12.58 18.12
C ASN D 3457 -114.39 -12.97 18.61
N PHE D 3458 -114.73 -14.26 18.58
CA PHE D 3458 -115.99 -14.72 19.11
C PHE D 3458 -116.10 -14.47 20.62
N VAL D 3459 -114.96 -14.32 21.31
CA VAL D 3459 -114.99 -14.00 22.73
C VAL D 3459 -115.45 -12.56 22.94
N VAL D 3460 -114.94 -11.63 22.12
CA VAL D 3460 -115.11 -10.20 22.44
C VAL D 3460 -116.56 -9.74 22.27
N GLN D 3461 -117.30 -10.24 21.27
CA GLN D 3461 -118.70 -9.87 21.14
C GLN D 3461 -119.65 -10.81 21.88
N ASN D 3462 -119.14 -11.75 22.67
CA ASN D 3462 -120.00 -12.60 23.48
C ASN D 3462 -119.75 -12.48 24.98
N GLU D 3463 -118.71 -11.74 25.39
CA GLU D 3463 -118.35 -11.51 26.79
C GLU D 3463 -118.11 -12.85 27.51
N ILE D 3464 -117.09 -13.56 27.03
CA ILE D 3464 -116.66 -14.79 27.68
C ILE D 3464 -115.76 -14.37 28.83
N ASN D 3465 -116.26 -14.53 30.06
CA ASN D 3465 -115.60 -13.96 31.23
C ASN D 3465 -114.33 -14.74 31.58
N ASN D 3466 -114.35 -16.07 31.42
CA ASN D 3466 -113.23 -17.00 31.52
C ASN D 3466 -112.66 -17.13 32.93
N MET D 3467 -113.30 -16.54 33.94
CA MET D 3467 -112.91 -16.77 35.33
C MET D 3467 -113.94 -17.53 36.15
N SER D 3468 -115.23 -17.17 36.03
CA SER D 3468 -116.25 -17.90 36.78
C SER D 3468 -116.44 -19.32 36.26
N PHE D 3469 -115.99 -19.59 35.03
CA PHE D 3469 -116.09 -20.93 34.46
C PHE D 3469 -115.18 -21.90 35.22
N LEU D 3470 -113.95 -21.46 35.50
CA LEU D 3470 -113.01 -22.33 36.19
C LEU D 3470 -113.00 -22.10 37.69
N THR D 3471 -113.79 -21.13 38.19
CA THR D 3471 -113.89 -20.93 39.64
C THR D 3471 -115.27 -21.29 40.17
N ALA D 3472 -116.15 -21.86 39.33
CA ALA D 3472 -117.45 -22.31 39.79
C ALA D 3472 -117.32 -23.43 40.82
N ASP D 3473 -116.38 -24.34 40.60
CA ASP D 3473 -116.12 -25.40 41.58
C ASP D 3473 -115.58 -24.81 42.88
N SER D 3474 -114.71 -23.79 42.78
CA SER D 3474 -114.14 -23.15 43.97
C SER D 3474 -115.23 -22.48 44.79
N LYS D 3475 -116.16 -21.78 44.11
CA LYS D 3475 -117.27 -21.14 44.80
C LYS D 3475 -118.19 -22.18 45.44
N SER D 3476 -118.45 -23.29 44.73
CA SER D 3476 -119.34 -24.31 45.27
C SER D 3476 -118.72 -24.97 46.51
N LYS D 3477 -117.42 -25.25 46.47
CA LYS D 3477 -116.76 -25.92 47.58
C LYS D 3477 -116.32 -24.95 48.68
N MET D 3478 -116.54 -23.64 48.47
CA MET D 3478 -116.21 -22.57 49.42
C MET D 3478 -114.70 -22.60 49.75
N ALA D 3479 -113.93 -22.30 48.72
CA ALA D 3479 -112.48 -22.27 48.84
C ALA D 3479 -111.95 -20.85 48.75
N ARG D 3498 -109.03 -8.05 34.84
CA ARG D 3498 -107.72 -7.59 35.27
C ARG D 3498 -106.71 -7.73 34.14
N ARG D 3499 -105.74 -8.64 34.32
CA ARG D 3499 -104.71 -8.86 33.30
C ARG D 3499 -105.28 -9.45 32.02
N GLY D 3500 -106.05 -10.52 32.13
CA GLY D 3500 -106.58 -11.18 30.96
C GLY D 3500 -108.07 -11.46 31.00
N ASP D 3501 -108.84 -10.52 31.58
CA ASP D 3501 -110.28 -10.68 31.68
C ASP D 3501 -110.92 -10.72 30.31
N ARG D 3502 -110.49 -9.83 29.41
CA ARG D 3502 -111.06 -9.80 28.06
C ARG D 3502 -110.73 -11.07 27.28
N TYR D 3503 -109.47 -11.49 27.29
CA TYR D 3503 -108.99 -12.70 26.65
C TYR D 3503 -107.57 -12.96 27.11
N SER D 3504 -107.23 -14.23 27.29
CA SER D 3504 -105.89 -14.63 27.68
C SER D 3504 -105.67 -16.07 27.26
N VAL D 3505 -104.43 -16.37 26.83
CA VAL D 3505 -104.08 -17.73 26.42
C VAL D 3505 -104.15 -18.69 27.59
N GLN D 3506 -103.69 -18.26 28.77
CA GLN D 3506 -103.64 -19.11 29.96
C GLN D 3506 -105.02 -19.54 30.46
N THR D 3507 -106.08 -18.79 30.12
CA THR D 3507 -107.44 -19.13 30.52
C THR D 3507 -108.25 -19.71 29.38
N SER D 3508 -107.61 -20.11 28.28
CA SER D 3508 -108.32 -20.72 27.15
C SER D 3508 -108.86 -22.09 27.56
N LEU D 3509 -110.16 -22.28 27.32
CA LEU D 3509 -110.82 -23.49 27.79
C LEU D 3509 -110.46 -24.71 26.97
N ILE D 3510 -110.15 -24.53 25.68
CA ILE D 3510 -109.82 -25.68 24.83
C ILE D 3510 -108.54 -26.35 25.30
N VAL D 3511 -107.49 -25.56 25.59
CA VAL D 3511 -106.28 -26.13 26.14
C VAL D 3511 -106.48 -26.52 27.60
N ALA D 3512 -107.32 -25.80 28.34
CA ALA D 3512 -107.55 -26.10 29.75
C ALA D 3512 -108.20 -27.46 29.94
N THR D 3513 -109.16 -27.81 29.08
CA THR D 3513 -109.81 -29.11 29.14
C THR D 3513 -108.80 -30.23 28.90
N LEU D 3514 -107.88 -30.02 27.96
CA LEU D 3514 -106.77 -30.96 27.75
C LEU D 3514 -105.88 -31.05 28.99
N LYS D 3515 -105.63 -29.91 29.67
CA LYS D 3515 -104.82 -29.92 30.88
C LYS D 3515 -105.47 -30.78 31.97
N LYS D 3516 -106.77 -30.61 32.15
CA LYS D 3516 -107.51 -31.47 33.09
C LYS D 3516 -107.54 -32.92 32.64
N MET D 3517 -107.68 -33.16 31.34
CA MET D 3517 -107.86 -34.52 30.83
C MET D 3517 -106.53 -35.26 30.66
N LEU D 3518 -105.40 -34.58 30.86
CA LEU D 3518 -104.08 -35.16 30.67
C LEU D 3518 -103.79 -36.43 31.51
N PRO D 3519 -104.08 -36.49 32.83
CA PRO D 3519 -103.74 -37.73 33.58
C PRO D 3519 -104.35 -39.00 33.02
N ILE D 3520 -105.59 -38.92 32.52
CA ILE D 3520 -106.23 -40.09 31.95
C ILE D 3520 -105.56 -40.48 30.64
N GLY D 3521 -105.19 -39.48 29.84
CA GLY D 3521 -104.54 -39.74 28.56
C GLY D 3521 -103.18 -40.41 28.73
N LEU D 3522 -102.37 -39.91 29.67
CA LEU D 3522 -101.09 -40.54 29.95
C LEU D 3522 -101.20 -41.78 30.82
N ASN D 3523 -102.35 -42.02 31.44
CA ASN D 3523 -102.56 -43.25 32.22
C ASN D 3523 -102.46 -44.50 31.37
N MET D 3524 -102.96 -44.44 30.13
CA MET D 3524 -102.90 -45.61 29.24
C MET D 3524 -101.47 -46.03 28.95
N CYS D 3525 -100.61 -45.09 28.62
CA CYS D 3525 -99.25 -45.38 28.19
C CYS D 3525 -98.39 -45.90 29.33
N ALA D 3526 -97.60 -46.92 29.02
CA ALA D 3526 -96.63 -47.45 29.96
C ALA D 3526 -95.40 -46.56 29.99
N PRO D 3527 -94.96 -46.09 31.16
CA PRO D 3527 -93.77 -45.23 31.26
C PRO D 3527 -92.47 -45.83 30.73
N THR D 3528 -92.41 -47.15 30.50
CA THR D 3528 -91.26 -47.72 29.79
C THR D 3528 -91.18 -47.24 28.34
N ASP D 3529 -92.27 -46.72 27.79
CA ASP D 3529 -92.33 -46.20 26.43
C ASP D 3529 -92.02 -44.71 26.36
N GLN D 3530 -91.63 -44.09 27.48
CA GLN D 3530 -91.32 -42.66 27.51
C GLN D 3530 -90.19 -42.28 26.57
N ASP D 3531 -89.27 -43.21 26.25
CA ASP D 3531 -88.24 -42.94 25.25
C ASP D 3531 -88.86 -42.68 23.88
N LEU D 3532 -89.90 -43.45 23.53
CA LEU D 3532 -90.67 -43.18 22.33
C LEU D 3532 -91.44 -41.88 22.45
N ILE D 3533 -91.93 -41.57 23.66
CA ILE D 3533 -92.68 -40.34 23.86
C ILE D 3533 -91.76 -39.13 23.65
N MET D 3534 -90.57 -39.13 24.27
CA MET D 3534 -89.67 -37.99 24.17
C MET D 3534 -89.17 -37.82 22.74
N LEU D 3535 -88.83 -38.94 22.05
CA LEU D 3535 -88.40 -38.82 20.65
C LEU D 3535 -89.55 -38.40 19.74
N ALA D 3536 -90.80 -38.61 20.18
CA ALA D 3536 -91.96 -38.26 19.38
C ALA D 3536 -92.08 -36.76 19.20
N LYS D 3537 -91.82 -35.96 20.26
CA LYS D 3537 -91.91 -34.51 20.10
C LYS D 3537 -90.85 -34.01 19.13
N THR D 3538 -89.64 -34.58 19.20
CA THR D 3538 -88.54 -34.17 18.33
C THR D 3538 -88.88 -34.43 16.87
N ARG D 3539 -89.45 -35.60 16.58
CA ARG D 3539 -89.84 -35.87 15.19
C ARG D 3539 -91.07 -35.06 14.78
N TYR D 3540 -91.97 -34.74 15.72
CA TYR D 3540 -93.05 -33.80 15.42
C TYR D 3540 -92.50 -32.43 15.04
N ALA D 3541 -91.50 -31.95 15.79
CA ALA D 3541 -90.86 -30.68 15.49
C ALA D 3541 -90.13 -30.72 14.17
N LEU D 3542 -89.75 -31.91 13.70
CA LEU D 3542 -89.13 -32.05 12.38
C LEU D 3542 -90.15 -32.03 11.24
N LYS D 3543 -91.42 -31.68 11.52
CA LYS D 3543 -92.53 -31.62 10.56
C LYS D 3543 -92.84 -33.00 9.96
N ASP D 3544 -93.06 -33.98 10.83
CA ASP D 3544 -93.44 -35.32 10.42
C ASP D 3544 -94.90 -35.57 10.73
N THR D 3545 -95.65 -36.06 9.73
CA THR D 3545 -97.09 -36.22 9.88
C THR D 3545 -97.41 -37.47 10.72
N ASP D 3546 -98.73 -37.66 10.94
CA ASP D 3546 -99.22 -38.71 11.82
C ASP D 3546 -98.93 -40.11 11.28
N GLU D 3547 -99.01 -40.30 9.96
CA GLU D 3547 -98.82 -41.65 9.44
C GLU D 3547 -97.36 -42.02 9.48
N GLU D 3548 -96.48 -41.07 9.15
CA GLU D 3548 -95.08 -41.43 9.11
C GLU D 3548 -94.51 -41.52 10.52
N VAL D 3549 -95.10 -40.84 11.51
CA VAL D 3549 -94.60 -41.08 12.86
C VAL D 3549 -95.14 -42.42 13.37
N ARG D 3550 -96.31 -42.85 12.87
CA ARG D 3550 -96.83 -44.16 13.25
C ARG D 3550 -95.93 -45.27 12.71
N GLU D 3551 -95.49 -45.14 11.45
CA GLU D 3551 -94.53 -46.14 10.96
C GLU D 3551 -93.13 -45.94 11.54
N PHE D 3552 -92.79 -44.75 12.04
CA PHE D 3552 -91.59 -44.60 12.86
C PHE D 3552 -91.70 -45.41 14.14
N LEU D 3553 -92.89 -45.43 14.75
CA LEU D 3553 -93.12 -46.28 15.91
C LEU D 3553 -93.08 -47.76 15.54
N GLN D 3554 -93.56 -48.10 14.33
CA GLN D 3554 -93.48 -49.47 13.84
C GLN D 3554 -92.03 -49.90 13.70
N ASN D 3555 -91.18 -49.00 13.19
CA ASN D 3555 -89.77 -49.32 13.01
C ASN D 3555 -89.05 -49.31 14.35
N ASN D 3556 -89.61 -48.62 15.35
CA ASN D 3556 -88.94 -48.47 16.62
C ASN D 3556 -89.79 -49.00 17.76
N LEU D 3557 -90.38 -50.18 17.56
CA LEU D 3557 -91.17 -50.83 18.61
C LEU D 3557 -90.31 -51.31 19.77
N HIS D 3558 -89.02 -51.57 19.54
CA HIS D 3558 -88.13 -52.12 20.55
C HIS D 3558 -87.50 -51.03 21.44
N LEU D 3559 -87.66 -49.75 21.10
CA LEU D 3559 -86.94 -48.67 21.75
C LEU D 3559 -87.54 -48.23 23.09
N GLN D 3560 -88.30 -49.09 23.77
CA GLN D 3560 -88.79 -48.78 25.10
C GLN D 3560 -87.64 -48.78 26.11
N GLY D 3561 -87.95 -48.29 27.32
CA GLY D 3561 -86.95 -48.21 28.37
C GLY D 3561 -86.74 -49.53 29.08
N LYS D 3562 -85.82 -49.49 30.05
CA LYS D 3562 -85.49 -50.66 30.87
C LYS D 3562 -85.81 -50.37 32.33
N VAL D 3563 -86.59 -51.26 32.94
CA VAL D 3563 -86.98 -51.08 34.34
C VAL D 3563 -85.82 -51.35 35.29
N GLU D 3564 -84.94 -52.31 34.96
CA GLU D 3564 -83.84 -52.68 35.85
C GLU D 3564 -82.81 -51.57 36.01
N GLY D 3565 -82.41 -50.93 34.91
CA GLY D 3565 -81.39 -49.89 34.97
C GLY D 3565 -81.86 -48.56 35.51
N SER D 3566 -83.17 -48.37 35.62
CA SER D 3566 -83.76 -47.16 36.19
C SER D 3566 -84.58 -47.56 37.40
N PRO D 3567 -84.02 -47.46 38.62
CA PRO D 3567 -84.77 -47.87 39.82
C PRO D 3567 -86.04 -47.08 40.06
N SER D 3568 -86.15 -45.87 39.50
CA SER D 3568 -87.39 -45.10 39.58
C SER D 3568 -88.54 -45.83 38.90
N LEU D 3569 -88.25 -46.60 37.85
CA LEU D 3569 -89.27 -47.34 37.13
C LEU D 3569 -89.75 -48.58 37.89
N ARG D 3570 -88.93 -49.13 38.79
CA ARG D 3570 -89.27 -50.39 39.47
C ARG D 3570 -90.56 -50.28 40.30
N TRP D 3571 -90.64 -49.27 41.16
CA TRP D 3571 -91.85 -49.06 41.96
C TRP D 3571 -93.00 -48.57 41.10
N GLN D 3572 -92.72 -47.77 40.07
CA GLN D 3572 -93.75 -47.30 39.16
C GLN D 3572 -94.41 -48.46 38.43
N MET D 3573 -93.61 -49.43 37.98
CA MET D 3573 -94.16 -50.57 37.26
C MET D 3573 -94.81 -51.57 38.19
N ALA D 3574 -94.29 -51.70 39.42
CA ALA D 3574 -94.97 -52.52 40.41
C ALA D 3574 -96.34 -51.96 40.76
N LEU D 3575 -96.47 -50.63 40.86
CA LEU D 3575 -97.80 -50.06 41.04
C LEU D 3575 -98.63 -50.11 39.76
N TYR D 3576 -97.97 -50.11 38.59
CA TYR D 3576 -98.66 -50.15 37.32
C TYR D 3576 -99.37 -51.48 37.14
N ARG D 3577 -98.65 -52.60 37.33
CA ARG D 3577 -99.37 -53.86 37.41
C ARG D 3577 -100.13 -54.03 38.73
N GLY D 3578 -99.90 -53.17 39.73
CA GLY D 3578 -100.74 -53.16 40.90
C GLY D 3578 -102.14 -52.66 40.62
N LEU D 3579 -102.29 -51.91 39.52
CA LEU D 3579 -103.62 -51.46 39.11
C LEU D 3579 -104.41 -52.65 38.58
N PRO D 3580 -105.61 -52.92 39.12
CA PRO D 3580 -106.41 -54.06 38.63
C PRO D 3580 -106.82 -53.98 37.17
N GLY D 3581 -106.91 -52.78 36.60
CA GLY D 3581 -107.29 -52.62 35.22
C GLY D 3581 -106.19 -52.82 34.20
N ARG D 3582 -104.98 -53.18 34.65
CA ARG D 3582 -103.84 -53.36 33.75
C ARG D 3582 -103.65 -54.84 33.47
N GLU D 3583 -103.91 -55.24 32.23
CA GLU D 3583 -103.63 -56.59 31.76
C GLU D 3583 -102.31 -56.58 31.02
N GLU D 3584 -101.56 -57.67 31.16
CA GLU D 3584 -100.25 -57.78 30.50
C GLU D 3584 -100.36 -57.85 28.97
N ASP D 3585 -101.54 -58.14 28.43
CA ASP D 3585 -101.76 -58.17 26.99
C ASP D 3585 -102.36 -56.87 26.47
N ALA D 3586 -102.55 -55.87 27.32
CA ALA D 3586 -103.18 -54.62 26.89
C ALA D 3586 -102.24 -53.77 26.05
N ASP D 3587 -100.93 -53.87 26.27
CA ASP D 3587 -99.96 -53.07 25.55
C ASP D 3587 -99.48 -53.75 24.26
N ASP D 3588 -100.43 -54.12 23.40
CA ASP D 3588 -100.12 -54.72 22.12
C ASP D 3588 -99.49 -53.66 21.21
N PRO D 3589 -98.65 -54.07 20.23
CA PRO D 3589 -97.99 -53.07 19.36
C PRO D 3589 -98.93 -52.15 18.60
N GLU D 3590 -100.08 -52.69 18.15
CA GLU D 3590 -101.02 -51.88 17.40
C GLU D 3590 -101.71 -50.87 18.31
N LYS D 3591 -101.92 -51.20 19.58
CA LYS D 3591 -102.61 -50.26 20.45
C LYS D 3591 -101.65 -49.21 20.98
N ILE D 3592 -100.39 -49.62 21.25
CA ILE D 3592 -99.44 -48.67 21.80
C ILE D 3592 -99.08 -47.62 20.77
N VAL D 3593 -98.90 -47.99 19.49
CA VAL D 3593 -98.49 -46.97 18.51
C VAL D 3593 -99.58 -45.90 18.33
N ARG D 3594 -100.85 -46.29 18.42
CA ARG D 3594 -101.96 -45.33 18.33
C ARG D 3594 -102.01 -44.43 19.56
N ARG D 3595 -101.89 -45.04 20.76
CA ARG D 3595 -102.02 -44.22 21.96
C ARG D 3595 -100.77 -43.34 22.17
N VAL D 3596 -99.58 -43.85 21.82
CA VAL D 3596 -98.35 -43.08 21.92
C VAL D 3596 -98.40 -41.88 20.98
N GLN D 3597 -98.85 -42.10 19.73
CA GLN D 3597 -98.95 -41.00 18.78
C GLN D 3597 -99.96 -39.95 19.24
N GLU D 3598 -101.10 -40.40 19.78
CA GLU D 3598 -102.14 -39.45 20.19
C GLU D 3598 -101.69 -38.60 21.38
N VAL D 3599 -101.14 -39.25 22.42
CA VAL D 3599 -100.72 -38.52 23.61
C VAL D 3599 -99.52 -37.63 23.29
N SER D 3600 -98.64 -38.09 22.41
CA SER D 3600 -97.46 -37.29 22.08
C SER D 3600 -97.86 -36.09 21.24
N ALA D 3601 -98.80 -36.25 20.30
CA ALA D 3601 -99.28 -35.12 19.52
C ALA D 3601 -99.93 -34.05 20.39
N VAL D 3602 -100.68 -34.51 21.41
CA VAL D 3602 -101.25 -33.58 22.38
C VAL D 3602 -100.15 -32.88 23.18
N LEU D 3603 -99.22 -33.64 23.74
CA LEU D 3603 -98.23 -33.06 24.64
C LEU D 3603 -97.28 -32.15 23.86
N TYR D 3604 -96.97 -32.52 22.61
CA TYR D 3604 -96.15 -31.70 21.75
C TYR D 3604 -96.80 -30.35 21.47
N HIS D 3605 -98.11 -30.35 21.20
CA HIS D 3605 -98.72 -29.05 20.94
C HIS D 3605 -99.06 -28.28 22.21
N LEU D 3606 -99.05 -28.97 23.36
CA LEU D 3606 -99.22 -28.29 24.65
C LEU D 3606 -98.15 -27.24 24.87
N GLU D 3607 -96.87 -27.62 24.73
CA GLU D 3607 -95.81 -26.64 24.90
C GLU D 3607 -95.77 -25.62 23.77
N GLN D 3608 -96.36 -25.96 22.61
CA GLN D 3608 -96.45 -25.03 21.50
C GLN D 3608 -97.38 -23.88 21.85
N THR D 3609 -98.43 -24.17 22.60
CA THR D 3609 -99.39 -23.12 22.91
C THR D 3609 -99.13 -22.46 24.26
N GLU D 3610 -98.62 -23.18 25.27
CA GLU D 3610 -98.30 -22.55 26.55
C GLU D 3610 -97.01 -21.74 26.50
N HIS D 3611 -96.12 -22.01 25.52
CA HIS D 3611 -94.89 -21.24 25.33
C HIS D 3611 -94.84 -20.69 23.91
N PRO D 3612 -95.58 -19.60 23.63
CA PRO D 3612 -95.48 -18.98 22.29
C PRO D 3612 -94.12 -18.39 21.95
N TYR D 3613 -93.46 -17.70 22.90
CA TYR D 3613 -92.11 -17.11 22.77
C TYR D 3613 -92.01 -16.16 21.56
N LYS D 3614 -93.07 -15.36 21.37
CA LYS D 3614 -93.18 -14.47 20.22
C LYS D 3614 -92.08 -13.39 20.23
N SER D 3615 -91.78 -12.83 21.41
CA SER D 3615 -90.88 -11.69 21.68
C SER D 3615 -89.56 -11.64 20.90
N LYS D 3616 -88.88 -10.46 20.93
CA LYS D 3616 -87.57 -10.13 20.35
C LYS D 3616 -87.72 -9.77 18.87
N LYS D 3617 -88.87 -9.22 18.49
CA LYS D 3617 -89.14 -8.81 17.12
C LYS D 3617 -89.34 -7.31 16.98
N ALA D 3618 -90.21 -6.69 17.78
CA ALA D 3618 -90.44 -5.24 17.70
C ALA D 3618 -90.26 -4.63 19.08
N VAL D 3619 -89.03 -4.25 19.38
CA VAL D 3619 -88.62 -3.70 20.67
C VAL D 3619 -88.42 -2.20 20.51
N TRP D 3620 -88.81 -1.43 21.54
CA TRP D 3620 -88.65 0.02 21.61
C TRP D 3620 -87.19 0.43 21.38
N HIS D 3621 -86.97 1.26 20.35
CA HIS D 3621 -85.61 1.62 19.97
C HIS D 3621 -85.45 3.11 19.66
N LYS D 3622 -86.49 3.92 19.94
CA LYS D 3622 -86.54 5.39 19.72
C LYS D 3622 -86.03 5.81 18.33
N LEU D 3623 -86.77 5.34 17.31
CA LEU D 3623 -86.47 5.62 15.92
C LEU D 3623 -86.43 7.12 15.63
N LEU D 3624 -87.56 7.81 15.82
CA LEU D 3624 -87.58 9.27 15.72
C LEU D 3624 -88.45 9.92 16.79
N SER D 3625 -88.89 9.16 17.79
CA SER D 3625 -89.77 9.70 18.83
C SER D 3625 -89.08 10.76 19.66
N LYS D 3626 -87.83 10.51 20.06
CA LYS D 3626 -87.10 11.44 20.92
C LYS D 3626 -86.44 12.57 20.15
N GLN D 3627 -86.50 12.55 18.82
CA GLN D 3627 -85.81 13.57 18.03
C GLN D 3627 -86.73 14.39 17.15
N ARG D 3628 -87.72 13.77 16.49
CA ARG D 3628 -88.53 14.52 15.53
C ARG D 3628 -90.02 14.16 15.60
N ARG D 3629 -90.54 13.85 16.79
CA ARG D 3629 -91.99 13.72 16.93
C ARG D 3629 -92.70 15.07 16.80
N ARG D 3630 -91.98 16.19 16.98
CA ARG D 3630 -92.59 17.51 16.78
C ARG D 3630 -92.99 17.69 15.32
N ALA D 3631 -92.27 17.04 14.39
CA ALA D 3631 -92.58 17.16 12.98
C ALA D 3631 -93.92 16.52 12.67
N VAL D 3632 -94.10 15.26 13.09
CA VAL D 3632 -95.34 14.54 12.77
C VAL D 3632 -96.52 15.19 13.48
N VAL D 3633 -96.29 15.76 14.68
CA VAL D 3633 -97.35 16.49 15.37
C VAL D 3633 -97.77 17.72 14.57
N ALA D 3634 -96.80 18.46 14.02
CA ALA D 3634 -97.15 19.66 13.27
C ALA D 3634 -97.67 19.38 11.86
N CYS D 3635 -97.31 18.24 11.25
CA CYS D 3635 -97.61 17.98 9.84
C CYS D 3635 -99.11 17.98 9.54
N PHE D 3636 -99.90 17.26 10.35
CA PHE D 3636 -101.35 17.20 10.10
C PHE D 3636 -102.05 18.52 10.41
N ARG D 3637 -101.50 19.33 11.31
CA ARG D 3637 -102.10 20.60 11.69
C ARG D 3637 -101.50 21.75 10.90
N MET D 3638 -100.58 21.46 10.00
CA MET D 3638 -99.84 22.46 9.24
C MET D 3638 -100.71 23.01 8.12
N THR D 3639 -100.72 24.34 7.99
CA THR D 3639 -101.73 25.03 7.18
C THR D 3639 -101.47 24.83 5.68
N PRO D 3640 -102.53 24.67 4.87
CA PRO D 3640 -102.32 24.47 3.42
C PRO D 3640 -101.78 25.69 2.71
N LEU D 3641 -101.52 25.54 1.41
CA LEU D 3641 -100.83 26.58 0.65
C LEU D 3641 -101.73 27.79 0.40
N TYR D 3642 -103.01 27.57 0.13
CA TYR D 3642 -103.91 28.66 -0.21
C TYR D 3642 -104.15 29.64 0.95
N ASN D 3643 -103.83 29.24 2.18
CA ASN D 3643 -104.00 30.12 3.33
C ASN D 3643 -102.84 31.08 3.53
N LEU D 3644 -101.74 30.92 2.79
CA LEU D 3644 -100.60 31.81 2.94
C LEU D 3644 -100.88 33.18 2.32
N PRO D 3645 -100.34 34.25 2.92
CA PRO D 3645 -100.47 35.58 2.30
C PRO D 3645 -99.77 35.61 0.95
N THR D 3646 -100.30 36.46 0.05
CA THR D 3646 -99.79 36.54 -1.31
C THR D 3646 -98.34 36.97 -1.37
N HIS D 3647 -97.96 38.00 -0.58
CA HIS D 3647 -96.58 38.48 -0.56
C HIS D 3647 -95.62 37.43 0.00
N ARG D 3648 -96.02 36.73 1.06
CA ARG D 3648 -95.19 35.68 1.62
C ARG D 3648 -95.02 34.55 0.62
N ALA D 3649 -96.11 34.14 -0.02
CA ALA D 3649 -96.08 33.03 -0.97
C ALA D 3649 -95.20 33.37 -2.16
N CYS D 3650 -95.27 34.63 -2.63
CA CYS D 3650 -94.42 35.06 -3.73
C CYS D 3650 -92.95 35.06 -3.34
N ASN D 3651 -92.66 35.31 -2.05
CA ASN D 3651 -91.25 35.43 -1.64
C ASN D 3651 -90.52 34.10 -1.82
N MET D 3652 -91.06 33.01 -1.29
CA MET D 3652 -90.39 31.73 -1.52
C MET D 3652 -90.72 31.17 -2.91
N PHE D 3653 -91.75 31.68 -3.59
CA PHE D 3653 -92.00 31.28 -4.97
C PHE D 3653 -90.86 31.71 -5.87
N LEU D 3654 -90.34 32.93 -5.67
CA LEU D 3654 -89.25 33.41 -6.52
C LEU D 3654 -88.00 32.56 -6.37
N GLU D 3655 -87.62 32.25 -5.11
CA GLU D 3655 -86.41 31.46 -4.89
C GLU D 3655 -86.60 30.03 -5.39
N SER D 3656 -87.83 29.52 -5.39
CA SER D 3656 -88.04 28.21 -5.95
C SER D 3656 -87.97 28.26 -7.48
N TYR D 3657 -88.49 29.34 -8.07
CA TYR D 3657 -88.47 29.48 -9.52
C TYR D 3657 -87.05 29.58 -10.04
N LYS D 3658 -86.20 30.37 -9.38
CA LYS D 3658 -84.80 30.47 -9.82
C LYS D 3658 -84.07 29.16 -9.59
N ALA D 3659 -84.38 28.46 -8.48
CA ALA D 3659 -83.67 27.22 -8.18
C ALA D 3659 -84.08 26.10 -9.12
N ALA D 3660 -85.30 26.13 -9.66
CA ALA D 3660 -85.79 25.02 -10.46
C ALA D 3660 -85.87 25.31 -11.96
N TRP D 3661 -85.87 26.56 -12.38
CA TRP D 3661 -86.01 26.91 -13.78
C TRP D 3661 -84.86 27.74 -14.34
N ILE D 3662 -84.26 28.62 -13.55
CA ILE D 3662 -83.21 29.51 -14.05
C ILE D 3662 -81.83 28.93 -13.85
N LEU D 3663 -81.56 28.38 -12.66
CA LEU D 3663 -80.30 27.68 -12.42
C LEU D 3663 -80.15 26.47 -13.32
N THR D 3664 -81.24 25.73 -13.52
CA THR D 3664 -81.23 24.58 -14.43
C THR D 3664 -81.00 25.00 -15.88
N GLU D 3665 -81.44 26.20 -16.26
CA GLU D 3665 -81.23 26.69 -17.62
C GLU D 3665 -79.75 26.87 -17.92
N ASP D 3666 -79.34 26.51 -19.14
CA ASP D 3666 -77.96 26.61 -19.58
C ASP D 3666 -77.88 27.52 -20.79
N HIS D 3667 -76.91 28.44 -20.78
CA HIS D 3667 -76.69 29.36 -21.90
C HIS D 3667 -75.24 29.25 -22.36
N SER D 3668 -75.06 28.94 -23.64
CA SER D 3668 -73.73 28.75 -24.24
C SER D 3668 -73.36 30.00 -25.03
N PHE D 3669 -72.68 30.93 -24.37
CA PHE D 3669 -72.25 32.17 -24.99
C PHE D 3669 -70.75 32.44 -24.89
N GLU D 3670 -70.01 31.59 -24.17
CA GLU D 3670 -68.60 31.82 -23.88
C GLU D 3670 -67.76 31.79 -25.15
N ASP D 3671 -68.01 30.81 -26.02
CA ASP D 3671 -67.22 30.69 -27.23
C ASP D 3671 -67.52 31.84 -28.17
N ARG D 3672 -68.79 32.25 -28.24
CA ARG D 3672 -69.15 33.36 -29.12
C ARG D 3672 -68.53 34.66 -28.62
N MET D 3673 -68.38 34.79 -27.29
CA MET D 3673 -67.69 35.95 -26.73
C MET D 3673 -66.24 35.97 -27.16
N ILE D 3674 -65.55 34.82 -27.06
CA ILE D 3674 -64.13 34.81 -27.40
C ILE D 3674 -63.96 35.04 -28.89
N ASP D 3675 -64.90 34.53 -29.69
CA ASP D 3675 -64.87 34.74 -31.13
C ASP D 3675 -64.97 36.22 -31.46
N ASP D 3676 -65.90 36.92 -30.78
CA ASP D 3676 -66.06 38.35 -31.01
C ASP D 3676 -64.81 39.13 -30.58
N LEU D 3677 -64.26 38.79 -29.40
CA LEU D 3677 -63.10 39.53 -28.89
C LEU D 3677 -61.82 39.19 -29.64
N SER D 3678 -61.79 38.12 -30.42
CA SER D 3678 -60.59 37.70 -31.11
C SER D 3678 -60.47 38.26 -32.52
N LYS D 3679 -61.41 39.09 -32.96
CA LYS D 3679 -61.39 39.63 -34.31
C LYS D 3679 -60.92 41.07 -34.28
N ALA D 3680 -59.70 41.30 -34.75
CA ALA D 3680 -59.19 42.66 -34.95
C ALA D 3680 -59.42 43.08 -36.39
N GLY D 3681 -60.69 43.10 -36.78
CA GLY D 3681 -61.08 43.36 -38.15
C GLY D 3681 -61.64 44.76 -38.34
N GLU D 3682 -61.81 45.12 -39.62
CA GLU D 3682 -62.41 46.36 -40.14
C GLU D 3682 -61.78 47.65 -39.57
N GLN D 3683 -60.59 47.58 -38.98
CA GLN D 3683 -59.82 48.79 -38.70
C GLN D 3683 -58.56 48.89 -39.55
N GLU D 3684 -58.36 47.95 -40.47
CA GLU D 3684 -57.16 47.89 -41.30
C GLU D 3684 -57.31 48.65 -42.61
N GLU D 3685 -58.16 49.68 -42.66
CA GLU D 3685 -58.34 50.47 -43.88
C GLU D 3685 -57.10 51.27 -44.28
N GLU D 3686 -56.19 51.54 -43.34
CA GLU D 3686 -54.99 52.30 -43.66
C GLU D 3686 -53.76 51.44 -43.92
N GLU D 3687 -53.73 50.21 -43.39
CA GLU D 3687 -52.64 49.21 -43.50
C GLU D 3687 -51.22 49.78 -43.41
N GLU D 3688 -50.96 50.49 -42.30
CA GLU D 3688 -49.65 51.10 -42.04
C GLU D 3688 -48.52 50.09 -42.06
N GLU D 3689 -47.39 50.53 -42.63
CA GLU D 3689 -46.19 49.72 -42.75
C GLU D 3689 -45.60 49.33 -41.41
N VAL D 3690 -45.65 50.24 -40.43
CA VAL D 3690 -44.99 50.05 -39.13
C VAL D 3690 -45.53 48.82 -38.39
N GLU D 3691 -46.86 48.60 -38.44
CA GLU D 3691 -47.50 47.35 -37.99
C GLU D 3691 -47.21 47.00 -36.54
N GLU D 3692 -47.22 48.02 -35.65
CA GLU D 3692 -47.06 47.89 -34.20
C GLU D 3692 -47.96 46.86 -33.49
N LYS D 3693 -48.91 46.25 -34.23
CA LYS D 3693 -49.87 45.22 -33.82
C LYS D 3693 -50.59 45.56 -32.51
N LYS D 3694 -51.39 46.64 -32.58
CA LYS D 3694 -52.16 47.09 -31.43
C LYS D 3694 -53.07 45.97 -30.96
N PRO D 3695 -53.18 45.75 -29.65
CA PRO D 3695 -53.91 44.56 -29.14
C PRO D 3695 -55.37 44.50 -29.58
N ASP D 3696 -55.79 43.31 -29.95
CA ASP D 3696 -57.18 43.01 -30.18
C ASP D 3696 -57.92 42.96 -28.84
N PRO D 3697 -59.29 43.06 -28.85
CA PRO D 3697 -60.03 43.18 -27.58
C PRO D 3697 -59.76 42.09 -26.56
N LEU D 3698 -59.56 40.84 -27.01
CA LEU D 3698 -59.25 39.76 -26.08
C LEU D 3698 -57.89 39.99 -25.42
N HIS D 3699 -56.91 40.49 -26.19
CA HIS D 3699 -55.60 40.78 -25.64
C HIS D 3699 -55.67 41.90 -24.60
N GLN D 3700 -56.64 42.81 -24.77
CA GLN D 3700 -56.72 43.92 -23.82
C GLN D 3700 -57.20 43.45 -22.46
N LEU D 3701 -58.00 42.36 -22.41
CA LEU D 3701 -58.41 41.76 -21.14
C LEU D 3701 -57.21 41.27 -20.38
N VAL D 3702 -56.36 40.49 -21.05
CA VAL D 3702 -55.20 39.87 -20.42
C VAL D 3702 -54.23 40.94 -19.94
N LEU D 3703 -54.00 41.98 -20.76
CA LEU D 3703 -53.12 43.06 -20.34
C LEU D 3703 -53.66 43.82 -19.13
N HIS D 3704 -54.99 44.03 -19.09
CA HIS D 3704 -55.58 44.70 -17.93
C HIS D 3704 -55.55 43.82 -16.70
N PHE D 3705 -55.75 42.51 -16.87
CA PHE D 3705 -55.68 41.64 -15.71
C PHE D 3705 -54.25 41.40 -15.28
N SER D 3706 -53.30 41.63 -16.18
CA SER D 3706 -51.91 41.47 -15.81
C SER D 3706 -51.43 42.64 -14.98
N ARG D 3707 -51.87 43.87 -15.32
CA ARG D 3707 -51.39 45.02 -14.57
C ARG D 3707 -51.99 45.06 -13.17
N THR D 3708 -53.26 44.68 -13.03
CA THR D 3708 -53.90 44.64 -11.71
C THR D 3708 -53.33 43.54 -10.81
N ALA D 3709 -52.61 42.57 -11.38
CA ALA D 3709 -51.91 41.58 -10.59
C ALA D 3709 -50.45 41.93 -10.37
N LEU D 3710 -49.86 42.71 -11.26
CA LEU D 3710 -48.49 43.15 -11.06
C LEU D 3710 -48.41 44.39 -10.19
N THR D 3711 -49.52 45.07 -9.93
CA THR D 3711 -49.47 46.23 -9.05
C THR D 3711 -49.23 45.78 -7.62
N GLU D 3712 -48.68 46.69 -6.82
CA GLU D 3712 -48.22 46.35 -5.48
C GLU D 3712 -49.32 46.59 -4.47
N LYS D 3713 -49.85 45.50 -3.91
CA LYS D 3713 -50.85 45.54 -2.86
C LYS D 3713 -50.49 44.53 -1.80
N SER D 3714 -50.76 44.87 -0.54
CA SER D 3714 -50.51 43.94 0.56
C SER D 3714 -51.41 42.72 0.47
N LYS D 3715 -52.68 42.92 0.14
CA LYS D 3715 -53.63 41.84 -0.02
C LYS D 3715 -54.28 41.96 -1.39
N LEU D 3716 -54.45 40.83 -2.06
CA LEU D 3716 -55.08 40.79 -3.36
C LEU D 3716 -56.58 40.58 -3.20
N ASP D 3717 -57.37 41.50 -3.71
CA ASP D 3717 -58.81 41.53 -3.47
C ASP D 3717 -59.57 40.76 -4.54
N GLU D 3718 -60.85 40.52 -4.27
CA GLU D 3718 -61.70 39.79 -5.19
C GLU D 3718 -62.33 40.73 -6.22
N ASP D 3719 -62.20 40.38 -7.49
CA ASP D 3719 -62.82 41.11 -8.57
C ASP D 3719 -63.87 40.22 -9.23
N TYR D 3720 -65.14 40.63 -9.12
CA TYR D 3720 -66.22 39.87 -9.75
C TYR D 3720 -66.07 39.82 -11.26
N LEU D 3721 -65.53 40.89 -11.85
CA LEU D 3721 -65.28 40.91 -13.28
C LEU D 3721 -64.20 39.90 -13.64
N TYR D 3722 -63.14 39.82 -12.83
CA TYR D 3722 -62.12 38.82 -13.10
C TYR D 3722 -62.65 37.41 -12.89
N MET D 3723 -63.60 37.24 -11.95
CA MET D 3723 -64.26 35.95 -11.75
C MET D 3723 -64.97 35.53 -13.03
N ALA D 3724 -65.75 36.46 -13.59
CA ALA D 3724 -66.60 36.15 -14.73
C ALA D 3724 -65.76 35.89 -15.96
N TYR D 3725 -64.81 36.78 -16.24
CA TYR D 3725 -64.05 36.68 -17.48
C TYR D 3725 -63.09 35.49 -17.44
N ALA D 3726 -62.50 35.22 -16.27
CA ALA D 3726 -61.68 34.03 -16.11
C ALA D 3726 -62.48 32.74 -16.27
N ASP D 3727 -63.70 32.69 -15.70
CA ASP D 3727 -64.55 31.51 -15.89
C ASP D 3727 -65.00 31.36 -17.34
N ILE D 3728 -65.33 32.46 -18.00
CA ILE D 3728 -65.71 32.44 -19.41
C ILE D 3728 -64.57 31.94 -20.28
N MET D 3729 -63.37 32.43 -20.01
CA MET D 3729 -62.19 31.98 -20.75
C MET D 3729 -61.92 30.51 -20.49
N ALA D 3730 -62.11 30.07 -19.24
CA ALA D 3730 -61.82 28.70 -18.87
C ALA D 3730 -62.78 27.76 -19.59
N LYS D 3731 -64.08 28.03 -19.50
CA LYS D 3731 -65.04 27.10 -20.09
C LYS D 3731 -65.33 27.42 -21.55
N SER D 3732 -64.51 28.26 -22.18
CA SER D 3732 -64.57 28.45 -23.62
C SER D 3732 -63.48 27.68 -24.35
N CYS D 3733 -62.89 26.67 -23.72
CA CYS D 3733 -61.77 25.93 -24.30
C CYS D 3733 -62.07 24.47 -24.58
N HIS D 3734 -62.60 23.74 -23.60
CA HIS D 3734 -62.77 22.30 -23.76
C HIS D 3734 -63.87 21.98 -24.77
N LEU D 3735 -65.10 22.45 -24.52
CA LEU D 3735 -66.29 22.18 -25.33
C LEU D 3735 -66.52 20.68 -25.52
N GLU D 3736 -66.28 19.92 -24.45
CA GLU D 3736 -66.40 18.46 -24.47
C GLU D 3736 -66.59 17.91 -23.07
N VAL D 3749 -68.89 3.59 -29.75
CA VAL D 3749 -67.86 4.23 -28.92
C VAL D 3749 -66.48 4.02 -29.54
N GLU D 3750 -66.41 3.29 -30.64
CA GLU D 3750 -65.15 3.03 -31.33
C GLU D 3750 -64.84 4.12 -32.37
N VAL D 3751 -64.66 5.32 -31.82
CA VAL D 3751 -64.29 6.49 -32.62
C VAL D 3751 -62.86 6.34 -33.13
N SER D 3752 -62.67 6.57 -34.42
CA SER D 3752 -61.37 6.31 -35.02
C SER D 3752 -60.46 7.53 -34.86
N PHE D 3753 -59.15 7.27 -34.91
CA PHE D 3753 -58.19 8.33 -34.64
C PHE D 3753 -58.09 9.37 -35.75
N GLU D 3754 -58.66 9.09 -36.93
CA GLU D 3754 -58.59 10.05 -38.03
C GLU D 3754 -59.51 11.24 -37.79
N GLU D 3755 -60.64 11.04 -37.14
CA GLU D 3755 -61.46 12.16 -36.73
C GLU D 3755 -61.21 12.51 -35.28
N LYS D 3756 -60.56 11.62 -34.53
CA LYS D 3756 -60.16 11.95 -33.16
C LYS D 3756 -59.14 13.08 -33.12
N GLU D 3757 -58.18 13.10 -34.07
CA GLU D 3757 -57.24 14.24 -34.03
C GLU D 3757 -57.87 15.58 -34.35
N MET D 3758 -59.11 15.60 -34.86
CA MET D 3758 -59.77 16.86 -35.19
C MET D 3758 -60.07 17.64 -33.91
N GLU D 3759 -60.65 16.97 -32.91
CA GLU D 3759 -61.01 17.69 -31.69
C GLU D 3759 -59.75 18.18 -30.98
N LYS D 3760 -58.69 17.37 -30.98
CA LYS D 3760 -57.44 17.80 -30.36
C LYS D 3760 -56.87 19.04 -31.03
N GLN D 3761 -56.69 19.01 -32.37
CA GLN D 3761 -56.15 20.19 -33.05
C GLN D 3761 -57.08 21.41 -33.01
N ARG D 3762 -58.38 21.19 -32.80
CA ARG D 3762 -59.28 22.29 -32.53
C ARG D 3762 -59.11 22.81 -31.10
N LEU D 3763 -58.92 21.91 -30.14
CA LEU D 3763 -58.66 22.34 -28.77
C LEU D 3763 -57.35 23.10 -28.70
N LEU D 3764 -56.31 22.62 -29.39
CA LEU D 3764 -55.05 23.33 -29.46
C LEU D 3764 -55.21 24.70 -30.09
N TYR D 3765 -56.11 24.83 -31.07
CA TYR D 3765 -56.40 26.14 -31.64
C TYR D 3765 -57.04 27.05 -30.61
N GLN D 3766 -58.01 26.52 -29.86
CA GLN D 3766 -58.70 27.30 -28.85
C GLN D 3766 -57.78 27.75 -27.72
N GLN D 3767 -56.88 26.87 -27.26
CA GLN D 3767 -55.87 27.29 -26.31
C GLN D 3767 -54.87 28.26 -26.92
N SER D 3768 -54.53 28.10 -28.20
CA SER D 3768 -53.64 29.03 -28.86
C SER D 3768 -54.24 30.42 -28.93
N ARG D 3769 -55.58 30.48 -29.06
CA ARG D 3769 -56.31 31.74 -29.09
C ARG D 3769 -56.11 32.54 -27.81
N LEU D 3770 -55.84 31.86 -26.70
CA LEU D 3770 -55.66 32.50 -25.42
C LEU D 3770 -54.20 32.73 -25.11
N HIS D 3771 -53.38 31.67 -25.17
CA HIS D 3771 -51.99 31.80 -24.73
C HIS D 3771 -51.16 32.63 -25.68
N THR D 3772 -51.62 32.84 -26.93
CA THR D 3772 -50.87 33.72 -27.81
C THR D 3772 -50.97 35.18 -27.39
N ARG D 3773 -51.86 35.51 -26.45
CA ARG D 3773 -52.06 36.86 -25.99
C ARG D 3773 -51.56 37.08 -24.56
N GLY D 3774 -50.62 36.26 -24.09
CA GLY D 3774 -50.09 36.46 -22.76
C GLY D 3774 -50.88 35.88 -21.60
N ALA D 3775 -51.96 35.13 -21.87
CA ALA D 3775 -52.78 34.59 -20.78
C ALA D 3775 -52.03 33.62 -19.88
N ALA D 3776 -51.01 32.93 -20.42
CA ALA D 3776 -50.20 32.03 -19.60
C ALA D 3776 -49.44 32.80 -18.53
N GLU D 3777 -48.86 33.94 -18.91
CA GLU D 3777 -48.12 34.72 -17.95
C GLU D 3777 -49.07 35.45 -17.02
N MET D 3778 -50.28 35.78 -17.51
CA MET D 3778 -51.26 36.43 -16.65
C MET D 3778 -51.66 35.49 -15.52
N VAL D 3779 -51.84 34.20 -15.86
CA VAL D 3779 -52.13 33.18 -14.86
C VAL D 3779 -50.97 33.04 -13.88
N LEU D 3780 -49.74 33.04 -14.41
CA LEU D 3780 -48.54 32.93 -13.56
C LEU D 3780 -48.45 34.10 -12.58
N GLN D 3781 -48.73 35.31 -13.07
CA GLN D 3781 -48.69 36.49 -12.23
C GLN D 3781 -49.76 36.43 -11.16
N MET D 3782 -50.97 36.02 -11.52
CA MET D 3782 -52.05 35.99 -10.54
C MET D 3782 -51.79 34.95 -9.46
N ILE D 3783 -51.23 33.79 -9.83
CA ILE D 3783 -50.83 32.79 -8.84
C ILE D 3783 -49.73 33.33 -7.94
N SER D 3784 -48.74 34.03 -8.51
CA SER D 3784 -47.69 34.57 -7.66
C SER D 3784 -48.17 35.77 -6.86
N ALA D 3785 -49.30 36.36 -7.23
CA ALA D 3785 -49.82 37.54 -6.59
C ALA D 3785 -50.86 37.24 -5.52
N CYS D 3786 -51.45 36.04 -5.52
CA CYS D 3786 -52.43 35.71 -4.48
C CYS D 3786 -51.82 35.58 -3.10
N LYS D 3787 -50.48 35.51 -2.99
CA LYS D 3787 -49.73 35.53 -1.73
C LYS D 3787 -50.03 34.34 -0.83
N GLY D 3788 -50.55 33.26 -1.37
CA GLY D 3788 -50.88 32.11 -0.56
C GLY D 3788 -52.22 32.16 0.12
N GLU D 3789 -53.10 33.09 -0.27
CA GLU D 3789 -54.41 33.23 0.34
C GLU D 3789 -55.41 32.52 -0.56
N THR D 3790 -56.00 31.45 -0.05
CA THR D 3790 -56.96 30.68 -0.84
C THR D 3790 -58.27 31.44 -0.99
N GLY D 3791 -58.96 31.18 -2.10
CA GLY D 3791 -60.22 31.83 -2.35
C GLY D 3791 -60.76 31.49 -3.72
N ALA D 3792 -61.90 32.12 -4.03
CA ALA D 3792 -62.53 31.91 -5.32
C ALA D 3792 -61.69 32.50 -6.45
N MET D 3793 -60.86 33.49 -6.14
CA MET D 3793 -60.02 34.11 -7.16
C MET D 3793 -58.97 33.12 -7.63
N VAL D 3794 -58.25 32.52 -6.68
CA VAL D 3794 -57.16 31.64 -7.05
C VAL D 3794 -57.74 30.34 -7.61
N SER D 3795 -58.93 29.93 -7.13
CA SER D 3795 -59.58 28.75 -7.70
C SER D 3795 -59.95 28.98 -9.16
N SER D 3796 -60.48 30.16 -9.48
CA SER D 3796 -60.80 30.48 -10.87
C SER D 3796 -59.54 30.59 -11.71
N THR D 3797 -58.44 31.05 -11.11
CA THR D 3797 -57.18 31.15 -11.84
C THR D 3797 -56.65 29.76 -12.18
N LEU D 3798 -56.67 28.85 -11.20
CA LEU D 3798 -56.24 27.48 -11.44
C LEU D 3798 -57.15 26.77 -12.44
N LYS D 3799 -58.45 27.09 -12.41
CA LYS D 3799 -59.39 26.56 -13.39
C LYS D 3799 -59.03 26.99 -14.80
N LEU D 3800 -58.65 28.26 -14.96
CA LEU D 3800 -58.24 28.76 -16.26
C LEU D 3800 -56.90 28.15 -16.69
N GLY D 3801 -55.96 28.02 -15.76
CA GLY D 3801 -54.67 27.42 -16.07
C GLY D 3801 -54.80 25.98 -16.52
N ILE D 3802 -55.74 25.24 -15.93
CA ILE D 3802 -56.00 23.88 -16.39
C ILE D 3802 -56.64 23.90 -17.76
N SER D 3803 -57.64 24.77 -17.96
CA SER D 3803 -58.34 24.79 -19.23
C SER D 3803 -57.44 25.23 -20.37
N ILE D 3804 -56.38 26.00 -20.07
CA ILE D 3804 -55.42 26.39 -21.09
C ILE D 3804 -54.30 25.36 -21.17
N LEU D 3805 -54.20 24.45 -20.21
CA LEU D 3805 -53.15 23.45 -20.18
C LEU D 3805 -53.64 22.03 -20.42
N ASN D 3806 -54.88 21.87 -20.90
CA ASN D 3806 -55.41 20.53 -21.15
C ASN D 3806 -54.60 19.80 -22.19
N GLY D 3807 -54.33 18.52 -21.93
CA GLY D 3807 -53.55 17.68 -22.80
C GLY D 3807 -52.05 17.94 -22.76
N GLY D 3808 -51.59 18.76 -21.83
CA GLY D 3808 -50.18 19.11 -21.72
C GLY D 3808 -49.64 19.86 -22.92
N ASN D 3809 -50.12 21.08 -23.14
CA ASN D 3809 -49.66 21.91 -24.25
C ASN D 3809 -48.16 22.19 -24.14
N ALA D 3810 -47.43 21.87 -25.21
CA ALA D 3810 -45.97 21.96 -25.19
C ALA D 3810 -45.51 23.41 -25.18
N GLU D 3811 -46.11 24.23 -26.04
CA GLU D 3811 -45.66 25.61 -26.13
C GLU D 3811 -46.15 26.41 -24.94
N VAL D 3812 -47.29 26.02 -24.34
CA VAL D 3812 -47.73 26.71 -23.14
C VAL D 3812 -46.75 26.46 -22.00
N GLN D 3813 -46.34 25.19 -21.81
CA GLN D 3813 -45.33 24.89 -20.79
C GLN D 3813 -44.01 25.58 -21.09
N GLN D 3814 -43.70 25.78 -22.37
CA GLN D 3814 -42.50 26.50 -22.75
C GLN D 3814 -42.59 27.96 -22.31
N LYS D 3815 -43.72 28.61 -22.57
CA LYS D 3815 -43.89 30.01 -22.18
C LYS D 3815 -43.87 30.18 -20.66
N MET D 3816 -44.57 29.29 -19.93
CA MET D 3816 -44.61 29.39 -18.47
C MET D 3816 -43.23 29.20 -17.87
N LEU D 3817 -42.47 28.22 -18.38
CA LEU D 3817 -41.13 27.98 -17.87
C LEU D 3817 -40.20 29.14 -18.19
N ASP D 3818 -40.31 29.70 -19.40
CA ASP D 3818 -39.45 30.83 -19.76
C ASP D 3818 -39.77 32.05 -18.92
N TYR D 3819 -41.06 32.29 -18.66
CA TYR D 3819 -41.44 33.44 -17.86
C TYR D 3819 -40.97 33.30 -16.41
N LEU D 3820 -40.96 32.07 -15.90
CA LEU D 3820 -40.42 31.89 -14.55
C LEU D 3820 -38.91 32.03 -14.55
N LYS D 3821 -38.26 31.60 -15.63
CA LYS D 3821 -36.81 31.57 -15.63
C LYS D 3821 -36.25 32.98 -15.78
N ASP D 3822 -36.92 33.83 -16.55
CA ASP D 3822 -36.35 35.16 -16.68
C ASP D 3822 -36.83 36.09 -15.57
N LYS D 3823 -38.08 35.94 -15.08
CA LYS D 3823 -38.52 36.76 -13.95
C LYS D 3823 -37.74 36.47 -12.67
N LYS D 3824 -37.44 35.19 -12.41
CA LYS D 3824 -36.71 34.73 -11.21
C LYS D 3824 -37.38 35.17 -9.91
N GLU D 3825 -38.71 35.13 -9.88
CA GLU D 3825 -39.45 35.50 -8.68
C GLU D 3825 -39.69 34.29 -7.78
N VAL D 3826 -39.61 34.53 -6.47
CA VAL D 3826 -39.78 33.46 -5.48
C VAL D 3826 -41.24 33.29 -5.09
N GLY D 3827 -42.06 34.34 -5.23
CA GLY D 3827 -43.41 34.36 -4.69
C GLY D 3827 -44.31 33.32 -5.30
N PHE D 3828 -43.99 32.86 -6.52
CA PHE D 3828 -44.83 31.87 -7.19
C PHE D 3828 -44.82 30.57 -6.41
N PHE D 3829 -43.63 30.05 -6.13
CA PHE D 3829 -43.55 28.81 -5.39
C PHE D 3829 -43.85 29.01 -3.93
N GLN D 3830 -43.66 30.23 -3.40
CA GLN D 3830 -44.10 30.52 -2.03
C GLN D 3830 -45.61 30.36 -1.92
N SER D 3831 -46.33 30.86 -2.93
CA SER D 3831 -47.78 30.71 -2.96
C SER D 3831 -48.17 29.25 -3.14
N ILE D 3832 -47.52 28.54 -4.07
CA ILE D 3832 -47.85 27.14 -4.35
C ILE D 3832 -47.72 26.29 -3.08
N GLN D 3833 -46.61 26.49 -2.35
CA GLN D 3833 -46.42 25.82 -1.08
C GLN D 3833 -47.47 26.22 -0.06
N ALA D 3834 -47.82 27.50 0.01
CA ALA D 3834 -48.79 27.95 1.00
C ALA D 3834 -50.18 27.38 0.75
N LEU D 3835 -50.63 27.44 -0.51
CA LEU D 3835 -51.94 26.89 -0.86
C LEU D 3835 -51.99 25.40 -0.61
N MET D 3836 -50.92 24.69 -0.98
CA MET D 3836 -50.96 23.24 -0.84
C MET D 3836 -50.97 22.85 0.64
N GLN D 3837 -50.21 23.58 1.47
CA GLN D 3837 -50.19 23.31 2.90
C GLN D 3837 -51.53 23.62 3.56
N THR D 3838 -52.33 24.50 2.96
CA THR D 3838 -53.63 24.81 3.54
C THR D 3838 -54.72 23.82 3.12
N CYS D 3839 -54.41 22.88 2.22
CA CYS D 3839 -55.41 21.90 1.77
C CYS D 3839 -55.87 21.03 2.94
N SER D 3840 -57.19 20.88 3.05
CA SER D 3840 -57.80 20.18 4.16
C SER D 3840 -57.69 18.67 4.01
N VAL D 3841 -57.68 17.98 5.15
CA VAL D 3841 -57.66 16.52 5.21
C VAL D 3841 -58.92 16.04 5.93
N LEU D 3842 -59.10 14.72 6.00
CA LEU D 3842 -60.25 14.13 6.65
C LEU D 3842 -60.24 14.41 8.15
N ASP D 3843 -61.41 14.67 8.72
CA ASP D 3843 -61.51 15.03 10.14
C ASP D 3843 -62.61 14.19 10.78
N LEU D 3844 -62.21 13.34 11.73
CA LEU D 3844 -63.16 12.50 12.44
C LEU D 3844 -64.09 13.32 13.31
N ASN D 3845 -63.56 14.31 14.04
CA ASN D 3845 -64.35 15.08 14.99
C ASN D 3845 -65.46 15.84 14.27
N ALA D 3846 -65.10 16.47 13.15
CA ALA D 3846 -66.06 17.17 12.32
C ALA D 3846 -67.07 16.21 11.70
N PHE D 3847 -66.62 15.02 11.29
CA PHE D 3847 -67.54 14.02 10.76
C PHE D 3847 -68.56 13.57 11.81
N GLU D 3848 -68.10 13.35 13.04
CA GLU D 3848 -69.01 13.00 14.14
C GLU D 3848 -69.99 14.12 14.45
N ARG D 3849 -69.50 15.37 14.42
CA ARG D 3849 -70.40 16.51 14.61
C ARG D 3849 -71.45 16.58 13.51
N GLN D 3850 -71.04 16.32 12.27
CA GLN D 3850 -71.99 16.32 11.16
C GLN D 3850 -73.01 15.20 11.32
N ASN D 3851 -72.56 14.03 11.82
CA ASN D 3851 -73.46 12.91 12.06
C ASN D 3851 -74.50 13.24 13.12
N LYS D 3852 -74.09 13.93 14.19
CA LYS D 3852 -75.07 14.41 15.17
C LYS D 3852 -76.00 15.44 14.57
N ALA D 3853 -75.47 16.33 13.71
CA ALA D 3853 -76.30 17.35 13.09
C ALA D 3853 -77.38 16.74 12.21
N GLU D 3854 -77.02 15.74 11.39
CA GLU D 3854 -78.03 15.10 10.57
C GLU D 3854 -78.94 14.20 11.41
N GLY D 3855 -78.46 13.74 12.58
CA GLY D 3855 -79.34 13.00 13.47
C GLY D 3855 -80.44 13.89 14.01
N LEU D 3856 -80.10 15.13 14.36
CA LEU D 3856 -81.11 16.09 14.81
C LEU D 3856 -82.01 16.50 13.66
N GLY D 3857 -81.43 16.74 12.48
CA GLY D 3857 -82.19 17.11 11.30
C GLY D 3857 -82.91 18.45 11.37
N MET D 3858 -82.16 19.54 11.41
CA MET D 3858 -82.72 20.88 11.59
C MET D 3858 -83.59 21.29 10.41
N VAL D 3859 -84.56 22.17 10.69
CA VAL D 3859 -85.47 22.72 9.69
C VAL D 3859 -85.55 24.22 9.89
N ASN D 3860 -85.93 24.92 8.82
CA ASN D 3860 -86.10 26.37 8.85
C ASN D 3860 -87.54 26.69 9.26
N GLU D 3861 -87.93 27.97 9.16
CA GLU D 3861 -89.25 28.42 9.60
C GLU D 3861 -90.26 28.49 8.45
N ASP D 3862 -89.94 29.23 7.39
CA ASP D 3862 -90.84 29.42 6.24
C ASP D 3862 -90.84 28.15 5.39
N GLY D 3863 -91.57 27.14 5.87
CA GLY D 3863 -91.60 25.85 5.23
C GLY D 3863 -90.64 24.89 5.90
N THR D 3864 -90.06 23.96 5.13
CA THR D 3864 -89.13 22.97 5.69
C THR D 3864 -88.29 22.40 4.55
N VAL D 3865 -86.98 22.31 4.80
CA VAL D 3865 -86.07 21.57 3.94
C VAL D 3865 -85.74 20.25 4.64
N ILE D 3866 -85.86 19.15 3.91
CA ILE D 3866 -85.70 17.82 4.49
C ILE D 3866 -84.26 17.37 4.28
N ASN D 3867 -83.55 17.14 5.39
CA ASN D 3867 -82.14 16.73 5.41
C ASN D 3867 -81.26 17.70 4.61
N ARG D 3868 -81.18 18.92 5.17
CA ARG D 3868 -80.55 20.07 4.51
C ARG D 3868 -79.11 19.77 4.13
N GLN D 3869 -78.71 20.20 2.94
CA GLN D 3869 -77.42 19.87 2.35
C GLN D 3869 -76.44 21.04 2.43
N ASN D 3870 -76.43 21.75 3.57
CA ASN D 3870 -75.47 22.81 3.83
C ASN D 3870 -74.03 22.27 3.72
N GLY D 3871 -73.09 23.20 3.51
CA GLY D 3871 -71.70 22.86 3.24
C GLY D 3871 -71.02 21.95 4.24
N GLU D 3872 -70.44 20.87 3.73
CA GLU D 3872 -69.77 19.90 4.59
C GLU D 3872 -68.45 20.49 5.07
N LYS D 3873 -68.17 20.32 6.37
CA LYS D 3873 -66.94 20.86 6.94
C LYS D 3873 -65.75 19.94 6.74
N VAL D 3874 -65.91 18.80 6.08
CA VAL D 3874 -64.82 17.92 5.71
C VAL D 3874 -64.78 17.87 4.19
N MET D 3875 -63.58 18.04 3.62
CA MET D 3875 -63.36 18.11 2.16
C MET D 3875 -64.19 19.22 1.53
N ALA D 3876 -64.25 20.37 2.19
CA ALA D 3876 -64.93 21.53 1.60
C ALA D 3876 -64.20 22.00 0.35
N ASP D 3877 -62.87 21.99 0.39
CA ASP D 3877 -62.02 22.36 -0.73
C ASP D 3877 -61.53 21.14 -1.50
N ASP D 3878 -62.35 20.09 -1.59
CA ASP D 3878 -61.96 18.86 -2.26
C ASP D 3878 -61.67 19.09 -3.74
N GLU D 3879 -62.51 19.88 -4.41
CA GLU D 3879 -62.27 20.20 -5.81
C GLU D 3879 -61.08 21.12 -5.98
N PHE D 3880 -60.83 21.97 -4.99
CA PHE D 3880 -59.68 22.87 -5.07
C PHE D 3880 -58.39 22.10 -4.87
N THR D 3881 -58.41 21.09 -4.01
CA THR D 3881 -57.24 20.24 -3.84
C THR D 3881 -57.04 19.37 -5.07
N GLN D 3882 -58.14 18.96 -5.70
CA GLN D 3882 -58.04 18.18 -6.93
C GLN D 3882 -57.38 18.98 -8.04
N ASP D 3883 -57.97 20.13 -8.39
CA ASP D 3883 -57.45 20.83 -9.55
C ASP D 3883 -56.12 21.54 -9.28
N LEU D 3884 -55.71 21.72 -8.00
CA LEU D 3884 -54.37 22.25 -7.76
C LEU D 3884 -53.31 21.23 -8.17
N PHE D 3885 -53.52 19.97 -7.80
CA PHE D 3885 -52.58 18.94 -8.20
C PHE D 3885 -52.73 18.59 -9.66
N ARG D 3886 -53.95 18.71 -10.21
CA ARG D 3886 -54.12 18.50 -11.64
C ARG D 3886 -53.35 19.54 -12.44
N PHE D 3887 -53.38 20.79 -12.00
CA PHE D 3887 -52.59 21.85 -12.63
C PHE D 3887 -51.10 21.56 -12.55
N LEU D 3888 -50.65 21.09 -11.38
CA LEU D 3888 -49.24 20.72 -11.24
C LEU D 3888 -48.88 19.54 -12.14
N GLN D 3889 -49.79 18.58 -12.27
CA GLN D 3889 -49.55 17.43 -13.14
C GLN D 3889 -49.45 17.86 -14.59
N LEU D 3890 -50.37 18.73 -15.03
CA LEU D 3890 -50.38 19.22 -16.41
C LEU D 3890 -49.12 20.03 -16.72
N LEU D 3891 -48.54 20.66 -15.71
CA LEU D 3891 -47.32 21.41 -15.95
C LEU D 3891 -46.14 20.50 -16.28
N CYS D 3892 -46.11 19.29 -15.72
CA CYS D 3892 -45.04 18.34 -15.99
C CYS D 3892 -45.42 17.28 -17.01
N GLU D 3893 -46.64 17.33 -17.53
CA GLU D 3893 -47.10 16.32 -18.47
C GLU D 3893 -46.37 16.48 -19.80
N GLY D 3894 -46.27 15.37 -20.54
CA GLY D 3894 -45.52 15.35 -21.78
C GLY D 3894 -44.04 15.18 -21.61
N HIS D 3895 -43.60 14.73 -20.42
CA HIS D 3895 -42.21 14.46 -20.06
C HIS D 3895 -41.33 15.71 -20.22
N ASN D 3896 -41.83 16.83 -19.71
CA ASN D 3896 -41.08 18.09 -19.75
C ASN D 3896 -40.01 18.00 -18.66
N ASN D 3897 -38.87 17.39 -19.02
CA ASN D 3897 -37.80 17.16 -18.05
C ASN D 3897 -37.21 18.47 -17.55
N ASP D 3898 -37.18 19.49 -18.42
CA ASP D 3898 -36.66 20.80 -18.05
C ASP D 3898 -37.49 21.41 -16.93
N PHE D 3899 -38.81 21.29 -17.03
CA PHE D 3899 -39.64 21.89 -15.99
C PHE D 3899 -39.64 21.00 -14.76
N GLN D 3900 -39.46 19.68 -14.98
CA GLN D 3900 -39.44 18.74 -13.86
C GLN D 3900 -38.27 19.04 -12.95
N ASN D 3901 -37.10 19.33 -13.52
CA ASN D 3901 -35.98 19.73 -12.68
C ASN D 3901 -36.20 21.10 -12.06
N TYR D 3902 -37.03 21.93 -12.70
CA TYR D 3902 -37.31 23.26 -12.17
C TYR D 3902 -38.11 23.17 -10.89
N LEU D 3903 -39.06 22.23 -10.85
CA LEU D 3903 -39.86 22.05 -9.63
C LEU D 3903 -38.98 21.58 -8.47
N ARG D 3904 -38.07 20.65 -8.73
CA ARG D 3904 -37.20 20.15 -7.68
C ARG D 3904 -36.27 21.24 -7.18
N THR D 3905 -35.72 22.04 -8.10
CA THR D 3905 -34.83 23.11 -7.68
C THR D 3905 -34.86 24.23 -8.72
N GLN D 3906 -34.69 25.45 -8.26
CA GLN D 3906 -34.64 26.61 -9.15
C GLN D 3906 -33.27 27.25 -9.02
N THR D 3907 -32.41 26.99 -10.01
CA THR D 3907 -31.05 27.51 -10.00
C THR D 3907 -31.04 29.03 -10.07
N GLY D 3908 -31.90 29.61 -10.92
CA GLY D 3908 -31.93 31.05 -11.06
C GLY D 3908 -32.45 31.76 -9.83
N ASN D 3909 -33.43 31.15 -9.14
CA ASN D 3909 -34.05 31.76 -7.98
C ASN D 3909 -33.07 31.87 -6.83
N THR D 3910 -33.27 32.89 -6.00
CA THR D 3910 -32.41 33.10 -4.84
C THR D 3910 -32.55 31.95 -3.84
N THR D 3911 -33.77 31.49 -3.61
CA THR D 3911 -34.06 30.38 -2.70
C THR D 3911 -34.81 29.27 -3.43
N THR D 3912 -34.67 28.05 -2.92
CA THR D 3912 -35.25 26.87 -3.54
C THR D 3912 -36.30 26.28 -2.62
N ILE D 3913 -37.50 26.06 -3.15
CA ILE D 3913 -38.59 25.41 -2.43
C ILE D 3913 -38.89 24.10 -3.14
N ASN D 3914 -38.64 22.98 -2.48
CA ASN D 3914 -38.82 21.66 -3.08
C ASN D 3914 -40.31 21.33 -3.01
N ILE D 3915 -40.98 21.54 -4.15
CA ILE D 3915 -42.41 21.25 -4.28
C ILE D 3915 -42.66 19.76 -4.15
N ILE D 3916 -41.75 18.94 -4.66
CA ILE D 3916 -41.91 17.48 -4.64
C ILE D 3916 -41.94 16.96 -3.20
N ILE D 3917 -41.00 17.43 -2.38
CA ILE D 3917 -40.95 17.05 -0.97
C ILE D 3917 -42.19 17.53 -0.24
N CYS D 3918 -42.61 18.77 -0.51
CA CYS D 3918 -43.82 19.28 0.13
C CYS D 3918 -45.06 18.47 -0.29
N THR D 3919 -45.07 18.02 -1.55
CA THR D 3919 -46.16 17.18 -2.07
C THR D 3919 -46.22 15.87 -1.32
N VAL D 3920 -45.05 15.29 -1.05
CA VAL D 3920 -44.99 14.04 -0.29
C VAL D 3920 -45.53 14.28 1.11
N ASP D 3921 -45.20 15.43 1.69
CA ASP D 3921 -45.62 15.75 3.05
C ASP D 3921 -47.14 15.82 3.15
N TYR D 3922 -47.76 16.45 2.13
CA TYR D 3922 -49.22 16.53 2.10
C TYR D 3922 -49.82 15.14 1.93
N LEU D 3923 -49.21 14.31 1.07
CA LEU D 3923 -49.70 12.95 0.88
C LEU D 3923 -49.64 12.15 2.17
N LEU D 3924 -48.57 12.36 2.95
CA LEU D 3924 -48.45 11.78 4.28
C LEU D 3924 -49.61 12.18 5.18
N ARG D 3925 -49.95 13.47 5.19
CA ARG D 3925 -51.07 13.94 6.01
C ARG D 3925 -52.39 13.31 5.57
N LEU D 3926 -52.58 13.15 4.26
CA LEU D 3926 -53.78 12.49 3.75
C LEU D 3926 -53.77 11.02 4.12
N GLN D 3927 -52.58 10.41 4.15
CA GLN D 3927 -52.45 9.01 4.56
C GLN D 3927 -52.88 8.82 6.00
N GLU D 3928 -52.45 9.70 6.90
CA GLU D 3928 -52.87 9.58 8.29
C GLU D 3928 -54.37 9.74 8.43
N SER D 3929 -54.94 10.72 7.72
CA SER D 3929 -56.38 10.98 7.84
C SER D 3929 -57.22 9.83 7.27
N ILE D 3930 -56.77 9.24 6.16
CA ILE D 3930 -57.49 8.09 5.62
C ILE D 3930 -57.28 6.88 6.51
N SER D 3931 -56.14 6.78 7.21
CA SER D 3931 -55.94 5.63 8.09
C SER D 3931 -56.89 5.71 9.27
N ASP D 3932 -56.95 6.87 9.94
CA ASP D 3932 -57.83 6.94 11.10
C ASP D 3932 -59.30 6.93 10.71
N PHE D 3933 -59.61 7.19 9.43
CA PHE D 3933 -61.03 7.18 9.09
C PHE D 3933 -61.46 5.76 8.81
N TYR D 3934 -60.52 4.88 8.43
CA TYR D 3934 -60.77 3.45 8.50
C TYR D 3934 -60.93 3.00 9.94
N TRP D 3935 -59.98 3.38 10.79
CA TRP D 3935 -59.97 2.92 12.19
C TRP D 3935 -61.23 3.29 12.95
N TYR D 3936 -61.91 4.36 12.52
CA TYR D 3936 -63.24 4.65 13.04
C TYR D 3936 -64.25 3.56 12.66
N TYR D 3937 -64.20 3.07 11.42
CA TYR D 3937 -65.11 2.05 10.93
C TYR D 3937 -64.61 0.62 11.09
N SER D 3938 -63.39 0.42 11.60
CA SER D 3938 -62.86 -0.92 11.80
C SER D 3938 -63.69 -1.70 12.82
N GLY D 3939 -64.07 -1.06 13.91
CA GLY D 3939 -64.95 -1.72 14.87
C GLY D 3939 -66.34 -1.96 14.32
N LYS D 3940 -66.84 -1.02 13.50
CA LYS D 3940 -68.16 -1.15 12.91
C LYS D 3940 -68.14 -2.16 11.77
N ASP D 3941 -69.33 -2.49 11.27
CA ASP D 3941 -69.52 -3.51 10.25
C ASP D 3941 -69.82 -2.96 8.87
N VAL D 3942 -70.68 -1.96 8.75
CA VAL D 3942 -71.11 -1.46 7.45
C VAL D 3942 -70.84 0.04 7.40
N ILE D 3943 -70.66 0.56 6.20
CA ILE D 3943 -70.35 1.97 5.96
C ILE D 3943 -71.62 2.68 5.51
N GLU D 3944 -71.94 3.78 6.18
CA GLU D 3944 -73.19 4.50 5.87
C GLU D 3944 -73.02 5.36 4.62
N GLU D 3945 -74.07 6.13 4.33
CA GLU D 3945 -74.14 6.91 3.10
C GLU D 3945 -73.15 8.06 3.09
N GLN D 3946 -73.12 8.87 4.15
CA GLN D 3946 -72.19 9.99 4.16
C GLN D 3946 -70.76 9.51 4.30
N GLY D 3947 -70.58 8.34 4.95
CA GLY D 3947 -69.26 7.79 5.14
C GLY D 3947 -68.64 7.40 3.82
N LYS D 3948 -69.41 6.70 2.98
CA LYS D 3948 -68.84 6.25 1.71
C LYS D 3948 -68.62 7.43 0.77
N ARG D 3949 -69.44 8.47 0.89
CA ARG D 3949 -69.20 9.69 0.11
C ARG D 3949 -67.90 10.36 0.54
N ASN D 3950 -67.57 10.28 1.83
CA ASN D 3950 -66.32 10.87 2.30
C ASN D 3950 -65.13 10.05 1.84
N PHE D 3951 -65.31 8.72 1.74
CA PHE D 3951 -64.29 7.90 1.10
C PHE D 3951 -64.11 8.30 -0.35
N SER D 3952 -65.23 8.43 -1.09
CA SER D 3952 -65.16 8.59 -2.54
C SER D 3952 -64.42 9.87 -2.90
N LYS D 3953 -64.73 10.97 -2.20
CA LYS D 3953 -64.06 12.23 -2.52
C LYS D 3953 -62.62 12.27 -1.99
N ALA D 3954 -62.33 11.64 -0.84
CA ALA D 3954 -60.95 11.59 -0.36
C ALA D 3954 -60.08 10.73 -1.28
N MET D 3955 -60.61 9.61 -1.73
CA MET D 3955 -59.88 8.74 -2.65
C MET D 3955 -59.66 9.40 -4.00
N SER D 3956 -60.66 10.14 -4.51
CA SER D 3956 -60.46 10.85 -5.77
C SER D 3956 -59.34 11.87 -5.67
N VAL D 3957 -59.22 12.52 -4.49
CA VAL D 3957 -58.09 13.42 -4.27
C VAL D 3957 -56.77 12.65 -4.22
N ALA D 3958 -56.79 11.48 -3.56
CA ALA D 3958 -55.57 10.66 -3.47
C ALA D 3958 -55.12 10.17 -4.84
N LYS D 3959 -56.07 9.84 -5.71
CA LYS D 3959 -55.78 9.46 -7.08
C LYS D 3959 -55.10 10.60 -7.82
N GLN D 3960 -55.61 11.82 -7.66
CA GLN D 3960 -55.01 12.96 -8.34
C GLN D 3960 -53.58 13.19 -7.84
N VAL D 3961 -53.36 12.98 -6.54
CA VAL D 3961 -52.03 13.14 -5.95
C VAL D 3961 -51.06 12.12 -6.54
N PHE D 3962 -51.49 10.86 -6.64
CA PHE D 3962 -50.62 9.83 -7.19
C PHE D 3962 -50.30 10.06 -8.66
N ASN D 3963 -51.29 10.51 -9.44
CA ASN D 3963 -51.03 10.85 -10.85
C ASN D 3963 -50.03 11.98 -10.98
N SER D 3964 -50.14 13.00 -10.11
CA SER D 3964 -49.18 14.09 -10.12
C SER D 3964 -47.77 13.61 -9.74
N LEU D 3965 -47.69 12.71 -8.77
CA LEU D 3965 -46.39 12.14 -8.40
C LEU D 3965 -45.80 11.33 -9.55
N THR D 3966 -46.65 10.59 -10.27
CA THR D 3966 -46.18 9.81 -11.40
C THR D 3966 -45.58 10.71 -12.46
N GLU D 3967 -46.28 11.82 -12.76
CA GLU D 3967 -45.76 12.77 -13.75
C GLU D 3967 -44.49 13.47 -13.27
N TYR D 3968 -44.27 13.52 -11.95
CA TYR D 3968 -43.07 14.17 -11.44
C TYR D 3968 -41.83 13.37 -11.77
N ILE D 3969 -41.94 12.04 -11.81
CA ILE D 3969 -40.79 11.16 -11.92
C ILE D 3969 -40.68 10.48 -13.27
N GLN D 3970 -41.71 10.54 -14.11
CA GLN D 3970 -41.59 9.86 -15.39
C GLN D 3970 -40.61 10.60 -16.30
N GLY D 3971 -40.07 9.86 -17.27
CA GLY D 3971 -39.12 10.39 -18.20
C GLY D 3971 -37.83 9.59 -18.43
N PRO D 3972 -37.15 9.06 -17.38
CA PRO D 3972 -37.25 9.29 -15.92
C PRO D 3972 -36.50 10.53 -15.47
N CYS D 3973 -36.89 11.11 -14.35
CA CYS D 3973 -36.21 12.26 -13.77
C CYS D 3973 -35.38 11.76 -12.60
N THR D 3974 -34.05 11.74 -12.78
CA THR D 3974 -33.17 11.19 -11.75
C THR D 3974 -33.18 12.06 -10.49
N GLY D 3975 -33.32 13.38 -10.65
CA GLY D 3975 -33.34 14.28 -9.51
C GLY D 3975 -34.54 13.99 -8.62
N ASN D 3976 -35.71 13.83 -9.25
CA ASN D 3976 -36.91 13.54 -8.48
C ASN D 3976 -36.81 12.15 -7.87
N GLN D 3977 -36.21 11.19 -8.60
CA GLN D 3977 -36.14 9.83 -8.07
C GLN D 3977 -35.31 9.81 -6.79
N GLN D 3978 -34.19 10.55 -6.78
CA GLN D 3978 -33.41 10.67 -5.54
C GLN D 3978 -34.19 11.39 -4.45
N SER D 3979 -34.98 12.42 -4.83
CA SER D 3979 -35.74 13.15 -3.81
C SER D 3979 -36.80 12.26 -3.16
N LEU D 3980 -37.47 11.44 -3.97
CA LEU D 3980 -38.46 10.50 -3.43
C LEU D 3980 -37.77 9.49 -2.53
N ALA D 3981 -36.58 9.04 -2.93
CA ALA D 3981 -35.84 8.08 -2.11
C ALA D 3981 -35.49 8.70 -0.77
N HIS D 3982 -35.04 9.95 -0.78
CA HIS D 3982 -34.68 10.65 0.45
C HIS D 3982 -35.87 11.33 1.11
N SER D 3983 -37.09 10.92 0.79
CA SER D 3983 -38.27 11.49 1.40
C SER D 3983 -38.94 10.46 2.32
N ARG D 3984 -40.07 10.88 2.89
CA ARG D 3984 -40.91 10.04 3.73
C ARG D 3984 -42.03 9.35 2.96
N LEU D 3985 -41.81 9.09 1.67
CA LEU D 3985 -42.82 8.44 0.85
C LEU D 3985 -43.15 7.03 1.31
N TRP D 3986 -42.11 6.28 1.73
CA TRP D 3986 -42.25 4.89 2.14
C TRP D 3986 -43.24 4.70 3.29
N ASP D 3987 -43.23 5.62 4.26
CA ASP D 3987 -44.17 5.54 5.37
C ASP D 3987 -45.61 5.64 4.88
N ALA D 3988 -45.86 6.52 3.91
CA ALA D 3988 -47.18 6.60 3.30
C ALA D 3988 -47.50 5.34 2.50
N VAL D 3989 -46.49 4.75 1.87
CA VAL D 3989 -46.71 3.55 1.06
C VAL D 3989 -47.13 2.38 1.95
N VAL D 3990 -46.41 2.15 3.05
CA VAL D 3990 -46.73 1.03 3.93
C VAL D 3990 -48.07 1.26 4.61
N GLY D 3991 -48.35 2.51 5.01
CA GLY D 3991 -49.61 2.81 5.65
C GLY D 3991 -50.78 2.61 4.71
N PHE D 3992 -50.64 3.04 3.46
CA PHE D 3992 -51.68 2.79 2.46
C PHE D 3992 -51.89 1.32 2.23
N LEU D 3993 -50.81 0.53 2.17
CA LEU D 3993 -50.93 -0.91 1.96
C LEU D 3993 -51.72 -1.57 3.08
N HIS D 3994 -51.44 -1.14 4.32
CA HIS D 3994 -52.20 -1.60 5.48
C HIS D 3994 -53.66 -1.22 5.36
N VAL D 3995 -53.95 -0.01 4.90
CA VAL D 3995 -55.34 0.41 4.71
C VAL D 3995 -56.01 -0.45 3.63
N PHE D 3996 -55.31 -0.63 2.49
CA PHE D 3996 -55.87 -1.33 1.33
C PHE D 3996 -56.27 -2.75 1.65
N ALA D 3997 -55.47 -3.42 2.49
CA ALA D 3997 -55.75 -4.79 2.87
C ALA D 3997 -57.09 -4.88 3.58
N HIS D 3998 -57.30 -4.00 4.54
CA HIS D 3998 -58.46 -4.15 5.40
C HIS D 3998 -59.70 -3.56 4.73
N MET D 3999 -59.53 -2.55 3.86
CA MET D 3999 -60.65 -2.13 3.01
C MET D 3999 -61.11 -3.26 2.11
N MET D 4000 -60.19 -3.95 1.43
CA MET D 4000 -60.61 -4.99 0.49
C MET D 4000 -61.30 -6.13 1.21
N MET D 4001 -60.75 -6.55 2.36
CA MET D 4001 -61.36 -7.64 3.10
C MET D 4001 -62.71 -7.25 3.67
N LYS D 4002 -62.84 -6.05 4.23
CA LYS D 4002 -64.11 -5.66 4.84
C LYS D 4002 -65.17 -5.43 3.76
N LEU D 4003 -64.83 -4.68 2.72
CA LEU D 4003 -65.79 -4.30 1.70
C LEU D 4003 -66.17 -5.46 0.79
N ALA D 4004 -65.38 -6.54 0.76
CA ALA D 4004 -65.75 -7.66 -0.09
C ALA D 4004 -66.80 -8.57 0.55
N GLN D 4005 -67.12 -8.39 1.84
CA GLN D 4005 -68.12 -9.22 2.50
C GLN D 4005 -69.53 -9.01 1.98
N ASP D 4006 -69.79 -7.93 1.25
CA ASP D 4006 -71.14 -7.64 0.79
C ASP D 4006 -71.08 -7.00 -0.59
N SER D 4007 -72.24 -6.99 -1.24
CA SER D 4007 -72.41 -6.43 -2.56
C SER D 4007 -72.88 -4.98 -2.53
N SER D 4008 -72.98 -4.39 -1.35
CA SER D 4008 -73.41 -2.99 -1.22
C SER D 4008 -72.28 -2.00 -1.48
N GLN D 4009 -71.02 -2.44 -1.46
CA GLN D 4009 -69.89 -1.53 -1.68
C GLN D 4009 -69.06 -1.97 -2.87
N ILE D 4010 -69.74 -2.44 -3.93
CA ILE D 4010 -69.06 -2.85 -5.16
C ILE D 4010 -68.42 -1.64 -5.83
N GLU D 4011 -69.06 -0.47 -5.74
CA GLU D 4011 -68.48 0.75 -6.28
C GLU D 4011 -67.23 1.07 -5.48
N LEU D 4012 -67.39 1.33 -4.17
CA LEU D 4012 -66.28 1.78 -3.31
C LEU D 4012 -65.10 0.81 -3.34
N LEU D 4013 -65.36 -0.46 -3.70
CA LEU D 4013 -64.28 -1.38 -4.00
C LEU D 4013 -63.63 -1.07 -5.35
N LYS D 4014 -64.43 -0.76 -6.39
CA LYS D 4014 -63.76 -0.64 -7.70
C LYS D 4014 -63.01 0.70 -7.82
N GLU D 4015 -63.58 1.77 -7.25
CA GLU D 4015 -62.81 2.99 -7.05
C GLU D 4015 -61.68 2.81 -6.04
N LEU D 4016 -61.79 1.85 -5.11
CA LEU D 4016 -60.61 1.53 -4.32
C LEU D 4016 -59.52 0.93 -5.19
N LEU D 4017 -59.88 -0.08 -6.00
CA LEU D 4017 -58.92 -0.90 -6.76
C LEU D 4017 -58.12 -0.06 -7.74
N ASP D 4018 -58.78 0.88 -8.42
CA ASP D 4018 -58.01 1.71 -9.34
C ASP D 4018 -57.05 2.66 -8.63
N LEU D 4019 -57.25 2.91 -7.32
CA LEU D 4019 -56.37 3.86 -6.65
C LEU D 4019 -55.01 3.23 -6.42
N GLN D 4020 -54.98 1.99 -5.92
CA GLN D 4020 -53.66 1.36 -5.83
C GLN D 4020 -53.17 0.90 -7.19
N LYS D 4021 -54.05 0.78 -8.20
CA LYS D 4021 -53.52 0.60 -9.55
C LYS D 4021 -52.69 1.81 -9.98
N ASP D 4022 -53.18 3.03 -9.70
CA ASP D 4022 -52.36 4.22 -9.95
C ASP D 4022 -51.17 4.33 -9.01
N MET D 4023 -51.27 3.69 -7.83
CA MET D 4023 -50.16 3.71 -6.90
C MET D 4023 -49.04 2.82 -7.41
N VAL D 4024 -49.37 1.57 -7.77
CA VAL D 4024 -48.34 0.65 -8.22
C VAL D 4024 -47.73 1.15 -9.52
N VAL D 4025 -48.53 1.84 -10.37
CA VAL D 4025 -47.96 2.52 -11.54
C VAL D 4025 -46.89 3.53 -11.11
N MET D 4026 -47.16 4.29 -10.04
CA MET D 4026 -46.16 5.23 -9.52
C MET D 4026 -44.91 4.50 -9.02
N LEU D 4027 -45.11 3.39 -8.30
CA LEU D 4027 -43.95 2.60 -7.86
C LEU D 4027 -43.16 2.03 -9.02
N LEU D 4028 -43.84 1.57 -10.07
CA LEU D 4028 -43.12 1.11 -11.27
C LEU D 4028 -42.33 2.24 -11.89
N SER D 4029 -42.90 3.46 -11.89
CA SER D 4029 -42.19 4.62 -12.40
C SER D 4029 -40.96 4.95 -11.55
N LEU D 4030 -40.97 4.53 -10.28
CA LEU D 4030 -39.78 4.71 -9.46
C LEU D 4030 -38.62 3.78 -9.87
N LEU D 4031 -38.91 2.69 -10.58
CA LEU D 4031 -37.89 1.73 -11.00
C LEU D 4031 -37.26 2.07 -12.34
N GLU D 4032 -37.69 3.14 -13.00
CA GLU D 4032 -37.15 3.49 -14.30
C GLU D 4032 -35.69 3.92 -14.19
N GLY D 4033 -34.83 3.27 -14.98
CA GLY D 4033 -33.42 3.59 -15.00
C GLY D 4033 -32.68 3.35 -13.70
N ASN D 4034 -32.95 2.22 -13.06
CA ASN D 4034 -32.32 1.86 -11.80
C ASN D 4034 -31.18 0.87 -12.05
N VAL D 4035 -30.16 0.97 -11.23
CA VAL D 4035 -29.03 0.06 -11.29
C VAL D 4035 -29.31 -1.08 -10.31
N VAL D 4036 -28.68 -2.24 -10.56
CA VAL D 4036 -28.83 -3.35 -9.61
C VAL D 4036 -28.19 -2.94 -8.29
N ASN D 4037 -28.78 -3.44 -7.19
CA ASN D 4037 -28.45 -3.03 -5.82
C ASN D 4037 -28.60 -1.52 -5.64
N GLY D 4038 -29.53 -0.93 -6.40
CA GLY D 4038 -29.74 0.50 -6.35
C GLY D 4038 -30.34 0.93 -5.03
N MET D 4039 -30.08 2.19 -4.68
CA MET D 4039 -30.56 2.75 -3.42
C MET D 4039 -32.08 2.76 -3.35
N ILE D 4040 -32.74 3.16 -4.45
CA ILE D 4040 -34.20 3.18 -4.51
C ILE D 4040 -34.76 1.77 -4.38
N ALA D 4041 -34.15 0.82 -5.08
CA ALA D 4041 -34.61 -0.57 -5.02
C ALA D 4041 -34.45 -1.14 -3.62
N ARG D 4042 -33.31 -0.88 -2.99
CA ARG D 4042 -33.04 -1.39 -1.65
C ARG D 4042 -34.03 -0.82 -0.64
N GLN D 4043 -34.32 0.49 -0.74
CA GLN D 4043 -35.33 1.09 0.13
C GLN D 4043 -36.71 0.50 -0.10
N MET D 4044 -37.03 0.17 -1.37
CA MET D 4044 -38.30 -0.49 -1.65
C MET D 4044 -38.35 -1.87 -1.00
N VAL D 4045 -37.26 -2.63 -1.10
CA VAL D 4045 -37.16 -3.96 -0.47
C VAL D 4045 -37.36 -3.84 1.02
N ASP D 4046 -36.73 -2.83 1.65
CA ASP D 4046 -36.93 -2.59 3.07
C ASP D 4046 -38.38 -2.30 3.35
N MET D 4047 -39.03 -1.49 2.49
CA MET D 4047 -40.42 -1.10 2.74
C MET D 4047 -41.31 -2.34 2.70
N LEU D 4048 -41.00 -3.29 1.79
CA LEU D 4048 -41.73 -4.55 1.78
C LEU D 4048 -41.49 -5.36 3.04
N VAL D 4049 -40.33 -5.20 3.69
CA VAL D 4049 -40.04 -6.04 4.85
C VAL D 4049 -41.04 -5.75 5.97
N GLU D 4050 -41.21 -4.46 6.32
CA GLU D 4050 -42.21 -4.13 7.33
C GLU D 4050 -43.64 -4.29 6.81
N SER D 4051 -43.88 -4.08 5.51
CA SER D 4051 -45.23 -4.28 4.99
C SER D 4051 -45.47 -5.70 4.50
N SER D 4052 -44.68 -6.67 4.97
CA SER D 4052 -44.78 -8.05 4.49
C SER D 4052 -46.15 -8.66 4.78
N SER D 4053 -46.66 -8.48 6.00
CA SER D 4053 -47.98 -9.00 6.36
C SER D 4053 -49.09 -8.38 5.54
N ASN D 4054 -49.02 -7.06 5.33
CA ASN D 4054 -50.05 -6.36 4.57
C ASN D 4054 -50.05 -6.80 3.12
N VAL D 4055 -48.88 -6.83 2.47
CA VAL D 4055 -48.81 -7.22 1.07
C VAL D 4055 -49.15 -8.69 0.91
N GLU D 4056 -48.83 -9.51 1.92
CA GLU D 4056 -49.30 -10.89 1.92
C GLU D 4056 -50.82 -10.96 1.91
N MET D 4057 -51.48 -10.16 2.75
CA MET D 4057 -52.95 -10.13 2.75
C MET D 4057 -53.53 -9.64 1.42
N ILE D 4058 -52.81 -8.71 0.76
CA ILE D 4058 -53.16 -8.24 -0.58
C ILE D 4058 -53.14 -9.40 -1.57
N LEU D 4059 -51.99 -10.09 -1.61
CA LEU D 4059 -51.84 -11.17 -2.56
C LEU D 4059 -52.75 -12.33 -2.22
N LYS D 4060 -52.98 -12.60 -0.93
CA LYS D 4060 -53.90 -13.65 -0.52
C LYS D 4060 -55.32 -13.37 -0.98
N PHE D 4061 -55.67 -12.10 -1.23
CA PHE D 4061 -56.98 -11.85 -1.82
C PHE D 4061 -56.94 -12.00 -3.34
N PHE D 4062 -55.84 -11.55 -3.97
CA PHE D 4062 -55.76 -11.60 -5.43
C PHE D 4062 -55.63 -13.02 -5.95
N ASP D 4063 -54.70 -13.80 -5.37
CA ASP D 4063 -54.40 -15.13 -5.88
C ASP D 4063 -55.62 -16.02 -5.71
N MET D 4064 -56.28 -15.88 -4.55
CA MET D 4064 -57.51 -16.61 -4.29
C MET D 4064 -58.55 -16.30 -5.33
N PHE D 4065 -58.73 -15.00 -5.65
CA PHE D 4065 -59.81 -14.63 -6.55
C PHE D 4065 -59.52 -15.07 -7.98
N LEU D 4066 -58.25 -15.38 -8.28
CA LEU D 4066 -57.95 -15.98 -9.59
C LEU D 4066 -57.93 -17.51 -9.55
N LYS D 4067 -57.35 -18.11 -8.52
CA LYS D 4067 -57.28 -19.56 -8.39
C LYS D 4067 -58.66 -20.19 -8.26
N LEU D 4068 -59.56 -19.58 -7.48
CA LEU D 4068 -60.87 -20.20 -7.38
C LEU D 4068 -61.73 -19.96 -8.61
N LYS D 4069 -61.31 -19.04 -9.51
CA LYS D 4069 -62.01 -18.82 -10.77
C LYS D 4069 -61.93 -20.08 -11.63
N ASP D 4070 -60.84 -20.83 -11.52
CA ASP D 4070 -60.71 -22.10 -12.23
C ASP D 4070 -61.12 -23.28 -11.35
N ILE D 4071 -60.98 -23.14 -10.02
CA ILE D 4071 -61.33 -24.25 -9.12
C ILE D 4071 -62.83 -24.53 -9.18
N VAL D 4072 -63.65 -23.48 -9.36
CA VAL D 4072 -65.09 -23.69 -9.52
C VAL D 4072 -65.39 -24.51 -10.77
N GLY D 4073 -64.62 -24.30 -11.84
CA GLY D 4073 -64.71 -25.10 -13.04
C GLY D 4073 -64.04 -26.46 -12.97
N SER D 4074 -63.23 -26.70 -11.94
CA SER D 4074 -62.57 -28.00 -11.76
C SER D 4074 -63.62 -29.07 -11.45
N GLU D 4075 -63.30 -30.30 -11.84
CA GLU D 4075 -64.24 -31.41 -11.66
C GLU D 4075 -64.51 -31.76 -10.21
N ALA D 4076 -63.59 -31.43 -9.29
CA ALA D 4076 -63.81 -31.68 -7.87
C ALA D 4076 -65.01 -30.90 -7.36
N PHE D 4077 -65.02 -29.60 -7.67
CA PHE D 4077 -66.16 -28.77 -7.28
C PHE D 4077 -67.36 -29.03 -8.17
N GLN D 4078 -67.15 -29.32 -9.47
CA GLN D 4078 -68.29 -29.58 -10.35
C GLN D 4078 -69.06 -30.82 -9.91
N ASP D 4079 -68.35 -31.88 -9.52
CA ASP D 4079 -68.96 -33.07 -8.95
C ASP D 4079 -69.62 -32.79 -7.61
N TYR D 4080 -68.97 -31.97 -6.76
CA TYR D 4080 -69.61 -31.59 -5.50
C TYR D 4080 -70.87 -30.78 -5.72
N VAL D 4081 -70.86 -29.90 -6.73
CA VAL D 4081 -72.03 -29.11 -7.11
C VAL D 4081 -73.12 -30.03 -7.63
N THR D 4082 -74.30 -29.94 -7.03
CA THR D 4082 -75.42 -30.78 -7.43
C THR D 4082 -76.62 -29.98 -7.91
N ASP D 4083 -76.61 -28.66 -7.74
CA ASP D 4083 -77.73 -27.85 -8.18
C ASP D 4083 -77.63 -27.64 -9.70
N PRO D 4084 -78.64 -28.04 -10.48
CA PRO D 4084 -78.58 -27.80 -11.93
C PRO D 4084 -78.62 -26.34 -12.35
N ARG D 4085 -79.07 -25.46 -11.46
CA ARG D 4085 -79.16 -24.03 -11.72
C ARG D 4085 -77.82 -23.31 -11.73
N GLY D 4086 -76.73 -23.98 -11.37
CA GLY D 4086 -75.45 -23.30 -11.23
C GLY D 4086 -75.18 -22.75 -9.86
N LEU D 4087 -75.87 -23.24 -8.84
CA LEU D 4087 -75.78 -22.74 -7.48
C LEU D 4087 -75.13 -23.80 -6.59
N ILE D 4088 -74.86 -23.41 -5.35
CA ILE D 4088 -74.30 -24.34 -4.37
C ILE D 4088 -74.75 -23.90 -2.98
N SER D 4089 -74.98 -24.86 -2.12
CA SER D 4089 -75.29 -24.53 -0.75
C SER D 4089 -74.01 -24.15 0.00
N LYS D 4090 -74.18 -23.43 1.11
CA LYS D 4090 -73.06 -22.95 1.91
C LYS D 4090 -72.25 -24.11 2.46
N LYS D 4091 -72.94 -25.12 3.02
CA LYS D 4091 -72.26 -26.27 3.60
C LYS D 4091 -71.52 -27.07 2.54
N ASP D 4092 -72.12 -27.24 1.35
CA ASP D 4092 -71.46 -27.94 0.26
C ASP D 4092 -70.20 -27.22 -0.21
N PHE D 4093 -70.25 -25.89 -0.32
CA PHE D 4093 -69.04 -25.16 -0.69
C PHE D 4093 -68.03 -25.19 0.45
N GLN D 4094 -68.51 -25.21 1.69
CA GLN D 4094 -67.67 -25.38 2.87
C GLN D 4094 -66.92 -26.71 2.83
N LYS D 4095 -67.63 -27.79 2.52
CA LYS D 4095 -67.02 -29.12 2.45
C LYS D 4095 -66.35 -29.39 1.12
N ALA D 4096 -66.30 -28.40 0.22
CA ALA D 4096 -65.68 -28.60 -1.08
C ALA D 4096 -64.22 -28.16 -1.13
N MET D 4097 -63.86 -27.09 -0.42
CA MET D 4097 -62.51 -26.53 -0.55
C MET D 4097 -61.43 -27.38 0.11
N ASP D 4098 -61.79 -28.25 1.05
CA ASP D 4098 -60.79 -29.12 1.65
C ASP D 4098 -60.31 -30.23 0.72
N SER D 4099 -61.03 -30.49 -0.37
CA SER D 4099 -60.60 -31.48 -1.36
C SER D 4099 -59.33 -31.03 -2.05
N GLN D 4100 -59.23 -29.73 -2.36
CA GLN D 4100 -58.07 -29.18 -3.07
C GLN D 4100 -56.81 -29.17 -2.23
N LYS D 4101 -56.94 -29.29 -0.89
CA LYS D 4101 -55.81 -29.26 0.06
C LYS D 4101 -54.96 -28.01 -0.10
N GLN D 4102 -55.62 -26.85 -0.11
CA GLN D 4102 -54.95 -25.59 -0.39
C GLN D 4102 -55.24 -24.46 0.59
N PHE D 4103 -56.31 -24.53 1.37
CA PHE D 4103 -56.71 -23.41 2.21
C PHE D 4103 -56.70 -23.81 3.69
N THR D 4104 -56.35 -22.85 4.54
CA THR D 4104 -56.28 -23.05 5.97
C THR D 4104 -57.61 -22.60 6.57
N GLY D 4105 -57.89 -23.04 7.80
CA GLY D 4105 -59.17 -22.83 8.49
C GLY D 4105 -59.78 -21.44 8.53
N PRO D 4106 -59.08 -20.47 9.15
CA PRO D 4106 -59.57 -19.08 9.16
C PRO D 4106 -59.78 -18.51 7.77
N GLU D 4107 -58.91 -18.91 6.83
CA GLU D 4107 -59.11 -18.53 5.44
C GLU D 4107 -60.38 -19.16 4.87
N ILE D 4108 -60.63 -20.44 5.17
CA ILE D 4108 -61.81 -21.14 4.65
C ILE D 4108 -63.10 -20.46 5.11
N GLN D 4109 -63.16 -20.14 6.40
CA GLN D 4109 -64.30 -19.42 6.94
C GLN D 4109 -64.42 -18.03 6.33
N PHE D 4110 -63.26 -17.39 6.08
CA PHE D 4110 -63.27 -16.09 5.41
C PHE D 4110 -63.81 -16.21 3.99
N LEU D 4111 -63.45 -17.30 3.28
CA LEU D 4111 -63.87 -17.46 1.89
C LEU D 4111 -65.36 -17.65 1.83
N LEU D 4112 -65.90 -18.42 2.80
CA LEU D 4112 -67.32 -18.65 2.85
C LEU D 4112 -68.05 -17.34 3.11
N SER D 4113 -67.51 -16.52 4.03
CA SER D 4113 -68.14 -15.25 4.37
C SER D 4113 -68.11 -14.27 3.19
N CYS D 4114 -67.06 -14.35 2.35
CA CYS D 4114 -66.94 -13.49 1.18
C CYS D 4114 -68.06 -13.73 0.18
N SER D 4115 -68.46 -14.99 0.01
CA SER D 4115 -69.55 -15.34 -0.89
C SER D 4115 -70.86 -14.70 -0.44
N GLU D 4116 -71.65 -14.25 -1.42
CA GLU D 4116 -72.92 -13.57 -1.16
C GLU D 4116 -73.98 -14.60 -0.77
N ALA D 4117 -73.93 -14.99 0.50
CA ALA D 4117 -74.91 -15.92 1.02
C ALA D 4117 -76.29 -15.27 1.06
N ASP D 4118 -77.27 -15.91 0.44
CA ASP D 4118 -78.60 -15.35 0.35
C ASP D 4118 -79.41 -15.76 1.57
N GLU D 4119 -80.72 -15.48 1.55
CA GLU D 4119 -81.60 -15.88 2.63
C GLU D 4119 -81.80 -17.40 2.72
N ASN D 4120 -81.49 -18.12 1.64
CA ASN D 4120 -81.64 -19.58 1.61
C ASN D 4120 -80.37 -20.32 1.97
N GLU D 4121 -79.31 -19.60 2.38
CA GLU D 4121 -77.96 -20.15 2.63
C GLU D 4121 -77.41 -20.84 1.38
N MET D 4122 -77.76 -20.32 0.21
CA MET D 4122 -77.33 -20.83 -1.07
C MET D 4122 -76.37 -19.84 -1.70
N ILE D 4123 -75.24 -20.33 -2.19
CA ILE D 4123 -74.20 -19.47 -2.75
C ILE D 4123 -74.33 -19.52 -4.26
N ASN D 4124 -74.58 -18.36 -4.86
CA ASN D 4124 -74.58 -18.21 -6.32
C ASN D 4124 -73.14 -17.91 -6.73
N PHE D 4125 -72.33 -18.98 -6.74
CA PHE D 4125 -70.90 -18.86 -7.01
C PHE D 4125 -70.57 -18.55 -8.46
N GLU D 4126 -71.57 -18.56 -9.36
CA GLU D 4126 -71.33 -18.23 -10.76
C GLU D 4126 -70.83 -16.80 -10.94
N GLU D 4127 -71.45 -15.84 -10.25
CA GLU D 4127 -70.98 -14.45 -10.34
C GLU D 4127 -70.01 -14.08 -9.24
N PHE D 4128 -69.85 -14.95 -8.22
CA PHE D 4128 -68.85 -14.72 -7.18
C PHE D 4128 -67.46 -14.68 -7.78
N ALA D 4129 -67.19 -15.52 -8.77
CA ALA D 4129 -65.88 -15.56 -9.38
C ALA D 4129 -65.73 -14.54 -10.49
N ASN D 4130 -66.84 -14.08 -11.09
CA ASN D 4130 -66.79 -13.15 -12.21
C ASN D 4130 -67.01 -11.69 -11.79
N ARG D 4131 -67.13 -11.43 -10.49
CA ARG D 4131 -67.47 -10.09 -10.02
C ARG D 4131 -66.37 -9.07 -10.28
N PHE D 4132 -65.12 -9.44 -9.97
CA PHE D 4132 -63.99 -8.51 -9.99
C PHE D 4132 -62.86 -8.92 -10.94
N GLN D 4133 -63.09 -9.88 -11.85
CA GLN D 4133 -62.01 -10.46 -12.64
C GLN D 4133 -61.32 -9.43 -13.52
N GLU D 4134 -62.09 -8.55 -14.16
CA GLU D 4134 -61.49 -7.53 -15.01
C GLU D 4134 -60.65 -6.51 -14.23
N PRO D 4135 -61.14 -5.83 -13.18
CA PRO D 4135 -60.26 -4.85 -12.52
C PRO D 4135 -59.07 -5.44 -11.77
N ALA D 4136 -59.26 -6.56 -11.06
CA ALA D 4136 -58.23 -7.11 -10.20
C ALA D 4136 -57.04 -7.69 -10.96
N ARG D 4137 -57.24 -8.05 -12.24
CA ARG D 4137 -56.16 -8.62 -13.04
C ARG D 4137 -55.05 -7.60 -13.26
N ASP D 4138 -55.43 -6.34 -13.51
CA ASP D 4138 -54.47 -5.28 -13.80
C ASP D 4138 -53.55 -5.04 -12.61
N ILE D 4139 -54.11 -4.95 -11.40
CA ILE D 4139 -53.28 -4.76 -10.22
C ILE D 4139 -52.43 -5.99 -9.94
N GLY D 4140 -53.01 -7.19 -10.13
CA GLY D 4140 -52.24 -8.41 -9.91
C GLY D 4140 -51.04 -8.51 -10.84
N PHE D 4141 -51.24 -8.13 -12.10
CA PHE D 4141 -50.16 -8.11 -13.06
C PHE D 4141 -49.11 -7.07 -12.68
N ASN D 4142 -49.56 -5.88 -12.28
CA ASN D 4142 -48.63 -4.81 -11.98
C ASN D 4142 -47.75 -5.13 -10.78
N VAL D 4143 -48.34 -5.71 -9.72
CA VAL D 4143 -47.52 -6.11 -8.57
C VAL D 4143 -46.59 -7.26 -8.96
N ALA D 4144 -47.03 -8.14 -9.87
CA ALA D 4144 -46.16 -9.20 -10.37
C ALA D 4144 -44.96 -8.62 -11.12
N VAL D 4145 -45.19 -7.57 -11.92
CA VAL D 4145 -44.11 -6.87 -12.61
C VAL D 4145 -43.18 -6.22 -11.61
N LEU D 4146 -43.75 -5.60 -10.57
CA LEU D 4146 -42.95 -4.91 -9.56
C LEU D 4146 -42.04 -5.89 -8.83
N LEU D 4147 -42.61 -7.02 -8.39
CA LEU D 4147 -41.83 -8.04 -7.69
C LEU D 4147 -40.76 -8.63 -8.59
N THR D 4148 -41.09 -8.85 -9.87
CA THR D 4148 -40.08 -9.38 -10.80
C THR D 4148 -38.93 -8.39 -10.99
N ASN D 4149 -39.25 -7.11 -11.11
CA ASN D 4149 -38.23 -6.08 -11.29
C ASN D 4149 -37.32 -5.98 -10.07
N LEU D 4150 -37.92 -6.01 -8.87
CA LEU D 4150 -37.11 -5.97 -7.65
C LEU D 4150 -36.26 -7.21 -7.50
N SER D 4151 -36.82 -8.38 -7.82
CA SER D 4151 -36.08 -9.63 -7.69
C SER D 4151 -34.87 -9.66 -8.61
N GLU D 4152 -35.05 -9.21 -9.86
CA GLU D 4152 -33.95 -9.21 -10.80
C GLU D 4152 -32.91 -8.13 -10.47
N HIS D 4153 -33.35 -6.98 -9.96
CA HIS D 4153 -32.38 -5.93 -9.66
C HIS D 4153 -31.77 -6.02 -8.27
N VAL D 4154 -32.26 -6.90 -7.40
CA VAL D 4154 -31.63 -7.09 -6.10
C VAL D 4154 -31.39 -8.60 -5.96
N PRO D 4155 -30.30 -9.12 -6.53
CA PRO D 4155 -30.11 -10.57 -6.56
C PRO D 4155 -29.39 -11.17 -5.37
N HIS D 4156 -28.91 -10.38 -4.41
CA HIS D 4156 -28.15 -10.88 -3.27
C HIS D 4156 -28.73 -10.37 -1.96
N ASP D 4157 -30.06 -10.43 -1.84
CA ASP D 4157 -30.74 -10.08 -0.59
C ASP D 4157 -31.59 -11.28 -0.18
N PRO D 4158 -31.20 -12.00 0.88
CA PRO D 4158 -32.00 -13.16 1.34
C PRO D 4158 -33.42 -12.82 1.76
N ARG D 4159 -33.65 -11.62 2.32
CA ARG D 4159 -34.99 -11.24 2.78
C ARG D 4159 -35.97 -11.17 1.63
N LEU D 4160 -35.52 -10.66 0.48
CA LEU D 4160 -36.36 -10.55 -0.71
C LEU D 4160 -36.84 -11.92 -1.20
N ARG D 4161 -36.06 -12.98 -0.96
CA ARG D 4161 -36.42 -14.32 -1.40
C ARG D 4161 -37.74 -14.79 -0.82
N ASN D 4162 -37.97 -14.56 0.48
CA ASN D 4162 -39.15 -15.05 1.19
C ASN D 4162 -40.46 -14.63 0.53
N PHE D 4163 -40.47 -13.44 -0.06
CA PHE D 4163 -41.64 -12.97 -0.80
C PHE D 4163 -41.93 -13.86 -1.99
N LEU D 4164 -40.90 -14.42 -2.63
CA LEU D 4164 -41.13 -15.22 -3.82
C LEU D 4164 -41.94 -16.47 -3.47
N GLU D 4165 -41.50 -17.24 -2.46
CA GLU D 4165 -42.31 -18.40 -2.09
C GLU D 4165 -43.58 -18.02 -1.35
N LEU D 4166 -43.74 -16.77 -0.93
CA LEU D 4166 -45.02 -16.38 -0.36
C LEU D 4166 -45.93 -15.80 -1.42
N ALA D 4167 -45.43 -15.65 -2.64
CA ALA D 4167 -46.19 -15.04 -3.72
C ALA D 4167 -46.01 -15.80 -5.03
N GLU D 4168 -45.76 -17.12 -4.96
CA GLU D 4168 -45.58 -17.92 -6.17
C GLU D 4168 -46.86 -17.94 -7.01
N SER D 4169 -48.01 -18.05 -6.34
CA SER D 4169 -49.31 -18.23 -6.97
C SER D 4169 -49.60 -17.14 -8.01
N ILE D 4170 -49.22 -15.91 -7.70
CA ILE D 4170 -49.50 -14.81 -8.63
C ILE D 4170 -48.42 -14.72 -9.69
N LEU D 4171 -47.25 -15.33 -9.47
CA LEU D 4171 -46.16 -15.18 -10.44
C LEU D 4171 -46.33 -16.15 -11.60
N GLU D 4172 -46.46 -17.45 -11.32
CA GLU D 4172 -46.66 -18.42 -12.40
C GLU D 4172 -47.97 -18.24 -13.14
N TYR D 4173 -48.96 -17.56 -12.55
CA TYR D 4173 -50.15 -17.21 -13.30
C TYR D 4173 -49.83 -16.18 -14.38
N PHE D 4174 -48.99 -15.20 -14.07
CA PHE D 4174 -48.68 -14.14 -15.01
C PHE D 4174 -47.36 -14.36 -15.72
N ARG D 4175 -46.75 -15.52 -15.51
CA ARG D 4175 -45.50 -15.86 -16.19
C ARG D 4175 -45.63 -15.91 -17.71
N PRO D 4176 -46.66 -16.54 -18.33
CA PRO D 4176 -46.74 -16.47 -19.79
C PRO D 4176 -46.95 -15.06 -20.32
N TYR D 4177 -47.49 -14.16 -19.51
CA TYR D 4177 -47.96 -12.88 -20.02
C TYR D 4177 -46.94 -11.79 -19.78
N LEU D 4178 -45.76 -12.15 -19.29
CA LEU D 4178 -44.75 -11.20 -18.90
C LEU D 4178 -43.71 -11.08 -20.01
N GLY D 4179 -43.52 -9.89 -20.55
CA GLY D 4179 -42.55 -9.70 -21.59
C GLY D 4179 -41.42 -8.88 -20.99
N ARG D 4180 -40.20 -9.34 -21.21
CA ARG D 4180 -39.04 -8.62 -20.72
C ARG D 4180 -38.10 -8.43 -21.90
N ILE D 4181 -37.66 -7.19 -22.09
CA ILE D 4181 -36.69 -6.88 -23.12
C ILE D 4181 -35.60 -6.03 -22.52
N GLU D 4182 -34.47 -5.96 -23.21
CA GLU D 4182 -33.37 -5.10 -22.82
C GLU D 4182 -33.13 -4.10 -23.94
N ILE D 4183 -33.15 -2.82 -23.62
CA ILE D 4183 -32.92 -1.75 -24.57
C ILE D 4183 -31.76 -0.87 -24.11
N MET D 4184 -30.86 -0.55 -25.04
CA MET D 4184 -29.88 0.48 -24.74
C MET D 4184 -30.66 1.78 -24.52
N GLY D 4185 -30.24 2.58 -23.54
CA GLY D 4185 -31.12 3.68 -23.19
C GLY D 4185 -30.53 5.07 -23.16
N ALA D 4186 -31.35 6.04 -22.73
CA ALA D 4186 -30.95 7.45 -22.67
C ALA D 4186 -29.78 7.62 -21.72
N SER D 4187 -29.77 6.83 -20.64
CA SER D 4187 -28.72 6.85 -19.63
C SER D 4187 -27.38 6.41 -20.19
N ARG D 4188 -27.39 5.77 -21.37
CA ARG D 4188 -26.29 5.21 -22.17
C ARG D 4188 -25.92 3.83 -21.67
N ARG D 4189 -26.79 3.23 -20.87
CA ARG D 4189 -26.60 1.90 -20.32
C ARG D 4189 -27.88 1.11 -20.52
N ILE D 4190 -27.73 -0.20 -20.66
CA ILE D 4190 -28.83 -1.10 -20.96
C ILE D 4190 -29.83 -1.14 -19.81
N GLU D 4191 -31.13 -1.24 -20.15
CA GLU D 4191 -32.22 -1.20 -19.18
C GLU D 4191 -33.22 -2.28 -19.56
N ARG D 4192 -34.00 -2.73 -18.58
CA ARG D 4192 -34.97 -3.79 -18.77
C ARG D 4192 -36.40 -3.26 -18.74
N ILE D 4193 -37.17 -3.56 -19.78
CA ILE D 4193 -38.56 -3.11 -19.90
C ILE D 4193 -39.48 -4.32 -19.72
N TYR D 4194 -40.57 -4.13 -18.96
CA TYR D 4194 -41.53 -5.18 -18.63
C TYR D 4194 -42.90 -4.78 -19.16
N PHE D 4195 -43.33 -5.44 -20.22
CA PHE D 4195 -44.56 -5.17 -20.97
C PHE D 4195 -45.51 -6.37 -20.96
N GLU D 4196 -46.79 -6.13 -20.71
CA GLU D 4196 -47.77 -7.21 -20.78
C GLU D 4196 -47.91 -7.74 -22.21
N ILE D 4197 -48.07 -9.06 -22.34
CA ILE D 4197 -48.31 -9.69 -23.63
C ILE D 4197 -49.70 -10.29 -23.66
N SER D 4198 -50.50 -9.92 -24.65
CA SER D 4198 -51.87 -10.41 -24.74
C SER D 4198 -51.86 -11.88 -25.14
N GLU D 4199 -52.65 -12.69 -24.41
CA GLU D 4199 -52.79 -14.12 -24.70
C GLU D 4199 -53.14 -14.40 -26.17
N THR D 4200 -53.97 -13.55 -26.79
CA THR D 4200 -54.35 -13.77 -28.17
C THR D 4200 -53.15 -13.60 -29.10
N ASN D 4201 -52.34 -12.56 -28.86
CA ASN D 4201 -51.15 -12.33 -29.67
C ASN D 4201 -50.17 -13.47 -29.50
N ARG D 4202 -50.07 -14.01 -28.28
CA ARG D 4202 -49.21 -15.18 -28.08
C ARG D 4202 -49.71 -16.37 -28.88
N ALA D 4203 -51.03 -16.56 -28.94
CA ALA D 4203 -51.58 -17.66 -29.71
C ALA D 4203 -51.26 -17.50 -31.19
N GLN D 4204 -51.39 -16.26 -31.69
CA GLN D 4204 -51.09 -15.95 -33.09
C GLN D 4204 -49.63 -16.17 -33.38
N TRP D 4205 -48.78 -15.94 -32.37
CA TRP D 4205 -47.36 -16.18 -32.55
C TRP D 4205 -47.11 -17.66 -32.64
N GLU D 4206 -47.80 -18.44 -31.82
CA GLU D 4206 -47.56 -19.87 -31.77
C GLU D 4206 -48.11 -20.59 -33.00
N MET D 4207 -48.92 -19.92 -33.82
CA MET D 4207 -49.56 -20.60 -34.96
C MET D 4207 -48.50 -21.08 -35.97
N PRO D 4208 -48.76 -22.21 -36.65
CA PRO D 4208 -47.77 -22.80 -37.57
C PRO D 4208 -47.33 -21.97 -38.77
N GLN D 4209 -48.26 -21.21 -39.37
CA GLN D 4209 -47.90 -20.34 -40.49
C GLN D 4209 -46.96 -19.22 -40.03
N VAL D 4210 -47.26 -18.59 -38.89
CA VAL D 4210 -46.44 -17.48 -38.42
C VAL D 4210 -45.04 -18.01 -38.11
N LYS D 4211 -44.97 -19.22 -37.55
CA LYS D 4211 -43.69 -19.84 -37.22
C LYS D 4211 -42.87 -20.09 -38.47
N GLU D 4212 -43.52 -20.57 -39.54
CA GLU D 4212 -42.82 -20.80 -40.80
C GLU D 4212 -42.34 -19.49 -41.41
N SER D 4213 -43.15 -18.45 -41.31
CA SER D 4213 -42.74 -17.11 -41.75
C SER D 4213 -41.50 -16.65 -40.99
N LYS D 4214 -41.45 -16.94 -39.68
CA LYS D 4214 -40.28 -16.62 -38.87
C LYS D 4214 -39.05 -17.37 -39.36
N ARG D 4215 -39.18 -18.67 -39.64
CA ARG D 4215 -38.03 -19.45 -40.08
C ARG D 4215 -37.52 -18.97 -41.43
N GLN D 4216 -38.44 -18.57 -42.30
CA GLN D 4216 -38.07 -18.02 -43.60
C GLN D 4216 -37.29 -16.73 -43.43
N PHE D 4217 -37.77 -15.85 -42.53
CA PHE D 4217 -37.10 -14.59 -42.28
C PHE D 4217 -35.70 -14.81 -41.74
N ILE D 4218 -35.58 -15.70 -40.75
CA ILE D 4218 -34.30 -15.97 -40.09
C ILE D 4218 -33.29 -16.54 -41.08
N PHE D 4219 -33.76 -17.41 -41.97
CA PHE D 4219 -32.87 -17.97 -43.00
C PHE D 4219 -32.43 -16.89 -43.98
N ASP D 4220 -33.37 -16.04 -44.42
CA ASP D 4220 -33.05 -15.02 -45.41
C ASP D 4220 -32.07 -13.99 -44.87
N VAL D 4221 -32.30 -13.51 -43.65
CA VAL D 4221 -31.39 -12.56 -43.00
C VAL D 4221 -30.01 -13.18 -42.75
N VAL D 4222 -29.96 -14.43 -42.27
CA VAL D 4222 -28.66 -14.99 -41.91
C VAL D 4222 -27.86 -15.36 -43.15
N ASN D 4223 -28.51 -16.00 -44.13
CA ASN D 4223 -27.79 -16.41 -45.33
C ASN D 4223 -27.40 -15.27 -46.25
N GLU D 4224 -28.29 -14.32 -46.55
CA GLU D 4224 -27.89 -13.34 -47.56
C GLU D 4224 -27.90 -11.90 -47.06
N GLY D 4225 -27.87 -11.68 -45.75
CA GLY D 4225 -27.92 -10.35 -45.19
C GLY D 4225 -26.70 -10.08 -44.33
N GLY D 4226 -26.57 -8.82 -43.90
CA GLY D 4226 -25.48 -8.39 -43.05
C GLY D 4226 -26.03 -7.78 -41.78
N GLU D 4227 -25.11 -7.43 -40.88
CA GLU D 4227 -25.53 -6.87 -39.60
C GLU D 4227 -25.85 -5.39 -39.68
N ALA D 4228 -25.35 -4.71 -40.72
CA ALA D 4228 -25.56 -3.27 -40.88
C ALA D 4228 -27.03 -2.92 -41.01
N GLU D 4229 -27.80 -3.74 -41.72
CA GLU D 4229 -29.20 -3.46 -41.99
C GLU D 4229 -30.12 -4.43 -41.28
N LYS D 4230 -29.53 -5.36 -40.50
CA LYS D 4230 -30.25 -6.47 -39.89
C LYS D 4230 -31.39 -5.99 -39.00
N MET D 4231 -31.15 -4.92 -38.25
CA MET D 4231 -32.20 -4.38 -37.38
C MET D 4231 -33.34 -3.76 -38.18
N GLU D 4232 -33.03 -3.11 -39.30
CA GLU D 4232 -34.09 -2.56 -40.15
C GLU D 4232 -34.92 -3.67 -40.78
N LEU D 4233 -34.26 -4.74 -41.24
CA LEU D 4233 -34.97 -5.88 -41.79
C LEU D 4233 -35.82 -6.55 -40.71
N PHE D 4234 -35.26 -6.64 -39.49
CA PHE D 4234 -35.95 -7.29 -38.39
C PHE D 4234 -37.21 -6.51 -38.02
N VAL D 4235 -37.10 -5.17 -37.95
CA VAL D 4235 -38.25 -4.33 -37.61
C VAL D 4235 -39.31 -4.47 -38.69
N SER D 4236 -38.88 -4.51 -39.96
CA SER D 4236 -39.82 -4.64 -41.08
C SER D 4236 -40.59 -5.95 -40.97
N PHE D 4237 -39.87 -7.02 -40.61
CA PHE D 4237 -40.50 -8.32 -40.41
C PHE D 4237 -41.51 -8.26 -39.28
N CYS D 4238 -41.15 -7.61 -38.17
CA CYS D 4238 -42.06 -7.51 -37.03
C CYS D 4238 -43.33 -6.77 -37.43
N GLU D 4239 -43.18 -5.70 -38.23
CA GLU D 4239 -44.32 -4.88 -38.63
C GLU D 4239 -45.27 -5.69 -39.50
N ASP D 4240 -44.70 -6.49 -40.41
CA ASP D 4240 -45.50 -7.35 -41.28
C ASP D 4240 -46.23 -8.40 -40.46
N THR D 4241 -45.56 -8.93 -39.43
CA THR D 4241 -46.20 -9.87 -38.52
C THR D 4241 -47.34 -9.22 -37.75
N ILE D 4242 -47.15 -8.00 -37.26
CA ILE D 4242 -48.18 -7.31 -36.47
C ILE D 4242 -49.41 -7.07 -37.33
N PHE D 4243 -49.19 -6.71 -38.60
CA PHE D 4243 -50.31 -6.47 -39.50
C PHE D 4243 -51.04 -7.77 -39.79
N GLU D 4244 -50.28 -8.85 -40.03
CA GLU D 4244 -50.89 -10.14 -40.31
C GLU D 4244 -51.72 -10.62 -39.12
N MET D 4245 -51.20 -10.39 -37.90
CA MET D 4245 -51.92 -10.75 -36.69
C MET D 4245 -53.22 -9.97 -36.57
N GLN D 4246 -53.21 -8.70 -37.00
CA GLN D 4246 -54.43 -7.90 -37.00
C GLN D 4246 -55.45 -8.43 -37.99
N ILE D 4247 -54.97 -8.84 -39.18
CA ILE D 4247 -55.86 -9.42 -40.18
C ILE D 4247 -56.48 -10.71 -39.66
N ALA D 4248 -55.67 -11.56 -39.00
CA ALA D 4248 -56.15 -12.81 -38.43
C ALA D 4248 -57.19 -12.54 -37.36
N ALA D 4249 -56.97 -11.50 -36.55
CA ALA D 4249 -57.90 -11.16 -35.50
C ALA D 4249 -59.24 -10.72 -36.09
N GLN D 4250 -59.20 -9.90 -37.16
CA GLN D 4250 -60.46 -9.47 -37.78
C GLN D 4250 -61.21 -10.64 -38.41
N ILE D 4251 -60.49 -11.54 -39.09
CA ILE D 4251 -61.15 -12.65 -39.77
C ILE D 4251 -61.66 -13.70 -38.81
N SER D 4252 -61.13 -13.73 -37.57
CA SER D 4252 -61.52 -14.72 -36.57
C SER D 4252 -63.01 -14.65 -36.27
N GLU D 4253 -63.65 -15.82 -36.23
CA GLU D 4253 -65.09 -15.89 -36.07
C GLU D 4253 -65.44 -15.99 -34.59
N PRO D 4254 -66.26 -15.08 -34.06
CA PRO D 4254 -66.76 -15.16 -32.68
C PRO D 4254 -67.87 -16.19 -32.54
N PHE D 4540 -82.96 -4.67 -46.08
CA PHE D 4540 -82.28 -5.90 -46.46
C PHE D 4540 -80.78 -5.67 -46.60
N TRP D 4541 -80.42 -4.39 -46.82
CA TRP D 4541 -79.03 -4.03 -47.08
C TRP D 4541 -78.13 -4.40 -45.91
N GLY D 4542 -78.63 -4.25 -44.68
CA GLY D 4542 -77.88 -4.64 -43.51
C GLY D 4542 -77.58 -6.12 -43.48
N GLU D 4543 -78.61 -6.96 -43.71
CA GLU D 4543 -78.42 -8.40 -43.64
C GLU D 4543 -77.47 -8.83 -44.74
N LEU D 4544 -77.62 -8.22 -45.92
CA LEU D 4544 -76.80 -8.53 -47.07
C LEU D 4544 -75.33 -8.26 -46.77
N GLU D 4545 -75.07 -7.13 -46.08
CA GLU D 4545 -73.71 -6.78 -45.66
C GLU D 4545 -73.16 -7.77 -44.64
N VAL D 4546 -73.96 -8.15 -43.63
CA VAL D 4546 -73.45 -9.04 -42.59
C VAL D 4546 -73.15 -10.41 -43.18
N GLN D 4547 -74.03 -10.88 -44.08
CA GLN D 4547 -73.81 -12.15 -44.77
C GLN D 4547 -72.55 -12.08 -45.63
N ARG D 4548 -72.35 -10.95 -46.31
CA ARG D 4548 -71.16 -10.77 -47.16
C ARG D 4548 -69.88 -10.77 -46.35
N VAL D 4549 -69.84 -10.06 -45.21
CA VAL D 4549 -68.63 -10.05 -44.40
C VAL D 4549 -68.39 -11.43 -43.78
N LYS D 4550 -69.46 -12.11 -43.32
CA LYS D 4550 -69.31 -13.40 -42.66
C LYS D 4550 -68.79 -14.43 -43.65
N PHE D 4551 -69.27 -14.35 -44.88
CA PHE D 4551 -68.85 -15.25 -45.95
C PHE D 4551 -67.38 -15.02 -46.26
N LEU D 4552 -67.03 -13.75 -46.57
CA LEU D 4552 -65.66 -13.41 -46.91
C LEU D 4552 -64.68 -13.78 -45.81
N ASN D 4553 -65.11 -13.68 -44.54
CA ASN D 4553 -64.29 -14.11 -43.41
C ASN D 4553 -64.12 -15.62 -43.40
N TYR D 4554 -65.18 -16.36 -43.73
CA TYR D 4554 -65.07 -17.82 -43.83
C TYR D 4554 -64.07 -18.19 -44.93
N LEU D 4555 -64.17 -17.51 -46.08
CA LEU D 4555 -63.28 -17.80 -47.21
C LEU D 4555 -61.84 -17.54 -46.83
N SER D 4556 -61.59 -16.44 -46.12
CA SER D 4556 -60.24 -16.07 -45.73
C SER D 4556 -59.69 -17.07 -44.74
N ARG D 4557 -60.53 -17.53 -43.79
CA ARG D 4557 -60.08 -18.52 -42.82
C ARG D 4557 -59.75 -19.85 -43.48
N ASN D 4558 -60.51 -20.21 -44.52
CA ASN D 4558 -60.40 -21.54 -45.12
C ASN D 4558 -59.66 -21.55 -46.45
N PHE D 4559 -58.91 -20.48 -46.77
CA PHE D 4559 -58.22 -20.37 -48.05
C PHE D 4559 -57.24 -21.52 -48.30
N TYR D 4560 -56.45 -21.90 -47.29
CA TYR D 4560 -55.44 -22.94 -47.47
C TYR D 4560 -56.08 -24.30 -47.74
N THR D 4561 -57.21 -24.54 -47.10
CA THR D 4561 -57.98 -25.76 -47.30
C THR D 4561 -58.60 -25.78 -48.68
N LEU D 4562 -59.08 -24.61 -49.15
CA LEU D 4562 -59.59 -24.55 -50.51
C LEU D 4562 -58.51 -24.83 -51.55
N ARG D 4563 -57.27 -24.39 -51.29
CA ARG D 4563 -56.17 -24.67 -52.22
C ARG D 4563 -55.83 -26.15 -52.22
N PHE D 4564 -55.92 -26.79 -51.05
CA PHE D 4564 -55.71 -28.23 -51.00
C PHE D 4564 -56.86 -28.97 -51.67
N LEU D 4565 -58.08 -28.43 -51.54
CA LEU D 4565 -59.25 -29.03 -52.17
C LEU D 4565 -59.12 -28.96 -53.67
N ALA D 4566 -58.56 -27.86 -54.18
CA ALA D 4566 -58.40 -27.68 -55.62
C ALA D 4566 -57.35 -28.63 -56.15
N LEU D 4567 -56.28 -28.86 -55.38
CA LEU D 4567 -55.31 -29.88 -55.78
C LEU D 4567 -55.92 -31.28 -55.79
N PHE D 4568 -56.78 -31.57 -54.80
CA PHE D 4568 -57.50 -32.84 -54.79
C PHE D 4568 -58.41 -32.96 -56.02
N LEU D 4569 -59.05 -31.85 -56.40
CA LEU D 4569 -59.98 -31.85 -57.51
C LEU D 4569 -59.25 -32.07 -58.81
N ALA D 4570 -58.03 -31.52 -58.93
CA ALA D 4570 -57.23 -31.72 -60.12
C ALA D 4570 -56.80 -33.18 -60.21
N PHE D 4571 -56.40 -33.77 -59.09
CA PHE D 4571 -56.03 -35.18 -59.08
C PHE D 4571 -57.22 -36.06 -59.44
N ALA D 4572 -58.42 -35.68 -59.00
CA ALA D 4572 -59.63 -36.41 -59.35
C ALA D 4572 -59.95 -36.32 -60.83
N ILE D 4573 -59.87 -35.12 -61.41
CA ILE D 4573 -60.22 -34.96 -62.82
C ILE D 4573 -59.20 -35.69 -63.68
N ASN D 4574 -57.92 -35.56 -63.33
CA ASN D 4574 -56.86 -36.24 -64.05
C ASN D 4574 -57.00 -37.75 -63.91
N PHE D 4575 -57.56 -38.24 -62.80
CA PHE D 4575 -57.86 -39.66 -62.66
C PHE D 4575 -59.03 -40.05 -63.54
N ILE D 4576 -59.92 -39.09 -63.83
CA ILE D 4576 -61.12 -39.39 -64.62
C ILE D 4576 -60.82 -39.12 -66.10
N LEU D 4577 -59.58 -38.77 -66.41
CA LEU D 4577 -59.16 -38.38 -67.74
C LEU D 4577 -58.30 -39.46 -68.37
N LEU D 4578 -58.06 -40.53 -67.63
CA LEU D 4578 -57.26 -41.66 -68.01
C LEU D 4578 -58.10 -42.78 -68.59
N PHE D 4579 -59.40 -42.55 -68.75
CA PHE D 4579 -60.32 -43.47 -69.41
C PHE D 4579 -60.81 -42.94 -70.75
N TYR D 4580 -60.09 -41.98 -71.30
CA TYR D 4580 -60.45 -41.40 -72.59
C TYR D 4580 -60.04 -42.32 -73.74
N LYS D 4581 -60.54 -41.97 -74.92
CA LYS D 4581 -60.44 -42.74 -76.16
C LYS D 4581 -60.61 -41.78 -77.32
N VAL D 4582 -60.47 -42.35 -78.52
CA VAL D 4582 -60.68 -41.63 -79.76
C VAL D 4582 -61.42 -42.59 -80.67
N SER D 4583 -62.34 -42.07 -81.45
CA SER D 4583 -63.05 -42.92 -82.40
C SER D 4583 -63.30 -42.13 -83.68
N ASP D 4584 -62.98 -42.74 -84.82
CA ASP D 4584 -63.33 -42.13 -86.09
C ASP D 4584 -64.84 -42.08 -86.29
N SER D 4585 -65.53 -43.15 -85.92
CA SER D 4585 -66.97 -43.20 -85.89
C SER D 4585 -67.48 -42.55 -84.61
N PRO D 4586 -68.74 -42.10 -84.56
CA PRO D 4586 -69.21 -41.42 -83.35
C PRO D 4586 -69.59 -42.44 -82.30
N PRO D 4587 -69.73 -42.03 -81.03
CA PRO D 4587 -70.24 -42.96 -80.02
C PRO D 4587 -71.75 -42.91 -79.88
N ASN D 4626 -62.92 -37.49 -91.99
CA ASN D 4626 -62.14 -38.32 -91.08
C ASN D 4626 -62.16 -37.75 -89.67
N MET D 4627 -63.26 -37.10 -89.33
CA MET D 4627 -63.43 -36.44 -88.04
C MET D 4627 -63.36 -37.44 -86.89
N VAL D 4628 -62.56 -37.12 -85.88
CA VAL D 4628 -62.33 -38.02 -84.76
C VAL D 4628 -63.21 -37.58 -83.61
N TYR D 4629 -63.89 -38.54 -82.99
CA TYR D 4629 -64.72 -38.27 -81.82
C TYR D 4629 -63.97 -38.68 -80.57
N TYR D 4630 -63.88 -37.77 -79.60
CA TYR D 4630 -63.28 -38.08 -78.32
C TYR D 4630 -64.42 -38.38 -77.36
N PHE D 4631 -64.41 -39.57 -76.78
CA PHE D 4631 -65.45 -39.96 -75.84
C PHE D 4631 -64.82 -40.64 -74.64
N LEU D 4632 -65.20 -40.23 -73.44
CA LEU D 4632 -64.75 -40.99 -72.27
C LEU D 4632 -65.36 -42.39 -72.36
N GLU D 4633 -64.58 -43.40 -72.00
CA GLU D 4633 -65.12 -44.76 -71.96
C GLU D 4633 -64.97 -45.36 -70.58
N GLU D 4634 -66.08 -45.52 -69.86
CA GLU D 4634 -66.06 -46.19 -68.59
C GLU D 4634 -67.23 -47.16 -68.54
N SER D 4635 -67.00 -48.34 -67.96
CA SER D 4635 -67.98 -49.41 -67.82
C SER D 4635 -69.26 -48.89 -67.17
N THR D 4636 -69.14 -48.50 -65.89
CA THR D 4636 -70.30 -48.11 -65.07
C THR D 4636 -71.04 -46.91 -65.63
N GLY D 4637 -70.31 -45.90 -66.11
CA GLY D 4637 -70.94 -44.66 -66.54
C GLY D 4637 -71.16 -43.69 -65.40
N TYR D 4638 -70.61 -43.99 -64.23
CA TYR D 4638 -70.60 -43.07 -63.08
C TYR D 4638 -69.72 -41.85 -63.33
N MET D 4639 -68.59 -42.07 -64.02
CA MET D 4639 -67.56 -41.04 -64.16
C MET D 4639 -67.99 -39.82 -64.96
N GLU D 4640 -68.75 -39.97 -66.05
CA GLU D 4640 -69.13 -38.76 -66.79
C GLU D 4640 -70.03 -37.77 -66.00
N PRO D 4641 -71.10 -38.20 -65.29
CA PRO D 4641 -71.80 -37.25 -64.41
C PRO D 4641 -70.89 -36.64 -63.36
N ALA D 4642 -70.04 -37.51 -62.80
CA ALA D 4642 -69.03 -37.07 -61.85
C ALA D 4642 -68.04 -36.11 -62.50
N LEU D 4643 -67.63 -36.38 -63.75
CA LEU D 4643 -66.67 -35.49 -64.39
C LEU D 4643 -67.26 -34.11 -64.58
N TRP D 4644 -68.54 -34.05 -64.97
CA TRP D 4644 -69.20 -32.79 -65.19
C TRP D 4644 -69.31 -32.00 -63.89
N CYS D 4645 -69.75 -32.68 -62.81
CA CYS D 4645 -69.93 -31.99 -61.54
C CYS D 4645 -68.58 -31.57 -60.95
N LEU D 4646 -67.57 -32.45 -61.05
CA LEU D 4646 -66.24 -32.15 -60.53
C LEU D 4646 -65.60 -30.98 -61.24
N SER D 4647 -65.84 -30.84 -62.55
CA SER D 4647 -65.35 -29.66 -63.26
C SER D 4647 -66.07 -28.40 -62.82
N LEU D 4648 -67.38 -28.48 -62.61
CA LEU D 4648 -68.11 -27.32 -62.09
C LEU D 4648 -67.60 -26.94 -60.69
N LEU D 4649 -67.41 -27.96 -59.84
CA LEU D 4649 -66.95 -27.74 -58.48
C LEU D 4649 -65.54 -27.15 -58.48
N HIS D 4650 -64.70 -27.62 -59.40
CA HIS D 4650 -63.33 -27.13 -59.49
C HIS D 4650 -63.31 -25.66 -59.85
N THR D 4651 -64.12 -25.29 -60.85
CA THR D 4651 -64.18 -23.90 -61.28
C THR D 4651 -64.66 -23.01 -60.15
N LEU D 4652 -65.68 -23.47 -59.42
CA LEU D 4652 -66.20 -22.72 -58.27
C LEU D 4652 -65.14 -22.52 -57.18
N VAL D 4653 -64.44 -23.60 -56.80
CA VAL D 4653 -63.33 -23.51 -55.84
C VAL D 4653 -62.21 -22.62 -56.36
N ALA D 4654 -62.01 -22.59 -57.68
CA ALA D 4654 -61.01 -21.71 -58.28
C ALA D 4654 -61.42 -20.25 -58.17
N PHE D 4655 -62.71 -19.98 -58.15
CA PHE D 4655 -63.14 -18.59 -57.96
C PHE D 4655 -63.01 -18.22 -56.49
N LEU D 4656 -63.56 -19.08 -55.61
CA LEU D 4656 -63.44 -18.93 -54.16
C LEU D 4656 -61.99 -18.76 -53.68
N CYS D 4657 -61.01 -19.23 -54.45
CA CYS D 4657 -59.63 -19.15 -53.99
C CYS D 4657 -59.08 -17.77 -54.29
N ILE D 4658 -59.46 -17.21 -55.43
CA ILE D 4658 -59.06 -15.85 -55.81
C ILE D 4658 -59.67 -14.86 -54.83
N ILE D 4659 -60.93 -15.09 -54.45
CA ILE D 4659 -61.58 -14.20 -53.50
C ILE D 4659 -60.93 -14.32 -52.11
N GLY D 4660 -60.70 -15.56 -51.65
CA GLY D 4660 -60.02 -15.76 -50.39
C GLY D 4660 -58.62 -15.16 -50.36
N TYR D 4661 -57.94 -15.17 -51.52
CA TYR D 4661 -56.65 -14.50 -51.64
C TYR D 4661 -56.80 -13.01 -51.48
N ASN D 4662 -57.77 -12.41 -52.17
CA ASN D 4662 -57.91 -10.96 -52.14
C ASN D 4662 -58.21 -10.48 -50.73
N CYS D 4663 -59.09 -11.20 -50.04
CA CYS D 4663 -59.43 -10.89 -48.65
C CYS D 4663 -58.28 -11.14 -47.67
N LEU D 4664 -57.47 -12.17 -47.88
CA LEU D 4664 -56.45 -12.51 -46.88
C LEU D 4664 -55.02 -12.05 -47.16
N LYS D 4665 -54.54 -12.06 -48.40
CA LYS D 4665 -53.13 -11.81 -48.63
C LYS D 4665 -52.83 -10.52 -49.38
N VAL D 4666 -53.81 -9.91 -50.02
CA VAL D 4666 -53.62 -8.62 -50.67
C VAL D 4666 -53.42 -7.46 -49.68
N PRO D 4667 -54.08 -7.41 -48.49
CA PRO D 4667 -53.78 -6.30 -47.56
C PRO D 4667 -52.32 -6.21 -47.15
N LEU D 4668 -51.64 -7.35 -46.97
CA LEU D 4668 -50.23 -7.29 -46.59
C LEU D 4668 -49.36 -6.76 -47.73
N VAL D 4669 -49.77 -6.98 -48.98
CA VAL D 4669 -49.05 -6.39 -50.11
C VAL D 4669 -49.25 -4.88 -50.11
N ILE D 4670 -50.48 -4.44 -49.84
CA ILE D 4670 -50.80 -3.01 -49.85
C ILE D 4670 -50.06 -2.33 -48.71
N PHE D 4671 -50.04 -2.98 -47.55
CA PHE D 4671 -49.35 -2.46 -46.37
C PHE D 4671 -47.87 -2.33 -46.63
N LYS D 4672 -47.26 -3.36 -47.23
CA LYS D 4672 -45.82 -3.34 -47.50
C LYS D 4672 -45.47 -2.24 -48.49
N ARG D 4673 -46.34 -2.03 -49.49
CA ARG D 4673 -46.09 -1.00 -50.49
C ARG D 4673 -46.25 0.38 -49.89
N GLU D 4674 -47.28 0.58 -49.06
CA GLU D 4674 -47.48 1.86 -48.40
C GLU D 4674 -46.34 2.14 -47.43
N LYS D 4675 -45.86 1.11 -46.75
CA LYS D 4675 -44.76 1.27 -45.80
C LYS D 4675 -43.52 1.74 -46.53
N GLU D 4676 -43.22 1.10 -47.66
CA GLU D 4676 -42.01 1.41 -48.41
C GLU D 4676 -42.10 2.82 -48.97
N LEU D 4677 -43.27 3.17 -49.51
CA LEU D 4677 -43.47 4.48 -50.11
C LEU D 4677 -43.37 5.56 -49.06
N ALA D 4678 -43.99 5.35 -47.89
CA ALA D 4678 -43.99 6.34 -46.84
C ALA D 4678 -42.56 6.58 -46.32
N ARG D 4679 -41.78 5.50 -46.21
CA ARG D 4679 -40.40 5.65 -45.75
C ARG D 4679 -39.52 6.38 -46.75
N LYS D 4680 -39.63 6.03 -48.04
CA LYS D 4680 -38.83 6.74 -49.04
C LYS D 4680 -39.28 8.20 -49.19
N LEU D 4681 -40.59 8.45 -49.12
CA LEU D 4681 -41.11 9.82 -49.17
C LEU D 4681 -40.64 10.66 -47.99
N GLU D 4682 -40.71 10.12 -46.78
CA GLU D 4682 -40.45 10.93 -45.60
C GLU D 4682 -39.01 10.83 -45.12
N PHE D 4683 -38.21 9.97 -45.72
CA PHE D 4683 -36.83 9.83 -45.30
C PHE D 4683 -35.83 9.95 -46.42
N ASP D 4684 -36.26 9.93 -47.68
CA ASP D 4684 -35.36 10.11 -48.82
C ASP D 4684 -35.86 11.16 -49.80
N GLY D 4685 -37.05 11.74 -49.60
CA GLY D 4685 -37.65 12.65 -50.57
C GLY D 4685 -37.72 12.11 -51.98
N LEU D 4686 -38.39 10.96 -52.18
CA LEU D 4686 -38.38 10.30 -53.48
C LEU D 4686 -39.03 11.13 -54.57
N TYR D 4687 -40.10 11.86 -54.24
CA TYR D 4687 -40.74 12.70 -55.24
C TYR D 4687 -40.60 14.18 -54.94
N ILE D 4688 -39.82 14.53 -53.92
CA ILE D 4688 -39.69 15.93 -53.51
C ILE D 4688 -38.30 16.47 -53.77
N THR D 4689 -37.29 15.60 -53.89
CA THR D 4689 -35.93 16.02 -54.21
C THR D 4689 -35.32 15.22 -55.34
N GLU D 4690 -35.11 13.92 -55.11
CA GLU D 4690 -34.41 13.07 -56.07
C GLU D 4690 -35.17 12.92 -57.38
N GLN D 4691 -36.51 12.71 -57.32
CA GLN D 4691 -37.47 12.47 -58.40
C GLN D 4691 -37.37 10.99 -58.82
N PRO D 4692 -38.43 10.37 -59.37
CA PRO D 4692 -38.34 8.94 -59.69
C PRO D 4692 -37.42 8.70 -60.87
N GLY D 4693 -36.93 7.45 -60.96
CA GLY D 4693 -35.92 7.09 -61.94
C GLY D 4693 -36.31 7.31 -63.39
N ASP D 4694 -37.60 7.05 -63.72
CA ASP D 4694 -38.29 7.09 -65.02
C ASP D 4694 -38.21 5.70 -65.65
N ASP D 4695 -37.36 4.85 -65.09
CA ASP D 4695 -37.31 3.44 -65.46
C ASP D 4695 -37.78 2.56 -64.32
N ASP D 4696 -38.25 3.16 -63.23
CA ASP D 4696 -38.75 2.42 -62.07
C ASP D 4696 -40.27 2.38 -62.21
N VAL D 4697 -40.78 1.22 -62.62
CA VAL D 4697 -42.20 1.05 -62.87
C VAL D 4697 -42.97 1.23 -61.58
N LYS D 4698 -42.41 0.71 -60.48
CA LYS D 4698 -43.09 0.75 -59.19
C LYS D 4698 -43.23 2.19 -58.72
N GLY D 4699 -42.15 2.98 -58.87
CA GLY D 4699 -42.18 4.39 -58.51
C GLY D 4699 -43.17 5.18 -59.35
N GLN D 4700 -43.20 4.89 -60.66
CA GLN D 4700 -44.07 5.66 -61.55
C GLN D 4700 -45.52 5.32 -61.26
N TRP D 4701 -45.81 4.06 -60.98
CA TRP D 4701 -47.19 3.71 -60.69
C TRP D 4701 -47.57 4.33 -59.36
N ASP D 4702 -46.61 4.34 -58.41
CA ASP D 4702 -46.84 4.87 -57.08
C ASP D 4702 -47.09 6.38 -57.11
N ARG D 4703 -46.73 7.04 -58.22
CA ARG D 4703 -46.93 8.48 -58.34
C ARG D 4703 -48.40 8.88 -58.36
N LEU D 4704 -49.30 7.92 -58.57
CA LEU D 4704 -50.73 8.17 -58.70
C LEU D 4704 -51.45 8.16 -57.37
N VAL D 4705 -50.80 7.73 -56.29
CA VAL D 4705 -51.49 7.55 -55.03
C VAL D 4705 -51.21 8.70 -54.06
N LEU D 4706 -50.17 9.50 -54.33
CA LEU D 4706 -49.76 10.57 -53.40
C LEU D 4706 -50.87 11.61 -53.24
N ASN D 4707 -51.45 12.03 -54.35
CA ASN D 4707 -52.47 13.08 -54.35
C ASN D 4707 -53.75 12.65 -53.65
N THR D 4708 -54.09 11.35 -53.72
CA THR D 4708 -55.37 10.83 -53.23
C THR D 4708 -55.59 11.13 -51.75
N PRO D 4709 -56.84 11.36 -51.35
CA PRO D 4709 -57.14 11.61 -49.92
C PRO D 4709 -56.89 10.43 -49.00
N SER D 4710 -56.63 9.23 -49.50
CA SER D 4710 -56.45 8.06 -48.65
C SER D 4710 -55.15 7.35 -49.02
N PHE D 4711 -54.03 8.04 -48.80
CA PHE D 4711 -52.74 7.46 -49.19
C PHE D 4711 -52.41 6.26 -48.28
N PRO D 4712 -52.66 6.29 -46.94
CA PRO D 4712 -52.49 5.05 -46.19
C PRO D 4712 -53.78 4.52 -45.62
N SER D 4713 -54.33 3.49 -46.26
CA SER D 4713 -55.54 2.88 -45.71
C SER D 4713 -55.24 1.65 -44.90
N ASN D 4714 -54.08 1.03 -45.07
CA ASN D 4714 -53.71 -0.12 -44.27
C ASN D 4714 -52.58 0.19 -43.33
N TYR D 4715 -51.58 0.94 -43.81
CA TYR D 4715 -50.43 1.30 -42.99
C TYR D 4715 -50.88 2.18 -41.84
N TRP D 4716 -50.25 2.01 -40.68
CA TRP D 4716 -50.73 2.70 -39.49
C TRP D 4716 -50.03 4.03 -39.24
N ASP D 4717 -49.11 4.46 -40.10
CA ASP D 4717 -48.52 5.78 -39.89
C ASP D 4717 -49.49 6.76 -40.55
N LYS D 4718 -50.42 7.22 -39.73
CA LYS D 4718 -51.46 8.14 -40.14
C LYS D 4718 -50.94 9.53 -40.48
N PHE D 4719 -49.83 9.94 -39.88
CA PHE D 4719 -49.33 11.31 -39.99
C PHE D 4719 -48.19 11.44 -40.98
N VAL D 4720 -48.15 10.55 -41.99
CA VAL D 4720 -47.03 10.55 -42.93
C VAL D 4720 -46.97 11.85 -43.72
N LYS D 4721 -48.14 12.33 -44.17
CA LYS D 4721 -48.21 13.54 -44.98
C LYS D 4721 -47.75 14.73 -44.18
N ARG D 4722 -48.23 14.84 -42.93
CA ARG D 4722 -47.89 15.97 -42.09
C ARG D 4722 -46.40 15.96 -41.78
N LYS D 4723 -45.85 14.77 -41.49
CA LYS D 4723 -44.45 14.67 -41.11
C LYS D 4723 -43.53 15.00 -42.28
N VAL D 4724 -43.89 14.55 -43.49
CA VAL D 4724 -43.07 14.87 -44.65
C VAL D 4724 -43.21 16.35 -44.98
N LEU D 4725 -44.37 16.95 -44.67
CA LEU D 4725 -44.54 18.38 -44.84
C LEU D 4725 -43.62 19.16 -43.91
N ASP D 4726 -43.52 18.73 -42.65
CA ASP D 4726 -42.58 19.38 -41.73
C ASP D 4726 -41.14 19.19 -42.18
N LYS D 4727 -40.79 17.97 -42.60
CA LYS D 4727 -39.41 17.64 -42.95
C LYS D 4727 -38.92 18.37 -44.21
N HIS D 4728 -39.76 18.47 -45.24
CA HIS D 4728 -39.34 19.00 -46.53
C HIS D 4728 -40.08 20.25 -46.96
N GLY D 4729 -40.96 20.77 -46.11
CA GLY D 4729 -41.73 21.95 -46.46
C GLY D 4729 -40.91 23.22 -46.60
N ASP D 4730 -39.95 23.44 -45.70
CA ASP D 4730 -39.19 24.69 -45.72
C ASP D 4730 -38.32 24.82 -46.98
N ILE D 4731 -37.55 23.79 -47.31
CA ILE D 4731 -36.64 23.90 -48.44
C ILE D 4731 -37.40 23.89 -49.77
N PHE D 4732 -38.40 23.03 -49.91
CA PHE D 4732 -39.09 22.83 -51.18
C PHE D 4732 -40.41 23.57 -51.27
N GLY D 4733 -40.76 24.39 -50.30
CA GLY D 4733 -41.98 25.16 -50.38
C GLY D 4733 -43.14 24.37 -49.78
N ARG D 4734 -44.20 25.08 -49.42
CA ARG D 4734 -45.29 24.41 -48.75
C ARG D 4734 -46.45 24.09 -49.67
N GLU D 4735 -46.84 25.06 -50.51
CA GLU D 4735 -47.99 24.87 -51.38
C GLU D 4735 -47.74 23.79 -52.42
N ARG D 4736 -46.50 23.69 -52.93
CA ARG D 4736 -46.14 22.61 -53.85
C ARG D 4736 -46.31 21.25 -53.18
N ILE D 4737 -45.86 21.13 -51.94
CA ILE D 4737 -45.97 19.89 -51.20
C ILE D 4737 -47.43 19.53 -50.96
N ALA D 4738 -48.24 20.55 -50.63
CA ALA D 4738 -49.66 20.30 -50.39
C ALA D 4738 -50.41 19.92 -51.66
N GLU D 4739 -50.07 20.52 -52.81
CA GLU D 4739 -50.74 20.09 -54.04
C GLU D 4739 -50.34 18.67 -54.39
N LEU D 4740 -49.03 18.37 -54.28
CA LEU D 4740 -48.51 17.04 -54.61
C LEU D 4740 -49.20 15.97 -53.77
N LEU D 4741 -49.41 16.24 -52.49
CA LEU D 4741 -49.95 15.26 -51.57
C LEU D 4741 -51.43 15.51 -51.27
N GLY D 4742 -52.09 16.35 -52.07
CA GLY D 4742 -53.51 16.63 -51.97
C GLY D 4742 -54.01 17.00 -50.59
N MET D 4743 -53.31 17.96 -49.97
CA MET D 4743 -53.62 18.44 -48.63
C MET D 4743 -54.11 19.87 -48.73
N ASP D 4744 -55.15 20.20 -47.96
CA ASP D 4744 -55.65 21.57 -47.86
C ASP D 4744 -54.90 22.32 -46.76
N LEU D 4745 -53.96 23.17 -47.19
CA LEU D 4745 -53.14 23.93 -46.24
C LEU D 4745 -54.00 24.88 -45.42
N ALA D 4746 -55.01 25.47 -46.07
CA ALA D 4746 -55.89 26.44 -45.43
C ALA D 4746 -56.64 25.80 -44.27
N SER D 4747 -57.17 24.59 -44.49
CA SER D 4747 -57.94 23.89 -43.48
C SER D 4747 -57.05 23.10 -42.53
N LEU D 4748 -55.74 23.06 -42.79
CA LEU D 4748 -54.83 22.27 -41.98
C LEU D 4748 -54.77 22.80 -40.54
N GLU D 4749 -54.67 24.11 -40.38
CA GLU D 4749 -54.52 24.70 -39.04
C GLU D 4749 -55.80 24.63 -38.23
N ILE D 4750 -56.92 25.08 -38.80
CA ILE D 4750 -58.15 25.19 -38.01
C ILE D 4750 -58.92 23.87 -38.03
N ASP D 4772 -62.88 6.51 -54.03
CA ASP D 4772 -61.75 7.24 -54.59
C ASP D 4772 -61.17 6.44 -55.75
N VAL D 4773 -61.55 6.83 -56.96
CA VAL D 4773 -61.21 6.11 -58.18
C VAL D 4773 -59.71 6.08 -58.47
N LYS D 4774 -58.96 7.02 -57.91
CA LYS D 4774 -57.52 7.07 -58.15
C LYS D 4774 -56.82 6.07 -57.23
N TYR D 4775 -57.23 6.04 -55.97
CA TYR D 4775 -56.71 5.06 -55.02
C TYR D 4775 -57.08 3.65 -55.48
N GLN D 4776 -58.32 3.45 -55.92
CA GLN D 4776 -58.75 2.13 -56.38
C GLN D 4776 -57.99 1.68 -57.61
N ILE D 4777 -57.73 2.59 -58.56
CA ILE D 4777 -56.91 2.26 -59.73
C ILE D 4777 -55.50 1.87 -59.30
N TRP D 4778 -54.91 2.61 -58.34
CA TRP D 4778 -53.55 2.32 -57.94
C TRP D 4778 -53.50 0.96 -57.26
N LYS D 4779 -54.47 0.71 -56.37
CA LYS D 4779 -54.50 -0.53 -55.60
C LYS D 4779 -54.62 -1.71 -56.56
N PHE D 4780 -55.49 -1.55 -57.57
CA PHE D 4780 -55.71 -2.60 -58.56
C PHE D 4780 -54.45 -2.89 -59.34
N GLY D 4781 -53.69 -1.85 -59.68
CA GLY D 4781 -52.40 -2.06 -60.34
C GLY D 4781 -51.41 -2.83 -59.47
N VAL D 4782 -51.41 -2.55 -58.17
CA VAL D 4782 -50.57 -3.30 -57.24
C VAL D 4782 -51.04 -4.75 -57.13
N ILE D 4783 -52.35 -4.96 -57.06
CA ILE D 4783 -52.90 -6.33 -57.05
C ILE D 4783 -52.57 -7.05 -58.34
N PHE D 4784 -52.64 -6.34 -59.47
CA PHE D 4784 -52.46 -6.93 -60.78
C PHE D 4784 -51.00 -6.95 -61.19
N THR D 4785 -50.10 -6.72 -60.24
CA THR D 4785 -48.67 -6.91 -60.47
C THR D 4785 -48.12 -7.90 -59.46
N ASP D 4786 -48.97 -8.47 -58.61
CA ASP D 4786 -48.57 -9.47 -57.62
C ASP D 4786 -48.46 -10.83 -58.30
N ASN D 4787 -47.31 -11.49 -58.14
CA ASN D 4787 -47.08 -12.75 -58.84
C ASN D 4787 -48.04 -13.85 -58.40
N SER D 4788 -48.34 -13.93 -57.09
CA SER D 4788 -49.20 -14.98 -56.59
C SER D 4788 -50.62 -14.81 -57.10
N PHE D 4789 -51.07 -13.56 -57.20
CA PHE D 4789 -52.41 -13.28 -57.71
C PHE D 4789 -52.48 -13.63 -59.18
N LEU D 4790 -51.41 -13.36 -59.92
CA LEU D 4790 -51.38 -13.64 -61.35
C LEU D 4790 -51.40 -15.14 -61.58
N TYR D 4791 -50.70 -15.89 -60.72
CA TYR D 4791 -50.77 -17.35 -60.79
C TYR D 4791 -52.18 -17.84 -60.51
N LEU D 4792 -52.83 -17.28 -59.48
CA LEU D 4792 -54.16 -17.76 -59.13
C LEU D 4792 -55.17 -17.44 -60.21
N GLY D 4793 -54.99 -16.29 -60.88
CA GLY D 4793 -55.81 -15.96 -62.02
C GLY D 4793 -55.51 -16.80 -63.24
N TRP D 4794 -54.28 -17.28 -63.36
CA TRP D 4794 -53.99 -18.23 -64.42
C TRP D 4794 -54.61 -19.58 -64.12
N TYR D 4795 -54.70 -19.94 -62.85
CA TYR D 4795 -55.37 -21.17 -62.43
C TYR D 4795 -56.85 -21.09 -62.78
N MET D 4796 -57.45 -19.94 -62.51
CA MET D 4796 -58.85 -19.70 -62.82
C MET D 4796 -59.10 -19.65 -64.33
N VAL D 4797 -58.12 -19.14 -65.08
CA VAL D 4797 -58.25 -19.12 -66.54
C VAL D 4797 -58.20 -20.54 -67.10
N MET D 4798 -57.24 -21.36 -66.64
CA MET D 4798 -57.18 -22.71 -67.18
C MET D 4798 -58.37 -23.54 -66.71
N SER D 4799 -58.95 -23.17 -65.56
CA SER D 4799 -60.13 -23.87 -65.06
C SER D 4799 -61.32 -23.52 -65.94
N LEU D 4800 -61.38 -22.27 -66.39
CA LEU D 4800 -62.47 -21.83 -67.24
C LEU D 4800 -62.35 -22.48 -68.60
N LEU D 4801 -61.13 -22.50 -69.15
CA LEU D 4801 -60.89 -23.08 -70.46
C LEU D 4801 -61.18 -24.58 -70.46
N GLY D 4802 -60.87 -25.25 -69.34
CA GLY D 4802 -61.06 -26.69 -69.27
C GLY D 4802 -62.49 -27.19 -69.45
N HIS D 4803 -63.45 -26.27 -69.53
CA HIS D 4803 -64.84 -26.57 -69.83
C HIS D 4803 -65.03 -26.59 -71.34
N TYR D 4804 -64.33 -25.68 -72.03
CA TYR D 4804 -64.31 -25.66 -73.49
C TYR D 4804 -63.66 -26.92 -74.03
N ASN D 4805 -62.45 -27.22 -73.56
CA ASN D 4805 -61.82 -28.49 -73.93
C ASN D 4805 -61.37 -29.13 -72.64
N ASN D 4806 -61.78 -30.40 -72.42
CA ASN D 4806 -61.53 -31.04 -71.14
C ASN D 4806 -60.05 -31.26 -70.85
N PHE D 4807 -59.21 -31.31 -71.89
CA PHE D 4807 -57.82 -31.68 -71.66
C PHE D 4807 -56.99 -30.53 -71.13
N PHE D 4808 -57.59 -29.37 -70.92
CA PHE D 4808 -56.89 -28.23 -70.37
C PHE D 4808 -56.84 -28.30 -68.86
N PHE D 4809 -57.45 -29.33 -68.29
CA PHE D 4809 -57.58 -29.47 -66.86
C PHE D 4809 -56.39 -30.19 -66.28
N ALA D 4810 -55.38 -30.46 -67.11
CA ALA D 4810 -54.21 -31.20 -66.72
C ALA D 4810 -53.01 -30.28 -66.60
N ALA D 4811 -53.24 -28.97 -66.70
CA ALA D 4811 -52.21 -27.97 -66.49
C ALA D 4811 -52.25 -27.50 -65.07
N HIS D 4812 -53.17 -28.07 -64.29
CA HIS D 4812 -53.38 -27.72 -62.92
C HIS D 4812 -52.51 -28.58 -62.03
N LEU D 4813 -51.98 -29.67 -62.59
CA LEU D 4813 -51.20 -30.62 -61.84
C LEU D 4813 -49.86 -30.02 -61.42
N LEU D 4814 -49.41 -28.97 -62.11
CA LEU D 4814 -48.16 -28.30 -61.80
C LEU D 4814 -48.22 -27.52 -60.50
N ASP D 4815 -49.40 -27.34 -59.94
CA ASP D 4815 -49.58 -26.69 -58.65
C ASP D 4815 -48.98 -27.50 -57.50
N ILE D 4816 -48.60 -28.76 -57.72
CA ILE D 4816 -47.95 -29.59 -56.70
C ILE D 4816 -46.64 -28.97 -56.24
N ALA D 4817 -45.87 -28.41 -57.17
CA ALA D 4817 -44.57 -27.81 -56.87
C ALA D 4817 -44.72 -26.60 -55.95
N MET D 4818 -45.66 -25.70 -56.27
CA MET D 4818 -45.95 -24.57 -55.39
C MET D 4818 -46.60 -25.01 -54.08
N GLY D 4819 -47.53 -25.96 -54.14
CA GLY D 4819 -48.25 -26.36 -52.95
C GLY D 4819 -47.43 -27.13 -51.93
N VAL D 4820 -46.64 -28.10 -52.38
CA VAL D 4820 -45.94 -28.99 -51.47
C VAL D 4820 -44.53 -28.49 -51.24
N LYS D 4821 -44.13 -28.45 -49.97
CA LYS D 4821 -42.83 -27.92 -49.57
C LYS D 4821 -41.70 -28.84 -50.01
N THR D 4822 -41.93 -30.16 -49.96
CA THR D 4822 -40.92 -31.12 -50.39
C THR D 4822 -40.59 -30.96 -51.87
N LEU D 4823 -41.59 -30.76 -52.72
CA LEU D 4823 -41.29 -30.70 -54.14
C LEU D 4823 -40.57 -29.41 -54.43
N ARG D 4824 -41.04 -28.31 -53.83
CA ARG D 4824 -40.44 -27.00 -54.00
C ARG D 4824 -38.97 -27.04 -53.60
N THR D 4825 -38.68 -27.75 -52.50
CA THR D 4825 -37.32 -27.93 -52.03
C THR D 4825 -36.49 -28.75 -53.01
N ILE D 4826 -37.04 -29.85 -53.54
CA ILE D 4826 -36.31 -30.65 -54.52
C ILE D 4826 -36.03 -29.83 -55.77
N LEU D 4827 -37.01 -29.04 -56.21
CA LEU D 4827 -36.86 -28.26 -57.43
C LEU D 4827 -36.03 -27.01 -57.21
N SER D 4828 -35.68 -26.71 -55.96
CA SER D 4828 -34.77 -25.60 -55.71
C SER D 4828 -33.37 -25.95 -56.16
N SER D 4829 -33.00 -27.23 -56.12
CA SER D 4829 -31.71 -27.64 -56.66
C SER D 4829 -31.65 -27.41 -58.17
N VAL D 4830 -32.73 -27.70 -58.88
CA VAL D 4830 -32.83 -27.42 -60.31
C VAL D 4830 -32.80 -25.93 -60.60
N THR D 4831 -33.47 -25.12 -59.80
CA THR D 4831 -33.59 -23.70 -60.13
C THR D 4831 -32.50 -22.83 -59.52
N HIS D 4832 -31.75 -23.35 -58.55
CA HIS D 4832 -30.63 -22.61 -57.98
C HIS D 4832 -29.57 -22.33 -59.03
N ASN D 4833 -29.22 -23.34 -59.83
CA ASN D 4833 -28.16 -23.22 -60.82
C ASN D 4833 -28.74 -23.15 -62.24
N GLY D 4834 -29.94 -22.58 -62.35
CA GLY D 4834 -30.68 -22.58 -63.60
C GLY D 4834 -30.00 -21.82 -64.73
N LYS D 4835 -29.46 -20.63 -64.44
CA LYS D 4835 -28.74 -19.89 -65.47
C LYS D 4835 -27.49 -20.63 -65.93
N GLN D 4836 -26.81 -21.31 -65.01
CA GLN D 4836 -25.63 -22.07 -65.37
C GLN D 4836 -25.99 -23.25 -66.25
N LEU D 4837 -27.13 -23.88 -65.96
CA LEU D 4837 -27.61 -24.99 -66.80
C LEU D 4837 -27.98 -24.48 -68.20
N VAL D 4838 -28.63 -23.32 -68.27
CA VAL D 4838 -29.07 -22.80 -69.56
C VAL D 4838 -27.86 -22.43 -70.42
N MET D 4839 -26.84 -21.84 -69.79
CA MET D 4839 -25.66 -21.47 -70.55
C MET D 4839 -24.87 -22.70 -70.96
N THR D 4840 -24.94 -23.77 -70.16
CA THR D 4840 -24.31 -25.03 -70.53
C THR D 4840 -25.01 -25.66 -71.73
N VAL D 4841 -26.33 -25.50 -71.80
CA VAL D 4841 -27.09 -25.98 -72.95
C VAL D 4841 -26.71 -25.20 -74.21
N GLY D 4842 -26.53 -23.89 -74.08
CA GLY D 4842 -26.07 -23.10 -75.22
C GLY D 4842 -24.65 -23.43 -75.62
N LEU D 4843 -23.85 -23.88 -74.66
CA LEU D 4843 -22.51 -24.36 -74.96
C LEU D 4843 -22.57 -25.66 -75.75
N LEU D 4844 -23.48 -26.56 -75.37
CA LEU D 4844 -23.68 -27.80 -76.10
C LEU D 4844 -24.16 -27.54 -77.52
N ALA D 4845 -25.06 -26.57 -77.68
CA ALA D 4845 -25.53 -26.15 -79.01
C ALA D 4845 -24.41 -25.60 -79.89
N VAL D 4846 -23.50 -24.82 -79.31
CA VAL D 4846 -22.32 -24.35 -80.04
C VAL D 4846 -21.39 -25.50 -80.47
N VAL D 4847 -21.07 -26.42 -79.56
CA VAL D 4847 -20.15 -27.50 -79.94
C VAL D 4847 -20.79 -28.46 -80.95
N VAL D 4848 -22.10 -28.76 -80.81
CA VAL D 4848 -22.77 -29.58 -81.79
C VAL D 4848 -22.79 -28.87 -83.15
N TYR D 4849 -22.86 -27.53 -83.14
CA TYR D 4849 -22.76 -26.80 -84.40
C TYR D 4849 -21.37 -26.98 -85.02
N LEU D 4850 -20.33 -26.97 -84.19
CA LEU D 4850 -18.97 -27.12 -84.72
C LEU D 4850 -18.76 -28.49 -85.36
N TYR D 4851 -19.27 -29.54 -84.72
CA TYR D 4851 -19.24 -30.86 -85.35
C TYR D 4851 -20.10 -30.92 -86.61
N THR D 4852 -21.26 -30.24 -86.60
CA THR D 4852 -22.08 -30.16 -87.80
C THR D 4852 -21.29 -29.58 -88.97
N VAL D 4853 -20.54 -28.50 -88.71
CA VAL D 4853 -19.78 -27.82 -89.76
C VAL D 4853 -18.72 -28.77 -90.32
N VAL D 4854 -18.08 -29.55 -89.42
CA VAL D 4854 -17.01 -30.45 -89.84
C VAL D 4854 -17.56 -31.63 -90.64
N ALA D 4855 -18.74 -32.13 -90.26
CA ALA D 4855 -19.37 -33.18 -91.05
C ALA D 4855 -19.86 -32.66 -92.40
N PHE D 4856 -20.38 -31.43 -92.45
CA PHE D 4856 -20.93 -30.92 -93.70
C PHE D 4856 -19.81 -30.68 -94.70
N ASN D 4857 -18.68 -30.19 -94.21
CA ASN D 4857 -17.50 -29.97 -95.04
C ASN D 4857 -16.81 -31.25 -95.46
N PHE D 4858 -16.87 -32.32 -94.67
CA PHE D 4858 -16.00 -33.45 -94.99
C PHE D 4858 -16.61 -34.84 -94.88
N PHE D 4859 -17.85 -35.00 -94.42
CA PHE D 4859 -18.38 -36.30 -94.06
C PHE D 4859 -19.80 -36.47 -94.58
N ARG D 4860 -20.10 -35.81 -95.69
CA ARG D 4860 -21.45 -35.79 -96.26
C ARG D 4860 -21.92 -37.16 -96.72
N LYS D 4861 -20.99 -38.00 -97.20
CA LYS D 4861 -21.34 -39.31 -97.74
C LYS D 4861 -21.96 -40.22 -96.69
N PHE D 4862 -21.45 -40.15 -95.47
CA PHE D 4862 -21.78 -41.11 -94.43
C PHE D 4862 -23.17 -40.96 -93.84
N TYR D 4863 -23.91 -39.89 -94.14
CA TYR D 4863 -25.13 -39.60 -93.42
C TYR D 4863 -26.38 -39.98 -94.19
N ASN D 4864 -26.31 -41.02 -95.01
CA ASN D 4864 -27.50 -41.50 -95.70
C ASN D 4864 -28.30 -42.39 -94.76
N LYS D 4865 -29.53 -41.96 -94.45
CA LYS D 4865 -30.34 -42.67 -93.47
C LYS D 4865 -31.43 -43.48 -94.13
N SER D 4866 -31.26 -43.79 -95.42
CA SER D 4866 -32.23 -44.55 -96.19
C SER D 4866 -31.60 -45.87 -96.62
N GLU D 4867 -32.23 -46.97 -96.23
CA GLU D 4867 -31.77 -48.29 -96.66
C GLU D 4867 -31.99 -48.48 -98.15
N ASP D 4868 -33.09 -47.96 -98.67
CA ASP D 4868 -33.45 -48.13 -100.07
C ASP D 4868 -32.53 -47.31 -100.97
N GLU D 4869 -31.84 -47.99 -101.88
CA GLU D 4869 -30.98 -47.33 -102.85
C GLU D 4869 -31.75 -46.54 -103.89
N ASP D 4870 -33.07 -46.73 -103.98
CA ASP D 4870 -33.89 -46.01 -104.95
C ASP D 4870 -33.91 -44.52 -104.65
N GLU D 4871 -34.21 -44.15 -103.41
CA GLU D 4871 -34.12 -42.76 -103.00
C GLU D 4871 -33.08 -42.60 -101.89
N PRO D 4872 -32.03 -41.82 -102.11
CA PRO D 4872 -31.10 -41.50 -101.02
C PRO D 4872 -31.74 -40.48 -100.10
N ASP D 4873 -31.48 -40.61 -98.80
CA ASP D 4873 -31.92 -39.62 -97.82
C ASP D 4873 -30.77 -39.13 -96.95
N MET D 4874 -29.72 -38.65 -97.60
CA MET D 4874 -28.58 -38.05 -96.87
C MET D 4874 -29.10 -36.90 -96.01
N LYS D 4875 -28.69 -36.89 -94.74
CA LYS D 4875 -29.20 -35.90 -93.81
C LYS D 4875 -28.18 -34.82 -93.48
N CYS D 4876 -27.18 -34.66 -94.34
CA CYS D 4876 -26.15 -33.63 -94.16
C CYS D 4876 -25.92 -32.81 -95.41
N ASP D 4877 -26.90 -32.70 -96.30
CA ASP D 4877 -26.66 -31.93 -97.51
C ASP D 4877 -27.06 -30.49 -97.34
N ASP D 4878 -27.43 -30.11 -96.12
CA ASP D 4878 -27.92 -28.78 -95.80
C ASP D 4878 -27.47 -28.60 -94.35
N MET D 4879 -27.37 -27.36 -93.94
CA MET D 4879 -26.86 -27.20 -92.60
C MET D 4879 -28.00 -27.11 -91.62
N MET D 4880 -29.20 -26.77 -92.10
CA MET D 4880 -30.35 -26.80 -91.22
C MET D 4880 -30.72 -28.25 -90.93
N THR D 4881 -30.70 -29.11 -91.96
CA THR D 4881 -31.05 -30.51 -91.72
C THR D 4881 -29.94 -31.24 -90.98
N CYS D 4882 -28.67 -30.91 -91.26
CA CYS D 4882 -27.57 -31.56 -90.55
C CYS D 4882 -27.50 -31.14 -89.09
N TYR D 4883 -27.79 -29.87 -88.80
CA TYR D 4883 -27.91 -29.43 -87.41
C TYR D 4883 -29.13 -30.04 -86.71
N LEU D 4884 -30.25 -30.17 -87.43
CA LEU D 4884 -31.40 -30.86 -86.85
C LEU D 4884 -31.06 -32.32 -86.59
N PHE D 4885 -30.30 -32.94 -87.48
CA PHE D 4885 -29.91 -34.34 -87.32
C PHE D 4885 -28.98 -34.52 -86.14
N HIS D 4886 -27.98 -33.65 -86.04
CA HIS D 4886 -26.99 -33.79 -84.98
C HIS D 4886 -27.58 -33.49 -83.62
N MET D 4887 -28.42 -32.46 -83.52
CA MET D 4887 -29.10 -32.16 -82.26
C MET D 4887 -30.16 -33.19 -81.89
N TYR D 4888 -30.99 -33.63 -82.82
CA TYR D 4888 -32.00 -34.62 -82.47
C TYR D 4888 -31.42 -36.01 -82.20
N VAL D 4889 -30.50 -36.51 -83.04
CA VAL D 4889 -30.08 -37.90 -82.91
C VAL D 4889 -28.71 -38.12 -82.28
N GLY D 4890 -27.85 -37.10 -82.17
CA GLY D 4890 -26.51 -37.36 -81.70
C GLY D 4890 -26.31 -37.20 -80.22
N VAL D 4891 -27.00 -36.24 -79.63
CA VAL D 4891 -26.90 -36.06 -78.19
C VAL D 4891 -27.79 -37.10 -77.48
N ARG D 4892 -28.83 -37.60 -78.15
CA ARG D 4892 -29.71 -38.58 -77.56
C ARG D 4892 -29.23 -40.01 -77.74
N ALA D 4893 -28.19 -40.23 -78.54
CA ALA D 4893 -27.66 -41.57 -78.71
C ALA D 4893 -26.65 -41.85 -77.61
N GLY D 4894 -26.54 -43.13 -77.23
CA GLY D 4894 -25.65 -43.49 -76.14
C GLY D 4894 -24.18 -43.30 -76.47
N GLY D 4895 -23.78 -43.66 -77.69
CA GLY D 4895 -22.40 -43.54 -78.11
C GLY D 4895 -22.12 -42.38 -79.04
N GLY D 4896 -23.05 -41.45 -79.18
CA GLY D 4896 -22.84 -40.31 -80.04
C GLY D 4896 -23.36 -40.57 -81.44
N ILE D 4897 -22.83 -39.79 -82.39
CA ILE D 4897 -23.29 -39.90 -83.76
C ILE D 4897 -22.85 -41.19 -84.45
N GLY D 4898 -21.83 -41.87 -83.90
CA GLY D 4898 -21.31 -43.08 -84.51
C GLY D 4898 -22.28 -44.24 -84.55
N ASP D 4899 -23.23 -44.28 -83.61
CA ASP D 4899 -24.28 -45.29 -83.68
C ASP D 4899 -25.14 -45.10 -84.91
N GLU D 4900 -25.46 -43.85 -85.24
CA GLU D 4900 -26.42 -43.59 -86.30
C GLU D 4900 -25.79 -43.64 -87.68
N ILE D 4901 -24.63 -43.03 -87.86
CA ILE D 4901 -24.12 -42.88 -89.22
C ILE D 4901 -23.35 -44.13 -89.67
N GLU D 4902 -23.07 -44.17 -90.97
CA GLU D 4902 -22.56 -45.34 -91.67
C GLU D 4902 -21.17 -45.72 -91.17
N ASP D 4903 -20.91 -47.04 -91.18
CA ASP D 4903 -19.63 -47.60 -90.76
C ASP D 4903 -18.47 -47.09 -91.60
N PRO D 4904 -17.45 -46.48 -90.99
CA PRO D 4904 -16.33 -45.91 -91.74
C PRO D 4904 -15.25 -46.89 -92.17
N ALA D 4905 -15.43 -48.20 -91.97
CA ALA D 4905 -14.38 -49.15 -92.36
C ALA D 4905 -14.14 -49.13 -93.86
N GLY D 4906 -12.91 -49.46 -94.23
CA GLY D 4906 -12.44 -49.45 -95.60
C GLY D 4906 -12.57 -48.12 -96.32
N ASP D 4907 -12.01 -47.06 -95.75
CA ASP D 4907 -12.11 -45.74 -96.36
C ASP D 4907 -10.86 -44.93 -96.07
N GLU D 4908 -10.57 -43.97 -96.94
CA GLU D 4908 -9.43 -43.08 -96.74
C GLU D 4908 -9.62 -42.15 -95.54
N TYR D 4909 -10.86 -41.83 -95.19
CA TYR D 4909 -11.14 -40.90 -94.12
C TYR D 4909 -11.54 -41.60 -92.83
N GLU D 4910 -11.22 -42.89 -92.74
CA GLU D 4910 -11.62 -43.70 -91.60
C GLU D 4910 -11.06 -43.16 -90.30
N LEU D 4911 -9.76 -42.84 -90.26
CA LEU D 4911 -9.13 -42.37 -89.03
C LEU D 4911 -9.66 -41.01 -88.63
N TYR D 4912 -9.97 -40.17 -89.61
CA TYR D 4912 -10.56 -38.87 -89.31
C TYR D 4912 -11.95 -39.04 -88.70
N ARG D 4913 -12.75 -39.94 -89.28
CA ARG D 4913 -14.10 -40.13 -88.75
C ARG D 4913 -14.13 -40.86 -87.40
N VAL D 4914 -13.17 -41.74 -87.10
CA VAL D 4914 -13.06 -42.30 -85.75
C VAL D 4914 -12.66 -41.23 -84.73
N VAL D 4915 -11.72 -40.35 -85.08
CA VAL D 4915 -11.38 -39.25 -84.17
C VAL D 4915 -12.53 -38.27 -84.04
N PHE D 4916 -13.36 -38.18 -85.08
CA PHE D 4916 -14.59 -37.39 -85.06
C PHE D 4916 -15.56 -37.96 -84.02
N ASP D 4917 -15.97 -39.22 -84.20
CA ASP D 4917 -16.95 -39.82 -83.29
C ASP D 4917 -16.42 -39.88 -81.86
N ILE D 4918 -15.14 -40.26 -81.68
CA ILE D 4918 -14.60 -40.44 -80.34
C ILE D 4918 -14.60 -39.09 -79.60
N THR D 4919 -14.21 -38.01 -80.29
CA THR D 4919 -14.27 -36.70 -79.65
C THR D 4919 -15.71 -36.34 -79.34
N PHE D 4920 -16.64 -36.62 -80.28
CA PHE D 4920 -18.05 -36.31 -80.07
C PHE D 4920 -18.61 -37.02 -78.84
N PHE D 4921 -18.13 -38.24 -78.61
CA PHE D 4921 -18.53 -39.05 -77.48
C PHE D 4921 -17.96 -38.49 -76.19
N PHE D 4922 -16.66 -38.20 -76.16
CA PHE D 4922 -16.06 -37.73 -74.92
C PHE D 4922 -16.57 -36.35 -74.57
N PHE D 4923 -16.55 -35.45 -75.55
CA PHE D 4923 -16.86 -34.05 -75.30
C PHE D 4923 -18.34 -33.81 -75.09
N VAL D 4924 -19.21 -34.41 -75.89
CA VAL D 4924 -20.63 -34.09 -75.82
C VAL D 4924 -21.39 -35.08 -74.95
N ILE D 4925 -21.18 -36.38 -75.15
CA ILE D 4925 -21.98 -37.38 -74.45
C ILE D 4925 -21.58 -37.47 -72.99
N VAL D 4926 -20.28 -37.36 -72.70
CA VAL D 4926 -19.77 -37.62 -71.37
C VAL D 4926 -19.55 -36.30 -70.66
N ILE D 4927 -18.56 -35.53 -71.11
CA ILE D 4927 -18.15 -34.28 -70.45
C ILE D 4927 -19.30 -33.28 -70.37
N LEU D 4928 -20.16 -33.23 -71.38
CA LEU D 4928 -21.17 -32.17 -71.39
C LEU D 4928 -22.48 -32.55 -70.73
N LEU D 4929 -22.62 -33.77 -70.22
CA LEU D 4929 -23.78 -34.12 -69.43
C LEU D 4929 -23.37 -34.37 -68.00
N ALA D 4930 -22.06 -34.47 -67.80
CA ALA D 4930 -21.49 -34.51 -66.47
C ALA D 4930 -21.57 -33.13 -65.85
N ILE D 4931 -21.47 -32.07 -66.65
CA ILE D 4931 -21.59 -30.72 -66.11
C ILE D 4931 -23.01 -30.50 -65.60
N ILE D 4932 -24.01 -31.02 -66.31
CA ILE D 4932 -25.40 -30.88 -65.90
C ILE D 4932 -25.66 -31.65 -64.59
N GLN D 4933 -25.14 -32.88 -64.53
CA GLN D 4933 -25.26 -33.67 -63.31
C GLN D 4933 -24.49 -33.05 -62.16
N GLY D 4934 -23.28 -32.55 -62.44
CA GLY D 4934 -22.49 -31.91 -61.41
C GLY D 4934 -23.11 -30.63 -60.88
N LEU D 4935 -23.77 -29.87 -61.75
CA LEU D 4935 -24.51 -28.69 -61.29
C LEU D 4935 -25.62 -29.05 -60.34
N ILE D 4936 -26.40 -30.10 -60.63
CA ILE D 4936 -27.42 -30.56 -59.70
C ILE D 4936 -26.83 -31.11 -58.39
N ILE D 4937 -25.79 -31.95 -58.48
CA ILE D 4937 -25.14 -32.49 -57.29
C ILE D 4937 -24.52 -31.38 -56.44
N ASP D 4938 -23.85 -30.42 -57.09
CA ASP D 4938 -23.32 -29.26 -56.38
C ASP D 4938 -24.43 -28.47 -55.72
N ALA D 4939 -25.59 -28.35 -56.39
CA ALA D 4939 -26.67 -27.54 -55.84
C ALA D 4939 -27.19 -28.14 -54.54
N PHE D 4940 -27.30 -29.47 -54.48
CA PHE D 4940 -27.80 -30.13 -53.27
C PHE D 4940 -26.88 -29.87 -52.08
N GLY D 4941 -25.57 -29.91 -52.34
CA GLY D 4941 -24.60 -29.63 -51.31
C GLY D 4941 -24.59 -28.18 -50.89
N GLU D 4942 -24.71 -27.26 -51.84
CA GLU D 4942 -24.78 -25.85 -51.52
C GLU D 4942 -26.00 -25.54 -50.67
N LEU D 4943 -27.15 -26.14 -51.00
CA LEU D 4943 -28.35 -25.85 -50.22
C LEU D 4943 -28.24 -26.42 -48.81
N ARG D 4944 -27.61 -27.59 -48.69
CA ARG D 4944 -27.41 -28.16 -47.35
C ARG D 4944 -26.44 -27.35 -46.51
N ASP D 4945 -25.31 -26.93 -47.10
CA ASP D 4945 -24.34 -26.10 -46.38
C ASP D 4945 -24.96 -24.76 -45.99
N GLN D 4946 -25.82 -24.21 -46.86
CA GLN D 4946 -26.51 -22.97 -46.54
C GLN D 4946 -27.43 -23.14 -45.34
N GLN D 4947 -28.07 -24.29 -45.22
CA GLN D 4947 -29.02 -24.43 -44.12
C GLN D 4947 -28.28 -24.77 -42.83
N GLU D 4948 -27.20 -25.54 -42.95
CA GLU D 4948 -26.35 -25.85 -41.79
C GLU D 4948 -25.68 -24.60 -41.23
N GLN D 4949 -25.15 -23.73 -42.10
CA GLN D 4949 -24.52 -22.51 -41.62
C GLN D 4949 -25.50 -21.59 -40.91
N VAL D 4950 -26.77 -21.62 -41.33
CA VAL D 4950 -27.80 -20.82 -40.66
C VAL D 4950 -28.08 -21.38 -39.28
N LYS D 4951 -28.20 -22.71 -39.18
CA LYS D 4951 -28.44 -23.33 -37.89
C LYS D 4951 -27.26 -23.12 -36.95
N GLU D 4952 -26.04 -23.26 -37.47
CA GLU D 4952 -24.83 -23.10 -36.68
C GLU D 4952 -24.66 -21.67 -36.18
N ASP D 4953 -24.97 -20.69 -37.04
CA ASP D 4953 -24.93 -19.29 -36.62
C ASP D 4953 -25.96 -19.01 -35.53
N MET D 4954 -27.19 -19.49 -35.71
CA MET D 4954 -28.23 -19.21 -34.72
C MET D 4954 -27.91 -19.88 -33.40
N GLU D 4955 -27.40 -21.10 -33.45
CA GLU D 4955 -27.11 -21.83 -32.22
C GLU D 4955 -25.86 -21.28 -31.54
N THR D 4956 -24.96 -20.63 -32.28
CA THR D 4956 -23.70 -20.19 -31.67
C THR D 4956 -23.64 -18.69 -31.37
N LYS D 4957 -24.66 -17.91 -31.71
CA LYS D 4957 -24.61 -16.52 -31.27
C LYS D 4957 -26.03 -15.96 -31.09
N CYS D 4958 -26.15 -14.96 -30.23
CA CYS D 4958 -27.43 -14.29 -30.01
C CYS D 4958 -27.76 -13.38 -31.19
N PHE D 4959 -29.00 -13.50 -31.67
CA PHE D 4959 -29.45 -12.70 -32.81
C PHE D 4959 -29.46 -11.20 -32.49
N ILE D 4960 -29.99 -10.84 -31.32
CA ILE D 4960 -30.13 -9.43 -30.96
C ILE D 4960 -28.79 -8.75 -30.71
N CYS D 4961 -27.86 -9.42 -30.04
CA CYS D 4961 -26.66 -8.73 -29.61
C CYS D 4961 -25.37 -9.23 -30.26
N GLY D 4962 -25.35 -10.44 -30.79
CA GLY D 4962 -24.18 -10.94 -31.49
C GLY D 4962 -23.12 -11.55 -30.61
N ILE D 4963 -23.31 -11.55 -29.29
CA ILE D 4963 -22.33 -12.13 -28.40
C ILE D 4963 -22.39 -13.65 -28.53
N GLY D 4964 -21.23 -14.30 -28.46
CA GLY D 4964 -21.16 -15.72 -28.69
C GLY D 4964 -21.72 -16.52 -27.52
N SER D 4965 -21.98 -17.79 -27.81
CA SER D 4965 -22.47 -18.71 -26.78
C SER D 4965 -21.42 -19.00 -25.72
N ASP D 4966 -20.14 -18.79 -26.05
CA ASP D 4966 -19.03 -19.07 -25.14
C ASP D 4966 -19.19 -18.32 -23.82
N TYR D 4967 -19.45 -17.02 -23.91
CA TYR D 4967 -19.58 -16.20 -22.70
C TYR D 4967 -20.77 -16.65 -21.87
N PHE D 4968 -21.91 -16.89 -22.51
CA PHE D 4968 -23.12 -17.17 -21.74
C PHE D 4968 -23.08 -18.56 -21.15
N ASP D 4969 -22.34 -19.48 -21.76
CA ASP D 4969 -22.40 -20.86 -21.32
C ASP D 4969 -21.52 -21.13 -20.10
N THR D 4970 -20.79 -20.13 -19.62
CA THR D 4970 -20.03 -20.30 -18.38
C THR D 4970 -20.97 -20.66 -17.22
N THR D 4971 -22.07 -19.93 -17.10
CA THR D 4971 -23.13 -20.30 -16.19
C THR D 4971 -23.89 -21.46 -16.81
N PRO D 4972 -24.42 -22.40 -16.03
CA PRO D 4972 -25.16 -23.52 -16.65
C PRO D 4972 -26.46 -23.06 -17.28
N HIS D 4973 -26.71 -23.54 -18.51
CA HIS D 4973 -27.87 -23.22 -19.34
C HIS D 4973 -27.93 -21.72 -19.66
N GLY D 4974 -26.76 -21.11 -19.81
CA GLY D 4974 -26.71 -19.68 -19.98
C GLY D 4974 -27.22 -19.21 -21.32
N PHE D 4975 -26.84 -19.91 -22.40
CA PHE D 4975 -27.27 -19.48 -23.73
C PHE D 4975 -28.78 -19.63 -23.86
N GLU D 4976 -29.34 -20.72 -23.33
CA GLU D 4976 -30.78 -20.95 -23.45
C GLU D 4976 -31.52 -19.90 -22.67
N THR D 4977 -30.99 -19.55 -21.49
CA THR D 4977 -31.62 -18.53 -20.65
C THR D 4977 -31.56 -17.18 -21.36
N HIS D 4978 -30.43 -16.87 -21.99
CA HIS D 4978 -30.26 -15.57 -22.64
C HIS D 4978 -31.20 -15.44 -23.82
N THR D 4979 -31.23 -16.45 -24.68
CA THR D 4979 -32.04 -16.39 -25.90
C THR D 4979 -33.52 -16.45 -25.58
N LEU D 4980 -33.93 -17.32 -24.65
CA LEU D 4980 -35.34 -17.44 -24.32
C LEU D 4980 -35.86 -16.24 -23.52
N GLU D 4981 -35.06 -15.66 -22.63
CA GLU D 4981 -35.60 -14.64 -21.73
C GLU D 4981 -35.07 -13.23 -21.95
N GLU D 4982 -33.76 -13.01 -21.82
CA GLU D 4982 -33.21 -11.67 -21.94
C GLU D 4982 -33.29 -11.10 -23.35
N HIS D 4983 -32.95 -11.87 -24.37
CA HIS D 4983 -32.91 -11.30 -25.70
C HIS D 4983 -33.78 -12.05 -26.69
N ASN D 4984 -34.96 -12.48 -26.27
CA ASN D 4984 -35.88 -13.15 -27.17
C ASN D 4984 -36.37 -12.21 -28.27
N LEU D 4985 -36.24 -12.65 -29.53
CA LEU D 4985 -36.72 -11.85 -30.67
C LEU D 4985 -38.23 -11.65 -30.58
N ALA D 4986 -38.95 -12.71 -30.17
CA ALA D 4986 -40.39 -12.67 -30.08
C ALA D 4986 -40.83 -11.58 -29.12
N ASN D 4987 -40.02 -11.36 -28.08
CA ASN D 4987 -40.36 -10.37 -27.07
C ASN D 4987 -40.29 -8.97 -27.68
N TYR D 4988 -39.27 -8.73 -28.52
CA TYR D 4988 -39.17 -7.43 -29.20
C TYR D 4988 -40.36 -7.21 -30.11
N MET D 4989 -40.80 -8.27 -30.78
CA MET D 4989 -41.99 -8.15 -31.61
C MET D 4989 -43.23 -7.83 -30.77
N PHE D 4990 -43.39 -8.52 -29.64
CA PHE D 4990 -44.54 -8.25 -28.76
C PHE D 4990 -44.48 -6.85 -28.21
N PHE D 4991 -43.26 -6.35 -27.98
CA PHE D 4991 -43.05 -5.04 -27.40
C PHE D 4991 -43.47 -3.98 -28.41
N LEU D 4992 -43.11 -4.21 -29.68
CA LEU D 4992 -43.56 -3.32 -30.75
C LEU D 4992 -45.07 -3.36 -30.88
N MET D 4993 -45.67 -4.54 -30.69
CA MET D 4993 -47.14 -4.65 -30.71
C MET D 4993 -47.74 -3.79 -29.62
N TYR D 4994 -47.16 -3.87 -28.43
CA TYR D 4994 -47.61 -3.12 -27.26
C TYR D 4994 -47.49 -1.63 -27.51
N LEU D 4995 -46.34 -1.19 -28.04
CA LEU D 4995 -46.10 0.23 -28.27
C LEU D 4995 -47.03 0.77 -29.34
N ILE D 4996 -47.21 0.02 -30.43
CA ILE D 4996 -48.05 0.51 -31.53
C ILE D 4996 -49.50 0.57 -31.07
N ASN D 4997 -49.92 -0.39 -30.25
CA ASN D 4997 -51.32 -0.46 -29.88
C ASN D 4997 -51.62 0.34 -28.62
N LYS D 4998 -50.61 0.96 -28.03
CA LYS D 4998 -50.80 1.76 -26.84
C LYS D 4998 -50.86 3.24 -27.21
N ASP D 4999 -51.81 3.95 -26.60
CA ASP D 4999 -51.93 5.38 -26.79
C ASP D 4999 -50.69 6.09 -26.27
N GLU D 5000 -50.20 7.08 -27.03
CA GLU D 5000 -48.94 7.73 -26.72
C GLU D 5000 -48.98 8.49 -25.39
N THR D 5001 -50.16 8.98 -25.01
CA THR D 5001 -50.31 9.74 -23.76
C THR D 5001 -49.92 8.92 -22.54
N GLU D 5002 -50.11 7.60 -22.59
CA GLU D 5002 -49.89 6.74 -21.44
C GLU D 5002 -48.50 6.11 -21.45
N HIS D 5003 -47.68 6.50 -22.42
CA HIS D 5003 -46.36 5.91 -22.58
C HIS D 5003 -45.44 6.36 -21.45
N THR D 5004 -44.72 5.42 -20.86
CA THR D 5004 -43.74 5.75 -19.84
C THR D 5004 -42.51 6.33 -20.51
N GLY D 5005 -41.59 6.88 -19.70
CA GLY D 5005 -40.44 7.60 -20.25
C GLY D 5005 -39.60 6.73 -21.15
N GLN D 5006 -39.37 5.47 -20.77
CA GLN D 5006 -38.51 4.62 -21.57
C GLN D 5006 -39.27 4.19 -22.81
N GLU D 5007 -40.59 3.98 -22.66
CA GLU D 5007 -41.47 3.64 -23.76
C GLU D 5007 -41.53 4.76 -24.78
N SER D 5008 -41.64 6.00 -24.29
CA SER D 5008 -41.61 7.15 -25.19
C SER D 5008 -40.25 7.29 -25.85
N TYR D 5009 -39.16 7.00 -25.14
CA TYR D 5009 -37.83 7.07 -25.73
C TYR D 5009 -37.70 6.10 -26.90
N VAL D 5010 -38.21 4.88 -26.72
CA VAL D 5010 -38.22 3.90 -27.80
C VAL D 5010 -39.14 4.36 -28.91
N TRP D 5011 -40.29 4.96 -28.54
CA TRP D 5011 -41.26 5.41 -29.53
C TRP D 5011 -40.66 6.45 -30.45
N LYS D 5012 -39.97 7.44 -29.87
CA LYS D 5012 -39.34 8.49 -30.66
C LYS D 5012 -38.25 7.92 -31.54
N MET D 5013 -37.44 6.99 -31.00
CA MET D 5013 -36.34 6.43 -31.76
C MET D 5013 -36.89 5.63 -32.94
N TYR D 5014 -38.01 4.93 -32.72
CA TYR D 5014 -38.65 4.17 -33.77
C TYR D 5014 -39.23 5.10 -34.83
N GLN D 5015 -39.85 6.21 -34.41
CA GLN D 5015 -40.42 7.14 -35.40
C GLN D 5015 -39.34 7.80 -36.23
N GLU D 5016 -38.12 7.93 -35.70
CA GLU D 5016 -37.06 8.51 -36.51
C GLU D 5016 -36.20 7.45 -37.16
N ARG D 5017 -36.61 6.17 -37.04
CA ARG D 5017 -35.93 5.02 -37.65
C ARG D 5017 -34.47 4.92 -37.22
N CYS D 5018 -34.19 5.17 -35.95
CA CYS D 5018 -32.85 5.02 -35.42
C CYS D 5018 -32.79 3.75 -34.58
N TRP D 5019 -32.00 2.78 -35.05
CA TRP D 5019 -31.88 1.49 -34.40
C TRP D 5019 -30.70 1.47 -33.44
N ASP D 5020 -30.78 2.34 -32.43
CA ASP D 5020 -29.70 2.45 -31.48
C ASP D 5020 -30.16 2.06 -30.10
N PHE D 5021 -31.41 1.64 -29.96
CA PHE D 5021 -31.91 1.14 -28.70
C PHE D 5021 -31.75 -0.36 -28.61
N PHE D 5022 -31.08 -0.97 -29.59
CA PHE D 5022 -30.95 -2.41 -29.64
C PHE D 5022 -29.57 -2.76 -29.12
N PRO D 5023 -29.46 -3.61 -28.10
CA PRO D 5023 -28.15 -3.91 -27.51
C PRO D 5023 -27.22 -4.55 -28.53
N ALA D 5024 -26.10 -3.89 -28.80
CA ALA D 5024 -25.11 -4.43 -29.72
C ALA D 5024 -23.81 -4.59 -28.96
N GLY D 5025 -23.36 -5.83 -28.82
CA GLY D 5025 -22.17 -6.10 -28.04
C GLY D 5025 -22.36 -6.04 -26.54
N ASP D 5026 -23.60 -5.87 -26.06
CA ASP D 5026 -23.82 -5.68 -24.64
C ASP D 5026 -25.03 -6.46 -24.16
N CYS D 5027 -25.00 -6.82 -22.89
CA CYS D 5027 -26.07 -7.53 -22.21
C CYS D 5027 -26.06 -7.09 -20.77
N PHE D 5028 -27.14 -7.38 -20.06
CA PHE D 5028 -27.24 -7.07 -18.64
C PHE D 5028 -26.15 -7.78 -17.86
N ARG D 5029 -25.87 -9.03 -18.25
CA ARG D 5029 -24.85 -9.84 -17.60
C ARG D 5029 -23.46 -9.22 -17.73
N LYS D 5030 -23.11 -8.76 -18.94
CA LYS D 5030 -21.82 -8.13 -19.16
C LYS D 5030 -21.74 -6.76 -18.50
N GLN D 5031 -22.83 -5.99 -18.57
CA GLN D 5031 -22.79 -4.65 -18.01
C GLN D 5031 -22.67 -4.70 -16.50
N TYR D 5032 -23.39 -5.61 -15.87
CA TYR D 5032 -23.45 -5.67 -14.42
C TYR D 5032 -22.71 -6.90 -13.91
N GLU D 5033 -21.65 -7.29 -14.63
CA GLU D 5033 -20.90 -8.52 -14.32
C GLU D 5033 -20.37 -8.54 -12.89
N ASP D 5034 -19.77 -7.42 -12.47
CA ASP D 5034 -19.15 -7.36 -11.15
C ASP D 5034 -20.17 -7.50 -10.03
N GLN D 5035 -21.26 -6.72 -10.12
CA GLN D 5035 -22.25 -6.66 -9.04
C GLN D 5035 -22.96 -7.99 -8.83
N LEU D 5036 -23.36 -8.66 -9.93
CA LEU D 5036 -24.04 -9.95 -9.81
C LEU D 5036 -23.12 -11.02 -9.25
N SER D 5037 -21.87 -11.04 -9.69
CA SER D 5037 -20.91 -12.05 -9.25
C SER D 5037 -20.47 -11.84 -7.81
N GLY E 244 -58.35 -53.30 104.27
CA GLY E 244 -58.17 -51.92 103.83
C GLY E 244 -59.11 -51.53 102.71
N VAL E 245 -60.20 -52.28 102.57
CA VAL E 245 -61.21 -52.04 101.54
C VAL E 245 -62.58 -52.07 102.20
N GLU E 246 -63.56 -51.49 101.52
CA GLU E 246 -64.93 -51.50 102.00
C GLU E 246 -65.81 -52.20 100.97
N ILE E 247 -66.61 -53.14 101.45
CA ILE E 247 -67.54 -53.90 100.61
C ILE E 247 -68.97 -53.54 101.00
N GLU E 248 -69.89 -53.87 100.11
CA GLU E 248 -71.32 -53.63 100.33
C GLU E 248 -72.09 -54.58 99.42
N THR E 249 -72.83 -55.52 99.99
CA THR E 249 -73.59 -56.44 99.15
C THR E 249 -74.71 -55.70 98.42
N ILE E 250 -75.00 -56.14 97.21
CA ILE E 250 -76.04 -55.55 96.38
C ILE E 250 -77.20 -56.52 96.19
N SER E 251 -76.91 -57.79 95.93
CA SER E 251 -77.95 -58.79 95.78
C SER E 251 -77.51 -60.09 96.43
N PRO E 252 -78.25 -60.59 97.43
CA PRO E 252 -77.83 -61.80 98.16
C PRO E 252 -77.77 -63.05 97.29
N GLY E 253 -76.74 -63.85 97.51
CA GLY E 253 -76.59 -65.11 96.81
C GLY E 253 -76.60 -66.30 97.74
N ASP E 254 -75.42 -66.92 97.94
CA ASP E 254 -75.32 -68.02 98.88
C ASP E 254 -75.29 -67.53 100.32
N GLY E 255 -74.29 -66.73 100.65
CA GLY E 255 -74.15 -66.20 101.99
C GLY E 255 -73.56 -67.16 103.00
N ARG E 256 -73.21 -68.38 102.59
CA ARG E 256 -72.67 -69.38 103.49
C ARG E 256 -71.34 -69.98 103.02
N THR E 257 -71.02 -69.94 101.73
CA THR E 257 -69.80 -70.50 101.20
C THR E 257 -68.79 -69.40 100.94
N PHE E 258 -67.53 -69.66 101.29
CA PHE E 258 -66.50 -68.67 101.09
C PHE E 258 -65.43 -69.19 100.15
N PRO E 259 -64.89 -68.34 99.27
CA PRO E 259 -63.84 -68.78 98.33
C PRO E 259 -62.49 -68.88 99.03
N LYS E 260 -62.03 -70.11 99.21
CA LYS E 260 -60.75 -70.40 99.85
C LYS E 260 -59.74 -70.86 98.80
N LYS E 261 -58.52 -71.13 99.27
CA LYS E 261 -57.47 -71.61 98.39
C LYS E 261 -57.80 -73.00 97.86
N GLY E 262 -57.47 -73.21 96.59
CA GLY E 262 -57.66 -74.49 95.92
C GLY E 262 -58.64 -74.46 94.78
N GLN E 263 -59.50 -73.44 94.70
CA GLN E 263 -60.46 -73.30 93.61
C GLN E 263 -60.36 -71.94 92.95
N THR E 264 -60.45 -71.93 91.62
CA THR E 264 -60.34 -70.70 90.84
C THR E 264 -61.56 -69.82 91.07
N CYS E 265 -61.35 -68.51 91.09
CA CYS E 265 -62.40 -67.52 91.36
C CYS E 265 -62.85 -66.90 90.03
N VAL E 266 -64.15 -67.00 89.71
CA VAL E 266 -64.66 -66.54 88.43
C VAL E 266 -65.66 -65.41 88.72
N VAL E 267 -65.42 -64.25 88.12
CA VAL E 267 -66.24 -63.05 88.34
C VAL E 267 -66.59 -62.39 87.02
N HIS E 268 -67.68 -61.63 87.05
CA HIS E 268 -68.02 -60.64 86.03
C HIS E 268 -67.95 -59.28 86.72
N TYR E 269 -66.75 -58.73 86.79
CA TYR E 269 -66.54 -57.49 87.51
C TYR E 269 -66.74 -56.29 86.60
N THR E 270 -66.85 -55.11 87.21
CA THR E 270 -66.98 -53.85 86.48
C THR E 270 -66.31 -52.76 87.31
N GLY E 271 -65.05 -52.48 87.01
CA GLY E 271 -64.35 -51.43 87.74
C GLY E 271 -64.68 -50.04 87.19
N MET E 272 -64.63 -49.06 88.08
CA MET E 272 -64.94 -47.68 87.75
C MET E 272 -64.05 -46.75 88.53
N LEU E 273 -63.88 -45.56 87.98
CA LEU E 273 -63.09 -44.48 88.57
C LEU E 273 -63.84 -43.81 89.71
N GLN E 274 -63.10 -42.99 90.47
CA GLN E 274 -63.66 -42.28 91.60
C GLN E 274 -64.72 -41.27 91.19
N ASN E 275 -64.61 -40.70 89.99
CA ASN E 275 -65.58 -39.72 89.52
C ASN E 275 -66.74 -40.34 88.76
N GLY E 276 -66.79 -41.66 88.64
CA GLY E 276 -67.84 -42.30 87.87
C GLY E 276 -67.50 -42.57 86.42
N LYS E 277 -66.23 -42.46 86.04
CA LYS E 277 -65.80 -42.74 84.67
C LYS E 277 -65.48 -44.22 84.56
N LYS E 278 -66.38 -44.97 83.94
CA LYS E 278 -66.18 -46.40 83.76
C LYS E 278 -65.00 -46.66 82.83
N PHE E 279 -64.15 -47.60 83.22
CA PHE E 279 -62.94 -47.88 82.47
C PHE E 279 -62.82 -49.37 82.17
N ASP E 280 -63.42 -50.21 83.02
CA ASP E 280 -63.25 -51.64 82.88
C ASP E 280 -64.55 -52.35 83.19
N SER E 281 -64.70 -53.54 82.61
CA SER E 281 -65.82 -54.45 82.79
C SER E 281 -65.44 -55.75 82.09
N SER E 282 -66.27 -56.76 82.29
CA SER E 282 -66.10 -58.06 81.64
C SER E 282 -67.24 -58.40 80.69
N ARG E 283 -68.43 -57.88 80.95
CA ARG E 283 -69.56 -58.19 80.10
C ARG E 283 -69.45 -57.52 78.73
N ASP E 284 -68.63 -56.48 78.59
CA ASP E 284 -68.35 -55.98 77.24
C ASP E 284 -67.59 -57.02 76.44
N ARG E 285 -66.65 -57.71 77.09
CA ARG E 285 -65.93 -58.82 76.47
C ARG E 285 -66.76 -60.08 76.36
N ASN E 286 -67.92 -60.14 77.05
CA ASN E 286 -68.86 -61.27 76.99
C ASN E 286 -68.21 -62.58 77.40
N LYS E 287 -67.30 -62.51 78.38
CA LYS E 287 -66.66 -63.69 78.85
C LYS E 287 -66.32 -63.51 80.32
N PRO E 288 -66.65 -64.48 81.17
CA PRO E 288 -66.31 -64.38 82.60
C PRO E 288 -64.80 -64.33 82.79
N PHE E 289 -64.38 -63.58 83.81
CA PHE E 289 -62.97 -63.40 84.14
C PHE E 289 -62.61 -64.42 85.20
N LYS E 290 -61.63 -65.26 84.91
CA LYS E 290 -61.18 -66.31 85.82
C LYS E 290 -59.80 -65.96 86.33
N PHE E 291 -59.63 -65.99 87.64
CA PHE E 291 -58.32 -65.74 88.23
C PHE E 291 -58.10 -66.64 89.44
N ARG E 292 -56.85 -67.07 89.60
CA ARG E 292 -56.46 -68.02 90.62
C ARG E 292 -56.11 -67.28 91.91
N ILE E 293 -56.87 -67.55 92.97
CA ILE E 293 -56.62 -66.95 94.27
C ILE E 293 -55.32 -67.48 94.83
N GLY E 294 -54.44 -66.57 95.26
CA GLY E 294 -53.27 -66.99 96.00
C GLY E 294 -51.92 -66.46 95.58
N LYS E 295 -51.68 -66.30 94.27
CA LYS E 295 -50.36 -65.95 93.79
C LYS E 295 -50.19 -64.46 93.52
N GLN E 296 -51.15 -63.63 93.96
CA GLN E 296 -51.09 -62.16 93.89
C GLN E 296 -50.97 -61.64 92.46
N GLU E 297 -51.56 -62.36 91.50
CA GLU E 297 -51.57 -61.89 90.12
C GLU E 297 -52.53 -60.72 89.91
N VAL E 298 -53.54 -60.59 90.75
CA VAL E 298 -54.47 -59.49 90.69
C VAL E 298 -54.15 -58.54 91.83
N ILE E 299 -54.76 -57.36 91.80
CA ILE E 299 -54.51 -56.37 92.84
C ILE E 299 -55.08 -56.86 94.17
N LYS E 300 -54.40 -56.49 95.26
CA LYS E 300 -54.68 -57.07 96.57
C LYS E 300 -56.03 -56.61 97.14
N GLY E 301 -56.47 -55.39 96.80
CA GLY E 301 -57.79 -54.95 97.24
C GLY E 301 -58.90 -55.81 96.66
N PHE E 302 -58.81 -56.08 95.35
CA PHE E 302 -59.76 -56.99 94.69
C PHE E 302 -59.68 -58.38 95.28
N GLU E 303 -58.45 -58.86 95.54
CA GLU E 303 -58.25 -60.18 96.13
C GLU E 303 -58.93 -60.28 97.49
N GLU E 304 -58.71 -59.29 98.35
CA GLU E 304 -59.25 -59.32 99.71
C GLU E 304 -60.77 -59.15 99.70
N GLY E 305 -61.28 -58.29 98.82
CA GLY E 305 -62.73 -58.13 98.69
C GLY E 305 -63.42 -59.41 98.22
N ALA E 306 -62.84 -60.06 97.21
CA ALA E 306 -63.38 -61.34 96.74
C ALA E 306 -63.31 -62.39 97.83
N ALA E 307 -62.24 -62.38 98.63
CA ALA E 307 -62.12 -63.30 99.75
C ALA E 307 -63.20 -63.03 100.81
N GLN E 308 -63.51 -61.75 101.05
CA GLN E 308 -64.55 -61.41 102.01
C GLN E 308 -65.93 -61.86 101.55
N MET E 309 -66.31 -61.50 100.32
CA MET E 309 -67.69 -61.71 99.91
C MET E 309 -67.90 -63.16 99.48
N SER E 310 -69.13 -63.65 99.68
CA SER E 310 -69.49 -65.05 99.51
C SER E 310 -69.75 -65.35 98.04
N LEU E 311 -70.30 -66.53 97.78
CA LEU E 311 -70.50 -67.03 96.42
C LEU E 311 -71.87 -66.63 95.90
N GLY E 312 -71.92 -66.29 94.61
CA GLY E 312 -73.16 -65.95 93.94
C GLY E 312 -73.81 -64.67 94.40
N GLN E 313 -73.09 -63.84 95.14
CA GLN E 313 -73.64 -62.65 95.77
C GLN E 313 -73.00 -61.43 95.10
N ARG E 314 -73.82 -60.70 94.36
CA ARG E 314 -73.38 -59.46 93.73
C ARG E 314 -72.99 -58.44 94.79
N ALA E 315 -71.83 -57.81 94.61
CA ALA E 315 -71.23 -56.97 95.63
C ALA E 315 -70.71 -55.69 95.00
N LYS E 316 -70.36 -54.76 95.88
CA LYS E 316 -69.70 -53.52 95.53
C LYS E 316 -68.46 -53.39 96.39
N LEU E 317 -67.33 -53.11 95.76
CA LEU E 317 -66.08 -52.97 96.47
C LEU E 317 -65.63 -51.53 96.35
N THR E 318 -64.58 -51.21 97.10
CA THR E 318 -64.00 -49.86 97.05
C THR E 318 -62.54 -50.01 97.47
N CYS E 319 -61.66 -49.79 96.51
CA CYS E 319 -60.23 -49.95 96.68
C CYS E 319 -59.57 -48.58 96.69
N THR E 320 -58.89 -48.28 97.79
CA THR E 320 -58.13 -47.05 97.91
C THR E 320 -56.82 -47.20 97.13
N PRO E 321 -56.19 -46.08 96.75
CA PRO E 321 -54.86 -46.18 96.13
C PRO E 321 -53.81 -46.89 96.98
N ASP E 322 -53.98 -46.95 98.31
CA ASP E 322 -53.05 -47.68 99.14
C ASP E 322 -53.13 -49.19 98.90
N VAL E 323 -54.28 -49.69 98.46
CA VAL E 323 -54.43 -51.10 98.10
C VAL E 323 -54.53 -51.30 96.61
N ALA E 324 -54.41 -50.24 95.82
CA ALA E 324 -54.47 -50.28 94.37
C ALA E 324 -53.10 -49.84 93.82
N TYR E 325 -53.05 -49.63 92.51
CA TYR E 325 -51.81 -49.18 91.84
C TYR E 325 -51.27 -47.88 92.42
N GLY E 326 -52.15 -47.00 92.91
CA GLY E 326 -51.74 -45.85 93.69
C GLY E 326 -50.89 -44.84 92.94
N ALA E 327 -49.75 -44.51 93.53
CA ALA E 327 -48.88 -43.45 93.02
C ALA E 327 -48.35 -43.80 91.63
N THR E 328 -47.96 -45.07 91.44
CA THR E 328 -47.49 -45.51 90.13
C THR E 328 -48.60 -45.44 89.11
N GLY E 329 -49.75 -46.03 89.43
CA GLY E 329 -50.91 -46.01 88.54
C GLY E 329 -50.78 -46.90 87.33
N HIS E 330 -51.92 -47.35 86.81
CA HIS E 330 -51.88 -48.12 85.58
C HIS E 330 -51.54 -47.18 84.42
N PRO E 331 -50.55 -47.53 83.57
CA PRO E 331 -50.07 -46.59 82.56
C PRO E 331 -51.09 -46.22 81.50
N GLY E 332 -51.51 -44.96 81.51
CA GLY E 332 -52.41 -44.43 80.51
C GLY E 332 -53.86 -44.78 80.70
N VAL E 333 -54.20 -45.51 81.76
CA VAL E 333 -55.56 -45.94 82.03
C VAL E 333 -56.10 -45.27 83.29
N ILE E 334 -55.46 -45.53 84.42
CA ILE E 334 -55.90 -45.03 85.72
C ILE E 334 -54.95 -43.93 86.16
N PRO E 335 -55.45 -42.74 86.51
CA PRO E 335 -54.57 -41.68 86.97
C PRO E 335 -53.96 -42.03 88.32
N PRO E 336 -52.79 -41.50 88.66
CA PRO E 336 -52.16 -41.82 89.94
C PRO E 336 -53.02 -41.38 91.13
N ASN E 337 -53.00 -42.22 92.18
CA ASN E 337 -53.73 -42.00 93.43
C ASN E 337 -55.22 -41.78 93.20
N ALA E 338 -55.86 -42.81 92.64
CA ALA E 338 -57.27 -42.78 92.31
C ALA E 338 -58.04 -43.83 93.09
N THR E 339 -59.20 -43.43 93.61
CA THR E 339 -60.10 -44.35 94.29
C THR E 339 -60.86 -45.19 93.26
N LEU E 340 -60.98 -46.48 93.54
CA LEU E 340 -61.59 -47.45 92.63
C LEU E 340 -62.89 -47.96 93.23
N ILE E 341 -63.89 -48.16 92.38
CA ILE E 341 -65.18 -48.72 92.76
C ILE E 341 -65.45 -49.94 91.89
N PHE E 342 -65.83 -51.07 92.50
CA PHE E 342 -66.02 -52.29 91.74
C PHE E 342 -67.41 -52.89 91.89
N ASP E 343 -68.09 -53.11 90.77
CA ASP E 343 -69.38 -53.80 90.73
C ASP E 343 -69.14 -55.31 90.57
N VAL E 344 -68.55 -55.89 91.61
CA VAL E 344 -68.10 -57.28 91.56
C VAL E 344 -69.29 -58.23 91.55
N GLU E 345 -69.30 -59.17 90.62
CA GLU E 345 -70.30 -60.24 90.66
C GLU E 345 -69.51 -61.55 90.63
N LEU E 346 -69.32 -62.14 91.80
CA LEU E 346 -68.74 -63.47 91.86
C LEU E 346 -69.77 -64.49 91.44
N LEU E 347 -69.79 -64.82 90.15
CA LEU E 347 -70.83 -65.70 89.65
C LEU E 347 -70.58 -67.15 90.05
N ASN E 348 -69.32 -67.58 90.05
CA ASN E 348 -69.06 -68.99 90.33
C ASN E 348 -67.60 -69.20 90.75
N LEU E 349 -67.38 -70.35 91.38
CA LEU E 349 -66.07 -70.86 91.72
C LEU E 349 -65.83 -72.09 90.84
N GLU E 350 -64.62 -72.18 90.28
CA GLU E 350 -64.25 -73.22 89.30
C GLU E 350 -65.18 -73.22 88.08
N GLY F 244 107.93 -58.72 44.94
CA GLY F 244 106.72 -58.24 45.58
C GLY F 244 105.54 -59.15 45.39
N VAL F 245 105.82 -60.41 45.06
CA VAL F 245 104.79 -61.43 44.83
C VAL F 245 105.18 -62.68 45.60
N GLU F 246 104.20 -63.54 45.84
CA GLU F 246 104.44 -64.81 46.50
C GLU F 246 104.04 -65.94 45.57
N ILE F 247 104.94 -66.91 45.42
CA ILE F 247 104.71 -68.08 44.59
C ILE F 247 104.65 -69.32 45.47
N GLU F 248 104.10 -70.39 44.90
CA GLU F 248 103.98 -71.67 45.60
C GLU F 248 103.84 -72.76 44.54
N THR F 249 104.81 -73.65 44.43
CA THR F 249 104.70 -74.71 43.44
C THR F 249 103.56 -75.67 43.79
N ILE F 250 102.91 -76.19 42.77
CA ILE F 250 101.80 -77.12 42.93
C ILE F 250 102.18 -78.51 42.43
N SER F 251 102.85 -78.60 41.27
CA SER F 251 103.28 -79.87 40.74
C SER F 251 104.66 -79.71 40.11
N PRO F 252 105.67 -80.45 40.60
CA PRO F 252 107.04 -80.28 40.10
C PRO F 252 107.20 -80.65 38.63
N GLY F 253 107.99 -79.84 37.92
CA GLY F 253 108.29 -80.10 36.53
C GLY F 253 109.76 -80.32 36.27
N ASP F 254 110.42 -79.33 35.66
CA ASP F 254 111.86 -79.42 35.44
C ASP F 254 112.63 -79.11 36.73
N GLY F 255 112.45 -77.90 37.24
CA GLY F 255 113.14 -77.49 38.45
C GLY F 255 114.57 -77.06 38.26
N ARG F 256 115.08 -77.09 37.03
CA ARG F 256 116.47 -76.74 36.75
C ARG F 256 116.62 -75.67 35.67
N THR F 257 115.65 -75.49 34.78
CA THR F 257 115.73 -74.52 33.71
C THR F 257 114.91 -73.30 34.06
N PHE F 258 115.46 -72.12 33.76
CA PHE F 258 114.76 -70.89 34.07
C PHE F 258 114.48 -70.09 32.80
N PRO F 259 113.32 -69.45 32.70
CA PRO F 259 113.00 -68.66 31.49
C PRO F 259 113.72 -67.32 31.51
N LYS F 260 114.69 -67.17 30.63
CA LYS F 260 115.48 -65.96 30.50
C LYS F 260 115.08 -65.22 29.22
N LYS F 261 115.72 -64.07 29.01
CA LYS F 261 115.47 -63.28 27.82
C LYS F 261 115.93 -64.01 26.57
N GLY F 262 115.14 -63.89 25.50
CA GLY F 262 115.45 -64.48 24.21
C GLY F 262 114.48 -65.53 23.76
N GLN F 263 113.68 -66.10 24.66
CA GLN F 263 112.68 -67.10 24.31
C GLN F 263 111.31 -66.72 24.82
N THR F 264 110.29 -66.95 24.00
CA THR F 264 108.91 -66.60 24.35
C THR F 264 108.40 -67.52 25.45
N CYS F 265 107.58 -66.98 26.34
CA CYS F 265 107.05 -67.69 27.50
C CYS F 265 105.60 -68.11 27.20
N VAL F 266 105.31 -69.42 27.27
CA VAL F 266 103.99 -69.93 26.91
C VAL F 266 103.38 -70.56 28.16
N VAL F 267 102.20 -70.09 28.55
CA VAL F 267 101.52 -70.54 29.76
C VAL F 267 100.05 -70.84 29.48
N HIS F 268 99.48 -71.69 30.33
CA HIS F 268 98.04 -71.87 30.46
C HIS F 268 97.68 -71.37 31.86
N TYR F 269 97.49 -70.07 31.98
CA TYR F 269 97.25 -69.47 33.28
C TYR F 269 95.76 -69.44 33.60
N THR F 270 95.45 -69.17 34.86
CA THR F 270 94.06 -69.05 35.32
C THR F 270 94.05 -68.04 36.46
N GLY F 271 93.76 -66.79 36.14
CA GLY F 271 93.69 -65.76 37.17
C GLY F 271 92.35 -65.77 37.89
N MET F 272 92.38 -65.38 39.16
CA MET F 272 91.20 -65.35 40.01
C MET F 272 91.28 -64.17 40.95
N LEU F 273 90.10 -63.75 41.40
CA LEU F 273 89.92 -62.65 42.34
C LEU F 273 90.28 -63.08 43.75
N GLN F 274 90.38 -62.07 44.63
CA GLN F 274 90.72 -62.30 46.03
C GLN F 274 89.66 -63.10 46.76
N ASN F 275 88.40 -62.98 46.36
CA ASN F 275 87.32 -63.70 47.02
C ASN F 275 87.04 -65.06 46.39
N GLY F 276 87.79 -65.46 45.38
CA GLY F 276 87.54 -66.72 44.71
C GLY F 276 86.65 -66.61 43.49
N LYS F 277 86.41 -65.41 42.98
CA LYS F 277 85.59 -65.22 41.78
C LYS F 277 86.50 -65.31 40.56
N LYS F 278 86.44 -66.43 39.86
CA LYS F 278 87.24 -66.64 38.68
C LYS F 278 86.82 -65.66 37.57
N PHE F 279 87.81 -65.06 36.93
CA PHE F 279 87.54 -64.05 35.92
C PHE F 279 88.29 -64.35 34.63
N ASP F 280 89.42 -65.05 34.74
CA ASP F 280 90.26 -65.28 33.58
C ASP F 280 90.84 -66.68 33.62
N SER F 281 91.15 -67.19 32.44
CA SER F 281 91.78 -68.49 32.20
C SER F 281 92.13 -68.54 30.72
N SER F 282 92.86 -69.58 30.34
CA SER F 282 93.23 -69.82 28.95
C SER F 282 92.63 -71.10 28.40
N ARG F 283 92.37 -72.08 29.26
CA ARG F 283 91.83 -73.34 28.78
C ARG F 283 90.37 -73.21 28.34
N ASP F 284 89.66 -72.16 28.78
CA ASP F 284 88.35 -71.91 28.19
C ASP F 284 88.49 -71.54 26.73
N ARG F 285 89.52 -70.74 26.40
CA ARG F 285 89.84 -70.40 25.02
C ARG F 285 90.49 -71.55 24.27
N ASN F 286 90.94 -72.60 24.98
CA ASN F 286 91.54 -73.80 24.39
C ASN F 286 92.77 -73.47 23.54
N LYS F 287 93.54 -72.48 23.99
CA LYS F 287 94.73 -72.13 23.28
C LYS F 287 95.75 -71.60 24.27
N PRO F 288 96.99 -72.07 24.21
CA PRO F 288 98.04 -71.56 25.11
C PRO F 288 98.29 -70.08 24.87
N PHE F 289 98.60 -69.37 25.96
CA PHE F 289 98.87 -67.94 25.92
C PHE F 289 100.37 -67.75 25.79
N LYS F 290 100.78 -67.05 24.73
CA LYS F 290 102.19 -66.81 24.45
C LYS F 290 102.48 -65.33 24.67
N PHE F 291 103.51 -65.04 25.45
CA PHE F 291 103.91 -63.66 25.66
C PHE F 291 105.43 -63.55 25.74
N ARG F 292 105.94 -62.44 25.21
CA ARG F 292 107.36 -62.21 25.09
C ARG F 292 107.89 -61.54 26.35
N ILE F 293 108.79 -62.23 27.05
CA ILE F 293 109.41 -61.69 28.25
C ILE F 293 110.30 -60.52 27.89
N GLY F 294 110.11 -59.40 28.58
CA GLY F 294 111.05 -58.30 28.45
C GLY F 294 110.51 -56.91 28.20
N LYS F 295 109.44 -56.79 27.40
CA LYS F 295 108.97 -55.47 26.99
C LYS F 295 107.82 -54.96 27.84
N GLN F 296 107.53 -55.61 28.97
CA GLN F 296 106.52 -55.18 29.96
C GLN F 296 105.12 -55.08 29.37
N GLU F 297 104.80 -55.94 28.39
CA GLU F 297 103.45 -55.97 27.84
C GLU F 297 102.45 -56.61 28.79
N VAL F 298 102.91 -57.46 29.70
CA VAL F 298 102.05 -58.07 30.69
C VAL F 298 102.34 -57.39 32.02
N ILE F 299 101.48 -57.67 33.01
CA ILE F 299 101.65 -57.07 34.33
C ILE F 299 102.92 -57.60 34.99
N LYS F 300 103.57 -56.73 35.78
CA LYS F 300 104.91 -57.01 36.28
C LYS F 300 104.91 -58.12 37.34
N GLY F 301 103.82 -58.26 38.10
CA GLY F 301 103.75 -59.37 39.06
C GLY F 301 103.77 -60.72 38.37
N PHE F 302 102.96 -60.85 37.30
CA PHE F 302 102.97 -62.06 36.48
C PHE F 302 104.33 -62.29 35.84
N GLU F 303 104.94 -61.21 35.34
CA GLU F 303 106.27 -61.29 34.73
C GLU F 303 107.30 -61.83 35.71
N GLU F 304 107.33 -61.26 36.92
CA GLU F 304 108.32 -61.64 37.92
C GLU F 304 108.06 -63.06 38.44
N GLY F 305 106.79 -63.42 38.62
CA GLY F 305 106.46 -64.79 39.04
C GLY F 305 106.86 -65.83 38.01
N ALA F 306 106.58 -65.55 36.73
CA ALA F 306 107.01 -66.45 35.66
C ALA F 306 108.52 -66.54 35.59
N ALA F 307 109.21 -65.43 35.83
CA ALA F 307 110.67 -65.43 35.87
C ALA F 307 111.19 -66.29 37.04
N GLN F 308 110.51 -66.22 38.18
CA GLN F 308 110.93 -67.02 39.33
C GLN F 308 110.74 -68.52 39.08
N MET F 309 109.55 -68.92 38.64
CA MET F 309 109.24 -70.34 38.59
C MET F 309 109.84 -70.97 37.34
N SER F 310 110.20 -72.26 37.45
CA SER F 310 110.94 -72.98 36.43
C SER F 310 110.01 -73.47 35.33
N LEU F 311 110.52 -74.33 34.46
CA LEU F 311 109.80 -74.80 33.28
C LEU F 311 109.02 -76.07 33.59
N GLY F 312 107.82 -76.16 33.01
CA GLY F 312 106.98 -77.33 33.15
C GLY F 312 106.44 -77.57 34.54
N GLN F 313 106.53 -76.59 35.42
CA GLN F 313 106.18 -76.74 36.82
C GLN F 313 104.94 -75.88 37.09
N ARG F 314 103.83 -76.56 37.35
CA ARG F 314 102.59 -75.87 37.71
C ARG F 314 102.76 -75.12 39.03
N ALA F 315 102.33 -73.87 39.05
CA ALA F 315 102.61 -72.96 40.15
C ALA F 315 101.35 -72.20 40.53
N LYS F 316 101.44 -71.52 41.65
CA LYS F 316 100.43 -70.61 42.14
C LYS F 316 101.11 -69.29 42.46
N LEU F 317 100.56 -68.20 41.96
CA LEU F 317 101.11 -66.89 42.18
C LEU F 317 100.14 -66.10 43.02
N THR F 318 100.58 -64.93 43.45
CA THR F 318 99.73 -64.02 44.22
C THR F 318 100.27 -62.62 44.00
N CYS F 319 99.48 -61.82 43.30
CA CYS F 319 99.86 -60.47 42.92
C CYS F 319 99.03 -59.47 43.73
N THR F 320 99.73 -58.63 44.47
CA THR F 320 99.10 -57.57 45.23
C THR F 320 98.73 -56.43 44.26
N PRO F 321 97.77 -55.58 44.65
CA PRO F 321 97.49 -54.39 43.82
C PRO F 321 98.69 -53.47 43.59
N ASP F 322 99.71 -53.51 44.45
CA ASP F 322 100.90 -52.72 44.22
C ASP F 322 101.69 -53.22 43.01
N VAL F 323 101.58 -54.50 42.67
CA VAL F 323 102.21 -55.05 41.47
C VAL F 323 101.20 -55.36 40.38
N ALA F 324 99.93 -55.05 40.61
CA ALA F 324 98.86 -55.27 39.65
C ALA F 324 98.29 -53.91 39.25
N TYR F 325 97.16 -53.94 38.54
CA TYR F 325 96.48 -52.70 38.10
C TYR F 325 96.12 -51.79 39.25
N GLY F 326 95.84 -52.35 40.44
CA GLY F 326 95.72 -51.57 41.66
C GLY F 326 94.57 -50.58 41.66
N ALA F 327 94.92 -49.33 41.98
CA ALA F 327 93.91 -48.27 42.17
C ALA F 327 93.15 -48.00 40.88
N THR F 328 93.86 -47.98 39.74
CA THR F 328 93.20 -47.78 38.46
C THR F 328 92.28 -48.94 38.14
N GLY F 329 92.80 -50.17 38.24
CA GLY F 329 92.01 -51.36 37.99
C GLY F 329 91.69 -51.61 36.53
N HIS F 330 91.48 -52.87 36.17
CA HIS F 330 91.06 -53.16 34.82
C HIS F 330 89.61 -52.72 34.65
N PRO F 331 89.28 -51.95 33.59
CA PRO F 331 87.95 -51.35 33.47
C PRO F 331 86.82 -52.35 33.33
N GLY F 332 85.97 -52.42 34.34
CA GLY F 332 84.79 -53.26 34.31
C GLY F 332 85.02 -54.71 34.57
N VAL F 333 86.27 -55.12 34.83
CA VAL F 333 86.62 -56.51 35.06
C VAL F 333 87.09 -56.71 36.49
N ILE F 334 88.17 -56.05 36.87
CA ILE F 334 88.79 -56.20 38.19
C ILE F 334 88.49 -54.96 39.00
N PRO F 335 87.94 -55.09 40.21
CA PRO F 335 87.68 -53.92 41.03
C PRO F 335 88.98 -53.28 41.49
N PRO F 336 89.00 -51.98 41.78
CA PRO F 336 90.24 -51.33 42.21
C PRO F 336 90.77 -51.91 43.53
N ASN F 337 92.10 -52.00 43.60
CA ASN F 337 92.85 -52.51 44.76
C ASN F 337 92.38 -53.90 45.16
N ALA F 338 92.57 -54.84 44.24
CA ALA F 338 92.17 -56.23 44.42
C ALA F 338 93.37 -57.16 44.38
N THR F 339 93.40 -58.11 45.31
CA THR F 339 94.43 -59.13 45.34
C THR F 339 94.13 -60.19 44.27
N LEU F 340 95.16 -60.62 43.57
CA LEU F 340 95.05 -61.55 42.45
C LEU F 340 95.71 -62.87 42.81
N ILE F 341 95.11 -63.98 42.39
CA ILE F 341 95.64 -65.32 42.57
C ILE F 341 95.75 -65.99 41.22
N PHE F 342 96.91 -66.58 40.91
CA PHE F 342 97.11 -67.16 39.58
C PHE F 342 97.49 -68.63 39.63
N ASP F 343 96.72 -69.47 38.92
CA ASP F 343 97.02 -70.89 38.75
C ASP F 343 97.90 -71.07 37.51
N VAL F 344 99.12 -70.54 37.61
CA VAL F 344 100.03 -70.48 36.46
C VAL F 344 100.52 -71.87 36.10
N GLU F 345 100.43 -72.22 34.82
CA GLU F 345 101.06 -73.45 34.35
C GLU F 345 101.96 -73.04 33.18
N LEU F 346 103.25 -72.89 33.47
CA LEU F 346 104.22 -72.67 32.41
C LEU F 346 104.46 -73.97 31.68
N LEU F 347 103.70 -74.21 30.61
CA LEU F 347 103.80 -75.50 29.93
C LEU F 347 105.07 -75.58 29.10
N ASN F 348 105.46 -74.49 28.45
CA ASN F 348 106.61 -74.58 27.56
C ASN F 348 107.20 -73.19 27.29
N LEU F 349 108.44 -73.21 26.82
CA LEU F 349 109.15 -72.05 26.32
C LEU F 349 109.31 -72.24 24.82
N GLU F 350 109.06 -71.15 24.06
CA GLU F 350 109.02 -71.17 22.58
C GLU F 350 108.02 -72.20 22.04
N GLY G 244 82.01 93.06 -41.60
CA GLY G 244 82.07 92.10 -40.51
C GLY G 244 82.41 90.70 -40.97
N VAL G 245 83.00 90.60 -42.17
CA VAL G 245 83.40 89.33 -42.76
C VAL G 245 84.83 89.47 -43.26
N GLU G 246 85.47 88.32 -43.46
CA GLU G 246 86.82 88.29 -44.00
C GLU G 246 86.82 87.51 -45.31
N ILE G 247 87.42 88.11 -46.34
CA ILE G 247 87.52 87.50 -47.66
C ILE G 247 88.99 87.21 -47.95
N GLU G 248 89.21 86.34 -48.94
CA GLU G 248 90.55 85.97 -49.37
C GLU G 248 90.44 85.44 -50.79
N THR G 249 91.03 86.12 -51.76
CA THR G 249 90.96 85.64 -53.13
C THR G 249 91.75 84.33 -53.28
N ILE G 250 91.25 83.46 -54.15
CA ILE G 250 91.88 82.17 -54.41
C ILE G 250 92.43 82.12 -55.83
N SER G 251 91.68 82.61 -56.81
CA SER G 251 92.14 82.63 -58.19
C SER G 251 91.69 83.94 -58.84
N PRO G 252 92.63 84.76 -59.32
CA PRO G 252 92.27 86.07 -59.89
C PRO G 252 91.41 85.98 -61.15
N GLY G 253 90.43 86.87 -61.24
CA GLY G 253 89.57 86.93 -62.41
C GLY G 253 89.66 88.26 -63.12
N ASP G 254 88.61 89.09 -62.99
CA ASP G 254 88.64 90.42 -63.57
C ASP G 254 89.48 91.38 -62.73
N GLY G 255 89.07 91.58 -61.48
CA GLY G 255 89.77 92.47 -60.59
C GLY G 255 89.49 93.94 -60.79
N ARG G 256 88.63 94.29 -61.75
CA ARG G 256 88.31 95.68 -62.04
C ARG G 256 86.81 95.99 -62.02
N THR G 257 85.94 95.01 -62.21
CA THR G 257 84.51 95.23 -62.23
C THR G 257 83.91 94.80 -60.91
N PHE G 258 82.96 95.60 -60.40
CA PHE G 258 82.33 95.28 -59.14
C PHE G 258 80.83 95.09 -59.32
N PRO G 259 80.23 94.13 -58.62
CA PRO G 259 78.78 93.90 -58.75
C PRO G 259 77.99 94.94 -57.96
N LYS G 260 77.32 95.81 -58.69
CA LYS G 260 76.50 96.87 -58.12
C LYS G 260 75.02 96.55 -58.32
N LYS G 261 74.17 97.44 -57.80
CA LYS G 261 72.73 97.28 -57.94
C LYS G 261 72.31 97.40 -59.40
N GLY G 262 71.36 96.56 -59.78
CA GLY G 262 70.79 96.56 -61.13
C GLY G 262 71.04 95.30 -61.91
N GLN G 263 72.02 94.49 -61.52
CA GLN G 263 72.32 93.23 -62.20
C GLN G 263 72.33 92.06 -61.23
N THR G 264 71.76 90.94 -61.65
CA THR G 264 71.67 89.75 -60.81
C THR G 264 73.05 89.14 -60.62
N CYS G 265 73.30 88.59 -59.44
CA CYS G 265 74.58 88.01 -59.06
C CYS G 265 74.50 86.49 -59.16
N VAL G 266 75.37 85.87 -59.97
CA VAL G 266 75.31 84.43 -60.22
C VAL G 266 76.61 83.82 -59.70
N VAL G 267 76.49 82.85 -58.80
CA VAL G 267 77.64 82.20 -58.15
C VAL G 267 77.48 80.69 -58.17
N HIS G 268 78.62 80.01 -58.07
CA HIS G 268 78.71 78.60 -57.72
C HIS G 268 79.41 78.53 -56.37
N TYR G 269 78.63 78.70 -55.31
CA TYR G 269 79.20 78.76 -53.98
C TYR G 269 79.28 77.38 -53.35
N THR G 270 80.04 77.29 -52.26
CA THR G 270 80.18 76.04 -51.51
C THR G 270 80.38 76.41 -50.04
N GLY G 271 79.29 76.42 -49.28
CA GLY G 271 79.40 76.73 -47.86
C GLY G 271 79.83 75.52 -47.04
N MET G 272 80.53 75.79 -45.95
CA MET G 272 81.05 74.76 -45.07
C MET G 272 81.00 75.24 -43.64
N LEU G 273 80.95 74.26 -42.73
CA LEU G 273 80.93 74.48 -41.29
C LEU G 273 82.31 74.86 -40.78
N GLN G 274 82.33 75.32 -39.52
CA GLN G 274 83.57 75.74 -38.87
C GLN G 274 84.54 74.59 -38.69
N ASN G 275 84.04 73.36 -38.52
CA ASN G 275 84.91 72.21 -38.32
C ASN G 275 85.29 71.52 -39.62
N GLY G 276 84.86 72.03 -40.76
CA GLY G 276 85.15 71.38 -42.03
C GLY G 276 84.07 70.43 -42.51
N LYS G 277 82.89 70.46 -41.92
CA LYS G 277 81.78 69.60 -42.33
C LYS G 277 81.00 70.31 -43.43
N LYS G 278 81.20 69.89 -44.67
CA LYS G 278 80.51 70.48 -45.80
C LYS G 278 79.01 70.21 -45.70
N PHE G 279 78.22 71.25 -45.95
CA PHE G 279 76.77 71.14 -45.81
C PHE G 279 76.07 71.65 -47.06
N ASP G 280 76.71 72.56 -47.80
CA ASP G 280 76.06 73.18 -48.93
C ASP G 280 77.06 73.37 -50.06
N SER G 281 76.52 73.41 -51.27
CA SER G 281 77.25 73.66 -52.52
C SER G 281 76.19 73.83 -53.61
N SER G 282 76.65 74.21 -54.78
CA SER G 282 75.79 74.35 -55.96
C SER G 282 76.15 73.38 -57.07
N ARG G 283 77.41 72.97 -57.15
CA ARG G 283 77.82 72.07 -58.21
C ARG G 283 77.27 70.66 -58.01
N ASP G 284 76.85 70.30 -56.80
CA ASP G 284 76.13 69.05 -56.64
C ASP G 284 74.79 69.12 -57.36
N ARG G 285 74.12 70.28 -57.28
CA ARG G 285 72.89 70.52 -58.01
C ARG G 285 73.13 70.78 -59.49
N ASN G 286 74.39 71.01 -59.90
CA ASN G 286 74.78 71.21 -61.31
C ASN G 286 74.04 72.38 -61.95
N LYS G 287 73.80 73.43 -61.16
CA LYS G 287 73.14 74.59 -61.68
C LYS G 287 73.64 75.81 -60.93
N PRO G 288 74.03 76.87 -61.64
CA PRO G 288 74.47 78.10 -60.97
C PRO G 288 73.35 78.70 -60.13
N PHE G 289 73.74 79.31 -59.01
CA PHE G 289 72.80 79.93 -58.08
C PHE G 289 72.72 81.40 -58.43
N LYS G 290 71.51 81.87 -58.72
CA LYS G 290 71.26 83.25 -59.10
C LYS G 290 70.49 83.94 -57.99
N PHE G 291 70.99 85.08 -57.55
CA PHE G 291 70.29 85.85 -56.53
C PHE G 291 70.42 87.35 -56.80
N ARG G 292 69.35 88.07 -56.49
CA ARG G 292 69.23 89.49 -56.78
C ARG G 292 69.80 90.30 -55.62
N ILE G 293 70.86 91.06 -55.91
CA ILE G 293 71.48 91.92 -54.91
C ILE G 293 70.53 93.04 -54.54
N GLY G 294 70.30 93.23 -53.25
CA GLY G 294 69.57 94.41 -52.80
C GLY G 294 68.43 94.22 -51.82
N LYS G 295 67.65 93.14 -51.97
CA LYS G 295 66.45 92.99 -51.17
C LYS G 295 66.64 92.10 -49.94
N GLN G 296 67.89 91.78 -49.60
CA GLN G 296 68.27 91.03 -48.39
C GLN G 296 67.63 89.65 -48.32
N GLU G 297 67.42 89.01 -49.48
CA GLU G 297 66.89 87.66 -49.50
C GLU G 297 67.94 86.62 -49.08
N VAL G 298 69.22 86.94 -49.22
CA VAL G 298 70.29 86.07 -48.78
C VAL G 298 70.88 86.66 -47.52
N ILE G 299 71.73 85.87 -46.85
CA ILE G 299 72.34 86.33 -45.61
C ILE G 299 73.30 87.49 -45.90
N LYS G 300 73.40 88.42 -44.94
CA LYS G 300 74.08 89.68 -45.17
C LYS G 300 75.60 89.51 -45.28
N GLY G 301 76.17 88.51 -44.60
CA GLY G 301 77.60 88.26 -44.75
C GLY G 301 77.96 87.85 -46.17
N PHE G 302 77.16 86.92 -46.74
CA PHE G 302 77.33 86.53 -48.14
C PHE G 302 77.12 87.70 -49.07
N GLU G 303 76.10 88.52 -48.79
CA GLU G 303 75.81 89.71 -49.60
C GLU G 303 77.00 90.66 -49.62
N GLU G 304 77.55 90.96 -48.44
CA GLU G 304 78.64 91.92 -48.33
C GLU G 304 79.93 91.36 -48.93
N GLY G 305 80.18 90.07 -48.74
CA GLY G 305 81.35 89.44 -49.35
C GLY G 305 81.29 89.44 -50.88
N ALA G 306 80.12 89.11 -51.43
CA ALA G 306 79.94 89.17 -52.88
C ALA G 306 80.09 90.59 -53.39
N ALA G 307 79.60 91.57 -52.62
CA ALA G 307 79.77 92.97 -52.99
C ALA G 307 81.25 93.37 -52.98
N GLN G 308 82.02 92.86 -52.02
CA GLN G 308 83.44 93.17 -51.95
C GLN G 308 84.21 92.58 -53.13
N MET G 309 84.02 91.28 -53.39
CA MET G 309 84.89 90.61 -54.36
C MET G 309 84.40 90.89 -55.77
N SER G 310 85.35 90.91 -56.72
CA SER G 310 85.12 91.33 -58.09
C SER G 310 84.52 90.18 -58.90
N LEU G 311 84.48 90.36 -60.22
CA LEU G 311 83.82 89.42 -61.13
C LEU G 311 84.81 88.37 -61.62
N GLY G 312 84.32 87.14 -61.75
CA GLY G 312 85.11 86.04 -62.27
C GLY G 312 86.26 85.61 -61.40
N GLN G 313 86.30 86.04 -60.14
CA GLN G 313 87.42 85.81 -59.25
C GLN G 313 86.95 84.88 -58.14
N ARG G 314 87.48 83.67 -58.15
CA ARG G 314 87.20 82.70 -57.10
C ARG G 314 87.72 83.20 -55.77
N ALA G 315 86.88 83.11 -54.73
CA ALA G 315 87.15 83.73 -53.46
C ALA G 315 86.82 82.76 -52.33
N LYS G 316 87.24 83.15 -51.14
CA LYS G 316 86.92 82.47 -49.91
C LYS G 316 86.37 83.50 -48.94
N LEU G 317 85.23 83.20 -48.34
CA LEU G 317 84.60 84.10 -47.40
C LEU G 317 84.63 83.45 -46.04
N THR G 318 84.23 84.24 -45.04
CA THR G 318 84.15 83.74 -43.66
C THR G 318 83.12 84.60 -42.95
N CYS G 319 82.00 83.98 -42.62
CA CYS G 319 80.87 84.65 -42.00
C CYS G 319 80.76 84.20 -40.55
N THR G 320 80.84 85.17 -39.65
CA THR G 320 80.66 84.92 -38.23
C THR G 320 79.16 84.75 -37.95
N PRO G 321 78.81 84.10 -36.83
CA PRO G 321 77.39 84.05 -36.45
C PRO G 321 76.73 85.42 -36.26
N ASP G 322 77.50 86.48 -36.00
CA ASP G 322 76.92 87.81 -35.90
C ASP G 322 76.40 88.30 -37.25
N VAL G 323 76.97 87.83 -38.36
CA VAL G 323 76.48 88.16 -39.69
C VAL G 323 75.76 87.00 -40.35
N ALA G 324 75.62 85.88 -39.65
CA ALA G 324 74.94 84.69 -40.14
C ALA G 324 73.69 84.45 -39.27
N TYR G 325 73.07 83.29 -39.46
CA TYR G 325 71.88 82.91 -38.68
C TYR G 325 72.12 82.93 -37.18
N GLY G 326 73.36 82.64 -36.74
CA GLY G 326 73.76 82.86 -35.36
C GLY G 326 73.01 82.02 -34.35
N ALA G 327 72.47 82.71 -33.34
CA ALA G 327 71.84 82.04 -32.19
C ALA G 327 70.62 81.24 -32.63
N THR G 328 69.81 81.80 -33.54
CA THR G 328 68.65 81.09 -34.05
C THR G 328 69.08 79.87 -34.85
N GLY G 329 70.00 80.05 -35.79
CA GLY G 329 70.51 78.96 -36.60
C GLY G 329 69.54 78.43 -37.64
N HIS G 330 70.07 77.86 -38.71
CA HIS G 330 69.20 77.24 -39.69
C HIS G 330 68.65 75.94 -39.09
N PRO G 331 67.32 75.72 -39.14
CA PRO G 331 66.72 74.59 -38.44
C PRO G 331 67.16 73.22 -38.94
N GLY G 332 67.89 72.50 -38.11
CA GLY G 332 68.30 71.14 -38.41
C GLY G 332 69.47 71.02 -39.34
N VAL G 333 70.04 72.13 -39.80
CA VAL G 333 71.15 72.13 -40.74
C VAL G 333 72.40 72.68 -40.08
N ILE G 334 72.36 73.93 -39.65
CA ILE G 334 73.51 74.63 -39.07
C ILE G 334 73.28 74.76 -37.58
N PRO G 335 74.24 74.32 -36.74
CA PRO G 335 74.07 74.47 -35.30
C PRO G 335 74.13 75.93 -34.90
N PRO G 336 73.50 76.32 -33.79
CA PRO G 336 73.52 77.72 -33.37
C PRO G 336 74.93 78.22 -33.07
N ASN G 337 75.17 79.48 -33.44
CA ASN G 337 76.44 80.19 -33.25
C ASN G 337 77.61 79.43 -33.87
N ALA G 338 77.54 79.26 -35.19
CA ALA G 338 78.54 78.54 -35.96
C ALA G 338 79.23 79.44 -36.97
N THR G 339 80.55 79.32 -37.05
CA THR G 339 81.33 80.04 -38.04
C THR G 339 81.19 79.36 -39.41
N LEU G 340 81.02 80.17 -40.44
CA LEU G 340 80.77 79.70 -41.80
C LEU G 340 81.97 80.03 -42.69
N ILE G 341 82.31 79.12 -43.59
CA ILE G 341 83.37 79.30 -44.57
C ILE G 341 82.79 79.09 -45.95
N PHE G 342 83.05 80.01 -46.88
CA PHE G 342 82.44 79.91 -48.21
C PHE G 342 83.47 79.89 -49.33
N ASP G 343 83.41 78.86 -50.18
CA ASP G 343 84.23 78.76 -51.39
C ASP G 343 83.49 79.42 -52.56
N VAL G 344 83.34 80.74 -52.44
CA VAL G 344 82.51 81.51 -53.38
C VAL G 344 83.19 81.58 -54.74
N GLU G 345 82.45 81.26 -55.79
CA GLU G 345 82.95 81.50 -57.14
C GLU G 345 81.88 82.35 -57.85
N LEU G 346 82.12 83.65 -57.89
CA LEU G 346 81.26 84.52 -58.68
C LEU G 346 81.58 84.34 -60.15
N LEU G 347 80.86 83.43 -60.81
CA LEU G 347 81.19 83.12 -62.19
C LEU G 347 80.74 84.22 -63.13
N ASN G 348 79.57 84.82 -62.87
CA ASN G 348 79.06 85.80 -63.82
C ASN G 348 78.01 86.70 -63.16
N LEU G 349 77.78 87.84 -63.81
CA LEU G 349 76.72 88.77 -63.49
C LEU G 349 75.72 88.71 -64.64
N GLU G 350 74.42 88.67 -64.29
CA GLU G 350 73.32 88.47 -65.25
C GLU G 350 73.48 87.19 -66.07
N GLY H 244 -84.27 98.49 17.73
CA GLY H 244 -82.82 98.41 17.73
C GLY H 244 -82.23 98.33 16.35
N VAL H 245 -83.02 98.74 15.35
CA VAL H 245 -82.61 98.73 13.95
C VAL H 245 -82.94 100.08 13.34
N GLU H 246 -82.29 100.38 12.22
CA GLU H 246 -82.55 101.60 11.49
C GLU H 246 -83.03 101.26 10.09
N ILE H 247 -84.14 101.88 9.69
CA ILE H 247 -84.72 101.68 8.37
C ILE H 247 -84.62 102.99 7.58
N GLU H 248 -84.78 102.86 6.27
CA GLU H 248 -84.74 104.01 5.36
C GLU H 248 -85.49 103.61 4.09
N THR H 249 -86.61 104.25 3.80
CA THR H 249 -87.33 103.91 2.58
C THR H 249 -86.53 104.31 1.34
N ILE H 250 -86.66 103.51 0.29
CA ILE H 250 -85.96 103.75 -0.96
C ILE H 250 -86.95 104.12 -2.07
N SER H 251 -88.08 103.42 -2.15
CA SER H 251 -89.09 103.72 -3.15
C SER H 251 -90.47 103.56 -2.52
N PRO H 252 -91.28 104.62 -2.49
CA PRO H 252 -92.60 104.56 -1.83
C PRO H 252 -93.56 103.58 -2.49
N GLY H 253 -94.30 102.85 -1.65
CA GLY H 253 -95.30 101.93 -2.12
C GLY H 253 -96.70 102.28 -1.66
N ASP H 254 -97.23 101.51 -0.71
CA ASP H 254 -98.54 101.82 -0.14
C ASP H 254 -98.44 102.96 0.87
N GLY H 255 -97.67 102.75 1.93
CA GLY H 255 -97.51 103.76 2.96
C GLY H 255 -98.64 103.84 3.95
N ARG H 256 -99.67 103.01 3.81
CA ARG H 256 -100.82 103.04 4.70
C ARG H 256 -101.15 101.68 5.34
N THR H 257 -100.73 100.56 4.74
CA THR H 257 -101.02 99.25 5.27
C THR H 257 -99.80 98.70 5.97
N PHE H 258 -100.03 98.06 7.12
CA PHE H 258 -98.93 97.50 7.88
C PHE H 258 -99.08 96.00 8.02
N PRO H 259 -97.98 95.24 7.95
CA PRO H 259 -98.06 93.78 8.09
C PRO H 259 -98.22 93.37 9.55
N LYS H 260 -99.39 92.88 9.89
CA LYS H 260 -99.73 92.43 11.23
C LYS H 260 -99.80 90.91 11.27
N LYS H 261 -100.07 90.38 12.46
CA LYS H 261 -100.20 88.94 12.64
C LYS H 261 -101.42 88.41 11.89
N GLY H 262 -101.25 87.23 11.30
CA GLY H 262 -102.32 86.55 10.58
C GLY H 262 -102.08 86.38 9.11
N GLN H 263 -101.16 87.15 8.52
CA GLN H 263 -100.83 87.03 7.10
C GLN H 263 -99.34 86.84 6.89
N THR H 264 -98.98 85.96 5.97
CA THR H 264 -97.58 85.65 5.68
C THR H 264 -96.91 86.84 5.00
N CYS H 265 -95.64 87.06 5.31
CA CYS H 265 -94.86 88.18 4.80
C CYS H 265 -93.96 87.69 3.67
N VAL H 266 -94.09 88.28 2.47
CA VAL H 266 -93.35 87.82 1.30
C VAL H 266 -92.43 88.96 0.85
N VAL H 267 -91.13 88.69 0.77
CA VAL H 267 -90.12 89.69 0.43
C VAL H 267 -89.16 89.15 -0.62
N HIS H 268 -88.55 90.08 -1.35
CA HIS H 268 -87.36 89.83 -2.16
C HIS H 268 -86.22 90.63 -1.51
N TYR H 269 -85.61 90.04 -0.50
CA TYR H 269 -84.59 90.75 0.26
C TYR H 269 -83.22 90.53 -0.35
N THR H 270 -82.26 91.35 0.09
CA THR H 270 -80.87 91.24 -0.36
C THR H 270 -79.98 91.68 0.81
N GLY H 271 -79.52 90.73 1.60
CA GLY H 271 -78.64 91.06 2.70
C GLY H 271 -77.19 91.25 2.25
N MET H 272 -76.48 92.11 2.97
CA MET H 272 -75.10 92.43 2.66
C MET H 272 -74.33 92.65 3.95
N LEU H 273 -73.02 92.46 3.85
CA LEU H 273 -72.08 92.65 4.94
C LEU H 273 -71.81 94.13 5.18
N GLN H 274 -71.15 94.40 6.32
CA GLN H 274 -70.82 95.76 6.70
C GLN H 274 -69.84 96.42 5.75
N ASN H 275 -68.97 95.64 5.11
CA ASN H 275 -67.99 96.19 4.18
C ASN H 275 -68.49 96.24 2.75
N GLY H 276 -69.72 95.83 2.49
CA GLY H 276 -70.23 95.81 1.13
C GLY H 276 -70.07 94.48 0.42
N LYS H 277 -69.75 93.41 1.14
CA LYS H 277 -69.61 92.08 0.56
C LYS H 277 -70.97 91.40 0.57
N LYS H 278 -71.62 91.35 -0.60
CA LYS H 278 -72.92 90.72 -0.72
C LYS H 278 -72.81 89.22 -0.45
N PHE H 279 -73.74 88.70 0.34
CA PHE H 279 -73.70 87.30 0.74
C PHE H 279 -75.04 86.63 0.48
N ASP H 280 -76.13 87.40 0.49
CA ASP H 280 -77.44 86.82 0.37
C ASP H 280 -78.33 87.70 -0.49
N SER H 281 -79.32 87.07 -1.10
CA SER H 281 -80.36 87.69 -1.93
C SER H 281 -81.38 86.61 -2.23
N SER H 282 -82.48 87.02 -2.84
CA SER H 282 -83.54 86.11 -3.27
C SER H 282 -83.71 86.09 -4.78
N ARG H 283 -83.39 87.18 -5.46
CA ARG H 283 -83.57 87.22 -6.90
C ARG H 283 -82.56 86.35 -7.63
N ASP H 284 -81.44 85.99 -6.99
CA ASP H 284 -80.58 84.98 -7.59
C ASP H 284 -81.29 83.64 -7.65
N ARG H 285 -82.04 83.31 -6.59
CA ARG H 285 -82.87 82.11 -6.56
C ARG H 285 -84.13 82.25 -7.40
N ASN H 286 -84.47 83.47 -7.84
CA ASN H 286 -85.63 83.75 -8.71
C ASN H 286 -86.94 83.27 -8.09
N LYS H 287 -87.05 83.41 -6.76
CA LYS H 287 -88.25 83.02 -6.10
C LYS H 287 -88.43 83.90 -4.87
N PRO H 288 -89.62 84.47 -4.68
CA PRO H 288 -89.88 85.28 -3.48
C PRO H 288 -89.74 84.45 -2.21
N PHE H 289 -89.25 85.11 -1.16
CA PHE H 289 -89.03 84.47 0.13
C PHE H 289 -90.26 84.74 0.99
N LYS H 290 -90.90 83.66 1.45
CA LYS H 290 -92.11 83.75 2.26
C LYS H 290 -91.78 83.31 3.67
N PHE H 291 -92.15 84.13 4.65
CA PHE H 291 -91.94 83.77 6.04
C PHE H 291 -93.11 84.25 6.90
N ARG H 292 -93.44 83.44 7.90
CA ARG H 292 -94.59 83.68 8.75
C ARG H 292 -94.20 84.56 9.93
N ILE H 293 -94.81 85.74 10.01
CA ILE H 293 -94.55 86.66 11.11
C ILE H 293 -95.09 86.08 12.40
N GLY H 294 -94.26 86.05 13.43
CA GLY H 294 -94.75 85.71 14.76
C GLY H 294 -93.99 84.67 15.56
N LYS H 295 -93.48 83.63 14.90
CA LYS H 295 -92.88 82.52 15.63
C LYS H 295 -91.37 82.60 15.74
N GLN H 296 -90.78 83.76 15.40
CA GLN H 296 -89.34 84.05 15.55
C GLN H 296 -88.46 83.08 14.77
N GLU H 297 -88.94 82.59 13.62
CA GLU H 297 -88.12 81.73 12.78
C GLU H 297 -87.04 82.51 12.04
N VAL H 298 -87.23 83.81 11.83
CA VAL H 298 -86.24 84.65 11.21
C VAL H 298 -85.61 85.51 12.29
N ILE H 299 -84.52 86.19 11.93
CA ILE H 299 -83.82 87.03 12.90
C ILE H 299 -84.70 88.23 13.28
N LYS H 300 -84.58 88.66 14.54
CA LYS H 300 -85.51 89.62 15.11
C LYS H 300 -85.34 91.02 14.52
N GLY H 301 -84.12 91.38 14.10
CA GLY H 301 -83.94 92.67 13.43
C GLY H 301 -84.71 92.76 12.13
N PHE H 302 -84.61 91.69 11.31
CA PHE H 302 -85.40 91.60 10.08
C PHE H 302 -86.88 91.61 10.37
N GLU H 303 -87.30 90.87 11.41
CA GLU H 303 -88.71 90.82 11.81
C GLU H 303 -89.23 92.20 12.16
N GLU H 304 -88.49 92.93 12.99
CA GLU H 304 -88.93 94.24 13.46
C GLU H 304 -88.90 95.27 12.33
N GLY H 305 -87.89 95.19 11.46
CA GLY H 305 -87.83 96.09 10.30
C GLY H 305 -88.99 95.87 9.33
N ALA H 306 -89.30 94.60 9.05
CA ALA H 306 -90.45 94.28 8.21
C ALA H 306 -91.74 94.74 8.85
N ALA H 307 -91.85 94.61 10.17
CA ALA H 307 -93.02 95.10 10.89
C ALA H 307 -93.14 96.63 10.79
N GLN H 308 -92.01 97.33 10.85
CA GLN H 308 -92.03 98.79 10.73
C GLN H 308 -92.46 99.24 9.34
N MET H 309 -91.83 98.70 8.30
CA MET H 309 -92.05 99.25 6.96
C MET H 309 -93.34 98.70 6.37
N SER H 310 -93.98 99.52 5.52
CA SER H 310 -95.31 99.26 4.99
C SER H 310 -95.24 98.30 3.81
N LEU H 311 -96.35 98.16 3.09
CA LEU H 311 -96.48 97.19 2.01
C LEU H 311 -96.08 97.81 0.68
N GLY H 312 -95.42 97.01 -0.15
CA GLY H 312 -95.03 97.43 -1.48
C GLY H 312 -93.99 98.51 -1.54
N GLN H 313 -93.32 98.79 -0.42
CA GLN H 313 -92.40 99.90 -0.31
C GLN H 313 -90.99 99.33 -0.13
N ARG H 314 -90.17 99.53 -1.15
CA ARG H 314 -88.77 99.11 -1.09
C ARG H 314 -88.03 99.88 0.00
N ALA H 315 -87.28 99.16 0.83
CA ALA H 315 -86.69 99.72 2.03
C ALA H 315 -85.24 99.28 2.15
N LYS H 316 -84.56 99.91 3.08
CA LYS H 316 -83.21 99.55 3.48
C LYS H 316 -83.20 99.40 4.99
N LEU H 317 -82.66 98.29 5.47
CA LEU H 317 -82.60 98.02 6.88
C LEU H 317 -81.14 98.02 7.30
N THR H 318 -80.94 97.96 8.61
CA THR H 318 -79.58 97.90 9.17
C THR H 318 -79.69 97.21 10.52
N CYS H 319 -79.14 96.01 10.59
CA CYS H 319 -79.22 95.16 11.76
C CYS H 319 -77.84 95.10 12.41
N THR H 320 -77.78 95.52 13.67
CA THR H 320 -76.57 95.43 14.45
C THR H 320 -76.39 93.98 14.92
N PRO H 321 -75.15 93.60 15.27
CA PRO H 321 -74.96 92.26 15.86
C PRO H 321 -75.77 92.00 17.13
N ASP H 322 -76.19 93.05 17.85
CA ASP H 322 -77.03 92.84 19.02
C ASP H 322 -78.42 92.33 18.64
N VAL H 323 -78.90 92.64 17.43
CA VAL H 323 -80.17 92.11 16.94
C VAL H 323 -79.97 91.05 15.87
N ALA H 324 -78.73 90.69 15.57
CA ALA H 324 -78.39 89.68 14.58
C ALA H 324 -77.70 88.52 15.30
N TYR H 325 -77.13 87.60 14.52
CA TYR H 325 -76.42 86.44 15.07
C TYR H 325 -75.27 86.84 15.99
N GLY H 326 -74.64 87.99 15.74
CA GLY H 326 -73.70 88.58 16.67
C GLY H 326 -72.46 87.75 16.93
N ALA H 327 -72.19 87.52 18.22
CA ALA H 327 -70.96 86.87 18.65
C ALA H 327 -70.88 85.44 18.12
N THR H 328 -72.01 84.72 18.15
CA THR H 328 -72.04 83.36 17.62
C THR H 328 -71.80 83.37 16.12
N GLY H 329 -72.55 84.20 15.39
CA GLY H 329 -72.41 84.32 13.95
C GLY H 329 -72.93 83.14 13.16
N HIS H 330 -73.32 83.38 11.92
CA HIS H 330 -73.74 82.28 11.08
C HIS H 330 -72.50 81.48 10.68
N PRO H 331 -72.51 80.14 10.84
CA PRO H 331 -71.30 79.35 10.65
C PRO H 331 -70.75 79.35 9.24
N GLY H 332 -69.59 79.96 9.06
CA GLY H 332 -68.90 79.96 7.79
C GLY H 332 -69.41 80.95 6.78
N VAL H 333 -70.43 81.74 7.14
CA VAL H 333 -71.03 82.71 6.23
C VAL H 333 -70.78 84.12 6.71
N ILE H 334 -71.27 84.45 7.90
CA ILE H 334 -71.18 85.80 8.46
C ILE H 334 -70.15 85.78 9.58
N PRO H 335 -69.15 86.67 9.56
CA PRO H 335 -68.18 86.70 10.64
C PRO H 335 -68.82 87.18 11.93
N PRO H 336 -68.29 86.79 13.09
CA PRO H 336 -68.88 87.22 14.36
C PRO H 336 -68.85 88.74 14.53
N ASN H 337 -69.93 89.26 15.13
CA ASN H 337 -70.13 90.69 15.42
C ASN H 337 -69.99 91.54 14.16
N ALA H 338 -70.89 91.29 13.21
CA ALA H 338 -70.90 91.98 11.93
C ALA H 338 -72.19 92.77 11.74
N THR H 339 -72.05 94.00 11.25
CA THR H 339 -73.19 94.83 10.92
C THR H 339 -73.80 94.37 9.58
N LEU H 340 -75.12 94.31 9.53
CA LEU H 340 -75.86 93.80 8.38
C LEU H 340 -76.64 94.94 7.73
N ILE H 341 -76.69 94.93 6.40
CA ILE H 341 -77.45 95.89 5.62
C ILE H 341 -78.41 95.14 4.72
N PHE H 342 -79.69 95.52 4.71
CA PHE H 342 -80.68 94.77 3.94
C PHE H 342 -81.43 95.64 2.93
N ASP H 343 -81.40 95.22 1.66
CA ASP H 343 -82.17 95.85 0.59
C ASP H 343 -83.55 95.18 0.50
N VAL H 344 -84.33 95.39 1.56
CA VAL H 344 -85.62 94.70 1.72
C VAL H 344 -86.63 95.23 0.72
N GLU H 345 -87.29 94.32 0.00
CA GLU H 345 -88.41 94.72 -0.83
C GLU H 345 -89.59 93.84 -0.40
N LEU H 346 -90.45 94.40 0.43
CA LEU H 346 -91.69 93.72 0.78
C LEU H 346 -92.66 93.82 -0.39
N LEU H 347 -92.63 92.83 -1.27
CA LEU H 347 -93.44 92.91 -2.48
C LEU H 347 -94.91 92.66 -2.18
N ASN H 348 -95.21 91.73 -1.27
CA ASN H 348 -96.61 91.40 -1.05
C ASN H 348 -96.79 90.69 0.30
N LEU H 349 -98.04 90.70 0.75
CA LEU H 349 -98.50 89.96 1.91
C LEU H 349 -99.42 88.86 1.38
N GLU H 350 -99.25 87.64 1.93
CA GLU H 350 -99.95 86.43 1.46
C GLU H 350 -99.72 86.16 -0.03
PB ADP I . -13.94 -45.36 -27.84
O1B ADP I . -14.58 -46.69 -27.54
O2B ADP I . -14.85 -44.40 -28.58
O3B ADP I . -12.56 -45.45 -28.43
PA ADP I . -12.58 -43.62 -26.03
O1A ADP I . -11.25 -44.32 -26.12
O2A ADP I . -12.98 -42.93 -24.75
O3A ADP I . -13.72 -44.71 -26.37
O5' ADP I . -12.67 -42.53 -27.21
C5' ADP I . -13.79 -41.65 -27.25
C4' ADP I . -13.38 -40.21 -26.98
O4' ADP I . -14.36 -39.62 -26.15
C3' ADP I . -12.05 -39.99 -26.26
O3' ADP I . -11.09 -39.42 -27.15
C2' ADP I . -12.38 -39.00 -25.16
O2' ADP I . -11.44 -37.92 -25.17
C1' ADP I . -13.75 -38.48 -25.55
N9 ADP I . -14.50 -38.04 -24.36
C8 ADP I . -14.90 -36.78 -24.10
N7 ADP I . -15.57 -36.72 -22.92
C5 ADP I . -15.60 -37.96 -22.42
C6 ADP I . -16.15 -38.59 -21.20
N6 ADP I . -16.81 -37.85 -20.29
N1 ADP I . -15.98 -39.91 -21.04
C2 ADP I . -15.32 -40.65 -21.96
N3 ADP I . -14.80 -40.15 -23.08
C4 ADP I . -14.91 -38.83 -23.36
ZN ZN J . -15.42 -32.70 -17.99
PB ADP K . 7.16 -28.23 -46.67
O1B ADP K . 8.19 -29.16 -47.26
O2B ADP K . 5.90 -28.93 -46.23
O3B ADP K . 6.89 -27.00 -47.49
PA ADP K . 7.52 -26.27 -44.63
O1A ADP K . 8.02 -25.18 -45.54
O2A ADP K . 8.00 -26.34 -43.20
O3A ADP K . 7.86 -27.68 -45.33
O5' ADP K . 5.91 -26.21 -44.58
C5' ADP K . 5.21 -27.05 -43.68
C4' ADP K . 4.51 -26.25 -42.60
O4' ADP K . 4.66 -26.96 -41.37
C3' ADP K . 5.03 -24.85 -42.32
O3' ADP K . 4.08 -23.88 -42.75
C2' ADP K . 5.19 -24.79 -40.81
O2' ADP K . 4.56 -23.61 -40.30
C1' ADP K . 4.44 -26.01 -40.33
N9 ADP K . 4.98 -26.49 -39.04
C8 ADP K . 4.33 -26.51 -37.87
N7 ADP K . 5.11 -27.01 -36.88
C5 ADP K . 6.29 -27.31 -37.44
C6 ADP K . 7.57 -27.87 -36.96
N6 ADP K . 7.72 -28.21 -35.65
N1 ADP K . 8.56 -28.03 -37.85
C2 ADP K . 8.41 -27.69 -39.14
N3 ADP K . 7.28 -27.19 -39.64
C4 ADP K . 6.21 -26.97 -38.85
ZN ZN L . 6.23 -25.29 -30.87
PB ADP M . -16.24 -5.49 -52.28
O1B ADP M . -15.98 -4.80 -53.59
O2B ADP M . -15.56 -6.83 -52.15
O3B ADP M . -17.69 -5.49 -51.85
PA ADP M . -15.94 -4.40 -49.65
O1A ADP M . -17.29 -3.74 -49.60
O2A ADP M . -14.77 -3.81 -48.90
O3A ADP M . -15.51 -4.52 -51.20
O5' ADP M . -16.09 -5.93 -49.15
C5' ADP M . -14.93 -6.73 -48.98
C4' ADP M . -14.70 -7.07 -47.52
O4' ADP M . -13.29 -6.97 -47.26
C3' ADP M . -15.34 -6.17 -46.48
O3' ADP M . -16.39 -6.88 -45.81
C2' ADP M . -14.24 -5.85 -45.49
O2' ADP M . -14.67 -6.08 -44.17
C1' ADP M . -13.15 -6.84 -45.86
N9 ADP M . -11.81 -6.30 -45.51
C8 ADP M . -10.97 -6.81 -44.60
N7 ADP M . -9.84 -6.09 -44.52
C5 ADP M . -9.94 -5.09 -45.41
C6 ADP M . -9.10 -3.96 -45.84
N6 ADP M . -7.90 -3.75 -45.28
N1 ADP M . -9.58 -3.14 -46.80
C2 ADP M . -10.79 -3.34 -47.35
N3 ADP M . -11.61 -4.34 -47.01
C4 ADP M . -11.25 -5.23 -46.06
ZN ZN N . -6.30 -3.91 -39.70
PB ADP O . -37.40 -22.60 -33.43
O1B ADP O . -38.82 -22.32 -33.85
O2B ADP O . -36.37 -22.29 -34.48
O3B ADP O . -37.21 -23.95 -32.78
PA ADP O . -36.09 -21.75 -31.03
O1A ADP O . -36.61 -22.87 -30.16
O2A ADP O . -35.81 -20.40 -30.43
O3A ADP O . -37.15 -21.54 -32.23
O5' ADP O . -34.74 -22.24 -31.75
C5' ADP O . -33.98 -21.31 -32.53
C4' ADP O . -32.64 -21.03 -31.89
O4' ADP O . -32.38 -19.63 -32.04
C3' ADP O . -32.50 -21.30 -30.40
O3' ADP O . -31.63 -22.42 -30.19
C2' ADP O . -31.87 -20.05 -29.84
O2' ADP O . -30.75 -20.39 -29.02
C1' ADP O . -31.40 -19.30 -31.06
N9 ADP O . -31.36 -17.85 -30.81
C8 ADP O . -30.26 -17.08 -30.81
N7 ADP O . -30.56 -15.79 -30.54
C5 ADP O . -31.90 -15.73 -30.37
C6 ADP O . -32.88 -14.67 -30.06
N6 ADP O . -32.48 -13.40 -29.89
N1 ADP O . -34.18 -15.02 -29.97
C2 ADP O . -34.58 -16.29 -30.15
N3 ADP O . -33.74 -17.30 -30.43
C4 ADP O . -32.42 -17.09 -30.55
ZN ZN P . -28.02 -11.32 -26.80
#